data_7PK6
#
_entry.id   7PK6
#
_cell.length_a   1.00
_cell.length_b   1.00
_cell.length_c   1.00
_cell.angle_alpha   90.00
_cell.angle_beta   90.00
_cell.angle_gamma   90.00
#
_symmetry.space_group_name_H-M   'P 1'
#
_entity_poly.entity_id   1
_entity_poly.type   'polypeptide(L)'
_entity_poly.pdbx_seq_one_letter_code
;MRALIVYTELTDKDSVISHAVARLASELNDEHVETVIIRDFEDGLAYIRSNTSIDCLLYGRDMSDRDEQIQAHRLITQLH
RRQEDVPVFLLSDREEALVAFDRNMMEQVDEFAWILEDSADFIAGRVLAAIQRYRSQLLPPLMKSLIKYSDVHEYSWAAP
GHQGGVGFTKTPAGRIYHDFFGENLFRTDIGIERVAVGSLLDHTGAFGECEKNAARIFGADQSYSVVVGTSGSNRTIMQA
CMTDDDVVVIDRNCHKSIEQGLILTGAKPVYMIPSRNRYGIIGPIYPKEMTPDAIKFKIAANPLTKGKVKQKPAYSVVTN
CTYDGVCYNARKVQDLLDGSLDRIHFDEAWYGYARFNPLYRNHFAMRDEERTENEPTIFATHSTH(LLP)LLNALSQASF
IHVRNGRNAIDFNRFNQAYLMHSTTSPLYAICASNDIAADMMDGNSGRSLTDEVIRESIDFRQSLAYLYKEFLNDDEWFF
KPWNQEMVKDPATGKRYAFEDAPVELLMREQSCWVMHPEDKWHGFNDIPDNWAMLDPIKVSILAPGMGDDGKLLDTGVPA
ALVTAWLNHYGIVPTRTTDFQIMFLFSMGITKGKWGTLVNTLLSFKRHYDNNTALKKVLPEVVASAPEIYGEMGLRDLGD
KMFAYLQKNNPGARLNQAYSQLPQVMMTPRDAYQQIVANRVEAVPVDQLMGRVAANSIIPYPPGIPMLLSGENFGDENSP
HIHYLRSLQAWDSEFPGFEHETEGTEIIDGQYYVMCVKTCDE
;
_entity_poly.pdbx_strand_id   A,B,K,P,L,Q,M,R,N,S,O,T,C,G,D,H,E,I,F,J
#
# COMPACT_ATOMS: atom_id res chain seq x y z
N MET A 1 43.18 10.30 -1.99
CA MET A 1 42.62 9.25 -2.82
C MET A 1 41.13 9.10 -2.56
N ARG A 2 40.33 9.27 -3.61
CA ARG A 2 38.88 9.17 -3.51
C ARG A 2 38.37 8.20 -4.57
N ALA A 3 37.58 7.22 -4.15
CA ALA A 3 36.93 6.28 -5.04
C ALA A 3 35.44 6.55 -5.05
N LEU A 4 34.86 6.56 -6.25
CA LEU A 4 33.43 6.76 -6.44
C LEU A 4 32.80 5.42 -6.79
N ILE A 5 31.76 5.03 -6.05
CA ILE A 5 31.05 3.78 -6.28
C ILE A 5 29.62 4.13 -6.69
N VAL A 6 29.25 3.72 -7.90
CA VAL A 6 27.93 3.98 -8.46
C VAL A 6 27.34 2.64 -8.87
N TYR A 7 26.40 2.12 -8.07
CA TYR A 7 25.71 0.89 -8.41
C TYR A 7 24.21 1.09 -8.14
N THR A 8 23.37 0.50 -8.97
CA THR A 8 21.93 0.72 -8.88
C THR A 8 21.20 -0.51 -8.37
N GLU A 9 21.23 -1.63 -9.11
CA GLU A 9 20.55 -2.85 -8.71
C GLU A 9 21.29 -4.01 -9.38
N LEU A 10 22.18 -4.66 -8.65
CA LEU A 10 22.94 -5.76 -9.22
C LEU A 10 22.27 -7.11 -8.99
N THR A 11 21.61 -7.27 -7.85
CA THR A 11 20.92 -8.50 -7.50
C THR A 11 19.42 -8.25 -7.37
N ASP A 12 18.64 -9.31 -7.55
CA ASP A 12 17.19 -9.21 -7.40
C ASP A 12 16.81 -8.76 -5.99
N LYS A 13 17.62 -9.09 -4.99
CA LYS A 13 17.44 -8.62 -3.63
C LYS A 13 18.58 -7.67 -3.29
N ASP A 14 18.23 -6.45 -2.87
CA ASP A 14 19.21 -5.37 -2.75
C ASP A 14 20.27 -5.68 -1.70
N SER A 15 19.93 -6.44 -0.67
CA SER A 15 20.81 -6.55 0.49
C SER A 15 22.14 -7.23 0.15
N VAL A 16 22.14 -8.13 -0.83
CA VAL A 16 23.39 -8.85 -1.16
C VAL A 16 24.43 -7.89 -1.70
N ILE A 17 24.08 -7.14 -2.75
CA ILE A 17 25.04 -6.21 -3.35
C ILE A 17 25.35 -5.08 -2.38
N SER A 18 24.37 -4.64 -1.59
CA SER A 18 24.63 -3.58 -0.62
C SER A 18 25.65 -4.03 0.43
N HIS A 19 25.51 -5.25 0.94
CA HIS A 19 26.47 -5.73 1.93
C HIS A 19 27.86 -5.94 1.32
N ALA A 20 27.91 -6.45 0.08
CA ALA A 20 29.21 -6.61 -0.57
C ALA A 20 29.88 -5.25 -0.78
N VAL A 21 29.12 -4.25 -1.21
CA VAL A 21 29.67 -2.92 -1.42
C VAL A 21 30.10 -2.30 -0.10
N ALA A 22 29.34 -2.54 0.96
CA ALA A 22 29.72 -2.03 2.28
C ALA A 22 31.05 -2.64 2.74
N ARG A 23 31.22 -3.94 2.55
CA ARG A 23 32.50 -4.57 2.89
C ARG A 23 33.64 -3.99 2.07
N LEU A 24 33.42 -3.79 0.77
CA LEU A 24 34.47 -3.20 -0.07
C LEU A 24 34.80 -1.78 0.37
N ALA A 25 33.79 -0.99 0.71
CA ALA A 25 34.02 0.38 1.16
C ALA A 25 34.80 0.40 2.47
N SER A 26 34.48 -0.52 3.38
CA SER A 26 35.24 -0.59 4.62
C SER A 26 36.70 -0.94 4.35
N GLU A 27 36.94 -1.91 3.47
CA GLU A 27 38.32 -2.27 3.14
C GLU A 27 39.05 -1.14 2.43
N LEU A 28 38.35 -0.35 1.62
CA LEU A 28 38.99 0.80 0.96
C LEU A 28 39.31 1.89 1.96
N ASN A 29 38.42 2.13 2.92
CA ASN A 29 38.70 3.12 3.95
C ASN A 29 39.85 2.70 4.84
N ASP A 30 40.02 1.41 5.08
CA ASP A 30 41.15 0.95 5.88
C ASP A 30 42.49 1.17 5.18
N GLU A 31 42.50 1.34 3.86
CA GLU A 31 43.72 1.71 3.15
C GLU A 31 43.74 3.18 2.76
N HIS A 32 42.98 4.01 3.46
CA HIS A 32 42.99 5.47 3.29
C HIS A 32 42.52 5.91 1.91
N VAL A 33 41.57 5.18 1.33
CA VAL A 33 40.85 5.63 0.15
C VAL A 33 39.46 6.05 0.58
N GLU A 34 39.15 7.33 0.45
CA GLU A 34 37.80 7.80 0.75
C GLU A 34 36.83 7.30 -0.30
N THR A 35 35.63 6.92 0.14
CA THR A 35 34.64 6.35 -0.75
C THR A 35 33.34 7.17 -0.72
N VAL A 36 32.80 7.42 -1.90
CA VAL A 36 31.49 8.03 -2.06
C VAL A 36 30.60 6.97 -2.73
N ILE A 37 29.52 6.59 -2.07
CA ILE A 37 28.61 5.56 -2.56
C ILE A 37 27.35 6.22 -3.06
N ILE A 38 27.00 5.94 -4.31
CA ILE A 38 25.87 6.56 -4.99
C ILE A 38 25.04 5.47 -5.64
N ARG A 39 23.72 5.55 -5.49
CA ARG A 39 22.81 4.51 -5.95
C ARG A 39 22.12 4.83 -7.26
N ASP A 40 22.39 5.98 -7.88
CA ASP A 40 21.71 6.37 -9.09
C ASP A 40 22.69 7.02 -10.05
N PHE A 41 22.55 6.72 -11.35
CA PHE A 41 23.50 7.24 -12.32
C PHE A 41 23.35 8.74 -12.53
N GLU A 42 22.14 9.28 -12.35
CA GLU A 42 21.98 10.74 -12.45
C GLU A 42 22.65 11.44 -11.27
N ASP A 43 22.54 10.87 -10.07
CA ASP A 43 23.25 11.40 -8.92
C ASP A 43 24.76 11.32 -9.13
N GLY A 44 25.24 10.21 -9.68
CA GLY A 44 26.65 10.08 -9.97
C GLY A 44 27.12 11.08 -11.01
N LEU A 45 26.28 11.35 -12.01
CA LEU A 45 26.59 12.36 -13.02
C LEU A 45 26.69 13.74 -12.39
N ALA A 46 25.75 14.07 -11.50
CA ALA A 46 25.80 15.35 -10.81
C ALA A 46 27.06 15.45 -9.96
N TYR A 47 27.43 14.37 -9.27
CA TYR A 47 28.65 14.37 -8.48
C TYR A 47 29.88 14.59 -9.35
N ILE A 48 29.92 13.93 -10.50
CA ILE A 48 31.08 14.06 -11.40
C ILE A 48 31.17 15.48 -11.95
N ARG A 49 30.03 16.11 -12.23
CA ARG A 49 30.06 17.46 -12.76
C ARG A 49 30.45 18.51 -11.73
N SER A 50 30.54 18.15 -10.46
CA SER A 50 31.20 19.00 -9.48
C SER A 50 32.70 18.74 -9.55
N ASN A 51 33.48 19.82 -9.52
CA ASN A 51 34.92 19.73 -9.77
C ASN A 51 35.61 19.10 -8.56
N THR A 52 35.28 17.82 -8.33
CA THR A 52 35.86 17.03 -7.27
C THR A 52 36.77 15.97 -7.88
N SER A 53 37.98 15.84 -7.34
CA SER A 53 38.93 14.87 -7.87
C SER A 53 38.47 13.45 -7.54
N ILE A 54 38.40 12.61 -8.57
CA ILE A 54 38.02 11.21 -8.42
C ILE A 54 39.19 10.37 -8.91
N ASP A 55 39.68 9.48 -8.06
CA ASP A 55 40.84 8.68 -8.41
C ASP A 55 40.48 7.33 -9.00
N CYS A 56 39.26 6.84 -8.79
CA CYS A 56 38.83 5.56 -9.33
C CYS A 56 37.32 5.51 -9.35
N LEU A 57 36.76 4.93 -10.40
CA LEU A 57 35.32 4.74 -10.53
C LEU A 57 35.03 3.25 -10.51
N LEU A 58 34.19 2.83 -9.57
CA LEU A 58 33.68 1.46 -9.52
C LEU A 58 32.18 1.51 -9.72
N TYR A 59 31.69 0.88 -10.76
CA TYR A 59 30.28 0.95 -11.09
C TYR A 59 29.72 -0.43 -11.40
N GLY A 60 28.42 -0.57 -11.19
CA GLY A 60 27.69 -1.75 -11.60
C GLY A 60 26.27 -1.36 -11.94
N ARG A 61 25.67 -2.09 -12.86
CA ARG A 61 24.31 -1.86 -13.30
C ARG A 61 23.51 -3.16 -13.23
N ASP A 62 22.29 -3.10 -13.77
CA ASP A 62 21.45 -4.29 -13.85
C ASP A 62 22.07 -5.37 -14.71
N MET A 63 22.76 -4.96 -15.78
CA MET A 63 23.47 -5.78 -16.76
C MET A 63 22.52 -6.44 -17.75
N SER A 64 21.21 -6.36 -17.55
CA SER A 64 20.24 -6.77 -18.54
C SER A 64 19.41 -5.61 -19.08
N ASP A 65 19.69 -4.39 -18.62
CA ASP A 65 18.95 -3.21 -19.03
C ASP A 65 19.82 -2.37 -19.96
N ARG A 66 19.36 -2.16 -21.20
CA ARG A 66 20.12 -1.33 -22.13
C ARG A 66 20.10 0.14 -21.73
N ASP A 67 19.04 0.60 -21.07
CA ASP A 67 18.98 1.98 -20.62
C ASP A 67 20.05 2.27 -19.58
N GLU A 68 20.23 1.35 -18.62
CA GLU A 68 21.30 1.51 -17.64
C GLU A 68 22.66 1.40 -18.29
N GLN A 69 22.80 0.59 -19.34
CA GLN A 69 24.06 0.55 -20.08
C GLN A 69 24.38 1.90 -20.71
N ILE A 70 23.37 2.53 -21.33
CA ILE A 70 23.57 3.85 -21.92
C ILE A 70 23.93 4.86 -20.84
N GLN A 71 23.24 4.79 -19.70
CA GLN A 71 23.52 5.71 -18.60
C GLN A 71 24.94 5.54 -18.07
N ALA A 72 25.39 4.29 -17.91
CA ALA A 72 26.75 4.03 -17.44
C ALA A 72 27.79 4.53 -18.42
N HIS A 73 27.55 4.32 -19.72
CA HIS A 73 28.48 4.83 -20.72
C HIS A 73 28.54 6.35 -20.67
N ARG A 74 27.39 7.00 -20.50
CA ARG A 74 27.35 8.44 -20.35
C ARG A 74 28.12 8.90 -19.13
N LEU A 75 27.97 8.19 -18.01
CA LEU A 75 28.70 8.56 -16.80
C LEU A 75 30.21 8.46 -17.00
N ILE A 76 30.67 7.39 -17.65
CA ILE A 76 32.10 7.22 -17.85
C ILE A 76 32.64 8.27 -18.82
N THR A 77 31.89 8.58 -19.88
CA THR A 77 32.32 9.61 -20.81
C THR A 77 32.40 10.98 -20.12
N GLN A 78 31.40 11.30 -19.29
CA GLN A 78 31.43 12.54 -18.54
C GLN A 78 32.64 12.59 -17.62
N LEU A 79 32.92 11.49 -16.92
CA LEU A 79 34.09 11.46 -16.04
C LEU A 79 35.37 11.71 -16.81
N HIS A 80 35.51 11.10 -17.98
CA HIS A 80 36.74 11.25 -18.73
C HIS A 80 36.82 12.55 -19.52
N ARG A 81 35.75 13.36 -19.53
CA ARG A 81 35.84 14.68 -20.14
C ARG A 81 36.95 15.51 -19.50
N ARG A 82 36.97 15.59 -18.17
CA ARG A 82 37.97 16.36 -17.46
C ARG A 82 38.91 15.53 -16.60
N GLN A 83 38.62 14.26 -16.39
CA GLN A 83 39.50 13.36 -15.63
C GLN A 83 39.73 12.14 -16.53
N GLU A 84 40.69 12.27 -17.43
CA GLU A 84 40.71 11.47 -18.66
C GLU A 84 41.07 10.01 -18.39
N ASP A 85 42.07 9.74 -17.56
CA ASP A 85 42.59 8.39 -17.42
C ASP A 85 42.25 7.75 -16.09
N VAL A 86 41.17 8.19 -15.46
CA VAL A 86 40.75 7.60 -14.18
C VAL A 86 40.38 6.14 -14.41
N PRO A 87 40.90 5.22 -13.61
CA PRO A 87 40.56 3.79 -13.79
C PRO A 87 39.07 3.54 -13.53
N VAL A 88 38.50 2.64 -14.31
CA VAL A 88 37.11 2.24 -14.19
C VAL A 88 37.05 0.75 -13.86
N PHE A 89 36.46 0.43 -12.71
CA PHE A 89 36.22 -0.95 -12.31
C PHE A 89 34.75 -1.29 -12.53
N LEU A 90 34.50 -2.44 -13.14
CA LEU A 90 33.14 -2.95 -13.28
C LEU A 90 32.84 -3.89 -12.13
N LEU A 91 31.86 -3.51 -11.30
CA LEU A 91 31.36 -4.38 -10.24
C LEU A 91 30.19 -5.17 -10.79
N SER A 92 30.30 -6.50 -10.79
CA SER A 92 29.24 -7.30 -11.38
C SER A 92 29.34 -8.74 -10.88
N ASP A 93 28.21 -9.43 -10.95
CA ASP A 93 28.23 -10.89 -10.90
C ASP A 93 28.97 -11.41 -12.11
N ARG A 94 29.77 -12.47 -11.90
CA ARG A 94 30.72 -12.90 -12.93
C ARG A 94 30.01 -13.33 -14.20
N GLU A 95 28.97 -14.15 -14.08
CA GLU A 95 28.32 -14.70 -15.27
C GLU A 95 27.64 -13.60 -16.09
N GLU A 96 26.97 -12.66 -15.42
CA GLU A 96 26.33 -11.56 -16.12
C GLU A 96 27.33 -10.71 -16.88
N ALA A 97 28.47 -10.42 -16.27
CA ALA A 97 29.50 -9.65 -16.96
C ALA A 97 30.09 -10.43 -18.12
N LEU A 98 30.31 -11.73 -17.94
CA LEU A 98 30.93 -12.52 -18.99
C LEU A 98 30.02 -12.68 -20.20
N VAL A 99 28.71 -12.79 -20.00
CA VAL A 99 27.83 -12.87 -21.16
C VAL A 99 27.72 -11.54 -21.89
N ALA A 100 27.96 -10.42 -21.21
CA ALA A 100 27.93 -9.11 -21.83
C ALA A 100 29.29 -8.65 -22.33
N PHE A 101 30.32 -9.50 -22.22
CA PHE A 101 31.67 -9.11 -22.59
C PHE A 101 31.80 -8.93 -24.08
N ASP A 102 32.39 -7.81 -24.50
CA ASP A 102 32.68 -7.55 -25.90
C ASP A 102 33.71 -6.44 -25.99
N ARG A 103 34.03 -6.04 -27.22
CA ARG A 103 34.99 -4.96 -27.44
C ARG A 103 34.49 -3.65 -26.87
N ASN A 104 33.20 -3.36 -27.04
CA ASN A 104 32.64 -2.10 -26.58
C ASN A 104 32.70 -2.00 -25.06
N MET A 105 32.48 -3.11 -24.35
CA MET A 105 32.66 -3.11 -22.89
C MET A 105 34.10 -2.78 -22.51
N MET A 106 35.06 -3.44 -23.15
CA MET A 106 36.46 -3.22 -22.81
C MET A 106 36.96 -1.85 -23.22
N GLU A 107 36.25 -1.16 -24.11
CA GLU A 107 36.65 0.21 -24.45
C GLU A 107 36.52 1.15 -23.27
N GLN A 108 35.63 0.85 -22.32
CA GLN A 108 35.41 1.73 -21.18
C GLN A 108 35.72 1.10 -19.83
N VAL A 109 35.95 -0.20 -19.76
CA VAL A 109 36.23 -0.89 -18.49
C VAL A 109 37.70 -1.24 -18.45
N ASP A 110 38.38 -0.86 -17.37
CA ASP A 110 39.77 -1.21 -17.19
C ASP A 110 39.96 -2.50 -16.41
N GLU A 111 39.11 -2.76 -15.41
CA GLU A 111 39.26 -3.95 -14.59
C GLU A 111 37.91 -4.50 -14.16
N PHE A 112 37.91 -5.78 -13.83
CA PHE A 112 36.74 -6.50 -13.36
C PHE A 112 36.85 -6.69 -11.85
N ALA A 113 35.73 -6.54 -11.16
CA ALA A 113 35.65 -6.81 -9.73
C ALA A 113 34.43 -7.69 -9.49
N TRP A 114 34.67 -8.99 -9.33
CA TRP A 114 33.58 -9.93 -9.04
C TRP A 114 33.19 -9.74 -7.58
N ILE A 115 32.34 -8.74 -7.34
CA ILE A 115 32.06 -8.28 -6.00
C ILE A 115 31.39 -9.35 -5.13
N LEU A 116 30.70 -10.31 -5.73
CA LEU A 116 29.94 -11.30 -4.96
C LEU A 116 30.69 -12.59 -4.69
N GLU A 117 31.88 -12.78 -5.27
CA GLU A 117 32.64 -13.99 -5.04
C GLU A 117 34.12 -13.73 -4.77
N ASP A 118 34.50 -12.48 -4.52
CA ASP A 118 35.88 -12.12 -4.27
C ASP A 118 35.99 -11.42 -2.93
N SER A 119 37.12 -11.59 -2.28
CA SER A 119 37.38 -10.90 -1.03
C SER A 119 37.49 -9.41 -1.28
N ALA A 120 36.91 -8.61 -0.38
CA ALA A 120 37.00 -7.17 -0.50
C ALA A 120 38.43 -6.68 -0.38
N ASP A 121 39.29 -7.43 0.33
CA ASP A 121 40.69 -7.03 0.46
C ASP A 121 41.42 -7.09 -0.87
N PHE A 122 41.18 -8.14 -1.66
CA PHE A 122 41.84 -8.27 -2.96
C PHE A 122 41.42 -7.14 -3.89
N ILE A 123 40.12 -6.86 -3.94
CA ILE A 123 39.62 -5.79 -4.80
C ILE A 123 40.17 -4.44 -4.33
N ALA A 124 40.20 -4.22 -3.01
CA ALA A 124 40.73 -2.96 -2.49
C ALA A 124 42.20 -2.79 -2.85
N GLY A 125 42.99 -3.86 -2.75
CA GLY A 125 44.39 -3.77 -3.15
C GLY A 125 44.55 -3.44 -4.62
N ARG A 126 43.75 -4.07 -5.48
CA ARG A 126 43.82 -3.76 -6.90
C ARG A 126 43.40 -2.32 -7.18
N VAL A 127 42.38 -1.85 -6.48
CA VAL A 127 41.94 -0.46 -6.64
C VAL A 127 43.05 0.50 -6.22
N LEU A 128 43.72 0.21 -5.11
CA LEU A 128 44.81 1.07 -4.66
C LEU A 128 45.95 1.09 -5.66
N ALA A 129 46.29 -0.07 -6.22
CA ALA A 129 47.34 -0.11 -7.24
C ALA A 129 46.96 0.71 -8.46
N ALA A 130 45.70 0.60 -8.89
CA ALA A 130 45.24 1.39 -10.04
C ALA A 130 45.28 2.87 -9.74
N ILE A 131 44.89 3.28 -8.53
CA ILE A 131 44.91 4.68 -8.16
C ILE A 131 46.33 5.21 -8.16
N GLN A 132 47.28 4.43 -7.63
CA GLN A 132 48.67 4.87 -7.62
C GLN A 132 49.21 5.01 -9.04
N ARG A 133 48.88 4.05 -9.91
CA ARG A 133 49.30 4.15 -11.30
C ARG A 133 48.74 5.40 -11.95
N TYR A 134 47.47 5.72 -11.69
CA TYR A 134 46.86 6.91 -12.27
C TYR A 134 47.52 8.18 -11.74
N ARG A 135 47.77 8.24 -10.43
CA ARG A 135 48.35 9.44 -9.85
C ARG A 135 49.78 9.66 -10.32
N SER A 136 50.51 8.60 -10.63
CA SER A 136 51.91 8.75 -11.02
C SER A 136 52.06 9.37 -12.41
N GLN A 137 51.02 9.36 -13.24
CA GLN A 137 51.09 9.94 -14.58
C GLN A 137 50.34 11.25 -14.69
N LEU A 138 49.84 11.79 -13.59
CA LEU A 138 48.93 12.92 -13.66
C LEU A 138 49.63 14.25 -13.95
N LEU A 139 50.83 14.45 -13.43
CA LEU A 139 51.34 15.81 -13.56
C LEU A 139 52.21 15.96 -14.81
N PRO A 140 52.23 17.16 -15.39
CA PRO A 140 53.16 17.45 -16.49
C PRO A 140 54.59 17.50 -16.00
N PRO A 141 55.59 17.40 -16.90
CA PRO A 141 56.95 17.10 -16.44
C PRO A 141 57.57 18.17 -15.56
N LEU A 142 57.52 19.44 -15.99
CA LEU A 142 58.18 20.50 -15.21
C LEU A 142 57.56 20.63 -13.84
N MET A 143 56.24 20.59 -13.74
CA MET A 143 55.57 20.72 -12.46
C MET A 143 55.93 19.56 -11.55
N LYS A 144 55.97 18.35 -12.12
CA LYS A 144 56.33 17.16 -11.35
C LYS A 144 57.75 17.28 -10.80
N SER A 145 58.70 17.69 -11.64
CA SER A 145 60.08 17.80 -11.16
C SER A 145 60.23 18.90 -10.13
N LEU A 146 59.52 20.02 -10.30
CA LEU A 146 59.58 21.09 -9.31
C LEU A 146 59.01 20.63 -7.97
N ILE A 147 57.89 19.92 -7.99
CA ILE A 147 57.32 19.42 -6.74
C ILE A 147 58.26 18.43 -6.08
N LYS A 148 58.88 17.56 -6.88
CA LYS A 148 59.81 16.58 -6.32
C LYS A 148 61.01 17.28 -5.69
N TYR A 149 61.54 18.33 -6.32
CA TYR A 149 62.69 19.01 -5.77
C TYR A 149 62.33 19.88 -4.57
N SER A 150 61.08 20.32 -4.47
CA SER A 150 60.68 21.24 -3.41
C SER A 150 60.90 20.68 -2.00
N ASP A 151 60.97 19.37 -1.84
CA ASP A 151 61.21 18.81 -0.51
C ASP A 151 62.62 19.08 0.00
N VAL A 152 63.57 19.41 -0.86
CA VAL A 152 64.93 19.71 -0.43
C VAL A 152 64.92 21.03 0.34
N HIS A 153 65.56 21.03 1.52
CA HIS A 153 65.60 22.22 2.36
C HIS A 153 67.01 22.66 2.75
N GLU A 154 68.03 22.04 2.18
CA GLU A 154 69.40 22.36 2.57
C GLU A 154 69.82 23.72 2.03
N TYR A 155 70.65 24.41 2.81
CA TYR A 155 71.22 25.67 2.39
C TYR A 155 72.21 25.42 1.26
N SER A 156 71.81 25.76 0.04
CA SER A 156 72.79 25.90 -1.02
C SER A 156 73.60 27.17 -0.76
N TRP A 157 74.82 27.18 -1.27
CA TRP A 157 75.71 28.31 -1.07
C TRP A 157 75.72 29.23 -2.28
N ALA A 158 74.55 29.39 -2.91
CA ALA A 158 74.41 30.18 -4.12
C ALA A 158 73.08 30.94 -4.07
N ALA A 159 72.87 31.80 -5.06
CA ALA A 159 71.64 32.57 -5.16
C ALA A 159 70.47 31.67 -5.57
N PRO A 160 69.22 32.09 -5.29
CA PRO A 160 68.77 33.32 -4.65
C PRO A 160 69.09 33.39 -3.16
N GLY A 161 69.25 34.61 -2.66
CA GLY A 161 69.69 34.82 -1.29
C GLY A 161 68.69 34.40 -0.23
N HIS A 162 67.39 34.44 -0.55
CA HIS A 162 66.39 34.12 0.46
C HIS A 162 66.42 32.64 0.83
N GLN A 163 66.99 31.78 0.00
CA GLN A 163 67.25 30.38 0.32
C GLN A 163 65.96 29.64 0.70
N GLY A 164 65.05 29.56 -0.26
CA GLY A 164 63.79 28.88 -0.03
C GLY A 164 62.88 29.58 0.95
N GLY A 165 62.98 30.90 1.06
CA GLY A 165 62.12 31.67 1.93
C GLY A 165 62.62 31.86 3.34
N VAL A 166 63.73 31.24 3.71
CA VAL A 166 64.27 31.38 5.06
C VAL A 166 64.62 32.84 5.35
N GLY A 167 65.17 33.53 4.35
CA GLY A 167 65.59 34.91 4.55
C GLY A 167 64.45 35.84 4.96
N PHE A 168 63.24 35.59 4.45
CA PHE A 168 62.11 36.45 4.80
C PHE A 168 61.73 36.32 6.26
N THR A 169 61.93 35.15 6.87
CA THR A 169 61.47 34.93 8.23
C THR A 169 62.47 35.43 9.26
N LYS A 170 62.96 36.66 9.10
CA LYS A 170 63.88 37.25 10.05
C LYS A 170 63.46 38.62 10.56
N THR A 171 62.50 39.27 9.91
CA THR A 171 61.82 40.43 10.42
C THR A 171 60.33 40.12 10.53
N PRO A 172 59.59 40.84 11.39
CA PRO A 172 58.15 40.57 11.48
C PRO A 172 57.40 40.80 10.17
N ALA A 173 57.73 41.87 9.44
CA ALA A 173 57.06 42.10 8.16
C ALA A 173 57.40 41.00 7.16
N GLY A 174 58.65 40.57 7.13
CA GLY A 174 59.03 39.44 6.31
C GLY A 174 58.29 38.17 6.69
N ARG A 175 58.04 37.96 7.98
CA ARG A 175 57.31 36.77 8.41
C ARG A 175 55.85 36.84 7.97
N ILE A 176 55.24 38.02 8.05
CA ILE A 176 53.87 38.18 7.56
C ILE A 176 53.82 37.92 6.06
N TYR A 177 54.76 38.47 5.30
CA TYR A 177 54.82 38.25 3.86
C TYR A 177 55.00 36.78 3.53
N HIS A 178 55.91 36.12 4.24
CA HIS A 178 56.19 34.71 4.00
C HIS A 178 54.98 33.84 4.31
N ASP A 179 54.27 34.13 5.39
CA ASP A 179 53.06 33.37 5.71
C ASP A 179 51.95 33.64 4.72
N PHE A 180 51.85 34.86 4.21
CA PHE A 180 50.82 35.17 3.22
C PHE A 180 51.06 34.38 1.94
N PHE A 181 52.29 34.43 1.40
CA PHE A 181 52.51 33.80 0.11
C PHE A 181 52.77 32.30 0.20
N GLY A 182 53.10 31.78 1.38
CA GLY A 182 53.28 30.36 1.55
C GLY A 182 54.69 29.90 1.20
N GLU A 183 55.05 28.74 1.77
CA GLU A 183 56.42 28.24 1.70
C GLU A 183 56.76 27.71 0.31
N ASN A 184 55.81 27.04 -0.35
CA ASN A 184 56.13 26.33 -1.59
C ASN A 184 56.52 27.27 -2.71
N LEU A 185 55.97 28.49 -2.73
CA LEU A 185 56.38 29.45 -3.75
C LEU A 185 57.86 29.77 -3.64
N PHE A 186 58.36 29.97 -2.43
CA PHE A 186 59.76 30.30 -2.24
C PHE A 186 60.65 29.08 -2.40
N ARG A 187 60.14 27.89 -2.11
CA ARG A 187 60.99 26.72 -2.26
C ARG A 187 61.14 26.28 -3.71
N THR A 188 60.32 26.78 -4.62
CA THR A 188 60.51 26.52 -6.04
C THR A 188 61.40 27.57 -6.71
N ASP A 189 61.67 28.68 -6.04
CA ASP A 189 62.57 29.71 -6.57
C ASP A 189 63.99 29.26 -6.29
N ILE A 190 64.52 28.42 -7.17
CA ILE A 190 65.73 27.66 -6.88
C ILE A 190 66.92 28.10 -7.72
N GLY A 191 66.73 28.95 -8.72
CA GLY A 191 67.83 29.31 -9.59
C GLY A 191 67.99 28.33 -10.74
N ILE A 192 68.87 28.70 -11.66
CA ILE A 192 69.05 27.94 -12.89
C ILE A 192 70.24 26.97 -12.80
N GLU A 193 70.73 26.70 -11.60
CA GLU A 193 71.93 25.90 -11.42
C GLU A 193 71.65 24.56 -10.72
N ARG A 194 70.39 24.12 -10.73
CA ARG A 194 70.03 22.84 -10.14
C ARG A 194 69.74 21.86 -11.27
N VAL A 195 70.68 20.96 -11.51
CA VAL A 195 70.61 20.05 -12.66
C VAL A 195 69.49 19.03 -12.54
N ALA A 196 68.94 18.83 -11.35
CA ALA A 196 67.81 17.92 -11.21
C ALA A 196 66.61 18.39 -12.03
N VAL A 197 66.40 19.70 -12.10
CA VAL A 197 65.28 20.26 -12.85
C VAL A 197 65.70 20.66 -14.26
N GLY A 198 66.86 21.25 -14.41
CA GLY A 198 67.31 21.78 -15.69
C GLY A 198 67.33 23.29 -15.67
N SER A 199 67.51 23.86 -16.85
CA SER A 199 67.55 25.31 -17.00
C SER A 199 66.62 25.74 -18.14
N LEU A 200 65.90 26.83 -17.92
CA LEU A 200 64.96 27.32 -18.93
C LEU A 200 65.68 27.86 -20.15
N LEU A 201 66.73 28.66 -19.94
CA LEU A 201 67.40 29.31 -21.06
C LEU A 201 68.17 28.31 -21.92
N ASP A 202 68.62 27.21 -21.33
CA ASP A 202 69.29 26.17 -22.10
C ASP A 202 68.31 25.16 -22.69
N HIS A 203 67.04 25.22 -22.31
CA HIS A 203 66.01 24.29 -22.78
C HIS A 203 66.40 22.84 -22.50
N THR A 204 66.94 22.60 -21.33
CA THR A 204 67.39 21.26 -20.94
C THR A 204 66.56 20.73 -19.80
N GLY A 205 66.59 19.41 -19.64
CA GLY A 205 65.90 18.77 -18.54
C GLY A 205 64.39 18.89 -18.66
N ALA A 206 63.76 19.11 -17.51
CA ALA A 206 62.31 19.23 -17.47
C ALA A 206 61.81 20.41 -18.29
N PHE A 207 62.63 21.45 -18.47
CA PHE A 207 62.22 22.56 -19.31
C PHE A 207 62.16 22.16 -20.78
N GLY A 208 63.14 21.38 -21.25
CA GLY A 208 63.05 20.84 -22.59
C GLY A 208 61.86 19.91 -22.76
N GLU A 209 61.62 19.06 -21.77
CA GLU A 209 60.44 18.20 -21.82
C GLU A 209 59.15 19.01 -21.90
N CYS A 210 59.04 20.05 -21.08
CA CYS A 210 57.82 20.87 -21.06
C CYS A 210 57.63 21.60 -22.39
N GLU A 211 58.71 22.11 -22.98
CA GLU A 211 58.58 22.80 -24.26
C GLU A 211 58.19 21.83 -25.38
N LYS A 212 58.75 20.62 -25.37
CA LYS A 212 58.32 19.63 -26.36
C LYS A 212 56.86 19.25 -26.17
N ASN A 213 56.43 19.09 -24.92
CA ASN A 213 55.04 18.79 -24.64
C ASN A 213 54.12 19.91 -25.11
N ALA A 214 54.51 21.16 -24.88
CA ALA A 214 53.70 22.30 -25.32
C ALA A 214 53.66 22.38 -26.84
N ALA A 215 54.77 22.12 -27.50
CA ALA A 215 54.77 22.13 -28.97
C ALA A 215 53.84 21.06 -29.51
N ARG A 216 53.82 19.88 -28.90
CA ARG A 216 52.88 18.85 -29.31
C ARG A 216 51.43 19.29 -29.07
N ILE A 217 51.15 19.85 -27.90
CA ILE A 217 49.78 20.18 -27.54
C ILE A 217 49.24 21.30 -28.42
N PHE A 218 50.06 22.30 -28.72
CA PHE A 218 49.62 23.45 -29.50
C PHE A 218 49.88 23.29 -31.00
N GLY A 219 50.38 22.14 -31.44
CA GLY A 219 50.58 21.89 -32.85
C GLY A 219 51.66 22.71 -33.51
N ALA A 220 52.78 22.93 -32.83
CA ALA A 220 53.91 23.67 -33.38
C ALA A 220 55.09 22.73 -33.58
N ASP A 221 56.01 23.14 -34.46
CA ASP A 221 57.27 22.42 -34.58
C ASP A 221 58.14 22.63 -33.35
N GLN A 222 58.27 23.87 -32.89
CA GLN A 222 59.04 24.20 -31.70
C GLN A 222 58.25 25.19 -30.87
N SER A 223 58.40 25.09 -29.55
CA SER A 223 57.76 26.01 -28.63
C SER A 223 58.80 26.55 -27.66
N TYR A 224 58.63 27.81 -27.27
CA TYR A 224 59.51 28.46 -26.31
C TYR A 224 58.65 29.05 -25.19
N SER A 225 59.00 28.73 -23.95
CA SER A 225 58.36 29.32 -22.80
C SER A 225 59.03 30.65 -22.48
N VAL A 226 58.21 31.67 -22.21
CA VAL A 226 58.68 33.03 -22.01
C VAL A 226 58.14 33.53 -20.67
N VAL A 227 58.98 34.23 -19.92
CA VAL A 227 58.61 34.76 -18.62
C VAL A 227 58.52 36.28 -18.63
N VAL A 228 58.53 36.90 -19.81
CA VAL A 228 58.37 38.34 -19.95
C VAL A 228 57.10 38.66 -20.74
N GLY A 229 56.16 37.73 -20.78
CA GLY A 229 54.89 37.96 -21.43
C GLY A 229 54.99 37.97 -22.95
N THR A 230 53.84 38.24 -23.56
CA THR A 230 53.78 38.35 -25.01
C THR A 230 54.53 39.59 -25.51
N SER A 231 54.69 40.61 -24.67
CA SER A 231 55.57 41.72 -25.05
C SER A 231 56.97 41.19 -25.35
N GLY A 232 57.52 40.42 -24.42
CA GLY A 232 58.82 39.82 -24.64
C GLY A 232 58.84 38.86 -25.82
N SER A 233 57.80 38.05 -25.96
CA SER A 233 57.74 37.11 -27.07
C SER A 233 57.74 37.83 -28.43
N ASN A 234 56.92 38.88 -28.55
CA ASN A 234 56.89 39.67 -29.77
C ASN A 234 58.25 40.29 -30.04
N ARG A 235 58.90 40.81 -29.00
CA ARG A 235 60.22 41.41 -29.18
C ARG A 235 61.22 40.40 -29.71
N THR A 236 61.26 39.19 -29.13
CA THR A 236 62.26 38.23 -29.61
C THR A 236 61.95 37.76 -31.02
N ILE A 237 60.67 37.56 -31.36
CA ILE A 237 60.36 37.15 -32.73
C ILE A 237 60.79 38.22 -33.72
N MET A 238 60.46 39.49 -33.41
CA MET A 238 60.80 40.56 -34.33
C MET A 238 62.31 40.75 -34.42
N GLN A 239 63.03 40.55 -33.31
CA GLN A 239 64.49 40.64 -33.34
C GLN A 239 65.10 39.53 -34.16
N ALA A 240 64.53 38.32 -34.11
CA ALA A 240 65.04 37.23 -34.92
C ALA A 240 64.69 37.39 -36.39
N CYS A 241 63.66 38.15 -36.73
CA CYS A 241 63.18 38.17 -38.11
C CYS A 241 63.75 39.31 -38.95
N MET A 242 63.80 40.54 -38.44
CA MET A 242 64.09 41.67 -39.31
C MET A 242 65.34 42.41 -38.86
N THR A 243 65.78 43.31 -39.73
CA THR A 243 66.97 44.12 -39.54
C THR A 243 66.69 45.51 -40.08
N ASP A 244 67.56 46.47 -39.76
CA ASP A 244 67.29 47.85 -40.18
C ASP A 244 67.31 48.03 -41.69
N ASP A 245 67.81 47.05 -42.45
CA ASP A 245 67.77 47.08 -43.90
C ASP A 245 66.58 46.32 -44.47
N ASP A 246 65.49 46.23 -43.71
CA ASP A 246 64.35 45.40 -44.08
C ASP A 246 63.06 46.22 -44.11
N VAL A 247 62.12 45.79 -44.94
CA VAL A 247 60.78 46.33 -44.96
C VAL A 247 59.83 45.28 -44.40
N VAL A 248 58.89 45.71 -43.57
CA VAL A 248 57.98 44.79 -42.89
C VAL A 248 56.55 45.27 -43.06
N VAL A 249 55.62 44.32 -43.00
CA VAL A 249 54.20 44.57 -43.21
C VAL A 249 53.51 44.43 -41.87
N ILE A 250 52.98 45.53 -41.35
CA ILE A 250 52.48 45.59 -39.98
C ILE A 250 50.98 45.82 -39.99
N ASP A 251 50.24 44.95 -39.31
CA ASP A 251 48.86 45.23 -38.98
C ASP A 251 48.77 46.53 -38.18
N ARG A 252 47.97 47.46 -38.68
CA ARG A 252 47.80 48.72 -37.94
C ARG A 252 47.14 48.48 -36.60
N ASN A 253 46.35 47.42 -36.47
CA ASN A 253 45.85 46.96 -35.17
C ASN A 253 46.96 46.12 -34.53
N CYS A 254 47.96 46.82 -34.01
CA CYS A 254 49.12 46.17 -33.41
C CYS A 254 49.27 46.59 -31.95
N HIS A 255 49.73 45.65 -31.13
CA HIS A 255 50.08 45.94 -29.76
C HIS A 255 51.33 46.83 -29.72
N LYS A 256 51.50 47.56 -28.63
CA LYS A 256 52.64 48.45 -28.50
C LYS A 256 53.97 47.70 -28.47
N SER A 257 53.95 46.41 -28.13
CA SER A 257 55.18 45.62 -28.21
C SER A 257 55.65 45.46 -29.66
N ILE A 258 54.72 45.52 -30.62
CA ILE A 258 55.12 45.48 -32.02
C ILE A 258 55.90 46.74 -32.39
N GLU A 259 55.41 47.90 -31.96
CA GLU A 259 56.18 49.13 -32.21
C GLU A 259 57.50 49.12 -31.45
N GLN A 260 57.53 48.52 -30.26
CA GLN A 260 58.80 48.38 -29.55
C GLN A 260 59.78 47.53 -30.34
N GLY A 261 59.29 46.43 -30.94
CA GLY A 261 60.13 45.64 -31.80
C GLY A 261 60.63 46.41 -33.01
N LEU A 262 59.77 47.25 -33.58
CA LEU A 262 60.19 48.10 -34.69
C LEU A 262 61.30 49.05 -34.26
N ILE A 263 61.17 49.64 -33.08
CA ILE A 263 62.21 50.53 -32.56
C ILE A 263 63.51 49.76 -32.35
N LEU A 264 63.43 48.56 -31.79
CA LEU A 264 64.62 47.79 -31.47
C LEU A 264 65.30 47.17 -32.68
N THR A 265 64.57 46.99 -33.78
CA THR A 265 65.17 46.42 -34.98
C THR A 265 65.53 47.46 -36.03
N GLY A 266 64.87 48.60 -36.04
CA GLY A 266 65.12 49.61 -37.05
C GLY A 266 64.50 49.33 -38.41
N ALA A 267 63.59 48.37 -38.50
CA ALA A 267 62.97 48.05 -39.78
C ALA A 267 62.03 49.16 -40.24
N LYS A 268 61.74 49.16 -41.54
CA LYS A 268 60.87 50.17 -42.13
C LYS A 268 59.48 49.58 -42.32
N PRO A 269 58.46 50.07 -41.63
CA PRO A 269 57.14 49.44 -41.67
C PRO A 269 56.23 49.97 -42.75
N VAL A 270 55.44 49.05 -43.29
CA VAL A 270 54.31 49.34 -44.16
C VAL A 270 53.07 48.76 -43.50
N TYR A 271 51.95 49.46 -43.58
CA TYR A 271 50.79 49.16 -42.75
C TYR A 271 49.59 48.70 -43.57
N MET A 272 48.90 47.68 -43.07
CA MET A 272 47.59 47.29 -43.56
C MET A 272 46.53 47.86 -42.63
N ILE A 273 45.58 48.59 -43.19
CA ILE A 273 44.60 49.34 -42.41
C ILE A 273 43.39 48.45 -42.17
N PRO A 274 43.00 48.22 -40.92
CA PRO A 274 41.79 47.43 -40.66
C PRO A 274 40.52 48.24 -40.89
N SER A 275 39.40 47.54 -40.93
CA SER A 275 38.11 48.16 -41.15
C SER A 275 37.48 48.57 -39.82
N ARG A 276 36.46 49.41 -39.91
CA ARG A 276 35.74 49.91 -38.74
C ARG A 276 34.24 49.85 -39.02
N ASN A 277 33.46 49.80 -37.95
CA ASN A 277 32.00 49.81 -38.05
C ASN A 277 31.45 51.04 -37.35
N ARG A 278 30.12 51.18 -37.38
CA ARG A 278 29.47 52.38 -36.86
C ARG A 278 29.61 52.53 -35.35
N TYR A 279 29.91 51.45 -34.64
CA TYR A 279 30.07 51.51 -33.19
C TYR A 279 31.50 51.87 -32.78
N GLY A 280 32.40 52.11 -33.74
CA GLY A 280 33.78 52.34 -33.42
C GLY A 280 34.58 51.09 -33.15
N ILE A 281 34.02 49.92 -33.43
CA ILE A 281 34.73 48.66 -33.23
C ILE A 281 35.67 48.44 -34.41
N ILE A 282 36.95 48.23 -34.11
CA ILE A 282 37.92 47.92 -35.15
C ILE A 282 37.67 46.51 -35.67
N GLY A 283 37.61 46.38 -37.00
CA GLY A 283 37.34 45.11 -37.61
C GLY A 283 38.56 44.52 -38.28
N PRO A 284 38.35 43.49 -39.08
CA PRO A 284 39.47 42.81 -39.74
C PRO A 284 40.05 43.64 -40.89
N ILE A 285 41.31 43.33 -41.21
CA ILE A 285 41.89 43.79 -42.45
C ILE A 285 41.25 43.04 -43.61
N TYR A 286 40.82 43.79 -44.62
CA TYR A 286 40.17 43.15 -45.76
C TYR A 286 41.21 42.50 -46.66
N PRO A 287 40.80 41.48 -47.42
CA PRO A 287 41.76 40.81 -48.33
C PRO A 287 42.37 41.75 -49.34
N LYS A 288 41.72 42.85 -49.68
CA LYS A 288 42.27 43.80 -50.65
C LYS A 288 43.54 44.48 -50.14
N GLU A 289 43.85 44.39 -48.86
CA GLU A 289 45.05 44.97 -48.29
C GLU A 289 46.21 43.99 -48.20
N MET A 290 45.96 42.69 -48.37
CA MET A 290 46.99 41.67 -48.24
C MET A 290 47.45 41.12 -49.58
N THR A 291 46.84 41.52 -50.68
CA THR A 291 47.23 40.99 -51.97
C THR A 291 48.65 41.46 -52.32
N PRO A 292 49.40 40.65 -53.08
CA PRO A 292 50.76 41.06 -53.46
C PRO A 292 50.82 42.41 -54.14
N ASP A 293 49.84 42.73 -54.97
CA ASP A 293 49.82 44.04 -55.61
C ASP A 293 49.59 45.16 -54.60
N ALA A 294 48.72 44.93 -53.61
CA ALA A 294 48.51 45.93 -52.58
C ALA A 294 49.78 46.18 -51.77
N ILE A 295 50.50 45.11 -51.44
CA ILE A 295 51.72 45.26 -50.66
C ILE A 295 52.81 45.95 -51.48
N LYS A 296 52.92 45.61 -52.77
CA LYS A 296 53.86 46.31 -53.62
C LYS A 296 53.52 47.79 -53.75
N PHE A 297 52.23 48.10 -53.88
CA PHE A 297 51.82 49.50 -53.94
C PHE A 297 52.15 50.24 -52.65
N LYS A 298 51.91 49.61 -51.51
CA LYS A 298 52.23 50.24 -50.23
C LYS A 298 53.74 50.48 -50.12
N ILE A 299 54.55 49.51 -50.53
CA ILE A 299 56.00 49.68 -50.47
C ILE A 299 56.45 50.80 -51.39
N ALA A 300 55.89 50.87 -52.60
CA ALA A 300 56.27 51.90 -53.55
C ALA A 300 55.81 53.29 -53.13
N ALA A 301 54.75 53.38 -52.33
CA ALA A 301 54.23 54.68 -51.92
C ALA A 301 54.83 55.19 -50.63
N ASN A 302 55.47 54.33 -49.83
CA ASN A 302 56.01 54.76 -48.54
C ASN A 302 57.25 55.62 -48.74
N PRO A 303 57.36 56.76 -48.06
CA PRO A 303 58.54 57.61 -48.23
C PRO A 303 59.84 56.93 -47.85
N LEU A 304 59.84 56.03 -46.87
CA LEU A 304 61.07 55.38 -46.43
C LEU A 304 61.39 54.12 -47.21
N THR A 305 60.40 53.40 -47.71
CA THR A 305 60.62 52.12 -48.36
C THR A 305 60.61 52.19 -49.88
N LYS A 306 60.45 53.38 -50.46
CA LYS A 306 60.34 53.47 -51.91
C LYS A 306 61.65 53.15 -52.64
N GLY A 307 62.75 53.01 -51.91
CA GLY A 307 63.99 52.55 -52.52
C GLY A 307 64.22 51.07 -52.28
N LYS A 308 63.17 50.35 -51.90
CA LYS A 308 63.27 48.92 -51.59
C LYS A 308 62.18 48.13 -52.30
N VAL A 309 61.63 48.67 -53.38
CA VAL A 309 60.50 48.06 -54.06
C VAL A 309 60.83 46.70 -54.66
N LYS A 310 62.11 46.39 -54.84
CA LYS A 310 62.54 45.10 -55.35
C LYS A 310 62.89 44.12 -54.25
N GLN A 311 62.75 44.51 -52.99
CA GLN A 311 63.15 43.70 -51.86
C GLN A 311 61.94 42.98 -51.28
N LYS A 312 62.10 41.69 -51.03
CA LYS A 312 61.03 40.90 -50.43
C LYS A 312 60.87 41.26 -48.96
N PRO A 313 59.67 41.56 -48.48
CA PRO A 313 59.49 41.89 -47.07
C PRO A 313 59.88 40.73 -46.18
N ALA A 314 60.50 41.05 -45.05
CA ALA A 314 61.08 40.04 -44.19
C ALA A 314 60.12 39.51 -43.13
N TYR A 315 58.99 40.17 -42.91
CA TYR A 315 58.16 39.84 -41.77
C TYR A 315 56.81 40.52 -41.92
N SER A 316 55.76 39.84 -41.47
CA SER A 316 54.44 40.42 -41.36
C SER A 316 53.81 39.95 -40.06
N VAL A 317 52.97 40.81 -39.48
CA VAL A 317 52.27 40.50 -38.25
C VAL A 317 50.79 40.83 -38.42
N VAL A 318 49.93 39.92 -37.98
CA VAL A 318 48.50 40.13 -37.96
C VAL A 318 47.99 39.77 -36.57
N THR A 319 47.21 40.64 -35.97
CA THR A 319 46.60 40.37 -34.68
C THR A 319 45.32 39.56 -34.89
N ASN A 320 45.27 38.37 -34.30
CA ASN A 320 44.14 37.47 -34.47
C ASN A 320 44.01 36.62 -33.22
N CYS A 321 42.89 36.72 -32.52
CA CYS A 321 41.77 37.58 -32.89
C CYS A 321 41.99 39.02 -32.42
N THR A 322 41.11 39.92 -32.83
CA THR A 322 41.21 41.32 -32.44
C THR A 322 40.70 41.48 -31.01
N TYR A 323 40.78 42.72 -30.50
CA TYR A 323 40.38 43.00 -29.13
C TYR A 323 38.88 42.77 -28.91
N ASP A 324 38.08 42.95 -29.96
CA ASP A 324 36.63 42.79 -29.85
C ASP A 324 36.15 41.42 -30.35
N GLY A 325 37.06 40.46 -30.49
CA GLY A 325 36.66 39.11 -30.81
C GLY A 325 36.42 38.82 -32.27
N VAL A 326 37.01 39.58 -33.18
CA VAL A 326 36.91 39.29 -34.61
C VAL A 326 38.06 38.38 -34.99
N CYS A 327 37.75 37.18 -35.47
CA CYS A 327 38.74 36.18 -35.81
C CYS A 327 38.87 36.06 -37.32
N TYR A 328 40.10 36.18 -37.82
CA TYR A 328 40.35 35.98 -39.25
C TYR A 328 40.27 34.50 -39.60
N ASN A 329 39.90 34.24 -40.85
CA ASN A 329 40.16 32.93 -41.44
C ASN A 329 41.65 32.85 -41.72
N ALA A 330 42.40 32.21 -40.80
CA ALA A 330 43.85 32.25 -40.87
C ALA A 330 44.38 31.48 -42.08
N ARG A 331 43.67 30.44 -42.52
CA ARG A 331 44.07 29.75 -43.73
C ARG A 331 44.07 30.69 -44.93
N LYS A 332 43.01 31.50 -45.07
CA LYS A 332 42.94 32.43 -46.19
C LYS A 332 43.97 33.54 -46.06
N VAL A 333 44.19 34.04 -44.84
CA VAL A 333 45.20 35.07 -44.63
C VAL A 333 46.58 34.54 -45.01
N GLN A 334 46.89 33.31 -44.59
CA GLN A 334 48.17 32.72 -44.92
C GLN A 334 48.32 32.52 -46.42
N ASP A 335 47.26 32.08 -47.10
CA ASP A 335 47.34 31.94 -48.54
C ASP A 335 47.54 33.28 -49.23
N LEU A 336 46.91 34.34 -48.73
CA LEU A 336 47.09 35.65 -49.33
C LEU A 336 48.51 36.16 -49.12
N LEU A 337 49.03 36.09 -47.90
CA LEU A 337 50.34 36.61 -47.58
C LEU A 337 51.48 35.74 -48.10
N ASP A 338 51.20 34.47 -48.44
CA ASP A 338 52.22 33.61 -49.01
C ASP A 338 52.76 34.12 -50.33
N GLY A 339 51.99 34.94 -51.04
CA GLY A 339 52.46 35.48 -52.29
C GLY A 339 53.44 36.63 -52.16
N SER A 340 53.72 37.07 -50.94
CA SER A 340 54.62 38.21 -50.72
C SER A 340 55.66 37.99 -49.63
N LEU A 341 55.46 37.05 -48.70
CA LEU A 341 56.28 36.95 -47.52
C LEU A 341 56.63 35.50 -47.25
N ASP A 342 57.72 35.30 -46.52
CA ASP A 342 58.09 33.98 -46.02
C ASP A 342 57.86 33.81 -44.53
N ARG A 343 57.64 34.89 -43.80
CA ARG A 343 57.42 34.84 -42.36
C ARG A 343 56.13 35.57 -42.02
N ILE A 344 55.20 34.86 -41.41
CA ILE A 344 53.96 35.45 -40.92
C ILE A 344 53.87 35.21 -39.42
N HIS A 345 53.67 36.29 -38.67
CA HIS A 345 53.52 36.23 -37.24
C HIS A 345 52.07 36.53 -36.89
N PHE A 346 51.41 35.57 -36.25
CA PHE A 346 50.06 35.76 -35.74
C PHE A 346 50.16 36.06 -34.25
N ASP A 347 49.83 37.29 -33.86
CA ASP A 347 49.82 37.67 -32.45
C ASP A 347 48.48 37.24 -31.86
N GLU A 348 48.43 36.00 -31.39
CA GLU A 348 47.22 35.44 -30.77
C GLU A 348 47.26 35.56 -29.25
N ALA A 349 47.54 36.76 -28.74
CA ALA A 349 47.67 36.92 -27.30
C ALA A 349 46.36 36.61 -26.59
N TRP A 350 45.23 37.05 -27.14
CA TRP A 350 43.92 36.78 -26.59
C TRP A 350 43.32 35.48 -27.11
N TYR A 351 44.04 34.74 -27.94
CA TYR A 351 43.48 33.65 -28.73
C TYR A 351 44.38 32.42 -28.55
N GLY A 352 44.25 31.74 -27.42
CA GLY A 352 45.15 30.65 -27.12
C GLY A 352 44.43 29.33 -27.06
N TYR A 353 43.13 29.42 -26.80
CA TYR A 353 42.22 28.29 -26.72
C TYR A 353 41.70 27.84 -28.07
N ALA A 354 41.97 28.58 -29.14
CA ALA A 354 41.26 28.40 -30.40
C ALA A 354 41.49 27.01 -31.00
N ARG A 355 42.68 26.44 -30.81
CA ARG A 355 42.98 25.12 -31.33
C ARG A 355 42.11 24.03 -30.74
N PHE A 356 41.52 24.24 -29.56
CA PHE A 356 40.94 23.17 -28.77
C PHE A 356 39.41 23.15 -28.82
N ASN A 357 38.80 23.91 -29.73
CA ASN A 357 37.37 23.80 -29.96
C ASN A 357 37.11 23.85 -31.46
N PRO A 358 36.32 22.90 -31.99
CA PRO A 358 36.06 22.87 -33.44
C PRO A 358 35.33 24.10 -33.95
N LEU A 359 34.72 24.90 -33.09
CA LEU A 359 34.05 26.12 -33.54
C LEU A 359 35.01 27.10 -34.20
N TYR A 360 36.30 27.02 -33.86
CA TYR A 360 37.30 27.94 -34.36
C TYR A 360 38.09 27.38 -35.54
N ARG A 361 37.62 26.28 -36.13
CA ARG A 361 38.36 25.60 -37.18
C ARG A 361 38.68 26.55 -38.34
N ASN A 362 39.93 26.47 -38.81
CA ASN A 362 40.49 27.29 -39.89
C ASN A 362 40.67 28.74 -39.52
N HIS A 363 40.48 29.12 -38.26
CA HIS A 363 40.55 30.52 -37.85
C HIS A 363 41.68 30.77 -36.86
N PHE A 364 42.74 29.96 -36.90
CA PHE A 364 43.90 30.16 -36.05
C PHE A 364 45.12 29.64 -36.80
N ALA A 365 46.30 29.82 -36.20
CA ALA A 365 47.54 29.63 -36.92
C ALA A 365 47.96 28.17 -37.00
N MET A 366 48.03 27.48 -35.86
CA MET A 366 48.63 26.14 -35.79
C MET A 366 47.53 25.10 -35.98
N ARG A 367 47.08 24.96 -37.22
CA ARG A 367 45.96 24.09 -37.55
C ARG A 367 46.42 22.66 -37.77
N ASP A 368 45.56 21.72 -37.39
CA ASP A 368 45.76 20.33 -37.76
C ASP A 368 45.45 20.13 -39.24
N GLU A 369 46.46 20.21 -40.08
CA GLU A 369 46.28 20.15 -41.53
C GLU A 369 47.50 19.49 -42.15
N GLU A 370 47.31 18.92 -43.33
CA GLU A 370 48.44 18.45 -44.11
C GLU A 370 49.28 19.64 -44.56
N ARG A 371 50.58 19.58 -44.28
CA ARG A 371 51.48 20.69 -44.54
C ARG A 371 52.38 20.35 -45.71
N THR A 372 52.44 21.26 -46.69
CA THR A 372 53.34 21.10 -47.82
C THR A 372 54.71 21.69 -47.48
N GLU A 373 55.65 21.58 -48.43
CA GLU A 373 57.01 22.02 -48.20
C GLU A 373 57.27 23.46 -48.62
N ASN A 374 56.32 24.11 -49.30
CA ASN A 374 56.52 25.47 -49.77
C ASN A 374 55.74 26.49 -48.93
N GLU A 375 55.41 26.13 -47.71
CA GLU A 375 54.69 27.04 -46.85
C GLU A 375 55.63 28.10 -46.27
N PRO A 376 55.10 29.26 -45.91
CA PRO A 376 55.91 30.23 -45.17
C PRO A 376 56.10 29.79 -43.73
N THR A 377 57.11 30.37 -43.09
CA THR A 377 57.31 30.16 -41.66
C THR A 377 56.24 30.92 -40.89
N ILE A 378 55.61 30.24 -39.93
CA ILE A 378 54.51 30.81 -39.15
C ILE A 378 54.94 30.92 -37.70
N PHE A 379 54.75 32.10 -37.13
CA PHE A 379 54.94 32.33 -35.70
C PHE A 379 53.60 32.63 -35.06
N ALA A 380 53.38 32.10 -33.86
CA ALA A 380 52.20 32.42 -33.06
C ALA A 380 52.63 32.68 -31.62
N THR A 381 52.14 33.76 -31.05
CA THR A 381 52.41 34.11 -29.66
C THR A 381 51.12 34.02 -28.87
N HIS A 382 51.15 33.29 -27.75
CA HIS A 382 50.01 33.17 -26.86
C HIS A 382 50.34 33.83 -25.53
N SER A 383 49.45 34.69 -25.06
CA SER A 383 49.61 35.16 -23.66
C SER A 383 48.83 34.13 -22.84
N THR A 384 49.53 33.19 -22.21
CA THR A 384 48.88 32.09 -21.47
C THR A 384 48.11 32.60 -20.25
N HIS A 385 48.46 33.78 -19.76
CA HIS A 385 47.74 34.36 -18.59
C HIS A 385 46.45 35.06 -19.04
N1 LLP A 386 49.82 41.51 -28.00
C2 LLP A 386 48.51 41.65 -27.80
C2' LLP A 386 47.60 41.65 -28.98
C3 LLP A 386 48.01 41.79 -26.52
O3 LLP A 386 46.67 41.93 -26.41
C4 LLP A 386 48.86 41.78 -25.41
C4' LLP A 386 48.33 41.93 -24.06
C5 LLP A 386 50.24 41.64 -25.65
C6 LLP A 386 50.66 41.51 -26.94
C5' LLP A 386 51.27 41.66 -24.56
OP4 LLP A 386 51.18 40.51 -23.68
P LLP A 386 51.79 40.54 -22.22
OP1 LLP A 386 51.79 39.11 -21.81
OP2 LLP A 386 53.16 41.13 -22.30
OP3 LLP A 386 50.83 41.38 -21.48
N LLP A 386 46.31 35.41 -20.31
CA LLP A 386 45.12 36.18 -20.73
CB LLP A 386 45.34 37.00 -22.01
CG LLP A 386 45.88 38.41 -21.81
CD LLP A 386 46.34 39.09 -23.09
CE LLP A 386 47.49 40.06 -22.87
NZ LLP A 386 47.31 41.27 -23.66
C LLP A 386 43.87 35.29 -20.74
O LLP A 386 43.01 35.52 -19.89
N LEU A 387 43.77 34.32 -21.64
CA LEU A 387 42.51 33.54 -21.76
C LEU A 387 42.77 32.05 -21.54
N LEU A 388 43.95 31.71 -21.06
CA LEU A 388 44.27 30.34 -20.62
C LEU A 388 44.51 30.48 -19.11
N ASN A 389 44.93 29.45 -18.38
CA ASN A 389 45.14 29.48 -16.94
C ASN A 389 46.64 29.50 -16.66
N ALA A 390 47.19 30.70 -16.51
CA ALA A 390 48.59 30.86 -16.18
C ALA A 390 48.77 32.17 -15.43
N LEU A 391 49.88 32.26 -14.69
CA LEU A 391 50.23 33.49 -14.00
C LEU A 391 50.65 34.56 -15.00
N SER A 392 50.52 35.81 -14.58
CA SER A 392 50.97 36.94 -15.40
C SER A 392 52.43 36.76 -15.78
N GLN A 393 52.77 37.25 -16.97
CA GLN A 393 54.07 37.20 -17.64
C GLN A 393 54.36 35.85 -18.29
N ALA A 394 53.50 34.86 -18.15
CA ALA A 394 53.70 33.59 -18.83
C ALA A 394 53.24 33.70 -20.29
N SER A 395 54.06 33.20 -21.19
CA SER A 395 53.78 33.32 -22.62
C SER A 395 54.46 32.19 -23.36
N PHE A 396 54.03 31.99 -24.60
CA PHE A 396 54.60 30.97 -25.47
C PHE A 396 54.94 31.56 -26.82
N ILE A 397 56.03 31.09 -27.41
CA ILE A 397 56.32 31.30 -28.81
C ILE A 397 56.18 29.95 -29.50
N HIS A 398 55.33 29.90 -30.53
CA HIS A 398 55.13 28.69 -31.32
C HIS A 398 55.63 28.96 -32.73
N VAL A 399 56.41 28.03 -33.26
CA VAL A 399 57.02 28.17 -34.57
C VAL A 399 56.63 26.97 -35.42
N ARG A 400 56.21 27.24 -36.65
CA ARG A 400 56.07 26.22 -37.69
C ARG A 400 57.05 26.56 -38.80
N ASN A 401 58.04 25.70 -38.99
CA ASN A 401 59.13 26.01 -39.92
C ASN A 401 58.66 25.87 -41.36
N GLY A 402 58.91 26.89 -42.16
CA GLY A 402 58.60 26.86 -43.58
C GLY A 402 59.71 27.47 -44.40
N ARG A 403 59.35 28.38 -45.29
CA ARG A 403 60.35 29.07 -46.09
C ARG A 403 61.12 30.06 -45.25
N ASN A 404 62.44 30.09 -45.43
CA ASN A 404 63.33 31.03 -44.73
C ASN A 404 63.20 30.88 -43.21
N ALA A 405 63.24 29.63 -42.77
CA ALA A 405 63.11 29.34 -41.35
C ALA A 405 64.38 29.74 -40.59
N ILE A 406 64.21 29.98 -39.29
CA ILE A 406 65.30 30.36 -38.41
C ILE A 406 65.63 29.17 -37.52
N ASP A 407 66.84 28.64 -37.63
CA ASP A 407 67.23 27.48 -36.86
C ASP A 407 67.45 27.87 -35.39
N PHE A 408 67.60 26.85 -34.55
CA PHE A 408 67.61 27.06 -33.11
C PHE A 408 68.77 27.93 -32.67
N ASN A 409 69.96 27.72 -33.24
CA ASN A 409 71.13 28.50 -32.81
C ASN A 409 70.94 29.99 -33.08
N ARG A 410 70.34 30.33 -34.22
CA ARG A 410 70.11 31.73 -34.54
C ARG A 410 68.98 32.33 -33.71
N PHE A 411 67.89 31.57 -33.51
CA PHE A 411 66.76 32.08 -32.75
C PHE A 411 67.08 32.26 -31.28
N ASN A 412 67.96 31.41 -30.75
CA ASN A 412 68.28 31.46 -29.34
C ASN A 412 68.97 32.77 -28.95
N GLN A 413 69.66 33.40 -29.90
CA GLN A 413 70.29 34.68 -29.60
C GLN A 413 69.25 35.75 -29.29
N ALA A 414 68.22 35.87 -30.14
CA ALA A 414 67.14 36.82 -29.84
C ALA A 414 66.41 36.43 -28.57
N TYR A 415 66.16 35.13 -28.38
CA TYR A 415 65.48 34.68 -27.18
C TYR A 415 66.22 35.12 -25.93
N LEU A 416 67.54 34.91 -25.88
CA LEU A 416 68.32 35.36 -24.73
C LEU A 416 68.36 36.87 -24.64
N MET A 417 68.39 37.56 -25.78
CA MET A 417 68.45 39.02 -25.76
C MET A 417 67.25 39.64 -25.07
N HIS A 418 66.08 38.99 -25.14
CA HIS A 418 64.93 39.59 -24.49
C HIS A 418 64.46 38.82 -23.26
N SER A 419 65.34 38.06 -22.63
CA SER A 419 65.00 37.26 -21.46
C SER A 419 65.82 37.74 -20.26
N THR A 420 65.71 37.01 -19.17
CA THR A 420 66.49 37.27 -17.97
C THR A 420 67.29 36.02 -17.61
N THR A 421 68.44 36.22 -16.97
CA THR A 421 69.26 35.09 -16.57
C THR A 421 68.75 34.39 -15.32
N SER A 422 67.76 34.96 -14.63
CA SER A 422 67.20 34.36 -13.43
C SER A 422 65.67 34.31 -13.53
N PRO A 423 65.15 33.42 -14.37
CA PRO A 423 63.69 33.31 -14.48
C PRO A 423 63.06 32.77 -13.19
N LEU A 424 61.86 33.23 -12.91
CA LEU A 424 61.07 32.71 -11.80
C LEU A 424 60.36 31.44 -12.26
N TYR A 425 60.69 30.30 -11.65
CA TYR A 425 60.22 29.02 -12.13
C TYR A 425 58.73 28.81 -11.89
N ALA A 426 58.11 29.60 -11.01
CA ALA A 426 56.66 29.51 -10.84
C ALA A 426 55.93 29.91 -12.11
N ILE A 427 56.45 30.91 -12.84
CA ILE A 427 55.83 31.31 -14.10
C ILE A 427 55.91 30.19 -15.13
N CYS A 428 57.08 29.56 -15.25
CA CYS A 428 57.23 28.45 -16.18
C CYS A 428 56.34 27.27 -15.78
N ALA A 429 56.21 27.03 -14.48
CA ALA A 429 55.32 25.98 -14.01
C ALA A 429 53.87 26.28 -14.35
N SER A 430 53.46 27.53 -14.25
CA SER A 430 52.10 27.90 -14.65
C SER A 430 51.91 27.71 -16.15
N ASN A 431 52.93 28.04 -16.95
CA ASN A 431 52.86 27.75 -18.38
C ASN A 431 52.66 26.26 -18.64
N ASP A 432 53.42 25.43 -17.93
CA ASP A 432 53.34 23.98 -18.09
C ASP A 432 51.97 23.45 -17.69
N ILE A 433 51.41 23.93 -16.58
CA ILE A 433 50.09 23.46 -16.17
C ILE A 433 49.00 23.95 -17.12
N ALA A 434 49.16 25.16 -17.69
CA ALA A 434 48.18 25.62 -18.67
C ALA A 434 48.18 24.73 -19.91
N ALA A 435 49.38 24.41 -20.42
CA ALA A 435 49.47 23.50 -21.56
C ALA A 435 48.86 22.15 -21.23
N ASP A 436 49.13 21.63 -20.03
CA ASP A 436 48.54 20.36 -19.63
C ASP A 436 47.02 20.45 -19.55
N MET A 437 46.51 21.59 -19.10
CA MET A 437 45.07 21.76 -18.96
C MET A 437 44.38 21.76 -20.31
N MET A 438 45.03 22.27 -21.34
CA MET A 438 44.43 22.20 -22.67
C MET A 438 44.63 20.84 -23.35
N ASP A 439 45.40 19.93 -22.76
CA ASP A 439 45.73 18.67 -23.41
C ASP A 439 44.59 17.67 -23.32
N GLY A 440 44.37 16.92 -24.38
CA GLY A 440 43.38 15.86 -24.42
C GLY A 440 41.94 16.31 -24.42
N ASN A 441 41.09 15.58 -23.71
CA ASN A 441 39.67 15.91 -23.65
C ASN A 441 39.40 17.20 -22.90
N SER A 442 40.28 17.56 -21.96
CA SER A 442 40.00 18.65 -21.05
C SER A 442 39.96 19.99 -21.76
N GLY A 443 40.80 20.20 -22.77
CA GLY A 443 40.75 21.46 -23.49
C GLY A 443 39.43 21.68 -24.20
N ARG A 444 38.95 20.63 -24.88
CA ARG A 444 37.64 20.69 -25.51
C ARG A 444 36.54 20.94 -24.48
N SER A 445 36.60 20.24 -23.35
CA SER A 445 35.55 20.41 -22.34
C SER A 445 35.54 21.81 -21.75
N LEU A 446 36.72 22.38 -21.49
CA LEU A 446 36.79 23.71 -20.89
C LEU A 446 36.34 24.79 -21.87
N THR A 447 36.79 24.70 -23.12
CA THR A 447 36.33 25.65 -24.12
C THR A 447 34.82 25.53 -24.33
N ASP A 448 34.29 24.30 -24.31
CA ASP A 448 32.86 24.12 -24.43
C ASP A 448 32.11 24.81 -23.31
N GLU A 449 32.59 24.65 -22.07
CA GLU A 449 31.91 25.30 -20.94
C GLU A 449 31.88 26.81 -21.10
N VAL A 450 33.02 27.41 -21.46
CA VAL A 450 33.05 28.86 -21.61
C VAL A 450 32.13 29.32 -22.73
N ILE A 451 32.17 28.62 -23.87
CA ILE A 451 31.35 29.01 -25.01
C ILE A 451 29.87 28.90 -24.67
N ARG A 452 29.48 27.84 -23.96
CA ARG A 452 28.09 27.67 -23.58
C ARG A 452 27.64 28.77 -22.62
N GLU A 453 28.49 29.16 -21.67
CA GLU A 453 28.12 30.27 -20.78
C GLU A 453 27.92 31.55 -21.57
N SER A 454 28.82 31.85 -22.49
CA SER A 454 28.69 33.08 -23.28
C SER A 454 27.43 33.04 -24.15
N ILE A 455 27.09 31.88 -24.71
CA ILE A 455 25.90 31.77 -25.52
C ILE A 455 24.64 31.94 -24.68
N ASP A 456 24.63 31.37 -23.47
CA ASP A 456 23.48 31.57 -22.59
C ASP A 456 23.29 33.04 -22.27
N PHE A 457 24.38 33.75 -21.98
CA PHE A 457 24.27 35.18 -21.73
C PHE A 457 23.75 35.93 -22.95
N ARG A 458 24.30 35.63 -24.14
CA ARG A 458 23.88 36.33 -25.35
C ARG A 458 22.40 36.11 -25.63
N GLN A 459 21.94 34.87 -25.52
CA GLN A 459 20.54 34.57 -25.82
C GLN A 459 19.61 35.20 -24.80
N SER A 460 19.98 35.17 -23.52
CA SER A 460 19.15 35.80 -22.50
C SER A 460 19.04 37.31 -22.73
N LEU A 461 20.17 37.95 -23.08
CA LEU A 461 20.14 39.37 -23.34
C LEU A 461 19.31 39.71 -24.57
N ALA A 462 19.44 38.91 -25.63
CA ALA A 462 18.62 39.14 -26.82
C ALA A 462 17.14 38.98 -26.51
N TYR A 463 16.78 37.97 -25.71
CA TYR A 463 15.40 37.78 -25.33
C TYR A 463 14.86 38.96 -24.54
N LEU A 464 15.64 39.45 -23.56
CA LEU A 464 15.21 40.61 -22.79
C LEU A 464 15.07 41.84 -23.67
N TYR A 465 15.99 42.01 -24.62
CA TYR A 465 15.91 43.12 -25.56
C TYR A 465 14.63 43.07 -26.37
N LYS A 466 14.27 41.88 -26.86
CA LYS A 466 13.03 41.74 -27.61
C LYS A 466 11.82 42.02 -26.74
N GLU A 467 11.84 41.56 -25.48
CA GLU A 467 10.73 41.80 -24.57
C GLU A 467 10.53 43.30 -24.33
N PHE A 468 11.62 44.00 -24.03
CA PHE A 468 11.53 45.44 -23.80
C PHE A 468 11.11 46.19 -25.06
N LEU A 469 11.60 45.76 -26.22
CA LEU A 469 11.18 46.36 -27.48
C LEU A 469 9.69 46.16 -27.72
N ASN A 470 9.17 44.97 -27.40
CA ASN A 470 7.74 44.72 -27.52
C ASN A 470 6.94 45.64 -26.61
N ASP A 471 7.48 45.94 -25.42
CA ASP A 471 6.85 46.92 -24.54
C ASP A 471 7.26 48.35 -24.87
N ASP A 472 7.73 48.59 -26.10
CA ASP A 472 8.28 49.88 -26.57
C ASP A 472 9.15 50.55 -25.51
N GLU A 473 10.13 49.80 -25.01
CA GLU A 473 11.17 50.31 -24.13
C GLU A 473 12.54 49.99 -24.71
N TRP A 474 13.56 50.68 -24.20
CA TRP A 474 14.93 50.45 -24.62
C TRP A 474 15.61 49.42 -23.73
N PHE A 475 16.57 48.71 -24.29
CA PHE A 475 17.46 47.85 -23.51
C PHE A 475 18.73 47.62 -24.29
N PHE A 476 19.70 46.98 -23.64
CA PHE A 476 20.93 46.59 -24.28
C PHE A 476 20.73 45.33 -25.12
N LYS A 477 21.49 45.22 -26.20
CA LYS A 477 21.43 44.05 -27.06
C LYS A 477 22.82 43.50 -27.28
N PRO A 478 22.97 42.19 -27.37
CA PRO A 478 24.27 41.61 -27.70
C PRO A 478 24.64 41.88 -29.15
N TRP A 479 25.95 41.96 -29.39
CA TRP A 479 26.46 42.22 -30.73
C TRP A 479 26.76 40.88 -31.38
N ASN A 480 25.76 40.30 -32.04
CA ASN A 480 25.93 39.07 -32.81
C ASN A 480 24.85 39.05 -33.89
N GLN A 481 24.76 37.93 -34.59
CA GLN A 481 23.74 37.76 -35.62
C GLN A 481 22.34 37.89 -35.03
N GLU A 482 21.46 38.59 -35.74
CA GLU A 482 20.06 38.63 -35.35
C GLU A 482 19.35 37.31 -35.67
N MET A 483 19.59 36.77 -36.87
CA MET A 483 18.98 35.53 -37.32
C MET A 483 20.08 34.55 -37.70
N VAL A 484 19.91 33.30 -37.30
CA VAL A 484 20.87 32.27 -37.66
C VAL A 484 20.14 31.20 -38.48
N LYS A 485 20.86 30.61 -39.41
CA LYS A 485 20.33 29.58 -40.30
C LYS A 485 20.96 28.25 -39.97
N ASP A 486 20.14 27.22 -39.87
CA ASP A 486 20.66 25.87 -39.71
C ASP A 486 21.12 25.35 -41.05
N PRO A 487 22.41 25.08 -41.24
CA PRO A 487 22.88 24.66 -42.57
C PRO A 487 22.39 23.28 -42.98
N ALA A 488 21.98 22.44 -42.04
CA ALA A 488 21.53 21.10 -42.38
C ALA A 488 20.11 21.13 -42.93
N THR A 489 19.15 21.58 -42.12
CA THR A 489 17.75 21.58 -42.49
C THR A 489 17.31 22.85 -43.21
N GLY A 490 18.15 23.87 -43.26
CA GLY A 490 17.79 25.13 -43.89
C GLY A 490 16.87 26.01 -43.07
N LYS A 491 16.53 25.61 -41.85
CA LYS A 491 15.60 26.36 -41.02
C LYS A 491 16.28 27.59 -40.42
N ARG A 492 15.54 28.70 -40.38
CA ARG A 492 16.03 29.94 -39.80
C ARG A 492 15.47 30.11 -38.40
N TYR A 493 16.29 30.66 -37.50
CA TYR A 493 15.88 30.98 -36.15
C TYR A 493 16.29 32.40 -35.82
N ALA A 494 15.51 33.05 -34.98
CA ALA A 494 16.02 34.20 -34.25
C ALA A 494 17.11 33.72 -33.30
N PHE A 495 18.11 34.58 -33.07
CA PHE A 495 19.27 34.15 -32.30
C PHE A 495 18.87 33.65 -30.92
N GLU A 496 17.97 34.37 -30.25
CA GLU A 496 17.56 33.95 -28.91
C GLU A 496 16.71 32.69 -28.92
N ASP A 497 16.19 32.28 -30.07
CA ASP A 497 15.40 31.06 -30.20
C ASP A 497 16.19 29.89 -30.76
N ALA A 498 17.42 30.12 -31.23
CA ALA A 498 18.20 29.05 -31.83
C ALA A 498 18.57 28.02 -30.77
N PRO A 499 18.59 26.74 -31.15
CA PRO A 499 19.05 25.71 -30.21
C PRO A 499 20.51 25.93 -29.85
N VAL A 500 20.82 25.70 -28.58
CA VAL A 500 22.18 25.95 -28.09
C VAL A 500 23.18 25.03 -28.79
N GLU A 501 22.78 23.80 -29.08
CA GLU A 501 23.65 22.87 -29.79
C GLU A 501 24.04 23.40 -31.17
N LEU A 502 23.07 24.01 -31.87
CA LEU A 502 23.37 24.57 -33.18
C LEU A 502 24.39 25.70 -33.09
N LEU A 503 24.22 26.60 -32.12
CA LEU A 503 25.15 27.71 -31.96
C LEU A 503 26.53 27.22 -31.53
N MET A 504 26.58 26.16 -30.73
CA MET A 504 27.83 25.61 -30.25
C MET A 504 28.56 24.79 -31.31
N ARG A 505 27.84 24.27 -32.29
CA ARG A 505 28.41 23.36 -33.28
C ARG A 505 28.71 24.02 -34.62
N GLU A 506 27.87 24.95 -35.07
CA GLU A 506 27.93 25.47 -36.44
C GLU A 506 28.72 26.77 -36.47
N GLN A 507 29.83 26.76 -37.23
CA GLN A 507 30.65 27.95 -37.37
C GLN A 507 29.95 29.07 -38.11
N SER A 508 29.10 28.72 -39.09
CA SER A 508 28.43 29.73 -39.90
C SER A 508 27.47 30.59 -39.09
N CYS A 509 27.07 30.14 -37.90
CA CYS A 509 26.24 30.97 -37.03
C CYS A 509 27.02 32.15 -36.47
N TRP A 510 28.33 32.19 -36.64
CA TRP A 510 29.17 33.26 -36.13
C TRP A 510 29.98 33.97 -37.21
N VAL A 511 29.94 33.48 -38.44
CA VAL A 511 30.66 34.12 -39.54
C VAL A 511 29.99 35.45 -39.88
N MET A 512 30.80 36.44 -40.22
CA MET A 512 30.28 37.74 -40.64
C MET A 512 29.87 37.66 -42.10
N HIS A 513 28.57 37.68 -42.35
CA HIS A 513 28.20 37.64 -43.76
C HIS A 513 27.98 39.06 -44.30
N PRO A 514 28.37 39.33 -45.53
CA PRO A 514 28.21 40.69 -46.07
C PRO A 514 26.77 41.15 -46.15
N GLU A 515 25.81 40.23 -46.25
CA GLU A 515 24.40 40.60 -46.34
C GLU A 515 23.77 40.93 -44.99
N ASP A 516 24.45 40.63 -43.89
CA ASP A 516 23.92 40.93 -42.56
C ASP A 516 24.31 42.34 -42.13
N LYS A 517 23.43 42.98 -41.37
CA LYS A 517 23.65 44.34 -40.91
C LYS A 517 24.21 44.43 -39.50
N TRP A 518 24.24 43.31 -38.76
CA TRP A 518 24.61 43.39 -37.35
C TRP A 518 26.07 43.82 -37.16
N HIS A 519 26.99 43.26 -37.96
CA HIS A 519 28.40 43.53 -37.71
C HIS A 519 28.83 44.90 -38.20
N GLY A 520 28.22 45.40 -39.27
CA GLY A 520 28.50 46.75 -39.72
C GLY A 520 29.80 46.94 -40.46
N PHE A 521 30.48 45.86 -40.85
CA PHE A 521 31.71 45.96 -41.64
C PHE A 521 31.30 45.86 -43.10
N ASN A 522 31.06 47.02 -43.71
CA ASN A 522 30.59 47.05 -45.09
C ASN A 522 31.67 46.57 -46.05
N ASP A 523 31.25 45.80 -47.05
CA ASP A 523 32.13 45.28 -48.10
C ASP A 523 33.11 44.25 -47.57
N ILE A 524 32.80 43.61 -46.46
CA ILE A 524 33.61 42.48 -46.01
C ILE A 524 33.31 41.27 -46.89
N PRO A 525 34.32 40.53 -47.35
CA PRO A 525 34.03 39.30 -48.07
C PRO A 525 33.43 38.24 -47.16
N ASP A 526 32.70 37.32 -47.76
CA ASP A 526 32.09 36.24 -47.00
C ASP A 526 33.14 35.20 -46.63
N ASN A 527 32.94 34.57 -45.48
CA ASN A 527 33.83 33.55 -44.95
C ASN A 527 35.25 34.08 -44.78
N TRP A 528 35.34 35.34 -44.37
CA TRP A 528 36.61 36.00 -44.08
C TRP A 528 36.85 36.16 -42.59
N ALA A 529 35.88 36.72 -41.87
CA ALA A 529 35.98 36.94 -40.44
C ALA A 529 34.86 36.18 -39.73
N MET A 530 35.00 36.12 -38.40
CA MET A 530 34.11 35.35 -37.56
C MET A 530 34.14 35.98 -36.17
N LEU A 531 33.02 35.91 -35.46
CA LEU A 531 32.92 36.46 -34.12
C LEU A 531 33.26 35.39 -33.08
N ASP A 532 34.16 35.73 -32.17
CA ASP A 532 34.46 34.86 -31.05
C ASP A 532 33.32 34.94 -30.04
N PRO A 533 32.63 33.83 -29.74
CA PRO A 533 31.48 33.92 -28.83
C PRO A 533 31.81 34.40 -27.44
N ILE A 534 33.02 34.12 -26.92
CA ILE A 534 33.31 34.41 -25.52
C ILE A 534 33.76 35.83 -25.28
N LYS A 535 33.91 36.65 -26.33
CA LYS A 535 34.16 38.08 -26.17
C LYS A 535 32.84 38.80 -26.47
N VAL A 536 32.05 39.00 -25.42
CA VAL A 536 30.67 39.44 -25.58
C VAL A 536 30.61 40.96 -25.51
N SER A 537 30.22 41.58 -26.60
CA SER A 537 29.96 43.01 -26.66
C SER A 537 28.47 43.25 -26.52
N ILE A 538 28.10 44.22 -25.69
CA ILE A 538 26.72 44.65 -25.60
C ILE A 538 26.65 46.09 -26.09
N LEU A 539 25.53 46.42 -26.72
CA LEU A 539 25.35 47.72 -27.37
C LEU A 539 24.29 48.50 -26.60
N ALA A 540 24.65 49.70 -26.18
CA ALA A 540 23.67 50.61 -25.65
C ALA A 540 22.92 51.29 -26.78
N PRO A 541 21.65 51.64 -26.58
CA PRO A 541 20.88 52.27 -27.66
C PRO A 541 21.37 53.67 -27.96
N GLY A 542 21.19 54.08 -29.21
CA GLY A 542 21.55 55.42 -29.61
C GLY A 542 22.16 55.54 -30.99
N MET A 543 22.66 54.43 -31.53
CA MET A 543 23.32 54.42 -32.83
C MET A 543 22.40 53.78 -33.85
N GLY A 544 22.12 54.51 -34.93
CA GLY A 544 21.30 53.97 -35.99
C GLY A 544 22.07 53.01 -36.88
N ASP A 545 21.32 52.15 -37.58
CA ASP A 545 21.94 51.18 -38.47
C ASP A 545 22.64 51.84 -39.65
N ASP A 546 22.23 53.05 -40.02
CA ASP A 546 22.85 53.77 -41.12
C ASP A 546 24.20 54.37 -40.76
N GLY A 547 24.50 54.51 -39.47
CA GLY A 547 25.74 55.12 -39.02
C GLY A 547 25.57 56.43 -38.31
N LYS A 548 24.35 56.96 -38.23
CA LYS A 548 24.08 58.22 -37.55
C LYS A 548 23.28 57.98 -36.28
N LEU A 549 23.42 58.90 -35.34
CA LEU A 549 22.77 58.75 -34.04
C LEU A 549 21.26 58.87 -34.17
N LEU A 550 20.56 58.25 -33.23
CA LEU A 550 19.11 58.35 -33.16
C LEU A 550 18.73 59.59 -32.35
N ASP A 551 17.42 59.78 -32.16
CA ASP A 551 16.96 60.96 -31.43
C ASP A 551 17.27 60.85 -29.94
N THR A 552 17.35 59.64 -29.42
CA THR A 552 17.64 59.41 -28.01
C THR A 552 18.54 58.20 -27.88
N GLY A 553 19.20 58.08 -26.73
CA GLY A 553 20.08 56.95 -26.49
C GLY A 553 20.68 57.05 -25.10
N VAL A 554 21.42 56.01 -24.76
CA VAL A 554 22.12 55.90 -23.48
C VAL A 554 23.61 55.73 -23.78
N PRO A 555 24.45 56.71 -23.49
CA PRO A 555 25.88 56.56 -23.75
C PRO A 555 26.51 55.49 -22.86
N ALA A 556 27.50 54.81 -23.42
CA ALA A 556 28.12 53.69 -22.70
C ALA A 556 29.02 54.13 -21.57
N ALA A 557 29.45 55.39 -21.54
CA ALA A 557 30.29 55.85 -20.44
C ALA A 557 29.55 55.80 -19.11
N LEU A 558 28.27 56.17 -19.12
CA LEU A 558 27.48 56.13 -17.90
C LEU A 558 27.24 54.70 -17.43
N VAL A 559 26.95 53.80 -18.37
CA VAL A 559 26.79 52.39 -18.03
C VAL A 559 28.09 51.83 -17.47
N THR A 560 29.23 52.26 -18.04
CA THR A 560 30.52 51.82 -17.54
C THR A 560 30.76 52.31 -16.12
N ALA A 561 30.37 53.56 -15.83
CA ALA A 561 30.48 54.06 -14.47
C ALA A 561 29.63 53.24 -13.51
N TRP A 562 28.41 52.89 -13.93
CA TRP A 562 27.55 52.02 -13.13
C TRP A 562 28.21 50.68 -12.85
N LEU A 563 28.73 50.04 -13.90
CA LEU A 563 29.35 48.73 -13.73
C LEU A 563 30.58 48.81 -12.84
N ASN A 564 31.40 49.84 -13.01
CA ASN A 564 32.54 50.04 -12.13
C ASN A 564 32.09 50.20 -10.69
N HIS A 565 31.01 50.95 -10.46
CA HIS A 565 30.47 51.09 -9.13
C HIS A 565 30.07 49.75 -8.54
N TYR A 566 29.62 48.82 -9.39
CA TYR A 566 29.30 47.49 -8.90
C TYR A 566 30.45 46.50 -9.04
N GLY A 567 31.63 46.96 -9.41
CA GLY A 567 32.82 46.14 -9.44
C GLY A 567 33.14 45.53 -10.79
N ILE A 568 32.18 45.51 -11.71
CA ILE A 568 32.42 44.96 -13.04
C ILE A 568 33.23 45.97 -13.83
N VAL A 569 34.36 45.53 -14.38
CA VAL A 569 35.23 46.41 -15.16
C VAL A 569 35.31 45.83 -16.57
N PRO A 570 34.71 46.49 -17.56
CA PRO A 570 34.77 45.99 -18.94
C PRO A 570 36.17 46.08 -19.53
N THR A 571 36.43 45.21 -20.51
CA THR A 571 37.71 45.18 -21.19
C THR A 571 37.84 46.30 -22.21
N ARG A 572 36.80 46.52 -23.01
CA ARG A 572 36.80 47.55 -24.04
C ARG A 572 35.51 48.36 -23.93
N THR A 573 35.56 49.59 -24.43
CA THR A 573 34.40 50.48 -24.38
C THR A 573 34.53 51.53 -25.46
N THR A 574 33.45 51.76 -26.19
CA THR A 574 33.30 52.87 -27.13
C THR A 574 32.08 53.68 -26.70
N ASP A 575 31.65 54.60 -27.58
CA ASP A 575 30.50 55.45 -27.27
C ASP A 575 29.26 54.62 -26.95
N PHE A 576 28.95 53.63 -27.80
CA PHE A 576 27.88 52.66 -27.50
C PHE A 576 28.43 51.26 -27.76
N GLN A 577 29.22 50.75 -26.81
CA GLN A 577 29.68 49.37 -26.86
C GLN A 577 30.41 49.05 -25.56
N ILE A 578 30.07 47.94 -24.93
CA ILE A 578 30.75 47.48 -23.73
C ILE A 578 31.08 46.01 -23.91
N MET A 579 32.34 45.66 -23.72
CA MET A 579 32.85 44.32 -23.96
C MET A 579 33.08 43.61 -22.63
N PHE A 580 32.57 42.38 -22.52
CA PHE A 580 32.76 41.55 -21.35
C PHE A 580 33.51 40.29 -21.74
N LEU A 581 34.45 39.88 -20.89
CA LEU A 581 35.25 38.69 -21.14
C LEU A 581 34.65 37.50 -20.40
N PHE A 582 34.43 36.41 -21.12
CA PHE A 582 34.12 35.13 -20.53
C PHE A 582 35.38 34.27 -20.63
N SER A 583 35.90 33.86 -19.49
CA SER A 583 37.14 33.10 -19.44
C SER A 583 36.88 31.72 -18.82
N MET A 584 37.92 30.89 -18.86
CA MET A 584 37.82 29.56 -18.26
C MET A 584 37.78 29.61 -16.74
N GLY A 585 38.02 30.76 -16.13
CA GLY A 585 37.85 30.95 -14.71
C GLY A 585 36.47 31.37 -14.28
N ILE A 586 35.53 31.55 -15.20
CA ILE A 586 34.16 31.89 -14.85
C ILE A 586 33.46 30.64 -14.32
N THR A 587 32.46 30.87 -13.47
CA THR A 587 31.62 29.79 -12.97
C THR A 587 30.26 29.86 -13.63
N LYS A 588 29.56 28.73 -13.64
CA LYS A 588 28.31 28.61 -14.37
C LYS A 588 27.22 29.48 -13.75
N GLY A 589 26.46 30.15 -14.61
CA GLY A 589 25.39 31.03 -14.17
C GLY A 589 25.82 32.37 -13.64
N LYS A 590 27.10 32.72 -13.77
CA LYS A 590 27.61 33.98 -13.25
C LYS A 590 27.06 35.19 -14.00
N TRP A 591 26.70 35.00 -15.28
CA TRP A 591 26.18 36.11 -16.09
C TRP A 591 24.83 36.62 -15.61
N GLY A 592 24.16 35.89 -14.71
CA GLY A 592 22.95 36.41 -14.10
C GLY A 592 23.20 37.69 -13.33
N THR A 593 24.36 37.81 -12.69
CA THR A 593 24.73 39.06 -12.03
C THR A 593 24.81 40.21 -13.04
N LEU A 594 25.42 39.95 -14.20
CA LEU A 594 25.52 40.98 -15.23
C LEU A 594 24.14 41.42 -15.70
N VAL A 595 23.25 40.46 -15.93
CA VAL A 595 21.90 40.78 -16.37
C VAL A 595 21.17 41.59 -15.30
N ASN A 596 21.30 41.17 -14.04
CA ASN A 596 20.67 41.88 -12.94
C ASN A 596 21.18 43.31 -12.83
N THR A 597 22.49 43.51 -12.97
CA THR A 597 23.06 44.84 -12.91
C THR A 597 22.54 45.73 -14.04
N LEU A 598 22.45 45.18 -15.25
CA LEU A 598 21.92 45.98 -16.36
C LEU A 598 20.47 46.34 -16.14
N LEU A 599 19.67 45.39 -15.62
CA LEU A 599 18.26 45.70 -15.34
C LEU A 599 18.12 46.76 -14.27
N SER A 600 18.92 46.69 -13.20
CA SER A 600 18.84 47.71 -12.17
C SER A 600 19.29 49.07 -12.69
N PHE A 601 20.29 49.10 -13.57
CA PHE A 601 20.65 50.36 -14.21
C PHE A 601 19.48 50.91 -15.00
N LYS A 602 18.79 50.05 -15.76
CA LYS A 602 17.65 50.54 -16.54
C LYS A 602 16.56 51.08 -15.63
N ARG A 603 16.32 50.43 -14.50
CA ARG A 603 15.32 50.91 -13.55
C ARG A 603 15.69 52.29 -13.03
N HIS A 604 16.93 52.46 -12.56
CA HIS A 604 17.33 53.75 -12.02
C HIS A 604 17.41 54.82 -13.10
N TYR A 605 17.66 54.42 -14.35
CA TYR A 605 17.70 55.38 -15.44
C TYR A 605 16.30 55.87 -15.79
N ASP A 606 15.34 54.94 -15.84
CA ASP A 606 13.95 55.33 -16.08
C ASP A 606 13.40 56.16 -14.94
N ASN A 607 13.84 55.91 -13.71
CA ASN A 607 13.36 56.68 -12.57
C ASN A 607 14.11 57.99 -12.37
N ASN A 608 15.17 58.24 -13.14
CA ASN A 608 15.99 59.43 -12.99
C ASN A 608 16.48 59.60 -11.56
N THR A 609 17.02 58.53 -11.00
CA THR A 609 17.52 58.58 -9.63
C THR A 609 18.71 59.53 -9.54
N ALA A 610 18.74 60.31 -8.46
CA ALA A 610 19.81 61.29 -8.29
C ALA A 610 21.16 60.62 -8.18
N LEU A 611 22.15 61.21 -8.84
CA LEU A 611 23.49 60.62 -8.88
C LEU A 611 24.10 60.49 -7.49
N LYS A 612 23.71 61.33 -6.54
CA LYS A 612 24.23 61.20 -5.18
C LYS A 612 23.86 59.86 -4.56
N LYS A 613 22.64 59.39 -4.80
CA LYS A 613 22.21 58.12 -4.21
C LYS A 613 22.89 56.93 -4.87
N VAL A 614 22.99 56.93 -6.19
CA VAL A 614 23.44 55.75 -6.93
C VAL A 614 24.93 55.80 -7.23
N LEU A 615 25.46 56.94 -7.63
CA LEU A 615 26.85 57.06 -8.09
C LEU A 615 27.54 58.20 -7.35
N PRO A 616 27.79 58.03 -6.05
CA PRO A 616 28.47 59.11 -5.30
C PRO A 616 29.87 59.43 -5.83
N GLU A 617 30.59 58.43 -6.36
CA GLU A 617 31.93 58.70 -6.87
C GLU A 617 31.90 59.61 -8.09
N VAL A 618 30.85 59.51 -8.92
CA VAL A 618 30.70 60.43 -10.03
C VAL A 618 30.47 61.85 -9.52
N VAL A 619 29.63 61.99 -8.49
CA VAL A 619 29.37 63.31 -7.93
C VAL A 619 30.64 63.90 -7.36
N ALA A 620 31.47 63.07 -6.72
CA ALA A 620 32.68 63.54 -6.06
C ALA A 620 33.68 64.16 -7.03
N SER A 621 33.53 63.94 -8.33
CA SER A 621 34.42 64.59 -9.30
C SER A 621 34.10 66.07 -9.42
N ALA A 622 32.86 66.40 -9.82
CA ALA A 622 32.42 67.78 -9.99
C ALA A 622 31.11 67.96 -9.25
N PRO A 623 31.17 68.13 -7.92
CA PRO A 623 29.93 68.25 -7.14
C PRO A 623 29.06 69.43 -7.53
N GLU A 624 29.64 70.47 -8.11
CA GLU A 624 28.84 71.61 -8.56
C GLU A 624 28.05 71.30 -9.82
N ILE A 625 28.51 70.37 -10.65
CA ILE A 625 27.83 70.01 -11.88
C ILE A 625 26.88 68.85 -11.68
N TYR A 626 27.37 67.74 -11.13
CA TYR A 626 26.57 66.52 -10.98
C TYR A 626 25.68 66.53 -9.76
N GLY A 627 25.90 67.44 -8.82
CA GLY A 627 24.96 67.59 -7.72
C GLY A 627 23.60 68.05 -8.23
N GLU A 628 22.56 67.59 -7.56
CA GLU A 628 21.16 67.89 -7.91
C GLU A 628 20.83 67.45 -9.34
N MET A 629 21.49 66.41 -9.83
CA MET A 629 21.28 65.90 -11.18
C MET A 629 20.95 64.43 -11.12
N GLY A 630 20.05 63.98 -11.99
CA GLY A 630 19.66 62.58 -12.04
C GLY A 630 20.44 61.77 -13.05
N LEU A 631 20.25 60.46 -13.00
CA LEU A 631 20.92 59.55 -13.92
C LEU A 631 20.53 59.85 -15.37
N ARG A 632 19.23 59.98 -15.62
CA ARG A 632 18.79 60.25 -16.99
C ARG A 632 19.15 61.66 -17.43
N ASP A 633 19.22 62.61 -16.50
CA ASP A 633 19.66 63.96 -16.88
C ASP A 633 21.08 63.91 -17.42
N LEU A 634 21.99 63.24 -16.71
CA LEU A 634 23.36 63.10 -17.18
C LEU A 634 23.42 62.32 -18.49
N GLY A 635 22.63 61.25 -18.60
CA GLY A 635 22.63 60.48 -19.83
C GLY A 635 22.20 61.29 -21.03
N ASP A 636 21.11 62.05 -20.89
CA ASP A 636 20.65 62.90 -21.98
C ASP A 636 21.61 64.04 -22.27
N LYS A 637 22.28 64.58 -21.26
CA LYS A 637 23.31 65.58 -21.50
C LYS A 637 24.44 65.00 -22.35
N MET A 638 24.91 63.81 -21.98
CA MET A 638 25.98 63.16 -22.76
C MET A 638 25.52 62.85 -24.18
N PHE A 639 24.28 62.38 -24.33
CA PHE A 639 23.80 62.05 -25.66
C PHE A 639 23.63 63.29 -26.52
N ALA A 640 23.17 64.40 -25.93
CA ALA A 640 23.07 65.65 -26.67
C ALA A 640 24.45 66.13 -27.09
N TYR A 641 25.44 65.99 -26.22
CA TYR A 641 26.81 66.35 -26.59
C TYR A 641 27.30 65.49 -27.75
N LEU A 642 27.05 64.18 -27.69
CA LEU A 642 27.47 63.30 -28.77
C LEU A 642 26.78 63.65 -30.08
N GLN A 643 25.47 63.96 -30.01
CA GLN A 643 24.74 64.34 -31.21
C GLN A 643 25.30 65.62 -31.83
N LYS A 644 25.62 66.60 -30.99
CA LYS A 644 26.14 67.86 -31.50
C LYS A 644 27.53 67.67 -32.11
N ASN A 645 28.42 66.97 -31.42
CA ASN A 645 29.81 66.92 -31.83
C ASN A 645 30.12 65.78 -32.79
N ASN A 646 29.39 64.67 -32.71
CA ASN A 646 29.57 63.50 -33.56
C ASN A 646 31.03 63.04 -33.57
N PRO A 647 31.57 62.58 -32.43
CA PRO A 647 32.97 62.11 -32.43
C PRO A 647 33.22 60.86 -33.24
N GLY A 648 32.18 60.08 -33.58
CA GLY A 648 32.39 58.90 -34.40
C GLY A 648 32.90 59.24 -35.79
N ALA A 649 32.38 60.32 -36.37
CA ALA A 649 32.91 60.79 -37.64
C ALA A 649 34.36 61.24 -37.50
N ARG A 650 34.70 61.87 -36.37
CA ARG A 650 36.08 62.26 -36.13
C ARG A 650 36.99 61.03 -36.08
N LEU A 651 36.55 59.98 -35.39
CA LEU A 651 37.33 58.74 -35.34
C LEU A 651 37.48 58.14 -36.72
N ASN A 652 36.42 58.13 -37.50
CA ASN A 652 36.49 57.57 -38.85
C ASN A 652 37.45 58.36 -39.72
N GLN A 653 37.42 59.69 -39.63
CA GLN A 653 38.35 60.51 -40.40
C GLN A 653 39.79 60.28 -39.95
N ALA A 654 40.02 60.19 -38.64
CA ALA A 654 41.38 60.03 -38.14
C ALA A 654 41.96 58.67 -38.51
N TYR A 655 41.14 57.62 -38.57
CA TYR A 655 41.67 56.29 -38.79
C TYR A 655 41.55 55.80 -40.23
N SER A 656 40.75 56.46 -41.06
CA SER A 656 40.70 56.10 -42.47
C SER A 656 41.91 56.62 -43.24
N GLN A 657 42.48 57.74 -42.82
CA GLN A 657 43.64 58.33 -43.45
C GLN A 657 44.86 58.10 -42.57
N LEU A 658 45.92 57.57 -43.16
CA LEU A 658 47.14 57.37 -42.40
C LEU A 658 47.94 58.67 -42.30
N PRO A 659 48.60 58.90 -41.17
CA PRO A 659 49.46 60.08 -41.06
C PRO A 659 50.67 59.98 -41.97
N GLN A 660 51.22 61.14 -42.31
CA GLN A 660 52.43 61.18 -43.11
C GLN A 660 53.62 60.68 -42.30
N VAL A 661 54.42 59.81 -42.91
CA VAL A 661 55.57 59.21 -42.24
C VAL A 661 56.80 60.05 -42.57
N MET A 662 57.51 60.46 -41.52
CA MET A 662 58.73 61.25 -41.68
C MET A 662 60.00 60.45 -41.42
N MET A 663 59.97 59.53 -40.47
CA MET A 663 61.12 58.68 -40.18
C MET A 663 60.64 57.39 -39.56
N THR A 664 61.55 56.42 -39.48
CA THR A 664 61.24 55.16 -38.85
C THR A 664 61.01 55.35 -37.34
N PRO A 665 60.28 54.44 -36.70
CA PRO A 665 60.13 54.54 -35.25
C PRO A 665 61.45 54.54 -34.49
N ARG A 666 62.46 53.82 -34.97
CA ARG A 666 63.76 53.84 -34.31
C ARG A 666 64.39 55.22 -34.36
N ASP A 667 64.28 55.91 -35.50
CA ASP A 667 64.82 57.26 -35.59
C ASP A 667 64.11 58.21 -34.64
N ALA A 668 62.79 58.11 -34.56
CA ALA A 668 62.04 58.94 -33.64
C ALA A 668 62.45 58.68 -32.20
N TYR A 669 62.63 57.42 -31.82
CA TYR A 669 63.05 57.13 -30.45
C TYR A 669 64.47 57.62 -30.18
N GLN A 670 65.36 57.51 -31.16
CA GLN A 670 66.71 58.00 -30.98
C GLN A 670 66.74 59.52 -30.87
N GLN A 671 65.72 60.21 -31.41
CA GLN A 671 65.57 61.62 -31.08
C GLN A 671 65.30 61.81 -29.59
N ILE A 672 64.51 60.93 -28.98
CA ILE A 672 64.30 60.99 -27.54
C ILE A 672 65.61 60.78 -26.80
N VAL A 673 66.39 59.78 -27.24
CA VAL A 673 67.65 59.51 -26.56
C VAL A 673 68.60 60.69 -26.67
N ALA A 674 68.61 61.37 -27.82
CA ALA A 674 69.46 62.53 -28.03
C ALA A 674 68.90 63.79 -27.38
N ASN A 675 67.81 63.70 -26.62
CA ASN A 675 67.19 64.83 -25.94
C ASN A 675 66.70 65.89 -26.92
N ARG A 676 66.43 65.50 -28.16
CA ARG A 676 65.85 66.41 -29.16
C ARG A 676 64.34 66.30 -29.21
N VAL A 677 63.67 66.39 -28.07
CA VAL A 677 62.21 66.30 -28.00
C VAL A 677 61.69 67.33 -27.00
N GLU A 678 60.40 67.62 -27.12
CA GLU A 678 59.75 68.59 -26.25
C GLU A 678 58.27 68.25 -26.13
N ALA A 679 57.66 68.72 -25.06
CA ALA A 679 56.23 68.56 -24.83
C ALA A 679 55.49 69.68 -25.54
N VAL A 680 54.56 69.32 -26.41
CA VAL A 680 53.84 70.26 -27.27
C VAL A 680 52.36 70.12 -26.98
N PRO A 681 51.64 71.21 -26.74
CA PRO A 681 50.18 71.12 -26.56
C PRO A 681 49.49 70.76 -27.86
N VAL A 682 48.25 70.29 -27.72
CA VAL A 682 47.50 69.80 -28.88
C VAL A 682 47.28 70.91 -29.90
N ASP A 683 46.98 72.13 -29.43
CA ASP A 683 46.71 73.21 -30.35
C ASP A 683 47.94 73.66 -31.13
N GLN A 684 49.14 73.20 -30.76
CA GLN A 684 50.36 73.55 -31.46
C GLN A 684 50.99 72.35 -32.17
N LEU A 685 50.21 71.30 -32.42
CA LEU A 685 50.74 70.07 -32.98
C LEU A 685 50.92 70.10 -34.49
N MET A 686 50.48 71.16 -35.17
CA MET A 686 50.51 71.19 -36.62
C MET A 686 51.95 71.13 -37.13
N GLY A 687 52.22 70.16 -38.00
CA GLY A 687 53.53 69.99 -38.58
C GLY A 687 54.53 69.24 -37.73
N ARG A 688 54.18 68.87 -36.50
CA ARG A 688 55.11 68.26 -35.57
C ARG A 688 55.15 66.75 -35.78
N VAL A 689 56.31 66.17 -35.47
CA VAL A 689 56.52 64.73 -35.56
C VAL A 689 56.45 64.14 -34.16
N ALA A 690 55.56 63.18 -33.96
CA ALA A 690 55.39 62.56 -32.66
C ALA A 690 56.63 61.73 -32.30
N ALA A 691 57.09 61.88 -31.06
CA ALA A 691 58.25 61.12 -30.62
C ALA A 691 57.86 59.71 -30.17
N ASN A 692 56.62 59.52 -29.73
CA ASN A 692 56.12 58.21 -29.35
C ASN A 692 54.74 58.01 -29.96
N SER A 693 54.16 56.84 -29.72
CA SER A 693 52.87 56.50 -30.31
C SER A 693 51.73 57.13 -29.53
N ILE A 694 50.68 57.49 -30.25
CA ILE A 694 49.47 58.05 -29.67
C ILE A 694 48.37 57.01 -29.86
N ILE A 695 47.85 56.48 -28.75
CA ILE A 695 46.81 55.47 -28.77
C ILE A 695 45.61 55.99 -27.99
N PRO A 696 44.61 56.54 -28.67
CA PRO A 696 43.39 56.96 -28.00
C PRO A 696 42.47 55.78 -27.71
N TYR A 697 41.73 55.91 -26.62
CA TYR A 697 40.70 54.93 -26.25
C TYR A 697 39.35 55.64 -26.19
N PRO A 698 38.43 55.40 -27.12
CA PRO A 698 38.49 54.49 -28.27
C PRO A 698 39.33 55.06 -29.42
N PRO A 699 39.70 54.23 -30.40
CA PRO A 699 39.39 52.81 -30.57
C PRO A 699 40.41 51.84 -29.97
N GLY A 700 41.39 52.36 -29.24
CA GLY A 700 42.34 51.50 -28.57
C GLY A 700 43.46 50.98 -29.43
N ILE A 701 43.59 51.45 -30.67
CA ILE A 701 44.72 51.08 -31.52
C ILE A 701 45.43 52.37 -31.92
N PRO A 702 46.71 52.34 -32.24
CA PRO A 702 47.47 53.59 -32.40
C PRO A 702 46.96 54.41 -33.57
N MET A 703 46.74 55.70 -33.30
CA MET A 703 46.40 56.63 -34.38
C MET A 703 47.66 57.17 -35.05
N LEU A 704 48.71 57.40 -34.27
CA LEU A 704 50.01 57.79 -34.77
C LEU A 704 51.08 56.89 -34.16
N LEU A 705 52.04 56.49 -34.97
CA LEU A 705 53.24 55.82 -34.49
C LEU A 705 54.38 56.82 -34.39
N SER A 706 55.45 56.40 -33.74
CA SER A 706 56.63 57.24 -33.62
C SER A 706 57.21 57.55 -34.99
N GLY A 707 57.54 58.82 -35.22
CA GLY A 707 58.07 59.24 -36.49
C GLY A 707 57.05 59.61 -37.53
N GLU A 708 55.80 59.83 -37.14
CA GLU A 708 54.74 60.20 -38.05
C GLU A 708 54.30 61.63 -37.81
N ASN A 709 54.03 62.35 -38.90
CA ASN A 709 53.63 63.73 -38.80
C ASN A 709 52.18 63.85 -38.32
N PHE A 710 51.91 64.89 -37.53
CA PHE A 710 50.55 65.12 -37.07
C PHE A 710 49.65 65.70 -38.15
N GLY A 711 50.22 66.46 -39.08
CA GLY A 711 49.47 67.02 -40.19
C GLY A 711 49.25 68.52 -40.03
N ASP A 712 48.59 69.08 -41.04
CA ASP A 712 48.31 70.51 -41.09
C ASP A 712 47.10 70.88 -40.23
N GLU A 713 46.58 72.09 -40.44
CA GLU A 713 45.48 72.59 -39.62
C GLU A 713 44.25 71.70 -39.71
N ASN A 714 43.94 71.19 -40.91
CA ASN A 714 42.75 70.39 -41.11
C ASN A 714 42.99 68.89 -40.91
N SER A 715 44.06 68.53 -40.22
CA SER A 715 44.38 67.12 -40.04
C SER A 715 43.33 66.46 -39.16
N PRO A 716 42.77 65.32 -39.57
CA PRO A 716 41.78 64.63 -38.71
C PRO A 716 42.35 64.13 -37.40
N HIS A 717 43.67 63.91 -37.30
CA HIS A 717 44.23 63.35 -36.08
C HIS A 717 44.25 64.38 -34.96
N ILE A 718 44.70 65.60 -35.26
CA ILE A 718 44.62 66.67 -34.28
C ILE A 718 43.17 66.96 -33.92
N HIS A 719 42.27 66.85 -34.90
CA HIS A 719 40.85 67.07 -34.64
C HIS A 719 40.31 66.04 -33.67
N TYR A 720 40.69 64.77 -33.84
CA TYR A 720 40.23 63.73 -32.93
C TYR A 720 40.79 63.92 -31.53
N LEU A 721 42.07 64.31 -31.44
CA LEU A 721 42.65 64.60 -30.13
C LEU A 721 41.92 65.76 -29.45
N ARG A 722 41.58 66.79 -30.22
CA ARG A 722 40.81 67.91 -29.68
C ARG A 722 39.43 67.46 -29.22
N SER A 723 38.78 66.58 -29.98
CA SER A 723 37.48 66.08 -29.58
C SER A 723 37.55 65.34 -28.26
N LEU A 724 38.55 64.48 -28.09
CA LEU A 724 38.71 63.77 -26.82
C LEU A 724 38.97 64.75 -25.68
N GLN A 725 39.81 65.76 -25.92
CA GLN A 725 40.09 66.75 -24.89
C GLN A 725 38.82 67.51 -24.50
N ALA A 726 38.01 67.88 -25.49
CA ALA A 726 36.77 68.60 -25.21
C ALA A 726 35.80 67.73 -24.42
N TRP A 727 35.70 66.44 -24.76
CA TRP A 727 34.87 65.55 -23.95
C TRP A 727 35.36 65.49 -22.52
N ASP A 728 36.68 65.36 -22.34
CA ASP A 728 37.21 65.30 -20.98
C ASP A 728 36.89 66.57 -20.20
N SER A 729 37.00 67.72 -20.87
CA SER A 729 36.69 68.99 -20.19
C SER A 729 35.21 69.08 -19.83
N GLU A 730 34.33 68.62 -20.71
CA GLU A 730 32.90 68.76 -20.47
C GLU A 730 32.36 67.79 -19.42
N PHE A 731 32.96 66.60 -19.30
CA PHE A 731 32.44 65.56 -18.41
C PHE A 731 33.54 65.06 -17.49
N PRO A 732 33.81 65.75 -16.38
CA PRO A 732 34.77 65.23 -15.40
C PRO A 732 34.30 63.90 -14.83
N GLY A 733 35.27 63.02 -14.59
CA GLY A 733 34.99 61.69 -14.11
C GLY A 733 34.70 60.68 -15.20
N PHE A 734 34.62 61.11 -16.46
CA PHE A 734 34.37 60.24 -17.60
C PHE A 734 35.43 60.48 -18.67
N GLU A 735 36.66 60.72 -18.23
CA GLU A 735 37.71 61.14 -19.14
C GLU A 735 38.26 59.96 -19.93
N HIS A 736 38.52 60.21 -21.22
CA HIS A 736 39.11 59.19 -22.07
C HIS A 736 40.57 58.95 -21.70
N GLU A 737 41.04 57.74 -21.95
CA GLU A 737 42.45 57.41 -21.82
C GLU A 737 43.13 57.52 -23.18
N THR A 738 44.31 58.11 -23.19
CA THR A 738 45.09 58.25 -24.43
C THR A 738 46.56 57.99 -24.09
N GLU A 739 47.04 56.80 -24.44
CA GLU A 739 48.45 56.49 -24.24
C GLU A 739 49.32 57.34 -25.16
N GLY A 740 50.43 57.81 -24.64
CA GLY A 740 51.33 58.66 -25.38
C GLY A 740 51.16 60.15 -25.16
N THR A 741 50.31 60.55 -24.22
CA THR A 741 50.09 61.95 -23.92
C THR A 741 50.31 62.21 -22.44
N GLU A 742 50.61 63.46 -22.12
CA GLU A 742 50.70 63.92 -20.74
C GLU A 742 49.57 64.92 -20.51
N ILE A 743 48.85 64.76 -19.40
CA ILE A 743 47.70 65.59 -19.09
C ILE A 743 48.09 66.50 -17.93
N ILE A 744 48.44 67.74 -18.25
CA ILE A 744 48.78 68.76 -17.27
C ILE A 744 47.63 69.75 -17.19
N ASP A 745 47.16 70.01 -15.95
CA ASP A 745 45.99 70.82 -15.66
C ASP A 745 44.85 70.52 -16.62
N GLY A 746 44.61 69.24 -16.90
CA GLY A 746 43.55 68.82 -17.80
C GLY A 746 43.81 69.06 -19.27
N GLN A 747 45.03 69.43 -19.63
CA GLN A 747 45.36 69.75 -21.02
C GLN A 747 46.35 68.71 -21.54
N TYR A 748 46.19 68.35 -22.82
CA TYR A 748 46.97 67.28 -23.41
C TYR A 748 48.32 67.81 -23.90
N TYR A 749 49.39 67.08 -23.58
CA TYR A 749 50.72 67.37 -24.08
C TYR A 749 51.28 66.13 -24.78
N VAL A 750 51.95 66.35 -25.89
CA VAL A 750 52.52 65.27 -26.69
C VAL A 750 54.01 65.54 -26.88
N MET A 751 54.84 64.52 -26.64
CA MET A 751 56.27 64.64 -26.87
C MET A 751 56.55 64.59 -28.37
N CYS A 752 57.20 65.64 -28.88
CA CYS A 752 57.44 65.78 -30.31
C CYS A 752 58.91 66.05 -30.57
N VAL A 753 59.37 65.65 -31.76
CA VAL A 753 60.74 65.89 -32.16
C VAL A 753 60.96 67.38 -32.38
N LYS A 754 62.02 67.92 -31.79
CA LYS A 754 62.38 69.31 -32.04
C LYS A 754 62.76 69.50 -33.50
N THR A 755 62.23 70.53 -34.12
CA THR A 755 62.47 70.79 -35.53
C THR A 755 63.91 71.23 -35.78
N MET B 1 49.14 37.89 17.95
CA MET B 1 49.63 38.86 18.93
C MET B 1 50.35 38.15 20.07
N ARG B 2 51.61 38.49 20.27
CA ARG B 2 52.42 37.90 21.32
C ARG B 2 53.06 39.01 22.15
N ALA B 3 52.89 38.93 23.47
CA ALA B 3 53.51 39.85 24.40
C ALA B 3 54.58 39.11 25.18
N LEU B 4 55.74 39.74 25.33
CA LEU B 4 56.85 39.19 26.10
C LEU B 4 56.95 39.95 27.41
N ILE B 5 56.95 39.21 28.52
CA ILE B 5 57.07 39.79 29.85
C ILE B 5 58.38 39.33 30.46
N VAL B 6 59.26 40.29 30.77
CA VAL B 6 60.57 40.02 31.35
C VAL B 6 60.68 40.83 32.63
N TYR B 7 60.53 40.17 33.77
CA TYR B 7 60.72 40.83 35.06
C TYR B 7 61.55 39.93 35.95
N THR B 8 62.41 40.53 36.78
CA THR B 8 63.34 39.75 37.58
C THR B 8 62.97 39.79 39.06
N GLU B 9 63.01 40.96 39.70
CA GLU B 9 62.68 41.09 41.12
C GLU B 9 62.20 42.52 41.34
N LEU B 10 60.88 42.71 41.37
CA LEU B 10 60.34 44.05 41.54
C LEU B 10 60.06 44.37 43.01
N THR B 11 59.68 43.37 43.79
CA THR B 11 59.39 43.54 45.21
C THR B 11 60.35 42.70 46.03
N ASP B 12 60.55 43.13 47.28
CA ASP B 12 61.40 42.37 48.19
C ASP B 12 60.90 40.95 48.41
N LYS B 13 59.59 40.74 48.29
CA LYS B 13 58.99 39.41 48.35
C LYS B 13 58.43 39.09 46.98
N ASP B 14 58.86 37.96 46.41
CA ASP B 14 58.58 37.66 45.01
C ASP B 14 57.10 37.50 44.73
N SER B 15 56.33 37.04 45.71
CA SER B 15 54.95 36.63 45.44
C SER B 15 54.07 37.78 44.98
N VAL B 16 54.34 39.01 45.44
CA VAL B 16 53.50 40.13 45.07
C VAL B 16 53.57 40.41 43.57
N ILE B 17 54.78 40.60 43.07
CA ILE B 17 54.95 40.89 41.64
C ILE B 17 54.56 39.68 40.81
N SER B 18 54.84 38.48 41.29
CA SER B 18 54.45 37.28 40.54
C SER B 18 52.94 37.17 40.40
N HIS B 19 52.19 37.44 41.47
CA HIS B 19 50.74 37.38 41.38
C HIS B 19 50.19 38.49 40.49
N ALA B 20 50.76 39.69 40.59
CA ALA B 20 50.31 40.78 39.71
C ALA B 20 50.56 40.44 38.24
N VAL B 21 51.73 39.88 37.94
CA VAL B 21 52.04 39.51 36.57
C VAL B 21 51.16 38.37 36.10
N ALA B 22 50.83 37.42 36.99
CA ALA B 22 49.92 36.34 36.61
C ALA B 22 48.54 36.88 36.27
N ARG B 23 48.03 37.83 37.07
CA ARG B 23 46.74 38.45 36.74
C ARG B 23 46.80 39.16 35.40
N LEU B 24 47.88 39.90 35.15
CA LEU B 24 48.00 40.60 33.87
C LEU B 24 48.07 39.62 32.71
N ALA B 25 48.80 38.52 32.88
CA ALA B 25 48.90 37.52 31.81
C ALA B 25 47.55 36.87 31.54
N SER B 26 46.78 36.60 32.59
CA SER B 26 45.45 36.05 32.39
C SER B 26 44.56 37.03 31.61
N GLU B 27 44.60 38.30 31.99
CA GLU B 27 43.81 39.30 31.27
C GLU B 27 44.26 39.46 29.83
N LEU B 28 45.56 39.33 29.56
CA LEU B 28 46.05 39.42 28.20
C LEU B 28 45.62 38.21 27.38
N ASN B 29 45.64 37.02 27.98
CA ASN B 29 45.19 35.83 27.28
C ASN B 29 43.70 35.89 26.99
N ASP B 30 42.91 36.51 27.88
CA ASP B 30 41.48 36.64 27.62
C ASP B 30 41.18 37.56 26.43
N GLU B 31 42.12 38.42 26.04
CA GLU B 31 41.97 39.21 24.83
C GLU B 31 42.80 38.68 23.67
N HIS B 32 43.15 37.39 23.71
CA HIS B 32 43.83 36.70 22.62
C HIS B 32 45.22 37.27 22.34
N VAL B 33 45.92 37.71 23.37
CA VAL B 33 47.33 38.03 23.29
C VAL B 33 48.10 36.93 24.00
N GLU B 34 48.90 36.17 23.25
CA GLU B 34 49.74 35.16 23.85
C GLU B 34 50.85 35.81 24.66
N THR B 35 51.17 35.22 25.81
CA THR B 35 52.16 35.78 26.72
C THR B 35 53.28 34.80 26.97
N VAL B 36 54.51 35.28 26.91
CA VAL B 36 55.70 34.54 27.32
C VAL B 36 56.28 35.26 28.53
N ILE B 37 56.38 34.56 29.66
CA ILE B 37 56.86 35.14 30.91
C ILE B 37 58.27 34.62 31.17
N ILE B 38 59.20 35.55 31.35
CA ILE B 38 60.62 35.23 31.52
C ILE B 38 61.13 35.98 32.74
N ARG B 39 61.90 35.30 33.58
CA ARG B 39 62.36 35.86 34.84
C ARG B 39 63.80 36.36 34.80
N ASP B 40 64.49 36.26 33.67
CA ASP B 40 65.89 36.64 33.61
C ASP B 40 66.16 37.36 32.30
N PHE B 41 66.98 38.41 32.35
CA PHE B 41 67.23 39.20 31.16
C PHE B 41 68.07 38.45 30.13
N GLU B 42 68.93 37.53 30.57
CA GLU B 42 69.68 36.73 29.60
C GLU B 42 68.76 35.75 28.88
N ASP B 43 67.81 35.15 29.61
CA ASP B 43 66.82 34.30 28.98
C ASP B 43 65.95 35.10 28.00
N GLY B 44 65.57 36.32 28.38
CA GLY B 44 64.82 37.16 27.47
C GLY B 44 65.61 37.54 26.24
N LEU B 45 66.91 37.79 26.41
CA LEU B 45 67.78 38.07 25.27
C LEU B 45 67.86 36.88 24.32
N ALA B 46 68.00 35.67 24.88
CA ALA B 46 68.02 34.47 24.06
C ALA B 46 66.69 34.30 23.32
N TYR B 47 65.58 34.56 24.00
CA TYR B 47 64.28 34.48 23.35
C TYR B 47 64.17 35.48 22.21
N ILE B 48 64.63 36.71 22.42
CA ILE B 48 64.55 37.73 21.39
C ILE B 48 65.42 37.37 20.20
N ARG B 49 66.58 36.76 20.44
CA ARG B 49 67.46 36.40 19.33
C ARG B 49 66.94 35.23 18.51
N SER B 50 65.91 34.54 18.98
CA SER B 50 65.18 33.62 18.11
C SER B 50 64.17 34.41 17.29
N ASN B 51 64.09 34.10 16.01
CA ASN B 51 63.29 34.90 15.07
C ASN B 51 61.80 34.66 15.31
N THR B 52 61.36 35.09 16.49
CA THR B 52 59.96 35.00 16.89
C THR B 52 59.37 36.39 16.93
N SER B 53 58.20 36.57 16.34
CA SER B 53 57.56 37.87 16.31
C SER B 53 57.07 38.25 17.70
N ILE B 54 57.45 39.43 18.16
CA ILE B 54 57.04 39.96 19.45
C ILE B 54 56.29 41.25 19.18
N ASP B 55 55.06 41.34 19.68
CA ASP B 55 54.23 42.50 19.42
C ASP B 55 54.30 43.55 20.51
N CYS B 56 54.75 43.18 21.71
CA CYS B 56 54.86 44.12 22.82
C CYS B 56 55.82 43.55 23.85
N LEU B 57 56.63 44.41 24.43
CA LEU B 57 57.55 44.05 25.49
C LEU B 57 57.13 44.75 26.77
N LEU B 58 56.87 43.97 27.82
CA LEU B 58 56.61 44.51 29.15
C LEU B 58 57.71 44.02 30.07
N TYR B 59 58.47 44.94 30.65
CA TYR B 59 59.61 44.56 31.46
C TYR B 59 59.61 45.35 32.78
N GLY B 60 60.24 44.75 33.76
CA GLY B 60 60.52 45.41 35.03
C GLY B 60 61.78 44.87 35.62
N ARG B 61 62.48 45.72 36.37
CA ARG B 61 63.74 45.34 37.02
C ARG B 61 63.68 45.72 38.50
N ASP B 62 64.83 45.59 39.15
CA ASP B 62 64.94 45.97 40.56
C ASP B 62 64.69 47.46 40.75
N MET B 63 65.12 48.28 39.79
CA MET B 63 64.99 49.73 39.73
C MET B 63 65.98 50.44 40.64
N SER B 64 66.71 49.72 41.48
CA SER B 64 67.82 50.28 42.23
C SER B 64 69.15 49.68 41.82
N ASP B 65 69.18 48.78 40.86
CA ASP B 65 70.39 48.12 40.40
C ASP B 65 70.78 48.67 39.05
N ARG B 66 71.98 49.26 38.95
CA ARG B 66 72.45 49.77 37.66
C ARG B 66 72.77 48.64 36.69
N ASP B 67 73.20 47.49 37.19
CA ASP B 67 73.49 46.35 36.32
C ASP B 67 72.24 45.87 35.60
N GLU B 68 71.12 45.77 36.34
CA GLU B 68 69.87 45.39 35.71
C GLU B 68 69.38 46.48 34.76
N GLN B 69 69.68 47.75 35.05
CA GLN B 69 69.33 48.81 34.10
C GLN B 69 70.09 48.63 32.80
N ILE B 70 71.39 48.33 32.88
CA ILE B 70 72.19 48.09 31.68
C ILE B 70 71.65 46.88 30.92
N GLN B 71 71.30 45.82 31.65
CA GLN B 71 70.76 44.62 31.01
C GLN B 71 69.44 44.90 30.30
N ALA B 72 68.56 45.67 30.95
CA ALA B 72 67.28 46.01 30.33
C ALA B 72 67.47 46.85 29.08
N HIS B 73 68.40 47.82 29.13
CA HIS B 73 68.67 48.62 27.95
C HIS B 73 69.21 47.77 26.82
N ARG B 74 70.08 46.81 27.15
CA ARG B 74 70.59 45.88 26.16
C ARG B 74 69.48 45.04 25.55
N LEU B 75 68.55 44.58 26.39
CA LEU B 75 67.42 43.79 25.88
C LEU B 75 66.57 44.60 24.92
N ILE B 76 66.28 45.84 25.25
CA ILE B 76 65.43 46.67 24.39
C ILE B 76 66.15 46.99 23.08
N THR B 77 67.45 47.28 23.15
CA THR B 77 68.21 47.54 21.93
C THR B 77 68.25 46.31 21.03
N GLN B 78 68.46 45.13 21.62
CA GLN B 78 68.45 43.90 20.84
C GLN B 78 67.09 43.67 20.19
N LEU B 79 66.01 43.92 20.94
CA LEU B 79 64.67 43.76 20.37
C LEU B 79 64.46 44.68 19.18
N HIS B 80 64.90 45.94 19.31
CA HIS B 80 64.68 46.89 18.23
C HIS B 80 65.67 46.75 17.09
N ARG B 81 66.69 45.89 17.21
CA ARG B 81 67.55 45.62 16.07
C ARG B 81 66.76 45.12 14.86
N ARG B 82 65.90 44.13 15.06
CA ARG B 82 65.10 43.58 13.97
C ARG B 82 63.61 43.81 14.12
N GLN B 83 63.13 44.26 15.28
CA GLN B 83 61.72 44.56 15.49
C GLN B 83 61.69 45.99 16.04
N GLU B 84 61.72 46.95 15.14
CA GLU B 84 62.21 48.30 15.47
C GLU B 84 61.22 49.08 16.33
N ASP B 85 59.93 49.02 16.03
CA ASP B 85 58.97 49.90 16.69
C ASP B 85 58.05 49.14 17.64
N VAL B 86 58.50 48.01 18.17
CA VAL B 86 57.68 47.25 19.11
C VAL B 86 57.47 48.09 20.38
N PRO B 87 56.24 48.24 20.86
CA PRO B 87 56.02 49.03 22.08
C PRO B 87 56.68 48.39 23.29
N VAL B 88 57.19 49.24 24.17
CA VAL B 88 57.84 48.80 25.40
C VAL B 88 57.07 49.38 26.57
N PHE B 89 56.56 48.51 27.43
CA PHE B 89 55.89 48.90 28.66
C PHE B 89 56.82 48.66 29.84
N LEU B 90 56.94 49.65 30.72
CA LEU B 90 57.69 49.49 31.95
C LEU B 90 56.74 49.06 33.07
N LEU B 91 56.95 47.86 33.61
CA LEU B 91 56.23 47.39 34.78
C LEU B 91 57.02 47.76 36.02
N SER B 92 56.42 48.54 36.91
CA SER B 92 57.16 49.01 38.07
C SER B 92 56.19 49.49 39.13
N ASP B 93 56.67 49.47 40.37
CA ASP B 93 56.05 50.26 41.42
C ASP B 93 56.17 51.74 41.07
N ARG B 94 55.10 52.49 41.35
CA ARG B 94 55.00 53.86 40.83
C ARG B 94 56.12 54.75 41.37
N GLU B 95 56.38 54.70 42.68
CA GLU B 95 57.37 55.60 43.26
C GLU B 95 58.77 55.31 42.75
N GLU B 96 59.12 54.02 42.65
CA GLU B 96 60.44 53.66 42.15
C GLU B 96 60.64 54.14 40.72
N ALA B 97 59.64 53.98 39.87
CA ALA B 97 59.75 54.46 38.49
C ALA B 97 59.83 55.98 38.44
N LEU B 98 59.05 56.66 39.28
CA LEU B 98 59.03 58.12 39.23
C LEU B 98 60.35 58.72 39.70
N VAL B 99 61.01 58.11 40.70
CA VAL B 99 62.30 58.65 41.10
C VAL B 99 63.38 58.38 40.07
N ALA B 100 63.22 57.35 39.24
CA ALA B 100 64.18 57.04 38.19
C ALA B 100 63.83 57.71 36.85
N PHE B 101 62.77 58.51 36.81
CA PHE B 101 62.31 59.10 35.57
C PHE B 101 63.30 60.13 35.05
N ASP B 102 63.64 60.04 33.77
CA ASP B 102 64.49 61.03 33.11
C ASP B 102 64.33 60.88 31.60
N ARG B 103 65.10 61.67 30.86
CA ARG B 103 65.08 61.60 29.40
C ARG B 103 65.54 60.24 28.90
N ASN B 104 66.59 59.70 29.51
CA ASN B 104 67.14 58.43 29.07
C ASN B 104 66.14 57.30 29.26
N MET B 105 65.36 57.33 30.33
CA MET B 105 64.28 56.36 30.51
C MET B 105 63.26 56.47 29.39
N MET B 106 62.79 57.68 29.10
CA MET B 106 61.77 57.87 28.09
C MET B 106 62.27 57.59 26.68
N GLU B 107 63.59 57.56 26.47
CA GLU B 107 64.12 57.20 25.16
C GLU B 107 63.79 55.76 24.80
N GLN B 108 63.62 54.88 25.79
CA GLN B 108 63.34 53.47 25.52
C GLN B 108 62.00 52.97 26.04
N VAL B 109 61.29 53.75 26.84
CA VAL B 109 60.01 53.34 27.40
C VAL B 109 58.90 54.10 26.70
N ASP B 110 57.90 53.36 26.18
CA ASP B 110 56.76 54.00 25.54
C ASP B 110 55.60 54.23 26.52
N GLU B 111 55.37 53.31 27.45
CA GLU B 111 54.26 53.44 28.38
C GLU B 111 54.63 52.91 29.75
N PHE B 112 53.90 53.40 30.74
CA PHE B 112 54.03 52.98 32.13
C PHE B 112 52.89 52.05 32.50
N ALA B 113 53.21 51.01 33.27
CA ALA B 113 52.21 50.09 33.79
C ALA B 113 52.46 49.92 35.28
N TRP B 114 51.68 50.64 36.11
CA TRP B 114 51.80 50.52 37.56
C TRP B 114 51.16 49.21 37.97
N ILE B 115 51.94 48.14 37.85
CA ILE B 115 51.42 46.77 37.97
C ILE B 115 50.84 46.49 39.36
N LEU B 116 51.29 47.18 40.39
CA LEU B 116 50.88 46.88 41.76
C LEU B 116 49.70 47.72 42.25
N GLU B 117 49.26 48.71 41.48
CA GLU B 117 48.13 49.54 41.91
C GLU B 117 47.12 49.79 40.80
N ASP B 118 47.21 49.06 39.69
CA ASP B 118 46.32 49.22 38.56
C ASP B 118 45.64 47.90 38.24
N SER B 119 44.42 47.99 37.75
CA SER B 119 43.70 46.79 37.32
C SER B 119 44.40 46.18 36.12
N ALA B 120 44.49 44.85 36.11
CA ALA B 120 45.09 44.15 34.98
C ALA B 120 44.30 44.38 33.70
N ASP B 121 42.99 44.63 33.81
CA ASP B 121 42.18 44.86 32.63
C ASP B 121 42.56 46.16 31.93
N PHE B 122 42.81 47.22 32.69
CA PHE B 122 43.20 48.49 32.09
C PHE B 122 44.54 48.37 31.36
N ILE B 123 45.52 47.73 32.01
CA ILE B 123 46.82 47.54 31.39
C ILE B 123 46.71 46.66 30.15
N ALA B 124 45.90 45.60 30.23
CA ALA B 124 45.72 44.73 29.08
C ALA B 124 45.09 45.47 27.91
N GLY B 125 44.10 46.33 28.18
CA GLY B 125 43.52 47.13 27.11
C GLY B 125 44.52 48.07 26.48
N ARG B 126 45.34 48.72 27.29
CA ARG B 126 46.37 49.61 26.74
C ARG B 126 47.39 48.83 25.92
N VAL B 127 47.76 47.64 26.38
CA VAL B 127 48.70 46.80 25.65
C VAL B 127 48.11 46.40 24.31
N LEU B 128 46.83 46.04 24.29
CA LEU B 128 46.19 45.66 23.03
C LEU B 128 46.13 46.84 22.07
N ALA B 129 45.82 48.02 22.56
CA ALA B 129 45.81 49.20 21.71
C ALA B 129 47.19 49.47 21.12
N ALA B 130 48.24 49.35 21.95
CA ALA B 130 49.60 49.55 21.46
C ALA B 130 49.97 48.52 20.41
N ILE B 131 49.58 47.25 20.62
CA ILE B 131 49.89 46.20 19.67
C ILE B 131 49.20 46.48 18.34
N GLN B 132 47.93 46.91 18.38
CA GLN B 132 47.22 47.21 17.14
C GLN B 132 47.86 48.37 16.41
N ARG B 133 48.27 49.42 17.15
CA ARG B 133 48.96 50.53 16.52
C ARG B 133 50.26 50.07 15.86
N TYR B 134 51.01 49.19 16.53
CA TYR B 134 52.25 48.70 15.95
C TYR B 134 52.00 47.87 14.70
N ARG B 135 51.00 46.99 14.75
CA ARG B 135 50.71 46.12 13.61
C ARG B 135 50.21 46.91 12.41
N SER B 136 49.52 48.03 12.64
CA SER B 136 48.97 48.78 11.53
C SER B 136 50.03 49.50 10.71
N GLN B 137 51.23 49.69 11.24
CA GLN B 137 52.31 50.36 10.51
C GLN B 137 53.39 49.40 10.02
N LEU B 138 53.19 48.10 10.19
CA LEU B 138 54.27 47.15 9.96
C LEU B 138 54.54 46.90 8.48
N LEU B 139 53.52 46.89 7.64
CA LEU B 139 53.83 46.43 6.29
C LEU B 139 54.16 47.59 5.36
N PRO B 140 55.00 47.35 4.37
CA PRO B 140 55.27 48.35 3.34
C PRO B 140 54.06 48.54 2.44
N PRO B 141 53.98 49.64 1.68
CA PRO B 141 52.69 50.02 1.08
C PRO B 141 52.15 49.04 0.06
N LEU B 142 52.96 48.61 -0.91
CA LEU B 142 52.46 47.72 -1.95
C LEU B 142 51.98 46.40 -1.36
N MET B 143 52.76 45.83 -0.44
CA MET B 143 52.37 44.56 0.15
C MET B 143 51.09 44.70 0.94
N LYS B 144 50.95 45.80 1.68
CA LYS B 144 49.74 46.06 2.44
C LYS B 144 48.52 46.17 1.54
N SER B 145 48.63 46.92 0.44
CA SER B 145 47.49 47.07 -0.46
C SER B 145 47.15 45.76 -1.16
N LEU B 146 48.16 44.97 -1.53
CA LEU B 146 47.90 43.67 -2.14
C LEU B 146 47.19 42.74 -1.17
N ILE B 147 47.63 42.70 0.09
CA ILE B 147 46.96 41.85 1.07
C ILE B 147 45.54 42.31 1.29
N LYS B 148 45.33 43.63 1.35
CA LYS B 148 43.98 44.15 1.55
C LYS B 148 43.06 43.77 0.38
N TYR B 149 43.57 43.85 -0.85
CA TYR B 149 42.75 43.53 -2.01
C TYR B 149 42.53 42.03 -2.15
N SER B 150 43.43 41.21 -1.63
CA SER B 150 43.35 39.76 -1.81
C SER B 150 42.07 39.14 -1.28
N ASP B 151 41.38 39.80 -0.34
CA ASP B 151 40.12 39.24 0.16
C ASP B 151 39.00 39.28 -0.87
N VAL B 152 39.11 40.10 -1.90
CA VAL B 152 38.08 40.16 -2.93
C VAL B 152 38.09 38.86 -3.73
N HIS B 153 36.92 38.26 -3.92
CA HIS B 153 36.81 36.99 -4.64
C HIS B 153 35.84 37.04 -5.82
N GLU B 154 35.32 38.20 -6.16
CA GLU B 154 34.31 38.29 -7.21
C GLU B 154 34.95 38.09 -8.58
N TYR B 155 34.19 37.47 -9.47
CA TYR B 155 34.61 37.29 -10.86
C TYR B 155 34.63 38.64 -11.55
N SER B 156 35.82 39.18 -11.77
CA SER B 156 35.96 40.25 -12.73
C SER B 156 35.78 39.68 -14.13
N TRP B 157 35.35 40.53 -15.05
CA TRP B 157 35.09 40.11 -16.42
C TRP B 157 36.26 40.47 -17.33
N ALA B 158 37.49 40.36 -16.80
CA ALA B 158 38.70 40.74 -17.51
C ALA B 158 39.80 39.75 -17.17
N ALA B 159 40.94 39.89 -17.85
CA ALA B 159 42.09 39.04 -17.61
C ALA B 159 42.75 39.37 -16.27
N PRO B 160 43.52 38.44 -15.69
CA PRO B 160 43.88 37.10 -16.15
C PRO B 160 42.72 36.11 -16.12
N GLY B 161 42.76 35.13 -17.02
CA GLY B 161 41.67 34.20 -17.18
C GLY B 161 41.44 33.27 -16.02
N HIS B 162 42.49 32.95 -15.25
CA HIS B 162 42.32 32.01 -14.15
C HIS B 162 41.47 32.57 -13.03
N GLN B 163 41.31 33.90 -12.95
CA GLN B 163 40.37 34.55 -12.04
C GLN B 163 40.65 34.18 -10.58
N GLY B 164 41.82 34.55 -10.11
CA GLY B 164 42.20 34.26 -8.74
C GLY B 164 42.41 32.80 -8.45
N GLY B 165 42.81 32.02 -9.45
CA GLY B 165 43.09 30.61 -9.27
C GLY B 165 41.91 29.68 -9.45
N VAL B 166 40.70 30.21 -9.68
CA VAL B 166 39.54 29.37 -9.86
C VAL B 166 39.70 28.48 -11.10
N GLY B 167 40.30 29.03 -12.16
CA GLY B 167 40.44 28.28 -13.39
C GLY B 167 41.27 27.01 -13.24
N PHE B 168 42.27 27.03 -12.35
CA PHE B 168 43.10 25.84 -12.15
C PHE B 168 42.32 24.70 -11.53
N THR B 169 41.32 24.99 -10.69
CA THR B 169 40.62 23.94 -9.96
C THR B 169 39.51 23.32 -10.78
N LYS B 170 39.80 22.95 -12.02
CA LYS B 170 38.82 22.30 -12.88
C LYS B 170 39.30 21.00 -13.48
N THR B 171 40.59 20.71 -13.45
CA THR B 171 41.16 19.41 -13.75
C THR B 171 41.90 18.92 -12.51
N PRO B 172 42.09 17.60 -12.37
CA PRO B 172 42.84 17.10 -11.20
C PRO B 172 44.27 17.62 -11.13
N ALA B 173 44.97 17.68 -12.26
CA ALA B 173 46.34 18.21 -12.24
C ALA B 173 46.34 19.68 -11.87
N GLY B 174 45.40 20.45 -12.40
CA GLY B 174 45.25 21.82 -11.99
C GLY B 174 44.96 21.98 -10.50
N ARG B 175 44.17 21.06 -9.93
CA ARG B 175 43.89 21.12 -8.51
C ARG B 175 45.13 20.82 -7.68
N ILE B 176 45.94 19.86 -8.11
CA ILE B 176 47.19 19.57 -7.42
C ILE B 176 48.12 20.78 -7.48
N TYR B 177 48.23 21.39 -8.66
CA TYR B 177 49.07 22.58 -8.83
C TYR B 177 48.58 23.73 -7.95
N HIS B 178 47.27 23.95 -7.92
CA HIS B 178 46.68 25.02 -7.14
C HIS B 178 46.90 24.81 -5.65
N ASP B 179 46.75 23.58 -5.18
CA ASP B 179 47.00 23.29 -3.76
C ASP B 179 48.47 23.42 -3.42
N PHE B 180 49.36 23.04 -4.33
CA PHE B 180 50.79 23.19 -4.07
C PHE B 180 51.17 24.65 -3.92
N PHE B 181 50.78 25.50 -4.87
CA PHE B 181 51.23 26.88 -4.81
C PHE B 181 50.41 27.76 -3.88
N GLY B 182 49.22 27.34 -3.50
CA GLY B 182 48.41 28.08 -2.55
C GLY B 182 47.56 29.16 -3.21
N GLU B 183 46.50 29.54 -2.49
CA GLU B 183 45.48 30.42 -3.07
C GLU B 183 45.96 31.86 -3.17
N ASN B 184 46.74 32.33 -2.19
CA ASN B 184 47.07 33.76 -2.13
C ASN B 184 47.94 34.20 -3.30
N LEU B 185 48.79 33.31 -3.82
CA LEU B 185 49.59 33.67 -4.98
C LEU B 185 48.70 34.01 -6.17
N PHE B 186 47.67 33.20 -6.41
CA PHE B 186 46.79 33.45 -7.54
C PHE B 186 45.84 34.61 -7.28
N ARG B 187 45.49 34.87 -6.01
CA ARG B 187 44.58 35.97 -5.76
C ARG B 187 45.27 37.33 -5.83
N THR B 188 46.60 37.38 -5.82
CA THR B 188 47.32 38.63 -6.06
C THR B 188 47.62 38.88 -7.52
N ASP B 189 47.43 37.88 -8.38
CA ASP B 189 47.64 38.03 -9.82
C ASP B 189 46.37 38.66 -10.38
N ILE B 190 46.28 39.98 -10.29
CA ILE B 190 45.02 40.69 -10.50
C ILE B 190 44.98 41.51 -11.76
N GLY B 191 46.11 41.69 -12.45
CA GLY B 191 46.13 42.56 -13.60
C GLY B 191 46.40 44.00 -13.22
N ILE B 192 46.60 44.81 -14.25
CA ILE B 192 47.00 46.21 -14.06
C ILE B 192 45.81 47.15 -14.13
N GLU B 193 44.58 46.64 -14.04
CA GLU B 193 43.37 47.43 -14.20
C GLU B 193 42.57 47.58 -12.92
N ARG B 194 43.19 47.31 -11.77
CA ARG B 194 42.52 47.47 -10.47
C ARG B 194 43.06 48.72 -9.81
N VAL B 195 42.25 49.79 -9.82
CA VAL B 195 42.71 51.09 -9.34
C VAL B 195 42.93 51.14 -7.84
N ALA B 196 42.42 50.16 -7.09
CA ALA B 196 42.67 50.12 -5.66
C ALA B 196 44.16 49.97 -5.37
N VAL B 197 44.86 49.20 -6.20
CA VAL B 197 46.30 48.98 -6.01
C VAL B 197 47.13 49.95 -6.85
N GLY B 198 46.72 50.19 -8.08
CA GLY B 198 47.49 51.00 -9.01
C GLY B 198 48.07 50.13 -10.12
N SER B 199 48.97 50.74 -10.88
CA SER B 199 49.63 50.05 -11.98
C SER B 199 51.12 50.27 -11.90
N LEU B 200 51.89 49.20 -12.17
CA LEU B 200 53.34 49.29 -12.09
C LEU B 200 53.91 50.14 -13.22
N LEU B 201 53.42 49.96 -14.45
CA LEU B 201 54.00 50.68 -15.58
C LEU B 201 53.67 52.17 -15.53
N ASP B 202 52.57 52.54 -14.91
CA ASP B 202 52.23 53.95 -14.76
C ASP B 202 52.85 54.57 -13.50
N HIS B 203 53.42 53.73 -12.62
CA HIS B 203 54.01 54.19 -11.36
C HIS B 203 53.01 54.96 -10.52
N THR B 204 51.78 54.47 -10.46
CA THR B 204 50.71 55.12 -9.72
C THR B 204 50.27 54.25 -8.56
N GLY B 205 49.61 54.90 -7.59
CA GLY B 205 49.08 54.19 -6.46
C GLY B 205 50.15 53.60 -5.57
N ALA B 206 49.88 52.39 -5.08
CA ALA B 206 50.82 51.71 -4.21
C ALA B 206 52.15 51.45 -4.89
N PHE B 207 52.16 51.32 -6.22
CA PHE B 207 53.44 51.14 -6.92
C PHE B 207 54.28 52.40 -6.87
N GLY B 208 53.65 53.57 -7.05
CA GLY B 208 54.38 54.81 -6.86
C GLY B 208 54.89 54.98 -5.45
N GLU B 209 54.04 54.64 -4.47
CA GLU B 209 54.47 54.69 -3.08
C GLU B 209 55.67 53.78 -2.83
N CYS B 210 55.62 52.56 -3.35
CA CYS B 210 56.71 51.61 -3.13
C CYS B 210 57.99 52.07 -3.79
N GLU B 211 57.90 52.64 -4.99
CA GLU B 211 59.11 53.13 -5.66
C GLU B 211 59.70 54.33 -4.92
N LYS B 212 58.86 55.23 -4.41
CA LYS B 212 59.40 56.33 -3.61
C LYS B 212 60.05 55.82 -2.33
N ASN B 213 59.43 54.83 -1.68
CA ASN B 213 60.01 54.24 -0.49
C ASN B 213 61.35 53.59 -0.79
N ALA B 214 61.44 52.87 -1.90
CA ALA B 214 62.69 52.22 -2.28
C ALA B 214 63.77 53.26 -2.61
N ALA B 215 63.39 54.34 -3.29
CA ALA B 215 64.37 55.39 -3.58
C ALA B 215 64.90 56.00 -2.30
N ARG B 216 64.03 56.22 -1.31
CA ARG B 216 64.49 56.72 -0.02
C ARG B 216 65.42 55.72 0.66
N ILE B 217 65.04 54.44 0.67
CA ILE B 217 65.82 53.44 1.42
C ILE B 217 67.19 53.24 0.79
N PHE B 218 67.26 53.23 -0.54
CA PHE B 218 68.51 52.98 -1.23
C PHE B 218 69.28 54.24 -1.59
N GLY B 219 68.79 55.41 -1.17
CA GLY B 219 69.49 56.66 -1.40
C GLY B 219 69.58 57.11 -2.84
N ALA B 220 68.51 56.93 -3.61
CA ALA B 220 68.46 57.38 -4.99
C ALA B 220 67.46 58.52 -5.14
N ASP B 221 67.62 59.28 -6.21
CA ASP B 221 66.61 60.29 -6.55
C ASP B 221 65.33 59.63 -7.04
N GLN B 222 65.45 58.65 -7.94
CA GLN B 222 64.31 57.91 -8.44
C GLN B 222 64.65 56.43 -8.48
N SER B 223 63.65 55.60 -8.24
CA SER B 223 63.80 54.15 -8.30
C SER B 223 62.71 53.57 -9.18
N TYR B 224 63.07 52.51 -9.92
CA TYR B 224 62.14 51.79 -10.76
C TYR B 224 62.18 50.32 -10.41
N SER B 225 61.01 49.74 -10.17
CA SER B 225 60.90 48.31 -9.95
C SER B 225 60.78 47.60 -11.28
N VAL B 226 61.53 46.51 -11.42
CA VAL B 226 61.65 45.78 -12.68
C VAL B 226 61.30 44.32 -12.43
N VAL B 227 60.55 43.73 -13.34
CA VAL B 227 60.14 42.33 -13.23
C VAL B 227 60.81 41.45 -14.26
N VAL B 228 61.83 41.95 -14.95
CA VAL B 228 62.60 41.19 -15.92
C VAL B 228 64.06 41.06 -15.46
N GLY B 229 64.31 41.24 -14.18
CA GLY B 229 65.64 41.08 -13.64
C GLY B 229 66.58 42.20 -14.01
N THR B 230 67.83 42.04 -13.56
CA THR B 230 68.87 43.00 -13.89
C THR B 230 69.22 42.97 -15.37
N SER B 231 68.98 41.86 -16.06
CA SER B 231 69.11 41.86 -17.51
C SER B 231 68.20 42.92 -18.13
N GLY B 232 66.93 42.91 -17.74
CA GLY B 232 66.01 43.93 -18.21
C GLY B 232 66.39 45.32 -17.77
N SER B 233 66.83 45.46 -16.51
CA SER B 233 67.23 46.78 -16.01
C SER B 233 68.41 47.35 -16.80
N ASN B 234 69.42 46.52 -17.05
CA ASN B 234 70.56 46.95 -17.83
C ASN B 234 70.14 47.34 -19.24
N ARG B 235 69.24 46.55 -19.84
CA ARG B 235 68.77 46.87 -21.18
C ARG B 235 68.07 48.23 -21.22
N THR B 236 67.19 48.51 -20.25
CA THR B 236 66.48 49.79 -20.31
C THR B 236 67.42 50.95 -20.04
N ILE B 237 68.37 50.81 -19.12
CA ILE B 237 69.33 51.89 -18.88
C ILE B 237 70.13 52.17 -20.14
N MET B 238 70.64 51.11 -20.78
CA MET B 238 71.45 51.31 -21.96
C MET B 238 70.64 51.88 -23.12
N GLN B 239 69.38 51.47 -23.23
CA GLN B 239 68.51 52.02 -24.26
C GLN B 239 68.21 53.50 -24.03
N ALA B 240 68.06 53.90 -22.77
CA ALA B 240 67.83 55.30 -22.47
C ALA B 240 69.09 56.15 -22.65
N CYS B 241 70.27 55.54 -22.58
CA CYS B 241 71.50 56.35 -22.56
C CYS B 241 72.15 56.54 -23.92
N MET B 242 72.29 55.50 -24.74
CA MET B 242 73.12 55.60 -25.92
C MET B 242 72.32 55.38 -27.20
N THR B 243 72.98 55.66 -28.31
CA THR B 243 72.41 55.55 -29.65
C THR B 243 73.51 55.04 -30.56
N ASP B 244 73.14 54.62 -31.78
CA ASP B 244 74.14 54.05 -32.68
C ASP B 244 75.20 55.04 -33.12
N ASP B 245 74.99 56.34 -32.90
CA ASP B 245 75.98 57.36 -33.18
C ASP B 245 76.80 57.72 -31.94
N ASP B 246 76.97 56.79 -31.01
CA ASP B 246 77.61 57.06 -29.73
C ASP B 246 78.77 56.11 -29.49
N VAL B 247 79.74 56.58 -28.71
CA VAL B 247 80.82 55.75 -28.21
C VAL B 247 80.62 55.56 -26.72
N VAL B 248 80.85 54.34 -26.24
CA VAL B 248 80.60 54.00 -24.84
C VAL B 248 81.82 53.28 -24.28
N VAL B 249 81.99 53.40 -22.97
CA VAL B 249 83.14 52.84 -22.25
C VAL B 249 82.63 51.67 -21.43
N ILE B 250 83.06 50.46 -21.77
CA ILE B 250 82.50 49.24 -21.21
C ILE B 250 83.55 48.52 -20.39
N ASP B 251 83.21 48.22 -19.14
CA ASP B 251 83.97 47.27 -18.35
C ASP B 251 84.03 45.94 -19.08
N ARG B 252 85.24 45.44 -19.33
CA ARG B 252 85.37 44.14 -19.97
C ARG B 252 84.79 43.03 -19.10
N ASN B 253 84.78 43.21 -17.79
CA ASN B 253 84.06 42.34 -16.87
C ASN B 253 82.60 42.79 -16.87
N CYS B 254 81.89 42.43 -17.93
CA CYS B 254 80.51 42.82 -18.11
C CYS B 254 79.61 41.59 -18.23
N HIS B 255 78.41 41.70 -17.70
CA HIS B 255 77.40 40.69 -17.87
C HIS B 255 76.93 40.66 -19.33
N LYS B 256 76.39 39.52 -19.75
CA LYS B 256 75.94 39.39 -21.13
C LYS B 256 74.78 40.33 -21.46
N SER B 257 74.04 40.80 -20.44
CA SER B 257 73.01 41.79 -20.70
C SER B 257 73.60 43.11 -21.18
N ILE B 258 74.85 43.41 -20.80
CA ILE B 258 75.51 44.60 -21.31
C ILE B 258 75.76 44.47 -22.81
N GLU B 259 76.24 43.32 -23.25
CA GLU B 259 76.42 43.10 -24.68
C GLU B 259 75.08 43.10 -25.40
N GLN B 260 74.03 42.58 -24.76
CA GLN B 260 72.70 42.65 -25.35
C GLN B 260 72.26 44.10 -25.54
N GLY B 261 72.52 44.94 -24.54
CA GLY B 261 72.25 46.36 -24.69
C GLY B 261 73.04 46.99 -25.82
N LEU B 262 74.30 46.59 -25.97
CA LEU B 262 75.11 47.09 -27.08
C LEU B 262 74.49 46.69 -28.42
N ILE B 263 74.03 45.45 -28.53
CA ILE B 263 73.38 44.99 -29.76
C ILE B 263 72.12 45.79 -30.03
N LEU B 264 71.31 46.02 -28.99
CA LEU B 264 70.03 46.69 -29.17
C LEU B 264 70.17 48.20 -29.40
N THR B 265 71.28 48.81 -29.00
CA THR B 265 71.46 50.24 -29.22
C THR B 265 72.34 50.56 -30.42
N GLY B 266 73.23 49.65 -30.80
CA GLY B 266 74.14 49.92 -31.89
C GLY B 266 75.32 50.81 -31.56
N ALA B 267 75.58 51.05 -30.28
CA ALA B 267 76.68 51.91 -29.89
C ALA B 267 78.03 51.24 -30.17
N LYS B 268 79.08 52.07 -30.22
CA LYS B 268 80.43 51.58 -30.50
C LYS B 268 81.20 51.49 -29.19
N PRO B 269 81.58 50.31 -28.74
CA PRO B 269 82.19 50.17 -27.42
C PRO B 269 83.71 50.28 -27.40
N VAL B 270 84.19 50.88 -26.32
CA VAL B 270 85.60 50.89 -25.96
C VAL B 270 85.72 50.24 -24.58
N TYR B 271 86.76 49.46 -24.36
CA TYR B 271 86.84 48.56 -23.22
C TYR B 271 87.94 48.93 -22.26
N MET B 272 87.64 48.88 -20.97
CA MET B 272 88.65 48.92 -19.91
C MET B 272 88.92 47.50 -19.43
N ILE B 273 90.19 47.12 -19.45
CA ILE B 273 90.60 45.74 -19.19
C ILE B 273 90.85 45.58 -17.70
N PRO B 274 90.18 44.65 -17.02
CA PRO B 274 90.45 44.41 -15.61
C PRO B 274 91.74 43.62 -15.40
N SER B 275 92.19 43.61 -14.16
CA SER B 275 93.40 42.89 -13.79
C SER B 275 93.09 41.44 -13.41
N ARG B 276 94.13 40.62 -13.36
CA ARG B 276 94.01 39.22 -13.03
C ARG B 276 95.13 38.86 -12.04
N ASN B 277 94.89 37.79 -11.27
CA ASN B 277 95.89 37.28 -10.35
C ASN B 277 96.26 35.85 -10.73
N ARG B 278 97.18 35.27 -9.96
CA ARG B 278 97.74 33.95 -10.30
C ARG B 278 96.71 32.84 -10.19
N TYR B 279 95.62 33.05 -9.47
CA TYR B 279 94.59 32.03 -9.34
C TYR B 279 93.55 32.10 -10.45
N GLY B 280 93.71 33.02 -11.41
CA GLY B 280 92.71 33.21 -12.43
C GLY B 280 91.52 34.04 -12.00
N ILE B 281 91.59 34.68 -10.85
CA ILE B 281 90.51 35.53 -10.37
C ILE B 281 90.60 36.88 -11.06
N ILE B 282 89.51 37.30 -11.69
CA ILE B 282 89.46 38.62 -12.31
C ILE B 282 89.42 39.68 -11.23
N GLY B 283 90.27 40.69 -11.36
CA GLY B 283 90.33 41.74 -10.38
C GLY B 283 89.76 43.05 -10.89
N PRO B 284 90.02 44.13 -10.17
CA PRO B 284 89.47 45.42 -10.55
C PRO B 284 90.19 46.02 -11.75
N ILE B 285 89.49 46.93 -12.42
CA ILE B 285 90.12 47.81 -13.40
C ILE B 285 91.00 48.79 -12.66
N TYR B 286 92.24 48.94 -13.10
CA TYR B 286 93.14 49.87 -12.45
C TYR B 286 92.83 51.30 -12.83
N PRO B 287 93.17 52.27 -11.98
CA PRO B 287 92.91 53.68 -12.31
C PRO B 287 93.57 54.13 -13.59
N LYS B 288 94.64 53.50 -14.02
CA LYS B 288 95.31 53.89 -15.27
C LYS B 288 94.45 53.64 -16.49
N GLU B 289 93.36 52.89 -16.37
CA GLU B 289 92.46 52.63 -17.49
C GLU B 289 91.27 53.59 -17.52
N MET B 290 91.01 54.33 -16.44
CA MET B 290 89.87 55.23 -16.37
C MET B 290 90.24 56.69 -16.54
N THR B 291 91.53 57.01 -16.64
CA THR B 291 91.92 58.41 -16.78
C THR B 291 91.43 58.97 -18.12
N PRO B 292 91.14 60.27 -18.18
CA PRO B 292 90.68 60.85 -19.45
C PRO B 292 91.64 60.61 -20.59
N ASP B 293 92.95 60.64 -20.35
CA ASP B 293 93.91 60.36 -21.41
C ASP B 293 93.82 58.91 -21.86
N ALA B 294 93.63 57.97 -20.92
CA ALA B 294 93.48 56.57 -21.30
C ALA B 294 92.24 56.36 -22.16
N ILE B 295 91.13 57.01 -21.81
CA ILE B 295 89.90 56.85 -22.57
C ILE B 295 90.03 57.49 -23.95
N LYS B 296 90.68 58.65 -24.03
CA LYS B 296 90.93 59.27 -25.34
C LYS B 296 91.83 58.39 -26.20
N PHE B 297 92.85 57.78 -25.60
CA PHE B 297 93.72 56.88 -26.35
C PHE B 297 92.95 55.67 -26.86
N LYS B 298 92.09 55.09 -26.01
CA LYS B 298 91.29 53.95 -26.43
C LYS B 298 90.36 54.33 -27.58
N ILE B 299 89.73 55.50 -27.49
CA ILE B 299 88.84 55.93 -28.56
C ILE B 299 89.62 56.15 -29.85
N ALA B 300 90.79 56.77 -29.77
CA ALA B 300 91.58 57.03 -30.97
C ALA B 300 92.16 55.76 -31.57
N ALA B 301 92.35 54.70 -30.78
CA ALA B 301 92.92 53.47 -31.30
C ALA B 301 91.88 52.48 -31.81
N ASN B 302 90.61 52.65 -31.46
CA ASN B 302 89.59 51.69 -31.86
C ASN B 302 89.28 51.85 -33.35
N PRO B 303 89.21 50.76 -34.11
CA PRO B 303 88.91 50.87 -35.55
C PRO B 303 87.56 51.51 -35.84
N LEU B 304 86.56 51.30 -34.98
CA LEU B 304 85.23 51.83 -35.24
C LEU B 304 85.03 53.25 -34.71
N THR B 305 85.71 53.61 -33.62
CA THR B 305 85.49 54.89 -32.96
C THR B 305 86.52 55.94 -33.31
N LYS B 306 87.49 55.64 -34.18
CA LYS B 306 88.55 56.59 -34.46
C LYS B 306 88.07 57.81 -35.23
N GLY B 307 86.84 57.81 -35.72
CA GLY B 307 86.27 59.00 -36.32
C GLY B 307 85.38 59.76 -35.37
N LYS B 308 85.49 59.47 -34.07
CA LYS B 308 84.67 60.08 -33.04
C LYS B 308 85.51 60.61 -31.89
N VAL B 309 86.79 60.87 -32.14
CA VAL B 309 87.71 61.25 -31.06
C VAL B 309 87.35 62.59 -30.42
N LYS B 310 86.54 63.40 -31.08
CA LYS B 310 86.08 64.66 -30.54
C LYS B 310 84.74 64.56 -29.84
N GLN B 311 84.16 63.36 -29.78
CA GLN B 311 82.82 63.16 -29.24
C GLN B 311 82.92 62.67 -27.80
N LYS B 312 82.14 63.28 -26.93
CA LYS B 312 82.11 62.86 -25.53
C LYS B 312 81.38 61.53 -25.41
N PRO B 313 81.95 60.54 -24.72
CA PRO B 313 81.26 59.25 -24.56
C PRO B 313 79.96 59.42 -23.80
N ALA B 314 78.94 58.67 -24.24
CA ALA B 314 77.59 58.85 -23.71
C ALA B 314 77.29 58.00 -22.48
N TYR B 315 78.14 57.02 -22.17
CA TYR B 315 77.78 56.04 -21.16
C TYR B 315 79.01 55.22 -20.79
N SER B 316 79.10 54.87 -19.51
CA SER B 316 80.09 53.93 -19.03
C SER B 316 79.45 53.00 -18.02
N VAL B 317 79.94 51.77 -17.98
CA VAL B 317 79.44 50.77 -17.05
C VAL B 317 80.62 50.11 -16.35
N VAL B 318 80.51 49.97 -15.03
CA VAL B 318 81.49 49.26 -14.22
C VAL B 318 80.75 48.26 -13.35
N THR B 319 81.20 47.01 -13.36
CA THR B 319 80.62 45.99 -12.49
C THR B 319 81.25 46.09 -11.12
N ASN B 320 80.42 46.32 -10.09
CA ASN B 320 80.90 46.48 -8.73
C ASN B 320 79.81 46.01 -7.78
N CYS B 321 80.10 44.99 -6.97
CA CYS B 321 81.39 44.33 -6.93
C CYS B 321 81.52 43.26 -8.03
N THR B 322 82.72 42.71 -8.18
CA THR B 322 82.95 41.67 -9.17
C THR B 322 82.38 40.34 -8.68
N TYR B 323 82.49 39.32 -9.53
CA TYR B 323 81.95 38.01 -9.19
C TYR B 323 82.66 37.38 -8.01
N ASP B 324 83.94 37.71 -7.80
CA ASP B 324 84.72 37.14 -6.70
C ASP B 324 84.80 38.08 -5.51
N GLY B 325 83.94 39.09 -5.44
CA GLY B 325 83.87 39.93 -4.26
C GLY B 325 84.87 41.04 -4.17
N VAL B 326 85.40 41.51 -5.29
CA VAL B 326 86.30 42.66 -5.29
C VAL B 326 85.46 43.91 -5.48
N CYS B 327 85.49 44.81 -4.50
CA CYS B 327 84.68 46.02 -4.49
C CYS B 327 85.56 47.23 -4.79
N TYR B 328 85.16 48.02 -5.78
CA TYR B 328 85.85 49.27 -6.09
C TYR B 328 85.55 50.32 -5.04
N ASN B 329 86.51 51.23 -4.85
CA ASN B 329 86.21 52.49 -4.18
C ASN B 329 85.41 53.33 -5.18
N ALA B 330 84.09 53.32 -5.02
CA ALA B 330 83.23 53.94 -6.02
C ALA B 330 83.38 55.45 -6.06
N ARG B 331 83.71 56.07 -4.93
CA ARG B 331 83.97 57.50 -4.92
C ARG B 331 85.14 57.84 -5.84
N LYS B 332 86.22 57.07 -5.75
CA LYS B 332 87.39 57.32 -6.59
C LYS B 332 87.09 57.01 -8.06
N VAL B 333 86.35 55.94 -8.32
CA VAL B 333 85.97 55.61 -9.70
C VAL B 333 85.14 56.73 -10.30
N GLN B 334 84.19 57.25 -9.53
CA GLN B 334 83.34 58.34 -10.01
C GLN B 334 84.16 59.59 -10.27
N ASP B 335 85.11 59.90 -9.37
CA ASP B 335 85.95 61.06 -9.61
C ASP B 335 86.82 60.88 -10.86
N LEU B 336 87.32 59.68 -11.10
CA LEU B 336 88.13 59.44 -12.29
C LEU B 336 87.29 59.56 -13.56
N LEU B 337 86.12 58.93 -13.60
CA LEU B 337 85.29 58.94 -14.79
C LEU B 337 84.56 60.26 -15.01
N ASP B 338 84.46 61.10 -13.98
CA ASP B 338 83.84 62.41 -14.14
C ASP B 338 84.58 63.29 -15.13
N GLY B 339 85.86 63.05 -15.35
CA GLY B 339 86.61 63.82 -16.32
C GLY B 339 86.35 63.48 -17.76
N SER B 340 85.55 62.45 -18.03
CA SER B 340 85.29 62.02 -19.39
C SER B 340 83.83 61.77 -19.71
N LEU B 341 82.97 61.55 -18.72
CA LEU B 341 81.61 61.08 -18.95
C LEU B 341 80.63 61.85 -18.09
N ASP B 342 79.38 61.85 -18.52
CA ASP B 342 78.28 62.39 -17.71
C ASP B 342 77.38 61.31 -17.14
N ARG B 343 77.47 60.08 -17.64
CA ARG B 343 76.62 58.98 -17.17
C ARG B 343 77.52 57.82 -16.77
N ILE B 344 77.42 57.40 -15.52
CA ILE B 344 78.13 56.22 -15.03
C ILE B 344 77.10 55.23 -14.51
N HIS B 345 77.16 54.01 -15.00
CA HIS B 345 76.27 52.93 -14.58
C HIS B 345 77.08 51.94 -13.77
N PHE B 346 76.70 51.74 -12.52
CA PHE B 346 77.29 50.73 -11.66
C PHE B 346 76.36 49.53 -11.64
N ASP B 347 76.80 48.43 -12.25
CA ASP B 347 76.03 47.19 -12.24
C ASP B 347 76.32 46.46 -10.92
N GLU B 348 75.54 46.80 -9.90
CA GLU B 348 75.68 46.18 -8.58
C GLU B 348 74.70 45.04 -8.39
N ALA B 349 74.66 44.10 -9.33
CA ALA B 349 73.69 43.01 -9.26
C ALA B 349 73.92 42.14 -8.03
N TRP B 350 75.18 41.86 -7.71
CA TRP B 350 75.54 41.09 -6.54
C TRP B 350 75.74 41.95 -5.30
N TYR B 351 75.54 43.26 -5.41
CA TYR B 351 75.98 44.22 -4.40
C TYR B 351 74.81 45.14 -4.08
N GLY B 352 73.87 44.65 -3.27
CA GLY B 352 72.65 45.41 -3.02
C GLY B 352 72.55 45.82 -1.57
N TYR B 353 73.24 45.06 -0.73
CA TYR B 353 73.30 45.27 0.71
C TYR B 353 74.35 46.30 1.12
N ALA B 354 75.19 46.76 0.18
CA ALA B 354 76.40 47.50 0.54
C ALA B 354 76.08 48.79 1.28
N ARG B 355 74.98 49.45 0.93
CA ARG B 355 74.61 50.70 1.60
C ARG B 355 74.33 50.53 3.08
N PHE B 356 74.01 49.32 3.53
CA PHE B 356 73.43 49.12 4.85
C PHE B 356 74.42 48.57 5.86
N ASN B 357 75.71 48.55 5.54
CA ASN B 357 76.73 48.20 6.53
C ASN B 357 77.91 49.16 6.37
N PRO B 358 78.38 49.75 7.47
CA PRO B 358 79.50 50.70 7.38
C PRO B 358 80.80 50.10 6.87
N LEU B 359 80.93 48.78 6.87
CA LEU B 359 82.14 48.16 6.35
C LEU B 359 82.35 48.47 4.87
N TYR B 360 81.28 48.79 4.14
CA TYR B 360 81.34 49.03 2.71
C TYR B 360 81.40 50.51 2.36
N ARG B 361 81.64 51.37 3.35
CA ARG B 361 81.61 52.81 3.15
C ARG B 361 82.54 53.24 2.02
N ASN B 362 82.03 54.12 1.15
CA ASN B 362 82.71 54.68 -0.01
C ASN B 362 82.94 53.66 -1.12
N HIS B 363 82.38 52.45 -1.01
CA HIS B 363 82.62 51.40 -2.00
C HIS B 363 81.36 51.00 -2.74
N PHE B 364 80.39 51.91 -2.86
CA PHE B 364 79.16 51.65 -3.60
C PHE B 364 78.67 52.97 -4.17
N ALA B 365 77.60 52.90 -4.97
CA ALA B 365 77.21 54.04 -5.80
C ALA B 365 76.41 55.08 -5.03
N MET B 366 75.34 54.66 -4.35
CA MET B 366 74.40 55.61 -3.76
C MET B 366 74.79 55.89 -2.32
N ARG B 367 75.84 56.69 -2.17
CA ARG B 367 76.42 56.97 -0.87
C ARG B 367 75.71 58.12 -0.18
N ASP B 368 75.62 58.04 1.15
CA ASP B 368 75.18 59.16 1.96
C ASP B 368 76.29 60.21 2.01
N GLU B 369 76.22 61.18 1.12
CA GLU B 369 77.27 62.19 0.99
C GLU B 369 76.65 63.50 0.54
N GLU B 370 77.33 64.60 0.84
CA GLU B 370 76.93 65.89 0.29
C GLU B 370 77.18 65.87 -1.22
N ARG B 371 76.14 66.22 -1.97
CA ARG B 371 76.18 66.14 -3.43
C ARG B 371 76.26 67.55 -4.02
N THR B 372 77.22 67.76 -4.90
CA THR B 372 77.34 69.03 -5.60
C THR B 372 76.48 69.01 -6.86
N GLU B 373 76.48 70.12 -7.59
CA GLU B 373 75.63 70.25 -8.77
C GLU B 373 76.32 69.85 -10.07
N ASN B 374 77.63 69.60 -10.04
CA ASN B 374 78.37 69.26 -11.24
C ASN B 374 78.71 67.77 -11.31
N GLU B 375 77.97 66.96 -10.59
CA GLU B 375 78.22 65.52 -10.60
C GLU B 375 77.66 64.89 -11.87
N PRO B 376 78.22 63.77 -12.30
CA PRO B 376 77.61 63.01 -13.38
C PRO B 376 76.36 62.29 -12.91
N THR B 377 75.53 61.91 -13.87
CA THR B 377 74.38 61.07 -13.57
C THR B 377 74.85 59.66 -13.25
N ILE B 378 74.33 59.09 -12.17
CA ILE B 378 74.75 57.77 -11.69
C ILE B 378 73.56 56.82 -11.77
N PHE B 379 73.76 55.67 -12.39
CA PHE B 379 72.80 54.58 -12.40
C PHE B 379 73.34 53.41 -11.60
N ALA B 380 72.48 52.76 -10.84
CA ALA B 380 72.83 51.54 -10.13
C ALA B 380 71.71 50.53 -10.32
N THR B 381 72.07 49.29 -10.67
CA THR B 381 71.12 48.20 -10.82
C THR B 381 71.38 47.17 -9.74
N HIS B 382 70.33 46.78 -9.03
CA HIS B 382 70.42 45.74 -8.01
C HIS B 382 69.58 44.55 -8.44
N SER B 383 70.18 43.36 -8.37
CA SER B 383 69.34 42.16 -8.54
C SER B 383 68.88 41.82 -7.14
N THR B 384 67.65 42.17 -6.79
CA THR B 384 67.12 42.00 -5.41
C THR B 384 67.02 40.52 -5.04
N HIS B 385 66.94 39.64 -6.03
CA HIS B 385 66.86 38.19 -5.75
C HIS B 385 68.24 37.60 -5.48
N1 LLP B 386 74.62 41.80 -14.14
C2 LLP B 386 75.38 41.06 -13.35
C2' LLP B 386 76.73 41.54 -12.96
C3 LLP B 386 74.90 39.84 -12.85
O3 LLP B 386 75.73 39.16 -12.05
C4 LLP B 386 73.63 39.39 -13.20
C4' LLP B 386 73.13 38.12 -12.68
C5 LLP B 386 72.85 40.20 -14.05
C6 LLP B 386 73.38 41.37 -14.49
C5' LLP B 386 71.49 39.80 -14.53
OP4 LLP B 386 70.50 39.79 -13.47
P LLP B 386 69.16 38.96 -13.60
OP1 LLP B 386 68.32 39.46 -12.49
OP2 LLP B 386 68.57 39.22 -14.95
OP3 LLP B 386 69.62 37.56 -13.43
N LLP B 386 69.31 38.27 -5.89
CA LLP B 386 70.66 37.66 -5.75
CB LLP B 386 71.69 38.21 -6.73
CG LLP B 386 71.77 37.49 -8.07
CD LLP B 386 72.61 38.23 -9.12
CE LLP B 386 72.13 37.99 -10.54
NZ LLP B 386 73.25 37.78 -11.45
C LLP B 386 71.10 37.66 -4.27
O LLP B 386 71.18 36.58 -3.71
N LEU B 387 71.38 38.83 -3.68
CA LEU B 387 71.94 38.85 -2.31
C LEU B 387 71.03 39.64 -1.36
N LEU B 388 69.83 39.94 -1.80
CA LEU B 388 68.78 40.53 -0.93
C LEU B 388 67.70 39.44 -0.89
N ASN B 389 66.54 39.67 -0.29
CA ASN B 389 65.45 38.70 -0.16
C ASN B 389 64.34 39.09 -1.12
N ALA B 390 64.37 38.53 -2.32
CA ALA B 390 63.31 38.75 -3.30
C ALA B 390 63.23 37.55 -4.22
N LEU B 391 62.08 37.40 -4.87
CA LEU B 391 61.90 36.35 -5.85
C LEU B 391 62.71 36.64 -7.10
N SER B 392 63.02 35.58 -7.83
CA SER B 392 63.72 35.71 -9.11
C SER B 392 62.98 36.68 -10.03
N GLN B 393 63.75 37.40 -10.83
CA GLN B 393 63.35 38.43 -11.80
C GLN B 393 63.06 39.77 -11.14
N ALA B 394 63.11 39.89 -9.81
CA ALA B 394 62.93 41.18 -9.17
C ALA B 394 64.22 41.98 -9.24
N SER B 395 64.10 43.26 -9.58
CA SER B 395 65.27 44.10 -9.77
C SER B 395 64.88 45.54 -9.54
N PHE B 396 65.90 46.39 -9.37
CA PHE B 396 65.70 47.82 -9.18
C PHE B 396 66.61 48.59 -10.10
N ILE B 397 66.12 49.72 -10.59
CA ILE B 397 66.95 50.75 -11.21
C ILE B 397 66.96 51.94 -10.27
N HIS B 398 68.15 52.37 -9.89
CA HIS B 398 68.32 53.54 -9.04
C HIS B 398 69.04 54.62 -9.83
N VAL B 399 68.53 55.83 -9.78
CA VAL B 399 69.08 56.95 -10.54
C VAL B 399 69.40 58.08 -9.58
N ARG B 400 70.59 58.65 -9.75
CA ARG B 400 70.95 59.91 -9.11
C ARG B 400 71.20 60.92 -10.23
N ASN B 401 70.37 61.94 -10.31
CA ASN B 401 70.41 62.87 -11.42
C ASN B 401 71.60 63.81 -11.29
N GLY B 402 72.38 63.91 -12.36
CA GLY B 402 73.49 64.83 -12.41
C GLY B 402 73.59 65.52 -13.75
N ARG B 403 74.77 65.51 -14.35
CA ARG B 403 74.93 66.11 -15.67
C ARG B 403 74.29 65.24 -16.73
N ASN B 404 73.58 65.89 -17.66
CA ASN B 404 72.94 65.22 -18.78
C ASN B 404 71.95 64.15 -18.29
N ALA B 405 71.12 64.54 -17.32
CA ALA B 405 70.16 63.62 -16.75
C ALA B 405 69.01 63.35 -17.73
N ILE B 406 68.35 62.22 -17.53
CA ILE B 406 67.23 61.80 -18.36
C ILE B 406 65.96 61.95 -17.54
N ASP B 407 65.06 62.82 -17.99
CA ASP B 407 63.82 63.07 -17.25
C ASP B 407 62.88 61.89 -17.39
N PHE B 408 61.82 61.91 -16.58
CA PHE B 408 60.95 60.75 -16.46
C PHE B 408 60.26 60.40 -17.77
N ASN B 409 59.80 61.41 -18.52
CA ASN B 409 59.08 61.13 -19.77
C ASN B 409 59.98 60.42 -20.77
N ARG B 410 61.25 60.80 -20.85
CA ARG B 410 62.17 60.15 -21.77
C ARG B 410 62.58 58.77 -21.29
N PHE B 411 62.82 58.61 -19.99
CA PHE B 411 63.26 57.33 -19.45
C PHE B 411 62.15 56.29 -19.51
N ASN B 412 60.89 56.73 -19.37
CA ASN B 412 59.77 55.82 -19.34
C ASN B 412 59.61 55.08 -20.66
N GLN B 413 60.04 55.68 -21.77
CA GLN B 413 59.96 55.00 -23.06
C GLN B 413 60.84 53.75 -23.08
N ALA B 414 62.11 53.88 -22.65
CA ALA B 414 62.98 52.71 -22.57
C ALA B 414 62.44 51.71 -21.55
N TYR B 415 61.96 52.21 -20.41
CA TYR B 415 61.41 51.33 -19.39
C TYR B 415 60.29 50.46 -19.95
N LEU B 416 59.34 51.07 -20.67
CA LEU B 416 58.27 50.30 -21.29
C LEU B 416 58.78 49.40 -22.39
N MET B 417 59.80 49.84 -23.13
CA MET B 417 60.32 49.04 -24.22
C MET B 417 60.88 47.71 -23.74
N HIS B 418 61.41 47.65 -22.52
CA HIS B 418 61.95 46.38 -22.05
C HIS B 418 61.13 45.75 -20.94
N SER B 419 59.85 46.07 -20.85
CA SER B 419 58.97 45.53 -19.82
C SER B 419 57.85 44.72 -20.47
N THR B 420 56.89 44.30 -19.65
CA THR B 420 55.71 43.60 -20.13
C THR B 420 54.47 44.36 -19.68
N THR B 421 53.41 44.25 -20.46
CA THR B 421 52.16 44.93 -20.11
C THR B 421 51.38 44.21 -19.02
N SER B 422 51.78 43.00 -18.64
CA SER B 422 51.09 42.23 -17.59
C SER B 422 52.11 41.73 -16.58
N PRO B 423 52.65 42.62 -15.75
CA PRO B 423 53.59 42.18 -14.71
C PRO B 423 52.93 41.31 -13.66
N LEU B 424 53.70 40.37 -13.14
CA LEU B 424 53.25 39.55 -12.02
C LEU B 424 53.50 40.30 -10.73
N TYR B 425 52.43 40.63 -10.01
CA TYR B 425 52.53 41.51 -8.86
C TYR B 425 53.23 40.86 -7.68
N ALA B 426 53.36 39.53 -7.66
CA ALA B 426 54.13 38.88 -6.61
C ALA B 426 55.60 39.28 -6.66
N ILE B 427 56.14 39.46 -7.87
CA ILE B 427 57.54 39.89 -8.01
C ILE B 427 57.72 41.29 -7.46
N CYS B 428 56.80 42.21 -7.79
CA CYS B 428 56.89 43.57 -7.26
C CYS B 428 56.71 43.58 -5.74
N ALA B 429 55.83 42.72 -5.23
CA ALA B 429 55.65 42.62 -3.78
C ALA B 429 56.93 42.12 -3.11
N SER B 430 57.62 41.17 -3.73
CA SER B 430 58.90 40.72 -3.18
C SER B 430 59.94 41.83 -3.20
N ASN B 431 59.95 42.64 -4.27
CA ASN B 431 60.83 43.80 -4.30
C ASN B 431 60.53 44.75 -3.14
N ASP B 432 59.24 45.00 -2.91
CA ASP B 432 58.83 45.91 -1.84
C ASP B 432 59.22 45.37 -0.46
N ILE B 433 59.03 44.06 -0.23
CA ILE B 433 59.41 43.51 1.07
C ILE B 433 60.92 43.48 1.24
N ALA B 434 61.68 43.28 0.17
CA ALA B 434 63.14 43.35 0.28
C ALA B 434 63.60 44.74 0.68
N ALA B 435 63.05 45.76 0.02
CA ALA B 435 63.38 47.14 0.39
C ALA B 435 63.01 47.41 1.84
N ASP B 436 61.84 46.95 2.27
CA ASP B 436 61.44 47.14 3.65
C ASP B 436 62.38 46.42 4.61
N MET B 437 62.87 45.24 4.23
CA MET B 437 63.76 44.47 5.08
C MET B 437 65.08 45.17 5.27
N MET B 438 65.56 45.90 4.26
CA MET B 438 66.79 46.66 4.45
C MET B 438 66.57 48.00 5.17
N ASP B 439 65.33 48.39 5.43
CA ASP B 439 65.05 49.70 5.99
C ASP B 439 65.30 49.73 7.49
N GLY B 440 65.86 50.84 7.97
CA GLY B 440 66.07 51.06 9.38
C GLY B 440 67.18 50.24 10.02
N ASN B 441 66.95 49.78 11.25
CA ASN B 441 67.95 49.00 11.96
C ASN B 441 68.13 47.62 11.34
N SER B 442 67.09 47.09 10.69
CA SER B 442 67.11 45.69 10.26
C SER B 442 68.15 45.44 9.18
N GLY B 443 68.36 46.40 8.27
CA GLY B 443 69.38 46.19 7.25
C GLY B 443 70.77 46.06 7.83
N ARG B 444 71.10 46.94 8.78
CA ARG B 444 72.38 46.84 9.48
C ARG B 444 72.49 45.51 10.21
N SER B 445 71.43 45.11 10.91
CA SER B 445 71.48 43.87 11.69
C SER B 445 71.67 42.65 10.79
N LEU B 446 70.97 42.60 9.66
CA LEU B 446 71.07 41.45 8.76
C LEU B 446 72.43 41.38 8.08
N THR B 447 72.93 42.52 7.60
CA THR B 447 74.28 42.51 7.02
C THR B 447 75.31 42.14 8.06
N ASP B 448 75.14 42.60 9.31
CA ASP B 448 76.07 42.22 10.37
C ASP B 448 76.07 40.72 10.58
N GLU B 449 74.89 40.10 10.62
CA GLU B 449 74.84 38.65 10.84
C GLU B 449 75.55 37.91 9.73
N VAL B 450 75.31 38.29 8.46
CA VAL B 450 75.97 37.58 7.37
C VAL B 450 77.48 37.77 7.42
N ILE B 451 77.93 39.01 7.67
CA ILE B 451 79.36 39.29 7.71
C ILE B 451 80.02 38.50 8.84
N ARG B 452 79.38 38.44 10.00
CA ARG B 452 79.95 37.69 11.12
C ARG B 452 80.04 36.21 10.81
N GLU B 453 79.02 35.64 10.16
CA GLU B 453 79.11 34.23 9.77
C GLU B 453 80.27 33.99 8.82
N SER B 454 80.43 34.86 7.82
CA SER B 454 81.52 34.67 6.87
C SER B 454 82.88 34.82 7.55
N ILE B 455 83.00 35.75 8.51
CA ILE B 455 84.26 35.92 9.23
C ILE B 455 84.56 34.70 10.09
N ASP B 456 83.55 34.15 10.75
CA ASP B 456 83.77 32.94 11.54
C ASP B 456 84.27 31.80 10.66
N PHE B 457 83.67 31.64 9.48
CA PHE B 457 84.14 30.60 8.57
C PHE B 457 85.58 30.86 8.13
N ARG B 458 85.90 32.10 7.76
CA ARG B 458 87.25 32.41 7.29
C ARG B 458 88.29 32.15 8.37
N GLN B 459 88.01 32.60 9.59
CA GLN B 459 88.98 32.42 10.68
C GLN B 459 89.14 30.94 11.04
N SER B 460 88.05 30.19 11.07
CA SER B 460 88.16 28.76 11.36
C SER B 460 88.98 28.05 10.30
N LEU B 461 88.74 28.39 9.02
CA LEU B 461 89.51 27.75 7.96
C LEU B 461 90.98 28.13 8.01
N ALA B 462 91.29 29.39 8.31
CA ALA B 462 92.68 29.80 8.44
C ALA B 462 93.35 29.07 9.60
N TYR B 463 92.64 28.91 10.72
CA TYR B 463 93.19 28.19 11.86
C TYR B 463 93.48 26.75 11.51
N LEU B 464 92.54 26.08 10.83
CA LEU B 464 92.76 24.69 10.43
C LEU B 464 93.93 24.59 9.45
N TYR B 465 94.04 25.55 8.54
CA TYR B 465 95.16 25.56 7.61
C TYR B 465 96.48 25.66 8.34
N LYS B 466 96.56 26.55 9.33
CA LYS B 466 97.79 26.67 10.11
C LYS B 466 98.10 25.39 10.88
N GLU B 467 97.06 24.76 11.44
CA GLU B 467 97.26 23.51 12.18
C GLU B 467 97.83 22.42 11.27
N PHE B 468 97.22 22.24 10.10
CA PHE B 468 97.69 21.23 9.17
C PHE B 468 99.10 21.55 8.66
N LEU B 469 99.38 22.83 8.42
CA LEU B 469 100.72 23.23 8.01
C LEU B 469 101.75 22.92 9.10
N ASN B 470 101.39 23.16 10.36
CA ASN B 470 102.28 22.82 11.46
C ASN B 470 102.54 21.32 11.51
N ASP B 471 101.54 20.50 11.18
CA ASP B 471 101.75 19.07 11.05
C ASP B 471 102.29 18.66 9.68
N ASP B 472 102.89 19.60 8.95
CA ASP B 472 103.36 19.44 7.57
C ASP B 472 102.38 18.65 6.71
N GLU B 473 101.13 19.10 6.70
CA GLU B 473 100.10 18.58 5.81
C GLU B 473 99.48 19.74 5.03
N TRP B 474 98.77 19.39 3.96
CA TRP B 474 98.09 20.38 3.13
C TRP B 474 96.65 20.57 3.61
N PHE B 475 96.13 21.77 3.37
CA PHE B 475 94.71 22.04 3.56
C PHE B 475 94.33 23.25 2.73
N PHE B 476 93.03 23.52 2.68
CA PHE B 476 92.52 24.70 2.02
C PHE B 476 92.70 25.93 2.90
N LYS B 477 92.88 27.07 2.26
CA LYS B 477 93.02 28.33 2.98
C LYS B 477 92.07 29.36 2.42
N PRO B 478 91.51 30.22 3.26
CA PRO B 478 90.67 31.30 2.75
C PRO B 478 91.50 32.35 2.02
N TRP B 479 90.86 33.00 1.05
CA TRP B 479 91.53 34.03 0.27
C TRP B 479 91.23 35.38 0.90
N ASN B 480 92.07 35.78 1.85
CA ASN B 480 91.98 37.09 2.48
C ASN B 480 93.37 37.46 2.99
N GLN B 481 93.45 38.56 3.73
CA GLN B 481 94.70 38.99 4.33
C GLN B 481 95.25 37.93 5.28
N GLU B 482 96.56 37.70 5.21
CA GLU B 482 97.21 36.83 6.19
C GLU B 482 97.34 37.53 7.54
N MET B 483 97.77 38.78 7.54
CA MET B 483 97.96 39.57 8.75
C MET B 483 97.13 40.83 8.65
N VAL B 484 96.47 41.18 9.75
CA VAL B 484 95.69 42.42 9.81
C VAL B 484 96.26 43.31 10.88
N LYS B 485 96.18 44.60 10.65
CA LYS B 485 96.70 45.60 11.57
C LYS B 485 95.54 46.37 12.18
N ASP B 486 95.58 46.56 13.50
CA ASP B 486 94.61 47.40 14.16
C ASP B 486 95.00 48.86 13.97
N PRO B 487 94.20 49.66 13.27
CA PRO B 487 94.61 51.05 13.01
C PRO B 487 94.65 51.92 14.24
N ALA B 488 93.93 51.55 15.31
CA ALA B 488 93.93 52.37 16.52
C ALA B 488 95.20 52.18 17.32
N THR B 489 95.45 50.95 17.79
CA THR B 489 96.59 50.67 18.64
C THR B 489 97.84 50.29 17.87
N GLY B 490 97.75 50.09 16.56
CA GLY B 490 98.89 49.69 15.78
C GLY B 490 99.29 48.25 15.90
N LYS B 491 98.54 47.45 16.66
CA LYS B 491 98.89 46.05 16.89
C LYS B 491 98.55 45.21 15.67
N ARG B 492 99.43 44.25 15.37
CA ARG B 492 99.24 43.33 14.27
C ARG B 492 98.73 41.99 14.79
N TYR B 493 97.84 41.37 14.02
CA TYR B 493 97.34 40.04 14.33
C TYR B 493 97.43 39.17 13.09
N ALA B 494 97.62 37.87 13.31
CA ALA B 494 97.27 36.92 12.27
C ALA B 494 95.76 36.94 12.09
N PHE B 495 95.32 36.68 10.86
CA PHE B 495 93.89 36.83 10.55
C PHE B 495 93.04 35.95 11.44
N GLU B 496 93.45 34.70 11.66
CA GLU B 496 92.67 33.80 12.48
C GLU B 496 92.70 34.18 13.96
N ASP B 497 93.64 35.04 14.37
CA ASP B 497 93.73 35.49 15.75
C ASP B 497 93.14 36.89 15.96
N ALA B 498 92.76 37.58 14.90
CA ALA B 498 92.23 38.92 15.04
C ALA B 498 90.88 38.89 15.75
N PRO B 499 90.61 39.89 16.59
CA PRO B 499 89.28 39.97 17.22
C PRO B 499 88.21 40.18 16.16
N VAL B 500 87.07 39.52 16.37
CA VAL B 500 85.99 39.57 15.38
C VAL B 500 85.45 40.98 15.25
N GLU B 501 85.41 41.73 16.35
CA GLU B 501 84.95 43.11 16.31
C GLU B 501 85.83 43.96 15.40
N LEU B 502 87.14 43.75 15.46
CA LEU B 502 88.05 44.50 14.59
C LEU B 502 87.79 44.20 13.12
N LEU B 503 87.63 42.93 12.77
CA LEU B 503 87.36 42.56 11.38
C LEU B 503 86.01 43.06 10.91
N MET B 504 85.02 43.10 11.80
CA MET B 504 83.69 43.57 11.47
C MET B 504 83.62 45.09 11.37
N ARG B 505 84.51 45.82 12.03
CA ARG B 505 84.44 47.26 12.12
C ARG B 505 85.40 47.99 11.18
N GLU B 506 86.60 47.45 10.98
CA GLU B 506 87.67 48.17 10.29
C GLU B 506 87.71 47.78 8.82
N GLN B 507 87.51 48.78 7.94
CA GLN B 507 87.55 48.53 6.51
C GLN B 507 88.94 48.17 6.02
N SER B 508 89.99 48.73 6.64
CA SER B 508 91.35 48.48 6.19
C SER B 508 91.77 47.03 6.37
N CYS B 509 91.06 46.26 7.19
CA CYS B 509 91.33 44.83 7.30
C CYS B 509 90.94 44.06 6.05
N TRP B 510 90.24 44.70 5.11
CA TRP B 510 89.81 44.07 3.89
C TRP B 510 90.28 44.76 2.64
N VAL B 511 90.93 45.93 2.76
CA VAL B 511 91.45 46.64 1.61
C VAL B 511 92.63 45.88 1.03
N MET B 512 92.74 45.89 -0.29
CA MET B 512 93.86 45.26 -0.98
C MET B 512 95.07 46.19 -0.93
N HIS B 513 96.07 45.83 -0.14
CA HIS B 513 97.22 46.73 -0.15
C HIS B 513 98.28 46.23 -1.13
N PRO B 514 98.96 47.14 -1.82
CA PRO B 514 99.96 46.69 -2.81
C PRO B 514 101.11 45.92 -2.21
N GLU B 515 101.41 46.12 -0.92
CA GLU B 515 102.51 45.41 -0.28
C GLU B 515 102.15 44.00 0.15
N ASP B 516 100.88 43.63 0.16
CA ASP B 516 100.45 42.29 0.55
C ASP B 516 100.48 41.35 -0.65
N LYS B 517 100.79 40.09 -0.38
CA LYS B 517 100.89 39.08 -1.41
C LYS B 517 99.64 38.24 -1.57
N TRP B 518 98.68 38.33 -0.64
CA TRP B 518 97.54 37.42 -0.68
C TRP B 518 96.67 37.63 -1.91
N HIS B 519 96.39 38.88 -2.27
CA HIS B 519 95.43 39.13 -3.34
C HIS B 519 96.03 38.88 -4.72
N GLY B 520 97.33 39.12 -4.89
CA GLY B 520 97.99 38.80 -6.14
C GLY B 520 97.73 39.75 -7.28
N PHE B 521 97.12 40.91 -7.03
CA PHE B 521 96.92 41.92 -8.06
C PHE B 521 98.10 42.87 -8.01
N ASN B 522 99.12 42.57 -8.81
CA ASN B 522 100.34 43.36 -8.79
C ASN B 522 100.09 44.75 -9.35
N ASP B 523 100.72 45.74 -8.71
CA ASP B 523 100.65 47.14 -9.12
C ASP B 523 99.27 47.75 -8.92
N ILE B 524 98.48 47.16 -8.03
CA ILE B 524 97.20 47.81 -7.67
C ILE B 524 97.50 48.99 -6.76
N PRO B 525 96.86 50.15 -6.98
CA PRO B 525 97.04 51.26 -6.04
C PRO B 525 96.39 50.95 -4.71
N ASP B 526 96.89 51.61 -3.67
CA ASP B 526 96.34 51.42 -2.34
C ASP B 526 95.01 52.16 -2.21
N ASN B 527 94.12 51.60 -1.39
CA ASN B 527 92.79 52.15 -1.14
C ASN B 527 92.00 52.28 -2.43
N TRP B 528 92.17 51.32 -3.33
CA TRP B 528 91.44 51.25 -4.57
C TRP B 528 90.37 50.18 -4.56
N ALA B 529 90.73 48.95 -4.18
CA ALA B 529 89.81 47.84 -4.12
C ALA B 529 89.73 47.30 -2.70
N MET B 530 88.75 46.43 -2.48
CA MET B 530 88.44 45.90 -1.17
C MET B 530 87.76 44.55 -1.37
N LEU B 531 87.98 43.63 -0.44
CA LEU B 531 87.37 42.31 -0.52
C LEU B 531 86.04 42.30 0.24
N ASP B 532 85.00 41.81 -0.42
CA ASP B 532 83.72 41.61 0.24
C ASP B 532 83.80 40.38 1.13
N PRO B 533 83.61 40.50 2.44
CA PRO B 533 83.77 39.34 3.32
C PRO B 533 82.82 38.19 3.02
N ILE B 534 81.61 38.46 2.53
CA ILE B 534 80.61 37.41 2.41
C ILE B 534 80.74 36.60 1.12
N LYS B 535 81.67 36.96 0.23
CA LYS B 535 81.98 36.15 -0.94
C LYS B 535 83.29 35.43 -0.64
N VAL B 536 83.18 34.24 -0.06
CA VAL B 536 84.34 33.55 0.50
C VAL B 536 84.93 32.62 -0.54
N SER B 537 86.16 32.91 -0.95
CA SER B 537 86.93 32.05 -1.83
C SER B 537 87.88 31.21 -0.99
N ILE B 538 87.95 29.92 -1.27
CA ILE B 538 88.93 29.05 -0.66
C ILE B 538 89.88 28.57 -1.75
N LEU B 539 91.15 28.40 -1.38
CA LEU B 539 92.20 28.06 -2.31
C LEU B 539 92.68 26.65 -2.04
N ALA B 540 92.65 25.82 -3.06
CA ALA B 540 93.29 24.51 -2.97
C ALA B 540 94.79 24.66 -3.19
N PRO B 541 95.59 23.81 -2.56
CA PRO B 541 97.05 23.93 -2.71
C PRO B 541 97.50 23.55 -4.12
N GLY B 542 98.61 24.15 -4.54
CA GLY B 542 99.18 23.83 -5.83
C GLY B 542 99.76 25.01 -6.58
N MET B 543 99.35 26.22 -6.23
CA MET B 543 99.79 27.43 -6.91
C MET B 543 100.79 28.16 -6.03
N GLY B 544 101.97 28.42 -6.58
CA GLY B 544 102.97 29.17 -5.86
C GLY B 544 102.69 30.65 -5.85
N ASP B 545 103.29 31.34 -4.88
CA ASP B 545 103.10 32.78 -4.76
C ASP B 545 103.71 33.55 -5.93
N ASP B 546 104.69 32.96 -6.61
CA ASP B 546 105.31 33.60 -7.75
C ASP B 546 104.46 33.54 -9.00
N GLY B 547 103.47 32.65 -9.07
CA GLY B 547 102.63 32.49 -10.23
C GLY B 547 102.79 31.16 -10.93
N LYS B 548 103.72 30.31 -10.49
CA LYS B 548 103.95 29.01 -11.09
C LYS B 548 103.51 27.92 -10.13
N LEU B 549 103.17 26.77 -10.70
CA LEU B 549 102.67 25.66 -9.92
C LEU B 549 103.76 25.07 -9.03
N LEU B 550 103.34 24.47 -7.93
CA LEU B 550 104.25 23.77 -7.03
C LEU B 550 104.45 22.34 -7.52
N ASP B 551 105.22 21.57 -6.75
CA ASP B 551 105.51 20.20 -7.15
C ASP B 551 104.28 19.30 -6.99
N THR B 552 103.40 19.64 -6.06
CA THR B 552 102.20 18.87 -5.81
C THR B 552 101.05 19.82 -5.50
N GLY B 553 99.83 19.31 -5.63
CA GLY B 553 98.66 20.12 -5.34
C GLY B 553 97.40 19.31 -5.54
N VAL B 554 96.28 19.94 -5.21
CA VAL B 554 94.96 19.36 -5.35
C VAL B 554 94.14 20.26 -6.27
N PRO B 555 93.81 19.83 -7.48
CA PRO B 555 93.00 20.69 -8.36
C PRO B 555 91.60 20.90 -7.83
N ALA B 556 91.06 22.09 -8.09
CA ALA B 556 89.75 22.44 -7.55
C ALA B 556 88.60 21.72 -8.24
N ALA B 557 88.81 21.17 -9.44
CA ALA B 557 87.74 20.46 -10.12
C ALA B 557 87.31 19.23 -9.33
N LEU B 558 88.28 18.51 -8.75
CA LEU B 558 87.96 17.33 -7.96
C LEU B 558 87.23 17.70 -6.67
N VAL B 559 87.67 18.77 -6.02
CA VAL B 559 86.97 19.25 -4.81
C VAL B 559 85.56 19.69 -5.16
N THR B 560 85.39 20.31 -6.34
CA THR B 560 84.06 20.71 -6.78
C THR B 560 83.17 19.50 -7.01
N ALA B 561 83.73 18.44 -7.60
CA ALA B 561 82.96 17.21 -7.77
C ALA B 561 82.53 16.65 -6.41
N TRP B 562 83.44 16.65 -5.44
CA TRP B 562 83.11 16.21 -4.09
C TRP B 562 81.96 17.03 -3.50
N LEU B 563 82.08 18.36 -3.58
CA LEU B 563 81.05 19.23 -3.02
C LEU B 563 79.71 19.03 -3.71
N ASN B 564 79.71 18.91 -5.04
CA ASN B 564 78.49 18.61 -5.76
C ASN B 564 77.89 17.29 -5.29
N HIS B 565 78.73 16.28 -5.09
CA HIS B 565 78.23 15.01 -4.56
C HIS B 565 77.56 15.20 -3.22
N TYR B 566 78.03 16.14 -2.40
CA TYR B 566 77.39 16.41 -1.13
C TYR B 566 76.36 17.54 -1.21
N GLY B 567 76.03 18.01 -2.40
CA GLY B 567 74.97 18.97 -2.59
C GLY B 567 75.42 20.42 -2.62
N ILE B 568 76.62 20.71 -2.16
CA ILE B 568 77.14 22.07 -2.18
C ILE B 568 77.55 22.41 -3.61
N VAL B 569 77.02 23.50 -4.15
CA VAL B 569 77.34 23.92 -5.49
C VAL B 569 78.00 25.29 -5.42
N PRO B 570 79.29 25.41 -5.69
CA PRO B 570 79.96 26.71 -5.64
C PRO B 570 79.50 27.64 -6.75
N THR B 571 79.64 28.94 -6.49
CA THR B 571 79.26 29.96 -7.45
C THR B 571 80.30 30.13 -8.55
N ARG B 572 81.58 30.18 -8.17
CA ARG B 572 82.67 30.32 -9.12
C ARG B 572 83.74 29.28 -8.83
N THR B 573 84.54 28.97 -9.85
CA THR B 573 85.58 27.97 -9.72
C THR B 573 86.65 28.21 -10.78
N THR B 574 87.91 28.19 -10.37
CA THR B 574 89.06 28.17 -11.25
C THR B 574 89.88 26.92 -10.96
N ASP B 575 91.09 26.86 -11.52
CA ASP B 575 91.95 25.70 -11.30
C ASP B 575 92.21 25.44 -9.82
N PHE B 576 92.57 26.48 -9.07
CA PHE B 576 92.66 26.39 -7.61
C PHE B 576 91.93 27.59 -7.01
N GLN B 577 90.60 27.51 -6.96
CA GLN B 577 89.78 28.49 -6.29
C GLN B 577 88.33 28.02 -6.28
N ILE B 578 87.69 28.07 -5.13
CA ILE B 578 86.28 27.73 -5.01
C ILE B 578 85.60 28.82 -4.20
N MET B 579 84.53 29.38 -4.74
CA MET B 579 83.83 30.51 -4.15
C MET B 579 82.52 30.04 -3.53
N PHE B 580 82.29 30.43 -2.29
CA PHE B 580 81.05 30.14 -1.57
C PHE B 580 80.34 31.43 -1.24
N LEU B 581 79.01 31.43 -1.39
CA LEU B 581 78.19 32.60 -1.11
C LEU B 581 77.60 32.49 0.29
N PHE B 582 77.80 33.54 1.08
CA PHE B 582 77.09 33.70 2.33
C PHE B 582 76.01 34.76 2.11
N SER B 583 74.75 34.38 2.29
CA SER B 583 73.64 35.27 2.02
C SER B 583 72.84 35.49 3.30
N MET B 584 71.88 36.40 3.23
CA MET B 584 71.01 36.68 4.37
C MET B 584 70.05 35.54 4.65
N GLY B 585 69.95 34.54 3.77
CA GLY B 585 69.20 33.34 4.03
C GLY B 585 69.96 32.24 4.73
N ILE B 586 71.23 32.44 5.03
CA ILE B 586 72.00 31.44 5.77
C ILE B 586 71.60 31.47 7.23
N THR B 587 71.76 30.33 7.91
CA THR B 587 71.53 30.24 9.33
C THR B 587 72.87 30.13 10.06
N LYS B 588 72.85 30.49 11.33
CA LYS B 588 74.09 30.59 12.10
C LYS B 588 74.72 29.22 12.33
N GLY B 589 76.04 29.16 12.17
CA GLY B 589 76.77 27.92 12.33
C GLY B 589 76.69 26.95 11.17
N LYS B 590 76.10 27.36 10.05
CA LYS B 590 75.93 26.47 8.91
C LYS B 590 77.27 26.13 8.25
N TRP B 591 78.27 27.01 8.37
CA TRP B 591 79.57 26.76 7.75
C TRP B 591 80.31 25.58 8.37
N GLY B 592 79.85 25.09 9.51
CA GLY B 592 80.43 23.86 10.05
C GLY B 592 80.28 22.68 9.11
N THR B 593 79.16 22.62 8.38
CA THR B 593 78.99 21.59 7.36
C THR B 593 80.06 21.71 6.29
N LEU B 594 80.35 22.93 5.84
CA LEU B 594 81.37 23.13 4.83
C LEU B 594 82.74 22.67 5.33
N VAL B 595 83.08 23.03 6.57
CA VAL B 595 84.35 22.62 7.14
C VAL B 595 84.42 21.10 7.25
N ASN B 596 83.34 20.48 7.71
CA ASN B 596 83.29 19.03 7.84
C ASN B 596 83.47 18.34 6.49
N THR B 597 82.81 18.87 5.46
CA THR B 597 82.94 18.30 4.12
C THR B 597 84.37 18.41 3.60
N LEU B 598 85.01 19.56 3.82
CA LEU B 598 86.39 19.71 3.37
C LEU B 598 87.33 18.76 4.12
N LEU B 599 87.11 18.60 5.42
CA LEU B 599 87.94 17.66 6.20
C LEU B 599 87.74 16.22 5.73
N SER B 600 86.51 15.82 5.46
CA SER B 600 86.27 14.47 4.98
C SER B 600 86.87 14.26 3.59
N PHE B 601 86.84 15.28 2.74
CA PHE B 601 87.53 15.18 1.47
C PHE B 601 89.02 14.98 1.68
N LYS B 602 89.62 15.72 2.61
CA LYS B 602 91.04 15.55 2.86
C LYS B 602 91.35 14.15 3.37
N ARG B 603 90.50 13.61 4.22
CA ARG B 603 90.70 12.26 4.72
C ARG B 603 90.68 11.24 3.57
N HIS B 604 89.65 11.32 2.74
CA HIS B 604 89.54 10.36 1.63
C HIS B 604 90.64 10.56 0.60
N TYR B 605 91.14 11.79 0.47
CA TYR B 605 92.23 12.06 -0.46
C TYR B 605 93.55 11.49 0.04
N ASP B 606 93.81 11.64 1.34
CA ASP B 606 95.00 11.05 1.93
C ASP B 606 94.94 9.54 1.92
N ASN B 607 93.74 8.97 2.06
CA ASN B 607 93.61 7.52 2.04
C ASN B 607 93.51 6.94 0.63
N ASN B 608 93.45 7.78 -0.40
CA ASN B 608 93.31 7.33 -1.78
C ASN B 608 92.12 6.39 -1.95
N THR B 609 90.98 6.80 -1.41
CA THR B 609 89.77 6.00 -1.52
C THR B 609 89.34 5.87 -2.97
N ALA B 610 88.92 4.66 -3.35
CA ALA B 610 88.53 4.40 -4.72
C ALA B 610 87.33 5.25 -5.11
N LEU B 611 87.37 5.80 -6.33
CA LEU B 611 86.31 6.68 -6.79
C LEU B 611 84.95 5.99 -6.83
N LYS B 612 84.91 4.68 -6.98
CA LYS B 612 83.62 3.98 -6.98
C LYS B 612 82.91 4.13 -5.64
N LYS B 613 83.66 4.09 -4.54
CA LYS B 613 83.03 4.20 -3.23
C LYS B 613 82.56 5.61 -2.94
N VAL B 614 83.37 6.62 -3.27
CA VAL B 614 83.11 7.99 -2.85
C VAL B 614 82.38 8.78 -3.92
N LEU B 615 82.77 8.64 -5.19
CA LEU B 615 82.23 9.45 -6.29
C LEU B 615 81.76 8.56 -7.41
N PRO B 616 80.67 7.81 -7.21
CA PRO B 616 80.18 6.94 -8.29
C PRO B 616 79.77 7.70 -9.54
N GLU B 617 79.27 8.92 -9.42
CA GLU B 617 78.87 9.69 -10.59
C GLU B 617 80.05 10.04 -11.46
N VAL B 618 81.22 10.28 -10.87
CA VAL B 618 82.43 10.52 -11.65
C VAL B 618 82.80 9.26 -12.43
N VAL B 619 82.71 8.09 -11.77
CA VAL B 619 83.03 6.83 -12.44
C VAL B 619 82.08 6.59 -13.60
N ALA B 620 80.80 6.93 -13.41
CA ALA B 620 79.79 6.68 -14.43
C ALA B 620 80.04 7.43 -15.73
N SER B 621 80.90 8.44 -15.73
CA SER B 621 81.24 9.12 -16.98
C SER B 621 82.12 8.25 -17.85
N ALA B 622 83.29 7.87 -17.36
CA ALA B 622 84.25 7.04 -18.09
C ALA B 622 84.66 5.87 -17.22
N PRO B 623 83.81 4.83 -17.12
CA PRO B 623 84.13 3.71 -16.22
C PRO B 623 85.40 2.98 -16.58
N GLU B 624 85.84 3.04 -17.84
CA GLU B 624 87.09 2.41 -18.22
C GLU B 624 88.31 3.19 -17.73
N ILE B 625 88.18 4.49 -17.51
CA ILE B 625 89.29 5.32 -17.05
C ILE B 625 89.30 5.44 -15.53
N TYR B 626 88.18 5.86 -14.95
CA TYR B 626 88.10 6.12 -13.52
C TYR B 626 87.87 4.87 -12.69
N GLY B 627 87.47 3.77 -13.31
CA GLY B 627 87.40 2.51 -12.58
C GLY B 627 88.78 2.08 -12.12
N GLU B 628 88.81 1.43 -10.95
CA GLU B 628 90.05 0.97 -10.33
C GLU B 628 91.03 2.11 -10.07
N MET B 629 90.52 3.31 -9.84
CA MET B 629 91.35 4.49 -9.61
C MET B 629 90.92 5.15 -8.30
N GLY B 630 91.90 5.68 -7.56
CA GLY B 630 91.61 6.33 -6.30
C GLY B 630 91.47 7.84 -6.44
N LEU B 631 91.03 8.46 -5.34
CA LEU B 631 90.85 9.91 -5.31
C LEU B 631 92.17 10.63 -5.56
N ARG B 632 93.22 10.23 -4.85
CA ARG B 632 94.51 10.87 -5.01
C ARG B 632 95.13 10.56 -6.36
N ASP B 633 94.87 9.37 -6.91
CA ASP B 633 95.36 9.06 -8.24
C ASP B 633 94.80 10.05 -9.26
N LEU B 634 93.49 10.28 -9.23
CA LEU B 634 92.88 11.24 -10.13
C LEU B 634 93.40 12.65 -9.87
N GLY B 635 93.55 13.02 -8.59
CA GLY B 635 94.04 14.34 -8.27
C GLY B 635 95.44 14.59 -8.82
N ASP B 636 96.34 13.62 -8.61
CA ASP B 636 97.70 13.75 -9.14
C ASP B 636 97.73 13.70 -10.66
N LYS B 637 96.84 12.93 -11.29
CA LYS B 637 96.76 12.95 -12.75
C LYS B 637 96.37 14.35 -13.24
N MET B 638 95.35 14.94 -12.63
CA MET B 638 94.93 16.29 -13.00
C MET B 638 96.04 17.30 -12.77
N PHE B 639 96.74 17.18 -11.64
CA PHE B 639 97.79 18.15 -11.34
C PHE B 639 98.97 18.00 -12.30
N ALA B 640 99.31 16.76 -12.67
CA ALA B 640 100.36 16.55 -13.66
C ALA B 640 99.96 17.15 -15.00
N TYR B 641 98.69 16.98 -15.39
CA TYR B 641 98.21 17.60 -16.61
C TYR B 641 98.32 19.12 -16.55
N LEU B 642 97.93 19.71 -15.42
CA LEU B 642 98.02 21.16 -15.28
C LEU B 642 99.46 21.63 -15.33
N GLN B 643 100.37 20.90 -14.68
CA GLN B 643 101.78 21.25 -14.70
C GLN B 643 102.34 21.20 -16.11
N LYS B 644 101.97 20.16 -16.87
CA LYS B 644 102.49 20.04 -18.24
C LYS B 644 101.95 21.14 -19.13
N ASN B 645 100.63 21.39 -19.08
CA ASN B 645 100.01 22.27 -20.05
C ASN B 645 100.00 23.73 -19.61
N ASN B 646 99.95 24.00 -18.30
CA ASN B 646 99.93 25.35 -17.75
C ASN B 646 98.83 26.21 -18.38
N PRO B 647 97.56 25.87 -18.18
CA PRO B 647 96.47 26.67 -18.78
C PRO B 647 96.35 28.06 -18.18
N GLY B 648 96.94 28.33 -17.01
CA GLY B 648 96.86 29.67 -16.46
C GLY B 648 97.59 30.69 -17.31
N ALA B 649 98.75 30.30 -17.86
CA ALA B 649 99.44 31.17 -18.81
C ALA B 649 98.61 31.40 -20.06
N ARG B 650 97.89 30.35 -20.52
CA ARG B 650 97.01 30.51 -21.67
C ARG B 650 95.91 31.54 -21.37
N LEU B 651 95.31 31.44 -20.19
CA LEU B 651 94.29 32.42 -19.80
C LEU B 651 94.87 33.82 -19.74
N ASN B 652 96.06 33.97 -19.17
CA ASN B 652 96.67 35.29 -19.08
C ASN B 652 96.95 35.86 -20.46
N GLN B 653 97.44 35.03 -21.39
CA GLN B 653 97.68 35.50 -22.74
C GLN B 653 96.39 35.88 -23.44
N ALA B 654 95.34 35.07 -23.27
CA ALA B 654 94.08 35.35 -23.95
C ALA B 654 93.42 36.60 -23.42
N TYR B 655 93.56 36.91 -22.13
CA TYR B 655 92.83 38.04 -21.57
C TYR B 655 93.67 39.30 -21.42
N SER B 656 95.00 39.22 -21.53
CA SER B 656 95.81 40.42 -21.51
C SER B 656 95.75 41.17 -22.83
N GLN B 657 95.58 40.44 -23.94
CA GLN B 657 95.49 41.05 -25.27
C GLN B 657 94.04 41.03 -25.73
N LEU B 658 93.55 42.17 -26.18
CA LEU B 658 92.19 42.23 -26.68
C LEU B 658 92.14 41.75 -28.13
N PRO B 659 91.06 41.06 -28.52
CA PRO B 659 90.91 40.66 -29.91
C PRO B 659 90.71 41.87 -30.82
N GLN B 660 91.05 41.68 -32.09
CA GLN B 660 90.84 42.72 -33.08
C GLN B 660 89.35 42.89 -33.34
N VAL B 661 88.89 44.14 -33.36
CA VAL B 661 87.48 44.46 -33.56
C VAL B 661 87.25 44.71 -35.04
N MET B 662 86.27 44.00 -35.60
CA MET B 662 85.92 44.16 -37.01
C MET B 662 84.62 44.93 -37.22
N MET B 663 83.63 44.75 -36.35
CA MET B 663 82.38 45.48 -36.44
C MET B 663 81.76 45.57 -35.06
N THR B 664 80.74 46.41 -34.95
CA THR B 664 80.01 46.54 -33.71
C THR B 664 79.24 45.25 -33.40
N PRO B 665 78.91 45.01 -32.14
CA PRO B 665 78.09 43.84 -31.82
C PRO B 665 76.76 43.82 -32.54
N ARG B 666 76.14 44.98 -32.79
CA ARG B 666 74.89 45.01 -33.52
C ARG B 666 75.07 44.52 -34.95
N ASP B 667 76.16 44.92 -35.61
CA ASP B 667 76.43 44.45 -36.97
C ASP B 667 76.62 42.94 -36.99
N ALA B 668 77.37 42.41 -36.02
CA ALA B 668 77.57 40.97 -35.94
C ALA B 668 76.26 40.23 -35.75
N TYR B 669 75.38 40.75 -34.88
CA TYR B 669 74.10 40.09 -34.67
C TYR B 669 73.21 40.18 -35.92
N GLN B 670 73.25 41.31 -36.61
CA GLN B 670 72.48 41.44 -37.84
C GLN B 670 72.99 40.53 -38.93
N GLN B 671 74.26 40.12 -38.87
CA GLN B 671 74.71 39.02 -39.71
C GLN B 671 73.97 37.73 -39.39
N ILE B 672 73.72 37.47 -38.10
CA ILE B 672 72.92 36.30 -37.72
C ILE B 672 71.51 36.42 -38.29
N VAL B 673 70.92 37.61 -38.18
CA VAL B 673 69.55 37.78 -38.68
C VAL B 673 69.50 37.57 -40.19
N ALA B 674 70.53 38.02 -40.90
CA ALA B 674 70.59 37.86 -42.35
C ALA B 674 71.01 36.46 -42.77
N ASN B 675 71.17 35.54 -41.83
CA ASN B 675 71.56 34.15 -42.10
C ASN B 675 72.94 34.06 -42.74
N ARG B 676 73.78 35.07 -42.52
CA ARG B 676 75.17 35.05 -43.00
C ARG B 676 76.12 34.55 -41.92
N VAL B 677 75.83 33.40 -41.32
CA VAL B 677 76.67 32.82 -40.28
C VAL B 677 76.75 31.32 -40.48
N GLU B 678 77.77 30.71 -39.86
CA GLU B 678 78.00 29.28 -39.96
C GLU B 678 78.72 28.79 -38.71
N ALA B 679 78.58 27.50 -38.44
CA ALA B 679 79.27 26.86 -37.33
C ALA B 679 80.66 26.45 -37.79
N VAL B 680 81.68 26.92 -37.08
CA VAL B 680 83.08 26.72 -37.47
C VAL B 680 83.78 25.99 -36.33
N PRO B 681 84.51 24.92 -36.60
CA PRO B 681 85.28 24.25 -35.53
C PRO B 681 86.43 25.11 -35.06
N VAL B 682 86.94 24.79 -33.87
CA VAL B 682 87.98 25.60 -33.25
C VAL B 682 89.25 25.62 -34.11
N ASP B 683 89.61 24.49 -34.70
CA ASP B 683 90.83 24.43 -35.49
C ASP B 683 90.74 25.23 -36.77
N GLN B 684 89.55 25.70 -37.16
CA GLN B 684 89.38 26.51 -38.36
C GLN B 684 88.98 27.94 -38.05
N LEU B 685 89.22 28.40 -36.83
CA LEU B 685 88.75 29.71 -36.40
C LEU B 685 89.66 30.86 -36.85
N MET B 686 90.80 30.57 -37.45
CA MET B 686 91.76 31.63 -37.78
C MET B 686 91.17 32.60 -38.78
N GLY B 687 91.16 33.88 -38.43
CA GLY B 687 90.65 34.92 -39.30
C GLY B 687 89.15 35.13 -39.24
N ARG B 688 88.43 34.30 -38.49
CA ARG B 688 86.98 34.36 -38.49
C ARG B 688 86.47 35.37 -37.47
N VAL B 689 85.31 35.94 -37.75
CA VAL B 689 84.66 36.90 -36.87
C VAL B 689 83.55 36.18 -36.11
N ALA B 690 83.60 36.23 -34.79
CA ALA B 690 82.59 35.57 -33.98
C ALA B 690 81.24 36.27 -34.12
N ALA B 691 80.18 35.48 -34.30
CA ALA B 691 78.85 36.04 -34.42
C ALA B 691 78.23 36.35 -33.07
N ASN B 692 78.65 35.64 -32.02
CA ASN B 692 78.19 35.90 -30.66
C ASN B 692 79.39 35.91 -29.72
N SER B 693 79.14 36.16 -28.45
CA SER B 693 80.20 36.26 -27.46
C SER B 693 80.67 34.89 -27.01
N ILE B 694 81.95 34.78 -26.71
CA ILE B 694 82.57 33.57 -26.20
C ILE B 694 82.97 33.85 -24.76
N ILE B 695 82.35 33.14 -23.82
CA ILE B 695 82.61 33.30 -22.41
C ILE B 695 83.07 31.97 -21.83
N PRO B 696 84.39 31.76 -21.71
CA PRO B 696 84.88 30.54 -21.07
C PRO B 696 84.80 30.63 -19.55
N TYR B 697 84.59 29.47 -18.93
CA TYR B 697 84.62 29.34 -17.48
C TYR B 697 85.71 28.36 -17.09
N PRO B 698 86.82 28.80 -16.49
CA PRO B 698 87.18 30.16 -16.09
C PRO B 698 87.62 31.01 -17.29
N PRO B 699 87.72 32.34 -17.12
CA PRO B 699 87.46 33.14 -15.92
C PRO B 699 86.03 33.65 -15.78
N GLY B 700 85.13 33.22 -16.66
CA GLY B 700 83.74 33.60 -16.54
C GLY B 700 83.38 34.96 -17.08
N ILE B 701 84.31 35.64 -17.74
CA ILE B 701 84.02 36.93 -18.38
C ILE B 701 84.34 36.77 -19.86
N PRO B 702 83.72 37.54 -20.76
CA PRO B 702 83.85 37.25 -22.19
C PRO B 702 85.28 37.43 -22.69
N MET B 703 85.77 36.43 -23.42
CA MET B 703 87.05 36.54 -24.08
C MET B 703 86.91 37.23 -25.42
N LEU B 704 85.83 36.95 -26.13
CA LEU B 704 85.49 37.62 -27.38
C LEU B 704 84.05 38.11 -27.32
N LEU B 705 83.82 39.31 -27.82
CA LEU B 705 82.47 39.82 -28.03
C LEU B 705 82.08 39.64 -29.49
N SER B 706 80.80 39.84 -29.77
CA SER B 706 80.31 39.75 -31.14
C SER B 706 80.98 40.80 -32.01
N GLY B 707 81.42 40.38 -33.19
CA GLY B 707 82.09 41.28 -34.10
C GLY B 707 83.59 41.41 -33.90
N GLU B 708 84.20 40.50 -33.15
CA GLU B 708 85.63 40.53 -32.88
C GLU B 708 86.31 39.38 -33.59
N ASN B 709 87.50 39.65 -34.14
CA ASN B 709 88.25 38.64 -34.87
C ASN B 709 88.89 37.65 -33.90
N PHE B 710 88.96 36.39 -34.31
CA PHE B 710 89.60 35.38 -33.49
C PHE B 710 91.11 35.48 -33.54
N GLY B 711 91.67 35.95 -34.64
CA GLY B 711 93.11 36.13 -34.78
C GLY B 711 93.74 35.09 -35.68
N ASP B 712 95.05 35.23 -35.85
CA ASP B 712 95.84 34.35 -36.71
C ASP B 712 96.18 33.05 -36.01
N GLU B 713 97.14 32.31 -36.57
CA GLU B 713 97.49 30.99 -36.05
C GLU B 713 97.97 31.06 -34.60
N ASN B 714 98.75 32.09 -34.27
CA ASN B 714 99.33 32.22 -32.94
C ASN B 714 98.45 33.01 -31.98
N SER B 715 97.16 33.15 -32.29
CA SER B 715 96.28 33.93 -31.44
C SER B 715 96.10 33.25 -30.10
N PRO B 716 96.27 33.96 -28.98
CA PRO B 716 96.05 33.33 -27.67
C PRO B 716 94.62 32.89 -27.42
N HIS B 717 93.64 33.47 -28.11
CA HIS B 717 92.25 33.13 -27.84
C HIS B 717 91.90 31.75 -28.38
N ILE B 718 92.31 31.46 -29.61
CA ILE B 718 92.14 30.11 -30.16
C ILE B 718 92.93 29.11 -29.32
N HIS B 719 94.11 29.53 -28.85
CA HIS B 719 94.92 28.65 -28.02
C HIS B 719 94.20 28.30 -26.71
N TYR B 720 93.58 29.30 -26.08
CA TYR B 720 92.86 29.03 -24.84
C TYR B 720 91.65 28.13 -25.09
N LEU B 721 90.93 28.36 -26.19
CA LEU B 721 89.82 27.48 -26.53
C LEU B 721 90.28 26.05 -26.74
N ARG B 722 91.42 25.89 -27.42
CA ARG B 722 92.00 24.56 -27.62
C ARG B 722 92.39 23.93 -26.29
N SER B 723 92.95 24.72 -25.38
CA SER B 723 93.32 24.19 -24.06
C SER B 723 92.10 23.67 -23.32
N LEU B 724 91.01 24.43 -23.34
CA LEU B 724 89.78 23.99 -22.67
C LEU B 724 89.25 22.72 -23.33
N GLN B 725 89.28 22.66 -24.66
CA GLN B 725 88.83 21.46 -25.36
C GLN B 725 89.68 20.24 -25.00
N ALA B 726 90.99 20.43 -24.91
CA ALA B 726 91.88 19.33 -24.55
C ALA B 726 91.62 18.85 -23.14
N TRP B 727 91.40 19.78 -22.21
CA TRP B 727 91.04 19.37 -20.85
C TRP B 727 89.75 18.57 -20.85
N ASP B 728 88.75 19.03 -21.59
CA ASP B 728 87.48 18.29 -21.63
C ASP B 728 87.68 16.89 -22.19
N SER B 729 88.52 16.77 -23.22
CA SER B 729 88.77 15.44 -23.80
C SER B 729 89.50 14.54 -22.82
N GLU B 730 90.46 15.08 -22.07
CA GLU B 730 91.27 14.26 -21.18
C GLU B 730 90.52 13.83 -19.92
N PHE B 731 89.59 14.65 -19.43
CA PHE B 731 88.91 14.38 -18.16
C PHE B 731 87.40 14.44 -18.34
N PRO B 732 86.78 13.36 -18.80
CA PRO B 732 85.32 13.32 -18.87
C PRO B 732 84.70 13.47 -17.49
N GLY B 733 83.57 14.17 -17.44
CA GLY B 733 82.91 14.47 -16.19
C GLY B 733 83.41 15.71 -15.49
N PHE B 734 84.46 16.34 -16.00
CA PHE B 734 85.03 17.56 -15.43
C PHE B 734 85.16 18.62 -16.52
N GLU B 735 84.20 18.66 -17.41
CA GLU B 735 84.29 19.51 -18.60
C GLU B 735 83.99 20.97 -18.26
N HIS B 736 84.78 21.86 -18.85
CA HIS B 736 84.56 23.28 -18.68
C HIS B 736 83.29 23.73 -19.41
N GLU B 737 82.68 24.78 -18.89
CA GLU B 737 81.56 25.44 -19.56
C GLU B 737 82.08 26.63 -20.35
N THR B 738 81.57 26.79 -21.57
CA THR B 738 81.95 27.92 -22.43
C THR B 738 80.70 28.40 -23.13
N GLU B 739 80.14 29.52 -22.67
CA GLU B 739 78.99 30.11 -23.33
C GLU B 739 79.39 30.65 -24.70
N GLY B 740 78.53 30.44 -25.68
CA GLY B 740 78.79 30.87 -27.03
C GLY B 740 79.34 29.80 -27.96
N THR B 741 79.42 28.56 -27.51
CA THR B 741 79.92 27.46 -28.30
C THR B 741 78.90 26.34 -28.35
N GLU B 742 79.00 25.52 -29.39
CA GLU B 742 78.23 24.29 -29.51
C GLU B 742 79.18 23.11 -29.44
N ILE B 743 78.84 22.12 -28.63
CA ILE B 743 79.70 20.96 -28.41
C ILE B 743 79.04 19.78 -29.10
N ILE B 744 79.55 19.45 -30.29
CA ILE B 744 79.07 18.29 -31.06
C ILE B 744 80.14 17.22 -30.99
N ASP B 745 79.73 16.00 -30.64
CA ASP B 745 80.61 14.86 -30.38
C ASP B 745 81.85 15.26 -29.61
N GLY B 746 81.67 16.10 -28.58
CA GLY B 746 82.76 16.54 -27.75
C GLY B 746 83.66 17.58 -28.38
N GLN B 747 83.29 18.13 -29.53
CA GLN B 747 84.11 19.08 -30.26
C GLN B 747 83.43 20.45 -30.25
N TYR B 748 84.23 21.49 -30.14
CA TYR B 748 83.70 22.85 -30.02
C TYR B 748 83.37 23.44 -31.37
N TYR B 749 82.19 24.05 -31.49
CA TYR B 749 81.80 24.78 -32.68
C TYR B 749 81.41 26.20 -32.29
N VAL B 750 81.80 27.16 -33.11
CA VAL B 750 81.54 28.57 -32.86
C VAL B 750 80.83 29.16 -34.09
N MET B 751 79.75 29.89 -33.85
CA MET B 751 79.03 30.56 -34.92
C MET B 751 79.82 31.77 -35.37
N CYS B 752 80.16 31.83 -36.66
CA CYS B 752 81.02 32.87 -37.20
C CYS B 752 80.37 33.49 -38.42
N VAL B 753 80.71 34.76 -38.66
CA VAL B 753 80.19 35.47 -39.83
C VAL B 753 80.80 34.88 -41.09
N LYS B 754 79.95 34.58 -42.07
CA LYS B 754 80.44 34.11 -43.36
C LYS B 754 81.24 35.22 -44.04
N THR B 755 82.41 34.87 -44.55
CA THR B 755 83.29 35.85 -45.18
C THR B 755 82.72 36.35 -46.50
N MET C 1 37.96 -15.85 16.95
CA MET C 1 36.77 -16.69 16.82
C MET C 1 35.60 -15.90 16.22
N ARG C 2 35.10 -16.38 15.08
CA ARG C 2 34.00 -15.73 14.39
C ARG C 2 32.91 -16.76 14.13
N ALA C 3 31.69 -16.41 14.52
CA ALA C 3 30.51 -17.23 14.25
C ALA C 3 29.63 -16.53 13.22
N LEU C 4 29.16 -17.29 12.25
CA LEU C 4 28.27 -16.78 11.22
C LEU C 4 26.86 -17.30 11.50
N ILE C 5 25.90 -16.38 11.57
CA ILE C 5 24.50 -16.72 11.80
C ILE C 5 23.71 -16.36 10.56
N VAL C 6 23.08 -17.36 9.94
CA VAL C 6 22.29 -17.18 8.73
C VAL C 6 20.91 -17.76 9.01
N TYR C 7 19.93 -16.89 9.23
CA TYR C 7 18.55 -17.31 9.41
C TYR C 7 17.64 -16.40 8.60
N THR C 8 16.58 -16.97 8.03
CA THR C 8 15.72 -16.21 7.13
C THR C 8 14.36 -15.92 7.77
N GLU C 9 13.56 -16.95 8.07
CA GLU C 9 12.23 -16.77 8.67
C GLU C 9 11.92 -18.05 9.43
N LEU C 10 12.14 -18.03 10.74
CA LEU C 10 11.88 -19.22 11.54
C LEU C 10 10.48 -19.23 12.13
N THR C 11 9.95 -18.06 12.47
CA THR C 11 8.62 -17.92 13.03
C THR C 11 7.74 -17.10 12.10
N ASP C 12 6.43 -17.32 12.21
CA ASP C 12 5.48 -16.54 11.42
C ASP C 12 5.60 -15.05 11.69
N LYS C 13 6.01 -14.67 12.90
CA LYS C 13 6.28 -13.28 13.24
C LYS C 13 7.78 -13.13 13.48
N ASP C 14 8.39 -12.20 12.76
CA ASP C 14 9.85 -12.13 12.72
C ASP C 14 10.46 -11.79 14.07
N SER C 15 9.74 -11.06 14.92
CA SER C 15 10.35 -10.50 16.12
C SER C 15 10.81 -11.58 17.10
N VAL C 16 10.13 -12.73 17.14
CA VAL C 16 10.50 -13.77 18.10
C VAL C 16 11.89 -14.31 17.79
N ILE C 17 12.10 -14.78 16.56
CA ILE C 17 13.39 -15.34 16.19
C ILE C 17 14.47 -14.26 16.20
N SER C 18 14.12 -13.04 15.81
CA SER C 18 15.10 -11.96 15.83
C SER C 18 15.57 -11.66 17.24
N HIS C 19 14.65 -11.61 18.20
CA HIS C 19 15.05 -11.35 19.58
C HIS C 19 15.86 -12.51 20.16
N ALA C 20 15.47 -13.74 19.84
CA ALA C 20 16.25 -14.89 20.31
C ALA C 20 17.66 -14.86 19.74
N VAL C 21 17.79 -14.55 18.45
CA VAL C 21 19.11 -14.48 17.82
C VAL C 21 19.93 -13.33 18.40
N ALA C 22 19.27 -12.20 18.70
CA ALA C 22 19.98 -11.08 19.31
C ALA C 22 20.53 -11.46 20.69
N ARG C 23 19.73 -12.17 21.49
CA ARG C 23 20.20 -12.63 22.79
C ARG C 23 21.39 -13.58 22.63
N LEU C 24 21.30 -14.51 21.67
CA LEU C 24 22.40 -15.43 21.44
C LEU C 24 23.66 -14.70 20.99
N ALA C 25 23.51 -13.71 20.11
CA ALA C 25 24.66 -12.96 19.64
C ALA C 25 25.30 -12.17 20.77
N SER C 26 24.49 -11.59 21.66
CA SER C 26 25.05 -10.90 22.82
C SER C 26 25.83 -11.87 23.71
N GLU C 27 25.28 -13.05 23.97
CA GLU C 27 25.99 -14.02 24.79
C GLU C 27 27.27 -14.51 24.11
N LEU C 28 27.26 -14.62 22.79
CA LEU C 28 28.48 -15.03 22.08
C LEU C 28 29.53 -13.93 22.13
N ASN C 29 29.11 -12.67 22.01
CA ASN C 29 30.07 -11.57 22.10
C ASN C 29 30.66 -11.46 23.50
N ASP C 30 29.87 -11.79 24.52
CA ASP C 30 30.40 -11.75 25.88
C ASP C 30 31.47 -12.81 26.13
N GLU C 31 31.53 -13.86 25.30
CA GLU C 31 32.61 -14.83 25.37
C GLU C 31 33.64 -14.64 24.26
N HIS C 32 33.72 -13.44 23.70
CA HIS C 32 34.73 -13.06 22.71
C HIS C 32 34.63 -13.87 21.42
N VAL C 33 33.41 -14.21 21.02
CA VAL C 33 33.15 -14.76 19.69
C VAL C 33 32.46 -13.67 18.88
N GLU C 34 33.13 -13.19 17.84
CA GLU C 34 32.53 -12.21 16.95
C GLU C 34 31.41 -12.87 16.14
N THR C 35 30.32 -12.13 15.93
CA THR C 35 29.16 -12.67 15.24
C THR C 35 28.82 -11.82 14.03
N VAL C 36 28.54 -12.49 12.92
CA VAL C 36 28.01 -11.86 11.71
C VAL C 36 26.61 -12.43 11.50
N ILE C 37 25.61 -11.56 11.48
CA ILE C 37 24.22 -11.97 11.35
C ILE C 37 23.75 -11.62 9.94
N ILE C 38 23.24 -12.63 9.24
CA ILE C 38 22.82 -12.51 7.84
C ILE C 38 21.42 -13.09 7.71
N ARG C 39 20.56 -12.39 7.00
CA ARG C 39 19.15 -12.78 6.87
C ARG C 39 18.81 -13.47 5.57
N ASP C 40 19.77 -13.69 4.69
CA ASP C 40 19.48 -14.29 3.39
C ASP C 40 20.59 -15.25 3.02
N PHE C 41 20.21 -16.38 2.42
CA PHE C 41 21.20 -17.41 2.10
C PHE C 41 22.13 -16.99 0.97
N GLU C 42 21.66 -16.14 0.06
CA GLU C 42 22.55 -15.64 -0.99
C GLU C 42 23.59 -14.69 -0.42
N ASP C 43 23.17 -13.84 0.53
CA ASP C 43 24.12 -12.98 1.22
C ASP C 43 25.13 -13.80 2.02
N GLY C 44 24.66 -14.87 2.68
CA GLY C 44 25.57 -15.74 3.40
C GLY C 44 26.54 -16.45 2.47
N LEU C 45 26.06 -16.85 1.29
CA LEU C 45 26.93 -17.45 0.31
C LEU C 45 28.01 -16.47 -0.17
N ALA C 46 27.61 -15.23 -0.41
CA ALA C 46 28.59 -14.22 -0.80
C ALA C 46 29.61 -13.98 0.31
N TYR C 47 29.14 -13.95 1.55
CA TYR C 47 30.05 -13.79 2.68
C TYR C 47 31.04 -14.95 2.76
N ILE C 48 30.55 -16.18 2.58
CA ILE C 48 31.41 -17.35 2.65
C ILE C 48 32.44 -17.34 1.53
N ARG C 49 32.05 -16.89 0.34
CA ARG C 49 32.98 -16.86 -0.77
C ARG C 49 34.06 -15.79 -0.64
N SER C 50 33.93 -14.88 0.33
CA SER C 50 35.06 -14.05 0.71
C SER C 50 35.95 -14.81 1.67
N ASN C 51 37.26 -14.72 1.46
CA ASN C 51 38.21 -15.56 2.19
C ASN C 51 38.32 -15.06 3.64
N THR C 52 37.21 -15.19 4.36
CA THR C 52 37.13 -14.83 5.77
C THR C 52 37.01 -16.10 6.61
N SER C 53 37.80 -16.19 7.66
CA SER C 53 37.77 -17.37 8.51
C SER C 53 36.48 -17.41 9.31
N ILE C 54 35.78 -18.53 9.23
CA ILE C 54 34.54 -18.75 9.96
C ILE C 54 34.76 -19.95 10.87
N ASP C 55 34.53 -19.77 12.16
CA ASP C 55 34.78 -20.83 13.13
C ASP C 55 33.55 -21.65 13.45
N CYS C 56 32.35 -21.14 13.17
CA CYS C 56 31.13 -21.87 13.43
C CYS C 56 30.00 -21.27 12.59
N LEU C 57 29.16 -22.13 12.06
CA LEU C 57 27.98 -21.71 11.31
C LEU C 57 26.73 -22.11 12.08
N LEU C 58 25.89 -21.13 12.37
CA LEU C 58 24.58 -21.36 12.97
C LEU C 58 23.53 -20.88 11.98
N TYR C 59 22.68 -21.78 11.52
CA TYR C 59 21.71 -21.44 10.50
C TYR C 59 20.32 -21.97 10.88
N GLY C 60 19.32 -21.29 10.35
CA GLY C 60 17.95 -21.75 10.44
C GLY C 60 17.18 -21.31 9.21
N ARG C 61 16.19 -22.10 8.82
CA ARG C 61 15.36 -21.81 7.67
C ARG C 61 13.89 -21.89 8.06
N ASP C 62 13.02 -21.82 7.04
CA ASP C 62 11.59 -21.95 7.27
C ASP C 62 11.24 -23.32 7.81
N MET C 63 11.94 -24.35 7.37
CA MET C 63 11.83 -25.77 7.74
C MET C 63 10.63 -26.44 7.08
N SER C 64 9.77 -25.69 6.40
CA SER C 64 8.73 -26.27 5.57
C SER C 64 8.93 -25.96 4.09
N ASP C 65 9.99 -25.26 3.73
CA ASP C 65 10.27 -24.88 2.36
C ASP C 65 11.43 -25.71 1.82
N ARG C 66 11.18 -26.48 0.76
CA ARG C 66 12.25 -27.27 0.17
C ARG C 66 13.29 -26.41 -0.53
N ASP C 67 12.88 -25.25 -1.06
CA ASP C 67 13.83 -24.36 -1.71
C ASP C 67 14.85 -23.83 -0.71
N GLU C 68 14.40 -23.42 0.48
CA GLU C 68 15.33 -22.99 1.51
C GLU C 68 16.19 -24.15 2.01
N GLN C 69 15.65 -25.37 2.00
CA GLN C 69 16.48 -26.52 2.35
C GLN C 69 17.62 -26.71 1.34
N ILE C 70 17.31 -26.58 0.05
CA ILE C 70 18.34 -26.69 -0.97
C ILE C 70 19.36 -25.56 -0.82
N GLN C 71 18.88 -24.35 -0.54
CA GLN C 71 19.80 -23.22 -0.36
C GLN C 71 20.71 -23.42 0.85
N ALA C 72 20.16 -23.93 1.95
CA ALA C 72 20.98 -24.18 3.14
C ALA C 72 22.02 -25.26 2.88
N HIS C 73 21.63 -26.32 2.17
CA HIS C 73 22.60 -27.37 1.83
C HIS C 73 23.70 -26.81 0.95
N ARG C 74 23.33 -25.95 0.00
CA ARG C 74 24.33 -25.30 -0.85
C ARG C 74 25.28 -24.44 -0.03
N LEU C 75 24.73 -23.70 0.94
CA LEU C 75 25.57 -22.85 1.79
C LEU C 75 26.57 -23.69 2.58
N ILE C 76 26.12 -24.80 3.16
CA ILE C 76 27.00 -25.62 3.96
C ILE C 76 28.07 -26.28 3.09
N THR C 77 27.69 -26.74 1.90
CA THR C 77 28.68 -27.33 0.98
C THR C 77 29.71 -26.30 0.56
N GLN C 78 29.27 -25.08 0.25
CA GLN C 78 30.21 -24.02 -0.10
C GLN C 78 31.16 -23.72 1.06
N LEU C 79 30.63 -23.66 2.28
CA LEU C 79 31.48 -23.41 3.44
C LEU C 79 32.53 -24.50 3.59
N HIS C 80 32.14 -25.76 3.41
CA HIS C 80 33.08 -26.85 3.60
C HIS C 80 34.00 -27.07 2.41
N ARG C 81 33.80 -26.36 1.31
CA ARG C 81 34.76 -26.42 0.20
C ARG C 81 36.17 -26.05 0.67
N ARG C 82 36.31 -24.92 1.35
CA ARG C 82 37.60 -24.46 1.82
C ARG C 82 37.75 -24.44 3.33
N GLN C 83 36.66 -24.59 4.09
CA GLN C 83 36.69 -24.65 5.54
C GLN C 83 35.96 -25.92 5.94
N GLU C 84 36.69 -27.04 5.91
CA GLU C 84 36.07 -28.34 5.75
C GLU C 84 35.32 -28.80 7.00
N ASP C 85 35.90 -28.61 8.18
CA ASP C 85 35.34 -29.20 9.39
C ASP C 85 34.72 -28.16 10.32
N VAL C 86 34.28 -27.03 9.78
CA VAL C 86 33.65 -26.01 10.60
C VAL C 86 32.35 -26.56 11.18
N PRO C 87 32.12 -26.44 12.49
CA PRO C 87 30.87 -26.95 13.07
C PRO C 87 29.65 -26.21 12.53
N VAL C 88 28.57 -26.95 12.35
CA VAL C 88 27.30 -26.41 11.87
C VAL C 88 26.24 -26.64 12.94
N PHE C 89 25.66 -25.56 13.43
CA PHE C 89 24.55 -25.61 14.37
C PHE C 89 23.25 -25.30 13.64
N LEU C 90 22.24 -26.12 13.87
CA LEU C 90 20.90 -25.85 13.34
C LEU C 90 20.09 -25.10 14.38
N LEU C 91 19.70 -23.87 14.05
CA LEU C 91 18.80 -23.09 14.88
C LEU C 91 17.38 -23.34 14.41
N SER C 92 16.53 -23.86 15.30
CA SER C 92 15.18 -24.21 14.88
C SER C 92 14.28 -24.34 16.09
N ASP C 93 12.99 -24.17 15.85
CA ASP C 93 11.99 -24.65 16.78
C ASP C 93 12.08 -26.17 16.87
N ARG C 94 11.93 -26.70 18.09
CA ARG C 94 12.24 -28.10 18.34
C ARG C 94 11.36 -29.04 17.51
N GLU C 95 10.05 -28.79 17.50
CA GLU C 95 9.14 -29.70 16.81
C GLU C 95 9.38 -29.73 15.31
N GLU C 96 9.60 -28.54 14.72
CA GLU C 96 9.86 -28.48 13.29
C GLU C 96 11.12 -29.23 12.92
N ALA C 97 12.19 -29.08 13.72
CA ALA C 97 13.41 -29.81 13.44
C ALA C 97 13.23 -31.31 13.63
N LEU C 98 12.48 -31.71 14.65
CA LEU C 98 12.31 -33.13 14.93
C LEU C 98 11.49 -33.82 13.85
N VAL C 99 10.48 -33.15 13.28
CA VAL C 99 9.73 -33.78 12.21
C VAL C 99 10.55 -33.87 10.92
N ALA C 100 11.54 -33.00 10.74
CA ALA C 100 12.40 -33.03 9.57
C ALA C 100 13.66 -33.87 9.79
N PHE C 101 13.81 -34.49 10.94
CA PHE C 101 15.02 -35.23 11.27
C PHE C 101 15.16 -36.48 10.41
N ASP C 102 16.34 -36.67 9.83
CA ASP C 102 16.65 -37.88 9.07
C ASP C 102 18.16 -37.97 8.91
N ARG C 103 18.60 -39.00 8.17
CA ARG C 103 20.02 -39.19 7.93
C ARG C 103 20.62 -38.04 7.13
N ASN C 104 19.88 -37.55 6.14
CA ASN C 104 20.39 -36.47 5.30
C ASN C 104 20.58 -35.19 6.09
N MET C 105 19.70 -34.90 7.05
CA MET C 105 19.90 -33.77 7.94
C MET C 105 21.18 -33.93 8.75
N MET C 106 21.37 -35.09 9.36
CA MET C 106 22.55 -35.31 10.20
C MET C 106 23.84 -35.36 9.40
N GLU C 107 23.77 -35.57 8.09
CA GLU C 107 24.98 -35.54 7.28
C GLU C 107 25.61 -34.14 7.27
N GLN C 108 24.82 -33.09 7.46
CA GLN C 108 25.35 -31.74 7.42
C GLN C 108 25.20 -30.95 8.72
N VAL C 109 24.46 -31.46 9.70
CA VAL C 109 24.25 -30.77 10.96
C VAL C 109 25.05 -31.47 12.04
N ASP C 110 25.87 -30.70 12.78
CA ASP C 110 26.63 -31.26 13.89
C ASP C 110 25.90 -31.14 15.21
N GLU C 111 25.17 -30.04 15.44
CA GLU C 111 24.50 -29.84 16.71
C GLU C 111 23.17 -29.13 16.52
N PHE C 112 22.29 -29.32 17.49
CA PHE C 112 20.98 -28.68 17.54
C PHE C 112 21.01 -27.53 18.54
N ALA C 113 20.36 -26.44 18.19
CA ALA C 113 20.19 -25.29 19.08
C ALA C 113 18.72 -24.91 19.08
N TRP C 114 17.99 -25.33 20.10
CA TRP C 114 16.57 -24.97 20.23
C TRP C 114 16.51 -23.53 20.69
N ILE C 115 16.62 -22.62 19.72
CA ILE C 115 16.81 -21.20 20.00
C ILE C 115 15.64 -20.59 20.76
N LEU C 116 14.43 -21.14 20.64
CA LEU C 116 13.25 -20.54 21.23
C LEU C 116 12.90 -21.09 22.62
N GLU C 117 13.59 -22.13 23.09
CA GLU C 117 13.29 -22.69 24.39
C GLU C 117 14.54 -22.98 25.21
N ASP C 118 15.69 -22.48 24.79
CA ASP C 118 16.95 -22.72 25.47
C ASP C 118 17.59 -21.39 25.84
N SER C 119 18.32 -21.38 26.95
CA SER C 119 19.06 -20.20 27.34
C SER C 119 20.16 -19.92 26.33
N ALA C 120 20.35 -18.64 26.01
CA ALA C 120 21.42 -18.26 25.10
C ALA C 120 22.78 -18.59 25.67
N ASP C 121 22.92 -18.62 27.00
CA ASP C 121 24.21 -18.94 27.61
C ASP C 121 24.60 -20.38 27.35
N PHE C 122 23.66 -21.32 27.44
CA PHE C 122 23.97 -22.72 27.18
C PHE C 122 24.40 -22.93 25.73
N ILE C 123 23.67 -22.33 24.79
CA ILE C 123 24.02 -22.46 23.38
C ILE C 123 25.37 -21.81 23.11
N ALA C 124 25.62 -20.64 23.72
CA ALA C 124 26.90 -19.98 23.52
C ALA C 124 28.06 -20.83 24.05
N GLY C 125 27.87 -21.46 25.20
CA GLY C 125 28.91 -22.34 25.72
C GLY C 125 29.18 -23.52 24.81
N ARG C 126 28.11 -24.13 24.28
CA ARG C 126 28.30 -25.24 23.35
C ARG C 126 29.00 -24.79 22.07
N VAL C 127 28.65 -23.60 21.58
CA VAL C 127 29.29 -23.05 20.39
C VAL C 127 30.78 -22.83 20.64
N LEU C 128 31.11 -22.28 21.81
CA LEU C 128 32.51 -22.05 22.13
C LEU C 128 33.28 -23.36 22.22
N ALA C 129 32.69 -24.38 22.83
CA ALA C 129 33.35 -25.68 22.90
C ALA C 129 33.58 -26.24 21.50
N ALA C 130 32.58 -26.13 20.62
CA ALA C 130 32.74 -26.62 19.26
C ALA C 130 33.83 -25.85 18.51
N ILE C 131 33.89 -24.54 18.71
CA ILE C 131 34.91 -23.73 18.05
C ILE C 131 36.29 -24.13 18.52
N GLN C 132 36.45 -24.35 19.83
CA GLN C 132 37.76 -24.77 20.34
C GLN C 132 38.16 -26.14 19.80
N ARG C 133 37.20 -27.07 19.73
CA ARG C 133 37.50 -28.37 19.14
C ARG C 133 37.94 -28.24 17.69
N TYR C 134 37.26 -27.38 16.93
CA TYR C 134 37.64 -27.19 15.53
C TYR C 134 39.01 -26.56 15.40
N ARG C 135 39.31 -25.54 16.21
CA ARG C 135 40.60 -24.87 16.12
C ARG C 135 41.75 -25.78 16.53
N SER C 136 41.50 -26.73 17.44
CA SER C 136 42.59 -27.58 17.91
C SER C 136 43.05 -28.58 16.86
N GLN C 137 42.25 -28.85 15.83
CA GLN C 137 42.63 -29.79 14.79
C GLN C 137 43.02 -29.11 13.48
N LEU C 138 43.09 -27.78 13.46
CA LEU C 138 43.23 -27.06 12.20
C LEU C 138 44.63 -27.12 11.62
N LEU C 139 45.67 -27.12 12.47
CA LEU C 139 46.97 -26.96 11.83
C LEU C 139 47.63 -28.30 11.56
N PRO C 140 48.45 -28.37 10.51
CA PRO C 140 49.24 -29.57 10.25
C PRO C 140 50.33 -29.74 11.30
N PRO C 141 50.92 -30.93 11.42
CA PRO C 141 51.72 -31.23 12.63
C PRO C 141 52.96 -30.37 12.79
N LEU C 142 53.78 -30.26 11.75
CA LEU C 142 55.02 -29.50 11.89
C LEU C 142 54.76 -28.04 12.21
N MET C 143 53.80 -27.43 11.53
CA MET C 143 53.49 -26.03 11.78
C MET C 143 52.97 -25.83 13.19
N LYS C 144 52.14 -26.76 13.66
CA LYS C 144 51.60 -26.69 15.01
C LYS C 144 52.72 -26.77 16.05
N SER C 145 53.65 -27.71 15.88
CA SER C 145 54.73 -27.86 16.84
C SER C 145 55.66 -26.66 16.81
N LEU C 146 55.92 -26.12 15.62
CA LEU C 146 56.77 -24.92 15.53
C LEU C 146 56.12 -23.74 16.22
N ILE C 147 54.82 -23.53 16.02
CA ILE C 147 54.13 -22.43 16.69
C ILE C 147 54.16 -22.63 18.19
N LYS C 148 53.94 -23.87 18.65
CA LYS C 148 53.96 -24.13 20.08
C LYS C 148 55.34 -23.85 20.68
N TYR C 149 56.40 -24.22 19.97
CA TYR C 149 57.75 -24.00 20.50
C TYR C 149 58.16 -22.54 20.42
N SER C 150 57.58 -21.77 19.49
CA SER C 150 58.00 -20.39 19.27
C SER C 150 57.84 -19.50 20.51
N ASP C 151 56.98 -19.87 21.45
CA ASP C 151 56.83 -19.05 22.66
C ASP C 151 58.06 -19.11 23.57
N VAL C 152 58.92 -20.11 23.42
CA VAL C 152 60.13 -20.21 24.23
C VAL C 152 61.08 -19.08 23.84
N HIS C 153 61.60 -18.36 24.84
CA HIS C 153 62.51 -17.25 24.58
C HIS C 153 63.84 -17.35 25.31
N GLU C 154 64.11 -18.47 25.97
CA GLU C 154 65.33 -18.61 26.76
C GLU C 154 66.55 -18.76 25.87
N TYR C 155 67.66 -18.19 26.32
CA TYR C 155 68.94 -18.32 25.63
C TYR C 155 69.40 -19.77 25.73
N SER C 156 69.28 -20.51 24.63
CA SER C 156 70.03 -21.76 24.52
C SER C 156 71.50 -21.43 24.34
N TRP C 157 72.34 -22.35 24.73
CA TRP C 157 73.79 -22.15 24.65
C TRP C 157 74.37 -22.85 23.43
N ALA C 158 73.62 -22.82 22.32
CA ALA C 158 73.99 -23.49 21.09
C ALA C 158 73.57 -22.63 19.90
N ALA C 159 73.97 -23.06 18.71
CA ALA C 159 73.64 -22.36 17.49
C ALA C 159 72.15 -22.54 17.15
N PRO C 160 71.56 -21.65 16.34
CA PRO C 160 72.14 -20.47 15.67
C PRO C 160 72.49 -19.34 16.62
N GLY C 161 73.50 -18.55 16.23
CA GLY C 161 74.02 -17.52 17.10
C GLY C 161 73.08 -16.36 17.36
N HIS C 162 72.16 -16.07 16.43
CA HIS C 162 71.28 -14.93 16.62
C HIS C 162 70.29 -15.15 17.76
N GLN C 163 70.06 -16.40 18.15
CA GLN C 163 69.27 -16.74 19.34
C GLN C 163 67.86 -16.15 19.29
N GLY C 164 67.10 -16.60 18.29
CA GLY C 164 65.74 -16.13 18.14
C GLY C 164 65.63 -14.68 17.72
N GLY C 165 66.63 -14.16 17.01
CA GLY C 165 66.61 -12.81 16.52
C GLY C 165 67.18 -11.76 17.45
N VAL C 166 67.55 -12.14 18.67
CA VAL C 166 68.11 -11.18 19.62
C VAL C 166 69.40 -10.57 19.07
N GLY C 167 70.22 -11.37 18.40
CA GLY C 167 71.49 -10.88 17.90
C GLY C 167 71.36 -9.75 16.90
N PHE C 168 70.29 -9.75 16.09
CA PHE C 168 70.10 -8.70 15.12
C PHE C 168 69.82 -7.35 15.78
N THR C 169 69.18 -7.35 16.94
CA THR C 169 68.78 -6.09 17.56
C THR C 169 69.90 -5.46 18.38
N LYS C 170 71.09 -5.36 17.80
CA LYS C 170 72.22 -4.74 18.48
C LYS C 170 72.90 -3.66 17.66
N THR C 171 72.64 -3.57 16.37
CA THR C 171 72.99 -2.44 15.54
C THR C 171 71.72 -1.85 14.95
N PRO C 172 71.75 -0.57 14.56
CA PRO C 172 70.53 0.02 13.96
C PRO C 172 70.08 -0.68 12.68
N ALA C 173 71.01 -1.06 11.80
CA ALA C 173 70.63 -1.76 10.59
C ALA C 173 70.05 -3.13 10.91
N GLY C 174 70.65 -3.82 11.87
CA GLY C 174 70.07 -5.08 12.34
C GLY C 174 68.68 -4.91 12.92
N ARG C 175 68.44 -3.80 13.62
CA ARG C 175 67.10 -3.56 14.16
C ARG C 175 66.09 -3.30 13.06
N ILE C 176 66.48 -2.55 12.03
CA ILE C 176 65.59 -2.34 10.89
C ILE C 176 65.28 -3.67 10.20
N TYR C 177 66.30 -4.49 9.99
CA TYR C 177 66.11 -5.80 9.37
C TYR C 177 65.19 -6.68 10.20
N HIS C 178 65.41 -6.70 11.51
CA HIS C 178 64.62 -7.52 12.43
C HIS C 178 63.15 -7.07 12.44
N ASP C 179 62.92 -5.75 12.45
CA ASP C 179 61.55 -5.27 12.42
C ASP C 179 60.88 -5.55 11.08
N PHE C 180 61.64 -5.49 9.99
CA PHE C 180 61.07 -5.78 8.68
C PHE C 180 60.61 -7.24 8.59
N PHE C 181 61.49 -8.17 8.96
CA PHE C 181 61.14 -9.57 8.78
C PHE C 181 60.28 -10.13 9.91
N GLY C 182 60.22 -9.48 11.06
CA GLY C 182 59.37 -9.92 12.14
C GLY C 182 60.03 -10.96 13.03
N GLU C 183 59.51 -11.04 14.25
CA GLU C 183 60.13 -11.85 15.30
C GLU C 183 59.93 -13.35 15.07
N ASN C 184 58.75 -13.74 14.59
CA ASN C 184 58.41 -15.16 14.54
C ASN C 184 59.28 -15.93 13.56
N LEU C 185 59.74 -15.28 12.49
CA LEU C 185 60.64 -15.96 11.57
C LEU C 185 61.93 -16.37 12.27
N PHE C 186 62.49 -15.48 13.08
CA PHE C 186 63.74 -15.80 13.77
C PHE C 186 63.50 -16.75 14.94
N ARG C 187 62.33 -16.70 15.55
CA ARG C 187 62.10 -17.60 16.68
C ARG C 187 61.82 -19.03 16.25
N THR C 188 61.53 -19.28 14.97
CA THR C 188 61.43 -20.64 14.47
C THR C 188 62.74 -21.20 13.96
N ASP C 189 63.76 -20.35 13.78
CA ASP C 189 65.08 -20.80 13.37
C ASP C 189 65.80 -21.32 14.60
N ILE C 190 65.54 -22.57 14.94
CA ILE C 190 65.89 -23.11 16.25
C ILE C 190 67.00 -24.14 16.20
N GLY C 191 67.40 -24.60 15.02
CA GLY C 191 68.38 -25.65 14.93
C GLY C 191 67.74 -27.03 15.01
N ILE C 192 68.59 -28.04 14.78
CA ILE C 192 68.11 -29.41 14.68
C ILE C 192 68.29 -30.17 16.00
N GLU C 193 68.53 -29.47 17.10
CA GLU C 193 68.82 -30.10 18.38
C GLU C 193 67.73 -29.88 19.42
N ARG C 194 66.53 -29.52 18.98
CA ARG C 194 65.40 -29.33 19.90
C ARG C 194 64.46 -30.51 19.72
N VAL C 195 64.47 -31.43 20.68
CA VAL C 195 63.73 -32.67 20.57
C VAL C 195 62.22 -32.48 20.64
N ALA C 196 61.75 -31.32 21.10
CA ALA C 196 60.32 -31.06 21.11
C ALA C 196 59.76 -31.09 19.69
N VAL C 197 60.51 -30.58 18.72
CA VAL C 197 60.06 -30.55 17.34
C VAL C 197 60.56 -31.76 16.55
N GLY C 198 61.80 -32.16 16.76
CA GLY C 198 62.42 -33.23 15.99
C GLY C 198 63.49 -32.68 15.08
N SER C 199 63.95 -33.55 14.17
CA SER C 199 64.97 -33.17 13.22
C SER C 199 64.56 -33.59 11.82
N LEU C 200 64.81 -32.71 10.85
CA LEU C 200 64.43 -32.98 9.47
C LEU C 200 65.25 -34.11 8.87
N LEU C 201 66.57 -34.09 9.09
CA LEU C 201 67.44 -35.07 8.45
C LEU C 201 67.24 -36.47 9.04
N ASP C 202 66.83 -36.56 10.30
CA ASP C 202 66.53 -37.84 10.90
C ASP C 202 65.10 -38.30 10.66
N HIS C 203 64.26 -37.43 10.09
CA HIS C 203 62.84 -37.73 9.84
C HIS C 203 62.13 -38.18 11.10
N THR C 204 62.40 -37.50 12.21
CA THR C 204 61.82 -37.84 13.50
C THR C 204 60.92 -36.72 13.99
N GLY C 205 60.02 -37.08 14.91
CA GLY C 205 59.14 -36.10 15.51
C GLY C 205 58.15 -35.53 14.52
N ALA C 206 57.91 -34.23 14.66
CA ALA C 206 56.97 -33.55 13.78
C ALA C 206 57.39 -33.61 12.32
N PHE C 207 58.69 -33.73 12.04
CA PHE C 207 59.13 -33.87 10.65
C PHE C 207 58.71 -35.21 10.07
N GLY C 208 58.84 -36.28 10.86
CA GLY C 208 58.34 -37.57 10.42
C GLY C 208 56.83 -37.55 10.23
N GLU C 209 56.11 -36.92 11.15
CA GLU C 209 54.67 -36.78 10.99
C GLU C 209 54.32 -36.03 9.72
N CYS C 210 55.00 -34.92 9.45
CA CYS C 210 54.72 -34.12 8.27
C CYS C 210 55.01 -34.89 6.99
N GLU C 211 56.10 -35.64 6.97
CA GLU C 211 56.41 -36.41 5.76
C GLU C 211 55.41 -37.53 5.54
N LYS C 212 54.95 -38.20 6.62
CA LYS C 212 53.91 -39.20 6.45
C LYS C 212 52.60 -38.57 5.95
N ASN C 213 52.26 -37.40 6.49
CA ASN C 213 51.07 -36.68 6.04
C ASN C 213 51.18 -36.31 4.57
N ALA C 214 52.34 -35.82 4.15
CA ALA C 214 52.53 -35.46 2.75
C ALA C 214 52.47 -36.67 1.84
N ALA C 215 53.05 -37.80 2.27
CA ALA C 215 52.97 -39.01 1.48
C ALA C 215 51.53 -39.46 1.30
N ARG C 216 50.73 -39.36 2.36
CA ARG C 216 49.31 -39.68 2.25
C ARG C 216 48.60 -38.73 1.29
N ILE C 217 48.86 -37.42 1.41
CA ILE C 217 48.13 -36.43 0.63
C ILE C 217 48.48 -36.55 -0.85
N PHE C 218 49.74 -36.79 -1.16
CA PHE C 218 50.19 -36.86 -2.55
C PHE C 218 50.19 -38.27 -3.12
N GLY C 219 49.71 -39.25 -2.37
CA GLY C 219 49.60 -40.61 -2.86
C GLY C 219 50.91 -41.32 -3.13
N ALA C 220 51.90 -41.13 -2.26
CA ALA C 220 53.18 -41.80 -2.39
C ALA C 220 53.36 -42.80 -1.23
N ASP C 221 54.25 -43.76 -1.45
CA ASP C 221 54.64 -44.64 -0.36
C ASP C 221 55.49 -43.90 0.67
N GLN C 222 56.47 -43.13 0.21
CA GLN C 222 57.31 -42.34 1.09
C GLN C 222 57.49 -40.95 0.49
N SER C 223 57.59 -39.95 1.35
CA SER C 223 57.84 -38.58 0.93
C SER C 223 59.01 -38.01 1.71
N TYR C 224 59.79 -37.18 1.05
CA TYR C 224 60.92 -36.49 1.67
C TYR C 224 60.78 -35.00 1.42
N SER C 225 60.88 -34.22 2.49
CA SER C 225 60.90 -32.78 2.39
C SER C 225 62.32 -32.30 2.12
N VAL C 226 62.46 -31.38 1.17
CA VAL C 226 63.75 -30.92 0.70
C VAL C 226 63.80 -29.41 0.81
N VAL C 227 64.94 -28.87 1.27
CA VAL C 227 65.12 -27.44 1.44
C VAL C 227 66.11 -26.87 0.43
N VAL C 228 66.48 -27.64 -0.59
CA VAL C 228 67.36 -27.17 -1.64
C VAL C 228 66.64 -27.19 -2.99
N GLY C 229 65.32 -27.17 -2.97
CA GLY C 229 64.54 -27.11 -4.19
C GLY C 229 64.53 -28.41 -4.96
N THR C 230 63.86 -28.35 -6.11
CA THR C 230 63.82 -29.50 -7.00
C THR C 230 65.18 -29.79 -7.62
N SER C 231 66.06 -28.80 -7.71
CA SER C 231 67.44 -29.08 -8.10
C SER C 231 68.06 -30.10 -7.15
N GLY C 232 67.96 -29.82 -5.84
CA GLY C 232 68.47 -30.76 -4.86
C GLY C 232 67.74 -32.09 -4.89
N SER C 233 66.42 -32.07 -5.05
CA SER C 233 65.65 -33.31 -5.12
C SER C 233 66.09 -34.18 -6.29
N ASN C 234 66.24 -33.58 -7.47
CA ASN C 234 66.69 -34.31 -8.65
C ASN C 234 68.08 -34.88 -8.42
N ARG C 235 68.97 -34.08 -7.81
CA ARG C 235 70.32 -34.57 -7.53
C ARG C 235 70.30 -35.78 -6.63
N THR C 236 69.51 -35.75 -5.54
CA THR C 236 69.53 -36.91 -4.65
C THR C 236 68.90 -38.14 -5.29
N ILE C 237 67.83 -37.96 -6.07
CA ILE C 237 67.24 -39.12 -6.74
C ILE C 237 68.24 -39.74 -7.71
N MET C 238 68.90 -38.90 -8.51
CA MET C 238 69.85 -39.43 -9.48
C MET C 238 71.05 -40.06 -8.80
N GLN C 239 71.50 -39.50 -7.67
CA GLN C 239 72.59 -40.09 -6.91
C GLN C 239 72.20 -41.44 -6.32
N ALA C 240 70.96 -41.58 -5.87
CA ALA C 240 70.51 -42.86 -5.35
C ALA C 240 70.29 -43.90 -6.43
N CYS C 241 70.06 -43.48 -7.68
CA CYS C 241 69.67 -44.43 -8.71
C CYS C 241 70.83 -44.96 -9.55
N MET C 242 71.74 -44.12 -10.02
CA MET C 242 72.70 -44.56 -11.03
C MET C 242 74.13 -44.45 -10.52
N THR C 243 75.02 -45.02 -11.31
CA THR C 243 76.45 -45.08 -11.03
C THR C 243 77.19 -44.92 -12.36
N ASP C 244 78.50 -44.67 -12.29
CA ASP C 244 79.25 -44.42 -13.52
C ASP C 244 79.30 -45.62 -14.45
N ASP C 245 78.94 -46.81 -13.97
CA ASP C 245 78.84 -48.01 -14.79
C ASP C 245 77.42 -48.25 -15.31
N ASP C 246 76.62 -47.20 -15.46
CA ASP C 246 75.21 -47.34 -15.79
C ASP C 246 74.88 -46.53 -17.04
N VAL C 247 73.85 -46.99 -17.75
CA VAL C 247 73.27 -46.25 -18.86
C VAL C 247 71.88 -45.77 -18.43
N VAL C 248 71.57 -44.52 -18.78
CA VAL C 248 70.31 -43.91 -18.36
C VAL C 248 69.62 -43.29 -19.55
N VAL C 249 68.29 -43.19 -19.46
CA VAL C 249 67.45 -42.69 -20.53
C VAL C 249 66.93 -41.32 -20.10
N ILE C 250 67.35 -40.27 -20.80
CA ILE C 250 67.11 -38.90 -20.38
C ILE C 250 66.19 -38.21 -21.38
N ASP C 251 65.11 -37.64 -20.87
CA ASP C 251 64.32 -36.69 -21.65
C ASP C 251 65.22 -35.53 -22.07
N ARG C 252 65.28 -35.27 -23.38
CA ARG C 252 66.07 -34.15 -23.85
C ARG C 252 65.52 -32.82 -23.35
N ASN C 253 64.21 -32.76 -23.06
CA ASN C 253 63.61 -31.64 -22.35
C ASN C 253 63.85 -31.86 -20.85
N CYS C 254 65.08 -31.59 -20.43
CA CYS C 254 65.49 -31.80 -19.06
C CYS C 254 65.97 -30.50 -18.43
N HIS C 255 65.69 -30.35 -17.15
CA HIS C 255 66.22 -29.23 -16.39
C HIS C 255 67.73 -29.40 -16.21
N LYS C 256 68.42 -28.28 -15.98
CA LYS C 256 69.87 -28.34 -15.81
C LYS C 256 70.29 -29.14 -14.57
N SER C 257 69.40 -29.31 -13.61
CA SER C 257 69.72 -30.17 -12.46
C SER C 257 69.86 -31.62 -12.88
N ILE C 258 69.18 -32.03 -13.97
CA ILE C 258 69.36 -33.38 -14.49
C ILE C 258 70.78 -33.57 -15.03
N GLU C 259 71.27 -32.59 -15.78
CA GLU C 259 72.65 -32.67 -16.24
C GLU C 259 73.63 -32.59 -15.09
N GLN C 260 73.30 -31.82 -14.05
CA GLN C 260 74.15 -31.81 -12.86
C GLN C 260 74.21 -33.18 -12.21
N GLY C 261 73.07 -33.87 -12.12
CA GLY C 261 73.06 -35.23 -11.63
C GLY C 261 73.88 -36.16 -12.48
N LEU C 262 73.83 -35.99 -13.80
CA LEU C 262 74.66 -36.79 -14.70
C LEU C 262 76.14 -36.55 -14.43
N ILE C 263 76.52 -35.29 -14.22
CA ILE C 263 77.91 -34.97 -13.90
C ILE C 263 78.32 -35.61 -12.58
N LEU C 264 77.45 -35.53 -11.58
CA LEU C 264 77.79 -36.03 -10.25
C LEU C 264 77.76 -37.55 -10.15
N THR C 265 77.06 -38.23 -11.04
CA THR C 265 77.03 -39.69 -10.99
C THR C 265 77.94 -40.35 -12.01
N GLY C 266 78.27 -39.67 -13.11
CA GLY C 266 79.09 -40.27 -14.13
C GLY C 266 78.39 -41.25 -15.05
N ALA C 267 77.06 -41.29 -15.03
CA ALA C 267 76.32 -42.22 -15.86
C ALA C 267 76.40 -41.81 -17.34
N LYS C 268 76.12 -42.78 -18.21
CA LYS C 268 76.18 -42.55 -19.65
C LYS C 268 74.76 -42.35 -20.17
N PRO C 269 74.42 -41.16 -20.68
CA PRO C 269 73.03 -40.89 -21.05
C PRO C 269 72.69 -41.22 -22.49
N VAL C 270 71.45 -41.67 -22.65
CA VAL C 270 70.80 -41.82 -23.94
C VAL C 270 69.54 -40.97 -23.92
N TYR C 271 69.24 -40.32 -25.04
CA TYR C 271 68.24 -39.25 -25.06
C TYR C 271 67.02 -39.61 -25.89
N MET C 272 65.85 -39.27 -25.37
CA MET C 272 64.61 -39.27 -26.14
C MET C 272 64.30 -37.85 -26.58
N ILE C 273 64.11 -37.66 -27.88
CA ILE C 273 63.98 -36.33 -28.47
C ILE C 273 62.50 -35.94 -28.48
N PRO C 274 62.13 -34.82 -27.87
CA PRO C 274 60.74 -34.38 -27.92
C PRO C 274 60.39 -33.76 -29.26
N SER C 275 59.09 -33.58 -29.49
CA SER C 275 58.58 -33.01 -30.72
C SER C 275 58.50 -31.48 -30.60
N ARG C 276 58.36 -30.83 -31.76
CA ARG C 276 58.27 -29.38 -31.84
C ARG C 276 57.13 -29.02 -32.79
N ASN C 277 56.60 -27.81 -32.62
CA ASN C 277 55.57 -27.29 -33.50
C ASN C 277 56.08 -26.03 -34.20
N ARG C 278 55.22 -25.45 -35.05
CA ARG C 278 55.63 -24.32 -35.88
C ARG C 278 55.90 -23.07 -35.07
N TYR C 279 55.40 -22.98 -33.84
CA TYR C 279 55.65 -21.81 -33.01
C TYR C 279 56.93 -21.93 -32.20
N GLY C 280 57.68 -23.02 -32.36
CA GLY C 280 58.85 -23.24 -31.55
C GLY C 280 58.57 -23.79 -30.17
N ILE C 281 57.34 -24.21 -29.91
CA ILE C 281 56.98 -24.79 -28.63
C ILE C 281 57.43 -26.25 -28.60
N ILE C 282 58.20 -26.61 -27.59
CA ILE C 282 58.62 -28.00 -27.41
C ILE C 282 57.43 -28.83 -26.97
N GLY C 283 57.22 -29.96 -27.63
CA GLY C 283 56.10 -30.82 -27.33
C GLY C 283 56.53 -32.09 -26.64
N PRO C 284 55.62 -33.04 -26.56
CA PRO C 284 55.91 -34.30 -25.87
C PRO C 284 56.83 -35.20 -26.68
N ILE C 285 57.49 -36.10 -25.96
CA ILE C 285 58.17 -37.22 -26.58
C ILE C 285 57.12 -38.18 -27.12
N TYR C 286 57.27 -38.59 -28.37
CA TYR C 286 56.31 -39.50 -28.96
C TYR C 286 56.54 -40.93 -28.45
N PRO C 287 55.49 -41.76 -28.47
CA PRO C 287 55.66 -43.14 -28.02
C PRO C 287 56.70 -43.92 -28.79
N LYS C 288 56.98 -43.54 -30.04
CA LYS C 288 57.99 -44.23 -30.84
C LYS C 288 59.39 -44.10 -30.27
N GLU C 289 59.62 -43.18 -29.34
CA GLU C 289 60.91 -43.01 -28.71
C GLU C 289 61.06 -43.76 -27.40
N MET C 290 59.96 -44.25 -26.82
CA MET C 290 60.00 -44.94 -25.54
C MET C 290 59.86 -46.45 -25.66
N THR C 291 59.65 -46.97 -26.87
CA THR C 291 59.49 -48.40 -27.01
C THR C 291 60.80 -49.12 -26.69
N PRO C 292 60.73 -50.35 -26.18
CA PRO C 292 61.97 -51.09 -25.87
C PRO C 292 62.92 -51.20 -27.05
N ASP C 293 62.39 -51.38 -28.26
CA ASP C 293 63.27 -51.44 -29.43
C ASP C 293 63.94 -50.10 -29.70
N ALA C 294 63.21 -48.99 -29.50
CA ALA C 294 63.81 -47.67 -29.69
C ALA C 294 64.93 -47.44 -28.69
N ILE C 295 64.72 -47.84 -27.43
CA ILE C 295 65.75 -47.65 -26.41
C ILE C 295 66.95 -48.54 -26.68
N LYS C 296 66.72 -49.77 -27.11
CA LYS C 296 67.84 -50.65 -27.47
C LYS C 296 68.62 -50.08 -28.65
N PHE C 297 67.92 -49.54 -29.64
CA PHE C 297 68.59 -48.93 -30.78
C PHE C 297 69.42 -47.72 -30.35
N LYS C 298 68.87 -46.88 -29.47
CA LYS C 298 69.61 -45.73 -28.98
C LYS C 298 70.86 -46.17 -28.23
N ILE C 299 70.74 -47.19 -27.39
CA ILE C 299 71.89 -47.68 -26.64
C ILE C 299 72.95 -48.24 -27.59
N ALA C 300 72.52 -49.00 -28.59
CA ALA C 300 73.47 -49.59 -29.53
C ALA C 300 74.13 -48.55 -30.43
N ALA C 301 73.49 -47.40 -30.65
CA ALA C 301 74.04 -46.38 -31.53
C ALA C 301 74.91 -45.36 -30.79
N ASN C 302 74.81 -45.28 -29.48
CA ASN C 302 75.55 -44.26 -28.73
C ASN C 302 77.03 -44.64 -28.68
N PRO C 303 77.94 -43.71 -28.95
CA PRO C 303 79.37 -44.04 -28.89
C PRO C 303 79.84 -44.51 -27.53
N LEU C 304 79.27 -44.00 -26.44
CA LEU C 304 79.71 -44.37 -25.11
C LEU C 304 79.03 -45.62 -24.57
N THR C 305 77.79 -45.88 -24.96
CA THR C 305 77.01 -46.97 -24.39
C THR C 305 76.97 -48.21 -25.27
N LYS C 306 77.66 -48.21 -26.41
CA LYS C 306 77.55 -49.35 -27.32
C LYS C 306 78.22 -50.61 -26.78
N GLY C 307 78.96 -50.50 -25.67
CA GLY C 307 79.49 -51.69 -25.01
C GLY C 307 78.62 -52.13 -23.84
N LYS C 308 77.39 -51.62 -23.78
CA LYS C 308 76.48 -51.92 -22.67
C LYS C 308 75.11 -52.34 -23.18
N VAL C 309 75.05 -52.83 -24.43
CA VAL C 309 73.76 -53.15 -25.04
C VAL C 309 73.02 -54.26 -24.34
N LYS C 310 73.72 -55.06 -23.53
CA LYS C 310 73.09 -56.12 -22.76
C LYS C 310 72.71 -55.69 -21.35
N GLN C 311 72.95 -54.44 -21.00
CA GLN C 311 72.74 -53.95 -19.64
C GLN C 311 71.40 -53.22 -19.56
N LYS C 312 70.63 -53.54 -18.54
CA LYS C 312 69.35 -52.87 -18.32
C LYS C 312 69.58 -51.44 -17.84
N PRO C 313 68.94 -50.45 -18.45
CA PRO C 313 69.13 -49.07 -17.98
C PRO C 313 68.65 -48.90 -16.55
N ALA C 314 69.38 -48.10 -15.80
CA ALA C 314 69.13 -47.98 -14.36
C ALA C 314 68.14 -46.89 -14.00
N TYR C 315 67.80 -45.99 -14.94
CA TYR C 315 67.05 -44.80 -14.58
C TYR C 315 66.55 -44.13 -15.85
N SER C 316 65.35 -43.57 -15.77
CA SER C 316 64.82 -42.72 -16.81
C SER C 316 64.11 -41.53 -16.17
N VAL C 317 64.15 -40.40 -16.86
CA VAL C 317 63.51 -39.18 -16.39
C VAL C 317 62.68 -38.60 -17.52
N VAL C 318 61.44 -38.20 -17.20
CA VAL C 318 60.56 -37.51 -18.14
C VAL C 318 60.03 -36.27 -17.43
N THR C 319 60.13 -35.13 -18.10
CA THR C 319 59.56 -33.89 -17.57
C THR C 319 58.08 -33.83 -17.90
N ASN C 320 57.24 -33.74 -16.88
CA ASN C 320 55.79 -33.73 -17.05
C ASN C 320 55.17 -32.95 -15.92
N CYS C 321 54.48 -31.85 -16.24
CA CYS C 321 54.28 -31.38 -17.60
C CYS C 321 55.46 -30.57 -18.10
N THR C 322 55.44 -30.24 -19.39
CA THR C 322 56.50 -29.44 -19.99
C THR C 322 56.34 -27.97 -19.60
N TYR C 323 57.29 -27.15 -20.04
CA TYR C 323 57.27 -25.73 -19.69
C TYR C 323 56.07 -25.01 -20.27
N ASP C 324 55.55 -25.47 -21.41
CA ASP C 324 54.41 -24.85 -22.06
C ASP C 324 53.10 -25.55 -21.76
N GLY C 325 53.06 -26.39 -20.73
CA GLY C 325 51.81 -26.99 -20.29
C GLY C 325 51.35 -28.20 -21.05
N VAL C 326 52.25 -28.94 -21.68
CA VAL C 326 51.90 -30.19 -22.34
C VAL C 326 52.08 -31.32 -21.34
N CYS C 327 50.99 -32.02 -21.03
CA CYS C 327 50.97 -33.07 -20.03
C CYS C 327 50.90 -34.43 -20.71
N TYR C 328 51.82 -35.32 -20.36
CA TYR C 328 51.79 -36.69 -20.86
C TYR C 328 50.68 -37.48 -20.18
N ASN C 329 50.16 -38.47 -20.91
CA ASN C 329 49.39 -39.53 -20.27
C ASN C 329 50.40 -40.41 -19.53
N ALA C 330 50.52 -40.18 -18.22
CA ALA C 330 51.59 -40.84 -17.47
C ALA C 330 51.36 -42.33 -17.35
N ARG C 331 50.11 -42.77 -17.34
CA ARG C 331 49.84 -44.21 -17.34
C ARG C 331 50.43 -44.87 -18.58
N LYS C 332 50.23 -44.26 -19.75
CA LYS C 332 50.76 -44.84 -20.98
C LYS C 332 52.29 -44.76 -21.02
N VAL C 333 52.85 -43.65 -20.54
CA VAL C 333 54.31 -43.53 -20.48
C VAL C 333 54.90 -44.61 -19.59
N GLN C 334 54.28 -44.82 -18.43
CA GLN C 334 54.77 -45.84 -17.51
C GLN C 334 54.66 -47.23 -18.12
N ASP C 335 53.55 -47.52 -18.82
CA ASP C 335 53.43 -48.81 -19.47
C ASP C 335 54.47 -48.99 -20.56
N LEU C 336 54.79 -47.93 -21.31
CA LEU C 336 55.81 -48.04 -22.35
C LEU C 336 57.19 -48.27 -21.75
N LEU C 337 57.56 -47.49 -20.75
CA LEU C 337 58.89 -47.58 -20.15
C LEU C 337 59.05 -48.80 -19.24
N ASP C 338 57.96 -49.43 -18.81
CA ASP C 338 58.04 -50.63 -18.00
C ASP C 338 58.72 -51.78 -18.74
N GLY C 339 58.70 -51.77 -20.07
CA GLY C 339 59.36 -52.81 -20.81
C GLY C 339 60.85 -52.70 -20.90
N SER C 340 61.43 -51.63 -20.36
CA SER C 340 62.88 -51.42 -20.43
C SER C 340 63.52 -51.01 -19.12
N LEU C 341 62.78 -50.49 -18.15
CA LEU C 341 63.37 -49.88 -16.97
C LEU C 341 62.62 -50.32 -15.72
N ASP C 342 63.30 -50.22 -14.58
CA ASP C 342 62.67 -50.44 -13.29
C ASP C 342 62.47 -49.15 -12.50
N ARG C 343 63.10 -48.05 -12.90
CA ARG C 343 62.99 -46.79 -12.21
C ARG C 343 62.60 -45.71 -13.21
N ILE C 344 61.47 -45.05 -12.96
CA ILE C 344 61.03 -43.93 -13.77
C ILE C 344 60.89 -42.72 -12.86
N HIS C 345 61.53 -41.63 -13.23
CA HIS C 345 61.47 -40.37 -12.49
C HIS C 345 60.66 -39.38 -13.30
N PHE C 346 59.55 -38.91 -12.74
CA PHE C 346 58.75 -37.86 -13.33
C PHE C 346 59.11 -36.54 -12.65
N ASP C 347 59.77 -35.65 -13.39
CA ASP C 347 60.10 -34.33 -12.86
C ASP C 347 58.88 -33.43 -13.04
N GLU C 348 58.01 -33.46 -12.04
CA GLU C 348 56.79 -32.64 -12.04
C GLU C 348 56.99 -31.34 -11.27
N ALA C 349 58.04 -30.60 -11.57
CA ALA C 349 58.33 -29.38 -10.81
C ALA C 349 57.23 -28.36 -10.96
N TRP C 350 56.70 -28.20 -12.18
CA TRP C 350 55.60 -27.29 -12.45
C TRP C 350 54.24 -27.94 -12.27
N TYR C 351 54.19 -29.20 -11.85
CA TYR C 351 52.98 -30.01 -11.93
C TYR C 351 52.78 -30.67 -10.56
N GLY C 352 52.26 -29.92 -9.60
CA GLY C 352 52.17 -30.43 -8.25
C GLY C 352 50.73 -30.55 -7.81
N TYR C 353 49.88 -29.76 -8.45
CA TYR C 353 48.44 -29.72 -8.22
C TYR C 353 47.67 -30.80 -8.97
N ALA C 354 48.34 -31.54 -9.86
CA ALA C 354 47.62 -32.37 -10.83
C ALA C 354 46.79 -33.45 -10.17
N ARG C 355 47.26 -33.99 -9.04
CA ARG C 355 46.52 -35.03 -8.33
C ARG C 355 45.16 -34.56 -7.83
N PHE C 356 44.98 -33.25 -7.65
CA PHE C 356 43.84 -32.74 -6.89
C PHE C 356 42.74 -32.15 -7.76
N ASN C 357 42.78 -32.38 -9.07
CA ASN C 357 41.68 -32.02 -9.93
C ASN C 357 41.43 -33.15 -10.92
N PRO C 358 40.18 -33.60 -11.08
CA PRO C 358 39.90 -34.71 -12.00
C PRO C 358 40.21 -34.42 -13.46
N LEU C 359 40.37 -33.14 -13.83
CA LEU C 359 40.72 -32.81 -15.21
C LEU C 359 42.05 -33.42 -15.62
N TYR C 360 42.93 -33.70 -14.66
CA TYR C 360 44.27 -34.20 -14.94
C TYR C 360 44.37 -35.71 -14.79
N ARG C 361 43.23 -36.41 -14.69
CA ARG C 361 43.22 -37.84 -14.43
C ARG C 361 44.06 -38.59 -15.46
N ASN C 362 44.87 -39.54 -14.97
CA ASN C 362 45.78 -40.38 -15.74
C ASN C 362 46.95 -39.62 -16.35
N HIS C 363 47.14 -38.36 -16.00
CA HIS C 363 48.20 -37.56 -16.61
C HIS C 363 49.23 -37.11 -15.59
N PHE C 364 49.42 -37.86 -14.51
CA PHE C 364 50.43 -37.57 -13.51
C PHE C 364 50.90 -38.88 -12.90
N ALA C 365 51.90 -38.80 -12.03
CA ALA C 365 52.62 -39.99 -11.60
C ALA C 365 51.89 -40.75 -10.50
N MET C 366 51.52 -40.07 -9.41
CA MET C 366 51.01 -40.74 -8.21
C MET C 366 49.49 -40.81 -8.29
N ARG C 367 49.00 -41.72 -9.12
CA ARG C 367 47.58 -41.85 -9.40
C ARG C 367 46.90 -42.73 -8.37
N ASP C 368 45.64 -42.39 -8.07
CA ASP C 368 44.80 -43.28 -7.29
C ASP C 368 44.35 -44.44 -8.15
N GLU C 369 45.08 -45.56 -8.09
CA GLU C 369 44.83 -46.71 -8.94
C GLU C 369 45.20 -47.97 -8.18
N GLU C 370 44.61 -49.09 -8.59
CA GLU C 370 45.04 -50.37 -8.07
C GLU C 370 46.44 -50.68 -8.57
N ARG C 371 47.34 -50.99 -7.66
CA ARG C 371 48.75 -51.19 -7.98
C ARG C 371 49.09 -52.66 -7.90
N THR C 372 49.72 -53.19 -8.95
CA THR C 372 50.18 -54.56 -8.97
C THR C 372 51.58 -54.63 -8.38
N GLU C 373 52.12 -55.86 -8.30
CA GLU C 373 53.42 -56.07 -7.67
C GLU C 373 54.59 -56.01 -8.65
N ASN C 374 54.33 -55.96 -9.96
CA ASN C 374 55.38 -55.96 -10.95
C ASN C 374 55.60 -54.58 -11.56
N GLU C 375 55.18 -53.54 -10.86
CA GLU C 375 55.34 -52.19 -11.36
C GLU C 375 56.78 -51.72 -11.17
N PRO C 376 57.24 -50.79 -12.00
CA PRO C 376 58.53 -50.15 -11.75
C PRO C 376 58.45 -49.19 -10.58
N THR C 377 59.61 -48.87 -10.02
CA THR C 377 59.68 -47.83 -9.00
C THR C 377 59.49 -46.46 -9.65
N ILE C 378 58.62 -45.63 -9.07
CA ILE C 378 58.28 -44.33 -9.61
C ILE C 378 58.75 -43.25 -8.65
N PHE C 379 59.47 -42.26 -9.17
CA PHE C 379 59.84 -41.07 -8.43
C PHE C 379 59.13 -39.86 -9.03
N ALA C 380 58.67 -38.97 -8.17
CA ALA C 380 58.10 -37.70 -8.60
C ALA C 380 58.67 -36.59 -7.74
N THR C 381 59.11 -35.52 -8.37
CA THR C 381 59.61 -34.34 -7.68
C THR C 381 58.67 -33.17 -7.92
N HIS C 382 58.25 -32.51 -6.85
CA HIS C 382 57.41 -31.33 -6.93
C HIS C 382 58.17 -30.12 -6.42
N SER C 383 58.17 -29.05 -7.20
CA SER C 383 58.68 -27.78 -6.64
C SER C 383 57.47 -27.14 -6.00
N THR C 384 57.33 -27.24 -4.68
CA THR C 384 56.14 -26.73 -3.95
C THR C 384 56.02 -25.22 -4.04
N HIS C 385 57.12 -24.52 -4.32
CA HIS C 385 57.09 -23.06 -4.45
C HIS C 385 56.63 -22.63 -5.84
N1 LLP C 386 63.04 -29.23 -12.82
C2 LLP C 386 62.21 -28.47 -13.55
C2' LLP C 386 61.49 -29.08 -14.70
C3 LLP C 386 62.02 -27.14 -13.22
O3 LLP C 386 61.16 -26.44 -13.99
C4 LLP C 386 62.68 -26.57 -12.13
C4' LLP C 386 62.47 -25.17 -11.78
C5 LLP C 386 63.56 -27.40 -11.38
C6 LLP C 386 63.69 -28.70 -11.77
C5' LLP C 386 64.37 -26.90 -10.23
OP4 LLP C 386 63.55 -26.53 -9.08
P LLP C 386 64.08 -25.56 -7.97
OP1 LLP C 386 63.12 -25.73 -6.85
OP2 LLP C 386 65.47 -25.98 -7.60
OP3 LLP C 386 64.03 -24.24 -8.63
N LLP C 386 56.70 -23.51 -6.83
CA LLP C 386 56.36 -23.09 -8.21
CB LLP C 386 57.02 -23.96 -9.29
CG LLP C 386 58.40 -23.51 -9.75
CD LLP C 386 59.13 -24.55 -10.61
CE LLP C 386 60.64 -24.49 -10.44
NZ LLP C 386 61.32 -24.64 -11.73
C LLP C 386 54.85 -22.90 -8.38
O LLP C 386 54.44 -21.76 -8.54
N LEU C 387 54.06 -23.96 -8.32
CA LEU C 387 52.60 -23.82 -8.61
C LEU C 387 51.76 -24.27 -7.43
N LEU C 388 52.39 -24.48 -6.28
CA LEU C 388 51.68 -24.74 -5.01
C LEU C 388 52.04 -23.52 -4.14
N ASN C 389 51.65 -23.46 -2.87
CA ASN C 389 51.91 -22.33 -1.98
C ASN C 389 53.00 -22.71 -1.00
N ALA C 390 54.24 -22.39 -1.35
CA ALA C 390 55.38 -22.62 -0.48
C ALA C 390 56.47 -21.61 -0.78
N LEU C 391 57.36 -21.43 0.18
CA LEU C 391 58.50 -20.55 0.00
C LEU C 391 59.49 -21.18 -0.96
N SER C 392 60.31 -20.32 -1.59
CA SER C 392 61.35 -20.79 -2.47
C SER C 392 62.26 -21.78 -1.75
N GLN C 393 62.77 -22.76 -2.51
CA GLN C 393 63.64 -23.86 -2.12
C GLN C 393 62.86 -25.01 -1.46
N ALA C 394 61.56 -24.88 -1.25
CA ALA C 394 60.78 -26.00 -0.73
C ALA C 394 60.45 -26.98 -1.85
N SER C 395 60.62 -28.27 -1.57
CA SER C 395 60.44 -29.29 -2.58
C SER C 395 60.08 -30.60 -1.89
N PHE C 396 59.58 -31.54 -2.68
CA PHE C 396 59.22 -32.86 -2.21
C PHE C 396 59.81 -33.91 -3.12
N ILE C 397 60.22 -35.03 -2.54
CA ILE C 397 60.49 -36.26 -3.26
C ILE C 397 59.40 -37.26 -2.89
N HIS C 398 58.71 -37.78 -3.88
CA HIS C 398 57.69 -38.79 -3.68
C HIS C 398 58.14 -40.08 -4.33
N VAL C 399 58.02 -41.19 -3.61
CA VAL C 399 58.48 -42.48 -4.07
C VAL C 399 57.32 -43.46 -4.00
N ARG C 400 57.14 -44.22 -5.07
CA ARG C 400 56.27 -45.39 -5.09
C ARG C 400 57.14 -46.60 -5.36
N ASN C 401 57.24 -47.49 -4.37
CA ASN C 401 58.18 -48.61 -4.45
C ASN C 401 57.66 -49.67 -5.41
N GLY C 402 58.51 -50.07 -6.33
CA GLY C 402 58.19 -51.14 -7.25
C GLY C 402 59.37 -52.07 -7.46
N ARG C 403 59.70 -52.35 -8.71
CA ARG C 403 60.85 -53.19 -9.01
C ARG C 403 62.14 -52.44 -8.73
N ASN C 404 63.09 -53.13 -8.10
CA ASN C 404 64.41 -52.59 -7.81
C ASN C 404 64.30 -51.32 -6.96
N ALA C 405 63.48 -51.39 -5.91
CA ALA C 405 63.27 -50.26 -5.04
C ALA C 405 64.49 -50.00 -4.15
N ILE C 406 64.61 -48.76 -3.69
CA ILE C 406 65.71 -48.35 -2.83
C ILE C 406 65.15 -48.16 -1.43
N ASP C 407 65.65 -48.95 -0.48
CA ASP C 407 65.16 -48.88 0.89
C ASP C 407 65.67 -47.61 1.56
N PHE C 408 65.10 -47.33 2.74
CA PHE C 408 65.34 -46.05 3.40
C PHE C 408 66.81 -45.85 3.76
N ASN C 409 67.48 -46.90 4.25
CA ASN C 409 68.88 -46.74 4.66
C ASN C 409 69.76 -46.36 3.48
N ARG C 410 69.51 -46.94 2.31
CA ARG C 410 70.31 -46.61 1.13
C ARG C 410 69.96 -45.23 0.58
N PHE C 411 68.67 -44.89 0.55
CA PHE C 411 68.26 -43.61 -0.01
C PHE C 411 68.70 -42.44 0.87
N ASN C 412 68.76 -42.67 2.19
CA ASN C 412 69.11 -41.61 3.11
C ASN C 412 70.52 -41.10 2.89
N GLN C 413 71.42 -41.95 2.38
CA GLN C 413 72.78 -41.50 2.10
C GLN C 413 72.80 -40.42 1.02
N ALA C 414 72.10 -40.67 -0.10
CA ALA C 414 72.01 -39.65 -1.14
C ALA C 414 71.29 -38.41 -0.62
N TYR C 415 70.21 -38.61 0.15
CA TYR C 415 69.47 -37.48 0.71
C TYR C 415 70.39 -36.58 1.52
N LEU C 416 71.18 -37.16 2.43
CA LEU C 416 72.11 -36.37 3.22
C LEU C 416 73.20 -35.77 2.35
N MET C 417 73.65 -36.49 1.32
CA MET C 417 74.71 -35.97 0.46
C MET C 417 74.32 -34.68 -0.22
N HIS C 418 73.03 -34.48 -0.53
CA HIS C 418 72.66 -33.24 -1.19
C HIS C 418 71.86 -32.30 -0.30
N SER C 419 71.99 -32.41 1.00
CA SER C 419 71.26 -31.57 1.94
C SER C 419 72.24 -30.73 2.76
N THR C 420 71.72 -30.04 3.75
CA THR C 420 72.52 -29.27 4.69
C THR C 420 72.24 -29.75 6.10
N THR C 421 73.24 -29.62 6.97
CA THR C 421 73.06 -30.03 8.36
C THR C 421 72.27 -29.01 9.18
N SER C 422 72.00 -27.83 8.65
CA SER C 422 71.25 -26.79 9.36
C SER C 422 70.12 -26.28 8.48
N PRO C 423 69.07 -27.07 8.27
CA PRO C 423 67.95 -26.59 7.46
C PRO C 423 67.20 -25.46 8.14
N LEU C 424 66.67 -24.56 7.32
CA LEU C 424 65.81 -23.50 7.81
C LEU C 424 64.39 -24.03 7.94
N TYR C 425 63.88 -24.06 9.17
CA TYR C 425 62.61 -24.73 9.43
C TYR C 425 61.41 -23.98 8.85
N ALA C 426 61.57 -22.70 8.50
CA ALA C 426 60.50 -22.00 7.82
C ALA C 426 60.18 -22.61 6.47
N ILE C 427 61.20 -23.08 5.74
CA ILE C 427 60.98 -23.73 4.47
C ILE C 427 60.20 -25.03 4.63
N CYS C 428 60.58 -25.84 5.62
CA CYS C 428 59.85 -27.08 5.89
C CYS C 428 58.42 -26.79 6.35
N ALA C 429 58.23 -25.73 7.12
CA ALA C 429 56.89 -25.34 7.54
C ALA C 429 56.04 -24.93 6.34
N SER C 430 56.64 -24.21 5.38
CA SER C 430 55.91 -23.86 4.17
C SER C 430 55.54 -25.10 3.37
N ASN C 431 56.45 -26.08 3.30
CA ASN C 431 56.12 -27.35 2.66
C ASN C 431 54.93 -28.02 3.33
N ASP C 432 54.93 -28.03 4.66
CA ASP C 432 53.86 -28.65 5.43
C ASP C 432 52.52 -27.94 5.20
N ILE C 433 52.53 -26.61 5.19
CA ILE C 433 51.28 -25.88 4.96
C ILE C 433 50.79 -26.05 3.53
N ALA C 434 51.71 -26.17 2.55
CA ALA C 434 51.28 -26.42 1.18
C ALA C 434 50.59 -27.77 1.06
N ALA C 435 51.19 -28.81 1.66
CA ALA C 435 50.57 -30.12 1.66
C ALA C 435 49.20 -30.07 2.33
N ASP C 436 49.10 -29.38 3.45
CA ASP C 436 47.81 -29.25 4.13
C ASP C 436 46.80 -28.51 3.26
N MET C 437 47.25 -27.52 2.51
CA MET C 437 46.35 -26.74 1.67
C MET C 437 45.78 -27.58 0.53
N MET C 438 46.55 -28.54 0.03
CA MET C 438 46.00 -29.43 -0.99
C MET C 438 45.15 -30.57 -0.41
N ASP C 439 45.10 -30.71 0.91
CA ASP C 439 44.42 -31.84 1.54
C ASP C 439 42.91 -31.64 1.56
N GLY C 440 42.17 -32.73 1.31
CA GLY C 440 40.72 -32.72 1.41
C GLY C 440 40.01 -31.97 0.30
N ASN C 441 38.93 -31.27 0.66
CA ASN C 441 38.15 -30.51 -0.31
C ASN C 441 38.90 -29.31 -0.86
N SER C 442 39.83 -28.76 -0.06
CA SER C 442 40.45 -27.49 -0.41
C SER C 442 41.31 -27.60 -1.65
N GLY C 443 42.02 -28.71 -1.86
CA GLY C 443 42.82 -28.85 -3.06
C GLY C 443 41.98 -28.82 -4.32
N ARG C 444 40.86 -29.56 -4.32
CA ARG C 444 39.94 -29.52 -5.43
C ARG C 444 39.39 -28.11 -5.65
N SER C 445 39.00 -27.43 -4.57
CA SER C 445 38.42 -26.10 -4.71
C SER C 445 39.43 -25.10 -5.28
N LEU C 446 40.68 -25.16 -4.81
CA LEU C 446 41.70 -24.22 -5.28
C LEU C 446 42.08 -24.47 -6.73
N THR C 447 42.27 -25.74 -7.10
CA THR C 447 42.55 -26.04 -8.50
C THR C 447 41.37 -25.64 -9.39
N ASP C 448 40.14 -25.83 -8.92
CA ASP C 448 38.98 -25.41 -9.68
C ASP C 448 38.99 -23.91 -9.91
N GLU C 449 39.30 -23.13 -8.88
CA GLU C 449 39.32 -21.68 -9.04
C GLU C 449 40.35 -21.25 -10.07
N VAL C 450 41.56 -21.82 -10.01
CA VAL C 450 42.60 -21.43 -10.97
C VAL C 450 42.19 -21.83 -12.39
N ILE C 451 41.67 -23.05 -12.55
CA ILE C 451 41.29 -23.53 -13.87
C ILE C 451 40.18 -22.66 -14.46
N ARG C 452 39.21 -22.29 -13.63
CA ARG C 452 38.12 -21.44 -14.11
C ARG C 452 38.61 -20.07 -14.53
N GLU C 453 39.54 -19.48 -13.76
CA GLU C 453 40.11 -18.20 -14.17
C GLU C 453 40.82 -18.31 -15.52
N SER C 454 41.62 -19.36 -15.69
CA SER C 454 42.33 -19.52 -16.95
C SER C 454 41.36 -19.73 -18.12
N ILE C 455 40.28 -20.48 -17.88
CA ILE C 455 39.30 -20.71 -18.94
C ILE C 455 38.57 -19.41 -19.30
N ASP C 456 38.23 -18.60 -18.29
CA ASP C 456 37.61 -17.32 -18.59
C ASP C 456 38.51 -16.45 -19.43
N PHE C 457 39.80 -16.40 -19.09
CA PHE C 457 40.74 -15.63 -19.92
C PHE C 457 40.82 -16.18 -21.34
N ARG C 458 40.93 -17.50 -21.48
CA ARG C 458 41.06 -18.10 -22.81
C ARG C 458 39.84 -17.79 -23.67
N GLN C 459 38.64 -17.96 -23.10
CA GLN C 459 37.42 -17.74 -23.86
C GLN C 459 37.25 -16.27 -24.23
N SER C 460 37.57 -15.36 -23.30
CA SER C 460 37.47 -13.94 -23.62
C SER C 460 38.44 -13.55 -24.73
N LEU C 461 39.66 -14.08 -24.68
CA LEU C 461 40.63 -13.77 -25.72
C LEU C 461 40.20 -14.34 -27.06
N ALA C 462 39.67 -15.56 -27.08
CA ALA C 462 39.19 -16.14 -28.33
C ALA C 462 38.03 -15.32 -28.90
N TYR C 463 37.13 -14.87 -28.03
CA TYR C 463 36.02 -14.04 -28.49
C TYR C 463 36.52 -12.73 -29.10
N LEU C 464 37.46 -12.07 -28.43
CA LEU C 464 38.01 -10.83 -28.97
C LEU C 464 38.72 -11.07 -30.29
N TYR C 465 39.44 -12.20 -30.40
CA TYR C 465 40.11 -12.54 -31.65
C TYR C 465 39.11 -12.70 -32.78
N LYS C 466 38.00 -13.40 -32.51
CA LYS C 466 36.97 -13.56 -33.54
C LYS C 466 36.35 -12.21 -33.91
N GLU C 467 36.11 -11.35 -32.93
CA GLU C 467 35.55 -10.03 -33.21
C GLU C 467 36.46 -9.22 -34.13
N PHE C 468 37.76 -9.16 -33.78
CA PHE C 468 38.71 -8.42 -34.60
C PHE C 468 38.86 -9.03 -35.98
N LEU C 469 38.83 -10.37 -36.07
CA LEU C 469 38.89 -11.02 -37.37
C LEU C 469 37.68 -10.67 -38.21
N ASN C 470 36.49 -10.62 -37.59
CA ASN C 470 35.29 -10.22 -38.32
C ASN C 470 35.42 -8.79 -38.84
N ASP C 471 36.07 -7.91 -38.08
CA ASP C 471 36.36 -6.57 -38.56
C ASP C 471 37.63 -6.51 -39.40
N ASP C 472 38.06 -7.65 -39.95
CA ASP C 472 39.32 -7.80 -40.69
C ASP C 472 40.48 -7.05 -40.04
N GLU C 473 40.68 -7.30 -38.75
CA GLU C 473 41.83 -6.81 -38.00
C GLU C 473 42.55 -7.98 -37.35
N TRP C 474 43.78 -7.73 -36.92
CA TRP C 474 44.58 -8.74 -36.23
C TRP C 474 44.40 -8.63 -34.73
N PHE C 475 44.56 -9.76 -34.05
CA PHE C 475 44.63 -9.78 -32.59
C PHE C 475 45.34 -11.04 -32.15
N PHE C 476 45.62 -11.13 -30.85
CA PHE C 476 46.19 -12.32 -30.27
C PHE C 476 45.11 -13.38 -30.05
N LYS C 477 45.52 -14.64 -30.14
CA LYS C 477 44.62 -15.75 -29.92
C LYS C 477 45.22 -16.71 -28.91
N PRO C 478 44.38 -17.32 -28.07
CA PRO C 478 44.89 -18.34 -27.15
C PRO C 478 45.27 -19.60 -27.89
N TRP C 479 46.24 -20.32 -27.35
CA TRP C 479 46.71 -21.57 -27.95
C TRP C 479 45.96 -22.72 -27.30
N ASN C 480 44.80 -23.06 -27.86
CA ASN C 480 44.02 -24.21 -27.43
C ASN C 480 43.18 -24.69 -28.61
N GLN C 481 42.29 -25.63 -28.35
CA GLN C 481 41.39 -26.12 -29.37
C GLN C 481 40.51 -24.99 -29.93
N GLU C 482 40.33 -24.98 -31.24
CA GLU C 482 39.38 -24.07 -31.85
C GLU C 482 37.94 -24.51 -31.60
N MET C 483 37.67 -25.80 -31.79
CA MET C 483 36.33 -26.36 -31.61
C MET C 483 36.42 -27.49 -30.59
N VAL C 484 35.45 -27.54 -29.69
CA VAL C 484 35.38 -28.60 -28.71
C VAL C 484 34.07 -29.36 -28.90
N LYS C 485 34.12 -30.65 -28.63
CA LYS C 485 32.98 -31.53 -28.79
C LYS C 485 32.52 -32.00 -27.41
N ASP C 486 31.21 -31.94 -27.18
CA ASP C 486 30.65 -32.50 -25.97
C ASP C 486 30.54 -34.02 -26.12
N PRO C 487 31.26 -34.80 -25.32
CA PRO C 487 31.23 -36.26 -25.52
C PRO C 487 29.90 -36.89 -25.18
N ALA C 488 29.07 -36.23 -24.36
CA ALA C 488 27.79 -36.81 -23.97
C ALA C 488 26.77 -36.66 -25.10
N THR C 489 26.45 -35.43 -25.47
CA THR C 489 25.42 -35.16 -26.47
C THR C 489 25.96 -35.12 -27.90
N GLY C 490 27.27 -35.15 -28.08
CA GLY C 490 27.85 -35.08 -29.40
C GLY C 490 27.86 -33.70 -30.02
N LYS C 491 27.41 -32.68 -29.29
CA LYS C 491 27.32 -31.34 -29.84
C LYS C 491 28.69 -30.68 -29.90
N ARG C 492 28.94 -29.94 -30.98
CA ARG C 492 30.19 -29.21 -31.15
C ARG C 492 29.99 -27.74 -30.81
N TYR C 493 31.00 -27.14 -30.21
CA TYR C 493 31.01 -25.72 -29.90
C TYR C 493 32.32 -25.11 -30.38
N ALA C 494 32.26 -23.84 -30.76
CA ALA C 494 33.47 -23.05 -30.78
C ALA C 494 33.96 -22.88 -29.35
N PHE C 495 35.29 -22.79 -29.20
CA PHE C 495 35.86 -22.78 -27.85
C PHE C 495 35.31 -21.63 -27.02
N GLU C 496 35.19 -20.44 -27.60
CA GLU C 496 34.69 -19.30 -26.86
C GLU C 496 33.20 -19.41 -26.55
N ASP C 497 32.49 -20.30 -27.22
CA ASP C 497 31.07 -20.51 -26.98
C ASP C 497 30.78 -21.74 -26.12
N ALA C 498 31.79 -22.55 -25.82
CA ALA C 498 31.56 -23.75 -25.04
C ALA C 498 31.16 -23.40 -23.62
N PRO C 499 30.25 -24.17 -23.02
CA PRO C 499 29.92 -23.95 -21.61
C PRO C 499 31.14 -24.18 -20.72
N VAL C 500 31.28 -23.32 -19.71
CA VAL C 500 32.44 -23.39 -18.83
C VAL C 500 32.48 -24.72 -18.08
N GLU C 501 31.31 -25.24 -17.70
CA GLU C 501 31.24 -26.52 -17.01
C GLU C 501 31.80 -27.64 -17.88
N LEU C 502 31.51 -27.62 -19.18
CA LEU C 502 32.04 -28.64 -20.08
C LEU C 502 33.57 -28.58 -20.15
N LEU C 503 34.12 -27.37 -20.28
CA LEU C 503 35.57 -27.23 -20.35
C LEU C 503 36.24 -27.61 -19.03
N MET C 504 35.58 -27.34 -17.92
CA MET C 504 36.12 -27.66 -16.60
C MET C 504 36.00 -29.14 -16.27
N ARG C 505 35.06 -29.86 -16.89
CA ARG C 505 34.79 -31.24 -16.54
C ARG C 505 35.38 -32.25 -17.51
N GLU C 506 35.41 -31.95 -18.80
CA GLU C 506 35.74 -32.94 -19.83
C GLU C 506 37.21 -32.83 -20.21
N GLN C 507 37.95 -33.91 -19.99
CA GLN C 507 39.37 -33.95 -20.33
C GLN C 507 39.60 -33.89 -21.84
N SER C 508 38.70 -34.48 -22.62
CA SER C 508 38.88 -34.52 -24.07
C SER C 508 38.84 -33.13 -24.71
N CYS C 509 38.30 -32.13 -24.02
CA CYS C 509 38.35 -30.76 -24.52
C CYS C 509 39.76 -30.18 -24.51
N TRP C 510 40.72 -30.87 -23.89
CA TRP C 510 42.08 -30.41 -23.80
C TRP C 510 43.09 -31.39 -24.37
N VAL C 511 42.66 -32.59 -24.75
CA VAL C 511 43.56 -33.57 -25.35
C VAL C 511 43.98 -33.11 -26.73
N MET C 512 45.24 -33.38 -27.07
CA MET C 512 45.76 -33.05 -28.40
C MET C 512 45.32 -34.13 -29.38
N HIS C 513 44.40 -33.79 -30.27
CA HIS C 513 44.03 -34.83 -31.22
C HIS C 513 44.83 -34.67 -32.51
N PRO C 514 45.23 -35.78 -33.14
CA PRO C 514 46.04 -35.68 -34.36
C PRO C 514 45.32 -34.98 -35.51
N GLU C 515 44.00 -34.99 -35.53
CA GLU C 515 43.24 -34.35 -36.60
C GLU C 515 43.11 -32.84 -36.42
N ASP C 516 43.43 -32.31 -35.26
CA ASP C 516 43.34 -30.87 -35.02
C ASP C 516 44.63 -30.18 -35.43
N LYS C 517 44.49 -28.95 -35.92
CA LYS C 517 45.62 -28.17 -36.39
C LYS C 517 46.16 -27.19 -35.35
N TRP C 518 45.45 -26.97 -34.25
CA TRP C 518 45.85 -25.92 -33.31
C TRP C 518 47.20 -26.22 -32.66
N HIS C 519 47.42 -27.46 -32.23
CA HIS C 519 48.63 -27.75 -31.45
C HIS C 519 49.86 -27.85 -32.33
N GLY C 520 49.72 -28.31 -33.57
CA GLY C 520 50.82 -28.32 -34.49
C GLY C 520 51.85 -29.41 -34.27
N PHE C 521 51.57 -30.40 -33.44
CA PHE C 521 52.46 -31.54 -33.24
C PHE C 521 52.02 -32.62 -34.20
N ASN C 522 52.63 -32.63 -35.39
CA ASN C 522 52.24 -33.58 -36.43
C ASN C 522 52.62 -35.00 -36.03
N ASP C 523 51.72 -35.93 -36.34
CA ASP C 523 51.93 -37.36 -36.10
C ASP C 523 51.93 -37.70 -34.62
N ILE C 524 51.32 -36.86 -33.79
CA ILE C 524 51.15 -37.23 -32.38
C ILE C 524 50.04 -38.27 -32.28
N PRO C 525 50.20 -39.34 -31.51
CA PRO C 525 49.10 -40.28 -31.30
C PRO C 525 47.99 -39.64 -30.48
N ASP C 526 46.78 -40.16 -30.66
CA ASP C 526 45.64 -39.65 -29.92
C ASP C 526 45.69 -40.15 -28.47
N ASN C 527 45.16 -39.32 -27.57
CA ASN C 527 45.12 -39.63 -26.14
C ASN C 527 46.52 -39.88 -25.59
N TRP C 528 47.49 -39.12 -26.09
CA TRP C 528 48.86 -39.17 -25.62
C TRP C 528 49.23 -37.96 -24.78
N ALA C 529 48.96 -36.77 -25.28
CA ALA C 529 49.27 -35.54 -24.58
C ALA C 529 47.99 -34.74 -24.35
N MET C 530 48.11 -33.71 -23.51
CA MET C 530 46.98 -32.90 -23.07
C MET C 530 47.52 -31.53 -22.70
N LEU C 531 46.72 -30.50 -22.90
CA LEU C 531 47.11 -29.14 -22.57
C LEU C 531 46.66 -28.80 -21.15
N ASP C 532 47.59 -28.28 -20.36
CA ASP C 532 47.26 -27.79 -19.03
C ASP C 532 46.56 -26.44 -19.18
N PRO C 533 45.31 -26.30 -18.72
CA PRO C 533 44.59 -25.02 -18.93
C PRO C 533 45.26 -23.83 -18.28
N ILE C 534 45.94 -23.99 -17.14
CA ILE C 534 46.43 -22.85 -16.40
C ILE C 534 47.76 -22.32 -16.90
N LYS C 535 48.38 -22.97 -17.89
CA LYS C 535 49.57 -22.43 -18.55
C LYS C 535 49.11 -21.87 -19.89
N VAL C 536 48.75 -20.59 -19.90
CA VAL C 536 48.06 -19.99 -21.03
C VAL C 536 49.09 -19.36 -21.97
N SER C 537 49.18 -19.90 -23.18
CA SER C 537 49.99 -19.33 -24.23
C SER C 537 49.11 -18.51 -25.16
N ILE C 538 49.56 -17.32 -25.51
CA ILE C 538 48.89 -16.51 -26.50
C ILE C 538 49.81 -16.38 -27.70
N LEU C 539 49.22 -16.32 -28.89
CA LEU C 539 49.95 -16.33 -30.15
C LEU C 539 49.79 -14.98 -30.82
N ALA C 540 50.89 -14.35 -31.12
CA ALA C 540 50.87 -13.16 -31.95
C ALA C 540 50.74 -13.56 -33.42
N PRO C 541 50.10 -12.74 -34.24
CA PRO C 541 49.92 -13.10 -35.66
C PRO C 541 51.24 -13.06 -36.41
N GLY C 542 51.32 -13.88 -37.44
CA GLY C 542 52.50 -13.88 -38.29
C GLY C 542 52.93 -15.25 -38.77
N MET C 543 52.49 -16.30 -38.09
CA MET C 543 52.88 -17.66 -38.42
C MET C 543 51.72 -18.37 -39.11
N GLY C 544 51.97 -18.89 -40.30
CA GLY C 544 50.94 -19.64 -41.00
C GLY C 544 50.77 -21.04 -40.46
N ASP C 545 49.61 -21.62 -40.74
CA ASP C 545 49.32 -22.97 -40.27
C ASP C 545 50.21 -24.01 -40.93
N ASP C 546 50.75 -23.72 -42.10
CA ASP C 546 51.63 -24.63 -42.80
C ASP C 546 53.03 -24.69 -42.21
N GLY C 547 53.42 -23.68 -41.43
CA GLY C 547 54.75 -23.61 -40.86
C GLY C 547 55.59 -22.46 -41.39
N LYS C 548 55.09 -21.70 -42.35
CA LYS C 548 55.81 -20.58 -42.92
C LYS C 548 55.15 -19.27 -42.53
N LEU C 549 55.93 -18.21 -42.51
CA LEU C 549 55.45 -16.91 -42.08
C LEU C 549 54.45 -16.34 -43.08
N LEU C 550 53.56 -15.49 -42.58
CA LEU C 550 52.61 -14.80 -43.42
C LEU C 550 53.24 -13.52 -43.96
N ASP C 551 52.46 -12.75 -44.71
CA ASP C 551 52.98 -11.52 -45.31
C ASP C 551 53.23 -10.45 -44.26
N THR C 552 52.46 -10.47 -43.17
CA THR C 552 52.58 -9.49 -42.10
C THR C 552 52.38 -10.19 -40.77
N GLY C 553 52.84 -9.54 -39.70
CA GLY C 553 52.69 -10.11 -38.38
C GLY C 553 53.27 -9.17 -37.34
N VAL C 554 53.09 -9.56 -36.09
CA VAL C 554 53.58 -8.82 -34.94
C VAL C 554 54.51 -9.75 -34.15
N PRO C 555 55.81 -9.50 -34.12
CA PRO C 555 56.71 -10.38 -33.36
C PRO C 555 56.47 -10.27 -31.87
N ALA C 556 56.66 -11.40 -31.18
CA ALA C 556 56.35 -11.45 -29.75
C ALA C 556 57.37 -10.71 -28.90
N ALA C 557 58.56 -10.42 -29.42
CA ALA C 557 59.54 -9.68 -28.63
C ALA C 557 59.05 -8.28 -28.29
N LEU C 558 58.41 -7.63 -29.25
CA LEU C 558 57.88 -6.28 -29.00
C LEU C 558 56.73 -6.31 -28.01
N VAL C 559 55.84 -7.29 -28.11
CA VAL C 559 54.77 -7.45 -27.15
C VAL C 559 55.34 -7.73 -25.76
N THR C 560 56.41 -8.51 -25.70
CA THR C 560 57.06 -8.79 -24.42
C THR C 560 57.65 -7.52 -23.82
N ALA C 561 58.25 -6.68 -24.66
CA ALA C 561 58.76 -5.40 -24.17
C ALA C 561 57.63 -4.54 -23.61
N TRP C 562 56.50 -4.51 -24.31
CA TRP C 562 55.32 -3.79 -23.82
C TRP C 562 54.87 -4.31 -22.46
N LEU C 563 54.73 -5.62 -22.34
CA LEU C 563 54.27 -6.23 -21.09
C LEU C 563 55.25 -5.95 -19.97
N ASN C 564 56.55 -6.07 -20.23
CA ASN C 564 57.56 -5.73 -19.22
C ASN C 564 57.43 -4.28 -18.80
N HIS C 565 57.20 -3.38 -19.76
CA HIS C 565 56.98 -1.98 -19.42
C HIS C 565 55.79 -1.81 -18.49
N TYR C 566 54.77 -2.66 -18.63
CA TYR C 566 53.63 -2.59 -17.72
C TYR C 566 53.76 -3.55 -16.53
N GLY C 567 54.91 -4.18 -16.35
CA GLY C 567 55.18 -4.99 -15.18
C GLY C 567 54.91 -6.47 -15.36
N ILE C 568 54.15 -6.85 -16.39
CA ILE C 568 53.87 -8.26 -16.64
C ILE C 568 55.11 -8.90 -17.25
N VAL C 569 55.58 -9.97 -16.63
CA VAL C 569 56.76 -10.68 -17.10
C VAL C 569 56.33 -12.10 -17.48
N PRO C 570 56.31 -12.45 -18.76
CA PRO C 570 55.93 -13.81 -19.17
C PRO C 570 56.97 -14.84 -18.76
N THR C 571 56.48 -16.08 -18.61
CA THR C 571 57.34 -17.19 -18.23
C THR C 571 58.16 -17.70 -19.41
N ARG C 572 57.52 -17.87 -20.56
CA ARG C 572 58.19 -18.35 -21.77
C ARG C 572 57.84 -17.44 -22.94
N THR C 573 58.70 -17.44 -23.95
CA THR C 573 58.51 -16.60 -25.12
C THR C 573 59.27 -17.20 -26.29
N THR C 574 58.61 -17.27 -27.45
CA THR C 574 59.23 -17.59 -28.72
C THR C 574 58.95 -16.43 -29.68
N ASP C 575 59.24 -16.66 -30.97
CA ASP C 575 59.04 -15.63 -31.97
C ASP C 575 57.59 -15.14 -31.99
N PHE C 576 56.62 -16.07 -32.01
CA PHE C 576 55.21 -15.73 -31.85
C PHE C 576 54.61 -16.67 -30.83
N GLN C 577 54.85 -16.40 -29.55
CA GLN C 577 54.23 -17.11 -28.45
C GLN C 577 54.59 -16.44 -27.13
N ILE C 578 53.61 -16.18 -26.29
CA ILE C 578 53.84 -15.61 -24.97
C ILE C 578 53.03 -16.43 -23.97
N MET C 579 53.71 -16.92 -22.94
CA MET C 579 53.11 -17.80 -21.95
C MET C 579 52.86 -17.05 -20.65
N PHE C 580 51.65 -17.16 -20.13
CA PHE C 580 51.27 -16.56 -18.86
C PHE C 580 50.90 -17.66 -17.87
N LEU C 581 51.33 -17.49 -16.63
CA LEU C 581 51.05 -18.44 -15.56
C LEU C 581 49.85 -18.01 -14.76
N PHE C 582 48.89 -18.91 -14.61
CA PHE C 582 47.79 -18.74 -13.67
C PHE C 582 48.08 -19.65 -12.48
N SER C 583 48.23 -19.07 -11.30
CA SER C 583 48.59 -19.81 -10.10
C SER C 583 47.48 -19.68 -9.07
N MET C 584 47.63 -20.43 -7.98
CA MET C 584 46.67 -20.36 -6.89
C MET C 584 46.75 -19.06 -6.11
N GLY C 585 47.77 -18.23 -6.36
CA GLY C 585 47.86 -16.91 -5.81
C GLY C 585 47.20 -15.82 -6.61
N ILE C 586 46.60 -16.14 -7.74
CA ILE C 586 45.88 -15.16 -8.54
C ILE C 586 44.54 -14.86 -7.87
N THR C 587 44.03 -13.67 -8.11
CA THR C 587 42.70 -13.28 -7.65
C THR C 587 41.74 -13.24 -8.82
N LYS C 588 40.46 -13.36 -8.52
CA LYS C 588 39.44 -13.50 -9.56
C LYS C 588 39.30 -12.22 -10.37
N GLY C 589 39.19 -12.38 -11.68
CA GLY C 589 39.05 -11.25 -12.59
C GLY C 589 40.34 -10.51 -12.89
N LYS C 590 41.48 -11.04 -12.45
CA LYS C 590 42.75 -10.36 -12.67
C LYS C 590 43.16 -10.32 -14.13
N TRP C 591 42.71 -11.31 -14.92
CA TRP C 591 43.06 -11.38 -16.34
C TRP C 591 42.48 -10.23 -17.16
N GLY C 592 41.55 -9.47 -16.59
CA GLY C 592 41.08 -8.27 -17.27
C GLY C 592 42.20 -7.27 -17.50
N THR C 593 43.15 -7.17 -16.58
CA THR C 593 44.32 -6.32 -16.79
C THR C 593 45.12 -6.80 -17.99
N LEU C 594 45.31 -8.11 -18.12
CA LEU C 594 46.04 -8.64 -19.27
C LEU C 594 45.34 -8.31 -20.57
N VAL C 595 44.02 -8.49 -20.61
CA VAL C 595 43.26 -8.17 -21.82
C VAL C 595 43.36 -6.69 -22.14
N ASN C 596 43.24 -5.83 -21.11
CA ASN C 596 43.35 -4.39 -21.31
C ASN C 596 44.71 -4.00 -21.86
N THR C 597 45.78 -4.60 -21.32
CA THR C 597 47.12 -4.31 -21.79
C THR C 597 47.30 -4.71 -23.24
N LEU C 598 46.79 -5.88 -23.61
CA LEU C 598 46.91 -6.32 -25.00
C LEU C 598 46.13 -5.40 -25.94
N LEU C 599 44.94 -4.96 -25.52
CA LEU C 599 44.15 -4.04 -26.34
C LEU C 599 44.86 -2.70 -26.51
N SER C 600 45.44 -2.18 -25.43
CA SER C 600 46.15 -0.91 -25.54
C SER C 600 47.39 -1.05 -26.42
N PHE C 601 48.08 -2.19 -26.34
CA PHE C 601 49.17 -2.43 -27.28
C PHE C 601 48.69 -2.40 -28.71
N LYS C 602 47.56 -3.06 -28.98
CA LYS C 602 47.04 -3.06 -30.35
C LYS C 602 46.69 -1.65 -30.81
N ARG C 603 46.12 -0.85 -29.92
CA ARG C 603 45.80 0.53 -30.27
C ARG C 603 47.06 1.31 -30.64
N HIS C 604 48.09 1.25 -29.78
CA HIS C 604 49.31 1.99 -30.06
C HIS C 604 50.05 1.44 -31.27
N TYR C 605 49.88 0.15 -31.56
CA TYR C 605 50.52 -0.44 -32.73
C TYR C 605 49.84 0.01 -34.01
N ASP C 606 48.50 0.06 -34.00
CA ASP C 606 47.77 0.56 -35.16
C ASP C 606 48.03 2.04 -35.37
N ASN C 607 48.23 2.80 -34.29
CA ASN C 607 48.49 4.23 -34.43
C ASN C 607 49.95 4.55 -34.69
N ASN C 608 50.83 3.56 -34.68
CA ASN C 608 52.27 3.76 -34.87
C ASN C 608 52.81 4.83 -33.92
N THR C 609 52.48 4.68 -32.64
CA THR C 609 52.95 5.63 -31.64
C THR C 609 54.46 5.56 -31.52
N ALA C 610 55.09 6.72 -31.40
CA ALA C 610 56.55 6.79 -31.31
C ALA C 610 57.05 6.06 -30.06
N LEU C 611 58.14 5.31 -30.23
CA LEU C 611 58.67 4.52 -29.13
C LEU C 611 59.10 5.38 -27.95
N LYS C 612 59.45 6.64 -28.18
CA LYS C 612 59.82 7.51 -27.06
C LYS C 612 58.65 7.71 -26.10
N LYS C 613 57.44 7.84 -26.63
CA LYS C 613 56.28 8.06 -25.77
C LYS C 613 55.90 6.81 -25.00
N VAL C 614 55.88 5.65 -25.66
CA VAL C 614 55.34 4.44 -25.08
C VAL C 614 56.42 3.58 -24.42
N LEU C 615 57.58 3.43 -25.07
CA LEU C 615 58.63 2.52 -24.60
C LEU C 615 59.96 3.26 -24.51
N PRO C 616 60.09 4.18 -23.55
CA PRO C 616 61.36 4.91 -23.43
C PRO C 616 62.56 4.01 -23.13
N GLU C 617 62.35 2.90 -22.40
CA GLU C 617 63.46 2.01 -22.09
C GLU C 617 64.01 1.33 -23.34
N VAL C 618 63.14 1.03 -24.30
CA VAL C 618 63.62 0.49 -25.57
C VAL C 618 64.47 1.52 -26.30
N VAL C 619 64.03 2.78 -26.31
CA VAL C 619 64.79 3.83 -26.96
C VAL C 619 66.16 4.00 -26.30
N ALA C 620 66.19 3.89 -24.97
CA ALA C 620 67.42 4.10 -24.22
C ALA C 620 68.52 3.10 -24.57
N SER C 621 68.19 1.99 -25.22
CA SER C 621 69.22 1.05 -25.65
C SER C 621 70.01 1.61 -26.82
N ALA C 622 69.34 1.90 -27.93
CA ALA C 622 69.97 2.44 -29.14
C ALA C 622 69.22 3.67 -29.58
N PRO C 623 69.45 4.82 -28.93
CA PRO C 623 68.69 6.03 -29.27
C PRO C 623 68.87 6.47 -30.71
N GLU C 624 69.99 6.12 -31.36
CA GLU C 624 70.19 6.49 -32.75
C GLU C 624 69.34 5.65 -33.70
N ILE C 625 68.96 4.43 -33.30
CA ILE C 625 68.16 3.56 -34.13
C ILE C 625 66.67 3.70 -33.84
N TYR C 626 66.28 3.57 -32.57
CA TYR C 626 64.88 3.58 -32.20
C TYR C 626 64.31 4.99 -32.05
N GLY C 627 65.15 6.01 -31.98
CA GLY C 627 64.66 7.36 -32.00
C GLY C 627 63.98 7.67 -33.32
N GLU C 628 62.94 8.50 -33.27
CA GLU C 628 62.15 8.89 -34.42
C GLU C 628 61.53 7.67 -35.13
N MET C 629 61.23 6.62 -34.37
CA MET C 629 60.66 5.40 -34.92
C MET C 629 59.39 5.05 -34.15
N GLY C 630 58.39 4.53 -34.86
CA GLY C 630 57.14 4.17 -34.23
C GLY C 630 57.07 2.70 -33.85
N LEU C 631 56.01 2.35 -33.11
CA LEU C 631 55.81 0.97 -32.67
C LEU C 631 55.66 0.03 -33.85
N ARG C 632 54.81 0.41 -34.82
CA ARG C 632 54.60 -0.44 -35.98
C ARG C 632 55.83 -0.47 -36.89
N ASP C 633 56.59 0.62 -36.94
CA ASP C 633 57.82 0.60 -37.72
C ASP C 633 58.78 -0.46 -37.18
N LEU C 634 58.99 -0.47 -35.87
CA LEU C 634 59.85 -1.49 -35.27
C LEU C 634 59.27 -2.88 -35.46
N GLY C 635 57.96 -3.04 -35.31
CA GLY C 635 57.35 -4.34 -35.49
C GLY C 635 57.54 -4.88 -36.89
N ASP C 636 57.30 -4.05 -37.90
CA ASP C 636 57.50 -4.45 -39.29
C ASP C 636 58.97 -4.69 -39.61
N LYS C 637 59.88 -3.93 -39.01
CA LYS C 637 61.30 -4.20 -39.18
C LYS C 637 61.65 -5.59 -38.66
N MET C 638 61.19 -5.91 -37.44
CA MET C 638 61.44 -7.22 -36.86
C MET C 638 60.83 -8.33 -37.70
N PHE C 639 59.61 -8.11 -38.20
CA PHE C 639 58.96 -9.15 -38.98
C PHE C 639 59.65 -9.35 -40.33
N ALA C 640 60.13 -8.26 -40.95
CA ALA C 640 60.90 -8.40 -42.17
C ALA C 640 62.19 -9.16 -41.93
N TYR C 641 62.85 -8.88 -40.80
CA TYR C 641 64.05 -9.64 -40.45
C TYR C 641 63.74 -11.12 -40.28
N LEU C 642 62.65 -11.44 -39.58
CA LEU C 642 62.27 -12.82 -39.38
C LEU C 642 61.95 -13.51 -40.70
N GLN C 643 61.24 -12.81 -41.59
CA GLN C 643 60.91 -13.36 -42.90
C GLN C 643 62.17 -13.66 -43.69
N LYS C 644 63.13 -12.73 -43.67
CA LYS C 644 64.36 -12.93 -44.43
C LYS C 644 65.18 -14.09 -43.88
N ASN C 645 65.35 -14.12 -42.56
CA ASN C 645 66.29 -15.07 -41.97
C ASN C 645 65.66 -16.40 -41.61
N ASN C 646 64.37 -16.42 -41.29
CA ASN C 646 63.64 -17.63 -40.92
C ASN C 646 64.36 -18.41 -39.82
N PRO C 647 64.49 -17.85 -38.61
CA PRO C 647 65.16 -18.59 -37.53
C PRO C 647 64.41 -19.82 -37.05
N GLY C 648 63.12 -19.95 -37.34
CA GLY C 648 62.39 -21.14 -36.94
C GLY C 648 62.91 -22.40 -37.62
N ALA C 649 63.26 -22.28 -38.90
CA ALA C 649 63.90 -23.40 -39.58
C ALA C 649 65.26 -23.72 -38.97
N ARG C 650 66.00 -22.69 -38.55
CA ARG C 650 67.27 -22.93 -37.88
C ARG C 650 67.07 -23.70 -36.58
N LEU C 651 66.06 -23.32 -35.80
CA LEU C 651 65.75 -24.04 -34.56
C LEU C 651 65.37 -25.48 -34.85
N ASN C 652 64.54 -25.69 -35.88
CA ASN C 652 64.14 -27.05 -36.21
C ASN C 652 65.34 -27.90 -36.64
N GLN C 653 66.25 -27.33 -37.43
CA GLN C 653 67.44 -28.06 -37.83
C GLN C 653 68.32 -28.37 -36.63
N ALA C 654 68.50 -27.41 -35.73
CA ALA C 654 69.37 -27.60 -34.59
C ALA C 654 68.83 -28.64 -33.62
N TYR C 655 67.50 -28.72 -33.47
CA TYR C 655 66.94 -29.61 -32.47
C TYR C 655 66.43 -30.93 -33.02
N SER C 656 66.28 -31.06 -34.33
CA SER C 656 65.91 -32.35 -34.90
C SER C 656 67.09 -33.31 -34.95
N GLN C 657 68.30 -32.79 -35.11
CA GLN C 657 69.51 -33.60 -35.16
C GLN C 657 70.27 -33.45 -33.85
N LEU C 658 70.63 -34.57 -33.24
CA LEU C 658 71.40 -34.51 -32.01
C LEU C 658 72.88 -34.30 -32.31
N PRO C 659 73.58 -33.54 -31.48
CA PRO C 659 75.03 -33.38 -31.65
C PRO C 659 75.76 -34.68 -31.40
N GLN C 660 76.94 -34.78 -32.00
CA GLN C 660 77.80 -35.94 -31.78
C GLN C 660 78.33 -35.95 -30.36
N VAL C 661 78.26 -37.09 -29.70
CA VAL C 661 78.70 -37.22 -28.32
C VAL C 661 80.15 -37.70 -28.31
N MET C 662 81.01 -36.98 -27.59
CA MET C 662 82.41 -37.33 -27.49
C MET C 662 82.78 -37.92 -26.13
N MET C 663 82.16 -37.45 -25.05
CA MET C 663 82.42 -37.99 -23.72
C MET C 663 81.19 -37.73 -22.86
N THR C 664 81.17 -38.38 -21.70
CA THR C 664 80.10 -38.17 -20.74
C THR C 664 80.17 -36.76 -20.18
N PRO C 665 79.05 -36.24 -19.67
CA PRO C 665 79.09 -34.92 -19.02
C PRO C 665 80.07 -34.84 -17.87
N ARG C 666 80.26 -35.92 -17.12
CA ARG C 666 81.23 -35.89 -16.04
C ARG C 666 82.65 -35.70 -16.56
N ASP C 667 83.00 -36.37 -17.66
CA ASP C 667 84.32 -36.20 -18.26
C ASP C 667 84.53 -34.77 -18.73
N ALA C 668 83.51 -34.18 -19.36
CA ALA C 668 83.61 -32.80 -19.81
C ALA C 668 83.80 -31.85 -18.62
N TYR C 669 83.06 -32.07 -17.54
CA TYR C 669 83.24 -31.21 -16.37
C TYR C 669 84.61 -31.39 -15.73
N GLN C 670 85.11 -32.62 -15.69
CA GLN C 670 86.44 -32.85 -15.14
C GLN C 670 87.53 -32.23 -16.00
N GLN C 671 87.25 -32.01 -17.29
CA GLN C 671 88.14 -31.17 -18.08
C GLN C 671 88.18 -29.74 -17.54
N ILE C 672 87.02 -29.22 -17.10
CA ILE C 672 87.00 -27.90 -16.47
C ILE C 672 87.81 -27.91 -15.20
N VAL C 673 87.66 -28.95 -14.39
CA VAL C 673 88.40 -29.01 -13.13
C VAL C 673 89.91 -29.07 -13.39
N ALA C 674 90.32 -29.79 -14.44
CA ALA C 674 91.72 -29.91 -14.78
C ALA C 674 92.25 -28.68 -15.52
N ASN C 675 91.44 -27.64 -15.67
CA ASN C 675 91.83 -26.40 -16.36
C ASN C 675 92.17 -26.64 -17.83
N ARG C 676 91.63 -27.69 -18.41
CA ARG C 676 91.81 -27.97 -19.83
C ARG C 676 90.64 -27.43 -20.66
N VAL C 677 90.30 -26.15 -20.47
CA VAL C 677 89.20 -25.53 -21.20
C VAL C 677 89.58 -24.12 -21.58
N GLU C 678 88.86 -23.57 -22.57
CA GLU C 678 89.13 -22.22 -23.05
C GLU C 678 87.85 -21.63 -23.61
N ALA C 679 87.80 -20.31 -23.67
CA ALA C 679 86.68 -19.59 -24.25
C ALA C 679 86.90 -19.47 -25.75
N VAL C 680 85.93 -19.95 -26.52
CA VAL C 680 86.03 -20.04 -27.98
C VAL C 680 84.89 -19.22 -28.58
N PRO C 681 85.16 -18.33 -29.53
CA PRO C 681 84.07 -17.60 -30.20
C PRO C 681 83.24 -18.54 -31.07
N VAL C 682 82.04 -18.08 -31.41
CA VAL C 682 81.10 -18.91 -32.15
C VAL C 682 81.65 -19.27 -33.52
N ASP C 683 82.31 -18.32 -34.19
CA ASP C 683 82.83 -18.59 -35.52
C ASP C 683 83.98 -19.60 -35.53
N GLN C 684 84.52 -19.95 -34.36
CA GLN C 684 85.61 -20.92 -34.27
C GLN C 684 85.18 -22.21 -33.56
N LEU C 685 83.88 -22.46 -33.49
CA LEU C 685 83.36 -23.59 -32.73
C LEU C 685 83.44 -24.92 -33.47
N MET C 686 83.81 -24.92 -34.75
CA MET C 686 83.78 -26.15 -35.54
C MET C 686 84.74 -27.18 -34.97
N GLY C 687 84.20 -28.37 -34.68
CA GLY C 687 84.99 -29.46 -34.15
C GLY C 687 85.22 -29.43 -32.66
N ARG C 688 84.79 -28.39 -31.97
CA ARG C 688 85.07 -28.23 -30.55
C ARG C 688 84.04 -28.95 -29.70
N VAL C 689 84.47 -29.38 -28.51
CA VAL C 689 83.61 -30.06 -27.55
C VAL C 689 83.23 -29.06 -26.48
N ALA C 690 81.93 -28.88 -26.28
CA ALA C 690 81.45 -27.94 -25.27
C ALA C 690 81.77 -28.44 -23.87
N ALA C 691 82.28 -27.55 -23.02
CA ALA C 691 82.60 -27.93 -21.65
C ALA C 691 81.37 -27.90 -20.75
N ASN C 692 80.38 -27.08 -21.08
CA ASN C 692 79.12 -27.01 -20.35
C ASN C 692 77.96 -27.02 -21.35
N SER C 693 76.75 -27.00 -20.81
CA SER C 693 75.56 -27.08 -21.65
C SER C 693 75.23 -25.72 -22.26
N ILE C 694 74.68 -25.77 -23.48
CA ILE C 694 74.24 -24.58 -24.20
C ILE C 694 72.72 -24.64 -24.26
N ILE C 695 72.05 -23.70 -23.63
CA ILE C 695 70.60 -23.65 -23.59
C ILE C 695 70.15 -22.31 -24.17
N PRO C 696 69.78 -22.27 -25.45
CA PRO C 696 69.24 -21.04 -26.03
C PRO C 696 67.78 -20.85 -25.67
N TYR C 697 67.39 -19.58 -25.57
CA TYR C 697 66.00 -19.19 -25.35
C TYR C 697 65.55 -18.33 -26.51
N PRO C 698 64.66 -18.81 -27.39
CA PRO C 698 64.01 -20.13 -27.42
C PRO C 698 64.94 -21.23 -27.92
N PRO C 699 64.57 -22.51 -27.74
CA PRO C 699 63.33 -23.03 -27.12
C PRO C 699 63.43 -23.29 -25.62
N GLY C 700 64.53 -22.89 -24.99
CA GLY C 700 64.65 -23.03 -23.56
C GLY C 700 65.04 -24.40 -23.06
N ILE C 701 65.39 -25.33 -23.96
CA ILE C 701 65.88 -26.65 -23.56
C ILE C 701 67.27 -26.81 -24.17
N PRO C 702 68.14 -27.62 -23.60
CA PRO C 702 69.55 -27.62 -24.04
C PRO C 702 69.71 -28.10 -25.47
N MET C 703 70.45 -27.33 -26.25
CA MET C 703 70.80 -27.76 -27.61
C MET C 703 72.04 -28.65 -27.59
N LEU C 704 72.99 -28.35 -26.72
CA LEU C 704 74.17 -29.17 -26.50
C LEU C 704 74.33 -29.41 -25.01
N LEU C 705 74.69 -30.64 -24.65
CA LEU C 705 75.10 -30.98 -23.30
C LEU C 705 76.63 -31.01 -23.23
N SER C 706 77.13 -31.07 -22.00
CA SER C 706 78.57 -31.14 -21.79
C SER C 706 79.13 -32.43 -22.41
N GLY C 707 80.23 -32.30 -23.13
CA GLY C 707 80.84 -33.44 -23.77
C GLY C 707 80.30 -33.75 -25.16
N GLU C 708 79.58 -32.82 -25.79
CA GLU C 708 79.03 -33.02 -27.11
C GLU C 708 79.74 -32.12 -28.11
N ASN C 709 79.98 -32.66 -29.30
CA ASN C 709 80.67 -31.92 -30.35
C ASN C 709 79.75 -30.88 -30.96
N PHE C 710 80.33 -29.73 -31.34
CA PHE C 710 79.53 -28.70 -31.99
C PHE C 710 79.25 -29.03 -33.45
N GLY C 711 80.13 -29.77 -34.11
CA GLY C 711 79.93 -30.19 -35.48
C GLY C 711 80.82 -29.42 -36.44
N ASP C 712 80.69 -29.80 -37.72
CA ASP C 712 81.48 -29.21 -38.79
C ASP C 712 80.93 -27.86 -39.24
N GLU C 713 81.38 -27.39 -40.40
CA GLU C 713 81.00 -26.07 -40.88
C GLU C 713 79.49 -25.94 -41.07
N ASN C 714 78.85 -26.99 -41.58
CA ASN C 714 77.43 -26.97 -41.86
C ASN C 714 76.58 -27.43 -40.69
N SER C 715 77.12 -27.43 -39.48
CA SER C 715 76.37 -27.92 -38.33
C SER C 715 75.21 -26.97 -38.05
N PRO C 716 73.99 -27.49 -37.86
CA PRO C 716 72.86 -26.61 -37.54
C PRO C 716 72.99 -25.92 -36.19
N HIS C 717 73.77 -26.47 -35.25
CA HIS C 717 73.86 -25.88 -33.93
C HIS C 717 74.65 -24.58 -33.94
N ILE C 718 75.81 -24.58 -34.61
CA ILE C 718 76.56 -23.35 -34.79
C ILE C 718 75.74 -22.35 -35.58
N HIS C 719 74.97 -22.83 -36.56
CA HIS C 719 74.13 -21.94 -37.35
C HIS C 719 73.07 -21.28 -36.50
N TYR C 720 72.45 -22.03 -35.59
CA TYR C 720 71.43 -21.44 -34.71
C TYR C 720 72.06 -20.44 -33.75
N LEU C 721 73.24 -20.76 -33.22
CA LEU C 721 73.93 -19.79 -32.35
C LEU C 721 74.25 -18.52 -33.11
N ARG C 722 74.69 -18.65 -34.37
CA ARG C 722 74.96 -17.48 -35.20
C ARG C 722 73.69 -16.67 -35.45
N SER C 723 72.56 -17.36 -35.68
CA SER C 723 71.30 -16.67 -35.89
C SER C 723 70.92 -15.85 -34.67
N LEU C 724 71.04 -16.43 -33.49
CA LEU C 724 70.73 -15.69 -32.26
C LEU C 724 71.66 -14.50 -32.09
N GLN C 725 72.95 -14.68 -32.39
CA GLN C 725 73.91 -13.58 -32.28
C GLN C 725 73.55 -12.46 -33.26
N ALA C 726 73.17 -12.82 -34.47
CA ALA C 726 72.80 -11.82 -35.47
C ALA C 726 71.55 -11.05 -35.05
N TRP C 727 70.57 -11.76 -34.50
CA TRP C 727 69.39 -11.06 -33.98
C TRP C 727 69.77 -10.09 -32.87
N ASP C 728 70.64 -10.52 -31.96
CA ASP C 728 71.06 -9.63 -30.88
C ASP C 728 71.76 -8.39 -31.42
N SER C 729 72.60 -8.58 -32.44
CA SER C 729 73.30 -7.44 -33.02
C SER C 729 72.33 -6.49 -33.72
N GLU C 730 71.33 -7.03 -34.41
CA GLU C 730 70.42 -6.19 -35.19
C GLU C 730 69.42 -5.43 -34.31
N PHE C 731 69.02 -6.00 -33.17
CA PHE C 731 67.98 -5.41 -32.33
C PHE C 731 68.46 -5.27 -30.90
N PRO C 732 69.19 -4.21 -30.57
CA PRO C 732 69.57 -3.98 -29.17
C PRO C 732 68.34 -3.78 -28.30
N GLY C 733 68.43 -4.29 -27.08
CA GLY C 733 67.32 -4.25 -26.15
C GLY C 733 66.35 -5.40 -26.28
N PHE C 734 66.52 -6.26 -27.28
CA PHE C 734 65.68 -7.43 -27.51
C PHE C 734 66.54 -8.68 -27.64
N GLU C 735 67.61 -8.74 -26.85
CA GLU C 735 68.60 -9.78 -27.02
C GLU C 735 68.13 -11.10 -26.41
N HIS C 736 68.41 -12.19 -27.11
CA HIS C 736 68.07 -13.52 -26.61
C HIS C 736 68.97 -13.90 -25.44
N GLU C 737 68.44 -14.73 -24.56
CA GLU C 737 69.23 -15.33 -23.49
C GLU C 737 69.71 -16.71 -23.91
N THR C 738 70.97 -17.01 -23.61
CA THR C 738 71.55 -18.32 -23.93
C THR C 738 72.43 -18.73 -22.75
N GLU C 739 71.93 -19.64 -21.94
CA GLU C 739 72.73 -20.17 -20.84
C GLU C 739 73.89 -21.00 -21.39
N GLY C 740 75.05 -20.85 -20.76
CA GLY C 740 76.24 -21.54 -21.18
C GLY C 740 77.16 -20.77 -22.08
N THR C 741 76.90 -19.48 -22.30
CA THR C 741 77.73 -18.63 -23.12
C THR C 741 78.16 -17.39 -22.35
N GLU C 742 79.26 -16.80 -22.78
CA GLU C 742 79.72 -15.52 -22.28
C GLU C 742 79.64 -14.50 -23.41
N ILE C 743 79.07 -13.34 -23.11
CA ILE C 743 78.85 -12.30 -24.10
C ILE C 743 79.83 -11.18 -23.81
N ILE C 744 80.92 -11.14 -24.58
CA ILE C 744 81.93 -10.10 -24.47
C ILE C 744 81.80 -9.20 -25.69
N ASP C 745 81.73 -7.88 -25.44
CA ASP C 745 81.46 -6.86 -26.45
C ASP C 745 80.38 -7.30 -27.43
N GLY C 746 79.31 -7.89 -26.92
CA GLY C 746 78.22 -8.34 -27.75
C GLY C 746 78.49 -9.59 -28.55
N GLN C 747 79.59 -10.28 -28.30
CA GLN C 747 79.98 -11.46 -29.05
C GLN C 747 79.92 -12.68 -28.14
N TYR C 748 79.49 -13.81 -28.70
CA TYR C 748 79.27 -15.01 -27.92
C TYR C 748 80.57 -15.79 -27.75
N TYR C 749 80.83 -16.23 -26.52
CA TYR C 749 81.96 -17.09 -26.22
C TYR C 749 81.46 -18.34 -25.52
N VAL C 750 82.03 -19.49 -25.87
CA VAL C 750 81.63 -20.78 -25.31
C VAL C 750 82.87 -21.46 -24.76
N MET C 751 82.76 -21.97 -23.53
CA MET C 751 83.86 -22.71 -22.91
C MET C 751 83.95 -24.09 -23.54
N CYS C 752 85.10 -24.42 -24.09
CA CYS C 752 85.29 -25.67 -24.83
C CYS C 752 86.52 -26.39 -24.32
N VAL C 753 86.50 -27.72 -24.46
CA VAL C 753 87.62 -28.55 -24.05
C VAL C 753 88.81 -28.28 -24.96
N LYS C 754 89.97 -28.05 -24.37
CA LYS C 754 91.20 -27.91 -25.17
C LYS C 754 91.51 -29.22 -25.86
N THR C 755 91.81 -29.15 -27.15
CA THR C 755 92.09 -30.34 -27.94
C THR C 755 93.42 -30.99 -27.53
N MET D 1 62.52 8.43 14.09
CA MET D 1 63.60 9.39 14.29
C MET D 1 63.69 9.80 15.76
N ARG D 2 64.84 9.57 16.36
CA ARG D 2 65.08 9.90 17.76
C ARG D 2 66.34 10.73 17.88
N ALA D 3 66.24 11.87 18.55
CA ALA D 3 67.37 12.72 18.83
C ALA D 3 67.68 12.68 20.33
N LEU D 4 68.95 12.54 20.66
CA LEU D 4 69.42 12.54 22.03
C LEU D 4 70.09 13.87 22.34
N ILE D 5 69.64 14.53 23.40
CA ILE D 5 70.19 15.81 23.83
C ILE D 5 70.85 15.61 25.18
N VAL D 6 72.16 15.85 25.24
CA VAL D 6 72.94 15.70 26.47
C VAL D 6 73.66 17.01 26.73
N TYR D 7 73.16 17.79 27.68
CA TYR D 7 73.81 19.03 28.07
C TYR D 7 73.84 19.11 29.59
N THR D 8 74.91 19.66 30.14
CA THR D 8 75.10 19.67 31.59
C THR D 8 74.93 21.08 32.17
N GLU D 9 75.80 22.02 31.79
CA GLU D 9 75.74 23.39 32.31
C GLU D 9 76.40 24.29 31.26
N LEU D 10 75.59 24.92 30.42
CA LEU D 10 76.15 25.77 29.38
C LEU D 10 76.25 27.23 29.82
N THR D 11 75.32 27.69 30.65
CA THR D 11 75.30 29.05 31.15
C THR D 11 75.46 29.04 32.66
N ASP D 12 75.97 30.16 33.19
CA ASP D 12 76.11 30.31 34.64
C ASP D 12 74.77 30.18 35.36
N LYS D 13 73.68 30.55 34.70
CA LYS D 13 72.33 30.35 35.21
C LYS D 13 71.62 29.33 34.34
N ASP D 14 71.11 28.27 34.99
CA ASP D 14 70.63 27.10 34.26
C ASP D 14 69.43 27.42 33.38
N SER D 15 68.62 28.40 33.76
CA SER D 15 67.33 28.59 33.10
C SER D 15 67.47 28.99 31.64
N VAL D 16 68.54 29.69 31.28
CA VAL D 16 68.70 30.15 29.89
C VAL D 16 68.86 28.96 28.96
N ILE D 17 69.85 28.09 29.23
CA ILE D 17 70.08 26.94 28.37
C ILE D 17 68.92 25.97 28.46
N SER D 18 68.30 25.83 29.63
CA SER D 18 67.17 24.93 29.74
C SER D 18 65.99 25.40 28.88
N HIS D 19 65.70 26.69 28.88
CA HIS D 19 64.61 27.20 28.05
C HIS D 19 64.93 27.08 26.57
N ALA D 20 66.18 27.36 26.19
CA ALA D 20 66.56 27.19 24.79
C ALA D 20 66.43 25.75 24.35
N VAL D 21 66.87 24.80 25.18
CA VAL D 21 66.76 23.39 24.85
C VAL D 21 65.30 22.96 24.80
N ALA D 22 64.47 23.50 25.69
CA ALA D 22 63.05 23.17 25.65
C ALA D 22 62.41 23.65 24.35
N ARG D 23 62.74 24.86 23.90
CA ARG D 23 62.23 25.34 22.63
C ARG D 23 62.69 24.46 21.47
N LEU D 24 63.97 24.07 21.48
CA LEU D 24 64.47 23.20 20.43
C LEU D 24 63.77 21.85 20.44
N ALA D 25 63.54 21.28 21.62
CA ALA D 25 62.87 19.99 21.72
C ALA D 25 61.43 20.09 21.23
N SER D 26 60.74 21.19 21.54
CA SER D 26 59.40 21.38 21.02
C SER D 26 59.40 21.45 19.50
N GLU D 27 60.34 22.20 18.92
CA GLU D 27 60.41 22.29 17.47
C GLU D 27 60.78 20.95 16.83
N LEU D 28 61.60 20.15 17.50
CA LEU D 28 61.93 18.83 16.98
C LEU D 28 60.73 17.89 17.04
N ASN D 29 59.96 17.96 18.12
CA ASN D 29 58.78 17.13 18.23
C ASN D 29 57.73 17.52 17.20
N ASP D 30 57.64 18.81 16.85
CA ASP D 30 56.70 19.24 15.82
C ASP D 30 57.05 18.69 14.45
N GLU D 31 58.30 18.28 14.22
CA GLU D 31 58.67 17.62 12.97
C GLU D 31 58.84 16.12 13.15
N HIS D 32 58.20 15.54 14.17
CA HIS D 32 58.14 14.10 14.40
C HIS D 32 59.52 13.50 14.66
N VAL D 33 60.38 14.24 15.34
CA VAL D 33 61.62 13.70 15.89
C VAL D 33 61.44 13.58 17.40
N GLU D 34 61.46 12.36 17.90
CA GLU D 34 61.38 12.14 19.35
C GLU D 34 62.68 12.59 20.00
N THR D 35 62.57 13.21 21.17
CA THR D 35 63.72 13.76 21.87
C THR D 35 63.84 13.16 23.26
N VAL D 36 65.06 12.78 23.61
CA VAL D 36 65.43 12.37 24.96
C VAL D 36 66.41 13.39 25.50
N ILE D 37 66.06 14.04 26.60
CA ILE D 37 66.87 15.10 27.19
C ILE D 37 67.53 14.55 28.44
N ILE D 38 68.85 14.66 28.49
CA ILE D 38 69.66 14.09 29.57
C ILE D 38 70.62 15.18 30.06
N ARG D 39 70.74 15.31 31.38
CA ARG D 39 71.53 16.38 31.97
C ARG D 39 72.90 15.94 32.45
N ASP D 40 73.27 14.67 32.28
CA ASP D 40 74.54 14.18 32.79
C ASP D 40 75.16 13.22 31.78
N PHE D 41 76.48 13.31 31.63
CA PHE D 41 77.15 12.49 30.61
C PHE D 41 77.17 11.01 30.99
N GLU D 42 77.17 10.69 32.29
CA GLU D 42 77.10 9.30 32.69
C GLU D 42 75.71 8.71 32.40
N ASP D 43 74.66 9.50 32.62
CA ASP D 43 73.32 9.08 32.25
C ASP D 43 73.21 8.90 30.74
N GLY D 44 73.80 9.82 29.97
CA GLY D 44 73.79 9.67 28.52
C GLY D 44 74.55 8.45 28.07
N LEU D 45 75.67 8.14 28.73
CA LEU D 45 76.43 6.94 28.42
C LEU D 45 75.60 5.68 28.70
N ALA D 46 74.90 5.66 29.84
CA ALA D 46 74.03 4.53 30.14
C ALA D 46 72.92 4.39 29.11
N TYR D 47 72.34 5.52 28.68
CA TYR D 47 71.32 5.48 27.65
C TYR D 47 71.86 4.93 26.35
N ILE D 48 73.07 5.36 25.96
CA ILE D 48 73.66 4.90 24.71
C ILE D 48 73.96 3.41 24.77
N ARG D 49 74.39 2.92 25.94
CA ARG D 49 74.71 1.49 26.06
C ARG D 49 73.48 0.60 26.05
N SER D 50 72.28 1.16 26.14
CA SER D 50 71.08 0.42 25.84
C SER D 50 70.85 0.42 24.33
N ASN D 51 70.51 -0.74 23.78
CA ASN D 51 70.45 -0.89 22.33
C ASN D 51 69.22 -0.17 21.78
N THR D 52 69.26 1.16 21.89
CA THR D 52 68.23 2.04 21.39
C THR D 52 68.77 2.82 20.21
N SER D 53 68.01 2.86 19.12
CA SER D 53 68.46 3.58 17.93
C SER D 53 68.44 5.08 18.17
N ILE D 54 69.57 5.73 17.91
CA ILE D 54 69.71 7.16 18.05
C ILE D 54 70.06 7.72 16.67
N ASP D 55 69.26 8.67 16.20
CA ASP D 55 69.46 9.21 14.87
C ASP D 55 70.29 10.48 14.85
N CYS D 56 70.43 11.16 15.99
CA CYS D 56 71.23 12.38 16.06
C CYS D 56 71.58 12.65 17.52
N LEU D 57 72.79 13.10 17.75
CA LEU D 57 73.25 13.49 19.08
C LEU D 57 73.51 14.99 19.09
N LEU D 58 72.85 15.69 20.01
CA LEU D 58 73.10 17.10 20.25
C LEU D 58 73.61 17.24 21.68
N TYR D 59 74.82 17.74 21.85
CA TYR D 59 75.42 17.82 23.16
C TYR D 59 76.03 19.20 23.39
N GLY D 60 76.12 19.56 24.66
CA GLY D 60 76.85 20.74 25.08
C GLY D 60 77.42 20.52 26.45
N ARG D 61 78.56 21.16 26.72
CA ARG D 61 79.23 21.05 28.01
C ARG D 61 79.53 22.45 28.56
N ASP D 62 80.29 22.48 29.64
CA ASP D 62 80.72 23.74 30.22
C ASP D 62 81.58 24.55 29.26
N MET D 63 82.41 23.86 28.47
CA MET D 63 83.32 24.37 27.46
C MET D 63 84.57 25.00 28.06
N SER D 64 84.64 25.13 29.39
CA SER D 64 85.87 25.50 30.07
C SER D 64 86.40 24.40 30.96
N ASP D 65 85.72 23.26 31.02
CA ASP D 65 86.11 22.14 31.87
C ASP D 65 86.71 21.04 31.00
N ARG D 66 87.96 20.67 31.26
CA ARG D 66 88.58 19.59 30.50
C ARG D 66 87.99 18.23 30.85
N ASP D 67 87.52 18.06 32.10
CA ASP D 67 86.89 16.81 32.48
C ASP D 67 85.61 16.56 31.69
N GLU D 68 84.79 17.59 31.53
CA GLU D 68 83.59 17.44 30.71
C GLU D 68 83.93 17.23 29.25
N GLN D 69 85.04 17.81 28.78
CA GLN D 69 85.48 17.54 27.42
C GLN D 69 85.84 16.07 27.24
N ILE D 70 86.56 15.50 28.20
CA ILE D 70 86.90 14.08 28.14
C ILE D 70 85.62 13.24 28.19
N GLN D 71 84.68 13.61 29.04
CA GLN D 71 83.43 12.86 29.14
C GLN D 71 82.64 12.91 27.85
N ALA D 72 82.58 14.10 27.21
CA ALA D 72 81.86 14.23 25.94
C ALA D 72 82.52 13.41 24.85
N HIS D 73 83.85 13.42 24.80
CA HIS D 73 84.54 12.61 23.80
C HIS D 73 84.28 11.12 24.03
N ARG D 74 84.26 10.70 25.29
CA ARG D 74 83.92 9.32 25.62
C ARG D 74 82.50 8.98 25.18
N LEU D 75 81.56 9.89 25.40
CA LEU D 75 80.18 9.64 25.00
C LEU D 75 80.07 9.48 23.48
N ILE D 76 80.75 10.34 22.73
CA ILE D 76 80.67 10.26 21.27
C ILE D 76 81.33 8.98 20.76
N THR D 77 82.47 8.61 21.35
CA THR D 77 83.13 7.36 20.95
C THR D 77 82.25 6.15 21.25
N GLN D 78 81.62 6.13 22.42
CA GLN D 78 80.70 5.05 22.76
C GLN D 78 79.54 4.99 21.77
N LEU D 79 78.97 6.14 21.43
CA LEU D 79 77.87 6.16 20.47
C LEU D 79 78.31 5.59 19.12
N HIS D 80 79.50 5.95 18.66
CA HIS D 80 79.94 5.49 17.37
C HIS D 80 80.49 4.08 17.37
N ARG D 81 80.62 3.45 18.55
CA ARG D 81 81.00 2.04 18.59
C ARG D 81 80.02 1.18 17.78
N ARG D 82 78.72 1.33 18.03
CA ARG D 82 77.71 0.55 17.34
C ARG D 82 76.80 1.38 16.44
N GLN D 83 76.84 2.70 16.52
CA GLN D 83 76.05 3.58 15.65
C GLN D 83 77.04 4.57 15.05
N GLU D 84 77.69 4.14 13.97
CA GLU D 84 78.99 4.70 13.59
C GLU D 84 78.87 6.12 13.02
N ASP D 85 77.89 6.37 12.16
CA ASP D 85 77.84 7.63 11.44
C ASP D 85 76.70 8.54 11.90
N VAL D 86 76.28 8.39 13.15
CA VAL D 86 75.21 9.25 13.68
C VAL D 86 75.72 10.69 13.73
N PRO D 87 74.97 11.66 13.20
CA PRO D 87 75.42 13.05 13.25
C PRO D 87 75.52 13.56 14.68
N VAL D 88 76.53 14.40 14.92
CA VAL D 88 76.75 15.01 16.22
C VAL D 88 76.67 16.52 16.07
N PHE D 89 75.75 17.13 16.79
CA PHE D 89 75.60 18.58 16.84
C PHE D 89 76.17 19.08 18.16
N LEU D 90 76.98 20.12 18.09
CA LEU D 90 77.48 20.80 19.28
C LEU D 90 76.57 21.97 19.62
N LEU D 91 75.92 21.89 20.77
CA LEU D 91 75.14 23.00 21.30
C LEU D 91 76.03 23.85 22.19
N SER D 92 76.18 25.12 21.85
CA SER D 92 77.10 25.95 22.61
C SER D 92 76.81 27.42 22.34
N ASP D 93 77.21 28.25 23.30
CA ASP D 93 77.37 29.68 23.03
C ASP D 93 78.46 29.87 21.99
N ARG D 94 78.24 30.81 21.06
CA ARG D 94 79.09 30.90 19.88
C ARG D 94 80.54 31.21 20.25
N GLU D 95 80.76 32.18 21.14
CA GLU D 95 82.13 32.60 21.44
C GLU D 95 82.90 31.48 22.14
N GLU D 96 82.26 30.78 23.08
CA GLU D 96 82.93 29.69 23.77
C GLU D 96 83.32 28.58 22.81
N ALA D 97 82.44 28.23 21.88
CA ALA D 97 82.77 27.21 20.90
C ALA D 97 83.88 27.68 19.97
N LEU D 98 83.85 28.94 19.56
CA LEU D 98 84.85 29.43 18.62
C LEU D 98 86.23 29.50 19.24
N VAL D 99 86.33 29.84 20.52
CA VAL D 99 87.66 29.85 21.14
C VAL D 99 88.19 28.44 21.35
N ALA D 100 87.33 27.44 21.46
CA ALA D 100 87.74 26.05 21.61
C ALA D 100 87.87 25.32 20.27
N PHE D 101 87.67 26.00 19.15
CA PHE D 101 87.67 25.37 17.85
C PHE D 101 89.08 24.90 17.48
N ASP D 102 89.18 23.66 17.03
CA ASP D 102 90.44 23.11 16.53
C ASP D 102 90.14 21.86 15.72
N ARG D 103 91.21 21.21 15.25
CA ARG D 103 91.07 19.97 14.48
C ARG D 103 90.42 18.86 15.32
N ASN D 104 90.83 18.75 16.58
CA ASN D 104 90.31 17.70 17.43
C ASN D 104 88.83 17.86 17.68
N MET D 105 88.34 19.10 17.82
CA MET D 105 86.90 19.33 17.91
C MET D 105 86.18 18.86 16.66
N MET D 106 86.68 19.25 15.49
CA MET D 106 86.03 18.88 14.24
C MET D 106 86.11 17.40 13.94
N GLU D 107 87.03 16.67 14.58
CA GLU D 107 87.07 15.23 14.38
C GLU D 107 85.82 14.55 14.90
N GLN D 108 85.14 15.13 15.88
CA GLN D 108 83.96 14.51 16.46
C GLN D 108 82.68 15.31 16.30
N VAL D 109 82.74 16.56 15.86
CA VAL D 109 81.57 17.41 15.70
C VAL D 109 81.26 17.55 14.22
N ASP D 110 80.02 17.26 13.84
CA ASP D 110 79.59 17.43 12.45
C ASP D 110 78.98 18.81 12.19
N GLU D 111 78.23 19.35 13.15
CA GLU D 111 77.58 20.64 12.95
C GLU D 111 77.54 21.45 14.24
N PHE D 112 77.41 22.76 14.05
CA PHE D 112 77.29 23.71 15.15
C PHE D 112 75.85 24.15 15.28
N ALA D 113 75.40 24.29 16.52
CA ALA D 113 74.07 24.81 16.83
C ALA D 113 74.23 25.90 17.88
N TRP D 114 74.21 27.16 17.45
CA TRP D 114 74.29 28.28 18.38
C TRP D 114 72.94 28.42 19.06
N ILE D 115 72.74 27.61 20.10
CA ILE D 115 71.44 27.44 20.72
C ILE D 115 70.89 28.73 21.34
N LEU D 116 71.76 29.67 21.72
CA LEU D 116 71.33 30.87 22.42
C LEU D 116 71.09 32.07 21.50
N GLU D 117 71.42 31.97 20.21
CA GLU D 117 71.21 33.09 19.29
C GLU D 117 70.60 32.66 17.97
N ASP D 118 70.09 31.43 17.88
CA ASP D 118 69.51 30.92 16.66
C ASP D 118 68.09 30.46 16.93
N SER D 119 67.24 30.57 15.92
CA SER D 119 65.88 30.08 16.03
C SER D 119 65.89 28.56 16.15
N ALA D 120 65.02 28.05 17.03
CA ALA D 120 64.91 26.60 17.18
C ALA D 120 64.43 25.94 15.90
N ASP D 121 63.67 26.66 15.07
CA ASP D 121 63.18 26.09 13.82
C ASP D 121 64.32 25.81 12.85
N PHE D 122 65.28 26.73 12.74
CA PHE D 122 66.41 26.52 11.84
C PHE D 122 67.24 25.32 12.28
N ILE D 123 67.53 25.23 13.57
CA ILE D 123 68.31 24.10 14.09
C ILE D 123 67.54 22.80 13.90
N ALA D 124 66.24 22.82 14.14
CA ALA D 124 65.43 21.61 13.96
C ALA D 124 65.44 21.16 12.51
N GLY D 125 65.34 22.11 11.57
CA GLY D 125 65.41 21.74 10.16
C GLY D 125 66.75 21.13 9.79
N ARG D 126 67.84 21.71 10.29
CA ARG D 126 69.16 21.15 10.01
C ARG D 126 69.31 19.76 10.62
N VAL D 127 68.77 19.56 11.83
CA VAL D 127 68.82 18.26 12.48
C VAL D 127 68.05 17.23 11.65
N LEU D 128 66.87 17.61 11.16
CA LEU D 128 66.08 16.69 10.36
C LEU D 128 66.80 16.32 9.06
N ALA D 129 67.44 17.31 8.42
CA ALA D 129 68.20 17.01 7.22
C ALA D 129 69.34 16.05 7.51
N ALA D 130 70.06 16.26 8.61
CA ALA D 130 71.14 15.37 8.99
C ALA D 130 70.63 13.96 9.27
N ILE D 131 69.50 13.85 9.96
CA ILE D 131 68.92 12.54 10.25
C ILE D 131 68.54 11.81 8.98
N GLN D 132 67.94 12.53 8.02
CA GLN D 132 67.57 11.89 6.76
C GLN D 132 68.81 11.44 6.00
N ARG D 133 69.86 12.26 5.97
CA ARG D 133 71.10 11.85 5.34
C ARG D 133 71.66 10.60 5.98
N TYR D 134 71.64 10.53 7.32
CA TYR D 134 72.16 9.36 8.01
C TYR D 134 71.32 8.12 7.71
N ARG D 135 70.00 8.25 7.72
CA ARG D 135 69.13 7.10 7.48
C ARG D 135 69.26 6.59 6.05
N SER D 136 69.55 7.47 5.09
CA SER D 136 69.61 7.03 3.71
C SER D 136 70.83 6.17 3.41
N GLN D 137 71.85 6.19 4.26
CA GLN D 137 73.04 5.38 4.04
C GLN D 137 73.13 4.18 4.98
N LEU D 138 72.08 3.93 5.77
CA LEU D 138 72.20 2.95 6.84
C LEU D 138 72.14 1.51 6.35
N LEU D 139 71.34 1.23 5.31
CA LEU D 139 71.18 -0.20 5.06
C LEU D 139 72.17 -0.70 4.01
N PRO D 140 72.56 -1.96 4.10
CA PRO D 140 73.38 -2.57 3.05
C PRO D 140 72.59 -2.75 1.77
N PRO D 141 73.26 -2.97 0.63
CA PRO D 141 72.57 -2.80 -0.66
C PRO D 141 71.44 -3.78 -0.91
N LEU D 142 71.67 -5.07 -0.71
CA LEU D 142 70.64 -6.07 -1.00
C LEU D 142 69.40 -5.85 -0.13
N MET D 143 69.62 -5.61 1.16
CA MET D 143 68.48 -5.41 2.07
C MET D 143 67.70 -4.17 1.68
N LYS D 144 68.42 -3.10 1.32
CA LYS D 144 67.78 -1.86 0.90
C LYS D 144 66.92 -2.07 -0.35
N SER D 145 67.46 -2.78 -1.35
CA SER D 145 66.70 -3.00 -2.57
C SER D 145 65.50 -3.91 -2.33
N LEU D 146 65.66 -4.93 -1.47
CA LEU D 146 64.54 -5.80 -1.15
C LEU D 146 63.43 -5.04 -0.43
N ILE D 147 63.80 -4.17 0.52
CA ILE D 147 62.78 -3.38 1.22
C ILE D 147 62.09 -2.45 0.24
N LYS D 148 62.85 -1.83 -0.66
CA LYS D 148 62.25 -0.92 -1.63
C LYS D 148 61.28 -1.66 -2.55
N TYR D 149 61.64 -2.87 -2.98
CA TYR D 149 60.75 -3.62 -3.87
C TYR D 149 59.54 -4.19 -3.14
N SER D 150 59.66 -4.41 -1.83
CA SER D 150 58.58 -5.06 -1.08
C SER D 150 57.25 -4.30 -1.13
N ASP D 151 57.27 -3.00 -1.41
CA ASP D 151 56.01 -2.26 -1.49
C ASP D 151 55.17 -2.64 -2.71
N VAL D 152 55.77 -3.26 -3.74
CA VAL D 152 55.02 -3.69 -4.90
C VAL D 152 54.08 -4.81 -4.52
N HIS D 153 52.81 -4.70 -4.91
CA HIS D 153 51.81 -5.72 -4.57
C HIS D 153 51.08 -6.29 -5.78
N GLU D 154 51.50 -5.94 -7.00
CA GLU D 154 50.78 -6.38 -8.18
C GLU D 154 51.02 -7.85 -8.45
N TYR D 155 49.98 -8.52 -8.97
CA TYR D 155 50.09 -9.92 -9.37
C TYR D 155 51.00 -10.01 -10.58
N SER D 156 52.21 -10.49 -10.37
CA SER D 156 53.01 -10.98 -11.48
C SER D 156 52.41 -12.27 -12.00
N TRP D 157 52.64 -12.56 -13.26
CA TRP D 157 52.09 -13.76 -13.89
C TRP D 157 53.13 -14.87 -13.96
N ALA D 158 53.96 -14.97 -12.91
CA ALA D 158 55.05 -15.92 -12.85
C ALA D 158 55.18 -16.45 -11.43
N ALA D 159 56.05 -17.44 -11.25
CA ALA D 159 56.30 -18.02 -9.95
C ALA D 159 57.08 -17.06 -9.05
N PRO D 160 57.02 -17.21 -7.72
CA PRO D 160 56.32 -18.23 -6.93
C PRO D 160 54.80 -18.08 -6.95
N GLY D 161 54.10 -19.21 -6.80
CA GLY D 161 52.65 -19.23 -6.93
C GLY D 161 51.91 -18.49 -5.84
N HIS D 162 52.49 -18.39 -4.63
CA HIS D 162 51.77 -17.75 -3.55
C HIS D 162 51.62 -16.25 -3.77
N GLN D 163 52.43 -15.65 -4.63
CA GLN D 163 52.27 -14.26 -5.08
C GLN D 163 52.28 -13.29 -3.90
N GLY D 164 53.41 -13.25 -3.21
CA GLY D 164 53.55 -12.36 -2.08
C GLY D 164 52.71 -12.72 -0.89
N GLY D 165 52.39 -14.01 -0.72
CA GLY D 165 51.62 -14.47 0.41
C GLY D 165 50.12 -14.49 0.23
N VAL D 166 49.61 -13.98 -0.90
CA VAL D 166 48.18 -13.96 -1.13
C VAL D 166 47.62 -15.37 -1.15
N GLY D 167 48.36 -16.31 -1.74
CA GLY D 167 47.88 -17.68 -1.85
C GLY D 167 47.59 -18.34 -0.52
N PHE D 168 48.38 -18.01 0.50
CA PHE D 168 48.16 -18.62 1.82
C PHE D 168 46.84 -18.17 2.44
N THR D 169 46.38 -16.95 2.15
CA THR D 169 45.19 -16.44 2.80
C THR D 169 43.91 -16.89 2.12
N LYS D 170 43.80 -18.19 1.84
CA LYS D 170 42.59 -18.72 1.23
C LYS D 170 42.00 -19.89 1.99
N THR D 171 42.74 -20.50 2.91
CA THR D 171 42.21 -21.46 3.88
C THR D 171 42.47 -20.91 5.27
N PRO D 172 41.70 -21.34 6.28
CA PRO D 172 41.96 -20.86 7.64
C PRO D 172 43.35 -21.20 8.16
N ALA D 173 43.83 -22.41 7.91
CA ALA D 173 45.17 -22.77 8.35
C ALA D 173 46.23 -21.92 7.64
N GLY D 174 46.05 -21.70 6.34
CA GLY D 174 46.93 -20.80 5.62
C GLY D 174 46.91 -19.40 6.17
N ARG D 175 45.74 -18.92 6.61
CA ARG D 175 45.65 -17.58 7.19
C ARG D 175 46.38 -17.51 8.53
N ILE D 176 46.26 -18.55 9.35
CA ILE D 176 47.00 -18.59 10.60
C ILE D 176 48.50 -18.59 10.33
N TYR D 177 48.94 -19.40 9.38
CA TYR D 177 50.36 -19.46 9.02
C TYR D 177 50.86 -18.11 8.50
N HIS D 178 50.07 -17.47 7.64
CA HIS D 178 50.44 -16.18 7.08
C HIS D 178 50.53 -15.10 8.14
N ASP D 179 49.59 -15.10 9.09
CA ASP D 179 49.65 -14.12 10.17
C ASP D 179 50.82 -14.38 11.10
N PHE D 180 51.14 -15.65 11.34
CA PHE D 180 52.28 -15.97 12.19
C PHE D 180 53.58 -15.48 11.58
N PHE D 181 53.84 -15.80 10.32
CA PHE D 181 55.13 -15.44 9.74
C PHE D 181 55.19 -14.01 9.24
N GLY D 182 54.06 -13.35 9.05
CA GLY D 182 54.06 -11.96 8.63
C GLY D 182 54.16 -11.77 7.13
N GLU D 183 53.70 -10.61 6.69
CA GLU D 183 53.55 -10.34 5.25
C GLU D 183 54.90 -10.12 4.57
N ASN D 184 55.83 -9.44 5.24
CA ASN D 184 57.06 -9.01 4.57
C ASN D 184 57.93 -10.19 4.16
N LEU D 185 57.89 -11.29 4.90
CA LEU D 185 58.65 -12.47 4.49
C LEU D 185 58.18 -12.98 3.13
N PHE D 186 56.87 -13.04 2.92
CA PHE D 186 56.34 -13.53 1.66
C PHE D 186 56.49 -12.51 0.55
N ARG D 187 56.48 -11.22 0.88
CA ARG D 187 56.61 -10.23 -0.17
C ARG D 187 58.04 -10.08 -0.68
N THR D 188 59.04 -10.61 0.04
CA THR D 188 60.40 -10.65 -0.46
C THR D 188 60.71 -11.92 -1.25
N ASP D 189 59.85 -12.92 -1.19
CA ASP D 189 60.02 -14.15 -1.96
C ASP D 189 59.51 -13.87 -3.36
N ILE D 190 60.37 -13.28 -4.20
CA ILE D 190 59.94 -12.68 -5.45
C ILE D 190 60.42 -13.43 -6.68
N GLY D 191 61.31 -14.39 -6.53
CA GLY D 191 61.87 -15.07 -7.68
C GLY D 191 63.08 -14.34 -8.22
N ILE D 192 63.73 -14.99 -9.19
CA ILE D 192 64.99 -14.50 -9.73
C ILE D 192 64.79 -13.72 -11.02
N GLU D 193 63.56 -13.33 -11.33
CA GLU D 193 63.24 -12.68 -12.60
C GLU D 193 62.83 -11.22 -12.43
N ARG D 194 63.16 -10.61 -11.30
CA ARG D 194 62.85 -9.20 -11.07
C ARG D 194 64.15 -8.41 -11.18
N VAL D 195 64.32 -7.71 -12.30
CA VAL D 195 65.58 -7.02 -12.61
C VAL D 195 65.85 -5.84 -11.69
N ALA D 196 64.84 -5.35 -10.97
CA ALA D 196 65.07 -4.27 -10.02
C ALA D 196 66.06 -4.69 -8.94
N VAL D 197 65.98 -5.95 -8.50
CA VAL D 197 66.86 -6.47 -7.47
C VAL D 197 68.08 -7.17 -8.05
N GLY D 198 67.89 -7.94 -9.11
CA GLY D 198 68.95 -8.75 -9.68
C GLY D 198 68.71 -10.22 -9.41
N SER D 199 69.74 -11.01 -9.71
CA SER D 199 69.67 -12.45 -9.50
C SER D 199 70.90 -12.93 -8.76
N LEU D 200 70.69 -13.85 -7.82
CA LEU D 200 71.79 -14.36 -7.01
C LEU D 200 72.74 -15.22 -7.84
N LEU D 201 72.19 -16.12 -8.66
CA LEU D 201 73.04 -17.04 -9.40
C LEU D 201 73.85 -16.34 -10.49
N ASP D 202 73.35 -15.23 -11.01
CA ASP D 202 74.09 -14.45 -11.99
C ASP D 202 75.02 -13.43 -11.34
N HIS D 203 74.91 -13.23 -10.03
CA HIS D 203 75.72 -12.26 -9.29
C HIS D 203 75.59 -10.86 -9.88
N THR D 204 74.37 -10.48 -10.23
CA THR D 204 74.09 -9.20 -10.83
C THR D 204 73.23 -8.34 -9.91
N GLY D 205 73.27 -7.04 -10.16
CA GLY D 205 72.45 -6.11 -9.40
C GLY D 205 72.86 -6.03 -7.94
N ALA D 206 71.85 -5.94 -7.07
CA ALA D 206 72.10 -5.84 -5.65
C ALA D 206 72.84 -7.06 -5.11
N PHE D 207 72.69 -8.22 -5.74
CA PHE D 207 73.43 -9.40 -5.30
C PHE D 207 74.91 -9.25 -5.58
N GLY D 208 75.27 -8.73 -6.76
CA GLY D 208 76.66 -8.43 -7.03
C GLY D 208 77.22 -7.38 -6.08
N GLU D 209 76.43 -6.34 -5.80
CA GLU D 209 76.86 -5.34 -4.84
C GLU D 209 77.11 -5.95 -3.47
N CYS D 210 76.18 -6.80 -3.01
CA CYS D 210 76.31 -7.41 -1.69
C CYS D 210 77.52 -8.33 -1.62
N GLU D 211 77.79 -9.08 -2.68
CA GLU D 211 78.95 -9.96 -2.66
C GLU D 211 80.25 -9.16 -2.67
N LYS D 212 80.31 -8.06 -3.43
CA LYS D 212 81.50 -7.22 -3.39
C LYS D 212 81.68 -6.60 -2.00
N ASN D 213 80.59 -6.16 -1.39
CA ASN D 213 80.65 -5.61 -0.04
C ASN D 213 81.16 -6.65 0.96
N ALA D 214 80.65 -7.88 0.85
CA ALA D 214 81.09 -8.94 1.76
C ALA D 214 82.56 -9.29 1.54
N ALA D 215 83.00 -9.31 0.28
CA ALA D 215 84.41 -9.58 0.01
C ALA D 215 85.29 -8.51 0.62
N ARG D 216 84.86 -7.24 0.53
CA ARG D 216 85.61 -6.17 1.18
C ARG D 216 85.63 -6.35 2.71
N ILE D 217 84.47 -6.64 3.30
CA ILE D 217 84.38 -6.70 4.75
C ILE D 217 85.18 -7.87 5.31
N PHE D 218 85.16 -9.01 4.64
CA PHE D 218 85.84 -10.20 5.13
C PHE D 218 87.25 -10.35 4.57
N GLY D 219 87.73 -9.38 3.80
CA GLY D 219 89.09 -9.42 3.29
C GLY D 219 89.38 -10.49 2.27
N ALA D 220 88.45 -10.76 1.36
CA ALA D 220 88.65 -11.74 0.30
C ALA D 220 88.72 -11.03 -1.05
N ASP D 221 89.31 -11.73 -2.02
CA ASP D 221 89.26 -11.24 -3.40
C ASP D 221 87.85 -11.36 -3.97
N GLN D 222 87.21 -12.51 -3.78
CA GLN D 222 85.85 -12.73 -4.24
C GLN D 222 85.07 -13.42 -3.14
N SER D 223 83.78 -13.11 -3.06
CA SER D 223 82.89 -13.75 -2.10
C SER D 223 81.65 -14.25 -2.83
N TYR D 224 81.14 -15.38 -2.38
CA TYR D 224 79.92 -15.97 -2.91
C TYR D 224 78.95 -16.22 -1.77
N SER D 225 77.72 -15.74 -1.94
CA SER D 225 76.66 -16.02 -0.99
C SER D 225 76.00 -17.36 -1.33
N VAL D 226 75.79 -18.17 -0.31
CA VAL D 226 75.29 -19.53 -0.48
C VAL D 226 74.04 -19.70 0.38
N VAL D 227 73.03 -20.38 -0.17
CA VAL D 227 71.77 -20.61 0.53
C VAL D 227 71.59 -22.08 0.90
N VAL D 228 72.64 -22.89 0.77
CA VAL D 228 72.61 -24.28 1.16
C VAL D 228 73.58 -24.55 2.31
N GLY D 229 73.97 -23.51 3.03
CA GLY D 229 74.83 -23.67 4.18
C GLY D 229 76.28 -23.96 3.80
N THR D 230 77.08 -24.16 4.85
CA THR D 230 78.47 -24.52 4.65
C THR D 230 78.62 -25.92 4.06
N SER D 231 77.64 -26.80 4.25
CA SER D 231 77.64 -28.06 3.52
C SER D 231 77.70 -27.82 2.02
N GLY D 232 76.80 -26.97 1.52
CA GLY D 232 76.82 -26.63 0.12
C GLY D 232 78.09 -25.92 -0.29
N SER D 233 78.57 -24.98 0.54
CA SER D 233 79.80 -24.26 0.22
C SER D 233 81.00 -25.21 0.09
N ASN D 234 81.14 -26.12 1.04
CA ASN D 234 82.22 -27.11 0.99
C ASN D 234 82.10 -27.96 -0.25
N ARG D 235 80.87 -28.39 -0.59
CA ARG D 235 80.68 -29.19 -1.78
C ARG D 235 81.12 -28.45 -3.04
N THR D 236 80.73 -27.18 -3.19
CA THR D 236 81.12 -26.48 -4.42
C THR D 236 82.62 -26.22 -4.47
N ILE D 237 83.25 -25.90 -3.34
CA ILE D 237 84.69 -25.69 -3.36
C ILE D 237 85.40 -26.98 -3.76
N MET D 238 85.01 -28.10 -3.16
CA MET D 238 85.65 -29.36 -3.46
C MET D 238 85.39 -29.79 -4.91
N GLN D 239 84.20 -29.51 -5.43
CA GLN D 239 83.90 -29.81 -6.82
C GLN D 239 84.72 -28.97 -7.78
N ALA D 240 84.97 -27.71 -7.43
CA ALA D 240 85.79 -26.86 -8.27
C ALA D 240 87.27 -27.22 -8.19
N CYS D 241 87.71 -27.87 -7.11
CA CYS D 241 89.14 -28.07 -6.91
C CYS D 241 89.67 -29.40 -7.40
N MET D 242 89.00 -30.52 -7.14
CA MET D 242 89.61 -31.82 -7.37
C MET D 242 88.80 -32.63 -8.37
N THR D 243 89.41 -33.74 -8.78
CA THR D 243 88.86 -34.66 -9.75
C THR D 243 89.25 -36.07 -9.33
N ASP D 244 88.61 -37.08 -9.93
CA ASP D 244 88.88 -38.45 -9.51
C ASP D 244 90.31 -38.90 -9.78
N ASP D 245 91.07 -38.16 -10.58
CA ASP D 245 92.49 -38.44 -10.81
C ASP D 245 93.39 -37.62 -9.90
N ASP D 246 92.91 -37.24 -8.71
CA ASP D 246 93.63 -36.32 -7.84
C ASP D 246 93.81 -36.94 -6.45
N VAL D 247 94.88 -36.53 -5.78
CA VAL D 247 95.11 -36.86 -4.38
C VAL D 247 94.91 -35.60 -3.56
N VAL D 248 94.25 -35.73 -2.42
CA VAL D 248 93.92 -34.58 -1.58
C VAL D 248 94.32 -34.86 -0.14
N VAL D 249 94.61 -33.80 0.60
CA VAL D 249 95.07 -33.87 1.98
C VAL D 249 93.94 -33.39 2.86
N ILE D 250 93.40 -34.29 3.68
CA ILE D 250 92.18 -34.02 4.42
C ILE D 250 92.48 -34.03 5.91
N ASP D 251 92.09 -32.96 6.59
CA ASP D 251 92.03 -32.96 8.04
C ASP D 251 91.09 -34.06 8.51
N ARG D 252 91.61 -34.95 9.36
CA ARG D 252 90.76 -36.01 9.89
C ARG D 252 89.63 -35.46 10.74
N ASN D 253 89.82 -34.28 11.33
CA ASN D 253 88.74 -33.52 11.97
C ASN D 253 88.01 -32.76 10.87
N CYS D 254 87.19 -33.49 10.12
CA CYS D 254 86.45 -32.92 8.99
C CYS D 254 84.96 -33.09 9.20
N HIS D 255 84.21 -32.11 8.74
CA HIS D 255 82.76 -32.20 8.71
C HIS D 255 82.33 -33.23 7.67
N LYS D 256 81.12 -33.79 7.85
CA LYS D 256 80.64 -34.80 6.93
C LYS D 256 80.43 -34.26 5.52
N SER D 257 80.29 -32.94 5.36
CA SER D 257 80.22 -32.37 4.02
C SER D 257 81.54 -32.54 3.27
N ILE D 258 82.66 -32.62 3.99
CA ILE D 258 83.94 -32.90 3.33
C ILE D 258 83.95 -34.30 2.75
N GLU D 259 83.47 -35.29 3.50
CA GLU D 259 83.36 -36.63 2.95
C GLU D 259 82.35 -36.69 1.82
N GLN D 260 81.28 -35.90 1.89
CA GLN D 260 80.35 -35.83 0.78
C GLN D 260 81.02 -35.28 -0.47
N GLY D 261 81.85 -34.26 -0.31
CA GLY D 261 82.63 -33.75 -1.43
C GLY D 261 83.58 -34.80 -1.99
N LEU D 262 84.19 -35.58 -1.12
CA LEU D 262 85.06 -36.67 -1.58
C LEU D 262 84.26 -37.68 -2.40
N ILE D 263 83.07 -38.03 -1.94
CA ILE D 263 82.21 -38.95 -2.69
C ILE D 263 81.85 -38.37 -4.05
N LEU D 264 81.49 -37.09 -4.08
CA LEU D 264 81.03 -36.46 -5.31
C LEU D 264 82.15 -36.17 -6.30
N THR D 265 83.40 -36.08 -5.84
CA THR D 265 84.51 -35.82 -6.76
C THR D 265 85.29 -37.08 -7.11
N GLY D 266 85.29 -38.09 -6.25
CA GLY D 266 86.06 -39.28 -6.51
C GLY D 266 87.55 -39.17 -6.21
N ALA D 267 87.97 -38.12 -5.52
CA ALA D 267 89.39 -37.94 -5.22
C ALA D 267 89.87 -38.96 -4.20
N LYS D 268 91.19 -39.15 -4.16
CA LYS D 268 91.80 -40.11 -3.25
C LYS D 268 92.37 -39.36 -2.05
N PRO D 269 91.85 -39.57 -0.84
CA PRO D 269 92.25 -38.76 0.30
C PRO D 269 93.42 -39.33 1.09
N VAL D 270 94.24 -38.42 1.58
CA VAL D 270 95.28 -38.69 2.56
C VAL D 270 94.99 -37.82 3.77
N TYR D 271 95.22 -38.35 4.97
CA TYR D 271 94.70 -37.75 6.19
C TYR D 271 95.82 -37.26 7.11
N MET D 272 95.62 -36.07 7.67
CA MET D 272 96.44 -35.59 8.78
C MET D 272 95.68 -35.82 10.08
N ILE D 273 96.31 -36.49 11.03
CA ILE D 273 95.66 -36.94 12.26
C ILE D 273 95.82 -35.85 13.31
N PRO D 274 94.74 -35.34 13.89
CA PRO D 274 94.85 -34.34 14.95
C PRO D 274 95.23 -35.00 16.28
N SER D 275 95.61 -34.15 17.22
CA SER D 275 96.01 -34.59 18.55
C SER D 275 94.79 -34.67 19.47
N ARG D 276 94.97 -35.36 20.60
CA ARG D 276 93.93 -35.53 21.60
C ARG D 276 94.53 -35.29 22.98
N ASN D 277 93.66 -34.94 23.93
CA ASN D 277 94.08 -34.75 25.32
C ASN D 277 93.34 -35.75 26.21
N ARG D 278 93.63 -35.69 27.51
CA ARG D 278 93.10 -36.67 28.45
C ARG D 278 91.59 -36.55 28.63
N TYR D 279 90.99 -35.43 28.28
CA TYR D 279 89.55 -35.26 28.40
C TYR D 279 88.80 -35.75 27.16
N GLY D 280 89.50 -36.28 26.16
CA GLY D 280 88.86 -36.65 24.93
C GLY D 280 88.61 -35.50 23.98
N ILE D 281 89.16 -34.34 24.26
CA ILE D 281 89.00 -33.18 23.38
C ILE D 281 89.97 -33.32 22.21
N ILE D 282 89.44 -33.24 20.98
CA ILE D 282 90.29 -33.28 19.81
C ILE D 282 91.04 -31.97 19.70
N GLY D 283 92.36 -32.06 19.48
CA GLY D 283 93.19 -30.89 19.39
C GLY D 283 93.66 -30.62 17.98
N PRO D 284 94.64 -29.72 17.85
CA PRO D 284 95.11 -29.35 16.52
C PRO D 284 95.99 -30.44 15.91
N ILE D 285 96.08 -30.39 14.58
CA ILE D 285 97.09 -31.15 13.86
C ILE D 285 98.44 -30.53 14.14
N TYR D 286 99.40 -31.36 14.50
CA TYR D 286 100.73 -30.86 14.78
C TYR D 286 101.48 -30.53 13.50
N PRO D 287 102.45 -29.62 13.56
CA PRO D 287 103.22 -29.28 12.36
C PRO D 287 103.94 -30.45 11.74
N LYS D 288 104.25 -31.49 12.50
CA LYS D 288 104.92 -32.67 11.97
C LYS D 288 104.07 -33.43 10.96
N GLU D 289 102.76 -33.15 10.89
CA GLU D 289 101.88 -33.80 9.93
C GLU D 289 101.69 -33.00 8.65
N MET D 290 102.09 -31.72 8.63
CA MET D 290 101.89 -30.86 7.47
C MET D 290 103.17 -30.63 6.67
N THR D 291 104.30 -31.13 7.14
CA THR D 291 105.55 -30.90 6.41
C THR D 291 105.51 -31.62 5.07
N PRO D 292 106.20 -31.09 4.06
CA PRO D 292 106.21 -31.76 2.75
C PRO D 292 106.66 -33.20 2.81
N ASP D 293 107.64 -33.52 3.66
CA ASP D 293 108.07 -34.91 3.79
C ASP D 293 106.98 -35.78 4.41
N ALA D 294 106.24 -35.24 5.38
CA ALA D 294 105.14 -36.00 5.97
C ALA D 294 104.06 -36.29 4.94
N ILE D 295 103.73 -35.30 4.11
CA ILE D 295 102.70 -35.48 3.10
C ILE D 295 103.16 -36.46 2.03
N LYS D 296 104.43 -36.38 1.62
CA LYS D 296 104.96 -37.36 0.67
C LYS D 296 104.95 -38.76 1.25
N PHE D 297 105.29 -38.90 2.53
CA PHE D 297 105.25 -40.21 3.18
C PHE D 297 103.83 -40.75 3.21
N LYS D 298 102.85 -39.90 3.56
CA LYS D 298 101.46 -40.33 3.59
C LYS D 298 101.00 -40.77 2.21
N ILE D 299 101.36 -40.02 1.17
CA ILE D 299 100.97 -40.39 -0.19
C ILE D 299 101.60 -41.72 -0.59
N ALA D 300 102.89 -41.91 -0.27
CA ALA D 300 103.57 -43.14 -0.63
C ALA D 300 103.06 -44.34 0.16
N ALA D 301 102.51 -44.13 1.35
CA ALA D 301 102.04 -45.25 2.16
C ALA D 301 100.58 -45.61 1.90
N ASN D 302 99.80 -44.73 1.28
CA ASN D 302 98.37 -44.99 1.08
C ASN D 302 98.19 -46.04 0.00
N PRO D 303 97.33 -47.06 0.23
CA PRO D 303 97.12 -48.09 -0.79
C PRO D 303 96.58 -47.55 -2.11
N LEU D 304 95.76 -46.49 -2.07
CA LEU D 304 95.17 -45.97 -3.30
C LEU D 304 96.03 -44.93 -3.98
N THR D 305 96.84 -44.18 -3.25
CA THR D 305 97.59 -43.07 -3.81
C THR D 305 99.05 -43.41 -4.08
N LYS D 306 99.48 -44.65 -3.82
CA LYS D 306 100.90 -44.97 -3.97
C LYS D 306 101.36 -44.98 -5.42
N GLY D 307 100.44 -44.88 -6.38
CA GLY D 307 100.82 -44.73 -7.76
C GLY D 307 100.77 -43.28 -8.22
N LYS D 308 100.72 -42.35 -7.27
CA LYS D 308 100.61 -40.93 -7.56
C LYS D 308 101.64 -40.12 -6.78
N VAL D 309 102.73 -40.76 -6.35
CA VAL D 309 103.71 -40.11 -5.50
C VAL D 309 104.42 -38.95 -6.18
N LYS D 310 104.36 -38.88 -7.51
CA LYS D 310 104.94 -37.77 -8.25
C LYS D 310 103.95 -36.67 -8.56
N GLN D 311 102.71 -36.81 -8.11
CA GLN D 311 101.64 -35.87 -8.44
C GLN D 311 101.45 -34.90 -7.30
N LYS D 312 101.36 -33.62 -7.63
CA LYS D 312 101.12 -32.58 -6.63
C LYS D 312 99.67 -32.66 -6.14
N PRO D 313 99.44 -32.68 -4.83
CA PRO D 313 98.06 -32.73 -4.34
C PRO D 313 97.28 -31.49 -4.76
N ALA D 314 96.01 -31.70 -5.09
CA ALA D 314 95.19 -30.65 -5.68
C ALA D 314 94.45 -29.81 -4.65
N TYR D 315 94.40 -30.24 -3.39
CA TYR D 315 93.51 -29.60 -2.43
C TYR D 315 93.85 -30.08 -1.03
N SER D 316 93.74 -29.18 -0.07
CA SER D 316 93.83 -29.53 1.34
C SER D 316 92.77 -28.75 2.11
N VAL D 317 92.27 -29.36 3.17
CA VAL D 317 91.27 -28.73 4.03
C VAL D 317 91.71 -28.87 5.47
N VAL D 318 91.60 -27.78 6.23
CA VAL D 318 91.86 -27.76 7.65
C VAL D 318 90.67 -27.09 8.33
N THR D 319 90.13 -27.73 9.37
CA THR D 319 89.06 -27.13 10.15
C THR D 319 89.65 -26.19 11.19
N ASN D 320 89.26 -24.93 11.14
CA ASN D 320 89.80 -23.91 12.03
C ASN D 320 88.75 -22.84 12.24
N CYS D 321 88.30 -22.65 13.47
CA CYS D 321 88.76 -23.39 14.63
C CYS D 321 88.05 -24.74 14.78
N THR D 322 88.52 -25.56 15.71
CA THR D 322 87.91 -26.86 15.95
C THR D 322 86.61 -26.70 16.74
N TYR D 323 85.93 -27.82 16.96
CA TYR D 323 84.64 -27.78 17.66
C TYR D 323 84.79 -27.30 19.10
N ASP D 324 85.94 -27.54 19.72
CA ASP D 324 86.17 -27.14 21.11
C ASP D 324 86.95 -25.84 21.23
N GLY D 325 87.04 -25.06 20.15
CA GLY D 325 87.62 -23.75 20.23
C GLY D 325 89.13 -23.69 20.14
N VAL D 326 89.78 -24.67 19.55
CA VAL D 326 91.21 -24.64 19.33
C VAL D 326 91.46 -24.00 17.97
N CYS D 327 92.17 -22.87 17.96
CA CYS D 327 92.43 -22.10 16.76
C CYS D 327 93.88 -22.27 16.33
N TYR D 328 94.09 -22.65 15.08
CA TYR D 328 95.43 -22.74 14.52
C TYR D 328 96.01 -21.36 14.27
N ASN D 329 97.34 -21.27 14.35
CA ASN D 329 98.03 -20.14 13.75
C ASN D 329 97.99 -20.33 12.25
N ALA D 330 97.04 -19.66 11.58
CA ALA D 330 96.80 -19.92 10.17
C ALA D 330 97.95 -19.48 9.30
N ARG D 331 98.68 -18.44 9.71
CA ARG D 331 99.87 -18.03 8.97
C ARG D 331 100.90 -19.16 8.92
N LYS D 332 101.14 -19.82 10.06
CA LYS D 332 102.10 -20.91 10.10
C LYS D 332 101.59 -22.13 9.32
N VAL D 333 100.30 -22.42 9.43
CA VAL D 333 99.73 -23.54 8.68
C VAL D 333 99.88 -23.29 7.18
N GLN D 334 99.59 -22.07 6.73
CA GLN D 334 99.72 -21.74 5.33
C GLN D 334 101.16 -21.84 4.86
N ASP D 335 102.11 -21.37 5.68
CA ASP D 335 103.51 -21.50 5.31
C ASP D 335 103.94 -22.96 5.23
N LEU D 336 103.44 -23.80 6.14
CA LEU D 336 103.78 -25.22 6.08
C LEU D 336 103.22 -25.89 4.84
N LEU D 337 101.93 -25.67 4.56
CA LEU D 337 101.27 -26.31 3.44
C LEU D 337 101.65 -25.73 2.09
N ASP D 338 102.22 -24.52 2.07
CA ASP D 338 102.68 -23.93 0.81
C ASP D 338 103.77 -24.75 0.14
N GLY D 339 104.50 -25.55 0.90
CA GLY D 339 105.52 -26.38 0.30
C GLY D 339 105.03 -27.61 -0.40
N SER D 340 103.72 -27.87 -0.36
CA SER D 340 103.16 -29.06 -0.98
C SER D 340 101.91 -28.82 -1.82
N LEU D 341 101.19 -27.71 -1.63
CA LEU D 341 99.88 -27.53 -2.22
C LEU D 341 99.76 -26.11 -2.78
N ASP D 342 98.84 -25.95 -3.72
CA ASP D 342 98.48 -24.63 -4.23
C ASP D 342 97.11 -24.17 -3.76
N ARG D 343 96.29 -25.06 -3.21
CA ARG D 343 94.96 -24.72 -2.74
C ARG D 343 94.81 -25.17 -1.30
N ILE D 344 94.51 -24.24 -0.41
CA ILE D 344 94.23 -24.54 0.99
C ILE D 344 92.83 -24.04 1.30
N HIS D 345 92.00 -24.92 1.84
CA HIS D 345 90.64 -24.58 2.23
C HIS D 345 90.57 -24.60 3.76
N PHE D 346 90.24 -23.46 4.33
CA PHE D 346 90.00 -23.35 5.77
C PHE D 346 88.50 -23.39 6.01
N ASP D 347 88.02 -24.47 6.62
CA ASP D 347 86.60 -24.59 6.96
C ASP D 347 86.38 -23.87 8.28
N GLU D 348 86.12 -22.57 8.20
CA GLU D 348 85.86 -21.74 9.38
C GLU D 348 84.37 -21.59 9.65
N ALA D 349 83.64 -22.71 9.70
CA ALA D 349 82.19 -22.64 9.87
C ALA D 349 81.82 -22.00 11.20
N TRP D 350 82.54 -22.36 12.26
CA TRP D 350 82.32 -21.80 13.59
C TRP D 350 83.14 -20.55 13.84
N TYR D 351 83.90 -20.08 12.85
CA TYR D 351 84.94 -19.07 13.05
C TYR D 351 84.76 -17.99 11.99
N GLY D 352 83.78 -17.11 12.21
CA GLY D 352 83.46 -16.13 11.19
C GLY D 352 83.75 -14.72 11.67
N TYR D 353 83.77 -14.57 12.98
CA TYR D 353 84.04 -13.32 13.67
C TYR D 353 85.52 -13.04 13.84
N ALA D 354 86.39 -14.00 13.51
CA ALA D 354 87.79 -13.93 13.93
C ALA D 354 88.51 -12.72 13.34
N ARG D 355 88.15 -12.31 12.13
CA ARG D 355 88.79 -11.17 11.50
C ARG D 355 88.56 -9.87 12.26
N PHE D 356 87.51 -9.79 13.07
CA PHE D 356 87.04 -8.52 13.59
C PHE D 356 87.41 -8.27 15.05
N ASN D 357 88.31 -9.08 15.61
CA ASN D 357 88.84 -8.81 16.93
C ASN D 357 90.34 -9.08 16.92
N PRO D 358 91.16 -8.14 17.41
CA PRO D 358 92.62 -8.34 17.39
C PRO D 358 93.11 -9.51 18.22
N LEU D 359 92.29 -10.04 19.12
CA LEU D 359 92.69 -11.21 19.90
C LEU D 359 92.98 -12.42 19.02
N TYR D 360 92.39 -12.47 17.83
CA TYR D 360 92.52 -13.60 16.92
C TYR D 360 93.58 -13.39 15.86
N ARG D 361 94.40 -12.35 15.99
CA ARG D 361 95.36 -11.98 14.96
C ARG D 361 96.27 -13.16 14.60
N ASN D 362 96.47 -13.36 13.30
CA ASN D 362 97.28 -14.42 12.70
C ASN D 362 96.67 -15.80 12.87
N HIS D 363 95.44 -15.92 13.35
CA HIS D 363 94.84 -17.22 13.60
C HIS D 363 93.59 -17.46 12.74
N PHE D 364 93.53 -16.83 11.57
CA PHE D 364 92.43 -17.05 10.64
C PHE D 364 92.96 -16.84 9.23
N ALA D 365 92.10 -17.11 8.24
CA ALA D 365 92.57 -17.23 6.87
C ALA D 365 92.76 -15.88 6.18
N MET D 366 91.74 -15.01 6.20
CA MET D 366 91.75 -13.79 5.40
C MET D 366 92.31 -12.64 6.23
N ARG D 367 93.62 -12.66 6.41
CA ARG D 367 94.31 -11.72 7.27
C ARG D 367 94.64 -10.43 6.53
N ASP D 368 94.59 -9.32 7.26
CA ASP D 368 95.10 -8.05 6.75
C ASP D 368 96.62 -8.08 6.74
N GLU D 369 97.20 -8.46 5.61
CA GLU D 369 98.65 -8.63 5.51
C GLU D 369 99.08 -8.28 4.09
N GLU D 370 100.35 -7.92 3.96
CA GLU D 370 100.93 -7.76 2.63
C GLU D 370 101.02 -9.11 1.95
N ARG D 371 100.46 -9.20 0.75
CA ARG D 371 100.37 -10.46 0.03
C ARG D 371 101.36 -10.47 -1.12
N THR D 372 102.16 -11.53 -1.20
CA THR D 372 103.08 -11.72 -2.31
C THR D 372 102.38 -12.43 -3.46
N GLU D 373 103.11 -12.64 -4.55
CA GLU D 373 102.53 -13.23 -5.75
C GLU D 373 102.68 -14.74 -5.82
N ASN D 374 103.44 -15.35 -4.92
CA ASN D 374 103.66 -16.79 -4.95
C ASN D 374 102.87 -17.52 -3.87
N GLU D 375 101.82 -16.89 -3.37
CA GLU D 375 101.01 -17.52 -2.36
C GLU D 375 100.10 -18.58 -2.96
N PRO D 376 99.70 -19.58 -2.17
CA PRO D 376 98.66 -20.51 -2.63
C PRO D 376 97.29 -19.85 -2.63
N THR D 377 96.38 -20.46 -3.38
CA THR D 377 94.99 -20.03 -3.35
C THR D 377 94.35 -20.47 -2.03
N ILE D 378 93.66 -19.55 -1.37
CA ILE D 378 93.07 -19.80 -0.06
C ILE D 378 91.56 -19.71 -0.18
N PHE D 379 90.87 -20.73 0.32
CA PHE D 379 89.42 -20.73 0.45
C PHE D 379 89.04 -20.71 1.92
N ALA D 380 88.01 -19.95 2.25
CA ALA D 380 87.45 -19.94 3.60
C ALA D 380 85.93 -20.00 3.49
N THR D 381 85.32 -20.88 4.27
CA THR D 381 83.87 -21.01 4.34
C THR D 381 83.39 -20.59 5.72
N HIS D 382 82.42 -19.69 5.76
CA HIS D 382 81.81 -19.26 7.01
C HIS D 382 80.36 -19.70 7.05
N SER D 383 79.97 -20.32 8.16
CA SER D 383 78.52 -20.55 8.35
C SER D 383 78.03 -19.30 9.06
N THR D 384 77.42 -18.37 8.34
CA THR D 384 77.00 -17.07 8.90
C THR D 384 75.91 -17.24 9.97
N HIS D 385 75.19 -18.35 9.94
CA HIS D 385 74.14 -18.61 10.95
C HIS D 385 74.74 -19.17 12.24
N1 LLP D 386 81.75 -27.54 8.49
C2 LLP D 386 81.82 -27.44 9.81
C2' LLP D 386 83.15 -27.51 10.47
C3 LLP D 386 80.67 -27.28 10.57
O3 LLP D 386 80.82 -27.19 11.90
C4 LLP D 386 79.41 -27.20 9.94
C4' LLP D 386 78.20 -27.02 10.74
C5 LLP D 386 79.37 -27.31 8.54
C6 LLP D 386 80.55 -27.48 7.88
C5' LLP D 386 78.09 -27.29 7.76
OP4 LLP D 386 77.43 -26.00 7.79
P LLP D 386 75.88 -25.85 7.50
OP1 LLP D 386 75.69 -24.40 7.30
OP2 LLP D 386 75.58 -26.65 6.26
OP3 LLP D 386 75.26 -26.41 8.70
N LLP D 386 75.95 -19.71 12.20
CA LLP D 386 76.50 -20.36 13.42
CB LLP D 386 77.56 -21.42 13.12
CG LLP D 386 77.05 -22.83 12.89
CD LLP D 386 78.09 -23.79 12.32
CE LLP D 386 77.51 -24.86 11.43
NZ LLP D 386 78.13 -26.16 11.69
C LLP D 386 76.90 -19.31 14.47
O LLP D 386 76.23 -19.26 15.49
N LEU D 387 77.93 -18.52 14.22
CA LEU D 387 78.43 -17.59 15.26
C LEU D 387 78.38 -16.14 14.78
N LEU D 388 77.70 -15.90 13.68
CA LEU D 388 77.41 -14.53 13.19
C LEU D 388 75.87 -14.44 13.28
N ASN D 389 75.24 -13.37 12.82
CA ASN D 389 73.80 -13.17 12.89
C ASN D 389 73.21 -13.37 11.49
N ALA D 390 72.77 -14.59 11.21
CA ALA D 390 72.12 -14.89 9.95
C ALA D 390 71.17 -16.07 10.15
N LEU D 391 70.22 -16.18 9.24
CA LEU D 391 69.30 -17.30 9.25
C LEU D 391 70.01 -18.58 8.86
N SER D 392 69.45 -19.71 9.29
CA SER D 392 69.99 -21.01 8.91
C SER D 392 70.06 -21.13 7.39
N GLN D 393 71.08 -21.87 6.93
CA GLN D 393 71.45 -22.14 5.53
C GLN D 393 72.21 -20.99 4.89
N ALA D 394 72.40 -19.86 5.57
CA ALA D 394 73.20 -18.78 5.02
C ALA D 394 74.69 -19.08 5.21
N SER D 395 75.46 -18.86 4.15
CA SER D 395 76.88 -19.20 4.18
C SER D 395 77.62 -18.33 3.19
N PHE D 396 78.93 -18.29 3.33
CA PHE D 396 79.80 -17.53 2.43
C PHE D 396 80.95 -18.41 1.97
N ILE D 397 81.35 -18.22 0.72
CA ILE D 397 82.62 -18.70 0.21
C ILE D 397 83.51 -17.50 -0.02
N HIS D 398 84.69 -17.51 0.59
CA HIS D 398 85.67 -16.44 0.42
C HIS D 398 86.88 -17.03 -0.28
N VAL D 399 87.36 -16.33 -1.30
CA VAL D 399 88.48 -16.80 -2.10
C VAL D 399 89.56 -15.73 -2.11
N ARG D 400 90.80 -16.13 -1.89
CA ARG D 400 91.98 -15.30 -2.12
C ARG D 400 92.79 -15.98 -3.21
N ASN D 401 92.89 -15.33 -4.36
CA ASN D 401 93.52 -15.95 -5.53
C ASN D 401 95.03 -15.99 -5.37
N GLY D 402 95.60 -17.17 -5.58
CA GLY D 402 97.04 -17.34 -5.55
C GLY D 402 97.51 -18.26 -6.67
N ARG D 403 98.31 -19.25 -6.32
CA ARG D 403 98.78 -20.20 -7.32
C ARG D 403 97.65 -21.14 -7.72
N ASN D 404 97.54 -21.39 -9.02
CA ASN D 404 96.54 -22.31 -9.57
C ASN D 404 95.13 -21.88 -9.19
N ALA D 405 94.86 -20.59 -9.38
CA ALA D 405 93.55 -20.04 -9.04
C ALA D 405 92.49 -20.48 -10.05
N ILE D 406 91.24 -20.45 -9.60
CA ILE D 406 90.10 -20.83 -10.42
C ILE D 406 89.34 -19.56 -10.79
N ASP D 407 89.28 -19.25 -12.08
CA ASP D 407 88.60 -18.04 -12.52
C ASP D 407 87.09 -18.19 -12.38
N PHE D 408 86.39 -17.07 -12.56
CA PHE D 408 84.97 -17.03 -12.26
C PHE D 408 84.16 -17.97 -13.14
N ASN D 409 84.49 -18.04 -14.44
CA ASN D 409 83.72 -18.89 -15.34
C ASN D 409 83.81 -20.36 -14.94
N ARG D 410 84.98 -20.81 -14.51
CA ARG D 410 85.14 -22.20 -14.09
C ARG D 410 84.50 -22.46 -12.74
N PHE D 411 84.65 -21.52 -11.80
CA PHE D 411 84.09 -21.72 -10.46
C PHE D 411 82.56 -21.68 -10.47
N ASN D 412 81.98 -20.88 -11.37
CA ASN D 412 80.54 -20.73 -11.42
C ASN D 412 79.84 -22.04 -11.76
N GLN D 413 80.50 -22.93 -12.50
CA GLN D 413 79.90 -24.21 -12.82
C GLN D 413 79.68 -25.04 -11.56
N ALA D 414 80.69 -25.16 -10.71
CA ALA D 414 80.51 -25.86 -9.44
C ALA D 414 79.49 -25.16 -8.56
N TYR D 415 79.55 -23.83 -8.52
CA TYR D 415 78.59 -23.06 -7.72
C TYR D 415 77.16 -23.39 -8.12
N LEU D 416 76.86 -23.36 -9.41
CA LEU D 416 75.52 -23.71 -9.88
C LEU D 416 75.21 -25.17 -9.63
N MET D 417 76.20 -26.06 -9.74
CA MET D 417 75.96 -27.47 -9.54
C MET D 417 75.47 -27.78 -8.13
N HIS D 418 75.87 -27.00 -7.13
CA HIS D 418 75.40 -27.29 -5.79
C HIS D 418 74.43 -26.24 -5.25
N SER D 419 73.75 -25.52 -6.12
CA SER D 419 72.80 -24.49 -5.72
C SER D 419 71.39 -24.87 -6.19
N THR D 420 70.46 -23.95 -6.02
CA THR D 420 69.10 -24.10 -6.51
C THR D 420 68.76 -22.94 -7.44
N THR D 421 67.88 -23.19 -8.39
CA THR D 421 67.47 -22.15 -9.32
C THR D 421 66.48 -21.17 -8.71
N SER D 422 65.94 -21.46 -7.53
CA SER D 422 64.98 -20.56 -6.86
C SER D 422 65.42 -20.32 -5.43
N PRO D 423 66.47 -19.52 -5.23
CA PRO D 423 66.90 -19.21 -3.87
C PRO D 423 65.88 -18.37 -3.13
N LEU D 424 65.79 -18.59 -1.82
CA LEU D 424 64.97 -17.76 -0.95
C LEU D 424 65.75 -16.51 -0.57
N TYR D 425 65.24 -15.34 -0.99
CA TYR D 425 65.99 -14.11 -0.86
C TYR D 425 66.11 -13.64 0.59
N ALA D 426 65.28 -14.16 1.49
CA ALA D 426 65.43 -13.84 2.90
C ALA D 426 66.76 -14.35 3.45
N ILE D 427 67.21 -15.51 3.00
CA ILE D 427 68.50 -16.05 3.42
C ILE D 427 69.64 -15.15 2.95
N CYS D 428 69.60 -14.73 1.69
CA CYS D 428 70.63 -13.83 1.17
C CYS D 428 70.59 -12.48 1.88
N ALA D 429 69.40 -12.00 2.22
CA ALA D 429 69.28 -10.76 2.97
C ALA D 429 69.89 -10.89 4.37
N SER D 430 69.69 -12.04 5.00
CA SER D 430 70.32 -12.27 6.30
C SER D 430 71.84 -12.31 6.19
N ASN D 431 72.35 -12.92 5.11
CA ASN D 431 73.79 -12.89 4.86
C ASN D 431 74.30 -11.46 4.72
N ASP D 432 73.56 -10.64 3.98
CA ASP D 432 73.95 -9.25 3.76
C ASP D 432 73.93 -8.45 5.06
N ILE D 433 72.91 -8.65 5.90
CA ILE D 433 72.85 -7.91 7.16
C ILE D 433 73.94 -8.40 8.12
N ALA D 434 74.29 -9.70 8.09
CA ALA D 434 75.38 -10.17 8.93
C ALA D 434 76.70 -9.53 8.54
N ALA D 435 76.98 -9.49 7.23
CA ALA D 435 78.19 -8.83 6.77
C ALA D 435 78.20 -7.36 7.17
N ASP D 436 77.06 -6.68 7.04
CA ASP D 436 76.98 -5.29 7.45
C ASP D 436 77.21 -5.13 8.95
N MET D 437 76.72 -6.09 9.74
CA MET D 437 76.86 -6.02 11.18
C MET D 437 78.32 -6.14 11.60
N MET D 438 79.11 -6.92 10.86
CA MET D 438 80.54 -7.00 11.18
C MET D 438 81.34 -5.83 10.62
N ASP D 439 80.74 -4.95 9.82
CA ASP D 439 81.47 -3.89 9.15
C ASP D 439 81.76 -2.73 10.10
N GLY D 440 82.96 -2.17 9.97
CA GLY D 440 83.35 -0.99 10.71
C GLY D 440 83.60 -1.21 12.19
N ASN D 441 83.20 -0.25 13.02
CA ASN D 441 83.39 -0.35 14.46
C ASN D 441 82.54 -1.44 15.09
N SER D 442 81.40 -1.74 14.48
CA SER D 442 80.41 -2.61 15.13
C SER D 442 80.92 -4.03 15.27
N GLY D 443 81.69 -4.54 14.31
CA GLY D 443 82.22 -5.89 14.44
C GLY D 443 83.16 -6.02 15.63
N ARG D 444 84.06 -5.05 15.78
CA ARG D 444 84.94 -5.03 16.95
C ARG D 444 84.14 -4.93 18.24
N SER D 445 83.13 -4.06 18.27
CA SER D 445 82.36 -3.87 19.50
C SER D 445 81.60 -5.15 19.87
N LEU D 446 81.00 -5.83 18.89
CA LEU D 446 80.22 -7.03 19.18
C LEU D 446 81.12 -8.18 19.62
N THR D 447 82.25 -8.38 18.94
CA THR D 447 83.17 -9.43 19.37
C THR D 447 83.71 -9.11 20.76
N ASP D 448 83.97 -7.85 21.05
CA ASP D 448 84.44 -7.46 22.38
C ASP D 448 83.40 -7.82 23.44
N GLU D 449 82.13 -7.53 23.18
CA GLU D 449 81.10 -7.85 24.16
C GLU D 449 81.03 -9.34 24.43
N VAL D 450 81.06 -10.16 23.38
CA VAL D 450 80.98 -11.61 23.58
C VAL D 450 82.20 -12.11 24.34
N ILE D 451 83.39 -11.64 23.97
CA ILE D 451 84.61 -12.10 24.61
C ILE D 451 84.60 -11.72 26.09
N ARG D 452 84.16 -10.50 26.40
CA ARG D 452 84.11 -10.07 27.79
C ARG D 452 83.13 -10.90 28.60
N GLU D 453 81.97 -11.23 28.03
CA GLU D 453 81.03 -12.09 28.75
C GLU D 453 81.65 -13.46 29.03
N SER D 454 82.31 -14.05 28.04
CA SER D 454 82.92 -15.36 28.25
C SER D 454 84.02 -15.29 29.29
N ILE D 455 84.81 -14.21 29.30
CA ILE D 455 85.88 -14.07 30.28
C ILE D 455 85.30 -13.91 31.69
N ASP D 456 84.22 -13.12 31.82
CA ASP D 456 83.58 -13.00 33.12
C ASP D 456 83.11 -14.34 33.64
N PHE D 457 82.48 -15.14 32.77
CA PHE D 457 82.05 -16.47 33.18
C PHE D 457 83.25 -17.35 33.59
N ARG D 458 84.31 -17.34 32.79
CA ARG D 458 85.47 -18.17 33.09
C ARG D 458 86.10 -17.80 34.43
N GLN D 459 86.27 -16.50 34.67
CA GLN D 459 86.90 -16.05 35.91
C GLN D 459 86.02 -16.34 37.11
N SER D 460 84.71 -16.14 36.99
CA SER D 460 83.82 -16.46 38.10
C SER D 460 83.84 -17.94 38.42
N LEU D 461 83.85 -18.79 37.38
CA LEU D 461 83.89 -20.23 37.63
C LEU D 461 85.21 -20.65 38.26
N ALA D 462 86.33 -20.07 37.80
CA ALA D 462 87.62 -20.39 38.40
C ALA D 462 87.67 -19.95 39.86
N TYR D 463 87.11 -18.79 40.17
CA TYR D 463 87.06 -18.32 41.55
C TYR D 463 86.24 -19.26 42.42
N LEU D 464 85.06 -19.67 41.95
CA LEU D 464 84.24 -20.61 42.71
C LEU D 464 84.94 -21.94 42.90
N TYR D 465 85.65 -22.40 41.87
CA TYR D 465 86.40 -23.64 41.98
C TYR D 465 87.48 -23.54 43.06
N LYS D 466 88.20 -22.42 43.09
CA LYS D 466 89.22 -22.23 44.13
C LYS D 466 88.58 -22.18 45.52
N GLU D 467 87.43 -21.50 45.64
CA GLU D 467 86.74 -21.41 46.92
C GLU D 467 86.35 -22.79 47.43
N PHE D 468 85.72 -23.60 46.57
CA PHE D 468 85.30 -24.94 46.96
C PHE D 468 86.50 -25.82 47.26
N LEU D 469 87.59 -25.67 46.50
CA LEU D 469 88.81 -26.42 46.78
C LEU D 469 89.38 -26.06 48.14
N ASN D 470 89.36 -24.77 48.47
CA ASN D 470 89.82 -24.34 49.79
C ASN D 470 88.97 -24.94 50.90
N ASP D 471 87.67 -25.10 50.67
CA ASP D 471 86.81 -25.82 51.60
C ASP D 471 86.85 -27.32 51.41
N ASP D 472 87.89 -27.84 50.77
CA ASP D 472 88.04 -29.25 50.39
C ASP D 472 86.73 -29.86 49.85
N GLU D 473 86.15 -29.19 48.87
CA GLU D 473 85.01 -29.68 48.12
C GLU D 473 85.32 -29.67 46.64
N TRP D 474 84.52 -30.40 45.87
CA TRP D 474 84.66 -30.45 44.43
C TRP D 474 83.80 -29.40 43.76
N PHE D 475 84.24 -28.95 42.58
CA PHE D 475 83.42 -28.11 41.72
C PHE D 475 83.94 -28.21 40.30
N PHE D 476 83.19 -27.62 39.38
CA PHE D 476 83.60 -27.54 37.99
C PHE D 476 84.64 -26.43 37.81
N LYS D 477 85.53 -26.63 36.85
CA LYS D 477 86.54 -25.64 36.54
C LYS D 477 86.53 -25.34 35.05
N PRO D 478 86.79 -24.10 34.66
CA PRO D 478 86.91 -23.79 33.23
C PRO D 478 88.19 -24.37 32.66
N TRP D 479 88.13 -24.68 31.37
CA TRP D 479 89.28 -25.24 30.67
C TRP D 479 90.04 -24.10 30.00
N ASN D 480 90.97 -23.51 30.75
CA ASN D 480 91.85 -22.48 30.22
C ASN D 480 93.13 -22.49 31.04
N GLN D 481 93.99 -21.50 30.81
CA GLN D 481 95.23 -21.37 31.57
C GLN D 481 94.93 -21.18 33.05
N GLU D 482 95.71 -21.86 33.90
CA GLU D 482 95.63 -21.61 35.33
C GLU D 482 96.29 -20.29 35.71
N MET D 483 97.46 -20.02 35.17
CA MET D 483 98.21 -18.80 35.45
C MET D 483 98.48 -18.08 34.14
N VAL D 484 98.32 -16.77 34.14
CA VAL D 484 98.61 -15.96 32.96
C VAL D 484 99.71 -14.97 33.32
N LYS D 485 100.54 -14.65 32.35
CA LYS D 485 101.65 -13.75 32.50
C LYS D 485 101.39 -12.47 31.71
N ASP D 486 101.62 -11.33 32.34
CA ASP D 486 101.54 -10.07 31.63
C ASP D 486 102.82 -9.87 30.83
N PRO D 487 102.77 -9.83 29.50
CA PRO D 487 104.01 -9.73 28.73
C PRO D 487 104.71 -8.40 28.87
N ALA D 488 104.01 -7.35 29.29
CA ALA D 488 104.63 -6.04 29.43
C ALA D 488 105.46 -5.96 30.70
N THR D 489 104.81 -6.11 31.86
CA THR D 489 105.48 -5.96 33.14
C THR D 489 106.09 -7.26 33.66
N GLY D 490 105.80 -8.39 33.02
CA GLY D 490 106.30 -9.66 33.48
C GLY D 490 105.58 -10.24 34.68
N LYS D 491 104.53 -9.59 35.16
CA LYS D 491 103.83 -10.04 36.35
C LYS D 491 102.92 -11.22 36.03
N ARG D 492 102.88 -12.18 36.95
CA ARG D 492 102.04 -13.36 36.81
C ARG D 492 100.78 -13.20 37.65
N TYR D 493 99.66 -13.69 37.12
CA TYR D 493 98.39 -13.70 37.83
C TYR D 493 97.79 -15.08 37.75
N ALA D 494 97.04 -15.45 38.79
CA ALA D 494 96.07 -16.52 38.63
C ALA D 494 94.98 -16.04 37.67
N PHE D 495 94.42 -16.98 36.90
CA PHE D 495 93.49 -16.61 35.85
C PHE D 495 92.31 -15.82 36.40
N GLU D 496 91.76 -16.26 37.53
CA GLU D 496 90.62 -15.56 38.10
C GLU D 496 90.98 -14.21 38.68
N ASP D 497 92.27 -13.94 38.90
CA ASP D 497 92.73 -12.66 39.42
C ASP D 497 93.28 -11.74 38.33
N ALA D 498 93.43 -12.22 37.11
CA ALA D 498 94.00 -11.41 36.05
C ALA D 498 93.05 -10.26 35.70
N PRO D 499 93.59 -9.08 35.38
CA PRO D 499 92.73 -7.99 34.92
C PRO D 499 92.04 -8.36 33.62
N VAL D 500 90.77 -7.95 33.51
CA VAL D 500 89.99 -8.31 32.33
C VAL D 500 90.57 -7.69 31.08
N GLU D 501 91.12 -6.48 31.19
CA GLU D 501 91.76 -5.83 30.04
C GLU D 501 92.92 -6.65 29.51
N LEU D 502 93.72 -7.22 30.42
CA LEU D 502 94.85 -8.05 29.99
C LEU D 502 94.38 -9.28 29.22
N LEU D 503 93.35 -9.97 29.74
CA LEU D 503 92.84 -11.16 29.06
C LEU D 503 92.18 -10.81 27.73
N MET D 504 91.56 -9.64 27.64
CA MET D 504 90.92 -9.21 26.42
C MET D 504 91.90 -8.71 25.38
N ARG D 505 93.08 -8.27 25.79
CA ARG D 505 94.04 -7.64 24.89
C ARG D 505 95.18 -8.57 24.47
N GLU D 506 95.66 -9.42 25.36
CA GLU D 506 96.88 -10.17 25.14
C GLU D 506 96.57 -11.57 24.60
N GLN D 507 97.06 -11.86 23.40
CA GLN D 507 96.84 -13.16 22.79
C GLN D 507 97.56 -14.28 23.54
N SER D 508 98.74 -13.99 24.10
CA SER D 508 99.52 -15.01 24.78
C SER D 508 98.82 -15.56 26.02
N CYS D 509 97.82 -14.85 26.56
CA CYS D 509 97.03 -15.39 27.65
C CYS D 509 96.14 -16.55 27.23
N TRP D 510 96.03 -16.82 25.93
CA TRP D 510 95.21 -17.89 25.41
C TRP D 510 95.97 -18.89 24.57
N VAL D 511 97.24 -18.62 24.27
CA VAL D 511 98.06 -19.54 23.50
C VAL D 511 98.35 -20.79 24.32
N MET D 512 98.36 -21.95 23.66
CA MET D 512 98.68 -23.22 24.31
C MET D 512 100.19 -23.33 24.41
N HIS D 513 100.72 -23.20 25.64
CA HIS D 513 102.16 -23.37 25.72
C HIS D 513 102.51 -24.80 26.09
N PRO D 514 103.59 -25.35 25.53
CA PRO D 514 103.95 -26.74 25.83
C PRO D 514 104.27 -26.99 27.29
N GLU D 515 104.70 -25.97 28.04
CA GLU D 515 105.04 -26.13 29.44
C GLU D 515 103.82 -26.13 30.36
N ASP D 516 102.64 -25.73 29.87
CA ASP D 516 101.44 -25.72 30.68
C ASP D 516 100.74 -27.06 30.63
N LYS D 517 100.11 -27.42 31.74
CA LYS D 517 99.41 -28.69 31.87
C LYS D 517 97.92 -28.62 31.60
N TRP D 518 97.36 -27.40 31.50
CA TRP D 518 95.90 -27.29 31.42
C TRP D 518 95.35 -27.88 30.12
N HIS D 519 96.01 -27.61 28.99
CA HIS D 519 95.42 -28.04 27.72
C HIS D 519 95.61 -29.53 27.47
N GLY D 520 96.69 -30.12 27.94
CA GLY D 520 96.88 -31.54 27.84
C GLY D 520 97.29 -32.06 26.48
N PHE D 521 97.67 -31.18 25.56
CA PHE D 521 98.16 -31.59 24.25
C PHE D 521 99.68 -31.70 24.35
N ASN D 522 100.16 -32.90 24.67
CA ASN D 522 101.58 -33.11 24.87
C ASN D 522 102.34 -32.96 23.56
N ASP D 523 103.51 -32.34 23.64
CA ASP D 523 104.42 -32.15 22.50
C ASP D 523 103.84 -31.19 21.47
N ILE D 524 102.92 -30.33 21.87
CA ILE D 524 102.48 -29.27 20.95
C ILE D 524 103.57 -28.20 20.86
N PRO D 525 103.90 -27.71 19.67
CA PRO D 525 104.85 -26.60 19.58
C PRO D 525 104.24 -25.33 20.14
N ASP D 526 105.12 -24.42 20.58
CA ASP D 526 104.66 -23.16 21.11
C ASP D 526 104.23 -22.23 19.98
N ASN D 527 103.25 -21.38 20.28
CA ASN D 527 102.70 -20.42 19.32
C ASN D 527 102.15 -21.13 18.08
N TRP D 528 101.55 -22.29 18.29
CA TRP D 528 100.90 -23.07 17.24
C TRP D 528 99.39 -22.99 17.32
N ALA D 529 98.83 -23.26 18.49
CA ALA D 529 97.39 -23.24 18.71
C ALA D 529 97.04 -22.21 19.77
N MET D 530 95.75 -21.94 19.88
CA MET D 530 95.23 -20.90 20.76
C MET D 530 93.80 -21.28 21.11
N LEU D 531 93.36 -20.92 22.31
CA LEU D 531 92.00 -21.21 22.74
C LEU D 531 91.09 -20.03 22.42
N ASP D 532 89.97 -20.33 21.79
CA ASP D 532 88.93 -19.32 21.55
C ASP D 532 88.19 -19.05 22.85
N PRO D 533 88.22 -17.83 23.37
CA PRO D 533 87.57 -17.58 24.67
C PRO D 533 86.08 -17.85 24.69
N ILE D 534 85.37 -17.66 23.57
CA ILE D 534 83.91 -17.74 23.60
C ILE D 534 83.37 -19.15 23.48
N LYS D 535 84.24 -20.14 23.29
CA LYS D 535 83.83 -21.55 23.33
C LYS D 535 84.28 -22.11 24.67
N VAL D 536 83.42 -22.00 25.67
CA VAL D 536 83.80 -22.25 27.06
C VAL D 536 83.52 -23.70 27.41
N SER D 537 84.58 -24.44 27.68
CA SER D 537 84.49 -25.82 28.18
C SER D 537 84.63 -25.80 29.69
N ILE D 538 83.78 -26.53 30.38
CA ILE D 538 83.92 -26.74 31.81
C ILE D 538 84.20 -28.21 32.05
N LEU D 539 85.01 -28.49 33.07
CA LEU D 539 85.47 -29.83 33.36
C LEU D 539 84.86 -30.30 34.66
N ALA D 540 84.20 -31.44 34.61
CA ALA D 540 83.76 -32.09 35.83
C ALA D 540 84.92 -32.85 36.46
N PRO D 541 84.94 -32.96 37.79
CA PRO D 541 86.06 -33.65 38.44
C PRO D 541 86.04 -35.14 38.17
N GLY D 542 87.23 -35.73 38.18
CA GLY D 542 87.35 -37.16 38.00
C GLY D 542 88.53 -37.61 37.19
N MET D 543 89.11 -36.70 36.39
CA MET D 543 90.23 -37.02 35.52
C MET D 543 91.50 -36.44 36.10
N GLY D 544 92.50 -37.30 36.30
CA GLY D 544 93.78 -36.84 36.79
C GLY D 544 94.61 -36.18 35.71
N ASP D 545 95.57 -35.37 36.15
CA ASP D 545 96.43 -34.66 35.21
C ASP D 545 97.33 -35.62 34.43
N ASP D 546 97.60 -36.80 34.97
CA ASP D 546 98.43 -37.79 34.31
C ASP D 546 97.70 -38.52 33.18
N GLY D 547 96.37 -38.47 33.15
CA GLY D 547 95.59 -39.16 32.15
C GLY D 547 94.75 -40.29 32.69
N LYS D 548 94.85 -40.60 33.97
CA LYS D 548 94.08 -41.67 34.59
C LYS D 548 93.05 -41.08 35.55
N LEU D 549 91.99 -41.84 35.76
CA LEU D 549 90.90 -41.36 36.60
C LEU D 549 91.33 -41.29 38.06
N LEU D 550 90.66 -40.41 38.80
CA LEU D 550 90.88 -40.28 40.23
C LEU D 550 90.00 -41.29 40.97
N ASP D 551 90.07 -41.25 42.30
CA ASP D 551 89.29 -42.19 43.11
C ASP D 551 87.81 -41.87 43.05
N THR D 552 87.45 -40.60 42.86
CA THR D 552 86.07 -40.18 42.80
C THR D 552 85.92 -39.11 41.74
N GLY D 553 84.69 -38.89 41.30
CA GLY D 553 84.43 -37.88 40.29
C GLY D 553 82.95 -37.82 39.98
N VAL D 554 82.59 -36.85 39.14
CA VAL D 554 81.23 -36.63 38.69
C VAL D 554 81.23 -36.74 37.16
N PRO D 555 80.62 -37.77 36.58
CA PRO D 555 80.61 -37.87 35.12
C PRO D 555 79.76 -36.77 34.48
N ALA D 556 80.18 -36.35 33.30
CA ALA D 556 79.53 -35.22 32.64
C ALA D 556 78.17 -35.58 32.06
N ALA D 557 77.87 -36.87 31.87
CA ALA D 557 76.57 -37.25 31.35
C ALA D 557 75.45 -36.86 32.30
N LEU D 558 75.67 -37.02 33.61
CA LEU D 558 74.66 -36.65 34.60
C LEU D 558 74.47 -35.14 34.66
N VAL D 559 75.57 -34.38 34.59
CA VAL D 559 75.47 -32.93 34.56
C VAL D 559 74.74 -32.48 33.30
N THR D 560 74.99 -33.17 32.17
CA THR D 560 74.29 -32.85 30.94
C THR D 560 72.79 -33.12 31.07
N ALA D 561 72.42 -34.21 31.72
CA ALA D 561 71.01 -34.48 31.96
C ALA D 561 70.39 -33.37 32.82
N TRP D 562 71.10 -32.93 33.85
CA TRP D 562 70.63 -31.82 34.68
C TRP D 562 70.41 -30.56 33.84
N LEU D 563 71.41 -30.20 33.04
CA LEU D 563 71.30 -28.99 32.22
C LEU D 563 70.17 -29.09 31.23
N ASN D 564 70.01 -30.25 30.58
CA ASN D 564 68.88 -30.44 29.68
C ASN D 564 67.56 -30.28 30.41
N HIS D 565 67.47 -30.82 31.64
CA HIS D 565 66.27 -30.64 32.44
C HIS D 565 65.99 -29.17 32.68
N TYR D 566 67.03 -28.35 32.79
CA TYR D 566 66.81 -26.91 32.95
C TYR D 566 66.86 -26.14 31.63
N GLY D 567 66.89 -26.84 30.50
CA GLY D 567 66.78 -26.22 29.21
C GLY D 567 68.11 -25.92 28.53
N ILE D 568 69.20 -25.92 29.28
CA ILE D 568 70.52 -25.66 28.71
C ILE D 568 70.97 -26.89 27.96
N VAL D 569 71.31 -26.73 26.69
CA VAL D 569 71.77 -27.85 25.86
C VAL D 569 73.20 -27.56 25.42
N PRO D 570 74.18 -28.29 25.93
CA PRO D 570 75.57 -28.05 25.52
C PRO D 570 75.82 -28.46 24.08
N THR D 571 76.84 -27.82 23.49
CA THR D 571 77.22 -28.10 22.11
C THR D 571 78.03 -29.39 22.00
N ARG D 572 79.00 -29.59 22.90
CA ARG D 572 79.84 -30.78 22.90
C ARG D 572 79.90 -31.34 24.31
N THR D 573 80.19 -32.65 24.39
CA THR D 573 80.26 -33.32 25.67
C THR D 573 81.13 -34.57 25.54
N THR D 574 82.04 -34.76 26.49
CA THR D 574 82.81 -35.98 26.66
C THR D 574 82.54 -36.52 28.07
N ASP D 575 83.34 -37.50 28.48
CA ASP D 575 83.16 -38.10 29.80
C ASP D 575 83.25 -37.05 30.91
N PHE D 576 84.27 -36.19 30.88
CA PHE D 576 84.35 -35.04 31.78
C PHE D 576 84.68 -33.81 30.96
N GLN D 577 83.69 -33.26 30.28
CA GLN D 577 83.82 -31.99 29.57
C GLN D 577 82.46 -31.56 29.06
N ILE D 578 82.09 -30.32 29.30
CA ILE D 578 80.85 -29.75 28.79
C ILE D 578 81.16 -28.40 28.16
N MET D 579 80.75 -28.23 26.91
CA MET D 579 81.07 -27.03 26.13
C MET D 579 79.84 -26.14 26.04
N PHE D 580 80.01 -24.86 26.33
CA PHE D 580 78.95 -23.86 26.21
C PHE D 580 79.36 -22.82 25.19
N LEU D 581 78.41 -22.41 24.36
CA LEU D 581 78.64 -21.41 23.33
C LEU D 581 78.22 -20.03 23.82
N PHE D 582 79.13 -19.08 23.71
CA PHE D 582 78.81 -17.67 23.89
C PHE D 582 78.76 -17.04 22.50
N SER D 583 77.60 -16.51 22.13
CA SER D 583 77.40 -15.95 20.80
C SER D 583 77.06 -14.47 20.91
N MET D 584 76.99 -13.81 19.76
CA MET D 584 76.62 -12.40 19.72
C MET D 584 75.16 -12.17 20.05
N GLY D 585 74.35 -13.22 20.15
CA GLY D 585 72.99 -13.14 20.61
C GLY D 585 72.81 -13.25 22.11
N ILE D 586 73.87 -13.46 22.86
CA ILE D 586 73.77 -13.52 24.32
C ILE D 586 73.59 -12.12 24.87
N THR D 587 72.96 -12.02 26.03
CA THR D 587 72.80 -10.76 26.74
C THR D 587 73.72 -10.75 27.95
N LYS D 588 74.03 -9.55 28.41
CA LYS D 588 75.03 -9.38 29.47
C LYS D 588 74.55 -9.95 30.79
N GLY D 589 75.43 -10.64 31.49
CA GLY D 589 75.11 -11.25 32.76
C GLY D 589 74.31 -12.53 32.68
N LYS D 590 74.11 -13.09 31.48
CA LYS D 590 73.32 -14.29 31.32
C LYS D 590 74.00 -15.51 31.94
N TRP D 591 75.34 -15.52 32.01
CA TRP D 591 76.08 -16.66 32.55
C TRP D 591 75.81 -16.87 34.04
N GLY D 592 75.20 -15.90 34.72
CA GLY D 592 74.79 -16.12 36.10
C GLY D 592 73.81 -17.27 36.24
N THR D 593 72.93 -17.44 35.25
CA THR D 593 72.04 -18.61 35.25
C THR D 593 72.83 -19.90 35.19
N LEU D 594 73.86 -19.96 34.34
CA LEU D 594 74.67 -21.15 34.25
C LEU D 594 75.36 -21.46 35.57
N VAL D 595 75.93 -20.43 36.21
CA VAL D 595 76.59 -20.62 37.49
C VAL D 595 75.59 -21.11 38.53
N ASN D 596 74.40 -20.50 38.57
CA ASN D 596 73.37 -20.90 39.51
C ASN D 596 72.96 -22.35 39.31
N THR D 597 72.78 -22.76 38.04
CA THR D 597 72.41 -24.13 37.75
C THR D 597 73.48 -25.11 38.20
N LEU D 598 74.75 -24.78 37.95
CA LEU D 598 75.82 -25.68 38.40
C LEU D 598 75.87 -25.78 39.92
N LEU D 599 75.67 -24.64 40.62
CA LEU D 599 75.66 -24.68 42.08
C LEU D 599 74.50 -25.51 42.61
N SER D 600 73.31 -25.36 42.02
CA SER D 600 72.18 -26.16 42.48
C SER D 600 72.39 -27.65 42.20
N PHE D 601 73.03 -27.97 41.07
CA PHE D 601 73.39 -29.36 40.83
C PHE D 601 74.33 -29.88 41.91
N LYS D 602 75.33 -29.08 42.28
CA LYS D 602 76.25 -29.51 43.33
C LYS D 602 75.52 -29.72 44.65
N ARG D 603 74.58 -28.84 44.98
CA ARG D 603 73.81 -29.00 46.20
C ARG D 603 73.03 -30.31 46.20
N HIS D 604 72.29 -30.57 45.11
CA HIS D 604 71.49 -31.78 45.05
C HIS D 604 72.37 -33.03 44.98
N TYR D 605 73.58 -32.91 44.43
CA TYR D 605 74.49 -34.05 44.36
C TYR D 605 75.05 -34.36 45.73
N ASP D 606 75.43 -33.33 46.49
CA ASP D 606 75.91 -33.54 47.85
C ASP D 606 74.81 -34.07 48.75
N ASN D 607 73.57 -33.67 48.51
CA ASN D 607 72.46 -34.15 49.33
C ASN D 607 71.91 -35.49 48.87
N ASN D 608 72.39 -36.03 47.75
CA ASN D 608 71.91 -37.29 47.20
C ASN D 608 70.39 -37.28 47.03
N THR D 609 69.89 -36.21 46.41
CA THR D 609 68.46 -36.09 46.19
C THR D 609 67.97 -37.18 45.24
N ALA D 610 66.81 -37.74 45.55
CA ALA D 610 66.28 -38.83 44.74
C ALA D 610 65.98 -38.35 43.32
N LEU D 611 66.33 -39.19 42.35
CA LEU D 611 66.16 -38.83 40.94
C LEU D 611 64.70 -38.55 40.58
N LYS D 612 63.74 -39.13 41.31
CA LYS D 612 62.35 -38.85 41.02
C LYS D 612 62.02 -37.38 41.25
N LYS D 613 62.57 -36.78 42.30
CA LYS D 613 62.27 -35.38 42.60
C LYS D 613 62.94 -34.44 41.61
N VAL D 614 64.20 -34.69 41.26
CA VAL D 614 64.98 -33.74 40.47
C VAL D 614 64.95 -34.06 38.99
N LEU D 615 65.07 -35.33 38.61
CA LEU D 615 65.18 -35.72 37.20
C LEU D 615 64.16 -36.80 36.88
N PRO D 616 62.87 -36.45 36.85
CA PRO D 616 61.85 -37.46 36.53
C PRO D 616 62.02 -38.07 35.14
N GLU D 617 62.52 -37.31 34.17
CA GLU D 617 62.69 -37.85 32.82
C GLU D 617 63.74 -38.95 32.79
N VAL D 618 64.78 -38.84 33.62
CA VAL D 618 65.76 -39.92 33.73
C VAL D 618 65.12 -41.16 34.30
N VAL D 619 64.27 -41.00 35.33
CA VAL D 619 63.60 -42.15 35.94
C VAL D 619 62.68 -42.81 34.92
N ALA D 620 62.02 -42.01 34.09
CA ALA D 620 61.06 -42.53 33.12
C ALA D 620 61.68 -43.46 32.09
N SER D 621 63.01 -43.45 31.95
CA SER D 621 63.65 -44.39 31.03
C SER D 621 63.62 -45.80 31.59
N ALA D 622 64.24 -46.01 32.77
CA ALA D 622 64.30 -47.31 33.42
C ALA D 622 63.82 -47.17 34.85
N PRO D 623 62.51 -47.10 35.07
CA PRO D 623 62.00 -46.89 36.44
C PRO D 623 62.39 -47.98 37.42
N GLU D 624 62.69 -49.18 36.94
CA GLU D 624 63.13 -50.25 37.82
C GLU D 624 64.56 -50.06 38.30
N ILE D 625 65.39 -49.37 37.54
CA ILE D 625 66.79 -49.14 37.89
C ILE D 625 66.96 -47.83 38.64
N TYR D 626 66.48 -46.73 38.07
CA TYR D 626 66.69 -45.40 38.64
C TYR D 626 65.70 -45.06 39.74
N GLY D 627 64.61 -45.81 39.87
CA GLY D 627 63.72 -45.62 41.01
C GLY D 627 64.44 -45.96 42.30
N GLU D 628 64.08 -45.23 43.35
CA GLU D 628 64.67 -45.39 44.68
C GLU D 628 66.19 -45.16 44.66
N MET D 629 66.67 -44.33 43.75
CA MET D 629 68.10 -44.05 43.61
C MET D 629 68.32 -42.55 43.67
N GLY D 630 69.42 -42.14 44.30
CA GLY D 630 69.74 -40.73 44.41
C GLY D 630 70.68 -40.24 43.31
N LEU D 631 70.86 -38.91 43.28
CA LEU D 631 71.73 -38.30 42.29
C LEU D 631 73.17 -38.79 42.45
N ARG D 632 73.68 -38.77 43.67
CA ARG D 632 75.05 -39.21 43.91
C ARG D 632 75.20 -40.71 43.73
N ASP D 633 74.16 -41.49 44.01
CA ASP D 633 74.23 -42.92 43.75
C ASP D 633 74.45 -43.19 42.27
N LEU D 634 73.67 -42.54 41.42
CA LEU D 634 73.85 -42.70 39.97
C LEU D 634 75.21 -42.18 39.53
N GLY D 635 75.64 -41.04 40.08
CA GLY D 635 76.94 -40.50 39.70
C GLY D 635 78.09 -41.44 40.04
N ASP D 636 78.08 -41.99 41.26
CA ASP D 636 79.10 -42.95 41.66
C ASP D 636 79.00 -44.25 40.88
N LYS D 637 77.80 -44.70 40.52
CA LYS D 637 77.68 -45.87 39.66
C LYS D 637 78.35 -45.62 38.31
N MET D 638 78.05 -44.47 37.70
CA MET D 638 78.66 -44.14 36.42
C MET D 638 80.19 -44.02 36.54
N PHE D 639 80.66 -43.40 37.62
CA PHE D 639 82.10 -43.25 37.76
C PHE D 639 82.79 -44.58 38.00
N ALA D 640 82.16 -45.48 38.76
CA ALA D 640 82.71 -46.83 38.94
C ALA D 640 82.77 -47.57 37.61
N TYR D 641 81.72 -47.43 36.80
CA TYR D 641 81.73 -48.03 35.47
C TYR D 641 82.87 -47.48 34.63
N LEU D 642 83.06 -46.17 34.65
CA LEU D 642 84.15 -45.55 33.88
C LEU D 642 85.51 -46.03 34.36
N GLN D 643 85.68 -46.11 35.68
CA GLN D 643 86.94 -46.59 36.25
C GLN D 643 87.22 -48.02 35.82
N LYS D 644 86.21 -48.88 35.85
CA LYS D 644 86.40 -50.28 35.46
C LYS D 644 86.73 -50.41 34.00
N ASN D 645 85.97 -49.73 33.13
CA ASN D 645 86.08 -49.97 31.70
C ASN D 645 87.11 -49.07 31.02
N ASN D 646 87.34 -47.87 31.54
CA ASN D 646 88.29 -46.91 30.99
C ASN D 646 88.05 -46.68 29.50
N PRO D 647 86.92 -46.11 29.10
CA PRO D 647 86.67 -45.86 27.67
C PRO D 647 87.59 -44.82 27.05
N GLY D 648 88.24 -43.98 27.85
CA GLY D 648 89.16 -43.01 27.28
C GLY D 648 90.34 -43.66 26.59
N ALA D 649 90.87 -44.73 27.17
CA ALA D 649 91.92 -45.49 26.51
C ALA D 649 91.40 -46.12 25.22
N ARG D 650 90.15 -46.59 25.22
CA ARG D 650 89.56 -47.13 24.00
C ARG D 650 89.50 -46.06 22.91
N LEU D 651 89.07 -44.85 23.27
CA LEU D 651 89.03 -43.76 22.31
C LEU D 651 90.43 -43.44 21.78
N ASN D 652 91.41 -43.40 22.67
CA ASN D 652 92.79 -43.11 22.24
C ASN D 652 93.30 -44.18 21.29
N GLN D 653 93.02 -45.45 21.59
CA GLN D 653 93.44 -46.51 20.69
C GLN D 653 92.74 -46.43 19.34
N ALA D 654 91.44 -46.15 19.35
CA ALA D 654 90.69 -46.09 18.10
C ALA D 654 91.12 -44.92 17.23
N TYR D 655 91.51 -43.80 17.82
CA TYR D 655 91.80 -42.62 17.02
C TYR D 655 93.28 -42.38 16.78
N SER D 656 94.17 -43.05 17.52
CA SER D 656 95.59 -42.94 17.23
C SER D 656 95.99 -43.76 16.02
N GLN D 657 95.31 -44.87 15.77
CA GLN D 657 95.59 -45.73 14.61
C GLN D 657 94.50 -45.53 13.56
N LEU D 658 94.93 -45.28 12.33
CA LEU D 658 93.96 -45.12 11.26
C LEU D 658 93.51 -46.48 10.74
N PRO D 659 92.24 -46.62 10.36
CA PRO D 659 91.77 -47.87 9.77
C PRO D 659 92.42 -48.11 8.42
N GLN D 660 92.45 -49.38 8.03
CA GLN D 660 92.97 -49.75 6.72
C GLN D 660 92.01 -49.29 5.62
N VAL D 661 92.55 -48.67 4.60
CA VAL D 661 91.75 -48.14 3.49
C VAL D 661 91.67 -49.19 2.39
N MET D 662 90.45 -49.52 1.98
CA MET D 662 90.23 -50.49 0.91
C MET D 662 89.82 -49.86 -0.41
N MET D 663 89.05 -48.79 -0.37
CA MET D 663 88.64 -48.09 -1.59
C MET D 663 88.33 -46.64 -1.23
N THR D 664 88.19 -45.82 -2.27
CA THR D 664 87.82 -44.43 -2.09
C THR D 664 86.40 -44.32 -1.56
N PRO D 665 86.06 -43.22 -0.90
CA PRO D 665 84.68 -43.03 -0.46
C PRO D 665 83.67 -43.10 -1.59
N ARG D 666 84.02 -42.62 -2.78
CA ARG D 666 83.10 -42.72 -3.91
C ARG D 666 82.81 -44.16 -4.28
N ASP D 667 83.83 -45.02 -4.27
CA ASP D 667 83.62 -46.44 -4.56
C ASP D 667 82.71 -47.08 -3.53
N ALA D 668 82.93 -46.77 -2.25
CA ALA D 668 82.08 -47.31 -1.20
C ALA D 668 80.64 -46.86 -1.38
N TYR D 669 80.42 -45.58 -1.71
CA TYR D 669 79.05 -45.13 -1.91
C TYR D 669 78.41 -45.77 -3.14
N GLN D 670 79.19 -45.96 -4.21
CA GLN D 670 78.65 -46.62 -5.38
C GLN D 670 78.33 -48.07 -5.12
N GLN D 671 78.95 -48.69 -4.12
CA GLN D 671 78.47 -49.98 -3.64
C GLN D 671 77.06 -49.87 -3.08
N ILE D 672 76.77 -48.78 -2.36
CA ILE D 672 75.41 -48.55 -1.87
C ILE D 672 74.45 -48.40 -3.04
N VAL D 673 74.85 -47.64 -4.06
CA VAL D 673 73.97 -47.43 -5.20
C VAL D 673 73.70 -48.74 -5.92
N ALA D 674 74.70 -49.61 -6.01
CA ALA D 674 74.56 -50.90 -6.67
C ALA D 674 73.87 -51.94 -5.78
N ASN D 675 73.40 -51.54 -4.61
CA ASN D 675 72.70 -52.43 -3.67
C ASN D 675 73.60 -53.57 -3.20
N ARG D 676 74.91 -53.36 -3.23
CA ARG D 676 75.86 -54.34 -2.70
C ARG D 676 76.25 -54.02 -1.26
N VAL D 677 75.28 -53.82 -0.38
CA VAL D 677 75.55 -53.49 1.01
C VAL D 677 74.54 -54.23 1.90
N GLU D 678 74.89 -54.35 3.18
CA GLU D 678 74.05 -55.04 4.13
C GLU D 678 74.30 -54.47 5.52
N ALA D 679 73.32 -54.65 6.40
CA ALA D 679 73.43 -54.23 7.79
C ALA D 679 74.12 -55.34 8.59
N VAL D 680 75.22 -55.01 9.25
CA VAL D 680 76.06 -55.98 9.94
C VAL D 680 76.12 -55.56 11.41
N PRO D 681 75.87 -56.48 12.35
CA PRO D 681 76.02 -56.14 13.78
C PRO D 681 77.48 -55.92 14.13
N VAL D 682 77.68 -55.25 15.27
CA VAL D 682 79.03 -54.87 15.69
C VAL D 682 79.90 -56.10 15.92
N ASP D 683 79.35 -57.15 16.51
CA ASP D 683 80.13 -58.34 16.80
C ASP D 683 80.57 -59.09 15.55
N GLN D 684 80.01 -58.76 14.38
CA GLN D 684 80.38 -59.40 13.13
C GLN D 684 81.11 -58.46 12.18
N LEU D 685 81.67 -57.36 12.68
CA LEU D 685 82.27 -56.34 11.85
C LEU D 685 83.68 -56.68 11.39
N MET D 686 84.28 -57.75 11.89
CA MET D 686 85.67 -58.04 11.60
C MET D 686 85.87 -58.29 10.11
N GLY D 687 86.78 -57.54 9.50
CA GLY D 687 87.09 -57.68 8.09
C GLY D 687 86.16 -56.94 7.15
N ARG D 688 85.10 -56.31 7.65
CA ARG D 688 84.10 -55.69 6.82
C ARG D 688 84.49 -54.26 6.46
N VAL D 689 84.04 -53.81 5.29
CA VAL D 689 84.30 -52.46 4.82
C VAL D 689 83.04 -51.63 5.04
N ALA D 690 83.18 -50.53 5.76
CA ALA D 690 82.04 -49.67 6.06
C ALA D 690 81.55 -48.98 4.78
N ALA D 691 80.23 -48.97 4.58
CA ALA D 691 79.67 -48.32 3.42
C ALA D 691 79.51 -46.83 3.62
N ASN D 692 79.37 -46.37 4.86
CA ASN D 692 79.30 -44.95 5.18
C ASN D 692 80.23 -44.67 6.36
N SER D 693 80.28 -43.40 6.75
CA SER D 693 81.17 -42.98 7.82
C SER D 693 80.57 -43.29 9.19
N ILE D 694 81.45 -43.61 10.14
CA ILE D 694 81.07 -43.87 11.52
C ILE D 694 81.63 -42.73 12.36
N ILE D 695 80.75 -41.95 12.96
CA ILE D 695 81.13 -40.80 13.78
C ILE D 695 80.56 -41.00 15.18
N PRO D 696 81.36 -41.50 16.12
CA PRO D 696 80.90 -41.61 17.49
C PRO D 696 80.99 -40.28 18.23
N TYR D 697 80.07 -40.09 19.17
CA TYR D 697 80.08 -38.93 20.06
C TYR D 697 80.21 -39.41 21.49
N PRO D 698 81.35 -39.20 22.17
CA PRO D 698 82.57 -38.53 21.73
C PRO D 698 83.42 -39.41 20.81
N PRO D 699 84.41 -38.83 20.12
CA PRO D 699 84.85 -37.43 20.13
C PRO D 699 84.18 -36.54 19.08
N GLY D 700 83.19 -37.07 18.37
CA GLY D 700 82.47 -36.25 17.42
C GLY D 700 83.13 -36.06 16.07
N ILE D 701 84.23 -36.76 15.81
CA ILE D 701 84.88 -36.72 14.50
C ILE D 701 84.91 -38.15 13.97
N PRO D 702 84.95 -38.36 12.66
CA PRO D 702 84.76 -39.71 12.13
C PRO D 702 85.89 -40.66 12.55
N MET D 703 85.50 -41.83 13.04
CA MET D 703 86.48 -42.87 13.34
C MET D 703 86.78 -43.70 12.10
N LEU D 704 85.76 -43.94 11.27
CA LEU D 704 85.91 -44.60 9.99
C LEU D 704 85.22 -43.78 8.92
N LEU D 705 85.87 -43.67 7.76
CA LEU D 705 85.24 -43.12 6.58
C LEU D 705 84.76 -44.24 5.67
N SER D 706 83.96 -43.87 4.67
CA SER D 706 83.46 -44.85 3.71
C SER D 706 84.63 -45.48 2.96
N GLY D 707 84.59 -46.81 2.83
CA GLY D 707 85.65 -47.52 2.15
C GLY D 707 86.81 -47.91 3.01
N GLU D 708 86.67 -47.86 4.33
CA GLU D 708 87.73 -48.22 5.25
C GLU D 708 87.38 -49.52 5.98
N ASN D 709 88.39 -50.36 6.17
CA ASN D 709 88.19 -51.64 6.84
C ASN D 709 88.02 -51.45 8.33
N PHE D 710 87.16 -52.28 8.94
CA PHE D 710 86.97 -52.22 10.37
C PHE D 710 88.12 -52.84 11.14
N GLY D 711 88.79 -53.83 10.56
CA GLY D 711 89.94 -54.47 11.18
C GLY D 711 89.61 -55.86 11.70
N ASP D 712 90.65 -56.49 12.25
CA ASP D 712 90.56 -57.85 12.76
C ASP D 712 89.93 -57.88 14.15
N GLU D 713 90.08 -59.02 14.84
CA GLU D 713 89.45 -59.19 16.15
C GLU D 713 89.92 -58.15 17.15
N ASN D 714 91.21 -57.83 17.15
CA ASN D 714 91.79 -56.91 18.11
C ASN D 714 91.75 -55.46 17.64
N SER D 715 90.91 -55.14 16.66
CA SER D 715 90.87 -53.78 16.14
C SER D 715 90.34 -52.83 17.20
N PRO D 716 91.01 -51.70 17.45
CA PRO D 716 90.50 -50.74 18.44
C PRO D 716 89.18 -50.11 18.05
N HIS D 717 88.85 -50.06 16.76
CA HIS D 717 87.61 -49.39 16.34
C HIS D 717 86.38 -50.19 16.71
N ILE D 718 86.40 -51.50 16.45
CA ILE D 718 85.31 -52.36 16.90
C ILE D 718 85.24 -52.35 18.41
N HIS D 719 86.39 -52.30 19.08
CA HIS D 719 86.41 -52.25 20.54
C HIS D 719 85.73 -50.99 21.06
N TYR D 720 86.00 -49.84 20.43
CA TYR D 720 85.37 -48.61 20.86
C TYR D 720 83.87 -48.63 20.61
N LEU D 721 83.45 -49.17 19.46
CA LEU D 721 82.02 -49.31 19.20
C LEU D 721 81.36 -50.21 20.25
N ARG D 722 82.02 -51.30 20.61
CA ARG D 722 81.51 -52.18 21.66
C ARG D 722 81.42 -51.46 23.00
N SER D 723 82.42 -50.64 23.31
CA SER D 723 82.38 -49.88 24.57
C SER D 723 81.19 -48.94 24.61
N LEU D 724 80.94 -48.23 23.52
CA LEU D 724 79.79 -47.34 23.47
C LEU D 724 78.49 -48.12 23.61
N GLN D 725 78.40 -49.27 22.94
CA GLN D 725 77.20 -50.10 23.05
C GLN D 725 76.98 -50.58 24.48
N ALA D 726 78.07 -50.99 25.14
CA ALA D 726 77.96 -51.45 26.52
C ALA D 726 77.52 -50.33 27.45
N TRP D 727 78.05 -49.13 27.25
CA TRP D 727 77.59 -47.99 28.05
C TRP D 727 76.11 -47.74 27.82
N ASP D 728 75.66 -47.79 26.56
CA ASP D 728 74.24 -47.57 26.29
C ASP D 728 73.38 -48.62 26.97
N SER D 729 73.83 -49.87 26.96
CA SER D 729 73.07 -50.94 27.61
C SER D 729 73.02 -50.74 29.12
N GLU D 730 74.13 -50.31 29.73
CA GLU D 730 74.18 -50.20 31.18
C GLU D 730 73.43 -48.99 31.70
N PHE D 731 73.35 -47.90 30.95
CA PHE D 731 72.74 -46.65 31.42
C PHE D 731 71.69 -46.16 30.43
N PRO D 732 70.47 -46.68 30.51
CA PRO D 732 69.39 -46.15 29.68
C PRO D 732 69.13 -44.68 29.99
N GLY D 733 68.80 -43.92 28.94
CA GLY D 733 68.61 -42.50 29.06
C GLY D 733 69.86 -41.67 28.95
N PHE D 734 71.04 -42.30 28.88
CA PHE D 734 72.32 -41.62 28.74
C PHE D 734 73.09 -42.20 27.57
N GLU D 735 72.36 -42.54 26.50
CA GLU D 735 72.96 -43.27 25.39
C GLU D 735 73.77 -42.34 24.50
N HIS D 736 74.93 -42.84 24.06
CA HIS D 736 75.77 -42.09 23.14
C HIS D 736 75.13 -42.02 21.76
N GLU D 737 75.45 -40.95 21.04
CA GLU D 737 75.07 -40.82 19.64
C GLU D 737 76.22 -41.26 18.76
N THR D 738 75.91 -42.02 17.71
CA THR D 738 76.90 -42.48 16.75
C THR D 738 76.30 -42.38 15.36
N GLU D 739 76.71 -41.36 14.61
CA GLU D 739 76.26 -41.24 13.23
C GLU D 739 76.85 -42.36 12.38
N GLY D 740 76.03 -42.89 11.49
CA GLY D 740 76.43 -43.98 10.63
C GLY D 740 76.05 -45.36 11.10
N THR D 741 75.26 -45.46 12.17
CA THR D 741 74.81 -46.74 12.70
C THR D 741 73.30 -46.76 12.80
N GLU D 742 72.75 -47.97 12.79
CA GLU D 742 71.33 -48.19 13.06
C GLU D 742 71.20 -48.95 14.37
N ILE D 743 70.31 -48.48 15.24
CA ILE D 743 70.14 -49.07 16.56
C ILE D 743 68.80 -49.80 16.56
N ILE D 744 68.87 -51.13 16.40
CA ILE D 744 67.69 -51.99 16.43
C ILE D 744 67.71 -52.76 17.74
N ASP D 745 66.59 -52.72 18.46
CA ASP D 745 66.44 -53.29 19.80
C ASP D 745 67.66 -53.00 20.67
N GLY D 746 68.16 -51.77 20.61
CA GLY D 746 69.30 -51.37 21.40
C GLY D 746 70.64 -51.90 20.92
N GLN D 747 70.68 -52.51 19.74
CA GLN D 747 71.89 -53.11 19.21
C GLN D 747 72.34 -52.34 17.98
N TYR D 748 73.66 -52.19 17.83
CA TYR D 748 74.22 -51.38 16.76
C TYR D 748 74.33 -52.17 15.47
N TYR D 749 73.90 -51.56 14.37
CA TYR D 749 74.06 -52.13 13.04
C TYR D 749 74.79 -51.14 12.15
N VAL D 750 75.69 -51.64 11.32
CA VAL D 750 76.49 -50.82 10.43
C VAL D 750 76.32 -51.33 9.01
N MET D 751 76.07 -50.43 8.07
CA MET D 751 75.96 -50.79 6.67
C MET D 751 77.35 -51.06 6.10
N CYS D 752 77.55 -52.26 5.56
CA CYS D 752 78.87 -52.69 5.10
C CYS D 752 78.77 -53.22 3.68
N VAL D 753 79.87 -53.11 2.95
CA VAL D 753 79.93 -53.62 1.59
C VAL D 753 79.89 -55.13 1.61
N LYS D 754 79.01 -55.71 0.79
CA LYS D 754 78.97 -57.16 0.64
C LYS D 754 80.27 -57.66 0.04
N THR D 755 80.85 -58.70 0.63
CA THR D 755 82.12 -59.24 0.17
C THR D 755 81.98 -59.92 -1.18
N MET E 1 16.88 -7.24 40.46
CA MET E 1 15.44 -7.14 40.24
C MET E 1 15.13 -6.89 38.77
N ARG E 2 14.37 -7.80 38.17
CA ARG E 2 13.99 -7.70 36.76
C ARG E 2 12.48 -7.83 36.63
N ALA E 3 11.87 -6.87 35.95
CA ALA E 3 10.45 -6.90 35.65
C ALA E 3 10.25 -7.15 34.16
N LEU E 4 9.33 -8.04 33.83
CA LEU E 4 8.98 -8.35 32.45
C LEU E 4 7.65 -7.72 32.12
N ILE E 5 7.60 -6.93 31.05
CA ILE E 5 6.37 -6.28 30.61
C ILE E 5 5.99 -6.86 29.25
N VAL E 6 4.82 -7.47 29.19
CA VAL E 6 4.30 -8.09 27.98
C VAL E 6 2.94 -7.50 27.70
N TYR E 7 2.85 -6.60 26.73
CA TYR E 7 1.58 -6.02 26.32
C TYR E 7 1.53 -6.00 24.80
N THR E 8 0.34 -6.23 24.24
CA THR E 8 0.20 -6.36 22.79
C THR E 8 -0.54 -5.15 22.19
N GLU E 9 -1.81 -4.94 22.54
CA GLU E 9 -2.59 -3.83 22.01
C GLU E 9 -3.67 -3.52 23.05
N LEU E 10 -3.43 -2.51 23.87
CA LEU E 10 -4.40 -2.16 24.90
C LEU E 10 -5.37 -1.09 24.43
N THR E 11 -4.91 -0.17 23.61
CA THR E 11 -5.74 0.91 23.07
C THR E 11 -5.85 0.79 21.56
N ASP E 12 -6.93 1.35 21.02
CA ASP E 12 -7.12 1.36 19.57
C ASP E 12 -5.97 2.07 18.85
N LYS E 13 -5.35 3.05 19.50
CA LYS E 13 -4.16 3.71 18.99
C LYS E 13 -2.98 3.36 19.87
N ASP E 14 -1.93 2.83 19.25
CA ASP E 14 -0.83 2.22 20.00
C ASP E 14 -0.09 3.22 20.88
N SER E 15 -0.06 4.48 20.48
CA SER E 15 0.85 5.43 21.13
C SER E 15 0.47 5.68 22.59
N VAL E 16 -0.81 5.57 22.94
CA VAL E 16 -1.22 5.85 24.31
C VAL E 16 -0.62 4.84 25.27
N ILE E 17 -0.87 3.54 25.01
CA ILE E 17 -0.36 2.50 25.88
C ILE E 17 1.16 2.45 25.83
N SER E 18 1.75 2.70 24.65
CA SER E 18 3.20 2.70 24.55
C SER E 18 3.83 3.79 25.40
N HIS E 19 3.25 5.00 25.37
CA HIS E 19 3.80 6.08 26.19
C HIS E 19 3.60 5.80 27.68
N ALA E 20 2.44 5.26 28.06
CA ALA E 20 2.23 4.92 29.46
C ALA E 20 3.23 3.86 29.93
N VAL E 21 3.47 2.84 29.11
CA VAL E 21 4.41 1.79 29.47
C VAL E 21 5.83 2.36 29.52
N ALA E 22 6.17 3.28 28.63
CA ALA E 22 7.49 3.90 28.66
C ALA E 22 7.69 4.69 29.95
N ARG E 23 6.67 5.44 30.38
CA ARG E 23 6.77 6.15 31.65
C ARG E 23 6.93 5.19 32.82
N LEU E 24 6.17 4.10 32.81
CA LEU E 24 6.30 3.11 33.88
C LEU E 24 7.69 2.48 33.89
N ALA E 25 8.22 2.16 32.71
CA ALA E 25 9.55 1.56 32.63
C ALA E 25 10.62 2.52 33.13
N SER E 26 10.48 3.81 32.81
CA SER E 26 11.43 4.79 33.32
C SER E 26 11.37 4.87 34.84
N GLU E 27 10.16 4.89 35.40
CA GLU E 27 10.04 4.93 36.85
C GLU E 27 10.57 3.67 37.51
N LEU E 28 10.42 2.51 36.86
CA LEU E 28 10.97 1.28 37.41
C LEU E 28 12.48 1.27 37.34
N ASN E 29 13.06 1.79 36.27
CA ASN E 29 14.51 1.87 36.17
C ASN E 29 15.08 2.83 37.19
N ASP E 30 14.35 3.90 37.52
CA ASP E 30 14.82 4.84 38.54
C ASP E 30 14.87 4.21 39.93
N GLU E 31 14.13 3.12 40.16
CA GLU E 31 14.24 2.39 41.42
C GLU E 31 15.03 1.09 41.27
N HIS E 32 15.90 1.03 40.26
CA HIS E 32 16.83 -0.09 40.06
C HIS E 32 16.12 -1.41 39.80
N VAL E 33 14.99 -1.36 39.10
CA VAL E 33 14.35 -2.56 38.56
C VAL E 33 14.59 -2.56 37.06
N GLU E 34 15.33 -3.54 36.57
CA GLU E 34 15.54 -3.68 35.14
C GLU E 34 14.24 -4.13 34.48
N THR E 35 13.96 -3.59 33.30
CA THR E 35 12.71 -3.88 32.59
C THR E 35 13.00 -4.45 31.22
N VAL E 36 12.28 -5.50 30.87
CA VAL E 36 12.26 -6.07 29.53
C VAL E 36 10.86 -5.87 28.97
N ILE E 37 10.74 -5.16 27.86
CA ILE E 37 9.46 -4.83 27.25
C ILE E 37 9.28 -5.68 26.01
N ILE E 38 8.19 -6.42 25.96
CA ILE E 38 7.90 -7.38 24.89
C ILE E 38 6.48 -7.12 24.39
N ARG E 39 6.31 -7.10 23.07
CA ARG E 39 5.03 -6.75 22.46
C ARG E 39 4.24 -7.96 21.98
N ASP E 40 4.72 -9.18 22.18
CA ASP E 40 4.03 -10.35 21.68
C ASP E 40 4.12 -11.48 22.70
N PHE E 41 3.03 -12.22 22.86
CA PHE E 41 3.00 -13.26 23.88
C PHE E 41 3.90 -14.45 23.53
N GLU E 42 4.10 -14.71 22.24
CA GLU E 42 5.02 -15.78 21.86
C GLU E 42 6.47 -15.38 22.16
N ASP E 43 6.81 -14.12 21.92
CA ASP E 43 8.13 -13.62 22.31
C ASP E 43 8.31 -13.66 23.81
N GLY E 44 7.28 -13.30 24.57
CA GLY E 44 7.36 -13.39 26.01
C GLY E 44 7.50 -14.82 26.50
N LEU E 45 6.83 -15.76 25.83
CA LEU E 45 6.96 -17.17 26.16
C LEU E 45 8.39 -17.65 25.90
N ALA E 46 8.97 -17.25 24.77
CA ALA E 46 10.35 -17.61 24.48
C ALA E 46 11.30 -17.02 25.51
N TYR E 47 11.07 -15.78 25.92
CA TYR E 47 11.89 -15.15 26.95
C TYR E 47 11.78 -15.91 28.26
N ILE E 48 10.57 -16.31 28.64
CA ILE E 48 10.37 -17.02 29.90
C ILE E 48 11.05 -18.39 29.86
N ARG E 49 11.02 -19.05 28.71
CA ARG E 49 11.65 -20.37 28.61
C ARG E 49 13.17 -20.31 28.63
N SER E 50 13.76 -19.13 28.53
CA SER E 50 15.18 -18.97 28.84
C SER E 50 15.33 -18.81 30.35
N ASN E 51 16.32 -19.50 30.92
CA ASN E 51 16.44 -19.57 32.37
C ASN E 51 16.96 -18.24 32.91
N THR E 52 16.11 -17.22 32.76
CA THR E 52 16.39 -15.88 33.26
C THR E 52 15.46 -15.59 34.43
N SER E 53 16.03 -15.07 35.51
CA SER E 53 15.22 -14.77 36.69
C SER E 53 14.31 -13.58 36.43
N ILE E 54 13.02 -13.76 36.69
CA ILE E 54 12.03 -12.71 36.52
C ILE E 54 11.40 -12.47 37.88
N ASP E 55 11.44 -11.22 38.34
CA ASP E 55 10.93 -10.90 39.67
C ASP E 55 9.49 -10.41 39.66
N CYS E 56 8.98 -9.98 38.52
CA CYS E 56 7.61 -9.51 38.43
C CYS E 56 7.18 -9.53 36.96
N LEU E 57 5.93 -9.93 36.72
CA LEU E 57 5.35 -9.93 35.40
C LEU E 57 4.22 -8.90 35.35
N LEU E 58 4.32 -7.96 34.43
CA LEU E 58 3.26 -7.00 34.16
C LEU E 58 2.79 -7.22 32.74
N TYR E 59 1.53 -7.57 32.57
CA TYR E 59 1.01 -7.89 31.26
C TYR E 59 -0.32 -7.19 31.00
N GLY E 60 -0.59 -6.99 29.72
CA GLY E 60 -1.89 -6.51 29.29
C GLY E 60 -2.19 -7.06 27.91
N ARG E 61 -3.48 -7.25 27.63
CA ARG E 61 -3.94 -7.76 26.35
C ARG E 61 -5.02 -6.86 25.79
N ASP E 62 -5.64 -7.33 24.70
CA ASP E 62 -6.74 -6.59 24.10
C ASP E 62 -7.92 -6.48 25.05
N MET E 63 -8.17 -7.51 25.84
CA MET E 63 -9.21 -7.66 26.86
C MET E 63 -10.56 -7.96 26.24
N SER E 64 -10.71 -7.90 24.92
CA SER E 64 -11.89 -8.38 24.23
C SER E 64 -11.61 -9.58 23.35
N ASP E 65 -10.38 -10.07 23.31
CA ASP E 65 -9.99 -11.19 22.48
C ASP E 65 -9.78 -12.43 23.37
N ARG E 66 -10.55 -13.49 23.12
CA ARG E 66 -10.38 -14.71 23.90
C ARG E 66 -9.07 -15.42 23.56
N ASP E 67 -8.59 -15.28 22.33
CA ASP E 67 -7.32 -15.89 21.96
C ASP E 67 -6.16 -15.29 22.75
N GLU E 68 -6.15 -13.96 22.89
CA GLU E 68 -5.12 -13.32 23.70
C GLU E 68 -5.28 -13.69 25.17
N GLN E 69 -6.51 -13.91 25.64
CA GLN E 69 -6.72 -14.38 27.01
C GLN E 69 -6.08 -15.74 27.22
N ILE E 70 -6.30 -16.66 26.26
CA ILE E 70 -5.68 -17.98 26.34
C ILE E 70 -4.16 -17.87 26.31
N GLN E 71 -3.64 -17.01 25.43
CA GLN E 71 -2.19 -16.83 25.35
C GLN E 71 -1.61 -16.27 26.65
N ALA E 72 -2.29 -15.30 27.26
CA ALA E 72 -1.82 -14.74 28.52
C ALA E 72 -1.85 -15.77 29.64
N HIS E 73 -2.90 -16.58 29.69
CA HIS E 73 -2.96 -17.64 30.70
C HIS E 73 -1.82 -18.64 30.49
N ARG E 74 -1.54 -18.99 29.24
CA ARG E 74 -0.43 -19.86 28.92
C ARG E 74 0.89 -19.26 29.37
N LEU E 75 1.08 -17.97 29.13
CA LEU E 75 2.31 -17.30 29.54
C LEU E 75 2.49 -17.34 31.06
N ILE E 76 1.42 -17.08 31.81
CA ILE E 76 1.53 -17.07 33.27
C ILE E 76 1.78 -18.47 33.79
N THR E 77 1.12 -19.48 33.21
CA THR E 77 1.36 -20.86 33.63
C THR E 77 2.81 -21.27 33.35
N GLN E 78 3.32 -20.92 32.18
CA GLN E 78 4.71 -21.21 31.86
C GLN E 78 5.66 -20.54 32.84
N LEU E 79 5.39 -19.27 33.17
CA LEU E 79 6.24 -18.57 34.12
C LEU E 79 6.23 -19.27 35.48
N HIS E 80 5.07 -19.70 35.93
CA HIS E 80 5.00 -20.32 37.25
C HIS E 80 5.43 -21.78 37.25
N ARG E 81 5.72 -22.38 36.09
CA ARG E 81 6.30 -23.71 36.07
C ARG E 81 7.59 -23.77 36.89
N ARG E 82 8.52 -22.85 36.64
CA ARG E 82 9.79 -22.83 37.35
C ARG E 82 9.99 -21.62 38.24
N GLN E 83 9.14 -20.60 38.12
CA GLN E 83 9.21 -19.41 38.97
C GLN E 83 7.82 -19.23 39.57
N GLU E 84 7.57 -19.96 40.66
CA GLU E 84 6.19 -20.31 41.03
C GLU E 84 5.41 -19.11 41.57
N ASP E 85 6.02 -18.30 42.43
CA ASP E 85 5.28 -17.27 43.14
C ASP E 85 5.60 -15.86 42.65
N VAL E 86 6.06 -15.73 41.41
CA VAL E 86 6.36 -14.40 40.87
C VAL E 86 5.08 -13.58 40.80
N PRO E 87 5.07 -12.35 41.30
CA PRO E 87 3.86 -11.53 41.23
C PRO E 87 3.48 -11.21 39.79
N VAL E 88 2.18 -11.17 39.54
CA VAL E 88 1.63 -10.85 38.23
C VAL E 88 0.77 -9.60 38.36
N PHE E 89 1.13 -8.56 37.62
CA PHE E 89 0.34 -7.33 37.55
C PHE E 89 -0.41 -7.31 36.23
N LEU E 90 -1.69 -6.99 36.29
CA LEU E 90 -2.49 -6.77 35.08
C LEU E 90 -2.48 -5.29 34.72
N LEU E 91 -1.91 -4.97 33.56
CA LEU E 91 -1.97 -3.62 33.03
C LEU E 91 -3.18 -3.51 32.12
N SER E 92 -4.10 -2.61 32.44
CA SER E 92 -5.33 -2.52 31.67
C SER E 92 -6.00 -1.19 31.91
N ASP E 93 -6.82 -0.79 30.95
CA ASP E 93 -7.82 0.24 31.19
C ASP E 93 -8.81 -0.27 32.23
N ARG E 94 -9.23 0.62 33.14
CA ARG E 94 -9.96 0.18 34.32
C ARG E 94 -11.29 -0.47 33.96
N GLU E 95 -12.06 0.15 33.06
CA GLU E 95 -13.38 -0.37 32.73
C GLU E 95 -13.30 -1.74 32.07
N GLU E 96 -12.36 -1.90 31.13
CA GLU E 96 -12.21 -3.18 30.45
C GLU E 96 -11.85 -4.29 31.43
N ALA E 97 -10.94 -4.01 32.38
CA ALA E 97 -10.59 -5.01 33.36
C ALA E 97 -11.75 -5.31 34.30
N LEU E 98 -12.51 -4.29 34.69
CA LEU E 98 -13.61 -4.50 35.62
C LEU E 98 -14.73 -5.31 35.00
N VAL E 99 -15.01 -5.12 33.70
CA VAL E 99 -16.06 -5.94 33.09
C VAL E 99 -15.61 -7.38 32.90
N ALA E 100 -14.30 -7.63 32.81
CA ALA E 100 -13.77 -8.98 32.69
C ALA E 100 -13.43 -9.62 34.03
N PHE E 101 -13.71 -8.94 35.14
CA PHE E 101 -13.33 -9.43 36.46
C PHE E 101 -14.16 -10.66 36.83
N ASP E 102 -13.48 -11.70 37.30
CA ASP E 102 -14.14 -12.90 37.80
C ASP E 102 -13.14 -13.70 38.64
N ARG E 103 -13.58 -14.86 39.12
CA ARG E 103 -12.71 -15.73 39.91
C ARG E 103 -11.53 -16.22 39.09
N ASN E 104 -11.76 -16.57 37.83
CA ASN E 104 -10.70 -17.10 36.99
C ASN E 104 -9.62 -16.05 36.74
N MET E 105 -10.00 -14.78 36.58
CA MET E 105 -9.02 -13.71 36.48
C MET E 105 -8.16 -13.63 37.74
N MET E 106 -8.81 -13.62 38.90
CA MET E 106 -8.08 -13.48 40.16
C MET E 106 -7.23 -14.69 40.49
N GLU E 107 -7.50 -15.84 39.86
CA GLU E 107 -6.65 -17.00 40.08
C GLU E 107 -5.23 -16.78 39.57
N GLN E 108 -5.05 -15.91 38.57
CA GLN E 108 -3.73 -15.68 38.00
C GLN E 108 -3.22 -14.26 38.15
N VAL E 109 -4.05 -13.31 38.58
CA VAL E 109 -3.64 -11.92 38.72
C VAL E 109 -3.50 -11.60 40.20
N ASP E 110 -2.35 -11.05 40.58
CA ASP E 110 -2.13 -10.64 41.95
C ASP E 110 -2.50 -9.18 42.19
N GLU E 111 -2.24 -8.30 41.23
CA GLU E 111 -2.51 -6.88 41.42
C GLU E 111 -2.98 -6.24 40.13
N PHE E 112 -3.68 -5.12 40.28
CA PHE E 112 -4.16 -4.32 39.17
C PHE E 112 -3.29 -3.07 39.02
N ALA E 113 -3.01 -2.70 37.78
CA ALA E 113 -2.29 -1.48 37.47
C ALA E 113 -3.07 -0.73 36.40
N TRP E 114 -3.83 0.27 36.81
CA TRP E 114 -4.59 1.10 35.86
C TRP E 114 -3.59 2.03 35.18
N ILE E 115 -2.93 1.51 34.14
CA ILE E 115 -1.80 2.17 33.53
C ILE E 115 -2.16 3.51 32.89
N LEU E 116 -3.42 3.71 32.50
CA LEU E 116 -3.81 4.91 31.78
C LEU E 116 -4.36 6.01 32.68
N GLU E 117 -4.58 5.75 33.97
CA GLU E 117 -5.11 6.76 34.86
C GLU E 117 -4.37 6.82 36.20
N ASP E 118 -3.23 6.17 36.31
CA ASP E 118 -2.45 6.14 37.54
C ASP E 118 -1.05 6.65 37.27
N SER E 119 -0.46 7.28 38.28
CA SER E 119 0.91 7.73 38.17
C SER E 119 1.85 6.53 38.08
N ALA E 120 2.85 6.64 37.21
CA ALA E 120 3.83 5.57 37.08
C ALA E 120 4.61 5.36 38.37
N ASP E 121 4.75 6.41 39.18
CA ASP E 121 5.48 6.28 40.44
C ASP E 121 4.74 5.36 41.42
N PHE E 122 3.42 5.50 41.52
CA PHE E 122 2.65 4.65 42.41
C PHE E 122 2.74 3.18 42.00
N ILE E 123 2.58 2.92 40.70
CA ILE E 123 2.67 1.55 40.21
C ILE E 123 4.06 0.99 40.42
N ALA E 124 5.09 1.81 40.18
CA ALA E 124 6.46 1.36 40.37
C ALA E 124 6.73 1.01 41.83
N GLY E 125 6.21 1.83 42.76
CA GLY E 125 6.37 1.52 44.17
C GLY E 125 5.68 0.22 44.55
N ARG E 126 4.47 0.00 44.05
CA ARG E 126 3.78 -1.25 44.34
C ARG E 126 4.52 -2.45 43.75
N VAL E 127 5.08 -2.29 42.55
CA VAL E 127 5.85 -3.36 41.92
C VAL E 127 7.08 -3.68 42.75
N LEU E 128 7.77 -2.65 43.24
CA LEU E 128 8.95 -2.87 44.06
C LEU E 128 8.60 -3.59 45.36
N ALA E 129 7.48 -3.20 45.99
CA ALA E 129 7.06 -3.89 47.20
C ALA E 129 6.74 -5.35 46.92
N ALA E 130 6.07 -5.63 45.81
CA ALA E 130 5.76 -7.01 45.46
C ALA E 130 7.04 -7.81 45.20
N ILE E 131 8.01 -7.21 44.51
CA ILE E 131 9.27 -7.89 44.23
C ILE E 131 10.00 -8.22 45.51
N GLN E 132 10.03 -7.27 46.46
CA GLN E 132 10.70 -7.52 47.73
C GLN E 132 10.00 -8.64 48.50
N ARG E 133 8.67 -8.63 48.50
CA ARG E 133 7.93 -9.70 49.16
C ARG E 133 8.26 -11.05 48.54
N TYR E 134 8.33 -11.10 47.21
CA TYR E 134 8.66 -12.36 46.53
C TYR E 134 10.08 -12.82 46.85
N ARG E 135 11.04 -11.90 46.83
CA ARG E 135 12.43 -12.26 47.09
C ARG E 135 12.63 -12.73 48.53
N SER E 136 11.85 -12.20 49.47
CA SER E 136 12.06 -12.56 50.86
C SER E 136 11.63 -14.00 51.18
N GLN E 137 10.82 -14.62 50.32
CA GLN E 137 10.37 -15.99 50.56
C GLN E 137 11.05 -17.00 49.64
N LEU E 138 12.04 -16.56 48.85
CA LEU E 138 12.56 -17.42 47.80
C LEU E 138 13.50 -18.51 48.31
N LEU E 139 14.28 -18.23 49.34
CA LEU E 139 15.29 -19.24 49.63
C LEU E 139 14.81 -20.23 50.69
N PRO E 140 15.28 -21.47 50.62
CA PRO E 140 15.00 -22.45 51.68
C PRO E 140 15.72 -22.08 52.96
N PRO E 141 15.31 -22.65 54.11
CA PRO E 141 15.74 -22.07 55.39
C PRO E 141 17.23 -22.14 55.66
N LEU E 142 17.85 -23.32 55.48
CA LEU E 142 19.26 -23.45 55.79
C LEU E 142 20.12 -22.54 54.92
N MET E 143 19.82 -22.50 53.61
CA MET E 143 20.59 -21.66 52.70
C MET E 143 20.43 -20.18 53.06
N LYS E 144 19.21 -19.79 53.42
CA LYS E 144 18.96 -18.41 53.82
C LYS E 144 19.75 -18.03 55.06
N SER E 145 19.74 -18.91 56.08
CA SER E 145 20.48 -18.59 57.30
C SER E 145 21.98 -18.58 57.07
N LEU E 146 22.48 -19.48 56.23
CA LEU E 146 23.91 -19.48 55.91
C LEU E 146 24.32 -18.21 55.19
N ILE E 147 23.51 -17.77 54.22
CA ILE E 147 23.82 -16.54 53.52
C ILE E 147 23.79 -15.36 54.48
N LYS E 148 22.80 -15.33 55.36
CA LYS E 148 22.71 -14.23 56.33
C LYS E 148 23.91 -14.20 57.25
N TYR E 149 24.38 -15.37 57.70
CA TYR E 149 25.52 -15.39 58.61
C TYR E 149 26.83 -15.11 57.88
N SER E 150 26.90 -15.38 56.58
CA SER E 150 28.15 -15.24 55.84
C SER E 150 28.73 -13.83 55.87
N ASP E 151 27.91 -12.80 56.13
CA ASP E 151 28.45 -11.45 56.20
C ASP E 151 29.33 -11.21 57.42
N VAL E 152 29.23 -12.05 58.45
CA VAL E 152 30.08 -11.91 59.63
C VAL E 152 31.52 -12.23 59.26
N HIS E 153 32.45 -11.35 59.65
CA HIS E 153 33.86 -11.54 59.32
C HIS E 153 34.77 -11.52 60.55
N GLU E 154 34.22 -11.49 61.75
CA GLU E 154 35.05 -11.38 62.95
C GLU E 154 35.76 -12.68 63.24
N TYR E 155 36.98 -12.57 63.76
CA TYR E 155 37.75 -13.72 64.19
C TYR E 155 37.09 -14.35 65.40
N SER E 156 36.42 -15.48 65.20
CA SER E 156 36.08 -16.32 66.32
C SER E 156 37.36 -16.97 66.85
N TRP E 157 37.34 -17.33 68.13
CA TRP E 157 38.50 -17.92 68.76
C TRP E 157 38.36 -19.43 68.85
N ALA E 158 37.79 -20.04 67.82
CA ALA E 158 37.51 -21.47 67.77
C ALA E 158 37.76 -21.98 66.35
N ALA E 159 37.67 -23.30 66.19
CA ALA E 159 37.85 -23.92 64.90
C ALA E 159 36.64 -23.65 63.99
N PRO E 160 36.81 -23.76 62.66
CA PRO E 160 38.00 -24.14 61.90
C PRO E 160 39.10 -23.08 61.90
N GLY E 161 40.34 -23.54 61.77
CA GLY E 161 41.49 -22.67 61.90
C GLY E 161 41.64 -21.65 60.80
N HIS E 162 41.13 -21.95 59.59
CA HIS E 162 41.31 -21.01 58.49
C HIS E 162 40.51 -19.72 58.69
N GLN E 163 39.49 -19.74 59.55
CA GLN E 163 38.76 -18.54 59.97
C GLN E 163 38.16 -17.79 58.77
N GLY E 164 37.25 -18.47 58.09
CA GLY E 164 36.59 -17.87 56.94
C GLY E 164 37.51 -17.66 55.75
N GLY E 165 38.54 -18.48 55.61
CA GLY E 165 39.45 -18.39 54.49
C GLY E 165 40.63 -17.47 54.67
N VAL E 166 40.71 -16.75 55.78
CA VAL E 166 41.83 -15.84 56.02
C VAL E 166 43.14 -16.61 56.06
N GLY E 167 43.13 -17.80 56.66
CA GLY E 167 44.35 -18.57 56.79
C GLY E 167 44.99 -18.94 55.47
N PHE E 168 44.18 -19.18 54.43
CA PHE E 168 44.73 -19.54 53.14
C PHE E 168 45.51 -18.39 52.52
N THR E 169 45.12 -17.13 52.78
CA THR E 169 45.74 -16.00 52.11
C THR E 169 47.02 -15.57 52.80
N LYS E 170 47.91 -16.51 53.10
CA LYS E 170 49.19 -16.19 53.72
C LYS E 170 50.38 -16.75 52.98
N THR E 171 50.19 -17.70 52.08
CA THR E 171 51.18 -18.13 51.12
C THR E 171 50.65 -17.88 49.71
N PRO E 172 51.54 -17.76 48.72
CA PRO E 172 51.05 -17.55 47.35
C PRO E 172 50.18 -18.68 46.83
N ALA E 173 50.54 -19.94 47.11
CA ALA E 173 49.70 -21.06 46.67
C ALA E 173 48.34 -21.02 47.37
N GLY E 174 48.34 -20.73 48.66
CA GLY E 174 47.08 -20.54 49.36
C GLY E 174 46.24 -19.43 48.79
N ARG E 175 46.87 -18.34 48.35
CA ARG E 175 46.12 -17.25 47.74
C ARG E 175 45.52 -17.66 46.41
N ILE E 176 46.26 -18.41 45.60
CA ILE E 176 45.70 -18.92 44.35
C ILE E 176 44.53 -19.84 44.62
N TYR E 177 44.66 -20.74 45.59
CA TYR E 177 43.58 -21.65 45.95
C TYR E 177 42.35 -20.89 46.45
N HIS E 178 42.58 -19.88 47.30
CA HIS E 178 41.49 -19.09 47.84
C HIS E 178 40.76 -18.31 46.76
N ASP E 179 41.50 -17.74 45.82
CA ASP E 179 40.86 -17.01 44.72
C ASP E 179 40.11 -17.96 43.79
N PHE E 180 40.65 -19.16 43.58
CA PHE E 180 39.95 -20.12 42.74
C PHE E 180 38.62 -20.54 43.33
N PHE E 181 38.61 -20.92 44.61
CA PHE E 181 37.36 -21.43 45.18
C PHE E 181 36.42 -20.33 45.66
N GLY E 182 36.91 -19.12 45.84
CA GLY E 182 36.04 -18.02 46.22
C GLY E 182 35.84 -17.92 47.72
N GLU E 183 35.48 -16.71 48.16
CA GLU E 183 35.43 -16.38 49.58
C GLU E 183 34.21 -17.03 50.27
N ASN E 184 33.07 -17.08 49.58
CA ASN E 184 31.84 -17.49 50.24
C ASN E 184 31.87 -18.95 50.68
N LEU E 185 32.59 -19.80 49.95
CA LEU E 185 32.72 -21.19 50.38
C LEU E 185 33.38 -21.28 51.75
N PHE E 186 34.45 -20.52 51.95
CA PHE E 186 35.15 -20.57 53.23
C PHE E 186 34.39 -19.84 54.32
N ARG E 187 33.61 -18.83 53.97
CA ARG E 187 32.89 -18.12 55.01
C ARG E 187 31.67 -18.86 55.50
N THR E 188 31.22 -19.90 54.80
CA THR E 188 30.16 -20.77 55.31
C THR E 188 30.69 -21.94 56.11
N ASP E 189 31.99 -22.20 56.06
CA ASP E 189 32.61 -23.27 56.86
C ASP E 189 32.83 -22.71 58.27
N ILE E 190 31.78 -22.77 59.08
CA ILE E 190 31.74 -22.02 60.33
C ILE E 190 31.80 -22.89 61.57
N GLY E 191 31.70 -24.20 61.43
CA GLY E 191 31.66 -25.06 62.59
C GLY E 191 30.26 -25.22 63.12
N ILE E 192 30.13 -26.13 64.10
CA ILE E 192 28.84 -26.51 64.63
C ILE E 192 28.50 -25.75 65.92
N GLU E 193 29.22 -24.68 66.22
CA GLU E 193 29.06 -23.96 67.48
C GLU E 193 28.49 -22.55 67.28
N ARG E 194 27.87 -22.29 66.15
CA ARG E 194 27.24 -21.00 65.89
C ARG E 194 25.73 -21.18 65.99
N VAL E 195 25.16 -20.71 67.10
CA VAL E 195 23.75 -20.94 67.40
C VAL E 195 22.82 -20.19 66.47
N ALA E 196 23.31 -19.19 65.74
CA ALA E 196 22.47 -18.50 64.76
C ALA E 196 21.97 -19.44 63.69
N VAL E 197 22.80 -20.40 63.28
CA VAL E 197 22.43 -21.36 62.24
C VAL E 197 21.90 -22.66 62.85
N GLY E 198 22.52 -23.14 63.92
CA GLY E 198 22.17 -24.41 64.50
C GLY E 198 23.27 -25.43 64.26
N SER E 199 22.95 -26.68 64.56
CA SER E 199 23.89 -27.78 64.39
C SER E 199 23.23 -28.92 63.65
N LEU E 200 23.96 -29.52 62.72
CA LEU E 200 23.41 -30.62 61.92
C LEU E 200 23.19 -31.87 62.77
N LEU E 201 24.17 -32.23 63.61
CA LEU E 201 24.06 -33.47 64.37
C LEU E 201 22.99 -33.40 65.43
N ASP E 202 22.69 -32.21 65.94
CA ASP E 202 21.61 -32.04 66.90
C ASP E 202 20.26 -31.82 66.24
N HIS E 203 20.23 -31.62 64.92
CA HIS E 203 19.00 -31.36 64.17
C HIS E 203 18.24 -30.17 64.74
N THR E 204 18.98 -29.11 65.09
CA THR E 204 18.39 -27.92 65.66
C THR E 204 18.56 -26.73 64.73
N GLY E 205 17.72 -25.72 64.95
CA GLY E 205 17.80 -24.49 64.18
C GLY E 205 17.44 -24.71 62.72
N ALA E 206 18.18 -24.02 61.86
CA ALA E 206 17.94 -24.13 60.42
C ALA E 206 18.12 -25.54 59.90
N PHE E 207 18.95 -26.36 60.56
CA PHE E 207 19.08 -27.74 60.13
C PHE E 207 17.82 -28.54 60.42
N GLY E 208 17.21 -28.33 61.59
CA GLY E 208 15.92 -28.95 61.85
C GLY E 208 14.85 -28.48 60.88
N GLU E 209 14.83 -27.18 60.60
CA GLU E 209 13.89 -26.66 59.61
C GLU E 209 14.09 -27.31 58.25
N CYS E 210 15.34 -27.42 57.81
CA CYS E 210 15.62 -28.00 56.50
C CYS E 210 15.23 -29.47 56.44
N GLU E 211 15.48 -30.21 57.51
CA GLU E 211 15.10 -31.62 57.51
C GLU E 211 13.59 -31.79 57.51
N LYS E 212 12.86 -30.95 58.25
CA LYS E 212 11.41 -31.02 58.19
C LYS E 212 10.90 -30.67 56.80
N ASN E 213 11.49 -29.65 56.18
CA ASN E 213 11.11 -29.28 54.82
C ASN E 213 11.37 -30.41 53.84
N ALA E 214 12.51 -31.07 53.97
CA ALA E 214 12.84 -32.20 53.08
C ALA E 214 11.90 -33.36 53.31
N ALA E 215 11.54 -33.65 54.57
CA ALA E 215 10.60 -34.72 54.84
C ALA E 215 9.24 -34.42 54.21
N ARG E 216 8.80 -33.17 54.28
CA ARG E 216 7.56 -32.80 53.61
C ARG E 216 7.66 -32.96 52.10
N ILE E 217 8.76 -32.49 51.50
CA ILE E 217 8.89 -32.49 50.05
C ILE E 217 8.97 -33.91 49.52
N PHE E 218 9.70 -34.79 50.21
CA PHE E 218 9.90 -36.16 49.74
C PHE E 218 8.87 -37.14 50.30
N GLY E 219 7.89 -36.66 51.05
CA GLY E 219 6.83 -37.51 51.56
C GLY E 219 7.26 -38.53 52.60
N ALA E 220 8.15 -38.16 53.51
CA ALA E 220 8.59 -39.03 54.58
C ALA E 220 8.09 -38.51 55.93
N ASP E 221 8.04 -39.41 56.91
CA ASP E 221 7.76 -38.96 58.28
C ASP E 221 8.94 -38.18 58.85
N GLN E 222 10.14 -38.70 58.68
CA GLN E 222 11.36 -38.03 59.14
C GLN E 222 12.42 -38.11 58.06
N SER E 223 13.24 -37.08 57.96
CA SER E 223 14.34 -37.03 57.03
C SER E 223 15.62 -36.66 57.75
N TYR E 224 16.73 -37.24 57.32
CA TYR E 224 18.04 -36.95 57.86
C TYR E 224 18.98 -36.57 56.73
N SER E 225 19.64 -35.44 56.88
CA SER E 225 20.66 -35.00 55.94
C SER E 225 21.99 -35.65 56.30
N VAL E 226 22.68 -36.17 55.29
CA VAL E 226 23.90 -36.94 55.48
C VAL E 226 25.00 -36.32 54.63
N VAL E 227 26.20 -36.22 55.18
CA VAL E 227 27.35 -35.63 54.49
C VAL E 227 28.40 -36.68 54.15
N VAL E 228 28.07 -37.96 54.29
CA VAL E 228 28.96 -39.05 53.91
C VAL E 228 28.37 -39.87 52.77
N GLY E 229 27.43 -39.30 52.03
CA GLY E 229 26.86 -39.98 50.89
C GLY E 229 25.89 -41.09 51.27
N THR E 230 25.39 -41.76 50.23
CA THR E 230 24.52 -42.89 50.44
C THR E 230 25.25 -44.07 51.04
N SER E 231 26.57 -44.16 50.87
CA SER E 231 27.34 -45.16 51.61
C SER E 231 27.13 -44.98 53.11
N GLY E 232 27.31 -43.75 53.59
CA GLY E 232 27.07 -43.48 55.00
C GLY E 232 25.63 -43.69 55.40
N SER E 233 24.69 -43.27 54.55
CA SER E 233 23.27 -43.45 54.87
C SER E 233 22.91 -44.93 55.00
N ASN E 234 23.37 -45.76 54.07
CA ASN E 234 23.12 -47.18 54.14
C ASN E 234 23.73 -47.78 55.39
N ARG E 235 24.95 -47.34 55.73
CA ARG E 235 25.59 -47.85 56.94
C ARG E 235 24.78 -47.51 58.19
N THR E 236 24.30 -46.28 58.31
CA THR E 236 23.56 -45.95 59.54
C THR E 236 22.21 -46.66 59.59
N ILE E 237 21.53 -46.81 58.45
CA ILE E 237 20.26 -47.54 58.46
C ILE E 237 20.49 -48.99 58.89
N MET E 238 21.51 -49.63 58.30
CA MET E 238 21.77 -51.02 58.63
C MET E 238 22.22 -51.18 60.08
N GLN E 239 22.99 -50.22 60.60
CA GLN E 239 23.40 -50.25 62.00
C GLN E 239 22.21 -50.08 62.94
N ALA E 240 21.25 -49.25 62.57
CA ALA E 240 20.07 -49.07 63.40
C ALA E 240 19.12 -50.27 63.32
N CYS E 241 19.19 -51.07 62.25
CA CYS E 241 18.18 -52.10 62.06
C CYS E 241 18.58 -53.48 62.58
N MET E 242 19.81 -53.94 62.32
CA MET E 242 20.13 -55.34 62.58
C MET E 242 21.26 -55.47 63.58
N THR E 243 21.45 -56.72 64.02
CA THR E 243 22.45 -57.09 65.01
C THR E 243 23.02 -58.45 64.60
N ASP E 244 24.13 -58.84 65.22
CA ASP E 244 24.77 -60.09 64.82
C ASP E 244 23.91 -61.32 65.10
N ASP E 245 22.85 -61.20 65.89
CA ASP E 245 21.90 -62.28 66.12
C ASP E 245 20.70 -62.21 65.20
N ASP E 246 20.85 -61.62 64.01
CA ASP E 246 19.74 -61.37 63.12
C ASP E 246 19.98 -61.98 61.75
N VAL E 247 18.89 -62.31 61.07
CA VAL E 247 18.93 -62.74 59.68
C VAL E 247 18.30 -61.64 58.83
N VAL E 248 18.92 -61.34 57.69
CA VAL E 248 18.49 -60.25 56.84
C VAL E 248 18.36 -60.74 55.40
N VAL E 249 17.48 -60.09 54.64
CA VAL E 249 17.16 -60.45 53.27
C VAL E 249 17.78 -59.39 52.37
N ILE E 250 18.76 -59.76 51.58
CA ILE E 250 19.57 -58.81 50.82
C ILE E 250 19.35 -59.03 49.33
N ASP E 251 18.99 -57.95 48.64
CA ASP E 251 19.06 -57.93 47.18
C ASP E 251 20.48 -58.23 46.74
N ARG E 252 20.63 -59.26 45.90
CA ARG E 252 21.96 -59.59 45.38
C ARG E 252 22.51 -58.45 44.53
N ASN E 253 21.64 -57.66 43.91
CA ASN E 253 22.03 -56.41 43.27
C ASN E 253 22.13 -55.34 44.36
N CYS E 254 23.22 -55.40 45.12
CA CYS E 254 23.44 -54.49 46.22
C CYS E 254 24.72 -53.70 46.03
N HIS E 255 24.70 -52.45 46.47
CA HIS E 255 25.91 -51.63 46.50
C HIS E 255 26.87 -52.17 47.55
N LYS E 256 28.16 -51.87 47.38
CA LYS E 256 29.16 -52.35 48.32
C LYS E 256 28.97 -51.78 49.72
N SER E 257 28.27 -50.66 49.86
CA SER E 257 27.96 -50.14 51.18
C SER E 257 27.02 -51.08 51.94
N ILE E 258 26.20 -51.85 51.22
CA ILE E 258 25.36 -52.84 51.88
C ILE E 258 26.21 -53.94 52.50
N GLU E 259 27.20 -54.44 51.76
CA GLU E 259 28.11 -55.42 52.32
C GLU E 259 28.93 -54.83 53.47
N GLN E 260 29.29 -53.55 53.37
CA GLN E 260 29.97 -52.90 54.48
C GLN E 260 29.09 -52.87 55.73
N GLY E 261 27.80 -52.57 55.55
CA GLY E 261 26.87 -52.64 56.66
C GLY E 261 26.76 -54.04 57.24
N LEU E 262 26.77 -55.06 56.39
CA LEU E 262 26.76 -56.44 56.87
C LEU E 262 27.99 -56.73 57.70
N ILE E 263 29.16 -56.27 57.25
CA ILE E 263 30.39 -56.47 58.01
C ILE E 263 30.31 -55.76 59.35
N LEU E 264 29.79 -54.53 59.37
CA LEU E 264 29.76 -53.74 60.58
C LEU E 264 28.68 -54.19 61.57
N THR E 265 27.66 -54.90 61.11
CA THR E 265 26.62 -55.36 62.02
C THR E 265 26.77 -56.83 62.40
N GLY E 266 27.40 -57.64 61.56
CA GLY E 266 27.53 -59.05 61.83
C GLY E 266 26.28 -59.87 61.54
N ALA E 267 25.31 -59.32 60.83
CA ALA E 267 24.09 -60.05 60.53
C ALA E 267 24.35 -61.17 59.53
N LYS E 268 23.43 -62.13 59.49
CA LYS E 268 23.54 -63.28 58.59
C LYS E 268 22.65 -63.05 57.38
N PRO E 269 23.20 -62.91 56.19
CA PRO E 269 22.38 -62.54 55.02
C PRO E 269 21.82 -63.72 54.25
N VAL E 270 20.62 -63.51 53.74
CA VAL E 270 19.98 -64.38 52.76
C VAL E 270 19.67 -63.53 51.54
N TYR E 271 19.84 -64.11 50.35
CA TYR E 271 19.89 -63.33 49.12
C TYR E 271 18.72 -63.64 48.19
N MET E 272 18.14 -62.60 47.61
CA MET E 272 17.22 -62.74 46.49
C MET E 272 17.96 -62.46 45.20
N ILE E 273 17.88 -63.39 44.27
CA ILE E 273 18.68 -63.37 43.05
C ILE E 273 17.90 -62.61 41.97
N PRO E 274 18.45 -61.56 41.39
CA PRO E 274 17.76 -60.85 40.30
C PRO E 274 17.88 -61.61 38.99
N SER E 275 17.05 -61.20 38.03
CA SER E 275 17.03 -61.81 36.71
C SER E 275 18.03 -61.13 35.79
N ARG E 276 18.33 -61.80 34.68
CA ARG E 276 19.27 -61.31 33.68
C ARG E 276 18.67 -61.51 32.29
N ASN E 277 19.13 -60.71 31.34
CA ASN E 277 18.71 -60.84 29.95
C ASN E 277 19.91 -61.17 29.08
N ARG E 278 19.65 -61.33 27.78
CA ARG E 278 20.69 -61.79 26.84
C ARG E 278 21.81 -60.77 26.67
N TYR E 279 21.58 -59.51 27.00
CA TYR E 279 22.61 -58.49 26.87
C TYR E 279 23.50 -58.40 28.10
N GLY E 280 23.26 -59.22 29.11
CA GLY E 280 23.98 -59.11 30.36
C GLY E 280 23.47 -58.04 31.29
N ILE E 281 22.31 -57.46 31.00
CA ILE E 281 21.72 -56.45 31.86
C ILE E 281 21.03 -57.14 33.03
N ILE E 282 21.40 -56.74 34.25
CA ILE E 282 20.74 -57.26 35.44
C ILE E 282 19.33 -56.70 35.52
N GLY E 283 18.36 -57.57 35.74
CA GLY E 283 16.97 -57.17 35.81
C GLY E 283 16.42 -57.22 37.22
N PRO E 284 15.11 -57.12 37.34
CA PRO E 284 14.49 -57.11 38.66
C PRO E 284 14.46 -58.49 39.30
N ILE E 285 14.35 -58.48 40.62
CA ILE E 285 14.01 -59.69 41.35
C ILE E 285 12.57 -60.05 41.06
N TYR E 286 12.32 -61.31 40.72
CA TYR E 286 10.97 -61.73 40.42
C TYR E 286 10.17 -61.91 41.71
N PRO E 287 8.84 -61.79 41.63
CA PRO E 287 8.02 -61.98 42.83
C PRO E 287 8.17 -63.34 43.47
N LYS E 288 8.58 -64.36 42.71
CA LYS E 288 8.76 -65.70 43.27
C LYS E 288 9.89 -65.75 44.29
N GLU E 289 10.75 -64.74 44.36
CA GLU E 289 11.83 -64.69 45.33
C GLU E 289 11.48 -63.92 46.60
N MET E 290 10.38 -63.17 46.59
CA MET E 290 9.99 -62.35 47.74
C MET E 290 8.84 -62.94 48.53
N THR E 291 8.26 -64.04 48.08
CA THR E 291 7.13 -64.62 48.80
C THR E 291 7.59 -65.15 50.16
N PRO E 292 6.71 -65.14 51.16
CA PRO E 292 7.10 -65.65 52.48
C PRO E 292 7.63 -67.07 52.44
N ASP E 293 7.07 -67.93 51.59
CA ASP E 293 7.58 -69.29 51.49
C ASP E 293 8.99 -69.30 50.89
N ALA E 294 9.25 -68.45 49.90
CA ALA E 294 10.58 -68.38 49.32
C ALA E 294 11.60 -67.92 50.36
N ILE E 295 11.25 -66.94 51.17
CA ILE E 295 12.17 -66.43 52.18
C ILE E 295 12.40 -67.48 53.27
N LYS E 296 11.34 -68.19 53.68
CA LYS E 296 11.51 -69.26 54.65
C LYS E 296 12.40 -70.37 54.09
N PHE E 297 12.22 -70.71 52.81
CA PHE E 297 13.06 -71.72 52.19
C PHE E 297 14.52 -71.28 52.15
N LYS E 298 14.76 -70.00 51.79
CA LYS E 298 16.13 -69.49 51.77
C LYS E 298 16.76 -69.54 53.16
N ILE E 299 15.99 -69.16 54.19
CA ILE E 299 16.52 -69.19 55.54
C ILE E 299 16.83 -70.61 55.97
N ALA E 300 15.95 -71.55 55.65
CA ALA E 300 16.16 -72.95 56.04
C ALA E 300 17.31 -73.58 55.27
N ALA E 301 17.63 -73.10 54.07
CA ALA E 301 18.70 -73.70 53.28
C ALA E 301 20.06 -73.08 53.53
N ASN E 302 20.12 -71.90 54.14
CA ASN E 302 21.40 -71.23 54.35
C ASN E 302 22.20 -71.93 55.44
N PRO E 303 23.49 -72.19 55.23
CA PRO E 303 24.29 -72.87 56.27
C PRO E 303 24.37 -72.09 57.57
N LEU E 304 24.37 -70.76 57.52
CA LEU E 304 24.50 -69.97 58.73
C LEU E 304 23.18 -69.67 59.41
N THR E 305 22.08 -69.58 58.66
CA THR E 305 20.80 -69.17 59.21
C THR E 305 19.86 -70.33 59.48
N LYS E 306 20.28 -71.58 59.24
CA LYS E 306 19.37 -72.69 59.40
C LYS E 306 19.00 -72.97 60.85
N GLY E 307 19.65 -72.32 61.80
CA GLY E 307 19.23 -72.41 63.19
C GLY E 307 18.38 -71.23 63.62
N LYS E 308 17.85 -70.48 62.65
CA LYS E 308 17.07 -69.29 62.92
C LYS E 308 15.76 -69.30 62.13
N VAL E 309 15.31 -70.48 61.71
CA VAL E 309 14.13 -70.58 60.85
C VAL E 309 12.86 -70.10 61.52
N LYS E 310 12.85 -69.99 62.84
CA LYS E 310 11.70 -69.46 63.57
C LYS E 310 11.81 -67.98 63.86
N GLN E 311 12.88 -67.33 63.41
CA GLN E 311 13.14 -65.93 63.73
C GLN E 311 12.70 -65.06 62.57
N LYS E 312 11.98 -63.99 62.89
CA LYS E 312 11.54 -63.04 61.86
C LYS E 312 12.73 -62.22 61.38
N PRO E 313 12.94 -62.11 60.06
CA PRO E 313 14.05 -61.30 59.57
C PRO E 313 13.91 -59.85 59.98
N ALA E 314 15.03 -59.22 60.31
CA ALA E 314 15.02 -57.88 60.87
C ALA E 314 15.09 -56.77 59.83
N TYR E 315 15.42 -57.09 58.58
CA TYR E 315 15.73 -56.05 57.61
C TYR E 315 15.77 -56.67 56.22
N SER E 316 15.32 -55.90 55.24
CA SER E 316 15.47 -56.26 53.84
C SER E 316 15.82 -55.00 53.06
N VAL E 317 16.60 -55.18 52.00
CA VAL E 317 17.02 -54.08 51.14
C VAL E 317 16.78 -54.47 49.69
N VAL E 318 16.19 -53.56 48.93
CA VAL E 318 15.98 -53.73 47.49
C VAL E 318 16.52 -52.47 46.80
N THR E 319 17.35 -52.66 45.78
CA THR E 319 17.83 -51.53 44.99
C THR E 319 16.80 -51.18 43.93
N ASN E 320 16.31 -49.94 43.97
CA ASN E 320 15.28 -49.49 43.05
C ASN E 320 15.45 -47.99 42.82
N CYS E 321 15.70 -47.59 41.59
CA CYS E 321 15.80 -48.47 40.44
C CYS E 321 17.19 -49.09 40.33
N THR E 322 17.34 -50.04 39.41
CA THR E 322 18.62 -50.69 39.19
C THR E 322 19.55 -49.78 38.39
N TYR E 323 20.78 -50.24 38.18
CA TYR E 323 21.77 -49.43 37.48
C TYR E 323 21.38 -49.16 36.04
N ASP E 324 20.62 -50.06 35.41
CA ASP E 324 20.21 -49.92 34.03
C ASP E 324 18.80 -49.37 33.89
N GLY E 325 18.25 -48.80 34.95
CA GLY E 325 16.97 -48.12 34.86
C GLY E 325 15.74 -49.00 34.94
N VAL E 326 15.83 -50.17 35.55
CA VAL E 326 14.68 -51.02 35.78
C VAL E 326 14.08 -50.66 37.12
N CYS E 327 12.83 -50.20 37.11
CA CYS E 327 12.14 -49.74 38.30
C CYS E 327 11.09 -50.76 38.73
N TYR E 328 11.15 -51.18 39.99
CA TYR E 328 10.15 -52.07 40.55
C TYR E 328 8.84 -51.33 40.78
N ASN E 329 7.74 -52.07 40.70
CA ASN E 329 6.49 -51.61 41.28
C ASN E 329 6.62 -51.71 42.79
N ALA E 330 6.95 -50.59 43.44
CA ALA E 330 7.30 -50.64 44.86
C ALA E 330 6.10 -50.97 45.72
N ARG E 331 4.89 -50.62 45.30
CA ARG E 331 3.70 -51.01 46.03
C ARG E 331 3.59 -52.53 46.10
N LYS E 332 3.80 -53.22 44.97
CA LYS E 332 3.73 -54.67 44.96
C LYS E 332 4.86 -55.30 45.74
N VAL E 333 6.07 -54.75 45.65
CA VAL E 333 7.19 -55.26 46.42
C VAL E 333 6.91 -55.14 47.91
N GLN E 334 6.39 -53.99 48.32
CA GLN E 334 6.07 -53.80 49.73
C GLN E 334 4.99 -54.76 50.19
N ASP E 335 3.96 -54.98 49.37
CA ASP E 335 2.94 -55.93 49.75
C ASP E 335 3.50 -57.35 49.85
N LEU E 336 4.42 -57.72 48.97
CA LEU E 336 5.02 -59.05 49.03
C LEU E 336 5.87 -59.21 50.28
N LEU E 337 6.75 -58.24 50.56
CA LEU E 337 7.66 -58.33 51.69
C LEU E 337 6.97 -58.08 53.03
N ASP E 338 5.78 -57.49 53.05
CA ASP E 338 5.04 -57.28 54.28
C ASP E 338 4.69 -58.59 54.97
N GLY E 339 4.60 -59.68 54.23
CA GLY E 339 4.31 -60.95 54.84
C GLY E 339 5.45 -61.61 55.56
N SER E 340 6.64 -61.01 55.53
CA SER E 340 7.81 -61.60 56.16
C SER E 340 8.63 -60.63 57.00
N LEU E 341 8.52 -59.32 56.78
CA LEU E 341 9.43 -58.35 57.37
C LEU E 341 8.66 -57.17 57.91
N ASP E 342 9.26 -56.45 58.85
CA ASP E 342 8.75 -55.19 59.33
C ASP E 342 9.54 -53.99 58.85
N ARG E 343 10.74 -54.19 58.32
CA ARG E 343 11.59 -53.10 57.84
C ARG E 343 11.99 -53.39 56.41
N ILE E 344 11.66 -52.48 55.50
CA ILE E 344 12.09 -52.57 54.11
C ILE E 344 12.88 -51.31 53.78
N HIS E 345 14.08 -51.50 53.27
CA HIS E 345 14.95 -50.40 52.86
C HIS E 345 15.02 -50.40 51.34
N PHE E 346 14.59 -49.30 50.74
CA PHE E 346 14.72 -49.08 49.30
C PHE E 346 15.93 -48.19 49.06
N ASP E 347 16.98 -48.76 48.48
CA ASP E 347 18.17 -47.99 48.14
C ASP E 347 17.91 -47.29 46.80
N GLU E 348 17.32 -46.11 46.86
CA GLU E 348 17.02 -45.31 45.67
C GLU E 348 18.11 -44.28 45.40
N ALA E 349 19.37 -44.72 45.37
CA ALA E 349 20.47 -43.77 45.19
C ALA E 349 20.38 -43.06 43.85
N TRP E 350 20.05 -43.80 42.79
CA TRP E 350 19.89 -43.25 41.45
C TRP E 350 18.47 -42.76 41.19
N TYR E 351 17.57 -42.84 42.17
CA TYR E 351 16.14 -42.70 41.95
C TYR E 351 15.61 -41.71 43.00
N GLY E 352 15.83 -40.43 42.76
CA GLY E 352 15.48 -39.44 43.77
C GLY E 352 14.38 -38.52 43.27
N TYR E 353 14.29 -38.42 41.94
CA TYR E 353 13.32 -37.61 41.24
C TYR E 353 11.97 -38.31 41.07
N ALA E 354 11.88 -39.60 41.42
CA ALA E 354 10.74 -40.41 41.00
C ALA E 354 9.42 -39.89 41.56
N ARG E 355 9.44 -39.34 42.77
CA ARG E 355 8.22 -38.81 43.38
C ARG E 355 7.62 -37.65 42.60
N PHE E 356 8.40 -36.97 41.79
CA PHE E 356 7.99 -35.67 41.25
C PHE E 356 7.57 -35.73 39.78
N ASN E 357 7.36 -36.93 39.23
CA ASN E 357 6.78 -37.06 37.92
C ASN E 357 5.76 -38.20 37.94
N PRO E 358 4.54 -37.97 37.43
CA PRO E 358 3.52 -39.02 37.46
C PRO E 358 3.87 -40.26 36.65
N LEU E 359 4.85 -40.18 35.75
CA LEU E 359 5.25 -41.36 34.99
C LEU E 359 5.76 -42.48 35.89
N TYR E 360 6.25 -42.15 37.09
CA TYR E 360 6.83 -43.11 37.99
C TYR E 360 5.86 -43.58 39.07
N ARG E 361 4.57 -43.26 38.92
CA ARG E 361 3.58 -43.56 39.94
C ARG E 361 3.59 -45.04 40.32
N ASN E 362 3.54 -45.30 41.63
CA ASN E 362 3.56 -46.62 42.24
C ASN E 362 4.89 -47.34 42.10
N HIS E 363 5.93 -46.67 41.62
CA HIS E 363 7.21 -47.33 41.38
C HIS E 363 8.32 -46.75 42.24
N PHE E 364 7.99 -46.20 43.40
CA PHE E 364 8.97 -45.68 44.34
C PHE E 364 8.41 -45.83 45.75
N ALA E 365 9.24 -45.49 46.74
CA ALA E 365 8.94 -45.86 48.12
C ALA E 365 7.95 -44.90 48.78
N MET E 366 8.22 -43.60 48.74
CA MET E 366 7.45 -42.63 49.53
C MET E 366 6.31 -42.07 48.68
N ARG E 367 5.29 -42.90 48.50
CA ARG E 367 4.18 -42.60 47.63
C ARG E 367 3.12 -41.77 48.35
N ASP E 368 2.48 -40.87 47.60
CA ASP E 368 1.29 -40.18 48.09
C ASP E 368 0.12 -41.15 48.10
N GLU E 369 -0.12 -41.79 49.23
CA GLU E 369 -1.16 -42.80 49.34
C GLU E 369 -1.73 -42.78 50.76
N GLU E 370 -2.96 -43.28 50.89
CA GLU E 370 -3.52 -43.49 52.20
C GLU E 370 -2.76 -44.60 52.90
N ARG E 371 -2.28 -44.32 54.12
CA ARG E 371 -1.43 -45.25 54.86
C ARG E 371 -2.21 -45.84 56.01
N THR E 372 -2.20 -47.17 56.10
CA THR E 372 -2.82 -47.87 57.21
C THR E 372 -1.84 -47.98 58.38
N GLU E 373 -2.29 -48.58 59.48
CA GLU E 373 -1.48 -48.68 60.68
C GLU E 373 -0.67 -49.95 60.77
N ASN E 374 -0.89 -50.92 59.88
CA ASN E 374 -0.18 -52.19 59.94
C ASN E 374 0.90 -52.29 58.87
N GLU E 375 1.35 -51.16 58.36
CA GLU E 375 2.40 -51.16 57.35
C GLU E 375 3.76 -51.44 57.97
N PRO E 376 4.69 -51.98 57.20
CA PRO E 376 6.07 -52.07 57.67
C PRO E 376 6.75 -50.72 57.67
N THR E 377 7.84 -50.61 58.42
CA THR E 377 8.67 -49.42 58.37
C THR E 377 9.45 -49.40 57.06
N ILE E 378 9.44 -48.26 56.39
CA ILE E 378 10.07 -48.10 55.08
C ILE E 378 11.20 -47.10 55.20
N PHE E 379 12.38 -47.48 54.71
CA PHE E 379 13.52 -46.59 54.58
C PHE E 379 13.82 -46.36 53.11
N ALA E 380 14.16 -45.13 52.77
CA ALA E 380 14.61 -44.80 51.43
C ALA E 380 15.85 -43.91 51.52
N THR E 381 16.88 -44.24 50.76
CA THR E 381 18.09 -43.44 50.70
C THR E 381 18.22 -42.84 49.31
N HIS E 382 18.45 -41.54 49.25
CA HIS E 382 18.66 -40.84 47.99
C HIS E 382 20.09 -40.29 47.96
N SER E 383 20.78 -40.55 46.86
CA SER E 383 22.06 -39.84 46.67
C SER E 383 21.69 -38.56 45.94
N THR E 384 21.59 -37.45 46.64
CA THR E 384 21.14 -36.17 46.06
C THR E 384 22.10 -35.65 45.00
N HIS E 385 23.35 -36.08 45.04
CA HIS E 385 24.35 -35.65 44.03
C HIS E 385 24.23 -36.47 42.76
N1 LLP E 386 23.83 -47.33 46.65
C2 LLP E 386 23.73 -47.32 45.32
C2' LLP E 386 22.72 -48.21 44.65
C3 LLP E 386 24.53 -46.50 44.56
O3 LLP E 386 24.37 -46.54 43.23
C4 LLP E 386 25.47 -45.65 45.18
C4' LLP E 386 26.32 -44.77 44.38
C5 LLP E 386 25.56 -45.69 46.59
C6 LLP E 386 24.73 -46.54 47.26
C5' LLP E 386 26.55 -44.88 47.36
OP4 LLP E 386 26.27 -43.46 47.30
P LLP E 386 27.39 -42.39 47.61
OP1 LLP E 386 26.65 -41.12 47.78
OP2 LLP E 386 28.12 -42.80 48.85
OP3 LLP E 386 28.25 -42.45 46.40
N LLP E 386 23.62 -37.65 42.80
CA LLP E 386 23.59 -38.52 41.59
CB LLP E 386 23.40 -40.00 41.92
CG LLP E 386 24.67 -40.80 42.17
CD LLP E 386 24.43 -42.19 42.75
CE LLP E 386 25.54 -42.65 43.66
NZ LLP E 386 25.86 -44.07 43.43
C LLP E 386 22.63 -37.95 40.54
O LLP E 386 23.13 -37.51 39.51
N LEU E 387 21.33 -37.95 40.78
CA LEU E 387 20.37 -37.54 39.71
C LEU E 387 19.52 -36.37 40.17
N LEU E 388 19.89 -35.75 41.27
CA LEU E 388 19.28 -34.48 41.73
C LEU E 388 20.43 -33.46 41.64
N ASN E 389 20.27 -32.23 42.08
CA ASN E 389 21.29 -31.18 42.01
C ASN E 389 21.86 -30.95 43.40
N ALA E 390 22.95 -31.65 43.71
CA ALA E 390 23.64 -31.46 44.97
C ALA E 390 25.10 -31.81 44.80
N LEU E 391 25.93 -31.30 45.70
CA LEU E 391 27.35 -31.62 45.71
C LEU E 391 27.57 -33.06 46.13
N SER E 392 28.71 -33.61 45.71
CA SER E 392 29.08 -34.96 46.12
C SER E 392 29.08 -35.09 47.63
N GLN E 393 28.73 -36.28 48.10
CA GLN E 393 28.58 -36.71 49.50
C GLN E 393 27.27 -36.25 50.14
N ALA E 394 26.44 -35.49 49.43
CA ALA E 394 25.13 -35.13 49.96
C ALA E 394 24.16 -36.28 49.78
N SER E 395 23.39 -36.58 50.83
CA SER E 395 22.49 -37.72 50.81
C SER E 395 21.36 -37.46 51.79
N PHE E 396 20.30 -38.26 51.65
CA PHE E 396 19.15 -38.18 52.54
C PHE E 396 18.78 -39.57 53.03
N ILE E 397 18.33 -39.64 54.27
CA ILE E 397 17.63 -40.80 54.79
C ILE E 397 16.18 -40.40 55.00
N HIS E 398 15.27 -41.14 54.38
CA HIS E 398 13.83 -40.91 54.54
C HIS E 398 13.23 -42.10 55.25
N VAL E 399 12.41 -41.84 56.27
CA VAL E 399 11.81 -42.89 57.08
C VAL E 399 10.30 -42.70 57.07
N ARG E 400 9.58 -43.79 56.85
CA ARG E 400 8.14 -43.86 57.07
C ARG E 400 7.91 -44.88 58.17
N ASN E 401 7.42 -44.41 59.32
CA ASN E 401 7.30 -45.27 60.49
C ASN E 401 6.13 -46.24 60.34
N GLY E 402 6.40 -47.51 60.56
CA GLY E 402 5.38 -48.53 60.54
C GLY E 402 5.56 -49.52 61.67
N ARG E 403 5.54 -50.81 61.34
CA ARG E 403 5.75 -51.84 62.35
C ARG E 403 7.22 -51.87 62.77
N ASN E 404 7.45 -51.99 64.08
CA ASN E 404 8.79 -52.10 64.64
C ASN E 404 9.64 -50.89 64.25
N ALA E 405 9.06 -49.70 64.42
CA ALA E 405 9.75 -48.47 64.06
C ALA E 405 10.84 -48.15 65.08
N ILE E 406 11.82 -47.36 64.64
CA ILE E 406 12.94 -46.95 65.46
C ILE E 406 12.76 -45.47 65.79
N ASP E 407 12.61 -45.18 67.09
CA ASP E 407 12.39 -43.81 67.51
C ASP E 407 13.68 -43.00 67.38
N PHE E 408 13.53 -41.67 67.53
CA PHE E 408 14.64 -40.76 67.23
C PHE E 408 15.83 -41.00 68.13
N ASN E 409 15.61 -41.25 69.42
CA ASN E 409 16.74 -41.42 70.34
C ASN E 409 17.57 -42.64 69.96
N ARG E 410 16.93 -43.72 69.54
CA ARG E 410 17.66 -44.92 69.15
C ARG E 410 18.34 -44.75 67.79
N PHE E 411 17.67 -44.11 66.83
CA PHE E 411 18.24 -43.95 65.50
C PHE E 411 19.40 -42.97 65.51
N ASN E 412 19.37 -41.98 66.40
CA ASN E 412 20.40 -40.97 66.44
C ASN E 412 21.76 -41.56 66.80
N GLN E 413 21.77 -42.66 67.56
CA GLN E 413 23.04 -43.30 67.89
C GLN E 413 23.75 -43.83 66.64
N ALA E 414 23.02 -44.56 65.80
CA ALA E 414 23.61 -45.02 64.54
C ALA E 414 23.99 -43.85 63.65
N TYR E 415 23.13 -42.84 63.60
CA TYR E 415 23.41 -41.66 62.78
C TYR E 415 24.74 -41.02 63.18
N LEU E 416 24.94 -40.81 64.48
CA LEU E 416 26.20 -40.25 64.95
C LEU E 416 27.36 -41.21 64.71
N MET E 417 27.12 -42.52 64.85
CA MET E 417 28.19 -43.48 64.66
C MET E 417 28.77 -43.44 63.26
N HIS E 418 27.98 -43.09 62.25
CA HIS E 418 28.54 -43.04 60.91
C HIS E 418 28.67 -41.63 60.35
N SER E 419 28.76 -40.63 61.21
CA SER E 419 28.88 -39.25 60.80
C SER E 419 30.21 -38.67 61.27
N THR E 420 30.37 -37.36 61.09
CA THR E 420 31.54 -36.64 61.57
C THR E 420 31.08 -35.51 62.47
N THR E 421 31.93 -35.15 63.44
CA THR E 421 31.60 -34.07 64.35
C THR E 421 31.77 -32.69 63.73
N SER E 422 32.39 -32.59 62.55
CA SER E 422 32.61 -31.32 61.87
C SER E 422 32.12 -31.40 60.43
N PRO E 423 30.80 -31.44 60.22
CA PRO E 423 30.29 -31.46 58.85
C PRO E 423 30.58 -30.18 58.10
N LEU E 424 30.79 -30.33 56.79
CA LEU E 424 30.95 -29.18 55.91
C LEU E 424 29.56 -28.68 55.52
N TYR E 425 29.24 -27.44 55.92
CA TYR E 425 27.89 -26.93 55.76
C TYR E 425 27.52 -26.66 54.30
N ALA E 426 28.50 -26.56 53.41
CA ALA E 426 28.19 -26.42 51.99
C ALA E 426 27.46 -27.65 51.46
N ILE E 427 27.82 -28.85 51.93
CA ILE E 427 27.15 -30.06 51.51
C ILE E 427 25.68 -30.05 51.97
N CYS E 428 25.45 -29.68 53.23
CA CYS E 428 24.07 -29.60 53.73
C CYS E 428 23.28 -28.52 52.99
N ALA E 429 23.93 -27.41 52.65
CA ALA E 429 23.27 -26.37 51.88
C ALA E 429 22.89 -26.87 50.49
N SER E 430 23.75 -27.67 49.87
CA SER E 430 23.41 -28.24 48.57
C SER E 430 22.24 -29.21 48.70
N ASN E 431 22.20 -29.99 49.78
CA ASN E 431 21.04 -30.85 50.04
C ASN E 431 19.76 -30.03 50.14
N ASP E 432 19.82 -28.93 50.88
CA ASP E 432 18.67 -28.06 51.07
C ASP E 432 18.20 -27.44 49.76
N ILE E 433 19.13 -26.98 48.93
CA ILE E 433 18.73 -26.39 47.65
C ILE E 433 18.20 -27.45 46.70
N ALA E 434 18.72 -28.67 46.75
CA ALA E 434 18.16 -29.74 45.93
C ALA E 434 16.71 -30.04 46.31
N ALA E 435 16.46 -30.17 47.61
CA ALA E 435 15.09 -30.38 48.07
C ALA E 435 14.19 -29.23 47.64
N ASP E 436 14.67 -28.00 47.76
CA ASP E 436 13.87 -26.86 47.33
C ASP E 436 13.60 -26.90 45.83
N MET E 437 14.58 -27.36 45.05
CA MET E 437 14.44 -27.41 43.61
C MET E 437 13.38 -28.41 43.19
N MET E 438 13.23 -29.51 43.94
CA MET E 438 12.16 -30.44 43.62
C MET E 438 10.79 -30.02 44.17
N ASP E 439 10.73 -28.95 44.95
CA ASP E 439 9.48 -28.55 45.60
C ASP E 439 8.55 -27.83 44.65
N GLY E 440 7.26 -28.12 44.76
CA GLY E 440 6.23 -27.43 43.99
C GLY E 440 6.19 -27.79 42.53
N ASN E 441 5.93 -26.78 41.68
CA ASN E 441 5.84 -27.02 40.25
C ASN E 441 7.19 -27.35 39.63
N SER E 442 8.28 -26.88 40.24
CA SER E 442 9.59 -26.97 39.61
C SER E 442 10.07 -28.40 39.48
N GLY E 443 9.77 -29.26 40.46
CA GLY E 443 10.17 -30.65 40.35
C GLY E 443 9.53 -31.35 39.17
N ARG E 444 8.22 -31.15 38.99
CA ARG E 444 7.53 -31.68 37.83
C ARG E 444 8.10 -31.13 36.54
N SER E 445 8.36 -29.83 36.49
CA SER E 445 8.88 -29.22 35.26
C SER E 445 10.26 -29.76 34.90
N LEU E 446 11.13 -29.91 35.89
CA LEU E 446 12.49 -30.38 35.63
C LEU E 446 12.51 -31.85 35.21
N THR E 447 11.73 -32.69 35.91
CA THR E 447 11.65 -34.09 35.48
C THR E 447 11.05 -34.20 34.09
N ASP E 448 10.06 -33.36 33.77
CA ASP E 448 9.47 -33.36 32.43
C ASP E 448 10.52 -33.03 31.39
N GLU E 449 11.34 -32.00 31.64
CA GLU E 449 12.36 -31.62 30.66
C GLU E 449 13.33 -32.77 30.41
N VAL E 450 13.80 -33.42 31.48
CA VAL E 450 14.77 -34.51 31.30
C VAL E 450 14.13 -35.67 30.55
N ILE E 451 12.89 -36.03 30.93
CA ILE E 451 12.21 -37.15 30.28
C ILE E 451 11.99 -36.87 28.80
N ARG E 452 11.60 -35.64 28.47
CA ARG E 452 11.38 -35.28 27.07
C ARG E 452 12.67 -35.35 26.27
N GLU E 453 13.79 -34.89 26.85
CA GLU E 453 15.06 -35.00 26.14
C GLU E 453 15.42 -36.46 25.88
N SER E 454 15.25 -37.31 26.89
CA SER E 454 15.57 -38.72 26.70
C SER E 454 14.68 -39.37 25.66
N ILE E 455 13.39 -39.00 25.63
CA ILE E 455 12.48 -39.55 24.64
C ILE E 455 12.85 -39.09 23.24
N ASP E 456 13.22 -37.82 23.09
CA ASP E 456 13.65 -37.33 21.78
C ASP E 456 14.86 -38.11 21.29
N PHE E 457 15.83 -38.34 22.17
CA PHE E 457 16.99 -39.14 21.78
C PHE E 457 16.60 -40.56 21.39
N ARG E 458 15.74 -41.21 22.18
CA ARG E 458 15.35 -42.58 21.90
C ARG E 458 14.63 -42.68 20.56
N GLN E 459 13.70 -41.78 20.30
CA GLN E 459 12.94 -41.83 19.06
C GLN E 459 13.82 -41.53 17.85
N SER E 460 14.74 -40.56 17.97
CA SER E 460 15.64 -40.27 16.87
C SER E 460 16.53 -41.47 16.56
N LEU E 461 17.04 -42.13 17.61
CA LEU E 461 17.90 -43.28 17.39
C LEU E 461 17.12 -44.44 16.77
N ALA E 462 15.89 -44.67 17.22
CA ALA E 462 15.07 -45.72 16.63
C ALA E 462 14.78 -45.43 15.16
N TYR E 463 14.50 -44.16 14.83
CA TYR E 463 14.26 -43.79 13.44
C TYR E 463 15.50 -44.02 12.58
N LEU E 464 16.67 -43.63 13.07
CA LEU E 464 17.90 -43.86 12.32
C LEU E 464 18.16 -45.35 12.15
N TYR E 465 17.89 -46.13 13.19
CA TYR E 465 18.06 -47.58 13.10
C TYR E 465 17.17 -48.17 12.02
N LYS E 466 15.90 -47.74 11.98
CA LYS E 466 15.00 -48.22 10.93
C LYS E 466 15.47 -47.80 9.55
N GLU E 467 15.96 -46.57 9.41
CA GLU E 467 16.46 -46.10 8.12
C GLU E 467 17.64 -46.95 7.64
N PHE E 468 18.62 -47.18 8.51
CA PHE E 468 19.77 -47.99 8.14
C PHE E 468 19.37 -49.43 7.86
N LEU E 469 18.42 -49.97 8.62
CA LEU E 469 17.93 -51.32 8.35
C LEU E 469 17.26 -51.39 6.99
N ASN E 470 16.48 -50.37 6.63
CA ASN E 470 15.87 -50.33 5.31
C ASN E 470 16.92 -50.30 4.21
N ASP E 471 18.04 -49.62 4.45
CA ASP E 471 19.16 -49.66 3.51
C ASP E 471 20.06 -50.87 3.73
N ASP E 472 19.55 -51.92 4.38
CA ASP E 472 20.30 -53.12 4.79
C ASP E 472 21.70 -52.78 5.32
N GLU E 473 21.73 -51.88 6.30
CA GLU E 473 22.94 -51.56 7.05
C GLU E 473 22.67 -51.73 8.54
N TRP E 474 23.74 -51.78 9.32
CA TRP E 474 23.65 -51.91 10.76
C TRP E 474 23.67 -50.53 11.42
N PHE E 475 23.05 -50.43 12.59
CA PHE E 475 23.16 -49.26 13.42
C PHE E 475 22.80 -49.63 14.85
N PHE E 476 23.02 -48.69 15.76
CA PHE E 476 22.63 -48.86 17.15
C PHE E 476 21.14 -48.62 17.32
N LYS E 477 20.54 -49.32 18.28
CA LYS E 477 19.13 -49.15 18.57
C LYS E 477 18.94 -48.91 20.06
N PRO E 478 17.97 -48.08 20.43
CA PRO E 478 17.68 -47.89 21.85
C PRO E 478 17.02 -49.12 22.44
N TRP E 479 17.25 -49.32 23.73
CA TRP E 479 16.67 -50.46 24.45
C TRP E 479 15.37 -50.02 25.08
N ASN E 480 14.28 -50.14 24.34
CA ASN E 480 12.94 -49.86 24.85
C ASN E 480 11.95 -50.67 24.03
N GLN E 481 10.67 -50.42 24.25
CA GLN E 481 9.62 -51.08 23.49
C GLN E 481 9.75 -50.78 21.99
N GLU E 482 9.56 -51.80 21.17
CA GLU E 482 9.48 -51.57 19.73
C GLU E 482 8.16 -50.94 19.33
N MET E 483 7.06 -51.44 19.87
CA MET E 483 5.72 -50.95 19.57
C MET E 483 5.05 -50.53 20.87
N VAL E 484 4.37 -49.39 20.85
CA VAL E 484 3.63 -48.93 22.00
C VAL E 484 2.16 -48.82 21.64
N LYS E 485 1.31 -49.08 22.61
CA LYS E 485 -0.14 -49.05 22.43
C LYS E 485 -0.71 -47.88 23.21
N ASP E 486 -1.59 -47.13 22.56
CA ASP E 486 -2.32 -46.07 23.25
C ASP E 486 -3.46 -46.69 24.05
N PRO E 487 -3.44 -46.61 25.38
CA PRO E 487 -4.49 -47.29 26.15
C PRO E 487 -5.87 -46.67 25.98
N ALA E 488 -5.96 -45.41 25.55
CA ALA E 488 -7.25 -44.76 25.40
C ALA E 488 -7.94 -45.23 24.12
N THR E 489 -7.33 -44.97 22.96
CA THR E 489 -7.93 -45.28 21.68
C THR E 489 -7.60 -46.68 21.18
N GLY E 490 -6.69 -47.39 21.84
CA GLY E 490 -6.30 -48.71 21.40
C GLY E 490 -5.37 -48.74 20.21
N LYS E 491 -4.93 -47.57 19.72
CA LYS E 491 -4.09 -47.51 18.54
C LYS E 491 -2.66 -47.90 18.87
N ARG E 492 -2.02 -48.64 17.97
CA ARG E 492 -0.64 -49.04 18.12
C ARG E 492 0.26 -48.14 17.28
N TYR E 493 1.45 -47.84 17.81
CA TYR E 493 2.45 -47.08 17.11
C TYR E 493 3.78 -47.79 17.20
N ALA E 494 4.61 -47.63 16.18
CA ALA E 494 6.03 -47.87 16.35
C ALA E 494 6.58 -46.82 17.31
N PHE E 495 7.59 -47.20 18.08
CA PHE E 495 8.09 -46.33 19.13
C PHE E 495 8.53 -44.98 18.56
N GLU E 496 9.26 -45.00 17.44
CA GLU E 496 9.74 -43.75 16.85
C GLU E 496 8.61 -42.92 16.25
N ASP E 497 7.44 -43.51 16.04
CA ASP E 497 6.29 -42.78 15.50
C ASP E 497 5.28 -42.39 16.56
N ALA E 498 5.44 -42.85 17.80
CA ALA E 498 4.49 -42.54 18.84
C ALA E 498 4.53 -41.05 19.18
N PRO E 499 3.38 -40.45 19.47
CA PRO E 499 3.37 -39.05 19.91
C PRO E 499 4.13 -38.89 21.23
N VAL E 500 4.88 -37.80 21.33
CA VAL E 500 5.71 -37.58 22.50
C VAL E 500 4.85 -37.44 23.75
N GLU E 501 3.68 -36.82 23.62
CA GLU E 501 2.77 -36.69 24.76
C GLU E 501 2.35 -38.05 25.30
N LEU E 502 2.08 -39.01 24.41
CA LEU E 502 1.69 -40.34 24.86
C LEU E 502 2.82 -41.01 25.64
N LEU E 503 4.05 -40.92 25.13
CA LEU E 503 5.19 -41.53 25.83
C LEU E 503 5.47 -40.84 27.15
N MET E 504 5.25 -39.53 27.22
CA MET E 504 5.48 -38.78 28.44
C MET E 504 4.39 -38.97 29.47
N ARG E 505 3.18 -39.36 29.06
CA ARG E 505 2.04 -39.45 29.95
C ARG E 505 1.71 -40.87 30.38
N GLU E 506 1.86 -41.85 29.51
CA GLU E 506 1.36 -43.20 29.74
C GLU E 506 2.46 -44.09 30.29
N GLN E 507 2.24 -44.62 31.50
CA GLN E 507 3.21 -45.50 32.14
C GLN E 507 3.34 -46.82 31.41
N SER E 508 2.24 -47.33 30.84
CA SER E 508 2.26 -48.63 30.17
C SER E 508 3.17 -48.64 28.95
N CYS E 509 3.52 -47.48 28.40
CA CYS E 509 4.48 -47.43 27.30
C CYS E 509 5.89 -47.80 27.75
N TRP E 510 6.12 -47.92 29.05
CA TRP E 510 7.43 -48.25 29.58
C TRP E 510 7.44 -49.50 30.45
N VAL E 511 6.27 -50.07 30.74
CA VAL E 511 6.19 -51.28 31.52
C VAL E 511 6.75 -52.45 30.73
N MET E 512 7.43 -53.36 31.41
CA MET E 512 7.96 -54.57 30.78
C MET E 512 6.85 -55.59 30.67
N HIS E 513 6.37 -55.84 29.45
CA HIS E 513 5.33 -56.85 29.37
C HIS E 513 5.94 -58.20 29.02
N PRO E 514 5.42 -59.28 29.60
CA PRO E 514 6.00 -60.61 29.32
C PRO E 514 5.91 -61.02 27.86
N GLU E 515 4.96 -60.49 27.10
CA GLU E 515 4.80 -60.85 25.69
C GLU E 515 5.77 -60.11 24.77
N ASP E 516 6.44 -59.07 25.26
CA ASP E 516 7.38 -58.32 24.45
C ASP E 516 8.77 -58.95 24.53
N LYS E 517 9.50 -58.86 23.41
CA LYS E 517 10.84 -59.43 23.31
C LYS E 517 11.96 -58.44 23.58
N TRP E 518 11.66 -57.15 23.65
CA TRP E 518 12.73 -56.16 23.73
C TRP E 518 13.51 -56.28 25.03
N HIS E 519 12.84 -56.45 26.16
CA HIS E 519 13.53 -56.41 27.44
C HIS E 519 14.30 -57.69 27.72
N GLY E 520 13.81 -58.83 27.25
CA GLY E 520 14.55 -60.07 27.38
C GLY E 520 14.53 -60.70 28.74
N PHE E 521 13.68 -60.24 29.66
CA PHE E 521 13.53 -60.86 30.97
C PHE E 521 12.41 -61.87 30.87
N ASN E 522 12.77 -63.11 30.58
CA ASN E 522 11.78 -64.15 30.38
C ASN E 522 11.08 -64.49 31.68
N ASP E 523 9.76 -64.72 31.59
CA ASP E 523 8.94 -65.11 32.73
C ASP E 523 8.79 -64.00 33.75
N ILE E 524 8.98 -62.76 33.33
CA ILE E 524 8.67 -61.64 34.24
C ILE E 524 7.16 -61.46 34.31
N PRO E 525 6.58 -61.27 35.49
CA PRO E 525 5.15 -60.97 35.57
C PRO E 525 4.85 -59.60 34.99
N ASP E 526 3.61 -59.44 34.53
CA ASP E 526 3.19 -58.16 33.98
C ASP E 526 2.95 -57.15 35.10
N ASN E 527 3.21 -55.88 34.78
CA ASN E 527 3.04 -54.78 35.73
C ASN E 527 3.89 -54.97 36.98
N TRP E 528 5.09 -55.54 36.78
CA TRP E 528 6.06 -55.73 37.84
C TRP E 528 7.21 -54.74 37.76
N ALA E 529 7.83 -54.62 36.60
CA ALA E 529 8.95 -53.72 36.38
C ALA E 529 8.60 -52.71 35.30
N MET E 530 9.44 -51.70 35.18
CA MET E 530 9.23 -50.57 34.29
C MET E 530 10.60 -49.99 33.95
N LEU E 531 10.72 -49.46 32.74
CA LEU E 531 11.98 -48.85 32.30
C LEU E 531 11.97 -47.36 32.61
N ASP E 532 13.04 -46.89 33.24
CA ASP E 532 13.22 -45.46 33.47
C ASP E 532 13.66 -44.81 32.16
N PRO E 533 12.89 -43.86 31.62
CA PRO E 533 13.25 -43.29 30.32
C PRO E 533 14.59 -42.59 30.29
N ILE E 534 15.03 -41.99 31.42
CA ILE E 534 16.23 -41.15 31.38
C ILE E 534 17.52 -41.93 31.53
N LYS E 535 17.45 -43.24 31.74
CA LYS E 535 18.64 -44.10 31.71
C LYS E 535 18.63 -44.83 30.38
N VAL E 536 19.25 -44.23 29.37
CA VAL E 536 19.12 -44.68 27.99
C VAL E 536 20.24 -45.67 27.67
N SER E 537 19.87 -46.90 27.40
CA SER E 537 20.78 -47.93 26.93
C SER E 537 20.67 -48.03 25.42
N ILE E 538 21.81 -48.08 24.74
CA ILE E 538 21.84 -48.35 23.32
C ILE E 538 22.52 -49.69 23.11
N LEU E 539 22.07 -50.41 22.10
CA LEU E 539 22.53 -51.77 21.81
C LEU E 539 23.32 -51.77 20.52
N ALA E 540 24.54 -52.26 20.59
CA ALA E 540 25.30 -52.52 19.38
C ALA E 540 24.85 -53.84 18.76
N PRO E 541 24.91 -53.96 17.45
CA PRO E 541 24.46 -55.20 16.79
C PRO E 541 25.39 -56.36 17.10
N GLY E 542 24.82 -57.56 17.09
CA GLY E 542 25.61 -58.76 17.30
C GLY E 542 24.93 -59.83 18.12
N MET E 543 23.93 -59.46 18.90
CA MET E 543 23.23 -60.38 19.78
C MET E 543 21.87 -60.72 19.19
N GLY E 544 21.62 -62.01 19.00
CA GLY E 544 20.33 -62.44 18.51
C GLY E 544 19.26 -62.43 19.58
N ASP E 545 18.01 -62.38 19.13
CA ASP E 545 16.88 -62.36 20.06
C ASP E 545 16.76 -63.64 20.85
N ASP E 546 17.28 -64.75 20.32
CA ASP E 546 17.23 -66.03 21.01
C ASP E 546 18.23 -66.14 22.15
N GLY E 547 19.26 -65.29 22.18
CA GLY E 547 20.29 -65.33 23.19
C GLY E 547 21.66 -65.71 22.66
N LYS E 548 21.78 -66.03 21.39
CA LYS E 548 23.05 -66.40 20.79
C LYS E 548 23.50 -65.34 19.81
N LEU E 549 24.81 -65.27 19.62
CA LEU E 549 25.39 -64.24 18.77
C LEU E 549 25.01 -64.45 17.31
N LEU E 550 25.01 -63.36 16.55
CA LEU E 550 24.76 -63.42 15.13
C LEU E 550 26.08 -63.67 14.39
N ASP E 551 26.02 -63.71 13.06
CA ASP E 551 27.21 -63.98 12.27
C ASP E 551 28.19 -62.81 12.32
N THR E 552 27.69 -61.60 12.49
CA THR E 552 28.51 -60.41 12.54
C THR E 552 27.96 -59.46 13.60
N GLY E 553 28.80 -58.52 14.02
CA GLY E 553 28.37 -57.55 15.02
C GLY E 553 29.49 -56.59 15.32
N VAL E 554 29.17 -55.60 16.15
CA VAL E 554 30.10 -54.58 16.60
C VAL E 554 30.16 -54.64 18.12
N PRO E 555 31.26 -55.07 18.72
CA PRO E 555 31.34 -55.12 20.18
C PRO E 555 31.31 -53.73 20.79
N ALA E 556 30.70 -53.64 21.97
CA ALA E 556 30.53 -52.34 22.62
C ALA E 556 31.82 -51.78 23.20
N ALA E 557 32.84 -52.61 23.41
CA ALA E 557 34.10 -52.10 23.93
C ALA E 557 34.75 -51.11 22.97
N LEU E 558 34.69 -51.39 21.68
CA LEU E 558 35.26 -50.50 20.68
C LEU E 558 34.47 -49.19 20.59
N VAL E 559 33.15 -49.28 20.65
CA VAL E 559 32.33 -48.07 20.66
C VAL E 559 32.62 -47.24 21.92
N THR E 560 32.84 -47.92 23.04
CA THR E 560 33.18 -47.22 24.27
C THR E 560 34.51 -46.52 24.15
N ALA E 561 35.50 -47.16 23.51
CA ALA E 561 36.77 -46.49 23.27
C ALA E 561 36.59 -45.26 22.40
N TRP E 562 35.76 -45.37 21.37
CA TRP E 562 35.47 -44.20 20.52
C TRP E 562 34.85 -43.07 21.33
N LEU E 563 33.83 -43.39 22.14
CA LEU E 563 33.16 -42.37 22.92
C LEU E 563 34.11 -41.73 23.93
N ASN E 564 34.95 -42.53 24.59
CA ASN E 564 35.95 -41.99 25.49
C ASN E 564 36.89 -41.06 24.75
N HIS E 565 37.31 -41.44 23.54
CA HIS E 565 38.14 -40.57 22.73
C HIS E 565 37.46 -39.23 22.47
N TYR E 566 36.14 -39.23 22.35
CA TYR E 566 35.43 -37.98 22.16
C TYR E 566 34.91 -37.38 23.47
N GLY E 567 35.30 -37.93 24.61
CA GLY E 567 34.99 -37.36 25.90
C GLY E 567 33.76 -37.92 26.56
N ILE E 568 32.90 -38.61 25.81
CA ILE E 568 31.70 -39.20 26.39
C ILE E 568 32.10 -40.45 27.16
N VAL E 569 31.72 -40.52 28.42
CA VAL E 569 32.04 -41.66 29.27
C VAL E 569 30.73 -42.31 29.71
N PRO E 570 30.41 -43.49 29.21
CA PRO E 570 29.16 -44.16 29.61
C PRO E 570 29.20 -44.62 31.07
N THR E 571 28.01 -44.73 31.64
CA THR E 571 27.86 -45.18 33.03
C THR E 571 28.02 -46.69 33.15
N ARG E 572 27.38 -47.45 32.27
CA ARG E 572 27.46 -48.91 32.29
C ARG E 572 27.78 -49.41 30.89
N THR E 573 28.34 -50.61 30.83
CA THR E 573 28.72 -51.21 29.56
C THR E 573 28.80 -52.72 29.71
N THR E 574 28.21 -53.44 28.76
CA THR E 574 28.36 -54.88 28.61
C THR E 574 28.92 -55.15 27.21
N ASP E 575 28.89 -56.43 26.81
CA ASP E 575 29.41 -56.81 25.50
C ASP E 575 28.71 -56.04 24.38
N PHE E 576 27.37 -56.00 24.40
CA PHE E 576 26.60 -55.16 23.47
C PHE E 576 25.58 -54.39 24.29
N GLN E 577 26.01 -53.32 24.96
CA GLN E 577 25.13 -52.40 25.64
C GLN E 577 25.92 -51.22 26.15
N ILE E 578 25.46 -50.00 25.89
CA ILE E 578 26.08 -48.79 26.39
C ILE E 578 25.00 -47.92 26.98
N MET E 579 25.19 -47.51 28.23
CA MET E 579 24.21 -46.75 28.99
C MET E 579 24.63 -45.29 29.08
N PHE E 580 23.70 -44.39 28.76
CA PHE E 580 23.91 -42.96 28.86
C PHE E 580 22.95 -42.37 29.88
N LEU E 581 23.44 -41.45 30.69
CA LEU E 581 22.64 -40.79 31.71
C LEU E 581 22.12 -39.46 31.20
N PHE E 582 20.82 -39.26 31.29
CA PHE E 582 20.20 -37.96 31.09
C PHE E 582 19.84 -37.41 32.46
N SER E 583 20.43 -36.27 32.82
CA SER E 583 20.23 -35.69 34.14
C SER E 583 19.58 -34.31 34.00
N MET E 584 19.23 -33.74 35.15
CA MET E 584 18.64 -32.41 35.16
C MET E 584 19.65 -31.32 34.83
N GLY E 585 20.94 -31.66 34.76
CA GLY E 585 21.96 -30.75 34.28
C GLY E 585 22.20 -30.75 32.79
N ILE E 586 21.49 -31.59 32.05
CA ILE E 586 21.62 -31.58 30.59
C ILE E 586 20.90 -30.38 30.01
N THR E 587 21.36 -29.93 28.86
CA THR E 587 20.71 -28.86 28.13
C THR E 587 19.98 -29.43 26.91
N LYS E 588 19.00 -28.68 26.43
CA LYS E 588 18.13 -29.17 25.37
C LYS E 588 18.87 -29.34 24.06
N GLY E 589 18.60 -30.45 23.37
CA GLY E 589 19.25 -30.74 22.11
C GLY E 589 20.66 -31.26 22.21
N LYS E 590 21.15 -31.55 23.42
CA LYS E 590 22.52 -32.02 23.60
C LYS E 590 22.74 -33.40 23.00
N TRP E 591 21.69 -34.23 22.93
CA TRP E 591 21.81 -35.58 22.40
C TRP E 591 22.16 -35.62 20.92
N GLY E 592 22.06 -34.49 20.22
CA GLY E 592 22.52 -34.42 18.85
C GLY E 592 24.01 -34.73 18.72
N THR E 593 24.80 -34.31 19.72
CA THR E 593 26.21 -34.68 19.73
C THR E 593 26.40 -36.18 19.82
N LEU E 594 25.60 -36.84 20.66
CA LEU E 594 25.69 -38.29 20.79
C LEU E 594 25.36 -38.97 19.47
N VAL E 595 24.29 -38.52 18.81
CA VAL E 595 23.90 -39.10 17.53
C VAL E 595 25.00 -38.88 16.49
N ASN E 596 25.55 -37.66 16.45
CA ASN E 596 26.62 -37.36 15.51
C ASN E 596 27.84 -38.24 15.75
N THR E 597 28.21 -38.44 17.01
CA THR E 597 29.35 -39.28 17.33
C THR E 597 29.11 -40.72 16.89
N LEU E 598 27.90 -41.25 17.13
CA LEU E 598 27.62 -42.61 16.71
C LEU E 598 27.65 -42.74 15.19
N LEU E 599 27.13 -41.74 14.47
CA LEU E 599 27.16 -41.79 13.01
C LEU E 599 28.59 -41.73 12.48
N SER E 600 29.43 -40.87 13.07
CA SER E 600 30.82 -40.81 12.63
C SER E 600 31.56 -42.11 12.94
N PHE E 601 31.26 -42.73 14.07
CA PHE E 601 31.83 -44.06 14.33
C PHE E 601 31.41 -45.05 13.26
N LYS E 602 30.14 -45.03 12.88
CA LYS E 602 29.69 -45.97 11.84
C LYS E 602 30.40 -45.70 10.52
N ARG E 603 30.60 -44.43 10.18
CA ARG E 603 31.32 -44.10 8.95
C ARG E 603 32.74 -44.65 8.99
N HIS E 604 33.47 -44.38 10.06
CA HIS E 604 34.85 -44.85 10.15
C HIS E 604 34.92 -46.37 10.24
N TYR E 605 33.89 -47.01 10.79
CA TYR E 605 33.87 -48.46 10.88
C TYR E 605 33.63 -49.08 9.51
N ASP E 606 32.71 -48.52 8.74
CA ASP E 606 32.47 -48.99 7.38
C ASP E 606 33.68 -48.74 6.49
N ASN E 607 34.41 -47.66 6.72
CA ASN E 607 35.58 -47.36 5.91
C ASN E 607 36.84 -48.07 6.39
N ASN E 608 36.78 -48.78 7.51
CA ASN E 608 37.94 -49.47 8.09
C ASN E 608 39.12 -48.52 8.26
N THR E 609 38.86 -47.37 8.85
CA THR E 609 39.91 -46.38 9.07
C THR E 609 40.94 -46.93 10.04
N ALA E 610 42.21 -46.67 9.74
CA ALA E 610 43.30 -47.18 10.57
C ALA E 610 43.22 -46.61 11.97
N LEU E 611 43.46 -47.47 12.96
CA LEU E 611 43.36 -47.05 14.35
C LEU E 611 44.32 -45.94 14.71
N LYS E 612 45.45 -45.82 13.99
CA LYS E 612 46.37 -44.73 14.28
C LYS E 612 45.73 -43.37 14.02
N LYS E 613 44.93 -43.26 12.97
CA LYS E 613 44.30 -41.97 12.65
C LYS E 613 43.19 -41.63 13.63
N VAL E 614 42.35 -42.59 13.98
CA VAL E 614 41.14 -42.33 14.74
C VAL E 614 41.35 -42.53 16.23
N LEU E 615 42.04 -43.60 16.63
CA LEU E 615 42.17 -43.96 18.04
C LEU E 615 43.64 -44.17 18.39
N PRO E 616 44.44 -43.11 18.41
CA PRO E 616 45.86 -43.27 18.76
C PRO E 616 46.10 -43.83 20.14
N GLU E 617 45.22 -43.53 21.10
CA GLU E 617 45.41 -44.05 22.46
C GLU E 617 45.26 -45.56 22.50
N VAL E 618 44.38 -46.13 21.67
CA VAL E 618 44.27 -47.58 21.59
C VAL E 618 45.56 -48.17 21.03
N VAL E 619 46.12 -47.54 20.01
CA VAL E 619 47.37 -48.03 19.42
C VAL E 619 48.49 -47.98 20.44
N ALA E 620 48.52 -46.92 21.25
CA ALA E 620 49.59 -46.73 22.23
C ALA E 620 49.65 -47.83 23.28
N SER E 621 48.60 -48.65 23.42
CA SER E 621 48.66 -49.76 24.35
C SER E 621 49.56 -50.87 23.81
N ALA E 622 49.21 -51.41 22.65
CA ALA E 622 49.98 -52.50 22.02
C ALA E 622 50.27 -52.10 20.58
N PRO E 623 51.27 -51.25 20.35
CA PRO E 623 51.56 -50.79 18.99
C PRO E 623 51.92 -51.90 18.03
N GLU E 624 52.43 -53.03 18.53
CA GLU E 624 52.75 -54.15 17.66
C GLU E 624 51.51 -54.89 17.18
N ILE E 625 50.42 -54.84 17.94
CA ILE E 625 49.18 -55.52 17.58
C ILE E 625 48.25 -54.60 16.80
N TYR E 626 47.94 -53.44 17.36
CA TYR E 626 46.97 -52.53 16.77
C TYR E 626 47.55 -51.66 15.67
N GLY E 627 48.87 -51.59 15.55
CA GLY E 627 49.45 -50.91 14.40
C GLY E 627 49.11 -51.63 13.12
N GLU E 628 48.95 -50.85 12.04
CA GLU E 628 48.59 -51.36 10.73
C GLU E 628 47.27 -52.11 10.74
N MET E 629 46.36 -51.75 11.64
CA MET E 629 45.07 -52.40 11.78
C MET E 629 43.97 -51.35 11.70
N GLY E 630 42.85 -51.72 11.07
CA GLY E 630 41.73 -50.81 10.93
C GLY E 630 40.69 -50.99 12.01
N LEU E 631 39.73 -50.05 12.03
CA LEU E 631 38.65 -50.09 13.02
C LEU E 631 37.82 -51.37 12.86
N ARG E 632 37.42 -51.68 11.63
CA ARG E 632 36.61 -52.87 11.41
C ARG E 632 37.42 -54.15 11.62
N ASP E 633 38.71 -54.12 11.34
CA ASP E 633 39.55 -55.28 11.62
C ASP E 633 39.51 -55.62 13.11
N LEU E 634 39.73 -54.61 13.96
CA LEU E 634 39.67 -54.82 15.40
C LEU E 634 38.27 -55.25 15.84
N GLY E 635 37.23 -54.64 15.27
CA GLY E 635 35.88 -55.01 15.64
C GLY E 635 35.56 -56.45 15.31
N ASP E 636 35.92 -56.90 14.11
CA ASP E 636 35.71 -58.29 13.72
C ASP E 636 36.57 -59.24 14.53
N LYS E 637 37.79 -58.85 14.88
CA LYS E 637 38.60 -59.67 15.77
C LYS E 637 37.91 -59.88 17.11
N MET E 638 37.43 -58.78 17.71
CA MET E 638 36.72 -58.88 18.98
C MET E 638 35.46 -59.73 18.86
N PHE E 639 34.72 -59.56 17.77
CA PHE E 639 33.48 -60.31 17.62
C PHE E 639 33.77 -61.79 17.41
N ALA E 640 34.82 -62.12 16.66
CA ALA E 640 35.22 -63.52 16.51
C ALA E 640 35.62 -64.12 17.84
N TYR E 641 36.35 -63.36 18.65
CA TYR E 641 36.70 -63.83 19.99
C TYR E 641 35.45 -64.08 20.83
N LEU E 642 34.49 -63.16 20.79
CA LEU E 642 33.26 -63.34 21.56
C LEU E 642 32.48 -64.56 21.07
N GLN E 643 32.42 -64.75 19.75
CA GLN E 643 31.72 -65.91 19.19
C GLN E 643 32.38 -67.20 19.65
N LYS E 644 33.70 -67.26 19.63
CA LYS E 644 34.40 -68.47 20.04
C LYS E 644 34.21 -68.76 21.52
N ASN E 645 34.39 -67.75 22.36
CA ASN E 645 34.43 -67.98 23.80
C ASN E 645 33.07 -67.90 24.47
N ASN E 646 32.15 -67.10 23.93
CA ASN E 646 30.80 -66.92 24.47
C ASN E 646 30.83 -66.58 25.95
N PRO E 647 31.38 -65.42 26.34
CA PRO E 647 31.41 -65.06 27.77
C PRO E 647 30.04 -64.79 28.37
N GLY E 648 29.01 -64.55 27.55
CA GLY E 648 27.68 -64.34 28.11
C GLY E 648 27.14 -65.57 28.81
N ALA E 649 27.40 -66.74 28.24
CA ALA E 649 27.04 -67.98 28.92
C ALA E 649 27.82 -68.14 30.22
N ARG E 650 29.08 -67.74 30.23
CA ARG E 650 29.87 -67.79 31.46
C ARG E 650 29.26 -66.89 32.53
N LEU E 651 28.85 -65.68 32.15
CA LEU E 651 28.19 -64.78 33.09
C LEU E 651 26.89 -65.38 33.62
N ASN E 652 26.11 -65.97 32.73
CA ASN E 652 24.85 -66.58 33.15
C ASN E 652 25.09 -67.72 34.12
N GLN E 653 26.09 -68.56 33.85
CA GLN E 653 26.41 -69.65 34.76
C GLN E 653 26.89 -69.13 36.11
N ALA E 654 27.75 -68.10 36.09
CA ALA E 654 28.30 -67.59 37.34
C ALA E 654 27.23 -66.92 38.19
N TYR E 655 26.23 -66.28 37.58
CA TYR E 655 25.27 -65.52 38.37
C TYR E 655 23.95 -66.24 38.60
N SER E 656 23.68 -67.32 37.87
CA SER E 656 22.49 -68.11 38.16
C SER E 656 22.66 -68.98 39.39
N GLN E 657 23.88 -69.44 39.66
CA GLN E 657 24.18 -70.27 40.82
C GLN E 657 24.90 -69.43 41.87
N LEU E 658 24.41 -69.49 43.10
CA LEU E 658 25.06 -68.74 44.16
C LEU E 658 26.25 -69.54 44.70
N PRO E 659 27.32 -68.85 45.09
CA PRO E 659 28.46 -69.54 45.71
C PRO E 659 28.09 -70.11 47.07
N GLN E 660 28.83 -71.13 47.47
CA GLN E 660 28.65 -71.72 48.78
C GLN E 660 29.11 -70.75 49.86
N VAL E 661 28.29 -70.58 50.90
CA VAL E 661 28.59 -69.66 51.99
C VAL E 661 29.29 -70.42 53.09
N MET E 662 30.45 -69.92 53.52
CA MET E 662 31.22 -70.54 54.59
C MET E 662 31.13 -69.77 55.91
N MET E 663 31.08 -68.45 55.85
CA MET E 663 30.96 -67.64 57.05
C MET E 663 30.32 -66.31 56.68
N THR E 664 29.91 -65.57 57.70
CA THR E 664 29.34 -64.25 57.49
C THR E 664 30.41 -63.30 56.96
N PRO E 665 29.99 -62.22 56.29
CA PRO E 665 30.98 -61.22 55.84
C PRO E 665 31.81 -60.64 56.97
N ARG E 666 31.23 -60.47 58.17
CA ARG E 666 31.99 -59.96 59.29
C ARG E 666 33.12 -60.93 59.68
N ASP E 667 32.84 -62.23 59.68
CA ASP E 667 33.87 -63.20 60.00
C ASP E 667 35.00 -63.17 58.97
N ALA E 668 34.64 -63.07 57.69
CA ALA E 668 35.65 -62.99 56.65
C ALA E 668 36.51 -61.75 56.81
N TYR E 669 35.90 -60.60 57.12
CA TYR E 669 36.69 -59.40 57.33
C TYR E 669 37.57 -59.49 58.56
N GLN E 670 37.07 -60.10 59.63
CA GLN E 670 37.89 -60.28 60.82
C GLN E 670 39.05 -61.23 60.58
N GLN E 671 38.94 -62.12 59.59
CA GLN E 671 40.12 -62.84 59.13
C GLN E 671 41.16 -61.88 58.56
N ILE E 672 40.73 -60.86 57.82
CA ILE E 672 41.66 -59.85 57.33
C ILE E 672 42.32 -59.13 58.50
N VAL E 673 41.53 -58.76 59.50
CA VAL E 673 42.08 -58.04 60.64
C VAL E 673 43.10 -58.90 61.38
N ALA E 674 42.84 -60.20 61.50
CA ALA E 674 43.75 -61.11 62.17
C ALA E 674 44.93 -61.52 61.30
N ASN E 675 45.06 -60.93 60.12
CA ASN E 675 46.17 -61.21 59.19
C ASN E 675 46.17 -62.67 58.73
N ARG E 676 45.02 -63.32 58.76
CA ARG E 676 44.87 -64.68 58.26
C ARG E 676 44.37 -64.68 56.81
N VAL E 677 45.02 -63.94 55.92
CA VAL E 677 44.63 -63.86 54.53
C VAL E 677 45.88 -63.84 53.66
N GLU E 678 45.69 -64.16 52.38
CA GLU E 678 46.79 -64.20 51.43
C GLU E 678 46.25 -63.93 50.04
N ALA E 679 47.14 -63.47 49.16
CA ALA E 679 46.81 -63.24 47.75
C ALA E 679 46.97 -64.54 46.98
N VAL E 680 45.90 -64.96 46.32
CA VAL E 680 45.83 -66.25 45.63
C VAL E 680 45.55 -65.98 44.17
N PRO E 681 46.31 -66.57 43.24
CA PRO E 681 46.00 -66.42 41.81
C PRO E 681 44.72 -67.14 41.45
N VAL E 682 44.15 -66.75 40.30
CA VAL E 682 42.86 -67.28 39.87
C VAL E 682 42.93 -68.79 39.67
N ASP E 683 44.03 -69.29 39.09
CA ASP E 683 44.14 -70.71 38.83
C ASP E 683 44.26 -71.55 40.09
N GLN E 684 44.47 -70.93 41.25
CA GLN E 684 44.57 -71.66 42.51
C GLN E 684 43.41 -71.35 43.45
N LEU E 685 42.30 -70.84 42.92
CA LEU E 685 41.18 -70.39 43.75
C LEU E 685 40.28 -71.52 44.21
N MET E 686 40.47 -72.74 43.73
CA MET E 686 39.55 -73.83 44.03
C MET E 686 39.53 -74.12 45.52
N GLY E 687 38.34 -74.08 46.12
CA GLY E 687 38.17 -74.36 47.53
C GLY E 687 38.45 -73.20 48.45
N ARG E 688 38.90 -72.06 47.94
CA ARG E 688 39.29 -70.94 48.77
C ARG E 688 38.10 -70.05 49.10
N VAL E 689 38.17 -69.40 50.26
CA VAL E 689 37.13 -68.49 50.73
C VAL E 689 37.62 -67.06 50.48
N ALA E 690 36.83 -66.29 49.74
CA ALA E 690 37.20 -64.92 49.44
C ALA E 690 37.15 -64.06 50.70
N ALA E 691 38.19 -63.25 50.89
CA ALA E 691 38.22 -62.36 52.05
C ALA E 691 37.41 -61.09 51.82
N ASN E 692 37.26 -60.67 50.57
CA ASN E 692 36.45 -59.51 50.23
C ASN E 692 35.56 -59.86 49.05
N SER E 693 34.74 -58.91 48.63
CA SER E 693 33.78 -59.14 47.56
C SER E 693 34.46 -59.03 46.19
N ILE E 694 33.97 -59.83 45.25
CA ILE E 694 34.44 -59.82 43.87
C ILE E 694 33.31 -59.28 43.02
N ILE E 695 33.53 -58.13 42.40
CA ILE E 695 32.53 -57.47 41.57
C ILE E 695 33.11 -57.29 40.17
N PRO E 696 32.80 -58.20 39.25
CA PRO E 696 33.23 -58.02 37.86
C PRO E 696 32.36 -57.04 37.11
N TYR E 697 32.97 -56.34 36.16
CA TYR E 697 32.26 -55.44 35.26
C TYR E 697 32.47 -55.91 33.84
N PRO E 698 31.46 -56.46 33.15
CA PRO E 698 30.07 -56.68 33.58
C PRO E 698 29.93 -57.88 34.52
N PRO E 699 28.79 -58.03 35.20
CA PRO E 699 27.58 -57.20 35.17
C PRO E 699 27.55 -56.07 36.20
N GLY E 700 28.64 -55.86 36.92
CA GLY E 700 28.71 -54.76 37.86
C GLY E 700 28.06 -55.00 39.20
N ILE E 701 27.62 -56.22 39.48
CA ILE E 701 27.07 -56.57 40.79
C ILE E 701 27.91 -57.71 41.34
N PRO E 702 28.00 -57.89 42.65
CA PRO E 702 28.98 -58.84 43.21
C PRO E 702 28.68 -60.27 42.80
N MET E 703 29.71 -60.97 42.32
CA MET E 703 29.58 -62.39 42.04
C MET E 703 29.85 -63.21 43.30
N LEU E 704 30.79 -62.76 44.13
CA LEU E 704 31.07 -63.36 45.42
C LEU E 704 31.09 -62.28 46.48
N LEU E 705 30.51 -62.57 47.63
CA LEU E 705 30.65 -61.72 48.81
C LEU E 705 31.72 -62.31 49.73
N SER E 706 32.10 -61.51 50.72
CA SER E 706 33.10 -61.97 51.70
C SER E 706 32.56 -63.18 52.47
N GLY E 707 33.40 -64.18 52.62
CA GLY E 707 33.01 -65.39 53.31
C GLY E 707 32.33 -66.44 52.45
N GLU E 708 32.43 -66.33 51.13
CA GLU E 708 31.82 -67.28 50.22
C GLU E 708 32.90 -68.08 49.51
N ASN E 709 32.63 -69.37 49.33
CA ASN E 709 33.58 -70.27 48.69
C ASN E 709 33.61 -70.03 47.19
N PHE E 710 34.80 -70.17 46.60
CA PHE E 710 34.93 -70.02 45.15
C PHE E 710 34.41 -71.24 44.40
N GLY E 711 34.50 -72.41 45.00
CA GLY E 711 33.98 -73.63 44.40
C GLY E 711 35.10 -74.53 43.91
N ASP E 712 34.67 -75.68 43.36
CA ASP E 712 35.59 -76.70 42.87
C ASP E 712 36.12 -76.36 41.48
N GLU E 713 36.70 -77.34 40.80
CA GLU E 713 37.33 -77.11 39.50
C GLU E 713 36.32 -76.60 38.48
N ASN E 714 35.11 -77.14 38.49
CA ASN E 714 34.09 -76.78 37.50
C ASN E 714 33.22 -75.62 37.95
N SER E 715 33.68 -74.83 38.93
CA SER E 715 32.87 -73.73 39.43
C SER E 715 32.71 -72.67 38.35
N PRO E 716 31.49 -72.19 38.08
CA PRO E 716 31.31 -71.14 37.08
C PRO E 716 31.95 -69.82 37.46
N HIS E 717 32.18 -69.56 38.75
CA HIS E 717 32.73 -68.27 39.16
C HIS E 717 34.20 -68.14 38.79
N ILE E 718 34.99 -69.19 39.08
CA ILE E 718 36.38 -69.20 38.64
C ILE E 718 36.44 -69.17 37.12
N HIS E 719 35.52 -69.84 36.45
CA HIS E 719 35.48 -69.84 35.00
C HIS E 719 35.24 -68.43 34.45
N TYR E 720 34.32 -67.69 35.06
CA TYR E 720 34.06 -66.33 34.61
C TYR E 720 35.25 -65.42 34.87
N LEU E 721 35.91 -65.58 36.02
CA LEU E 721 37.12 -64.80 36.28
C LEU E 721 38.20 -65.11 35.25
N ARG E 722 38.35 -66.38 34.90
CA ARG E 722 39.31 -66.78 33.88
C ARG E 722 38.94 -66.17 32.52
N SER E 723 37.66 -66.14 32.19
CA SER E 723 37.23 -65.55 30.92
C SER E 723 37.59 -64.07 30.86
N LEU E 724 37.34 -63.34 31.95
CA LEU E 724 37.69 -61.92 31.98
C LEU E 724 39.20 -61.74 31.86
N GLN E 725 39.98 -62.59 32.54
CA GLN E 725 41.43 -62.50 32.45
C GLN E 725 41.92 -62.77 31.03
N ALA E 726 41.32 -63.76 30.37
CA ALA E 726 41.70 -64.08 28.99
C ALA E 726 41.37 -62.93 28.05
N TRP E 727 40.20 -62.32 28.23
CA TRP E 727 39.88 -61.14 27.41
C TRP E 727 40.89 -60.03 27.63
N ASP E 728 41.26 -59.78 28.89
CA ASP E 728 42.24 -58.73 29.16
C ASP E 728 43.57 -59.04 28.49
N SER E 729 43.98 -60.30 28.53
CA SER E 729 45.25 -60.67 27.89
C SER E 729 45.18 -60.51 26.38
N GLU E 730 44.04 -60.86 25.77
CA GLU E 730 43.95 -60.83 24.32
C GLU E 730 43.81 -59.41 23.77
N PHE E 731 43.19 -58.50 24.51
CA PHE E 731 42.90 -57.15 24.02
C PHE E 731 43.41 -56.10 24.99
N PRO E 732 44.70 -55.76 24.92
CA PRO E 732 45.21 -54.66 25.75
C PRO E 732 44.52 -53.35 25.41
N GLY E 733 44.30 -52.54 26.45
CA GLY E 733 43.58 -51.30 26.31
C GLY E 733 42.08 -51.42 26.39
N PHE E 734 41.54 -52.63 26.48
CA PHE E 734 40.11 -52.89 26.61
C PHE E 734 39.84 -53.80 27.80
N GLU E 735 40.62 -53.62 28.86
CA GLU E 735 40.59 -54.54 29.98
C GLU E 735 39.36 -54.30 30.86
N HIS E 736 38.76 -55.39 31.31
CA HIS E 736 37.62 -55.31 32.22
C HIS E 736 38.07 -54.84 33.61
N GLU E 737 37.16 -54.19 34.30
CA GLU E 737 37.37 -53.83 35.70
C GLU E 737 36.72 -54.88 36.59
N THR E 738 37.43 -55.26 37.65
CA THR E 738 36.92 -56.24 38.61
C THR E 738 37.32 -55.77 40.02
N GLU E 739 36.37 -55.20 40.74
CA GLU E 739 36.63 -54.82 42.12
C GLU E 739 36.85 -56.04 42.99
N GLY E 740 37.81 -55.95 43.89
CA GLY E 740 38.16 -57.04 44.76
C GLY E 740 39.31 -57.89 44.31
N THR E 741 40.01 -57.50 43.25
CA THR E 741 41.15 -58.25 42.74
C THR E 741 42.36 -57.33 42.63
N GLU E 742 43.54 -57.94 42.65
CA GLU E 742 44.80 -57.25 42.39
C GLU E 742 45.37 -57.79 41.10
N ILE E 743 45.80 -56.89 40.21
CA ILE E 743 46.30 -57.25 38.90
C ILE E 743 47.81 -57.02 38.92
N ILE E 744 48.57 -58.09 39.10
CA ILE E 744 50.03 -58.05 39.08
C ILE E 744 50.50 -58.68 37.78
N ASP E 745 51.37 -57.97 37.06
CA ASP E 745 51.84 -58.35 35.73
C ASP E 745 50.72 -58.88 34.85
N GLY E 746 49.56 -58.21 34.90
CA GLY E 746 48.42 -58.62 34.10
C GLY E 746 47.69 -59.84 34.60
N GLN E 747 48.02 -60.34 35.78
CA GLN E 747 47.43 -61.56 36.32
C GLN E 747 46.59 -61.21 37.54
N TYR E 748 45.46 -61.90 37.69
CA TYR E 748 44.51 -61.59 38.75
C TYR E 748 44.91 -62.26 40.05
N TYR E 749 44.86 -61.51 41.14
CA TYR E 749 45.08 -62.04 42.48
C TYR E 749 43.88 -61.69 43.35
N VAL E 750 43.47 -62.63 44.19
CA VAL E 750 42.32 -62.46 45.07
C VAL E 750 42.76 -62.75 46.50
N MET E 751 42.39 -61.87 47.42
CA MET E 751 42.69 -62.07 48.83
C MET E 751 41.75 -63.13 49.40
N CYS E 752 42.33 -64.18 49.96
CA CYS E 752 41.56 -65.32 50.43
C CYS E 752 41.95 -65.68 51.86
N VAL E 753 41.00 -66.25 52.59
CA VAL E 753 41.25 -66.67 53.96
C VAL E 753 42.22 -67.84 53.96
N LYS E 754 43.26 -67.74 54.79
CA LYS E 754 44.18 -68.86 54.96
C LYS E 754 43.46 -70.05 55.58
N THR E 755 43.66 -71.23 55.00
CA THR E 755 42.97 -72.42 55.46
C THR E 755 43.50 -72.87 56.83
N MET F 1 51.21 -11.15 37.85
CA MET F 1 52.65 -11.07 37.98
C MET F 1 53.08 -9.74 38.57
N ARG F 2 53.77 -9.79 39.70
CA ARG F 2 54.24 -8.59 40.39
C ARG F 2 55.73 -8.71 40.67
N ALA F 3 56.48 -7.70 40.26
CA ALA F 3 57.90 -7.62 40.53
C ALA F 3 58.16 -6.51 41.55
N LEU F 4 58.98 -6.80 42.54
CA LEU F 4 59.38 -5.85 43.56
C LEU F 4 60.80 -5.38 43.29
N ILE F 5 60.99 -4.08 43.21
CA ILE F 5 62.30 -3.48 42.97
C ILE F 5 62.70 -2.69 44.20
N VAL F 6 63.81 -3.08 44.83
CA VAL F 6 64.31 -2.44 46.03
C VAL F 6 65.76 -2.04 45.77
N TYR F 7 66.00 -0.77 45.52
CA TYR F 7 67.34 -0.25 45.35
C TYR F 7 67.49 1.03 46.14
N THR F 8 68.67 1.25 46.71
CA THR F 8 68.88 2.40 47.60
C THR F 8 69.78 3.46 46.96
N GLU F 9 71.04 3.13 46.67
CA GLU F 9 71.98 4.08 46.07
C GLU F 9 73.02 3.26 45.32
N LEU F 10 72.84 3.11 44.01
CA LEU F 10 73.79 2.33 43.23
C LEU F 10 74.90 3.18 42.63
N THR F 11 74.60 4.41 42.26
CA THR F 11 75.57 5.34 41.70
C THR F 11 75.75 6.54 42.61
N ASP F 12 76.92 7.17 42.51
CA ASP F 12 77.18 8.38 43.28
C ASP F 12 76.18 9.48 42.99
N LYS F 13 75.62 9.51 41.78
CA LYS F 13 74.55 10.43 41.42
C LYS F 13 73.29 9.62 41.17
N ASP F 14 72.22 9.98 41.89
CA ASP F 14 71.03 9.15 41.94
C ASP F 14 70.35 9.02 40.58
N SER F 15 70.48 10.03 39.72
CA SER F 15 69.65 10.08 38.52
C SER F 15 69.96 8.94 37.55
N VAL F 16 71.20 8.44 37.53
CA VAL F 16 71.56 7.39 36.59
C VAL F 16 70.80 6.11 36.90
N ILE F 17 70.91 5.63 38.13
CA ILE F 17 70.24 4.40 38.52
C ILE F 17 68.73 4.58 38.50
N SER F 18 68.25 5.76 38.87
CA SER F 18 66.81 6.01 38.84
C SER F 18 66.27 5.94 37.42
N HIS F 19 66.96 6.53 36.45
CA HIS F 19 66.50 6.47 35.07
C HIS F 19 66.58 5.05 34.52
N ALA F 20 67.64 4.32 34.86
CA ALA F 20 67.73 2.93 34.40
C ALA F 20 66.60 2.09 34.98
N VAL F 21 66.30 2.27 36.26
CA VAL F 21 65.22 1.52 36.90
C VAL F 21 63.87 1.93 36.31
N ALA F 22 63.69 3.21 35.99
CA ALA F 22 62.46 3.65 35.35
C ALA F 22 62.27 2.99 33.99
N ARG F 23 63.34 2.92 33.19
CA ARG F 23 63.24 2.24 31.91
C ARG F 23 62.90 0.76 32.08
N LEU F 24 63.53 0.11 33.05
CA LEU F 24 63.24 -1.31 33.30
C LEU F 24 61.79 -1.50 33.75
N ALA F 25 61.29 -0.61 34.61
CA ALA F 25 59.91 -0.71 35.07
C ALA F 25 58.93 -0.51 33.93
N SER F 26 59.22 0.43 33.02
CA SER F 26 58.37 0.62 31.87
C SER F 26 58.35 -0.63 30.99
N GLU F 27 59.51 -1.22 30.75
CA GLU F 27 59.56 -2.44 29.95
C GLU F 27 58.85 -3.60 30.63
N LEU F 28 58.91 -3.68 31.96
CA LEU F 28 58.20 -4.73 32.68
C LEU F 28 56.70 -4.52 32.62
N ASN F 29 56.24 -3.27 32.72
CA ASN F 29 54.82 -3.00 32.61
C ASN F 29 54.30 -3.28 31.22
N ASP F 30 55.12 -3.07 30.18
CA ASP F 30 54.70 -3.39 28.83
C ASP F 30 54.51 -4.89 28.61
N GLU F 31 55.10 -5.74 29.44
CA GLU F 31 54.85 -7.17 29.38
C GLU F 31 53.92 -7.64 30.50
N HIS F 32 53.10 -6.73 31.05
CA HIS F 32 52.07 -7.05 32.04
C HIS F 32 52.65 -7.60 33.33
N VAL F 33 53.81 -7.11 33.74
CA VAL F 33 54.34 -7.36 35.07
C VAL F 33 54.20 -6.07 35.86
N GLU F 34 53.37 -6.10 36.90
CA GLU F 34 53.25 -4.94 37.77
C GLU F 34 54.51 -4.76 38.59
N THR F 35 54.92 -3.51 38.79
CA THR F 35 56.17 -3.20 39.48
C THR F 35 55.90 -2.31 40.68
N VAL F 36 56.53 -2.65 41.80
CA VAL F 36 56.55 -1.82 42.99
C VAL F 36 58.00 -1.40 43.21
N ILE F 37 58.26 -0.10 43.22
CA ILE F 37 59.61 0.45 43.34
C ILE F 37 59.76 1.02 44.74
N ILE F 38 60.77 0.56 45.45
CA ILE F 38 61.01 0.93 46.84
C ILE F 38 62.47 1.33 46.99
N ARG F 39 62.72 2.43 47.69
CA ARG F 39 64.05 2.99 47.81
C ARG F 39 64.75 2.67 49.13
N ASP F 40 64.11 1.92 50.02
CA ASP F 40 64.70 1.64 51.32
C ASP F 40 64.42 0.20 51.72
N PHE F 41 65.42 -0.45 52.32
CA PHE F 41 65.27 -1.86 52.66
C PHE F 41 64.27 -2.08 53.79
N GLU F 42 64.11 -1.11 54.69
CA GLU F 42 63.10 -1.25 55.73
C GLU F 42 61.70 -1.15 55.14
N ASP F 43 61.51 -0.24 54.18
CA ASP F 43 60.24 -0.15 53.48
C ASP F 43 59.96 -1.43 52.70
N GLY F 44 60.99 -1.99 52.06
CA GLY F 44 60.81 -3.25 51.35
C GLY F 44 60.47 -4.40 52.29
N LEU F 45 61.09 -4.40 53.48
CA LEU F 45 60.76 -5.40 54.48
C LEU F 45 59.32 -5.28 54.94
N ALA F 46 58.85 -4.06 55.17
CA ALA F 46 57.46 -3.85 55.55
C ALA F 46 56.53 -4.31 54.43
N TYR F 47 56.87 -4.01 53.18
CA TYR F 47 56.07 -4.47 52.06
C TYR F 47 56.01 -5.99 52.00
N ILE F 48 57.14 -6.66 52.20
CA ILE F 48 57.19 -8.11 52.14
C ILE F 48 56.37 -8.72 53.27
N ARG F 49 56.38 -8.10 54.44
CA ARG F 49 55.62 -8.64 55.57
C ARG F 49 54.12 -8.47 55.42
N SER F 50 53.66 -7.69 54.44
CA SER F 50 52.27 -7.72 54.05
C SER F 50 52.04 -8.89 53.10
N ASN F 51 50.96 -9.62 53.31
CA ASN F 51 50.73 -10.87 52.58
C ASN F 51 50.34 -10.57 51.14
N THR F 52 51.30 -10.01 50.41
CA THR F 52 51.15 -9.69 49.00
C THR F 52 52.03 -10.62 48.20
N SER F 53 51.47 -11.20 47.14
CA SER F 53 52.23 -12.12 46.30
C SER F 53 53.28 -11.37 45.50
N ILE F 54 54.52 -11.82 45.59
CA ILE F 54 55.63 -11.24 44.86
C ILE F 54 56.21 -12.33 43.97
N ASP F 55 56.28 -12.06 42.68
CA ASP F 55 56.75 -13.06 41.73
C ASP F 55 58.22 -12.96 41.42
N CYS F 56 58.85 -11.82 41.69
CA CYS F 56 60.27 -11.64 41.43
C CYS F 56 60.78 -10.47 42.25
N LEU F 57 61.98 -10.61 42.80
CA LEU F 57 62.65 -9.55 43.54
C LEU F 57 63.87 -9.10 42.77
N LEU F 58 63.93 -7.82 42.46
CA LEU F 58 65.11 -7.19 41.87
C LEU F 58 65.63 -6.16 42.84
N TYR F 59 66.87 -6.34 43.31
CA TYR F 59 67.42 -5.46 44.32
C TYR F 59 68.82 -5.02 43.95
N GLY F 60 69.20 -3.87 44.48
CA GLY F 60 70.57 -3.39 44.38
C GLY F 60 70.88 -2.55 45.60
N ARG F 61 72.14 -2.56 46.00
CA ARG F 61 72.61 -1.80 47.15
C ARG F 61 73.83 -0.97 46.75
N ASP F 62 74.46 -0.36 47.76
CA ASP F 62 75.67 0.41 47.53
C ASP F 62 76.80 -0.46 47.01
N MET F 63 76.88 -1.70 47.47
CA MET F 63 77.84 -2.74 47.12
C MET F 63 79.19 -2.53 47.78
N SER F 64 79.40 -1.40 48.45
CA SER F 64 80.57 -1.20 49.30
C SER F 64 80.21 -1.06 50.76
N ASP F 65 78.94 -1.16 51.11
CA ASP F 65 78.48 -1.01 52.48
C ASP F 65 78.08 -2.37 53.03
N ARG F 66 78.74 -2.81 54.11
CA ARG F 66 78.38 -4.09 54.71
C ARG F 66 77.03 -4.04 55.41
N ASP F 67 76.63 -2.87 55.92
CA ASP F 67 75.32 -2.74 56.55
C ASP F 67 74.20 -2.97 55.54
N GLU F 68 74.33 -2.38 54.35
CA GLU F 68 73.33 -2.63 53.31
C GLU F 68 73.37 -4.07 52.84
N GLN F 69 74.53 -4.72 52.86
CA GLN F 69 74.60 -6.14 52.54
C GLN F 69 73.81 -6.96 53.54
N ILE F 70 73.97 -6.66 54.83
CA ILE F 70 73.22 -7.36 55.87
C ILE F 70 71.72 -7.11 55.69
N GLN F 71 71.35 -5.86 55.40
CA GLN F 71 69.94 -5.54 55.20
C GLN F 71 69.35 -6.28 54.00
N ALA F 72 70.10 -6.36 52.91
CA ALA F 72 69.62 -7.08 51.72
C ALA F 72 69.47 -8.56 51.99
N HIS F 73 70.42 -9.15 52.72
CA HIS F 73 70.30 -10.55 53.08
C HIS F 73 69.07 -10.79 53.96
N ARG F 74 68.83 -9.88 54.90
CA ARG F 74 67.64 -9.96 55.74
C ARG F 74 66.37 -9.87 54.90
N LEU F 75 66.34 -8.97 53.93
CA LEU F 75 65.17 -8.83 53.07
C LEU F 75 64.90 -10.12 52.29
N ILE F 76 65.96 -10.72 51.73
CA ILE F 76 65.76 -11.93 50.94
C ILE F 76 65.32 -13.09 51.82
N THR F 77 65.90 -13.20 53.03
CA THR F 77 65.48 -14.26 53.95
C THR F 77 64.02 -14.08 54.36
N GLN F 78 63.61 -12.85 54.65
CA GLN F 78 62.22 -12.58 54.98
C GLN F 78 61.31 -12.95 53.83
N LEU F 79 61.69 -12.59 52.60
CA LEU F 79 60.87 -12.94 51.44
C LEU F 79 60.71 -14.44 51.31
N HIS F 80 61.80 -15.19 51.51
CA HIS F 80 61.72 -16.63 51.33
C HIS F 80 61.13 -17.36 52.54
N ARG F 81 60.85 -16.65 53.64
CA ARG F 81 60.12 -17.29 54.74
C ARG F 81 58.79 -17.87 54.27
N ARG F 82 57.98 -17.06 53.57
CA ARG F 82 56.68 -17.51 53.09
C ARG F 82 56.57 -17.60 51.58
N GLN F 83 57.53 -17.06 50.83
CA GLN F 83 57.53 -17.14 49.37
C GLN F 83 58.91 -17.71 49.00
N GLU F 84 59.01 -19.04 49.04
CA GLU F 84 60.32 -19.67 49.22
C GLU F 84 61.19 -19.60 47.97
N ASP F 85 60.63 -19.82 46.79
CA ASP F 85 61.44 -19.95 45.59
C ASP F 85 61.30 -18.77 44.65
N VAL F 86 60.94 -17.61 45.18
CA VAL F 86 60.82 -16.41 44.33
C VAL F 86 62.18 -16.05 43.75
N PRO F 87 62.29 -15.83 42.44
CA PRO F 87 63.60 -15.48 41.87
C PRO F 87 64.10 -14.14 42.39
N VAL F 88 65.40 -14.05 42.58
CA VAL F 88 66.06 -12.83 43.04
C VAL F 88 67.05 -12.37 41.98
N PHE F 89 66.84 -11.17 41.47
CA PHE F 89 67.76 -10.55 40.52
C PHE F 89 68.59 -9.50 41.24
N LEU F 90 69.90 -9.52 41.03
CA LEU F 90 70.78 -8.48 41.55
C LEU F 90 70.96 -7.40 40.50
N LEU F 91 70.50 -6.19 40.81
CA LEU F 91 70.75 -5.02 39.96
C LEU F 91 72.01 -4.34 40.43
N SER F 92 73.00 -4.24 39.55
CA SER F 92 74.28 -3.68 39.97
C SER F 92 75.08 -3.24 38.75
N ASP F 93 75.99 -2.31 38.99
CA ASP F 93 77.08 -2.09 38.06
C ASP F 93 77.94 -3.34 37.99
N ARG F 94 78.40 -3.68 36.78
CA ARG F 94 79.02 -4.98 36.56
C ARG F 94 80.28 -5.16 37.40
N GLU F 95 81.16 -4.16 37.40
CA GLU F 95 82.45 -4.31 38.10
C GLU F 95 82.25 -4.45 39.60
N GLU F 96 81.35 -3.66 40.17
CA GLU F 96 81.09 -3.74 41.61
C GLU F 96 80.56 -5.11 41.99
N ALA F 97 79.63 -5.65 41.20
CA ALA F 97 79.12 -6.98 41.49
C ALA F 97 80.18 -8.05 41.32
N LEU F 98 81.03 -7.93 40.30
CA LEU F 98 82.03 -8.95 40.05
C LEU F 98 83.10 -8.96 41.13
N VAL F 99 83.48 -7.80 41.68
CA VAL F 99 84.46 -7.84 42.76
C VAL F 99 83.86 -8.38 44.05
N ALA F 100 82.54 -8.31 44.23
CA ALA F 100 81.87 -8.85 45.40
C ALA F 100 81.39 -10.28 45.20
N PHE F 101 81.68 -10.88 44.05
CA PHE F 101 81.16 -12.21 43.74
C PHE F 101 81.83 -13.27 44.62
N ASP F 102 81.01 -14.14 45.21
CA ASP F 102 81.50 -15.27 45.99
C ASP F 102 80.37 -16.28 46.15
N ARG F 103 80.65 -17.35 46.91
CA ARG F 103 79.65 -18.37 47.15
C ARG F 103 78.46 -17.81 47.93
N ASN F 104 78.73 -16.97 48.92
CA ASN F 104 77.67 -16.42 49.75
C ASN F 104 76.73 -15.53 48.94
N MET F 105 77.26 -14.78 47.97
CA MET F 105 76.40 -14.03 47.06
C MET F 105 75.50 -14.95 46.26
N MET F 106 76.07 -16.00 45.67
CA MET F 106 75.29 -16.90 44.83
C MET F 106 74.29 -17.73 45.63
N GLU F 107 74.46 -17.83 46.95
CA GLU F 107 73.48 -18.53 47.76
C GLU F 107 72.13 -17.83 47.75
N GLN F 108 72.10 -16.51 47.55
CA GLN F 108 70.86 -15.77 47.57
C GLN F 108 70.50 -15.09 46.26
N VAL F 109 71.40 -15.04 45.28
CA VAL F 109 71.15 -14.37 44.01
C VAL F 109 70.96 -15.44 42.94
N ASP F 110 69.85 -15.35 42.21
CA ASP F 110 69.60 -16.27 41.10
C ASP F 110 70.12 -15.75 39.77
N GLU F 111 70.00 -14.44 39.52
CA GLU F 111 70.42 -13.87 38.25
C GLU F 111 71.03 -12.50 38.43
N PHE F 112 71.84 -12.12 37.45
CA PHE F 112 72.48 -10.81 37.39
C PHE F 112 71.77 -9.94 36.38
N ALA F 113 71.61 -8.67 36.71
CA ALA F 113 71.03 -7.68 35.80
C ALA F 113 71.95 -6.47 35.79
N TRP F 114 72.80 -6.36 34.77
CA TRP F 114 73.69 -5.22 34.63
C TRP F 114 72.86 -4.04 34.16
N ILE F 115 72.20 -3.37 35.10
CA ILE F 115 71.18 -2.38 34.80
C ILE F 115 71.73 -1.19 34.03
N LEU F 116 73.02 -0.88 34.16
CA LEU F 116 73.58 0.32 33.55
C LEU F 116 74.20 0.08 32.18
N GLU F 117 74.32 -1.17 31.73
CA GLU F 117 74.90 -1.44 30.42
C GLU F 117 74.10 -2.45 29.61
N ASP F 118 72.88 -2.78 30.04
CA ASP F 118 72.04 -3.74 29.35
C ASP F 118 70.72 -3.10 28.98
N SER F 119 70.16 -3.55 27.87
CA SER F 119 68.84 -3.08 27.46
C SER F 119 67.79 -3.52 28.46
N ALA F 120 66.85 -2.62 28.77
CA ALA F 120 65.78 -2.98 29.68
C ALA F 120 64.90 -4.09 29.12
N ASP F 121 64.83 -4.20 27.79
CA ASP F 121 64.02 -5.26 27.18
C ASP F 121 64.58 -6.64 27.47
N PHE F 122 65.91 -6.80 27.40
CA PHE F 122 66.53 -8.08 27.67
C PHE F 122 66.30 -8.50 29.12
N ILE F 123 66.50 -7.57 30.05
CA ILE F 123 66.30 -7.86 31.47
C ILE F 123 64.83 -8.17 31.73
N ALA F 124 63.92 -7.42 31.12
CA ALA F 124 62.50 -7.68 31.29
C ALA F 124 62.12 -9.06 30.79
N GLY F 125 62.66 -9.47 29.64
CA GLY F 125 62.39 -10.81 29.14
C GLY F 125 62.90 -11.89 30.07
N ARG F 126 64.11 -11.71 30.61
CA ARG F 126 64.64 -12.69 31.55
C ARG F 126 63.80 -12.74 32.83
N VAL F 127 63.34 -11.58 33.30
CA VAL F 127 62.50 -11.54 34.48
C VAL F 127 61.19 -12.27 34.23
N LEU F 128 60.59 -12.06 33.06
CA LEU F 128 59.35 -12.74 32.73
C LEU F 128 59.54 -14.26 32.67
N ALA F 129 60.65 -14.70 32.07
CA ALA F 129 60.93 -16.14 32.03
C ALA F 129 61.09 -16.71 33.44
N ALA F 130 61.80 -15.99 34.31
CA ALA F 130 61.96 -16.45 35.68
C ALA F 130 60.63 -16.51 36.41
N ILE F 131 59.77 -15.51 36.20
CA ILE F 131 58.46 -15.49 36.85
C ILE F 131 57.62 -16.67 36.39
N GLN F 132 57.65 -16.97 35.09
CA GLN F 132 56.88 -18.11 34.58
C GLN F 132 57.40 -19.42 35.15
N ARG F 133 58.73 -19.56 35.23
CA ARG F 133 59.29 -20.76 35.84
C ARG F 133 58.85 -20.91 37.29
N TYR F 134 58.86 -19.80 38.04
CA TYR F 134 58.44 -19.86 39.44
C TYR F 134 56.96 -20.22 39.55
N ARG F 135 56.11 -19.61 38.73
CA ARG F 135 54.67 -19.87 38.81
C ARG F 135 54.34 -21.30 38.42
N SER F 136 55.12 -21.91 37.52
CA SER F 136 54.79 -23.25 37.07
C SER F 136 55.03 -24.31 38.14
N GLN F 137 55.81 -24.02 39.17
CA GLN F 137 56.10 -24.98 40.23
C GLN F 137 55.36 -24.66 41.53
N LEU F 138 54.48 -23.67 41.52
CA LEU F 138 53.93 -23.17 42.77
C LEU F 138 52.85 -24.07 43.35
N LEU F 139 52.04 -24.72 42.52
CA LEU F 139 50.91 -25.38 43.15
C LEU F 139 51.22 -26.84 43.45
N PRO F 140 50.61 -27.38 44.50
CA PRO F 140 50.72 -28.82 44.78
C PRO F 140 49.97 -29.63 43.73
N PRO F 141 50.25 -30.94 43.63
CA PRO F 141 49.81 -31.68 42.43
C PRO F 141 48.30 -31.77 42.25
N LEU F 142 47.57 -32.17 43.30
CA LEU F 142 46.13 -32.36 43.16
C LEU F 142 45.44 -31.04 42.80
N MET F 143 45.82 -29.95 43.48
CA MET F 143 45.21 -28.66 43.21
C MET F 143 45.50 -28.21 41.79
N LYS F 144 46.73 -28.43 41.34
CA LYS F 144 47.12 -28.07 39.98
C LYS F 144 46.30 -28.84 38.95
N SER F 145 46.15 -30.15 39.14
CA SER F 145 45.39 -30.94 38.18
C SER F 145 43.91 -30.57 38.20
N LEU F 146 43.36 -30.28 39.38
CA LEU F 146 41.96 -29.87 39.45
C LEU F 146 41.74 -28.54 38.75
N ILE F 147 42.65 -27.58 38.93
CA ILE F 147 42.51 -26.30 38.26
C ILE F 147 42.63 -26.48 36.75
N LYS F 148 43.56 -27.33 36.31
CA LYS F 148 43.72 -27.57 34.88
C LYS F 148 42.46 -28.21 34.29
N TYR F 149 41.85 -29.14 35.00
CA TYR F 149 40.66 -29.80 34.47
C TYR F 149 39.43 -28.90 34.54
N SER F 150 39.41 -27.93 35.45
CA SER F 150 38.23 -27.10 35.65
C SER F 150 37.82 -26.32 34.40
N ASP F 151 38.72 -26.09 33.46
CA ASP F 151 38.34 -25.37 32.24
C ASP F 151 37.41 -26.19 31.33
N VAL F 152 37.36 -27.52 31.50
CA VAL F 152 36.47 -28.34 30.69
C VAL F 152 35.02 -28.03 31.07
N HIS F 153 34.18 -27.80 30.06
CA HIS F 153 32.78 -27.47 30.31
C HIS F 153 31.80 -28.39 29.58
N GLU F 154 32.28 -29.46 28.94
CA GLU F 154 31.41 -30.31 28.16
C GLU F 154 30.53 -31.17 29.06
N TYR F 155 29.31 -31.41 28.59
CA TYR F 155 28.39 -32.30 29.30
C TYR F 155 28.91 -33.73 29.22
N SER F 156 29.45 -34.22 30.33
CA SER F 156 29.63 -35.65 30.46
C SER F 156 28.27 -36.29 30.64
N TRP F 157 28.17 -37.56 30.26
CA TRP F 157 26.91 -38.29 30.34
C TRP F 157 26.87 -39.17 31.58
N ALA F 158 27.44 -38.68 32.68
CA ALA F 158 27.55 -39.43 33.92
C ALA F 158 27.34 -38.48 35.10
N ALA F 159 27.29 -39.04 36.29
CA ALA F 159 27.12 -38.26 37.51
C ALA F 159 28.39 -37.49 37.83
N PRO F 160 28.30 -36.40 38.63
CA PRO F 160 27.12 -35.83 39.29
C PRO F 160 26.14 -35.16 38.33
N GLY F 161 24.87 -35.16 38.71
CA GLY F 161 23.82 -34.67 37.83
C GLY F 161 23.86 -33.19 37.55
N HIS F 162 24.39 -32.39 38.47
CA HIS F 162 24.38 -30.94 38.26
C HIS F 162 25.31 -30.53 37.13
N GLN F 163 26.27 -31.37 36.74
CA GLN F 163 27.09 -31.17 35.55
C GLN F 163 27.84 -29.83 35.60
N GLY F 164 28.72 -29.71 36.60
CA GLY F 164 29.49 -28.49 36.74
C GLY F 164 28.69 -27.29 37.14
N GLY F 165 27.58 -27.49 37.84
CA GLY F 165 26.75 -26.39 38.32
C GLY F 165 25.68 -25.93 37.37
N VAL F 166 25.62 -26.48 36.15
CA VAL F 166 24.59 -26.07 35.20
C VAL F 166 23.19 -26.38 35.74
N GLY F 167 23.04 -27.52 36.43
CA GLY F 167 21.74 -27.91 36.92
C GLY F 167 21.14 -26.91 37.90
N PHE F 168 21.97 -26.26 38.70
CA PHE F 168 21.46 -25.29 39.66
C PHE F 168 20.86 -24.06 38.98
N THR F 169 21.37 -23.68 37.81
CA THR F 169 20.92 -22.46 37.17
C THR F 169 19.65 -22.67 36.36
N LYS F 170 18.65 -23.31 36.93
CA LYS F 170 17.38 -23.52 36.25
C LYS F 170 16.17 -23.08 37.05
N THR F 171 16.32 -22.83 38.33
CA THR F 171 15.33 -22.14 39.16
C THR F 171 15.97 -20.88 39.73
N PRO F 172 15.17 -19.89 40.10
CA PRO F 172 15.76 -18.68 40.69
C PRO F 172 16.53 -18.93 41.98
N ALA F 173 16.02 -19.79 42.86
CA ALA F 173 16.75 -20.10 44.09
C ALA F 173 18.05 -20.81 43.78
N GLY F 174 18.02 -21.75 42.83
CA GLY F 174 19.23 -22.38 42.39
C GLY F 174 20.23 -21.40 41.81
N ARG F 175 19.75 -20.39 41.09
CA ARG F 175 20.66 -19.39 40.53
C ARG F 175 21.29 -18.54 41.63
N ILE F 176 20.51 -18.19 42.65
CA ILE F 176 21.08 -17.45 43.79
C ILE F 176 22.14 -18.29 44.49
N TYR F 177 21.83 -19.56 44.72
CA TYR F 177 22.78 -20.47 45.36
C TYR F 177 24.06 -20.62 44.53
N HIS F 178 23.91 -20.78 43.23
CA HIS F 178 25.05 -20.94 42.33
C HIS F 178 25.92 -19.70 42.29
N ASP F 179 25.30 -18.52 42.27
CA ASP F 179 26.07 -17.29 42.28
C ASP F 179 26.76 -17.08 43.63
N PHE F 180 26.11 -17.48 44.72
CA PHE F 180 26.74 -17.34 46.03
C PHE F 180 27.99 -18.21 46.13
N PHE F 181 27.88 -19.49 45.78
CA PHE F 181 29.02 -20.38 45.99
C PHE F 181 30.06 -20.30 44.86
N GLY F 182 29.70 -19.77 43.70
CA GLY F 182 30.65 -19.60 42.63
C GLY F 182 30.78 -20.83 41.75
N GLU F 183 31.25 -20.60 40.53
CA GLU F 183 31.26 -21.63 39.50
C GLU F 183 32.34 -22.69 39.75
N ASN F 184 33.51 -22.26 40.23
CA ASN F 184 34.66 -23.16 40.31
C ASN F 184 34.43 -24.30 41.30
N LEU F 185 33.67 -24.06 42.36
CA LEU F 185 33.37 -25.14 43.30
C LEU F 185 32.61 -26.26 42.60
N PHE F 186 31.62 -25.92 41.78
CA PHE F 186 30.85 -26.95 41.09
C PHE F 186 31.62 -27.57 39.95
N ARG F 187 32.52 -26.82 39.32
CA ARG F 187 33.26 -27.40 38.21
C ARG F 187 34.36 -28.35 38.66
N THR F 188 34.73 -28.35 39.94
CA THR F 188 35.66 -29.34 40.47
C THR F 188 34.95 -30.59 40.99
N ASP F 189 33.63 -30.54 41.15
CA ASP F 189 32.86 -31.71 41.59
C ASP F 189 32.62 -32.57 40.35
N ILE F 190 33.61 -33.41 40.04
CA ILE F 190 33.66 -34.07 38.73
C ILE F 190 33.43 -35.56 38.81
N GLY F 191 33.38 -36.15 39.99
CA GLY F 191 33.26 -37.59 40.08
C GLY F 191 34.60 -38.28 40.04
N ILE F 192 34.57 -39.59 40.29
CA ILE F 192 35.79 -40.37 40.40
C ILE F 192 36.12 -41.11 39.10
N GLU F 193 35.51 -40.71 37.99
CA GLU F 193 35.67 -41.41 36.72
C GLU F 193 36.41 -40.57 35.68
N ARG F 194 37.13 -39.54 36.09
CA ARG F 194 37.91 -38.71 35.19
C ARG F 194 39.38 -39.06 35.37
N VAL F 195 39.93 -39.81 34.42
CA VAL F 195 41.29 -40.33 34.54
C VAL F 195 42.36 -39.26 34.47
N ALA F 196 42.01 -38.06 33.99
CA ALA F 196 42.98 -36.96 33.98
C ALA F 196 43.44 -36.61 35.39
N VAL F 197 42.53 -36.68 36.36
CA VAL F 197 42.85 -36.35 37.75
C VAL F 197 43.20 -37.60 38.54
N GLY F 198 42.47 -38.69 38.34
CA GLY F 198 42.64 -39.89 39.13
C GLY F 198 41.45 -40.11 40.04
N SER F 199 41.60 -41.05 40.95
CA SER F 199 40.55 -41.39 41.91
C SER F 199 41.14 -41.43 43.31
N LEU F 200 40.39 -40.88 44.27
CA LEU F 200 40.86 -40.85 45.66
C LEU F 200 40.89 -42.24 46.27
N LEU F 201 39.83 -43.04 46.06
CA LEU F 201 39.76 -44.34 46.71
C LEU F 201 40.78 -45.32 46.15
N ASP F 202 41.17 -45.15 44.89
CA ASP F 202 42.21 -45.99 44.31
C ASP F 202 43.61 -45.46 44.55
N HIS F 203 43.74 -44.25 45.10
CA HIS F 203 45.03 -43.61 45.35
C HIS F 203 45.88 -43.54 44.09
N THR F 204 45.25 -43.21 42.97
CA THR F 204 45.93 -43.12 41.69
C THR F 204 45.96 -41.70 41.19
N GLY F 205 46.89 -41.45 40.26
CA GLY F 205 46.99 -40.14 39.64
C GLY F 205 47.40 -39.06 40.62
N ALA F 206 46.79 -37.88 40.47
CA ALA F 206 47.11 -36.76 41.33
C ALA F 206 46.81 -37.05 42.79
N PHE F 207 45.85 -37.94 43.08
CA PHE F 207 45.58 -38.30 44.46
C PHE F 207 46.74 -39.09 45.06
N GLY F 208 47.29 -40.03 44.30
CA GLY F 208 48.48 -40.72 44.76
C GLY F 208 49.65 -39.78 44.95
N GLU F 209 49.84 -38.85 44.00
CA GLU F 209 50.89 -37.85 44.15
C GLU F 209 50.70 -37.02 45.42
N CYS F 210 49.48 -36.58 45.67
CA CYS F 210 49.20 -35.74 46.84
C CYS F 210 49.42 -36.51 48.14
N GLU F 211 49.03 -37.78 48.17
CA GLU F 211 49.25 -38.57 49.39
C GLU F 211 50.74 -38.82 49.62
N LYS F 212 51.51 -39.08 48.56
CA LYS F 212 52.95 -39.23 48.74
C LYS F 212 53.58 -37.92 49.22
N ASN F 213 53.13 -36.80 48.66
CA ASN F 213 53.64 -35.50 49.10
C ASN F 213 53.31 -35.24 50.56
N ALA F 214 52.10 -35.57 50.98
CA ALA F 214 51.71 -35.38 52.38
C ALA F 214 52.49 -36.28 53.31
N ALA F 215 52.73 -37.53 52.89
CA ALA F 215 53.54 -38.44 53.71
C ALA F 215 54.94 -37.90 53.88
N ARG F 216 55.52 -37.34 52.81
CA ARG F 216 56.84 -36.71 52.93
C ARG F 216 56.80 -35.51 53.88
N ILE F 217 55.80 -34.64 53.73
CA ILE F 217 55.76 -33.41 54.50
C ILE F 217 55.55 -33.69 55.98
N PHE F 218 54.69 -34.67 56.30
CA PHE F 218 54.37 -34.97 57.69
C PHE F 218 55.24 -36.07 58.27
N GLY F 219 56.23 -36.56 57.54
CA GLY F 219 57.15 -37.55 58.05
C GLY F 219 56.55 -38.92 58.33
N ALA F 220 55.66 -39.39 57.47
CA ALA F 220 55.07 -40.71 57.60
C ALA F 220 55.54 -41.62 56.47
N ASP F 221 55.43 -42.92 56.70
CA ASP F 221 55.67 -43.87 55.62
C ASP F 221 54.56 -43.82 54.58
N GLN F 222 53.30 -43.82 55.03
CA GLN F 222 52.16 -43.72 54.15
C GLN F 222 51.17 -42.73 54.73
N SER F 223 50.47 -42.02 53.85
CA SER F 223 49.44 -41.08 54.26
C SER F 223 48.17 -41.37 53.46
N TYR F 224 47.03 -41.19 54.12
CA TYR F 224 45.73 -41.34 53.51
C TYR F 224 44.91 -40.09 53.72
N SER F 225 44.36 -39.54 52.65
CA SER F 225 43.45 -38.41 52.72
C SER F 225 42.04 -38.91 52.99
N VAL F 226 41.36 -38.26 53.92
CA VAL F 226 40.04 -38.69 54.39
C VAL F 226 39.07 -37.53 54.25
N VAL F 227 37.86 -37.81 53.80
CA VAL F 227 36.84 -36.80 53.61
C VAL F 227 35.70 -36.94 54.61
N VAL F 228 35.87 -37.76 55.63
CA VAL F 228 34.89 -37.93 56.69
C VAL F 228 35.45 -37.48 58.04
N GLY F 229 36.48 -36.64 58.01
CA GLY F 229 37.05 -36.10 59.22
C GLY F 229 37.86 -37.12 60.01
N THR F 230 38.34 -36.65 61.17
CA THR F 230 39.07 -37.51 62.07
C THR F 230 38.17 -38.56 62.70
N SER F 231 36.87 -38.33 62.78
CA SER F 231 35.95 -39.39 63.17
C SER F 231 36.10 -40.58 62.24
N GLY F 232 36.02 -40.33 60.93
CA GLY F 232 36.21 -41.39 59.95
C GLY F 232 37.60 -41.99 60.02
N SER F 233 38.62 -41.16 60.17
CA SER F 233 40.00 -41.67 60.25
C SER F 233 40.18 -42.60 61.45
N ASN F 234 39.68 -42.20 62.62
CA ASN F 234 39.77 -43.04 63.80
C ASN F 234 39.02 -44.35 63.58
N ARG F 235 37.83 -44.28 62.96
CA ARG F 235 37.08 -45.49 62.70
C ARG F 235 37.85 -46.46 61.81
N THR F 236 38.46 -45.96 60.73
CA THR F 236 39.16 -46.89 59.84
C THR F 236 40.40 -47.46 60.50
N ILE F 237 41.13 -46.65 61.27
CA ILE F 237 42.31 -47.19 61.97
C ILE F 237 41.89 -48.28 62.94
N MET F 238 40.85 -48.02 63.73
CA MET F 238 40.42 -49.01 64.71
C MET F 238 39.87 -50.26 64.04
N GLN F 239 39.19 -50.10 62.90
CA GLN F 239 38.69 -51.25 62.17
C GLN F 239 39.83 -52.08 61.59
N ALA F 240 40.90 -51.44 61.14
CA ALA F 240 42.04 -52.18 60.64
C ALA F 240 42.85 -52.85 61.74
N CYS F 241 42.76 -52.36 62.97
CA CYS F 241 43.65 -52.85 64.01
C CYS F 241 43.06 -53.97 64.87
N MET F 242 41.82 -53.87 65.33
CA MET F 242 41.33 -54.79 66.34
C MET F 242 40.14 -55.58 65.84
N THR F 243 39.78 -56.58 66.64
CA THR F 243 38.70 -57.50 66.37
C THR F 243 38.00 -57.81 67.69
N ASP F 244 36.82 -58.42 67.62
CA ASP F 244 36.07 -58.67 68.85
C ASP F 244 36.76 -59.64 69.80
N ASP F 245 37.79 -60.36 69.33
CA ASP F 245 38.59 -61.23 70.18
C ASP F 245 39.85 -60.55 70.70
N ASP F 246 39.84 -59.22 70.82
CA ASP F 246 41.03 -58.46 71.16
C ASP F 246 40.79 -57.60 72.39
N VAL F 247 41.87 -57.32 73.10
CA VAL F 247 41.87 -56.37 74.21
C VAL F 247 42.66 -55.14 73.77
N VAL F 248 42.14 -53.96 74.09
CA VAL F 248 42.75 -52.70 73.66
C VAL F 248 42.91 -51.77 74.84
N VAL F 249 43.90 -50.88 74.75
CA VAL F 249 44.25 -49.95 75.81
C VAL F 249 43.81 -48.57 75.35
N ILE F 250 42.83 -47.98 76.04
CA ILE F 250 42.19 -46.76 75.59
C ILE F 250 42.46 -45.64 76.58
N ASP F 251 42.98 -44.52 76.07
CA ASP F 251 43.01 -43.28 76.82
C ASP F 251 41.59 -42.91 77.23
N ARG F 252 41.38 -42.73 78.53
CA ARG F 252 40.05 -42.33 79.00
C ARG F 252 39.68 -40.95 78.47
N ASN F 253 40.66 -40.11 78.17
CA ASN F 253 40.46 -38.86 77.44
C ASN F 253 40.41 -39.20 75.95
N CYS F 254 39.28 -39.76 75.53
CA CYS F 254 39.10 -40.19 74.15
C CYS F 254 37.93 -39.47 73.53
N HIS F 255 38.06 -39.19 72.24
CA HIS F 255 36.95 -38.65 71.46
C HIS F 255 35.87 -39.72 71.29
N LYS F 256 34.64 -39.26 71.03
CA LYS F 256 33.54 -40.21 70.87
C LYS F 256 33.71 -41.11 69.66
N SER F 257 34.51 -40.70 68.68
CA SER F 257 34.80 -41.59 67.56
C SER F 257 35.59 -42.82 68.01
N ILE F 258 36.36 -42.72 69.09
CA ILE F 258 37.05 -43.88 69.63
C ILE F 258 36.04 -44.89 70.17
N GLU F 259 35.05 -44.41 70.93
CA GLU F 259 34.01 -45.32 71.39
C GLU F 259 33.19 -45.88 70.23
N GLN F 260 32.99 -45.08 69.18
CA GLN F 260 32.32 -45.61 67.99
C GLN F 260 33.12 -46.73 67.37
N GLY F 261 34.44 -46.57 67.29
CA GLY F 261 35.28 -47.65 66.81
C GLY F 261 35.20 -48.88 67.68
N LEU F 262 35.14 -48.69 69.00
CA LEU F 262 34.97 -49.82 69.91
C LEU F 262 33.66 -50.55 69.63
N ILE F 263 32.59 -49.80 69.41
CA ILE F 263 31.29 -50.41 69.09
C ILE F 263 31.38 -51.18 67.78
N LEU F 264 32.02 -50.60 66.77
CA LEU F 264 32.07 -51.22 65.45
C LEU F 264 33.02 -52.40 65.38
N THR F 265 34.00 -52.49 66.28
CA THR F 265 34.93 -53.62 66.25
C THR F 265 34.59 -54.69 67.28
N GLY F 266 33.92 -54.34 68.37
CA GLY F 266 33.63 -55.30 69.41
C GLY F 266 34.78 -55.63 70.33
N ALA F 267 35.84 -54.84 70.31
CA ALA F 267 37.01 -55.11 71.16
C ALA F 267 36.67 -54.82 72.62
N LYS F 268 37.49 -55.40 73.51
CA LYS F 268 37.30 -55.23 74.94
C LYS F 268 38.28 -54.19 75.47
N PRO F 269 37.82 -53.04 75.95
CA PRO F 269 38.73 -51.96 76.31
C PRO F 269 39.20 -51.99 77.75
N VAL F 270 40.45 -51.58 77.93
CA VAL F 270 41.05 -51.29 79.22
C VAL F 270 41.51 -49.84 79.17
N TYR F 271 41.36 -49.13 80.28
CA TYR F 271 41.47 -47.67 80.28
C TYR F 271 42.64 -47.18 81.12
N MET F 272 43.37 -46.21 80.59
CA MET F 272 44.34 -45.43 81.36
C MET F 272 43.71 -44.11 81.77
N ILE F 273 43.73 -43.83 83.06
CA ILE F 273 43.01 -42.70 83.64
C ILE F 273 43.94 -41.48 83.63
N PRO F 274 43.54 -40.38 83.01
CA PRO F 274 44.37 -39.17 83.05
C PRO F 274 44.25 -38.45 84.38
N SER F 275 45.17 -37.51 84.60
CA SER F 275 45.19 -36.72 85.82
C SER F 275 44.33 -35.47 85.68
N ARG F 276 44.02 -34.86 86.82
CA ARG F 276 43.21 -33.66 86.89
C ARG F 276 43.87 -32.66 87.82
N ASN F 277 43.55 -31.39 87.63
CA ASN F 277 44.04 -30.32 88.51
C ASN F 277 42.86 -29.64 89.19
N ARG F 278 43.17 -28.64 90.03
CA ARG F 278 42.15 -27.99 90.84
C ARG F 278 41.16 -27.19 90.01
N TYR F 279 41.50 -26.83 88.79
CA TYR F 279 40.60 -26.08 87.94
C TYR F 279 39.67 -26.96 87.14
N GLY F 280 39.75 -28.28 87.31
CA GLY F 280 38.97 -29.19 86.51
C GLY F 280 39.54 -29.47 85.14
N ILE F 281 40.78 -29.04 84.88
CA ILE F 281 41.42 -29.29 83.60
C ILE F 281 41.96 -30.72 83.61
N ILE F 282 41.58 -31.49 82.59
CA ILE F 282 42.10 -32.85 82.44
C ILE F 282 43.56 -32.77 82.01
N GLY F 283 44.42 -33.53 82.69
CA GLY F 283 45.83 -33.52 82.39
C GLY F 283 46.29 -34.79 81.73
N PRO F 284 47.60 -34.99 81.66
CA PRO F 284 48.14 -36.16 80.98
C PRO F 284 47.96 -37.43 81.80
N ILE F 285 47.99 -38.56 81.10
CA ILE F 285 48.15 -39.85 81.74
C ILE F 285 49.57 -39.95 82.29
N TYR F 286 49.69 -40.35 83.55
CA TYR F 286 51.01 -40.47 84.16
C TYR F 286 51.71 -41.73 83.67
N PRO F 287 53.03 -41.74 83.70
CA PRO F 287 53.77 -42.95 83.26
C PRO F 287 53.42 -44.19 84.06
N LYS F 288 52.96 -44.05 85.30
CA LYS F 288 52.59 -45.20 86.11
C LYS F 288 51.39 -45.97 85.54
N GLU F 289 50.66 -45.40 84.60
CA GLU F 289 49.53 -46.07 83.97
C GLU F 289 49.89 -46.77 82.67
N MET F 290 51.06 -46.48 82.09
CA MET F 290 51.47 -47.06 80.83
C MET F 290 52.50 -48.18 80.97
N THR F 291 52.99 -48.43 82.18
CA THR F 291 54.00 -49.47 82.35
C THR F 291 53.40 -50.84 82.04
N PRO F 292 54.22 -51.78 81.55
CA PRO F 292 53.70 -53.11 81.25
C PRO F 292 53.02 -53.78 82.44
N ASP F 293 53.52 -53.58 83.65
CA ASP F 293 52.86 -54.14 84.82
C ASP F 293 51.51 -53.50 85.07
N ALA F 294 51.41 -52.18 84.85
CA ALA F 294 50.12 -51.52 85.02
C ALA F 294 49.10 -52.03 84.03
N ILE F 295 49.52 -52.24 82.77
CA ILE F 295 48.60 -52.73 81.75
C ILE F 295 48.20 -54.17 82.03
N LYS F 296 49.14 -54.99 82.48
CA LYS F 296 48.79 -56.37 82.86
C LYS F 296 47.83 -56.39 84.03
N PHE F 297 48.04 -55.51 85.02
CA PHE F 297 47.11 -55.42 86.15
C PHE F 297 45.72 -54.99 85.70
N LYS F 298 45.66 -54.01 84.81
CA LYS F 298 44.36 -53.56 84.30
C LYS F 298 43.65 -54.69 83.56
N ILE F 299 44.38 -55.44 82.73
CA ILE F 299 43.78 -56.54 82.00
C ILE F 299 43.29 -57.61 82.96
N ALA F 300 44.08 -57.94 83.98
CA ALA F 300 43.69 -58.97 84.93
C ALA F 300 42.53 -58.55 85.81
N ALA F 301 42.33 -57.24 86.01
CA ALA F 301 41.25 -56.78 86.87
C ALA F 301 39.95 -56.51 86.13
N ASN F 302 39.99 -56.40 84.81
CA ASN F 302 38.78 -56.08 84.06
C ASN F 302 37.85 -57.28 84.01
N PRO F 303 36.55 -57.10 84.27
CA PRO F 303 35.62 -58.24 84.23
C PRO F 303 35.55 -58.92 82.87
N LEU F 304 35.71 -58.18 81.77
CA LEU F 304 35.59 -58.77 80.45
C LEU F 304 36.90 -59.33 79.92
N THR F 305 38.04 -58.76 80.31
CA THR F 305 39.33 -59.16 79.76
C THR F 305 40.11 -60.10 80.65
N LYS F 306 39.56 -60.51 81.80
CA LYS F 306 40.34 -61.32 82.72
C LYS F 306 40.60 -62.73 82.20
N GLY F 307 39.96 -63.13 81.09
CA GLY F 307 40.28 -64.39 80.45
C GLY F 307 41.23 -64.22 79.29
N LYS F 308 41.89 -63.07 79.20
CA LYS F 308 42.79 -62.76 78.10
C LYS F 308 44.14 -62.24 78.62
N VAL F 309 44.48 -62.55 79.87
CA VAL F 309 45.67 -62.01 80.49
C VAL F 309 46.96 -62.45 79.80
N LYS F 310 46.91 -63.51 79.00
CA LYS F 310 48.06 -63.98 78.25
C LYS F 310 48.10 -63.42 76.83
N GLN F 311 47.14 -62.59 76.46
CA GLN F 311 47.02 -62.09 75.09
C GLN F 311 47.63 -60.69 75.00
N LYS F 312 48.44 -60.48 73.98
CA LYS F 312 49.04 -59.18 73.76
C LYS F 312 47.98 -58.20 73.26
N PRO F 313 47.86 -57.01 73.84
CA PRO F 313 46.86 -56.05 73.36
C PRO F 313 47.16 -55.63 71.93
N ALA F 314 46.09 -55.47 71.15
CA ALA F 314 46.22 -55.23 69.72
C ALA F 314 46.32 -53.77 69.34
N TYR F 315 46.04 -52.84 70.26
CA TYR F 315 45.91 -51.45 69.88
C TYR F 315 45.88 -50.60 71.14
N SER F 316 46.47 -49.41 71.04
CA SER F 316 46.36 -48.41 72.08
C SER F 316 46.19 -47.04 71.42
N VAL F 317 45.46 -46.16 72.09
CA VAL F 317 45.23 -44.81 71.60
C VAL F 317 45.50 -43.83 72.72
N VAL F 318 46.24 -42.76 72.40
CA VAL F 318 46.50 -41.66 73.32
C VAL F 318 46.16 -40.37 72.59
N THR F 319 45.37 -39.51 73.24
CA THR F 319 45.06 -38.21 72.69
C THR F 319 46.19 -37.23 73.02
N ASN F 320 46.80 -36.66 71.99
CA ASN F 320 47.93 -35.76 72.17
C ASN F 320 47.95 -34.77 71.01
N CYS F 321 47.81 -33.48 71.31
CA CYS F 321 47.68 -32.97 72.67
C CYS F 321 46.25 -33.04 73.16
N THR F 322 46.04 -32.76 74.44
CA THR F 322 44.71 -32.78 75.03
C THR F 322 43.94 -31.52 74.62
N TYR F 323 42.68 -31.46 75.05
CA TYR F 323 41.83 -30.34 74.68
C TYR F 323 42.33 -29.02 75.25
N ASP F 324 43.02 -29.04 76.39
CA ASP F 324 43.52 -27.85 77.03
C ASP F 324 45.00 -27.60 76.74
N GLY F 325 45.55 -28.25 75.72
CA GLY F 325 46.89 -27.95 75.29
C GLY F 325 48.00 -28.62 76.06
N VAL F 326 47.74 -29.74 76.71
CA VAL F 326 48.78 -30.51 77.38
C VAL F 326 49.35 -31.52 76.38
N CYS F 327 50.64 -31.40 76.10
CA CYS F 327 51.31 -32.24 75.11
C CYS F 327 52.20 -33.25 75.81
N TYR F 328 52.02 -34.53 75.48
CA TYR F 328 52.89 -35.57 75.99
C TYR F 328 54.25 -35.53 75.33
N ASN F 329 55.26 -35.96 76.07
CA ASN F 329 56.53 -36.35 75.45
C ASN F 329 56.29 -37.66 74.72
N ALA F 330 56.05 -37.59 73.41
CA ALA F 330 55.62 -38.76 72.66
C ALA F 330 56.72 -39.80 72.56
N ARG F 331 57.98 -39.38 72.56
CA ARG F 331 59.08 -40.35 72.58
C ARG F 331 59.02 -41.21 73.84
N LYS F 332 58.80 -40.59 74.99
CA LYS F 332 58.71 -41.35 76.24
C LYS F 332 57.46 -42.24 76.28
N VAL F 333 56.34 -41.72 75.78
CA VAL F 333 55.12 -42.52 75.74
C VAL F 333 55.32 -43.74 74.85
N GLN F 334 55.95 -43.55 73.69
CA GLN F 334 56.20 -44.67 72.80
C GLN F 334 57.14 -45.68 73.43
N ASP F 335 58.18 -45.21 74.12
CA ASP F 335 59.07 -46.15 74.79
C ASP F 335 58.35 -46.93 75.90
N LEU F 336 57.45 -46.27 76.62
CA LEU F 336 56.70 -46.96 77.67
C LEU F 336 55.77 -48.01 77.08
N LEU F 337 54.99 -47.63 76.06
CA LEU F 337 54.01 -48.54 75.47
C LEU F 337 54.64 -49.62 74.59
N ASP F 338 55.88 -49.43 74.16
CA ASP F 338 56.56 -50.45 73.36
C ASP F 338 56.74 -51.76 74.12
N GLY F 339 56.73 -51.72 75.45
CA GLY F 339 56.86 -52.93 76.22
C GLY F 339 55.61 -53.76 76.31
N SER F 340 54.49 -53.29 75.75
CA SER F 340 53.22 -54.02 75.83
C SER F 340 52.47 -54.12 74.51
N LEU F 341 52.74 -53.26 73.53
CA LEU F 341 51.91 -53.14 72.34
C LEU F 341 52.79 -53.05 71.10
N ASP F 342 52.21 -53.41 69.96
CA ASP F 342 52.83 -53.20 68.67
C ASP F 342 52.21 -52.08 67.86
N ARG F 343 51.03 -51.61 68.24
CA ARG F 343 50.33 -50.54 67.53
C ARG F 343 49.98 -49.44 68.51
N ILE F 344 50.46 -48.24 68.25
CA ILE F 344 50.12 -47.06 69.04
C ILE F 344 49.49 -46.04 68.11
N HIS F 345 48.31 -45.57 68.47
CA HIS F 345 47.59 -44.56 67.71
C HIS F 345 47.61 -43.26 68.51
N PHE F 346 48.19 -42.22 67.94
CA PHE F 346 48.17 -40.88 68.51
C PHE F 346 47.08 -40.08 67.81
N ASP F 347 46.01 -39.77 68.53
CA ASP F 347 44.94 -38.94 67.99
C ASP F 347 45.35 -37.49 68.15
N GLU F 348 46.06 -36.97 67.15
CA GLU F 348 46.52 -35.58 67.13
C GLU F 348 45.57 -34.70 66.34
N ALA F 349 44.28 -34.76 66.64
CA ALA F 349 43.30 -33.99 65.86
C ALA F 349 43.54 -32.49 66.00
N TRP F 350 43.86 -32.03 67.20
CA TRP F 350 44.15 -30.63 67.46
C TRP F 350 45.63 -30.30 67.29
N TYR F 351 46.44 -31.27 66.89
CA TYR F 351 47.90 -31.17 66.97
C TYR F 351 48.48 -31.58 65.62
N GLY F 352 48.42 -30.69 64.64
CA GLY F 352 48.82 -31.05 63.30
C GLY F 352 50.03 -30.27 62.85
N TYR F 353 50.21 -29.11 63.48
CA TYR F 353 51.31 -28.19 63.25
C TYR F 353 52.58 -28.56 64.01
N ALA F 354 52.51 -29.54 64.92
CA ALA F 354 53.58 -29.75 65.90
C ALA F 354 54.90 -30.09 65.25
N ARG F 355 54.88 -30.82 64.13
CA ARG F 355 56.11 -31.19 63.44
C ARG F 355 56.88 -29.99 62.91
N PHE F 356 56.23 -28.85 62.71
CA PHE F 356 56.81 -27.76 61.94
C PHE F 356 57.31 -26.60 62.80
N ASN F 357 57.42 -26.79 64.12
CA ASN F 357 58.05 -25.81 64.97
C ASN F 357 58.93 -26.54 65.99
N PRO F 358 60.20 -26.13 66.14
CA PRO F 358 61.10 -26.82 67.07
C PRO F 358 60.66 -26.75 68.53
N LEU F 359 59.75 -25.84 68.87
CA LEU F 359 59.26 -25.78 70.25
C LEU F 359 58.58 -27.07 70.68
N TYR F 360 58.07 -27.84 69.73
CA TYR F 360 57.32 -29.06 70.02
C TYR F 360 58.17 -30.32 69.89
N ARG F 361 59.49 -30.17 69.79
CA ARG F 361 60.39 -31.29 69.56
C ARG F 361 60.19 -32.38 70.61
N ASN F 362 60.13 -33.63 70.13
CA ASN F 362 59.93 -34.85 70.92
C ASN F 362 58.54 -34.97 71.51
N HIS F 363 57.61 -34.09 71.15
CA HIS F 363 56.28 -34.10 71.75
C HIS F 363 55.19 -34.40 70.72
N PHE F 364 55.52 -35.12 69.66
CA PHE F 364 54.55 -35.53 68.66
C PHE F 364 55.00 -36.86 68.07
N ALA F 365 54.17 -37.43 67.20
CA ALA F 365 54.33 -38.81 66.79
C ALA F 365 55.39 -38.97 65.70
N MET F 366 55.26 -38.23 64.60
CA MET F 366 56.09 -38.45 63.41
C MET F 366 57.33 -37.57 63.47
N ARG F 367 58.26 -37.97 64.33
CA ARG F 367 59.45 -37.20 64.60
C ARG F 367 60.55 -37.49 63.59
N ASP F 368 61.33 -36.45 63.27
CA ASP F 368 62.54 -36.64 62.51
C ASP F 368 63.61 -37.28 63.39
N GLU F 369 63.72 -38.60 63.34
CA GLU F 369 64.62 -39.34 64.21
C GLU F 369 65.11 -40.57 63.46
N GLU F 370 66.26 -41.08 63.89
CA GLU F 370 66.72 -42.36 63.39
C GLU F 370 65.80 -43.46 63.91
N ARG F 371 65.28 -44.28 62.99
CA ARG F 371 64.30 -45.30 63.33
C ARG F 371 64.94 -46.68 63.26
N THR F 372 64.76 -47.45 64.33
CA THR F 372 65.24 -48.82 64.37
C THR F 372 64.19 -49.76 63.77
N GLU F 373 64.51 -51.04 63.72
CA GLU F 373 63.63 -52.02 63.11
C GLU F 373 62.67 -52.68 64.09
N ASN F 374 62.84 -52.47 65.39
CA ASN F 374 61.99 -53.10 66.38
C ASN F 374 60.97 -52.14 66.97
N GLU F 375 60.67 -51.07 66.25
CA GLU F 375 59.70 -50.10 66.74
C GLU F 375 58.28 -50.62 66.54
N PRO F 376 57.33 -50.16 67.36
CA PRO F 376 55.93 -50.46 67.10
C PRO F 376 55.41 -49.66 65.92
N THR F 377 54.30 -50.12 65.36
CA THR F 377 53.61 -49.36 64.33
C THR F 377 52.92 -48.17 64.96
N ILE F 378 53.09 -46.99 64.36
CA ILE F 378 52.56 -45.74 64.88
C ILE F 378 51.53 -45.19 63.90
N PHE F 379 50.36 -44.86 64.42
CA PHE F 379 49.33 -44.16 63.66
C PHE F 379 49.14 -42.76 64.24
N ALA F 380 48.96 -41.78 63.36
CA ALA F 380 48.62 -40.42 63.77
C ALA F 380 47.50 -39.91 62.89
N THR F 381 46.48 -39.32 63.51
CA THR F 381 45.37 -38.72 62.80
C THR F 381 45.39 -37.21 63.02
N HIS F 382 45.31 -36.46 61.94
CA HIS F 382 45.26 -35.01 62.00
C HIS F 382 43.91 -34.53 61.48
N SER F 383 43.25 -33.67 62.24
CA SER F 383 42.06 -33.00 61.67
C SER F 383 42.62 -31.74 61.01
N THR F 384 42.80 -31.77 59.69
CA THR F 384 43.44 -30.64 58.96
C THR F 384 42.59 -29.37 59.02
N HIS F 385 41.31 -29.50 59.29
CA HIS F 385 40.42 -28.32 59.40
C HIS F 385 40.52 -27.69 60.79
N1 LLP F 386 39.49 -36.73 67.88
C2 LLP F 386 39.67 -35.62 68.59
C2' LLP F 386 40.60 -35.63 69.75
C3 LLP F 386 39.00 -34.45 68.24
O3 LLP F 386 39.23 -33.38 69.00
C4 LLP F 386 38.12 -34.43 67.14
C4' LLP F 386 37.43 -33.20 66.78
C5 LLP F 386 37.96 -35.63 66.42
C6 LLP F 386 38.65 -36.73 66.83
C5' LLP F 386 37.02 -35.75 65.26
OP4 LLP F 386 37.45 -34.98 64.10
P LLP F 386 36.44 -34.55 62.98
OP1 LLP F 386 37.31 -34.10 61.87
OP2 LLP F 386 35.60 -35.74 62.62
OP3 LLP F 386 35.66 -33.47 63.62
N LLP F 386 41.00 -28.41 61.79
CA LLP F 386 40.99 -27.86 63.17
CB LLP F 386 41.01 -28.93 64.26
CG LLP F 386 39.64 -29.42 64.71
CD LLP F 386 39.69 -30.67 65.59
CE LLP F 386 38.47 -31.56 65.44
NZ LLP F 386 38.02 -32.07 66.72
C LLP F 386 42.07 -26.77 63.32
O LLP F 386 41.68 -25.62 63.46
N LEU F 387 43.36 -27.12 63.28
CA LEU F 387 44.40 -26.10 63.56
C LEU F 387 45.36 -25.95 62.38
N LEU F 388 44.99 -26.53 61.24
CA LEU F 388 45.72 -26.31 59.96
C LEU F 388 44.70 -25.57 59.09
N ASN F 389 44.97 -25.31 57.81
CA ASN F 389 44.08 -24.59 56.91
C ASN F 389 43.45 -25.59 55.94
N ALA F 390 42.27 -26.08 56.29
CA ALA F 390 41.53 -26.98 55.42
C ALA F 390 40.05 -26.85 55.72
N LEU F 391 39.24 -27.26 54.74
CA LEU F 391 37.80 -27.28 54.92
C LEU F 391 37.39 -28.37 55.89
N SER F 392 36.23 -28.19 56.51
CA SER F 392 35.68 -29.20 57.41
C SER F 392 35.58 -30.54 56.70
N GLN F 393 35.78 -31.60 57.48
CA GLN F 393 35.78 -33.02 57.10
C GLN F 393 37.09 -33.45 56.47
N ALA F 394 38.06 -32.55 56.24
CA ALA F 394 39.36 -32.95 55.74
C ALA F 394 40.21 -33.52 56.87
N SER F 395 40.86 -34.64 56.60
CA SER F 395 41.64 -35.33 57.63
C SER F 395 42.73 -36.14 56.97
N PHE F 396 43.70 -36.56 57.77
CA PHE F 396 44.80 -37.39 57.31
C PHE F 396 44.99 -38.57 58.24
N ILE F 397 45.35 -39.70 57.67
CA ILE F 397 45.89 -40.84 58.42
C ILE F 397 47.36 -40.94 58.06
N HIS F 398 48.22 -40.93 59.07
CA HIS F 398 49.65 -41.09 58.87
C HIS F 398 50.08 -42.39 59.54
N VAL F 399 50.85 -43.18 58.82
CA VAL F 399 51.29 -44.49 59.31
C VAL F 399 52.81 -44.55 59.26
N ARG F 400 53.42 -45.02 60.35
CA ARG F 400 54.82 -45.40 60.37
C ARG F 400 54.88 -46.89 60.66
N ASN F 401 55.35 -47.67 59.68
CA ASN F 401 55.30 -49.11 59.79
C ASN F 401 56.36 -49.62 60.76
N GLY F 402 55.93 -50.45 61.70
CA GLY F 402 56.84 -51.09 62.63
C GLY F 402 56.49 -52.54 62.85
N ARG F 403 56.39 -52.94 64.11
CA ARG F 403 55.99 -54.30 64.42
C ARG F 403 54.52 -54.52 64.14
N ASN F 404 54.20 -55.66 63.52
CA ASN F 404 52.83 -56.04 63.22
C ASN F 404 52.14 -54.98 62.35
N ALA F 405 52.83 -54.56 61.31
CA ALA F 405 52.31 -53.54 60.41
C ALA F 405 51.20 -54.11 59.53
N ILE F 406 50.34 -53.22 59.05
CA ILE F 406 49.23 -53.57 58.18
C ILE F 406 49.56 -53.10 56.78
N ASP F 407 49.66 -54.05 55.84
CA ASP F 407 50.00 -53.71 54.48
C ASP F 407 48.83 -53.03 53.78
N PHE F 408 49.11 -52.47 52.59
CA PHE F 408 48.14 -51.62 51.92
C PHE F 408 46.86 -52.38 51.56
N ASN F 409 46.98 -53.61 51.09
CA ASN F 409 45.79 -54.36 50.68
C ASN F 409 44.85 -54.59 51.86
N ARG F 410 45.40 -54.88 53.03
CA ARG F 410 44.56 -55.10 54.21
C ARG F 410 43.98 -53.79 54.74
N PHE F 411 44.78 -52.72 54.77
CA PHE F 411 44.31 -51.45 55.29
C PHE F 411 43.26 -50.82 54.40
N ASN F 412 43.36 -51.05 53.09
CA ASN F 412 42.43 -50.43 52.15
C ASN F 412 41.00 -50.90 52.37
N GLN F 413 40.82 -52.13 52.89
CA GLN F 413 39.47 -52.60 53.17
C GLN F 413 38.79 -51.76 54.24
N ALA F 414 39.47 -51.50 55.36
CA ALA F 414 38.91 -50.62 56.38
C ALA F 414 38.72 -49.21 55.85
N TYR F 415 39.70 -48.72 55.07
CA TYR F 415 39.59 -47.39 54.50
C TYR F 415 38.32 -47.25 53.67
N LEU F 416 38.06 -48.20 52.78
CA LEU F 416 36.85 -48.17 51.98
C LEU F 416 35.60 -48.35 52.84
N MET F 417 35.70 -49.18 53.89
CA MET F 417 34.53 -49.42 54.73
C MET F 417 34.04 -48.15 55.41
N HIS F 418 34.92 -47.20 55.70
CA HIS F 418 34.46 -45.98 56.34
C HIS F 418 34.51 -44.75 55.44
N SER F 419 34.48 -44.94 54.13
CA SER F 419 34.55 -43.85 53.18
C SER F 419 33.27 -43.80 52.35
N THR F 420 33.25 -42.94 51.34
CA THR F 420 32.15 -42.84 50.40
C THR F 420 32.69 -43.06 48.99
N THR F 421 31.83 -43.59 48.12
CA THR F 421 32.22 -43.82 46.75
C THR F 421 32.23 -42.55 45.91
N SER F 422 31.71 -41.44 46.42
CA SER F 422 31.67 -40.17 45.69
C SER F 422 32.22 -39.06 46.57
N PRO F 423 33.54 -39.04 46.78
CA PRO F 423 34.13 -37.96 47.58
C PRO F 423 34.03 -36.62 46.88
N LEU F 424 33.88 -35.57 47.69
CA LEU F 424 33.91 -34.20 47.18
C LEU F 424 35.35 -33.76 47.05
N TYR F 425 35.79 -33.48 45.82
CA TYR F 425 37.20 -33.22 45.56
C TYR F 425 37.68 -31.89 46.13
N ALA F 426 36.76 -30.98 46.46
CA ALA F 426 37.17 -29.74 47.12
C ALA F 426 37.79 -30.03 48.49
N ILE F 427 37.27 -31.02 49.22
CA ILE F 427 37.84 -31.37 50.51
C ILE F 427 39.25 -31.91 50.35
N CYS F 428 39.46 -32.80 49.38
CA CYS F 428 40.80 -33.33 49.13
C CYS F 428 41.74 -32.23 48.67
N ALA F 429 41.25 -31.28 47.87
CA ALA F 429 42.07 -30.16 47.44
C ALA F 429 42.48 -29.30 48.63
N SER F 430 41.56 -29.09 49.58
CA SER F 430 41.91 -28.34 50.78
C SER F 430 42.96 -29.09 51.61
N ASN F 431 42.85 -30.42 51.69
CA ASN F 431 43.89 -31.21 52.35
C ASN F 431 45.24 -31.01 51.69
N ASP F 432 45.25 -31.04 50.35
CA ASP F 432 46.49 -30.87 49.60
C ASP F 432 47.10 -29.50 49.81
N ILE F 433 46.27 -28.44 49.81
CA ILE F 433 46.81 -27.10 50.01
C ILE F 433 47.28 -26.91 51.45
N ALA F 434 46.63 -27.55 52.42
CA ALA F 434 47.11 -27.47 53.81
C ALA F 434 48.49 -28.12 53.94
N ALA F 435 48.65 -29.30 53.36
CA ALA F 435 49.96 -29.95 53.39
C ALA F 435 51.01 -29.09 52.71
N ASP F 436 50.66 -28.48 51.57
CA ASP F 436 51.60 -27.59 50.89
C ASP F 436 51.95 -26.39 51.74
N MET F 437 50.97 -25.87 52.48
CA MET F 437 51.19 -24.69 53.31
C MET F 437 52.15 -24.99 54.44
N MET F 438 52.14 -26.22 54.98
CA MET F 438 53.12 -26.56 56.00
C MET F 438 54.48 -26.94 55.43
N ASP F 439 54.63 -27.04 54.12
CA ASP F 439 55.86 -27.52 53.52
C ASP F 439 56.93 -26.44 53.47
N GLY F 440 58.17 -26.83 53.74
CA GLY F 440 59.32 -25.93 53.64
C GLY F 440 59.40 -24.88 54.73
N ASN F 441 59.82 -23.68 54.35
CA ASN F 441 59.97 -22.58 55.32
C ASN F 441 58.63 -22.10 55.85
N SER F 442 57.56 -22.25 55.05
CA SER F 442 56.29 -21.62 55.38
C SER F 442 55.67 -22.21 56.63
N GLY F 443 55.81 -23.53 56.84
CA GLY F 443 55.25 -24.11 58.06
C GLY F 443 55.88 -23.56 59.32
N ARG F 444 57.22 -23.45 59.32
CA ARG F 444 57.91 -22.83 60.44
C ARG F 444 57.47 -21.39 60.63
N SER F 445 57.37 -20.63 59.54
CA SER F 445 57.00 -19.22 59.64
C SER F 445 55.59 -19.05 60.21
N LEU F 446 54.65 -19.88 59.74
CA LEU F 446 53.26 -19.75 60.20
C LEU F 446 53.10 -20.16 61.66
N THR F 447 53.74 -21.27 62.05
CA THR F 447 53.69 -21.67 63.46
C THR F 447 54.35 -20.61 64.33
N ASP F 448 55.46 -20.02 63.86
CA ASP F 448 56.10 -18.95 64.61
C ASP F 448 55.17 -17.77 64.83
N GLU F 449 54.46 -17.36 63.78
CA GLU F 449 53.55 -16.23 63.92
C GLU F 449 52.46 -16.52 64.96
N VAL F 450 51.86 -17.71 64.89
CA VAL F 450 50.80 -18.02 65.86
C VAL F 450 51.36 -18.07 67.28
N ILE F 451 52.52 -18.71 67.45
CA ILE F 451 53.10 -18.84 68.78
C ILE F 451 53.44 -17.47 69.35
N ARG F 452 53.99 -16.58 68.52
CA ARG F 452 54.32 -15.24 68.99
C ARG F 452 53.07 -14.45 69.39
N GLU F 453 51.99 -14.58 68.61
CA GLU F 453 50.74 -13.90 69.00
C GLU F 453 50.25 -14.41 70.35
N SER F 454 50.26 -15.73 70.55
CA SER F 454 49.79 -16.29 71.81
C SER F 454 50.68 -15.83 72.97
N ILE F 455 51.99 -15.76 72.75
CA ILE F 455 52.90 -15.32 73.80
C ILE F 455 52.67 -13.85 74.14
N ASP F 456 52.44 -13.01 73.13
CA ASP F 456 52.15 -11.61 73.40
C ASP F 456 50.89 -11.47 74.23
N PHE F 457 49.85 -12.24 73.90
CA PHE F 457 48.63 -12.20 74.70
C PHE F 457 48.90 -12.66 76.13
N ARG F 458 49.62 -13.77 76.30
CA ARG F 458 49.87 -14.29 77.65
C ARG F 458 50.65 -13.29 78.49
N GLN F 459 51.69 -12.69 77.93
CA GLN F 459 52.52 -11.76 78.68
C GLN F 459 51.74 -10.49 79.01
N SER F 460 50.94 -9.98 78.08
CA SER F 460 50.13 -8.80 78.37
C SER F 460 49.13 -9.08 79.49
N LEU F 461 48.49 -10.25 79.45
CA LEU F 461 47.52 -10.59 80.49
C LEU F 461 48.21 -10.75 81.84
N ALA F 462 49.38 -11.39 81.87
CA ALA F 462 50.11 -11.53 83.13
C ALA F 462 50.52 -10.17 83.68
N TYR F 463 50.94 -9.25 82.81
CA TYR F 463 51.31 -7.92 83.25
C TYR F 463 50.11 -7.18 83.83
N LEU F 464 48.96 -7.26 83.17
CA LEU F 464 47.76 -6.61 83.69
C LEU F 464 47.34 -7.22 85.01
N TYR F 465 47.46 -8.54 85.14
CA TYR F 465 47.14 -9.20 86.39
C TYR F 465 48.02 -8.70 87.52
N LYS F 466 49.33 -8.57 87.26
CA LYS F 466 50.23 -8.05 88.28
C LYS F 466 49.88 -6.61 88.64
N GLU F 467 49.54 -5.79 87.65
CA GLU F 467 49.17 -4.41 87.91
C GLU F 467 47.95 -4.31 88.81
N PHE F 468 46.90 -5.07 88.47
CA PHE F 468 45.69 -5.06 89.27
C PHE F 468 45.94 -5.62 90.67
N LEU F 469 46.78 -6.65 90.77
CA LEU F 469 47.13 -7.19 92.09
C LEU F 469 47.87 -6.15 92.93
N ASN F 470 48.77 -5.39 92.30
CA ASN F 470 49.46 -4.33 93.02
C ASN F 470 48.49 -3.27 93.51
N ASP F 471 47.44 -2.99 92.74
CA ASP F 471 46.38 -2.10 93.20
C ASP F 471 45.33 -2.83 94.04
N ASP F 472 45.68 -3.98 94.61
CA ASP F 472 44.78 -4.87 95.36
C ASP F 472 43.41 -5.00 94.70
N GLU F 473 43.42 -5.34 93.42
CA GLU F 473 42.22 -5.68 92.67
C GLU F 473 42.37 -7.05 92.02
N TRP F 474 41.25 -7.62 91.61
CA TRP F 474 41.25 -8.90 90.94
C TRP F 474 41.34 -8.73 89.43
N PHE F 475 41.91 -9.73 88.76
CA PHE F 475 41.88 -9.80 87.31
C PHE F 475 42.11 -11.25 86.89
N PHE F 476 41.94 -11.50 85.60
CA PHE F 476 42.23 -12.80 85.02
C PHE F 476 43.73 -12.97 84.82
N LYS F 477 44.19 -14.22 84.93
CA LYS F 477 45.58 -14.54 84.73
C LYS F 477 45.71 -15.68 83.73
N PRO F 478 46.74 -15.66 82.90
CA PRO F 478 46.98 -16.78 81.99
C PRO F 478 47.45 -18.01 82.75
N TRP F 479 47.13 -19.18 82.23
CA TRP F 479 47.53 -20.44 82.84
C TRP F 479 48.83 -20.89 82.20
N ASN F 480 49.95 -20.44 82.77
CA ASN F 480 51.27 -20.87 82.36
C ASN F 480 52.22 -20.71 83.54
N GLN F 481 53.51 -20.91 83.29
CA GLN F 481 54.52 -20.72 84.32
C GLN F 481 54.50 -19.30 84.85
N GLU F 482 54.62 -19.16 86.17
CA GLU F 482 54.81 -17.83 86.75
C GLU F 482 56.22 -17.31 86.52
N MET F 483 57.23 -18.15 86.72
CA MET F 483 58.62 -17.78 86.55
C MET F 483 59.26 -18.73 85.55
N VAL F 484 60.06 -18.19 84.64
CA VAL F 484 60.79 -18.99 83.67
C VAL F 484 62.27 -18.78 83.87
N LYS F 485 63.03 -19.84 83.62
CA LYS F 485 64.48 -19.83 83.79
C LYS F 485 65.14 -19.92 82.43
N ASP F 486 66.13 -19.08 82.19
CA ASP F 486 66.93 -19.19 80.97
C ASP F 486 67.94 -20.31 81.15
N PRO F 487 67.86 -21.39 80.37
CA PRO F 487 68.78 -22.51 80.58
C PRO F 487 70.23 -22.19 80.24
N ALA F 488 70.48 -21.18 79.42
CA ALA F 488 71.85 -20.84 79.04
C ALA F 488 72.56 -20.09 80.16
N THR F 489 72.04 -18.91 80.51
CA THR F 489 72.68 -18.06 81.51
C THR F 489 72.23 -18.34 82.93
N GLY F 490 71.20 -19.17 83.12
CA GLY F 490 70.69 -19.45 84.45
C GLY F 490 69.84 -18.36 85.04
N LYS F 491 69.56 -17.28 84.31
CA LYS F 491 68.80 -16.17 84.83
C LYS F 491 67.32 -16.49 84.88
N ARG F 492 66.66 -16.05 85.94
CA ARG F 492 65.23 -16.24 86.12
C ARG F 492 64.49 -14.96 85.75
N TYR F 493 63.32 -15.12 85.14
CA TYR F 493 62.44 -14.01 84.82
C TYR F 493 61.03 -14.33 85.28
N ALA F 494 60.30 -13.29 85.65
CA ALA F 494 58.86 -13.41 85.66
C ALA F 494 58.37 -13.60 84.23
N PHE F 495 57.27 -14.35 84.08
CA PHE F 495 56.83 -14.71 82.74
C PHE F 495 56.55 -13.48 81.88
N GLU F 496 55.90 -12.46 82.45
CA GLU F 496 55.60 -11.26 81.69
C GLU F 496 56.85 -10.44 81.38
N ASP F 497 57.96 -10.69 82.06
CA ASP F 497 59.21 -9.99 81.81
C ASP F 497 60.19 -10.79 80.97
N ALA F 498 59.90 -12.05 80.69
CA ALA F 498 60.82 -12.87 79.93
C ALA F 498 60.94 -12.36 78.50
N PRO F 499 62.13 -12.43 77.90
CA PRO F 499 62.26 -12.05 76.49
C PRO F 499 61.45 -13.00 75.61
N VAL F 500 60.82 -12.43 74.58
CA VAL F 500 59.96 -13.21 73.71
C VAL F 500 60.75 -14.29 72.98
N GLU F 501 61.99 -13.97 72.61
CA GLU F 501 62.84 -14.97 71.94
C GLU F 501 63.07 -16.18 72.82
N LEU F 502 63.28 -15.96 74.12
CA LEU F 502 63.49 -17.08 75.03
C LEU F 502 62.25 -17.97 75.11
N LEU F 503 61.07 -17.37 75.22
CA LEU F 503 59.84 -18.15 75.30
C LEU F 503 59.55 -18.87 73.99
N MET F 504 59.92 -18.26 72.86
CA MET F 504 59.70 -18.87 71.56
C MET F 504 60.71 -19.97 71.25
N ARG F 505 61.88 -19.94 71.87
CA ARG F 505 62.95 -20.88 71.55
C ARG F 505 63.10 -22.02 72.53
N GLU F 506 62.89 -21.78 73.82
CA GLU F 506 63.22 -22.75 74.85
C GLU F 506 62.00 -23.57 75.25
N GLN F 507 62.09 -24.88 75.05
CA GLN F 507 60.99 -25.78 75.39
C GLN F 507 60.76 -25.84 76.90
N SER F 508 61.82 -25.75 77.69
CA SER F 508 61.70 -25.87 79.14
C SER F 508 60.87 -24.75 79.76
N CYS F 509 60.69 -23.63 79.04
CA CYS F 509 59.80 -22.58 79.53
C CYS F 509 58.33 -22.99 79.50
N TRP F 510 58.02 -24.13 78.90
CA TRP F 510 56.64 -24.61 78.82
C TRP F 510 56.45 -26.00 79.40
N VAL F 511 57.53 -26.67 79.80
CA VAL F 511 57.43 -27.99 80.41
C VAL F 511 56.79 -27.87 81.78
N MET F 512 55.97 -28.85 82.15
CA MET F 512 55.34 -28.90 83.46
C MET F 512 56.35 -29.46 84.46
N HIS F 513 56.86 -28.61 85.34
CA HIS F 513 57.78 -29.20 86.31
C HIS F 513 57.05 -29.55 87.60
N PRO F 514 57.41 -30.65 88.23
CA PRO F 514 56.71 -31.06 89.46
C PRO F 514 56.83 -30.05 90.60
N GLU F 515 57.88 -29.23 90.62
CA GLU F 515 58.08 -28.26 91.68
C GLU F 515 57.25 -26.99 91.48
N ASP F 516 56.68 -26.78 90.30
CA ASP F 516 55.87 -25.60 90.05
C ASP F 516 54.42 -25.84 90.45
N LYS F 517 53.77 -24.77 90.92
CA LYS F 517 52.40 -24.85 91.38
C LYS F 517 51.37 -24.43 90.33
N TRP F 518 51.81 -23.83 89.22
CA TRP F 518 50.85 -23.27 88.28
C TRP F 518 49.99 -24.33 87.63
N HIS F 519 50.57 -25.46 87.21
CA HIS F 519 49.81 -26.44 86.45
C HIS F 519 48.88 -27.27 87.33
N GLY F 520 49.27 -27.52 88.57
CA GLY F 520 48.40 -28.21 89.50
C GLY F 520 48.27 -29.69 89.31
N PHE F 521 49.11 -30.31 88.48
CA PHE F 521 49.11 -31.76 88.31
C PHE F 521 50.12 -32.34 89.28
N ASN F 522 49.63 -32.70 90.46
CA ASN F 522 50.51 -33.19 91.52
C ASN F 522 51.10 -34.54 91.15
N ASP F 523 52.37 -34.74 91.47
CA ASP F 523 53.10 -35.99 91.25
C ASP F 523 53.30 -36.28 89.76
N ILE F 524 53.27 -35.25 88.93
CA ILE F 524 53.65 -35.45 87.53
C ILE F 524 55.17 -35.58 87.44
N PRO F 525 55.70 -36.55 86.68
CA PRO F 525 57.14 -36.60 86.48
C PRO F 525 57.63 -35.42 85.66
N ASP F 526 58.90 -35.10 85.83
CA ASP F 526 59.49 -34.00 85.08
C ASP F 526 59.78 -34.44 83.65
N ASN F 527 59.69 -33.48 82.74
CA ASN F 527 59.92 -33.70 81.30
C ASN F 527 58.97 -34.77 80.76
N TRP F 528 57.74 -34.77 81.26
CA TRP F 528 56.69 -35.67 80.79
C TRP F 528 55.66 -34.95 79.93
N ALA F 529 55.13 -33.84 80.41
CA ALA F 529 54.13 -33.06 79.69
C ALA F 529 54.66 -31.65 79.44
N MET F 530 53.94 -30.93 78.59
CA MET F 530 54.33 -29.61 78.14
C MET F 530 53.06 -28.86 77.74
N LEU F 531 53.06 -27.55 77.94
CA LEU F 531 51.92 -26.73 77.58
C LEU F 531 52.06 -26.20 76.16
N ASP F 532 51.02 -26.37 75.36
CA ASP F 532 50.98 -25.79 74.03
C ASP F 532 50.71 -24.29 74.14
N PRO F 533 51.61 -23.43 73.68
CA PRO F 533 51.38 -21.98 73.87
C PRO F 533 50.13 -21.46 73.21
N ILE F 534 49.70 -22.03 72.08
CA ILE F 534 48.61 -21.43 71.31
C ILE F 534 47.23 -21.83 71.82
N LYS F 535 47.13 -22.70 72.81
CA LYS F 535 45.87 -23.01 73.47
C LYS F 535 45.88 -22.26 74.80
N VAL F 536 45.38 -21.03 74.79
CA VAL F 536 45.54 -20.12 75.92
C VAL F 536 44.34 -20.25 76.85
N SER F 537 44.59 -20.71 78.06
CA SER F 537 43.59 -20.75 79.12
C SER F 537 43.78 -19.54 80.01
N ILE F 538 42.68 -18.88 80.35
CA ILE F 538 42.71 -17.82 81.34
C ILE F 538 41.89 -18.27 82.54
N LEU F 539 42.32 -17.85 83.72
CA LEU F 539 41.74 -18.28 84.97
C LEU F 539 41.02 -17.10 85.63
N ALA F 540 39.75 -17.29 85.92
CA ALA F 540 39.04 -16.32 86.74
C ALA F 540 39.37 -16.54 88.21
N PRO F 541 39.38 -15.49 89.02
CA PRO F 541 39.73 -15.64 90.43
C PRO F 541 38.66 -16.41 91.19
N GLY F 542 39.09 -17.10 92.24
CA GLY F 542 38.17 -17.81 93.09
C GLY F 542 38.66 -19.15 93.59
N MET F 543 39.66 -19.72 92.94
CA MET F 543 40.19 -21.02 93.29
C MET F 543 41.54 -20.85 93.98
N GLY F 544 41.66 -21.40 95.18
CA GLY F 544 42.92 -21.35 95.88
C GLY F 544 43.92 -22.36 95.36
N ASP F 545 45.19 -22.10 95.65
CA ASP F 545 46.25 -22.99 95.20
C ASP F 545 46.19 -24.35 95.87
N ASP F 546 45.58 -24.43 97.05
CA ASP F 546 45.45 -25.68 97.76
C ASP F 546 44.37 -26.60 97.18
N GLY F 547 43.46 -26.05 96.38
CA GLY F 547 42.36 -26.82 95.81
C GLY F 547 41.00 -26.43 96.33
N LYS F 548 40.91 -25.51 97.28
CA LYS F 548 39.64 -25.07 97.83
C LYS F 548 39.37 -23.63 97.42
N LEU F 549 38.09 -23.28 97.39
CA LEU F 549 37.68 -21.97 96.94
C LEU F 549 38.12 -20.89 97.93
N LEU F 550 38.29 -19.68 97.41
CA LEU F 550 38.61 -18.53 98.23
C LEU F 550 37.31 -17.91 98.76
N ASP F 551 37.46 -16.80 99.49
CA ASP F 551 36.28 -16.15 100.07
C ASP F 551 35.44 -15.47 99.01
N THR F 552 36.07 -15.04 97.92
CA THR F 552 35.37 -14.36 96.83
C THR F 552 35.97 -14.80 95.51
N GLY F 553 35.22 -14.58 94.44
CA GLY F 553 35.68 -14.95 93.12
C GLY F 553 34.67 -14.58 92.07
N VAL F 554 35.06 -14.80 90.82
CA VAL F 554 34.21 -14.54 89.66
C VAL F 554 34.06 -15.84 88.89
N PRO F 555 32.88 -16.46 88.87
CA PRO F 555 32.71 -17.71 88.13
C PRO F 555 32.86 -17.49 86.62
N ALA F 556 33.41 -18.51 85.95
CA ALA F 556 33.69 -18.38 84.53
C ALA F 556 32.44 -18.44 83.66
N ALA F 557 31.31 -18.94 84.19
CA ALA F 557 30.09 -18.98 83.39
C ALA F 557 29.62 -17.58 83.03
N LEU F 558 29.72 -16.65 83.98
CA LEU F 558 29.31 -15.27 83.72
C LEU F 558 30.24 -14.58 82.71
N VAL F 559 31.54 -14.82 82.83
CA VAL F 559 32.49 -14.29 81.85
C VAL F 559 32.22 -14.88 80.48
N THR F 560 31.86 -16.16 80.43
CA THR F 560 31.52 -16.79 79.16
C THR F 560 30.28 -16.17 78.54
N ALA F 561 29.28 -15.87 79.37
CA ALA F 561 28.11 -15.18 78.86
C ALA F 561 28.46 -13.81 78.29
N TRP F 562 29.34 -13.08 78.98
CA TRP F 562 29.81 -11.79 78.49
C TRP F 562 30.51 -11.94 77.13
N LEU F 563 31.43 -12.89 77.03
CA LEU F 563 32.16 -13.11 75.79
C LEU F 563 31.24 -13.51 74.65
N ASN F 564 30.28 -14.40 74.93
CA ASN F 564 29.29 -14.76 73.92
C ASN F 564 28.50 -13.54 73.47
N HIS F 565 28.11 -12.68 74.42
CA HIS F 565 27.43 -11.45 74.06
C HIS F 565 28.27 -10.61 73.12
N TYR F 566 29.59 -10.64 73.27
CA TYR F 566 30.45 -9.90 72.36
C TYR F 566 30.95 -10.74 71.19
N GLY F 567 30.44 -11.95 71.02
CA GLY F 567 30.73 -12.77 69.86
C GLY F 567 31.86 -13.76 70.06
N ILE F 568 32.68 -13.58 71.09
CA ILE F 568 33.76 -14.51 71.37
C ILE F 568 33.19 -15.78 71.98
N VAL F 569 33.48 -16.93 71.37
CA VAL F 569 32.98 -18.20 71.88
C VAL F 569 34.19 -19.06 72.27
N PRO F 570 34.41 -19.30 73.56
CA PRO F 570 35.54 -20.12 73.98
C PRO F 570 35.37 -21.58 73.59
N THR F 571 36.51 -22.26 73.45
CA THR F 571 36.52 -23.67 73.10
C THR F 571 36.19 -24.56 74.28
N ARG F 572 36.78 -24.28 75.44
CA ARG F 572 36.54 -25.06 76.66
C ARG F 572 36.26 -24.11 77.80
N THR F 573 35.56 -24.63 78.82
CA THR F 573 35.20 -23.83 79.97
C THR F 573 34.95 -24.74 81.16
N THR F 574 35.51 -24.40 82.31
CA THR F 574 35.21 -25.01 83.60
C THR F 574 34.70 -23.92 84.55
N ASP F 575 34.61 -24.25 85.83
CA ASP F 575 34.13 -23.29 86.82
C ASP F 575 34.97 -22.02 86.83
N PHE F 576 36.31 -22.16 86.86
CA PHE F 576 37.21 -21.01 86.69
C PHE F 576 38.28 -21.40 85.68
N GLN F 577 37.91 -21.36 84.39
CA GLN F 577 38.86 -21.55 83.30
C GLN F 577 38.16 -21.27 81.98
N ILE F 578 38.79 -20.46 81.14
CA ILE F 578 38.27 -20.17 79.80
C ILE F 578 39.41 -20.34 78.81
N MET F 579 39.18 -21.15 77.79
CA MET F 579 40.21 -21.49 76.81
C MET F 579 39.94 -20.76 75.50
N PHE F 580 40.98 -20.12 74.97
CA PHE F 580 40.92 -19.42 73.70
C PHE F 580 41.89 -20.08 72.72
N LEU F 581 41.45 -20.22 71.48
CA LEU F 581 42.27 -20.82 70.43
C LEU F 581 42.96 -19.75 69.62
N PHE F 582 44.27 -19.86 69.48
CA PHE F 582 45.03 -19.07 68.53
C PHE F 582 45.37 -19.98 67.35
N SER F 583 44.90 -19.62 66.17
CA SER F 583 45.09 -20.46 64.98
C SER F 583 45.88 -19.68 63.94
N MET F 584 46.24 -20.38 62.86
CA MET F 584 46.97 -19.75 61.77
C MET F 584 46.09 -18.79 60.97
N GLY F 585 44.79 -18.77 61.22
CA GLY F 585 43.90 -17.78 60.64
C GLY F 585 43.75 -16.50 61.42
N ILE F 586 44.41 -16.37 62.56
CA ILE F 586 44.37 -15.14 63.33
C ILE F 586 45.25 -14.09 62.67
N THR F 587 44.90 -12.83 62.89
CA THR F 587 45.71 -11.72 62.41
C THR F 587 46.45 -11.08 63.59
N LYS F 588 47.53 -10.38 63.28
CA LYS F 588 48.41 -9.86 64.31
C LYS F 588 47.72 -8.75 65.10
N GLY F 589 47.90 -8.79 66.42
CA GLY F 589 47.31 -7.80 67.31
C GLY F 589 45.84 -8.01 67.60
N LYS F 590 45.26 -9.13 67.18
CA LYS F 590 43.83 -9.37 67.38
C LYS F 590 43.50 -9.58 68.86
N TRP F 591 44.45 -10.06 69.66
CA TRP F 591 44.21 -10.32 71.07
C TRP F 591 43.95 -9.05 71.87
N GLY F 592 44.22 -7.89 71.30
CA GLY F 592 43.84 -6.64 71.95
C GLY F 592 42.35 -6.53 72.18
N THR F 593 41.55 -7.06 71.25
CA THR F 593 40.10 -7.11 71.46
C THR F 593 39.75 -7.96 72.66
N LEU F 594 40.41 -9.11 72.82
CA LEU F 594 40.15 -9.97 73.97
C LEU F 594 40.49 -9.25 75.27
N VAL F 595 41.63 -8.58 75.30
CA VAL F 595 42.04 -7.85 76.51
C VAL F 595 41.04 -6.73 76.81
N ASN F 596 40.62 -6.00 75.77
CA ASN F 596 39.65 -4.93 75.95
C ASN F 596 38.33 -5.45 76.49
N THR F 597 37.86 -6.58 75.96
CA THR F 597 36.61 -7.18 76.43
C THR F 597 36.71 -7.60 77.89
N LEU F 598 37.84 -8.20 78.28
CA LEU F 598 38.00 -8.59 79.68
C LEU F 598 38.04 -7.37 80.59
N LEU F 599 38.71 -6.31 80.17
CA LEU F 599 38.76 -5.09 80.97
C LEU F 599 37.38 -4.46 81.12
N SER F 600 36.60 -4.41 80.03
CA SER F 600 35.26 -3.85 80.13
C SER F 600 34.36 -4.71 81.01
N PHE F 601 34.53 -6.04 80.96
CA PHE F 601 33.80 -6.89 81.89
C PHE F 601 34.17 -6.56 83.33
N LYS F 602 35.45 -6.37 83.61
CA LYS F 602 35.85 -6.03 84.97
C LYS F 602 35.26 -4.71 85.41
N ARG F 603 35.22 -3.72 84.51
CA ARG F 603 34.62 -2.44 84.83
C ARG F 603 33.14 -2.59 85.20
N HIS F 604 32.38 -3.29 84.34
CA HIS F 604 30.96 -3.46 84.62
C HIS F 604 30.71 -4.33 85.84
N TYR F 605 31.63 -5.23 86.15
CA TYR F 605 31.48 -6.08 87.32
C TYR F 605 31.73 -5.28 88.60
N ASP F 606 32.75 -4.43 88.58
CA ASP F 606 33.01 -3.57 89.73
C ASP F 606 31.91 -2.55 89.92
N ASN F 607 31.28 -2.10 88.83
CA ASN F 607 30.20 -1.12 88.95
C ASN F 607 28.84 -1.77 89.21
N ASN F 608 28.76 -3.10 89.21
CA ASN F 608 27.50 -3.82 89.41
C ASN F 608 26.42 -3.33 88.45
N THR F 609 26.78 -3.25 87.17
CA THR F 609 25.84 -2.80 86.16
C THR F 609 24.69 -3.80 86.03
N ALA F 610 23.48 -3.27 85.89
CA ALA F 610 22.30 -4.12 85.81
C ALA F 610 22.35 -5.01 84.58
N LEU F 611 21.96 -6.27 84.77
CA LEU F 611 22.03 -7.24 83.68
C LEU F 611 21.17 -6.85 82.49
N LYS F 612 20.12 -6.06 82.70
CA LYS F 612 19.30 -5.62 81.56
C LYS F 612 20.10 -4.76 80.60
N LYS F 613 20.97 -3.89 81.13
CA LYS F 613 21.75 -3.02 80.26
C LYS F 613 22.83 -3.78 79.50
N VAL F 614 23.55 -4.68 80.19
CA VAL F 614 24.73 -5.32 79.62
C VAL F 614 24.41 -6.66 78.99
N LEU F 615 23.59 -7.49 79.63
CA LEU F 615 23.33 -8.85 79.18
C LEU F 615 21.83 -9.09 79.08
N PRO F 616 21.16 -8.46 78.12
CA PRO F 616 19.70 -8.68 77.98
C PRO F 616 19.33 -10.12 77.70
N GLU F 617 20.18 -10.87 76.98
CA GLU F 617 19.86 -12.27 76.69
C GLU F 617 19.83 -13.12 77.95
N VAL F 618 20.68 -12.81 78.92
CA VAL F 618 20.64 -13.51 80.19
C VAL F 618 19.33 -13.22 80.91
N VAL F 619 18.90 -11.96 80.89
CA VAL F 619 17.64 -11.58 81.55
C VAL F 619 16.47 -12.30 80.88
N ALA F 620 16.52 -12.43 79.55
CA ALA F 620 15.43 -13.02 78.80
C ALA F 620 15.18 -14.48 79.16
N SER F 621 16.12 -15.15 79.84
CA SER F 621 15.88 -16.52 80.27
C SER F 621 14.90 -16.55 81.45
N ALA F 622 15.24 -15.89 82.55
CA ALA F 622 14.41 -15.84 83.75
C ALA F 622 14.24 -14.40 84.18
N PRO F 623 13.36 -13.65 83.51
CA PRO F 623 13.21 -12.22 83.83
C PRO F 623 12.78 -11.96 85.26
N GLU F 624 12.12 -12.92 85.91
CA GLU F 624 11.72 -12.73 87.30
C GLU F 624 12.90 -12.86 88.26
N ILE F 625 13.94 -13.59 87.88
CA ILE F 625 15.11 -13.77 88.72
C ILE F 625 16.19 -12.75 88.43
N TYR F 626 16.60 -12.63 87.16
CA TYR F 626 17.70 -11.77 86.78
C TYR F 626 17.28 -10.32 86.61
N GLY F 627 15.99 -10.03 86.51
CA GLY F 627 15.54 -8.65 86.52
C GLY F 627 15.88 -7.97 87.84
N GLU F 628 16.19 -6.68 87.76
CA GLU F 628 16.57 -5.88 88.92
C GLU F 628 17.80 -6.43 89.63
N MET F 629 18.68 -7.10 88.90
CA MET F 629 19.88 -7.69 89.45
C MET F 629 21.10 -7.19 88.69
N GLY F 630 22.20 -6.98 89.40
CA GLY F 630 23.42 -6.51 88.77
C GLY F 630 24.38 -7.63 88.41
N LEU F 631 25.43 -7.25 87.68
CA LEU F 631 26.44 -8.22 87.25
C LEU F 631 27.13 -8.85 88.46
N ARG F 632 27.57 -8.03 89.41
CA ARG F 632 28.24 -8.56 90.58
C ARG F 632 27.30 -9.31 91.50
N ASP F 633 26.01 -8.93 91.54
CA ASP F 633 25.05 -9.69 92.32
C ASP F 633 24.96 -11.12 91.81
N LEU F 634 24.81 -11.28 90.50
CA LEU F 634 24.76 -12.62 89.90
C LEU F 634 26.07 -13.36 90.12
N GLY F 635 27.20 -12.67 89.97
CA GLY F 635 28.49 -13.32 90.17
C GLY F 635 28.66 -13.84 91.57
N ASP F 636 28.32 -13.02 92.58
CA ASP F 636 28.40 -13.46 93.96
C ASP F 636 27.40 -14.54 94.29
N LYS F 637 26.21 -14.50 93.69
CA LYS F 637 25.26 -15.60 93.86
C LYS F 637 25.84 -16.91 93.36
N MET F 638 26.40 -16.89 92.15
CA MET F 638 27.02 -18.09 91.59
C MET F 638 28.19 -18.57 92.45
N PHE F 639 29.01 -17.65 92.93
CA PHE F 639 30.16 -18.05 93.73
C PHE F 639 29.72 -18.62 95.08
N ALA F 640 28.68 -18.04 95.68
CA ALA F 640 28.15 -18.61 96.92
C ALA F 640 27.60 -20.01 96.69
N TYR F 641 26.91 -20.21 95.56
CA TYR F 641 26.44 -21.55 95.22
C TYR F 641 27.60 -22.53 95.07
N LEU F 642 28.66 -22.11 94.37
CA LEU F 642 29.80 -22.99 94.19
C LEU F 642 30.47 -23.30 95.53
N GLN F 643 30.60 -22.30 96.39
CA GLN F 643 31.19 -22.52 97.71
C GLN F 643 30.37 -23.51 98.53
N LYS F 644 29.05 -23.38 98.49
CA LYS F 644 28.19 -24.28 99.25
C LYS F 644 28.27 -25.71 98.72
N ASN F 645 28.15 -25.86 97.40
CA ASN F 645 28.00 -27.20 96.83
C ASN F 645 29.33 -27.86 96.49
N ASN F 646 30.35 -27.08 96.16
CA ASN F 646 31.68 -27.59 95.80
C ASN F 646 31.60 -28.66 94.72
N PRO F 647 31.17 -28.31 93.50
CA PRO F 647 31.09 -29.33 92.44
C PRO F 647 32.44 -29.84 91.98
N GLY F 648 33.54 -29.14 92.28
CA GLY F 648 34.85 -29.64 91.87
C GLY F 648 35.21 -30.95 92.57
N ALA F 649 34.85 -31.06 93.85
CA ALA F 649 35.03 -32.32 94.55
C ALA F 649 34.17 -33.42 93.95
N ARG F 650 32.95 -33.07 93.52
CA ARG F 650 32.10 -34.05 92.86
C ARG F 650 32.75 -34.54 91.57
N LEU F 651 33.30 -33.63 90.78
CA LEU F 651 34.00 -34.02 89.55
C LEU F 651 35.19 -34.92 89.87
N ASN F 652 35.96 -34.57 90.89
CA ASN F 652 37.12 -35.39 91.25
C ASN F 652 36.70 -36.77 91.68
N GLN F 653 35.63 -36.87 92.47
CA GLN F 653 35.14 -38.19 92.88
C GLN F 653 34.64 -39.00 91.69
N ALA F 654 33.90 -38.35 90.78
CA ALA F 654 33.34 -39.07 89.64
C ALA F 654 34.42 -39.55 88.69
N TYR F 655 35.52 -38.80 88.54
CA TYR F 655 36.51 -39.18 87.54
C TYR F 655 37.73 -39.90 88.11
N SER F 656 37.92 -39.88 89.43
CA SER F 656 39.00 -40.66 90.01
C SER F 656 38.65 -42.14 90.08
N GLN F 657 37.37 -42.48 90.24
CA GLN F 657 36.92 -43.86 90.30
C GLN F 657 36.25 -44.23 88.99
N LEU F 658 36.66 -45.34 88.40
CA LEU F 658 36.02 -45.78 87.18
C LEU F 658 34.72 -46.53 87.48
N PRO F 659 33.71 -46.38 86.63
CA PRO F 659 32.48 -47.13 86.81
C PRO F 659 32.69 -48.61 86.58
N GLN F 660 31.82 -49.42 87.19
CA GLN F 660 31.86 -50.86 86.99
C GLN F 660 31.45 -51.21 85.57
N VAL F 661 32.22 -52.07 84.92
CA VAL F 661 31.96 -52.48 83.54
C VAL F 661 31.12 -53.74 83.55
N MET F 662 30.00 -53.71 82.82
CA MET F 662 29.11 -54.85 82.73
C MET F 662 29.20 -55.56 81.38
N MET F 663 29.40 -54.82 80.30
CA MET F 663 29.54 -55.42 78.97
C MET F 663 30.35 -54.48 78.10
N THR F 664 30.78 -55.00 76.95
CA THR F 664 31.50 -54.19 75.98
C THR F 664 30.57 -53.11 75.41
N PRO F 665 31.15 -52.03 74.88
CA PRO F 665 30.31 -51.02 74.21
C PRO F 665 29.49 -51.58 73.07
N ARG F 666 30.01 -52.56 72.33
CA ARG F 666 29.23 -53.15 71.25
C ARG F 666 28.00 -53.86 71.78
N ASP F 667 28.13 -54.59 72.90
CA ASP F 667 26.97 -55.26 73.48
C ASP F 667 25.92 -54.25 73.93
N ALA F 668 26.36 -53.16 74.55
CA ALA F 668 25.43 -52.12 74.98
C ALA F 668 24.70 -51.51 73.79
N TYR F 669 25.42 -51.24 72.70
CA TYR F 669 24.76 -50.68 71.52
C TYR F 669 23.80 -51.69 70.89
N GLN F 670 24.17 -52.97 70.87
CA GLN F 670 23.26 -53.97 70.33
C GLN F 670 22.02 -54.14 71.18
N GLN F 671 22.09 -53.79 72.46
CA GLN F 671 20.87 -53.65 73.25
C GLN F 671 19.96 -52.56 72.68
N ILE F 672 20.55 -51.44 72.24
CA ILE F 672 19.77 -50.39 71.59
C ILE F 672 19.13 -50.92 70.32
N VAL F 673 19.90 -51.66 69.51
CA VAL F 673 19.36 -52.18 68.26
C VAL F 673 18.22 -53.15 68.53
N ALA F 674 18.33 -53.95 69.58
CA ALA F 674 17.29 -54.91 69.94
C ALA F 674 16.11 -54.26 70.67
N ASN F 675 16.11 -52.93 70.80
CA ASN F 675 15.04 -52.20 71.45
C ASN F 675 14.90 -52.57 72.93
N ARG F 676 15.97 -53.06 73.54
CA ARG F 676 16.00 -53.37 74.96
C ARG F 676 16.58 -52.21 75.77
N VAL F 677 16.06 -51.00 75.57
CA VAL F 677 16.55 -49.82 76.28
C VAL F 677 15.36 -48.94 76.66
N GLU F 678 15.58 -48.06 77.61
CA GLU F 678 14.54 -47.15 78.10
C GLU F 678 15.19 -45.89 78.64
N ALA F 679 14.41 -44.81 78.67
CA ALA F 679 14.85 -43.55 79.24
C ALA F 679 14.60 -43.56 80.74
N VAL F 680 15.65 -43.34 81.52
CA VAL F 680 15.61 -43.45 82.97
C VAL F 680 16.00 -42.10 83.56
N PRO F 681 15.23 -41.55 84.49
CA PRO F 681 15.65 -40.30 85.15
C PRO F 681 16.87 -40.51 86.03
N VAL F 682 17.53 -39.41 86.35
CA VAL F 682 18.77 -39.46 87.12
C VAL F 682 18.55 -40.07 88.49
N ASP F 683 17.44 -39.73 89.14
CA ASP F 683 17.19 -40.24 90.48
C ASP F 683 16.91 -41.74 90.50
N GLN F 684 16.69 -42.37 89.35
CA GLN F 684 16.44 -43.80 89.28
C GLN F 684 17.57 -44.56 88.59
N LEU F 685 18.76 -43.97 88.51
CA LEU F 685 19.87 -44.54 87.77
C LEU F 685 20.62 -45.63 88.53
N MET F 686 20.31 -45.84 89.80
CA MET F 686 21.09 -46.78 90.61
C MET F 686 20.98 -48.19 90.07
N GLY F 687 22.13 -48.80 89.79
CA GLY F 687 22.20 -50.15 89.28
C GLY F 687 22.00 -50.29 87.79
N ARG F 688 21.70 -49.20 87.07
CA ARG F 688 21.39 -49.28 85.66
C ARG F 688 22.65 -49.21 84.81
N VAL F 689 22.59 -49.84 83.64
CA VAL F 689 23.69 -49.86 82.69
C VAL F 689 23.38 -48.86 81.59
N ALA F 690 24.29 -47.91 81.38
CA ALA F 690 24.10 -46.89 80.36
C ALA F 690 24.17 -47.51 78.98
N ALA F 691 23.22 -47.12 78.11
CA ALA F 691 23.21 -47.63 76.75
C ALA F 691 24.17 -46.87 75.85
N ASN F 692 24.45 -45.60 76.17
CA ASN F 692 25.40 -44.80 75.43
C ASN F 692 26.31 -44.07 76.42
N SER F 693 27.26 -43.31 75.88
CA SER F 693 28.24 -42.63 76.71
C SER F 693 27.66 -41.35 77.31
N ILE F 694 28.10 -41.04 78.52
CA ILE F 694 27.72 -39.82 79.21
C ILE F 694 28.96 -38.94 79.29
N ILE F 695 28.91 -37.78 78.64
CA ILE F 695 30.02 -36.85 78.59
C ILE F 695 29.55 -35.51 79.15
N PRO F 696 29.80 -35.24 80.42
CA PRO F 696 29.47 -33.93 80.99
C PRO F 696 30.50 -32.87 80.62
N TYR F 697 30.03 -31.64 80.50
CA TYR F 697 30.88 -30.49 80.27
C TYR F 697 30.70 -29.51 81.42
N PRO F 698 31.69 -29.34 82.31
CA PRO F 698 33.02 -29.96 82.35
C PRO F 698 32.96 -31.41 82.86
N PRO F 699 34.04 -32.18 82.70
CA PRO F 699 35.33 -31.84 82.10
C PRO F 699 35.43 -32.13 80.59
N GLY F 700 34.33 -32.50 79.96
CA GLY F 700 34.33 -32.70 78.53
C GLY F 700 34.87 -34.03 78.06
N ILE F 701 35.15 -34.96 78.97
CA ILE F 701 35.59 -36.31 78.59
C ILE F 701 34.59 -37.28 79.22
N PRO F 702 34.40 -38.47 78.65
CA PRO F 702 33.29 -39.33 79.09
C PRO F 702 33.46 -39.78 80.53
N MET F 703 32.38 -39.63 81.31
CA MET F 703 32.36 -40.16 82.67
C MET F 703 31.93 -41.62 82.67
N LEU F 704 31.00 -41.98 81.79
CA LEU F 704 30.58 -43.35 81.59
C LEU F 704 30.62 -43.68 80.10
N LEU F 705 31.10 -44.87 79.77
CA LEU F 705 30.99 -45.39 78.43
C LEU F 705 29.81 -46.36 78.35
N SER F 706 29.45 -46.74 77.13
CA SER F 706 28.37 -47.70 76.92
C SER F 706 28.72 -49.03 77.57
N GLY F 707 27.76 -49.61 78.28
CA GLY F 707 27.98 -50.86 78.96
C GLY F 707 28.58 -50.76 80.34
N GLU F 708 28.57 -49.58 80.95
CA GLU F 708 29.13 -49.37 82.28
C GLU F 708 28.00 -49.09 83.26
N ASN F 709 28.14 -49.65 84.46
CA ASN F 709 27.13 -49.48 85.50
C ASN F 709 27.21 -48.09 86.10
N PHE F 710 26.05 -47.53 86.46
CA PHE F 710 26.03 -46.22 87.09
C PHE F 710 26.45 -46.29 88.56
N GLY F 711 26.21 -47.40 89.22
CA GLY F 711 26.62 -47.59 90.61
C GLY F 711 25.43 -47.52 91.56
N ASP F 712 25.76 -47.72 92.84
CA ASP F 712 24.76 -47.73 93.90
C ASP F 712 24.37 -46.33 94.32
N GLU F 713 23.70 -46.22 95.48
CA GLU F 713 23.19 -44.92 95.94
C GLU F 713 24.31 -43.90 96.12
N ASN F 714 25.46 -44.32 96.65
CA ASN F 714 26.55 -43.43 96.94
C ASN F 714 27.52 -43.28 95.77
N SER F 715 27.11 -43.63 94.57
CA SER F 715 28.00 -43.57 93.42
C SER F 715 28.34 -42.11 93.11
N PRO F 716 29.62 -41.78 92.94
CA PRO F 716 29.97 -40.39 92.58
C PRO F 716 29.45 -39.94 91.23
N HIS F 717 29.18 -40.87 90.30
CA HIS F 717 28.76 -40.47 88.96
C HIS F 717 27.33 -39.94 88.97
N ILE F 718 26.42 -40.64 89.64
CA ILE F 718 25.06 -40.13 89.80
C ILE F 718 25.09 -38.83 90.59
N HIS F 719 25.98 -38.73 91.56
CA HIS F 719 26.10 -37.49 92.34
C HIS F 719 26.52 -36.33 91.46
N TYR F 720 27.49 -36.55 90.57
CA TYR F 720 27.93 -35.48 89.68
C TYR F 720 26.82 -35.08 88.70
N LEU F 721 26.09 -36.07 88.18
CA LEU F 721 24.96 -35.75 87.30
C LEU F 721 23.91 -34.93 88.04
N ARG F 722 23.64 -35.29 89.30
CA ARG F 722 22.71 -34.52 90.12
C ARG F 722 23.21 -33.10 90.36
N SER F 723 24.51 -32.95 90.59
CA SER F 723 25.08 -31.62 90.79
C SER F 723 24.89 -30.75 89.55
N LEU F 724 25.16 -31.31 88.38
CA LEU F 724 24.96 -30.54 87.14
C LEU F 724 23.49 -30.18 86.96
N GLN F 725 22.59 -31.12 87.26
CA GLN F 725 21.16 -30.84 87.14
C GLN F 725 20.74 -29.73 88.10
N ALA F 726 21.25 -29.75 89.33
CA ALA F 726 20.91 -28.73 90.30
C ALA F 726 21.44 -27.37 89.86
N TRP F 727 22.65 -27.32 89.32
CA TRP F 727 23.15 -26.05 88.80
C TRP F 727 22.26 -25.54 87.67
N ASP F 728 21.85 -26.43 86.76
CA ASP F 728 20.98 -25.99 85.67
C ASP F 728 19.66 -25.44 86.20
N SER F 729 19.10 -26.09 87.22
CA SER F 729 17.85 -25.62 87.79
C SER F 729 18.01 -24.26 88.48
N GLU F 730 19.14 -24.06 89.17
CA GLU F 730 19.33 -22.83 89.92
C GLU F 730 19.65 -21.63 89.04
N PHE F 731 20.32 -21.84 87.90
CA PHE F 731 20.79 -20.75 87.06
C PHE F 731 20.33 -20.96 85.61
N PRO F 732 19.11 -20.58 85.28
CA PRO F 732 18.67 -20.65 83.88
C PRO F 732 19.52 -19.75 83.01
N GLY F 733 19.77 -20.22 81.79
CA GLY F 733 20.64 -19.53 80.86
C GLY F 733 22.11 -19.82 81.00
N PHE F 734 22.50 -20.60 82.01
CA PHE F 734 23.88 -21.00 82.25
C PHE F 734 23.97 -22.50 82.40
N GLU F 735 23.17 -23.23 81.62
CA GLU F 735 23.03 -24.66 81.80
C GLU F 735 24.21 -25.41 81.21
N HIS F 736 24.67 -26.43 81.93
CA HIS F 736 25.75 -27.27 81.44
C HIS F 736 25.27 -28.14 80.29
N GLU F 737 26.22 -28.49 79.42
CA GLU F 737 25.97 -29.45 78.36
C GLU F 737 26.44 -30.83 78.80
N THR F 738 25.64 -31.85 78.51
CA THR F 738 25.98 -33.23 78.85
C THR F 738 25.55 -34.11 77.69
N GLU F 739 26.52 -34.54 76.88
CA GLU F 739 26.22 -35.47 75.80
C GLU F 739 25.81 -36.82 76.35
N GLY F 740 24.81 -37.42 75.74
CA GLY F 740 24.30 -38.70 76.17
C GLY F 740 23.08 -38.64 77.06
N THR F 741 22.49 -37.47 77.25
CA THR F 741 21.31 -37.30 78.08
C THR F 741 20.22 -36.59 77.28
N GLU F 742 18.98 -36.80 77.71
CA GLU F 742 17.83 -36.08 77.19
C GLU F 742 17.27 -35.21 78.30
N ILE F 743 17.00 -33.95 77.98
CA ILE F 743 16.53 -32.98 78.96
C ILE F 743 15.07 -32.71 78.66
N ILE F 744 14.18 -33.34 79.42
CA ILE F 744 12.74 -33.15 79.30
C ILE F 744 12.28 -32.33 80.50
N ASP F 745 11.53 -31.26 80.24
CA ASP F 745 11.10 -30.28 81.23
C ASP F 745 12.21 -29.95 82.22
N GLY F 746 13.43 -29.76 81.71
CA GLY F 746 14.56 -29.43 82.54
C GLY F 746 15.12 -30.57 83.36
N GLN F 747 14.67 -31.80 83.13
CA GLN F 747 15.09 -32.96 83.90
C GLN F 747 15.89 -33.89 83.00
N TYR F 748 16.92 -34.51 83.58
CA TYR F 748 17.84 -35.33 82.82
C TYR F 748 17.30 -36.74 82.66
N TYR F 749 17.37 -37.27 81.44
CA TYR F 749 17.01 -38.65 81.16
C TYR F 749 18.19 -39.33 80.47
N VAL F 750 18.45 -40.58 80.85
CA VAL F 750 19.54 -41.36 80.30
C VAL F 750 18.99 -42.67 79.76
N MET F 751 19.40 -43.02 78.54
CA MET F 751 19.00 -44.28 77.94
C MET F 751 19.78 -45.42 78.59
N CYS F 752 19.07 -46.39 79.15
CA CYS F 752 19.68 -47.47 79.91
C CYS F 752 19.16 -48.81 79.41
N VAL F 753 20.00 -49.84 79.56
CA VAL F 753 19.62 -51.18 79.17
C VAL F 753 18.52 -51.70 80.09
N LYS F 754 17.46 -52.24 79.49
CA LYS F 754 16.41 -52.86 80.29
C LYS F 754 16.96 -54.09 81.01
N THR F 755 16.67 -54.19 82.30
CA THR F 755 17.18 -55.30 83.11
C THR F 755 16.54 -56.63 82.71
N MET G 1 9.24 24.35 36.14
CA MET G 1 8.27 24.80 35.15
C MET G 1 8.15 23.78 34.01
N ARG G 2 6.94 23.27 33.81
CA ARG G 2 6.67 22.29 32.77
C ARG G 2 5.49 22.76 31.93
N ALA G 3 5.70 22.79 30.62
CA ALA G 3 4.64 23.11 29.66
C ALA G 3 4.25 21.86 28.89
N LEU G 4 2.96 21.64 28.74
CA LEU G 4 2.43 20.52 27.99
C LEU G 4 1.89 21.03 26.66
N ILE G 5 2.35 20.44 25.56
CA ILE G 5 1.92 20.81 24.22
C ILE G 5 1.17 19.63 23.62
N VAL G 6 -0.10 19.84 23.30
CA VAL G 6 -0.97 18.81 22.73
C VAL G 6 -1.54 19.36 21.43
N TYR G 7 -1.02 18.91 20.30
CA TYR G 7 -1.55 19.30 19.00
C TYR G 7 -1.64 18.05 18.13
N THR G 8 -2.68 18.00 17.29
CA THR G 8 -2.94 16.80 16.50
C THR G 8 -2.66 17.03 15.02
N GLU G 9 -3.40 17.93 14.37
CA GLU G 9 -3.21 18.21 12.94
C GLU G 9 -3.70 19.63 12.70
N LEU G 10 -2.79 20.59 12.67
CA LEU G 10 -3.18 21.97 12.47
C LEU G 10 -3.15 22.38 10.99
N THR G 11 -2.22 21.82 10.23
CA THR G 11 -2.09 22.11 8.81
C THR G 11 -2.31 20.84 8.00
N ASP G 12 -2.73 21.04 6.74
CA ASP G 12 -2.93 19.91 5.84
C ASP G 12 -1.65 19.11 5.65
N LYS G 13 -0.49 19.74 5.76
CA LYS G 13 0.80 19.06 5.73
C LYS G 13 1.43 19.18 7.11
N ASP G 14 1.79 18.03 7.69
CA ASP G 14 2.17 17.99 9.10
C ASP G 14 3.44 18.77 9.39
N SER G 15 4.34 18.88 8.40
CA SER G 15 5.68 19.39 8.68
C SER G 15 5.65 20.86 9.12
N VAL G 16 4.69 21.64 8.65
CA VAL G 16 4.66 23.07 8.99
C VAL G 16 4.42 23.25 10.49
N ILE G 17 3.34 22.67 10.99
CA ILE G 17 3.02 22.81 12.41
C ILE G 17 4.06 22.12 13.27
N SER G 18 4.59 20.99 12.80
CA SER G 18 5.62 20.29 13.57
C SER G 18 6.87 21.15 13.72
N HIS G 19 7.31 21.79 12.63
CA HIS G 19 8.49 22.65 12.73
C HIS G 19 8.24 23.87 13.59
N ALA G 20 7.04 24.46 13.48
CA ALA G 20 6.73 25.61 14.34
C ALA G 20 6.73 25.20 15.81
N VAL G 21 6.15 24.05 16.13
CA VAL G 21 6.11 23.58 17.50
C VAL G 21 7.50 23.24 17.99
N ALA G 22 8.35 22.69 17.11
CA ALA G 22 9.73 22.40 17.50
C ALA G 22 10.48 23.68 17.84
N ARG G 23 10.31 24.73 17.02
CA ARG G 23 10.94 26.00 17.33
C ARG G 23 10.45 26.55 18.67
N LEU G 24 9.14 26.48 18.91
CA LEU G 24 8.60 26.96 20.17
C LEU G 24 9.15 26.17 21.35
N ALA G 25 9.25 24.86 21.20
CA ALA G 25 9.77 24.02 22.29
C ALA G 25 11.22 24.34 22.56
N SER G 26 12.01 24.59 21.52
CA SER G 26 13.41 24.98 21.72
C SER G 26 13.49 26.30 22.48
N GLU G 27 12.67 27.28 22.09
CA GLU G 27 12.68 28.56 22.79
C GLU G 27 12.22 28.43 24.22
N LEU G 28 11.27 27.53 24.49
CA LEU G 28 10.82 27.32 25.86
C LEU G 28 11.90 26.64 26.70
N ASN G 29 12.61 25.69 26.11
CA ASN G 29 13.70 25.03 26.83
C ASN G 29 14.83 26.00 27.11
N ASP G 30 15.08 26.96 26.22
CA ASP G 30 16.12 27.95 26.47
C ASP G 30 15.78 28.87 27.65
N GLU G 31 14.52 28.98 28.03
CA GLU G 31 14.14 29.71 29.23
C GLU G 31 13.79 28.80 30.39
N HIS G 32 14.31 27.57 30.38
CA HIS G 32 14.18 26.62 31.48
C HIS G 32 12.74 26.22 31.76
N VAL G 33 11.93 26.12 30.70
CA VAL G 33 10.62 25.50 30.79
C VAL G 33 10.71 24.15 30.10
N GLU G 34 10.53 23.08 30.86
CA GLU G 34 10.50 21.75 30.28
C GLU G 34 9.23 21.56 29.46
N THR G 35 9.34 20.88 28.33
CA THR G 35 8.22 20.71 27.41
C THR G 35 7.95 19.23 27.17
N VAL G 36 6.68 18.87 27.22
CA VAL G 36 6.21 17.55 26.83
C VAL G 36 5.32 17.74 25.61
N ILE G 37 5.68 17.11 24.51
CA ILE G 37 4.97 17.25 23.24
C ILE G 37 4.18 15.97 23.00
N ILE G 38 2.87 16.12 22.79
CA ILE G 38 1.94 15.01 22.63
C ILE G 38 1.10 15.26 21.40
N ARG G 39 0.91 14.23 20.58
CA ARG G 39 0.21 14.38 19.31
C ARG G 39 -1.23 13.88 19.33
N ASP G 40 -1.72 13.40 20.47
CA ASP G 40 -3.06 12.84 20.53
C ASP G 40 -3.72 13.25 21.83
N PHE G 41 -5.02 13.57 21.77
CA PHE G 41 -5.71 14.05 22.95
C PHE G 41 -5.92 12.96 23.98
N GLU G 42 -6.03 11.71 23.57
CA GLU G 42 -6.13 10.62 24.54
C GLU G 42 -4.81 10.43 25.28
N ASP G 43 -3.69 10.53 24.56
CA ASP G 43 -2.39 10.49 25.21
C ASP G 43 -2.21 11.66 26.17
N GLY G 44 -2.65 12.85 25.76
CA GLY G 44 -2.58 13.99 26.66
C GLY G 44 -3.46 13.82 27.89
N LEU G 45 -4.62 13.21 27.71
CA LEU G 45 -5.50 12.92 28.85
C LEU G 45 -4.84 11.93 29.81
N ALA G 46 -4.19 10.89 29.27
CA ALA G 46 -3.48 9.95 30.12
C ALA G 46 -2.34 10.64 30.86
N TYR G 47 -1.61 11.51 30.18
CA TYR G 47 -0.54 12.26 30.82
C TYR G 47 -1.08 13.13 31.95
N ILE G 48 -2.20 13.81 31.72
CA ILE G 48 -2.78 14.69 32.73
C ILE G 48 -3.25 13.89 33.93
N ARG G 49 -3.79 12.68 33.70
CA ARG G 49 -4.27 11.87 34.80
C ARG G 49 -3.15 11.28 35.64
N SER G 50 -1.90 11.37 35.20
CA SER G 50 -0.77 11.11 36.08
C SER G 50 -0.46 12.37 36.88
N ASN G 51 -0.21 12.19 38.18
CA ASN G 51 -0.10 13.32 39.09
C ASN G 51 1.23 14.04 38.85
N THR G 52 1.33 14.64 37.67
CA THR G 52 2.48 15.43 37.26
C THR G 52 2.09 16.89 37.20
N SER G 53 2.91 17.75 37.79
CA SER G 53 2.61 19.17 37.79
C SER G 53 2.78 19.75 36.40
N ILE G 54 1.75 20.44 35.93
CA ILE G 54 1.76 21.10 34.62
C ILE G 54 1.55 22.58 34.86
N ASP G 55 2.46 23.39 34.37
CA ASP G 55 2.40 24.83 34.61
C ASP G 55 1.71 25.60 33.49
N CYS G 56 1.59 25.01 32.30
CA CYS G 56 0.94 25.67 31.18
C CYS G 56 0.54 24.62 30.16
N LEU G 57 -0.64 24.79 29.57
CA LEU G 57 -1.12 23.92 28.51
C LEU G 57 -1.22 24.71 27.22
N LEU G 58 -0.52 24.25 26.18
CA LEU G 58 -0.63 24.80 24.84
C LEU G 58 -1.19 23.72 23.93
N TYR G 59 -2.35 23.99 23.34
CA TYR G 59 -3.01 22.98 22.53
C TYR G 59 -3.47 23.57 21.21
N GLY G 60 -3.59 22.70 20.23
CA GLY G 60 -4.21 23.04 18.96
C GLY G 60 -4.87 21.82 18.37
N ARG G 61 -5.94 22.05 17.62
CA ARG G 61 -6.69 20.97 16.98
C ARG G 61 -6.86 21.28 15.50
N ASP G 62 -7.68 20.46 14.84
CA ASP G 62 -7.99 20.67 13.43
C ASP G 62 -8.71 22.00 13.22
N MET G 63 -9.56 22.39 14.15
CA MET G 63 -10.36 23.62 14.21
C MET G 63 -11.56 23.56 13.28
N SER G 64 -11.68 22.52 12.45
CA SER G 64 -12.90 22.28 11.69
C SER G 64 -13.59 20.98 12.11
N ASP G 65 -13.06 20.28 13.09
CA ASP G 65 -13.61 19.01 13.56
C ASP G 65 -14.28 19.22 14.91
N ARG G 66 -15.58 18.95 15.00
CA ARG G 66 -16.26 19.08 16.27
C ARG G 66 -15.85 18.00 17.27
N ASP G 67 -15.47 16.82 16.78
CA ASP G 67 -15.01 15.77 17.68
C ASP G 67 -13.73 16.17 18.39
N GLU G 68 -12.78 16.76 17.66
CA GLU G 68 -11.56 17.25 18.30
C GLU G 68 -11.84 18.42 19.23
N GLN G 69 -12.86 19.23 18.92
CA GLN G 69 -13.26 20.28 19.85
C GLN G 69 -13.76 19.71 21.16
N ILE G 70 -14.59 18.66 21.08
CA ILE G 70 -15.08 18.00 22.29
C ILE G 70 -13.92 17.39 23.06
N GLN G 71 -12.98 16.76 22.35
CA GLN G 71 -11.84 16.15 23.01
C GLN G 71 -10.97 17.20 23.70
N ALA G 72 -10.75 18.34 23.06
CA ALA G 72 -9.95 19.40 23.66
C ALA G 72 -10.63 19.97 24.90
N HIS G 73 -11.95 20.16 24.83
CA HIS G 73 -12.67 20.64 26.00
C HIS G 73 -12.58 19.64 27.14
N ARG G 74 -12.68 18.36 26.83
CA ARG G 74 -12.52 17.31 27.84
C ARG G 74 -11.13 17.36 28.45
N LEU G 75 -10.10 17.55 27.64
CA LEU G 75 -8.73 17.62 28.14
C LEU G 75 -8.57 18.80 29.09
N ILE G 76 -9.10 19.96 28.73
CA ILE G 76 -8.94 21.14 29.59
C ILE G 76 -9.72 20.97 30.89
N THR G 77 -10.93 20.40 30.82
CA THR G 77 -11.70 20.14 32.04
C THR G 77 -10.98 19.17 32.95
N GLN G 78 -10.41 18.10 32.38
CA GLN G 78 -9.65 17.16 33.18
C GLN G 78 -8.45 17.83 33.83
N LEU G 79 -7.73 18.67 33.09
CA LEU G 79 -6.59 19.37 33.65
C LEU G 79 -7.01 20.26 34.82
N HIS G 80 -8.13 20.96 34.68
CA HIS G 80 -8.55 21.86 35.73
C HIS G 80 -9.26 21.16 36.88
N ARG G 81 -9.52 19.85 36.78
CA ARG G 81 -10.05 19.12 37.93
C ARG G 81 -9.12 19.24 39.14
N ARG G 82 -7.84 18.98 38.96
CA ARG G 82 -6.88 19.05 40.05
C ARG G 82 -5.84 20.15 39.90
N GLN G 83 -5.73 20.78 38.73
CA GLN G 83 -4.81 21.89 38.50
C GLN G 83 -5.65 23.02 37.93
N GLU G 84 -6.28 23.78 38.83
CA GLU G 84 -7.49 24.53 38.47
C GLU G 84 -7.18 25.74 37.60
N ASP G 85 -6.13 26.50 37.90
CA ASP G 85 -5.91 27.77 37.23
C ASP G 85 -4.71 27.73 36.28
N VAL G 86 -4.37 26.56 35.78
CA VAL G 86 -3.25 26.45 34.83
C VAL G 86 -3.58 27.21 33.57
N PRO G 87 -2.71 28.10 33.07
CA PRO G 87 -3.00 28.83 31.84
C PRO G 87 -3.13 27.91 30.65
N VAL G 88 -4.05 28.24 29.75
CA VAL G 88 -4.28 27.49 28.52
C VAL G 88 -4.01 28.40 27.34
N PHE G 89 -3.06 28.02 26.50
CA PHE G 89 -2.77 28.72 25.26
C PHE G 89 -3.35 27.94 24.09
N LEU G 90 -4.03 28.63 23.19
CA LEU G 90 -4.51 28.03 21.96
C LEU G 90 -3.50 28.26 20.86
N LEU G 91 -2.92 27.18 20.34
CA LEU G 91 -2.05 27.24 19.17
C LEU G 91 -2.90 27.02 17.93
N SER G 92 -2.90 28.00 17.03
CA SER G 92 -3.75 27.89 15.86
C SER G 92 -3.28 28.85 14.78
N ASP G 93 -3.64 28.52 13.55
CA ASP G 93 -3.62 29.51 12.48
C ASP G 93 -4.63 30.62 12.80
N ARG G 94 -4.25 31.87 12.52
CA ARG G 94 -5.02 33.00 13.01
C ARG G 94 -6.45 33.00 12.46
N GLU G 95 -6.61 32.79 11.16
CA GLU G 95 -7.93 32.89 10.56
C GLU G 95 -8.87 31.80 11.07
N GLU G 96 -8.36 30.58 11.21
CA GLU G 96 -9.18 29.47 11.70
C GLU G 96 -9.64 29.75 13.13
N ALA G 97 -8.75 30.26 13.99
CA ALA G 97 -9.15 30.58 15.34
C ALA G 97 -10.15 31.73 15.38
N LEU G 98 -9.95 32.74 14.53
CA LEU G 98 -10.84 33.90 14.55
C LEU G 98 -12.24 33.55 14.08
N VAL G 99 -12.37 32.66 13.09
CA VAL G 99 -13.72 32.27 12.67
C VAL G 99 -14.42 31.42 13.72
N ALA G 100 -13.66 30.71 14.56
CA ALA G 100 -14.24 29.90 15.62
C ALA G 100 -14.37 30.65 16.94
N PHE G 101 -14.04 31.93 16.97
CA PHE G 101 -14.05 32.70 18.21
C PHE G 101 -15.47 32.92 18.70
N ASP G 102 -15.70 32.65 19.99
CA ASP G 102 -16.97 32.92 20.63
C ASP G 102 -16.77 32.91 22.14
N ARG G 103 -17.88 33.08 22.87
CA ARG G 103 -17.83 33.06 24.33
C ARG G 103 -17.36 31.72 24.86
N ASN G 104 -17.85 30.62 24.26
CA ASN G 104 -17.50 29.30 24.73
C ASN G 104 -16.01 29.02 24.55
N MET G 105 -15.40 29.50 23.47
CA MET G 105 -13.95 29.40 23.31
C MET G 105 -13.22 30.13 24.42
N MET G 106 -13.62 31.38 24.70
CA MET G 106 -12.94 32.17 25.70
C MET G 106 -13.17 31.66 27.11
N GLU G 107 -14.19 30.83 27.32
CA GLU G 107 -14.39 30.24 28.64
C GLU G 107 -13.25 29.31 29.03
N GLN G 108 -12.56 28.71 28.06
CA GLN G 108 -11.49 27.78 28.34
C GLN G 108 -10.12 28.20 27.83
N VAL G 109 -10.02 29.24 27.01
CA VAL G 109 -8.76 29.70 26.45
C VAL G 109 -8.36 30.99 27.16
N ASP G 110 -7.13 31.03 27.67
CA ASP G 110 -6.62 32.24 28.30
C ASP G 110 -5.85 33.12 27.32
N GLU G 111 -5.09 32.52 26.40
CA GLU G 111 -4.29 33.31 25.47
C GLU G 111 -4.24 32.64 24.10
N PHE G 112 -3.95 33.46 23.10
CA PHE G 112 -3.79 33.03 21.72
C PHE G 112 -2.31 32.99 21.37
N ALA G 113 -1.92 31.97 20.62
CA ALA G 113 -0.55 31.86 20.11
C ALA G 113 -0.65 31.55 18.62
N TRP G 114 -0.46 32.57 17.79
CA TRP G 114 -0.48 32.39 16.33
C TRP G 114 0.84 31.75 15.94
N ILE G 115 0.89 30.42 16.08
CA ILE G 115 2.14 29.68 15.98
C ILE G 115 2.78 29.78 14.60
N LEU G 116 2.01 30.03 13.55
CA LEU G 116 2.54 30.04 12.19
C LEU G 116 2.95 31.41 11.69
N GLU G 117 2.68 32.48 12.43
CA GLU G 117 3.06 33.82 11.99
C GLU G 117 3.69 34.65 13.10
N ASP G 118 4.07 34.03 14.22
CA ASP G 118 4.66 34.73 15.35
C ASP G 118 6.00 34.11 15.67
N SER G 119 6.91 34.94 16.17
CA SER G 119 8.20 34.44 16.62
C SER G 119 8.02 33.55 17.83
N ALA G 120 8.77 32.44 17.86
CA ALA G 120 8.72 31.54 19.00
C ALA G 120 9.19 32.22 20.28
N ASP G 121 10.06 33.22 20.16
CA ASP G 121 10.55 33.93 21.33
C ASP G 121 9.45 34.73 22.02
N PHE G 122 8.60 35.39 21.24
CA PHE G 122 7.50 36.16 21.82
C PHE G 122 6.52 35.25 22.55
N ILE G 123 6.16 34.13 21.91
CA ILE G 123 5.23 33.19 22.54
C ILE G 123 5.85 32.59 23.79
N ALA G 124 7.15 32.25 23.72
CA ALA G 124 7.82 31.69 24.89
C ALA G 124 7.84 32.68 26.05
N GLY G 125 8.09 33.96 25.76
CA GLY G 125 8.06 34.96 26.81
C GLY G 125 6.68 35.10 27.44
N ARG G 126 5.63 35.10 26.61
CA ARG G 126 4.28 35.18 27.15
C ARG G 126 3.95 33.94 27.99
N VAL G 127 4.39 32.76 27.55
CA VAL G 127 4.16 31.54 28.30
C VAL G 127 4.86 31.61 29.65
N LEU G 128 6.10 32.10 29.66
CA LEU G 128 6.83 32.22 30.93
C LEU G 128 6.13 33.19 31.87
N ALA G 129 5.65 34.32 31.35
CA ALA G 129 4.92 35.26 32.20
C ALA G 129 3.66 34.62 32.78
N ALA G 130 2.93 33.88 31.96
CA ALA G 130 1.72 33.20 32.44
C ALA G 130 2.06 32.18 33.51
N ILE G 131 3.15 31.42 33.31
CA ILE G 131 3.55 30.41 34.29
C ILE G 131 3.91 31.07 35.61
N GLN G 132 4.64 32.19 35.56
CA GLN G 132 5.00 32.89 36.79
C GLN G 132 3.77 33.42 37.51
N ARG G 133 2.82 33.98 36.75
CA ARG G 133 1.57 34.44 37.35
C ARG G 133 0.84 33.29 38.03
N TYR G 134 0.78 32.12 37.38
CA TYR G 134 0.11 30.98 37.97
C TYR G 134 0.81 30.50 39.23
N ARG G 135 2.14 30.42 39.20
CA ARG G 135 2.89 29.92 40.35
C ARG G 135 2.79 30.87 41.54
N SER G 136 2.64 32.17 41.29
CA SER G 136 2.61 33.12 42.39
C SER G 136 1.32 33.04 43.19
N GLN G 137 0.26 32.44 42.66
CA GLN G 137 -1.00 32.33 43.38
C GLN G 137 -1.27 30.92 43.88
N LEU G 138 -0.31 30.01 43.74
CA LEU G 138 -0.57 28.60 43.99
C LEU G 138 -0.66 28.25 45.47
N LEU G 139 0.16 28.89 46.31
CA LEU G 139 0.19 28.35 47.66
C LEU G 139 -0.80 29.07 48.58
N PRO G 140 -1.33 28.37 49.58
CA PRO G 140 -2.16 29.02 50.59
C PRO G 140 -1.33 29.93 51.48
N PRO G 141 -1.96 30.85 52.22
CA PRO G 141 -1.18 31.96 52.81
C PRO G 141 -0.15 31.53 53.85
N LEU G 142 -0.54 30.70 54.83
CA LEU G 142 0.39 30.33 55.88
C LEU G 142 1.59 29.57 55.32
N MET G 143 1.34 28.63 54.41
CA MET G 143 2.43 27.85 53.83
C MET G 143 3.37 28.75 53.04
N LYS G 144 2.80 29.69 52.29
CA LYS G 144 3.59 30.63 51.51
C LYS G 144 4.49 31.48 52.41
N SER G 145 3.93 32.01 53.49
CA SER G 145 4.72 32.85 54.39
C SER G 145 5.80 32.03 55.11
N LEU G 146 5.48 30.79 55.50
CA LEU G 146 6.48 29.95 56.13
C LEU G 146 7.63 29.63 55.18
N ILE G 147 7.31 29.32 53.91
CA ILE G 147 8.36 29.04 52.95
C ILE G 147 9.21 30.28 52.72
N LYS G 148 8.57 31.45 52.63
CA LYS G 148 9.31 32.69 52.43
C LYS G 148 10.25 32.97 53.60
N TYR G 149 9.79 32.73 54.83
CA TYR G 149 10.62 33.01 55.98
C TYR G 149 11.73 31.96 56.15
N SER G 150 11.52 30.74 55.65
CA SER G 150 12.48 29.66 55.87
C SER G 150 13.87 29.96 55.34
N ASP G 151 14.02 30.89 54.38
CA ASP G 151 15.35 31.21 53.89
C ASP G 151 16.21 31.95 54.92
N VAL G 152 15.60 32.54 55.94
CA VAL G 152 16.37 33.24 56.97
C VAL G 152 17.16 32.22 57.78
N HIS G 153 18.45 32.47 57.97
CA HIS G 153 19.30 31.56 58.71
C HIS G 153 20.03 32.20 59.89
N GLU G 154 19.73 33.45 60.21
CA GLU G 154 20.45 34.15 61.27
C GLU G 154 20.07 33.62 62.64
N TYR G 155 21.05 33.60 63.54
CA TYR G 155 20.81 33.22 64.92
C TYR G 155 19.95 34.29 65.60
N SER G 156 18.69 33.98 65.81
CA SER G 156 17.90 34.75 66.76
C SER G 156 18.38 34.43 68.16
N TRP G 157 18.20 35.38 69.06
CA TRP G 157 18.64 35.22 70.44
C TRP G 157 17.49 34.81 71.34
N ALA G 158 16.59 33.95 70.82
CA ALA G 158 15.40 33.52 71.52
C ALA G 158 15.15 32.05 71.21
N ALA G 159 14.16 31.47 71.88
CA ALA G 159 13.78 30.09 71.66
C ALA G 159 13.07 29.93 70.32
N PRO G 160 13.04 28.71 69.75
CA PRO G 160 13.58 27.44 70.25
C PRO G 160 15.11 27.37 70.21
N GLY G 161 15.66 26.59 71.13
CA GLY G 161 17.10 26.54 71.31
C GLY G 161 17.85 25.92 70.16
N HIS G 162 17.24 25.01 69.40
CA HIS G 162 17.96 24.36 68.31
C HIS G 162 18.29 25.32 67.18
N GLN G 163 17.60 26.45 67.09
CA GLN G 163 17.94 27.54 66.16
C GLN G 163 17.98 27.05 64.71
N GLY G 164 16.82 26.62 64.24
CA GLY G 164 16.71 26.14 62.87
C GLY G 164 17.45 24.85 62.60
N GLY G 165 17.61 24.01 63.61
CA GLY G 165 18.26 22.72 63.46
C GLY G 165 19.75 22.72 63.66
N VAL G 166 20.37 23.88 63.87
CA VAL G 166 21.81 23.94 64.07
C VAL G 166 22.21 23.15 65.31
N GLY G 167 21.41 23.23 66.37
CA GLY G 167 21.74 22.57 67.62
C GLY G 167 21.88 21.06 67.49
N PHE G 168 21.08 20.45 66.60
CA PHE G 168 21.16 19.00 66.43
C PHE G 168 22.49 18.57 65.81
N THR G 169 23.09 19.40 64.97
CA THR G 169 24.29 19.00 64.26
C THR G 169 25.55 19.20 65.09
N LYS G 170 25.54 18.75 66.33
CA LYS G 170 26.71 18.85 67.20
C LYS G 170 27.13 17.54 67.82
N THR G 171 26.28 16.52 67.79
CA THR G 171 26.63 15.15 68.11
C THR G 171 26.36 14.28 66.89
N PRO G 172 27.03 13.13 66.77
CA PRO G 172 26.76 12.26 65.61
C PRO G 172 25.31 11.78 65.54
N ALA G 173 24.71 11.42 66.67
CA ALA G 173 23.31 10.99 66.64
C ALA G 173 22.39 12.14 66.24
N GLY G 174 22.67 13.34 66.76
CA GLY G 174 21.94 14.51 66.32
C GLY G 174 22.08 14.78 64.84
N ARG G 175 23.28 14.54 64.28
CA ARG G 175 23.47 14.75 62.85
C ARG G 175 22.68 13.73 62.03
N ILE G 176 22.64 12.48 62.48
CA ILE G 176 21.84 11.47 61.80
C ILE G 176 20.36 11.86 61.84
N TYR G 177 19.88 12.28 63.01
CA TYR G 177 18.49 12.71 63.16
C TYR G 177 18.17 13.90 62.26
N HIS G 178 19.07 14.88 62.23
CA HIS G 178 18.89 16.08 61.42
C HIS G 178 18.86 15.76 59.94
N ASP G 179 19.74 14.86 59.48
CA ASP G 179 19.73 14.48 58.08
C ASP G 179 18.49 13.67 57.73
N PHE G 180 18.01 12.83 58.65
CA PHE G 180 16.81 12.06 58.40
C PHE G 180 15.60 12.97 58.22
N PHE G 181 15.38 13.90 59.16
CA PHE G 181 14.17 14.71 59.08
C PHE G 181 14.29 15.89 58.12
N GLY G 182 15.50 16.28 57.75
CA GLY G 182 15.67 17.35 56.79
C GLY G 182 15.68 18.73 57.43
N GLU G 183 16.28 19.68 56.71
CA GLU G 183 16.53 21.01 57.26
C GLU G 183 15.27 21.85 57.35
N ASN G 184 14.38 21.74 56.36
CA ASN G 184 13.24 22.65 56.27
C ASN G 184 12.27 22.47 57.43
N LEU G 185 12.15 21.26 57.97
CA LEU G 185 11.28 21.06 59.13
C LEU G 185 11.77 21.90 60.32
N PHE G 186 13.07 21.90 60.56
CA PHE G 186 13.61 22.66 61.69
C PHE G 186 13.63 24.14 61.40
N ARG G 187 13.76 24.54 60.14
CA ARG G 187 13.80 25.97 59.87
C ARG G 187 12.42 26.62 59.91
N THR G 188 11.35 25.84 59.91
CA THR G 188 10.02 26.39 60.12
C THR G 188 9.61 26.42 61.59
N ASP G 189 10.36 25.75 62.46
CA ASP G 189 10.09 25.78 63.90
C ASP G 189 10.70 27.06 64.44
N ILE G 190 9.96 28.16 64.33
CA ILE G 190 10.52 29.48 64.53
C ILE G 190 10.02 30.18 65.79
N GLY G 191 9.02 29.64 66.46
CA GLY G 191 8.46 30.31 67.60
C GLY G 191 7.36 31.28 67.20
N ILE G 192 6.70 31.81 68.22
CA ILE G 192 5.53 32.67 68.01
C ILE G 192 5.88 34.14 68.06
N GLU G 193 7.17 34.49 67.97
CA GLU G 193 7.63 35.87 68.12
C GLU G 193 8.18 36.45 66.83
N ARG G 194 7.87 35.86 65.69
CA ARG G 194 8.31 36.37 64.40
C ARG G 194 7.12 37.01 63.71
N VAL G 195 7.09 38.34 63.70
CA VAL G 195 5.94 39.09 63.20
C VAL G 195 5.75 38.98 61.70
N ALA G 196 6.76 38.50 60.97
CA ALA G 196 6.60 38.30 59.54
C ALA G 196 5.51 37.26 59.25
N VAL G 197 5.43 36.23 60.08
CA VAL G 197 4.44 35.17 59.90
C VAL G 197 3.19 35.43 60.74
N GLY G 198 3.35 35.90 61.96
CA GLY G 198 2.24 36.06 62.88
C GLY G 198 2.30 35.04 64.00
N SER G 199 1.20 34.98 64.76
CA SER G 199 1.10 34.04 65.87
C SER G 199 -0.21 33.29 65.79
N LEU G 200 -0.15 31.98 66.07
CA LEU G 200 -1.34 31.16 66.00
C LEU G 200 -2.34 31.50 67.11
N LEU G 201 -1.85 31.68 68.34
CA LEU G 201 -2.76 31.90 69.46
C LEU G 201 -3.42 33.26 69.39
N ASP G 202 -2.77 34.24 68.76
CA ASP G 202 -3.38 35.55 68.58
C ASP G 202 -4.22 35.64 67.32
N HIS G 203 -4.16 34.61 66.46
CA HIS G 203 -4.90 34.59 65.20
C HIS G 203 -4.57 35.81 64.33
N THR G 204 -3.29 36.17 64.29
CA THR G 204 -2.84 37.34 63.54
C THR G 204 -1.95 36.92 62.38
N GLY G 205 -1.83 37.82 61.41
CA GLY G 205 -0.96 37.57 60.27
C GLY G 205 -1.44 36.43 59.41
N ALA G 206 -0.48 35.64 58.93
CA ALA G 206 -0.79 34.51 58.08
C ALA G 206 -1.68 33.49 58.76
N PHE G 207 -1.63 33.40 60.10
CA PHE G 207 -2.52 32.49 60.79
C PHE G 207 -3.97 32.96 60.73
N GLY G 208 -4.19 34.26 60.90
CA GLY G 208 -5.53 34.80 60.69
C GLY G 208 -6.02 34.60 59.27
N GLU G 209 -5.13 34.84 58.30
CA GLU G 209 -5.50 34.60 56.90
C GLU G 209 -5.87 33.14 56.68
N CYS G 210 -5.08 32.20 57.21
CA CYS G 210 -5.35 30.79 57.02
C CYS G 210 -6.66 30.37 57.67
N GLU G 211 -6.95 30.90 58.86
CA GLU G 211 -8.20 30.54 59.51
C GLU G 211 -9.41 31.10 58.76
N LYS G 212 -9.29 32.34 58.24
CA LYS G 212 -10.38 32.86 57.41
C LYS G 212 -10.57 32.04 56.15
N ASN G 213 -9.47 31.64 55.51
CA ASN G 213 -9.55 30.79 54.33
C ASN G 213 -10.21 29.45 54.64
N ALA G 214 -9.85 28.84 55.76
CA ALA G 214 -10.45 27.57 56.15
C ALA G 214 -11.93 27.72 56.47
N ALA G 215 -12.31 28.82 57.13
CA ALA G 215 -13.72 29.06 57.41
C ALA G 215 -14.52 29.20 56.12
N ARG G 216 -13.94 29.89 55.13
CA ARG G 216 -14.60 29.97 53.83
C ARG G 216 -14.72 28.61 53.17
N ILE G 217 -13.63 27.83 53.16
CA ILE G 217 -13.62 26.56 52.45
C ILE G 217 -14.58 25.56 53.08
N PHE G 218 -14.64 25.52 54.41
CA PHE G 218 -15.49 24.56 55.11
C PHE G 218 -16.87 25.10 55.45
N GLY G 219 -17.20 26.32 55.00
CA GLY G 219 -18.52 26.86 55.22
C GLY G 219 -18.88 27.18 56.65
N ALA G 220 -17.94 27.72 57.42
CA ALA G 220 -18.18 28.12 58.79
C ALA G 220 -18.09 29.63 58.92
N ASP G 221 -18.71 30.16 59.98
CA ASP G 221 -18.53 31.57 60.30
C ASP G 221 -17.11 31.85 60.80
N GLN G 222 -16.62 31.01 61.71
CA GLN G 222 -15.27 31.14 62.23
C GLN G 222 -14.62 29.77 62.29
N SER G 223 -13.32 29.73 62.06
CA SER G 223 -12.56 28.50 62.15
C SER G 223 -11.34 28.72 63.04
N TYR G 224 -10.99 27.68 63.79
CA TYR G 224 -9.82 27.70 64.65
C TYR G 224 -8.94 26.50 64.32
N SER G 225 -7.66 26.76 64.08
CA SER G 225 -6.68 25.71 63.87
C SER G 225 -6.17 25.23 65.22
N VAL G 226 -6.08 23.91 65.39
CA VAL G 226 -5.75 23.29 66.66
C VAL G 226 -4.57 22.35 66.42
N VAL G 227 -3.61 22.35 67.36
CA VAL G 227 -2.43 21.51 67.26
C VAL G 227 -2.42 20.41 68.31
N VAL G 228 -3.55 20.19 69.00
CA VAL G 228 -3.69 19.13 69.96
C VAL G 228 -4.75 18.12 69.53
N GLY G 229 -5.05 18.09 68.23
CA GLY G 229 -6.00 17.14 67.70
C GLY G 229 -7.44 17.45 68.05
N THR G 230 -8.31 16.54 67.61
CA THR G 230 -9.72 16.67 67.93
C THR G 230 -10.00 16.44 69.40
N SER G 231 -9.13 15.73 70.11
CA SER G 231 -9.24 15.67 71.57
C SER G 231 -9.19 17.08 72.16
N GLY G 232 -8.18 17.85 71.77
CA GLY G 232 -8.08 19.22 72.23
C GLY G 232 -9.24 20.07 71.76
N SER G 233 -9.65 19.91 70.50
CA SER G 233 -10.78 20.68 69.98
C SER G 233 -12.06 20.41 70.76
N ASN G 234 -12.36 19.15 71.03
CA ASN G 234 -13.53 18.78 71.81
C ASN G 234 -13.44 19.38 73.20
N ARG G 235 -12.26 19.31 73.81
CA ARG G 235 -12.09 19.88 75.15
C ARG G 235 -12.38 21.37 75.16
N THR G 236 -11.85 22.12 74.19
CA THR G 236 -12.09 23.56 74.23
C THR G 236 -13.54 23.91 73.94
N ILE G 237 -14.19 23.19 73.03
CA ILE G 237 -15.60 23.46 72.78
C ILE G 237 -16.43 23.20 74.03
N MET G 238 -16.18 22.06 74.68
CA MET G 238 -16.95 21.73 75.87
C MET G 238 -16.67 22.69 77.01
N GLN G 239 -15.43 23.15 77.13
CA GLN G 239 -15.09 24.14 78.15
C GLN G 239 -15.76 25.48 77.89
N ALA G 240 -15.88 25.87 76.63
CA ALA G 240 -16.56 27.11 76.31
C ALA G 240 -18.07 27.01 76.47
N CYS G 241 -18.64 25.80 76.41
CA CYS G 241 -20.09 25.68 76.38
C CYS G 241 -20.74 25.45 77.75
N MET G 242 -20.21 24.56 78.58
CA MET G 242 -20.94 24.14 79.76
C MET G 242 -20.17 24.47 81.04
N THR G 243 -20.88 24.30 82.14
CA THR G 243 -20.39 24.58 83.48
C THR G 243 -20.94 23.52 84.41
N ASP G 244 -20.40 23.44 85.63
CA ASP G 244 -20.83 22.38 86.55
C ASP G 244 -22.29 22.52 86.98
N ASP G 245 -22.92 23.67 86.73
CA ASP G 245 -24.34 23.87 86.99
C ASP G 245 -25.20 23.62 85.75
N ASP G 246 -24.74 22.77 84.84
CA ASP G 246 -25.41 22.59 83.55
C ASP G 246 -25.73 21.12 83.33
N VAL G 247 -26.77 20.87 82.54
CA VAL G 247 -27.12 19.54 82.06
C VAL G 247 -26.83 19.49 80.56
N VAL G 248 -26.24 18.39 80.11
CA VAL G 248 -25.84 18.25 78.73
C VAL G 248 -26.35 16.93 78.17
N VAL G 249 -26.55 16.89 76.85
CA VAL G 249 -27.10 15.75 76.15
C VAL G 249 -25.96 15.13 75.34
N ILE G 250 -25.57 13.91 75.71
CA ILE G 250 -24.37 13.30 75.17
C ILE G 250 -24.75 12.06 74.35
N ASP G 251 -24.28 12.02 73.11
CA ASP G 251 -24.29 10.78 72.34
C ASP G 251 -23.52 9.71 73.09
N ARG G 252 -24.17 8.58 73.35
CA ARG G 252 -23.47 7.48 74.02
C ARG G 252 -22.34 6.95 73.17
N ASN G 253 -22.43 7.08 71.84
CA ASN G 253 -21.32 6.83 70.95
C ASN G 253 -20.44 8.08 70.93
N CYS G 254 -19.67 8.25 72.00
CA CYS G 254 -18.82 9.41 72.17
C CYS G 254 -17.37 8.99 72.31
N HIS G 255 -16.48 9.82 71.77
CA HIS G 255 -15.05 9.65 71.97
C HIS G 255 -14.69 9.93 73.41
N LYS G 256 -13.56 9.38 73.85
CA LYS G 256 -13.14 9.56 75.24
C LYS G 256 -12.80 11.02 75.54
N SER G 257 -12.50 11.83 74.53
CA SER G 257 -12.30 13.25 74.77
C SER G 257 -13.59 13.93 75.21
N ILE G 258 -14.74 13.41 74.83
CA ILE G 258 -16.01 13.94 75.34
C ILE G 258 -16.14 13.70 76.83
N GLU G 259 -15.82 12.49 77.29
CA GLU G 259 -15.84 12.25 78.73
C GLU G 259 -14.77 13.07 79.45
N GLN G 260 -13.63 13.30 78.80
CA GLN G 260 -12.63 14.19 79.40
C GLN G 260 -13.17 15.60 79.57
N GLY G 261 -13.89 16.10 78.56
CA GLY G 261 -14.55 17.39 78.68
C GLY G 261 -15.58 17.41 79.80
N LEU G 262 -16.32 16.32 79.95
CA LEU G 262 -17.26 16.22 81.06
C LEU G 262 -16.56 16.31 82.40
N ILE G 263 -15.42 15.61 82.53
CA ILE G 263 -14.64 15.67 83.77
C ILE G 263 -14.14 17.08 84.01
N LEU G 264 -13.64 17.75 82.98
CA LEU G 264 -13.05 19.07 83.14
C LEU G 264 -14.09 20.17 83.35
N THR G 265 -15.34 19.96 82.95
CA THR G 265 -16.35 20.98 83.14
C THR G 265 -17.26 20.71 84.33
N GLY G 266 -17.42 19.45 84.74
CA GLY G 266 -18.29 19.11 85.82
C GLY G 266 -19.77 19.09 85.47
N ALA G 267 -20.11 19.10 84.19
CA ALA G 267 -21.52 19.10 83.79
C ALA G 267 -22.16 17.74 84.08
N LYS G 268 -23.49 17.74 84.13
CA LYS G 268 -24.25 16.54 84.41
C LYS G 268 -24.80 15.97 83.11
N PRO G 269 -24.37 14.79 82.67
CA PRO G 269 -24.75 14.29 81.36
C PRO G 269 -26.02 13.44 81.35
N VAL G 270 -26.75 13.60 80.25
CA VAL G 270 -27.87 12.74 79.89
C VAL G 270 -27.54 12.14 78.52
N TYR G 271 -27.89 10.88 78.33
CA TYR G 271 -27.38 10.11 77.20
C TYR G 271 -28.48 9.71 76.23
N MET G 272 -28.20 9.83 74.94
CA MET G 272 -29.00 9.23 73.88
C MET G 272 -28.34 7.93 73.43
N ILE G 273 -29.11 6.86 73.45
CA ILE G 273 -28.58 5.51 73.22
C ILE G 273 -28.66 5.21 71.73
N PRO G 274 -27.56 4.89 71.07
CA PRO G 274 -27.62 4.51 69.66
C PRO G 274 -28.14 3.09 69.47
N SER G 275 -28.48 2.78 68.23
CA SER G 275 -28.98 1.46 67.87
C SER G 275 -27.84 0.52 67.51
N ARG G 276 -28.15 -0.77 67.48
CA ARG G 276 -27.20 -1.82 67.17
C ARG G 276 -27.84 -2.80 66.19
N ASN G 277 -27.00 -3.50 65.45
CA ASN G 277 -27.46 -4.53 64.52
C ASN G 277 -26.88 -5.89 64.93
N ARG G 278 -27.24 -6.92 64.17
CA ARG G 278 -26.87 -8.29 64.53
C ARG G 278 -25.37 -8.53 64.44
N TYR G 279 -24.63 -7.71 63.71
CA TYR G 279 -23.19 -7.87 63.60
C TYR G 279 -22.43 -7.17 64.72
N GLY G 280 -23.13 -6.53 65.65
CA GLY G 280 -22.47 -5.75 66.66
C GLY G 280 -22.04 -4.38 66.22
N ILE G 281 -22.48 -3.92 65.05
CA ILE G 281 -22.14 -2.60 64.56
C ILE G 281 -23.06 -1.58 65.24
N ILE G 282 -22.46 -0.57 65.85
CA ILE G 282 -23.23 0.50 66.46
C ILE G 282 -23.84 1.36 65.36
N GLY G 283 -25.14 1.64 65.47
CA GLY G 283 -25.83 2.41 64.47
C GLY G 283 -26.19 3.79 64.96
N PRO G 284 -27.06 4.48 64.22
CA PRO G 284 -27.42 5.84 64.58
C PRO G 284 -28.37 5.89 65.77
N ILE G 285 -28.38 7.03 66.43
CA ILE G 285 -29.43 7.35 67.39
C ILE G 285 -30.72 7.58 66.63
N TYR G 286 -31.79 6.94 67.08
CA TYR G 286 -33.07 7.11 66.41
C TYR G 286 -33.70 8.44 66.77
N PRO G 287 -34.57 8.97 65.91
CA PRO G 287 -35.22 10.24 66.21
C PRO G 287 -36.04 10.23 67.49
N LYS G 288 -36.50 9.06 67.93
CA LYS G 288 -37.27 8.97 69.17
C LYS G 288 -36.45 9.33 70.41
N GLU G 289 -35.13 9.40 70.29
CA GLU G 289 -34.28 9.78 71.41
C GLU G 289 -33.92 11.26 71.42
N MET G 290 -34.17 11.98 70.34
CA MET G 290 -33.82 13.39 70.24
C MET G 290 -35.02 14.32 70.40
N THR G 291 -36.23 13.79 70.50
CA THR G 291 -37.39 14.65 70.60
C THR G 291 -37.37 15.40 71.93
N PRO G 292 -37.94 16.61 71.98
CA PRO G 292 -37.96 17.37 73.24
C PRO G 292 -38.57 16.60 74.39
N ASP G 293 -39.62 15.82 74.14
CA ASP G 293 -40.21 15.02 75.21
C ASP G 293 -39.25 13.93 75.69
N ALA G 294 -38.51 13.30 74.77
CA ALA G 294 -37.54 12.30 75.17
C ALA G 294 -36.43 12.91 76.02
N ILE G 295 -35.96 14.09 75.65
CA ILE G 295 -34.90 14.74 76.42
C ILE G 295 -35.41 15.18 77.78
N LYS G 296 -36.64 15.70 77.85
CA LYS G 296 -37.22 16.04 79.14
C LYS G 296 -37.39 14.82 80.02
N PHE G 297 -37.82 13.71 79.44
CA PHE G 297 -37.95 12.46 80.20
C PHE G 297 -36.61 12.00 80.73
N LYS G 298 -35.57 12.05 79.88
CA LYS G 298 -34.24 11.66 80.33
C LYS G 298 -33.75 12.53 81.47
N ILE G 299 -33.97 13.84 81.36
CA ILE G 299 -33.55 14.76 82.42
C ILE G 299 -34.31 14.46 83.71
N ALA G 300 -35.62 14.23 83.62
CA ALA G 300 -36.41 13.96 84.81
C ALA G 300 -36.09 12.61 85.44
N ALA G 301 -35.57 11.65 84.66
CA ALA G 301 -35.27 10.34 85.21
C ALA G 301 -33.85 10.21 85.73
N ASN G 302 -32.95 11.12 85.37
CA ASN G 302 -31.56 11.00 85.79
C ASN G 302 -31.42 11.33 87.28
N PRO G 303 -30.70 10.52 88.05
CA PRO G 303 -30.55 10.82 89.48
C PRO G 303 -29.88 12.15 89.77
N LEU G 304 -28.96 12.60 88.92
CA LEU G 304 -28.24 13.85 89.16
C LEU G 304 -28.95 15.07 88.60
N THR G 305 -29.70 14.92 87.51
CA THR G 305 -30.30 16.06 86.83
C THR G 305 -31.77 16.25 87.16
N LYS G 306 -32.35 15.43 88.04
CA LYS G 306 -33.78 15.54 88.30
C LYS G 306 -34.16 16.80 89.05
N GLY G 307 -33.19 17.57 89.55
CA GLY G 307 -33.48 18.86 90.13
C GLY G 307 -33.24 19.99 89.16
N LYS G 308 -33.14 19.68 87.87
CA LYS G 308 -32.86 20.66 86.83
C LYS G 308 -33.83 20.53 85.67
N VAL G 309 -35.01 19.95 85.91
CA VAL G 309 -35.96 19.68 84.84
C VAL G 309 -36.49 20.94 84.18
N LYS G 310 -36.36 22.09 84.83
CA LYS G 310 -36.78 23.36 84.25
C LYS G 310 -35.64 24.09 83.55
N GLN G 311 -34.45 23.51 83.51
CA GLN G 311 -33.27 24.16 82.97
C GLN G 311 -33.03 23.70 81.54
N LYS G 312 -32.78 24.64 80.65
CA LYS G 312 -32.48 24.31 79.27
C LYS G 312 -31.10 23.71 79.16
N PRO G 313 -30.93 22.57 78.50
CA PRO G 313 -29.59 21.98 78.36
C PRO G 313 -28.66 22.91 77.59
N ALA G 314 -27.40 22.95 78.03
CA ALA G 314 -26.45 23.90 77.51
C ALA G 314 -25.67 23.40 76.29
N TYR G 315 -25.73 22.11 76.00
CA TYR G 315 -24.83 21.54 75.00
C TYR G 315 -25.30 20.14 74.65
N SER G 316 -25.14 19.80 73.37
CA SER G 316 -25.34 18.43 72.91
C SER G 316 -24.25 18.08 71.91
N VAL G 317 -23.88 16.81 71.89
CA VAL G 317 -22.86 16.32 70.97
C VAL G 317 -23.39 15.07 70.29
N VAL G 318 -23.20 14.99 68.97
CA VAL G 318 -23.54 13.82 68.18
C VAL G 318 -22.32 13.48 67.33
N THR G 319 -21.91 12.22 67.35
CA THR G 319 -20.82 11.76 66.51
C THR G 319 -21.36 11.44 65.12
N ASN G 320 -20.84 12.11 64.10
CA ASN G 320 -21.30 11.93 62.74
C ASN G 320 -20.15 12.21 61.79
N CYS G 321 -19.74 11.23 61.00
CA CYS G 321 -20.35 9.91 60.97
C CYS G 321 -19.80 9.00 62.08
N THR G 322 -20.40 7.83 62.25
CA THR G 322 -19.96 6.89 63.26
C THR G 322 -18.70 6.17 62.78
N TYR G 323 -18.15 5.31 63.65
CA TYR G 323 -16.92 4.61 63.33
C TYR G 323 -17.08 3.67 62.15
N ASP G 324 -18.29 3.13 61.94
CA ASP G 324 -18.55 2.19 60.86
C ASP G 324 -19.18 2.86 59.64
N GLY G 325 -19.13 4.18 59.56
CA GLY G 325 -19.57 4.88 58.37
C GLY G 325 -21.05 5.13 58.26
N VAL G 326 -21.77 5.18 59.38
CA VAL G 326 -23.17 5.55 59.36
C VAL G 326 -23.28 7.05 59.53
N CYS G 327 -23.86 7.73 58.54
CA CYS G 327 -23.97 9.17 58.51
C CYS G 327 -25.40 9.60 58.79
N TYR G 328 -25.58 10.47 59.77
CA TYR G 328 -26.89 11.03 60.05
C TYR G 328 -27.30 12.03 58.99
N ASN G 329 -28.61 12.15 58.78
CA ASN G 329 -29.15 13.32 58.09
C ASN G 329 -29.04 14.49 59.08
N ALA G 330 -27.99 15.30 58.92
CA ALA G 330 -27.70 16.33 59.91
C ALA G 330 -28.75 17.43 59.92
N ARG G 331 -29.38 17.70 58.78
CA ARG G 331 -30.48 18.67 58.75
C ARG G 331 -31.62 18.22 59.66
N LYS G 332 -32.00 16.94 59.59
CA LYS G 332 -33.07 16.43 60.43
C LYS G 332 -32.67 16.39 61.90
N VAL G 333 -31.41 16.01 62.18
CA VAL G 333 -30.93 16.00 63.55
C VAL G 333 -30.97 17.41 64.14
N GLN G 334 -30.53 18.40 63.36
CA GLN G 334 -30.54 19.77 63.83
C GLN G 334 -31.96 20.26 64.06
N ASP G 335 -32.89 19.91 63.17
CA ASP G 335 -34.27 20.30 63.38
C ASP G 335 -34.86 19.65 64.63
N LEU G 336 -34.51 18.39 64.90
CA LEU G 336 -35.00 17.72 66.09
C LEU G 336 -34.44 18.36 67.37
N LEU G 337 -33.13 18.58 67.41
CA LEU G 337 -32.48 19.12 68.60
C LEU G 337 -32.72 20.62 68.79
N ASP G 338 -33.16 21.32 67.76
CA ASP G 338 -33.47 22.74 67.89
C ASP G 338 -34.61 22.99 68.87
N GLY G 339 -35.47 22.01 69.09
CA GLY G 339 -36.55 22.18 70.05
C GLY G 339 -36.15 22.08 71.49
N SER G 340 -34.89 21.78 71.78
CA SER G 340 -34.43 21.61 73.15
C SER G 340 -33.12 22.32 73.47
N LEU G 341 -32.30 22.66 72.48
CA LEU G 341 -30.95 23.12 72.72
C LEU G 341 -30.64 24.32 71.84
N ASP G 342 -29.65 25.12 72.26
CA ASP G 342 -29.12 26.19 71.45
C ASP G 342 -27.73 25.90 70.90
N ARG G 343 -27.05 24.88 71.41
CA ARG G 343 -25.71 24.52 70.95
C ARG G 343 -25.69 23.05 70.58
N ILE G 344 -25.35 22.76 69.33
CA ILE G 344 -25.17 21.39 68.87
C ILE G 344 -23.75 21.24 68.37
N HIS G 345 -23.04 20.24 68.88
CA HIS G 345 -21.68 19.93 68.47
C HIS G 345 -21.70 18.64 67.68
N PHE G 346 -21.27 18.72 66.43
CA PHE G 346 -21.11 17.54 65.58
C PHE G 346 -19.63 17.16 65.58
N ASP G 347 -19.31 16.03 66.21
CA ASP G 347 -17.93 15.53 66.22
C ASP G 347 -17.71 14.76 64.92
N GLU G 348 -17.29 15.49 63.89
CA GLU G 348 -17.01 14.91 62.58
C GLU G 348 -15.53 14.60 62.40
N ALA G 349 -14.93 13.90 63.37
CA ALA G 349 -13.49 13.64 63.30
C ALA G 349 -13.13 12.80 62.09
N TRP G 350 -13.94 11.80 61.78
CA TRP G 350 -13.73 10.95 60.62
C TRP G 350 -14.42 11.48 59.37
N TYR G 351 -15.07 12.65 59.45
CA TYR G 351 -15.99 13.11 58.43
C TYR G 351 -15.63 14.56 58.09
N GLY G 352 -14.59 14.74 57.29
CA GLY G 352 -14.10 16.07 57.03
C GLY G 352 -14.25 16.44 55.57
N TYR G 353 -14.33 15.41 54.74
CA TYR G 353 -14.49 15.52 53.30
C TYR G 353 -15.95 15.69 52.88
N ALA G 354 -16.90 15.55 53.80
CA ALA G 354 -18.30 15.38 53.43
C ALA G 354 -18.85 16.58 52.68
N ARG G 355 -18.39 17.78 53.01
CA ARG G 355 -18.86 18.97 52.33
C ARG G 355 -18.52 18.99 50.84
N PHE G 356 -17.53 18.24 50.41
CA PHE G 356 -16.94 18.43 49.10
C PHE G 356 -17.36 17.35 48.09
N ASN G 357 -18.37 16.55 48.41
CA ASN G 357 -18.94 15.64 47.45
C ASN G 357 -20.46 15.67 47.59
N PRO G 358 -21.20 15.83 46.48
CA PRO G 358 -22.67 15.90 46.56
C PRO G 358 -23.32 14.63 47.07
N LEU G 359 -22.62 13.50 47.10
CA LEU G 359 -23.19 12.27 47.64
C LEU G 359 -23.56 12.41 49.10
N TYR G 360 -22.92 13.33 49.82
CA TYR G 360 -23.13 13.50 51.26
C TYR G 360 -24.09 14.64 51.58
N ARG G 361 -24.79 15.15 50.57
CA ARG G 361 -25.66 16.31 50.75
C ARG G 361 -26.66 16.09 51.87
N ASN G 362 -26.82 17.11 52.72
CA ASN G 362 -27.70 17.14 53.89
C ASN G 362 -27.26 16.21 55.01
N HIS G 363 -26.08 15.61 54.92
CA HIS G 363 -25.63 14.66 55.92
C HIS G 363 -24.39 15.12 56.67
N PHE G 364 -24.19 16.43 56.77
CA PHE G 364 -23.07 16.99 57.52
C PHE G 364 -23.51 18.35 58.06
N ALA G 365 -22.63 18.95 58.86
CA ALA G 365 -23.03 20.10 59.67
C ALA G 365 -23.04 21.40 58.88
N MET G 366 -21.93 21.74 58.21
CA MET G 366 -21.76 23.06 57.61
C MET G 366 -22.23 23.01 56.16
N ARG G 367 -23.55 22.99 56.00
CA ARG G 367 -24.17 22.84 54.70
C ARG G 367 -24.31 24.17 53.98
N ASP G 368 -24.18 24.13 52.66
CA ASP G 368 -24.52 25.29 51.84
C ASP G 368 -26.03 25.44 51.76
N GLU G 369 -26.60 26.25 52.64
CA GLU G 369 -28.03 26.40 52.74
C GLU G 369 -28.35 27.82 53.17
N GLU G 370 -29.57 28.26 52.86
CA GLU G 370 -30.05 29.52 53.39
C GLU G 370 -30.25 29.40 54.89
N ARG G 371 -29.65 30.31 55.65
CA ARG G 371 -29.66 30.25 57.11
C ARG G 371 -30.58 31.32 57.67
N THR G 372 -31.48 30.91 58.55
CA THR G 372 -32.36 31.84 59.23
C THR G 372 -31.68 32.37 60.49
N GLU G 373 -32.37 33.26 61.21
CA GLU G 373 -31.79 33.90 62.38
C GLU G 373 -32.10 33.17 63.67
N ASN G 374 -32.97 32.17 63.66
CA ASN G 374 -33.36 31.46 64.88
C ASN G 374 -32.71 30.09 64.96
N GLU G 375 -31.62 29.89 64.25
CA GLU G 375 -30.94 28.61 64.29
C GLU G 375 -30.12 28.47 65.57
N PRO G 376 -29.88 27.23 66.01
CA PRO G 376 -28.93 27.03 67.11
C PRO G 376 -27.50 27.23 66.65
N THR G 377 -26.62 27.45 67.61
CA THR G 377 -25.20 27.49 67.32
C THR G 377 -24.68 26.09 67.04
N ILE G 378 -23.93 25.94 65.95
CA ILE G 378 -23.43 24.65 65.50
C ILE G 378 -21.91 24.64 65.59
N PHE G 379 -21.38 23.61 66.23
CA PHE G 379 -19.94 23.35 66.25
C PHE G 379 -19.64 22.07 65.47
N ALA G 380 -18.56 22.08 64.72
CA ALA G 380 -18.07 20.90 64.03
C ALA G 380 -16.56 20.80 64.24
N THR G 381 -16.10 19.61 64.61
CA THR G 381 -14.68 19.34 64.78
C THR G 381 -14.24 18.35 63.71
N HIS G 382 -13.17 18.68 63.00
CA HIS G 382 -12.59 17.79 62.01
C HIS G 382 -11.20 17.37 62.46
N SER G 383 -10.93 16.07 62.41
CA SER G 383 -9.53 15.64 62.59
C SER G 383 -8.95 15.64 61.20
N THR G 384 -8.20 16.67 60.83
CA THR G 384 -7.67 16.84 59.46
C THR G 384 -6.66 15.73 59.12
N HIS G 385 -6.07 15.10 60.11
CA HIS G 385 -5.11 14.00 59.86
C HIS G 385 -5.84 12.68 59.61
N1 LLP G 386 -13.51 12.18 68.21
C2 LLP G 386 -13.65 11.12 67.42
C2' LLP G 386 -15.02 10.66 67.03
C3 LLP G 386 -12.53 10.45 66.95
O3 LLP G 386 -12.75 9.39 66.16
C4 LLP G 386 -11.24 10.89 67.30
C4' LLP G 386 -10.06 10.19 66.80
C5 LLP G 386 -11.14 12.01 68.14
C6 LLP G 386 -12.29 12.61 68.56
C5' LLP G 386 -9.83 12.55 68.62
OP4 LLP G 386 -9.03 13.12 67.56
P LLP G 386 -7.47 13.29 67.70
OP1 LLP G 386 -7.10 14.20 66.58
OP2 LLP G 386 -7.18 13.89 69.05
OP3 LLP G 386 -6.97 11.92 67.56
N LLP G 386 -7.09 12.56 60.00
CA LLP G 386 -7.78 11.24 59.87
CB LLP G 386 -8.94 11.06 60.85
CG LLP G 386 -8.58 10.45 62.20
CD LLP G 386 -9.69 10.53 63.24
CE LLP G 386 -9.17 10.66 64.67
NZ LLP G 386 -9.94 9.83 65.58
C LLP G 386 -8.11 10.95 58.41
O LLP G 386 -7.50 10.05 57.85
N LEU G 387 -9.04 11.69 57.79
CA LEU G 387 -9.49 11.34 56.42
C LEU G 387 -9.25 12.50 55.45
N LEU G 388 -8.50 13.50 55.89
CA LEU G 388 -8.02 14.60 55.01
C LEU G 388 -6.50 14.40 54.98
N ASN G 389 -5.73 15.30 54.37
CA ASN G 389 -4.27 15.18 54.26
C ASN G 389 -3.63 16.20 55.21
N ALA G 390 -3.33 15.75 56.41
CA ALA G 390 -2.64 16.59 57.39
C ALA G 390 -1.85 15.70 58.34
N LEU G 391 -0.86 16.31 58.98
CA LEU G 391 -0.07 15.61 59.98
C LEU G 391 -0.90 15.35 61.22
N SER G 392 -0.49 14.34 61.99
CA SER G 392 -1.15 14.04 63.24
C SER G 392 -1.16 15.26 64.15
N GLN G 393 -2.22 15.37 64.95
CA GLN G 393 -2.55 16.44 65.89
C GLN G 393 -3.13 17.67 65.22
N ALA G 394 -3.24 17.71 63.90
CA ALA G 394 -3.89 18.83 63.23
C ALA G 394 -5.39 18.66 63.28
N SER G 395 -6.09 19.74 63.61
CA SER G 395 -7.53 19.69 63.79
C SER G 395 -8.12 21.07 63.53
N PHE G 396 -9.42 21.11 63.34
CA PHE G 396 -10.15 22.35 63.12
C PHE G 396 -11.37 22.40 64.04
N ILE G 397 -11.68 23.61 64.51
CA ILE G 397 -12.97 23.91 65.12
C ILE G 397 -13.70 24.83 64.16
N HIS G 398 -14.90 24.43 63.77
CA HIS G 398 -15.75 25.23 62.90
C HIS G 398 -16.98 25.64 63.68
N VAL G 399 -17.33 26.92 63.61
CA VAL G 399 -18.44 27.48 64.36
C VAL G 399 -19.39 28.15 63.38
N ARG G 400 -20.68 27.88 63.53
CA ARG G 400 -21.75 28.64 62.88
C ARG G 400 -22.57 29.28 63.98
N ASN G 401 -22.54 30.62 64.04
CA ASN G 401 -23.16 31.33 65.14
C ASN G 401 -24.67 31.34 64.99
N GLY G 402 -25.36 30.95 66.06
CA GLY G 402 -26.80 30.99 66.10
C GLY G 402 -27.32 31.50 67.43
N ARG G 403 -28.25 30.77 68.03
CA ARG G 403 -28.75 31.16 69.34
C ARG G 403 -27.72 30.89 70.42
N ASN G 404 -27.56 31.85 71.33
CA ASN G 404 -26.65 31.73 72.47
C ASN G 404 -25.22 31.49 71.99
N ALA G 405 -24.79 32.29 71.02
CA ALA G 405 -23.46 32.16 70.46
C ALA G 405 -22.41 32.66 71.43
N ILE G 406 -21.18 32.18 71.26
CA ILE G 406 -20.06 32.55 72.09
C ILE G 406 -19.13 33.44 71.26
N ASP G 407 -18.97 34.69 71.69
CA ASP G 407 -18.14 35.63 70.96
C ASP G 407 -16.67 35.28 71.11
N PHE G 408 -15.84 35.94 70.30
CA PHE G 408 -14.43 35.56 70.19
C PHE G 408 -13.69 35.72 71.52
N ASN G 409 -13.96 36.81 72.24
CA ASN G 409 -13.23 37.05 73.49
C ASN G 409 -13.51 35.95 74.51
N ARG G 410 -14.75 35.48 74.58
CA ARG G 410 -15.08 34.41 75.52
C ARG G 410 -14.55 33.06 75.06
N PHE G 411 -14.64 32.77 73.76
CA PHE G 411 -14.18 31.48 73.25
C PHE G 411 -12.66 31.35 73.32
N ASN G 412 -11.95 32.47 73.16
CA ASN G 412 -10.50 32.44 73.15
C ASN G 412 -9.92 31.97 74.49
N GLN G 413 -10.65 32.19 75.58
CA GLN G 413 -10.18 31.72 76.88
C GLN G 413 -10.11 30.20 76.93
N ALA G 414 -11.18 29.52 76.50
CA ALA G 414 -11.14 28.06 76.44
C ALA G 414 -10.09 27.58 75.44
N TYR G 415 -10.00 28.27 74.29
CA TYR G 415 -9.02 27.89 73.28
C TYR G 415 -7.61 27.91 73.86
N LEU G 416 -7.25 28.98 74.55
CA LEU G 416 -5.93 29.06 75.18
C LEU G 416 -5.79 28.03 76.30
N MET G 417 -6.87 27.77 77.03
CA MET G 417 -6.80 26.82 78.15
C MET G 417 -6.42 25.44 77.69
N HIS G 418 -6.79 25.05 76.47
CA HIS G 418 -6.43 23.71 76.01
C HIS G 418 -5.38 23.69 74.92
N SER G 419 -4.57 24.74 74.83
CA SER G 419 -3.54 24.84 73.80
C SER G 419 -2.16 24.90 74.46
N THR G 420 -1.14 25.14 73.65
CA THR G 420 0.22 25.33 74.13
C THR G 420 0.72 26.69 73.66
N THR G 421 1.63 27.27 74.45
CA THR G 421 2.20 28.56 74.08
C THR G 421 3.26 28.45 73.00
N SER G 422 3.70 27.26 72.65
CA SER G 422 4.72 27.06 71.61
C SER G 422 4.23 26.03 70.60
N PRO G 423 3.27 26.38 69.76
CA PRO G 423 2.81 25.44 68.73
C PRO G 423 3.87 25.15 67.70
N LEU G 424 3.85 23.93 67.19
CA LEU G 424 4.72 23.54 66.09
C LEU G 424 4.08 23.96 64.78
N TYR G 425 4.72 24.87 64.06
CA TYR G 425 4.10 25.48 62.88
C TYR G 425 3.96 24.52 61.71
N ALA G 426 4.68 23.40 61.72
CA ALA G 426 4.50 22.39 60.69
C ALA G 426 3.08 21.81 60.74
N ILE G 427 2.53 21.62 61.94
CA ILE G 427 1.17 21.11 62.08
C ILE G 427 0.17 22.10 61.50
N CYS G 428 0.32 23.39 61.82
CA CYS G 428 -0.58 24.40 61.26
C CYS G 428 -0.43 24.51 59.75
N ALA G 429 0.80 24.35 59.25
CA ALA G 429 1.01 24.36 57.80
C ALA G 429 0.31 23.18 57.13
N SER G 430 0.35 22.01 57.78
CA SER G 430 -0.37 20.86 57.23
C SER G 430 -1.88 21.10 57.24
N ASN G 431 -2.39 21.74 58.29
CA ASN G 431 -3.80 22.12 58.30
C ASN G 431 -4.14 23.04 57.13
N ASP G 432 -3.28 24.02 56.89
CA ASP G 432 -3.50 24.97 55.81
C ASP G 432 -3.47 24.29 54.44
N ILE G 433 -2.52 23.38 54.23
CA ILE G 433 -2.45 22.69 52.94
C ILE G 433 -3.63 21.73 52.77
N ALA G 434 -4.12 21.12 53.86
CA ALA G 434 -5.30 20.27 53.74
C ALA G 434 -6.52 21.08 53.32
N ALA G 435 -6.72 22.23 53.97
CA ALA G 435 -7.82 23.11 53.57
C ALA G 435 -7.70 23.53 52.12
N ASP G 436 -6.48 23.88 51.70
CA ASP G 436 -6.27 24.26 50.30
C ASP G 436 -6.56 23.09 49.36
N MET G 437 -6.23 21.88 49.77
CA MET G 437 -6.43 20.71 48.94
C MET G 437 -7.92 20.44 48.73
N MET G 438 -8.75 20.73 49.72
CA MET G 438 -10.19 20.58 49.52
C MET G 438 -10.83 21.75 48.79
N ASP G 439 -10.09 22.81 48.52
CA ASP G 439 -10.66 24.02 47.93
C ASP G 439 -10.88 23.87 46.43
N GLY G 440 -11.99 24.40 45.94
CA GLY G 440 -12.29 24.43 44.52
C GLY G 440 -12.65 23.08 43.91
N ASN G 441 -12.18 22.84 42.68
CA ASN G 441 -12.47 21.60 41.98
C ASN G 441 -11.77 20.41 42.62
N SER G 442 -10.63 20.64 43.28
CA SER G 442 -9.80 19.55 43.73
C SER G 442 -10.46 18.71 44.81
N GLY G 443 -11.23 19.34 45.72
CA GLY G 443 -11.91 18.58 46.74
C GLY G 443 -12.92 17.61 46.16
N ARG G 444 -13.72 18.08 45.20
CA ARG G 444 -14.64 17.20 44.50
C ARG G 444 -13.92 16.08 43.78
N SER G 445 -12.82 16.40 43.09
CA SER G 445 -12.10 15.39 42.34
C SER G 445 -11.51 14.32 43.26
N LEU G 446 -10.94 14.74 44.39
CA LEU G 446 -10.31 13.78 45.31
C LEU G 446 -11.34 12.89 45.99
N THR G 447 -12.45 13.49 46.45
CA THR G 447 -13.51 12.66 47.03
C THR G 447 -14.08 11.71 46.00
N ASP G 448 -14.23 12.16 44.75
CA ASP G 448 -14.71 11.28 43.69
C ASP G 448 -13.78 10.09 43.50
N GLU G 449 -12.47 10.33 43.48
CA GLU G 449 -11.53 9.23 43.29
C GLU G 449 -11.65 8.21 44.41
N VAL G 450 -11.71 8.67 45.66
CA VAL G 450 -11.80 7.73 46.77
C VAL G 450 -13.11 6.95 46.72
N ILE G 451 -14.22 7.64 46.45
CA ILE G 451 -15.52 6.98 46.41
C ILE G 451 -15.56 5.94 45.29
N ARG G 452 -14.99 6.26 44.13
CA ARG G 452 -14.97 5.32 43.03
C ARG G 452 -14.13 4.09 43.36
N GLU G 453 -12.98 4.27 44.02
CA GLU G 453 -12.18 3.12 44.43
C GLU G 453 -12.97 2.22 45.39
N SER G 454 -13.63 2.83 46.37
CA SER G 454 -14.39 2.03 47.33
C SER G 454 -15.54 1.30 46.64
N ILE G 455 -16.20 1.94 45.67
CA ILE G 455 -17.30 1.29 44.95
C ILE G 455 -16.78 0.13 44.11
N ASP G 456 -15.63 0.31 43.46
CA ASP G 456 -15.05 -0.79 42.69
C ASP G 456 -14.75 -1.98 43.58
N PHE G 457 -14.19 -1.72 44.77
CA PHE G 457 -13.93 -2.82 45.69
C PHE G 457 -15.23 -3.50 46.13
N ARG G 458 -16.24 -2.71 46.49
CA ARG G 458 -17.50 -3.28 46.96
C ARG G 458 -18.15 -4.15 45.88
N GLN G 459 -18.20 -3.64 44.64
CA GLN G 459 -18.83 -4.39 43.57
C GLN G 459 -18.06 -5.66 43.23
N SER G 460 -16.73 -5.58 43.21
CA SER G 460 -15.94 -6.78 42.95
C SER G 460 -16.14 -7.83 44.02
N LEU G 461 -16.19 -7.40 45.28
CA LEU G 461 -16.40 -8.35 46.36
C LEU G 461 -17.80 -8.97 46.30
N ALA G 462 -18.82 -8.17 45.99
CA ALA G 462 -20.16 -8.71 45.85
C ALA G 462 -20.24 -9.71 44.70
N TYR G 463 -19.57 -9.41 43.59
CA TYR G 463 -19.55 -10.34 42.46
C TYR G 463 -18.89 -11.65 42.84
N LEU G 464 -17.74 -11.58 43.52
CA LEU G 464 -17.07 -12.81 43.95
C LEU G 464 -17.92 -13.60 44.93
N TYR G 465 -18.62 -12.90 45.82
CA TYR G 465 -19.51 -13.56 46.76
C TYR G 465 -20.62 -14.31 46.03
N LYS G 466 -21.22 -13.67 45.02
CA LYS G 466 -22.25 -14.34 44.24
C LYS G 466 -21.69 -15.55 43.49
N GLU G 467 -20.49 -15.42 42.94
CA GLU G 467 -19.87 -16.53 42.22
C GLU G 467 -19.65 -17.73 43.15
N PHE G 468 -19.07 -17.47 44.32
CA PHE G 468 -18.83 -18.56 45.27
C PHE G 468 -20.14 -19.16 45.78
N LEU G 469 -21.16 -18.32 45.99
CA LEU G 469 -22.46 -18.83 46.40
C LEU G 469 -23.06 -19.72 45.32
N ASN G 470 -22.92 -19.33 44.06
CA ASN G 470 -23.40 -20.16 42.97
C ASN G 470 -22.68 -21.50 42.94
N ASP G 471 -21.40 -21.53 43.28
CA ASP G 471 -20.67 -22.79 43.43
C ASP G 471 -20.86 -23.41 44.81
N ASP G 472 -21.92 -23.04 45.52
CA ASP G 472 -22.20 -23.44 46.91
C ASP G 472 -20.95 -23.45 47.79
N GLU G 473 -20.25 -22.32 47.79
CA GLU G 473 -19.13 -22.07 48.67
C GLU G 473 -19.35 -20.77 49.44
N TRP G 474 -18.59 -20.59 50.51
CA TRP G 474 -18.67 -19.39 51.32
C TRP G 474 -17.65 -18.36 50.85
N PHE G 475 -17.97 -17.09 51.06
CA PHE G 475 -17.03 -16.00 50.86
C PHE G 475 -17.48 -14.81 51.68
N PHE G 476 -16.62 -13.79 51.71
CA PHE G 476 -16.94 -12.53 52.35
C PHE G 476 -17.84 -11.69 51.45
N LYS G 477 -18.69 -10.90 52.07
CA LYS G 477 -19.57 -10.00 51.34
C LYS G 477 -19.46 -8.59 51.89
N PRO G 478 -19.55 -7.58 51.02
CA PRO G 478 -19.55 -6.20 51.52
C PRO G 478 -20.85 -5.88 52.23
N TRP G 479 -20.76 -4.97 53.19
CA TRP G 479 -21.93 -4.55 53.96
C TRP G 479 -22.53 -3.31 53.30
N ASN G 480 -23.42 -3.53 52.34
CA ASN G 480 -24.16 -2.45 51.70
C ASN G 480 -25.47 -3.02 51.18
N GLN G 481 -26.20 -2.21 50.42
CA GLN G 481 -27.45 -2.66 49.82
C GLN G 481 -27.22 -3.84 48.89
N GLU G 482 -28.12 -4.83 48.97
CA GLU G 482 -28.09 -5.93 48.00
C GLU G 482 -28.61 -5.48 46.64
N MET G 483 -29.72 -4.76 46.62
CA MET G 483 -30.34 -4.27 45.39
C MET G 483 -30.46 -2.75 45.46
N VAL G 484 -30.15 -2.09 44.37
CA VAL G 484 -30.29 -0.64 44.29
C VAL G 484 -31.29 -0.31 43.19
N LYS G 485 -32.03 0.77 43.40
CA LYS G 485 -33.04 1.23 42.47
C LYS G 485 -32.59 2.53 41.84
N ASP G 486 -32.73 2.63 40.53
CA ASP G 486 -32.47 3.89 39.85
C ASP G 486 -33.68 4.80 40.02
N PRO G 487 -33.55 5.94 40.70
CA PRO G 487 -34.73 6.78 40.95
C PRO G 487 -35.29 7.42 39.69
N ALA G 488 -34.49 7.57 38.63
CA ALA G 488 -34.98 8.19 37.42
C ALA G 488 -35.85 7.25 36.62
N THR G 489 -35.29 6.13 36.18
CA THR G 489 -36.01 5.19 35.32
C THR G 489 -36.78 4.12 36.10
N GLY G 490 -36.59 4.04 37.41
CA GLY G 490 -37.25 3.03 38.21
C GLY G 490 -36.67 1.65 38.10
N LYS G 491 -35.57 1.47 37.36
CA LYS G 491 -34.99 0.16 37.16
C LYS G 491 -34.21 -0.29 38.39
N ARG G 492 -34.32 -1.57 38.70
CA ARG G 492 -33.60 -2.16 39.82
C ARG G 492 -32.38 -2.92 39.32
N TYR G 493 -31.31 -2.85 40.09
CA TYR G 493 -30.09 -3.59 39.80
C TYR G 493 -29.64 -4.31 41.06
N ALA G 494 -28.98 -5.46 40.86
CA ALA G 494 -28.13 -5.98 41.92
C ALA G 494 -26.95 -5.03 42.09
N PHE G 495 -26.47 -4.94 43.33
CA PHE G 495 -25.44 -3.95 43.63
C PHE G 495 -24.21 -4.12 42.75
N GLU G 496 -23.77 -5.37 42.56
CA GLU G 496 -22.59 -5.60 41.74
C GLU G 496 -22.83 -5.34 40.26
N ASP G 497 -24.09 -5.25 39.84
CA ASP G 497 -24.43 -4.96 38.45
C ASP G 497 -24.82 -3.51 38.22
N ALA G 498 -24.96 -2.72 39.27
CA ALA G 498 -25.37 -1.33 39.11
C ALA G 498 -24.29 -0.53 38.39
N PRO G 499 -24.67 0.41 37.54
CA PRO G 499 -23.68 1.28 36.91
C PRO G 499 -22.96 2.12 37.95
N VAL G 500 -21.66 2.29 37.76
CA VAL G 500 -20.85 3.01 38.74
C VAL G 500 -21.30 4.46 38.85
N GLU G 501 -21.72 5.06 37.74
CA GLU G 501 -22.21 6.44 37.76
C GLU G 501 -23.43 6.57 38.66
N LEU G 502 -24.34 5.59 38.60
CA LEU G 502 -25.52 5.64 39.46
C LEU G 502 -25.14 5.59 40.94
N LEU G 503 -24.23 4.68 41.30
CA LEU G 503 -23.82 4.58 42.70
C LEU G 503 -23.06 5.82 43.15
N MET G 504 -22.30 6.44 42.26
CA MET G 504 -21.54 7.64 42.59
C MET G 504 -22.42 8.88 42.66
N ARG G 505 -23.56 8.88 41.98
CA ARG G 505 -24.39 10.08 41.88
C ARG G 505 -25.61 10.07 42.81
N GLU G 506 -26.23 8.90 43.02
CA GLU G 506 -27.52 8.82 43.70
C GLU G 506 -27.32 8.51 45.18
N GLN G 507 -27.78 9.43 46.04
CA GLN G 507 -27.68 9.24 47.47
C GLN G 507 -28.56 8.10 47.97
N SER G 508 -29.71 7.89 47.35
CA SER G 508 -30.64 6.86 47.80
C SER G 508 -30.07 5.46 47.65
N CYS G 509 -29.04 5.27 46.83
CA CYS G 509 -28.38 3.98 46.74
C CYS G 509 -27.60 3.63 48.01
N TRP G 510 -27.45 4.58 48.93
CA TRP G 510 -26.72 4.37 50.17
C TRP G 510 -27.55 4.63 51.42
N VAL G 511 -28.76 5.15 51.26
CA VAL G 511 -29.63 5.41 52.40
C VAL G 511 -30.09 4.08 53.00
N MET G 512 -30.20 4.05 54.32
CA MET G 512 -30.69 2.87 55.03
C MET G 512 -32.22 2.87 54.97
N HIS G 513 -32.78 1.96 54.18
CA HIS G 513 -34.24 1.95 54.18
C HIS G 513 -34.77 0.92 55.16
N PRO G 514 -35.87 1.23 55.85
CA PRO G 514 -36.40 0.27 56.85
C PRO G 514 -36.82 -1.06 56.25
N GLU G 515 -37.17 -1.10 54.97
CA GLU G 515 -37.60 -2.35 54.33
C GLU G 515 -36.44 -3.24 53.92
N ASP G 516 -35.21 -2.74 53.92
CA ASP G 516 -34.05 -3.54 53.56
C ASP G 516 -33.50 -4.28 54.77
N LYS G 517 -32.97 -5.47 54.52
CA LYS G 517 -32.43 -6.32 55.57
C LYS G 517 -30.93 -6.21 55.74
N TRP G 518 -30.22 -5.55 54.81
CA TRP G 518 -28.77 -5.57 54.85
C TRP G 518 -28.22 -4.85 56.08
N HIS G 519 -28.78 -3.69 56.42
CA HIS G 519 -28.18 -2.90 57.49
C HIS G 519 -28.51 -3.44 58.86
N GLY G 520 -29.68 -4.04 59.03
CA GLY G 520 -30.02 -4.69 60.28
C GLY G 520 -30.41 -3.76 61.41
N PHE G 521 -30.64 -2.48 61.14
CA PHE G 521 -31.10 -1.55 62.16
C PHE G 521 -32.62 -1.52 62.10
N ASN G 522 -33.25 -2.38 62.90
CA ASN G 522 -34.70 -2.51 62.88
C ASN G 522 -35.36 -1.25 63.41
N ASP G 523 -36.47 -0.86 62.76
CA ASP G 523 -37.28 0.29 63.15
C ASP G 523 -36.55 1.61 62.93
N ILE G 524 -35.56 1.63 62.05
CA ILE G 524 -34.95 2.92 61.68
C ILE G 524 -35.91 3.66 60.75
N PRO G 525 -36.13 4.95 60.95
CA PRO G 525 -36.94 5.71 60.00
C PRO G 525 -36.22 5.85 58.67
N ASP G 526 -37.01 6.05 57.62
CA ASP G 526 -36.45 6.22 56.29
C ASP G 526 -35.86 7.62 56.14
N ASN G 527 -34.80 7.70 55.33
CA ASN G 527 -34.11 8.97 55.07
C ASN G 527 -33.57 9.58 56.36
N TRP G 528 -33.12 8.72 57.26
CA TRP G 528 -32.50 9.13 58.52
C TRP G 528 -31.00 8.95 58.52
N ALA G 529 -30.53 7.76 58.16
CA ALA G 529 -29.11 7.44 58.11
C ALA G 529 -28.72 7.05 56.70
N MET G 530 -27.40 6.97 56.50
CA MET G 530 -26.82 6.71 55.19
C MET G 530 -25.46 6.08 55.42
N LEU G 531 -25.05 5.21 54.50
CA LEU G 531 -23.77 4.54 54.60
C LEU G 531 -22.71 5.34 53.84
N ASP G 532 -21.59 5.60 54.51
CA ASP G 532 -20.44 6.22 53.85
C ASP G 532 -19.75 5.19 52.98
N PRO G 533 -19.66 5.39 51.66
CA PRO G 533 -19.06 4.37 50.80
C PRO G 533 -17.62 4.04 51.12
N ILE G 534 -16.83 5.02 51.60
CA ILE G 534 -15.39 4.80 51.74
C ILE G 534 -15.01 4.10 53.04
N LYS G 535 -15.97 3.83 53.93
CA LYS G 535 -15.72 3.01 55.11
C LYS G 535 -16.31 1.64 54.83
N VAL G 536 -15.49 0.76 54.27
CA VAL G 536 -15.97 -0.51 53.71
C VAL G 536 -15.87 -1.59 54.78
N SER G 537 -17.02 -2.11 55.18
CA SER G 537 -17.10 -3.25 56.07
C SER G 537 -17.33 -4.51 55.25
N ILE G 538 -16.59 -5.56 55.56
CA ILE G 538 -16.83 -6.87 54.96
C ILE G 538 -17.30 -7.80 56.06
N LEU G 539 -18.17 -8.73 55.69
CA LEU G 539 -18.81 -9.63 56.64
C LEU G 539 -18.32 -11.05 56.38
N ALA G 540 -17.78 -11.67 57.41
CA ALA G 540 -17.49 -13.08 57.34
C ALA G 540 -18.76 -13.90 57.57
N PRO G 541 -18.87 -15.08 56.95
CA PRO G 541 -20.08 -15.87 57.11
C PRO G 541 -20.22 -16.42 58.52
N GLY G 542 -21.47 -16.62 58.93
CA GLY G 542 -21.73 -17.21 60.23
C GLY G 542 -22.92 -16.63 60.97
N MET G 543 -23.34 -15.42 60.58
CA MET G 543 -24.43 -14.74 61.25
C MET G 543 -25.67 -14.79 60.36
N GLY G 544 -26.76 -15.31 60.92
CA GLY G 544 -28.01 -15.35 60.18
C GLY G 544 -28.70 -14.00 60.15
N ASP G 545 -29.59 -13.85 59.17
CA ASP G 545 -30.32 -12.59 59.02
C ASP G 545 -31.28 -12.35 60.18
N ASP G 546 -31.70 -13.40 60.87
CA ASP G 546 -32.60 -13.26 62.00
C ASP G 546 -31.89 -12.77 63.26
N GLY G 547 -30.58 -12.86 63.33
CA GLY G 547 -29.82 -12.46 64.49
C GLY G 547 -29.13 -13.60 65.21
N LYS G 548 -29.34 -14.84 64.79
CA LYS G 548 -28.72 -15.99 65.41
C LYS G 548 -27.70 -16.60 64.47
N LEU G 549 -26.73 -17.29 65.06
CA LEU G 549 -25.64 -17.87 64.29
C LEU G 549 -26.14 -19.01 63.42
N LEU G 550 -25.41 -19.25 62.32
CA LEU G 550 -25.71 -20.36 61.44
C LEU G 550 -24.98 -21.61 61.95
N ASP G 551 -25.11 -22.70 61.20
CA ASP G 551 -24.49 -23.96 61.62
C ASP G 551 -22.98 -23.90 61.47
N THR G 552 -22.48 -23.11 60.53
CA THR G 552 -21.05 -22.98 60.29
C THR G 552 -20.73 -21.53 59.96
N GLY G 553 -19.46 -21.18 60.10
CA GLY G 553 -19.03 -19.83 59.80
C GLY G 553 -17.54 -19.68 60.01
N VAL G 554 -17.05 -18.50 59.66
CA VAL G 554 -15.64 -18.15 59.81
C VAL G 554 -15.57 -16.92 60.71
N PRO G 555 -15.05 -17.03 61.94
CA PRO G 555 -14.96 -15.85 62.80
C PRO G 555 -13.97 -14.83 62.27
N ALA G 556 -14.28 -13.56 62.51
CA ALA G 556 -13.46 -12.48 61.95
C ALA G 556 -12.12 -12.32 62.66
N ALA G 557 -11.96 -12.87 63.86
CA ALA G 557 -10.67 -12.76 64.55
C ALA G 557 -9.58 -13.48 63.78
N LEU G 558 -9.89 -14.65 63.21
CA LEU G 558 -8.90 -15.39 62.44
C LEU G 558 -8.55 -14.67 61.14
N VAL G 559 -9.55 -14.10 60.47
CA VAL G 559 -9.29 -13.32 59.27
C VAL G 559 -8.45 -12.10 59.61
N THR G 560 -8.71 -11.49 60.76
CA THR G 560 -7.92 -10.35 61.20
C THR G 560 -6.46 -10.75 61.45
N ALA G 561 -6.25 -11.91 62.06
CA ALA G 561 -4.89 -12.41 62.25
C ALA G 561 -4.20 -12.61 60.90
N TRP G 562 -4.92 -13.17 59.92
CA TRP G 562 -4.36 -13.34 58.59
C TRP G 562 -3.96 -12.00 57.97
N LEU G 563 -4.87 -11.02 58.04
CA LEU G 563 -4.60 -9.71 57.46
C LEU G 563 -3.42 -9.03 58.15
N ASN G 564 -3.35 -9.13 59.48
CA ASN G 564 -2.21 -8.59 60.21
C ASN G 564 -0.93 -9.26 59.76
N HIS G 565 -0.96 -10.57 59.57
CA HIS G 565 0.21 -11.28 59.07
C HIS G 565 0.64 -10.73 57.71
N TYR G 566 -0.30 -10.29 56.89
CA TYR G 566 0.05 -9.71 55.62
C TYR G 566 0.17 -8.18 55.66
N GLY G 567 0.12 -7.59 56.85
CA GLY G 567 0.37 -6.18 57.03
C GLY G 567 -0.88 -5.32 57.04
N ILE G 568 -2.01 -5.84 56.56
CA ILE G 568 -3.25 -5.07 56.57
C ILE G 568 -3.80 -5.04 57.99
N VAL G 569 -4.05 -3.85 58.51
CA VAL G 569 -4.58 -3.69 59.87
C VAL G 569 -5.94 -3.01 59.75
N PRO G 570 -7.03 -3.72 60.03
CA PRO G 570 -8.36 -3.12 59.96
C PRO G 570 -8.58 -2.08 61.06
N THR G 571 -9.48 -1.15 60.77
CA THR G 571 -9.83 -0.10 61.72
C THR G 571 -10.76 -0.59 62.81
N ARG G 572 -11.79 -1.35 62.43
CA ARG G 572 -12.76 -1.89 63.38
C ARG G 572 -12.95 -3.37 63.11
N THR G 573 -13.39 -4.09 64.14
CA THR G 573 -13.60 -5.53 64.02
C THR G 573 -14.60 -5.97 65.09
N THR G 574 -15.57 -6.78 64.67
CA THR G 574 -16.48 -7.49 65.56
C THR G 574 -16.35 -8.99 65.29
N ASP G 575 -17.27 -9.77 65.85
CA ASP G 575 -17.24 -11.22 65.66
C ASP G 575 -17.26 -11.59 64.18
N PHE G 576 -18.18 -11.01 63.40
CA PHE G 576 -18.18 -11.16 61.95
C PHE G 576 -18.34 -9.77 61.33
N GLN G 577 -17.25 -9.02 61.29
CA GLN G 577 -17.20 -7.75 60.59
C GLN G 577 -15.78 -7.22 60.59
N ILE G 578 -15.28 -6.80 59.43
CA ILE G 578 -13.96 -6.21 59.32
C ILE G 578 -14.09 -4.94 58.50
N MET G 579 -13.59 -3.84 59.03
CA MET G 579 -13.74 -2.53 58.41
C MET G 579 -12.42 -2.10 57.80
N PHE G 580 -12.46 -1.66 56.55
CA PHE G 580 -11.30 -1.14 55.84
C PHE G 580 -11.53 0.32 55.48
N LEU G 581 -10.50 1.13 55.63
CA LEU G 581 -10.56 2.54 55.34
C LEU G 581 -10.02 2.81 53.94
N PHE G 582 -10.80 3.50 53.13
CA PHE G 582 -10.34 4.06 51.86
C PHE G 582 -10.14 5.56 52.08
N SER G 583 -8.92 6.02 51.90
CA SER G 583 -8.59 7.42 52.15
C SER G 583 -8.08 8.07 50.87
N MET G 584 -7.88 9.38 50.92
CA MET G 584 -7.36 10.11 49.78
C MET G 584 -5.90 9.81 49.50
N GLY G 585 -5.23 9.09 50.40
CA GLY G 585 -3.88 8.60 50.16
C GLY G 585 -3.79 7.26 49.49
N ILE G 586 -4.91 6.62 49.18
CA ILE G 586 -4.90 5.35 48.47
C ILE G 586 -4.60 5.60 46.99
N THR G 587 -4.02 4.61 46.35
CA THR G 587 -3.77 4.66 44.92
C THR G 587 -4.75 3.73 44.20
N LYS G 588 -4.95 4.01 42.91
CA LYS G 588 -5.98 3.31 42.15
C LYS G 588 -5.62 1.85 41.95
N GLY G 589 -6.62 0.98 42.11
CA GLY G 589 -6.44 -0.44 41.96
C GLY G 589 -5.79 -1.13 43.14
N LYS G 590 -5.58 -0.43 44.25
CA LYS G 590 -4.91 -1.01 45.41
C LYS G 590 -5.77 -2.11 46.07
N TRP G 591 -7.09 -2.03 45.94
CA TRP G 591 -7.98 -3.01 46.56
C TRP G 591 -7.83 -4.40 45.98
N GLY G 592 -7.14 -4.54 44.84
CA GLY G 592 -6.84 -5.86 44.31
C GLY G 592 -6.01 -6.68 45.27
N THR G 593 -5.09 -6.03 46.00
CA THR G 593 -4.33 -6.73 47.04
C THR G 593 -5.26 -7.28 48.11
N LEU G 594 -6.24 -6.48 48.54
CA LEU G 594 -7.18 -6.95 49.55
C LEU G 594 -7.97 -8.15 49.06
N VAL G 595 -8.45 -8.10 47.82
CA VAL G 595 -9.19 -9.21 47.25
C VAL G 595 -8.31 -10.45 47.17
N ASN G 596 -7.06 -10.28 46.72
CA ASN G 596 -6.13 -11.40 46.61
C ASN G 596 -5.87 -12.03 47.98
N THR G 597 -5.69 -11.20 49.00
CA THR G 597 -5.44 -11.70 50.35
C THR G 597 -6.64 -12.49 50.86
N LEU G 598 -7.86 -11.98 50.63
CA LEU G 598 -9.04 -12.72 51.07
C LEU G 598 -9.18 -14.04 50.35
N LEU G 599 -8.90 -14.06 49.04
CA LEU G 599 -8.96 -15.31 48.29
C LEU G 599 -7.94 -16.32 48.77
N SER G 600 -6.71 -15.87 49.05
CA SER G 600 -5.70 -16.79 49.55
C SER G 600 -6.06 -17.31 50.94
N PHE G 601 -6.67 -16.46 51.78
CA PHE G 601 -7.17 -16.95 53.05
C PHE G 601 -8.21 -18.04 52.84
N LYS G 602 -9.14 -17.83 51.91
CA LYS G 602 -10.15 -18.84 51.66
C LYS G 602 -9.54 -20.14 51.18
N ARG G 603 -8.52 -20.05 50.32
CA ARG G 603 -7.83 -21.26 49.85
C ARG G 603 -7.21 -22.02 51.01
N HIS G 604 -6.43 -21.32 51.85
CA HIS G 604 -5.78 -22.00 52.97
C HIS G 604 -6.78 -22.49 53.99
N TYR G 605 -7.94 -21.83 54.11
CA TYR G 605 -8.96 -22.29 55.04
C TYR G 605 -9.64 -23.55 54.54
N ASP G 606 -9.94 -23.61 53.25
CA ASP G 606 -10.51 -24.81 52.67
C ASP G 606 -9.52 -25.97 52.71
N ASN G 607 -8.23 -25.68 52.58
CA ASN G 607 -7.23 -26.74 52.61
C ASN G 607 -6.81 -27.12 54.03
N ASN G 608 -7.28 -26.40 55.04
CA ASN G 608 -6.91 -26.65 56.45
C ASN G 608 -5.40 -26.66 56.62
N THR G 609 -4.75 -25.64 56.07
CA THR G 609 -3.30 -25.54 56.19
C THR G 609 -2.89 -25.34 57.65
N ALA G 610 -1.82 -26.03 58.04
CA ALA G 610 -1.36 -25.98 59.42
C ALA G 610 -0.94 -24.56 59.79
N LEU G 611 -1.33 -24.13 61.00
CA LEU G 611 -1.04 -22.78 61.45
C LEU G 611 0.45 -22.48 61.50
N LYS G 612 1.29 -23.50 61.67
CA LYS G 612 2.74 -23.26 61.66
C LYS G 612 3.22 -22.72 60.33
N LYS G 613 2.67 -23.22 59.22
CA LYS G 613 3.11 -22.78 57.91
C LYS G 613 2.60 -21.37 57.60
N VAL G 614 1.34 -21.08 57.91
CA VAL G 614 0.71 -19.84 57.48
C VAL G 614 0.80 -18.74 58.54
N LEU G 615 0.55 -19.08 59.80
CA LEU G 615 0.47 -18.10 60.88
C LEU G 615 1.39 -18.49 62.04
N PRO G 616 2.70 -18.41 61.83
CA PRO G 616 3.62 -18.77 62.93
C PRO G 616 3.46 -17.92 64.17
N GLU G 617 3.10 -16.64 64.01
CA GLU G 617 2.95 -15.77 65.18
C GLU G 617 1.78 -16.22 66.05
N VAL G 618 0.71 -16.75 65.45
CA VAL G 618 -0.38 -17.30 66.24
C VAL G 618 0.09 -18.52 67.02
N VAL G 619 0.89 -19.38 66.40
CA VAL G 619 1.40 -20.56 67.09
C VAL G 619 2.29 -20.15 68.24
N ALA G 620 3.09 -19.10 68.05
CA ALA G 620 4.04 -18.66 69.07
C ALA G 620 3.37 -18.21 70.36
N SER G 621 2.06 -17.94 70.35
CA SER G 621 1.37 -17.59 71.58
C SER G 621 1.20 -18.82 72.48
N ALA G 622 0.52 -19.85 71.98
CA ALA G 622 0.27 -21.08 72.74
C ALA G 622 0.68 -22.27 71.87
N PRO G 623 1.98 -22.55 71.80
CA PRO G 623 2.43 -23.65 70.92
C PRO G 623 1.88 -25.00 71.29
N GLU G 624 1.47 -25.20 72.55
CA GLU G 624 0.87 -26.47 72.94
C GLU G 624 -0.56 -26.62 72.44
N ILE G 625 -1.26 -25.52 72.20
CA ILE G 625 -2.64 -25.56 71.73
C ILE G 625 -2.71 -25.48 70.21
N TYR G 626 -2.08 -24.47 69.62
CA TYR G 626 -2.16 -24.23 68.19
C TYR G 626 -1.20 -25.09 67.38
N GLY G 627 -0.22 -25.71 68.01
CA GLY G 627 0.62 -26.66 67.30
C GLY G 627 -0.19 -27.85 66.85
N GLU G 628 0.18 -28.40 65.70
CA GLU G 628 -0.50 -29.54 65.08
C GLU G 628 -1.97 -29.25 64.81
N MET G 629 -2.31 -27.99 64.55
CA MET G 629 -3.68 -27.57 64.30
C MET G 629 -3.74 -26.81 62.99
N GLY G 630 -4.83 -27.00 62.24
CA GLY G 630 -5.00 -26.33 60.97
C GLY G 630 -5.81 -25.05 61.08
N LEU G 631 -5.84 -24.31 59.97
CA LEU G 631 -6.59 -23.06 59.92
C LEU G 631 -8.08 -23.30 60.15
N ARG G 632 -8.65 -24.28 59.45
CA ARG G 632 -10.07 -24.56 59.60
C ARG G 632 -10.38 -25.18 60.96
N ASP G 633 -9.44 -25.93 61.53
CA ASP G 633 -9.65 -26.46 62.88
C ASP G 633 -9.83 -25.33 63.88
N LEU G 634 -8.93 -24.34 63.84
CA LEU G 634 -9.05 -23.19 64.72
C LEU G 634 -10.32 -22.40 64.43
N GLY G 635 -10.66 -22.23 63.15
CA GLY G 635 -11.86 -21.49 62.82
C GLY G 635 -13.11 -22.15 63.35
N ASP G 636 -13.23 -23.46 63.17
CA ASP G 636 -14.38 -24.20 63.70
C ASP G 636 -14.39 -24.24 65.22
N LYS G 637 -13.23 -24.30 65.86
CA LYS G 637 -13.18 -24.19 67.32
C LYS G 637 -13.74 -22.86 67.78
N MET G 638 -13.30 -21.76 67.16
CA MET G 638 -13.80 -20.44 67.52
C MET G 638 -15.30 -20.32 67.26
N PHE G 639 -15.77 -20.86 66.14
CA PHE G 639 -17.19 -20.76 65.83
C PHE G 639 -18.03 -21.59 66.78
N ALA G 640 -17.54 -22.77 67.18
CA ALA G 640 -18.25 -23.56 68.18
C ALA G 640 -18.31 -22.83 69.51
N TYR G 641 -17.21 -22.18 69.89
CA TYR G 641 -17.22 -21.37 71.11
C TYR G 641 -18.25 -20.25 71.02
N LEU G 642 -18.29 -19.55 69.88
CA LEU G 642 -19.25 -18.47 69.72
C LEU G 642 -20.69 -19.00 69.77
N GLN G 643 -20.93 -20.14 69.13
CA GLN G 643 -22.27 -20.72 69.14
C GLN G 643 -22.69 -21.09 70.56
N LYS G 644 -21.78 -21.68 71.33
CA LYS G 644 -22.11 -22.07 72.69
C LYS G 644 -22.37 -20.85 73.58
N ASN G 645 -21.49 -19.85 73.51
CA ASN G 645 -21.55 -18.75 74.47
C ASN G 645 -22.43 -17.60 74.01
N ASN G 646 -22.56 -17.38 72.70
CA ASN G 646 -23.36 -16.31 72.12
C ASN G 646 -23.03 -14.96 72.75
N PRO G 647 -21.81 -14.44 72.55
CA PRO G 647 -21.46 -13.14 73.12
C PRO G 647 -22.22 -11.96 72.52
N GLY G 648 -22.83 -12.13 71.33
CA GLY G 648 -23.60 -11.05 70.75
C GLY G 648 -24.80 -10.68 71.60
N ALA G 649 -25.48 -11.68 72.15
CA ALA G 649 -26.56 -11.41 73.09
C ALA G 649 -26.06 -10.71 74.33
N ARG G 650 -24.87 -11.08 74.80
CA ARG G 650 -24.28 -10.39 75.96
C ARG G 650 -24.04 -8.93 75.64
N LEU G 651 -23.49 -8.63 74.45
CA LEU G 651 -23.29 -7.25 74.04
C LEU G 651 -24.61 -6.49 73.97
N ASN G 652 -25.63 -7.13 73.39
CA ASN G 652 -26.93 -6.46 73.28
C ASN G 652 -27.52 -6.17 74.67
N GLN G 653 -27.39 -7.11 75.60
CA GLN G 653 -27.89 -6.88 76.95
C GLN G 653 -27.11 -5.76 77.64
N ALA G 654 -25.79 -5.76 77.48
CA ALA G 654 -24.97 -4.75 78.15
C ALA G 654 -25.20 -3.36 77.60
N TYR G 655 -25.50 -3.23 76.31
CA TYR G 655 -25.62 -1.90 75.73
C TYR G 655 -27.05 -1.42 75.56
N SER G 656 -28.04 -2.30 75.67
CA SER G 656 -29.43 -1.86 75.64
C SER G 656 -29.85 -1.21 76.95
N GLN G 657 -29.28 -1.65 78.06
CA GLN G 657 -29.59 -1.11 79.38
C GLN G 657 -28.45 -0.23 79.85
N LEU G 658 -28.76 0.99 80.26
CA LEU G 658 -27.73 1.87 80.77
C LEU G 658 -27.41 1.55 82.22
N PRO G 659 -26.15 1.68 82.62
CA PRO G 659 -25.79 1.46 84.02
C PRO G 659 -26.38 2.56 84.90
N GLN G 660 -26.54 2.21 86.18
CA GLN G 660 -27.02 3.18 87.16
C GLN G 660 -25.96 4.23 87.41
N VAL G 661 -26.37 5.50 87.41
CA VAL G 661 -25.46 6.62 87.60
C VAL G 661 -25.43 6.99 89.07
N MET G 662 -24.24 7.04 89.66
CA MET G 662 -24.08 7.40 91.06
C MET G 662 -23.52 8.81 91.26
N MET G 663 -22.63 9.26 90.38
CA MET G 663 -22.08 10.61 90.47
C MET G 663 -21.65 11.04 89.08
N THR G 664 -21.36 12.33 88.95
CA THR G 664 -20.85 12.87 87.69
C THR G 664 -19.46 12.32 87.42
N PRO G 665 -19.04 12.32 86.15
CA PRO G 665 -17.65 11.90 85.85
C PRO G 665 -16.60 12.71 86.58
N ARG G 666 -16.84 14.00 86.79
CA ARG G 666 -15.88 14.82 87.54
C ARG G 666 -15.73 14.33 88.97
N ASP G 667 -16.84 13.98 89.62
CA ASP G 667 -16.76 13.46 90.98
C ASP G 667 -15.99 12.15 91.04
N ALA G 668 -16.25 11.26 90.08
CA ALA G 668 -15.52 10.01 90.03
C ALA G 668 -14.03 10.24 89.84
N TYR G 669 -13.65 11.16 88.95
CA TYR G 669 -12.23 11.44 88.76
C TYR G 669 -11.61 12.07 90.00
N GLN G 670 -12.33 12.95 90.68
CA GLN G 670 -11.81 13.55 91.90
C GLN G 670 -11.66 12.53 93.01
N GLN G 671 -12.41 11.42 92.95
CA GLN G 671 -12.10 10.29 93.82
C GLN G 671 -10.72 9.73 93.52
N ILE G 672 -10.35 9.65 92.23
CA ILE G 672 -9.00 9.23 91.87
C ILE G 672 -7.97 10.19 92.43
N VAL G 673 -8.22 11.49 92.30
CA VAL G 673 -7.26 12.48 92.79
C VAL G 673 -7.11 12.36 94.30
N ALA G 674 -8.20 12.10 95.01
CA ALA G 674 -8.16 11.95 96.46
C ALA G 674 -7.64 10.59 96.91
N ASN G 675 -7.18 9.76 95.97
CA ASN G 675 -6.64 8.42 96.27
C ASN G 675 -7.68 7.51 96.92
N ARG G 676 -8.96 7.79 96.69
CA ARG G 676 -10.04 6.93 97.17
C ARG G 676 -10.47 5.93 96.11
N VAL G 677 -9.53 5.19 95.52
CA VAL G 677 -9.84 4.21 94.49
C VAL G 677 -8.97 2.97 94.71
N GLU G 678 -9.39 1.86 94.11
CA GLU G 678 -8.69 0.60 94.23
C GLU G 678 -8.95 -0.25 92.99
N ALA G 679 -8.05 -1.19 92.74
CA ALA G 679 -8.18 -2.13 91.64
C ALA G 679 -9.02 -3.32 92.11
N VAL G 680 -10.11 -3.58 91.40
CA VAL G 680 -11.10 -4.59 91.79
C VAL G 680 -11.19 -5.61 90.66
N PRO G 681 -11.10 -6.90 90.94
CA PRO G 681 -11.29 -7.91 89.89
C PRO G 681 -12.73 -7.95 89.42
N VAL G 682 -12.92 -8.54 88.23
CA VAL G 682 -14.23 -8.55 87.60
C VAL G 682 -15.24 -9.30 88.46
N ASP G 683 -14.83 -10.41 89.07
CA ASP G 683 -15.77 -11.19 89.86
C ASP G 683 -16.22 -10.48 91.13
N GLN G 684 -15.57 -9.38 91.51
CA GLN G 684 -15.94 -8.62 92.70
C GLN G 684 -16.50 -7.25 92.37
N LEU G 685 -16.97 -7.05 91.14
CA LEU G 685 -17.40 -5.74 90.68
C LEU G 685 -18.82 -5.38 91.11
N MET G 686 -19.56 -6.31 91.71
CA MET G 686 -20.96 -6.07 92.03
C MET G 686 -21.10 -4.91 93.02
N GLY G 687 -21.89 -3.92 92.65
CA GLY G 687 -22.14 -2.77 93.49
C GLY G 687 -21.08 -1.69 93.44
N ARG G 688 -19.99 -1.89 92.71
CA ARG G 688 -18.88 -0.96 92.69
C ARG G 688 -19.10 0.14 91.65
N VAL G 689 -18.53 1.31 91.92
CA VAL G 689 -18.60 2.45 91.02
C VAL G 689 -17.28 2.56 90.29
N ALA G 690 -17.34 2.55 88.95
CA ALA G 690 -16.12 2.64 88.15
C ALA G 690 -15.50 4.02 88.29
N ALA G 691 -14.18 4.05 88.47
CA ALA G 691 -13.48 5.32 88.59
C ALA G 691 -13.18 5.93 87.22
N ASN G 692 -13.06 5.11 86.19
CA ASN G 692 -12.85 5.57 84.82
C ASN G 692 -13.79 4.82 83.89
N SER G 693 -13.73 5.15 82.61
CA SER G 693 -14.62 4.56 81.63
C SER G 693 -14.13 3.18 81.19
N ILE G 694 -15.09 2.31 80.91
CA ILE G 694 -14.81 0.97 80.41
C ILE G 694 -15.28 0.92 78.96
N ILE G 695 -14.36 0.73 78.03
CA ILE G 695 -14.66 0.68 76.61
C ILE G 695 -14.19 -0.66 76.07
N PRO G 696 -15.09 -1.63 75.95
CA PRO G 696 -14.72 -2.90 75.33
C PRO G 696 -14.70 -2.81 73.81
N TYR G 697 -13.82 -3.60 73.21
CA TYR G 697 -13.75 -3.75 71.76
C TYR G 697 -14.01 -5.19 71.39
N PRO G 698 -15.14 -5.54 70.78
CA PRO G 698 -16.26 -4.69 70.37
C PRO G 698 -17.15 -4.28 71.55
N PRO G 699 -18.04 -3.30 71.36
CA PRO G 699 -18.32 -2.52 70.15
C PRO G 699 -17.50 -1.24 70.00
N GLY G 700 -16.53 -1.01 70.89
CA GLY G 700 -15.67 0.14 70.75
C GLY G 700 -16.24 1.44 71.27
N ILE G 701 -17.39 1.42 71.92
CA ILE G 701 -17.96 2.61 72.54
C ILE G 701 -18.13 2.31 74.02
N PRO G 702 -18.12 3.30 74.90
CA PRO G 702 -18.05 3.02 76.34
C PRO G 702 -19.29 2.29 76.84
N MET G 703 -19.07 1.21 77.59
CA MET G 703 -20.16 0.52 78.25
C MET G 703 -20.50 1.17 79.59
N LEU G 704 -19.47 1.63 80.30
CA LEU G 704 -19.61 2.38 81.54
C LEU G 704 -18.79 3.64 81.45
N LEU G 705 -19.35 4.74 81.94
CA LEU G 705 -18.60 5.98 82.14
C LEU G 705 -18.20 6.10 83.60
N SER G 706 -17.32 7.06 83.88
CA SER G 706 -16.88 7.29 85.24
C SER G 706 -18.07 7.72 86.11
N GLY G 707 -18.17 7.14 87.29
CA GLY G 707 -19.26 7.44 88.19
C GLY G 707 -20.51 6.62 87.99
N GLU G 708 -20.43 5.52 87.25
CA GLU G 708 -21.58 4.66 86.99
C GLU G 708 -21.41 3.34 87.72
N ASN G 709 -22.51 2.84 88.27
CA ASN G 709 -22.49 1.58 89.00
C ASN G 709 -22.38 0.40 88.06
N PHE G 710 -21.65 -0.63 88.49
CA PHE G 710 -21.54 -1.84 87.68
C PHE G 710 -22.79 -2.69 87.73
N GLY G 711 -23.53 -2.65 88.83
CA GLY G 711 -24.77 -3.38 88.96
C GLY G 711 -24.63 -4.59 89.88
N ASP G 712 -25.76 -5.27 90.05
CA ASP G 712 -25.84 -6.44 90.93
C ASP G 712 -25.31 -7.70 90.25
N GLU G 713 -25.61 -8.86 90.83
CA GLU G 713 -25.06 -10.12 90.32
C GLU G 713 -25.48 -10.37 88.88
N ASN G 714 -26.72 -10.06 88.53
CA ASN G 714 -27.25 -10.32 87.20
C ASN G 714 -27.03 -9.18 86.23
N SER G 715 -26.11 -8.27 86.53
CA SER G 715 -25.89 -7.12 85.67
C SER G 715 -25.31 -7.58 84.33
N PRO G 716 -25.87 -7.12 83.21
CA PRO G 716 -25.30 -7.50 81.90
C PRO G 716 -23.90 -6.97 81.66
N HIS G 717 -23.49 -5.89 82.34
CA HIS G 717 -22.18 -5.32 82.07
C HIS G 717 -21.07 -6.19 82.63
N ILE G 718 -21.21 -6.64 83.87
CA ILE G 718 -20.26 -7.60 84.43
C ILE G 718 -20.26 -8.88 83.62
N HIS G 719 -21.44 -9.30 83.15
CA HIS G 719 -21.53 -10.50 82.32
C HIS G 719 -20.75 -10.34 81.03
N TYR G 720 -20.86 -9.18 80.38
CA TYR G 720 -20.11 -8.96 79.14
C TYR G 720 -18.61 -8.92 79.40
N LEU G 721 -18.19 -8.28 80.50
CA LEU G 721 -16.77 -8.28 80.84
C LEU G 721 -16.27 -9.70 81.08
N ARG G 722 -17.07 -10.52 81.77
CA ARG G 722 -16.71 -11.91 81.99
C ARG G 722 -16.62 -12.68 80.67
N SER G 723 -17.54 -12.41 79.74
CA SER G 723 -17.49 -13.07 78.44
C SER G 723 -16.21 -12.74 77.71
N LEU G 724 -15.82 -11.46 77.70
CA LEU G 724 -14.57 -11.08 77.05
C LEU G 724 -13.37 -11.74 77.73
N GLN G 725 -13.38 -11.79 79.06
CA GLN G 725 -12.29 -12.44 79.77
C GLN G 725 -12.20 -13.92 79.44
N ALA G 726 -13.35 -14.59 79.35
CA ALA G 726 -13.37 -16.00 79.01
C ALA G 726 -12.86 -16.24 77.60
N TRP G 727 -13.25 -15.39 76.65
CA TRP G 727 -12.71 -15.52 75.30
C TRP G 727 -11.19 -15.34 75.31
N ASP G 728 -10.69 -14.36 76.05
CA ASP G 728 -9.24 -14.16 76.10
C ASP G 728 -8.54 -15.38 76.68
N SER G 729 -9.13 -15.98 77.72
CA SER G 729 -8.52 -17.16 78.31
C SER G 729 -8.53 -18.34 77.36
N GLU G 730 -9.61 -18.51 76.60
CA GLU G 730 -9.74 -19.67 75.72
C GLU G 730 -8.88 -19.57 74.47
N PHE G 731 -8.64 -18.35 73.96
CA PHE G 731 -7.93 -18.16 72.69
C PHE G 731 -6.78 -17.18 72.87
N PRO G 732 -5.63 -17.65 73.35
CA PRO G 732 -4.45 -16.78 73.41
C PRO G 732 -4.05 -16.30 72.02
N GLY G 733 -3.58 -15.05 71.97
CA GLY G 733 -3.23 -14.42 70.71
C GLY G 733 -4.39 -13.77 69.99
N PHE G 734 -5.62 -13.91 70.48
CA PHE G 734 -6.81 -13.30 69.90
C PHE G 734 -7.57 -12.53 70.97
N GLU G 735 -6.84 -11.89 71.87
CA GLU G 735 -7.45 -11.28 73.04
C GLU G 735 -8.11 -9.95 72.68
N HIS G 736 -9.28 -9.72 73.26
CA HIS G 736 -9.98 -8.46 73.07
C HIS G 736 -9.27 -7.32 73.78
N GLU G 737 -9.43 -6.12 73.24
CA GLU G 737 -8.96 -4.92 73.90
C GLU G 737 -10.11 -4.28 74.68
N THR G 738 -9.81 -3.82 75.88
CA THR G 738 -10.81 -3.15 76.73
C THR G 738 -10.14 -1.98 77.42
N GLU G 739 -10.37 -0.78 76.94
CA GLU G 739 -9.85 0.40 77.59
C GLU G 739 -10.50 0.60 78.96
N GLY G 740 -9.70 0.99 79.94
CA GLY G 740 -10.18 1.18 81.28
C GLY G 740 -9.98 0.01 82.21
N THR G 741 -9.26 -1.02 81.79
CA THR G 741 -8.99 -2.18 82.61
C THR G 741 -7.49 -2.45 82.67
N GLU G 742 -7.08 -3.13 83.73
CA GLU G 742 -5.71 -3.62 83.86
C GLU G 742 -5.74 -5.13 83.82
N ILE G 743 -4.85 -5.72 83.02
CA ILE G 743 -4.81 -7.16 82.82
C ILE G 743 -3.58 -7.69 83.53
N ILE G 744 -3.77 -8.24 84.72
CA ILE G 744 -2.70 -8.85 85.52
C ILE G 744 -2.88 -10.36 85.47
N ASP G 745 -1.80 -11.06 85.12
CA ASP G 745 -1.79 -12.50 84.90
C ASP G 745 -3.01 -12.96 84.11
N GLY G 746 -3.37 -12.20 83.07
CA GLY G 746 -4.50 -12.55 82.23
C GLY G 746 -5.85 -12.27 82.85
N GLN G 747 -5.90 -11.60 83.99
CA GLN G 747 -7.15 -11.34 84.70
C GLN G 747 -7.45 -9.84 84.68
N TYR G 748 -8.72 -9.50 84.55
CA TYR G 748 -9.13 -8.12 84.40
C TYR G 748 -9.26 -7.43 85.75
N TYR G 749 -8.71 -6.23 85.85
CA TYR G 749 -8.86 -5.39 87.03
C TYR G 749 -9.42 -4.04 86.61
N VAL G 750 -10.33 -3.51 87.42
CA VAL G 750 -10.99 -2.23 87.15
C VAL G 750 -10.80 -1.33 88.36
N MET G 751 -10.39 -0.09 88.11
CA MET G 751 -10.24 0.89 89.17
C MET G 751 -11.63 1.37 89.60
N CYS G 752 -11.93 1.22 90.89
CA CYS G 752 -13.26 1.52 91.41
C CYS G 752 -13.15 2.43 92.63
N VAL G 753 -14.19 3.22 92.85
CA VAL G 753 -14.24 4.12 94.00
C VAL G 753 -14.35 3.29 95.27
N LYS G 754 -13.51 3.59 96.26
CA LYS G 754 -13.62 2.95 97.56
C LYS G 754 -14.94 3.33 98.22
N THR G 755 -15.65 2.34 98.74
CA THR G 755 -16.96 2.58 99.35
C THR G 755 -16.83 3.35 100.66
N MET H 1 30.81 6.47 56.34
CA MET H 1 31.90 6.00 57.17
C MET H 1 33.17 6.80 56.91
N ARG H 2 33.69 7.44 57.95
CA ARG H 2 34.90 8.25 57.84
C ARG H 2 35.89 7.82 58.91
N ALA H 3 37.12 7.53 58.48
CA ALA H 3 38.20 7.20 59.38
C ALA H 3 39.21 8.33 59.39
N LEU H 4 39.66 8.72 60.58
CA LEU H 4 40.66 9.75 60.76
C LEU H 4 42.00 9.09 61.12
N ILE H 5 43.04 9.41 60.37
CA ILE H 5 44.37 8.88 60.61
C ILE H 5 45.28 10.03 61.01
N VAL H 6 45.83 9.96 62.22
CA VAL H 6 46.71 10.99 62.77
C VAL H 6 48.00 10.30 63.19
N TYR H 7 49.05 10.46 62.39
CA TYR H 7 50.36 9.94 62.73
C TYR H 7 51.40 11.00 62.45
N THR H 8 52.44 11.06 63.29
CA THR H 8 53.43 12.13 63.18
C THR H 8 54.77 11.60 62.68
N GLU H 9 55.43 10.72 63.43
CA GLU H 9 56.73 10.16 63.04
C GLU H 9 56.86 8.81 63.73
N LEU H 10 56.57 7.74 63.00
CA LEU H 10 56.65 6.41 63.59
C LEU H 10 58.00 5.75 63.37
N THR H 11 58.62 6.02 62.23
CA THR H 11 59.93 5.48 61.89
C THR H 11 60.95 6.60 61.74
N ASP H 12 62.22 6.25 61.94
CA ASP H 12 63.29 7.22 61.78
C ASP H 12 63.32 7.79 60.36
N LYS H 13 62.89 7.02 59.37
CA LYS H 13 62.73 7.49 58.00
C LYS H 13 61.26 7.52 57.67
N ASP H 14 60.78 8.69 57.22
CA ASP H 14 59.35 8.93 57.10
C ASP H 14 58.70 8.03 56.06
N SER H 15 59.44 7.63 55.03
CA SER H 15 58.82 6.98 53.88
C SER H 15 58.19 5.63 54.24
N VAL H 16 58.74 4.92 55.23
CA VAL H 16 58.21 3.61 55.57
C VAL H 16 56.79 3.72 56.11
N ILE H 17 56.60 4.53 57.15
CA ILE H 17 55.28 4.69 57.74
C ILE H 17 54.34 5.37 56.77
N SER H 18 54.83 6.31 55.97
CA SER H 18 53.97 6.97 54.99
C SER H 18 53.45 5.98 53.95
N HIS H 19 54.30 5.10 53.44
CA HIS H 19 53.86 4.11 52.47
C HIS H 19 52.89 3.11 53.10
N ALA H 20 53.17 2.68 54.33
CA ALA H 20 52.24 1.77 54.99
C ALA H 20 50.87 2.42 55.21
N VAL H 21 50.85 3.68 55.62
CA VAL H 21 49.59 4.39 55.82
C VAL H 21 48.88 4.60 54.49
N ALA H 22 49.62 4.87 53.42
CA ALA H 22 49.01 5.01 52.11
C ALA H 22 48.34 3.72 51.66
N ARG H 23 49.01 2.58 51.87
CA ARG H 23 48.40 1.30 51.55
C ARG H 23 47.14 1.07 52.37
N LEU H 24 47.19 1.37 53.66
CA LEU H 24 46.01 1.20 54.50
C LEU H 24 44.86 2.10 54.05
N ALA H 25 45.17 3.35 53.69
CA ALA H 25 44.14 4.27 53.23
C ALA H 25 43.52 3.80 51.93
N SER H 26 44.33 3.26 51.03
CA SER H 26 43.79 2.72 49.79
C SER H 26 42.85 1.55 50.08
N GLU H 27 43.26 0.64 50.97
CA GLU H 27 42.39 -0.48 51.31
C GLU H 27 41.11 -0.04 52.00
N LEU H 28 41.18 1.03 52.81
CA LEU H 28 39.98 1.54 53.46
C LEU H 28 39.05 2.19 52.45
N ASN H 29 39.61 2.92 51.47
CA ASN H 29 38.77 3.52 50.45
C ASN H 29 38.11 2.46 49.57
N ASP H 30 38.80 1.33 49.34
CA ASP H 30 38.19 0.26 48.56
C ASP H 30 37.00 -0.38 49.26
N GLU H 31 36.88 -0.23 50.58
CA GLU H 31 35.69 -0.69 51.29
C GLU H 31 34.76 0.47 51.67
N HIS H 32 34.86 1.58 50.95
CA HIS H 32 33.95 2.72 51.10
C HIS H 32 34.04 3.36 52.48
N VAL H 33 35.24 3.39 53.06
CA VAL H 33 35.52 4.21 54.23
C VAL H 33 36.37 5.38 53.78
N GLU H 34 35.82 6.59 53.90
CA GLU H 34 36.59 7.78 53.59
C GLU H 34 37.67 8.01 54.64
N THR H 35 38.84 8.45 54.20
CA THR H 35 39.98 8.63 55.08
C THR H 35 40.48 10.06 55.03
N VAL H 36 40.75 10.61 56.21
CA VAL H 36 41.42 11.89 56.35
C VAL H 36 42.76 11.62 57.03
N ILE H 37 43.84 11.99 56.37
CA ILE H 37 45.20 11.73 56.85
C ILE H 37 45.79 13.04 57.34
N ILE H 38 46.23 13.05 58.60
CA ILE H 38 46.73 14.24 59.26
C ILE H 38 48.07 13.91 59.91
N ARG H 39 49.06 14.79 59.75
CA ARG H 39 50.41 14.53 60.22
C ARG H 39 50.75 15.22 61.52
N ASP H 40 49.82 15.96 62.13
CA ASP H 40 50.14 16.71 63.34
C ASP H 40 48.95 16.64 64.29
N PHE H 41 49.24 16.50 65.58
CA PHE H 41 48.17 16.33 66.56
C PHE H 41 47.37 17.61 66.75
N GLU H 42 47.98 18.78 66.56
CA GLU H 42 47.22 20.02 66.65
C GLU H 42 46.25 20.15 65.47
N ASP H 43 46.70 19.75 64.27
CA ASP H 43 45.81 19.72 63.12
C ASP H 43 44.67 18.73 63.34
N GLY H 44 44.98 17.56 63.90
CA GLY H 44 43.94 16.60 64.20
C GLY H 44 42.96 17.12 65.24
N LEU H 45 43.46 17.85 66.23
CA LEU H 45 42.59 18.45 67.23
C LEU H 45 41.66 19.48 66.59
N ALA H 46 42.19 20.30 65.69
CA ALA H 46 41.36 21.27 64.98
C ALA H 46 40.30 20.57 64.14
N TYR H 47 40.70 19.49 63.47
CA TYR H 47 39.74 18.72 62.69
C TYR H 47 38.63 18.15 63.56
N ILE H 48 39.00 17.61 64.73
CA ILE H 48 38.02 17.01 65.62
C ILE H 48 37.06 18.08 66.16
N ARG H 49 37.57 19.29 66.43
CA ARG H 49 36.71 20.34 66.94
C ARG H 49 35.75 20.90 65.91
N SER H 50 35.91 20.55 64.64
CA SER H 50 34.87 20.80 63.66
C SER H 50 33.84 19.67 63.74
N ASN H 51 32.56 20.05 63.71
CA ASN H 51 31.49 19.09 63.96
C ASN H 51 31.34 18.15 62.76
N THR H 52 32.38 17.34 62.56
CA THR H 52 32.41 16.34 61.50
C THR H 52 32.35 14.96 62.13
N SER H 53 31.48 14.10 61.60
CA SER H 53 31.33 12.77 62.14
C SER H 53 32.56 11.93 61.83
N ILE H 54 33.14 11.32 62.85
CA ILE H 54 34.30 10.45 62.72
C ILE H 54 33.91 9.08 63.23
N ASP H 55 34.07 8.06 62.40
CA ASP H 55 33.65 6.72 62.76
C ASP H 55 34.77 5.88 63.36
N CYS H 56 36.02 6.25 63.16
CA CYS H 56 37.14 5.52 63.70
C CYS H 56 38.37 6.42 63.71
N LEU H 57 39.16 6.31 64.76
CA LEU H 57 40.41 7.04 64.89
C LEU H 57 41.57 6.06 64.87
N LEU H 58 42.49 6.23 63.94
CA LEU H 58 43.73 5.47 63.90
C LEU H 58 44.88 6.44 64.09
N TYR H 59 45.66 6.25 65.14
CA TYR H 59 46.73 7.18 65.45
C TYR H 59 48.02 6.45 65.76
N GLY H 60 49.11 7.14 65.55
CA GLY H 60 50.42 6.67 65.96
C GLY H 60 51.30 7.86 66.28
N ARG H 61 52.23 7.66 67.22
CA ARG H 61 53.15 8.69 67.64
C ARG H 61 54.58 8.16 67.58
N ASP H 62 55.51 8.96 68.12
CA ASP H 62 56.91 8.55 68.19
C ASP H 62 57.07 7.32 69.08
N MET H 63 56.29 7.23 70.15
CA MET H 63 56.23 6.17 71.14
C MET H 63 57.39 6.23 72.13
N SER H 64 58.37 7.11 71.92
CA SER H 64 59.38 7.39 72.91
C SER H 64 59.31 8.82 73.42
N ASP H 65 58.35 9.61 72.96
CA ASP H 65 58.20 11.01 73.36
C ASP H 65 57.00 11.13 74.28
N ARG H 66 57.23 11.61 75.51
CA ARG H 66 56.11 11.81 76.44
C ARG H 66 55.22 12.96 76.02
N ASP H 67 55.78 13.98 75.35
CA ASP H 67 54.97 15.09 74.89
C ASP H 67 53.95 14.64 73.85
N GLU H 68 54.38 13.79 72.90
CA GLU H 68 53.44 13.26 71.93
C GLU H 68 52.43 12.33 72.59
N GLN H 69 52.82 11.62 73.65
CA GLN H 69 51.86 10.82 74.39
C GLN H 69 50.77 11.69 75.02
N ILE H 70 51.17 12.81 75.62
CA ILE H 70 50.21 13.75 76.20
C ILE H 70 49.31 14.30 75.10
N GLN H 71 49.88 14.66 73.96
CA GLN H 71 49.09 15.20 72.86
C GLN H 71 48.09 14.18 72.34
N ALA H 72 48.51 12.92 72.21
CA ALA H 72 47.60 11.87 71.73
C ALA H 72 46.47 11.64 72.73
N HIS H 73 46.78 11.63 74.01
CA HIS H 73 45.74 11.47 75.02
C HIS H 73 44.75 12.64 74.96
N ARG H 74 45.26 13.85 74.77
CA ARG H 74 44.40 15.01 74.61
C ARG H 74 43.50 14.88 73.39
N LEU H 75 44.06 14.40 72.27
CA LEU H 75 43.27 14.21 71.06
C LEU H 75 42.14 13.21 71.29
N ILE H 76 42.44 12.09 71.95
CA ILE H 76 41.41 11.08 72.16
C ILE H 76 40.33 11.59 73.12
N THR H 77 40.74 12.31 74.17
CA THR H 77 39.76 12.87 75.09
C THR H 77 38.86 13.88 74.39
N GLN H 78 39.44 14.74 73.55
CA GLN H 78 38.65 15.69 72.78
C GLN H 78 37.67 14.98 71.86
N LEU H 79 38.13 13.92 71.18
CA LEU H 79 37.24 13.17 70.32
C LEU H 79 36.07 12.59 71.09
N HIS H 80 36.34 12.03 72.26
CA HIS H 80 35.27 11.39 73.03
C HIS H 80 34.41 12.39 73.80
N ARG H 81 34.76 13.68 73.80
CA ARG H 81 33.86 14.68 74.39
C ARG H 81 32.48 14.64 73.74
N ARG H 82 32.42 14.67 72.42
CA ARG H 82 31.15 14.65 71.71
C ARG H 82 30.92 13.40 70.87
N GLN H 83 31.94 12.58 70.66
CA GLN H 83 31.80 11.32 69.92
C GLN H 83 32.38 10.23 70.83
N GLU H 84 31.53 9.75 71.75
CA GLU H 84 32.02 9.13 72.97
C GLU H 84 32.63 7.75 72.73
N ASP H 85 32.01 6.92 71.91
CA ASP H 85 32.43 5.53 71.79
C ASP H 85 33.10 5.22 70.46
N VAL H 86 33.68 6.22 69.82
CA VAL H 86 34.38 6.01 68.55
C VAL H 86 35.57 5.09 68.78
N PRO H 87 35.73 4.01 68.00
CA PRO H 87 36.88 3.12 68.19
C PRO H 87 38.20 3.83 67.92
N VAL H 88 39.21 3.47 68.71
CA VAL H 88 40.55 4.03 68.57
C VAL H 88 41.51 2.89 68.27
N PHE H 89 42.18 2.98 67.12
CA PHE H 89 43.22 2.04 66.74
C PHE H 89 44.58 2.68 66.94
N LEU H 90 45.49 1.94 67.57
CA LEU H 90 46.87 2.39 67.70
C LEU H 90 47.69 1.81 66.55
N LEU H 91 48.23 2.70 65.72
CA LEU H 91 49.16 2.30 64.66
C LEU H 91 50.58 2.43 65.21
N SER H 92 51.30 1.31 65.22
CA SER H 92 52.63 1.33 65.81
C SER H 92 53.43 0.14 65.33
N ASP H 93 54.75 0.29 65.40
CA ASP H 93 55.64 -0.86 65.36
C ASP H 93 55.38 -1.72 66.59
N ARG H 94 55.39 -3.04 66.40
CA ARG H 94 54.92 -3.96 67.43
C ARG H 94 55.75 -3.86 68.71
N GLU H 95 57.07 -3.84 68.58
CA GLU H 95 57.92 -3.86 69.78
C GLU H 95 57.77 -2.57 70.58
N GLU H 96 57.72 -1.43 69.90
CA GLU H 96 57.56 -0.15 70.58
C GLU H 96 56.24 -0.10 71.34
N ALA H 97 55.15 -0.58 70.73
CA ALA H 97 53.87 -0.60 71.42
C ALA H 97 53.89 -1.56 72.60
N LEU H 98 54.52 -2.73 72.43
CA LEU H 98 54.52 -3.71 73.50
C LEU H 98 55.32 -3.26 74.70
N VAL H 99 56.43 -2.55 74.49
CA VAL H 99 57.17 -2.05 75.65
C VAL H 99 56.43 -0.93 76.36
N ALA H 100 55.56 -0.21 75.67
CA ALA H 100 54.77 0.86 76.27
C ALA H 100 53.41 0.37 76.78
N PHE H 101 53.13 -0.92 76.68
CA PHE H 101 51.82 -1.44 77.06
C PHE H 101 51.61 -1.36 78.56
N ASP H 102 50.45 -0.84 78.97
CA ASP H 102 50.06 -0.80 80.37
C ASP H 102 48.56 -0.56 80.45
N ARG H 103 48.06 -0.43 81.68
CA ARG H 103 46.65 -0.16 81.89
C ARG H 103 46.22 1.17 81.31
N ASN H 104 47.07 2.19 81.47
CA ASN H 104 46.73 3.52 80.98
C ASN H 104 46.63 3.55 79.46
N MET H 105 47.48 2.80 78.76
CA MET H 105 47.34 2.66 77.32
C MET H 105 46.01 2.04 76.94
N MET H 106 45.65 0.93 77.59
CA MET H 106 44.42 0.24 77.26
C MET H 106 43.17 1.02 77.66
N GLU H 107 43.31 2.01 78.53
CA GLU H 107 42.16 2.85 78.86
C GLU H 107 41.67 3.65 77.66
N GLN H 108 42.56 3.95 76.71
CA GLN H 108 42.19 4.77 75.56
C GLN H 108 42.33 4.07 74.23
N VAL H 109 42.96 2.90 74.17
CA VAL H 109 43.16 2.16 72.92
C VAL H 109 42.23 0.97 72.88
N ASP H 110 41.46 0.85 71.81
CA ASP H 110 40.58 -0.29 71.64
C ASP H 110 41.23 -1.44 70.87
N GLU H 111 42.05 -1.12 69.87
CA GLU H 111 42.68 -2.16 69.06
C GLU H 111 44.08 -1.77 68.64
N PHE H 112 44.87 -2.79 68.32
CA PHE H 112 46.23 -2.64 67.83
C PHE H 112 46.27 -2.88 66.33
N ALA H 113 47.05 -2.08 65.64
CA ALA H 113 47.28 -2.24 64.20
C ALA H 113 48.79 -2.20 63.96
N TRP H 114 49.40 -3.36 63.82
CA TRP H 114 50.83 -3.44 63.53
C TRP H 114 51.02 -3.07 62.07
N ILE H 115 51.08 -1.76 61.81
CA ILE H 115 51.02 -1.23 60.46
C ILE H 115 52.20 -1.68 59.60
N LEU H 116 53.36 -2.00 60.20
CA LEU H 116 54.56 -2.32 59.45
C LEU H 116 54.76 -3.81 59.20
N GLU H 117 53.94 -4.68 59.78
CA GLU H 117 54.09 -6.11 59.57
C GLU H 117 52.77 -6.81 59.31
N ASP H 118 51.69 -6.07 59.05
CA ASP H 118 50.39 -6.64 58.81
C ASP H 118 49.87 -6.17 57.46
N SER H 119 49.08 -7.02 56.81
CA SER H 119 48.45 -6.64 55.56
C SER H 119 47.44 -5.53 55.80
N ALA H 120 47.42 -4.56 54.88
CA ALA H 120 46.46 -3.47 54.99
C ALA H 120 45.02 -3.99 54.88
N ASP H 121 44.81 -5.11 54.19
CA ASP H 121 43.46 -5.66 54.06
C ASP H 121 42.93 -6.15 55.39
N PHE H 122 43.76 -6.82 56.19
CA PHE H 122 43.32 -7.31 57.49
C PHE H 122 42.95 -6.15 58.41
N ILE H 123 43.80 -5.11 58.46
CA ILE H 123 43.53 -3.95 59.30
C ILE H 123 42.27 -3.24 58.81
N ALA H 124 42.11 -3.11 57.50
CA ALA H 124 40.92 -2.46 56.96
C ALA H 124 39.66 -3.22 57.32
N GLY H 125 39.70 -4.55 57.26
CA GLY H 125 38.55 -5.33 57.66
C GLY H 125 38.21 -5.15 59.13
N ARG H 126 39.22 -5.15 59.99
CA ARG H 126 38.98 -4.93 61.41
C ARG H 126 38.42 -3.54 61.67
N VAL H 127 38.92 -2.54 60.94
CA VAL H 127 38.42 -1.17 61.08
C VAL H 127 36.95 -1.10 60.68
N LEU H 128 36.60 -1.76 59.57
CA LEU H 128 35.22 -1.76 59.12
C LEU H 128 34.31 -2.44 60.13
N ALA H 129 34.76 -3.56 60.70
CA ALA H 129 33.95 -4.22 61.72
C ALA H 129 33.75 -3.32 62.94
N ALA H 130 34.81 -2.62 63.36
CA ALA H 130 34.68 -1.72 64.49
C ALA H 130 33.72 -0.57 64.18
N ILE H 131 33.80 -0.03 62.97
CA ILE H 131 32.91 1.07 62.57
C ILE H 131 31.46 0.60 62.59
N GLN H 132 31.20 -0.60 62.07
CA GLN H 132 29.83 -1.11 62.07
C GLN H 132 29.32 -1.33 63.48
N ARG H 133 30.17 -1.86 64.36
CA ARG H 133 29.79 -2.03 65.76
C ARG H 133 29.45 -0.68 66.39
N TYR H 134 30.26 0.34 66.12
CA TYR H 134 30.00 1.66 66.68
C TYR H 134 28.69 2.25 66.14
N ARG H 135 28.46 2.13 64.84
CA ARG H 135 27.26 2.71 64.24
C ARG H 135 26.00 2.01 64.73
N SER H 136 26.08 0.71 65.05
CA SER H 136 24.89 -0.01 65.45
C SER H 136 24.38 0.39 66.83
N GLN H 137 25.22 1.04 67.65
CA GLN H 137 24.80 1.46 68.98
C GLN H 137 24.57 2.97 69.09
N LEU H 138 24.64 3.68 67.97
CA LEU H 138 24.66 5.14 68.02
C LEU H 138 23.29 5.75 68.30
N LEU H 139 22.21 5.16 67.79
CA LEU H 139 20.98 5.92 67.91
C LEU H 139 20.20 5.51 69.16
N PRO H 140 19.44 6.45 69.73
CA PRO H 140 18.54 6.12 70.84
C PRO H 140 17.37 5.27 70.35
N PRO H 141 16.65 4.60 71.26
CA PRO H 141 15.76 3.51 70.82
C PRO H 141 14.61 3.96 69.94
N LEU H 142 13.87 4.99 70.34
CA LEU H 142 12.71 5.41 69.57
C LEU H 142 13.10 5.87 68.17
N MET H 143 14.17 6.66 68.08
CA MET H 143 14.61 7.16 66.79
C MET H 143 15.06 6.01 65.89
N LYS H 144 15.76 5.04 66.47
CA LYS H 144 16.22 3.88 65.73
C LYS H 144 15.04 3.08 65.18
N SER H 145 14.03 2.83 66.01
CA SER H 145 12.87 2.06 65.55
C SER H 145 12.08 2.82 64.50
N LEU H 146 11.95 4.14 64.67
CA LEU H 146 11.24 4.93 63.65
C LEU H 146 11.97 4.91 62.32
N ILE H 147 13.30 5.04 62.35
CA ILE H 147 14.05 4.99 61.10
C ILE H 147 13.91 3.62 60.46
N LYS H 148 13.98 2.55 61.27
CA LYS H 148 13.84 1.21 60.72
C LYS H 148 12.47 1.01 60.09
N TYR H 149 11.41 1.52 60.72
CA TYR H 149 10.07 1.34 60.17
C TYR H 149 9.83 2.22 58.95
N SER H 150 10.54 3.35 58.84
CA SER H 150 10.29 4.30 57.77
C SER H 150 10.46 3.72 56.37
N ASP H 151 11.22 2.62 56.22
CA ASP H 151 11.37 2.03 54.89
C ASP H 151 10.09 1.36 54.38
N VAL H 152 9.15 1.05 55.27
CA VAL H 152 7.89 0.45 54.83
C VAL H 152 7.09 1.47 54.04
N HIS H 153 6.59 1.06 52.87
CA HIS H 153 5.82 1.97 52.02
C HIS H 153 4.44 1.44 51.64
N GLU H 154 4.01 0.33 52.22
CA GLU H 154 2.75 -0.27 51.84
C GLU H 154 1.57 0.53 52.36
N TYR H 155 0.49 0.57 51.58
CA TYR H 155 -0.74 1.22 51.99
C TYR H 155 -1.36 0.43 53.13
N SER H 156 -1.26 0.95 54.34
CA SER H 156 -2.11 0.47 55.41
C SER H 156 -3.53 0.96 55.15
N TRP H 157 -4.51 0.22 55.67
CA TRP H 157 -5.91 0.56 55.46
C TRP H 157 -6.48 1.30 56.66
N ALA H 158 -5.66 2.15 57.27
CA ALA H 158 -6.03 2.88 58.48
C ALA H 158 -5.46 4.29 58.41
N ALA H 159 -5.82 5.11 59.39
CA ALA H 159 -5.34 6.48 59.47
C ALA H 159 -3.86 6.50 59.89
N PRO H 160 -3.13 7.59 59.59
CA PRO H 160 -3.53 8.83 58.94
C PRO H 160 -3.82 8.67 57.44
N GLY H 161 -4.71 9.52 56.93
CA GLY H 161 -5.17 9.39 55.56
C GLY H 161 -4.13 9.68 54.51
N HIS H 162 -3.14 10.51 54.82
CA HIS H 162 -2.15 10.86 53.80
C HIS H 162 -1.25 9.68 53.44
N GLN H 163 -1.18 8.66 54.29
CA GLN H 163 -0.51 7.39 53.99
C GLN H 163 0.95 7.60 53.61
N GLY H 164 1.72 8.11 54.56
CA GLY H 164 3.13 8.34 54.33
C GLY H 164 3.42 9.45 53.34
N GLY H 165 2.52 10.43 53.22
CA GLY H 165 2.73 11.55 52.33
C GLY H 165 2.22 11.38 50.92
N VAL H 166 1.72 10.20 50.57
CA VAL H 166 1.21 9.96 49.22
C VAL H 166 0.04 10.89 48.92
N GLY H 167 -0.82 11.12 49.91
CA GLY H 167 -2.00 11.93 49.69
C GLY H 167 -1.68 13.35 49.27
N PHE H 168 -0.58 13.92 49.78
CA PHE H 168 -0.21 15.28 49.41
C PHE H 168 0.16 15.40 47.94
N THR H 169 0.73 14.35 47.35
CA THR H 169 1.23 14.45 45.99
C THR H 169 0.13 14.21 44.96
N LYS H 170 -1.01 14.87 45.11
CA LYS H 170 -2.11 14.75 44.16
C LYS H 170 -2.61 16.09 43.64
N THR H 171 -2.25 17.20 44.27
CA THR H 171 -2.44 18.53 43.75
C THR H 171 -1.07 19.20 43.63
N PRO H 172 -0.93 20.20 42.76
CA PRO H 172 0.37 20.89 42.65
C PRO H 172 0.82 21.55 43.95
N ALA H 173 -0.10 22.20 44.68
CA ALA H 173 0.27 22.80 45.95
C ALA H 173 0.69 21.75 46.97
N GLY H 174 -0.03 20.63 47.01
CA GLY H 174 0.37 19.53 47.84
C GLY H 174 1.73 18.98 47.48
N ARG H 175 2.05 18.93 46.18
CA ARG H 175 3.36 18.46 45.76
C ARG H 175 4.47 19.42 46.20
N ILE H 176 4.23 20.72 46.09
CA ILE H 176 5.20 21.69 46.58
C ILE H 176 5.41 21.54 48.08
N TYR H 177 4.32 21.40 48.83
CA TYR H 177 4.41 21.22 50.28
C TYR H 177 5.17 19.95 50.63
N HIS H 178 4.88 18.86 49.92
CA HIS H 178 5.51 17.58 50.18
C HIS H 178 7.01 17.63 49.87
N ASP H 179 7.39 18.30 48.78
CA ASP H 179 8.80 18.42 48.46
C ASP H 179 9.51 19.33 49.45
N PHE H 180 8.85 20.37 49.94
CA PHE H 180 9.45 21.26 50.92
C PHE H 180 9.75 20.51 52.21
N PHE H 181 8.76 19.80 52.76
CA PHE H 181 8.98 19.18 54.06
C PHE H 181 9.70 17.84 53.99
N GLY H 182 9.75 17.22 52.82
CA GLY H 182 10.49 15.98 52.66
C GLY H 182 9.67 14.75 53.02
N GLU H 183 10.10 13.62 52.47
CA GLU H 183 9.32 12.38 52.56
C GLU H 183 9.38 11.77 53.95
N ASN H 184 10.54 11.83 54.61
CA ASN H 184 10.73 11.09 55.85
C ASN H 184 9.84 11.61 56.97
N LEU H 185 9.52 12.91 56.98
CA LEU H 185 8.61 13.42 57.99
C LEU H 185 7.24 12.75 57.89
N PHE H 186 6.73 12.60 56.67
CA PHE H 186 5.42 11.98 56.49
C PHE H 186 5.48 10.47 56.68
N ARG H 187 6.61 9.85 56.39
CA ARG H 187 6.67 8.41 56.56
C ARG H 187 6.81 7.98 58.01
N THR H 188 7.15 8.90 58.92
CA THR H 188 7.15 8.59 60.35
C THR H 188 5.81 8.88 61.01
N ASP H 189 4.91 9.57 60.33
CA ASP H 189 3.57 9.85 60.85
C ASP H 189 2.72 8.60 60.59
N ILE H 190 2.84 7.62 61.48
CA ILE H 190 2.34 6.29 61.21
C ILE H 190 1.13 5.90 62.05
N GLY H 191 0.76 6.70 63.04
CA GLY H 191 -0.32 6.32 63.91
C GLY H 191 0.15 5.47 65.06
N ILE H 192 -0.77 5.22 65.99
CA ILE H 192 -0.44 4.53 67.23
C ILE H 192 -0.77 3.04 67.17
N GLU H 193 -1.00 2.51 65.97
CA GLU H 193 -1.45 1.12 65.80
C GLU H 193 -0.40 0.24 65.12
N ARG H 194 0.85 0.67 65.12
CA ARG H 194 1.94 -0.12 64.54
C ARG H 194 2.76 -0.70 65.69
N VAL H 195 2.58 -1.99 65.95
CA VAL H 195 3.20 -2.64 67.10
C VAL H 195 4.71 -2.75 66.98
N ALA H 196 5.27 -2.58 65.79
CA ALA H 196 6.72 -2.61 65.65
C ALA H 196 7.37 -1.49 66.45
N VAL H 197 6.73 -0.33 66.52
CA VAL H 197 7.26 0.81 67.25
C VAL H 197 6.68 0.89 68.66
N GLY H 198 5.40 0.63 68.81
CA GLY H 198 4.73 0.79 70.08
C GLY H 198 3.78 1.97 70.05
N SER H 199 3.28 2.33 71.23
CA SER H 199 2.36 3.44 71.36
C SER H 199 2.82 4.36 72.49
N LEU H 200 2.72 5.67 72.25
CA LEU H 200 3.15 6.64 73.25
C LEU H 200 2.24 6.64 74.47
N LEU H 201 0.93 6.62 74.26
CA LEU H 201 0.00 6.73 75.38
C LEU H 201 0.01 5.48 76.25
N ASP H 202 0.34 4.32 75.68
CA ASP H 202 0.47 3.10 76.46
C ASP H 202 1.84 2.92 77.05
N HIS H 203 2.81 3.75 76.67
CA HIS H 203 4.19 3.66 77.14
C HIS H 203 4.78 2.28 76.89
N THR H 204 4.50 1.73 75.71
CA THR H 204 4.97 0.41 75.34
C THR H 204 5.96 0.47 74.19
N GLY H 205 6.75 -0.59 74.06
CA GLY H 205 7.69 -0.67 72.96
C GLY H 205 8.80 0.35 73.06
N ALA H 206 9.17 0.90 71.91
CA ALA H 206 10.22 1.89 71.85
C ALA H 206 9.89 3.14 72.66
N PHE H 207 8.62 3.45 72.83
CA PHE H 207 8.24 4.60 73.67
C PHE H 207 8.55 4.33 75.13
N GLY H 208 8.25 3.13 75.62
CA GLY H 208 8.65 2.77 76.97
C GLY H 208 10.15 2.78 77.14
N GLU H 209 10.88 2.25 76.15
CA GLU H 209 12.34 2.29 76.20
C GLU H 209 12.85 3.72 76.27
N CYS H 210 12.30 4.60 75.44
CA CYS H 210 12.74 5.99 75.41
C CYS H 210 12.44 6.71 76.72
N GLU H 211 11.28 6.45 77.31
CA GLU H 211 10.96 7.09 78.58
C GLU H 211 11.86 6.58 79.71
N LYS H 212 12.17 5.28 79.72
CA LYS H 212 13.12 4.78 80.71
C LYS H 212 14.50 5.38 80.53
N ASN H 213 14.93 5.50 79.27
CA ASN H 213 16.22 6.12 78.98
C ASN H 213 16.25 7.57 79.44
N ALA H 214 15.17 8.32 79.19
CA ALA H 214 15.10 9.71 79.61
C ALA H 214 15.09 9.83 81.13
N ALA H 215 14.37 8.94 81.81
CA ALA H 215 14.37 8.96 83.26
C ALA H 215 15.75 8.72 83.82
N ARG H 216 16.50 7.78 83.22
CA ARG H 216 17.88 7.56 83.63
C ARG H 216 18.74 8.79 83.38
N ILE H 217 18.62 9.40 82.19
CA ILE H 217 19.50 10.51 81.82
C ILE H 217 19.23 11.72 82.69
N PHE H 218 17.96 12.01 82.99
CA PHE H 218 17.60 13.19 83.75
C PHE H 218 17.49 12.92 85.25
N GLY H 219 17.81 11.71 85.70
CA GLY H 219 17.81 11.41 87.12
C GLY H 219 16.45 11.40 87.78
N ALA H 220 15.43 10.88 87.11
CA ALA H 220 14.09 10.77 87.67
C ALA H 220 13.74 9.30 87.88
N ASP H 221 12.76 9.07 88.76
CA ASP H 221 12.21 7.72 88.90
C ASP H 221 11.39 7.34 87.68
N GLN H 222 10.52 8.23 87.21
CA GLN H 222 9.72 8.01 86.02
C GLN H 222 9.73 9.26 85.17
N SER H 223 9.68 9.07 83.86
CA SER H 223 9.61 10.17 82.91
C SER H 223 8.47 9.95 81.94
N TYR H 224 7.82 11.03 81.55
CA TYR H 224 6.74 11.00 80.58
C TYR H 224 7.04 11.97 79.46
N SER H 225 6.97 11.49 78.22
CA SER H 225 7.11 12.34 77.05
C SER H 225 5.77 12.97 76.72
N VAL H 226 5.79 14.27 76.44
CA VAL H 226 4.58 15.05 76.23
C VAL H 226 4.69 15.76 74.88
N VAL H 227 3.59 15.78 74.13
CA VAL H 227 3.56 16.41 72.82
C VAL H 227 2.70 17.66 72.81
N VAL H 228 2.30 18.16 73.99
CA VAL H 228 1.54 19.39 74.11
C VAL H 228 2.34 20.44 74.88
N GLY H 229 3.66 20.29 74.92
CA GLY H 229 4.51 21.26 75.57
C GLY H 229 4.42 21.23 77.09
N THR H 230 5.16 22.15 77.70
CA THR H 230 5.13 22.29 79.14
C THR H 230 3.79 22.82 79.63
N SER H 231 3.03 23.51 78.79
CA SER H 231 1.65 23.83 79.16
C SER H 231 0.87 22.57 79.46
N GLY H 232 0.92 21.61 78.55
CA GLY H 232 0.26 20.34 78.79
C GLY H 232 0.84 19.59 79.97
N SER H 233 2.17 19.58 80.11
CA SER H 233 2.80 18.90 81.24
C SER H 233 2.34 19.48 82.58
N ASN H 234 2.33 20.81 82.69
CA ASN H 234 1.87 21.47 83.91
C ASN H 234 0.42 21.13 84.18
N ARG H 235 -0.41 21.13 83.13
CA ARG H 235 -1.82 20.79 83.32
C ARG H 235 -1.98 19.38 83.86
N THR H 236 -1.26 18.39 83.30
CA THR H 236 -1.46 17.03 83.79
C THR H 236 -0.93 16.86 85.21
N ILE H 237 0.20 17.49 85.54
CA ILE H 237 0.71 17.39 86.91
C ILE H 237 -0.30 17.99 87.89
N MET H 238 -0.82 19.17 87.57
CA MET H 238 -1.76 19.82 88.48
C MET H 238 -3.07 19.04 88.58
N GLN H 239 -3.50 18.43 87.49
CA GLN H 239 -4.70 17.60 87.52
C GLN H 239 -4.50 16.36 88.35
N ALA H 240 -3.31 15.76 88.30
CA ALA H 240 -3.04 14.60 89.14
C ALA H 240 -2.87 14.95 90.61
N CYS H 241 -2.53 16.19 90.93
CA CYS H 241 -2.17 16.51 92.31
C CYS H 241 -3.31 17.07 93.14
N MET H 242 -4.11 18.01 92.62
CA MET H 242 -5.04 18.74 93.47
C MET H 242 -6.47 18.53 93.02
N THR H 243 -7.38 18.98 93.88
CA THR H 243 -8.81 18.88 93.70
C THR H 243 -9.45 20.16 94.22
N ASP H 244 -10.73 20.38 93.90
CA ASP H 244 -11.37 21.63 94.31
C ASP H 244 -11.50 21.78 95.81
N ASP H 245 -11.29 20.71 96.58
CA ASP H 245 -11.27 20.77 98.03
C ASP H 245 -9.86 20.92 98.60
N ASP H 246 -8.95 21.51 97.84
CA ASP H 246 -7.54 21.56 98.21
C ASP H 246 -7.05 23.00 98.21
N VAL H 247 -6.03 23.25 99.04
CA VAL H 247 -5.31 24.52 99.06
C VAL H 247 -3.91 24.25 98.50
N VAL H 248 -3.44 25.17 97.65
CA VAL H 248 -2.16 24.99 96.98
C VAL H 248 -1.33 26.26 97.13
N VAL H 249 -0.01 26.08 97.08
CA VAL H 249 0.95 27.16 97.27
C VAL H 249 1.58 27.46 95.92
N ILE H 250 1.32 28.65 95.39
CA ILE H 250 1.69 28.98 94.02
C ILE H 250 2.72 30.09 94.02
N ASP H 251 3.84 29.85 93.34
CA ASP H 251 4.76 30.91 92.99
C ASP H 251 4.02 31.98 92.19
N ARG H 252 4.07 33.22 92.66
CA ARG H 252 3.44 34.31 91.93
C ARG H 252 4.11 34.52 90.57
N ASN H 253 5.38 34.17 90.45
CA ASN H 253 6.06 34.09 89.15
C ASN H 253 5.70 32.74 88.53
N CYS H 254 4.49 32.66 88.00
CA CYS H 254 3.98 31.43 87.42
C CYS H 254 3.61 31.65 85.96
N HIS H 255 3.82 30.61 85.16
CA HIS H 255 3.36 30.61 83.78
C HIS H 255 1.83 30.54 83.74
N LYS H 256 1.25 31.00 82.63
CA LYS H 256 -0.20 30.99 82.52
C LYS H 256 -0.77 29.58 82.50
N SER H 257 0.02 28.57 82.18
CA SER H 257 -0.45 27.19 82.28
C SER H 257 -0.72 26.81 83.72
N ILE H 258 -0.02 27.42 84.68
CA ILE H 258 -0.31 27.16 86.09
C ILE H 258 -1.70 27.68 86.44
N GLU H 259 -2.05 28.89 86.00
CA GLU H 259 -3.40 29.39 86.23
C GLU H 259 -4.44 28.56 85.49
N GLN H 260 -4.09 28.05 84.31
CA GLN H 260 -5.00 27.15 83.61
C GLN H 260 -5.25 25.88 84.41
N GLY H 261 -4.19 25.33 85.02
CA GLY H 261 -4.36 24.19 85.90
C GLY H 261 -5.24 24.51 87.10
N LEU H 262 -5.07 25.72 87.66
CA LEU H 262 -5.93 26.14 88.76
C LEU H 262 -7.38 26.19 88.33
N ILE H 263 -7.65 26.72 87.14
CA ILE H 263 -9.01 26.77 86.61
C ILE H 263 -9.57 25.36 86.42
N LEU H 264 -8.76 24.46 85.88
CA LEU H 264 -9.23 23.12 85.57
C LEU H 264 -9.37 22.23 86.80
N THR H 265 -8.69 22.54 87.89
CA THR H 265 -8.81 21.74 89.10
C THR H 265 -9.74 22.35 90.14
N GLY H 266 -9.92 23.66 90.14
CA GLY H 266 -10.73 24.31 91.13
C GLY H 266 -10.08 24.49 92.49
N ALA H 267 -8.78 24.31 92.59
CA ALA H 267 -8.09 24.44 93.87
C ALA H 267 -8.04 25.90 94.31
N LYS H 268 -7.81 26.10 95.60
CA LYS H 268 -7.74 27.43 96.18
C LYS H 268 -6.29 27.84 96.37
N PRO H 269 -5.79 28.84 95.67
CA PRO H 269 -4.37 29.15 95.70
C PRO H 269 -3.97 30.15 96.77
N VAL H 270 -2.78 29.92 97.32
CA VAL H 270 -2.08 30.86 98.18
C VAL H 270 -0.74 31.16 97.51
N TYR H 271 -0.29 32.40 97.58
CA TYR H 271 0.81 32.88 96.74
C TYR H 271 2.03 33.26 97.56
N MET H 272 3.21 32.86 97.07
CA MET H 272 4.48 33.38 97.55
C MET H 272 4.96 34.47 96.60
N ILE H 273 5.26 35.64 97.15
CA ILE H 273 5.57 36.82 96.36
C ILE H 273 7.07 36.86 96.11
N PRO H 274 7.53 36.92 94.87
CA PRO H 274 8.96 37.04 94.60
C PRO H 274 9.45 38.46 94.81
N SER H 275 10.77 38.60 94.87
CA SER H 275 11.41 39.89 95.06
C SER H 275 11.65 40.57 93.72
N ARG H 276 11.93 41.87 93.80
CA ARG H 276 12.19 42.70 92.62
C ARG H 276 13.40 43.57 92.89
N ASN H 277 14.06 44.00 91.81
CA ASN H 277 15.20 44.91 91.90
C ASN H 277 14.87 46.21 91.17
N ARG H 278 15.82 47.14 91.20
CA ARG H 278 15.60 48.48 90.66
C ARG H 278 15.40 48.50 89.17
N TYR H 279 15.84 47.45 88.46
CA TYR H 279 15.66 47.38 87.02
C TYR H 279 14.33 46.78 86.61
N GLY H 280 13.48 46.42 87.57
CA GLY H 280 12.25 45.75 87.26
C GLY H 280 12.39 44.27 87.00
N ILE H 281 13.54 43.69 87.29
CA ILE H 281 13.76 42.26 87.11
C ILE H 281 13.15 41.52 88.30
N ILE H 282 12.28 40.57 88.02
CA ILE H 282 11.71 39.73 89.07
C ILE H 282 12.78 38.79 89.61
N GLY H 283 12.90 38.74 90.92
CA GLY H 283 13.90 37.91 91.55
C GLY H 283 13.30 36.70 92.24
N PRO H 284 14.10 36.03 93.05
CA PRO H 284 13.63 34.81 93.72
C PRO H 284 12.67 35.13 94.86
N ILE H 285 11.87 34.11 95.19
CA ILE H 285 11.12 34.13 96.43
C ILE H 285 12.09 33.96 97.59
N TYR H 286 11.98 34.82 98.60
CA TYR H 286 12.86 34.73 99.74
C TYR H 286 12.46 33.59 100.65
N PRO H 287 13.40 33.05 101.42
CA PRO H 287 13.06 31.95 102.34
C PRO H 287 11.99 32.31 103.36
N LYS H 288 11.83 33.59 103.69
CA LYS H 288 10.81 34.01 104.64
C LYS H 288 9.39 33.76 104.14
N GLU H 289 9.21 33.48 102.85
CA GLU H 289 7.90 33.18 102.29
C GLU H 289 7.60 31.69 102.22
N MET H 290 8.60 30.83 102.39
CA MET H 290 8.42 29.39 102.28
C MET H 290 8.39 28.68 103.63
N THR H 291 8.62 29.40 104.73
CA THR H 291 8.63 28.75 106.03
C THR H 291 7.23 28.24 106.37
N PRO H 292 7.14 27.16 107.15
CA PRO H 292 5.81 26.65 107.53
C PRO H 292 4.93 27.69 108.20
N ASP H 293 5.50 28.56 109.02
CA ASP H 293 4.71 29.61 109.65
C ASP H 293 4.21 30.61 108.62
N ALA H 294 5.03 30.95 107.63
CA ALA H 294 4.59 31.86 106.59
C ALA H 294 3.43 31.26 105.79
N ILE H 295 3.52 29.97 105.46
CA ILE H 295 2.47 29.33 104.69
C ILE H 295 1.19 29.21 105.51
N LYS H 296 1.32 28.89 106.81
CA LYS H 296 0.14 28.86 107.67
C LYS H 296 -0.51 30.24 107.77
N PHE H 297 0.32 31.30 107.89
CA PHE H 297 -0.22 32.65 107.93
C PHE H 297 -0.94 33.00 106.64
N LYS H 298 -0.36 32.64 105.50
CA LYS H 298 -1.01 32.92 104.22
C LYS H 298 -2.34 32.19 104.11
N ILE H 299 -2.37 30.93 104.55
CA ILE H 299 -3.62 30.17 104.50
C ILE H 299 -4.67 30.78 105.40
N ALA H 300 -4.27 31.18 106.61
CA ALA H 300 -5.21 31.78 107.55
C ALA H 300 -5.70 33.15 107.11
N ALA H 301 -4.91 33.87 106.30
CA ALA H 301 -5.32 35.21 105.88
C ALA H 301 -6.11 35.22 104.58
N ASN H 302 -6.08 34.15 103.81
CA ASN H 302 -6.76 34.13 102.51
C ASN H 302 -8.27 34.05 102.72
N PRO H 303 -9.06 34.86 102.02
CA PRO H 303 -10.51 34.81 102.18
C PRO H 303 -11.12 33.46 101.83
N LEU H 304 -10.55 32.74 100.86
CA LEU H 304 -11.12 31.47 100.43
C LEU H 304 -10.61 30.28 101.22
N THR H 305 -9.38 30.35 101.72
CA THR H 305 -8.76 29.20 102.39
C THR H 305 -8.80 29.28 103.91
N LYS H 306 -9.41 30.32 104.48
CA LYS H 306 -9.37 30.48 105.92
C LYS H 306 -10.20 29.44 106.66
N GLY H 307 -10.99 28.63 105.95
CA GLY H 307 -11.68 27.52 106.57
C GLY H 307 -10.95 26.20 106.36
N LYS H 308 -9.68 26.28 105.96
CA LYS H 308 -8.88 25.09 105.67
C LYS H 308 -7.53 25.15 106.39
N VAL H 309 -7.43 25.93 107.46
CA VAL H 309 -6.16 26.16 108.13
C VAL H 309 -5.59 24.89 108.75
N LYS H 310 -6.41 23.86 108.94
CA LYS H 310 -5.95 22.58 109.47
C LYS H 310 -5.61 21.59 108.38
N GLN H 311 -5.75 21.96 107.11
CA GLN H 311 -5.56 21.07 105.99
C GLN H 311 -4.16 21.23 105.41
N LYS H 312 -3.49 20.11 105.18
CA LYS H 312 -2.17 20.15 104.57
C LYS H 312 -2.27 20.52 103.11
N PRO H 313 -1.50 21.49 102.62
CA PRO H 313 -1.56 21.84 101.19
C PRO H 313 -1.15 20.67 100.32
N ALA H 314 -1.83 20.53 99.19
CA ALA H 314 -1.66 19.36 98.34
C ALA H 314 -0.59 19.52 97.29
N TYR H 315 -0.10 20.74 97.05
CA TYR H 315 0.76 20.99 95.90
C TYR H 315 1.40 22.35 96.04
N SER H 316 2.65 22.45 95.59
CA SER H 316 3.33 23.72 95.46
C SER H 316 4.12 23.73 94.17
N VAL H 317 4.25 24.91 93.58
CA VAL H 317 4.99 25.09 92.34
C VAL H 317 5.95 26.25 92.50
N VAL H 318 7.19 26.06 92.06
CA VAL H 318 8.20 27.12 92.03
C VAL H 318 8.81 27.12 90.64
N THR H 319 8.88 28.29 90.02
CA THR H 319 9.54 28.43 88.73
C THR H 319 11.03 28.58 88.95
N ASN H 320 11.82 27.67 88.37
CA ASN H 320 13.27 27.68 88.54
C ASN H 320 13.90 27.06 87.30
N CYS H 321 14.71 27.83 86.59
CA CYS H 321 15.06 29.20 86.93
C CYS H 321 14.01 30.19 86.45
N THR H 322 14.13 31.44 86.86
CA THR H 322 13.20 32.48 86.44
C THR H 322 13.50 32.91 85.01
N TYR H 323 12.67 33.82 84.49
CA TYR H 323 12.82 34.26 83.11
C TYR H 323 14.13 35.01 82.89
N ASP H 324 14.66 35.66 83.92
CA ASP H 324 15.90 36.43 83.80
C ASP H 324 17.11 35.65 84.32
N GLY H 325 16.98 34.34 84.48
CA GLY H 325 18.13 33.52 84.81
C GLY H 325 18.51 33.47 86.27
N VAL H 326 17.57 33.71 87.18
CA VAL H 326 17.83 33.57 88.60
C VAL H 326 17.47 32.14 89.01
N CYS H 327 18.46 31.40 89.49
CA CYS H 327 18.30 30.00 89.85
C CYS H 327 18.28 29.85 91.37
N TYR H 328 17.24 29.19 91.88
CA TYR H 328 17.15 28.88 93.30
C TYR H 328 18.13 27.78 93.68
N ASN H 329 18.58 27.82 94.92
CA ASN H 329 19.19 26.64 95.53
C ASN H 329 18.06 25.66 95.81
N ALA H 330 17.87 24.69 94.92
CA ALA H 330 16.71 23.82 94.99
C ALA H 330 16.76 22.91 96.20
N ARG H 331 17.96 22.53 96.65
CA ARG H 331 18.07 21.75 97.88
C ARG H 331 17.49 22.51 99.07
N LYS H 332 17.82 23.80 99.19
CA LYS H 332 17.31 24.59 100.30
C LYS H 332 15.81 24.83 100.17
N VAL H 333 15.33 25.07 98.95
CA VAL H 333 13.90 25.26 98.73
C VAL H 333 13.14 23.99 99.12
N GLN H 334 13.66 22.82 98.72
CA GLN H 334 13.01 21.57 99.07
C GLN H 334 13.01 21.35 100.57
N ASP H 335 14.12 21.66 101.24
CA ASP H 335 14.14 21.52 102.69
C ASP H 335 13.16 22.45 103.36
N LEU H 336 13.00 23.68 102.85
CA LEU H 336 12.04 24.61 103.44
C LEU H 336 10.61 24.14 103.24
N LEU H 337 10.26 23.74 102.01
CA LEU H 337 8.89 23.33 101.70
C LEU H 337 8.55 21.95 102.24
N ASP H 338 9.54 21.13 102.60
CA ASP H 338 9.27 19.82 103.18
C ASP H 338 8.53 19.92 104.50
N GLY H 339 8.63 21.04 105.20
CA GLY H 339 7.91 21.19 106.43
C GLY H 339 6.45 21.49 106.30
N SER H 340 5.95 21.65 105.08
CA SER H 340 4.55 21.98 104.85
C SER H 340 3.86 21.17 103.78
N LEU H 341 4.60 20.54 102.86
CA LEU H 341 4.02 19.94 101.68
C LEU H 341 4.63 18.57 101.43
N ASP H 342 3.90 17.73 100.70
CA ASP H 342 4.42 16.46 100.23
C ASP H 342 4.71 16.45 98.73
N ARG H 343 4.22 17.43 97.98
CA ARG H 343 4.42 17.50 96.54
C ARG H 343 4.99 18.86 96.19
N ILE H 344 6.17 18.89 95.58
CA ILE H 344 6.77 20.10 95.08
C ILE H 344 6.99 19.96 93.58
N HIS H 345 6.49 20.92 92.83
CA HIS H 345 6.64 20.94 91.38
C HIS H 345 7.60 22.07 91.02
N PHE H 346 8.71 21.72 90.39
CA PHE H 346 9.66 22.69 89.86
C PHE H 346 9.40 22.84 88.37
N ASP H 347 8.89 24.01 87.97
CA ASP H 347 8.67 24.30 86.56
C ASP H 347 9.98 24.77 85.97
N GLU H 348 10.80 23.83 85.51
CA GLU H 348 12.09 24.12 84.89
C GLU H 348 11.99 24.17 83.37
N ALA H 349 11.03 24.94 82.84
CA ALA H 349 10.83 24.97 81.40
C ALA H 349 12.05 25.53 80.67
N TRP H 350 12.67 26.57 81.22
CA TRP H 350 13.87 27.16 80.66
C TRP H 350 15.15 26.52 81.19
N TYR H 351 15.03 25.50 82.04
CA TYR H 351 16.14 24.99 82.83
C TYR H 351 16.19 23.48 82.67
N GLY H 352 16.72 23.01 81.55
CA GLY H 352 16.67 21.59 81.27
C GLY H 352 18.07 21.00 81.22
N TYR H 353 19.03 21.86 80.95
CA TYR H 353 20.45 21.53 80.87
C TYR H 353 21.13 21.51 82.22
N ALA H 354 20.45 21.95 83.29
CA ALA H 354 21.14 22.25 84.55
C ALA H 354 21.80 21.03 85.16
N ARG H 355 21.22 19.84 84.98
CA ARG H 355 21.81 18.62 85.52
C ARG H 355 23.16 18.30 84.94
N PHE H 356 23.47 18.81 83.75
CA PHE H 356 24.61 18.32 82.97
C PHE H 356 25.82 19.24 83.01
N ASN H 357 25.83 20.23 83.90
CA ASN H 357 27.03 21.03 84.12
C ASN H 357 27.20 21.25 85.62
N PRO H 358 28.40 21.00 86.15
CA PRO H 358 28.62 21.16 87.59
C PRO H 358 28.44 22.58 88.10
N LEU H 359 28.44 23.58 87.22
CA LEU H 359 28.21 24.95 87.66
C LEU H 359 26.85 25.13 88.31
N TYR H 360 25.89 24.27 87.99
CA TYR H 360 24.52 24.39 88.49
C TYR H 360 24.25 23.48 89.67
N ARG H 361 25.29 22.90 90.26
CA ARG H 361 25.13 21.93 91.34
C ARG H 361 24.29 22.49 92.48
N ASN H 362 23.35 21.67 92.96
CA ASN H 362 22.41 21.98 94.04
C ASN H 362 21.37 23.01 93.65
N HIS H 363 21.29 23.41 92.39
CA HIS H 363 20.37 24.45 91.97
C HIS H 363 19.32 23.94 90.98
N PHE H 364 19.00 22.66 91.04
CA PHE H 364 17.96 22.08 90.20
C PHE H 364 17.32 20.93 90.96
N ALA H 365 16.28 20.34 90.36
CA ALA H 365 15.41 19.43 91.10
C ALA H 365 15.99 18.03 91.19
N MET H 366 16.35 17.42 90.05
CA MET H 366 16.72 16.00 90.02
C MET H 366 18.22 15.86 90.20
N ARG H 367 18.66 16.04 91.44
CA ARG H 367 20.07 16.05 91.78
C ARG H 367 20.60 14.65 92.02
N ASP H 368 21.85 14.43 91.64
CA ASP H 368 22.57 13.21 92.02
C ASP H 368 22.93 13.29 93.50
N GLU H 369 22.07 12.72 94.35
CA GLU H 369 22.25 12.81 95.80
C GLU H 369 21.71 11.54 96.43
N GLU H 370 22.20 11.24 97.62
CA GLU H 370 21.60 10.17 98.41
C GLU H 370 20.21 10.59 98.86
N ARG H 371 19.22 9.74 98.57
CA ARG H 371 17.82 10.07 98.84
C ARG H 371 17.32 9.26 100.02
N THR H 372 16.71 9.94 100.98
CA THR H 372 16.10 9.27 102.12
C THR H 372 14.67 8.88 101.78
N GLU H 373 13.99 8.25 102.74
CA GLU H 373 12.65 7.75 102.51
C GLU H 373 11.55 8.73 102.92
N ASN H 374 11.90 9.83 103.59
CA ASN H 374 10.91 10.78 104.06
C ASN H 374 10.89 12.04 103.20
N GLU H 375 11.38 11.95 101.98
CA GLU H 375 11.38 13.11 101.10
C GLU H 375 9.99 13.36 100.52
N PRO H 376 9.69 14.59 100.14
CA PRO H 376 8.46 14.85 99.40
C PRO H 376 8.58 14.36 97.97
N THR H 377 7.43 14.19 97.33
CA THR H 377 7.40 13.89 95.90
C THR H 377 7.78 15.13 95.11
N ILE H 378 8.68 14.98 94.15
CA ILE H 378 9.21 16.09 93.37
C ILE H 378 8.80 15.89 91.91
N PHE H 379 8.22 16.94 91.32
CA PHE H 379 7.94 16.99 89.89
C PHE H 379 8.81 18.04 89.24
N ALA H 380 9.30 17.74 88.05
CA ALA H 380 10.04 18.70 87.24
C ALA H 380 9.53 18.62 85.81
N THR H 381 9.25 19.77 85.21
CA THR H 381 8.83 19.86 83.83
C THR H 381 9.91 20.58 83.03
N HIS H 382 10.33 19.97 81.92
CA HIS H 382 11.30 20.57 81.02
C HIS H 382 10.64 20.86 79.69
N SER H 383 10.81 22.08 79.19
CA SER H 383 10.40 22.33 77.79
C SER H 383 11.64 22.00 76.97
N THR H 384 11.67 20.82 76.37
CA THR H 384 12.87 20.34 75.62
C THR H 384 13.15 21.21 74.40
N HIS H 385 12.16 21.92 73.89
CA HIS H 385 12.35 22.81 72.72
C HIS H 385 12.95 24.15 73.14
N1 LLP H 386 6.31 27.27 82.06
C2 LLP H 386 7.24 28.18 81.86
C2' LLP H 386 7.97 28.75 83.03
C3 LLP H 386 7.56 28.59 80.57
O3 LLP H 386 8.53 29.51 80.44
C4 LLP H 386 6.89 28.03 79.47
C4' LLP H 386 7.23 28.45 78.12
C5 LLP H 386 5.90 27.08 79.72
C6 LLP H 386 5.64 26.73 81.02
C5' LLP H 386 5.07 26.45 78.63
OP4 LLP H 386 5.85 25.58 77.77
P LLP H 386 5.36 25.21 76.31
OP1 LLP H 386 6.24 24.08 75.91
OP2 LLP H 386 3.92 24.83 76.38
OP3 LLP H 386 5.59 26.46 75.55
N LLP H 386 12.84 24.52 74.41
CA LLP H 386 13.30 25.88 74.82
CB LLP H 386 12.62 26.40 76.09
CG LLP H 386 11.33 27.17 75.87
CD LLP H 386 10.54 27.44 77.15
CE LLP H 386 9.04 27.49 76.94
NZ LLP H 386 8.44 28.57 77.71
C LLP H 386 14.83 25.95 74.82
O LLP H 386 15.36 26.65 73.97
N LEU H 387 15.51 25.26 75.74
CA LEU H 387 16.98 25.42 75.86
C LEU H 387 17.69 24.09 75.66
N LEU H 388 16.98 23.09 75.18
CA LEU H 388 17.57 21.80 74.76
C LEU H 388 17.30 21.75 73.24
N ASN H 389 17.61 20.67 72.55
CA ASN H 389 17.42 20.54 71.10
C ASN H 389 16.23 19.63 70.83
N ALA H 390 15.06 20.23 70.67
CA ALA H 390 13.85 19.49 70.35
C ALA H 390 12.90 20.40 69.59
N LEU H 391 11.98 19.78 68.86
CA LEU H 391 10.96 20.52 68.16
C LEU H 391 9.95 21.12 69.15
N SER H 392 9.28 22.18 68.71
CA SER H 392 8.24 22.79 69.52
C SER H 392 7.19 21.76 69.91
N GLN H 393 6.62 21.95 71.10
CA GLN H 393 5.62 21.12 71.78
C GLN H 393 6.23 19.89 72.45
N ALA H 394 7.53 19.64 72.30
CA ALA H 394 8.16 18.53 73.01
C ALA H 394 8.43 18.91 74.46
N SER H 395 8.11 18.01 75.38
CA SER H 395 8.24 18.31 76.79
C SER H 395 8.42 17.00 77.56
N PHE H 396 8.87 17.12 78.80
CA PHE H 396 9.05 15.99 79.68
C PHE H 396 8.41 16.26 81.02
N ILE H 397 7.84 15.23 81.62
CA ILE H 397 7.49 15.22 83.03
C ILE H 397 8.44 14.26 83.73
N HIS H 398 9.13 14.76 84.75
CA HIS H 398 10.03 13.95 85.56
C HIS H 398 9.47 13.86 86.96
N VAL H 399 9.43 12.66 87.51
CA VAL H 399 8.87 12.41 88.83
C VAL H 399 9.90 11.72 89.69
N ARG H 400 10.07 12.20 90.91
CA ARG H 400 10.81 11.50 91.96
C ARG H 400 9.83 11.18 93.07
N ASN H 401 9.57 9.89 93.29
CA ASN H 401 8.53 9.48 94.22
C ASN H 401 8.99 9.66 95.65
N GLY H 402 8.16 10.33 96.45
CA GLY H 402 8.42 10.51 97.86
C GLY H 402 7.17 10.32 98.68
N ARG H 403 6.88 11.27 99.56
CA ARG H 403 5.68 11.20 100.37
C ARG H 403 4.45 11.50 99.51
N ASN H 404 3.40 10.71 99.71
CA ASN H 404 2.12 10.89 99.00
C ASN H 404 2.32 10.83 97.49
N ALA H 405 3.05 9.81 97.05
CA ALA H 405 3.34 9.66 95.63
C ALA H 405 2.10 9.18 94.88
N ILE H 406 2.08 9.45 93.58
CA ILE H 406 0.98 9.07 92.70
C ILE H 406 1.47 7.92 91.82
N ASP H 407 0.84 6.76 91.96
CA ASP H 407 1.25 5.59 91.19
C ASP H 407 0.83 5.74 89.73
N PHE H 408 1.35 4.84 88.89
CA PHE H 408 1.21 4.98 87.45
C PHE H 408 -0.25 4.95 87.01
N ASN H 409 -1.05 4.05 87.59
CA ASN H 409 -2.44 3.94 87.17
C ASN H 409 -3.21 5.23 87.41
N ARG H 410 -2.95 5.89 88.55
CA ARG H 410 -3.64 7.14 88.85
C ARG H 410 -3.11 8.30 88.01
N PHE H 411 -1.79 8.36 87.81
CA PHE H 411 -1.21 9.46 87.05
C PHE H 411 -1.58 9.38 85.57
N ASN H 412 -1.74 8.15 85.06
CA ASN H 412 -2.03 7.98 83.63
C ASN H 412 -3.36 8.59 83.25
N GLN H 413 -4.31 8.66 84.19
CA GLN H 413 -5.60 9.28 83.88
C GLN H 413 -5.44 10.76 83.55
N ALA H 414 -4.70 11.50 84.38
CA ALA H 414 -4.43 12.91 84.09
C ALA H 414 -3.62 13.04 82.80
N TYR H 415 -2.63 12.17 82.63
CA TYR H 415 -1.80 12.21 81.43
C TYR H 415 -2.66 12.09 80.17
N LEU H 416 -3.56 11.12 80.14
CA LEU H 416 -4.45 10.97 79.00
C LEU H 416 -5.42 12.13 78.88
N MET H 417 -5.87 12.68 80.02
CA MET H 417 -6.82 13.78 79.98
C MET H 417 -6.25 15.00 79.28
N HIS H 418 -4.94 15.21 79.35
CA HIS H 418 -4.39 16.39 78.67
C HIS H 418 -3.55 16.06 77.46
N SER H 419 -3.77 14.91 76.83
CA SER H 419 -3.01 14.47 75.68
C SER H 419 -3.95 14.33 74.47
N THR H 420 -3.42 13.80 73.39
CA THR H 420 -4.19 13.51 72.19
C THR H 420 -4.04 12.04 71.85
N THR H 421 -5.07 11.48 71.23
CA THR H 421 -5.03 10.07 70.84
C THR H 421 -4.19 9.83 69.60
N SER H 422 -3.77 10.87 68.89
CA SER H 422 -2.94 10.73 67.69
C SER H 422 -1.72 11.63 67.79
N PRO H 423 -0.75 11.27 68.63
CA PRO H 423 0.47 12.09 68.73
C PRO H 423 1.29 12.02 67.45
N LEU H 424 1.96 13.13 67.16
CA LEU H 424 2.90 13.18 66.04
C LEU H 424 4.24 12.64 66.51
N TYR H 425 4.67 11.53 65.91
CA TYR H 425 5.85 10.81 66.41
C TYR H 425 7.15 11.57 66.16
N ALA H 426 7.14 12.55 65.26
CA ALA H 426 8.34 13.39 65.08
C ALA H 426 8.66 14.16 66.35
N ILE H 427 7.65 14.64 67.07
CA ILE H 427 7.87 15.36 68.32
C ILE H 427 8.50 14.44 69.36
N CYS H 428 7.97 13.22 69.49
CA CYS H 428 8.55 12.26 70.45
C CYS H 428 9.97 11.88 70.05
N ALA H 429 10.23 11.76 68.74
CA ALA H 429 11.57 11.47 68.28
C ALA H 429 12.53 12.61 68.61
N SER H 430 12.08 13.85 68.49
CA SER H 430 12.92 14.97 68.87
C SER H 430 13.19 14.96 70.37
N ASN H 431 12.18 14.60 71.18
CA ASN H 431 12.42 14.44 72.62
C ASN H 431 13.48 13.39 72.89
N ASP H 432 13.40 12.26 72.19
CA ASP H 432 14.36 11.17 72.37
C ASP H 432 15.77 11.59 71.96
N ILE H 433 15.91 12.31 70.85
CA ILE H 433 17.24 12.74 70.43
C ILE H 433 17.78 13.81 71.37
N ALA H 434 16.94 14.67 71.92
CA ALA H 434 17.41 15.64 72.90
C ALA H 434 17.96 14.97 74.14
N ALA H 435 17.21 13.98 74.67
CA ALA H 435 17.70 13.23 75.81
C ALA H 435 19.01 12.54 75.49
N ASP H 436 19.12 11.94 74.30
CA ASP H 436 20.37 11.30 73.91
C ASP H 436 21.51 12.31 73.82
N MET H 437 21.21 13.52 73.35
CA MET H 437 22.23 14.54 73.20
C MET H 437 22.78 14.98 74.55
N MET H 438 21.95 14.99 75.58
CA MET H 438 22.46 15.31 76.91
C MET H 438 23.15 14.14 77.60
N ASP H 439 23.10 12.94 77.03
CA ASP H 439 23.62 11.75 77.69
C ASP H 439 25.14 11.67 77.59
N GLY H 440 25.77 11.23 78.68
CA GLY H 440 27.20 10.99 78.70
C GLY H 440 28.05 12.24 78.70
N ASN H 441 29.18 12.19 77.98
CA ASN H 441 30.09 13.32 77.91
C ASN H 441 29.51 14.50 77.15
N SER H 442 28.60 14.22 76.21
CA SER H 442 28.15 15.25 75.28
C SER H 442 27.34 16.34 75.98
N GLY H 443 26.55 15.99 76.99
CA GLY H 443 25.81 17.02 77.71
C GLY H 443 26.73 18.01 78.41
N ARG H 444 27.75 17.50 79.09
CA ARG H 444 28.74 18.37 79.71
C ARG H 444 29.44 19.22 78.67
N SER H 445 29.84 18.62 77.54
CA SER H 445 30.57 19.38 76.53
C SER H 445 29.70 20.50 75.93
N LEU H 446 28.43 20.22 75.66
CA LEU H 446 27.56 21.21 75.04
C LEU H 446 27.24 22.35 76.02
N THR H 447 26.93 22.01 77.28
CA THR H 447 26.71 23.06 78.26
C THR H 447 27.96 23.90 78.46
N ASP H 448 29.14 23.26 78.44
CA ASP H 448 30.39 23.99 78.57
C ASP H 448 30.56 24.98 77.42
N GLU H 449 30.27 24.56 76.20
CA GLU H 449 30.42 25.47 75.06
C GLU H 449 29.50 26.67 75.19
N VAL H 450 28.24 26.44 75.56
CA VAL H 450 27.31 27.58 75.69
C VAL H 450 27.75 28.52 76.81
N ILE H 451 28.15 27.95 77.95
CA ILE H 451 28.56 28.78 79.08
C ILE H 451 29.78 29.60 78.73
N ARG H 452 30.75 29.00 78.03
CA ARG H 452 31.95 29.73 77.64
C ARG H 452 31.63 30.86 76.67
N GLU H 453 30.72 30.62 75.72
CA GLU H 453 30.32 31.70 74.82
C GLU H 453 29.69 32.86 75.58
N SER H 454 28.79 32.55 76.51
CA SER H 454 28.15 33.60 77.29
C SER H 454 29.15 34.36 78.14
N ILE H 455 30.13 33.66 78.72
CA ILE H 455 31.15 34.32 79.53
C ILE H 455 32.02 35.22 78.67
N ASP H 456 32.39 34.77 77.47
CA ASP H 456 33.17 35.62 76.57
C ASP H 456 32.41 36.89 76.25
N PHE H 457 31.12 36.77 75.95
CA PHE H 457 30.33 37.96 75.68
C PHE H 457 30.27 38.88 76.89
N ARG H 458 30.02 38.33 78.08
CA ARG H 458 29.92 39.15 79.28
C ARG H 458 31.22 39.90 79.56
N GLN H 459 32.34 39.21 79.46
CA GLN H 459 33.63 39.83 79.75
C GLN H 459 33.98 40.90 78.72
N SER H 460 33.71 40.62 77.44
CA SER H 460 33.97 41.63 76.42
C SER H 460 33.12 42.87 76.63
N LEU H 461 31.84 42.69 76.98
CA LEU H 461 30.98 43.83 77.21
C LEU H 461 31.42 44.63 78.44
N ALA H 462 31.83 43.94 79.51
CA ALA H 462 32.33 44.63 80.69
C ALA H 462 33.60 45.41 80.38
N TYR H 463 34.49 44.82 79.58
CA TYR H 463 35.70 45.53 79.19
C TYR H 463 35.39 46.78 78.38
N LEU H 464 34.48 46.67 77.41
CA LEU H 464 34.10 47.84 76.63
C LEU H 464 33.44 48.90 77.49
N TYR H 465 32.62 48.48 78.45
CA TYR H 465 32.00 49.42 79.36
C TYR H 465 33.05 50.18 80.17
N LYS H 466 34.06 49.48 80.68
CA LYS H 466 35.13 50.14 81.42
C LYS H 466 35.90 51.10 80.53
N GLU H 467 36.17 50.70 79.29
CA GLU H 467 36.89 51.57 78.36
C GLU H 467 36.12 52.86 78.10
N PHE H 468 34.82 52.74 77.80
CA PHE H 468 34.01 53.93 77.55
C PHE H 468 33.89 54.79 78.81
N LEU H 469 33.78 54.15 79.98
CA LEU H 469 33.72 54.92 81.22
C LEU H 469 35.02 55.67 81.45
N ASN H 470 36.16 55.06 81.15
CA ASN H 470 37.44 55.75 81.26
C ASN H 470 37.50 56.95 80.33
N ASP H 471 36.90 56.83 79.14
CA ASP H 471 36.78 57.98 78.25
C ASP H 471 35.59 58.86 78.57
N ASP H 472 35.06 58.78 79.79
CA ASP H 472 33.84 59.46 80.25
C ASP H 472 32.73 59.44 79.20
N GLU H 473 32.42 58.23 78.71
CA GLU H 473 31.30 57.99 77.84
C GLU H 473 30.41 56.89 78.42
N TRP H 474 29.20 56.80 77.92
CA TRP H 474 28.25 55.78 78.36
C TRP H 474 28.35 54.54 77.47
N PHE H 475 28.03 53.40 78.05
CA PHE H 475 27.87 52.16 77.29
C PHE H 475 27.00 51.20 78.08
N PHE H 476 26.64 50.10 77.44
CA PHE H 476 25.91 49.03 78.10
C PHE H 476 26.84 48.18 78.94
N LYS H 477 26.31 47.64 80.02
CA LYS H 477 27.08 46.77 80.89
C LYS H 477 26.32 45.48 81.14
N PRO H 478 27.02 44.36 81.24
CA PRO H 478 26.35 43.10 81.58
C PRO H 478 25.89 43.10 83.03
N TRP H 479 24.82 42.37 83.28
CA TRP H 479 24.26 42.27 84.63
C TRP H 479 24.83 41.03 85.29
N ASN H 480 25.99 41.20 85.95
CA ASN H 480 26.60 40.15 86.73
C ASN H 480 27.46 40.80 87.81
N GLN H 481 28.23 39.99 88.53
CA GLN H 481 29.13 40.50 89.54
C GLN H 481 30.16 41.46 88.94
N GLU H 482 30.41 42.56 89.64
CA GLU H 482 31.50 43.45 89.24
C GLU H 482 32.86 42.85 89.57
N MET H 483 33.01 42.30 90.77
CA MET H 483 34.25 41.70 91.23
C MET H 483 33.99 40.26 91.63
N VAL H 484 34.89 39.37 91.25
CA VAL H 484 34.79 37.97 91.63
C VAL H 484 36.01 37.60 92.45
N LYS H 485 35.81 36.69 93.39
CA LYS H 485 36.85 36.23 94.28
C LYS H 485 37.19 34.78 93.97
N ASP H 486 38.47 34.47 93.88
CA ASP H 486 38.89 33.09 93.73
C ASP H 486 38.85 32.41 95.08
N PRO H 487 38.00 31.41 95.29
CA PRO H 487 37.89 30.80 96.62
C PRO H 487 39.12 30.04 97.05
N ALA H 488 39.96 29.60 96.10
CA ALA H 488 41.15 28.84 96.47
C ALA H 488 42.25 29.75 97.01
N THR H 489 42.72 30.68 96.18
CA THR H 489 43.83 31.55 96.54
C THR H 489 43.39 32.83 97.25
N GLY H 490 42.09 33.11 97.29
CA GLY H 490 41.60 34.34 97.90
C GLY H 490 41.78 35.58 97.06
N LYS H 491 42.30 35.46 95.84
CA LYS H 491 42.56 36.62 95.01
C LYS H 491 41.27 37.15 94.41
N ARG H 492 41.17 38.48 94.34
CA ARG H 492 40.02 39.15 93.75
C ARG H 492 40.36 39.62 92.34
N TYR H 493 39.38 39.53 91.45
CA TYR H 493 39.52 40.02 90.09
C TYR H 493 38.31 40.88 89.75
N ALA H 494 38.53 41.87 88.89
CA ALA H 494 37.41 42.44 88.16
C ALA H 494 36.85 41.37 87.22
N PHE H 495 35.54 41.44 86.99
CA PHE H 495 34.88 40.37 86.23
C PHE H 495 35.51 40.21 84.85
N GLU H 496 35.78 41.32 84.17
CA GLU H 496 36.35 41.23 82.83
C GLU H 496 37.80 40.76 82.84
N ASP H 497 38.46 40.77 84.00
CA ASP H 497 39.83 40.30 84.13
C ASP H 497 39.93 38.90 84.72
N ALA H 498 38.83 38.34 85.19
CA ALA H 498 38.88 37.02 85.80
C ALA H 498 39.23 35.95 84.76
N PRO H 499 40.00 34.94 85.15
CA PRO H 499 40.27 33.84 84.23
C PRO H 499 38.99 33.10 83.87
N VAL H 500 38.87 32.71 82.61
CA VAL H 500 37.65 32.07 82.13
C VAL H 500 37.44 30.74 82.84
N GLU H 501 38.52 30.02 83.14
CA GLU H 501 38.40 28.75 83.87
C GLU H 501 37.77 28.96 85.24
N LEU H 502 38.15 30.04 85.94
CA LEU H 502 37.57 30.31 87.24
C LEU H 502 36.06 30.58 87.14
N LEU H 503 35.65 31.38 86.17
CA LEU H 503 34.22 31.67 86.01
C LEU H 503 33.44 30.43 85.57
N MET H 504 34.06 29.56 84.79
CA MET H 504 33.42 28.34 84.33
C MET H 504 33.35 27.27 85.40
N ARG H 505 34.24 27.31 86.39
CA ARG H 505 34.35 26.25 87.39
C ARG H 505 33.70 26.61 88.72
N GLU H 506 33.79 27.86 89.16
CA GLU H 506 33.42 28.24 90.52
C GLU H 506 31.99 28.78 90.54
N GLN H 507 31.14 28.10 91.31
CA GLN H 507 29.74 28.53 91.43
C GLN H 507 29.61 29.86 92.17
N SER H 508 30.49 30.12 93.15
CA SER H 508 30.39 31.34 93.94
C SER H 508 30.62 32.60 93.11
N CYS H 509 31.22 32.48 91.93
CA CYS H 509 31.35 33.62 91.04
C CYS H 509 30.01 34.07 90.47
N TRP H 510 28.96 33.29 90.67
CA TRP H 510 27.64 33.62 90.14
C TRP H 510 26.57 33.69 91.22
N VAL H 511 26.89 33.34 92.46
CA VAL H 511 25.94 33.42 93.55
C VAL H 511 25.64 34.87 93.87
N MET H 512 24.39 35.16 94.21
CA MET H 512 23.99 36.50 94.60
C MET H 512 24.36 36.71 96.07
N HIS H 513 25.38 37.54 96.31
CA HIS H 513 25.69 37.76 97.72
C HIS H 513 24.99 39.02 98.23
N PRO H 514 24.51 39.00 99.47
CA PRO H 514 23.80 40.18 99.99
C PRO H 514 24.65 41.43 100.05
N GLU H 515 25.98 41.30 100.16
CA GLU H 515 26.86 42.46 100.23
C GLU H 515 27.14 43.10 98.88
N ASP H 516 26.81 42.42 97.79
CA ASP H 516 27.04 42.97 96.45
C ASP H 516 25.86 43.83 96.01
N LYS H 517 26.16 44.87 95.24
CA LYS H 517 25.14 45.79 94.76
C LYS H 517 24.65 45.50 93.35
N TRP H 518 25.31 44.60 92.62
CA TRP H 518 24.97 44.41 91.21
C TRP H 518 23.56 43.84 91.03
N HIS H 519 23.18 42.85 91.84
CA HIS H 519 21.91 42.18 91.61
C HIS H 519 20.72 43.00 92.08
N GLY H 520 20.89 43.80 93.14
CA GLY H 520 19.85 44.69 93.58
C GLY H 520 18.70 44.04 94.32
N PHE H 521 18.83 42.78 94.73
CA PHE H 521 17.81 42.12 95.53
C PHE H 521 18.18 42.31 96.99
N ASN H 522 17.65 43.36 97.59
CA ASN H 522 18.00 43.70 98.96
C ASN H 522 17.45 42.66 99.94
N ASP H 523 18.25 42.33 100.94
CA ASP H 523 17.88 41.40 102.00
C ASP H 523 17.75 39.96 101.49
N ILE H 524 18.40 39.65 100.38
CA ILE H 524 18.44 38.24 99.95
C ILE H 524 19.44 37.49 100.84
N PRO H 525 19.10 36.30 101.32
CA PRO H 525 20.08 35.50 102.06
C PRO H 525 21.20 35.04 101.14
N ASP H 526 22.34 34.78 101.75
CA ASP H 526 23.49 34.29 100.99
C ASP H 526 23.31 32.82 100.65
N ASN H 527 23.86 32.44 99.50
CA ASN H 527 23.78 31.07 98.99
C ASN H 527 22.34 30.62 98.82
N TRP H 528 21.49 31.55 98.40
CA TRP H 528 20.08 31.27 98.11
C TRP H 528 19.80 31.24 96.62
N ALA H 529 20.22 32.27 95.89
CA ALA H 529 20.01 32.36 94.46
C ALA H 529 21.35 32.44 93.74
N MET H 530 21.29 32.29 92.43
CA MET H 530 22.46 32.22 91.57
C MET H 530 22.05 32.69 90.18
N LEU H 531 22.98 33.32 89.47
CA LEU H 531 22.71 33.79 88.12
C LEU H 531 23.11 32.73 87.10
N ASP H 532 22.19 32.43 86.19
CA ASP H 532 22.50 31.54 85.07
C ASP H 532 23.34 32.29 84.06
N PRO H 533 24.57 31.85 83.77
CA PRO H 533 25.43 32.62 82.86
C PRO H 533 24.86 32.77 81.46
N ILE H 534 24.08 31.80 80.95
CA ILE H 534 23.69 31.82 79.55
C ILE H 534 22.44 32.67 79.30
N LYS H 535 21.83 33.23 80.34
CA LYS H 535 20.74 34.21 80.17
C LYS H 535 21.34 35.58 80.43
N VAL H 536 21.84 36.22 79.39
CA VAL H 536 22.66 37.41 79.53
C VAL H 536 21.77 38.65 79.44
N SER H 537 21.69 39.39 80.54
CA SER H 537 21.00 40.67 80.57
C SER H 537 22.03 41.79 80.42
N ILE H 538 21.74 42.76 79.58
CA ILE H 538 22.55 43.95 79.47
C ILE H 538 21.72 45.13 79.95
N LEU H 539 22.39 46.10 80.56
CA LEU H 539 21.74 47.23 81.19
C LEU H 539 22.08 48.49 80.41
N ALA H 540 21.06 49.20 79.98
CA ALA H 540 21.27 50.53 79.43
C ALA H 540 21.44 51.55 80.56
N PRO H 541 22.22 52.60 80.34
CA PRO H 541 22.45 53.58 81.41
C PRO H 541 21.19 54.38 81.70
N GLY H 542 21.08 54.83 82.95
CA GLY H 542 19.97 55.67 83.33
C GLY H 542 19.42 55.40 84.72
N MET H 543 19.70 54.23 85.26
CA MET H 543 19.19 53.83 86.57
C MET H 543 20.31 53.91 87.59
N GLY H 544 20.09 54.67 88.66
CA GLY H 544 21.06 54.76 89.73
C GLY H 544 21.04 53.54 90.63
N ASP H 545 22.16 53.34 91.34
CA ASP H 545 22.27 52.21 92.24
C ASP H 545 21.32 52.31 93.42
N ASP H 546 20.88 53.52 93.76
CA ASP H 546 19.96 53.72 94.86
C ASP H 546 18.52 53.35 94.50
N GLY H 547 18.20 53.27 93.22
CA GLY H 547 16.85 52.97 92.78
C GLY H 547 16.17 54.10 92.04
N LYS H 548 16.81 55.26 91.95
CA LYS H 548 16.24 56.41 91.26
C LYS H 548 17.02 56.70 89.98
N LEU H 549 16.35 57.33 89.04
CA LEU H 549 16.94 57.59 87.74
C LEU H 549 18.06 58.63 87.86
N LEU H 550 19.00 58.55 86.92
CA LEU H 550 20.08 59.52 86.84
C LEU H 550 19.62 60.72 86.01
N ASP H 551 20.52 61.68 85.81
CA ASP H 551 20.17 62.89 85.06
C ASP H 551 19.98 62.59 83.58
N THR H 552 20.68 61.57 83.07
CA THR H 552 20.58 61.20 81.66
C THR H 552 20.63 59.68 81.55
N GLY H 553 20.19 59.18 80.41
CA GLY H 553 20.19 57.74 80.18
C GLY H 553 19.65 57.43 78.81
N VAL H 554 19.71 56.15 78.47
CA VAL H 554 19.22 55.62 77.20
C VAL H 554 18.17 54.57 77.51
N PRO H 555 16.89 54.82 77.21
CA PRO H 555 15.86 53.82 77.50
C PRO H 555 16.03 52.58 76.62
N ALA H 556 15.67 51.43 77.19
CA ALA H 556 15.88 50.17 76.49
C ALA H 556 14.90 49.95 75.36
N ALA H 557 13.77 50.67 75.32
CA ALA H 557 12.83 50.50 74.23
C ALA H 557 13.45 50.90 72.89
N LEU H 558 14.22 51.98 72.88
CA LEU H 558 14.88 52.43 71.65
C LEU H 558 15.95 51.44 71.20
N VAL H 559 16.74 50.92 72.15
CA VAL H 559 17.73 49.90 71.82
C VAL H 559 17.05 48.65 71.28
N THR H 560 15.90 48.30 71.85
CA THR H 560 15.14 47.15 71.37
C THR H 560 14.65 47.38 69.94
N ALA H 561 14.19 48.59 69.64
CA ALA H 561 13.80 48.90 68.26
C ALA H 561 14.98 48.76 67.31
N TRP H 562 16.15 49.24 67.73
CA TRP H 562 17.36 49.09 66.92
C TRP H 562 17.67 47.62 66.66
N LEU H 563 17.66 46.81 67.73
CA LEU H 563 17.98 45.40 67.59
C LEU H 563 16.97 44.68 66.69
N ASN H 564 15.68 44.99 66.85
CA ASN H 564 14.66 44.43 65.98
C ASN H 564 14.92 44.83 64.54
N HIS H 565 15.29 46.08 64.30
CA HIS H 565 15.65 46.50 62.95
C HIS H 565 16.78 45.67 62.39
N TYR H 566 17.71 45.24 63.24
CA TYR H 566 18.78 44.39 62.75
C TYR H 566 18.49 42.89 62.93
N GLY H 567 17.27 42.54 63.29
CA GLY H 567 16.84 41.15 63.34
C GLY H 567 16.97 40.50 64.69
N ILE H 568 17.73 41.09 65.61
CA ILE H 568 17.89 40.53 66.94
C ILE H 568 16.63 40.83 67.74
N VAL H 569 16.01 39.79 68.29
CA VAL H 569 14.78 39.95 69.07
C VAL H 569 15.07 39.48 70.50
N PRO H 570 15.14 40.37 71.47
CA PRO H 570 15.40 39.96 72.85
C PRO H 570 14.23 39.18 73.45
N THR H 571 14.57 38.35 74.43
CA THR H 571 13.57 37.54 75.13
C THR H 571 12.78 38.35 76.14
N ARG H 572 13.47 39.16 76.94
CA ARG H 572 12.83 40.00 77.95
C ARG H 572 13.35 41.43 77.83
N THR H 573 12.55 42.37 78.31
CA THR H 573 12.91 43.79 78.24
C THR H 573 12.16 44.55 79.33
N THR H 574 12.87 45.40 80.03
CA THR H 574 12.31 46.38 80.96
C THR H 574 12.76 47.77 80.51
N ASP H 575 12.53 48.77 81.37
CA ASP H 575 12.90 50.14 81.05
C ASP H 575 14.40 50.24 80.73
N PHE H 576 15.25 49.67 81.59
CA PHE H 576 16.69 49.57 81.29
C PHE H 576 17.12 48.13 81.58
N GLN H 577 16.82 47.22 80.65
CA GLN H 577 17.31 45.86 80.70
C GLN H 577 16.94 45.14 79.41
N ILE H 578 17.90 44.46 78.79
CA ILE H 578 17.64 43.67 77.60
C ILE H 578 18.28 42.31 77.80
N MET H 579 17.50 41.26 77.62
CA MET H 579 17.93 39.89 77.87
C MET H 579 18.19 39.17 76.56
N PHE H 580 19.35 38.52 76.45
CA PHE H 580 19.72 37.73 75.29
C PHE H 580 19.90 36.28 75.71
N LEU H 581 19.42 35.37 74.87
CA LEU H 581 19.51 33.95 75.13
C LEU H 581 20.72 33.36 74.40
N PHE H 582 21.56 32.66 75.13
CA PHE H 582 22.61 31.84 74.55
C PHE H 582 22.14 30.39 74.67
N SER H 583 21.99 29.72 73.53
CA SER H 583 21.49 28.35 73.51
C SER H 583 22.53 27.43 72.90
N MET H 584 22.24 26.13 72.95
CA MET H 584 23.13 25.15 72.37
C MET H 584 23.14 25.18 70.85
N GLY H 585 22.23 25.93 70.24
CA GLY H 585 22.24 26.18 68.81
C GLY H 585 23.08 27.35 68.35
N ILE H 586 23.70 28.08 69.28
CA ILE H 586 24.58 29.18 68.91
C ILE H 586 25.90 28.64 68.39
N THR H 587 26.54 29.40 67.53
CA THR H 587 27.87 29.08 67.03
C THR H 587 28.90 29.99 67.68
N LYS H 588 30.15 29.53 67.69
CA LYS H 588 31.21 30.21 68.42
C LYS H 588 31.54 31.56 67.79
N GLY H 589 31.71 32.57 68.63
CA GLY H 589 32.01 33.91 68.17
C GLY H 589 30.84 34.69 67.63
N LYS H 590 29.62 34.18 67.77
CA LYS H 590 28.44 34.85 67.23
C LYS H 590 28.15 36.15 67.98
N TRP H 591 28.53 36.25 69.25
CA TRP H 591 28.25 37.44 70.05
C TRP H 591 29.00 38.68 69.55
N GLY H 592 29.98 38.50 68.66
CA GLY H 592 30.60 39.65 68.03
C GLY H 592 29.62 40.50 67.26
N THR H 593 28.64 39.86 66.62
CA THR H 593 27.57 40.62 65.96
C THR H 593 26.81 41.47 66.95
N LEU H 594 26.49 40.92 68.11
CA LEU H 594 25.77 41.67 69.13
C LEU H 594 26.59 42.88 69.58
N VAL H 595 27.88 42.67 69.83
CA VAL H 595 28.74 43.78 70.25
C VAL H 595 28.82 44.84 69.16
N ASN H 596 28.97 44.42 67.91
CA ASN H 596 29.02 45.35 66.79
C ASN H 596 27.75 46.17 66.67
N THR H 597 26.60 45.51 66.83
CA THR H 597 25.32 46.21 66.75
C THR H 597 25.19 47.24 67.87
N LEU H 598 25.59 46.88 69.08
CA LEU H 598 25.51 47.83 70.19
C LEU H 598 26.44 49.02 69.95
N LEU H 599 27.64 48.76 69.43
CA LEU H 599 28.57 49.87 69.14
C LEU H 599 28.03 50.78 68.05
N SER H 600 27.45 50.22 67.00
CA SER H 600 26.88 51.06 65.95
C SER H 600 25.68 51.85 66.46
N PHE H 601 24.88 51.26 67.35
CA PHE H 601 23.81 52.04 67.98
C PHE H 601 24.39 53.21 68.76
N LYS H 602 25.46 52.97 69.51
CA LYS H 602 26.06 54.06 70.28
C LYS H 602 26.59 55.16 69.36
N ARG H 603 27.19 54.78 68.23
CA ARG H 603 27.67 55.76 67.27
C ARG H 603 26.52 56.62 66.74
N HIS H 604 25.45 55.97 66.28
CA HIS H 604 24.33 56.73 65.73
C HIS H 604 23.62 57.54 66.80
N TYR H 605 23.66 57.09 68.06
CA TYR H 605 23.04 57.84 69.14
C TYR H 605 23.84 59.08 69.48
N ASP H 606 25.17 58.95 69.51
CA ASP H 606 26.01 60.12 69.75
C ASP H 606 25.94 61.10 68.60
N ASN H 607 25.75 60.61 67.37
CA ASN H 607 25.66 61.50 66.23
C ASN H 607 24.26 62.06 66.01
N ASN H 608 23.28 61.61 66.78
CA ASN H 608 21.88 62.04 66.64
C ASN H 608 21.39 61.86 65.20
N THR H 609 21.64 60.67 64.66
CA THR H 609 21.21 60.39 63.30
C THR H 609 19.69 60.40 63.20
N ALA H 610 19.19 60.98 62.12
CA ALA H 610 17.74 61.11 61.93
C ALA H 610 17.09 59.73 61.85
N LEU H 611 15.94 59.59 62.51
CA LEU H 611 15.25 58.31 62.56
C LEU H 611 14.85 57.81 61.18
N LYS H 612 14.66 58.71 60.21
CA LYS H 612 14.32 58.25 58.87
C LYS H 612 15.43 57.42 58.25
N LYS H 613 16.69 57.81 58.49
CA LYS H 613 17.80 57.07 57.91
C LYS H 613 18.01 55.72 58.58
N VAL H 614 17.93 55.67 59.91
CA VAL H 614 18.31 54.48 60.66
C VAL H 614 17.10 53.60 60.97
N LEU H 615 15.97 54.19 61.37
CA LEU H 615 14.81 53.42 61.82
C LEU H 615 13.56 53.88 61.08
N PRO H 616 13.47 53.58 59.78
CA PRO H 616 12.27 53.99 59.04
C PRO H 616 10.98 53.39 59.57
N GLU H 617 11.02 52.17 60.12
CA GLU H 617 9.80 51.57 60.64
C GLU H 617 9.26 52.32 61.85
N VAL H 618 10.15 52.89 62.67
CA VAL H 618 9.69 53.72 63.77
C VAL H 618 9.00 54.97 63.25
N VAL H 619 9.57 55.58 62.21
CA VAL H 619 8.97 56.78 61.63
C VAL H 619 7.60 56.45 61.05
N ALA H 620 7.47 55.28 60.44
CA ALA H 620 6.23 54.90 59.78
C ALA H 620 5.05 54.78 60.75
N SER H 621 5.30 54.71 62.05
CA SER H 621 4.21 54.69 63.01
C SER H 621 3.54 56.06 63.12
N ALA H 622 4.31 57.08 63.51
CA ALA H 622 3.82 58.45 63.66
C ALA H 622 4.73 59.39 62.90
N PRO H 623 4.59 59.47 61.57
CA PRO H 623 5.49 60.31 60.78
C PRO H 623 5.44 61.78 61.16
N GLU H 624 4.34 62.26 61.73
CA GLU H 624 4.27 63.64 62.16
C GLU H 624 5.07 63.91 63.43
N ILE H 625 5.29 62.89 64.26
CA ILE H 625 6.04 63.05 65.49
C ILE H 625 7.52 62.72 65.29
N TYR H 626 7.82 61.54 64.76
CA TYR H 626 9.18 61.07 64.62
C TYR H 626 9.89 61.61 63.40
N GLY H 627 9.15 62.19 62.44
CA GLY H 627 9.80 62.87 61.34
C GLY H 627 10.58 64.07 61.83
N GLU H 628 11.69 64.35 61.16
CA GLU H 628 12.60 65.44 61.50
C GLU H 628 13.14 65.33 62.93
N MET H 629 13.26 64.11 63.44
CA MET H 629 13.73 63.86 64.79
C MET H 629 14.91 62.89 64.74
N GLY H 630 15.88 63.11 65.62
CA GLY H 630 17.06 62.25 65.67
C GLY H 630 16.93 61.14 66.70
N LEU H 631 17.90 60.22 66.66
CA LEU H 631 17.93 59.11 67.60
C LEU H 631 18.05 59.60 69.04
N ARG H 632 19.00 60.51 69.29
CA ARG H 632 19.18 61.01 70.64
C ARG H 632 18.02 61.90 71.07
N ASP H 633 17.38 62.61 70.14
CA ASP H 633 16.20 63.39 70.50
C ASP H 633 15.11 62.49 71.05
N LEU H 634 14.82 61.39 70.35
CA LEU H 634 13.81 60.45 70.83
C LEU H 634 14.25 59.81 72.14
N GLY H 635 15.53 59.46 72.26
CA GLY H 635 16.01 58.86 73.50
C GLY H 635 15.84 59.78 74.71
N ASP H 636 16.24 61.05 74.55
CA ASP H 636 16.07 62.02 75.62
C ASP H 636 14.61 62.31 75.91
N LYS H 637 13.76 62.32 74.88
CA LYS H 637 12.32 62.47 75.13
C LYS H 637 11.80 61.33 75.99
N MET H 638 12.15 60.10 75.64
CA MET H 638 11.72 58.94 76.42
C MET H 638 12.26 59.00 77.85
N PHE H 639 13.53 59.40 78.00
CA PHE H 639 14.11 59.45 79.34
C PHE H 639 13.48 60.55 80.18
N ALA H 640 13.16 61.69 79.57
CA ALA H 640 12.46 62.75 80.29
C ALA H 640 11.09 62.28 80.73
N TYR H 641 10.39 61.54 79.86
CA TYR H 641 9.10 60.99 80.23
C TYR H 641 9.23 60.03 81.41
N LEU H 642 10.24 59.15 81.36
CA LEU H 642 10.45 58.20 82.46
C LEU H 642 10.77 58.93 83.75
N GLN H 643 11.61 59.97 83.68
CA GLN H 643 11.95 60.74 84.86
C GLN H 643 10.74 61.41 85.47
N LYS H 644 9.88 61.98 84.61
CA LYS H 644 8.68 62.65 85.11
C LYS H 644 7.71 61.65 85.74
N ASN H 645 7.44 60.54 85.06
CA ASN H 645 6.37 59.64 85.49
C ASN H 645 6.84 58.57 86.47
N ASN H 646 8.10 58.15 86.38
CA ASN H 646 8.67 57.13 87.25
C ASN H 646 7.81 55.87 87.28
N PRO H 647 7.67 55.16 86.16
CA PRO H 647 6.85 53.93 86.16
C PRO H 647 7.43 52.80 86.99
N GLY H 648 8.72 52.83 87.32
CA GLY H 648 9.29 51.78 88.16
C GLY H 648 8.68 51.75 89.55
N ALA H 649 8.42 52.93 90.12
CA ALA H 649 7.71 52.99 91.38
C ALA H 649 6.29 52.44 91.25
N ARG H 650 5.64 52.72 90.12
CA ARG H 650 4.31 52.17 89.87
C ARG H 650 4.35 50.65 89.85
N LEU H 651 5.34 50.08 89.16
CA LEU H 651 5.50 48.62 89.13
C LEU H 651 5.73 48.07 90.53
N ASN H 652 6.59 48.73 91.30
CA ASN H 652 6.88 48.26 92.65
C ASN H 652 5.62 48.30 93.53
N GLN H 653 4.83 49.36 93.41
CA GLN H 653 3.60 49.45 94.18
C GLN H 653 2.61 48.36 93.75
N ALA H 654 2.49 48.14 92.44
CA ALA H 654 1.52 47.17 91.95
C ALA H 654 1.90 45.75 92.33
N TYR H 655 3.19 45.43 92.40
CA TYR H 655 3.58 44.06 92.64
C TYR H 655 3.98 43.76 94.08
N SER H 656 4.21 44.79 94.90
CA SER H 656 4.47 44.55 96.32
C SER H 656 3.19 44.22 97.08
N GLN H 657 2.06 44.76 96.65
CA GLN H 657 0.78 44.51 97.30
C GLN H 657 -0.04 43.57 96.43
N LEU H 658 -0.56 42.50 97.03
CA LEU H 658 -1.38 41.58 96.28
C LEU H 658 -2.81 42.10 96.17
N PRO H 659 -3.48 41.86 95.04
CA PRO H 659 -4.89 42.26 94.92
C PRO H 659 -5.77 41.45 95.84
N GLN H 660 -6.92 42.03 96.18
CA GLN H 660 -7.90 41.33 96.99
C GLN H 660 -8.53 40.18 96.20
N VAL H 661 -8.61 39.02 96.82
CA VAL H 661 -9.16 37.83 96.17
C VAL H 661 -10.64 37.73 96.49
N MET H 662 -11.46 37.60 95.44
CA MET H 662 -12.90 37.48 95.60
C MET H 662 -13.41 36.06 95.35
N MET H 663 -12.81 35.34 94.42
CA MET H 663 -13.20 33.95 94.15
C MET H 663 -12.01 33.23 93.54
N THR H 664 -12.13 31.91 93.46
CA THR H 664 -11.11 31.09 92.84
C THR H 664 -11.05 31.37 91.34
N PRO H 665 -9.92 31.09 90.71
CA PRO H 665 -9.86 31.25 89.25
C PRO H 665 -10.89 30.43 88.50
N ARG H 666 -11.25 29.24 89.00
CA ARG H 666 -12.27 28.44 88.35
C ARG H 666 -13.63 29.15 88.38
N ASP H 667 -13.97 29.77 89.51
CA ASP H 667 -15.23 30.50 89.60
C ASP H 667 -15.26 31.67 88.63
N ALA H 668 -14.15 32.40 88.54
CA ALA H 668 -14.07 33.52 87.60
C ALA H 668 -14.23 33.04 86.17
N TYR H 669 -13.59 31.92 85.81
CA TYR H 669 -13.74 31.42 84.44
C TYR H 669 -15.16 30.94 84.18
N GLN H 670 -15.79 30.30 85.17
CA GLN H 670 -17.17 29.86 84.99
C GLN H 670 -18.13 31.03 84.87
N GLN H 671 -17.76 32.21 85.38
CA GLN H 671 -18.49 33.41 85.04
C GLN H 671 -18.41 33.70 83.55
N ILE H 672 -17.24 33.49 82.95
CA ILE H 672 -17.10 33.65 81.50
C ILE H 672 -18.00 32.66 80.77
N VAL H 673 -18.01 31.41 81.23
CA VAL H 673 -18.83 30.41 80.56
C VAL H 673 -20.31 30.75 80.67
N ALA H 674 -20.73 31.29 81.81
CA ALA H 674 -22.12 31.68 82.01
C ALA H 674 -22.47 33.02 81.35
N ASN H 675 -21.53 33.60 80.59
CA ASN H 675 -21.74 34.88 79.89
C ASN H 675 -22.02 36.03 80.85
N ARG H 676 -21.57 35.91 82.09
CA ARG H 676 -21.68 36.98 83.07
C ARG H 676 -20.41 37.82 83.12
N VAL H 677 -19.95 38.30 81.97
CA VAL H 677 -18.74 39.12 81.89
C VAL H 677 -18.96 40.24 80.88
N GLU H 678 -18.12 41.27 80.98
CA GLU H 678 -18.22 42.42 80.10
C GLU H 678 -16.84 43.06 79.97
N ALA H 679 -16.65 43.81 78.88
CA ALA H 679 -15.42 44.55 78.66
C ALA H 679 -15.52 45.91 79.35
N VAL H 680 -14.58 46.20 80.23
CA VAL H 680 -14.60 47.39 81.07
C VAL H 680 -13.34 48.20 80.76
N PRO H 681 -13.46 49.50 80.50
CA PRO H 681 -12.25 50.32 80.31
C PRO H 681 -11.48 50.48 81.62
N VAL H 682 -10.21 50.88 81.47
CA VAL H 682 -9.32 50.96 82.63
C VAL H 682 -9.83 51.99 83.64
N ASP H 683 -10.35 53.12 83.15
CA ASP H 683 -10.81 54.16 84.06
C ASP H 683 -12.06 53.76 84.85
N GLN H 684 -12.71 52.66 84.48
CA GLN H 684 -13.89 52.19 85.19
C GLN H 684 -13.65 50.87 85.92
N LEU H 685 -12.39 50.53 86.18
CA LEU H 685 -12.04 49.23 86.76
C LEU H 685 -12.22 49.16 88.27
N MET H 686 -12.51 50.28 88.92
CA MET H 686 -12.56 50.30 90.38
C MET H 686 -13.66 49.38 90.91
N GLY H 687 -13.28 48.45 91.78
CA GLY H 687 -14.20 47.52 92.38
C GLY H 687 -14.52 46.30 91.54
N ARG H 688 -14.01 46.22 90.31
CA ARG H 688 -14.37 45.14 89.40
C ARG H 688 -13.47 43.93 89.61
N VAL H 689 -14.02 42.75 89.32
CA VAL H 689 -13.30 41.49 89.43
C VAL H 689 -12.88 41.06 88.03
N ALA H 690 -11.58 40.85 87.84
CA ALA H 690 -11.07 40.45 86.54
C ALA H 690 -11.53 39.04 86.20
N ALA H 691 -11.99 38.85 84.97
CA ALA H 691 -12.42 37.52 84.54
C ALA H 691 -11.26 36.65 84.11
N ASN H 692 -10.17 37.26 83.65
CA ASN H 692 -8.96 36.53 83.27
C ASN H 692 -7.76 37.23 83.89
N SER H 693 -6.57 36.67 83.66
CA SER H 693 -5.35 37.21 84.23
C SER H 693 -4.83 38.41 83.44
N ILE H 694 -4.23 39.34 84.15
CA ILE H 694 -3.62 40.52 83.56
C ILE H 694 -2.11 40.38 83.74
N ILE H 695 -1.39 40.28 82.65
CA ILE H 695 0.06 40.11 82.66
C ILE H 695 0.69 41.25 81.88
N PRO H 696 1.13 42.30 82.55
CA PRO H 696 1.84 43.39 81.85
C PRO H 696 3.28 43.02 81.57
N TYR H 697 3.80 43.57 80.47
CA TYR H 697 5.21 43.43 80.11
C TYR H 697 5.82 44.81 80.04
N PRO H 698 6.70 45.21 80.97
CA PRO H 698 7.21 44.47 82.13
C PRO H 698 6.20 44.41 83.27
N PRO H 699 6.43 43.54 84.26
CA PRO H 699 7.55 42.62 84.45
C PRO H 699 7.33 41.23 83.86
N GLY H 700 6.24 41.03 83.13
CA GLY H 700 6.03 39.75 82.47
C GLY H 700 5.46 38.65 83.35
N ILE H 701 5.07 38.96 84.58
CA ILE H 701 4.42 37.99 85.46
C ILE H 701 3.06 38.58 85.83
N PRO H 702 2.07 37.75 86.16
CA PRO H 702 0.70 38.27 86.32
C PRO H 702 0.58 39.25 87.47
N MET H 703 -0.03 40.40 87.20
CA MET H 703 -0.34 41.35 88.26
C MET H 703 -1.66 41.00 88.93
N LEU H 704 -2.63 40.53 88.16
CA LEU H 704 -3.89 40.04 88.66
C LEU H 704 -4.18 38.67 88.07
N LEU H 705 -4.69 37.77 88.89
CA LEU H 705 -5.22 36.49 88.43
C LEU H 705 -6.73 36.58 88.32
N SER H 706 -7.32 35.57 87.69
CA SER H 706 -8.77 35.50 87.57
C SER H 706 -9.42 35.42 88.95
N GLY H 707 -10.46 36.22 89.15
CA GLY H 707 -11.15 36.23 90.43
C GLY H 707 -10.56 37.17 91.46
N GLU H 708 -9.71 38.10 91.04
CA GLU H 708 -9.10 39.06 91.95
C GLU H 708 -9.65 40.46 91.69
N ASN H 709 -9.87 41.21 92.76
CA ASN H 709 -10.41 42.54 92.67
C ASN H 709 -9.35 43.52 92.17
N PHE H 710 -9.78 44.50 91.37
CA PHE H 710 -8.83 45.50 90.89
C PHE H 710 -8.50 46.53 91.96
N GLY H 711 -9.41 46.79 92.88
CA GLY H 711 -9.17 47.71 93.98
C GLY H 711 -9.92 49.02 93.81
N ASP H 712 -9.74 49.89 94.81
CA ASP H 712 -10.42 51.18 94.84
C ASP H 712 -9.68 52.21 93.97
N GLU H 713 -10.02 53.49 94.17
CA GLU H 713 -9.46 54.54 93.32
C GLU H 713 -7.94 54.60 93.41
N ASN H 714 -7.39 54.41 94.61
CA ASN H 714 -5.95 54.52 94.83
C ASN H 714 -5.23 53.19 94.64
N SER H 715 -5.85 52.23 93.96
CA SER H 715 -5.22 50.92 93.80
C SER H 715 -3.99 51.04 92.91
N PRO H 716 -2.84 50.49 93.33
CA PRO H 716 -1.65 50.55 92.48
C PRO H 716 -1.79 49.79 91.17
N HIS H 717 -2.68 48.80 91.10
CA HIS H 717 -2.78 48.00 89.88
C HIS H 717 -3.43 48.78 88.74
N ILE H 718 -4.52 49.47 89.03
CA ILE H 718 -5.13 50.35 88.04
C ILE H 718 -4.17 51.47 87.67
N HIS H 719 -3.40 51.95 88.65
CA HIS H 719 -2.42 53.00 88.37
C HIS H 719 -1.35 52.50 87.41
N TYR H 720 -0.86 51.27 87.60
CA TYR H 720 0.14 50.73 86.69
C TYR H 720 -0.43 50.52 85.30
N LEU H 721 -1.66 50.03 85.20
CA LEU H 721 -2.30 49.88 83.90
C LEU H 721 -2.43 51.24 83.20
N ARG H 722 -2.80 52.27 83.96
CA ARG H 722 -2.90 53.62 83.41
C ARG H 722 -1.54 54.11 82.94
N SER H 723 -0.47 53.82 83.70
CA SER H 723 0.86 54.24 83.30
C SER H 723 1.26 53.59 81.98
N LEU H 724 1.00 52.29 81.83
CA LEU H 724 1.32 51.62 80.57
C LEU H 724 0.51 52.21 79.43
N GLN H 725 -0.78 52.50 79.66
CA GLN H 725 -1.60 53.10 78.62
C GLN H 725 -1.08 54.47 78.22
N ALA H 726 -0.66 55.27 79.19
CA ALA H 726 -0.13 56.59 78.90
C ALA H 726 1.16 56.50 78.11
N TRP H 727 2.04 55.56 78.45
CA TRP H 727 3.24 55.36 77.67
C TRP H 727 2.90 54.98 76.24
N ASP H 728 1.93 54.07 76.06
CA ASP H 728 1.55 53.68 74.70
C ASP H 728 1.03 54.87 73.92
N SER H 729 0.23 55.72 74.56
CA SER H 729 -0.30 56.89 73.88
C SER H 729 0.80 57.87 73.50
N GLU H 730 1.78 58.06 74.39
CA GLU H 730 2.82 59.05 74.14
C GLU H 730 3.84 58.60 73.09
N PHE H 731 4.10 57.30 72.98
CA PHE H 731 5.15 56.79 72.10
C PHE H 731 4.60 55.70 71.19
N PRO H 732 3.96 56.07 70.09
CA PRO H 732 3.53 55.06 69.12
C PRO H 732 4.72 54.29 68.55
N GLY H 733 4.50 53.00 68.32
CA GLY H 733 5.55 52.11 67.86
C GLY H 733 6.40 51.52 68.96
N PHE H 734 6.20 51.92 70.21
CA PHE H 734 6.92 51.41 71.37
C PHE H 734 5.94 50.95 72.43
N GLU H 735 4.83 50.37 72.00
CA GLU H 735 3.74 50.07 72.92
C GLU H 735 4.03 48.81 73.73
N HIS H 736 3.68 48.86 75.00
CA HIS H 736 3.84 47.70 75.87
C HIS H 736 2.83 46.61 75.52
N GLU H 737 3.20 45.38 75.78
CA GLU H 737 2.29 44.25 75.67
C GLU H 737 1.70 43.93 77.03
N THR H 738 0.40 43.65 77.05
CA THR H 738 -0.30 43.30 78.29
C THR H 738 -1.29 42.19 77.96
N GLU H 739 -0.94 40.96 78.33
CA GLU H 739 -1.85 39.85 78.14
C GLU H 739 -3.06 40.00 79.06
N GLY H 740 -4.23 39.67 78.53
CA GLY H 740 -5.46 39.80 79.27
C GLY H 740 -6.24 41.06 79.04
N THR H 741 -5.83 41.89 78.09
CA THR H 741 -6.51 43.13 77.77
C THR H 741 -6.84 43.18 76.29
N GLU H 742 -7.85 43.97 75.96
CA GLU H 742 -8.20 44.27 74.57
C GLU H 742 -7.93 45.75 74.33
N ILE H 743 -7.27 46.04 73.22
CA ILE H 743 -6.87 47.41 72.89
C ILE H 743 -7.75 47.87 71.73
N ILE H 744 -8.78 48.64 72.04
CA ILE H 744 -9.68 49.21 71.04
C ILE H 744 -9.38 50.69 70.94
N ASP H 745 -9.18 51.17 69.71
CA ASP H 745 -8.75 52.54 69.40
C ASP H 745 -7.67 53.01 70.35
N GLY H 746 -6.69 52.15 70.65
CA GLY H 746 -5.60 52.50 71.53
C GLY H 746 -5.95 52.55 72.99
N GLN H 747 -7.15 52.09 73.38
CA GLN H 747 -7.61 52.15 74.75
C GLN H 747 -7.74 50.73 75.30
N TYR H 748 -7.39 50.57 76.57
CA TYR H 748 -7.36 49.24 77.18
C TYR H 748 -8.74 48.83 77.67
N TYR H 749 -9.12 47.60 77.38
CA TYR H 749 -10.35 47.01 77.88
C TYR H 749 -10.03 45.71 78.59
N VAL H 750 -10.69 45.46 79.71
CA VAL H 750 -10.48 44.28 80.52
C VAL H 750 -11.82 43.57 80.72
N MET H 751 -11.84 42.26 80.50
CA MET H 751 -13.04 41.47 80.73
C MET H 751 -13.23 41.29 82.24
N CYS H 752 -14.39 41.71 82.74
CA CYS H 752 -14.66 41.69 84.18
C CYS H 752 -15.99 41.01 84.44
N VAL H 753 -16.10 40.42 85.64
CA VAL H 753 -17.33 39.77 86.04
C VAL H 753 -18.42 40.81 86.25
N LYS H 754 -19.60 40.57 85.66
CA LYS H 754 -20.73 41.44 85.89
C LYS H 754 -21.15 41.37 87.36
N THR H 755 -21.36 42.53 87.97
CA THR H 755 -21.72 42.59 89.38
C THR H 755 -23.13 42.06 89.64
N MET I 1 29.57 36.80 44.24
CA MET I 1 30.07 36.89 45.61
C MET I 1 31.52 36.42 45.68
N ARG I 2 32.40 37.31 46.15
CA ARG I 2 33.81 37.00 46.26
C ARG I 2 34.28 37.32 47.68
N ALA I 3 34.92 36.36 48.32
CA ALA I 3 35.52 36.54 49.63
C ALA I 3 37.04 36.54 49.51
N LEU I 4 37.69 37.48 50.17
CA LEU I 4 39.14 37.58 50.19
C LEU I 4 39.65 37.11 51.54
N ILE I 5 40.58 36.16 51.53
CA ILE I 5 41.16 35.61 52.74
C ILE I 5 42.63 35.99 52.76
N VAL I 6 43.04 36.74 53.78
CA VAL I 6 44.42 37.21 53.94
C VAL I 6 44.89 36.77 55.32
N TYR I 7 45.70 35.72 55.39
CA TYR I 7 46.28 35.28 56.64
C TYR I 7 47.76 34.99 56.41
N THR I 8 48.58 35.30 57.42
CA THR I 8 50.03 35.17 57.26
C THR I 8 50.59 34.00 58.07
N GLU I 9 50.48 34.04 59.40
CA GLU I 9 51.00 32.98 60.26
C GLU I 9 50.18 33.01 61.55
N LEU I 10 49.18 32.15 61.65
CA LEU I 10 48.34 32.14 62.84
C LEU I 10 48.84 31.15 63.89
N THR I 11 49.40 30.04 63.46
CA THR I 11 49.94 29.01 64.36
C THR I 11 51.44 28.87 64.15
N ASP I 12 52.11 28.38 65.21
CA ASP I 12 53.54 28.15 65.12
C ASP I 12 53.88 27.16 64.02
N LYS I 13 52.97 26.24 63.70
CA LYS I 13 53.13 25.32 62.58
C LYS I 13 52.08 25.66 61.54
N ASP I 14 52.53 25.90 60.30
CA ASP I 14 51.68 26.47 59.28
C ASP I 14 50.52 25.55 58.91
N SER I 15 50.71 24.25 59.02
CA SER I 15 49.75 23.31 58.44
C SER I 15 48.38 23.39 59.11
N VAL I 16 48.33 23.74 60.40
CA VAL I 16 47.05 23.77 61.10
C VAL I 16 46.14 24.85 60.52
N ILE I 17 46.64 26.09 60.47
CA ILE I 17 45.84 27.20 59.96
C ILE I 17 45.59 27.02 58.46
N SER I 18 46.56 26.46 57.73
CA SER I 18 46.36 26.25 56.31
C SER I 18 45.24 25.24 56.05
N HIS I 19 45.20 24.15 56.82
CA HIS I 19 44.13 23.17 56.64
C HIS I 19 42.78 23.73 57.05
N ALA I 20 42.75 24.51 58.14
CA ALA I 20 41.48 25.12 58.55
C ALA I 20 40.97 26.08 57.48
N VAL I 21 41.87 26.89 56.91
CA VAL I 21 41.48 27.84 55.88
C VAL I 21 41.04 27.10 54.62
N ALA I 22 41.71 25.98 54.30
CA ALA I 22 41.29 25.19 53.13
C ALA I 22 39.88 24.64 53.32
N ARG I 23 39.58 24.13 54.52
CA ARG I 23 38.23 23.65 54.78
C ARG I 23 37.21 24.77 54.66
N LEU I 24 37.53 25.95 55.21
CA LEU I 24 36.62 27.08 55.10
C LEU I 24 36.41 27.49 53.65
N ALA I 25 37.48 27.52 52.86
CA ALA I 25 37.37 27.89 51.46
C ALA I 25 36.52 26.89 50.69
N SER I 26 36.67 25.60 50.99
CA SER I 26 35.83 24.60 50.35
C SER I 26 34.36 24.81 50.70
N GLU I 27 34.07 25.07 51.97
CA GLU I 27 32.69 25.31 52.37
C GLU I 27 32.13 26.58 51.75
N LEU I 28 32.96 27.60 51.56
CA LEU I 28 32.50 28.82 50.92
C LEU I 28 32.24 28.60 49.43
N ASN I 29 33.08 27.81 48.77
CA ASN I 29 32.86 27.52 47.37
C ASN I 29 31.60 26.67 47.18
N ASP I 30 31.29 25.80 48.13
CA ASP I 30 30.06 25.01 48.03
C ASP I 30 28.81 25.87 48.13
N GLU I 31 28.89 27.07 48.69
CA GLU I 31 27.77 28.00 48.69
C GLU I 31 27.94 29.12 47.66
N HIS I 32 28.74 28.88 46.62
CA HIS I 32 28.91 29.78 45.49
C HIS I 32 29.50 31.12 45.89
N VAL I 33 30.40 31.12 46.86
CA VAL I 33 31.23 32.28 47.16
C VAL I 33 32.63 31.98 46.66
N GLU I 34 33.09 32.73 45.68
CA GLU I 34 34.46 32.57 45.20
C GLU I 34 35.44 33.09 46.24
N THR I 35 36.56 32.39 46.40
CA THR I 35 37.55 32.71 47.42
C THR I 35 38.91 32.98 46.78
N VAL I 36 39.55 34.05 47.23
CA VAL I 36 40.93 34.35 46.90
C VAL I 36 41.73 34.27 48.19
N ILE I 37 42.72 33.38 48.21
CA ILE I 37 43.53 33.14 49.40
C ILE I 37 44.89 33.78 49.20
N ILE I 38 45.29 34.64 50.12
CA ILE I 38 46.52 35.43 50.03
C ILE I 38 47.27 35.29 51.35
N ARG I 39 48.58 35.06 51.27
CA ARG I 39 49.39 34.79 52.45
C ARG I 39 50.20 36.00 52.93
N ASP I 40 50.08 37.15 52.28
CA ASP I 40 50.89 38.31 52.64
C ASP I 40 50.05 39.56 52.53
N PHE I 41 50.24 40.48 53.49
CA PHE I 41 49.41 41.68 53.52
C PHE I 41 49.74 42.64 52.38
N GLU I 42 50.98 42.63 51.90
CA GLU I 42 51.30 43.46 50.74
C GLU I 42 50.66 42.92 49.48
N ASP I 43 50.62 41.59 49.32
CA ASP I 43 49.91 40.99 48.21
C ASP I 43 48.42 41.28 48.30
N GLY I 44 47.85 41.21 49.51
CA GLY I 44 46.45 41.55 49.68
C GLY I 44 46.16 43.01 49.37
N LEU I 45 47.08 43.90 49.73
CA LEU I 45 46.95 45.31 49.41
C LEU I 45 46.97 45.53 47.91
N ALA I 46 47.88 44.84 47.20
CA ALA I 46 47.92 44.94 45.75
C ALA I 46 46.63 44.43 45.13
N TYR I 47 46.11 43.31 45.65
CA TYR I 47 44.85 42.78 45.15
C TYR I 47 43.71 43.77 45.37
N ILE I 48 43.66 44.40 46.55
CA ILE I 48 42.60 45.35 46.84
C ILE I 48 42.69 46.57 45.93
N ARG I 49 43.91 47.01 45.62
CA ARG I 49 44.06 48.18 44.76
C ARG I 49 43.72 47.91 43.30
N SER I 50 43.52 46.66 42.92
CA SER I 50 42.89 46.36 41.65
C SER I 50 41.38 46.45 41.80
N ASN I 51 40.72 47.08 40.83
CA ASN I 51 39.30 47.40 40.96
C ASN I 51 38.47 46.12 40.80
N THR I 52 38.64 45.23 41.77
CA THR I 52 37.90 43.97 41.85
C THR I 52 36.93 44.04 43.01
N SER I 53 35.68 43.65 42.75
CA SER I 53 34.67 43.69 43.80
C SER I 53 34.94 42.62 44.84
N ILE I 54 34.99 43.02 46.10
CA ILE I 54 35.20 42.12 47.23
C ILE I 54 33.98 42.23 48.12
N ASP I 55 33.35 41.09 48.39
CA ASP I 55 32.13 41.09 49.18
C ASP I 55 32.36 40.83 50.67
N CYS I 56 33.52 40.27 51.03
CA CYS I 56 33.82 39.99 52.42
C CYS I 56 35.33 39.82 52.56
N LEU I 57 35.88 40.33 53.65
CA LEU I 57 37.29 40.18 53.97
C LEU I 57 37.42 39.34 55.23
N LEU I 58 38.15 38.24 55.13
CA LEU I 58 38.50 37.42 56.29
C LEU I 58 40.01 37.44 56.44
N TYR I 59 40.49 37.93 57.57
CA TYR I 59 41.91 38.09 57.77
C TYR I 59 42.33 37.54 59.13
N GLY I 60 43.59 37.15 59.20
CA GLY I 60 44.22 36.80 60.46
C GLY I 60 45.69 37.13 60.39
N ARG I 61 46.27 37.45 61.55
CA ARG I 61 47.67 37.78 61.66
C ARG I 61 48.32 36.96 62.77
N ASP I 62 49.56 37.31 63.08
CA ASP I 62 50.28 36.64 64.17
C ASP I 62 49.59 36.88 65.52
N MET I 63 49.02 38.07 65.71
CA MET I 63 48.28 38.54 66.87
C MET I 63 49.22 38.92 68.02
N SER I 64 50.51 38.64 67.91
CA SER I 64 51.49 39.15 68.85
C SER I 64 52.47 40.12 68.21
N ASP I 65 52.31 40.41 66.93
CA ASP I 65 53.20 41.30 66.20
C ASP I 65 52.49 42.63 65.94
N ARG I 66 53.05 43.73 66.45
CA ARG I 66 52.44 45.03 66.19
C ARG I 66 52.60 45.47 64.75
N ASP I 67 53.67 45.04 64.07
CA ASP I 67 53.84 45.39 62.67
C ASP I 67 52.73 44.77 61.81
N GLU I 68 52.40 43.50 62.06
CA GLU I 68 51.31 42.89 61.33
C GLU I 68 49.97 43.53 61.69
N GLN I 69 49.82 44.01 62.93
CA GLN I 69 48.61 44.74 63.29
C GLN I 69 48.49 46.02 62.47
N ILE I 70 49.59 46.76 62.33
CA ILE I 70 49.57 47.97 61.52
C ILE I 70 49.26 47.64 60.06
N GLN I 71 49.87 46.57 59.56
CA GLN I 71 49.62 46.16 58.17
C GLN I 71 48.15 45.77 57.96
N ALA I 72 47.56 45.04 58.90
CA ALA I 72 46.16 44.65 58.78
C ALA I 72 45.24 45.86 58.82
N HIS I 73 45.54 46.82 59.71
CA HIS I 73 44.73 48.03 59.76
C HIS I 73 44.85 48.81 58.45
N ARG I 74 46.05 48.87 57.88
CA ARG I 74 46.24 49.51 56.59
C ARG I 74 45.44 48.81 55.50
N LEU I 75 45.43 47.48 55.50
CA LEU I 75 44.68 46.73 54.51
C LEU I 75 43.19 47.02 54.61
N ILE I 76 42.65 47.05 55.83
CA ILE I 76 41.22 47.29 55.99
C ILE I 76 40.87 48.72 55.59
N THR I 77 41.71 49.69 55.95
CA THR I 77 41.46 51.07 55.55
C THR I 77 41.49 51.22 54.02
N GLN I 78 42.46 50.57 53.37
CA GLN I 78 42.53 50.61 51.92
C GLN I 78 41.27 49.99 51.30
N LEU I 79 40.82 48.85 51.85
CA LEU I 79 39.62 48.22 51.33
C LEU I 79 38.41 49.14 51.46
N HIS I 80 38.28 49.83 52.60
CA HIS I 80 37.12 50.67 52.80
C HIS I 80 37.24 52.03 52.12
N ARG I 81 38.40 52.35 51.51
CA ARG I 81 38.48 53.57 50.72
C ARG I 81 37.43 53.59 49.61
N ARG I 82 37.34 52.52 48.82
CA ARG I 82 36.38 52.44 47.73
C ARG I 82 35.30 51.39 47.92
N GLN I 83 35.44 50.50 48.90
CA GLN I 83 34.43 49.49 49.20
C GLN I 83 34.12 49.63 50.68
N GLU I 84 33.23 50.57 51.00
CA GLU I 84 33.21 51.17 52.33
C GLU I 84 32.67 50.23 53.40
N ASP I 85 31.60 49.49 53.12
CA ASP I 85 30.92 48.73 54.16
C ASP I 85 31.11 47.23 54.00
N VAL I 86 32.19 46.81 53.36
CA VAL I 86 32.47 45.38 53.19
C VAL I 86 32.68 44.75 54.57
N PRO I 87 32.00 43.65 54.88
CA PRO I 87 32.21 43.01 56.20
C PRO I 87 33.63 42.50 56.36
N VAL I 88 34.15 42.60 57.58
CA VAL I 88 35.48 42.13 57.92
C VAL I 88 35.35 41.07 59.00
N PHE I 89 35.83 39.87 58.70
CA PHE I 89 35.89 38.77 59.66
C PHE I 89 37.32 38.61 60.14
N LEU I 90 37.49 38.49 61.46
CA LEU I 90 38.78 38.19 62.05
C LEU I 90 38.91 36.68 62.24
N LEU I 91 39.86 36.07 61.54
CA LEU I 91 40.20 34.68 61.73
C LEU I 91 41.31 34.59 62.76
N SER I 92 41.06 33.89 63.87
CA SER I 92 42.05 33.85 64.94
C SER I 92 41.77 32.69 65.86
N ASP I 93 42.81 32.25 66.54
CA ASP I 93 42.64 31.44 67.74
C ASP I 93 41.92 32.27 68.80
N ARG I 94 40.99 31.63 69.52
CA ARG I 94 40.07 32.37 70.38
C ARG I 94 40.81 33.14 71.48
N GLU I 95 41.75 32.48 72.16
CA GLU I 95 42.40 33.13 73.29
C GLU I 95 43.24 34.31 72.84
N GLU I 96 43.97 34.17 71.74
CA GLU I 96 44.78 35.27 71.23
C GLU I 96 43.92 36.47 70.87
N ALA I 97 42.78 36.24 70.22
CA ALA I 97 41.90 37.35 69.88
C ALA I 97 41.29 37.97 71.12
N LEU I 98 40.92 37.16 72.10
CA LEU I 98 40.28 37.70 73.30
C LEU I 98 41.25 38.53 74.13
N VAL I 99 42.52 38.15 74.20
CA VAL I 99 43.46 39.00 74.95
C VAL I 99 43.76 40.30 74.22
N ALA I 100 43.61 40.33 72.90
CA ALA I 100 43.82 41.55 72.12
C ALA I 100 42.54 42.36 71.93
N PHE I 101 41.43 41.94 72.52
CA PHE I 101 40.15 42.61 72.31
C PHE I 101 40.15 43.98 72.96
N ASP I 102 39.70 44.99 72.20
CA ASP I 102 39.53 46.34 72.71
C ASP I 102 38.63 47.11 71.76
N ARG I 103 38.44 48.40 72.07
CA ARG I 103 37.62 49.26 71.22
C ARG I 103 38.23 49.41 69.84
N ASN I 104 39.55 49.57 69.77
CA ASN I 104 40.22 49.77 68.49
C ASN I 104 40.07 48.55 67.59
N MET I 105 40.12 47.35 68.16
CA MET I 105 39.85 46.14 67.38
C MET I 105 38.44 46.16 66.80
N MET I 106 37.45 46.46 67.64
CA MET I 106 36.06 46.44 67.19
C MET I 106 35.74 47.57 66.21
N GLU I 107 36.58 48.60 66.16
CA GLU I 107 36.36 49.65 65.16
C GLU I 107 36.52 49.13 63.75
N GLN I 108 37.32 48.09 63.54
CA GLN I 108 37.56 47.57 62.20
C GLN I 108 37.09 46.13 61.98
N VAL I 109 36.72 45.41 63.04
CA VAL I 109 36.28 44.02 62.92
C VAL I 109 34.78 43.96 63.12
N ASP I 110 34.08 43.33 62.16
CA ASP I 110 32.64 43.14 62.28
C ASP I 110 32.27 41.83 62.95
N GLU I 111 33.01 40.76 62.67
CA GLU I 111 32.69 39.45 63.22
C GLU I 111 33.95 38.65 63.54
N PHE I 112 33.77 37.70 64.45
CA PHE I 112 34.82 36.79 64.86
C PHE I 112 34.60 35.43 64.22
N ALA I 113 35.69 34.80 63.78
CA ALA I 113 35.65 33.44 63.24
C ALA I 113 36.74 32.64 63.93
N TRP I 114 36.35 31.85 64.92
CA TRP I 114 37.31 30.98 65.62
C TRP I 114 37.63 29.81 64.71
N ILE I 115 38.56 30.04 63.79
CA ILE I 115 38.82 29.12 62.69
C ILE I 115 39.30 27.75 63.17
N LEU I 116 39.93 27.67 64.34
CA LEU I 116 40.52 26.43 64.81
C LEU I 116 39.60 25.60 65.71
N GLU I 117 38.45 26.11 66.11
CA GLU I 117 37.55 25.37 66.97
C GLU I 117 36.09 25.44 66.51
N ASP I 118 35.84 25.94 65.30
CA ASP I 118 34.49 26.07 64.78
C ASP I 118 34.38 25.32 63.46
N SER I 119 33.19 24.82 63.20
CA SER I 119 32.93 24.16 61.92
C SER I 119 33.01 25.17 60.79
N ALA I 120 33.61 24.76 59.68
CA ALA I 120 33.69 25.63 58.52
C ALA I 120 32.31 25.96 57.97
N ASP I 121 31.34 25.06 58.17
CA ASP I 121 29.98 25.32 57.67
C ASP I 121 29.33 26.49 58.40
N PHE I 122 29.50 26.56 59.72
CA PHE I 122 28.92 27.67 60.48
C PHE I 122 29.52 29.01 60.05
N ILE I 123 30.85 29.05 59.92
CA ILE I 123 31.50 30.28 59.51
C ILE I 123 31.09 30.65 58.09
N ALA I 124 30.99 29.66 57.20
CA ALA I 124 30.58 29.94 55.83
C ALA I 124 29.16 30.50 55.79
N GLY I 125 28.25 29.95 56.59
CA GLY I 125 26.91 30.49 56.65
C GLY I 125 26.87 31.92 57.14
N ARG I 126 27.65 32.22 58.19
CA ARG I 126 27.69 33.59 58.68
C ARG I 126 28.29 34.54 57.64
N VAL I 127 29.31 34.08 56.92
CA VAL I 127 29.91 34.90 55.86
C VAL I 127 28.89 35.18 54.77
N LEU I 128 28.13 34.16 54.37
CA LEU I 128 27.11 34.37 53.34
C LEU I 128 26.04 35.34 53.80
N ALA I 129 25.61 35.24 55.06
CA ALA I 129 24.63 36.19 55.58
C ALA I 129 25.18 37.61 55.56
N ALA I 130 26.45 37.78 55.96
CA ALA I 130 27.06 39.11 55.94
C ALA I 130 27.16 39.65 54.52
N ILE I 131 27.53 38.80 53.57
CA ILE I 131 27.64 39.22 52.17
C ILE I 131 26.28 39.67 51.64
N GLN I 132 25.23 38.92 51.96
CA GLN I 132 23.89 39.30 51.50
C GLN I 132 23.46 40.62 52.12
N ARG I 133 23.73 40.81 53.41
CA ARG I 133 23.42 42.08 54.05
C ARG I 133 24.15 43.23 53.37
N TYR I 134 25.43 43.03 53.05
CA TYR I 134 26.20 44.08 52.38
C TYR I 134 25.65 44.38 50.99
N ARG I 135 25.33 43.34 50.23
CA ARG I 135 24.84 43.54 48.87
C ARG I 135 23.48 44.23 48.84
N SER I 136 22.66 44.00 49.87
CA SER I 136 21.32 44.57 49.86
C SER I 136 21.32 46.09 50.08
N GLN I 137 22.41 46.65 50.59
CA GLN I 137 22.49 48.09 50.82
C GLN I 137 23.38 48.81 49.82
N LEU I 138 23.86 48.10 48.81
CA LEU I 138 24.90 48.66 47.94
C LEU I 138 24.37 49.68 46.94
N LEU I 139 23.16 49.48 46.42
CA LEU I 139 22.83 50.38 45.32
C LEU I 139 22.05 51.60 45.81
N PRO I 140 22.20 52.72 45.11
CA PRO I 140 21.38 53.91 45.41
C PRO I 140 19.93 53.68 45.01
N PRO I 141 19.01 54.50 45.51
CA PRO I 141 17.57 54.11 45.44
C PRO I 141 17.02 54.01 44.03
N LEU I 142 17.24 55.02 43.19
CA LEU I 142 16.66 55.00 41.85
C LEU I 142 17.19 53.84 41.04
N MET I 143 18.50 53.60 41.09
CA MET I 143 19.10 52.51 40.34
C MET I 143 18.56 51.17 40.81
N LYS I 144 18.42 51.02 42.13
CA LYS I 144 17.88 49.79 42.69
C LYS I 144 16.45 49.54 42.22
N SER I 145 15.60 50.57 42.26
CA SER I 145 14.22 50.38 41.84
C SER I 145 14.12 50.11 40.34
N LEU I 146 14.96 50.76 39.54
CA LEU I 146 14.97 50.50 38.10
C LEU I 146 15.39 49.06 37.81
N ILE I 147 16.43 48.58 38.48
CA ILE I 147 16.87 47.21 38.27
C ILE I 147 15.77 46.24 38.69
N LYS I 148 15.11 46.51 39.82
CA LYS I 148 14.04 45.63 40.28
C LYS I 148 12.89 45.60 39.29
N TYR I 149 12.53 46.75 38.71
CA TYR I 149 11.42 46.77 37.77
C TYR I 149 11.79 46.17 36.42
N SER I 150 13.08 46.19 36.06
CA SER I 150 13.51 45.74 34.75
C SER I 150 13.15 44.29 34.45
N ASP I 151 12.91 43.45 35.47
CA ASP I 151 12.54 42.07 35.21
C ASP I 151 11.13 41.93 34.62
N VAL I 152 10.29 42.95 34.76
CA VAL I 152 8.95 42.90 34.18
C VAL I 152 9.05 42.93 32.66
N HIS I 153 8.34 42.02 31.99
CA HIS I 153 8.38 41.95 30.54
C HIS I 153 7.01 42.02 29.88
N GLU I 154 5.96 42.28 30.63
CA GLU I 154 4.62 42.26 30.08
C GLU I 154 4.37 43.49 29.21
N TYR I 155 3.59 43.29 28.16
CA TYR I 155 3.18 44.38 27.28
C TYR I 155 2.24 45.30 28.03
N SER I 156 2.76 46.46 28.44
CA SER I 156 1.87 47.55 28.81
C SER I 156 1.19 48.09 27.57
N TRP I 157 0.01 48.66 27.76
CA TRP I 157 -0.77 49.19 26.65
C TRP I 157 -0.60 50.69 26.53
N ALA I 158 0.61 51.17 26.79
CA ALA I 158 0.93 52.59 26.78
C ALA I 158 2.32 52.80 26.19
N ALA I 159 2.69 54.07 26.02
CA ALA I 159 3.99 54.42 25.49
C ALA I 159 5.08 54.16 26.54
N PRO I 160 6.35 54.00 26.12
CA PRO I 160 6.90 54.06 24.75
C PRO I 160 6.50 52.88 23.88
N GLY I 161 6.43 53.12 22.57
CA GLY I 161 5.93 52.13 21.64
C GLY I 161 6.82 50.91 21.48
N HIS I 162 8.14 51.05 21.70
CA HIS I 162 9.02 49.91 21.49
C HIS I 162 8.82 48.83 22.53
N GLN I 163 8.20 49.14 23.67
CA GLN I 163 7.77 48.15 24.67
C GLN I 163 8.94 47.30 25.16
N GLY I 164 9.89 47.96 25.79
CA GLY I 164 11.05 47.27 26.32
C GLY I 164 11.98 46.72 25.26
N GLY I 165 12.02 47.33 24.08
CA GLY I 165 12.90 46.92 23.02
C GLY I 165 12.34 45.88 22.07
N VAL I 166 11.13 45.37 22.33
CA VAL I 166 10.54 44.36 21.45
C VAL I 166 10.33 44.93 20.06
N GLY I 167 9.93 46.20 19.97
CA GLY I 167 9.65 46.80 18.67
C GLY I 167 10.85 46.82 17.74
N PHE I 168 12.05 46.99 18.30
CA PHE I 168 13.25 47.01 17.46
C PHE I 168 13.51 45.67 16.80
N THR I 169 13.16 44.57 17.45
CA THR I 169 13.51 43.26 16.92
C THR I 169 12.49 42.76 15.90
N LYS I 170 12.16 43.60 14.92
CA LYS I 170 11.24 43.22 13.86
C LYS I 170 11.79 43.46 12.47
N THR I 171 12.85 44.25 12.32
CA THR I 171 13.63 44.36 11.10
C THR I 171 15.06 43.93 11.39
N PRO I 172 15.81 43.50 10.38
CA PRO I 172 17.21 43.12 10.64
C PRO I 172 18.07 44.26 11.18
N ALA I 173 17.91 45.48 10.66
CA ALA I 173 18.67 46.60 11.20
C ALA I 173 18.28 46.89 12.63
N GLY I 174 16.99 46.84 12.93
CA GLY I 174 16.55 46.97 14.30
C GLY I 174 17.11 45.91 15.21
N ARG I 175 17.24 44.68 14.72
CA ARG I 175 17.82 43.61 15.53
C ARG I 175 19.31 43.85 15.80
N ILE I 176 20.03 44.34 14.79
CA ILE I 176 21.44 44.69 15.00
C ILE I 176 21.57 45.80 16.04
N TYR I 177 20.73 46.83 15.92
CA TYR I 177 20.75 47.93 16.86
C TYR I 177 20.41 47.47 18.28
N HIS I 178 19.40 46.62 18.41
CA HIS I 178 18.99 46.10 19.70
C HIS I 178 20.06 45.25 20.34
N ASP I 179 20.74 44.41 19.55
CA ASP I 179 21.82 43.60 20.10
C ASP I 179 23.01 44.46 20.48
N PHE I 180 23.29 45.51 19.72
CA PHE I 180 24.40 46.40 20.05
C PHE I 180 24.17 47.10 21.38
N PHE I 181 22.99 47.71 21.55
CA PHE I 181 22.78 48.49 22.77
C PHE I 181 22.36 47.65 23.97
N GLY I 182 21.89 46.43 23.75
CA GLY I 182 21.54 45.55 24.85
C GLY I 182 20.12 45.74 25.34
N GLU I 183 19.60 44.70 25.99
CA GLU I 183 18.19 44.66 26.36
C GLU I 183 17.88 45.58 27.54
N ASN I 184 18.78 45.68 28.51
CA ASN I 184 18.47 46.37 29.76
C ASN I 184 18.26 47.86 29.53
N LEU I 185 18.94 48.46 28.56
CA LEU I 185 18.70 49.88 28.27
C LEU I 185 17.25 50.12 27.85
N PHE I 186 16.72 49.26 27.00
CA PHE I 186 15.34 49.44 26.55
C PHE I 186 14.34 49.02 27.61
N ARG I 187 14.70 48.09 28.48
CA ARG I 187 13.74 47.69 29.50
C ARG I 187 13.63 48.70 30.64
N THR I 188 14.56 49.64 30.76
CA THR I 188 14.43 50.73 31.72
C THR I 188 13.71 51.93 31.15
N ASP I 189 13.51 51.99 29.83
CA ASP I 189 12.78 53.08 29.19
C ASP I 189 11.30 52.77 29.34
N ILE I 190 10.74 53.12 30.49
CA ILE I 190 9.42 52.62 30.90
C ILE I 190 8.34 53.69 30.91
N GLY I 191 8.69 54.95 30.74
CA GLY I 191 7.69 56.00 30.84
C GLY I 191 7.51 56.47 32.27
N ILE I 192 6.73 57.54 32.41
CA ILE I 192 6.54 58.19 33.69
C ILE I 192 5.27 57.74 34.39
N GLU I 193 4.66 56.64 33.94
CA GLU I 193 3.37 56.19 34.45
C GLU I 193 3.47 54.88 35.22
N ARG I 194 4.66 54.51 35.66
CA ARG I 194 4.85 53.29 36.45
C ARG I 194 5.09 53.70 37.89
N VAL I 195 4.07 53.54 38.74
CA VAL I 195 4.13 54.02 40.12
C VAL I 195 5.11 53.25 40.98
N ALA I 196 5.57 52.08 40.54
CA ALA I 196 6.58 51.35 41.30
C ALA I 196 7.86 52.16 41.42
N VAL I 197 8.22 52.88 40.36
CA VAL I 197 9.44 53.69 40.36
C VAL I 197 9.16 55.13 40.75
N GLY I 198 8.07 55.70 40.27
CA GLY I 198 7.77 57.10 40.48
C GLY I 198 7.92 57.89 39.19
N SER I 199 7.88 59.21 39.33
CA SER I 199 8.01 60.10 38.19
C SER I 199 9.04 61.18 38.50
N LEU I 200 9.87 61.49 37.51
CA LEU I 200 10.91 62.49 37.69
C LEU I 200 10.34 63.89 37.84
N LEU I 201 9.37 64.25 36.99
CA LEU I 201 8.85 65.61 37.01
C LEU I 201 8.03 65.90 38.26
N ASP I 202 7.42 64.87 38.86
CA ASP I 202 6.70 65.04 40.10
C ASP I 202 7.59 64.89 41.33
N HIS I 203 8.85 64.47 41.15
CA HIS I 203 9.79 64.25 42.24
C HIS I 203 9.22 63.30 43.29
N THR I 204 8.58 62.24 42.83
CA THR I 204 7.96 61.26 43.73
C THR I 204 8.66 59.92 43.60
N GLY I 205 8.47 59.10 44.64
CA GLY I 205 9.02 57.75 44.64
C GLY I 205 10.54 57.75 44.67
N ALA I 206 11.11 56.82 43.92
CA ALA I 206 12.56 56.69 43.87
C ALA I 206 13.24 57.95 43.35
N PHE I 207 12.56 58.74 42.53
CA PHE I 207 13.14 60.00 42.06
C PHE I 207 13.25 61.01 43.20
N GLY I 208 12.22 61.10 44.04
CA GLY I 208 12.32 61.94 45.23
C GLY I 208 13.41 61.47 46.16
N GLU I 209 13.51 60.15 46.37
CA GLU I 209 14.58 59.60 47.18
C GLU I 209 15.95 59.96 46.63
N CYS I 210 16.13 59.81 45.32
CA CYS I 210 17.42 60.09 44.69
C CYS I 210 17.77 61.57 44.80
N GLU I 211 16.79 62.45 44.62
CA GLU I 211 17.08 63.88 44.73
C GLU I 211 17.43 64.26 46.17
N LYS I 212 16.75 63.68 47.16
CA LYS I 212 17.12 63.94 48.55
C LYS I 212 18.52 63.43 48.85
N ASN I 213 18.85 62.24 48.34
CA ASN I 213 20.18 61.68 48.52
C ASN I 213 21.24 62.57 47.88
N ALA I 214 20.98 63.08 46.68
CA ALA I 214 21.93 63.95 46.01
C ALA I 214 22.08 65.28 46.76
N ALA I 215 20.99 65.82 47.28
CA ALA I 215 21.09 67.06 48.05
C ALA I 215 21.93 66.85 49.29
N ARG I 216 21.77 65.70 49.96
CA ARG I 216 22.63 65.40 51.10
C ARG I 216 24.09 65.27 50.69
N ILE I 217 24.36 64.54 49.60
CA ILE I 217 25.74 64.27 49.21
C ILE I 217 26.45 65.55 48.78
N PHE I 218 25.76 66.42 48.05
CA PHE I 218 26.38 67.63 47.53
C PHE I 218 26.18 68.83 48.45
N GLY I 219 25.60 68.65 49.62
CA GLY I 219 25.46 69.73 50.57
C GLY I 219 24.52 70.84 50.17
N ALA I 220 23.40 70.51 49.56
CA ALA I 220 22.39 71.50 49.18
C ALA I 220 21.12 71.30 50.00
N ASP I 221 20.31 72.35 50.07
CA ASP I 221 18.99 72.22 50.66
C ASP I 221 18.07 71.39 49.77
N GLN I 222 18.06 71.69 48.47
CA GLN I 222 17.26 70.94 47.51
C GLN I 222 18.09 70.67 46.28
N SER I 223 17.86 69.52 45.65
CA SER I 223 18.52 69.16 44.42
C SER I 223 17.49 68.73 43.38
N TYR I 224 17.77 69.06 42.13
CA TYR I 224 16.93 68.69 41.01
C TYR I 224 17.77 67.98 39.97
N SER I 225 17.30 66.80 39.56
CA SER I 225 17.93 66.07 38.48
C SER I 225 17.40 66.57 37.14
N VAL I 226 18.30 66.79 36.19
CA VAL I 226 17.98 67.40 34.91
C VAL I 226 18.47 66.47 33.80
N VAL I 227 17.67 66.30 32.75
CA VAL I 227 18.01 65.45 31.64
C VAL I 227 18.27 66.25 30.37
N VAL I 228 18.41 67.56 30.48
CA VAL I 228 18.74 68.43 29.36
C VAL I 228 20.08 69.12 29.57
N GLY I 229 20.91 68.56 30.43
CA GLY I 229 22.23 69.09 30.67
C GLY I 229 22.24 70.37 31.47
N THR I 230 23.44 70.91 31.64
CA THR I 230 23.60 72.18 32.32
C THR I 230 23.04 73.34 31.51
N SER I 231 22.94 73.20 30.19
CA SER I 231 22.21 74.19 29.41
C SER I 231 20.78 74.32 29.91
N GLY I 232 20.08 73.18 30.04
CA GLY I 232 18.74 73.21 30.58
C GLY I 232 18.69 73.70 32.02
N SER I 233 19.65 73.27 32.85
CA SER I 233 19.67 73.71 34.25
C SER I 233 19.84 75.22 34.36
N ASN I 234 20.77 75.79 33.58
CA ASN I 234 20.97 77.23 33.58
C ASN I 234 19.70 77.94 33.11
N ARG I 235 19.06 77.42 32.08
CA ARG I 235 17.83 78.02 31.60
C ARG I 235 16.75 78.05 32.67
N THR I 236 16.55 76.93 33.39
CA THR I 236 15.48 76.94 34.38
C THR I 236 15.82 77.85 35.56
N ILE I 237 17.08 77.87 35.98
CA ILE I 237 17.44 78.78 37.08
C ILE I 237 17.20 80.23 36.68
N MET I 238 17.64 80.60 35.48
CA MET I 238 17.47 81.98 35.03
C MET I 238 16.00 82.32 34.84
N GLN I 239 15.20 81.37 34.37
CA GLN I 239 13.77 81.60 34.22
C GLN I 239 13.09 81.77 35.57
N ALA I 240 13.52 81.03 36.58
CA ALA I 240 12.94 81.19 37.91
C ALA I 240 13.40 82.48 38.59
N CYS I 241 14.52 83.05 38.18
CA CYS I 241 15.08 84.17 38.94
C CYS I 241 14.70 85.55 38.40
N MET I 242 14.76 85.78 37.09
CA MET I 242 14.65 87.13 36.57
C MET I 242 13.45 87.28 35.64
N THR I 243 13.18 88.53 35.32
CA THR I 243 12.07 88.94 34.47
C THR I 243 12.55 90.10 33.60
N ASP I 244 11.77 90.44 32.57
CA ASP I 244 12.21 91.48 31.65
C ASP I 244 12.31 92.85 32.31
N ASP I 245 11.75 93.03 33.50
CA ASP I 245 11.88 94.26 34.27
C ASP I 245 13.02 94.20 35.28
N ASP I 246 14.04 93.40 35.02
CA ASP I 246 15.10 93.15 35.99
C ASP I 246 16.47 93.46 35.37
N VAL I 247 17.41 93.82 36.25
CA VAL I 247 18.81 93.98 35.88
C VAL I 247 19.60 92.84 36.52
N VAL I 248 20.52 92.26 35.76
CA VAL I 248 21.28 91.11 36.23
C VAL I 248 22.76 91.34 36.00
N VAL I 249 23.58 90.69 36.83
CA VAL I 249 25.03 90.84 36.81
C VAL I 249 25.61 89.55 36.25
N ILE I 250 26.23 89.63 35.07
CA ILE I 250 26.64 88.46 34.32
C ILE I 250 28.16 88.42 34.23
N ASP I 251 28.74 87.30 34.63
CA ASP I 251 30.13 87.01 34.31
C ASP I 251 30.31 87.02 32.80
N ARG I 252 31.24 87.85 32.31
CA ARG I 252 31.50 87.87 30.88
C ARG I 252 32.04 86.53 30.39
N ASN I 253 32.70 85.77 31.26
CA ASN I 253 33.05 84.39 30.99
C ASN I 253 31.83 83.53 31.28
N CYS I 254 30.87 83.57 30.36
CA CYS I 254 29.62 82.85 30.52
C CYS I 254 29.42 81.87 29.38
N HIS I 255 28.82 80.73 29.70
CA HIS I 255 28.41 79.77 28.69
C HIS I 255 27.27 80.35 27.85
N LYS I 256 27.12 79.83 26.64
CA LYS I 256 26.07 80.32 25.76
C LYS I 256 24.67 80.05 26.29
N SER I 257 24.52 79.08 27.20
CA SER I 257 23.23 78.87 27.83
C SER I 257 22.83 80.06 28.71
N ILE I 258 23.82 80.79 29.24
CA ILE I 258 23.50 82.00 30.00
C ILE I 258 22.90 83.06 29.09
N GLU I 259 23.48 83.26 27.91
CA GLU I 259 22.87 84.19 26.97
C GLU I 259 21.52 83.71 26.48
N GLN I 260 21.33 82.39 26.35
CA GLN I 260 20.02 81.86 26.01
C GLN I 260 19.01 82.18 27.10
N GLY I 261 19.41 82.06 28.36
CA GLY I 261 18.53 82.46 29.44
C GLY I 261 18.21 83.94 29.41
N LEU I 262 19.19 84.77 29.06
CA LEU I 262 18.94 86.19 28.92
C LEU I 262 17.91 86.46 27.82
N ILE I 263 18.03 85.76 26.70
CA ILE I 263 17.06 85.90 25.61
C ILE I 263 15.67 85.48 26.07
N LEU I 264 15.59 84.36 26.78
CA LEU I 264 14.30 83.81 27.18
C LEU I 264 13.64 84.59 28.31
N THR I 265 14.41 85.33 29.11
CA THR I 265 13.82 86.11 30.19
C THR I 265 13.65 87.58 29.86
N GLY I 266 14.44 88.12 28.95
CA GLY I 266 14.37 89.52 28.63
C GLY I 266 15.02 90.45 29.62
N ALA I 267 15.84 89.93 30.53
CA ALA I 267 16.49 90.77 31.53
C ALA I 267 17.58 91.63 30.90
N LYS I 268 17.94 92.69 31.60
CA LYS I 268 18.96 93.62 31.13
C LYS I 268 20.29 93.32 31.80
N PRO I 269 21.30 92.89 31.08
CA PRO I 269 22.55 92.43 31.72
C PRO I 269 23.58 93.52 31.90
N VAL I 270 24.30 93.40 33.01
CA VAL I 270 25.51 94.16 33.30
C VAL I 270 26.63 93.15 33.51
N TYR I 271 27.82 93.48 33.04
CA TYR I 271 28.89 92.49 32.90
C TYR I 271 30.07 92.80 33.80
N MET I 272 30.61 91.76 34.44
CA MET I 272 31.90 91.82 35.10
C MET I 272 32.96 91.22 34.19
N ILE I 273 34.01 91.97 33.93
CA ILE I 273 35.02 91.60 32.94
C ILE I 273 36.11 90.79 33.63
N PRO I 274 36.39 89.57 33.19
CA PRO I 274 37.49 88.80 33.78
C PRO I 274 38.85 89.28 33.28
N SER I 275 39.89 88.82 33.98
CA SER I 275 41.26 89.18 33.65
C SER I 275 41.83 88.20 32.63
N ARG I 276 42.95 88.62 32.02
CA ARG I 276 43.64 87.82 31.01
C ARG I 276 45.13 87.85 31.31
N ASN I 277 45.84 86.83 30.83
CA ASN I 277 47.29 86.77 30.96
C ASN I 277 47.93 86.76 29.57
N ARG I 278 49.26 86.71 29.55
CA ARG I 278 50.02 86.83 28.31
C ARG I 278 49.80 85.65 27.37
N TYR I 279 49.34 84.52 27.87
CA TYR I 279 49.09 83.36 27.03
C TYR I 279 47.69 83.36 26.43
N GLY I 280 46.89 84.39 26.70
CA GLY I 280 45.51 84.40 26.24
C GLY I 280 44.57 83.60 27.10
N ILE I 281 45.01 83.15 28.27
CA ILE I 281 44.16 82.41 29.18
C ILE I 281 43.27 83.39 29.94
N ILE I 282 41.96 83.17 29.88
CA ILE I 282 41.03 83.99 30.65
C ILE I 282 41.16 83.66 32.13
N GLY I 283 41.28 84.69 32.95
CA GLY I 283 41.45 84.51 34.37
C GLY I 283 40.21 84.89 35.15
N PRO I 284 40.36 85.01 36.46
CA PRO I 284 39.22 85.34 37.31
C PRO I 284 38.81 86.80 37.21
N ILE I 285 37.55 87.04 37.55
CA ILE I 285 37.09 88.41 37.80
C ILE I 285 37.73 88.90 39.08
N TYR I 286 38.30 90.10 39.03
CA TYR I 286 38.94 90.65 40.21
C TYR I 286 37.90 91.19 41.18
N PRO I 287 38.24 91.24 42.47
CA PRO I 287 37.28 91.76 43.47
C PRO I 287 36.83 93.18 43.18
N LYS I 288 37.63 93.98 42.47
CA LYS I 288 37.24 95.35 42.16
C LYS I 288 36.03 95.43 41.24
N GLU I 289 35.64 94.33 40.61
CA GLU I 289 34.46 94.30 39.75
C GLU I 289 33.20 93.83 40.45
N MET I 290 33.32 93.25 41.65
CA MET I 290 32.17 92.73 42.39
C MET I 290 31.73 93.62 43.53
N THR I 291 32.46 94.70 43.82
CA THR I 291 32.09 95.54 44.94
C THR I 291 30.76 96.23 44.65
N PRO I 292 29.98 96.54 45.69
CA PRO I 292 28.69 97.22 45.47
C PRO I 292 28.83 98.52 44.70
N ASP I 293 29.89 99.28 44.92
CA ASP I 293 30.10 100.50 44.16
C ASP I 293 30.38 100.21 42.69
N ALA I 294 31.15 99.16 42.42
CA ALA I 294 31.41 98.80 41.03
C ALA I 294 30.13 98.39 40.31
N ILE I 295 29.27 97.62 40.99
CA ILE I 295 28.02 97.19 40.37
C ILE I 295 27.09 98.37 40.17
N LYS I 296 27.02 99.28 41.13
CA LYS I 296 26.20 100.48 40.96
C LYS I 296 26.72 101.33 39.79
N PHE I 297 28.04 101.46 39.67
CA PHE I 297 28.61 102.20 38.56
C PHE I 297 28.28 101.55 37.23
N LYS I 298 28.38 100.22 37.15
CA LYS I 298 28.04 99.52 35.93
C LYS I 298 26.57 99.72 35.57
N ILE I 299 25.69 99.64 36.56
CA ILE I 299 24.26 99.84 36.29
C ILE I 299 24.00 101.27 35.81
N ALA I 300 24.63 102.25 36.44
CA ALA I 300 24.43 103.64 36.06
C ALA I 300 25.02 103.97 34.69
N ALA I 301 26.03 103.23 34.26
CA ALA I 301 26.65 103.50 32.97
C ALA I 301 26.03 102.75 31.81
N ASN I 302 25.26 101.71 32.06
CA ASN I 302 24.69 100.91 30.99
C ASN I 302 23.57 101.67 30.29
N PRO I 303 23.54 101.70 28.96
CA PRO I 303 22.47 102.43 28.26
C PRO I 303 21.08 101.90 28.56
N LEU I 304 20.93 100.60 28.80
CA LEU I 304 19.62 100.02 29.03
C LEU I 304 19.19 100.05 30.49
N THR I 305 20.14 99.99 31.42
CA THR I 305 19.81 99.87 32.84
C THR I 305 19.93 101.19 33.59
N LYS I 306 20.25 102.29 32.91
CA LYS I 306 20.47 103.54 33.63
C LYS I 306 19.18 104.13 34.20
N GLY I 307 18.02 103.57 33.86
CA GLY I 307 16.78 103.97 34.50
C GLY I 307 16.37 103.03 35.60
N LYS I 308 17.31 102.20 36.07
CA LYS I 308 17.04 101.21 37.10
C LYS I 308 18.08 101.25 38.22
N VAL I 309 18.75 102.40 38.37
CA VAL I 309 19.85 102.52 39.32
C VAL I 309 19.41 102.35 40.77
N LYS I 310 18.12 102.47 41.05
CA LYS I 310 17.57 102.28 42.38
C LYS I 310 17.06 100.86 42.59
N GLN I 311 17.17 99.99 41.60
CA GLN I 311 16.59 98.65 41.65
C GLN I 311 17.68 97.66 42.02
N LYS I 312 17.37 96.78 42.96
CA LYS I 312 18.30 95.74 43.37
C LYS I 312 18.40 94.68 42.27
N PRO I 313 19.61 94.30 41.86
CA PRO I 313 19.73 93.26 40.83
C PRO I 313 19.16 91.94 41.31
N ALA I 314 18.50 91.23 40.39
CA ALA I 314 17.76 90.04 40.74
C ALA I 314 18.58 88.75 40.68
N TYR I 315 19.77 88.80 40.07
CA TYR I 315 20.49 87.56 39.79
C TYR I 315 21.92 87.90 39.38
N SER I 316 22.84 87.04 39.77
CA SER I 316 24.22 87.11 39.31
C SER I 316 24.71 85.70 39.03
N VAL I 317 25.60 85.57 38.06
CA VAL I 317 26.18 84.28 37.70
C VAL I 317 27.69 84.44 37.60
N VAL I 318 28.41 83.49 38.19
CA VAL I 318 29.87 83.42 38.08
C VAL I 318 30.23 82.01 37.68
N THR I 319 31.07 81.88 36.66
CA THR I 319 31.56 80.57 36.24
C THR I 319 32.74 80.19 37.11
N ASN I 320 32.64 79.05 37.80
CA ASN I 320 33.68 78.60 38.71
C ASN I 320 33.63 77.09 38.77
N CYS I 321 34.72 76.42 38.37
CA CYS I 321 35.93 77.06 37.91
C CYS I 321 35.84 77.44 36.43
N THR I 322 36.84 78.18 35.95
CA THR I 322 36.88 78.59 34.55
C THR I 322 37.31 77.42 33.68
N TYR I 323 37.32 77.65 32.36
CA TYR I 323 37.67 76.59 31.42
C TYR I 323 39.11 76.13 31.58
N ASP I 324 40.00 77.00 32.04
CA ASP I 324 41.41 76.66 32.21
C ASP I 324 41.76 76.32 33.64
N GLY I 325 40.77 76.04 34.47
CA GLY I 325 41.03 75.54 35.81
C GLY I 325 41.34 76.59 36.85
N VAL I 326 40.89 77.83 36.67
CA VAL I 326 41.05 78.87 37.68
C VAL I 326 39.83 78.84 38.57
N CYS I 327 40.03 78.57 39.86
CA CYS I 327 38.96 78.44 40.84
C CYS I 327 38.92 79.66 41.74
N TYR I 328 37.75 80.29 41.83
CA TYR I 328 37.56 81.40 42.75
C TYR I 328 37.50 80.92 44.19
N ASN I 329 37.92 81.79 45.10
CA ASN I 329 37.56 81.62 46.51
C ASN I 329 36.08 81.98 46.63
N ALA I 330 35.23 80.96 46.64
CA ALA I 330 33.78 81.20 46.55
C ALA I 330 33.25 81.87 47.81
N ARG I 331 33.87 81.62 48.96
CA ARG I 331 33.47 82.31 50.18
C ARG I 331 33.65 83.82 50.03
N LYS I 332 34.79 84.24 49.49
CA LYS I 332 35.05 85.67 49.30
C LYS I 332 34.14 86.26 48.24
N VAL I 333 33.90 85.53 47.15
CA VAL I 333 33.00 86.00 46.11
C VAL I 333 31.60 86.19 46.68
N GLN I 334 31.13 85.23 47.47
CA GLN I 334 29.80 85.34 48.08
C GLN I 334 29.73 86.52 49.04
N ASP I 335 30.77 86.73 49.84
CA ASP I 335 30.78 87.88 50.72
C ASP I 335 30.76 89.20 49.95
N LEU I 336 31.48 89.26 48.83
CA LEU I 336 31.48 90.48 48.02
C LEU I 336 30.11 90.74 47.40
N LEU I 337 29.52 89.72 46.78
CA LEU I 337 28.25 89.89 46.09
C LEU I 337 27.06 89.98 47.04
N ASP I 338 27.22 89.57 48.30
CA ASP I 338 26.14 89.70 49.28
C ASP I 338 25.75 91.16 49.52
N GLY I 339 26.65 92.10 49.26
CA GLY I 339 26.31 93.49 49.44
C GLY I 339 25.46 94.08 48.35
N SER I 340 25.16 93.33 47.29
CA SER I 340 24.38 93.84 46.18
C SER I 340 23.26 92.93 45.71
N LEU I 341 23.29 91.64 46.01
CA LEU I 341 22.39 90.68 45.41
C LEU I 341 21.87 89.72 46.47
N ASP I 342 20.72 89.11 46.19
CA ASP I 342 20.17 88.05 47.02
C ASP I 342 20.29 86.68 46.36
N ARG I 343 20.58 86.60 45.07
CA ARG I 343 20.70 85.33 44.35
C ARG I 343 22.04 85.29 43.65
N ILE I 344 22.86 84.30 43.97
CA ILE I 344 24.12 84.06 43.28
C ILE I 344 24.08 82.67 42.68
N HIS I 345 24.35 82.58 41.40
CA HIS I 345 24.41 81.33 40.68
C HIS I 345 25.85 81.03 40.32
N PHE I 346 26.37 79.91 40.83
CA PHE I 346 27.69 79.42 40.48
C PHE I 346 27.54 78.33 39.42
N ASP I 347 27.96 78.63 38.20
CA ASP I 347 27.93 77.64 37.12
C ASP I 347 29.17 76.77 37.25
N GLU I 348 29.06 75.71 38.04
CA GLU I 348 30.15 74.76 38.25
C GLU I 348 30.03 73.55 37.34
N ALA I 349 29.86 73.78 36.04
CA ALA I 349 29.66 72.67 35.12
C ALA I 349 30.88 71.75 35.08
N TRP I 350 32.07 72.33 35.08
CA TRP I 350 33.31 71.57 35.09
C TRP I 350 33.80 71.26 36.48
N TYR I 351 33.05 71.65 37.51
CA TYR I 351 33.54 71.67 38.89
C TYR I 351 32.50 70.97 39.77
N GLY I 352 32.49 69.66 39.74
CA GLY I 352 31.45 68.92 40.45
C GLY I 352 32.02 68.10 41.57
N TYR I 353 33.30 67.78 41.44
CA TYR I 353 34.08 67.01 42.40
C TYR I 353 34.62 67.85 43.54
N ALA I 354 34.50 69.17 43.47
CA ALA I 354 35.27 70.06 44.35
C ALA I 354 34.93 69.85 45.81
N ARG I 355 33.67 69.52 46.12
CA ARG I 355 33.26 69.31 47.49
C ARG I 355 33.97 68.13 48.15
N PHE I 356 34.49 67.19 47.37
CA PHE I 356 34.91 65.90 47.89
C PHE I 356 36.41 65.75 48.02
N ASN I 357 37.17 66.85 47.90
CA ASN I 357 38.59 66.82 48.20
C ASN I 357 38.96 68.08 48.99
N PRO I 358 39.66 67.94 50.10
CA PRO I 358 40.01 69.12 50.92
C PRO I 358 40.90 70.12 50.22
N LEU I 359 41.55 69.75 49.11
CA LEU I 359 42.38 70.69 48.37
C LEU I 359 41.56 71.86 47.85
N TYR I 360 40.26 71.69 47.66
CA TYR I 360 39.39 72.71 47.09
C TYR I 360 38.63 73.49 48.14
N ARG I 361 39.00 73.35 49.41
CA ARG I 361 38.28 73.97 50.50
C ARG I 361 38.13 75.47 50.30
N ASN I 362 36.91 75.97 50.55
CA ASN I 362 36.50 77.38 50.40
C ASN I 362 36.47 77.85 48.96
N HIS I 363 36.63 76.96 47.99
CA HIS I 363 36.68 77.37 46.59
C HIS I 363 35.52 76.81 45.78
N PHE I 364 34.39 76.53 46.42
CA PHE I 364 33.20 76.04 45.73
C PHE I 364 31.97 76.53 46.50
N ALA I 365 30.79 76.26 45.95
CA ALA I 365 29.57 76.91 46.42
C ALA I 365 29.01 76.24 47.67
N MET I 366 28.80 74.93 47.63
CA MET I 366 28.06 74.24 48.69
C MET I 366 29.04 73.72 49.74
N ARG I 367 29.55 74.64 50.54
CA ARG I 367 30.58 74.34 51.52
C ARG I 367 29.98 73.82 52.83
N ASP I 368 30.71 72.90 53.46
CA ASP I 368 30.38 72.50 54.82
C ASP I 368 30.76 73.61 55.79
N GLU I 369 29.81 74.48 56.11
CA GLU I 369 30.08 75.63 56.95
C GLU I 369 28.84 75.94 57.76
N GLU I 370 29.04 76.64 58.89
CA GLU I 370 27.91 77.16 59.64
C GLU I 370 27.24 78.26 58.83
N ARG I 371 25.93 78.13 58.65
CA ARG I 371 25.17 79.04 57.80
C ARG I 371 24.32 79.95 58.66
N THR I 372 24.41 81.26 58.42
CA THR I 372 23.58 82.23 59.11
C THR I 372 22.26 82.41 58.34
N GLU I 373 21.39 83.25 58.89
CA GLU I 373 20.07 83.44 58.31
C GLU I 373 20.00 84.58 57.31
N ASN I 374 21.04 85.39 57.18
CA ASN I 374 21.03 86.54 56.27
C ASN I 374 21.86 86.28 55.02
N GLU I 375 22.07 85.02 54.69
CA GLU I 375 22.84 84.69 53.50
C GLU I 375 21.99 84.88 52.25
N PRO I 376 22.62 85.13 51.11
CA PRO I 376 21.88 85.11 49.84
C PRO I 376 21.54 83.69 49.43
N THR I 377 20.57 83.57 48.53
CA THR I 377 20.26 82.27 47.94
C THR I 377 21.36 81.90 46.95
N ILE I 378 21.84 80.67 47.03
CA ILE I 378 22.95 80.19 46.21
C ILE I 378 22.44 79.07 45.31
N PHE I 379 22.72 79.19 44.02
CA PHE I 379 22.47 78.13 43.05
C PHE I 379 23.80 77.60 42.53
N ALA I 380 23.87 76.28 42.35
CA ALA I 380 25.03 75.65 41.73
C ALA I 380 24.54 74.63 40.72
N THR I 381 25.11 74.66 39.53
CA THR I 381 24.80 73.70 38.48
C THR I 381 26.02 72.84 38.20
N HIS I 382 25.83 71.53 38.21
CA HIS I 382 26.90 70.59 37.90
C HIS I 382 26.55 69.85 36.62
N SER I 383 27.50 69.80 35.69
CA SER I 383 27.31 68.89 34.55
C SER I 383 27.91 67.56 35.00
N THR I 384 27.08 66.63 35.42
CA THR I 384 27.55 65.34 35.99
C THR I 384 28.29 64.50 34.95
N HIS I 385 28.06 64.75 33.67
CA HIS I 385 28.74 64.00 32.60
C HIS I 385 30.13 64.59 32.33
N1 LLP I 386 28.07 75.91 31.49
C2 LLP I 386 29.37 75.68 31.35
C2' LLP I 386 30.36 76.56 32.05
C3 LLP I 386 29.81 74.62 30.58
O3 LLP I 386 31.14 74.44 30.49
C4 LLP I 386 28.89 73.78 29.94
C4' LLP I 386 29.35 72.65 29.14
C5 LLP I 386 27.52 74.06 30.10
C6 LLP I 386 27.17 75.13 30.89
C5' LLP I 386 26.44 73.27 29.44
OP4 LLP I 386 26.34 71.91 29.95
P LLP I 386 25.65 70.76 29.11
OP1 LLP I 386 25.46 69.66 30.08
OP2 LLP I 386 24.36 71.29 28.57
OP3 LLP I 386 26.64 70.48 28.06
N LLP I 386 30.39 65.83 32.73
CA LLP I 386 31.69 66.46 32.37
CB LLP I 386 31.64 67.98 32.36
CG LLP I 386 31.25 68.62 31.03
CD LLP I 386 30.95 70.12 31.12
CE LLP I 386 29.90 70.57 30.12
NZ LLP I 386 30.27 71.86 29.52
C LLP I 386 32.84 65.85 33.20
O LLP I 386 33.65 65.17 32.60
N LEU I 387 32.88 66.09 34.50
CA LEU I 387 34.05 65.63 35.31
C LEU I 387 33.61 64.70 36.43
N LEU I 388 32.38 64.24 36.38
CA LEU I 388 31.88 63.19 37.29
C LEU I 388 31.57 62.01 36.34
N ASN I 389 30.99 60.91 36.80
CA ASN I 389 30.69 59.73 35.99
C ASN I 389 29.19 59.68 35.73
N ALA I 390 28.76 60.25 34.61
CA ALA I 390 27.37 60.20 34.21
C ALA I 390 27.28 60.30 32.69
N LEU I 391 26.16 59.84 32.15
CA LEU I 391 25.91 59.95 30.74
C LEU I 391 25.67 61.40 30.34
N SER I 392 25.91 61.70 29.07
CA SER I 392 25.64 63.02 28.53
C SER I 392 24.19 63.42 28.79
N GLN I 393 23.99 64.72 29.01
CA GLN I 393 22.72 65.40 29.32
C GLN I 393 22.33 65.27 30.79
N ALA I 394 23.07 64.53 31.60
CA ALA I 394 22.78 64.46 33.03
C ALA I 394 23.33 65.69 33.74
N SER I 395 22.52 66.27 34.61
CA SER I 395 22.90 67.51 35.27
C SER I 395 22.15 67.61 36.60
N PHE I 396 22.63 68.50 37.45
CA PHE I 396 22.00 68.76 38.74
C PHE I 396 21.82 70.26 38.93
N ILE I 397 20.73 70.61 39.59
CA ILE I 397 20.54 71.94 40.16
C ILE I 397 20.59 71.80 41.66
N HIS I 398 21.49 72.54 42.31
CA HIS I 398 21.60 72.55 43.76
C HIS I 398 21.22 73.93 44.26
N VAL I 399 20.38 73.98 45.28
CA VAL I 399 19.88 75.23 45.83
C VAL I 399 20.18 75.26 47.31
N ARG I 400 20.70 76.39 47.78
CA ARG I 400 20.79 76.71 49.20
C ARG I 400 19.94 77.94 49.45
N ASN I 401 18.87 77.76 50.21
CA ASN I 401 17.89 78.83 50.39
C ASN I 401 18.42 79.91 51.31
N GLY I 402 18.35 81.15 50.86
CA GLY I 402 18.73 82.28 51.67
C GLY I 402 17.75 83.43 51.53
N ARG I 403 18.26 84.62 51.26
CA ARG I 403 17.39 85.77 51.05
C ARG I 403 16.69 85.66 49.71
N ASN I 404 15.39 85.99 49.71
CA ASN I 404 14.58 86.00 48.49
C ASN I 404 14.59 84.62 47.82
N ALA I 405 14.38 83.58 48.62
CA ALA I 405 14.39 82.23 48.11
C ALA I 405 13.14 81.94 47.30
N ILE I 406 13.23 80.95 46.41
CA ILE I 406 12.14 80.53 45.55
C ILE I 406 11.64 79.19 46.05
N ASP I 407 10.38 79.15 46.49
CA ASP I 407 9.81 77.93 47.03
C ASP I 407 9.54 76.93 45.90
N PHE I 408 9.23 75.70 46.31
CA PHE I 408 9.15 74.59 45.35
C PHE I 408 8.07 74.81 44.30
N ASN I 409 6.90 75.31 44.72
CA ASN I 409 5.81 75.50 43.77
C ASN I 409 6.17 76.48 42.67
N ARG I 410 6.88 77.57 43.03
CA ARG I 410 7.29 78.54 42.03
C ARG I 410 8.42 78.03 41.16
N PHE I 411 9.39 77.34 41.75
CA PHE I 411 10.54 76.85 40.98
C PHE I 411 10.14 75.74 40.03
N ASN I 412 9.14 74.94 40.40
CA ASN I 412 8.74 73.81 39.59
C ASN I 412 8.18 74.25 38.25
N GLN I 413 7.61 75.46 38.17
CA GLN I 413 7.11 75.96 36.89
C GLN I 413 8.24 76.15 35.89
N ALA I 414 9.33 76.80 36.30
CA ALA I 414 10.48 76.94 35.42
C ALA I 414 11.09 75.58 35.09
N TYR I 415 11.18 74.71 36.10
CA TYR I 415 11.73 73.37 35.89
C TYR I 415 10.97 72.64 34.79
N LEU I 416 9.64 72.64 34.87
CA LEU I 416 8.84 72.00 33.83
C LEU I 416 8.96 72.72 32.50
N MET I 417 9.08 74.05 32.53
CA MET I 417 9.17 74.81 31.29
C MET I 417 10.39 74.43 30.47
N HIS I 418 11.48 74.01 31.12
CA HIS I 418 12.66 73.64 30.34
C HIS I 418 12.96 72.15 30.36
N SER I 419 11.96 71.32 30.61
CA SER I 419 12.13 69.88 30.67
C SER I 419 11.31 69.21 29.57
N THR I 420 11.26 67.89 29.62
CA THR I 420 10.43 67.10 28.70
C THR I 420 9.48 66.23 29.52
N THR I 421 8.33 65.94 28.94
CA THR I 421 7.36 65.09 29.62
C THR I 421 7.72 63.62 29.58
N SER I 422 8.71 63.22 28.78
CA SER I 422 9.13 61.82 28.68
C SER I 422 10.63 61.72 28.87
N PRO I 423 11.12 61.90 30.10
CA PRO I 423 12.56 61.76 30.33
C PRO I 423 13.04 60.33 30.14
N LEU I 424 14.27 60.20 29.68
CA LEU I 424 14.92 58.90 29.57
C LEU I 424 15.52 58.54 30.93
N TYR I 425 15.02 57.47 31.53
CA TYR I 425 15.38 57.14 32.90
C TYR I 425 16.82 56.65 33.03
N ALA I 426 17.47 56.26 31.94
CA ALA I 426 18.88 55.91 32.00
C ALA I 426 19.73 57.12 32.39
N ILE I 427 19.37 58.30 31.91
CA ILE I 427 20.10 59.51 32.28
C ILE I 427 19.97 59.80 33.77
N CYS I 428 18.75 59.69 34.31
CA CYS I 428 18.54 59.91 35.73
C CYS I 428 19.26 58.85 36.56
N ALA I 429 19.29 57.61 36.07
CA ALA I 429 20.02 56.55 36.76
C ALA I 429 21.51 56.84 36.77
N SER I 430 22.06 57.38 35.68
CA SER I 430 23.46 57.75 35.67
C SER I 430 23.73 58.89 36.65
N ASN I 431 22.81 59.86 36.75
CA ASN I 431 22.94 60.90 37.76
C ASN I 431 22.99 60.31 39.17
N ASP I 432 22.10 59.35 39.44
CA ASP I 432 22.02 58.73 40.75
C ASP I 432 23.30 57.95 41.06
N ILE I 433 23.84 57.21 40.09
CA ILE I 433 25.07 56.46 40.35
C ILE I 433 26.25 57.40 40.50
N ALA I 434 26.28 58.54 39.79
CA ALA I 434 27.36 59.50 39.99
C ALA I 434 27.33 60.06 41.40
N ALA I 435 26.15 60.46 41.87
CA ALA I 435 26.03 60.96 43.23
C ALA I 435 26.46 59.89 44.23
N ASP I 436 26.06 58.64 44.02
CA ASP I 436 26.48 57.56 44.91
C ASP I 436 27.99 57.38 44.88
N MET I 437 28.60 57.54 43.71
CA MET I 437 30.04 57.35 43.57
C MET I 437 30.81 58.41 44.33
N MET I 438 30.28 59.62 44.42
CA MET I 438 30.95 60.63 45.24
C MET I 438 30.64 60.52 46.73
N ASP I 439 29.75 59.63 47.13
CA ASP I 439 29.32 59.54 48.52
C ASP I 439 30.33 58.80 49.38
N GLY I 440 30.54 59.29 50.60
CA GLY I 440 31.40 58.64 51.56
C GLY I 440 32.88 58.72 51.28
N ASN I 441 33.60 57.64 51.55
CA ASN I 441 35.05 57.61 51.33
C ASN I 441 35.40 57.62 49.85
N SER I 442 34.51 57.12 49.01
CA SER I 442 34.85 56.90 47.60
C SER I 442 35.09 58.20 46.86
N GLY I 443 34.34 59.26 47.17
CA GLY I 443 34.57 60.54 46.51
C GLY I 443 35.95 61.09 46.79
N ARG I 444 36.36 61.05 48.06
CA ARG I 444 37.71 61.46 48.42
C ARG I 444 38.75 60.61 47.72
N SER I 445 38.55 59.29 47.70
CA SER I 445 39.54 58.40 47.09
C SER I 445 39.68 58.66 45.59
N LEU I 446 38.56 58.86 44.90
CA LEU I 446 38.59 59.07 43.45
C LEU I 446 39.21 60.42 43.10
N THR I 447 38.84 61.48 43.82
CA THR I 447 39.46 62.77 43.57
C THR I 447 40.96 62.72 43.88
N ASP I 448 41.34 61.99 44.94
CA ASP I 448 42.76 61.84 45.25
C ASP I 448 43.50 61.16 44.11
N GLU I 449 42.94 60.10 43.54
CA GLU I 449 43.61 59.41 42.45
C GLU I 449 43.81 60.34 41.26
N VAL I 450 42.77 61.09 40.88
CA VAL I 450 42.91 61.97 39.72
C VAL I 450 43.94 63.07 40.00
N ILE I 451 43.90 63.67 41.19
CA ILE I 451 44.83 64.73 41.53
C ILE I 451 46.26 64.22 41.52
N ARG I 452 46.48 63.02 42.06
CA ARG I 452 47.83 62.46 42.07
C ARG I 452 48.33 62.19 40.67
N GLU I 453 47.47 61.68 39.78
CA GLU I 453 47.90 61.47 38.40
C GLU I 453 48.29 62.79 37.73
N SER I 454 47.49 63.83 37.94
CA SER I 454 47.80 65.12 37.34
C SER I 454 49.10 65.69 37.90
N ILE I 455 49.34 65.51 39.20
CA ILE I 455 50.57 66.01 39.80
C ILE I 455 51.78 65.25 39.27
N ASP I 456 51.66 63.93 39.11
CA ASP I 456 52.76 63.16 38.54
C ASP I 456 53.09 63.65 37.14
N PHE I 457 52.06 63.90 36.32
CA PHE I 457 52.32 64.43 34.99
C PHE I 457 53.00 65.79 35.04
N ARG I 458 52.49 66.70 35.90
CA ARG I 458 53.07 68.04 35.98
C ARG I 458 54.52 68.00 36.40
N GLN I 459 54.85 67.20 37.43
CA GLN I 459 56.21 67.14 37.93
C GLN I 459 57.14 66.51 36.90
N SER I 460 56.69 65.45 36.21
CA SER I 460 57.52 64.84 35.18
C SER I 460 57.80 65.81 34.05
N LEU I 461 56.78 66.57 33.63
CA LEU I 461 56.98 67.53 32.56
C LEU I 461 57.92 68.66 32.99
N ALA I 462 57.77 69.14 34.22
CA ALA I 462 58.68 70.17 34.72
C ALA I 462 60.11 69.66 34.79
N TYR I 463 60.30 68.41 35.22
CA TYR I 463 61.63 67.83 35.26
C TYR I 463 62.25 67.74 33.87
N LEU I 464 61.46 67.26 32.89
CA LEU I 464 61.97 67.18 31.52
C LEU I 464 62.29 68.56 30.97
N TYR I 465 61.47 69.54 31.29
CA TYR I 465 61.73 70.91 30.85
C TYR I 465 63.05 71.41 31.41
N LYS I 466 63.30 71.17 32.70
CA LYS I 466 64.57 71.59 33.29
C LYS I 466 65.74 70.86 32.65
N GLU I 467 65.60 69.57 32.37
CA GLU I 467 66.66 68.80 31.74
C GLU I 467 67.00 69.37 30.37
N PHE I 468 65.98 69.61 29.54
CA PHE I 468 66.22 70.16 28.21
C PHE I 468 66.80 71.57 28.29
N LEU I 469 66.35 72.37 29.25
CA LEU I 469 66.91 73.70 29.43
C LEU I 469 68.37 73.63 29.81
N ASN I 470 68.74 72.68 30.68
CA ASN I 470 70.13 72.50 31.04
C ASN I 470 70.97 72.11 29.83
N ASP I 471 70.39 71.33 28.91
CA ASP I 471 71.07 71.04 27.64
C ASP I 471 70.85 72.13 26.60
N ASP I 472 70.48 73.34 27.02
CA ASP I 472 70.11 74.46 26.16
C ASP I 472 69.25 74.03 24.97
N GLU I 473 68.16 73.33 25.29
CA GLU I 473 67.13 72.98 24.32
C GLU I 473 65.78 73.44 24.81
N TRP I 474 64.81 73.49 23.90
CA TRP I 474 63.45 73.89 24.24
C TRP I 474 62.61 72.66 24.58
N PHE I 475 61.60 72.87 25.43
CA PHE I 475 60.59 71.85 25.69
C PHE I 475 59.35 72.54 26.23
N PHE I 476 58.28 71.76 26.34
CA PHE I 476 57.05 72.23 26.95
C PHE I 476 57.16 72.25 28.46
N LYS I 477 56.47 73.18 29.09
CA LYS I 477 56.46 73.28 30.54
C LYS I 477 55.02 73.34 31.04
N PRO I 478 54.74 72.73 32.20
CA PRO I 478 53.41 72.85 32.78
C PRO I 478 53.16 74.25 33.30
N TRP I 479 51.90 74.65 33.29
CA TRP I 479 51.50 75.97 33.76
C TRP I 479 51.08 75.85 35.22
N ASN I 480 52.06 75.98 36.12
CA ASN I 480 51.81 76.00 37.55
C ASN I 480 52.93 76.79 38.22
N GLN I 481 52.94 76.77 39.54
CA GLN I 481 54.01 77.43 40.29
C GLN I 481 55.38 76.84 39.95
N GLU I 482 56.36 77.72 39.79
CA GLU I 482 57.74 77.25 39.64
C GLU I 482 58.31 76.75 40.96
N MET I 483 58.10 77.50 42.04
CA MET I 483 58.60 77.15 43.36
C MET I 483 57.42 77.08 44.33
N VAL I 484 57.42 76.07 45.18
CA VAL I 484 56.39 75.93 46.19
C VAL I 484 57.04 75.98 47.56
N LYS I 485 56.31 76.53 48.52
CA LYS I 485 56.79 76.68 49.89
C LYS I 485 55.99 75.76 50.80
N ASP I 486 56.68 75.04 51.67
CA ASP I 486 56.02 74.25 52.68
C ASP I 486 55.58 75.16 53.81
N PRO I 487 54.28 75.32 54.07
CA PRO I 487 53.85 76.27 55.10
C PRO I 487 54.22 75.84 56.51
N ALA I 488 54.46 74.55 56.74
CA ALA I 488 54.80 74.08 58.08
C ALA I 488 56.25 74.41 58.43
N THR I 489 57.19 73.85 57.68
CA THR I 489 58.60 74.01 57.96
C THR I 489 59.22 75.23 57.30
N GLY I 490 58.50 75.91 56.41
CA GLY I 490 59.04 77.05 55.72
C GLY I 490 59.99 76.73 54.60
N LYS I 491 60.21 75.45 54.29
CA LYS I 491 61.16 75.05 53.27
C LYS I 491 60.60 75.27 51.88
N ARG I 492 61.44 75.74 50.97
CA ARG I 492 61.06 75.95 49.58
C ARG I 492 61.55 74.80 48.71
N TYR I 493 60.73 74.43 47.72
CA TYR I 493 61.10 73.42 46.76
C TYR I 493 60.82 73.94 45.36
N ALA I 494 61.62 73.47 44.40
CA ALA I 494 61.18 73.53 43.02
C ALA I 494 59.99 72.60 42.85
N PHE I 495 59.08 72.97 41.94
CA PHE I 495 57.83 72.23 41.83
C PHE I 495 58.09 70.75 41.52
N GLU I 496 59.02 70.47 40.62
CA GLU I 496 59.30 69.08 40.27
C GLU I 496 60.00 68.32 41.39
N ASP I 497 60.54 69.02 42.39
CA ASP I 497 61.20 68.39 43.52
C ASP I 497 60.32 68.34 44.76
N ALA I 498 59.17 68.99 44.75
CA ALA I 498 58.31 69.02 45.92
C ALA I 498 57.76 67.62 46.21
N PRO I 499 57.62 67.27 47.49
CA PRO I 499 56.99 65.98 47.83
C PRO I 499 55.54 65.96 47.36
N VAL I 500 55.12 64.81 46.86
CA VAL I 500 53.77 64.68 46.30
C VAL I 500 52.73 64.90 47.39
N GLU I 501 53.01 64.45 48.61
CA GLU I 501 52.09 64.65 49.72
C GLU I 501 51.86 66.13 49.98
N LEU I 502 52.91 66.94 49.91
CA LEU I 502 52.77 68.38 50.12
C LEU I 502 51.87 69.01 49.06
N LEU I 503 52.08 68.65 47.79
CA LEU I 503 51.27 69.20 46.72
C LEU I 503 49.82 68.73 46.80
N MET I 504 49.61 67.51 47.27
CA MET I 504 48.27 66.96 47.41
C MET I 504 47.54 67.50 48.62
N ARG I 505 48.25 67.98 49.64
CA ARG I 505 47.64 68.39 50.89
C ARG I 505 47.50 69.90 51.03
N GLU I 506 48.47 70.67 50.55
CA GLU I 506 48.54 72.09 50.84
C GLU I 506 47.90 72.90 49.71
N GLN I 507 46.86 73.66 50.06
CA GLN I 507 46.17 74.49 49.07
C GLN I 507 47.05 75.64 48.58
N SER I 508 47.91 76.18 49.45
CA SER I 508 48.74 77.32 49.07
C SER I 508 49.73 76.99 47.97
N CYS I 509 50.01 75.71 47.73
CA CYS I 509 50.86 75.31 46.61
C CYS I 509 50.20 75.55 45.27
N TRP I 510 48.90 75.87 45.26
CA TRP I 510 48.15 76.10 44.04
C TRP I 510 47.51 77.46 43.97
N VAL I 511 47.56 78.25 45.04
CA VAL I 511 46.99 79.59 45.05
C VAL I 511 47.82 80.49 44.16
N MET I 512 47.15 81.41 43.45
CA MET I 512 47.83 82.38 42.61
C MET I 512 48.32 83.52 43.49
N HIS I 513 49.63 83.61 43.68
CA HIS I 513 50.08 84.73 44.49
C HIS I 513 50.49 85.89 43.59
N PRO I 514 50.21 87.13 44.00
CA PRO I 514 50.56 88.28 43.16
C PRO I 514 52.05 88.43 42.90
N GLU I 515 52.90 87.92 43.78
CA GLU I 515 54.34 88.02 43.61
C GLU I 515 54.91 87.01 42.64
N ASP I 516 54.15 85.98 42.27
CA ASP I 516 54.62 84.97 41.33
C ASP I 516 54.35 85.39 39.89
N LYS I 517 55.26 84.99 39.00
CA LYS I 517 55.16 85.35 37.60
C LYS I 517 54.52 84.26 36.73
N TRP I 518 54.32 83.06 37.27
CA TRP I 518 53.87 81.95 36.43
C TRP I 518 52.46 82.19 35.89
N HIS I 519 51.54 82.67 36.72
CA HIS I 519 50.15 82.75 36.28
C HIS I 519 49.90 83.94 35.36
N GLY I 520 50.63 85.03 35.54
CA GLY I 520 50.54 86.15 34.64
C GLY I 520 49.31 87.02 34.80
N PHE I 521 48.54 86.86 35.87
CA PHE I 521 47.40 87.72 36.13
C PHE I 521 47.88 88.85 37.03
N ASN I 522 48.28 89.96 36.40
CA ASN I 522 48.83 91.07 37.14
C ASN I 522 47.77 91.74 37.99
N ASP I 523 48.17 92.14 39.20
CA ASP I 523 47.31 92.86 40.15
C ASP I 523 46.18 91.96 40.68
N ILE I 524 46.36 90.65 40.63
CA ILE I 524 45.39 89.78 41.30
C ILE I 524 45.62 89.84 42.81
N PRO I 525 44.57 89.95 43.62
CA PRO I 525 44.75 89.89 45.06
C PRO I 525 45.17 88.49 45.50
N ASP I 526 45.85 88.43 46.64
CA ASP I 526 46.28 87.15 47.18
C ASP I 526 45.11 86.40 47.79
N ASN I 527 45.16 85.08 47.71
CA ASN I 527 44.12 84.19 48.25
C ASN I 527 42.76 84.49 47.61
N TRP I 528 42.79 84.83 46.33
CA TRP I 528 41.58 85.06 45.55
C TRP I 528 41.27 83.92 44.59
N ALA I 529 42.24 83.50 43.81
CA ALA I 529 42.09 82.43 42.85
C ALA I 529 43.06 81.30 43.17
N MET I 530 42.84 80.17 42.50
CA MET I 530 43.58 78.95 42.74
C MET I 530 43.53 78.12 41.48
N LEU I 531 44.60 77.37 41.22
CA LEU I 531 44.66 76.51 40.04
C LEU I 531 44.14 75.12 40.37
N ASP I 532 43.24 74.62 39.54
CA ASP I 532 42.77 73.25 39.65
C ASP I 532 43.83 72.32 39.11
N PRO I 533 44.38 71.41 39.92
CA PRO I 533 45.49 70.56 39.43
C PRO I 533 45.11 69.67 38.26
N ILE I 534 43.86 69.23 38.15
CA ILE I 534 43.51 68.23 37.14
C ILE I 534 43.21 68.84 35.78
N LYS I 535 43.22 70.16 35.65
CA LYS I 535 43.11 70.82 34.35
C LYS I 535 44.52 71.28 33.97
N VAL I 536 45.26 70.42 33.29
CA VAL I 536 46.69 70.64 33.09
C VAL I 536 46.91 71.37 31.77
N SER I 537 47.44 72.59 31.86
CA SER I 537 47.84 73.36 30.70
C SER I 537 49.35 73.20 30.51
N ILE I 538 49.77 72.96 29.28
CA ILE I 538 51.18 72.96 28.94
C ILE I 538 51.43 74.13 28.01
N LEU I 539 52.62 74.71 28.12
CA LEU I 539 52.99 75.91 27.39
C LEU I 539 54.08 75.57 26.38
N ALA I 540 53.82 75.88 25.13
CA ALA I 540 54.86 75.81 24.13
C ALA I 540 55.76 77.04 24.21
N PRO I 541 57.04 76.91 23.88
CA PRO I 541 57.94 78.06 23.98
C PRO I 541 57.62 79.11 22.93
N GLY I 542 57.93 80.36 23.27
CA GLY I 542 57.75 81.45 22.33
C GLY I 542 57.25 82.74 22.94
N MET I 543 56.66 82.66 24.13
CA MET I 543 56.08 83.82 24.79
C MET I 543 57.00 84.24 25.93
N GLY I 544 57.42 85.51 25.92
CA GLY I 544 58.24 86.02 27.00
C GLY I 544 57.42 86.35 28.23
N ASP I 545 58.12 86.41 29.36
CA ASP I 545 57.46 86.71 30.63
C ASP I 545 56.91 88.13 30.67
N ASP I 546 57.46 89.03 29.86
CA ASP I 546 57.01 90.41 29.81
C ASP I 546 55.71 90.57 29.03
N GLY I 547 55.34 89.60 28.20
CA GLY I 547 54.15 89.68 27.38
C GLY I 547 54.42 89.75 25.90
N LYS I 548 55.68 89.82 25.48
CA LYS I 548 56.05 89.90 24.08
C LYS I 548 56.74 88.61 23.65
N LEU I 549 56.64 88.31 22.36
CA LEU I 549 57.18 87.07 21.83
C LEU I 549 58.70 87.08 21.89
N LEU I 550 59.27 85.88 21.96
CA LEU I 550 60.72 85.71 21.91
C LEU I 550 61.18 85.64 20.45
N ASP I 551 62.48 85.43 20.28
CA ASP I 551 63.03 85.38 18.91
C ASP I 551 62.60 84.11 18.19
N THR I 552 62.37 83.03 18.92
CA THR I 552 61.96 81.76 18.35
C THR I 552 60.93 81.11 19.25
N GLY I 553 60.20 80.16 18.69
CA GLY I 553 59.18 79.46 19.45
C GLY I 553 58.50 78.42 18.59
N VAL I 554 57.64 77.65 19.24
CA VAL I 554 56.85 76.61 18.60
C VAL I 554 55.38 76.93 18.82
N PRO I 555 54.63 77.30 17.79
CA PRO I 555 53.20 77.60 17.98
C PRO I 555 52.41 76.36 18.36
N ALA I 556 51.38 76.57 19.19
CA ALA I 556 50.61 75.46 19.71
C ALA I 556 49.69 74.83 18.66
N ALA I 557 49.40 75.53 17.56
CA ALA I 557 48.54 74.94 16.53
C ALA I 557 49.19 73.71 15.91
N LEU I 558 50.50 73.77 15.68
CA LEU I 558 51.21 72.63 15.10
C LEU I 558 51.26 71.45 16.07
N VAL I 559 51.50 71.73 17.36
CA VAL I 559 51.48 70.68 18.36
C VAL I 559 50.09 70.07 18.46
N THR I 560 49.06 70.90 18.34
CA THR I 560 47.69 70.39 18.36
C THR I 560 47.43 69.48 17.17
N ALA I 561 47.93 69.85 15.99
CA ALA I 561 47.79 68.98 14.82
C ALA I 561 48.48 67.65 15.06
N TRP I 562 49.67 67.68 15.66
CA TRP I 562 50.38 66.45 15.99
C TRP I 562 49.56 65.57 16.95
N LEU I 563 49.04 66.18 18.01
CA LEU I 563 48.27 65.43 18.99
C LEU I 563 47.01 64.85 18.38
N ASN I 564 46.31 65.63 17.55
CA ASN I 564 45.15 65.12 16.84
C ASN I 564 45.52 63.94 15.96
N HIS I 565 46.66 64.04 15.27
CA HIS I 565 47.13 62.91 14.47
C HIS I 565 47.34 61.67 15.31
N TYR I 566 47.73 61.84 16.57
CA TYR I 566 47.88 60.69 17.46
C TYR I 566 46.65 60.42 18.30
N GLY I 567 45.53 61.10 18.03
CA GLY I 567 44.27 60.83 18.67
C GLY I 567 43.98 61.68 19.88
N ILE I 568 44.99 62.33 20.45
CA ILE I 568 44.77 63.19 21.61
C ILE I 568 44.12 64.49 21.14
N VAL I 569 42.99 64.83 21.74
CA VAL I 569 42.28 66.05 21.37
C VAL I 569 42.22 66.96 22.60
N PRO I 570 42.96 68.07 22.61
CA PRO I 570 42.92 68.96 23.77
C PRO I 570 41.58 69.67 23.91
N THR I 571 41.29 70.06 25.16
CA THR I 571 40.06 70.76 25.48
C THR I 571 40.12 72.23 25.07
N ARG I 572 41.22 72.90 25.39
CA ARG I 572 41.41 74.31 25.06
C ARG I 572 42.77 74.50 24.41
N THR I 573 42.88 75.58 23.64
CA THR I 573 44.12 75.87 22.92
C THR I 573 44.18 77.36 22.61
N THR I 574 45.33 77.97 22.88
CA THR I 574 45.66 79.32 22.46
C THR I 574 46.92 79.26 21.60
N ASP I 575 47.51 80.44 21.32
CA ASP I 575 48.72 80.49 20.51
C ASP I 575 49.84 79.64 21.12
N PHE I 576 50.10 79.80 22.42
CA PHE I 576 51.02 78.92 23.15
C PHE I 576 50.35 78.47 24.43
N GLN I 577 49.46 77.49 24.31
CA GLN I 577 48.84 76.84 25.47
C GLN I 577 48.01 75.66 25.00
N ILE I 578 48.18 74.51 25.62
CA ILE I 578 47.38 73.33 25.32
C ILE I 578 46.90 72.76 26.64
N MET I 579 45.59 72.54 26.76
CA MET I 579 44.95 72.10 27.98
C MET I 579 44.57 70.63 27.85
N PHE I 580 44.93 69.83 28.85
CA PHE I 580 44.58 68.42 28.92
C PHE I 580 43.72 68.18 30.15
N LEU I 581 42.69 67.35 29.98
CA LEU I 581 41.78 67.02 31.06
C LEU I 581 42.18 65.70 31.70
N PHE I 582 42.35 65.72 33.02
CA PHE I 582 42.47 64.51 33.81
C PHE I 582 41.13 64.27 34.51
N SER I 583 40.50 63.15 34.21
CA SER I 583 39.18 62.85 34.76
C SER I 583 39.25 61.58 35.60
N MET I 584 38.13 61.27 36.26
CA MET I 584 38.05 60.06 37.06
C MET I 584 37.99 58.80 36.21
N GLY I 585 37.85 58.93 34.90
CA GLY I 585 37.94 57.82 33.98
C GLY I 585 39.33 57.52 33.48
N ILE I 586 40.34 58.29 33.88
CA ILE I 586 41.71 58.01 33.48
C ILE I 586 42.24 56.83 34.29
N THR I 587 43.20 56.12 33.72
CA THR I 587 43.88 55.04 34.40
C THR I 587 45.29 55.48 34.78
N LYS I 588 45.85 54.81 35.77
CA LYS I 588 47.13 55.22 36.33
C LYS I 588 48.27 55.04 35.34
N GLY I 589 49.15 56.03 35.27
CA GLY I 589 50.28 56.00 34.37
C GLY I 589 49.96 56.31 32.93
N LYS I 590 48.73 56.74 32.64
CA LYS I 590 48.34 57.03 31.25
C LYS I 590 49.07 58.24 30.68
N TRP I 591 49.49 59.17 31.54
CA TRP I 591 50.18 60.38 31.07
C TRP I 591 51.54 60.10 30.46
N GLY I 592 52.07 58.88 30.64
CA GLY I 592 53.28 58.51 29.95
C GLY I 592 53.13 58.57 28.43
N THR I 593 51.94 58.23 27.92
CA THR I 593 51.68 58.38 26.50
C THR I 593 51.79 59.83 26.07
N LEU I 594 51.24 60.74 26.87
CA LEU I 594 51.31 62.15 26.55
C LEU I 594 52.76 62.63 26.51
N VAL I 595 53.55 62.23 27.50
CA VAL I 595 54.95 62.61 27.54
C VAL I 595 55.69 62.06 26.33
N ASN I 596 55.44 60.79 26.00
CA ASN I 596 56.08 60.17 24.84
C ASN I 596 55.72 60.88 23.55
N THR I 597 54.46 61.26 23.39
CA THR I 597 54.02 61.97 22.20
C THR I 597 54.71 63.32 22.09
N LEU I 598 54.82 64.06 23.21
CA LEU I 598 55.50 65.35 23.16
C LEU I 598 56.97 65.19 22.83
N LEU I 599 57.62 64.17 23.38
CA LEU I 599 59.03 63.93 23.07
C LEU I 599 59.23 63.58 21.60
N SER I 600 58.36 62.73 21.05
CA SER I 600 58.49 62.38 19.64
C SER I 600 58.22 63.59 18.74
N PHE I 601 57.29 64.46 19.14
CA PHE I 601 57.10 65.71 18.40
C PHE I 601 58.37 66.54 18.42
N LYS I 602 59.02 66.64 19.59
CA LYS I 602 60.24 67.42 19.67
C LYS I 602 61.34 66.83 18.79
N ARG I 603 61.44 65.50 18.75
CA ARG I 603 62.42 64.85 17.89
C ARG I 603 62.17 65.18 16.42
N HIS I 604 60.93 65.01 15.96
CA HIS I 604 60.63 65.29 14.57
C HIS I 604 60.75 66.76 14.23
N TYR I 605 60.53 67.64 15.22
CA TYR I 605 60.67 69.07 15.00
C TYR I 605 62.13 69.45 14.87
N ASP I 606 62.98 68.90 15.72
CA ASP I 606 64.41 69.16 15.61
C ASP I 606 64.99 68.57 14.33
N ASN I 607 64.45 67.45 13.86
CA ASN I 607 64.94 66.85 12.63
C ASN I 607 64.32 67.44 11.37
N ASN I 608 63.35 68.34 11.51
CA ASN I 608 62.65 68.95 10.37
C ASN I 608 62.10 67.89 9.43
N THR I 609 61.41 66.91 10.00
CA THR I 609 60.83 65.84 9.20
C THR I 609 59.75 66.39 8.29
N ALA I 610 59.73 65.90 7.05
CA ALA I 610 58.79 66.39 6.06
C ALA I 610 57.36 66.10 6.50
N LEU I 611 56.47 67.09 6.29
CA LEU I 611 55.09 66.95 6.73
C LEU I 611 54.37 65.79 6.05
N LYS I 612 54.81 65.38 4.86
CA LYS I 612 54.18 64.23 4.21
C LYS I 612 54.37 62.96 5.03
N LYS I 613 55.54 62.77 5.63
CA LYS I 613 55.78 61.56 6.40
C LYS I 613 55.02 61.56 7.72
N VAL I 614 55.01 62.68 8.42
CA VAL I 614 54.48 62.74 9.78
C VAL I 614 53.02 63.18 9.82
N LEU I 615 52.65 64.19 9.03
CA LEU I 615 51.32 64.78 9.10
C LEU I 615 50.71 64.84 7.70
N PRO I 616 50.35 63.68 7.13
CA PRO I 616 49.75 63.70 5.79
C PRO I 616 48.44 64.47 5.72
N GLU I 617 47.65 64.47 6.80
CA GLU I 617 46.38 65.20 6.77
C GLU I 617 46.59 66.70 6.65
N VAL I 618 47.66 67.23 7.25
CA VAL I 618 47.99 68.64 7.08
C VAL I 618 48.34 68.93 5.62
N VAL I 619 49.12 68.04 5.00
CA VAL I 619 49.49 68.23 3.60
C VAL I 619 48.26 68.21 2.71
N ALA I 620 47.31 67.32 3.03
CA ALA I 620 46.12 67.16 2.21
C ALA I 620 45.25 68.40 2.15
N SER I 621 45.46 69.38 3.04
CA SER I 621 44.71 70.62 2.96
C SER I 621 45.20 71.48 1.79
N ALA I 622 46.48 71.85 1.81
CA ALA I 622 47.10 72.67 0.77
C ALA I 622 48.37 71.99 0.29
N PRO I 623 48.25 70.97 -0.57
CA PRO I 623 49.44 70.23 -1.01
C PRO I 623 50.45 71.08 -1.75
N GLU I 624 50.02 72.20 -2.35
CA GLU I 624 50.96 73.08 -3.01
C GLU I 624 51.80 73.89 -2.04
N ILE I 625 51.29 74.14 -0.84
CA ILE I 625 52.01 74.93 0.18
C ILE I 625 52.81 74.02 1.10
N TYR I 626 52.17 73.04 1.71
CA TYR I 626 52.81 72.18 2.70
C TYR I 626 53.62 71.07 2.09
N GLY I 627 53.44 70.77 0.80
CA GLY I 627 54.33 69.82 0.15
C GLY I 627 55.75 70.34 0.12
N GLU I 628 56.70 69.41 0.21
CA GLU I 628 58.14 69.72 0.22
C GLU I 628 58.51 70.65 1.38
N MET I 629 57.78 70.59 2.48
CA MET I 629 58.01 71.44 3.63
C MET I 629 58.17 70.56 4.87
N GLY I 630 59.06 70.96 5.78
CA GLY I 630 59.30 70.21 6.99
C GLY I 630 58.50 70.74 8.17
N LEU I 631 58.55 69.97 9.26
CA LEU I 631 57.84 70.35 10.48
C LEU I 631 58.34 71.68 11.03
N ARG I 632 59.66 71.82 11.14
CA ARG I 632 60.23 73.06 11.66
C ARG I 632 60.05 74.21 10.69
N ASP I 633 60.04 73.95 9.39
CA ASP I 633 59.75 75.02 8.43
C ASP I 633 58.38 75.61 8.67
N LEU I 634 57.36 74.76 8.81
CA LEU I 634 56.02 75.24 9.09
C LEU I 634 55.95 75.93 10.44
N GLY I 635 56.63 75.38 11.45
CA GLY I 635 56.62 76.00 12.76
C GLY I 635 57.21 77.40 12.75
N ASP I 636 58.37 77.56 12.10
CA ASP I 636 58.99 78.87 11.99
C ASP I 636 58.17 79.82 11.14
N LYS I 637 57.50 79.33 10.09
CA LYS I 637 56.61 80.18 9.33
C LYS I 637 55.49 80.72 10.20
N MET I 638 54.84 79.83 10.98
CA MET I 638 53.78 80.26 11.88
C MET I 638 54.29 81.24 12.92
N PHE I 639 55.47 80.98 13.47
CA PHE I 639 55.99 81.88 14.50
C PHE I 639 56.36 83.24 13.92
N ALA I 640 56.90 83.27 12.70
CA ALA I 640 57.18 84.54 12.05
C ALA I 640 55.89 85.31 11.79
N TYR I 641 54.84 84.61 11.37
CA TYR I 641 53.55 85.26 11.20
C TYR I 641 53.04 85.84 12.51
N LEU I 642 53.14 85.08 13.60
CA LEU I 642 52.69 85.57 14.89
C LEU I 642 53.50 86.77 15.34
N GLN I 643 54.82 86.74 15.12
CA GLN I 643 55.67 87.86 15.49
C GLN I 643 55.29 89.11 14.71
N LYS I 644 55.03 88.96 13.41
CA LYS I 644 54.68 90.11 12.59
C LYS I 644 53.32 90.69 13.00
N ASN I 645 52.33 89.83 13.16
CA ASN I 645 50.96 90.31 13.35
C ASN I 645 50.59 90.56 14.81
N ASN I 646 51.19 89.81 15.74
CA ASN I 646 50.93 89.93 17.16
C ASN I 646 49.44 89.86 17.48
N PRO I 647 48.78 88.72 17.23
CA PRO I 647 47.34 88.63 17.53
C PRO I 647 47.01 88.67 19.00
N GLY I 648 47.97 88.44 19.89
CA GLY I 648 47.69 88.53 21.32
C GLY I 648 47.30 89.93 21.75
N ALA I 649 47.97 90.94 21.18
CA ALA I 649 47.58 92.32 21.44
C ALA I 649 46.18 92.59 20.90
N ARG I 650 45.84 92.01 19.74
CA ARG I 650 44.50 92.17 19.21
C ARG I 650 43.46 91.59 20.15
N LEU I 651 43.74 90.40 20.69
CA LEU I 651 42.83 89.79 21.66
C LEU I 651 42.69 90.67 22.90
N ASN I 652 43.80 91.19 23.40
CA ASN I 652 43.74 92.04 24.59
C ASN I 652 42.93 93.30 24.33
N GLN I 653 43.10 93.91 23.16
CA GLN I 653 42.32 95.09 22.83
C GLN I 653 40.85 94.76 22.70
N ALA I 654 40.52 93.63 22.05
CA ALA I 654 39.12 93.28 21.84
C ALA I 654 38.42 92.94 23.15
N TYR I 655 39.13 92.35 24.12
CA TYR I 655 38.46 91.89 25.32
C TYR I 655 38.62 92.83 26.52
N SER I 656 39.54 93.78 26.45
CA SER I 656 39.64 94.78 27.51
C SER I 656 38.54 95.83 27.42
N GLN I 657 38.09 96.14 26.20
CA GLN I 657 37.03 97.11 25.98
C GLN I 657 35.74 96.39 25.63
N LEU I 658 34.67 96.73 26.33
CA LEU I 658 33.39 96.11 26.03
C LEU I 658 32.72 96.81 24.83
N PRO I 659 32.03 96.05 23.99
CA PRO I 659 31.30 96.67 22.88
C PRO I 659 30.15 97.53 23.38
N GLN I 660 29.75 98.48 22.55
CA GLN I 660 28.61 99.32 22.87
C GLN I 660 27.32 98.51 22.79
N VAL I 661 26.47 98.64 23.81
CA VAL I 661 25.22 97.91 23.89
C VAL I 661 24.11 98.75 23.28
N MET I 662 23.38 98.17 22.33
CA MET I 662 22.28 98.86 21.68
C MET I 662 20.91 98.36 22.12
N MET I 663 20.78 97.07 22.41
CA MET I 663 19.52 96.51 22.89
C MET I 663 19.82 95.25 23.68
N THR I 664 18.81 94.77 24.40
CA THR I 664 18.93 93.54 25.15
C THR I 664 19.09 92.36 24.18
N PRO I 665 19.66 91.24 24.65
CA PRO I 665 19.74 90.05 23.79
C PRO I 665 18.39 89.57 23.31
N ARG I 666 17.34 89.71 24.12
CA ARG I 666 16.01 89.30 23.67
C ARG I 666 15.53 90.14 22.49
N ASP I 667 15.78 91.46 22.53
CA ASP I 667 15.41 92.31 21.41
C ASP I 667 16.15 91.93 20.14
N ALA I 668 17.45 91.65 20.26
CA ALA I 668 18.24 91.24 19.11
C ALA I 668 17.70 89.93 18.54
N TYR I 669 17.36 88.97 19.40
CA TYR I 669 16.83 87.72 18.88
C TYR I 669 15.46 87.91 18.23
N GLN I 670 14.62 88.76 18.80
CA GLN I 670 13.33 89.03 18.20
C GLN I 670 13.46 89.74 16.87
N GLN I 671 14.57 90.44 16.63
CA GLN I 671 14.87 90.89 15.28
C GLN I 671 15.05 89.71 14.33
N ILE I 672 15.71 88.64 14.79
CA ILE I 672 15.83 87.44 13.99
C ILE I 672 14.47 86.85 13.70
N VAL I 673 13.60 86.78 14.72
CA VAL I 673 12.27 86.21 14.52
C VAL I 673 11.47 87.03 13.52
N ALA I 674 11.62 88.35 13.56
CA ALA I 674 10.92 89.25 12.64
C ALA I 674 11.55 89.31 11.27
N ASN I 675 12.58 88.50 11.01
CA ASN I 675 13.28 88.44 9.73
C ASN I 675 13.94 89.78 9.38
N ARG I 676 14.26 90.58 10.39
CA ARG I 676 14.99 91.84 10.20
C ARG I 676 16.48 91.65 10.41
N VAL I 677 17.08 90.66 9.75
CA VAL I 677 18.51 90.39 9.89
C VAL I 677 19.08 90.04 8.52
N GLU I 678 20.40 90.15 8.41
CA GLU I 678 21.09 89.86 7.17
C GLU I 678 22.52 89.41 7.47
N ALA I 679 23.11 88.68 6.54
CA ALA I 679 24.50 88.25 6.64
C ALA I 679 25.40 89.35 6.12
N VAL I 680 26.34 89.80 6.96
CA VAL I 680 27.20 90.93 6.66
C VAL I 680 28.64 90.46 6.71
N PRO I 681 29.47 90.74 5.70
CA PRO I 681 30.88 90.38 5.77
C PRO I 681 31.61 91.21 6.82
N VAL I 682 32.78 90.70 7.21
CA VAL I 682 33.55 91.32 8.28
C VAL I 682 33.96 92.74 7.91
N ASP I 683 34.36 92.97 6.66
CA ASP I 683 34.80 94.28 6.25
C ASP I 683 33.67 95.32 6.22
N GLN I 684 32.42 94.90 6.34
CA GLN I 684 31.29 95.81 6.34
C GLN I 684 30.58 95.85 7.69
N LEU I 685 31.25 95.41 8.76
CA LEU I 685 30.62 95.29 10.07
C LEU I 685 30.54 96.61 10.83
N MET I 686 31.15 97.68 10.33
CA MET I 686 31.21 98.93 11.09
C MET I 686 29.81 99.48 11.32
N GLY I 687 29.48 99.73 12.59
CA GLY I 687 28.19 100.28 12.96
C GLY I 687 27.07 99.27 13.08
N ARG I 688 27.31 98.01 12.75
CA ARG I 688 26.25 97.01 12.72
C ARG I 688 26.05 96.38 14.09
N VAL I 689 24.83 95.95 14.36
CA VAL I 689 24.46 95.29 15.60
C VAL I 689 24.38 93.80 15.35
N ALA I 690 25.15 93.03 16.12
CA ALA I 690 25.16 91.58 15.94
C ALA I 690 23.83 90.99 16.37
N ALA I 691 23.30 90.07 15.55
CA ALA I 691 22.04 89.42 15.89
C ALA I 691 22.23 88.26 16.85
N ASN I 692 23.41 87.64 16.86
CA ASN I 692 23.75 86.57 17.79
C ASN I 692 25.13 86.83 18.37
N SER I 693 25.56 85.95 19.26
CA SER I 693 26.84 86.12 19.93
C SER I 693 28.00 85.67 19.05
N ILE I 694 29.13 86.34 19.20
CA ILE I 694 30.35 86.02 18.49
C ILE I 694 31.35 85.50 19.53
N ILE I 695 31.73 84.23 19.41
CA ILE I 695 32.64 83.59 20.34
C ILE I 695 33.84 83.08 19.56
N PRO I 696 34.93 83.84 19.51
CA PRO I 696 36.15 83.36 18.87
C PRO I 696 36.92 82.39 19.77
N TYR I 697 37.60 81.45 19.12
CA TYR I 697 38.49 80.51 19.81
C TYR I 697 39.90 80.68 19.26
N PRO I 698 40.85 81.24 20.01
CA PRO I 698 40.76 81.73 21.39
C PRO I 698 40.06 83.08 21.48
N PRO I 699 39.66 83.52 22.69
CA PRO I 699 39.83 82.88 23.99
C PRO I 699 38.68 81.97 24.41
N GLY I 700 37.71 81.74 23.53
CA GLY I 700 36.63 80.83 23.84
C GLY I 700 35.51 81.41 24.67
N ILE I 701 35.52 82.71 24.93
CA ILE I 701 34.42 83.36 25.64
C ILE I 701 33.88 84.46 24.72
N PRO I 702 32.61 84.85 24.84
CA PRO I 702 32.01 85.73 23.82
C PRO I 702 32.68 87.10 23.79
N MET I 703 33.02 87.53 22.58
CA MET I 703 33.53 88.89 22.39
C MET I 703 32.39 89.87 22.22
N LEU I 704 31.32 89.45 21.54
CA LEU I 704 30.10 90.23 21.40
C LEU I 704 28.91 89.36 21.77
N LEU I 705 27.97 89.94 22.49
CA LEU I 705 26.67 89.32 22.73
C LEU I 705 25.64 89.89 21.77
N SER I 706 24.49 89.25 21.71
CA SER I 706 23.40 89.72 20.86
C SER I 706 22.95 91.10 21.30
N GLY I 707 22.78 92.00 20.34
CA GLY I 707 22.37 93.35 20.63
C GLY I 707 23.50 94.31 20.94
N GLU I 708 24.74 93.95 20.61
CA GLU I 708 25.90 94.79 20.86
C GLU I 708 26.46 95.31 19.54
N ASN I 709 26.89 96.56 19.54
CA ASN I 709 27.43 97.18 18.35
C ASN I 709 28.84 96.66 18.08
N PHE I 710 29.18 96.53 16.79
CA PHE I 710 30.53 96.09 16.44
C PHE I 710 31.54 97.21 16.58
N GLY I 711 31.13 98.46 16.40
CA GLY I 711 31.99 99.61 16.56
C GLY I 711 32.37 100.24 15.24
N ASP I 712 33.15 101.31 15.34
CA ASP I 712 33.59 102.08 14.18
C ASP I 712 34.77 101.42 13.48
N GLU I 713 35.45 102.18 12.61
CA GLU I 713 36.54 101.62 11.81
C GLU I 713 37.66 101.08 12.69
N ASN I 714 37.99 101.79 13.77
CA ASN I 714 39.10 101.41 14.63
C ASN I 714 38.68 100.48 15.76
N SER I 715 37.53 99.83 15.64
CA SER I 715 37.05 98.97 16.71
C SER I 715 37.98 97.75 16.85
N PRO I 716 38.42 97.43 18.07
CA PRO I 716 39.27 96.24 18.25
C PRO I 716 38.56 94.94 17.93
N HIS I 717 37.24 94.88 17.99
CA HIS I 717 36.53 93.62 17.77
C HIS I 717 36.55 93.23 16.30
N ILE I 718 36.27 94.17 15.41
CA ILE I 718 36.40 93.91 13.98
C ILE I 718 37.85 93.59 13.63
N HIS I 719 38.78 94.27 14.31
CA HIS I 719 40.20 93.99 14.06
C HIS I 719 40.56 92.56 14.45
N TYR I 720 40.06 92.09 15.58
CA TYR I 720 40.35 90.73 16.00
C TYR I 720 39.72 89.71 15.04
N LEU I 721 38.49 89.98 14.61
CA LEU I 721 37.87 89.09 13.62
C LEU I 721 38.68 89.05 12.33
N ARG I 722 39.17 90.20 11.90
CA ARG I 722 40.02 90.26 10.70
C ARG I 722 41.31 89.48 10.91
N SER I 723 41.91 89.58 12.11
CA SER I 723 43.13 88.83 12.39
C SER I 723 42.89 87.33 12.29
N LEU I 724 41.78 86.86 12.87
CA LEU I 724 41.46 85.44 12.78
C LEU I 724 41.24 85.02 11.34
N GLN I 725 40.54 85.85 10.56
CA GLN I 725 40.32 85.53 9.16
C GLN I 725 41.63 85.47 8.38
N ALA I 726 42.54 86.40 8.66
CA ALA I 726 43.83 86.40 7.98
C ALA I 726 44.64 85.16 8.33
N TRP I 727 44.62 84.77 9.60
CA TRP I 727 45.30 83.53 9.98
C TRP I 727 44.71 82.34 9.24
N ASP I 728 43.39 82.26 9.16
CA ASP I 728 42.76 81.15 8.45
C ASP I 728 43.17 81.13 6.98
N SER I 729 43.23 82.32 6.35
CA SER I 729 43.63 82.38 4.95
C SER I 729 45.09 81.95 4.78
N GLU I 730 45.97 82.35 5.69
CA GLU I 730 47.39 82.07 5.53
C GLU I 730 47.74 80.61 5.82
N PHE I 731 47.02 79.95 6.71
CA PHE I 731 47.35 78.59 7.14
C PHE I 731 46.15 77.67 7.01
N PRO I 732 45.89 77.13 5.82
CA PRO I 732 44.83 76.14 5.67
C PRO I 732 45.10 74.91 6.51
N GLY I 733 44.03 74.34 7.05
CA GLY I 733 44.14 73.21 7.95
C GLY I 733 44.38 73.56 9.40
N PHE I 734 44.59 74.84 9.72
CA PHE I 734 44.81 75.32 11.08
C PHE I 734 43.85 76.46 11.38
N GLU I 735 42.63 76.37 10.87
CA GLU I 735 41.69 77.47 10.95
C GLU I 735 41.06 77.57 12.33
N HIS I 736 40.92 78.81 12.79
CA HIS I 736 40.27 79.06 14.07
C HIS I 736 38.77 78.78 13.99
N GLU I 737 38.19 78.41 15.11
CA GLU I 737 36.74 78.28 15.23
C GLU I 737 36.17 79.56 15.84
N THR I 738 35.06 80.02 15.28
CA THR I 738 34.38 81.22 15.78
C THR I 738 32.88 80.96 15.73
N GLU I 739 32.29 80.68 16.89
CA GLU I 739 30.84 80.51 16.96
C GLU I 739 30.15 81.83 16.68
N GLY I 740 29.05 81.76 15.93
CA GLY I 740 28.30 82.94 15.56
C GLY I 740 28.62 83.52 14.21
N THR I 741 29.44 82.84 13.41
CA THR I 741 29.80 83.30 12.08
C THR I 741 29.51 82.21 11.06
N GLU I 742 29.33 82.64 9.82
CA GLU I 742 29.22 81.74 8.68
C GLU I 742 30.43 81.94 7.78
N ILE I 743 31.04 80.85 7.37
CA ILE I 743 32.26 80.89 6.58
C ILE I 743 31.90 80.44 5.17
N ILE I 744 31.73 81.41 4.27
CA ILE I 744 31.43 81.16 2.86
C ILE I 744 32.67 81.48 2.06
N ASP I 745 33.08 80.52 1.21
CA ASP I 745 34.32 80.57 0.44
C ASP I 745 35.49 81.10 1.27
N GLY I 746 35.59 80.63 2.52
CA GLY I 746 36.66 81.04 3.40
C GLY I 746 36.52 82.43 3.97
N GLN I 747 35.38 83.09 3.78
CA GLN I 747 35.17 84.45 4.24
C GLN I 747 34.12 84.45 5.34
N TYR I 748 34.31 85.32 6.33
CA TYR I 748 33.44 85.35 7.50
C TYR I 748 32.20 86.18 7.24
N TYR I 749 31.04 85.64 7.62
CA TYR I 749 29.78 86.37 7.57
C TYR I 749 29.14 86.36 8.94
N VAL I 750 28.56 87.50 9.33
CA VAL I 750 27.93 87.66 10.63
C VAL I 750 26.49 88.14 10.41
N MET I 751 25.55 87.49 11.09
CA MET I 751 24.16 87.90 11.03
C MET I 751 23.96 89.17 11.85
N CYS I 752 23.46 90.22 11.21
CA CYS I 752 23.34 91.52 11.84
C CYS I 752 21.92 92.06 11.67
N VAL I 753 21.50 92.90 12.62
CA VAL I 753 20.19 93.51 12.55
C VAL I 753 20.16 94.51 11.40
N LYS I 754 19.12 94.42 10.57
CA LYS I 754 18.93 95.40 9.50
C LYS I 754 18.67 96.78 10.11
N THR I 755 19.36 97.78 9.60
CA THR I 755 19.23 99.14 10.13
C THR I 755 17.86 99.74 9.80
N MET J 1 25.52 35.04 9.78
CA MET J 1 25.08 34.79 8.42
C MET J 1 24.22 33.52 8.36
N ARG J 2 22.99 33.67 7.89
CA ARG J 2 22.05 32.56 7.79
C ARG J 2 21.48 32.50 6.38
N ALA J 3 21.57 31.34 5.75
CA ALA J 3 21.00 31.09 4.44
C ALA J 3 19.80 30.17 4.59
N LEU J 4 18.71 30.50 3.91
CA LEU J 4 17.51 29.69 3.89
C LEU J 4 17.40 28.98 2.55
N ILE J 5 17.26 27.67 2.58
CA ILE J 5 17.13 26.86 1.38
C ILE J 5 15.74 26.24 1.37
N VAL J 6 14.95 26.58 0.35
CA VAL J 6 13.58 26.09 0.19
C VAL J 6 13.48 25.45 -1.18
N TYR J 7 13.48 24.12 -1.23
CA TYR J 7 13.29 23.39 -2.47
C TYR J 7 12.31 22.26 -2.23
N THR J 8 11.47 21.96 -3.23
CA THR J 8 10.42 20.98 -3.07
C THR J 8 10.69 19.71 -3.86
N GLU J 9 10.76 19.79 -5.19
CA GLU J 9 11.00 18.62 -6.03
C GLU J 9 11.62 19.14 -7.32
N LEU J 10 12.94 19.07 -7.43
CA LEU J 10 13.61 19.56 -8.62
C LEU J 10 13.82 18.46 -9.66
N THR J 11 14.06 17.24 -9.20
CA THR J 11 14.28 16.10 -10.08
C THR J 11 13.18 15.07 -9.87
N ASP J 12 12.96 14.25 -10.91
CA ASP J 12 11.97 13.18 -10.81
C ASP J 12 12.31 12.20 -9.69
N LYS J 13 13.59 12.04 -9.37
CA LYS J 13 14.04 11.24 -8.25
C LYS J 13 14.66 12.17 -7.21
N ASP J 14 14.15 12.10 -5.98
CA ASP J 14 14.46 13.10 -4.97
C ASP J 14 15.94 13.09 -4.59
N SER J 15 16.60 11.93 -4.68
CA SER J 15 17.93 11.80 -4.10
C SER J 15 18.96 12.69 -4.79
N VAL J 16 18.79 12.98 -6.08
CA VAL J 16 19.78 13.79 -6.79
C VAL J 16 19.82 15.20 -6.23
N ILE J 17 18.67 15.88 -6.19
CA ILE J 17 18.62 17.24 -5.69
C ILE J 17 18.93 17.27 -4.20
N SER J 18 18.50 16.26 -3.46
CA SER J 18 18.80 16.22 -2.03
C SER J 18 20.30 16.12 -1.78
N HIS J 19 21.00 15.28 -2.53
CA HIS J 19 22.44 15.17 -2.34
C HIS J 19 23.16 16.44 -2.77
N ALA J 20 22.72 17.05 -3.87
CA ALA J 20 23.33 18.30 -4.30
C ALA J 20 23.14 19.40 -3.25
N VAL J 21 21.94 19.48 -2.68
CA VAL J 21 21.66 20.49 -1.65
C VAL J 21 22.45 20.19 -0.39
N ALA J 22 22.63 18.91 -0.04
CA ALA J 22 23.43 18.56 1.12
C ALA J 22 24.88 18.98 0.92
N ARG J 23 25.44 18.75 -0.27
CA ARG J 23 26.80 19.20 -0.54
C ARG J 23 26.91 20.72 -0.44
N LEU J 24 25.93 21.43 -1.00
CA LEU J 24 25.96 22.90 -0.91
C LEU J 24 25.86 23.37 0.53
N ALA J 25 25.01 22.73 1.34
CA ALA J 25 24.87 23.13 2.73
C ALA J 25 26.15 22.87 3.50
N SER J 26 26.82 21.74 3.22
CA SER J 26 28.10 21.48 3.87
C SER J 26 29.13 22.55 3.51
N GLU J 27 29.21 22.92 2.23
CA GLU J 27 30.15 23.95 1.82
C GLU J 27 29.80 25.30 2.42
N LEU J 28 28.52 25.60 2.60
CA LEU J 28 28.12 26.86 3.22
C LEU J 28 28.47 26.86 4.70
N ASN J 29 28.29 25.73 5.38
CA ASN J 29 28.65 25.66 6.79
C ASN J 29 30.15 25.77 6.98
N ASP J 30 30.94 25.26 6.03
CA ASP J 30 32.39 25.39 6.14
C ASP J 30 32.85 26.84 6.02
N GLU J 31 32.05 27.73 5.44
CA GLU J 31 32.36 29.15 5.42
C GLU J 31 31.54 29.93 6.45
N HIS J 32 31.06 29.27 7.49
CA HIS J 32 30.36 29.90 8.62
C HIS J 32 29.07 30.59 8.20
N VAL J 33 28.36 30.02 7.24
CA VAL J 33 27.00 30.41 6.92
C VAL J 33 26.08 29.31 7.44
N GLU J 34 25.25 29.64 8.42
CA GLU J 34 24.27 28.69 8.92
C GLU J 34 23.18 28.47 7.87
N THR J 35 22.72 27.23 7.74
CA THR J 35 21.75 26.87 6.72
C THR J 35 20.52 26.26 7.36
N VAL J 36 19.36 26.69 6.90
CA VAL J 36 18.07 26.09 7.24
C VAL J 36 17.50 25.51 5.96
N ILE J 37 17.25 24.20 5.94
CA ILE J 37 16.77 23.49 4.77
C ILE J 37 15.30 23.16 4.98
N ILE J 38 14.46 23.59 4.05
CA ILE J 38 13.02 23.44 4.14
C ILE J 38 12.51 22.86 2.84
N ARG J 39 11.62 21.87 2.92
CA ARG J 39 11.14 21.15 1.75
C ARG J 39 9.77 21.59 1.26
N ASP J 40 9.15 22.58 1.91
CA ASP J 40 7.80 22.99 1.53
C ASP J 40 7.69 24.51 1.61
N PHE J 41 6.98 25.10 0.65
CA PHE J 41 6.89 26.55 0.60
C PHE J 41 6.04 27.11 1.72
N GLU J 42 5.06 26.35 2.23
CA GLU J 42 4.29 26.83 3.37
C GLU J 42 5.15 26.83 4.63
N ASP J 43 5.98 25.79 4.81
CA ASP J 43 6.92 25.78 5.92
C ASP J 43 7.92 26.92 5.81
N GLY J 44 8.41 27.20 4.61
CA GLY J 44 9.30 28.33 4.42
C GLY J 44 8.63 29.66 4.71
N LEU J 45 7.35 29.78 4.34
CA LEU J 45 6.59 30.98 4.65
C LEU J 45 6.44 31.17 6.16
N ALA J 46 6.14 30.07 6.87
CA ALA J 46 6.05 30.15 8.32
C ALA J 46 7.38 30.54 8.93
N TYR J 47 8.48 29.98 8.42
CA TYR J 47 9.79 30.33 8.91
C TYR J 47 10.09 31.82 8.68
N ILE J 48 9.74 32.32 7.50
CA ILE J 48 10.00 33.73 7.19
C ILE J 48 9.17 34.65 8.07
N ARG J 49 7.94 34.25 8.40
CA ARG J 49 7.10 35.09 9.23
C ARG J 49 7.53 35.11 10.69
N SER J 50 8.47 34.25 11.09
CA SER J 50 9.13 34.42 12.36
C SER J 50 10.27 35.41 12.19
N ASN J 51 10.40 36.33 13.16
CA ASN J 51 11.33 37.45 13.02
C ASN J 51 12.77 36.96 13.18
N THR J 52 13.18 36.14 12.22
CA THR J 52 14.53 35.60 12.16
C THR J 52 15.27 36.24 10.99
N SER J 53 16.48 36.70 11.24
CA SER J 53 17.27 37.33 10.18
C SER J 53 17.72 36.30 9.15
N ILE J 54 17.42 36.58 7.89
CA ILE J 54 17.81 35.73 6.78
C ILE J 54 18.70 36.55 5.87
N ASP J 55 19.91 36.04 5.60
CA ASP J 55 20.87 36.78 4.80
C ASP J 55 20.85 36.41 3.33
N CYS J 56 20.29 35.26 2.98
CA CYS J 56 20.21 34.82 1.60
C CYS J 56 19.14 33.75 1.47
N LEU J 57 18.38 33.81 0.39
CA LEU J 57 17.37 32.81 0.07
C LEU J 57 17.78 32.06 -1.17
N LEU J 58 17.88 30.74 -1.06
CA LEU J 58 18.12 29.86 -2.21
C LEU J 58 16.91 28.95 -2.34
N TYR J 59 16.24 29.03 -3.48
CA TYR J 59 15.01 28.27 -3.66
C TYR J 59 15.02 27.57 -5.01
N GLY J 60 14.26 26.49 -5.07
CA GLY J 60 13.99 25.80 -6.32
C GLY J 60 12.62 25.15 -6.25
N ARG J 61 11.98 25.05 -7.40
CA ARG J 61 10.66 24.43 -7.51
C ARG J 61 10.67 23.37 -8.60
N ASP J 62 9.47 22.88 -8.91
CA ASP J 62 9.32 21.90 -9.99
C ASP J 62 9.72 22.49 -11.33
N MET J 63 9.43 23.78 -11.55
CA MET J 63 9.72 24.59 -12.73
C MET J 63 8.77 24.29 -13.87
N SER J 64 7.91 23.28 -13.75
CA SER J 64 6.82 23.06 -14.69
C SER J 64 5.45 23.24 -14.04
N ASP J 65 5.40 23.58 -12.77
CA ASP J 65 4.15 23.75 -12.04
C ASP J 65 3.90 25.23 -11.80
N ARG J 66 2.78 25.75 -12.32
CA ARG J 66 2.46 27.16 -12.09
C ARG J 66 2.07 27.42 -10.65
N ASP J 67 1.49 26.44 -9.96
CA ASP J 67 1.14 26.62 -8.56
C ASP J 67 2.37 26.83 -7.70
N GLU J 68 3.42 26.03 -7.94
CA GLU J 68 4.67 26.23 -7.21
C GLU J 68 5.32 27.55 -7.59
N GLN J 69 5.14 28.00 -8.83
CA GLN J 69 5.65 29.31 -9.21
C GLN J 69 4.96 30.42 -8.40
N ILE J 70 3.64 30.33 -8.27
CA ILE J 70 2.90 31.30 -7.47
C ILE J 70 3.35 31.24 -6.02
N GLN J 71 3.53 30.04 -5.49
CA GLN J 71 3.98 29.89 -4.11
C GLN J 71 5.36 30.49 -3.90
N ALA J 72 6.29 30.27 -4.83
CA ALA J 72 7.63 30.81 -4.72
C ALA J 72 7.61 32.34 -4.78
N HIS J 73 6.79 32.90 -5.68
CA HIS J 73 6.67 34.35 -5.75
C HIS J 73 6.11 34.92 -4.45
N ARG J 74 5.13 34.23 -3.87
CA ARG J 74 4.57 34.63 -2.58
C ARG J 74 5.64 34.59 -1.49
N LEU J 75 6.46 33.54 -1.48
CA LEU J 75 7.52 33.42 -0.49
C LEU J 75 8.52 34.58 -0.60
N ILE J 76 8.92 34.91 -1.83
CA ILE J 76 9.89 35.97 -2.00
C ILE J 76 9.30 37.33 -1.62
N THR J 77 8.03 37.56 -1.99
CA THR J 77 7.38 38.81 -1.59
C THR J 77 7.27 38.93 -0.08
N GLN J 78 6.90 37.84 0.59
CA GLN J 78 6.82 37.85 2.05
C GLN J 78 8.19 38.13 2.65
N LEU J 79 9.25 37.52 2.12
CA LEU J 79 10.58 37.77 2.64
C LEU J 79 10.96 39.23 2.49
N HIS J 80 10.65 39.83 1.34
CA HIS J 80 11.04 41.22 1.12
C HIS J 80 10.11 42.21 1.79
N ARG J 81 9.01 41.76 2.40
CA ARG J 81 8.19 42.68 3.18
C ARG J 81 9.00 43.36 4.29
N ARG J 82 9.73 42.58 5.08
CA ARG J 82 10.53 43.12 6.16
C ARG J 82 12.03 42.96 5.98
N GLN J 83 12.47 42.16 5.02
CA GLN J 83 13.90 41.99 4.72
C GLN J 83 14.05 42.26 3.22
N GLU J 84 14.18 43.54 2.89
CA GLU J 84 13.82 44.01 1.55
C GLU J 84 14.83 43.59 0.49
N ASP J 85 16.12 43.68 0.77
CA ASP J 85 17.13 43.48 -0.26
C ASP J 85 17.90 42.17 -0.08
N VAL J 86 17.31 41.19 0.57
CA VAL J 86 17.97 39.89 0.76
C VAL J 86 18.20 39.25 -0.61
N PRO J 87 19.40 38.78 -0.93
CA PRO J 87 19.63 38.15 -2.22
C PRO J 87 18.83 36.86 -2.37
N VAL J 88 18.36 36.62 -3.58
CA VAL J 88 17.60 35.42 -3.91
C VAL J 88 18.35 34.65 -4.98
N PHE J 89 18.72 33.41 -4.66
CA PHE J 89 19.34 32.50 -5.61
C PHE J 89 18.32 31.48 -6.09
N LEU J 90 18.26 31.26 -7.39
CA LEU J 90 17.42 30.23 -7.97
C LEU J 90 18.24 28.96 -8.14
N LEU J 91 17.87 27.90 -7.42
CA LEU J 91 18.47 26.59 -7.61
C LEU J 91 17.65 25.82 -8.62
N SER J 92 18.27 25.41 -9.73
CA SER J 92 17.51 24.75 -10.78
C SER J 92 18.46 24.00 -11.69
N ASP J 93 17.90 23.00 -12.36
CA ASP J 93 18.55 22.45 -13.55
C ASP J 93 18.60 23.54 -14.62
N ARG J 94 19.73 23.59 -15.35
CA ARG J 94 20.00 24.73 -16.22
C ARG J 94 18.95 24.87 -17.33
N GLU J 95 18.62 23.76 -17.99
CA GLU J 95 17.70 23.84 -19.13
C GLU J 95 16.31 24.27 -18.69
N GLU J 96 15.82 23.73 -17.57
CA GLU J 96 14.50 24.11 -17.07
C GLU J 96 14.44 25.58 -16.73
N ALA J 97 15.49 26.11 -16.08
CA ALA J 97 15.50 27.53 -15.76
C ALA J 97 15.59 28.39 -17.02
N LEU J 98 16.39 27.96 -17.99
CA LEU J 98 16.56 28.76 -19.21
C LEU J 98 15.28 28.81 -20.03
N VAL J 99 14.51 27.73 -20.09
CA VAL J 99 13.27 27.80 -20.84
C VAL J 99 12.22 28.65 -20.13
N ALA J 100 12.32 28.80 -18.81
CA ALA J 100 11.40 29.63 -18.05
C ALA J 100 11.90 31.06 -17.87
N PHE J 101 13.04 31.40 -18.46
CA PHE J 101 13.64 32.72 -18.27
C PHE J 101 12.80 33.80 -18.94
N ASP J 102 12.53 34.88 -18.19
CA ASP J 102 11.83 36.04 -18.72
C ASP J 102 12.06 37.21 -17.78
N ARG J 103 11.42 38.34 -18.11
CA ARG J 103 11.54 39.53 -17.27
C ARG J 103 10.97 39.30 -15.88
N ASN J 104 9.83 38.62 -15.82
CA ASN J 104 9.18 38.38 -14.53
C ASN J 104 10.04 37.52 -13.62
N MET J 105 10.75 36.53 -14.17
CA MET J 105 11.69 35.77 -13.38
C MET J 105 12.80 36.66 -12.82
N MET J 106 13.40 37.48 -13.66
CA MET J 106 14.49 38.33 -13.22
C MET J 106 14.06 39.43 -12.27
N GLU J 107 12.76 39.73 -12.22
CA GLU J 107 12.28 40.70 -11.23
C GLU J 107 12.47 40.22 -9.81
N GLN J 108 12.50 38.91 -9.58
CA GLN J 108 12.63 38.36 -8.24
C GLN J 108 13.88 37.52 -8.01
N VAL J 109 14.61 37.17 -9.05
CA VAL J 109 15.81 36.34 -8.93
C VAL J 109 17.03 37.22 -9.13
N ASP J 110 17.97 37.16 -8.18
CA ASP J 110 19.22 37.90 -8.30
C ASP J 110 20.32 37.07 -8.96
N GLU J 111 20.39 35.78 -8.66
CA GLU J 111 21.46 34.94 -9.21
C GLU J 111 20.96 33.54 -9.51
N PHE J 112 21.68 32.88 -10.40
CA PHE J 112 21.42 31.51 -10.80
C PHE J 112 22.42 30.58 -10.13
N ALA J 113 21.95 29.43 -9.68
CA ALA J 113 22.81 28.39 -9.12
C ALA J 113 22.45 27.07 -9.81
N TRP J 114 23.24 26.67 -10.79
CA TRP J 114 23.02 25.40 -11.47
C TRP J 114 23.49 24.29 -10.54
N ILE J 115 22.62 23.91 -9.61
CA ILE J 115 22.98 23.04 -8.51
C ILE J 115 23.43 21.65 -8.96
N LEU J 116 23.00 21.19 -10.13
CA LEU J 116 23.30 19.84 -10.58
C LEU J 116 24.52 19.74 -11.48
N GLU J 117 25.13 20.85 -11.89
CA GLU J 117 26.30 20.80 -12.75
C GLU J 117 27.39 21.77 -12.30
N ASP J 118 27.29 22.32 -11.10
CA ASP J 118 28.26 23.27 -10.59
C ASP J 118 28.82 22.77 -9.27
N SER J 119 30.07 23.11 -9.00
CA SER J 119 30.67 22.76 -7.73
C SER J 119 29.99 23.53 -6.60
N ALA J 120 29.76 22.85 -5.48
CA ALA J 120 29.16 23.51 -4.33
C ALA J 120 30.05 24.61 -3.80
N ASP J 121 31.37 24.51 -3.98
CA ASP J 121 32.27 25.55 -3.51
C ASP J 121 32.08 26.86 -4.25
N PHE J 122 31.90 26.80 -5.58
CA PHE J 122 31.68 28.02 -6.35
C PHE J 122 30.38 28.71 -5.93
N ILE J 123 29.30 27.93 -5.79
CA ILE J 123 28.02 28.50 -5.39
C ILE J 123 28.12 29.06 -3.98
N ALA J 124 28.81 28.37 -3.08
CA ALA J 124 28.96 28.85 -1.72
C ALA J 124 29.74 30.17 -1.69
N GLY J 125 30.78 30.28 -2.50
CA GLY J 125 31.52 31.53 -2.57
C GLY J 125 30.67 32.68 -3.08
N ARG J 126 29.87 32.42 -4.12
CA ARG J 126 28.98 33.46 -4.63
C ARG J 126 27.94 33.86 -3.60
N VAL J 127 27.41 32.88 -2.86
CA VAL J 127 26.44 33.17 -1.82
C VAL J 127 27.06 34.03 -0.72
N LEU J 128 28.29 33.71 -0.33
CA LEU J 128 28.97 34.50 0.69
C LEU J 128 29.21 35.93 0.21
N ALA J 129 29.62 36.10 -1.05
CA ALA J 129 29.80 37.44 -1.58
C ALA J 129 28.49 38.22 -1.58
N ALA J 130 27.39 37.58 -1.97
CA ALA J 130 26.10 38.24 -1.96
C ALA J 130 25.68 38.63 -0.55
N ILE J 131 25.92 37.74 0.42
CA ILE J 131 25.57 38.03 1.81
C ILE J 131 26.36 39.22 2.32
N GLN J 132 27.66 39.27 2.01
CA GLN J 132 28.47 40.40 2.45
C GLN J 132 28.00 41.71 1.81
N ARG J 133 27.67 41.67 0.52
CA ARG J 133 27.14 42.85 -0.13
C ARG J 133 25.85 43.31 0.54
N TYR J 134 24.96 42.38 0.87
CA TYR J 134 23.71 42.74 1.53
C TYR J 134 23.95 43.32 2.91
N ARG J 135 24.84 42.72 3.69
CA ARG J 135 25.10 43.20 5.04
C ARG J 135 25.76 44.58 5.04
N SER J 136 26.55 44.88 4.01
CA SER J 136 27.25 46.16 4.01
C SER J 136 26.32 47.35 3.78
N GLN J 137 25.11 47.12 3.27
CA GLN J 137 24.17 48.21 3.02
C GLN J 137 23.03 48.24 4.02
N LEU J 138 23.07 47.40 5.05
CA LEU J 138 21.91 47.20 5.91
C LEU J 138 21.70 48.35 6.89
N LEU J 139 22.78 48.95 7.41
CA LEU J 139 22.49 49.88 8.49
C LEU J 139 22.35 51.30 7.99
N PRO J 140 21.54 52.11 8.67
CA PRO J 140 21.45 53.54 8.35
C PRO J 140 22.74 54.26 8.75
N PRO J 141 22.96 55.47 8.23
CA PRO J 141 24.33 56.04 8.29
C PRO J 141 24.82 56.33 9.71
N LEU J 142 24.03 57.00 10.52
CA LEU J 142 24.50 57.37 11.86
C LEU J 142 24.79 56.13 12.70
N MET J 143 23.91 55.14 12.65
CA MET J 143 24.11 53.92 13.43
C MET J 143 25.36 53.19 12.96
N LYS J 144 25.57 53.14 11.65
CA LYS J 144 26.75 52.50 11.08
C LYS J 144 28.03 53.17 11.55
N SER J 145 28.07 54.51 11.50
CA SER J 145 29.26 55.22 11.91
C SER J 145 29.51 55.08 13.41
N LEU J 146 28.44 55.09 14.21
CA LEU J 146 28.60 54.91 15.65
C LEU J 146 29.15 53.52 15.97
N ILE J 147 28.63 52.49 15.31
CA ILE J 147 29.14 51.14 15.54
C ILE J 147 30.59 51.04 15.12
N LYS J 148 30.94 51.65 13.98
CA LYS J 148 32.32 51.61 13.53
C LYS J 148 33.26 52.30 14.51
N TYR J 149 32.83 53.44 15.07
CA TYR J 149 33.69 54.16 16.00
C TYR J 149 33.76 53.47 17.36
N SER J 150 32.73 52.70 17.73
CA SER J 150 32.68 52.10 19.05
C SER J 150 33.85 51.18 19.36
N ASP J 151 34.55 50.65 18.36
CA ASP J 151 35.70 49.79 18.63
C ASP J 151 36.89 50.57 19.21
N VAL J 152 36.93 51.89 19.05
CA VAL J 152 38.02 52.67 19.61
C VAL J 152 37.91 52.66 21.14
N HIS J 153 39.03 52.38 21.81
CA HIS J 153 39.05 52.32 23.27
C HIS J 153 40.09 53.23 23.91
N GLU J 154 40.76 54.08 23.15
CA GLU J 154 41.82 54.89 23.69
C GLU J 154 41.26 56.02 24.55
N TYR J 155 42.00 56.36 25.60
CA TYR J 155 41.65 57.48 26.45
C TYR J 155 41.81 58.78 25.68
N SER J 156 40.70 59.38 25.28
CA SER J 156 40.74 60.77 24.87
C SER J 156 40.94 61.62 26.10
N TRP J 157 41.51 62.80 25.90
CA TRP J 157 41.80 63.71 27.00
C TRP J 157 40.74 64.80 27.11
N ALA J 158 39.48 64.42 26.85
CA ALA J 158 38.36 65.35 26.84
C ALA J 158 37.14 64.66 27.44
N ALA J 159 36.07 65.43 27.60
CA ALA J 159 34.82 64.91 28.14
C ALA J 159 34.13 64.03 27.10
N PRO J 160 33.23 63.13 27.53
CA PRO J 160 32.75 62.86 28.89
C PRO J 160 33.80 62.19 29.78
N GLY J 161 33.69 62.44 31.08
CA GLY J 161 34.70 61.97 32.02
C GLY J 161 34.74 60.47 32.20
N HIS J 162 33.63 59.77 32.00
CA HIS J 162 33.62 58.33 32.22
C HIS J 162 34.46 57.58 31.19
N GLN J 163 34.76 58.20 30.04
CA GLN J 163 35.70 57.67 29.07
C GLN J 163 35.31 56.27 28.59
N GLY J 164 34.15 56.20 27.95
CA GLY J 164 33.66 54.93 27.45
C GLY J 164 33.27 53.94 28.51
N GLY J 165 32.86 54.42 29.68
CA GLY J 165 32.42 53.56 30.76
C GLY J 165 33.49 53.10 31.71
N VAL J 166 34.76 53.44 31.45
CA VAL J 166 35.84 53.03 32.33
C VAL J 166 35.66 53.62 33.72
N GLY J 167 35.19 54.87 33.80
CA GLY J 167 35.05 55.52 35.08
C GLY J 167 34.08 54.83 36.02
N PHE J 168 33.03 54.20 35.47
CA PHE J 168 32.08 53.51 36.32
C PHE J 168 32.69 52.28 36.99
N THR J 169 33.65 51.63 36.36
CA THR J 169 34.18 50.38 36.90
C THR J 169 35.28 50.63 37.93
N LYS J 170 35.02 51.50 38.89
CA LYS J 170 35.99 51.78 39.95
C LYS J 170 35.40 51.67 41.35
N THR J 171 34.09 51.63 41.49
CA THR J 171 33.41 51.26 42.71
C THR J 171 32.54 50.04 42.43
N PRO J 172 32.21 49.26 43.46
CA PRO J 172 31.33 48.09 43.22
C PRO J 172 29.96 48.45 42.66
N ALA J 173 29.34 49.51 43.17
CA ALA J 173 28.05 49.92 42.63
C ALA J 173 28.17 50.38 41.18
N GLY J 174 29.23 51.13 40.87
CA GLY J 174 29.50 51.49 39.50
C GLY J 174 29.71 50.28 38.60
N ARG J 175 30.36 49.24 39.12
CA ARG J 175 30.56 48.03 38.31
C ARG J 175 29.24 47.31 38.06
N ILE J 176 28.37 47.26 39.07
CA ILE J 176 27.05 46.66 38.87
C ILE J 176 26.26 47.45 37.82
N TYR J 177 26.29 48.77 37.92
CA TYR J 177 25.60 49.63 36.96
C TYR J 177 26.14 49.43 35.55
N HIS J 178 27.47 49.38 35.43
CA HIS J 178 28.12 49.22 34.13
C HIS J 178 27.79 47.87 33.51
N ASP J 179 27.77 46.81 34.31
CA ASP J 179 27.42 45.50 33.79
C ASP J 179 25.94 45.43 33.41
N PHE J 180 25.08 46.10 34.16
CA PHE J 180 23.66 46.12 33.82
C PHE J 180 23.42 46.80 32.47
N PHE J 181 23.97 48.00 32.29
CA PHE J 181 23.65 48.72 31.06
C PHE J 181 24.52 48.31 29.88
N GLY J 182 25.64 47.63 30.10
CA GLY J 182 26.44 47.14 29.01
C GLY J 182 27.45 48.17 28.50
N GLU J 183 28.49 47.65 27.87
CA GLU J 183 29.64 48.48 27.48
C GLU J 183 29.32 49.39 26.30
N ASN J 184 28.55 48.88 25.32
CA ASN J 184 28.36 49.61 24.08
C ASN J 184 27.61 50.92 24.27
N LEU J 185 26.71 50.99 25.25
CA LEU J 185 26.03 52.25 25.51
C LEU J 185 27.02 53.34 25.92
N PHE J 186 27.97 53.00 26.78
CA PHE J 186 28.95 53.99 27.22
C PHE J 186 29.99 54.27 26.16
N ARG J 187 30.28 53.31 25.30
CA ARG J 187 31.29 53.56 24.28
C ARG J 187 30.75 54.41 23.12
N THR J 188 29.44 54.58 23.00
CA THR J 188 28.88 55.51 22.02
C THR J 188 28.71 56.91 22.58
N ASP J 189 28.82 57.09 23.89
CA ASP J 189 28.73 58.42 24.52
C ASP J 189 30.09 59.07 24.36
N ILE J 190 30.31 59.68 23.20
CA ILE J 190 31.65 60.09 22.79
C ILE J 190 31.85 61.59 22.76
N GLY J 191 30.80 62.37 22.91
CA GLY J 191 30.93 63.82 22.79
C GLY J 191 30.80 64.28 21.37
N ILE J 192 30.76 65.61 21.21
CA ILE J 192 30.50 66.21 19.91
C ILE J 192 31.79 66.64 19.21
N GLU J 193 32.94 66.14 19.66
CA GLU J 193 34.24 66.58 19.15
C GLU J 193 34.96 65.48 18.39
N ARG J 194 34.26 64.44 17.97
CA ARG J 194 34.86 63.36 17.20
C ARG J 194 34.41 63.51 15.74
N VAL J 195 35.32 63.99 14.90
CA VAL J 195 34.98 64.31 13.52
C VAL J 195 34.68 63.10 12.67
N ALA J 196 35.05 61.90 13.12
CA ALA J 196 34.70 60.70 12.38
C ALA J 196 33.19 60.53 12.27
N VAL J 197 32.45 60.90 13.32
CA VAL J 197 31.00 60.78 13.32
C VAL J 197 30.33 62.09 12.90
N GLY J 198 30.84 63.22 13.37
CA GLY J 198 30.21 64.50 13.15
C GLY J 198 29.61 65.05 14.42
N SER J 199 28.83 66.11 14.26
CA SER J 199 28.17 66.75 15.40
C SER J 199 26.71 66.96 15.08
N LEU J 200 25.85 66.71 16.08
CA LEU J 200 24.42 66.86 15.89
C LEU J 200 24.02 68.32 15.72
N LEU J 201 24.55 69.21 16.56
CA LEU J 201 24.12 70.60 16.52
C LEU J 201 24.60 71.31 15.26
N ASP J 202 25.71 70.86 14.67
CA ASP J 202 26.18 71.42 13.42
C ASP J 202 25.56 70.75 12.21
N HIS J 203 24.84 69.64 12.40
CA HIS J 203 24.22 68.88 11.32
C HIS J 203 25.26 68.46 10.27
N THR J 204 26.42 68.03 10.73
CA THR J 204 27.51 67.62 9.85
C THR J 204 27.78 66.13 9.98
N GLY J 205 28.44 65.59 8.96
CA GLY J 205 28.83 64.19 8.99
C GLY J 205 27.64 63.26 8.96
N ALA J 206 27.76 62.18 9.73
CA ALA J 206 26.70 61.19 9.79
C ALA J 206 25.39 61.77 10.30
N PHE J 207 25.44 62.83 11.12
CA PHE J 207 24.21 63.46 11.56
C PHE J 207 23.50 64.17 10.42
N GLY J 208 24.25 64.87 9.57
CA GLY J 208 23.65 65.45 8.38
C GLY J 208 23.09 64.39 7.45
N GLU J 209 23.82 63.30 7.27
CA GLU J 209 23.31 62.19 6.46
C GLU J 209 22.02 61.64 7.03
N CYS J 210 21.97 61.43 8.34
CA CYS J 210 20.78 60.86 8.97
C CYS J 210 19.59 61.80 8.85
N GLU J 211 19.81 63.11 9.01
CA GLU J 211 18.71 64.05 8.88
C GLU J 211 18.20 64.13 7.45
N LYS J 212 19.10 64.07 6.46
CA LYS J 212 18.65 64.03 5.07
C LYS J 212 17.86 62.77 4.78
N ASN J 213 18.33 61.63 5.30
CA ASN J 213 17.62 60.37 5.14
C ASN J 213 16.24 60.43 5.78
N ALA J 214 16.13 61.00 6.97
CA ALA J 214 14.84 61.12 7.63
C ALA J 214 13.91 62.05 6.89
N ALA J 215 14.44 63.15 6.35
CA ALA J 215 13.60 64.05 5.56
C ALA J 215 13.06 63.36 4.33
N ARG J 216 13.89 62.54 3.67
CA ARG J 216 13.41 61.76 2.54
C ARG J 216 12.34 60.76 2.97
N ILE J 217 12.57 60.05 4.06
CA ILE J 217 11.65 58.98 4.47
C ILE J 217 10.30 59.56 4.89
N PHE J 218 10.31 60.68 5.61
CA PHE J 218 9.08 61.26 6.11
C PHE J 218 8.48 62.31 5.18
N GLY J 219 9.07 62.51 4.01
CA GLY J 219 8.51 63.44 3.03
C GLY J 219 8.57 64.90 3.42
N ALA J 220 9.66 65.34 4.03
CA ALA J 220 9.85 66.74 4.39
C ALA J 220 10.97 67.35 3.57
N ASP J 221 10.95 68.68 3.48
CA ASP J 221 12.08 69.38 2.87
C ASP J 221 13.31 69.30 3.77
N GLN J 222 13.14 69.56 5.05
CA GLN J 222 14.23 69.48 6.03
C GLN J 222 13.73 68.77 7.26
N SER J 223 14.63 68.02 7.90
CA SER J 223 14.32 67.34 9.14
C SER J 223 15.39 67.66 10.18
N TYR J 224 14.97 67.77 11.43
CA TYR J 224 15.87 68.00 12.54
C TYR J 224 15.65 66.94 13.60
N SER J 225 16.73 66.30 14.03
CA SER J 225 16.69 65.35 15.12
C SER J 225 16.80 66.09 16.45
N VAL J 226 15.94 65.72 17.40
CA VAL J 226 15.83 66.42 18.68
C VAL J 226 16.00 65.39 19.79
N VAL J 227 16.74 65.78 20.83
CA VAL J 227 16.99 64.90 21.97
C VAL J 227 16.29 65.39 23.23
N VAL J 228 15.39 66.35 23.10
CA VAL J 228 14.59 66.84 24.23
C VAL J 228 13.10 66.55 24.00
N GLY J 229 12.80 65.58 23.15
CA GLY J 229 11.42 65.18 22.93
C GLY J 229 10.63 66.19 22.11
N THR J 230 9.35 65.87 21.95
CA THR J 230 8.45 66.77 21.24
C THR J 230 8.18 68.03 22.03
N SER J 231 8.35 68.01 23.36
CA SER J 231 8.31 69.25 24.13
C SER J 231 9.35 70.23 23.60
N GLY J 232 10.60 69.76 23.48
CA GLY J 232 11.65 70.59 22.93
C GLY J 232 11.38 70.99 21.50
N SER J 233 10.90 70.05 20.68
CA SER J 233 10.61 70.35 19.28
C SER J 233 9.55 71.45 19.15
N ASN J 234 8.47 71.34 19.92
CA ASN J 234 7.42 72.35 19.91
C ASN J 234 7.98 73.69 20.35
N ARG J 235 8.82 73.69 21.39
CA ARG J 235 9.40 74.94 21.86
C ARG J 235 10.25 75.60 20.78
N THR J 236 11.09 74.84 20.08
CA THR J 236 11.93 75.48 19.07
C THR J 236 11.11 75.97 17.89
N ILE J 237 10.09 75.22 17.46
CA ILE J 237 9.25 75.69 16.36
C ILE J 237 8.55 76.99 16.75
N MET J 238 7.97 77.03 17.95
CA MET J 238 7.25 78.22 18.36
C MET J 238 8.20 79.40 18.55
N GLN J 239 9.42 79.15 19.03
CA GLN J 239 10.41 80.22 19.16
C GLN J 239 10.83 80.75 17.81
N ALA J 240 10.95 79.89 16.81
CA ALA J 240 11.31 80.35 15.47
C ALA J 240 10.17 81.07 14.78
N CYS J 241 8.92 80.83 15.19
CA CYS J 241 7.80 81.36 14.43
C CYS J 241 7.25 82.69 14.95
N MET J 242 7.06 82.86 16.25
CA MET J 242 6.31 84.00 16.76
C MET J 242 7.17 84.86 17.67
N THR J 243 6.61 86.03 17.99
CA THR J 243 7.23 87.04 18.82
C THR J 243 6.14 87.67 19.67
N ASP J 244 6.54 88.43 20.70
CA ASP J 244 5.56 88.99 21.61
C ASP J 244 4.63 90.01 20.93
N ASP J 245 4.97 90.48 19.73
CA ASP J 245 4.11 91.35 18.95
C ASP J 245 3.25 90.59 17.95
N ASP J 246 2.93 89.33 18.22
CA ASP J 246 2.26 88.46 17.28
C ASP J 246 0.99 87.89 17.88
N VAL J 247 0.02 87.58 17.02
CA VAL J 247 -1.17 86.84 17.40
C VAL J 247 -1.10 85.45 16.78
N VAL J 248 -1.48 84.44 17.55
CA VAL J 248 -1.36 83.06 17.10
C VAL J 248 -2.67 82.33 17.33
N VAL J 249 -2.91 81.30 16.53
CA VAL J 249 -4.15 80.54 16.55
C VAL J 249 -3.82 79.17 17.13
N ILE J 250 -4.36 78.87 18.31
CA ILE J 250 -3.96 77.69 19.07
C ILE J 250 -5.13 76.74 19.18
N ASP J 251 -4.91 75.49 18.79
CA ASP J 251 -5.82 74.41 19.13
C ASP J 251 -5.97 74.33 20.65
N ARG J 252 -7.21 74.41 21.13
CA ARG J 252 -7.44 74.29 22.56
C ARG J 252 -7.04 72.92 23.07
N ASN J 253 -7.09 71.90 22.21
CA ASN J 253 -6.52 70.59 22.50
C ASN J 253 -5.02 70.67 22.21
N CYS J 254 -4.29 71.30 23.13
CA CYS J 254 -2.86 71.50 22.98
C CYS J 254 -2.11 70.85 24.12
N HIS J 255 -0.93 70.33 23.80
CA HIS J 255 -0.02 69.84 24.83
C HIS J 255 0.53 71.01 25.64
N LYS J 256 0.96 70.70 26.87
CA LYS J 256 1.49 71.76 27.74
C LYS J 256 2.76 72.39 27.18
N SER J 257 3.47 71.71 26.30
CA SER J 257 4.62 72.34 25.65
C SER J 257 4.20 73.49 24.75
N ILE J 258 2.98 73.46 24.23
CA ILE J 258 2.48 74.60 23.46
C ILE J 258 2.31 75.81 24.35
N GLU J 259 1.73 75.63 25.53
CA GLU J 259 1.62 76.76 26.46
C GLU J 259 3.00 77.21 26.93
N GLN J 260 3.95 76.28 27.07
CA GLN J 260 5.31 76.68 27.42
C GLN J 260 5.91 77.55 26.31
N GLY J 261 5.68 77.18 25.06
CA GLY J 261 6.12 78.02 23.96
C GLY J 261 5.47 79.39 23.98
N LEU J 262 4.18 79.44 24.32
CA LEU J 262 3.50 80.73 24.45
C LEU J 262 4.14 81.58 25.53
N ILE J 263 4.48 80.97 26.66
CA ILE J 263 5.15 81.70 27.74
C ILE J 263 6.51 82.20 27.28
N LEU J 264 7.27 81.37 26.58
CA LEU J 264 8.62 81.73 26.18
C LEU J 264 8.66 82.73 25.02
N THR J 265 7.60 82.83 24.24
CA THR J 265 7.58 83.79 23.14
C THR J 265 6.82 85.06 23.45
N GLY J 266 5.86 85.01 24.37
CA GLY J 266 5.05 86.18 24.67
C GLY J 266 3.96 86.48 23.67
N ALA J 267 3.64 85.56 22.77
CA ALA J 267 2.62 85.80 21.77
C ALA J 267 1.23 85.82 22.40
N LYS J 268 0.29 86.42 21.68
CA LYS J 268 -1.09 86.54 22.16
C LYS J 268 -1.94 85.48 21.49
N PRO J 269 -2.48 84.51 22.24
CA PRO J 269 -3.17 83.39 21.61
C PRO J 269 -4.67 83.60 21.42
N VAL J 270 -5.15 83.06 20.31
CA VAL J 270 -6.58 82.91 20.03
C VAL J 270 -6.84 81.42 19.83
N TYR J 271 -7.98 80.94 20.32
CA TYR J 271 -8.21 79.52 20.47
C TYR J 271 -9.34 79.02 19.57
N MET J 272 -9.12 77.86 18.95
CA MET J 272 -10.18 77.11 18.29
C MET J 272 -10.64 75.99 19.23
N ILE J 273 -11.94 75.93 19.48
CA ILE J 273 -12.50 75.05 20.49
C ILE J 273 -12.86 73.72 19.81
N PRO J 274 -12.34 72.59 20.27
CA PRO J 274 -12.72 71.30 19.71
C PRO J 274 -14.09 70.86 20.19
N SER J 275 -14.63 69.84 19.52
CA SER J 275 -15.93 69.29 19.85
C SER J 275 -15.78 68.17 20.89
N ARG J 276 -16.91 67.82 21.51
CA ARG J 276 -16.98 66.78 22.52
C ARG J 276 -18.17 65.88 22.24
N ASN J 277 -18.10 64.66 22.74
CA ASN J 277 -19.21 63.71 22.62
C ASN J 277 -19.70 63.32 24.01
N ARG J 278 -20.73 62.47 24.04
CA ARG J 278 -21.39 62.13 25.29
C ARG J 278 -20.50 61.34 26.24
N TYR J 279 -19.43 60.72 25.75
CA TYR J 279 -18.53 59.97 26.60
C TYR J 279 -17.43 60.83 27.19
N GLY J 280 -17.42 62.13 26.91
CA GLY J 280 -16.35 62.99 27.35
C GLY J 280 -15.11 62.94 26.49
N ILE J 281 -15.18 62.30 25.34
CA ILE J 281 -14.05 62.23 24.42
C ILE J 281 -13.96 63.54 23.65
N ILE J 282 -12.79 64.16 23.69
CA ILE J 282 -12.56 65.38 22.92
C ILE J 282 -12.46 65.01 21.44
N GLY J 283 -13.19 65.74 20.61
CA GLY J 283 -13.21 65.47 19.19
C GLY J 283 -12.47 66.53 18.39
N PRO J 284 -12.65 66.51 17.08
CA PRO J 284 -11.95 67.46 16.22
C PRO J 284 -12.53 68.86 16.31
N ILE J 285 -11.68 69.83 15.95
CA ILE J 285 -12.16 71.18 15.68
C ILE J 285 -12.98 71.16 14.40
N TYR J 286 -14.16 71.75 14.45
CA TYR J 286 -15.00 71.78 13.26
C TYR J 286 -14.51 72.83 12.27
N PRO J 287 -14.81 72.65 10.98
CA PRO J 287 -14.37 73.63 9.99
C PRO J 287 -14.89 75.03 10.23
N LYS J 288 -16.01 75.18 10.95
CA LYS J 288 -16.54 76.50 11.25
C LYS J 288 -15.64 77.32 12.15
N GLU J 289 -14.65 76.71 12.79
CA GLU J 289 -13.72 77.42 13.64
C GLU J 289 -12.43 77.82 12.93
N MET J 290 -12.16 77.27 11.74
CA MET J 290 -10.95 77.55 11.01
C MET J 290 -11.14 78.50 9.84
N THR J 291 -12.37 78.90 9.55
CA THR J 291 -12.60 79.78 8.42
C THR J 291 -11.98 81.15 8.69
N PRO J 292 -11.55 81.85 7.64
CA PRO J 292 -10.95 83.18 7.86
C PRO J 292 -11.86 84.14 8.62
N ASP J 293 -13.17 84.08 8.38
CA ASP J 293 -14.08 84.94 9.13
C ASP J 293 -14.13 84.55 10.60
N ALA J 294 -14.09 83.26 10.90
CA ALA J 294 -14.07 82.82 12.30
C ALA J 294 -12.81 83.30 13.01
N ILE J 295 -11.67 83.21 12.33
CA ILE J 295 -10.41 83.64 12.94
C ILE J 295 -10.40 85.16 13.13
N LYS J 296 -10.91 85.91 12.14
CA LYS J 296 -11.01 87.35 12.31
C LYS J 296 -11.94 87.72 13.46
N PHE J 297 -13.06 87.01 13.59
CA PHE J 297 -13.97 87.26 14.70
C PHE J 297 -13.31 86.97 16.04
N LYS J 298 -12.56 85.86 16.12
CA LYS J 298 -11.87 85.53 17.36
C LYS J 298 -10.84 86.60 17.71
N ILE J 299 -10.09 87.07 16.72
CA ILE J 299 -9.09 88.10 16.96
C ILE J 299 -9.76 89.39 17.43
N ALA J 300 -10.86 89.78 16.78
CA ALA J 300 -11.55 91.00 17.15
C ALA J 300 -12.22 90.91 18.52
N ALA J 301 -12.56 89.72 18.97
CA ALA J 301 -13.24 89.57 20.26
C ALA J 301 -12.28 89.38 21.43
N ASN J 302 -11.02 89.03 21.17
CA ASN J 302 -10.09 88.75 22.26
C ASN J 302 -9.67 90.05 22.93
N PRO J 303 -9.67 90.12 24.27
CA PRO J 303 -9.28 91.36 24.94
C PRO J 303 -7.85 91.80 24.64
N LEU J 304 -6.93 90.85 24.43
CA LEU J 304 -5.54 91.21 24.19
C LEU J 304 -5.23 91.47 22.72
N THR J 305 -5.93 90.82 21.80
CA THR J 305 -5.60 90.91 20.38
C THR J 305 -6.50 91.87 19.61
N LYS J 306 -7.43 92.55 20.28
CA LYS J 306 -8.37 93.40 19.56
C LYS J 306 -7.72 94.64 18.97
N GLY J 307 -6.46 94.92 19.30
CA GLY J 307 -5.73 95.99 18.65
C GLY J 307 -4.83 95.48 17.55
N LYS J 308 -5.06 94.25 17.10
CA LYS J 308 -4.23 93.61 16.08
C LYS J 308 -5.08 93.01 14.98
N VAL J 309 -6.31 93.49 14.81
CA VAL J 309 -7.24 92.89 13.86
C VAL J 309 -6.79 93.01 12.41
N LYS J 310 -5.86 93.90 12.13
CA LYS J 310 -5.31 94.06 10.79
C LYS J 310 -4.02 93.26 10.59
N GLN J 311 -3.57 92.52 11.61
CA GLN J 311 -2.30 91.82 11.56
C GLN J 311 -2.54 90.35 11.21
N LYS J 312 -1.76 89.84 10.27
CA LYS J 312 -1.85 88.45 9.89
C LYS J 312 -1.29 87.56 10.99
N PRO J 313 -2.00 86.53 11.43
CA PRO J 313 -1.46 85.65 12.47
C PRO J 313 -0.19 84.96 12.01
N ALA J 314 0.76 84.80 12.92
CA ALA J 314 2.08 84.32 12.58
C ALA J 314 2.22 82.80 12.66
N TYR J 315 1.25 82.11 13.27
CA TYR J 315 1.44 80.71 13.58
C TYR J 315 0.12 80.10 14.00
N SER J 316 -0.09 78.85 13.62
CA SER J 316 -1.21 78.06 14.09
C SER J 316 -0.73 76.64 14.38
N VAL J 317 -1.35 76.01 15.37
CA VAL J 317 -1.02 74.65 15.75
C VAL J 317 -2.30 73.84 15.86
N VAL J 318 -2.30 72.64 15.29
CA VAL J 318 -3.40 71.69 15.40
C VAL J 318 -2.82 70.36 15.83
N THR J 319 -3.40 69.75 16.86
CA THR J 319 -2.99 68.43 17.30
C THR J 319 -3.68 67.38 16.44
N ASN J 320 -2.90 66.56 15.76
CA ASN J 320 -3.44 65.54 14.86
C ASN J 320 -2.47 64.37 14.82
N CYS J 321 -2.91 63.19 15.23
CA CYS J 321 -4.27 62.95 15.70
C CYS J 321 -4.44 63.32 17.17
N THR J 322 -5.67 63.30 17.65
CA THR J 322 -5.96 63.61 19.04
C THR J 322 -5.58 62.44 19.93
N TYR J 323 -5.74 62.64 21.24
CA TYR J 323 -5.36 61.60 22.21
C TYR J 323 -6.20 60.35 22.06
N ASP J 324 -7.45 60.47 21.60
CA ASP J 324 -8.35 59.35 21.45
C ASP J 324 -8.41 58.83 20.02
N GLY J 325 -7.45 59.22 19.17
CA GLY J 325 -7.36 58.65 17.85
C GLY J 325 -8.24 59.26 16.79
N VAL J 326 -8.66 60.52 16.97
CA VAL J 326 -9.42 61.22 15.94
C VAL J 326 -8.43 61.95 15.04
N CYS J 327 -8.43 61.59 13.75
CA CYS J 327 -7.50 62.13 12.78
C CYS J 327 -8.23 63.11 11.86
N TYR J 328 -7.68 64.31 11.74
CA TYR J 328 -8.21 65.30 10.82
C TYR J 328 -7.88 64.94 9.39
N ASN J 329 -8.73 65.36 8.47
CA ASN J 329 -8.35 65.42 7.06
C ASN J 329 -7.41 66.62 6.92
N ALA J 330 -6.09 66.34 6.92
CA ALA J 330 -5.11 67.42 6.99
C ALA J 330 -5.10 68.25 5.72
N ARG J 331 -5.43 67.66 4.57
CA ARG J 331 -5.54 68.44 3.35
C ARG J 331 -6.62 69.52 3.48
N LYS J 332 -7.77 69.15 4.02
CA LYS J 332 -8.85 70.12 4.19
C LYS J 332 -8.50 71.17 5.25
N VAL J 333 -7.85 70.74 6.34
CA VAL J 333 -7.44 71.70 7.37
C VAL J 333 -6.45 72.70 6.79
N GLN J 334 -5.50 72.22 6.00
CA GLN J 334 -4.51 73.10 5.39
C GLN J 334 -5.19 74.07 4.42
N ASP J 335 -6.14 73.57 3.62
CA ASP J 335 -6.85 74.48 2.71
C ASP J 335 -7.64 75.53 3.48
N LEU J 336 -8.26 75.16 4.60
CA LEU J 336 -9.00 76.12 5.40
C LEU J 336 -8.09 77.17 6.01
N LEU J 337 -6.99 76.74 6.63
CA LEU J 337 -6.09 77.67 7.31
C LEU J 337 -5.21 78.46 6.34
N ASP J 338 -5.08 78.02 5.09
CA ASP J 338 -4.31 78.78 4.11
C ASP J 338 -4.90 80.16 3.85
N GLY J 339 -6.19 80.35 4.10
CA GLY J 339 -6.78 81.66 3.91
C GLY J 339 -6.48 82.67 4.98
N SER J 340 -5.77 82.27 6.04
CA SER J 340 -5.48 83.17 7.14
C SER J 340 -4.03 83.14 7.61
N LEU J 341 -3.27 82.10 7.32
CA LEU J 341 -1.96 81.90 7.94
C LEU J 341 -0.95 81.47 6.87
N ASP J 342 0.32 81.70 7.17
CA ASP J 342 1.41 81.18 6.35
C ASP J 342 2.16 80.04 7.01
N ARG J 343 1.97 79.81 8.31
CA ARG J 343 2.65 78.75 9.04
C ARG J 343 1.62 77.91 9.75
N ILE J 344 1.60 76.62 9.46
CA ILE J 344 0.74 75.66 10.14
C ILE J 344 1.63 74.60 10.77
N HIS J 345 1.46 74.38 12.06
CA HIS J 345 2.20 73.36 12.80
C HIS J 345 1.24 72.24 13.16
N PHE J 346 1.53 71.04 12.67
CA PHE J 346 0.78 69.85 13.04
C PHE J 346 1.57 69.10 14.11
N ASP J 347 1.05 69.08 15.33
CA ASP J 347 1.68 68.34 16.41
C ASP J 347 1.24 66.89 16.31
N GLU J 348 1.98 66.11 15.52
CA GLU J 348 1.69 64.69 15.33
C GLU J 348 2.54 63.82 16.27
N ALA J 349 2.53 64.13 17.56
CA ALA J 349 3.38 63.38 18.49
C ALA J 349 2.98 61.92 18.55
N TRP J 350 1.69 61.63 18.55
CA TRP J 350 1.17 60.27 18.56
C TRP J 350 0.98 59.71 17.17
N TYR J 351 1.33 60.45 16.13
CA TYR J 351 0.93 60.16 14.75
C TYR J 351 2.18 60.24 13.89
N GLY J 352 3.00 59.20 13.92
CA GLY J 352 4.27 59.26 13.22
C GLY J 352 4.33 58.24 12.10
N TYR J 353 3.52 57.20 12.25
CA TYR J 353 3.38 56.10 11.30
C TYR J 353 2.44 56.41 10.16
N ALA J 354 1.71 57.54 10.21
CA ALA J 354 0.57 57.75 9.34
C ALA J 354 0.96 57.78 7.87
N ARG J 355 2.15 58.28 7.55
CA ARG J 355 2.62 58.35 6.17
C ARG J 355 2.79 56.97 5.54
N PHE J 356 2.95 55.92 6.34
CA PHE J 356 3.42 54.64 5.84
C PHE J 356 2.32 53.59 5.71
N ASN J 357 1.06 54.00 5.83
CA ASN J 357 -0.05 53.10 5.54
C ASN J 357 -1.11 53.85 4.74
N PRO J 358 -1.58 53.30 3.63
CA PRO J 358 -2.58 54.00 2.81
C PRO J 358 -3.90 54.25 3.52
N LEU J 359 -4.18 53.57 4.62
CA LEU J 359 -5.42 53.82 5.35
C LEU J 359 -5.50 55.25 5.87
N TYR J 360 -4.36 55.92 6.05
CA TYR J 360 -4.31 57.26 6.60
C TYR J 360 -4.18 58.33 5.53
N ARG J 361 -4.40 57.97 4.26
CA ARG J 361 -4.19 58.90 3.16
C ARG J 361 -5.01 60.18 3.33
N ASN J 362 -4.35 61.31 3.08
CA ASN J 362 -4.90 62.67 3.20
C ASN J 362 -5.17 63.08 4.64
N HIS J 363 -4.74 62.31 5.63
CA HIS J 363 -5.04 62.62 7.02
C HIS J 363 -3.78 62.89 7.83
N PHE J 364 -2.72 63.37 7.18
CA PHE J 364 -1.48 63.72 7.86
C PHE J 364 -0.81 64.85 7.08
N ALA J 365 0.28 65.37 7.63
CA ALA J 365 0.85 66.62 7.14
C ALA J 365 1.70 66.43 5.90
N MET J 366 2.68 65.53 5.94
CA MET J 366 3.69 65.42 4.88
C MET J 366 3.24 64.39 3.86
N ARG J 367 2.27 64.79 3.04
CA ARG J 367 1.64 63.91 2.08
C ARG J 367 2.43 63.85 0.78
N ASP J 368 2.42 62.67 0.16
CA ASP J 368 2.93 62.53 -1.20
C ASP J 368 1.94 63.16 -2.18
N GLU J 369 2.16 64.42 -2.53
CA GLU J 369 1.24 65.16 -3.37
C GLU J 369 2.04 66.16 -4.20
N GLU J 370 1.46 66.56 -5.32
CA GLU J 370 2.01 67.66 -6.10
C GLU J 370 1.87 68.95 -5.31
N ARG J 371 2.98 69.66 -5.13
CA ARG J 371 3.02 70.85 -4.30
C ARG J 371 3.13 72.09 -5.17
N THR J 372 2.26 73.06 -4.94
CA THR J 372 2.31 74.33 -5.64
C THR J 372 3.24 75.28 -4.91
N GLU J 373 3.41 76.49 -5.46
CA GLU J 373 4.33 77.46 -4.89
C GLU J 373 3.69 78.42 -3.91
N ASN J 374 2.36 78.40 -3.78
CA ASN J 374 1.67 79.33 -2.90
C ASN J 374 1.18 78.64 -1.63
N GLU J 375 1.78 77.52 -1.29
CA GLU J 375 1.38 76.80 -0.08
C GLU J 375 1.94 77.49 1.16
N PRO J 376 1.28 77.32 2.31
CA PRO J 376 1.88 77.78 3.56
C PRO J 376 3.01 76.86 3.99
N THR J 377 3.85 77.38 4.87
CA THR J 377 4.88 76.55 5.49
C THR J 377 4.25 75.60 6.49
N ILE J 378 4.63 74.34 6.43
CA ILE J 378 4.05 73.29 7.26
C ILE J 378 5.14 72.73 8.17
N PHE J 379 4.85 72.67 9.46
CA PHE J 379 5.69 71.99 10.44
C PHE J 379 4.97 70.78 10.97
N ALA J 380 5.72 69.69 11.18
CA ALA J 380 5.20 68.49 11.80
C ALA J 380 6.21 68.00 12.83
N THR J 381 5.74 67.69 14.03
CA THR J 381 6.58 67.14 15.08
C THR J 381 6.14 65.71 15.38
N HIS J 382 7.10 64.80 15.38
CA HIS J 382 6.83 63.41 15.71
C HIS J 382 7.56 63.05 17.00
N SER J 383 6.84 62.44 17.94
CA SER J 383 7.55 61.86 19.09
C SER J 383 7.89 60.44 18.65
N THR J 384 9.13 60.20 18.23
CA THR J 384 9.55 58.89 17.68
C THR J 384 9.47 57.79 18.75
N HIS J 385 9.52 58.15 20.02
CA HIS J 385 9.42 57.15 21.09
C HIS J 385 7.97 56.77 21.37
N1 LLP J 386 2.63 66.97 22.06
C2 LLP J 386 1.74 65.99 22.22
C2' LLP J 386 0.43 66.07 21.52
C3 LLP J 386 2.05 64.89 23.01
O3 LLP J 386 1.11 63.94 23.11
C4 LLP J 386 3.30 64.81 23.65
C4' LLP J 386 3.62 63.65 24.48
C5 LLP J 386 4.20 65.86 23.47
C6 LLP J 386 3.82 66.91 22.68
C5' LLP J 386 5.54 65.91 24.14
OP4 LLP J 386 6.45 64.90 23.64
P LLP J 386 7.70 64.43 24.50
OP1 LLP J 386 8.53 63.67 23.53
OP2 LLP J 386 8.40 65.65 25.02
OP3 LLP J 386 7.09 63.61 25.56
N LLP J 386 7.01 57.57 20.97
CA LLP J 386 5.59 57.28 21.33
CB LLP J 386 4.69 58.51 21.33
CG LLP J 386 4.61 59.28 22.64
CD LLP J 386 3.93 60.64 22.53
CE LLP J 386 4.47 61.66 23.51
NZ LLP J 386 3.39 62.44 24.10
C LLP J 386 5.06 56.08 20.52
O LLP J 386 4.84 55.05 21.12
N LEU J 387 4.88 56.22 19.21
CA LEU J 387 4.24 55.14 18.41
C LEU J 387 5.16 54.65 17.30
N LEU J 388 6.42 55.06 17.34
CA LEU J 388 7.47 54.51 16.45
C LEU J 388 8.43 53.79 17.40
N ASN J 389 9.57 53.27 16.96
CA ASN J 389 10.53 52.54 17.78
C ASN J 389 11.74 53.43 18.02
N ALA J 390 11.72 54.15 19.14
CA ALA J 390 12.84 54.98 19.53
C ALA J 390 12.85 55.12 21.04
N LEU J 391 14.03 55.47 21.57
CA LEU J 391 14.15 55.73 22.99
C LEU J 391 13.45 57.02 23.37
N SER J 392 13.08 57.13 24.64
CA SER J 392 12.47 58.35 25.15
C SER J 392 13.37 59.54 24.88
N GLN J 393 12.73 60.69 24.65
CA GLN J 393 13.29 62.00 24.32
C GLN J 393 13.70 62.12 22.85
N ALA J 394 13.58 61.06 22.04
CA ALA J 394 13.85 61.18 20.61
C ALA J 394 12.66 61.80 19.90
N SER J 395 12.93 62.74 19.03
CA SER J 395 11.88 63.47 18.35
C SER J 395 12.41 64.00 17.02
N PHE J 396 11.48 64.40 16.15
CA PHE J 396 11.81 64.96 14.86
C PHE J 396 11.05 66.25 14.64
N ILE J 397 11.69 67.20 13.98
CA ILE J 397 11.01 68.35 13.39
C ILE J 397 11.06 68.19 11.88
N HIS J 398 9.91 68.21 11.24
CA HIS J 398 9.81 68.12 9.80
C HIS J 398 9.26 69.44 9.27
N VAL J 399 9.90 69.98 8.25
CA VAL J 399 9.53 71.26 7.67
C VAL J 399 9.26 71.09 6.19
N ARG J 400 8.16 71.66 5.72
CA ARG J 400 7.89 71.83 4.29
C ARG J 400 7.81 73.32 4.03
N ASN J 401 8.76 73.82 3.25
CA ASN J 401 8.89 75.27 3.06
C ASN J 401 7.79 75.77 2.12
N GLY J 402 7.09 76.82 2.56
CA GLY J 402 6.10 77.46 1.74
C GLY J 402 6.16 78.97 1.87
N ARG J 403 5.03 79.59 2.13
CA ARG J 403 5.00 81.03 2.32
C ARG J 403 5.62 81.41 3.65
N ASN J 404 6.45 82.45 3.64
CA ASN J 404 7.08 82.98 4.84
C ASN J 404 7.92 81.91 5.54
N ALA J 405 8.72 81.20 4.75
CA ALA J 405 9.56 80.13 5.27
C ALA J 405 10.72 80.69 6.08
N ILE J 406 11.24 79.86 6.98
CA ILE J 406 12.36 80.22 7.84
C ILE J 406 13.58 79.46 7.34
N ASP J 407 14.60 80.20 6.90
CA ASP J 407 15.81 79.58 6.37
C ASP J 407 16.62 78.97 7.50
N PHE J 408 17.63 78.18 7.12
CA PHE J 408 18.37 77.37 8.08
C PHE J 408 19.09 78.23 9.11
N ASN J 409 19.70 79.34 8.69
CA ASN J 409 20.46 80.17 9.63
C ASN J 409 19.54 80.74 10.71
N ARG J 410 18.33 81.14 10.35
CA ARG J 410 17.41 81.68 11.34
C ARG J 410 16.82 80.60 12.23
N PHE J 411 16.49 79.44 11.65
CA PHE J 411 15.89 78.36 12.43
C PHE J 411 16.88 77.75 13.40
N ASN J 412 18.16 77.72 13.02
CA ASN J 412 19.18 77.10 13.85
C ASN J 412 19.34 77.80 15.19
N GLN J 413 19.04 79.11 15.23
CA GLN J 413 19.13 79.83 16.51
C GLN J 413 18.12 79.29 17.52
N ALA J 414 16.85 79.13 17.11
CA ALA J 414 15.86 78.54 18.00
C ALA J 414 16.22 77.10 18.34
N TYR J 415 16.68 76.35 17.35
CA TYR J 415 17.07 74.96 17.58
C TYR J 415 18.12 74.86 18.68
N LEU J 416 19.17 75.68 18.59
CA LEU J 416 20.20 75.68 19.63
C LEU J 416 19.66 76.19 20.95
N MET J 417 18.75 77.17 20.90
CA MET J 417 18.21 77.72 22.14
C MET J 417 17.48 76.69 22.97
N HIS J 418 16.87 75.68 22.34
CA HIS J 418 16.17 74.68 23.13
C HIS J 418 16.86 73.31 23.13
N SER J 419 18.15 73.27 22.89
CA SER J 419 18.90 72.02 22.84
C SER J 419 19.97 72.03 23.93
N THR J 420 20.82 71.01 23.91
CA THR J 420 21.95 70.91 24.82
C THR J 420 23.23 70.80 24.01
N THR J 421 24.33 71.28 24.59
CA THR J 421 25.61 71.20 23.91
C THR J 421 26.24 69.82 23.97
N SER J 422 25.70 68.91 24.77
CA SER J 422 26.23 67.55 24.90
C SER J 422 25.10 66.54 24.72
N PRO J 423 24.61 66.37 23.50
CA PRO J 423 23.56 65.37 23.27
C PRO J 423 24.06 63.95 23.48
N LEU J 424 23.17 63.10 23.96
CA LEU J 424 23.46 61.67 24.08
C LEU J 424 23.21 61.00 22.74
N TYR J 425 24.27 60.46 22.14
CA TYR J 425 24.18 59.95 20.78
C TYR J 425 23.35 58.69 20.66
N ALA J 426 23.09 57.99 21.77
CA ALA J 426 22.18 56.85 21.71
C ALA J 426 20.77 57.26 21.32
N ILE J 427 20.32 58.43 21.79
CA ILE J 427 18.99 58.93 21.41
C ILE J 427 18.93 59.22 19.91
N CYS J 428 19.95 59.88 19.38
CA CYS J 428 19.99 60.15 17.94
C CYS J 428 20.08 58.86 17.13
N ALA J 429 20.82 57.88 17.64
CA ALA J 429 20.89 56.58 16.96
C ALA J 429 19.53 55.89 16.95
N SER J 430 18.78 55.99 18.05
CA SER J 430 17.44 55.43 18.06
C SER J 430 16.53 56.15 17.07
N ASN J 431 16.66 57.47 16.96
CA ASN J 431 15.92 58.20 15.94
C ASN J 431 16.25 57.70 14.54
N ASP J 432 17.53 57.49 14.28
CA ASP J 432 17.98 57.01 12.97
C ASP J 432 17.45 55.61 12.67
N ILE J 433 17.48 54.72 13.65
CA ILE J 433 16.97 53.36 13.41
C ILE J 433 15.46 53.37 13.25
N ALA J 434 14.74 54.26 13.95
CA ALA J 434 13.30 54.35 13.75
C ALA J 434 12.97 54.80 12.33
N ALA J 435 13.66 55.83 11.86
CA ALA J 435 13.46 56.28 10.49
C ALA J 435 13.76 55.16 9.50
N ASP J 436 14.86 54.42 9.73
CA ASP J 436 15.18 53.30 8.86
C ASP J 436 14.10 52.23 8.90
N MET J 437 13.53 51.99 10.07
CA MET J 437 12.51 50.96 10.22
C MET J 437 11.25 51.31 9.45
N MET J 438 10.92 52.59 9.34
CA MET J 438 9.77 52.97 8.52
C MET J 438 10.09 53.04 7.03
N ASP J 439 11.34 52.88 6.63
CA ASP J 439 11.74 53.06 5.24
C ASP J 439 11.38 51.83 4.40
N GLY J 440 10.93 52.08 3.17
CA GLY J 440 10.65 51.03 2.22
C GLY J 440 9.43 50.18 2.51
N ASN J 441 9.53 48.88 2.26
CA ASN J 441 8.42 47.97 2.49
C ASN J 441 8.13 47.79 3.97
N SER J 442 9.14 47.95 4.82
CA SER J 442 9.00 47.59 6.22
C SER J 442 8.01 48.48 6.96
N GLY J 443 7.95 49.77 6.63
CA GLY J 443 6.99 50.64 7.28
C GLY J 443 5.55 50.22 7.01
N ARG J 444 5.25 49.93 5.74
CA ARG J 444 3.94 49.42 5.38
C ARG J 444 3.64 48.11 6.09
N SER J 445 4.61 47.19 6.13
CA SER J 445 4.37 45.90 6.76
C SER J 445 4.11 46.03 8.26
N LEU J 446 4.87 46.89 8.93
CA LEU J 446 4.70 47.06 10.38
C LEU J 446 3.39 47.74 10.72
N THR J 447 3.04 48.80 9.98
CA THR J 447 1.74 49.43 10.22
C THR J 447 0.61 48.47 9.93
N ASP J 448 0.75 47.64 8.89
CA ASP J 448 -0.28 46.64 8.59
C ASP J 448 -0.45 45.67 9.74
N GLU J 449 0.65 45.19 10.31
CA GLU J 449 0.54 44.25 11.42
C GLU J 449 -0.18 44.87 12.61
N VAL J 450 0.17 46.11 12.96
CA VAL J 450 -0.49 46.74 14.11
C VAL J 450 -1.97 46.96 13.82
N ILE J 451 -2.30 47.44 12.63
CA ILE J 451 -3.69 47.71 12.29
C ILE J 451 -4.51 46.43 12.31
N ARG J 452 -3.94 45.34 11.79
CA ARG J 452 -4.65 44.07 11.79
C ARG J 452 -4.89 43.55 13.21
N GLU J 453 -3.90 43.70 14.10
CA GLU J 453 -4.11 43.29 15.48
C GLU J 453 -5.24 44.10 16.13
N SER J 454 -5.23 45.41 15.91
CA SER J 454 -6.29 46.25 16.50
C SER J 454 -7.66 45.89 15.94
N ILE J 455 -7.73 45.58 14.64
CA ILE J 455 -9.01 45.21 14.04
C ILE J 455 -9.49 43.87 14.59
N ASP J 456 -8.58 42.90 14.76
CA ASP J 456 -8.98 41.63 15.35
C ASP J 456 -9.55 41.83 16.74
N PHE J 457 -8.90 42.67 17.56
CA PHE J 457 -9.42 42.95 18.89
C PHE J 457 -10.80 43.61 18.82
N ARG J 458 -10.95 44.62 17.95
CA ARG J 458 -12.22 45.32 17.86
C ARG J 458 -13.35 44.39 17.44
N GLN J 459 -13.12 43.55 16.43
CA GLN J 459 -14.15 42.66 15.96
C GLN J 459 -14.50 41.59 16.99
N SER J 460 -13.49 41.05 17.68
CA SER J 460 -13.78 40.07 18.73
C SER J 460 -14.59 40.69 19.85
N LEU J 461 -14.26 41.91 20.25
CA LEU J 461 -15.01 42.56 21.31
C LEU J 461 -16.44 42.87 20.87
N ALA J 462 -16.62 43.31 19.63
CA ALA J 462 -17.97 43.56 19.14
C ALA J 462 -18.79 42.29 19.09
N TYR J 463 -18.16 41.18 18.67
CA TYR J 463 -18.86 39.90 18.65
C TYR J 463 -19.28 39.47 20.04
N LEU J 464 -18.38 39.59 21.02
CA LEU J 464 -18.72 39.22 22.39
C LEU J 464 -19.83 40.12 22.93
N TYR J 465 -19.78 41.41 22.60
CA TYR J 465 -20.83 42.33 23.02
C TYR J 465 -22.18 41.90 22.47
N LYS J 466 -22.23 41.54 21.18
CA LYS J 466 -23.49 41.08 20.59
C LYS J 466 -23.97 39.79 21.25
N GLU J 467 -23.05 38.87 21.54
CA GLU J 467 -23.41 37.62 22.19
C GLU J 467 -24.04 37.88 23.56
N PHE J 468 -23.39 38.70 24.38
CA PHE J 468 -23.91 39.02 25.71
C PHE J 468 -25.23 39.77 25.62
N LEU J 469 -25.36 40.67 24.64
CA LEU J 469 -26.63 41.37 24.45
C LEU J 469 -27.75 40.40 24.07
N ASN J 470 -27.45 39.42 23.22
CA ASN J 470 -28.43 38.40 22.87
C ASN J 470 -28.86 37.61 24.10
N ASP J 471 -27.93 37.35 25.02
CA ASP J 471 -28.28 36.73 26.29
C ASP J 471 -28.77 37.73 27.33
N ASP J 472 -29.23 38.91 26.88
CA ASP J 472 -29.63 40.03 27.73
C ASP J 472 -28.68 40.24 28.93
N GLU J 473 -27.40 40.35 28.61
CA GLU J 473 -26.37 40.72 29.58
C GLU J 473 -25.59 41.92 29.06
N TRP J 474 -24.86 42.56 29.96
CA TRP J 474 -24.03 43.70 29.61
C TRP J 474 -22.61 43.25 29.28
N PHE J 475 -21.94 44.02 28.42
CA PHE J 475 -20.52 43.84 28.17
C PHE J 475 -19.96 45.14 27.62
N PHE J 476 -18.64 45.18 27.49
CA PHE J 476 -17.95 46.30 26.87
C PHE J 476 -18.06 46.23 25.35
N LYS J 477 -18.08 47.38 24.71
CA LYS J 477 -18.13 47.44 23.26
C LYS J 477 -17.03 48.37 22.76
N PRO J 478 -16.45 48.04 21.60
CA PRO J 478 -15.46 48.95 21.01
C PRO J 478 -16.12 50.20 20.47
N TRP J 479 -15.37 51.29 20.47
CA TRP J 479 -15.87 52.57 19.97
C TRP J 479 -15.48 52.71 18.51
N ASN J 480 -16.32 52.20 17.62
CA ASN J 480 -16.13 52.36 16.18
C ASN J 480 -17.50 52.26 15.52
N GLN J 481 -17.50 52.22 14.19
CA GLN J 481 -18.74 52.09 13.44
C GLN J 481 -19.46 50.78 13.81
N GLU J 482 -20.78 50.87 13.96
CA GLU J 482 -21.58 49.65 14.12
C GLU J 482 -21.72 48.90 12.82
N MET J 483 -22.01 49.60 11.73
CA MET J 483 -22.19 49.00 10.41
C MET J 483 -21.22 49.66 9.44
N VAL J 484 -20.59 48.85 8.60
CA VAL J 484 -19.69 49.36 7.58
C VAL J 484 -20.23 48.98 6.22
N LYS J 485 -19.99 49.84 5.24
CA LYS J 485 -20.46 49.65 3.88
C LYS J 485 -19.27 49.40 2.97
N ASP J 486 -19.36 48.40 2.12
CA ASP J 486 -18.35 48.17 1.11
C ASP J 486 -18.57 49.14 -0.04
N PRO J 487 -17.64 50.07 -0.30
CA PRO J 487 -17.89 51.07 -1.35
C PRO J 487 -17.91 50.48 -2.76
N ALA J 488 -17.31 49.31 -2.97
CA ALA J 488 -17.29 48.71 -4.30
C ALA J 488 -18.62 48.07 -4.64
N THR J 489 -19.03 47.07 -3.87
CA THR J 489 -20.24 46.32 -4.15
C THR J 489 -21.49 46.91 -3.50
N GLY J 490 -21.33 47.91 -2.62
CA GLY J 490 -22.46 48.48 -1.94
C GLY J 490 -23.01 47.66 -0.80
N LYS J 491 -22.40 46.52 -0.48
CA LYS J 491 -22.90 45.63 0.55
C LYS J 491 -22.60 46.18 1.93
N ARG J 492 -23.55 46.03 2.85
CA ARG J 492 -23.39 46.46 4.23
C ARG J 492 -23.06 45.26 5.11
N TYR J 493 -22.20 45.48 6.09
CA TYR J 493 -21.86 44.48 7.08
C TYR J 493 -21.97 45.07 8.47
N ALA J 494 -22.31 44.23 9.44
CA ALA J 494 -22.00 44.56 10.82
C ALA J 494 -20.48 44.57 10.99
N PHE J 495 -20.00 45.43 11.88
CA PHE J 495 -18.55 45.61 12.00
C PHE J 495 -17.85 44.30 12.32
N GLU J 496 -18.41 43.51 13.24
CA GLU J 496 -17.78 42.25 13.61
C GLU J 496 -17.86 41.21 12.50
N ASP J 497 -18.72 41.41 11.50
CA ASP J 497 -18.85 40.49 10.38
C ASP J 497 -18.13 40.99 9.13
N ALA J 498 -17.61 42.20 9.12
CA ALA J 498 -16.95 42.74 7.94
C ALA J 498 -15.66 41.96 7.67
N PRO J 499 -15.33 41.75 6.40
CA PRO J 499 -14.05 41.12 6.07
C PRO J 499 -12.89 42.01 6.52
N VAL J 500 -11.85 41.36 7.04
CA VAL J 500 -10.71 42.11 7.58
C VAL J 500 -10.02 42.90 6.49
N GLU J 501 -9.96 42.35 5.28
CA GLU J 501 -9.36 43.07 4.15
C GLU J 501 -10.08 44.38 3.87
N LEU J 502 -11.42 44.36 3.94
CA LEU J 502 -12.18 45.58 3.72
C LEU J 502 -11.87 46.64 4.76
N LEU J 503 -11.82 46.25 6.04
CA LEU J 503 -11.51 47.21 7.10
C LEU J 503 -10.08 47.71 7.00
N MET J 504 -9.16 46.87 6.55
CA MET J 504 -7.77 47.27 6.41
C MET J 504 -7.51 48.13 5.19
N ARG J 505 -8.37 48.05 4.17
CA ARG J 505 -8.15 48.73 2.90
C ARG J 505 -8.97 50.00 2.74
N GLU J 506 -10.20 50.03 3.23
CA GLU J 506 -11.14 51.10 2.93
C GLU J 506 -11.14 52.15 4.03
N GLN J 507 -10.78 53.38 3.67
CA GLN J 507 -10.76 54.47 4.64
C GLN J 507 -12.15 54.83 5.13
N SER J 508 -13.16 54.73 4.26
CA SER J 508 -14.52 55.12 4.63
C SER J 508 -15.09 54.26 5.74
N CYS J 509 -14.53 53.08 5.99
CA CYS J 509 -14.95 52.27 7.12
C CYS J 509 -14.57 52.88 8.46
N TRP J 510 -13.75 53.92 8.45
CA TRP J 510 -13.31 54.58 9.67
C TRP J 510 -13.64 56.06 9.72
N VAL J 511 -14.16 56.63 8.63
CA VAL J 511 -14.53 58.04 8.61
C VAL J 511 -15.74 58.25 9.50
N MET J 512 -15.78 59.39 10.19
CA MET J 512 -16.92 59.76 11.02
C MET J 512 -18.01 60.34 10.14
N HIS J 513 -19.09 59.60 9.96
CA HIS J 513 -20.13 60.19 9.13
C HIS J 513 -21.18 60.88 10.02
N PRO J 514 -21.71 62.01 9.59
CA PRO J 514 -22.70 62.73 10.42
C PRO J 514 -23.96 61.92 10.70
N GLU J 515 -24.32 60.99 9.83
CA GLU J 515 -25.52 60.19 10.01
C GLU J 515 -25.35 59.04 11.00
N ASP J 516 -24.12 58.71 11.37
CA ASP J 516 -23.87 57.64 12.32
C ASP J 516 -23.91 58.15 13.75
N LYS J 517 -24.38 57.30 14.65
CA LYS J 517 -24.52 57.65 16.07
C LYS J 517 -23.35 57.21 16.93
N TRP J 518 -22.45 56.37 16.41
CA TRP J 518 -21.42 55.79 17.26
C TRP J 518 -20.46 56.85 17.79
N HIS J 519 -20.02 57.78 16.94
CA HIS J 519 -18.98 58.71 17.36
C HIS J 519 -19.52 59.81 18.27
N GLY J 520 -20.77 60.22 18.07
CA GLY J 520 -21.38 61.18 18.97
C GLY J 520 -20.95 62.62 18.79
N PHE J 521 -20.25 62.94 17.72
CA PHE J 521 -19.87 64.33 17.43
C PHE J 521 -20.94 64.91 16.53
N ASN J 522 -21.93 65.54 17.14
CA ASN J 522 -23.07 66.07 16.40
C ASN J 522 -22.63 67.24 15.54
N ASP J 523 -23.19 67.29 14.32
CA ASP J 523 -22.95 68.37 13.36
C ASP J 523 -21.52 68.35 12.83
N ILE J 524 -20.85 67.21 12.89
CA ILE J 524 -19.55 67.10 12.23
C ILE J 524 -19.76 67.00 10.72
N PRO J 525 -19.01 67.73 9.90
CA PRO J 525 -19.10 67.53 8.45
C PRO J 525 -18.57 66.17 8.05
N ASP J 526 -19.07 65.69 6.91
CA ASP J 526 -18.62 64.41 6.40
C ASP J 526 -17.23 64.54 5.77
N ASN J 527 -16.46 63.45 5.86
CA ASN J 527 -15.10 63.39 5.34
C ASN J 527 -14.21 64.47 5.96
N TRP J 528 -14.44 64.73 7.24
CA TRP J 528 -13.64 65.68 8.00
C TRP J 528 -12.70 64.99 8.97
N ALA J 529 -13.20 64.06 9.78
CA ALA J 529 -12.41 63.32 10.75
C ALA J 529 -12.49 61.83 10.45
N MET J 530 -11.62 61.09 11.12
CA MET J 530 -11.45 59.67 10.89
C MET J 530 -10.90 59.06 12.18
N LEU J 531 -11.28 57.81 12.45
CA LEU J 531 -10.81 57.12 13.63
C LEU J 531 -9.54 56.33 13.33
N ASP J 532 -8.52 56.51 14.15
CA ASP J 532 -7.31 55.71 14.04
C ASP J 532 -7.58 54.32 14.60
N PRO J 533 -7.45 53.26 13.81
CA PRO J 533 -7.80 51.93 14.31
C PRO J 533 -6.96 51.48 15.50
N ILE J 534 -5.71 51.90 15.60
CA ILE J 534 -4.81 51.34 16.63
C ILE J 534 -4.95 52.02 17.98
N LYS J 535 -5.77 53.06 18.09
CA LYS J 535 -6.09 53.66 19.39
C LYS J 535 -7.49 53.17 19.77
N VAL J 536 -7.55 52.04 20.47
CA VAL J 536 -8.81 51.34 20.68
C VAL J 536 -9.43 51.80 21.98
N SER J 537 -10.59 52.43 21.88
CA SER J 537 -11.40 52.80 23.04
C SER J 537 -12.48 51.75 23.24
N ILE J 538 -12.66 51.33 24.48
CA ILE J 538 -13.78 50.46 24.83
C ILE J 538 -14.70 51.24 25.76
N LEU J 539 -15.99 50.96 25.63
CA LEU J 539 -17.02 51.70 26.36
C LEU J 539 -17.67 50.78 27.37
N ALA J 540 -17.66 51.19 28.62
CA ALA J 540 -18.44 50.51 29.63
C ALA J 540 -19.90 50.93 29.54
N PRO J 541 -20.83 50.04 29.88
CA PRO J 541 -22.25 50.39 29.78
C PRO J 541 -22.65 51.43 30.81
N GLY J 542 -23.66 52.23 30.46
CA GLY J 542 -24.18 53.21 31.39
C GLY J 542 -24.58 54.52 30.76
N MET J 543 -24.07 54.81 29.57
CA MET J 543 -24.34 56.06 28.88
C MET J 543 -25.31 55.82 27.75
N GLY J 544 -26.42 56.55 27.74
CA GLY J 544 -27.38 56.45 26.67
C GLY J 544 -26.94 57.18 25.43
N ASP J 545 -27.52 56.79 24.30
CA ASP J 545 -27.18 57.41 23.03
C ASP J 545 -27.63 58.87 22.97
N ASP J 546 -28.63 59.25 23.77
CA ASP J 546 -29.11 60.62 23.80
C ASP J 546 -28.18 61.56 24.57
N GLY J 547 -27.30 61.02 25.40
CA GLY J 547 -26.41 61.83 26.22
C GLY J 547 -26.67 61.74 27.70
N LYS J 548 -27.70 61.03 28.12
CA LYS J 548 -28.03 60.89 29.53
C LYS J 548 -27.78 59.45 29.98
N LEU J 549 -27.53 59.30 31.27
CA LEU J 549 -27.20 58.00 31.82
C LEU J 549 -28.40 57.06 31.77
N LEU J 550 -28.11 55.77 31.72
CA LEU J 550 -29.14 54.74 31.78
C LEU J 550 -29.47 54.42 33.24
N ASP J 551 -30.37 53.46 33.44
CA ASP J 551 -30.77 53.10 34.79
C ASP J 551 -29.66 52.37 35.53
N THR J 552 -28.81 51.66 34.81
CA THR J 552 -27.71 50.91 35.40
C THR J 552 -26.49 51.03 34.50
N GLY J 553 -25.33 50.73 35.06
CA GLY J 553 -24.09 50.79 34.30
C GLY J 553 -22.92 50.40 35.16
N VAL J 554 -21.76 50.32 34.51
CA VAL J 554 -20.50 49.99 35.17
C VAL J 554 -19.54 51.15 34.93
N PRO J 555 -19.18 51.92 35.95
CA PRO J 555 -18.24 53.02 35.75
C PRO J 555 -16.85 52.54 35.38
N ALA J 556 -16.18 53.32 34.54
CA ALA J 556 -14.87 52.91 34.03
C ALA J 556 -13.77 52.99 35.07
N ALA J 557 -13.96 53.74 36.15
CA ALA J 557 -12.92 53.81 37.19
C ALA J 557 -12.69 52.45 37.83
N LEU J 558 -13.75 51.70 38.08
CA LEU J 558 -13.61 50.37 38.67
C LEU J 558 -12.93 49.40 37.71
N VAL J 559 -13.28 49.46 36.43
CA VAL J 559 -12.62 48.62 35.43
C VAL J 559 -11.15 48.99 35.33
N THR J 560 -10.84 50.28 35.44
CA THR J 560 -9.46 50.73 35.40
C THR J 560 -8.69 50.19 36.61
N ALA J 561 -9.31 50.19 37.79
CA ALA J 561 -8.67 49.61 38.96
C ALA J 561 -8.39 48.13 38.74
N TRP J 562 -9.35 47.41 38.16
CA TRP J 562 -9.16 45.99 37.84
C TRP J 562 -7.98 45.79 36.89
N LEU J 563 -7.94 46.58 35.82
CA LEU J 563 -6.86 46.45 34.84
C LEU J 563 -5.51 46.78 35.45
N ASN J 564 -5.45 47.83 36.27
CA ASN J 564 -4.21 48.15 36.97
C ASN J 564 -3.78 47.00 37.87
N HIS J 565 -4.74 46.39 38.57
CA HIS J 565 -4.42 45.23 39.38
C HIS J 565 -3.82 44.12 38.55
N TYR J 566 -4.23 43.99 37.30
CA TYR J 566 -3.64 42.98 36.43
C TYR J 566 -2.50 43.51 35.57
N GLY J 567 -2.05 44.74 35.84
CA GLY J 567 -0.88 45.29 35.19
C GLY J 567 -1.17 46.13 33.96
N ILE J 568 -2.36 46.01 33.39
CA ILE J 568 -2.72 46.81 32.21
C ILE J 568 -3.01 48.22 32.67
N VAL J 569 -2.33 49.19 32.06
CA VAL J 569 -2.51 50.60 32.41
C VAL J 569 -3.03 51.32 31.17
N PRO J 570 -4.29 51.75 31.15
CA PRO J 570 -4.81 52.47 29.98
C PRO J 570 -4.19 53.84 29.82
N THR J 571 -4.21 54.30 28.57
CA THR J 571 -3.66 55.61 28.23
C THR J 571 -4.61 56.75 28.62
N ARG J 572 -5.89 56.59 28.30
CA ARG J 572 -6.91 57.60 28.62
C ARG J 572 -8.10 56.91 29.28
N THR J 573 -8.85 57.70 30.04
CA THR J 573 -10.01 57.18 30.75
C THR J 573 -10.98 58.33 31.04
N THR J 574 -12.25 58.10 30.79
CA THR J 574 -13.35 58.96 31.19
C THR J 574 -14.31 58.15 32.06
N ASP J 575 -15.49 58.72 32.33
CA ASP J 575 -16.48 58.02 33.14
C ASP J 575 -16.84 56.67 32.56
N PHE J 576 -17.14 56.60 31.25
CA PHE J 576 -17.33 55.34 30.55
C PHE J 576 -16.51 55.38 29.27
N GLN J 577 -15.21 55.16 29.39
CA GLN J 577 -14.33 55.01 28.24
C GLN J 577 -12.94 54.60 28.71
N ILE J 578 -12.37 53.57 28.11
CA ILE J 578 -11.01 53.14 28.41
C ILE J 578 -10.27 52.96 27.10
N MET J 579 -9.12 53.60 26.99
CA MET J 579 -8.34 53.62 25.74
C MET J 579 -7.13 52.70 25.89
N PHE J 580 -6.93 51.84 24.91
CA PHE J 580 -5.78 50.94 24.85
C PHE J 580 -4.95 51.26 23.62
N LEU J 581 -3.64 51.25 23.78
CA LEU J 581 -2.71 51.53 22.70
C LEU J 581 -2.23 50.23 22.08
N PHE J 582 -2.35 50.13 20.76
CA PHE J 582 -1.71 49.08 19.99
C PHE J 582 -0.51 49.71 19.29
N SER J 583 0.68 49.23 19.59
CA SER J 583 1.91 49.79 19.04
C SER J 583 2.65 48.74 18.21
N MET J 584 3.71 49.17 17.55
CA MET J 584 4.52 48.26 16.76
C MET J 584 5.34 47.31 17.62
N GLY J 585 5.37 47.53 18.93
CA GLY J 585 5.98 46.60 19.86
C GLY J 585 5.07 45.51 20.38
N ILE J 586 3.81 45.49 19.98
CA ILE J 586 2.89 44.44 20.38
C ILE J 586 3.20 43.18 19.60
N THR J 587 2.88 42.03 20.19
CA THR J 587 3.01 40.75 19.53
C THR J 587 1.62 40.23 19.15
N LYS J 588 1.60 39.33 18.17
CA LYS J 588 0.34 38.87 17.61
C LYS J 588 -0.45 38.04 18.61
N GLY J 589 -1.75 38.28 18.67
CA GLY J 589 -2.62 37.57 19.59
C GLY J 589 -2.57 38.04 21.02
N LYS J 590 -1.87 39.13 21.31
CA LYS J 590 -1.74 39.61 22.68
C LYS J 590 -3.06 40.13 23.24
N TRP J 591 -3.96 40.60 22.38
CA TRP J 591 -5.24 41.14 22.83
C TRP J 591 -6.15 40.08 23.46
N GLY J 592 -5.81 38.80 23.30
CA GLY J 592 -6.54 37.77 24.01
C GLY J 592 -6.46 37.92 25.51
N THR J 593 -5.31 38.39 26.02
CA THR J 593 -5.20 38.69 27.44
C THR J 593 -6.19 39.77 27.86
N LEU J 594 -6.31 40.82 27.04
CA LEU J 594 -7.25 41.90 27.35
C LEU J 594 -8.67 41.39 27.39
N VAL J 595 -9.04 40.56 26.41
CA VAL J 595 -10.39 40.00 26.38
C VAL J 595 -10.63 39.12 27.59
N ASN J 596 -9.65 38.28 27.94
CA ASN J 596 -9.76 37.42 29.10
C ASN J 596 -9.94 38.22 30.39
N THR J 597 -9.16 39.29 30.53
CA THR J 597 -9.27 40.14 31.71
C THR J 597 -10.65 40.78 31.82
N LEU J 598 -11.17 41.28 30.70
CA LEU J 598 -12.50 41.88 30.73
C LEU J 598 -13.57 40.86 31.08
N LEU J 599 -13.45 39.64 30.54
CA LEU J 599 -14.42 38.60 30.86
C LEU J 599 -14.36 38.21 32.33
N SER J 600 -13.15 38.09 32.89
CA SER J 600 -13.05 37.76 34.31
C SER J 600 -13.58 38.89 35.19
N PHE J 601 -13.37 40.14 34.77
CA PHE J 601 -14.00 41.24 35.50
C PHE J 601 -15.51 41.11 35.47
N LYS J 602 -16.09 40.79 34.31
CA LYS J 602 -17.53 40.65 34.23
C LYS J 602 -18.02 39.51 35.13
N ARG J 603 -17.28 38.40 35.17
CA ARG J 603 -17.66 37.31 36.06
C ARG J 603 -17.67 37.74 37.51
N HIS J 604 -16.58 38.37 37.97
CA HIS J 604 -16.53 38.79 39.36
C HIS J 604 -17.52 39.89 39.67
N TYR J 605 -17.89 40.70 38.68
CA TYR J 605 -18.88 41.74 38.88
C TYR J 605 -20.27 41.16 39.02
N ASP J 606 -20.61 40.18 38.18
CA ASP J 606 -21.88 39.51 38.30
C ASP J 606 -21.98 38.71 39.60
N ASN J 607 -20.87 38.17 40.07
CA ASN J 607 -20.89 37.40 41.31
C ASN J 607 -20.77 38.27 42.56
N ASN J 608 -20.55 39.58 42.40
CA ASN J 608 -20.38 40.50 43.52
C ASN J 608 -19.29 40.02 44.47
N THR J 609 -18.15 39.66 43.90
CA THR J 609 -17.03 39.19 44.72
C THR J 609 -16.52 40.30 45.62
N ALA J 610 -16.21 39.94 46.87
CA ALA J 610 -15.76 40.92 47.84
C ALA J 610 -14.46 41.57 47.40
N LEU J 611 -14.37 42.89 47.58
CA LEU J 611 -13.19 43.63 47.14
C LEU J 611 -11.91 43.16 47.82
N LYS J 612 -12.00 42.59 49.02
CA LYS J 612 -10.80 42.07 49.67
C LYS J 612 -10.17 40.95 48.88
N LYS J 613 -10.98 40.08 48.28
CA LYS J 613 -10.42 38.95 47.53
C LYS J 613 -9.82 39.41 46.21
N VAL J 614 -10.50 40.29 45.49
CA VAL J 614 -10.12 40.64 44.13
C VAL J 614 -9.24 41.88 44.07
N LEU J 615 -9.56 42.92 44.84
CA LEU J 615 -8.87 44.20 44.77
C LEU J 615 -8.44 44.65 46.15
N PRO J 616 -7.45 43.96 46.74
CA PRO J 616 -6.98 44.36 48.08
C PRO J 616 -6.42 45.77 48.12
N GLU J 617 -5.80 46.25 47.04
CA GLU J 617 -5.25 47.59 47.05
C GLU J 617 -6.34 48.66 47.15
N VAL J 618 -7.50 48.40 46.55
CA VAL J 618 -8.63 49.31 46.72
C VAL J 618 -9.08 49.35 48.17
N VAL J 619 -9.16 48.19 48.80
CA VAL J 619 -9.57 48.12 50.20
C VAL J 619 -8.58 48.87 51.08
N ALA J 620 -7.29 48.75 50.76
CA ALA J 620 -6.25 49.37 51.58
C ALA J 620 -6.34 50.88 51.63
N SER J 621 -7.09 51.51 50.72
CA SER J 621 -7.27 52.96 50.79
C SER J 621 -8.18 53.34 51.95
N ALA J 622 -9.43 52.85 51.93
CA ALA J 622 -10.41 53.14 52.97
C ALA J 622 -10.99 51.82 53.46
N PRO J 623 -10.27 51.10 54.34
CA PRO J 623 -10.76 49.80 54.79
C PRO J 623 -12.09 49.86 55.52
N GLU J 624 -12.44 51.00 56.11
CA GLU J 624 -13.72 51.13 56.78
C GLU J 624 -14.88 51.25 55.79
N ILE J 625 -14.63 51.74 54.58
CA ILE J 625 -15.67 51.90 53.57
C ILE J 625 -15.75 50.68 52.66
N TYR J 626 -14.64 50.29 52.07
CA TYR J 626 -14.61 49.21 51.09
C TYR J 626 -14.57 47.84 51.71
N GLY J 627 -14.25 47.73 53.00
CA GLY J 627 -14.36 46.45 53.67
C GLY J 627 -15.80 45.97 53.71
N GLU J 628 -15.98 44.66 53.64
CA GLU J 628 -17.30 44.03 53.63
C GLU J 628 -18.16 44.51 52.48
N MET J 629 -17.55 44.90 51.36
CA MET J 629 -18.25 45.41 50.19
C MET J 629 -17.84 44.60 48.97
N GLY J 630 -18.80 44.36 48.08
CA GLY J 630 -18.51 43.61 46.87
C GLY J 630 -18.21 44.49 45.67
N LEU J 631 -17.77 43.85 44.59
CA LEU J 631 -17.44 44.57 43.36
C LEU J 631 -18.65 45.29 42.81
N ARG J 632 -19.79 44.59 42.70
CA ARG J 632 -20.99 45.21 42.17
C ARG J 632 -21.55 46.25 43.12
N ASP J 633 -21.38 46.06 44.43
CA ASP J 633 -21.83 47.09 45.37
C ASP J 633 -21.11 48.41 45.12
N LEU J 634 -19.78 48.35 44.98
CA LEU J 634 -19.01 49.56 44.69
C LEU J 634 -19.40 50.12 43.32
N GLY J 635 -19.59 49.26 42.33
CA GLY J 635 -19.96 49.73 41.00
C GLY J 635 -21.28 50.47 41.01
N ASP J 636 -22.29 49.90 41.66
CA ASP J 636 -23.59 50.55 41.76
C ASP J 636 -23.53 51.81 42.61
N LYS J 637 -22.70 51.84 43.65
CA LYS J 637 -22.52 53.08 44.40
C LYS J 637 -21.96 54.18 43.50
N MET J 638 -20.92 53.87 42.74
CA MET J 638 -20.33 54.86 41.83
C MET J 638 -21.34 55.29 40.77
N PHE J 639 -22.12 54.36 40.24
CA PHE J 639 -23.08 54.73 39.21
C PHE J 639 -24.20 55.58 39.77
N ALA J 640 -24.65 55.29 40.98
CA ALA J 640 -25.65 56.13 41.63
C ALA J 640 -25.12 57.53 41.87
N TYR J 641 -23.85 57.63 42.29
CA TYR J 641 -23.23 58.95 42.44
C TYR J 641 -23.18 59.70 41.12
N LEU J 642 -22.80 59.02 40.04
CA LEU J 642 -22.74 59.66 38.74
C LEU J 642 -24.12 60.11 38.29
N GLN J 643 -25.13 59.27 38.51
CA GLN J 643 -26.50 59.63 38.13
C GLN J 643 -26.97 60.85 38.90
N LYS J 644 -26.67 60.92 40.19
CA LYS J 644 -27.11 62.06 40.99
C LYS J 644 -26.40 63.33 40.57
N ASN J 645 -25.08 63.27 40.41
CA ASN J 645 -24.30 64.49 40.22
C ASN J 645 -24.15 64.89 38.75
N ASN J 646 -24.17 63.91 37.83
CA ASN J 646 -24.03 64.16 36.40
C ASN J 646 -22.81 65.01 36.09
N PRO J 647 -21.60 64.53 36.34
CA PRO J 647 -20.40 65.33 36.03
C PRO J 647 -20.17 65.55 34.54
N GLY J 648 -20.79 64.76 33.67
CA GLY J 648 -20.61 64.99 32.24
C GLY J 648 -21.17 66.33 31.79
N ALA J 649 -22.32 66.72 32.35
CA ALA J 649 -22.85 68.04 32.08
C ALA J 649 -21.93 69.13 32.61
N ARG J 650 -21.31 68.90 33.77
CA ARG J 650 -20.34 69.85 34.29
C ARG J 650 -19.16 70.01 33.34
N LEU J 651 -18.65 68.91 32.82
CA LEU J 651 -17.56 68.97 31.85
C LEU J 651 -17.97 69.73 30.60
N ASN J 652 -19.18 69.44 30.10
CA ASN J 652 -19.66 70.13 28.91
C ASN J 652 -19.79 71.63 29.14
N GLN J 653 -20.31 72.03 30.30
CA GLN J 653 -20.41 73.44 30.61
C GLN J 653 -19.05 74.09 30.73
N ALA J 654 -18.10 73.41 31.40
CA ALA J 654 -16.78 73.98 31.59
C ALA J 654 -16.02 74.13 30.29
N TYR J 655 -16.21 73.22 29.33
CA TYR J 655 -15.41 73.26 28.13
C TYR J 655 -16.11 73.88 26.93
N SER J 656 -17.42 74.08 26.99
CA SER J 656 -18.10 74.77 25.91
C SER J 656 -17.88 76.28 25.99
N GLN J 657 -17.72 76.82 27.20
CA GLN J 657 -17.49 78.25 27.40
C GLN J 657 -16.02 78.47 27.75
N LEU J 658 -15.38 79.39 27.04
CA LEU J 658 -13.99 79.69 27.34
C LEU J 658 -13.91 80.66 28.52
N PRO J 659 -12.89 80.51 29.37
CA PRO J 659 -12.70 81.46 30.47
C PRO J 659 -12.31 82.84 29.94
N GLN J 660 -12.60 83.85 30.75
CA GLN J 660 -12.21 85.21 30.41
C GLN J 660 -10.70 85.36 30.50
N VAL J 661 -10.11 85.98 29.47
CA VAL J 661 -8.66 86.17 29.40
C VAL J 661 -8.31 87.52 29.98
N MET J 662 -7.38 87.52 30.94
CA MET J 662 -6.93 88.75 31.57
C MET J 662 -5.55 89.19 31.12
N MET J 663 -4.65 88.25 30.86
CA MET J 663 -3.31 88.58 30.36
C MET J 663 -2.77 87.39 29.59
N THR J 664 -1.68 87.63 28.87
CA THR J 664 -1.02 86.56 28.15
C THR J 664 -0.41 85.55 29.12
N PRO J 665 -0.18 84.33 28.66
CA PRO J 665 0.49 83.35 29.54
C PRO J 665 1.85 83.80 30.02
N ARG J 666 2.60 84.55 29.20
CA ARG J 666 3.90 85.05 29.64
C ARG J 666 3.74 86.02 30.81
N ASP J 667 2.74 86.91 30.75
CA ASP J 667 2.51 87.83 31.86
C ASP J 667 2.16 87.09 33.14
N ALA J 668 1.30 86.07 33.03
CA ALA J 668 0.94 85.27 34.20
C ALA J 668 2.16 84.58 34.78
N TYR J 669 3.03 84.02 33.93
CA TYR J 669 4.22 83.36 34.46
C TYR J 669 5.17 84.36 35.09
N GLN J 670 5.31 85.55 34.51
CA GLN J 670 6.17 86.57 35.09
C GLN J 670 5.62 87.07 36.41
N GLN J 671 4.31 86.93 36.65
CA GLN J 671 3.80 87.13 38.00
C GLN J 671 4.38 86.10 38.96
N ILE J 672 4.52 84.84 38.52
CA ILE J 672 5.16 83.82 39.34
C ILE J 672 6.61 84.21 39.63
N VAL J 673 7.32 84.67 38.61
CA VAL J 673 8.73 85.04 38.80
C VAL J 673 8.85 86.20 39.79
N ALA J 674 7.92 87.14 39.73
CA ALA J 674 7.93 88.29 40.62
C ALA J 674 7.38 87.96 42.01
N ASN J 675 7.08 86.69 42.28
CA ASN J 675 6.56 86.25 43.57
C ASN J 675 5.21 86.89 43.91
N ARG J 676 4.47 87.32 42.89
CA ARG J 676 3.13 87.87 43.07
C ARG J 676 2.06 86.80 42.88
N VAL J 677 2.18 85.65 43.55
CA VAL J 677 1.23 84.57 43.43
C VAL J 677 1.00 83.95 44.80
N GLU J 678 -0.11 83.22 44.91
CA GLU J 678 -0.48 82.58 46.17
C GLU J 678 -1.33 81.36 45.88
N ALA J 679 -1.35 80.43 46.84
CA ALA J 679 -2.17 79.23 46.74
C ALA J 679 -3.57 79.55 47.26
N VAL J 680 -4.57 79.32 46.42
CA VAL J 680 -5.95 79.69 46.71
C VAL J 680 -6.79 78.42 46.68
N PRO J 681 -7.62 78.16 47.70
CA PRO J 681 -8.52 76.99 47.65
C PRO J 681 -9.60 77.19 46.59
N VAL J 682 -10.22 76.06 46.21
CA VAL J 682 -11.20 76.07 45.13
C VAL J 682 -12.40 76.95 45.50
N ASP J 683 -12.84 76.89 46.75
CA ASP J 683 -14.01 77.66 47.15
C ASP J 683 -13.76 79.17 47.15
N GLN J 684 -12.50 79.60 47.03
CA GLN J 684 -12.18 81.02 47.01
C GLN J 684 -11.64 81.47 45.66
N LEU J 685 -11.91 80.71 44.60
CA LEU J 685 -11.33 80.97 43.28
C LEU J 685 -12.07 82.05 42.51
N MET J 686 -13.22 82.53 42.99
CA MET J 686 -14.02 83.46 42.22
C MET J 686 -13.27 84.76 41.97
N GLY J 687 -13.16 85.14 40.71
CA GLY J 687 -12.48 86.36 40.31
C GLY J 687 -10.98 86.26 40.20
N ARG J 688 -10.38 85.11 40.54
CA ARG J 688 -8.93 84.98 40.58
C ARG J 688 -8.39 84.58 39.21
N VAL J 689 -7.16 85.00 38.95
CA VAL J 689 -6.47 84.69 37.70
C VAL J 689 -5.48 83.56 37.98
N ALA J 690 -5.62 82.47 37.23
CA ALA J 690 -4.74 81.32 37.41
C ALA J 690 -3.31 81.67 36.97
N ALA J 691 -2.34 81.28 37.80
CA ALA J 691 -0.95 81.54 37.46
C ALA J 691 -0.39 80.49 36.51
N ASN J 692 -0.93 79.29 36.53
CA ASN J 692 -0.53 78.22 35.62
C ASN J 692 -1.78 77.56 35.05
N SER J 693 -1.58 76.59 34.17
CA SER J 693 -2.69 75.93 33.50
C SER J 693 -3.33 74.88 34.40
N ILE J 694 -4.64 74.71 34.24
CA ILE J 694 -5.40 73.70 34.96
C ILE J 694 -5.86 72.68 33.94
N ILE J 695 -5.39 71.45 34.07
CA ILE J 695 -5.71 70.37 33.16
C ILE J 695 -6.34 69.23 33.96
N PRO J 696 -7.67 69.16 34.00
CA PRO J 696 -8.33 68.03 34.66
C PRO J 696 -8.34 66.79 33.79
N TYR J 697 -8.30 65.64 34.44
CA TYR J 697 -8.43 64.35 33.77
C TYR J 697 -9.65 63.62 34.35
N PRO J 698 -10.73 63.47 33.58
CA PRO J 698 -10.96 63.89 32.20
C PRO J 698 -11.25 65.39 32.09
N PRO J 699 -11.21 65.96 30.87
CA PRO J 699 -10.94 65.33 29.57
C PRO J 699 -9.47 65.33 29.16
N GLY J 700 -8.58 65.75 30.04
CA GLY J 700 -7.16 65.69 29.73
C GLY J 700 -6.62 66.82 28.88
N ILE J 701 -7.44 67.84 28.61
CA ILE J 701 -6.97 69.02 27.89
C ILE J 701 -7.22 70.23 28.78
N PRO J 702 -6.46 71.31 28.65
CA PRO J 702 -6.53 72.38 29.65
C PRO J 702 -7.90 73.05 29.68
N MET J 703 -8.44 73.20 30.88
CA MET J 703 -9.68 73.96 31.06
C MET J 703 -9.37 75.45 31.21
N LEU J 704 -8.27 75.78 31.88
CA LEU J 704 -7.79 77.15 32.00
C LEU J 704 -6.32 77.19 31.64
N LEU J 705 -5.93 78.22 30.90
CA LEU J 705 -4.53 78.52 30.66
C LEU J 705 -4.08 79.61 31.62
N SER J 706 -2.76 79.82 31.66
CA SER J 706 -2.20 80.87 32.51
C SER J 706 -2.70 82.23 32.05
N GLY J 707 -3.11 83.05 33.00
CA GLY J 707 -3.62 84.37 32.68
C GLY J 707 -5.10 84.43 32.37
N GLU J 708 -5.85 83.39 32.71
CA GLU J 708 -7.28 83.34 32.46
C GLU J 708 -8.05 83.40 33.77
N ASN J 709 -9.16 84.14 33.76
CA ASN J 709 -9.97 84.30 34.96
C ASN J 709 -10.77 83.05 35.24
N PHE J 710 -10.95 82.74 36.53
CA PHE J 710 -11.75 81.58 36.90
C PHE J 710 -13.24 81.84 36.76
N GLY J 711 -13.67 83.07 36.91
CA GLY J 711 -15.07 83.44 36.74
C GLY J 711 -15.75 83.72 38.07
N ASP J 712 -17.02 84.08 37.96
CA ASP J 712 -17.84 84.43 39.12
C ASP J 712 -18.37 83.20 39.83
N GLU J 713 -19.37 83.39 40.70
CA GLU J 713 -19.89 82.29 41.51
C GLU J 713 -20.44 81.17 40.65
N ASN J 714 -21.13 81.51 39.57
CA ASN J 714 -21.77 80.52 38.72
C ASN J 714 -20.87 80.03 37.59
N SER J 715 -19.56 80.22 37.71
CA SER J 715 -18.65 79.82 36.65
C SER J 715 -18.64 78.30 36.52
N PRO J 716 -18.79 77.75 35.31
CA PRO J 716 -18.72 76.29 35.16
C PRO J 716 -17.37 75.70 35.49
N HIS J 717 -16.29 76.47 35.42
CA HIS J 717 -14.96 75.91 35.64
C HIS J 717 -14.72 75.60 37.12
N ILE J 718 -15.08 76.54 38.00
CA ILE J 718 -15.03 76.28 39.43
C ILE J 718 -15.97 75.14 39.78
N HIS J 719 -17.13 75.08 39.12
CA HIS J 719 -18.08 74.00 39.37
C HIS J 719 -17.49 72.64 39.01
N TYR J 720 -16.80 72.57 37.88
CA TYR J 720 -16.18 71.31 37.48
C TYR J 720 -15.06 70.91 38.44
N LEU J 721 -14.26 71.88 38.87
CA LEU J 721 -13.22 71.57 39.86
C LEU J 721 -13.84 71.06 41.15
N ARG J 722 -14.94 71.67 41.58
CA ARG J 722 -15.65 71.21 42.77
C ARG J 722 -16.19 69.80 42.59
N SER J 723 -16.71 69.50 41.39
CA SER J 723 -17.21 68.16 41.13
C SER J 723 -16.10 67.12 41.24
N LEU J 724 -14.94 67.41 40.66
CA LEU J 724 -13.82 66.49 40.76
C LEU J 724 -13.38 66.32 42.22
N GLN J 725 -13.35 67.42 42.97
CA GLN J 725 -12.97 67.33 44.38
C GLN J 725 -13.97 66.48 45.17
N ALA J 726 -15.25 66.65 44.90
CA ALA J 726 -16.28 65.87 45.57
C ALA J 726 -16.16 64.39 45.24
N TRP J 727 -15.89 64.06 43.98
CA TRP J 727 -15.66 62.67 43.62
C TRP J 727 -14.47 62.10 44.37
N ASP J 728 -13.38 62.86 44.44
CA ASP J 728 -12.20 62.38 45.16
C ASP J 728 -12.52 62.14 46.62
N SER J 729 -13.29 63.03 47.24
CA SER J 729 -13.65 62.85 48.64
C SER J 729 -14.53 61.63 48.84
N GLU J 730 -15.47 61.39 47.92
CA GLU J 730 -16.42 60.30 48.11
C GLU J 730 -15.81 58.93 47.84
N PHE J 731 -14.82 58.84 46.94
CA PHE J 731 -14.25 57.55 46.53
C PHE J 731 -12.74 57.57 46.67
N PRO J 732 -12.21 57.32 47.86
CA PRO J 732 -10.75 57.20 48.01
C PRO J 732 -10.21 56.05 47.18
N GLY J 733 -9.02 56.26 46.64
CA GLY J 733 -8.40 55.29 45.76
C GLY J 733 -8.81 55.39 44.30
N PHE J 734 -9.76 56.27 43.98
CA PHE J 734 -10.23 56.48 42.61
C PHE J 734 -10.17 57.97 42.29
N GLU J 735 -9.16 58.65 42.79
CA GLU J 735 -9.08 60.10 42.70
C GLU J 735 -8.66 60.55 41.31
N HIS J 736 -9.30 61.60 40.83
CA HIS J 736 -8.94 62.18 39.54
C HIS J 736 -7.59 62.89 39.62
N GLU J 737 -6.90 62.94 38.49
CA GLU J 737 -5.69 63.73 38.36
C GLU J 737 -6.02 65.08 37.74
N THR J 738 -5.42 66.14 38.29
CA THR J 738 -5.63 67.49 37.76
C THR J 738 -4.29 68.21 37.81
N GLU J 739 -3.65 68.33 36.65
CA GLU J 739 -2.41 69.09 36.57
C GLU J 739 -2.66 70.57 36.82
N GLY J 740 -1.76 71.19 37.57
CA GLY J 740 -1.89 72.59 37.92
C GLY J 740 -2.51 72.86 39.26
N THR J 741 -2.73 71.84 40.08
CA THR J 741 -3.31 72.00 41.40
C THR J 741 -2.41 71.33 42.44
N GLU J 742 -2.54 71.80 43.67
CA GLU J 742 -1.88 71.17 44.81
C GLU J 742 -2.96 70.60 45.72
N ILE J 743 -2.79 69.36 46.15
CA ILE J 743 -3.77 68.66 46.95
C ILE J 743 -3.20 68.55 48.37
N ILE J 744 -3.67 69.43 49.25
CA ILE J 744 -3.27 69.43 50.65
C ILE J 744 -4.45 68.92 51.47
N ASP J 745 -4.19 67.94 52.33
CA ASP J 745 -5.20 67.23 53.11
C ASP J 745 -6.44 66.91 52.28
N GLY J 746 -6.24 66.46 51.04
CA GLY J 746 -7.33 66.11 50.17
C GLY J 746 -8.07 67.29 49.57
N GLN J 747 -7.58 68.51 49.74
CA GLN J 747 -8.25 69.71 49.26
C GLN J 747 -7.42 70.35 48.16
N TYR J 748 -8.10 70.89 47.17
CA TYR J 748 -7.44 71.43 45.98
C TYR J 748 -6.97 72.86 46.22
N TYR J 749 -5.73 73.14 45.84
CA TYR J 749 -5.19 74.49 45.87
C TYR J 749 -4.67 74.86 44.50
N VAL J 750 -4.90 76.10 44.09
CA VAL J 750 -4.51 76.60 42.79
C VAL J 750 -3.67 77.86 42.99
N MET J 751 -2.53 77.92 42.31
CA MET J 751 -1.68 79.10 42.36
C MET J 751 -2.31 80.21 41.52
N CYS J 752 -2.56 81.36 42.14
CA CYS J 752 -3.27 82.45 41.50
C CYS J 752 -2.49 83.75 41.66
N VAL J 753 -2.67 84.65 40.69
CA VAL J 753 -2.01 85.95 40.74
C VAL J 753 -2.59 86.77 41.88
N LYS J 754 -1.73 87.35 42.71
CA LYS J 754 -2.18 88.25 43.76
C LYS J 754 -2.81 89.49 43.13
N THR J 755 -3.98 89.87 43.64
CA THR J 755 -4.71 91.01 43.09
C THR J 755 -4.01 92.33 43.40
N MET K 1 -39.68 5.99 -50.63
CA MET K 1 -40.08 5.45 -51.93
C MET K 1 -41.18 4.41 -51.77
N ARG K 2 -42.31 4.66 -52.42
CA ARG K 2 -43.45 3.76 -52.35
C ARG K 2 -43.91 3.43 -53.75
N ALA K 3 -44.04 2.14 -54.05
CA ALA K 3 -44.57 1.66 -55.32
C ALA K 3 -45.94 1.04 -55.09
N LEU K 4 -46.88 1.38 -55.96
CA LEU K 4 -48.23 0.84 -55.91
C LEU K 4 -48.39 -0.17 -57.03
N ILE K 5 -48.82 -1.38 -56.69
CA ILE K 5 -49.03 -2.45 -57.66
C ILE K 5 -50.52 -2.77 -57.69
N VAL K 6 -51.15 -2.59 -58.85
CA VAL K 6 -52.57 -2.83 -59.04
C VAL K 6 -52.71 -3.80 -60.21
N TYR K 7 -52.99 -5.06 -59.91
CA TYR K 7 -53.24 -6.05 -60.94
C TYR K 7 -54.47 -6.86 -60.56
N THR K 8 -55.27 -7.25 -61.54
CA THR K 8 -56.53 -7.94 -61.26
C THR K 8 -56.47 -9.41 -61.67
N GLU K 9 -56.31 -9.71 -62.96
CA GLU K 9 -56.26 -11.09 -63.44
C GLU K 9 -55.46 -11.08 -64.73
N LEU K 10 -54.17 -11.42 -64.65
CA LEU K 10 -53.34 -11.40 -65.84
C LEU K 10 -53.29 -12.77 -66.52
N THR K 11 -53.36 -13.84 -65.75
CA THR K 11 -53.33 -15.20 -66.28
C THR K 11 -54.63 -15.91 -65.95
N ASP K 12 -54.95 -16.91 -66.77
CA ASP K 12 -56.16 -17.71 -66.52
C ASP K 12 -56.11 -18.39 -65.16
N LYS K 13 -54.92 -18.70 -64.65
CA LYS K 13 -54.74 -19.23 -63.32
C LYS K 13 -54.01 -18.19 -62.48
N ASP K 14 -54.60 -17.82 -61.35
CA ASP K 14 -54.14 -16.66 -60.59
C ASP K 14 -52.74 -16.85 -60.04
N SER K 15 -52.33 -18.09 -59.76
CA SER K 15 -51.11 -18.31 -59.00
C SER K 15 -49.87 -17.85 -59.76
N VAL K 16 -49.88 -17.90 -61.08
CA VAL K 16 -48.70 -17.52 -61.85
C VAL K 16 -48.38 -16.03 -61.67
N ILE K 17 -49.37 -15.18 -61.95
CA ILE K 17 -49.16 -13.74 -61.82
C ILE K 17 -48.95 -13.36 -60.36
N SER K 18 -49.64 -14.02 -59.44
CA SER K 18 -49.45 -13.73 -58.02
C SER K 18 -48.03 -14.03 -57.57
N HIS K 19 -47.48 -15.17 -57.98
CA HIS K 19 -46.11 -15.50 -57.60
C HIS K 19 -45.11 -14.56 -58.25
N ALA K 20 -45.34 -14.19 -59.52
CA ALA K 20 -44.43 -13.24 -60.17
C ALA K 20 -44.46 -11.89 -59.45
N VAL K 21 -45.66 -11.42 -59.09
CA VAL K 21 -45.77 -10.14 -58.39
C VAL K 21 -45.16 -10.23 -57.00
N ALA K 22 -45.29 -11.37 -56.33
CA ALA K 22 -44.66 -11.54 -55.02
C ALA K 22 -43.14 -11.46 -55.14
N ARG K 23 -42.56 -12.12 -56.15
CA ARG K 23 -41.12 -12.02 -56.36
C ARG K 23 -40.70 -10.58 -56.63
N LEU K 24 -41.45 -9.87 -57.47
CA LEU K 24 -41.12 -8.48 -57.75
C LEU K 24 -41.21 -7.62 -56.50
N ALA K 25 -42.24 -7.84 -55.68
CA ALA K 25 -42.39 -7.06 -54.45
C ALA K 25 -41.25 -7.34 -53.48
N SER K 26 -40.81 -8.60 -53.39
CA SER K 26 -39.66 -8.90 -52.55
C SER K 26 -38.42 -8.19 -53.04
N GLU K 27 -38.17 -8.21 -54.35
CA GLU K 27 -37.01 -7.53 -54.89
C GLU K 27 -37.09 -6.02 -54.69
N LEU K 28 -38.30 -5.44 -54.76
CA LEU K 28 -38.45 -4.01 -54.53
C LEU K 28 -38.22 -3.67 -53.07
N ASN K 29 -38.68 -4.52 -52.15
CA ASN K 29 -38.44 -4.28 -50.73
C ASN K 29 -36.97 -4.40 -50.39
N ASP K 30 -36.24 -5.29 -51.07
CA ASP K 30 -34.81 -5.40 -50.83
C ASP K 30 -34.03 -4.17 -51.25
N GLU K 31 -34.59 -3.33 -52.14
CA GLU K 31 -33.98 -2.05 -52.48
C GLU K 31 -34.68 -0.88 -51.80
N HIS K 32 -35.36 -1.13 -50.68
CA HIS K 32 -35.98 -0.10 -49.85
C HIS K 32 -37.07 0.68 -50.58
N VAL K 33 -37.81 0.01 -51.46
CA VAL K 33 -39.04 0.56 -52.02
C VAL K 33 -40.20 -0.16 -51.36
N GLU K 34 -41.01 0.57 -50.61
CA GLU K 34 -42.20 0.00 -50.01
C GLU K 34 -43.24 -0.28 -51.09
N THR K 35 -43.93 -1.41 -50.96
CA THR K 35 -44.89 -1.85 -51.97
C THR K 35 -46.27 -2.02 -51.35
N VAL K 36 -47.28 -1.52 -52.04
CA VAL K 36 -48.68 -1.75 -51.72
C VAL K 36 -49.27 -2.54 -52.88
N ILE K 37 -49.79 -3.73 -52.59
CA ILE K 37 -50.34 -4.63 -53.60
C ILE K 37 -51.85 -4.61 -53.49
N ILE K 38 -52.52 -4.29 -54.59
CA ILE K 38 -53.97 -4.14 -54.65
C ILE K 38 -54.49 -4.95 -55.83
N ARG K 39 -55.58 -5.70 -55.60
CA ARG K 39 -56.12 -6.60 -56.61
C ARG K 39 -57.32 -6.06 -57.35
N ASP K 40 -57.76 -4.83 -57.06
CA ASP K 40 -58.96 -4.30 -57.69
C ASP K 40 -58.75 -2.83 -58.00
N PHE K 41 -59.25 -2.40 -59.17
CA PHE K 41 -59.01 -1.02 -59.60
C PHE K 41 -59.80 -0.03 -58.76
N GLU K 42 -60.95 -0.42 -58.22
CA GLU K 42 -61.68 0.49 -57.33
C GLU K 42 -60.94 0.67 -56.01
N ASP K 43 -60.36 -0.41 -55.48
CA ASP K 43 -59.52 -0.30 -54.29
C ASP K 43 -58.30 0.57 -54.56
N GLY K 44 -57.68 0.40 -55.74
CA GLY K 44 -56.56 1.25 -56.08
C GLY K 44 -56.94 2.70 -56.22
N LEU K 45 -58.13 2.97 -56.77
CA LEU K 45 -58.63 4.33 -56.87
C LEU K 45 -58.85 4.93 -55.49
N ALA K 46 -59.42 4.16 -54.57
CA ALA K 46 -59.60 4.65 -53.21
C ALA K 46 -58.27 4.93 -52.55
N TYR K 47 -57.28 4.05 -52.77
CA TYR K 47 -55.95 4.28 -52.22
C TYR K 47 -55.33 5.56 -52.78
N ILE K 48 -55.48 5.79 -54.08
CA ILE K 48 -54.90 6.96 -54.71
C ILE K 48 -55.57 8.23 -54.20
N ARG K 49 -56.88 8.18 -53.94
CA ARG K 49 -57.59 9.36 -53.46
C ARG K 49 -57.26 9.69 -52.01
N SER K 50 -56.56 8.82 -51.29
CA SER K 50 -55.96 9.19 -50.02
C SER K 50 -54.63 9.87 -50.30
N ASN K 51 -54.36 10.98 -49.60
CA ASN K 51 -53.21 11.82 -49.90
C ASN K 51 -51.92 11.13 -49.44
N THR K 52 -51.63 10.02 -50.10
CA THR K 52 -50.43 9.23 -49.86
C THR K 52 -49.49 9.37 -51.05
N SER K 53 -48.22 9.65 -50.78
CA SER K 53 -47.25 9.82 -51.86
C SER K 53 -46.97 8.47 -52.53
N ILE K 54 -47.11 8.45 -53.84
CA ILE K 54 -46.83 7.26 -54.64
C ILE K 54 -45.72 7.62 -55.61
N ASP K 55 -44.64 6.84 -55.58
CA ASP K 55 -43.49 7.14 -56.43
C ASP K 55 -43.49 6.39 -57.74
N CYS K 56 -44.27 5.32 -57.85
CA CYS K 56 -44.33 4.54 -59.09
C CYS K 56 -45.60 3.70 -59.08
N LEU K 57 -46.25 3.60 -60.22
CA LEU K 57 -47.43 2.77 -60.39
C LEU K 57 -47.10 1.64 -61.35
N LEU K 58 -47.29 0.40 -60.89
CA LEU K 58 -47.17 -0.78 -61.74
C LEU K 58 -48.53 -1.45 -61.78
N TYR K 59 -49.10 -1.56 -62.97
CA TYR K 59 -50.44 -2.10 -63.11
C TYR K 59 -50.49 -3.13 -64.22
N GLY K 60 -51.46 -4.03 -64.10
CA GLY K 60 -51.78 -4.96 -65.17
C GLY K 60 -53.26 -5.30 -65.10
N ARG K 61 -53.82 -5.59 -66.26
CA ARG K 61 -55.23 -5.95 -66.37
C ARG K 61 -55.39 -7.24 -67.15
N ASP K 62 -56.64 -7.57 -67.47
CA ASP K 62 -56.92 -8.76 -68.28
C ASP K 62 -56.31 -8.65 -69.67
N MET K 63 -56.30 -7.44 -70.23
CA MET K 63 -55.76 -7.06 -71.53
C MET K 63 -56.68 -7.47 -72.67
N SER K 64 -57.74 -8.22 -72.41
CA SER K 64 -58.78 -8.48 -73.39
C SER K 64 -60.12 -7.88 -72.99
N ASP K 65 -60.18 -7.20 -71.85
CA ASP K 65 -61.42 -6.61 -71.36
C ASP K 65 -61.36 -5.09 -71.54
N ARG K 66 -62.30 -4.54 -72.30
CA ARG K 66 -62.33 -3.09 -72.47
C ARG K 66 -62.75 -2.37 -71.20
N ASP K 67 -63.58 -3.00 -70.37
CA ASP K 67 -63.98 -2.37 -69.11
C ASP K 67 -62.79 -2.19 -68.19
N GLU K 68 -61.92 -3.19 -68.08
CA GLU K 68 -60.71 -3.04 -67.29
C GLU K 68 -59.77 -2.02 -67.90
N GLN K 69 -59.75 -1.91 -69.23
CA GLN K 69 -58.95 -0.86 -69.86
C GLN K 69 -59.44 0.52 -69.46
N ILE K 70 -60.76 0.72 -69.47
CA ILE K 70 -61.32 2.00 -69.04
C ILE K 70 -61.00 2.26 -67.58
N GLN K 71 -61.12 1.23 -66.74
CA GLN K 71 -60.82 1.39 -65.32
C GLN K 71 -59.35 1.75 -65.10
N ALA K 72 -58.44 1.11 -65.82
CA ALA K 72 -57.02 1.41 -65.69
C ALA K 72 -56.71 2.83 -66.14
N HIS K 73 -57.32 3.27 -67.24
CA HIS K 73 -57.12 4.64 -67.69
C HIS K 73 -57.63 5.63 -66.65
N ARG K 74 -58.78 5.33 -66.05
CA ARG K 74 -59.32 6.16 -64.98
C ARG K 74 -58.36 6.23 -63.80
N LEU K 75 -57.79 5.08 -63.42
CA LEU K 75 -56.86 5.04 -62.30
C LEU K 75 -55.63 5.91 -62.58
N ILE K 76 -55.08 5.81 -63.79
CA ILE K 76 -53.88 6.59 -64.12
C ILE K 76 -54.21 8.08 -64.17
N THR K 77 -55.36 8.45 -64.73
CA THR K 77 -55.75 9.85 -64.75
C THR K 77 -55.94 10.40 -63.34
N GLN K 78 -56.59 9.62 -62.46
CA GLN K 78 -56.75 10.04 -61.09
C GLN K 78 -55.41 10.22 -60.40
N LEU K 79 -54.48 9.29 -60.63
CA LEU K 79 -53.15 9.42 -60.03
C LEU K 79 -52.46 10.69 -60.49
N HIS K 80 -52.55 11.00 -61.78
CA HIS K 80 -51.86 12.17 -62.30
C HIS K 80 -52.60 13.47 -62.03
N ARG K 81 -53.81 13.42 -61.47
CA ARG K 81 -54.47 14.66 -61.05
C ARG K 81 -53.60 15.45 -60.07
N ARG K 82 -53.11 14.79 -59.02
CA ARG K 82 -52.30 15.45 -58.02
C ARG K 82 -50.86 14.96 -57.96
N GLN K 83 -50.53 13.86 -58.62
CA GLN K 83 -49.17 13.34 -58.70
C GLN K 83 -48.85 13.16 -60.18
N GLU K 84 -48.43 14.26 -60.81
CA GLU K 84 -48.57 14.41 -62.25
C GLU K 84 -47.63 13.52 -63.04
N ASP K 85 -46.37 13.44 -62.63
CA ASP K 85 -45.35 12.78 -63.44
C ASP K 85 -44.88 11.45 -62.84
N VAL K 86 -45.72 10.81 -62.05
CA VAL K 86 -45.37 9.52 -61.46
C VAL K 86 -45.20 8.49 -62.57
N PRO K 87 -44.10 7.74 -62.61
CA PRO K 87 -43.92 6.73 -63.67
C PRO K 87 -44.96 5.63 -63.59
N VAL K 88 -45.39 5.16 -64.75
CA VAL K 88 -46.37 4.09 -64.85
C VAL K 88 -45.72 2.92 -65.59
N PHE K 89 -45.66 1.78 -64.92
CA PHE K 89 -45.18 0.54 -65.52
C PHE K 89 -46.36 -0.36 -65.85
N LEU K 90 -46.38 -0.90 -67.06
CA LEU K 90 -47.38 -1.88 -67.44
C LEU K 90 -46.83 -3.29 -67.18
N LEU K 91 -47.48 -4.01 -66.27
CA LEU K 91 -47.17 -5.42 -66.04
C LEU K 91 -48.06 -6.27 -66.93
N SER K 92 -47.47 -7.07 -67.80
CA SER K 92 -48.26 -7.83 -68.74
C SER K 92 -47.45 -8.98 -69.31
N ASP K 93 -48.16 -10.00 -69.78
CA ASP K 93 -47.57 -10.95 -70.69
C ASP K 93 -47.20 -10.24 -71.99
N ARG K 94 -46.05 -10.60 -72.55
CA ARG K 94 -45.48 -9.81 -73.65
C ARG K 94 -46.39 -9.79 -74.87
N GLU K 95 -46.91 -10.95 -75.27
CA GLU K 95 -47.71 -11.02 -76.49
C GLU K 95 -49.00 -10.22 -76.36
N GLU K 96 -49.67 -10.34 -75.21
CA GLU K 96 -50.91 -9.60 -74.99
C GLU K 96 -50.67 -8.10 -75.03
N ALA K 97 -49.59 -7.63 -74.42
CA ALA K 97 -49.29 -6.20 -74.48
C ALA K 97 -48.93 -5.75 -75.89
N LEU K 98 -48.18 -6.58 -76.62
CA LEU K 98 -47.76 -6.19 -77.96
C LEU K 98 -48.93 -6.12 -78.92
N VAL K 99 -49.92 -7.01 -78.79
CA VAL K 99 -51.07 -6.91 -79.69
C VAL K 99 -51.94 -5.72 -79.35
N ALA K 100 -51.91 -5.24 -78.11
CA ALA K 100 -52.67 -4.07 -77.70
C ALA K 100 -51.89 -2.77 -77.83
N PHE K 101 -50.67 -2.83 -78.35
CA PHE K 101 -49.81 -1.64 -78.42
C PHE K 101 -50.35 -0.64 -79.44
N ASP K 102 -50.44 0.62 -79.04
CA ASP K 102 -50.83 1.71 -79.93
C ASP K 102 -50.42 3.03 -79.30
N ARG K 103 -50.77 4.13 -79.97
CA ARG K 103 -50.46 5.46 -79.47
C ARG K 103 -51.17 5.73 -78.14
N ASN K 104 -52.44 5.30 -78.04
CA ASN K 104 -53.20 5.57 -76.83
C ASN K 104 -52.61 4.84 -75.63
N MET K 105 -52.10 3.63 -75.83
CA MET K 105 -51.39 2.94 -74.75
C MET K 105 -50.17 3.72 -74.30
N MET K 106 -49.34 4.16 -75.25
CA MET K 106 -48.12 4.87 -74.90
C MET K 106 -48.38 6.24 -74.32
N GLU K 107 -49.59 6.80 -74.51
CA GLU K 107 -49.90 8.07 -73.87
C GLU K 107 -49.92 7.97 -72.36
N GLN K 108 -50.20 6.79 -71.81
CA GLN K 108 -50.28 6.62 -70.36
C GLN K 108 -49.26 5.66 -69.77
N VAL K 109 -48.55 4.89 -70.59
CA VAL K 109 -47.57 3.92 -70.12
C VAL K 109 -46.17 4.47 -70.37
N ASP K 110 -45.34 4.50 -69.34
CA ASP K 110 -43.96 4.92 -69.50
C ASP K 110 -43.02 3.76 -69.77
N GLU K 111 -43.24 2.60 -69.15
CA GLU K 111 -42.34 1.47 -69.33
C GLU K 111 -43.11 0.16 -69.33
N PHE K 112 -42.49 -0.85 -69.93
CA PHE K 112 -43.02 -2.21 -69.99
C PHE K 112 -42.28 -3.09 -68.99
N ALA K 113 -43.02 -3.96 -68.33
CA ALA K 113 -42.44 -4.95 -67.42
C ALA K 113 -43.03 -6.31 -67.78
N TRP K 114 -42.27 -7.11 -68.52
CA TRP K 114 -42.72 -8.45 -68.88
C TRP K 114 -42.56 -9.33 -67.66
N ILE K 115 -43.56 -9.28 -66.78
CA ILE K 115 -43.46 -9.86 -65.45
C ILE K 115 -43.29 -11.37 -65.48
N LEU K 116 -43.73 -12.05 -66.54
CA LEU K 116 -43.71 -13.50 -66.58
C LEU K 116 -42.47 -14.08 -67.26
N GLU K 117 -41.62 -13.25 -67.87
CA GLU K 117 -40.43 -13.75 -68.54
C GLU K 117 -39.19 -12.93 -68.22
N ASP K 118 -39.25 -12.06 -67.22
CA ASP K 118 -38.13 -11.20 -66.85
C ASP K 118 -37.79 -11.42 -65.39
N SER K 119 -36.51 -11.28 -65.06
CA SER K 119 -36.09 -11.36 -63.67
C SER K 119 -36.67 -10.20 -62.88
N ALA K 120 -37.11 -10.49 -61.66
CA ALA K 120 -37.64 -9.44 -60.79
C ALA K 120 -36.57 -8.41 -60.45
N ASP K 121 -35.29 -8.82 -60.45
CA ASP K 121 -34.23 -7.88 -60.14
C ASP K 121 -34.08 -6.81 -61.21
N PHE K 122 -34.17 -7.19 -62.48
CA PHE K 122 -34.08 -6.22 -63.57
C PHE K 122 -35.22 -5.20 -63.50
N ILE K 123 -36.45 -5.70 -63.30
CA ILE K 123 -37.60 -4.80 -63.22
C ILE K 123 -37.48 -3.91 -62.00
N ALA K 124 -37.02 -4.45 -60.87
CA ALA K 124 -36.86 -3.64 -59.67
C ALA K 124 -35.82 -2.55 -59.88
N GLY K 125 -34.73 -2.86 -60.55
CA GLY K 125 -33.74 -1.83 -60.85
C GLY K 125 -34.28 -0.74 -61.74
N ARG K 126 -35.05 -1.12 -62.77
CA ARG K 126 -35.64 -0.10 -63.63
C ARG K 126 -36.65 0.75 -62.87
N VAL K 127 -37.43 0.13 -61.98
CA VAL K 127 -38.39 0.88 -61.17
C VAL K 127 -37.67 1.87 -60.27
N LEU K 128 -36.56 1.44 -59.66
CA LEU K 128 -35.81 2.34 -58.79
C LEU K 128 -35.23 3.51 -59.58
N ALA K 129 -34.71 3.25 -60.78
CA ALA K 129 -34.20 4.33 -61.61
C ALA K 129 -35.31 5.31 -61.96
N ALA K 130 -36.50 4.81 -62.32
CA ALA K 130 -37.61 5.68 -62.64
C ALA K 130 -38.04 6.52 -61.43
N ILE K 131 -38.07 5.89 -60.25
CA ILE K 131 -38.44 6.62 -59.03
C ILE K 131 -37.45 7.73 -58.74
N GLN K 132 -36.16 7.45 -58.90
CA GLN K 132 -35.14 8.48 -58.66
C GLN K 132 -35.28 9.63 -59.65
N ARG K 133 -35.52 9.29 -60.93
CA ARG K 133 -35.74 10.34 -61.93
C ARG K 133 -36.94 11.20 -61.55
N TYR K 134 -38.03 10.57 -61.11
CA TYR K 134 -39.22 11.33 -60.72
C TYR K 134 -38.95 12.22 -59.51
N ARG K 135 -38.27 11.68 -58.50
CA ARG K 135 -38.00 12.46 -57.30
C ARG K 135 -37.07 13.64 -57.57
N SER K 136 -36.16 13.50 -58.53
CA SER K 136 -35.20 14.57 -58.78
C SER K 136 -35.84 15.80 -59.42
N GLN K 137 -37.03 15.67 -60.00
CA GLN K 137 -37.70 16.80 -60.63
C GLN K 137 -38.88 17.32 -59.82
N LEU K 138 -39.09 16.81 -58.61
CA LEU K 138 -40.31 17.08 -57.88
C LEU K 138 -40.33 18.47 -57.26
N LEU K 139 -39.20 18.97 -56.78
CA LEU K 139 -39.35 20.20 -56.01
C LEU K 139 -39.15 21.44 -56.87
N PRO K 140 -39.82 22.54 -56.52
CA PRO K 140 -39.57 23.81 -57.19
C PRO K 140 -38.19 24.35 -56.84
N PRO K 141 -37.67 25.31 -57.62
CA PRO K 141 -36.23 25.61 -57.53
C PRO K 141 -35.77 26.17 -56.19
N LEU K 142 -36.46 27.19 -55.68
CA LEU K 142 -36.03 27.81 -54.43
C LEU K 142 -36.06 26.81 -53.28
N MET K 143 -37.13 26.03 -53.18
CA MET K 143 -37.24 25.06 -52.10
C MET K 143 -36.16 24.00 -52.20
N LYS K 144 -35.87 23.56 -53.43
CA LYS K 144 -34.83 22.57 -53.66
C LYS K 144 -33.46 23.10 -53.23
N SER K 145 -33.13 24.33 -53.61
CA SER K 145 -31.84 24.90 -53.25
C SER K 145 -31.74 25.13 -51.75
N LEU K 146 -32.84 25.56 -51.11
CA LEU K 146 -32.81 25.75 -49.66
C LEU K 146 -32.61 24.43 -48.94
N ILE K 147 -33.29 23.36 -49.37
CA ILE K 147 -33.10 22.07 -48.74
C ILE K 147 -31.67 21.59 -48.95
N LYS K 148 -31.12 21.78 -50.14
CA LYS K 148 -29.75 21.36 -50.41
C LYS K 148 -28.76 22.11 -49.52
N TYR K 149 -28.97 23.40 -49.32
CA TYR K 149 -28.04 24.18 -48.51
C TYR K 149 -28.22 23.89 -47.02
N SER K 150 -29.40 23.45 -46.60
CA SER K 150 -29.69 23.26 -45.18
C SER K 150 -28.75 22.26 -44.50
N ASP K 151 -28.13 21.36 -45.25
CA ASP K 151 -27.20 20.41 -44.63
C ASP K 151 -25.92 21.07 -44.12
N VAL K 152 -25.59 22.26 -44.60
CA VAL K 152 -24.39 22.96 -44.12
C VAL K 152 -24.60 23.38 -42.68
N HIS K 153 -23.62 23.08 -41.82
CA HIS K 153 -23.72 23.42 -40.40
C HIS K 153 -22.56 24.26 -39.89
N GLU K 154 -21.68 24.71 -40.76
CA GLU K 154 -20.49 25.44 -40.31
C GLU K 154 -20.86 26.84 -39.84
N TYR K 155 -20.14 27.31 -38.83
CA TYR K 155 -20.30 28.68 -38.33
C TYR K 155 -19.80 29.65 -39.38
N SER K 156 -20.74 30.31 -40.06
CA SER K 156 -20.37 31.51 -40.79
C SER K 156 -20.08 32.61 -39.81
N TRP K 157 -19.25 33.56 -40.23
CA TRP K 157 -18.85 34.67 -39.36
C TRP K 157 -19.66 35.92 -39.67
N ALA K 158 -20.94 35.73 -39.99
CA ALA K 158 -21.83 36.82 -40.36
C ALA K 158 -23.21 36.57 -39.77
N ALA K 159 -24.10 37.54 -39.95
CA ALA K 159 -25.46 37.43 -39.45
C ALA K 159 -26.26 36.44 -40.31
N PRO K 160 -27.37 35.89 -39.78
CA PRO K 160 -27.97 36.09 -38.45
C PRO K 160 -27.17 35.50 -37.31
N GLY K 161 -27.30 36.12 -36.13
CA GLY K 161 -26.48 35.74 -34.99
C GLY K 161 -26.77 34.37 -34.43
N HIS K 162 -28.00 33.86 -34.59
CA HIS K 162 -28.33 32.57 -34.01
C HIS K 162 -27.60 31.43 -34.70
N GLN K 163 -27.10 31.63 -35.92
CA GLN K 163 -26.23 30.69 -36.61
C GLN K 163 -26.88 29.32 -36.77
N GLY K 164 -27.98 29.29 -37.51
CA GLY K 164 -28.70 28.05 -37.72
C GLY K 164 -29.36 27.48 -36.49
N GLY K 165 -29.74 28.32 -35.55
CA GLY K 165 -30.42 27.89 -34.35
C GLY K 165 -29.54 27.52 -33.18
N VAL K 166 -28.21 27.52 -33.37
CA VAL K 166 -27.31 27.17 -32.28
C VAL K 166 -27.46 28.15 -31.12
N GLY K 167 -27.65 29.43 -31.42
CA GLY K 167 -27.74 30.44 -30.37
C GLY K 167 -28.90 30.21 -29.43
N PHE K 168 -30.02 29.68 -29.91
CA PHE K 168 -31.15 29.43 -29.04
C PHE K 168 -30.87 28.34 -28.01
N THR K 169 -30.02 27.37 -28.34
CA THR K 169 -29.81 26.25 -27.44
C THR K 169 -28.76 26.55 -26.37
N LYS K 170 -28.89 27.70 -25.70
CA LYS K 170 -27.96 28.07 -24.64
C LYS K 170 -28.66 28.44 -23.34
N THR K 171 -29.96 28.69 -23.36
CA THR K 171 -30.79 28.81 -22.17
C THR K 171 -31.87 27.74 -22.25
N PRO K 172 -32.44 27.34 -21.10
CA PRO K 172 -33.52 26.35 -21.14
C PRO K 172 -34.73 26.79 -21.94
N ALA K 173 -35.15 28.05 -21.81
CA ALA K 173 -36.28 28.54 -22.58
C ALA K 173 -35.97 28.55 -24.07
N GLY K 174 -34.76 28.97 -24.42
CA GLY K 174 -34.33 28.88 -25.80
C GLY K 174 -34.32 27.46 -26.33
N ARG K 175 -33.95 26.49 -25.49
CA ARG K 175 -33.95 25.09 -25.92
C ARG K 175 -35.36 24.59 -26.15
N ILE K 176 -36.30 24.99 -25.29
CA ILE K 176 -37.70 24.62 -25.49
C ILE K 176 -38.23 25.22 -26.79
N TYR K 177 -37.92 26.50 -27.03
CA TYR K 177 -38.35 27.17 -28.25
C TYR K 177 -37.75 26.49 -29.49
N HIS K 178 -36.47 26.17 -29.43
CA HIS K 178 -35.79 25.54 -30.54
C HIS K 178 -36.35 24.15 -30.84
N ASP K 179 -36.65 23.37 -29.80
CA ASP K 179 -37.24 22.07 -30.02
C ASP K 179 -38.66 22.17 -30.55
N PHE K 180 -39.41 23.18 -30.11
CA PHE K 180 -40.77 23.36 -30.61
C PHE K 180 -40.76 23.68 -32.10
N PHE K 181 -39.95 24.66 -32.52
CA PHE K 181 -40.02 25.06 -33.92
C PHE K 181 -39.20 24.19 -34.85
N GLY K 182 -38.27 23.40 -34.32
CA GLY K 182 -37.50 22.49 -35.14
C GLY K 182 -36.27 23.13 -35.76
N GLU K 183 -35.32 22.27 -36.11
CA GLU K 183 -34.00 22.73 -36.55
C GLU K 183 -34.03 23.32 -37.96
N ASN K 184 -34.83 22.72 -38.85
CA ASN K 184 -34.77 23.10 -40.27
C ASN K 184 -35.22 24.53 -40.50
N LEU K 185 -36.16 25.04 -39.69
CA LEU K 185 -36.57 26.43 -39.84
C LEU K 185 -35.40 27.38 -39.61
N PHE K 186 -34.60 27.12 -38.58
CA PHE K 186 -33.47 27.99 -38.29
C PHE K 186 -32.32 27.77 -39.25
N ARG K 187 -32.19 26.56 -39.79
CA ARG K 187 -31.08 26.34 -40.72
C ARG K 187 -31.33 26.92 -42.10
N THR K 188 -32.57 27.29 -42.42
CA THR K 188 -32.85 28.00 -43.66
C THR K 188 -32.76 29.51 -43.51
N ASP K 189 -32.70 30.02 -42.28
CA ASP K 189 -32.55 31.45 -42.03
C ASP K 189 -31.07 31.79 -42.18
N ILE K 190 -30.64 31.99 -43.43
CA ILE K 190 -29.22 32.01 -43.75
C ILE K 190 -28.71 33.38 -44.13
N GLY K 191 -29.57 34.36 -44.32
CA GLY K 191 -29.12 35.66 -44.78
C GLY K 191 -29.05 35.73 -46.28
N ILE K 192 -28.80 36.95 -46.78
CA ILE K 192 -28.83 37.22 -48.21
C ILE K 192 -27.44 37.19 -48.83
N GLU K 193 -26.45 36.64 -48.12
CA GLU K 193 -25.06 36.66 -48.57
C GLU K 193 -24.53 35.27 -48.92
N ARG K 194 -25.42 34.31 -49.15
CA ARG K 194 -25.02 32.96 -49.54
C ARG K 194 -25.31 32.80 -51.03
N VAL K 195 -24.27 32.84 -51.85
CA VAL K 195 -24.42 32.84 -53.31
C VAL K 195 -24.92 31.51 -53.85
N ALA K 196 -24.86 30.44 -53.06
CA ALA K 196 -25.41 29.17 -53.51
C ALA K 196 -26.90 29.26 -53.77
N VAL K 197 -27.61 30.03 -52.95
CA VAL K 197 -29.05 30.20 -53.09
C VAL K 197 -29.39 31.45 -53.90
N GLY K 198 -28.69 32.54 -53.68
CA GLY K 198 -29.01 33.81 -54.30
C GLY K 198 -29.56 34.79 -53.28
N SER K 199 -30.09 35.90 -53.81
CA SER K 199 -30.67 36.93 -52.96
C SER K 199 -32.04 37.32 -53.50
N LEU K 200 -32.98 37.51 -52.58
CA LEU K 200 -34.34 37.87 -52.98
C LEU K 200 -34.41 39.28 -53.55
N LEU K 201 -33.74 40.24 -52.91
CA LEU K 201 -33.87 41.63 -53.36
C LEU K 201 -33.17 41.86 -54.69
N ASP K 202 -32.14 41.07 -55.00
CA ASP K 202 -31.48 41.17 -56.29
C ASP K 202 -32.14 40.31 -57.36
N HIS K 203 -33.09 39.46 -56.99
CA HIS K 203 -33.78 38.56 -57.91
C HIS K 203 -32.79 37.69 -58.67
N THR K 204 -31.78 37.19 -57.98
CA THR K 204 -30.76 36.36 -58.59
C THR K 204 -30.80 34.94 -58.04
N GLY K 205 -30.22 34.03 -58.80
CA GLY K 205 -30.13 32.64 -58.38
C GLY K 205 -31.50 31.97 -58.32
N ALA K 206 -31.67 31.15 -57.29
CA ALA K 206 -32.93 30.43 -57.11
C ALA K 206 -34.11 31.37 -56.94
N PHE K 207 -33.88 32.57 -56.41
CA PHE K 207 -34.97 33.53 -56.30
C PHE K 207 -35.44 34.02 -57.66
N GLY K 208 -34.49 34.30 -58.56
CA GLY K 208 -34.87 34.64 -59.92
C GLY K 208 -35.58 33.49 -60.62
N GLU K 209 -35.09 32.26 -60.42
CA GLU K 209 -35.77 31.10 -60.98
C GLU K 209 -37.19 30.98 -60.47
N CYS K 210 -37.38 31.14 -59.15
CA CYS K 210 -38.69 31.01 -58.55
C CYS K 210 -39.64 32.10 -59.05
N GLU K 211 -39.15 33.32 -59.20
CA GLU K 211 -40.02 34.39 -59.70
C GLU K 211 -40.40 34.16 -61.16
N LYS K 212 -39.47 33.67 -61.99
CA LYS K 212 -39.83 33.33 -63.36
C LYS K 212 -40.84 32.21 -63.41
N ASN K 213 -40.67 31.20 -62.56
CA ASN K 213 -41.62 30.09 -62.49
C ASN K 213 -42.99 30.58 -62.07
N ALA K 214 -43.05 31.48 -61.08
CA ALA K 214 -44.33 32.00 -60.63
C ALA K 214 -44.99 32.86 -61.71
N ALA K 215 -44.20 33.65 -62.43
CA ALA K 215 -44.76 34.44 -63.51
C ALA K 215 -45.35 33.54 -64.59
N ARG K 216 -44.68 32.44 -64.91
CA ARG K 216 -45.24 31.49 -65.86
C ARG K 216 -46.52 30.87 -65.33
N ILE K 217 -46.53 30.44 -64.07
CA ILE K 217 -47.68 29.72 -63.53
C ILE K 217 -48.90 30.64 -63.43
N PHE K 218 -48.70 31.88 -63.03
CA PHE K 218 -49.81 32.81 -62.85
C PHE K 218 -50.10 33.66 -64.07
N GLY K 219 -49.40 33.42 -65.18
CA GLY K 219 -49.69 34.13 -66.42
C GLY K 219 -49.34 35.60 -66.42
N ALA K 220 -48.23 35.98 -65.80
CA ALA K 220 -47.77 37.36 -65.79
C ALA K 220 -46.49 37.50 -66.59
N ASP K 221 -46.20 38.73 -67.02
CA ASP K 221 -44.91 39.01 -67.64
C ASP K 221 -43.79 38.95 -66.62
N GLN K 222 -44.00 39.59 -65.46
CA GLN K 222 -43.02 39.57 -64.37
C GLN K 222 -43.74 39.33 -63.06
N SER K 223 -43.08 38.63 -62.15
CA SER K 223 -43.60 38.39 -60.82
C SER K 223 -42.57 38.76 -59.78
N TYR K 224 -43.04 39.29 -58.65
CA TYR K 224 -42.20 39.65 -57.54
C TYR K 224 -42.71 38.97 -56.28
N SER K 225 -41.82 38.29 -55.58
CA SER K 225 -42.15 37.69 -54.29
C SER K 225 -41.96 38.74 -53.20
N VAL K 226 -42.94 38.81 -52.29
CA VAL K 226 -42.99 39.84 -51.26
C VAL K 226 -43.12 39.16 -49.91
N VAL K 227 -42.39 39.66 -48.92
CA VAL K 227 -42.41 39.09 -47.57
C VAL K 227 -43.08 40.03 -46.57
N VAL K 228 -43.74 41.07 -47.05
CA VAL K 228 -44.49 41.99 -46.20
C VAL K 228 -45.99 41.94 -46.52
N GLY K 229 -46.44 40.85 -47.13
CA GLY K 229 -47.84 40.68 -47.42
C GLY K 229 -48.34 41.56 -48.55
N THR K 230 -49.65 41.44 -48.79
CA THR K 230 -50.29 42.26 -49.80
C THR K 230 -50.33 43.73 -49.39
N SER K 231 -50.27 44.04 -48.09
CA SER K 231 -50.09 45.43 -47.68
C SER K 231 -48.82 46.00 -48.30
N GLY K 232 -47.70 45.29 -48.14
CA GLY K 232 -46.46 45.72 -48.75
C GLY K 232 -46.53 45.76 -50.27
N SER K 233 -47.16 44.74 -50.87
CA SER K 233 -47.28 44.71 -52.33
C SER K 233 -48.06 45.90 -52.86
N ASN K 234 -49.20 46.20 -52.23
CA ASN K 234 -49.99 47.36 -52.63
C ASN K 234 -49.20 48.65 -52.47
N ARG K 235 -48.46 48.76 -51.37
CA ARG K 235 -47.64 49.95 -51.17
C ARG K 235 -46.60 50.13 -52.27
N THR K 236 -45.91 49.06 -52.64
CA THR K 236 -44.87 49.24 -53.66
C THR K 236 -45.48 49.53 -55.03
N ILE K 237 -46.61 48.89 -55.37
CA ILE K 237 -47.25 49.20 -56.65
C ILE K 237 -47.68 50.66 -56.69
N MET K 238 -48.32 51.12 -55.62
CA MET K 238 -48.79 52.51 -55.61
C MET K 238 -47.63 53.49 -55.62
N GLN K 239 -46.52 53.16 -54.94
CA GLN K 239 -45.34 54.01 -54.96
C GLN K 239 -44.71 54.06 -56.34
N ALA K 240 -44.72 52.95 -57.07
CA ALA K 240 -44.18 52.95 -58.42
C ALA K 240 -45.09 53.67 -59.41
N CYS K 241 -46.39 53.78 -59.12
CA CYS K 241 -47.32 54.29 -60.12
C CYS K 241 -47.60 55.78 -60.03
N MET K 242 -47.84 56.33 -58.83
CA MET K 242 -48.36 57.69 -58.74
C MET K 242 -47.41 58.59 -57.97
N THR K 243 -47.72 59.88 -58.04
CA THR K 243 -46.94 60.95 -57.42
C THR K 243 -47.93 61.98 -56.90
N ASP K 244 -47.45 62.91 -56.06
CA ASP K 244 -48.35 63.87 -55.45
C ASP K 244 -48.99 64.82 -56.47
N ASP K 245 -48.48 64.87 -57.69
CA ASP K 245 -49.08 65.65 -58.77
C ASP K 245 -50.01 64.82 -59.64
N ASP K 246 -50.61 63.76 -59.10
CA ASP K 246 -51.39 62.81 -59.87
C ASP K 246 -52.79 62.67 -59.30
N VAL K 247 -53.73 62.32 -60.17
CA VAL K 247 -55.09 61.96 -59.77
C VAL K 247 -55.26 60.47 -60.01
N VAL K 248 -55.90 59.79 -59.06
CA VAL K 248 -56.05 58.34 -59.13
C VAL K 248 -57.51 57.98 -58.88
N VAL K 249 -57.91 56.83 -59.42
CA VAL K 249 -59.28 56.34 -59.36
C VAL K 249 -59.29 55.15 -58.40
N ILE K 250 -59.95 55.30 -57.27
CA ILE K 250 -59.88 54.32 -56.19
C ILE K 250 -61.24 53.67 -55.99
N ASP K 251 -61.25 52.34 -56.01
CA ASP K 251 -62.40 51.59 -55.53
C ASP K 251 -62.66 51.96 -54.07
N ARG K 252 -63.88 52.40 -53.79
CA ARG K 252 -64.24 52.72 -52.41
C ARG K 252 -64.19 51.48 -51.52
N ASN K 253 -64.39 50.31 -52.10
CA ASN K 253 -64.13 49.04 -51.41
C ASN K 253 -62.63 48.75 -51.53
N CYS K 254 -61.86 49.46 -50.71
CA CYS K 254 -60.41 49.33 -50.74
C CYS K 254 -59.89 48.90 -49.38
N HIS K 255 -58.83 48.10 -49.40
CA HIS K 255 -58.13 47.74 -48.19
C HIS K 255 -57.40 48.97 -47.64
N LYS K 256 -57.12 48.93 -46.33
CA LYS K 256 -56.44 50.06 -45.70
C LYS K 256 -55.03 50.27 -46.23
N SER K 257 -54.42 49.25 -46.82
CA SER K 257 -53.12 49.45 -47.45
C SER K 257 -53.22 50.37 -48.66
N ILE K 258 -54.39 50.43 -49.31
CA ILE K 258 -54.57 51.38 -50.41
C ILE K 258 -54.54 52.81 -49.87
N GLU K 259 -55.22 53.07 -48.76
CA GLU K 259 -55.15 54.40 -48.17
C GLU K 259 -53.75 54.70 -47.67
N GLN K 260 -53.03 53.69 -47.18
CA GLN K 260 -51.64 53.90 -46.78
C GLN K 260 -50.79 54.30 -47.98
N GLY K 261 -51.01 53.65 -49.13
CA GLY K 261 -50.33 54.06 -50.34
C GLY K 261 -50.67 55.48 -50.75
N LEU K 262 -51.94 55.87 -50.59
CA LEU K 262 -52.32 57.25 -50.88
C LEU K 262 -51.60 58.23 -49.98
N ILE K 263 -51.47 57.90 -48.69
CA ILE K 263 -50.74 58.75 -47.76
C ILE K 263 -49.28 58.85 -48.17
N LEU K 264 -48.67 57.72 -48.53
CA LEU K 264 -47.25 57.69 -48.84
C LEU K 264 -46.91 58.31 -50.20
N THR K 265 -47.87 58.40 -51.11
CA THR K 265 -47.60 59.00 -52.40
C THR K 265 -48.09 60.43 -52.53
N GLY K 266 -49.10 60.82 -51.75
CA GLY K 266 -49.67 62.14 -51.86
C GLY K 266 -50.59 62.37 -53.03
N ALA K 267 -51.04 61.31 -53.70
CA ALA K 267 -51.91 61.45 -54.84
C ALA K 267 -53.30 61.92 -54.42
N LYS K 268 -54.05 62.46 -55.38
CA LYS K 268 -55.39 62.96 -55.12
C LYS K 268 -56.41 61.94 -55.59
N PRO K 269 -57.19 61.34 -54.71
CA PRO K 269 -58.07 60.24 -55.10
C PRO K 269 -59.46 60.67 -55.53
N VAL K 270 -59.98 59.94 -56.50
CA VAL K 270 -61.38 59.99 -56.92
C VAL K 270 -61.94 58.58 -56.76
N TYR K 271 -63.18 58.48 -56.32
CA TYR K 271 -63.73 57.21 -55.84
C TYR K 271 -64.87 56.72 -56.71
N MET K 272 -64.86 55.42 -56.99
CA MET K 272 -66.01 54.72 -57.56
C MET K 272 -66.76 54.01 -56.44
N ILE K 273 -68.05 54.27 -56.34
CA ILE K 273 -68.87 53.82 -55.22
C ILE K 273 -69.45 52.45 -55.58
N PRO K 274 -69.22 51.41 -54.78
CA PRO K 274 -69.83 50.11 -55.05
C PRO K 274 -71.30 50.08 -54.63
N SER K 275 -71.98 49.05 -55.09
CA SER K 275 -73.39 48.86 -54.79
C SER K 275 -73.56 48.07 -53.50
N ARG K 276 -74.79 48.11 -52.96
CA ARG K 276 -75.14 47.43 -51.72
C ARG K 276 -76.47 46.72 -51.92
N ASN K 277 -76.70 45.69 -51.12
CA ASN K 277 -77.97 44.98 -51.13
C ASN K 277 -78.64 45.09 -49.76
N ARG K 278 -79.82 44.48 -49.64
CA ARG K 278 -80.64 44.62 -48.43
C ARG K 278 -79.99 43.97 -47.22
N TYR K 279 -79.06 43.05 -47.40
CA TYR K 279 -78.39 42.40 -46.28
C TYR K 279 -77.18 43.18 -45.80
N GLY K 280 -76.88 44.33 -46.40
CA GLY K 280 -75.68 45.05 -46.06
C GLY K 280 -74.42 44.53 -46.71
N ILE K 281 -74.55 43.63 -47.67
CA ILE K 281 -73.40 43.09 -48.38
C ILE K 281 -72.97 44.10 -49.45
N ILE K 282 -71.70 44.49 -49.42
CA ILE K 282 -71.16 45.37 -50.44
C ILE K 282 -71.04 44.61 -51.75
N GLY K 283 -71.54 45.20 -52.83
CA GLY K 283 -71.52 44.57 -54.12
C GLY K 283 -70.52 45.21 -55.07
N PRO K 284 -70.62 44.86 -56.34
CA PRO K 284 -69.66 45.39 -57.32
C PRO K 284 -69.92 46.84 -57.66
N ILE K 285 -68.88 47.50 -58.15
CA ILE K 285 -69.03 48.79 -58.80
C ILE K 285 -69.74 48.58 -60.14
N TYR K 286 -70.77 49.37 -60.39
CA TYR K 286 -71.50 49.23 -61.64
C TYR K 286 -70.73 49.86 -62.79
N PRO K 287 -70.97 49.38 -64.01
CA PRO K 287 -70.26 49.97 -65.17
C PRO K 287 -70.49 51.46 -65.34
N LYS K 288 -71.59 52.00 -64.84
CA LYS K 288 -71.86 53.42 -64.96
C LYS K 288 -70.85 54.28 -64.18
N GLU K 289 -70.07 53.68 -63.29
CA GLU K 289 -69.07 54.41 -62.54
C GLU K 289 -67.67 54.35 -63.16
N MET K 290 -67.46 53.46 -64.13
CA MET K 290 -66.15 53.29 -64.76
C MET K 290 -66.06 53.91 -66.13
N THR K 291 -67.15 54.43 -66.67
CA THR K 291 -67.12 55.00 -68.01
C THR K 291 -66.23 56.26 -68.02
N PRO K 292 -65.58 56.54 -69.15
CA PRO K 292 -64.74 57.74 -69.22
C PRO K 292 -65.46 59.02 -68.84
N ASP K 293 -66.74 59.15 -69.21
CA ASP K 293 -67.50 60.34 -68.83
C ASP K 293 -67.72 60.38 -67.32
N ALA K 294 -68.00 59.23 -66.70
CA ALA K 294 -68.16 59.20 -65.25
C ALA K 294 -66.88 59.61 -64.53
N ILE K 295 -65.73 59.14 -65.01
CA ILE K 295 -64.46 59.46 -64.39
C ILE K 295 -64.13 60.94 -64.59
N LYS K 296 -64.40 61.47 -65.78
CA LYS K 296 -64.20 62.91 -66.00
C LYS K 296 -65.11 63.74 -65.11
N PHE K 297 -66.36 63.32 -64.94
CA PHE K 297 -67.27 64.03 -64.06
C PHE K 297 -66.78 64.00 -62.62
N LYS K 298 -66.30 62.84 -62.16
CA LYS K 298 -65.77 62.73 -60.80
C LYS K 298 -64.56 63.64 -60.61
N ILE K 299 -63.67 63.67 -61.59
CA ILE K 299 -62.50 64.52 -61.50
C ILE K 299 -62.90 65.99 -61.46
N ALA K 300 -63.85 66.39 -62.31
CA ALA K 300 -64.28 67.78 -62.35
C ALA K 300 -65.04 68.20 -61.10
N ALA K 301 -65.68 67.25 -60.40
CA ALA K 301 -66.44 67.59 -59.21
C ALA K 301 -65.64 67.55 -57.92
N ASN K 302 -64.47 66.91 -57.92
CA ASN K 302 -63.68 66.77 -56.70
C ASN K 302 -63.05 68.11 -56.33
N PRO K 303 -63.13 68.53 -55.07
CA PRO K 303 -62.52 69.81 -54.68
C PRO K 303 -61.02 69.87 -54.90
N LEU K 304 -60.32 68.75 -54.76
CA LEU K 304 -58.86 68.76 -54.91
C LEU K 304 -58.40 68.55 -56.34
N THR K 305 -59.16 67.82 -57.15
CA THR K 305 -58.73 67.45 -58.49
C THR K 305 -59.34 68.31 -59.58
N LYS K 306 -60.15 69.32 -59.23
CA LYS K 306 -60.84 70.10 -60.26
C LYS K 306 -59.89 70.98 -61.06
N GLY K 307 -58.63 71.10 -60.65
CA GLY K 307 -57.64 71.79 -61.46
C GLY K 307 -56.79 70.84 -62.28
N LYS K 308 -57.25 69.59 -62.42
CA LYS K 308 -56.51 68.56 -63.14
C LYS K 308 -57.39 67.85 -64.15
N VAL K 309 -58.48 68.49 -64.57
CA VAL K 309 -59.45 67.85 -65.45
C VAL K 309 -58.89 67.47 -66.81
N LYS K 310 -57.76 68.06 -67.20
CA LYS K 310 -57.10 67.74 -68.45
C LYS K 310 -56.01 66.69 -68.29
N GLN K 311 -55.81 66.18 -67.07
CA GLN K 311 -54.72 65.27 -66.78
C GLN K 311 -55.24 63.83 -66.77
N LYS K 312 -54.52 62.95 -67.44
CA LYS K 312 -54.88 61.55 -67.47
C LYS K 312 -54.59 60.91 -66.12
N PRO K 313 -55.54 60.19 -65.52
CA PRO K 313 -55.28 59.54 -64.23
C PRO K 313 -54.16 58.52 -64.35
N ALA K 314 -53.33 58.46 -63.31
CA ALA K 314 -52.12 57.64 -63.35
C ALA K 314 -52.32 56.21 -62.88
N TYR K 315 -53.44 55.92 -62.23
CA TYR K 315 -53.59 54.63 -61.55
C TYR K 315 -55.04 54.43 -61.16
N SER K 316 -55.48 53.18 -61.24
CA SER K 316 -56.78 52.78 -60.72
C SER K 316 -56.64 51.44 -60.03
N VAL K 317 -57.44 51.23 -59.00
CA VAL K 317 -57.44 49.98 -58.24
C VAL K 317 -58.87 49.50 -58.09
N VAL K 318 -59.09 48.21 -58.33
CA VAL K 318 -60.36 47.55 -58.12
C VAL K 318 -60.12 46.29 -57.30
N THR K 319 -60.89 46.12 -56.23
CA THR K 319 -60.79 44.91 -55.42
C THR K 319 -61.64 43.82 -56.07
N ASN K 320 -61.00 42.70 -56.41
CA ASN K 320 -61.69 41.61 -57.08
C ASN K 320 -60.99 40.30 -56.71
N CYS K 321 -61.71 39.39 -56.07
CA CYS K 321 -63.11 39.55 -55.73
C CYS K 321 -63.30 40.33 -54.43
N THR K 322 -64.54 40.68 -54.12
CA THR K 322 -64.85 41.41 -52.90
C THR K 322 -64.79 40.47 -51.69
N TYR K 323 -65.00 41.05 -50.51
CA TYR K 323 -64.91 40.26 -49.28
C TYR K 323 -66.00 39.20 -49.20
N ASP K 324 -67.15 39.43 -49.84
CA ASP K 324 -68.26 38.49 -49.80
C ASP K 324 -68.33 37.63 -51.05
N GLY K 325 -67.26 37.57 -51.84
CA GLY K 325 -67.20 36.66 -52.96
C GLY K 325 -67.85 37.12 -54.23
N VAL K 326 -68.00 38.42 -54.43
CA VAL K 326 -68.52 38.95 -55.69
C VAL K 326 -67.34 39.20 -56.63
N CYS K 327 -67.33 38.51 -57.76
CA CYS K 327 -66.23 38.59 -58.72
C CYS K 327 -66.67 39.39 -59.94
N TYR K 328 -65.87 40.40 -60.29
CA TYR K 328 -66.12 41.18 -61.49
C TYR K 328 -65.76 40.37 -62.74
N ASN K 329 -66.45 40.67 -63.83
CA ASN K 329 -65.96 40.28 -65.15
C ASN K 329 -64.78 41.18 -65.47
N ALA K 330 -63.56 40.69 -65.24
CA ALA K 330 -62.38 41.54 -65.32
C ALA K 330 -62.10 41.97 -66.75
N ARG K 331 -62.47 41.16 -67.74
CA ARG K 331 -62.33 41.58 -69.12
C ARG K 331 -63.15 42.84 -69.40
N LYS K 332 -64.39 42.86 -68.93
CA LYS K 332 -65.24 44.02 -69.15
C LYS K 332 -64.75 45.23 -68.36
N VAL K 333 -64.29 45.01 -67.12
CA VAL K 333 -63.75 46.11 -66.33
C VAL K 333 -62.54 46.71 -67.01
N GLN K 334 -61.65 45.86 -67.54
CA GLN K 334 -60.47 46.34 -68.22
C GLN K 334 -60.83 47.11 -69.48
N ASP K 335 -61.82 46.62 -70.24
CA ASP K 335 -62.26 47.35 -71.42
C ASP K 335 -62.86 48.70 -71.06
N LEU K 336 -63.61 48.77 -69.96
CA LEU K 336 -64.18 50.04 -69.54
C LEU K 336 -63.11 51.03 -69.11
N LEU K 337 -62.17 50.59 -68.26
CA LEU K 337 -61.15 51.47 -67.74
C LEU K 337 -60.05 51.79 -68.75
N ASP K 338 -59.94 51.02 -69.83
CA ASP K 338 -58.96 51.31 -70.87
C ASP K 338 -59.21 52.65 -71.53
N GLY K 339 -60.44 53.15 -71.51
CA GLY K 339 -60.72 54.43 -72.10
C GLY K 339 -60.29 55.62 -71.28
N SER K 340 -59.76 55.40 -70.07
CA SER K 340 -59.36 56.50 -69.20
C SER K 340 -57.98 56.33 -68.57
N LEU K 341 -57.45 55.12 -68.49
CA LEU K 341 -56.25 54.86 -67.70
C LEU K 341 -55.30 53.97 -68.48
N ASP K 342 -54.02 54.02 -68.10
CA ASP K 342 -53.02 53.11 -68.61
C ASP K 342 -52.58 52.07 -67.60
N ARG K 343 -52.90 52.25 -66.32
CA ARG K 343 -52.51 51.32 -65.27
C ARG K 343 -53.76 50.92 -64.49
N ILE K 344 -54.03 49.62 -64.45
CA ILE K 344 -55.12 49.08 -63.66
C ILE K 344 -54.53 48.07 -62.68
N HIS K 345 -54.82 48.24 -61.40
CA HIS K 345 -54.37 47.35 -60.35
C HIS K 345 -55.57 46.57 -59.84
N PHE K 346 -55.53 45.25 -59.96
CA PHE K 346 -56.53 44.37 -59.40
C PHE K 346 -55.99 43.82 -58.09
N ASP K 347 -56.59 44.22 -56.98
CA ASP K 347 -56.21 43.70 -55.67
C ASP K 347 -56.94 42.39 -55.46
N GLU K 348 -56.34 41.30 -55.92
CA GLU K 348 -56.90 39.95 -55.78
C GLU K 348 -56.34 39.24 -54.57
N ALA K 349 -56.36 39.88 -53.40
CA ALA K 349 -55.76 39.28 -52.20
C ALA K 349 -56.47 37.99 -51.83
N TRP K 350 -57.80 37.96 -51.91
CA TRP K 350 -58.58 36.77 -51.62
C TRP K 350 -58.79 35.90 -52.84
N TYR K 351 -58.23 36.25 -53.99
CA TYR K 351 -58.58 35.68 -55.27
C TYR K 351 -57.29 35.27 -55.98
N GLY K 352 -56.70 34.15 -55.58
CA GLY K 352 -55.41 33.77 -56.12
C GLY K 352 -55.50 32.50 -56.91
N TYR K 353 -56.53 31.71 -56.61
CA TYR K 353 -56.82 30.44 -57.25
C TYR K 353 -57.60 30.61 -58.56
N ALA K 354 -58.07 31.81 -58.87
CA ALA K 354 -59.07 31.98 -59.92
C ALA K 354 -58.59 31.53 -61.28
N ARG K 355 -57.29 31.71 -61.56
CA ARG K 355 -56.74 31.29 -62.84
C ARG K 355 -56.83 29.79 -63.08
N PHE K 356 -56.95 29.00 -62.03
CA PHE K 356 -56.73 27.56 -62.13
C PHE K 356 -58.02 26.75 -62.11
N ASN K 357 -59.17 27.40 -62.26
CA ASN K 357 -60.41 26.69 -62.45
C ASN K 357 -61.24 27.38 -63.53
N PRO K 358 -61.74 26.64 -64.52
CA PRO K 358 -62.51 27.26 -65.61
C PRO K 358 -63.79 27.94 -65.17
N LEU K 359 -64.28 27.65 -63.96
CA LEU K 359 -65.48 28.32 -63.47
C LEU K 359 -65.28 29.82 -63.36
N TYR K 360 -64.05 30.28 -63.21
CA TYR K 360 -63.75 31.70 -63.02
C TYR K 360 -63.32 32.40 -64.31
N ARG K 361 -63.52 31.75 -65.45
CA ARG K 361 -63.04 32.27 -66.72
C ARG K 361 -63.58 33.68 -66.97
N ASN K 362 -62.68 34.56 -67.43
CA ASN K 362 -62.92 35.98 -67.73
C ASN K 362 -63.20 36.82 -66.49
N HIS K 363 -63.02 36.27 -65.29
CA HIS K 363 -63.33 37.01 -64.06
C HIS K 363 -62.10 37.25 -63.20
N PHE K 364 -60.92 37.31 -63.81
CA PHE K 364 -59.69 37.60 -63.09
C PHE K 364 -58.75 38.32 -64.04
N ALA K 365 -57.60 38.76 -63.52
CA ALA K 365 -56.75 39.70 -64.24
C ALA K 365 -55.88 39.02 -65.27
N MET K 366 -55.11 38.00 -64.87
CA MET K 366 -54.08 37.41 -65.74
C MET K 366 -54.67 36.25 -66.52
N ARG K 367 -55.48 36.59 -67.53
CA ARG K 367 -56.21 35.61 -68.30
C ARG K 367 -55.36 35.05 -69.44
N ASP K 368 -55.58 33.77 -69.74
CA ASP K 368 -55.01 33.17 -70.94
C ASP K 368 -55.78 33.68 -72.16
N GLU K 369 -55.27 34.74 -72.79
CA GLU K 369 -55.95 35.37 -73.90
C GLU K 369 -54.91 35.94 -74.84
N GLU K 370 -55.31 36.11 -76.10
CA GLU K 370 -54.47 36.83 -77.05
C GLU K 370 -54.39 38.30 -76.64
N ARG K 371 -53.17 38.80 -76.52
CA ARG K 371 -52.94 40.15 -76.01
C ARG K 371 -52.50 41.05 -77.15
N THR K 372 -53.16 42.20 -77.29
CA THR K 372 -52.79 43.20 -78.27
C THR K 372 -51.73 44.13 -77.69
N GLU K 373 -51.26 45.08 -78.51
CA GLU K 373 -50.19 45.97 -78.10
C GLU K 373 -50.68 47.26 -77.47
N ASN K 374 -51.98 47.54 -77.52
CA ASN K 374 -52.53 48.79 -76.98
C ASN K 374 -53.25 48.57 -75.66
N GLU K 375 -52.92 47.50 -74.96
CA GLU K 375 -53.55 47.23 -73.68
C GLU K 375 -52.95 48.11 -72.59
N PRO K 376 -53.69 48.39 -71.53
CA PRO K 376 -53.10 49.04 -70.36
C PRO K 376 -52.23 48.08 -69.58
N THR K 377 -51.36 48.66 -68.76
CA THR K 377 -50.56 47.86 -67.85
C THR K 377 -51.45 47.36 -66.71
N ILE K 378 -51.36 46.07 -66.41
CA ILE K 378 -52.20 45.42 -65.42
C ILE K 378 -51.33 44.93 -64.27
N PHE K 379 -51.72 45.28 -63.05
CA PHE K 379 -51.10 44.76 -61.83
C PHE K 379 -52.10 43.89 -61.10
N ALA K 380 -51.62 42.79 -60.54
CA ALA K 380 -52.43 41.92 -59.69
C ALA K 380 -51.61 41.55 -58.46
N THR K 381 -52.22 41.67 -57.29
CA THR K 381 -51.60 41.28 -56.04
C THR K 381 -52.35 40.10 -55.45
N HIS K 382 -51.62 39.05 -55.09
CA HIS K 382 -52.20 37.88 -54.45
C HIS K 382 -51.65 37.77 -53.04
N SER K 383 -52.55 37.58 -52.08
CA SER K 383 -52.06 37.22 -50.73
C SER K 383 -52.01 35.69 -50.75
N THR K 384 -50.83 35.13 -50.93
CA THR K 384 -50.66 33.66 -51.08
C THR K 384 -51.04 32.92 -49.79
N HIS K 385 -51.02 33.60 -48.66
CA HIS K 385 -51.40 32.97 -47.38
C HIS K 385 -52.91 32.96 -47.19
N1 LLP K 386 -55.98 43.78 -49.78
C2 LLP K 386 -57.05 43.06 -49.50
C2' LLP K 386 -58.27 43.20 -50.35
C3 LLP K 386 -57.05 42.18 -48.42
O3 LLP K 386 -58.17 41.49 -48.19
C4 LLP K 386 -55.89 42.05 -47.63
C4' LLP K 386 -55.88 41.12 -46.50
C5 LLP K 386 -54.77 42.82 -47.97
C6 LLP K 386 -54.86 43.66 -49.04
C5' LLP K 386 -53.50 42.80 -47.16
OP4 LLP K 386 -52.80 41.53 -47.27
P LLP K 386 -51.74 41.09 -46.18
OP1 LLP K 386 -51.04 39.95 -46.82
OP2 LLP K 386 -50.84 42.26 -45.90
OP3 LLP K 386 -52.58 40.72 -45.03
N LLP K 386 -53.65 33.79 -47.92
CA LLP K 386 -55.11 33.88 -47.67
CB LLP K 386 -55.72 35.21 -48.10
CG LLP K 386 -55.74 36.30 -47.04
CD LLP K 386 -56.10 37.68 -47.57
CE LLP K 386 -55.42 38.81 -46.82
NZ LLP K 386 -56.34 39.92 -46.60
C LLP K 386 -55.83 32.63 -48.21
O LLP K 386 -56.31 31.86 -47.39
N LEU K 387 -55.89 32.44 -49.52
CA LEU K 387 -56.69 31.31 -50.08
C LEU K 387 -55.82 30.38 -50.92
N LEU K 388 -54.52 30.53 -50.82
CA LEU K 388 -53.54 29.59 -51.42
C LEU K 388 -52.83 28.98 -50.19
N ASN K 389 -51.80 28.15 -50.35
CA ASN K 389 -51.08 27.51 -49.26
C ASN K 389 -49.72 28.18 -49.10
N ALA K 390 -49.66 29.17 -48.22
CA ALA K 390 -48.41 29.85 -47.91
C ALA K 390 -48.48 30.40 -46.50
N LEU K 391 -47.30 30.65 -45.93
CA LEU K 391 -47.22 31.26 -44.61
C LEU K 391 -47.64 32.72 -44.67
N SER K 392 -48.07 33.22 -43.52
CA SER K 392 -48.44 34.63 -43.41
C SER K 392 -47.30 35.52 -43.87
N GLN K 393 -47.65 36.65 -44.47
CA GLN K 393 -46.80 37.69 -45.04
C GLN K 393 -46.28 37.33 -46.44
N ALA K 394 -46.57 36.14 -46.95
CA ALA K 394 -46.18 35.80 -48.31
C ALA K 394 -47.16 36.41 -49.31
N SER K 395 -46.63 37.01 -50.35
CA SER K 395 -47.45 37.72 -51.33
C SER K 395 -46.73 37.74 -52.66
N PHE K 396 -47.49 38.07 -53.71
CA PHE K 396 -46.95 38.18 -55.06
C PHE K 396 -47.42 39.48 -55.68
N ILE K 397 -46.54 40.07 -56.48
CA ILE K 397 -46.91 41.12 -57.41
C ILE K 397 -46.78 40.54 -58.82
N HIS K 398 -47.87 40.62 -59.58
CA HIS K 398 -47.88 40.16 -60.96
C HIS K 398 -48.10 41.36 -61.86
N VAL K 399 -47.28 41.46 -62.91
CA VAL K 399 -47.33 42.59 -63.83
C VAL K 399 -47.52 42.07 -65.24
N ARG K 400 -48.44 42.68 -65.96
CA ARG K 400 -48.57 42.50 -67.41
C ARG K 400 -48.30 43.85 -68.05
N ASN K 401 -47.22 43.94 -68.81
CA ASN K 401 -46.78 45.22 -69.35
C ASN K 401 -47.66 45.65 -70.51
N GLY K 402 -48.16 46.89 -70.44
CA GLY K 402 -48.94 47.45 -71.51
C GLY K 402 -48.56 48.89 -71.76
N ARG K 403 -49.55 49.78 -71.82
CA ARG K 403 -49.27 51.20 -72.01
C ARG K 403 -48.68 51.79 -70.74
N ASN K 404 -47.65 52.62 -70.92
CA ASN K 404 -47.01 53.33 -69.81
C ASN K 404 -46.47 52.35 -68.77
N ALA K 405 -45.78 51.31 -69.25
CA ALA K 405 -45.24 50.29 -68.37
C ALA K 405 -44.04 50.81 -67.59
N ILE K 406 -43.78 50.18 -66.46
CA ILE K 406 -42.66 50.54 -65.59
C ILE K 406 -41.59 49.46 -65.72
N ASP K 407 -40.42 49.85 -66.21
CA ASP K 407 -39.34 48.89 -66.40
C ASP K 407 -38.75 48.47 -65.07
N PHE K 408 -37.91 47.43 -65.11
CA PHE K 408 -37.44 46.79 -63.90
C PHE K 408 -36.62 47.75 -63.02
N ASN K 409 -35.76 48.56 -63.64
CA ASN K 409 -34.91 49.46 -62.85
C ASN K 409 -35.74 50.47 -62.07
N ARG K 410 -36.81 50.99 -62.67
CA ARG K 410 -37.66 51.93 -61.98
C ARG K 410 -38.54 51.26 -60.92
N PHE K 411 -39.08 50.08 -61.22
CA PHE K 411 -39.94 49.39 -60.27
C PHE K 411 -39.17 48.88 -59.07
N ASN K 412 -37.90 48.52 -59.26
CA ASN K 412 -37.10 47.96 -58.19
C ASN K 412 -36.89 48.96 -57.06
N GLN K 413 -36.90 50.27 -57.37
CA GLN K 413 -36.75 51.27 -56.33
C GLN K 413 -37.92 51.23 -55.35
N ALA K 414 -39.15 51.21 -55.86
CA ALA K 414 -40.32 51.09 -54.99
C ALA K 414 -40.30 49.75 -54.24
N TYR K 415 -39.93 48.68 -54.95
CA TYR K 415 -39.87 47.36 -54.32
C TYR K 415 -38.94 47.37 -53.12
N LEU K 416 -37.74 47.92 -53.28
CA LEU K 416 -36.81 48.01 -52.16
C LEU K 416 -37.32 48.96 -51.09
N MET K 417 -38.00 50.04 -51.48
CA MET K 417 -38.49 51.01 -50.51
C MET K 417 -39.48 50.39 -49.54
N HIS K 418 -40.24 49.38 -49.97
CA HIS K 418 -41.19 48.79 -49.03
C HIS K 418 -40.83 47.37 -48.61
N SER K 419 -39.55 47.02 -48.67
CA SER K 419 -39.08 45.69 -48.31
C SER K 419 -38.12 45.79 -47.12
N THR K 420 -37.51 44.66 -46.79
CA THR K 420 -36.49 44.61 -45.75
C THR K 420 -35.21 44.04 -46.33
N THR K 421 -34.08 44.44 -45.77
CA THR K 421 -32.80 43.95 -46.24
C THR K 421 -32.49 42.54 -45.75
N SER K 422 -33.26 42.00 -44.83
CA SER K 422 -33.05 40.65 -44.28
C SER K 422 -34.35 39.87 -44.34
N PRO K 423 -34.78 39.45 -45.53
CA PRO K 423 -36.01 38.65 -45.63
C PRO K 423 -35.83 37.28 -45.01
N LEU K 424 -36.92 36.77 -44.44
CA LEU K 424 -36.96 35.40 -43.92
C LEU K 424 -37.24 34.45 -45.08
N TYR K 425 -36.29 33.57 -45.38
CA TYR K 425 -36.38 32.75 -46.57
C TYR K 425 -37.47 31.68 -46.47
N ALA K 426 -37.94 31.37 -45.26
CA ALA K 426 -39.07 30.46 -45.13
C ALA K 426 -40.32 31.00 -45.79
N ILE K 427 -40.55 32.32 -45.70
CA ILE K 427 -41.71 32.93 -46.35
C ILE K 427 -41.60 32.81 -47.87
N CYS K 428 -40.42 33.08 -48.43
CA CYS K 428 -40.24 32.95 -49.86
C CYS K 428 -40.37 31.49 -50.29
N ALA K 429 -39.89 30.56 -49.47
CA ALA K 429 -40.06 29.15 -49.78
C ALA K 429 -41.52 28.75 -49.78
N SER K 430 -42.31 29.29 -48.86
CA SER K 430 -43.74 29.01 -48.86
C SER K 430 -44.41 29.59 -50.10
N ASN K 431 -43.99 30.78 -50.54
CA ASN K 431 -44.49 31.33 -51.79
C ASN K 431 -44.17 30.40 -52.97
N ASP K 432 -42.95 29.89 -53.00
CA ASP K 432 -42.52 29.01 -54.08
C ASP K 432 -43.32 27.70 -54.08
N ILE K 433 -43.56 27.11 -52.90
CA ILE K 433 -44.33 25.88 -52.85
C ILE K 433 -45.78 26.12 -53.20
N ALA K 434 -46.34 27.29 -52.83
CA ALA K 434 -47.71 27.60 -53.23
C ALA K 434 -47.84 27.69 -54.76
N ALA K 435 -46.91 28.40 -55.38
CA ALA K 435 -46.92 28.48 -56.84
C ALA K 435 -46.79 27.09 -57.47
N ASP K 436 -45.91 26.26 -56.93
CA ASP K 436 -45.76 24.90 -57.43
C ASP K 436 -47.04 24.10 -57.26
N MET K 437 -47.74 24.31 -56.15
CA MET K 437 -48.96 23.57 -55.87
C MET K 437 -50.06 23.93 -56.85
N MET K 438 -50.10 25.17 -57.32
CA MET K 438 -51.08 25.51 -58.34
C MET K 438 -50.66 25.12 -59.75
N ASP K 439 -49.44 24.62 -59.94
CA ASP K 439 -48.93 24.34 -61.27
C ASP K 439 -49.46 23.02 -61.81
N GLY K 440 -49.78 23.01 -63.10
CA GLY K 440 -50.20 21.80 -63.79
C GLY K 440 -51.60 21.32 -63.44
N ASN K 441 -51.76 19.99 -63.35
CA ASN K 441 -53.07 19.41 -63.03
C ASN K 441 -53.49 19.70 -61.60
N SER K 442 -52.52 19.89 -60.70
CA SER K 442 -52.84 19.96 -59.28
C SER K 442 -53.66 21.19 -58.92
N GLY K 443 -53.42 22.33 -59.57
CA GLY K 443 -54.21 23.51 -59.29
C GLY K 443 -55.67 23.31 -59.63
N ARG K 444 -55.95 22.74 -60.80
CA ARG K 444 -57.31 22.41 -61.18
C ARG K 444 -57.93 21.42 -60.20
N SER K 445 -57.19 20.39 -59.81
CA SER K 445 -57.74 19.39 -58.90
C SER K 445 -58.07 19.98 -57.54
N LEU K 446 -57.20 20.83 -57.01
CA LEU K 446 -57.42 21.40 -55.69
C LEU K 446 -58.58 22.40 -55.70
N THR K 447 -58.64 23.26 -56.72
CA THR K 447 -59.78 24.17 -56.81
C THR K 447 -61.08 23.39 -56.99
N ASP K 448 -61.05 22.29 -57.76
CA ASP K 448 -62.23 21.46 -57.91
C ASP K 448 -62.69 20.90 -56.59
N GLU K 449 -61.76 20.39 -55.78
CA GLU K 449 -62.14 19.84 -54.49
C GLU K 449 -62.81 20.88 -53.60
N VAL K 450 -62.22 22.08 -53.53
CA VAL K 450 -62.80 23.11 -52.67
C VAL K 450 -64.18 23.53 -53.18
N ILE K 451 -64.31 23.71 -54.49
CA ILE K 451 -65.59 24.13 -55.07
C ILE K 451 -66.67 23.08 -54.81
N ARG K 452 -66.31 21.80 -54.97
CA ARG K 452 -67.27 20.73 -54.74
C ARG K 452 -67.71 20.69 -53.27
N GLU K 453 -66.78 20.88 -52.33
CA GLU K 453 -67.17 20.92 -50.93
C GLU K 453 -68.13 22.07 -50.66
N SER K 454 -67.83 23.25 -51.19
CA SER K 454 -68.72 24.39 -50.97
C SER K 454 -70.10 24.15 -51.59
N ILE K 455 -70.14 23.52 -52.76
CA ILE K 455 -71.43 23.24 -53.41
C ILE K 455 -72.23 22.24 -52.60
N ASP K 456 -71.56 21.20 -52.08
CA ASP K 456 -72.26 20.24 -51.23
C ASP K 456 -72.86 20.91 -50.01
N PHE K 457 -72.10 21.81 -49.37
CA PHE K 457 -72.65 22.53 -48.23
C PHE K 457 -73.84 23.39 -48.64
N ARG K 458 -73.72 24.13 -49.74
CA ARG K 458 -74.80 25.02 -50.17
C ARG K 458 -76.07 24.24 -50.47
N GLN K 459 -75.95 23.12 -51.20
CA GLN K 459 -77.12 22.33 -51.56
C GLN K 459 -77.75 21.69 -50.33
N SER K 460 -76.94 21.17 -49.41
CA SER K 460 -77.49 20.59 -48.20
C SER K 460 -78.24 21.63 -47.38
N LEU K 461 -77.68 22.83 -47.26
CA LEU K 461 -78.34 23.88 -46.50
C LEU K 461 -79.63 24.31 -47.18
N ALA K 462 -79.63 24.43 -48.50
CA ALA K 462 -80.86 24.79 -49.21
C ALA K 462 -81.93 23.72 -49.03
N TYR K 463 -81.53 22.45 -49.07
CA TYR K 463 -82.48 21.36 -48.86
C TYR K 463 -83.08 21.42 -47.46
N LEU K 464 -82.24 21.62 -46.44
CA LEU K 464 -82.76 21.73 -45.08
C LEU K 464 -83.67 22.93 -44.93
N TYR K 465 -83.33 24.05 -45.56
CA TYR K 465 -84.18 25.22 -45.52
C TYR K 465 -85.56 24.93 -46.12
N LYS K 466 -85.59 24.24 -47.26
CA LYS K 466 -86.87 23.88 -47.87
C LYS K 466 -87.66 22.93 -46.96
N GLU K 467 -86.98 21.98 -46.34
CA GLU K 467 -87.66 21.04 -45.45
C GLU K 467 -88.31 21.78 -44.27
N PHE K 468 -87.54 22.65 -43.62
CA PHE K 468 -88.08 23.41 -42.49
C PHE K 468 -89.20 24.35 -42.93
N LEU K 469 -89.07 24.96 -44.11
CA LEU K 469 -90.14 25.80 -44.63
C LEU K 469 -91.40 24.99 -44.87
N ASN K 470 -91.26 23.78 -45.41
CA ASN K 470 -92.42 22.91 -45.61
C ASN K 470 -93.08 22.58 -44.28
N ASP K 471 -92.30 22.42 -43.22
CA ASP K 471 -92.87 22.25 -41.88
C ASP K 471 -93.21 23.56 -41.21
N ASP K 472 -93.37 24.63 -41.98
CA ASP K 472 -93.58 26.01 -41.51
C ASP K 472 -92.69 26.35 -40.31
N GLU K 473 -91.39 26.13 -40.47
CA GLU K 473 -90.37 26.54 -39.51
C GLU K 473 -89.32 27.39 -40.22
N TRP K 474 -88.53 28.10 -39.42
CA TRP K 474 -87.45 28.92 -39.95
C TRP K 474 -86.15 28.14 -39.97
N PHE K 475 -85.28 28.51 -40.91
CA PHE K 475 -83.91 28.00 -40.93
C PHE K 475 -83.04 28.97 -41.73
N PHE K 476 -81.74 28.72 -41.69
CA PHE K 476 -80.80 29.48 -42.49
C PHE K 476 -80.81 29.01 -43.93
N LYS K 477 -80.54 29.93 -44.84
CA LYS K 477 -80.47 29.61 -46.26
C LYS K 477 -79.17 30.13 -46.84
N PRO K 478 -78.59 29.40 -47.79
CA PRO K 478 -77.39 29.90 -48.47
C PRO K 478 -77.74 31.06 -49.38
N TRP K 479 -76.77 31.95 -49.56
CA TRP K 479 -76.95 33.12 -50.43
C TRP K 479 -76.42 32.77 -51.81
N ASN K 480 -77.29 32.21 -52.65
CA ASN K 480 -76.98 31.92 -54.04
C ASN K 480 -78.29 31.92 -54.83
N GLN K 481 -78.21 31.52 -56.08
CA GLN K 481 -79.39 31.41 -56.93
C GLN K 481 -80.40 30.42 -56.34
N GLU K 482 -81.67 30.79 -56.38
CA GLU K 482 -82.72 29.84 -56.00
C GLU K 482 -82.93 28.79 -57.09
N MET K 483 -82.98 29.21 -58.35
CA MET K 483 -83.19 28.32 -59.48
C MET K 483 -82.04 28.49 -60.46
N VAL K 484 -81.56 27.38 -60.98
CA VAL K 484 -80.50 27.41 -61.97
C VAL K 484 -81.01 26.78 -63.26
N LYS K 485 -80.52 27.29 -64.38
CA LYS K 485 -80.93 26.82 -65.70
C LYS K 485 -79.75 26.11 -66.36
N ASP K 486 -80.01 24.95 -66.93
CA ASP K 486 -79.00 24.27 -67.72
C ASP K 486 -78.93 24.92 -69.09
N PRO K 487 -77.81 25.54 -69.47
CA PRO K 487 -77.76 26.24 -70.76
C PRO K 487 -77.80 25.30 -71.95
N ALA K 488 -77.46 24.04 -71.79
CA ALA K 488 -77.47 23.10 -72.91
C ALA K 488 -78.89 22.65 -73.24
N THR K 489 -79.55 22.00 -72.30
CA THR K 489 -80.88 21.43 -72.53
C THR K 489 -82.00 22.41 -72.21
N GLY K 490 -81.71 23.56 -71.60
CA GLY K 490 -82.73 24.50 -71.23
C GLY K 490 -83.53 24.14 -70.00
N LYS K 491 -83.18 23.04 -69.32
CA LYS K 491 -83.94 22.58 -68.17
C LYS K 491 -83.62 23.42 -66.94
N ARG K 492 -84.64 23.71 -66.15
CA ARG K 492 -84.48 24.45 -64.92
C ARG K 492 -84.49 23.51 -63.72
N TYR K 493 -83.66 23.82 -62.73
CA TYR K 493 -83.62 23.07 -61.49
C TYR K 493 -83.69 24.04 -60.32
N ALA K 494 -84.27 23.58 -59.22
CA ALA K 494 -84.00 24.21 -57.94
C ALA K 494 -82.54 23.97 -57.58
N PHE K 495 -81.94 24.95 -56.89
CA PHE K 495 -80.51 24.88 -56.64
C PHE K 495 -80.11 23.59 -55.91
N GLU K 496 -80.89 23.21 -54.91
CA GLU K 496 -80.58 22.00 -54.16
C GLU K 496 -80.80 20.73 -54.97
N ASP K 497 -81.53 20.81 -56.09
CA ASP K 497 -81.77 19.66 -56.95
C ASP K 497 -80.88 19.64 -58.18
N ALA K 498 -80.12 20.70 -58.43
CA ALA K 498 -79.28 20.75 -59.60
C ALA K 498 -78.16 19.71 -59.52
N PRO K 499 -77.81 19.10 -60.65
CA PRO K 499 -76.67 18.17 -60.64
C PRO K 499 -75.38 18.91 -60.28
N VAL K 500 -74.54 18.24 -59.50
CA VAL K 500 -73.31 18.87 -59.02
C VAL K 500 -72.38 19.19 -60.19
N GLU K 501 -72.36 18.34 -61.21
CA GLU K 501 -71.55 18.60 -62.39
C GLU K 501 -71.96 19.89 -63.08
N LEU K 502 -73.26 20.15 -63.18
CA LEU K 502 -73.73 21.38 -63.80
C LEU K 502 -73.27 22.60 -63.02
N LEU K 503 -73.38 22.57 -61.69
CA LEU K 503 -72.96 23.71 -60.88
C LEU K 503 -71.45 23.89 -60.93
N MET K 504 -70.70 22.80 -61.03
CA MET K 504 -69.25 22.87 -61.09
C MET K 504 -68.73 23.30 -62.45
N ARG K 505 -69.52 23.11 -63.51
CA ARG K 505 -69.07 23.37 -64.87
C ARG K 505 -69.58 24.68 -65.45
N GLU K 506 -70.81 25.06 -65.14
CA GLU K 506 -71.47 26.17 -65.83
C GLU K 506 -71.32 27.46 -65.03
N GLN K 507 -70.68 28.45 -65.64
CA GLN K 507 -70.49 29.74 -64.99
C GLN K 507 -71.80 30.49 -64.80
N SER K 508 -72.75 30.33 -65.71
CA SER K 508 -74.01 31.06 -65.63
C SER K 508 -74.84 30.67 -64.41
N CYS K 509 -74.55 29.51 -63.81
CA CYS K 509 -75.23 29.14 -62.56
C CYS K 509 -74.81 30.01 -61.39
N TRP K 510 -73.79 30.84 -61.56
CA TRP K 510 -73.30 31.70 -60.50
C TRP K 510 -73.31 33.18 -60.87
N VAL K 511 -73.61 33.52 -62.13
CA VAL K 511 -73.68 34.90 -62.56
C VAL K 511 -74.88 35.58 -61.91
N MET K 512 -74.71 36.85 -61.54
CA MET K 512 -75.79 37.64 -60.98
C MET K 512 -76.68 38.15 -62.10
N HIS K 513 -77.87 37.60 -62.22
CA HIS K 513 -78.71 38.14 -63.29
C HIS K 513 -79.64 39.22 -62.74
N PRO K 514 -79.89 40.28 -63.51
CA PRO K 514 -80.74 41.36 -63.01
C PRO K 514 -82.17 40.92 -62.70
N GLU K 515 -82.67 39.87 -63.34
CA GLU K 515 -84.02 39.39 -63.12
C GLU K 515 -84.16 38.55 -61.86
N ASP K 516 -83.06 38.11 -61.25
CA ASP K 516 -83.11 37.31 -60.05
C ASP K 516 -83.14 38.19 -58.81
N LYS K 517 -83.85 37.73 -57.79
CA LYS K 517 -84.01 38.47 -56.54
C LYS K 517 -83.03 38.07 -55.46
N TRP K 518 -82.29 36.97 -55.63
CA TRP K 518 -81.47 36.46 -54.54
C TRP K 518 -80.34 37.42 -54.19
N HIS K 519 -79.66 37.98 -55.18
CA HIS K 519 -78.47 38.78 -54.88
C HIS K 519 -78.82 40.16 -54.36
N GLY K 520 -79.94 40.74 -54.80
CA GLY K 520 -80.39 42.00 -54.26
C GLY K 520 -79.66 43.23 -54.74
N PHE K 521 -78.81 43.11 -55.77
CA PHE K 521 -78.13 44.26 -56.35
C PHE K 521 -79.00 44.76 -57.49
N ASN K 522 -79.86 45.72 -57.18
CA ASN K 522 -80.80 46.22 -58.17
C ASN K 522 -80.07 47.01 -59.25
N ASP K 523 -80.52 46.83 -60.50
CA ASP K 523 -79.98 47.54 -61.66
C ASP K 523 -78.55 47.11 -61.98
N ILE K 524 -78.15 45.92 -61.55
CA ILE K 524 -76.86 45.40 -62.01
C ILE K 524 -76.99 44.92 -63.45
N PRO K 525 -76.05 45.24 -64.32
CA PRO K 525 -76.08 44.68 -65.68
C PRO K 525 -75.83 43.18 -65.66
N ASP K 526 -76.34 42.52 -66.69
CA ASP K 526 -76.14 41.08 -66.80
C ASP K 526 -74.72 40.77 -67.26
N ASN K 527 -74.21 39.63 -66.80
CA ASN K 527 -72.86 39.17 -67.13
C ASN K 527 -71.81 40.19 -66.69
N TRP K 528 -72.05 40.83 -65.56
CA TRP K 528 -71.12 41.78 -64.96
C TRP K 528 -70.42 41.21 -63.73
N ALA K 529 -71.17 40.66 -62.80
CA ALA K 529 -70.63 40.08 -61.59
C ALA K 529 -71.00 38.61 -61.51
N MET K 530 -70.36 37.92 -60.56
CA MET K 530 -70.48 36.49 -60.39
C MET K 530 -70.17 36.16 -58.93
N LEU K 531 -70.83 35.13 -58.41
CA LEU K 531 -70.60 34.72 -57.03
C LEU K 531 -69.51 33.65 -56.97
N ASP K 532 -68.53 33.85 -56.10
CA ASP K 532 -67.52 32.85 -55.86
C ASP K 532 -68.11 31.74 -55.00
N PRO K 533 -68.16 30.50 -55.47
CA PRO K 533 -68.82 29.43 -54.69
C PRO K 533 -68.18 29.18 -53.34
N ILE K 534 -66.87 29.37 -53.19
CA ILE K 534 -66.20 28.95 -51.96
C ILE K 534 -66.28 29.99 -50.85
N LYS K 535 -66.87 31.16 -51.11
CA LYS K 535 -67.15 32.14 -50.05
C LYS K 535 -68.63 32.05 -49.74
N VAL K 536 -68.98 31.18 -48.80
CA VAL K 536 -70.37 30.81 -48.57
C VAL K 536 -70.97 31.72 -47.50
N SER K 537 -71.96 32.51 -47.91
CA SER K 537 -72.74 33.33 -47.00
C SER K 537 -74.03 32.60 -46.67
N ILE K 538 -74.39 32.57 -45.40
CA ILE K 538 -75.69 32.06 -44.98
C ILE K 538 -76.49 33.22 -44.40
N LEU K 539 -77.79 33.17 -44.61
CA LEU K 539 -78.69 34.26 -44.22
C LEU K 539 -79.58 33.79 -43.09
N ALA K 540 -79.59 34.52 -42.01
CA ALA K 540 -80.56 34.29 -40.96
C ALA K 540 -81.88 34.95 -41.33
N PRO K 541 -83.00 34.37 -40.90
CA PRO K 541 -84.30 34.95 -41.26
C PRO K 541 -84.53 36.28 -40.58
N GLY K 542 -85.33 37.12 -41.24
CA GLY K 542 -85.69 38.40 -40.67
C GLY K 542 -85.75 39.54 -41.66
N MET K 543 -85.11 39.40 -42.81
CA MET K 543 -85.05 40.44 -43.81
C MET K 543 -85.98 40.09 -44.97
N GLY K 544 -86.90 40.98 -45.29
CA GLY K 544 -87.78 40.76 -46.41
C GLY K 544 -87.11 41.05 -47.74
N ASP K 545 -87.68 40.47 -48.80
CA ASP K 545 -87.12 40.65 -50.12
C ASP K 545 -87.24 42.09 -50.61
N ASP K 546 -88.19 42.86 -50.07
CA ASP K 546 -88.37 44.25 -50.44
C ASP K 546 -87.33 45.17 -49.83
N GLY K 547 -86.63 44.73 -48.77
CA GLY K 547 -85.65 45.55 -48.10
C GLY K 547 -86.02 45.92 -46.68
N LYS K 548 -87.22 45.56 -46.22
CA LYS K 548 -87.66 45.86 -44.88
C LYS K 548 -87.76 44.59 -44.05
N LEU K 549 -87.63 44.75 -42.75
CA LEU K 549 -87.63 43.61 -41.84
C LEU K 549 -89.00 42.94 -41.80
N LEU K 550 -88.99 41.65 -41.49
CA LEU K 550 -90.22 40.90 -41.30
C LEU K 550 -90.70 41.06 -39.86
N ASP K 551 -91.80 40.37 -39.53
CA ASP K 551 -92.37 40.48 -38.19
C ASP K 551 -91.50 39.79 -37.16
N THR K 552 -90.75 38.75 -37.57
CA THR K 552 -89.90 38.00 -36.67
C THR K 552 -88.63 37.63 -37.42
N GLY K 553 -87.58 37.29 -36.66
CA GLY K 553 -86.32 36.90 -37.26
C GLY K 553 -85.32 36.55 -36.18
N VAL K 554 -84.17 36.09 -36.64
CA VAL K 554 -83.05 35.72 -35.78
C VAL K 554 -81.86 36.56 -36.18
N PRO K 555 -81.41 37.49 -35.34
CA PRO K 555 -80.24 38.31 -35.71
C PRO K 555 -78.96 37.48 -35.76
N ALA K 556 -78.08 37.87 -36.67
CA ALA K 556 -76.87 37.09 -36.91
C ALA K 556 -75.84 37.24 -35.79
N ALA K 557 -75.94 38.28 -34.96
CA ALA K 557 -74.99 38.45 -33.86
C ALA K 557 -75.09 37.29 -32.88
N LEU K 558 -76.31 36.84 -32.58
CA LEU K 558 -76.50 35.73 -31.66
C LEU K 558 -75.98 34.43 -32.25
N VAL K 559 -76.23 34.20 -33.53
CA VAL K 559 -75.69 33.01 -34.20
C VAL K 559 -74.17 33.06 -34.21
N THR K 560 -73.60 34.25 -34.40
CA THR K 560 -72.15 34.40 -34.36
C THR K 560 -71.60 34.07 -32.98
N ALA K 561 -72.29 34.52 -31.92
CA ALA K 561 -71.87 34.15 -30.58
C ALA K 561 -71.91 32.65 -30.37
N TRP K 562 -72.95 31.99 -30.87
CA TRP K 562 -73.05 30.54 -30.78
C TRP K 562 -71.87 29.87 -31.50
N LEU K 563 -71.59 30.30 -32.73
CA LEU K 563 -70.51 29.70 -33.50
C LEU K 563 -69.16 29.93 -32.82
N ASN K 564 -68.92 31.14 -32.30
CA ASN K 564 -67.70 31.41 -31.56
C ASN K 564 -67.60 30.49 -30.35
N HIS K 565 -68.71 30.28 -29.64
CA HIS K 565 -68.71 29.35 -28.53
C HIS K 565 -68.30 27.95 -28.97
N TYR K 566 -68.64 27.56 -30.19
CA TYR K 566 -68.22 26.26 -30.69
C TYR K 566 -66.93 26.32 -31.51
N GLY K 567 -66.25 27.47 -31.52
CA GLY K 567 -64.95 27.59 -32.13
C GLY K 567 -64.96 28.09 -33.56
N ILE K 568 -66.11 28.05 -34.23
CA ILE K 568 -66.21 28.55 -35.59
C ILE K 568 -66.22 30.07 -35.55
N VAL K 569 -65.31 30.68 -36.30
CA VAL K 569 -65.22 32.14 -36.35
C VAL K 569 -65.47 32.58 -37.79
N PRO K 570 -66.60 33.22 -38.07
CA PRO K 570 -66.89 33.67 -39.43
C PRO K 570 -65.97 34.80 -39.87
N THR K 571 -65.80 34.91 -41.19
CA THR K 571 -64.96 35.94 -41.77
C THR K 571 -65.68 37.29 -41.81
N ARG K 572 -66.93 37.30 -42.22
CA ARG K 572 -67.73 38.52 -42.30
C ARG K 572 -69.08 38.29 -41.64
N THR K 573 -69.69 39.38 -41.20
CA THR K 573 -70.99 39.31 -40.53
C THR K 573 -71.70 40.65 -40.66
N THR K 574 -72.98 40.60 -41.02
CA THR K 574 -73.88 41.74 -40.97
C THR K 574 -75.06 41.38 -40.06
N ASP K 575 -76.10 42.22 -40.10
CA ASP K 575 -77.28 41.98 -39.25
C ASP K 575 -77.88 40.60 -39.51
N PHE K 576 -78.09 40.24 -40.79
CA PHE K 576 -78.50 38.90 -41.16
C PHE K 576 -77.61 38.42 -42.30
N GLN K 577 -76.39 38.01 -41.97
CA GLN K 577 -75.48 37.38 -42.93
C GLN K 577 -74.25 36.87 -42.20
N ILE K 578 -73.87 35.63 -42.45
CA ILE K 578 -72.67 35.05 -41.88
C ILE K 578 -71.89 34.38 -43.00
N MET K 579 -70.62 34.73 -43.14
CA MET K 579 -69.78 34.26 -44.22
C MET K 579 -68.80 33.22 -43.71
N PHE K 580 -68.72 32.09 -44.40
CA PHE K 580 -67.79 31.01 -44.08
C PHE K 580 -66.84 30.82 -45.25
N LEU K 581 -65.56 30.60 -44.92
CA LEU K 581 -64.53 30.40 -45.92
C LEU K 581 -64.30 28.91 -46.13
N PHE K 582 -64.35 28.47 -47.38
CA PHE K 582 -63.88 27.16 -47.78
C PHE K 582 -62.55 27.33 -48.46
N SER K 583 -61.50 26.73 -47.91
CA SER K 583 -60.15 26.89 -48.42
C SER K 583 -59.61 25.53 -48.85
N MET K 584 -58.44 25.55 -49.47
CA MET K 584 -57.78 24.33 -49.90
C MET K 584 -57.25 23.52 -48.72
N GLY K 585 -57.26 24.06 -47.52
CA GLY K 585 -56.93 23.33 -46.32
C GLY K 585 -58.08 22.62 -45.66
N ILE K 586 -59.29 22.74 -46.20
CA ILE K 586 -60.44 22.02 -45.65
C ILE K 586 -60.36 20.55 -46.04
N THR K 587 -60.95 19.70 -45.23
CA THR K 587 -61.06 18.28 -45.52
C THR K 587 -62.49 17.94 -45.92
N LYS K 588 -62.64 16.84 -46.64
CA LYS K 588 -63.93 16.49 -47.22
C LYS K 588 -64.94 16.13 -46.14
N GLY K 589 -66.17 16.62 -46.31
CA GLY K 589 -67.23 16.36 -45.35
C GLY K 589 -67.17 17.18 -44.09
N LYS K 590 -66.28 18.16 -44.01
CA LYS K 590 -66.14 18.97 -42.80
C LYS K 590 -67.36 19.86 -42.56
N TRP K 591 -68.07 20.24 -43.61
CA TRP K 591 -69.24 21.10 -43.47
C TRP K 591 -70.39 20.45 -42.72
N GLY K 592 -70.33 19.14 -42.50
CA GLY K 592 -71.31 18.49 -41.65
C GLY K 592 -71.30 19.04 -40.24
N THR K 593 -70.12 19.40 -39.72
CA THR K 593 -70.05 20.05 -38.42
C THR K 593 -70.80 21.38 -38.43
N LEU K 594 -70.63 22.17 -39.49
CA LEU K 594 -71.34 23.44 -39.58
C LEU K 594 -72.84 23.24 -39.58
N VAL K 595 -73.31 22.26 -40.37
CA VAL K 595 -74.75 21.98 -40.42
C VAL K 595 -75.26 21.53 -39.06
N ASN K 596 -74.49 20.65 -38.39
CA ASN K 596 -74.88 20.17 -37.07
C ASN K 596 -74.96 21.32 -36.07
N THR K 597 -73.99 22.22 -36.10
CA THR K 597 -73.99 23.36 -35.19
C THR K 597 -75.20 24.25 -35.43
N LEU K 598 -75.53 24.51 -36.70
CA LEU K 598 -76.70 25.34 -36.99
C LEU K 598 -77.98 24.67 -36.52
N LEU K 599 -78.09 23.35 -36.71
CA LEU K 599 -79.28 22.64 -36.26
C LEU K 599 -79.40 22.67 -34.74
N SER K 600 -78.29 22.48 -34.03
CA SER K 600 -78.36 22.53 -32.57
C SER K 600 -78.70 23.94 -32.09
N PHE K 601 -78.20 24.97 -32.77
CA PHE K 601 -78.62 26.32 -32.43
C PHE K 601 -80.12 26.48 -32.61
N LYS K 602 -80.67 25.97 -33.71
CA LYS K 602 -82.11 26.08 -33.93
C LYS K 602 -82.89 25.36 -32.84
N ARG K 603 -82.41 24.18 -32.42
CA ARG K 603 -83.07 23.45 -31.35
C ARG K 603 -83.09 24.27 -30.06
N HIS K 604 -81.93 24.78 -29.65
CA HIS K 604 -81.87 25.55 -28.42
C HIS K 604 -82.63 26.86 -28.52
N TYR K 605 -82.74 27.42 -29.72
CA TYR K 605 -83.50 28.65 -29.92
C TYR K 605 -85.00 28.40 -29.80
N ASP K 606 -85.47 27.30 -30.41
CA ASP K 606 -86.87 26.94 -30.27
C ASP K 606 -87.23 26.57 -28.85
N ASN K 607 -86.29 25.97 -28.11
CA ASN K 607 -86.56 25.59 -26.73
C ASN K 607 -86.34 26.73 -25.74
N ASN K 608 -85.84 27.88 -26.19
CA ASN K 608 -85.54 29.03 -25.34
C ASN K 608 -84.66 28.62 -24.16
N THR K 609 -83.58 27.91 -24.48
CA THR K 609 -82.65 27.48 -23.44
C THR K 609 -81.97 28.68 -22.79
N ALA K 610 -81.83 28.62 -21.48
CA ALA K 610 -81.26 29.74 -20.73
C ALA K 610 -79.81 29.98 -21.15
N LEU K 611 -79.45 31.25 -21.31
CA LEU K 611 -78.12 31.60 -21.77
C LEU K 611 -77.03 31.11 -20.84
N LYS K 612 -77.32 30.91 -19.55
CA LYS K 612 -76.31 30.39 -18.65
C LYS K 612 -75.87 28.98 -19.04
N LYS K 613 -76.81 28.15 -19.49
CA LYS K 613 -76.46 26.79 -19.86
C LYS K 613 -75.68 26.74 -21.18
N VAL K 614 -76.11 27.50 -22.17
CA VAL K 614 -75.56 27.39 -23.52
C VAL K 614 -74.44 28.38 -23.77
N LEU K 615 -74.58 29.63 -23.34
CA LEU K 615 -73.64 30.69 -23.66
C LEU K 615 -73.20 31.40 -22.39
N PRO K 616 -72.43 30.73 -21.53
CA PRO K 616 -71.98 31.38 -20.29
C PRO K 616 -71.14 32.62 -20.52
N GLU K 617 -70.36 32.66 -21.61
CA GLU K 617 -69.52 33.84 -21.88
C GLU K 617 -70.37 35.07 -22.19
N VAL K 618 -71.52 34.88 -22.84
CA VAL K 618 -72.43 36.00 -23.05
C VAL K 618 -72.97 36.51 -21.73
N VAL K 619 -73.33 35.60 -20.83
CA VAL K 619 -73.85 36.00 -19.52
C VAL K 619 -72.78 36.77 -18.74
N ALA K 620 -71.53 36.32 -18.86
CA ALA K 620 -70.44 36.93 -18.10
C ALA K 620 -70.20 38.39 -18.45
N SER K 621 -70.74 38.87 -19.58
CA SER K 621 -70.61 40.29 -19.90
C SER K 621 -71.50 41.14 -19.01
N ALA K 622 -72.81 40.90 -19.05
CA ALA K 622 -73.78 41.64 -18.24
C ALA K 622 -74.66 40.66 -17.50
N PRO K 623 -74.17 40.08 -16.40
CA PRO K 623 -74.96 39.07 -15.69
C PRO K 623 -76.29 39.57 -15.16
N GLU K 624 -76.42 40.87 -14.93
CA GLU K 624 -77.70 41.42 -14.49
C GLU K 624 -78.73 41.48 -15.61
N ILE K 625 -78.30 41.57 -16.86
CA ILE K 625 -79.21 41.63 -18.00
C ILE K 625 -79.49 40.26 -18.57
N TYR K 626 -78.44 39.51 -18.92
CA TYR K 626 -78.58 38.23 -19.58
C TYR K 626 -78.88 37.09 -18.61
N GLY K 627 -78.68 37.28 -17.32
CA GLY K 627 -79.11 36.29 -16.35
C GLY K 627 -80.62 36.12 -16.39
N GLU K 628 -81.07 34.89 -16.14
CA GLU K 628 -82.49 34.53 -16.15
C GLU K 628 -83.15 34.84 -17.50
N MET K 629 -82.39 34.79 -18.57
CA MET K 629 -82.89 35.07 -19.91
C MET K 629 -82.57 33.91 -20.84
N GLY K 630 -83.50 33.61 -21.75
CA GLY K 630 -83.30 32.52 -22.69
C GLY K 630 -82.73 32.97 -24.02
N LEU K 631 -82.37 31.98 -24.84
CA LEU K 631 -81.80 32.27 -26.16
C LEU K 631 -82.80 33.02 -27.03
N ARG K 632 -84.04 32.55 -27.08
CA ARG K 632 -85.04 33.21 -27.90
C ARG K 632 -85.44 34.56 -27.32
N ASP K 633 -85.40 34.71 -26.00
CA ASP K 633 -85.67 36.02 -25.41
C ASP K 633 -84.68 37.05 -25.90
N LEU K 634 -83.39 36.72 -25.85
CA LEU K 634 -82.36 37.63 -26.35
C LEU K 634 -82.51 37.86 -27.85
N GLY K 635 -82.82 36.81 -28.60
CA GLY K 635 -82.98 36.97 -30.03
C GLY K 635 -84.11 37.91 -30.39
N ASP K 636 -85.26 37.74 -29.74
CA ASP K 636 -86.39 38.63 -29.97
C ASP K 636 -86.13 40.04 -29.48
N LYS K 637 -85.39 40.20 -28.38
CA LYS K 637 -84.99 41.53 -27.95
C LYS K 637 -84.15 42.23 -29.02
N MET K 638 -83.15 41.52 -29.54
CA MET K 638 -82.31 42.09 -30.59
C MET K 638 -83.11 42.41 -31.84
N PHE K 639 -84.04 41.52 -32.22
CA PHE K 639 -84.83 41.77 -33.42
C PHE K 639 -85.78 42.94 -33.24
N ALA K 640 -86.36 43.09 -32.05
CA ALA K 640 -87.20 44.24 -31.77
C ALA K 640 -86.39 45.53 -31.83
N TYR K 641 -85.16 45.50 -31.30
CA TYR K 641 -84.29 46.66 -31.40
C TYR K 641 -83.99 47.00 -32.85
N LEU K 642 -83.68 45.99 -33.67
CA LEU K 642 -83.41 46.23 -35.08
C LEU K 642 -84.62 46.79 -35.80
N GLN K 643 -85.81 46.25 -35.50
CA GLN K 643 -87.03 46.74 -36.11
C GLN K 643 -87.28 48.20 -35.75
N LYS K 644 -87.07 48.56 -34.48
CA LYS K 644 -87.30 49.93 -34.05
C LYS K 644 -86.30 50.88 -34.71
N ASN K 645 -85.02 50.53 -34.67
CA ASN K 645 -83.98 51.48 -35.08
C ASN K 645 -83.67 51.43 -36.56
N ASN K 646 -83.82 50.27 -37.20
CA ASN K 646 -83.54 50.07 -38.62
C ASN K 646 -82.14 50.57 -39.00
N PRO K 647 -81.08 49.95 -38.47
CA PRO K 647 -79.72 50.40 -38.82
C PRO K 647 -79.34 50.16 -40.27
N GLY K 648 -80.05 49.29 -40.99
CA GLY K 648 -79.74 49.08 -42.40
C GLY K 648 -79.97 50.32 -43.24
N ALA K 649 -81.04 51.06 -42.94
CA ALA K 649 -81.25 52.33 -43.61
C ALA K 649 -80.16 53.33 -43.26
N ARG K 650 -79.69 53.31 -42.02
CA ARG K 650 -78.58 54.17 -41.63
C ARG K 650 -77.32 53.85 -42.44
N LEU K 651 -77.02 52.55 -42.60
CA LEU K 651 -75.88 52.15 -43.40
C LEU K 651 -76.04 52.60 -44.85
N ASN K 652 -77.24 52.42 -45.41
CA ASN K 652 -77.47 52.84 -46.79
C ASN K 652 -77.30 54.34 -46.95
N GLN K 653 -77.79 55.13 -46.00
CA GLN K 653 -77.62 56.57 -46.07
C GLN K 653 -76.15 56.95 -45.96
N ALA K 654 -75.43 56.32 -45.04
CA ALA K 654 -74.03 56.67 -44.83
C ALA K 654 -73.16 56.30 -46.02
N TYR K 655 -73.48 55.22 -46.73
CA TYR K 655 -72.60 54.77 -47.80
C TYR K 655 -73.07 55.16 -49.19
N SER K 656 -74.32 55.60 -49.35
CA SER K 656 -74.76 56.11 -50.65
C SER K 656 -74.23 57.50 -50.92
N GLN K 657 -74.02 58.31 -49.89
CA GLN K 657 -73.51 59.66 -50.03
C GLN K 657 -72.06 59.70 -49.56
N LEU K 658 -71.19 60.26 -50.39
CA LEU K 658 -69.80 60.36 -50.01
C LEU K 658 -69.58 61.58 -49.11
N PRO K 659 -68.68 61.48 -48.14
CA PRO K 659 -68.37 62.64 -47.30
C PRO K 659 -67.66 63.72 -48.11
N GLN K 660 -67.78 64.95 -47.61
CA GLN K 660 -67.08 66.07 -48.24
C GLN K 660 -65.57 65.95 -48.01
N VAL K 661 -64.81 66.14 -49.07
CA VAL K 661 -63.36 66.02 -49.02
C VAL K 661 -62.76 67.39 -48.75
N MET K 662 -61.92 67.48 -47.73
CA MET K 662 -61.26 68.73 -47.37
C MET K 662 -59.79 68.76 -47.75
N MET K 663 -59.09 67.63 -47.66
CA MET K 663 -57.69 67.55 -48.04
C MET K 663 -57.36 66.12 -48.41
N THR K 664 -56.20 65.93 -49.03
CA THR K 664 -55.73 64.61 -49.38
C THR K 664 -55.43 63.82 -48.11
N PRO K 665 -55.43 62.48 -48.21
CA PRO K 665 -55.05 61.67 -47.04
C PRO K 665 -53.66 61.98 -46.52
N ARG K 666 -52.71 62.31 -47.40
CA ARG K 666 -51.38 62.67 -46.95
C ARG K 666 -51.39 63.93 -46.09
N ASP K 667 -52.18 64.94 -46.49
CA ASP K 667 -52.28 66.16 -45.69
C ASP K 667 -52.87 65.87 -44.32
N ALA K 668 -53.91 65.04 -44.28
CA ALA K 668 -54.52 64.68 -43.00
C ALA K 668 -53.52 63.95 -42.11
N TYR K 669 -52.74 63.03 -42.68
CA TYR K 669 -51.75 62.33 -41.86
C TYR K 669 -50.65 63.27 -41.39
N GLN K 670 -50.23 64.20 -42.23
CA GLN K 670 -49.22 65.16 -41.83
C GLN K 670 -49.72 66.09 -40.74
N GLN K 671 -51.04 66.28 -40.65
CA GLN K 671 -51.59 66.93 -39.46
C GLN K 671 -51.32 66.11 -38.20
N ILE K 672 -51.42 64.78 -38.30
CA ILE K 672 -51.07 63.92 -37.17
C ILE K 672 -49.60 64.09 -36.81
N VAL K 673 -48.73 64.11 -37.82
CA VAL K 673 -47.30 64.25 -37.55
C VAL K 673 -47.00 65.59 -36.90
N ALA K 674 -47.69 66.64 -37.30
CA ALA K 674 -47.50 67.97 -36.73
C ALA K 674 -48.20 68.14 -35.39
N ASN K 675 -48.80 67.07 -34.84
CA ASN K 675 -49.49 67.11 -33.56
C ASN K 675 -50.68 68.06 -33.56
N ARG K 676 -51.24 68.33 -34.75
CA ARG K 676 -52.44 69.15 -34.86
C ARG K 676 -53.70 68.28 -34.92
N VAL K 677 -53.87 67.36 -33.96
CA VAL K 677 -55.03 66.49 -33.92
C VAL K 677 -55.48 66.32 -32.48
N GLU K 678 -56.73 65.88 -32.32
CA GLU K 678 -57.31 65.69 -31.00
C GLU K 678 -58.37 64.61 -31.08
N ALA K 679 -58.66 64.01 -29.93
CA ALA K 679 -59.71 63.00 -29.82
C ALA K 679 -61.04 63.71 -29.57
N VAL K 680 -62.01 63.45 -30.44
CA VAL K 680 -63.30 64.14 -30.43
C VAL K 680 -64.40 63.09 -30.24
N PRO K 681 -65.32 63.28 -29.30
CA PRO K 681 -66.44 62.34 -29.17
C PRO K 681 -67.38 62.44 -30.36
N VAL K 682 -68.19 61.38 -30.52
CA VAL K 682 -69.08 61.28 -31.68
C VAL K 682 -70.08 62.43 -31.69
N ASP K 683 -70.62 62.81 -30.53
CA ASP K 683 -71.62 63.86 -30.49
C ASP K 683 -71.04 65.23 -30.83
N GLN K 684 -69.73 65.38 -30.91
CA GLN K 684 -69.09 66.65 -31.25
C GLN K 684 -68.38 66.60 -32.60
N LEU K 685 -68.73 65.64 -33.45
CA LEU K 685 -68.03 65.42 -34.71
C LEU K 685 -68.46 66.37 -35.83
N MET K 686 -69.51 67.17 -35.62
CA MET K 686 -70.04 68.00 -36.70
C MET K 686 -69.01 69.00 -37.16
N GLY K 687 -68.73 68.99 -38.47
CA GLY K 687 -67.79 69.91 -39.07
C GLY K 687 -66.33 69.50 -38.97
N ARG K 688 -66.03 68.40 -38.27
CA ARG K 688 -64.65 68.01 -38.03
C ARG K 688 -64.11 67.17 -39.17
N VAL K 689 -62.80 67.25 -39.37
CA VAL K 689 -62.11 66.48 -40.40
C VAL K 689 -61.41 65.31 -39.74
N ALA K 690 -61.72 64.10 -40.19
CA ALA K 690 -61.12 62.90 -39.62
C ALA K 690 -59.63 62.84 -39.95
N ALA K 691 -58.82 62.53 -38.94
CA ALA K 691 -57.39 62.41 -39.15
C ALA K 691 -57.00 61.06 -39.72
N ASN K 692 -57.80 60.02 -39.47
CA ASN K 692 -57.57 58.70 -40.03
C ASN K 692 -58.89 58.15 -40.56
N SER K 693 -58.85 56.96 -41.13
CA SER K 693 -60.01 56.36 -41.75
C SER K 693 -60.92 55.74 -40.70
N ILE K 694 -62.22 55.78 -40.96
CA ILE K 694 -63.23 55.18 -40.12
C ILE K 694 -63.84 54.01 -40.89
N ILE K 695 -63.65 52.80 -40.38
CA ILE K 695 -64.14 51.59 -41.03
C ILE K 695 -65.04 50.86 -40.06
N PRO K 696 -66.36 51.05 -40.17
CA PRO K 696 -67.29 50.29 -39.33
C PRO K 696 -67.51 48.88 -39.85
N TYR K 697 -67.76 47.98 -38.92
CA TYR K 697 -68.11 46.60 -39.25
C TYR K 697 -69.49 46.30 -38.68
N PRO K 698 -70.54 46.15 -39.50
CA PRO K 698 -70.57 46.21 -40.96
C PRO K 698 -70.52 47.64 -41.49
N PRO K 699 -70.27 47.84 -42.79
CA PRO K 699 -70.05 46.84 -43.85
C PRO K 699 -68.60 46.45 -44.06
N GLY K 700 -67.69 46.92 -43.21
CA GLY K 700 -66.30 46.51 -43.32
C GLY K 700 -65.49 47.25 -44.35
N ILE K 701 -66.03 48.28 -44.97
CA ILE K 701 -65.28 49.12 -45.91
C ILE K 701 -65.32 50.55 -45.38
N PRO K 702 -64.34 51.39 -45.70
CA PRO K 702 -64.25 52.70 -45.01
C PRO K 702 -65.44 53.59 -45.33
N MET K 703 -66.02 54.16 -44.28
CA MET K 703 -67.07 55.16 -44.46
C MET K 703 -66.47 56.54 -44.66
N LEU K 704 -65.38 56.83 -43.95
CA LEU K 704 -64.62 58.06 -44.12
C LEU K 704 -63.15 57.72 -44.30
N LEU K 705 -62.50 58.42 -45.22
CA LEU K 705 -61.06 58.37 -45.36
C LEU K 705 -60.44 59.58 -44.66
N SER K 706 -59.12 59.55 -44.50
CA SER K 706 -58.40 60.66 -43.89
C SER K 706 -58.57 61.91 -44.75
N GLY K 707 -58.86 63.02 -44.09
CA GLY K 707 -59.05 64.27 -44.79
C GLY K 707 -60.47 64.52 -45.28
N GLU K 708 -61.44 63.78 -44.78
CA GLU K 708 -62.83 63.93 -45.19
C GLU K 708 -63.65 64.49 -44.04
N ASN K 709 -64.57 65.40 -44.38
CA ASN K 709 -65.41 66.03 -43.37
C ASN K 709 -66.48 65.07 -42.88
N PHE K 710 -66.80 65.17 -41.59
CA PHE K 710 -67.86 64.32 -41.03
C PHE K 710 -69.24 64.81 -41.42
N GLY K 711 -69.42 66.11 -41.64
CA GLY K 711 -70.68 66.66 -42.07
C GLY K 711 -71.38 67.43 -40.96
N ASP K 712 -72.54 67.98 -41.32
CA ASP K 712 -73.34 68.78 -40.40
C ASP K 712 -74.17 67.91 -39.46
N GLU K 713 -75.16 68.51 -38.80
CA GLU K 713 -75.96 67.80 -37.80
C GLU K 713 -76.68 66.60 -38.41
N ASN K 714 -77.20 66.76 -39.63
CA ASN K 714 -77.98 65.71 -40.27
C ASN K 714 -77.12 64.78 -41.11
N SER K 715 -75.82 64.74 -40.89
CA SER K 715 -74.95 63.89 -41.69
C SER K 715 -75.24 62.43 -41.42
N PRO K 716 -75.43 61.61 -42.46
CA PRO K 716 -75.68 60.18 -42.23
C PRO K 716 -74.51 59.45 -41.60
N HIS K 717 -73.28 59.96 -41.73
CA HIS K 717 -72.12 59.25 -41.21
C HIS K 717 -72.06 59.32 -39.68
N ILE K 718 -72.27 60.51 -39.13
CA ILE K 718 -72.37 60.64 -37.67
C ILE K 718 -73.56 59.84 -37.17
N HIS K 719 -74.66 59.82 -37.93
CA HIS K 719 -75.83 59.05 -37.53
C HIS K 719 -75.52 57.56 -37.46
N TYR K 720 -74.78 57.05 -38.44
CA TYR K 720 -74.43 55.63 -38.42
C TYR K 720 -73.49 55.31 -37.26
N LEU K 721 -72.52 56.19 -37.00
CA LEU K 721 -71.65 55.98 -35.85
C LEU K 721 -72.45 55.97 -34.55
N ARG K 722 -73.42 56.87 -34.43
CA ARG K 722 -74.29 56.89 -33.26
C ARG K 722 -75.11 55.61 -33.15
N SER K 723 -75.60 55.11 -34.28
CA SER K 723 -76.36 53.85 -34.26
C SER K 723 -75.51 52.70 -33.75
N LEU K 724 -74.27 52.60 -34.23
CA LEU K 724 -73.39 51.55 -33.76
C LEU K 724 -73.10 51.70 -32.27
N GLN K 725 -72.87 52.94 -31.82
CA GLN K 725 -72.63 53.17 -30.40
C GLN K 725 -73.83 52.77 -29.55
N ALA K 726 -75.04 53.10 -30.02
CA ALA K 726 -76.25 52.74 -29.29
C ALA K 726 -76.42 51.23 -29.23
N TRP K 727 -76.15 50.53 -30.32
CA TRP K 727 -76.20 49.07 -30.28
C TRP K 727 -75.21 48.52 -29.28
N ASP K 728 -73.99 49.05 -29.26
CA ASP K 728 -72.99 48.56 -28.30
C ASP K 728 -73.46 48.79 -26.87
N SER K 729 -74.06 49.95 -26.61
CA SER K 729 -74.55 50.24 -25.26
C SER K 729 -75.68 49.31 -24.87
N GLU K 730 -76.59 49.01 -25.80
CA GLU K 730 -77.76 48.20 -25.47
C GLU K 730 -77.43 46.72 -25.31
N PHE K 731 -76.43 46.21 -26.01
CA PHE K 731 -76.12 44.77 -26.01
C PHE K 731 -74.65 44.54 -25.71
N PRO K 732 -74.28 44.54 -24.43
CA PRO K 732 -72.90 44.19 -24.07
C PRO K 732 -72.56 42.78 -24.51
N GLY K 733 -71.31 42.59 -24.94
CA GLY K 733 -70.86 41.32 -25.46
C GLY K 733 -71.14 41.10 -26.93
N PHE K 734 -71.85 42.01 -27.58
CA PHE K 734 -72.17 41.95 -29.00
C PHE K 734 -71.77 43.24 -29.69
N GLU K 735 -70.66 43.83 -29.25
CA GLU K 735 -70.28 45.16 -29.70
C GLU K 735 -69.67 45.12 -31.09
N HIS K 736 -70.04 46.10 -31.91
CA HIS K 736 -69.48 46.23 -33.24
C HIS K 736 -68.02 46.66 -33.17
N GLU K 737 -67.25 46.27 -34.18
CA GLU K 737 -65.90 46.75 -34.35
C GLU K 737 -65.89 47.91 -35.34
N THR K 738 -65.12 48.94 -35.01
CA THR K 738 -64.99 50.12 -35.87
C THR K 738 -63.52 50.56 -35.86
N GLU K 739 -62.80 50.24 -36.91
CA GLU K 739 -61.42 50.70 -37.03
C GLU K 739 -61.37 52.21 -37.19
N GLY K 740 -60.41 52.83 -36.53
CA GLY K 740 -60.26 54.26 -36.56
C GLY K 740 -60.89 55.01 -35.42
N THR K 741 -61.39 54.31 -34.40
CA THR K 741 -62.01 54.93 -33.24
C THR K 741 -61.35 54.42 -31.97
N GLU K 742 -61.45 55.22 -30.92
CA GLU K 742 -61.03 54.82 -29.58
C GLU K 742 -62.27 54.73 -28.70
N ILE K 743 -62.40 53.65 -27.96
CA ILE K 743 -63.56 53.39 -27.12
C ILE K 743 -63.13 53.57 -25.67
N ILE K 744 -63.45 54.72 -25.10
CA ILE K 744 -63.16 55.03 -23.71
C ILE K 744 -64.48 55.01 -22.95
N ASP K 745 -64.50 54.26 -21.84
CA ASP K 745 -65.69 53.99 -21.03
C ASP K 745 -66.91 53.70 -21.91
N GLY K 746 -66.71 52.91 -22.96
CA GLY K 746 -67.79 52.54 -23.85
C GLY K 746 -68.23 53.63 -24.80
N GLN K 747 -67.49 54.73 -24.88
CA GLN K 747 -67.85 55.86 -25.73
C GLN K 747 -66.84 56.00 -26.85
N TYR K 748 -67.32 56.37 -28.03
CA TYR K 748 -66.47 56.43 -29.22
C TYR K 748 -65.72 57.76 -29.28
N TYR K 749 -64.43 57.68 -29.58
CA TYR K 749 -63.61 58.86 -29.82
C TYR K 749 -62.93 58.74 -31.17
N VAL K 750 -62.87 59.84 -31.90
CA VAL K 750 -62.28 59.89 -33.23
C VAL K 750 -61.21 60.96 -33.26
N MET K 751 -60.04 60.62 -33.78
CA MET K 751 -58.96 61.60 -33.93
C MET K 751 -59.28 62.53 -35.09
N CYS K 752 -59.33 63.82 -34.82
CA CYS K 752 -59.73 64.82 -35.81
C CYS K 752 -58.70 65.93 -35.88
N VAL K 753 -58.62 66.56 -37.05
CA VAL K 753 -57.70 67.67 -37.26
C VAL K 753 -58.17 68.86 -36.44
N LYS K 754 -57.26 69.47 -35.69
CA LYS K 754 -57.58 70.70 -34.97
C LYS K 754 -57.89 71.81 -35.96
N THR K 755 -58.98 72.54 -35.71
CA THR K 755 -59.41 73.60 -36.62
C THR K 755 -58.46 74.79 -36.57
N MET L 1 -37.50 16.28 -17.75
CA MET L 1 -37.09 16.63 -16.40
C MET L 1 -35.78 15.94 -16.05
N ARG L 2 -34.77 16.73 -15.72
CA ARG L 2 -33.46 16.22 -15.36
C ARG L 2 -33.02 16.81 -14.03
N ALA L 3 -32.63 15.96 -13.10
CA ALA L 3 -32.10 16.36 -11.82
C ALA L 3 -30.61 16.04 -11.77
N LEU L 4 -29.83 16.99 -11.28
CA LEU L 4 -28.39 16.82 -11.12
C LEU L 4 -28.08 16.64 -9.63
N ILE L 5 -27.38 15.57 -9.30
CA ILE L 5 -26.99 15.27 -7.92
C ILE L 5 -25.47 15.35 -7.83
N VAL L 6 -24.99 16.26 -7.00
CA VAL L 6 -23.56 16.48 -6.80
C VAL L 6 -23.29 16.35 -5.30
N TYR L 7 -22.71 15.23 -4.89
CA TYR L 7 -22.32 15.04 -3.51
C TYR L 7 -20.93 14.43 -3.47
N THR L 8 -20.12 14.82 -2.49
CA THR L 8 -18.73 14.39 -2.44
C THR L 8 -18.48 13.41 -1.30
N GLU L 9 -18.66 13.82 -0.05
CA GLU L 9 -18.44 12.95 1.11
C GLU L 9 -19.31 13.49 2.24
N LEU L 10 -20.48 12.89 2.44
CA LEU L 10 -21.37 13.36 3.49
C LEU L 10 -21.16 12.61 4.80
N THR L 11 -20.81 11.33 4.72
CA THR L 11 -20.58 10.51 5.91
C THR L 11 -19.13 10.04 5.93
N ASP L 12 -18.64 9.74 7.13
CA ASP L 12 -17.29 9.21 7.27
C ASP L 12 -17.10 7.92 6.50
N LYS L 13 -18.15 7.14 6.33
CA LYS L 13 -18.13 5.93 5.50
C LYS L 13 -19.01 6.18 4.29
N ASP L 14 -18.44 5.99 3.10
CA ASP L 14 -19.09 6.42 1.86
C ASP L 14 -20.39 5.67 1.60
N SER L 15 -20.49 4.42 2.07
CA SER L 15 -21.59 3.56 1.62
C SER L 15 -22.95 4.08 2.09
N VAL L 16 -23.00 4.77 3.23
CA VAL L 16 -24.29 5.22 3.75
C VAL L 16 -24.91 6.26 2.82
N ILE L 17 -24.16 7.32 2.52
CA ILE L 17 -24.67 8.38 1.66
C ILE L 17 -24.86 7.85 0.24
N SER L 18 -23.99 6.96 -0.22
CA SER L 18 -24.14 6.40 -1.56
C SER L 18 -25.43 5.60 -1.67
N HIS L 19 -25.74 4.77 -0.67
CA HIS L 19 -26.97 4.00 -0.73
C HIS L 19 -28.20 4.90 -0.62
N ALA L 20 -28.15 5.92 0.22
CA ALA L 20 -29.27 6.85 0.31
C ALA L 20 -29.50 7.57 -1.01
N VAL L 21 -28.41 8.01 -1.66
CA VAL L 21 -28.53 8.70 -2.94
C VAL L 21 -29.03 7.75 -4.02
N ALA L 22 -28.61 6.48 -3.97
CA ALA L 22 -29.10 5.51 -4.93
C ALA L 22 -30.60 5.29 -4.78
N ARG L 23 -31.08 5.19 -3.54
CA ARG L 23 -32.52 5.06 -3.32
C ARG L 23 -33.26 6.28 -3.83
N LEU L 24 -32.74 7.48 -3.57
CA LEU L 24 -33.39 8.69 -4.06
C LEU L 24 -33.40 8.74 -5.58
N ALA L 25 -32.31 8.34 -6.22
CA ALA L 25 -32.25 8.34 -7.68
C ALA L 25 -33.24 7.35 -8.27
N SER L 26 -33.38 6.18 -7.63
CA SER L 26 -34.37 5.22 -8.10
C SER L 26 -35.78 5.78 -7.99
N GLU L 27 -36.10 6.42 -6.86
CA GLU L 27 -37.42 7.02 -6.70
C GLU L 27 -37.66 8.17 -7.69
N LEU L 28 -36.61 8.93 -8.02
CA LEU L 28 -36.76 9.99 -9.00
C LEU L 28 -36.97 9.43 -10.40
N ASN L 29 -36.26 8.35 -10.74
CA ASN L 29 -36.46 7.73 -12.04
C ASN L 29 -37.86 7.12 -12.16
N ASP L 30 -38.41 6.61 -11.06
CA ASP L 30 -39.77 6.07 -11.10
C ASP L 30 -40.82 7.14 -11.37
N GLU L 31 -40.51 8.41 -11.13
CA GLU L 31 -41.41 9.49 -11.48
C GLU L 31 -40.94 10.24 -12.73
N HIS L 32 -40.15 9.59 -13.58
CA HIS L 32 -39.73 10.10 -14.88
C HIS L 32 -38.89 11.38 -14.75
N VAL L 33 -38.07 11.46 -13.72
CA VAL L 33 -37.03 12.48 -13.61
C VAL L 33 -35.70 11.80 -13.85
N GLU L 34 -35.03 12.16 -14.94
CA GLU L 34 -33.70 11.63 -15.21
C GLU L 34 -32.70 12.20 -14.22
N THR L 35 -31.76 11.38 -13.76
CA THR L 35 -30.79 11.77 -12.75
C THR L 35 -29.38 11.60 -13.26
N VAL L 36 -28.55 12.61 -13.02
CA VAL L 36 -27.12 12.55 -13.27
C VAL L 36 -26.44 12.67 -11.90
N ILE L 37 -25.65 11.65 -11.54
CA ILE L 37 -24.99 11.59 -10.24
C ILE L 37 -23.51 11.88 -10.45
N ILE L 38 -23.00 12.87 -9.72
CA ILE L 38 -21.64 13.35 -9.86
C ILE L 38 -21.02 13.44 -8.48
N ARG L 39 -19.79 12.96 -8.34
CA ARG L 39 -19.13 12.88 -7.05
C ARG L 39 -18.12 13.99 -6.79
N ASP L 40 -17.94 14.91 -7.72
CA ASP L 40 -16.93 15.96 -7.57
C ASP L 40 -17.48 17.27 -8.08
N PHE L 41 -17.17 18.36 -7.36
CA PHE L 41 -17.72 19.66 -7.74
C PHE L 41 -17.12 20.20 -9.04
N GLU L 42 -15.88 19.83 -9.35
CA GLU L 42 -15.31 20.24 -10.64
C GLU L 42 -15.98 19.51 -11.79
N ASP L 43 -16.28 18.22 -11.61
CA ASP L 43 -17.05 17.49 -12.61
C ASP L 43 -18.45 18.07 -12.77
N GLY L 44 -19.08 18.44 -11.67
CA GLY L 44 -20.39 19.07 -11.75
C GLY L 44 -20.33 20.42 -12.44
N LEU L 45 -19.27 21.17 -12.19
CA LEU L 45 -19.09 22.45 -12.89
C LEU L 45 -18.92 22.24 -14.39
N ALA L 46 -18.13 21.24 -14.78
CA ALA L 46 -17.98 20.93 -16.20
C ALA L 46 -19.31 20.51 -16.81
N TYR L 47 -20.09 19.71 -16.10
CA TYR L 47 -21.40 19.31 -16.58
C TYR L 47 -22.31 20.51 -16.77
N ILE L 48 -22.31 21.43 -15.80
CA ILE L 48 -23.16 22.61 -15.87
C ILE L 48 -22.75 23.50 -17.04
N ARG L 49 -21.44 23.60 -17.31
CA ARG L 49 -21.00 24.46 -18.41
C ARG L 49 -21.29 23.87 -19.78
N SER L 50 -21.74 22.62 -19.86
CA SER L 50 -22.32 22.12 -21.08
C SER L 50 -23.79 22.53 -21.13
N ASN L 51 -24.24 22.98 -22.29
CA ASN L 51 -25.57 23.59 -22.42
C ASN L 51 -26.63 22.49 -22.35
N THR L 52 -26.73 21.88 -21.18
CA THR L 52 -27.71 20.85 -20.87
C THR L 52 -28.73 21.40 -19.89
N SER L 53 -30.01 21.20 -20.18
CA SER L 53 -31.05 21.70 -19.30
C SER L 53 -31.07 20.92 -18.01
N ILE L 54 -31.03 21.63 -16.89
CA ILE L 54 -31.08 21.04 -15.55
C ILE L 54 -32.30 21.61 -14.86
N ASP L 55 -33.18 20.74 -14.40
CA ASP L 55 -34.42 21.18 -13.78
C ASP L 55 -34.34 21.29 -12.26
N CYS L 56 -33.36 20.64 -11.63
CA CYS L 56 -33.20 20.69 -10.19
C CYS L 56 -31.78 20.27 -9.84
N LEU L 57 -31.20 20.96 -8.86
CA LEU L 57 -29.87 20.64 -8.35
C LEU L 57 -30.01 20.16 -6.91
N LEU L 58 -29.53 18.95 -6.64
CA LEU L 58 -29.44 18.42 -5.29
C LEU L 58 -27.97 18.20 -4.97
N TYR L 59 -27.47 18.88 -3.95
CA TYR L 59 -26.05 18.81 -3.64
C TYR L 59 -25.85 18.59 -2.14
N GLY L 60 -24.71 18.01 -1.83
CA GLY L 60 -24.25 17.89 -0.46
C GLY L 60 -22.74 17.90 -0.42
N ARG L 61 -22.19 18.42 0.66
CA ARG L 61 -20.75 18.49 0.85
C ARG L 61 -20.37 17.89 2.21
N ASP L 62 -19.10 18.07 2.56
CA ASP L 62 -18.62 17.60 3.86
C ASP L 62 -19.32 18.32 5.01
N MET L 63 -19.63 19.60 4.83
CA MET L 63 -20.32 20.50 5.75
C MET L 63 -19.41 20.98 6.86
N SER L 64 -18.20 20.46 6.99
CA SER L 64 -17.19 21.00 7.88
C SER L 64 -16.00 21.57 7.12
N ASP L 65 -16.00 21.52 5.80
CA ASP L 65 -14.90 22.00 4.98
C ASP L 65 -15.30 23.32 4.32
N ARG L 66 -14.56 24.39 4.60
CA ARG L 66 -14.86 25.67 3.96
C ARG L 66 -14.52 25.66 2.47
N ASP L 67 -13.52 24.88 2.06
CA ASP L 67 -13.19 24.79 0.64
C ASP L 67 -14.34 24.18 -0.16
N GLU L 68 -14.95 23.12 0.36
CA GLU L 68 -16.11 22.55 -0.31
C GLU L 68 -17.30 23.49 -0.28
N GLN L 69 -17.42 24.30 0.77
CA GLN L 69 -18.47 25.33 0.79
C GLN L 69 -18.27 26.34 -0.33
N ILE L 70 -17.03 26.80 -0.52
CA ILE L 70 -16.73 27.73 -1.60
C ILE L 70 -17.01 27.07 -2.95
N GLN L 71 -16.62 25.81 -3.11
CA GLN L 71 -16.86 25.10 -4.36
C GLN L 71 -18.35 24.96 -4.65
N ALA L 72 -19.14 24.63 -3.62
CA ALA L 72 -20.59 24.49 -3.81
C ALA L 72 -21.23 25.82 -4.18
N HIS L 73 -20.79 26.91 -3.53
CA HIS L 73 -21.32 28.21 -3.88
C HIS L 73 -20.98 28.57 -5.32
N ARG L 74 -19.75 28.25 -5.74
CA ARG L 74 -19.34 28.48 -7.13
C ARG L 74 -20.21 27.67 -8.09
N LEU L 75 -20.49 26.42 -7.75
CA LEU L 75 -21.33 25.58 -8.60
C LEU L 75 -22.72 26.17 -8.76
N ILE L 76 -23.32 26.62 -7.65
CA ILE L 76 -24.67 27.16 -7.72
C ILE L 76 -24.69 28.47 -8.50
N THR L 77 -23.68 29.32 -8.31
CA THR L 77 -23.61 30.57 -9.07
C THR L 77 -23.46 30.29 -10.56
N GLN L 78 -22.60 29.33 -10.92
CA GLN L 78 -22.44 28.96 -12.32
C GLN L 78 -23.75 28.44 -12.90
N LEU L 79 -24.46 27.60 -12.15
CA LEU L 79 -25.75 27.09 -12.62
C LEU L 79 -26.73 28.23 -12.87
N HIS L 80 -26.78 29.20 -11.96
CA HIS L 80 -27.75 30.27 -12.12
C HIS L 80 -27.30 31.35 -13.10
N ARG L 81 -26.07 31.27 -13.62
CA ARG L 81 -25.67 32.19 -14.69
C ARG L 81 -26.63 32.11 -15.88
N ARG L 82 -26.90 30.90 -16.37
CA ARG L 82 -27.77 30.72 -17.52
C ARG L 82 -29.06 29.98 -17.20
N GLN L 83 -29.18 29.37 -16.02
CA GLN L 83 -30.40 28.68 -15.60
C GLN L 83 -30.77 29.28 -14.24
N GLU L 84 -31.45 30.41 -14.28
CA GLU L 84 -31.43 31.34 -13.15
C GLU L 84 -32.22 30.84 -11.94
N ASP L 85 -33.40 30.28 -12.16
CA ASP L 85 -34.30 29.96 -11.06
C ASP L 85 -34.42 28.46 -10.81
N VAL L 86 -33.40 27.69 -11.19
CA VAL L 86 -33.44 26.24 -10.95
C VAL L 86 -33.45 25.98 -9.45
N PRO L 87 -34.36 25.15 -8.94
CA PRO L 87 -34.39 24.86 -7.51
C PRO L 87 -33.11 24.16 -7.06
N VAL L 88 -32.66 24.49 -5.85
CA VAL L 88 -31.48 23.88 -5.26
C VAL L 88 -31.90 23.20 -3.96
N PHE L 89 -31.67 21.89 -3.89
CA PHE L 89 -31.91 21.10 -2.68
C PHE L 89 -30.58 20.81 -2.01
N LEU L 90 -30.52 21.02 -0.70
CA LEU L 90 -29.36 20.65 0.08
C LEU L 90 -29.56 19.26 0.66
N LEU L 91 -28.72 18.32 0.26
CA LEU L 91 -28.71 16.98 0.84
C LEU L 91 -27.70 16.96 1.97
N SER L 92 -28.16 16.65 3.18
CA SER L 92 -27.27 16.72 4.32
C SER L 92 -27.86 15.92 5.48
N ASP L 93 -26.97 15.49 6.37
CA ASP L 93 -27.39 15.08 7.70
C ASP L 93 -27.99 16.29 8.43
N ARG L 94 -29.07 16.05 9.17
CA ARG L 94 -29.87 17.15 9.70
C ARG L 94 -29.06 18.03 10.65
N GLU L 95 -28.32 17.42 11.58
CA GLU L 95 -27.61 18.21 12.59
C GLU L 95 -26.51 19.06 11.96
N GLU L 96 -25.78 18.49 11.01
CA GLU L 96 -24.71 19.23 10.35
C GLU L 96 -25.27 20.44 9.59
N ALA L 97 -26.39 20.25 8.90
CA ALA L 97 -27.00 21.37 8.18
C ALA L 97 -27.54 22.42 9.15
N LEU L 98 -28.13 21.98 10.27
CA LEU L 98 -28.72 22.92 11.21
C LEU L 98 -27.65 23.76 11.90
N VAL L 99 -26.49 23.18 12.21
CA VAL L 99 -25.46 24.00 12.83
C VAL L 99 -24.83 24.98 11.84
N ALA L 100 -24.89 24.69 10.54
CA ALA L 100 -24.38 25.58 9.52
C ALA L 100 -25.43 26.55 8.98
N PHE L 101 -26.64 26.51 9.52
CA PHE L 101 -27.74 27.32 9.00
C PHE L 101 -27.50 28.80 9.29
N ASP L 102 -27.67 29.63 8.25
CA ASP L 102 -27.59 31.08 8.39
C ASP L 102 -28.23 31.72 7.17
N ARG L 103 -28.17 33.05 7.12
CA ARG L 103 -28.74 33.79 5.99
C ARG L 103 -28.01 33.45 4.70
N ASN L 104 -26.70 33.33 4.75
CA ASN L 104 -25.92 33.05 3.55
C ASN L 104 -26.26 31.68 2.97
N MET L 105 -26.51 30.69 3.82
CA MET L 105 -26.98 29.40 3.33
C MET L 105 -28.31 29.52 2.63
N MET L 106 -29.27 30.21 3.24
CA MET L 106 -30.59 30.34 2.64
C MET L 106 -30.60 31.20 1.39
N GLU L 107 -29.57 32.01 1.17
CA GLU L 107 -29.49 32.78 -0.07
C GLU L 107 -29.36 31.87 -1.28
N GLN L 108 -28.79 30.67 -1.13
CA GLN L 108 -28.58 29.78 -2.25
C GLN L 108 -29.32 28.46 -2.16
N VAL L 109 -29.91 28.12 -1.01
CA VAL L 109 -30.62 26.86 -0.82
C VAL L 109 -32.11 27.14 -0.81
N ASP L 110 -32.86 26.42 -1.63
CA ASP L 110 -34.31 26.54 -1.64
C ASP L 110 -34.99 25.54 -0.72
N GLU L 111 -34.49 24.32 -0.63
CA GLU L 111 -35.11 23.30 0.19
C GLU L 111 -34.08 22.40 0.84
N PHE L 112 -34.50 21.77 1.94
CA PHE L 112 -33.70 20.82 2.68
C PHE L 112 -34.15 19.40 2.37
N ALA L 113 -33.20 18.49 2.25
CA ALA L 113 -33.50 17.08 2.05
C ALA L 113 -32.64 16.29 3.05
N TRP L 114 -33.25 15.88 4.16
CA TRP L 114 -32.55 15.08 5.16
C TRP L 114 -32.43 13.67 4.61
N ILE L 115 -31.42 13.46 3.78
CA ILE L 115 -31.29 12.24 2.98
C ILE L 115 -31.13 10.99 3.84
N LEU L 116 -30.62 11.11 5.06
CA LEU L 116 -30.34 9.95 5.89
C LEU L 116 -31.45 9.58 6.85
N GLU L 117 -32.51 10.39 6.97
CA GLU L 117 -33.59 10.09 7.88
C GLU L 117 -34.97 10.31 7.25
N ASP L 118 -35.04 10.50 5.94
CA ASP L 118 -36.28 10.74 5.25
C ASP L 118 -36.48 9.70 4.16
N SER L 119 -37.72 9.36 3.89
CA SER L 119 -38.03 8.46 2.80
C SER L 119 -37.67 9.10 1.46
N ALA L 120 -37.10 8.29 0.57
CA ALA L 120 -36.76 8.79 -0.75
C ALA L 120 -38.01 9.21 -1.53
N ASP L 121 -39.15 8.60 -1.23
CA ASP L 121 -40.39 8.96 -1.93
C ASP L 121 -40.82 10.38 -1.60
N PHE L 122 -40.72 10.78 -0.33
CA PHE L 122 -41.11 12.13 0.06
C PHE L 122 -40.22 13.18 -0.62
N ILE L 123 -38.90 12.93 -0.60
CA ILE L 123 -37.97 13.86 -1.23
C ILE L 123 -38.21 13.91 -2.73
N ALA L 124 -38.45 12.76 -3.35
CA ALA L 124 -38.72 12.73 -4.78
C ALA L 124 -39.98 13.51 -5.14
N GLY L 125 -41.03 13.38 -4.32
CA GLY L 125 -42.24 14.15 -4.56
C GLY L 125 -41.99 15.64 -4.45
N ARG L 126 -41.24 16.06 -3.43
CA ARG L 126 -40.93 17.48 -3.29
C ARG L 126 -40.09 17.98 -4.46
N VAL L 127 -39.14 17.16 -4.92
CA VAL L 127 -38.32 17.54 -6.06
C VAL L 127 -39.18 17.70 -7.31
N LEU L 128 -40.12 16.79 -7.52
CA LEU L 128 -41.00 16.88 -8.68
C LEU L 128 -41.87 18.14 -8.62
N ALA L 129 -42.39 18.46 -7.43
CA ALA L 129 -43.18 19.68 -7.29
C ALA L 129 -42.33 20.91 -7.59
N ALA L 130 -41.10 20.95 -7.10
CA ALA L 130 -40.21 22.07 -7.37
C ALA L 130 -39.91 22.19 -8.87
N ILE L 131 -39.67 21.05 -9.53
CA ILE L 131 -39.39 21.06 -10.96
C ILE L 131 -40.58 21.60 -11.74
N GLN L 132 -41.79 21.17 -11.37
CA GLN L 132 -42.98 21.66 -12.06
C GLN L 132 -43.16 23.16 -11.86
N ARG L 133 -42.94 23.63 -10.62
CA ARG L 133 -43.01 25.06 -10.37
C ARG L 133 -42.01 25.82 -11.23
N TYR L 134 -40.78 25.31 -11.33
CA TYR L 134 -39.77 25.98 -12.14
C TYR L 134 -40.15 25.99 -13.61
N ARG L 135 -40.63 24.86 -14.14
CA ARG L 135 -40.98 24.78 -15.54
C ARG L 135 -42.17 25.67 -15.89
N SER L 136 -43.09 25.89 -14.96
CA SER L 136 -44.27 26.68 -15.26
C SER L 136 -43.96 28.17 -15.43
N GLN L 137 -42.81 28.64 -14.95
CA GLN L 137 -42.45 30.04 -15.09
C GLN L 137 -41.36 30.28 -16.12
N LEU L 138 -40.97 29.25 -16.87
CA LEU L 138 -39.78 29.36 -17.71
C LEU L 138 -40.03 30.15 -18.99
N LEU L 139 -41.21 30.05 -19.58
CA LEU L 139 -41.28 30.66 -20.90
C LEU L 139 -41.80 32.09 -20.84
N PRO L 140 -41.39 32.93 -21.77
CA PRO L 140 -41.94 34.29 -21.87
C PRO L 140 -43.38 34.24 -22.36
N PRO L 141 -44.15 35.33 -22.19
CA PRO L 141 -45.61 35.20 -22.34
C PRO L 141 -46.09 34.84 -23.73
N LEU L 142 -45.61 35.53 -24.77
CA LEU L 142 -46.09 35.26 -26.12
C LEU L 142 -45.77 33.83 -26.54
N MET L 143 -44.54 33.38 -26.27
CA MET L 143 -44.15 32.03 -26.67
C MET L 143 -44.98 31.00 -25.94
N LYS L 144 -45.24 31.24 -24.65
CA LYS L 144 -46.06 30.33 -23.86
C LYS L 144 -47.47 30.23 -24.41
N SER L 145 -48.09 31.37 -24.74
CA SER L 145 -49.46 31.35 -25.25
C SER L 145 -49.51 30.70 -26.63
N LEU L 146 -48.50 30.95 -27.48
CA LEU L 146 -48.46 30.31 -28.79
C LEU L 146 -48.33 28.80 -28.67
N ILE L 147 -47.46 28.32 -27.77
CA ILE L 147 -47.32 26.88 -27.59
C ILE L 147 -48.62 26.29 -27.07
N LYS L 148 -49.27 26.98 -26.12
CA LYS L 148 -50.53 26.48 -25.59
C LYS L 148 -51.60 26.39 -26.67
N TYR L 149 -51.67 27.38 -27.55
CA TYR L 149 -52.68 27.37 -28.59
C TYR L 149 -52.36 26.36 -29.70
N SER L 150 -51.08 26.04 -29.89
CA SER L 150 -50.68 25.18 -31.00
C SER L 150 -51.32 23.80 -30.96
N ASP L 151 -51.79 23.34 -29.79
CA ASP L 151 -52.43 22.02 -29.75
C ASP L 151 -53.79 22.01 -30.44
N VAL L 152 -54.41 23.16 -30.67
CA VAL L 152 -55.69 23.20 -31.36
C VAL L 152 -55.49 22.82 -32.82
N HIS L 153 -56.33 21.90 -33.31
CA HIS L 153 -56.22 21.43 -34.69
C HIS L 153 -57.49 21.58 -35.50
N GLU L 154 -58.51 22.22 -34.96
CA GLU L 154 -59.79 22.32 -35.65
C GLU L 154 -59.71 23.28 -36.82
N TYR L 155 -60.46 22.96 -37.88
CA TYR L 155 -60.56 23.82 -39.04
C TYR L 155 -61.33 25.09 -38.66
N SER L 156 -60.61 26.19 -38.50
CA SER L 156 -61.27 27.48 -38.50
C SER L 156 -61.74 27.78 -39.92
N TRP L 157 -62.78 28.59 -40.01
CA TRP L 157 -63.36 28.95 -41.31
C TRP L 157 -62.86 30.30 -41.79
N ALA L 158 -61.59 30.60 -41.51
CA ALA L 158 -60.99 31.88 -41.83
C ALA L 158 -59.54 31.66 -42.29
N ALA L 159 -58.91 32.73 -42.73
CA ALA L 159 -57.52 32.68 -43.18
C ALA L 159 -56.59 32.51 -41.98
N PRO L 160 -55.36 32.01 -42.20
CA PRO L 160 -54.72 31.60 -43.46
C PRO L 160 -55.31 30.32 -44.04
N GLY L 161 -55.24 30.21 -45.37
CA GLY L 161 -55.88 29.12 -46.07
C GLY L 161 -55.26 27.76 -45.82
N HIS L 162 -53.97 27.70 -45.49
CA HIS L 162 -53.33 26.41 -45.30
C HIS L 162 -53.83 25.69 -44.06
N GLN L 163 -54.44 26.41 -43.11
CA GLN L 163 -55.12 25.83 -41.96
C GLN L 163 -54.20 24.94 -41.14
N GLY L 164 -53.16 25.56 -40.57
CA GLY L 164 -52.21 24.82 -39.77
C GLY L 164 -51.36 23.84 -40.53
N GLY L 165 -51.12 24.11 -41.81
CA GLY L 165 -50.28 23.26 -42.63
C GLY L 165 -50.99 22.13 -43.35
N VAL L 166 -52.28 21.94 -43.11
CA VAL L 166 -53.02 20.87 -43.77
C VAL L 166 -53.02 21.07 -45.28
N GLY L 167 -53.13 22.31 -45.73
CA GLY L 167 -53.19 22.59 -47.15
C GLY L 167 -51.96 22.14 -47.91
N PHE L 168 -50.79 22.21 -47.29
CA PHE L 168 -49.57 21.79 -47.96
C PHE L 168 -49.54 20.28 -48.23
N THR L 169 -50.17 19.49 -47.37
CA THR L 169 -50.08 18.04 -47.50
C THR L 169 -51.10 17.49 -48.48
N LYS L 170 -51.18 18.08 -49.67
CA LYS L 170 -52.09 17.61 -50.70
C LYS L 170 -51.42 17.37 -52.04
N THR L 171 -50.21 17.86 -52.26
CA THR L 171 -49.35 17.50 -53.37
C THR L 171 -48.06 16.91 -52.80
N PRO L 172 -47.36 16.09 -53.58
CA PRO L 172 -46.09 15.54 -53.08
C PRO L 172 -45.05 16.59 -52.74
N ALA L 173 -44.92 17.64 -53.56
CA ALA L 173 -43.97 18.70 -53.24
C ALA L 173 -44.37 19.44 -51.98
N GLY L 174 -45.67 19.71 -51.82
CA GLY L 174 -46.15 20.28 -50.59
C GLY L 174 -45.89 19.42 -49.38
N ARG L 175 -45.99 18.09 -49.53
CA ARG L 175 -45.70 17.20 -48.42
C ARG L 175 -44.22 17.22 -48.06
N ILE L 176 -43.34 17.27 -49.06
CA ILE L 176 -41.92 17.39 -48.77
C ILE L 176 -41.62 18.70 -48.05
N TYR L 177 -42.21 19.80 -48.52
CA TYR L 177 -42.01 21.10 -47.88
C TYR L 177 -42.52 21.09 -46.45
N HIS L 178 -43.70 20.51 -46.23
CA HIS L 178 -44.31 20.45 -44.91
C HIS L 178 -43.47 19.62 -43.95
N ASP L 179 -42.95 18.48 -44.42
CA ASP L 179 -42.10 17.66 -43.57
C ASP L 179 -40.77 18.36 -43.28
N PHE L 180 -40.23 19.10 -44.25
CA PHE L 180 -38.99 19.81 -44.01
C PHE L 180 -39.15 20.87 -42.93
N PHE L 181 -40.18 21.72 -43.06
CA PHE L 181 -40.29 22.82 -42.11
C PHE L 181 -40.97 22.43 -40.80
N GLY L 182 -41.66 21.31 -40.75
CA GLY L 182 -42.25 20.83 -39.52
C GLY L 182 -43.63 21.42 -39.26
N GLU L 183 -44.40 20.71 -38.43
CA GLU L 183 -45.81 21.03 -38.24
C GLU L 183 -46.00 22.28 -37.37
N ASN L 184 -45.15 22.45 -36.35
CA ASN L 184 -45.38 23.51 -35.37
C ASN L 184 -45.26 24.90 -35.97
N LEU L 185 -44.41 25.08 -36.99
CA LEU L 185 -44.32 26.38 -37.64
C LEU L 185 -45.66 26.76 -38.27
N PHE L 186 -46.31 25.82 -38.94
CA PHE L 186 -47.58 26.13 -39.59
C PHE L 186 -48.71 26.22 -38.58
N ARG L 187 -48.62 25.50 -37.46
CA ARG L 187 -49.71 25.57 -36.50
C ARG L 187 -49.67 26.85 -35.66
N THR L 188 -48.57 27.60 -35.69
CA THR L 188 -48.54 28.91 -35.05
C THR L 188 -48.95 30.03 -35.98
N ASP L 189 -49.04 29.77 -37.29
CA ASP L 189 -49.48 30.76 -38.25
C ASP L 189 -51.01 30.78 -38.22
N ILE L 190 -51.55 31.54 -37.26
CA ILE L 190 -52.96 31.41 -36.89
C ILE L 190 -53.78 32.63 -37.28
N GLY L 191 -53.17 33.71 -37.71
CA GLY L 191 -53.92 34.92 -38.00
C GLY L 191 -54.10 35.78 -36.77
N ILE L 192 -54.64 36.98 -36.98
CA ILE L 192 -54.76 37.97 -35.94
C ILE L 192 -56.15 37.97 -35.31
N GLU L 193 -56.95 36.93 -35.54
CA GLU L 193 -58.34 36.88 -35.08
C GLU L 193 -58.57 35.83 -34.00
N ARG L 194 -57.51 35.37 -33.35
CA ARG L 194 -57.64 34.41 -32.26
C ARG L 194 -57.40 35.13 -30.94
N VAL L 195 -58.49 35.39 -30.21
CA VAL L 195 -58.42 36.20 -29.00
C VAL L 195 -57.67 35.54 -27.86
N ALA L 196 -57.45 34.22 -27.94
CA ALA L 196 -56.67 33.55 -26.91
C ALA L 196 -55.25 34.10 -26.85
N VAL L 197 -54.67 34.43 -28.00
CA VAL L 197 -53.32 34.97 -28.07
C VAL L 197 -53.31 36.49 -28.08
N GLY L 198 -54.22 37.10 -28.81
CA GLY L 198 -54.23 38.53 -29.00
C GLY L 198 -53.84 38.90 -30.41
N SER L 199 -53.61 40.20 -30.61
CA SER L 199 -53.22 40.71 -31.92
C SER L 199 -52.01 41.62 -31.77
N LEU L 200 -51.07 41.49 -32.71
CA LEU L 200 -49.84 42.28 -32.65
C LEU L 200 -50.13 43.76 -32.93
N LEU L 201 -50.94 44.05 -33.95
CA LEU L 201 -51.16 45.44 -34.34
C LEU L 201 -51.98 46.20 -33.30
N ASP L 202 -52.82 45.50 -32.55
CA ASP L 202 -53.57 46.14 -31.48
C ASP L 202 -52.81 46.16 -30.16
N HIS L 203 -51.67 45.47 -30.08
CA HIS L 203 -50.86 45.39 -28.85
C HIS L 203 -51.68 44.88 -27.68
N THR L 204 -52.50 43.87 -27.92
CA THR L 204 -53.37 43.30 -26.90
C THR L 204 -52.97 41.87 -26.60
N GLY L 205 -53.39 41.41 -25.42
CA GLY L 205 -53.15 40.04 -25.03
C GLY L 205 -51.67 39.76 -24.80
N ALA L 206 -51.25 38.57 -25.23
CA ALA L 206 -49.87 38.17 -25.08
C ALA L 206 -48.90 39.09 -25.81
N PHE L 207 -49.35 39.74 -26.88
CA PHE L 207 -48.48 40.69 -27.57
C PHE L 207 -48.23 41.93 -26.72
N GLY L 208 -49.27 42.44 -26.06
CA GLY L 208 -49.06 43.53 -25.12
C GLY L 208 -48.17 43.13 -23.97
N GLU L 209 -48.37 41.91 -23.44
CA GLU L 209 -47.49 41.42 -22.38
C GLU L 209 -46.04 41.36 -22.85
N CYS L 210 -45.81 40.82 -24.05
CA CYS L 210 -44.46 40.68 -24.57
C CYS L 210 -43.81 42.03 -24.80
N GLU L 211 -44.56 43.01 -25.30
CA GLU L 211 -43.98 44.33 -25.52
C GLU L 211 -43.65 45.02 -24.20
N LYS L 212 -44.51 44.86 -23.18
CA LYS L 212 -44.18 45.41 -21.86
C LYS L 212 -42.94 44.74 -21.28
N ASN L 213 -42.84 43.42 -21.44
CA ASN L 213 -41.67 42.70 -20.96
C ASN L 213 -40.40 43.17 -21.67
N ALA L 214 -40.47 43.37 -22.99
CA ALA L 214 -39.32 43.84 -23.73
C ALA L 214 -38.93 45.26 -23.34
N ALA L 215 -39.92 46.13 -23.11
CA ALA L 215 -39.62 47.47 -22.67
C ALA L 215 -38.92 47.46 -21.31
N ARG L 216 -39.35 46.59 -20.40
CA ARG L 216 -38.66 46.45 -19.13
C ARG L 216 -37.23 45.94 -19.32
N ILE L 217 -37.05 44.91 -20.15
CA ILE L 217 -35.74 44.28 -20.30
C ILE L 217 -34.75 45.24 -20.95
N PHE L 218 -35.20 46.00 -21.95
CA PHE L 218 -34.31 46.89 -22.68
C PHE L 218 -34.29 48.30 -22.12
N GLY L 219 -34.98 48.56 -21.02
CA GLY L 219 -34.95 49.86 -20.38
C GLY L 219 -35.60 50.99 -21.16
N ALA L 220 -36.73 50.72 -21.80
CA ALA L 220 -37.48 51.72 -22.54
C ALA L 220 -38.81 52.00 -21.84
N ASP L 221 -39.37 53.17 -22.13
CA ASP L 221 -40.73 53.45 -21.68
C ASP L 221 -41.75 52.60 -22.44
N GLN L 222 -41.62 52.54 -23.76
CA GLN L 222 -42.50 51.72 -24.59
C GLN L 222 -41.66 50.98 -25.61
N SER L 223 -42.09 49.77 -25.95
CA SER L 223 -41.44 48.97 -26.97
C SER L 223 -42.47 48.49 -27.98
N TYR L 224 -42.05 48.40 -29.24
CA TYR L 224 -42.89 47.91 -30.32
C TYR L 224 -42.16 46.80 -31.04
N SER L 225 -42.82 45.67 -31.21
CA SER L 225 -42.30 44.56 -31.99
C SER L 225 -42.62 44.78 -33.46
N VAL L 226 -41.63 44.56 -34.31
CA VAL L 226 -41.74 44.85 -35.74
C VAL L 226 -41.39 43.58 -36.51
N VAL L 227 -42.14 43.30 -37.57
CA VAL L 227 -41.91 42.12 -38.40
C VAL L 227 -41.40 42.48 -39.78
N VAL L 228 -41.01 43.74 -39.99
CA VAL L 228 -40.43 44.18 -41.24
C VAL L 228 -38.98 44.64 -41.05
N GLY L 229 -38.35 44.19 -39.98
CA GLY L 229 -36.96 44.51 -39.73
C GLY L 229 -36.74 45.94 -39.29
N THR L 230 -35.46 46.26 -39.12
CA THR L 230 -35.09 47.62 -38.76
C THR L 230 -35.33 48.59 -39.89
N SER L 231 -35.38 48.13 -41.14
CA SER L 231 -35.83 49.00 -42.23
C SER L 231 -37.23 49.53 -41.94
N GLY L 232 -38.15 48.62 -41.62
CA GLY L 232 -39.49 49.03 -41.25
C GLY L 232 -39.53 49.90 -40.00
N SER L 233 -38.74 49.53 -38.99
CA SER L 233 -38.71 50.31 -37.75
C SER L 233 -38.23 51.74 -38.00
N ASN L 234 -37.16 51.90 -38.78
CA ASN L 234 -36.67 53.22 -39.12
C ASN L 234 -37.71 54.00 -39.89
N ARG L 235 -38.40 53.35 -40.83
CA ARG L 235 -39.43 54.03 -41.60
C ARG L 235 -40.54 54.54 -40.69
N THR L 236 -41.02 53.72 -39.76
CA THR L 236 -42.13 54.19 -38.92
C THR L 236 -41.68 55.29 -37.97
N ILE L 237 -40.47 55.21 -37.42
CA ILE L 237 -40.00 56.29 -36.56
C ILE L 237 -39.90 57.60 -37.34
N MET L 238 -39.31 57.54 -38.53
CA MET L 238 -39.16 58.76 -39.31
C MET L 238 -40.51 59.30 -39.77
N GLN L 239 -41.46 58.42 -40.08
CA GLN L 239 -42.80 58.87 -40.45
C GLN L 239 -43.51 59.53 -39.28
N ALA L 240 -43.31 59.02 -38.07
CA ALA L 240 -43.92 59.63 -36.90
C ALA L 240 -43.25 60.94 -36.51
N CYS L 241 -42.00 61.16 -36.92
CA CYS L 241 -41.28 62.32 -36.40
C CYS L 241 -41.32 63.55 -37.31
N MET L 242 -41.13 63.40 -38.62
CA MET L 242 -40.91 64.56 -39.46
C MET L 242 -41.99 64.68 -40.53
N THR L 243 -41.98 65.83 -41.20
CA THR L 243 -42.91 66.19 -42.24
C THR L 243 -42.15 66.96 -43.30
N ASP L 244 -42.77 67.15 -44.47
CA ASP L 244 -42.06 67.81 -45.56
C ASP L 244 -41.72 69.26 -45.27
N ASP L 245 -42.30 69.85 -44.22
CA ASP L 245 -41.96 71.20 -43.78
C ASP L 245 -40.92 71.21 -42.67
N ASP L 246 -40.08 70.18 -42.60
CA ASP L 246 -39.16 70.01 -41.48
C ASP L 246 -37.72 69.88 -41.99
N VAL L 247 -36.79 70.27 -41.14
CA VAL L 247 -35.37 70.06 -41.36
C VAL L 247 -34.88 69.01 -40.37
N VAL L 248 -34.06 68.09 -40.84
CA VAL L 248 -33.59 66.99 -40.02
C VAL L 248 -32.07 66.86 -40.12
N VAL L 249 -31.47 66.32 -39.07
CA VAL L 249 -30.02 66.18 -38.95
C VAL L 249 -29.69 64.71 -39.10
N ILE L 250 -29.00 64.36 -40.18
CA ILE L 250 -28.79 62.97 -40.55
C ILE L 250 -27.32 62.62 -40.46
N ASP L 251 -27.01 61.57 -39.73
CA ASP L 251 -25.70 60.94 -39.80
C ASP L 251 -25.42 60.51 -41.23
N ARG L 252 -24.31 60.99 -41.80
CA ARG L 252 -23.96 60.57 -43.15
C ARG L 252 -23.68 59.08 -43.22
N ASN L 253 -23.26 58.47 -42.12
CA ASN L 253 -23.19 57.02 -41.99
C ASN L 253 -24.59 56.52 -41.64
N CYS L 254 -25.45 56.49 -42.65
CA CYS L 254 -26.84 56.08 -42.46
C CYS L 254 -27.16 54.89 -43.34
N HIS L 255 -28.02 54.01 -42.81
CA HIS L 255 -28.55 52.91 -43.59
C HIS L 255 -29.50 53.45 -44.67
N LYS L 256 -29.67 52.65 -45.73
CA LYS L 256 -30.53 53.08 -46.83
C LYS L 256 -31.99 53.23 -46.40
N SER L 257 -32.40 52.59 -45.31
CA SER L 257 -33.75 52.80 -44.79
C SER L 257 -33.93 54.23 -44.29
N ILE L 258 -32.86 54.89 -43.85
CA ILE L 258 -32.95 56.28 -43.46
C ILE L 258 -33.26 57.16 -44.67
N GLU L 259 -32.58 56.92 -45.79
CA GLU L 259 -32.91 57.66 -47.00
C GLU L 259 -34.31 57.33 -47.51
N GLN L 260 -34.74 56.08 -47.32
CA GLN L 260 -36.12 55.74 -47.67
C GLN L 260 -37.11 56.53 -46.82
N GLY L 261 -36.82 56.67 -45.53
CA GLY L 261 -37.67 57.50 -44.69
C GLY L 261 -37.67 58.96 -45.13
N LEU L 262 -36.52 59.46 -45.56
CA LEU L 262 -36.45 60.82 -46.08
C LEU L 262 -37.33 60.97 -47.32
N ILE L 263 -37.28 59.98 -48.21
CA ILE L 263 -38.13 60.01 -49.41
C ILE L 263 -39.60 59.99 -49.03
N LEU L 264 -39.97 59.13 -48.07
CA LEU L 264 -41.36 58.97 -47.71
C LEU L 264 -41.91 60.13 -46.88
N THR L 265 -41.05 60.91 -46.21
CA THR L 265 -41.54 62.04 -45.43
C THR L 265 -41.38 63.38 -46.14
N GLY L 266 -40.43 63.48 -47.07
CA GLY L 266 -40.18 64.75 -47.74
C GLY L 266 -39.41 65.76 -46.94
N ALA L 267 -38.78 65.36 -45.83
CA ALA L 267 -38.03 66.30 -45.01
C ALA L 267 -36.75 66.74 -45.71
N LYS L 268 -36.20 67.86 -45.24
CA LYS L 268 -34.99 68.43 -45.82
C LYS L 268 -33.81 68.08 -44.94
N PRO L 269 -32.86 67.27 -45.41
CA PRO L 269 -31.79 66.79 -44.54
C PRO L 269 -30.55 67.67 -44.51
N VAL L 270 -29.95 67.73 -43.33
CA VAL L 270 -28.63 68.29 -43.11
C VAL L 270 -27.76 67.19 -42.52
N TYR L 271 -26.50 67.13 -42.92
CA TYR L 271 -25.66 65.97 -42.67
C TYR L 271 -24.50 66.29 -41.74
N MET L 272 -24.23 65.37 -40.80
CA MET L 272 -23.00 65.37 -40.04
C MET L 272 -22.04 64.35 -40.64
N ILE L 273 -20.83 64.80 -40.95
CA ILE L 273 -19.87 63.99 -41.69
C ILE L 273 -19.02 63.20 -40.69
N PRO L 274 -18.97 61.89 -40.79
CA PRO L 274 -18.11 61.10 -39.90
C PRO L 274 -16.65 61.18 -40.34
N SER L 275 -15.79 60.73 -39.44
CA SER L 275 -14.35 60.72 -39.68
C SER L 275 -13.92 59.42 -40.35
N ARG L 276 -12.72 59.43 -40.90
CA ARG L 276 -12.15 58.29 -41.59
C ARG L 276 -10.70 58.10 -41.14
N ASN L 277 -10.20 56.89 -41.27
CA ASN L 277 -8.81 56.59 -40.96
C ASN L 277 -8.09 56.09 -42.21
N ARG L 278 -6.80 55.79 -42.06
CA ARG L 278 -5.97 55.42 -43.20
C ARG L 278 -6.36 54.11 -43.84
N TYR L 279 -7.08 53.25 -43.12
CA TYR L 279 -7.53 51.97 -43.66
C TYR L 279 -8.85 52.07 -44.41
N GLY L 280 -9.42 53.26 -44.51
CA GLY L 280 -10.73 53.41 -45.11
C GLY L 280 -11.89 53.07 -44.19
N ILE L 281 -11.62 52.87 -42.90
CA ILE L 281 -12.67 52.58 -41.94
C ILE L 281 -13.37 53.88 -41.55
N ILE L 282 -14.70 53.90 -41.71
CA ILE L 282 -15.48 55.05 -41.29
C ILE L 282 -15.51 55.11 -39.77
N GLY L 283 -15.22 56.28 -39.23
CA GLY L 283 -15.19 56.47 -37.80
C GLY L 283 -16.36 57.27 -37.29
N PRO L 284 -16.28 57.71 -36.04
CA PRO L 284 -17.39 58.45 -35.43
C PRO L 284 -17.46 59.88 -35.95
N ILE L 285 -18.66 60.44 -35.83
CA ILE L 285 -18.84 61.89 -35.99
C ILE L 285 -18.19 62.58 -34.80
N TYR L 286 -17.37 63.59 -35.08
CA TYR L 286 -16.71 64.32 -34.01
C TYR L 286 -17.67 65.27 -33.33
N PRO L 287 -17.42 65.61 -32.07
CA PRO L 287 -18.30 66.55 -31.36
C PRO L 287 -18.43 67.90 -32.03
N LYS L 288 -17.44 68.32 -32.82
CA LYS L 288 -17.50 69.59 -33.51
C LYS L 288 -18.60 69.65 -34.56
N GLU L 289 -19.18 68.51 -34.93
CA GLU L 289 -20.28 68.48 -35.89
C GLU L 289 -21.65 68.46 -35.24
N MET L 290 -21.74 68.21 -33.94
CA MET L 290 -23.01 68.13 -33.24
C MET L 290 -23.32 69.36 -32.40
N THR L 291 -22.40 70.31 -32.30
CA THR L 291 -22.66 71.49 -31.49
C THR L 291 -23.79 72.31 -32.10
N PRO L 292 -24.55 73.03 -31.26
CA PRO L 292 -25.65 73.85 -31.80
C PRO L 292 -25.20 74.84 -32.86
N ASP L 293 -24.01 75.42 -32.70
CA ASP L 293 -23.50 76.34 -33.71
C ASP L 293 -23.19 75.62 -35.02
N ALA L 294 -22.65 74.41 -34.94
CA ALA L 294 -22.38 73.64 -36.15
C ALA L 294 -23.68 73.30 -36.88
N ILE L 295 -24.71 72.92 -36.14
CA ILE L 295 -25.98 72.58 -36.77
C ILE L 295 -26.64 73.81 -37.37
N LYS L 296 -26.57 74.95 -36.68
CA LYS L 296 -27.10 76.19 -37.25
C LYS L 296 -26.35 76.58 -38.51
N PHE L 297 -25.03 76.41 -38.51
CA PHE L 297 -24.24 76.72 -39.70
C PHE L 297 -24.61 75.81 -40.85
N LYS L 298 -24.79 74.51 -40.58
CA LYS L 298 -25.19 73.58 -41.62
C LYS L 298 -26.55 73.94 -42.20
N ILE L 299 -27.50 74.31 -41.33
CA ILE L 299 -28.82 74.70 -41.79
C ILE L 299 -28.75 75.95 -42.64
N ALA L 300 -27.97 76.95 -42.20
CA ALA L 300 -27.86 78.19 -42.95
C ALA L 300 -27.13 78.01 -44.27
N ALA L 301 -26.26 77.01 -44.40
CA ALA L 301 -25.51 76.82 -45.62
C ALA L 301 -26.21 75.90 -46.63
N ASN L 302 -27.20 75.14 -46.20
CA ASN L 302 -27.85 74.19 -47.11
C ASN L 302 -28.75 74.94 -48.09
N PRO L 303 -28.68 74.62 -49.39
CA PRO L 303 -29.52 75.32 -50.36
C PRO L 303 -31.01 75.16 -50.11
N LEU L 304 -31.45 74.02 -49.57
CA LEU L 304 -32.87 73.78 -49.37
C LEU L 304 -33.36 74.28 -48.01
N THR L 305 -32.52 74.29 -46.99
CA THR L 305 -32.94 74.62 -45.64
C THR L 305 -32.61 76.05 -45.23
N LYS L 306 -32.01 76.86 -46.12
CA LYS L 306 -31.58 78.19 -45.72
C LYS L 306 -32.74 79.14 -45.47
N GLY L 307 -33.97 78.74 -45.78
CA GLY L 307 -35.13 79.52 -45.43
C GLY L 307 -35.81 79.00 -44.17
N LYS L 308 -35.10 78.17 -43.41
CA LYS L 308 -35.64 77.55 -42.20
C LYS L 308 -34.69 77.71 -41.02
N VAL L 309 -33.79 78.70 -41.08
CA VAL L 309 -32.77 78.86 -40.06
C VAL L 309 -33.33 79.17 -38.69
N LYS L 310 -34.58 79.61 -38.60
CA LYS L 310 -35.22 79.88 -37.33
C LYS L 310 -36.05 78.71 -36.83
N GLN L 311 -36.06 77.60 -37.56
CA GLN L 311 -36.90 76.45 -37.24
C GLN L 311 -36.08 75.40 -36.51
N LYS L 312 -36.63 74.89 -35.42
CA LYS L 312 -35.96 73.84 -34.67
C LYS L 312 -36.02 72.53 -35.43
N PRO L 313 -34.90 71.83 -35.60
CA PRO L 313 -34.94 70.55 -36.32
C PRO L 313 -35.80 69.54 -35.59
N ALA L 314 -36.53 68.74 -36.38
CA ALA L 314 -37.53 67.84 -35.82
C ALA L 314 -37.00 66.46 -35.47
N TYR L 315 -35.79 66.12 -35.91
CA TYR L 315 -35.33 64.75 -35.80
C TYR L 315 -33.84 64.69 -36.12
N SER L 316 -33.14 63.80 -35.41
CA SER L 316 -31.77 63.48 -35.71
C SER L 316 -31.57 61.98 -35.56
N VAL L 317 -30.67 61.43 -36.36
CA VAL L 317 -30.35 60.02 -36.32
C VAL L 317 -28.83 59.85 -36.28
N VAL L 318 -28.37 58.99 -35.40
CA VAL L 318 -26.96 58.61 -35.31
C VAL L 318 -26.88 57.10 -35.30
N THR L 319 -26.03 56.55 -36.15
CA THR L 319 -25.79 55.11 -36.17
C THR L 319 -24.77 54.75 -35.10
N ASN L 320 -25.16 53.89 -34.17
CA ASN L 320 -24.31 53.51 -33.05
C ASN L 320 -24.67 52.10 -32.61
N CYS L 321 -23.74 51.17 -32.71
CA CYS L 321 -22.38 51.42 -33.18
C CYS L 321 -22.29 51.40 -34.69
N THR L 322 -21.13 51.77 -35.23
CA THR L 322 -20.92 51.78 -36.67
C THR L 322 -20.69 50.35 -37.17
N TYR L 323 -20.54 50.22 -38.49
CA TYR L 323 -20.37 48.91 -39.09
C TYR L 323 -19.07 48.23 -38.65
N ASP L 324 -18.05 49.02 -38.33
CA ASP L 324 -16.76 48.49 -37.91
C ASP L 324 -16.58 48.48 -36.40
N GLY L 325 -17.66 48.62 -35.65
CA GLY L 325 -17.59 48.46 -34.21
C GLY L 325 -17.13 49.67 -33.44
N VAL L 326 -17.29 50.87 -33.98
CA VAL L 326 -16.98 52.09 -33.25
C VAL L 326 -18.25 52.54 -32.52
N CYS L 327 -18.17 52.60 -31.19
CA CYS L 327 -19.31 52.93 -30.35
C CYS L 327 -19.16 54.35 -29.80
N TYR L 328 -20.17 55.18 -30.00
CA TYR L 328 -20.18 56.51 -29.42
C TYR L 328 -20.43 56.46 -27.92
N ASN L 329 -19.90 57.44 -27.21
CA ASN L 329 -20.37 57.73 -25.86
C ASN L 329 -21.74 58.38 -26.01
N ALA L 330 -22.80 57.58 -25.85
CA ALA L 330 -24.15 58.06 -26.15
C ALA L 330 -24.60 59.13 -25.17
N ARG L 331 -24.12 59.08 -23.93
CA ARG L 331 -24.45 60.14 -22.99
C ARG L 331 -23.94 61.49 -23.48
N LYS L 332 -22.70 61.53 -23.98
CA LYS L 332 -22.14 62.77 -24.48
C LYS L 332 -22.83 63.22 -25.76
N VAL L 333 -23.16 62.28 -26.65
CA VAL L 333 -23.87 62.62 -27.87
C VAL L 333 -25.23 63.22 -27.54
N GLN L 334 -25.94 62.61 -26.59
CA GLN L 334 -27.25 63.11 -26.19
C GLN L 334 -27.13 64.50 -25.58
N ASP L 335 -26.12 64.72 -24.73
CA ASP L 335 -25.93 66.06 -24.17
C ASP L 335 -25.62 67.09 -25.25
N LEU L 336 -24.83 66.72 -26.25
CA LEU L 336 -24.52 67.65 -27.33
C LEU L 336 -25.75 67.98 -28.16
N LEU L 337 -26.51 66.96 -28.56
CA LEU L 337 -27.68 67.17 -29.41
C LEU L 337 -28.87 67.74 -28.67
N ASP L 338 -28.89 67.67 -27.34
CA ASP L 338 -29.97 68.25 -26.56
C ASP L 338 -30.05 69.76 -26.73
N GLY L 339 -28.96 70.42 -27.11
CA GLY L 339 -29.01 71.84 -27.33
C GLY L 339 -29.64 72.28 -28.63
N SER L 340 -30.03 71.33 -29.48
CA SER L 340 -30.61 71.66 -30.77
C SER L 340 -31.87 70.88 -31.13
N LEU L 341 -32.13 69.73 -30.50
CA LEU L 341 -33.17 68.83 -30.94
C LEU L 341 -33.96 68.32 -29.75
N ASP L 342 -35.19 67.89 -30.01
CA ASP L 342 -36.00 67.20 -29.02
C ASP L 342 -36.13 65.71 -29.28
N ARG L 343 -35.78 65.24 -30.48
CA ARG L 343 -35.89 63.83 -30.82
C ARG L 343 -34.55 63.35 -31.34
N ILE L 344 -33.98 62.33 -30.68
CA ILE L 344 -32.76 61.69 -31.14
C ILE L 344 -33.05 60.23 -31.38
N HIS L 345 -32.72 59.75 -32.57
CA HIS L 345 -32.89 58.35 -32.93
C HIS L 345 -31.52 57.71 -33.03
N PHE L 346 -31.29 56.69 -32.20
CA PHE L 346 -30.08 55.89 -32.26
C PHE L 346 -30.39 54.61 -33.02
N ASP L 347 -29.83 54.47 -34.21
CA ASP L 347 -30.01 53.25 -35.01
C ASP L 347 -28.99 52.23 -34.53
N GLU L 348 -29.37 51.47 -33.51
CA GLU L 348 -28.52 50.43 -32.94
C GLU L 348 -28.83 49.05 -33.53
N ALA L 349 -28.88 48.96 -34.86
CA ALA L 349 -29.25 47.69 -35.49
C ALA L 349 -28.25 46.59 -35.16
N TRP L 350 -26.97 46.90 -35.16
CA TRP L 350 -25.92 45.96 -34.82
C TRP L 350 -25.59 45.95 -33.34
N TYR L 351 -26.30 46.74 -32.54
CA TYR L 351 -25.92 47.04 -31.16
C TYR L 351 -27.13 46.81 -30.26
N GLY L 352 -27.42 45.56 -29.96
CA GLY L 352 -28.63 45.26 -29.21
C GLY L 352 -28.32 44.67 -27.86
N TYR L 353 -27.13 44.09 -27.77
CA TYR L 353 -26.60 43.48 -26.56
C TYR L 353 -25.96 44.48 -25.61
N ALA L 354 -25.79 45.73 -26.02
CA ALA L 354 -24.92 46.66 -25.31
C ALA L 354 -25.38 46.92 -23.89
N ARG L 355 -26.69 46.93 -23.66
CA ARG L 355 -27.23 47.17 -22.33
C ARG L 355 -26.83 46.10 -21.32
N PHE L 356 -26.48 44.90 -21.78
CA PHE L 356 -26.38 43.75 -20.90
C PHE L 356 -24.94 43.37 -20.57
N ASN L 357 -23.97 44.22 -20.87
CA ASN L 357 -22.61 44.01 -20.40
C ASN L 357 -22.04 45.35 -19.93
N PRO L 358 -21.45 45.38 -18.73
CA PRO L 358 -20.91 46.65 -18.21
C PRO L 358 -19.78 47.23 -19.03
N LEU L 359 -19.16 46.47 -19.91
CA LEU L 359 -18.11 47.00 -20.77
C LEU L 359 -18.62 48.12 -21.66
N TYR L 360 -19.92 48.15 -21.96
CA TYR L 360 -20.51 49.12 -22.86
C TYR L 360 -21.15 50.29 -22.13
N ARG L 361 -20.90 50.43 -20.83
CA ARG L 361 -21.56 51.44 -20.02
C ARG L 361 -21.37 52.84 -20.61
N ASN L 362 -22.45 53.61 -20.65
CA ASN L 362 -22.54 54.96 -21.17
C ASN L 362 -22.38 55.03 -22.68
N HIS L 363 -22.36 53.90 -23.38
CA HIS L 363 -22.14 53.91 -24.82
C HIS L 363 -23.33 53.37 -25.59
N PHE L 364 -24.54 53.49 -25.05
CA PHE L 364 -25.76 53.08 -25.73
C PHE L 364 -26.89 53.97 -25.25
N ALA L 365 -28.06 53.78 -25.85
CA ALA L 365 -29.14 54.75 -25.70
C ALA L 365 -29.92 54.57 -24.40
N MET L 366 -30.42 53.35 -24.13
CA MET L 366 -31.34 53.13 -23.02
C MET L 366 -30.56 52.73 -21.78
N ARG L 367 -29.92 53.73 -21.17
CA ARG L 367 -29.04 53.51 -20.03
C ARG L 367 -29.81 53.49 -18.73
N ASP L 368 -29.34 52.65 -17.79
CA ASP L 368 -29.83 52.69 -16.43
C ASP L 368 -29.28 53.93 -15.72
N GLU L 369 -30.05 55.01 -15.74
CA GLU L 369 -29.60 56.29 -15.19
C GLU L 369 -30.79 57.03 -14.63
N GLU L 370 -30.52 57.95 -13.71
CA GLU L 370 -31.55 58.85 -13.25
C GLU L 370 -31.93 59.80 -14.37
N ARG L 371 -33.22 59.88 -14.68
CA ARG L 371 -33.72 60.66 -15.81
C ARG L 371 -34.42 61.91 -15.31
N THR L 372 -34.02 63.06 -15.86
CA THR L 372 -34.68 64.32 -15.54
C THR L 372 -35.88 64.52 -16.46
N GLU L 373 -36.58 65.63 -16.26
CA GLU L 373 -37.80 65.91 -17.02
C GLU L 373 -37.55 66.73 -18.28
N ASN L 374 -36.35 67.26 -18.48
CA ASN L 374 -36.06 68.10 -19.63
C ASN L 374 -35.24 67.37 -20.68
N GLU L 375 -35.27 66.05 -20.66
CA GLU L 375 -34.52 65.27 -21.63
C GLU L 375 -35.24 65.27 -22.98
N PRO L 376 -34.50 65.08 -24.07
CA PRO L 376 -35.14 64.86 -25.36
C PRO L 376 -35.74 63.47 -25.43
N THR L 377 -36.65 63.31 -26.38
CA THR L 377 -37.19 61.98 -26.67
C THR L 377 -36.14 61.15 -27.40
N ILE L 378 -35.94 59.92 -26.95
CA ILE L 378 -34.91 59.04 -27.49
C ILE L 378 -35.58 57.84 -28.14
N PHE L 379 -35.20 57.55 -29.37
CA PHE L 379 -35.60 56.33 -30.06
C PHE L 379 -34.39 55.45 -30.28
N ALA L 380 -34.59 54.14 -30.12
CA ALA L 380 -33.55 53.16 -30.42
C ALA L 380 -34.18 52.01 -31.20
N THR L 381 -33.54 51.62 -32.28
CA THR L 381 -33.98 50.49 -33.09
C THR L 381 -32.96 49.37 -32.99
N HIS L 382 -33.42 48.17 -32.68
CA HIS L 382 -32.56 46.99 -32.62
C HIS L 382 -32.97 46.02 -33.70
N SER L 383 -31.99 45.55 -34.47
CA SER L 383 -32.30 44.41 -35.37
C SER L 383 -32.03 43.17 -34.53
N THR L 384 -33.06 42.55 -33.99
CA THR L 384 -32.91 41.40 -33.06
C THR L 384 -32.30 40.19 -33.77
N HIS L 385 -32.39 40.12 -35.08
CA HIS L 385 -31.81 39.00 -35.85
C HIS L 385 -30.33 39.22 -36.09
N1 LLP L 386 -29.88 50.08 -39.97
C2 LLP L 386 -28.65 49.59 -39.89
C2' LLP L 386 -27.55 50.42 -39.34
C3 LLP L 386 -28.39 48.29 -40.32
O3 LLP L 386 -27.14 47.85 -40.21
C4 LLP L 386 -29.44 47.50 -40.83
C4' LLP L 386 -29.17 46.13 -41.27
C5 LLP L 386 -30.72 48.06 -40.90
C6 LLP L 386 -30.89 49.34 -40.47
C5' LLP L 386 -31.91 47.33 -41.47
OP4 LLP L 386 -32.32 46.21 -40.66
P LLP L 386 -33.18 45.03 -41.26
OP1 LLP L 386 -33.66 44.29 -40.06
OP2 LLP L 386 -34.29 45.63 -42.06
OP3 LLP L 386 -32.20 44.29 -42.09
N LLP L 386 -29.83 40.45 -35.99
CA LLP L 386 -28.41 40.71 -36.34
CB LLP L 386 -28.13 42.15 -36.74
CG LLP L 386 -28.30 42.48 -38.23
CD LLP L 386 -28.28 43.96 -38.55
CE LLP L 386 -29.15 44.33 -39.74
NZ LLP L 386 -28.47 45.31 -40.60
C LLP L 386 -27.47 40.15 -35.26
O LLP L 386 -26.79 39.19 -35.56
N LEU L 387 -27.46 40.71 -34.06
CA LEU L 387 -26.46 40.28 -33.03
C LEU L 387 -27.16 39.78 -31.77
N LEU L 388 -28.46 39.56 -31.85
CA LEU L 388 -29.24 38.90 -30.77
C LEU L 388 -29.72 37.60 -31.42
N ASN L 389 -30.55 36.79 -30.78
CA ASN L 389 -31.04 35.51 -31.30
C ASN L 389 -32.50 35.67 -31.70
N ALA L 390 -32.72 35.99 -32.98
CA ALA L 390 -34.06 36.10 -33.51
C ALA L 390 -34.03 35.80 -35.00
N LEU L 391 -35.19 35.44 -35.53
CA LEU L 391 -35.32 35.20 -36.96
C LEU L 391 -35.23 36.51 -37.73
N SER L 392 -34.85 36.40 -39.00
CA SER L 392 -34.80 37.57 -39.87
C SER L 392 -36.14 38.28 -39.89
N GLN L 393 -36.08 39.60 -40.04
CA GLN L 393 -37.17 40.58 -40.05
C GLN L 393 -37.69 40.92 -38.66
N ALA L 394 -37.18 40.29 -37.60
CA ALA L 394 -37.56 40.67 -36.25
C ALA L 394 -36.81 41.92 -35.80
N SER L 395 -37.54 42.86 -35.21
CA SER L 395 -36.94 44.13 -34.83
C SER L 395 -37.74 44.72 -33.68
N PHE L 396 -37.13 45.71 -33.03
CA PHE L 396 -37.77 46.41 -31.92
C PHE L 396 -37.64 47.91 -32.12
N ILE L 397 -38.67 48.64 -31.73
CA ILE L 397 -38.61 50.08 -31.53
C ILE L 397 -38.69 50.34 -30.03
N HIS L 398 -37.70 51.04 -29.50
CA HIS L 398 -37.68 51.41 -28.10
C HIS L 398 -37.78 52.93 -28.01
N VAL L 399 -38.67 53.40 -27.13
CA VAL L 399 -38.93 54.82 -26.98
C VAL L 399 -38.71 55.20 -25.52
N ARG L 400 -38.00 56.29 -25.30
CA ARG L 400 -37.93 56.95 -24.01
C ARG L 400 -38.52 58.34 -24.17
N ASN L 401 -39.66 58.59 -23.52
CA ASN L 401 -40.39 59.83 -23.73
C ASN L 401 -39.70 60.99 -23.05
N GLY L 402 -39.49 62.06 -23.80
CA GLY L 402 -38.92 63.28 -23.27
C GLY L 402 -39.62 64.50 -23.80
N ARG L 403 -38.85 65.46 -24.30
CA ARG L 403 -39.44 66.66 -24.89
C ARG L 403 -40.07 66.33 -26.23
N ASN L 404 -41.26 66.88 -26.47
CA ASN L 404 -41.98 66.71 -27.74
C ASN L 404 -42.22 65.23 -28.04
N ALA L 405 -42.69 64.51 -27.03
CA ALA L 405 -42.94 63.08 -27.17
C ALA L 405 -44.17 62.83 -28.03
N ILE L 406 -44.23 61.63 -28.63
CA ILE L 406 -45.33 61.21 -29.48
C ILE L 406 -46.14 60.18 -28.72
N ASP L 407 -47.40 60.50 -28.43
CA ASP L 407 -48.25 59.59 -27.68
C ASP L 407 -48.64 58.39 -28.54
N PHE L 408 -49.24 57.39 -27.88
CA PHE L 408 -49.48 56.11 -28.53
C PHE L 408 -50.44 56.24 -29.72
N ASN L 409 -51.49 57.05 -29.59
CA ASN L 409 -52.47 57.17 -30.67
C ASN L 409 -51.82 57.74 -31.93
N ARG L 410 -50.93 58.71 -31.77
CA ARG L 410 -50.27 59.30 -32.93
C ARG L 410 -49.21 58.37 -33.51
N PHE L 411 -48.44 57.69 -32.66
CA PHE L 411 -47.39 56.81 -33.13
C PHE L 411 -47.95 55.58 -33.82
N ASN L 412 -49.12 55.12 -33.37
CA ASN L 412 -49.70 53.89 -33.93
C ASN L 412 -50.06 54.07 -35.39
N GLN L 413 -50.35 55.28 -35.84
CA GLN L 413 -50.65 55.51 -37.24
C GLN L 413 -49.44 55.21 -38.12
N ALA L 414 -48.27 55.73 -37.77
CA ALA L 414 -47.06 55.41 -38.52
C ALA L 414 -46.73 53.92 -38.41
N TYR L 415 -46.90 53.35 -37.21
CA TYR L 415 -46.62 51.94 -37.03
C TYR L 415 -47.46 51.08 -37.98
N LEU L 416 -48.76 51.36 -38.07
CA LEU L 416 -49.62 50.63 -38.99
C LEU L 416 -49.26 50.93 -40.44
N MET L 417 -48.87 52.16 -40.73
CA MET L 417 -48.52 52.53 -42.10
C MET L 417 -47.37 51.72 -42.64
N HIS L 418 -46.44 51.30 -41.79
CA HIS L 418 -45.32 50.52 -42.31
C HIS L 418 -45.34 49.05 -41.88
N SER L 419 -46.50 48.53 -41.56
CA SER L 419 -46.64 47.15 -41.12
C SER L 419 -47.53 46.38 -42.10
N THR L 420 -47.86 45.15 -41.74
CA THR L 420 -48.77 44.32 -42.50
C THR L 420 -49.93 43.90 -41.61
N THR L 421 -51.09 43.67 -42.23
CA THR L 421 -52.26 43.24 -41.48
C THR L 421 -52.21 41.77 -41.12
N SER L 422 -51.28 41.00 -41.66
CA SER L 422 -51.16 39.57 -41.37
C SER L 422 -49.72 39.25 -40.98
N PRO L 423 -49.29 39.65 -39.79
CA PRO L 423 -47.93 39.31 -39.36
C PRO L 423 -47.76 37.82 -39.12
N LEU L 424 -46.55 37.34 -39.40
CA LEU L 424 -46.18 35.96 -39.10
C LEU L 424 -45.76 35.88 -37.64
N TYR L 425 -46.52 35.11 -36.85
CA TYR L 425 -46.32 35.10 -35.41
C TYR L 425 -45.03 34.42 -34.99
N ALA L 426 -44.42 33.62 -35.86
CA ALA L 426 -43.11 33.05 -35.55
C ALA L 426 -42.05 34.13 -35.38
N ILE L 427 -42.12 35.20 -36.18
CA ILE L 427 -41.17 36.30 -36.04
C ILE L 427 -41.33 36.99 -34.70
N CYS L 428 -42.58 37.26 -34.30
CA CYS L 428 -42.83 37.89 -33.00
C CYS L 428 -42.41 36.97 -31.86
N ALA L 429 -42.61 35.66 -32.02
CA ALA L 429 -42.16 34.72 -31.01
C ALA L 429 -40.65 34.72 -30.89
N SER L 430 -39.94 34.82 -32.01
CA SER L 430 -38.48 34.92 -31.95
C SER L 430 -38.04 36.21 -31.26
N ASN L 431 -38.74 37.31 -31.52
CA ASN L 431 -38.46 38.55 -30.80
C ASN L 431 -38.63 38.36 -29.29
N ASP L 432 -39.72 37.70 -28.89
CA ASP L 432 -40.01 37.46 -27.48
C ASP L 432 -38.94 36.58 -26.83
N ILE L 433 -38.52 35.52 -27.52
CA ILE L 433 -37.50 34.65 -26.95
C ILE L 433 -36.14 35.36 -26.89
N ALA L 434 -35.83 36.23 -27.85
CA ALA L 434 -34.59 36.99 -27.78
C ALA L 434 -34.58 37.91 -26.57
N ALA L 435 -35.68 38.64 -26.36
CA ALA L 435 -35.79 39.49 -25.18
C ALA L 435 -35.65 38.68 -23.90
N ASP L 436 -36.30 37.51 -23.85
CA ASP L 436 -36.17 36.65 -22.68
C ASP L 436 -34.74 36.19 -22.48
N MET L 437 -34.02 35.91 -23.57
CA MET L 437 -32.66 35.43 -23.49
C MET L 437 -31.73 36.48 -22.93
N MET L 438 -32.00 37.76 -23.21
CA MET L 438 -31.17 38.81 -22.60
C MET L 438 -31.59 39.16 -21.17
N ASP L 439 -32.69 38.58 -20.67
CA ASP L 439 -33.21 38.96 -19.36
C ASP L 439 -32.42 38.30 -18.23
N GLY L 440 -32.20 39.06 -17.16
CA GLY L 440 -31.57 38.54 -15.97
C GLY L 440 -30.08 38.26 -16.08
N ASN L 441 -29.63 37.17 -15.47
CA ASN L 441 -28.21 36.81 -15.51
C ASN L 441 -27.77 36.37 -16.89
N SER L 442 -28.69 35.82 -17.69
CA SER L 442 -28.31 35.18 -18.93
C SER L 442 -27.76 36.17 -19.94
N GLY L 443 -28.28 37.39 -20.00
CA GLY L 443 -27.75 38.37 -20.93
C GLY L 443 -26.30 38.71 -20.64
N ARG L 444 -26.00 38.94 -19.36
CA ARG L 444 -24.62 39.18 -18.96
C ARG L 444 -23.73 37.99 -19.29
N SER L 445 -24.21 36.77 -19.00
CA SER L 445 -23.39 35.59 -19.26
C SER L 445 -23.11 35.40 -20.75
N LEU L 446 -24.12 35.62 -21.60
CA LEU L 446 -23.94 35.41 -23.03
C LEU L 446 -23.03 36.48 -23.64
N THR L 447 -23.22 37.74 -23.25
CA THR L 447 -22.31 38.78 -23.73
C THR L 447 -20.89 38.52 -23.25
N ASP L 448 -20.73 38.05 -22.02
CA ASP L 448 -19.41 37.72 -21.51
C ASP L 448 -18.75 36.64 -22.35
N GLU L 449 -19.50 35.59 -22.69
CA GLU L 449 -18.91 34.52 -23.50
C GLU L 449 -18.45 35.04 -24.85
N VAL L 450 -19.28 35.85 -25.52
CA VAL L 450 -18.88 36.34 -26.84
C VAL L 450 -17.66 37.26 -26.73
N ILE L 451 -17.65 38.15 -25.73
CA ILE L 451 -16.55 39.07 -25.57
C ILE L 451 -15.26 38.32 -25.27
N ARG L 452 -15.33 37.29 -24.44
CA ARG L 452 -14.13 36.51 -24.12
C ARG L 452 -13.62 35.78 -25.35
N GLU L 453 -14.50 35.22 -26.18
CA GLU L 453 -14.04 34.57 -27.40
C GLU L 453 -13.33 35.57 -28.32
N SER L 454 -13.92 36.76 -28.49
CA SER L 454 -13.29 37.75 -29.35
C SER L 454 -11.93 38.20 -28.80
N ILE L 455 -11.83 38.34 -27.48
CA ILE L 455 -10.56 38.74 -26.87
C ILE L 455 -9.51 37.65 -27.05
N ASP L 456 -9.90 36.38 -26.88
CA ASP L 456 -8.96 35.30 -27.12
C ASP L 456 -8.42 35.32 -28.55
N PHE L 457 -9.33 35.53 -29.51
CA PHE L 457 -8.89 35.62 -30.90
C PHE L 457 -7.94 36.80 -31.11
N ARG L 458 -8.29 37.98 -30.57
CA ARG L 458 -7.46 39.16 -30.76
C ARG L 458 -6.07 38.97 -30.17
N GLN L 459 -6.00 38.43 -28.96
CA GLN L 459 -4.70 38.24 -28.31
C GLN L 459 -3.86 37.20 -29.02
N SER L 460 -4.48 36.09 -29.46
CA SER L 460 -3.73 35.09 -30.21
C SER L 460 -3.19 35.66 -31.51
N LEU L 461 -3.99 36.44 -32.21
CA LEU L 461 -3.53 37.03 -33.46
C LEU L 461 -2.40 38.03 -33.23
N ALA L 462 -2.52 38.84 -32.17
CA ALA L 462 -1.44 39.79 -31.85
C ALA L 462 -0.16 39.05 -31.50
N TYR L 463 -0.27 37.95 -30.74
CA TYR L 463 0.90 37.16 -30.40
C TYR L 463 1.57 36.59 -31.64
N LEU L 464 0.77 36.02 -32.56
CA LEU L 464 1.32 35.48 -33.79
C LEU L 464 1.97 36.57 -34.63
N TYR L 465 1.36 37.75 -34.67
CA TYR L 465 1.93 38.86 -35.40
C TYR L 465 3.29 39.25 -34.84
N LYS L 466 3.39 39.32 -33.51
CA LYS L 466 4.69 39.63 -32.90
C LYS L 466 5.72 38.56 -33.19
N GLU L 467 5.31 37.28 -33.15
CA GLU L 467 6.23 36.19 -33.44
C GLU L 467 6.78 36.29 -34.87
N PHE L 468 5.89 36.49 -35.84
CA PHE L 468 6.31 36.60 -37.22
C PHE L 468 7.17 37.85 -37.44
N LEU L 469 6.83 38.95 -36.76
CA LEU L 469 7.66 40.16 -36.86
C LEU L 469 9.05 39.91 -36.30
N ASN L 470 9.14 39.18 -35.19
CA ASN L 470 10.45 38.84 -34.64
C ASN L 470 11.26 38.00 -35.60
N ASP L 471 10.59 37.11 -36.36
CA ASP L 471 11.27 36.37 -37.42
C ASP L 471 11.35 37.16 -38.73
N ASP L 472 11.22 38.48 -38.66
CA ASP L 472 11.16 39.39 -39.82
C ASP L 472 10.29 38.82 -40.96
N GLU L 473 9.07 38.45 -40.61
CA GLU L 473 8.05 38.05 -41.57
C GLU L 473 6.79 38.88 -41.37
N TRP L 474 5.92 38.86 -42.36
CA TRP L 474 4.66 39.58 -42.30
C TRP L 474 3.55 38.67 -41.76
N PHE L 475 2.56 39.29 -41.12
CA PHE L 475 1.35 38.59 -40.73
C PHE L 475 0.24 39.61 -40.54
N PHE L 476 -0.97 39.10 -40.34
CA PHE L 476 -2.11 39.95 -40.03
C PHE L 476 -2.08 40.35 -38.56
N LYS L 477 -2.61 41.53 -38.27
CA LYS L 477 -2.70 42.01 -36.91
C LYS L 477 -4.11 42.47 -36.60
N PRO L 478 -4.58 42.26 -35.38
CA PRO L 478 -5.90 42.78 -35.01
C PRO L 478 -5.88 44.30 -34.89
N TRP L 479 -7.03 44.90 -35.15
CA TRP L 479 -7.17 46.36 -35.07
C TRP L 479 -7.69 46.71 -33.68
N ASN L 480 -6.77 46.89 -32.74
CA ASN L 480 -7.10 47.34 -31.39
C ASN L 480 -5.88 48.05 -30.82
N GLN L 481 -5.95 48.39 -29.55
CA GLN L 481 -4.83 49.01 -28.86
C GLN L 481 -3.60 48.11 -28.89
N GLU L 482 -2.43 48.70 -29.14
CA GLU L 482 -1.18 47.97 -29.01
C GLU L 482 -0.81 47.74 -27.54
N MET L 483 -0.92 48.78 -26.72
CA MET L 483 -0.60 48.72 -25.31
C MET L 483 -1.82 49.13 -24.50
N VAL L 484 -2.09 48.40 -23.43
CA VAL L 484 -3.19 48.74 -22.54
C VAL L 484 -2.64 49.02 -21.16
N LYS L 485 -3.29 49.95 -20.45
CA LYS L 485 -2.88 50.36 -19.12
C LYS L 485 -3.91 49.89 -18.11
N ASP L 486 -3.44 49.32 -17.02
CA ASP L 486 -4.32 48.96 -15.93
C ASP L 486 -4.63 50.21 -15.11
N PRO L 487 -5.87 50.67 -15.07
CA PRO L 487 -6.17 51.93 -14.35
C PRO L 487 -5.99 51.84 -12.85
N ALA L 488 -6.04 50.63 -12.28
CA ALA L 488 -5.89 50.49 -10.83
C ALA L 488 -4.43 50.61 -10.41
N THR L 489 -3.59 49.71 -10.89
CA THR L 489 -2.19 49.67 -10.48
C THR L 489 -1.28 50.53 -11.35
N GLY L 490 -1.78 51.07 -12.46
CA GLY L 490 -0.97 51.87 -13.35
C GLY L 490 -0.04 51.07 -14.24
N LYS L 491 -0.08 49.75 -14.19
CA LYS L 491 0.83 48.91 -14.95
C LYS L 491 0.41 48.86 -16.41
N ARG L 492 1.39 48.89 -17.31
CA ARG L 492 1.15 48.79 -18.74
C ARG L 492 1.44 47.39 -19.22
N TYR L 493 0.63 46.92 -20.18
CA TYR L 493 0.83 45.63 -20.82
C TYR L 493 0.76 45.80 -22.32
N ALA L 494 1.50 44.95 -23.03
CA ALA L 494 1.17 44.72 -24.43
C ALA L 494 -0.17 44.02 -24.50
N PHE L 495 -0.92 44.30 -25.56
CA PHE L 495 -2.29 43.80 -25.64
C PHE L 495 -2.34 42.28 -25.53
N GLU L 496 -1.43 41.58 -26.22
CA GLU L 496 -1.43 40.13 -26.18
C GLU L 496 -0.98 39.59 -24.83
N ASP L 497 -0.36 40.41 -23.98
CA ASP L 497 0.07 40.00 -22.66
C ASP L 497 -0.88 40.46 -21.55
N ALA L 498 -1.86 41.28 -21.86
CA ALA L 498 -2.77 41.78 -20.84
C ALA L 498 -3.61 40.64 -20.27
N PRO L 499 -3.91 40.67 -18.98
CA PRO L 499 -4.81 39.66 -18.41
C PRO L 499 -6.20 39.79 -19.02
N VAL L 500 -6.82 38.64 -19.27
CA VAL L 500 -8.13 38.63 -19.92
C VAL L 500 -9.17 39.33 -19.06
N GLU L 501 -9.07 39.17 -17.73
CA GLU L 501 -10.00 39.84 -16.82
C GLU L 501 -9.94 41.36 -16.97
N LEU L 502 -8.72 41.90 -17.12
CA LEU L 502 -8.57 43.34 -17.29
C LEU L 502 -9.24 43.81 -18.58
N LEU L 503 -9.04 43.09 -19.69
CA LEU L 503 -9.65 43.49 -20.95
C LEU L 503 -11.16 43.33 -20.91
N MET L 504 -11.66 42.33 -20.18
CA MET L 504 -13.09 42.11 -20.07
C MET L 504 -13.77 43.08 -19.13
N ARG L 505 -13.04 43.67 -18.19
CA ARG L 505 -13.61 44.52 -17.15
C ARG L 505 -13.44 46.00 -17.41
N GLU L 506 -12.31 46.42 -17.96
CA GLU L 506 -11.95 47.84 -18.03
C GLU L 506 -12.33 48.41 -19.39
N GLN L 507 -13.21 49.42 -19.37
CA GLN L 507 -13.64 50.08 -20.60
C GLN L 507 -12.51 50.85 -21.25
N SER L 508 -11.62 51.44 -20.46
CA SER L 508 -10.54 52.26 -21.02
C SER L 508 -9.57 51.46 -21.87
N CYS L 509 -9.56 50.13 -21.74
CA CYS L 509 -8.74 49.31 -22.62
C CYS L 509 -9.26 49.29 -24.05
N TRP L 510 -10.45 49.84 -24.29
CA TRP L 510 -11.05 49.85 -25.61
C TRP L 510 -11.39 51.26 -26.10
N VAL L 511 -11.24 52.27 -25.25
CA VAL L 511 -11.51 53.64 -25.65
C VAL L 511 -10.45 54.11 -26.64
N MET L 512 -10.87 54.90 -27.62
CA MET L 512 -9.95 55.48 -28.59
C MET L 512 -9.28 56.70 -27.98
N HIS L 513 -7.99 56.58 -27.66
CA HIS L 513 -7.37 57.77 -27.11
C HIS L 513 -6.66 58.56 -28.22
N PRO L 514 -6.71 59.89 -28.16
CA PRO L 514 -6.07 60.68 -29.22
C PRO L 514 -4.57 60.48 -29.34
N GLU L 515 -3.91 60.07 -28.26
CA GLU L 515 -2.47 59.86 -28.29
C GLU L 515 -2.06 58.52 -28.89
N ASP L 516 -3.00 57.60 -29.09
CA ASP L 516 -2.70 56.30 -29.67
C ASP L 516 -2.77 56.36 -31.19
N LYS L 517 -1.93 55.57 -31.85
CA LYS L 517 -1.86 55.55 -33.30
C LYS L 517 -2.65 54.42 -33.93
N TRP L 518 -3.14 53.46 -33.15
CA TRP L 518 -3.75 52.27 -33.73
C TRP L 518 -5.04 52.62 -34.47
N HIS L 519 -5.89 53.46 -33.90
CA HIS L 519 -7.20 53.69 -34.49
C HIS L 519 -7.13 54.60 -35.71
N GLY L 520 -6.20 55.55 -35.72
CA GLY L 520 -6.00 56.39 -36.89
C GLY L 520 -7.02 57.49 -37.09
N PHE L 521 -7.87 57.75 -36.11
CA PHE L 521 -8.82 58.86 -36.20
C PHE L 521 -8.17 60.08 -35.58
N ASN L 522 -7.51 60.88 -36.41
CA ASN L 522 -6.78 62.02 -35.92
C ASN L 522 -7.73 63.10 -35.39
N ASP L 523 -7.34 63.72 -34.27
CA ASP L 523 -8.09 64.81 -33.65
C ASP L 523 -9.40 64.33 -33.04
N ILE L 524 -9.51 63.03 -32.73
CA ILE L 524 -10.68 62.57 -31.99
C ILE L 524 -10.54 62.99 -30.53
N PRO L 525 -11.58 63.51 -29.90
CA PRO L 525 -11.51 63.80 -28.47
C PRO L 525 -11.43 62.52 -27.66
N ASP L 526 -10.86 62.65 -26.46
CA ASP L 526 -10.74 61.50 -25.58
C ASP L 526 -12.08 61.18 -24.94
N ASN L 527 -12.30 59.89 -24.67
CA ASN L 527 -13.54 59.40 -24.07
C ASN L 527 -14.75 59.76 -24.91
N TRP L 528 -14.58 59.73 -26.23
CA TRP L 528 -15.66 59.97 -27.18
C TRP L 528 -16.14 58.70 -27.84
N ALA L 529 -15.23 57.90 -28.38
CA ALA L 529 -15.55 56.66 -29.05
C ALA L 529 -14.87 55.50 -28.35
N MET L 530 -15.28 54.29 -28.73
CA MET L 530 -14.83 53.07 -28.10
C MET L 530 -14.97 51.94 -29.12
N LEU L 531 -14.07 50.96 -29.05
CA LEU L 531 -14.11 49.83 -29.97
C LEU L 531 -14.93 48.71 -29.37
N ASP L 532 -15.87 48.19 -30.14
CA ASP L 532 -16.62 47.00 -29.74
C ASP L 532 -15.75 45.78 -29.90
N PRO L 533 -15.45 45.03 -28.83
CA PRO L 533 -14.54 43.90 -28.96
C PRO L 533 -15.01 42.82 -29.91
N ILE L 534 -16.32 42.60 -30.05
CA ILE L 534 -16.81 41.45 -30.81
C ILE L 534 -16.89 41.72 -32.31
N LYS L 535 -16.59 42.93 -32.77
CA LYS L 535 -16.47 43.21 -34.20
C LYS L 535 -14.98 43.30 -34.50
N VAL L 536 -14.38 42.16 -34.86
CA VAL L 536 -12.95 42.03 -34.94
C VAL L 536 -12.49 42.33 -36.36
N SER L 537 -11.73 43.40 -36.52
CA SER L 537 -11.08 43.75 -37.78
C SER L 537 -9.64 43.26 -37.75
N ILE L 538 -9.20 42.63 -38.83
CA ILE L 538 -7.80 42.28 -38.99
C ILE L 538 -7.25 43.08 -40.15
N LEU L 539 -5.98 43.43 -40.04
CA LEU L 539 -5.32 44.30 -40.99
C LEU L 539 -4.27 43.51 -41.75
N ALA L 540 -4.37 43.52 -43.06
CA ALA L 540 -3.31 42.98 -43.89
C ALA L 540 -2.17 44.00 -44.02
N PRO L 541 -0.93 43.54 -44.15
CA PRO L 541 0.19 44.49 -44.24
C PRO L 541 0.16 45.26 -45.55
N GLY L 542 0.71 46.47 -45.50
CA GLY L 542 0.81 47.28 -46.70
C GLY L 542 0.57 48.76 -46.49
N MET L 543 -0.10 49.12 -45.40
CA MET L 543 -0.46 50.50 -45.12
C MET L 543 0.45 51.03 -44.02
N GLY L 544 1.13 52.14 -44.30
CA GLY L 544 1.96 52.76 -43.29
C GLY L 544 1.17 53.55 -42.29
N ASP L 545 1.78 53.78 -41.13
CA ASP L 545 1.12 54.54 -40.08
C ASP L 545 0.89 55.99 -40.45
N ASP L 546 1.67 56.53 -41.39
CA ASP L 546 1.52 57.90 -41.84
C ASP L 546 0.34 58.09 -42.77
N GLY L 547 -0.17 57.01 -43.38
CA GLY L 547 -1.27 57.09 -44.32
C GLY L 547 -0.89 56.71 -45.73
N LYS L 548 0.38 56.43 -46.00
CA LYS L 548 0.83 56.04 -47.32
C LYS L 548 1.26 54.58 -47.33
N LEU L 549 1.19 53.98 -48.51
CA LEU L 549 1.49 52.57 -48.66
C LEU L 549 2.97 52.30 -48.42
N LEU L 550 3.26 51.08 -47.99
CA LEU L 550 4.64 50.63 -47.82
C LEU L 550 5.17 50.09 -49.14
N ASP L 551 6.41 49.60 -49.11
CA ASP L 551 7.02 49.09 -50.34
C ASP L 551 6.38 47.78 -50.78
N THR L 552 5.88 47.00 -49.82
CA THR L 552 5.25 45.72 -50.11
C THR L 552 4.04 45.53 -49.20
N GLY L 553 3.17 44.63 -49.59
CA GLY L 553 1.97 44.36 -48.79
C GLY L 553 1.15 43.27 -49.43
N VAL L 554 0.10 42.89 -48.72
CA VAL L 554 -0.85 41.87 -49.17
C VAL L 554 -2.23 42.51 -49.21
N PRO L 555 -2.81 42.73 -50.39
CA PRO L 555 -4.15 43.33 -50.45
C PRO L 555 -5.21 42.41 -49.86
N ALA L 556 -6.22 43.03 -49.25
CA ALA L 556 -7.25 42.26 -48.55
C ALA L 556 -8.21 41.55 -49.50
N ALA L 557 -8.28 41.97 -50.77
CA ALA L 557 -9.17 41.30 -51.71
C ALA L 557 -8.76 39.85 -51.92
N LEU L 558 -7.45 39.59 -52.01
CA LEU L 558 -6.97 38.23 -52.20
C LEU L 558 -7.22 37.37 -50.97
N VAL L 559 -7.02 37.94 -49.77
CA VAL L 559 -7.32 37.22 -48.54
C VAL L 559 -8.82 36.93 -48.46
N THR L 560 -9.64 37.87 -48.90
CA THR L 560 -11.08 37.65 -48.92
C THR L 560 -11.46 36.52 -49.86
N ALA L 561 -10.82 36.47 -51.03
CA ALA L 561 -11.06 35.35 -51.95
C ALA L 561 -10.68 34.03 -51.30
N TRP L 562 -9.55 33.99 -50.60
CA TRP L 562 -9.13 32.79 -49.89
C TRP L 562 -10.18 32.37 -48.85
N LEU L 563 -10.63 33.33 -48.04
CA LEU L 563 -11.60 33.03 -47.00
C LEU L 563 -12.92 32.55 -47.59
N ASN L 564 -13.38 33.19 -48.67
CA ASN L 564 -14.58 32.74 -49.36
C ASN L 564 -14.41 31.32 -49.86
N HIS L 565 -13.23 31.01 -50.42
CA HIS L 565 -12.96 29.65 -50.86
C HIS L 565 -13.08 28.67 -49.70
N TYR L 566 -12.73 29.08 -48.48
CA TYR L 566 -12.89 28.21 -47.34
C TYR L 566 -14.21 28.42 -46.60
N GLY L 567 -15.13 29.20 -47.16
CA GLY L 567 -16.46 29.34 -46.63
C GLY L 567 -16.65 30.52 -45.71
N ILE L 568 -15.56 31.11 -45.20
CA ILE L 568 -15.67 32.27 -44.33
C ILE L 568 -15.98 33.50 -45.18
N VAL L 569 -17.06 34.20 -44.83
CA VAL L 569 -17.47 35.38 -45.57
C VAL L 569 -17.41 36.58 -44.62
N PRO L 570 -16.46 37.49 -44.81
CA PRO L 570 -16.38 38.66 -43.91
C PRO L 570 -17.54 39.61 -44.11
N THR L 571 -17.83 40.37 -43.05
CA THR L 571 -18.90 41.35 -43.07
C THR L 571 -18.50 42.62 -43.81
N ARG L 572 -17.30 43.14 -43.55
CA ARG L 572 -16.80 44.34 -44.19
C ARG L 572 -15.40 44.08 -44.71
N THR L 573 -15.01 44.87 -45.71
CA THR L 573 -13.69 44.73 -46.32
C THR L 573 -13.30 46.04 -46.98
N THR L 574 -12.06 46.47 -46.74
CA THR L 574 -11.43 47.57 -47.46
C THR L 574 -10.15 47.05 -48.11
N ASP L 575 -9.32 47.98 -48.60
CA ASP L 575 -8.07 47.57 -49.26
C ASP L 575 -7.20 46.74 -48.33
N PHE L 576 -7.00 47.18 -47.08
CA PHE L 576 -6.32 46.37 -46.07
C PHE L 576 -7.17 46.42 -44.80
N GLN L 577 -8.23 45.63 -44.77
CA GLN L 577 -9.05 45.44 -43.57
C GLN L 577 -10.08 44.36 -43.82
N ILE L 578 -10.19 43.41 -42.91
CA ILE L 578 -11.21 42.36 -43.00
C ILE L 578 -11.88 42.26 -41.64
N MET L 579 -13.21 42.34 -41.63
CA MET L 579 -13.99 42.37 -40.41
C MET L 579 -14.68 41.02 -40.22
N PHE L 580 -14.55 40.46 -39.01
CA PHE L 580 -15.20 39.21 -38.65
C PHE L 580 -16.17 39.48 -37.50
N LEU L 581 -17.33 38.85 -37.57
CA LEU L 581 -18.37 38.99 -36.56
C LEU L 581 -18.28 37.85 -35.56
N PHE L 582 -18.22 38.19 -34.28
CA PHE L 582 -18.40 37.22 -33.21
C PHE L 582 -19.79 37.44 -32.63
N SER L 583 -20.63 36.42 -32.70
CA SER L 583 -22.01 36.53 -32.26
C SER L 583 -22.28 35.55 -31.14
N MET L 584 -23.47 35.65 -30.55
CA MET L 584 -23.86 34.73 -29.48
C MET L 584 -24.12 33.33 -30.00
N GLY L 585 -24.16 33.12 -31.31
CA GLY L 585 -24.24 31.81 -31.89
C GLY L 585 -22.91 31.12 -32.14
N ILE L 586 -21.81 31.77 -31.84
CA ILE L 586 -20.49 31.15 -31.98
C ILE L 586 -20.28 30.15 -30.85
N THR L 587 -19.46 29.14 -31.12
CA THR L 587 -19.07 28.17 -30.11
C THR L 587 -17.62 28.43 -29.69
N LYS L 588 -17.28 27.95 -28.50
CA LYS L 588 -15.99 28.27 -27.91
C LYS L 588 -14.85 27.61 -28.68
N GLY L 589 -13.78 28.37 -28.90
CA GLY L 589 -12.62 27.87 -29.62
C GLY L 589 -12.77 27.85 -31.12
N LYS L 590 -13.86 28.41 -31.66
CA LYS L 590 -14.09 28.37 -33.11
C LYS L 590 -13.09 29.23 -33.87
N TRP L 591 -12.54 30.27 -33.24
CA TRP L 591 -11.59 31.16 -33.90
C TRP L 591 -10.27 30.46 -34.26
N GLY L 592 -10.03 29.27 -33.72
CA GLY L 592 -8.88 28.50 -34.15
C GLY L 592 -8.91 28.17 -35.64
N THR L 593 -10.11 27.93 -36.18
CA THR L 593 -10.25 27.74 -37.63
C THR L 593 -9.81 28.98 -38.38
N LEU L 594 -10.21 30.16 -37.91
CA LEU L 594 -9.81 31.39 -38.56
C LEU L 594 -8.30 31.57 -38.55
N VAL L 595 -7.68 31.30 -37.40
CA VAL L 595 -6.22 31.41 -37.30
C VAL L 595 -5.54 30.41 -38.23
N ASN L 596 -6.04 29.18 -38.27
CA ASN L 596 -5.48 28.16 -39.14
C ASN L 596 -5.59 28.56 -40.60
N THR L 597 -6.74 29.11 -41.00
CA THR L 597 -6.93 29.54 -42.38
C THR L 597 -5.97 30.67 -42.75
N LEU L 598 -5.78 31.63 -41.84
CA LEU L 598 -4.85 32.72 -42.13
C LEU L 598 -3.41 32.19 -42.24
N LEU L 599 -3.03 31.25 -41.37
CA LEU L 599 -1.69 30.69 -41.45
C LEU L 599 -1.47 29.92 -42.74
N SER L 600 -2.47 29.14 -43.17
CA SER L 600 -2.33 28.41 -44.42
C SER L 600 -2.27 29.36 -45.61
N PHE L 601 -3.02 30.46 -45.56
CA PHE L 601 -2.89 31.47 -46.61
C PHE L 601 -1.48 32.02 -46.64
N LYS L 602 -0.90 32.32 -45.48
CA LYS L 602 0.46 32.85 -45.45
C LYS L 602 1.44 31.84 -46.03
N ARG L 603 1.26 30.55 -45.71
CA ARG L 603 2.13 29.53 -46.26
C ARG L 603 2.06 29.49 -47.78
N HIS L 604 0.85 29.44 -48.33
CA HIS L 604 0.70 29.38 -49.77
C HIS L 604 1.14 30.67 -50.44
N TYR L 605 1.06 31.80 -49.74
CA TYR L 605 1.51 33.07 -50.30
C TYR L 605 3.02 33.12 -50.35
N ASP L 606 3.69 32.66 -49.29
CA ASP L 606 5.15 32.61 -49.30
C ASP L 606 5.67 31.60 -50.32
N ASN L 607 4.93 30.52 -50.55
CA ASN L 607 5.36 29.53 -51.52
C ASN L 607 4.95 29.88 -52.95
N ASN L 608 4.19 30.94 -53.16
CA ASN L 608 3.71 31.34 -54.48
C ASN L 608 3.00 30.18 -55.19
N THR L 609 2.09 29.54 -54.47
CA THR L 609 1.35 28.43 -55.04
C THR L 609 0.47 28.91 -56.18
N ALA L 610 0.43 28.12 -57.26
CA ALA L 610 -0.33 28.49 -58.45
C ALA L 610 -1.81 28.60 -58.11
N LEU L 611 -2.45 29.64 -58.66
CA LEU L 611 -3.86 29.89 -58.37
C LEU L 611 -4.75 28.75 -58.81
N LYS L 612 -4.34 27.95 -59.81
CA LYS L 612 -5.15 26.81 -60.22
C LYS L 612 -5.29 25.80 -59.09
N LYS L 613 -4.23 25.57 -58.33
CA LYS L 613 -4.30 24.58 -57.25
C LYS L 613 -5.13 25.07 -56.08
N VAL L 614 -4.95 26.34 -55.68
CA VAL L 614 -5.53 26.84 -54.45
C VAL L 614 -6.87 27.54 -54.70
N LEU L 615 -6.96 28.36 -55.75
CA LEU L 615 -8.15 29.19 -55.99
C LEU L 615 -8.64 28.98 -57.42
N PRO L 616 -9.19 27.81 -57.72
CA PRO L 616 -9.70 27.57 -59.08
C PRO L 616 -10.80 28.52 -59.50
N GLU L 617 -11.64 28.97 -58.56
CA GLU L 617 -12.72 29.88 -58.91
C GLU L 617 -12.19 31.22 -59.38
N VAL L 618 -11.07 31.68 -58.81
CA VAL L 618 -10.44 32.91 -59.29
C VAL L 618 -9.95 32.73 -60.71
N VAL L 619 -9.34 31.58 -61.00
CA VAL L 619 -8.84 31.31 -62.35
C VAL L 619 -9.99 31.27 -63.33
N ALA L 620 -11.13 30.71 -62.92
CA ALA L 620 -12.27 30.55 -63.81
C ALA L 620 -12.85 31.88 -64.29
N SER L 621 -12.50 33.00 -63.65
CA SER L 621 -12.96 34.30 -64.13
C SER L 621 -12.23 34.69 -65.40
N ALA L 622 -10.90 34.81 -65.33
CA ALA L 622 -10.07 35.19 -66.46
C ALA L 622 -8.94 34.17 -66.61
N PRO L 623 -9.22 33.01 -67.19
CA PRO L 623 -8.18 31.96 -67.29
C PRO L 623 -6.97 32.39 -68.10
N GLU L 624 -7.11 33.36 -69.00
CA GLU L 624 -5.95 33.83 -69.75
C GLU L 624 -5.04 34.72 -68.92
N ILE L 625 -5.55 35.36 -67.88
CA ILE L 625 -4.76 36.24 -67.03
C ILE L 625 -4.22 35.49 -65.82
N TYR L 626 -5.10 34.84 -65.07
CA TYR L 626 -4.71 34.18 -63.82
C TYR L 626 -4.12 32.80 -64.03
N GLY L 627 -4.27 32.22 -65.21
CA GLY L 627 -3.57 30.98 -65.51
C GLY L 627 -2.07 31.19 -65.49
N GLU L 628 -1.35 30.16 -65.06
CA GLU L 628 0.11 30.19 -64.96
C GLU L 628 0.60 31.30 -64.03
N MET L 629 -0.20 31.68 -63.05
CA MET L 629 0.14 32.75 -62.12
C MET L 629 0.03 32.22 -60.69
N GLY L 630 0.94 32.68 -59.83
CA GLY L 630 0.93 32.25 -58.44
C GLY L 630 0.18 33.22 -57.52
N LEU L 631 -0.01 32.77 -56.29
CA LEU L 631 -0.70 33.60 -55.29
C LEU L 631 0.04 34.91 -55.04
N ARG L 632 1.36 34.81 -54.82
CA ARG L 632 2.13 36.02 -54.55
C ARG L 632 2.26 36.89 -55.79
N ASP L 633 2.28 36.29 -56.99
CA ASP L 633 2.29 37.10 -58.20
C ASP L 633 1.07 37.98 -58.29
N LEU L 634 -0.11 37.40 -58.07
CA LEU L 634 -1.34 38.18 -58.06
C LEU L 634 -1.35 39.21 -56.94
N GLY L 635 -0.86 38.83 -55.76
CA GLY L 635 -0.83 39.78 -54.66
C GLY L 635 0.05 40.98 -54.94
N ASP L 636 1.24 40.74 -55.48
CA ASP L 636 2.14 41.83 -55.83
C ASP L 636 1.60 42.65 -56.99
N LYS L 637 0.91 42.03 -57.95
CA LYS L 637 0.26 42.80 -59.01
C LYS L 637 -0.78 43.75 -58.43
N MET L 638 -1.64 43.25 -57.54
CA MET L 638 -2.64 44.09 -56.92
C MET L 638 -2.01 45.20 -56.09
N PHE L 639 -0.94 44.89 -55.36
CA PHE L 639 -0.30 45.91 -54.53
C PHE L 639 0.38 46.97 -55.39
N ALA L 640 0.99 46.57 -56.50
CA ALA L 640 1.57 47.54 -57.41
C ALA L 640 0.50 48.44 -58.00
N TYR L 641 -0.66 47.86 -58.36
CA TYR L 641 -1.77 48.68 -58.83
C TYR L 641 -2.22 49.67 -57.78
N LEU L 642 -2.36 49.22 -56.54
CA LEU L 642 -2.78 50.12 -55.46
C LEU L 642 -1.75 51.23 -55.24
N GLN L 643 -0.46 50.88 -55.28
CA GLN L 643 0.58 51.89 -55.11
C GLN L 643 0.53 52.93 -56.22
N LYS L 644 0.32 52.49 -57.46
CA LYS L 644 0.27 53.43 -58.57
C LYS L 644 -0.95 54.33 -58.49
N ASN L 645 -2.11 53.75 -58.23
CA ASN L 645 -3.35 54.52 -58.34
C ASN L 645 -3.76 55.20 -57.04
N ASN L 646 -3.39 54.64 -55.89
CA ASN L 646 -3.71 55.18 -54.57
C ASN L 646 -5.20 55.48 -54.44
N PRO L 647 -6.06 54.47 -54.47
CA PRO L 647 -7.51 54.73 -54.33
C PRO L 647 -7.92 55.24 -52.95
N GLY L 648 -7.08 55.07 -51.92
CA GLY L 648 -7.43 55.58 -50.61
C GLY L 648 -7.54 57.10 -50.60
N ALA L 649 -6.63 57.78 -51.31
CA ALA L 649 -6.74 59.22 -51.46
C ALA L 649 -8.01 59.60 -52.21
N ARG L 650 -8.38 58.81 -53.22
CA ARG L 650 -9.64 59.06 -53.93
C ARG L 650 -10.83 58.95 -53.00
N LEU L 651 -10.85 57.92 -52.15
CA LEU L 651 -11.92 57.78 -51.18
C LEU L 651 -11.95 58.97 -50.21
N ASN L 652 -10.79 59.39 -49.74
CA ASN L 652 -10.74 60.52 -48.82
C ASN L 652 -11.25 61.79 -49.47
N GLN L 653 -10.88 62.02 -50.73
CA GLN L 653 -11.37 63.20 -51.43
C GLN L 653 -12.88 63.13 -51.65
N ALA L 654 -13.38 61.96 -52.02
CA ALA L 654 -14.81 61.81 -52.29
C ALA L 654 -15.65 61.98 -51.04
N TYR L 655 -15.15 61.55 -49.88
CA TYR L 655 -15.98 61.57 -48.68
C TYR L 655 -15.68 62.74 -47.76
N SER L 656 -14.58 63.46 -47.95
CA SER L 656 -14.36 64.67 -47.17
C SER L 656 -15.20 65.83 -47.65
N GLN L 657 -15.49 65.89 -48.95
CA GLN L 657 -16.30 66.95 -49.52
C GLN L 657 -17.69 66.41 -49.83
N LEU L 658 -18.72 67.12 -49.38
CA LEU L 658 -20.07 66.70 -49.66
C LEU L 658 -20.48 67.16 -51.06
N PRO L 659 -21.27 66.35 -51.76
CA PRO L 659 -21.79 66.78 -53.06
C PRO L 659 -22.76 67.93 -52.93
N GLN L 660 -22.89 68.68 -54.01
CA GLN L 660 -23.85 69.78 -54.05
C GLN L 660 -25.28 69.24 -54.07
N VAL L 661 -26.13 69.80 -53.23
CA VAL L 661 -27.52 69.35 -53.13
C VAL L 661 -28.39 70.19 -54.05
N MET L 662 -29.16 69.52 -54.90
CA MET L 662 -30.05 70.21 -55.82
C MET L 662 -31.51 70.11 -55.43
N MET L 663 -31.94 69.00 -54.85
CA MET L 663 -33.31 68.83 -54.40
C MET L 663 -33.33 67.80 -53.28
N THR L 664 -34.47 67.73 -52.59
CA THR L 664 -34.66 66.73 -51.55
C THR L 664 -34.70 65.34 -52.16
N PRO L 665 -34.39 64.30 -51.36
CA PRO L 665 -34.52 62.93 -51.88
C PRO L 665 -35.92 62.60 -52.38
N ARG L 666 -36.96 63.15 -51.77
CA ARG L 666 -38.31 62.89 -52.25
C ARG L 666 -38.52 63.46 -53.65
N ASP L 667 -38.01 64.66 -53.91
CA ASP L 667 -38.12 65.24 -55.25
C ASP L 667 -37.38 64.40 -56.28
N ALA L 668 -36.19 63.94 -55.94
CA ALA L 668 -35.44 63.07 -56.85
C ALA L 668 -36.20 61.79 -57.15
N TYR L 669 -36.80 61.18 -56.12
CA TYR L 669 -37.55 59.95 -56.36
C TYR L 669 -38.80 60.21 -57.19
N GLN L 670 -39.47 61.34 -56.95
CA GLN L 670 -40.64 61.67 -57.75
C GLN L 670 -40.27 61.96 -59.20
N GLN L 671 -39.03 62.35 -59.46
CA GLN L 671 -38.56 62.35 -60.85
C GLN L 671 -38.57 60.95 -61.44
N ILE L 672 -38.18 59.94 -60.64
CA ILE L 672 -38.26 58.56 -61.11
C ILE L 672 -39.71 58.18 -61.40
N VAL L 673 -40.62 58.55 -60.51
CA VAL L 673 -42.03 58.22 -60.71
C VAL L 673 -42.57 58.88 -61.97
N ALA L 674 -42.16 60.10 -62.24
CA ALA L 674 -42.60 60.82 -63.43
C ALA L 674 -41.86 60.40 -64.69
N ASN L 675 -41.02 59.37 -64.61
CA ASN L 675 -40.26 58.85 -65.75
C ASN L 675 -39.32 59.89 -66.34
N ARG L 676 -38.91 60.86 -65.54
CA ARG L 676 -37.92 61.85 -65.96
C ARG L 676 -36.52 61.46 -65.53
N VAL L 677 -36.09 60.23 -65.84
CA VAL L 677 -34.77 59.75 -65.48
C VAL L 677 -34.20 58.94 -66.63
N GLU L 678 -32.87 58.77 -66.61
CA GLU L 678 -32.18 58.02 -67.65
C GLU L 678 -30.91 57.42 -67.07
N ALA L 679 -30.43 56.37 -67.73
CA ALA L 679 -29.18 55.73 -67.35
C ALA L 679 -28.02 56.46 -68.04
N VAL L 680 -27.08 56.93 -67.23
CA VAL L 680 -25.97 57.76 -67.69
C VAL L 680 -24.67 57.05 -67.36
N PRO L 681 -23.75 56.89 -68.31
CA PRO L 681 -22.44 56.30 -67.99
C PRO L 681 -21.62 57.24 -67.10
N VAL L 682 -20.60 56.64 -66.46
CA VAL L 682 -19.80 57.38 -65.49
C VAL L 682 -19.08 58.54 -66.17
N ASP L 683 -18.56 58.33 -67.38
CA ASP L 683 -17.82 59.38 -68.05
C ASP L 683 -18.70 60.56 -68.47
N GLN L 684 -20.03 60.43 -68.39
CA GLN L 684 -20.93 61.51 -68.74
C GLN L 684 -21.70 62.05 -67.54
N LEU L 685 -21.20 61.80 -66.33
CA LEU L 685 -21.93 62.15 -65.12
C LEU L 685 -21.78 63.61 -64.72
N MET L 686 -20.93 64.38 -65.40
CA MET L 686 -20.66 65.75 -64.98
C MET L 686 -21.91 66.61 -65.05
N GLY L 687 -22.26 67.24 -63.94
CA GLY L 687 -23.42 68.10 -63.86
C GLY L 687 -24.74 67.39 -63.63
N ARG L 688 -24.76 66.06 -63.60
CA ARG L 688 -25.99 65.31 -63.51
C ARG L 688 -26.41 65.12 -62.05
N VAL L 689 -27.72 65.01 -61.83
CA VAL L 689 -28.30 64.80 -60.51
C VAL L 689 -28.67 63.33 -60.40
N ALA L 690 -28.12 62.66 -59.38
CA ALA L 690 -28.41 61.25 -59.17
C ALA L 690 -29.87 61.05 -58.77
N ALA L 691 -30.53 60.07 -59.39
CA ALA L 691 -31.91 59.78 -59.05
C ALA L 691 -32.03 58.90 -57.82
N ASN L 692 -31.00 58.11 -57.52
CA ASN L 692 -30.98 57.28 -56.32
C ASN L 692 -29.60 57.42 -55.67
N SER L 693 -29.42 56.74 -54.54
CA SER L 693 -28.19 56.84 -53.79
C SER L 693 -27.10 55.96 -54.38
N ILE L 694 -25.86 56.43 -54.27
CA ILE L 694 -24.69 55.70 -54.73
C ILE L 694 -23.90 55.31 -53.48
N ILE L 695 -23.79 54.01 -53.24
CA ILE L 695 -23.09 53.48 -52.08
C ILE L 695 -21.97 52.56 -52.57
N PRO L 696 -20.75 53.06 -52.66
CA PRO L 696 -19.62 52.20 -53.02
C PRO L 696 -19.14 51.38 -51.82
N TYR L 697 -18.63 50.20 -52.13
CA TYR L 697 -18.00 49.33 -51.14
C TYR L 697 -16.57 49.08 -51.55
N PRO L 698 -15.56 49.64 -50.85
CA PRO L 698 -15.63 50.49 -49.66
C PRO L 698 -16.04 51.92 -49.99
N PRO L 699 -16.41 52.72 -48.99
CA PRO L 699 -16.46 52.44 -47.55
C PRO L 699 -17.81 51.92 -47.06
N GLY L 700 -18.74 51.64 -47.96
CA GLY L 700 -20.01 51.07 -47.56
C GLY L 700 -21.03 52.04 -47.04
N ILE L 701 -20.77 53.34 -47.12
CA ILE L 701 -21.74 54.36 -46.72
C ILE L 701 -21.98 55.24 -47.94
N PRO L 702 -23.14 55.89 -48.07
CA PRO L 702 -23.46 56.56 -49.34
C PRO L 702 -22.53 57.71 -49.64
N MET L 703 -22.02 57.73 -50.87
CA MET L 703 -21.23 58.87 -51.33
C MET L 703 -22.13 59.97 -51.87
N LEU L 704 -23.21 59.59 -52.54
CA LEU L 704 -24.23 60.52 -53.01
C LEU L 704 -25.60 60.02 -52.58
N LEU L 705 -26.44 60.94 -52.14
CA LEU L 705 -27.85 60.65 -51.91
C LEU L 705 -28.67 61.12 -53.10
N SER L 706 -29.94 60.72 -53.12
CA SER L 706 -30.83 61.14 -54.20
C SER L 706 -31.01 62.66 -54.17
N GLY L 707 -30.93 63.27 -55.34
CA GLY L 707 -31.05 64.71 -55.44
C GLY L 707 -29.77 65.48 -55.25
N GLU L 708 -28.62 64.83 -55.33
CA GLU L 708 -27.33 65.47 -55.16
C GLU L 708 -26.58 65.49 -56.50
N ASN L 709 -25.90 66.60 -56.76
CA ASN L 709 -25.17 66.76 -58.00
C ASN L 709 -23.87 65.94 -57.97
N PHE L 710 -23.51 65.40 -59.12
CA PHE L 710 -22.25 64.64 -59.20
C PHE L 710 -21.04 65.55 -59.23
N GLY L 711 -21.17 66.76 -59.77
CA GLY L 711 -20.08 67.72 -59.78
C GLY L 711 -19.50 67.88 -61.18
N ASP L 712 -18.52 68.78 -61.25
CA ASP L 712 -17.86 69.11 -62.51
C ASP L 712 -16.80 68.08 -62.88
N GLU L 713 -15.92 68.43 -63.82
CA GLU L 713 -14.93 67.49 -64.33
C GLU L 713 -14.00 67.00 -63.23
N ASN L 714 -13.60 67.90 -62.32
CA ASN L 714 -12.66 67.56 -61.27
C ASN L 714 -13.33 67.08 -59.99
N SER L 715 -14.58 66.63 -60.09
CA SER L 715 -15.30 66.19 -58.89
C SER L 715 -14.67 64.92 -58.34
N PRO L 716 -14.38 64.87 -57.05
CA PRO L 716 -13.81 63.63 -56.48
C PRO L 716 -14.75 62.44 -56.54
N HIS L 717 -16.07 62.66 -56.62
CA HIS L 717 -17.00 61.53 -56.60
C HIS L 717 -16.98 60.76 -57.91
N ILE L 718 -16.99 61.47 -59.04
CA ILE L 718 -16.84 60.81 -60.33
C ILE L 718 -15.47 60.15 -60.41
N HIS L 719 -14.45 60.79 -59.84
CA HIS L 719 -13.11 60.21 -59.83
C HIS L 719 -13.08 58.89 -59.06
N TYR L 720 -13.75 58.84 -57.91
CA TYR L 720 -13.78 57.60 -57.12
C TYR L 720 -14.55 56.51 -57.86
N LEU L 721 -15.67 56.87 -58.51
CA LEU L 721 -16.39 55.89 -59.30
C LEU L 721 -15.54 55.35 -60.43
N ARG L 722 -14.78 56.23 -61.09
CA ARG L 722 -13.87 55.81 -62.14
C ARG L 722 -12.78 54.89 -61.60
N SER L 723 -12.26 55.18 -60.41
CA SER L 723 -11.25 54.33 -59.80
C SER L 723 -11.79 52.93 -59.55
N LEU L 724 -13.01 52.84 -59.00
CA LEU L 724 -13.61 51.54 -58.77
C LEU L 724 -13.82 50.79 -60.09
N GLN L 725 -14.29 51.50 -61.12
CA GLN L 725 -14.48 50.87 -62.42
C GLN L 725 -13.17 50.35 -62.99
N ALA L 726 -12.10 51.14 -62.86
CA ALA L 726 -10.80 50.71 -63.36
C ALA L 726 -10.29 49.49 -62.61
N TRP L 727 -10.47 49.46 -61.29
CA TRP L 727 -10.09 48.26 -60.54
C TRP L 727 -10.88 47.04 -61.02
N ASP L 728 -12.18 47.21 -61.24
CA ASP L 728 -12.98 46.08 -61.71
C ASP L 728 -12.49 45.60 -63.07
N SER L 729 -12.14 46.52 -63.95
CA SER L 729 -11.65 46.13 -65.27
C SER L 729 -10.31 45.41 -65.17
N GLU L 730 -9.42 45.87 -64.29
CA GLU L 730 -8.09 45.29 -64.21
C GLU L 730 -8.07 43.93 -63.52
N PHE L 731 -8.98 43.68 -62.58
CA PHE L 731 -8.96 42.44 -61.80
C PHE L 731 -10.32 41.77 -61.83
N PRO L 732 -10.61 40.99 -62.87
CA PRO L 732 -11.85 40.21 -62.89
C PRO L 732 -11.90 39.22 -61.74
N GLY L 733 -13.09 39.03 -61.20
CA GLY L 733 -13.29 38.19 -60.04
C GLY L 733 -13.06 38.86 -58.71
N PHE L 734 -12.61 40.12 -58.70
CA PHE L 734 -12.39 40.89 -57.49
C PHE L 734 -13.09 42.24 -57.59
N GLU L 735 -14.28 42.23 -58.19
CA GLU L 735 -14.97 43.46 -58.52
C GLU L 735 -15.64 44.06 -57.29
N HIS L 736 -15.55 45.38 -57.16
CA HIS L 736 -16.21 46.08 -56.08
C HIS L 736 -17.72 46.08 -56.27
N GLU L 737 -18.44 46.13 -55.16
CA GLU L 737 -19.88 46.32 -55.18
C GLU L 737 -20.21 47.80 -54.99
N THR L 738 -21.17 48.29 -55.77
CA THR L 738 -21.60 49.68 -55.66
C THR L 738 -23.13 49.72 -55.82
N GLU L 739 -23.83 49.86 -54.71
CA GLU L 739 -25.27 50.00 -54.77
C GLU L 739 -25.67 51.30 -55.45
N GLY L 740 -26.70 51.23 -56.28
CA GLY L 740 -27.16 52.39 -57.01
C GLY L 740 -26.64 52.51 -58.42
N THR L 741 -25.93 51.51 -58.92
CA THR L 741 -25.39 51.52 -60.27
C THR L 741 -25.84 50.28 -61.01
N GLU L 742 -25.85 50.38 -62.34
CA GLU L 742 -26.07 49.24 -63.22
C GLU L 742 -24.80 48.96 -63.99
N ILE L 743 -24.40 47.70 -64.04
CA ILE L 743 -23.15 47.30 -64.67
C ILE L 743 -23.51 46.56 -65.96
N ILE L 744 -23.43 47.27 -67.09
CA ILE L 744 -23.68 46.71 -68.41
C ILE L 744 -22.34 46.55 -69.11
N ASP L 745 -22.09 45.35 -69.64
CA ASP L 745 -20.82 44.96 -70.26
C ASP L 745 -19.63 45.46 -69.45
N GLY L 746 -19.71 45.34 -68.13
CA GLY L 746 -18.63 45.76 -67.25
C GLY L 746 -18.51 47.25 -67.06
N GLN L 747 -19.48 48.04 -67.54
CA GLN L 747 -19.43 49.48 -67.47
C GLN L 747 -20.52 49.98 -66.54
N TYR L 748 -20.20 51.03 -65.78
CA TYR L 748 -21.12 51.53 -64.76
C TYR L 748 -22.14 52.49 -65.36
N TYR L 749 -23.40 52.30 -65.00
CA TYR L 749 -24.47 53.21 -65.39
C TYR L 749 -25.19 53.69 -64.13
N VAL L 750 -25.55 54.97 -64.12
CA VAL L 750 -26.22 55.60 -62.98
C VAL L 750 -27.49 56.26 -63.48
N MET L 751 -28.59 56.01 -62.77
CA MET L 751 -29.86 56.64 -63.09
C MET L 751 -29.83 58.10 -62.64
N CYS L 752 -30.05 59.01 -63.58
CA CYS L 752 -29.94 60.44 -63.31
C CYS L 752 -31.20 61.16 -63.78
N VAL L 753 -31.49 62.29 -63.13
CA VAL L 753 -32.64 63.09 -63.50
C VAL L 753 -32.39 63.74 -64.86
N LYS L 754 -33.36 63.62 -65.76
CA LYS L 754 -33.27 64.30 -67.05
C LYS L 754 -33.28 65.81 -66.84
N THR L 755 -32.36 66.50 -67.50
CA THR L 755 -32.24 67.94 -67.35
C THR L 755 -33.41 68.68 -67.98
N MET M 1 -26.77 -23.86 -53.91
CA MET M 1 -27.51 -24.96 -54.50
C MET M 1 -29.01 -24.75 -54.39
N ARG M 2 -29.69 -24.72 -55.54
CA ARG M 2 -31.13 -24.51 -55.57
C ARG M 2 -31.77 -25.60 -56.41
N ALA M 3 -32.78 -26.26 -55.85
CA ALA M 3 -33.55 -27.26 -56.55
C ALA M 3 -34.95 -26.72 -56.81
N LEU M 4 -35.44 -26.92 -58.02
CA LEU M 4 -36.78 -26.52 -58.41
C LEU M 4 -37.66 -27.75 -58.50
N ILE M 5 -38.79 -27.73 -57.80
CA ILE M 5 -39.76 -28.83 -57.80
C ILE M 5 -41.04 -28.34 -58.44
N VAL M 6 -41.42 -28.97 -59.55
CA VAL M 6 -42.62 -28.62 -60.30
C VAL M 6 -43.46 -29.88 -60.43
N TYR M 7 -44.53 -29.98 -59.64
CA TYR M 7 -45.46 -31.10 -59.74
C TYR M 7 -46.87 -30.55 -59.69
N THR M 8 -47.78 -31.17 -60.45
CA THR M 8 -49.14 -30.66 -60.58
C THR M 8 -50.14 -31.55 -59.86
N GLU M 9 -50.31 -32.80 -60.30
CA GLU M 9 -51.26 -33.73 -59.68
C GLU M 9 -50.75 -35.13 -59.96
N LEU M 10 -50.07 -35.73 -58.99
CA LEU M 10 -49.53 -37.07 -59.19
C LEU M 10 -50.49 -38.15 -58.71
N THR M 11 -51.24 -37.88 -57.64
CA THR M 11 -52.20 -38.82 -57.08
C THR M 11 -53.61 -38.25 -57.19
N ASP M 12 -54.59 -39.16 -57.20
CA ASP M 12 -55.98 -38.74 -57.23
C ASP M 12 -56.35 -37.88 -56.03
N LYS M 13 -55.68 -38.07 -54.90
CA LYS M 13 -55.84 -37.23 -53.73
C LYS M 13 -54.54 -36.46 -53.50
N ASP M 14 -54.65 -35.14 -53.44
CA ASP M 14 -53.47 -34.28 -53.48
C ASP M 14 -52.57 -34.48 -52.28
N SER M 15 -53.13 -34.87 -51.13
CA SER M 15 -52.36 -34.84 -49.89
C SER M 15 -51.19 -35.82 -49.90
N VAL M 16 -51.31 -36.93 -50.62
CA VAL M 16 -50.24 -37.93 -50.62
C VAL M 16 -48.98 -37.37 -51.26
N ILE M 17 -49.10 -36.89 -52.49
CA ILE M 17 -47.94 -36.34 -53.19
C ILE M 17 -47.44 -35.08 -52.49
N SER M 18 -48.35 -34.27 -51.96
CA SER M 18 -47.93 -33.06 -51.26
C SER M 18 -47.10 -33.39 -50.03
N HIS M 19 -47.52 -34.38 -49.24
CA HIS M 19 -46.74 -34.76 -48.06
C HIS M 19 -45.41 -35.38 -48.45
N ALA M 20 -45.39 -36.21 -49.50
CA ALA M 20 -44.12 -36.78 -49.94
C ALA M 20 -43.16 -35.68 -50.40
N VAL M 21 -43.66 -34.70 -51.15
CA VAL M 21 -42.82 -33.60 -51.63
C VAL M 21 -42.35 -32.75 -50.46
N ALA M 22 -43.21 -32.55 -49.45
CA ALA M 22 -42.80 -31.79 -48.28
C ALA M 22 -41.67 -32.50 -47.54
N ARG M 23 -41.77 -33.82 -47.38
CA ARG M 23 -40.68 -34.56 -46.75
C ARG M 23 -39.39 -34.45 -47.55
N LEU M 24 -39.49 -34.57 -48.88
CA LEU M 24 -38.30 -34.43 -49.71
C LEU M 24 -37.68 -33.04 -49.60
N ALA M 25 -38.53 -32.00 -49.58
CA ALA M 25 -38.02 -30.64 -49.47
C ALA M 25 -37.35 -30.42 -48.13
N SER M 26 -37.91 -30.99 -47.05
CA SER M 26 -37.25 -30.88 -45.75
C SER M 26 -35.89 -31.55 -45.77
N GLU M 27 -35.81 -32.75 -46.34
CA GLU M 27 -34.52 -33.44 -46.42
C GLU M 27 -33.52 -32.69 -47.29
N LEU M 28 -33.99 -32.04 -48.35
CA LEU M 28 -33.09 -31.26 -49.19
C LEU M 28 -32.60 -30.01 -48.46
N ASN M 29 -33.48 -29.37 -47.69
CA ASN M 29 -33.05 -28.20 -46.93
C ASN M 29 -32.06 -28.59 -45.83
N ASP M 30 -32.19 -29.78 -45.26
CA ASP M 30 -31.24 -30.23 -44.26
C ASP M 30 -29.85 -30.45 -44.82
N GLU M 31 -29.71 -30.64 -46.14
CA GLU M 31 -28.41 -30.71 -46.77
C GLU M 31 -28.05 -29.43 -47.51
N HIS M 32 -28.65 -28.31 -47.13
CA HIS M 32 -28.32 -26.99 -47.65
C HIS M 32 -28.60 -26.85 -49.14
N VAL M 33 -29.65 -27.50 -49.62
CA VAL M 33 -30.19 -27.25 -50.95
C VAL M 33 -31.48 -26.48 -50.80
N GLU M 34 -31.50 -25.24 -51.28
CA GLU M 34 -32.72 -24.46 -51.26
C GLU M 34 -33.72 -25.02 -52.26
N THR M 35 -34.99 -25.04 -51.89
CA THR M 35 -36.05 -25.62 -52.70
C THR M 35 -37.11 -24.59 -53.03
N VAL M 36 -37.52 -24.56 -54.28
CA VAL M 36 -38.67 -23.79 -54.74
C VAL M 36 -39.71 -24.78 -55.23
N ILE M 37 -40.89 -24.75 -54.62
CA ILE M 37 -41.96 -25.70 -54.93
C ILE M 37 -43.03 -24.96 -55.73
N ILE M 38 -43.35 -25.49 -56.90
CA ILE M 38 -44.27 -24.87 -57.84
C ILE M 38 -45.29 -25.92 -58.28
N ARG M 39 -46.57 -25.54 -58.30
CA ARG M 39 -47.64 -26.48 -58.59
C ARG M 39 -48.17 -26.38 -60.01
N ASP M 40 -47.62 -25.52 -60.85
CA ASP M 40 -48.14 -25.34 -62.21
C ASP M 40 -46.98 -25.16 -63.17
N PHE M 41 -47.11 -25.76 -64.36
CA PHE M 41 -46.01 -25.71 -65.32
C PHE M 41 -45.82 -24.32 -65.91
N GLU M 42 -46.89 -23.53 -66.01
CA GLU M 42 -46.73 -22.15 -66.48
C GLU M 42 -45.99 -21.30 -65.45
N ASP M 43 -46.30 -21.51 -64.17
CA ASP M 43 -45.56 -20.82 -63.11
C ASP M 43 -44.10 -21.25 -63.12
N GLY M 44 -43.83 -22.54 -63.32
CA GLY M 44 -42.47 -23.01 -63.40
C GLY M 44 -41.73 -22.42 -64.60
N LEU M 45 -42.43 -22.29 -65.72
CA LEU M 45 -41.86 -21.66 -66.91
C LEU M 45 -41.50 -20.20 -66.64
N ALA M 46 -42.40 -19.48 -65.97
CA ALA M 46 -42.11 -18.09 -65.61
C ALA M 46 -40.91 -18.00 -64.67
N TYR M 47 -40.83 -18.92 -63.71
CA TYR M 47 -39.70 -18.95 -62.80
C TYR M 47 -38.39 -19.20 -63.56
N ILE M 48 -38.42 -20.15 -64.49
CA ILE M 48 -37.22 -20.48 -65.25
C ILE M 48 -36.79 -19.30 -66.12
N ARG M 49 -37.75 -18.56 -66.68
CA ARG M 49 -37.40 -17.43 -67.53
C ARG M 49 -36.84 -16.25 -66.75
N SER M 50 -36.92 -16.26 -65.43
CA SER M 50 -36.15 -15.34 -64.62
C SER M 50 -34.73 -15.87 -64.45
N ASN M 51 -33.75 -15.00 -64.60
CA ASN M 51 -32.35 -15.42 -64.65
C ASN M 51 -31.89 -15.84 -63.25
N THR M 52 -32.49 -16.92 -62.76
CA THR M 52 -32.16 -17.50 -61.47
C THR M 52 -31.46 -18.84 -61.70
N SER M 53 -30.34 -19.05 -61.01
CA SER M 53 -29.60 -20.29 -61.17
C SER M 53 -30.37 -21.45 -60.57
N ILE M 54 -30.55 -22.50 -61.34
CA ILE M 54 -31.24 -23.72 -60.90
C ILE M 54 -30.25 -24.86 -61.04
N ASP M 55 -30.02 -25.57 -59.95
CA ASP M 55 -29.03 -26.64 -59.95
C ASP M 55 -29.63 -28.01 -60.22
N CYS M 56 -30.94 -28.18 -60.05
CA CYS M 56 -31.60 -29.45 -60.29
C CYS M 56 -33.09 -29.21 -60.46
N LEU M 57 -33.69 -29.93 -61.40
CA LEU M 57 -35.12 -29.87 -61.64
C LEU M 57 -35.73 -31.21 -61.28
N LEU M 58 -36.70 -31.20 -60.38
CA LEU M 58 -37.49 -32.38 -60.04
C LEU M 58 -38.93 -32.10 -60.42
N TYR M 59 -39.48 -32.89 -61.33
CA TYR M 59 -40.83 -32.64 -61.81
C TYR M 59 -41.65 -33.91 -61.83
N GLY M 60 -42.95 -33.73 -61.74
CA GLY M 60 -43.90 -34.82 -61.93
C GLY M 60 -45.18 -34.27 -62.51
N ARG M 61 -45.86 -35.09 -63.29
CA ARG M 61 -47.12 -34.72 -63.92
C ARG M 61 -48.18 -35.78 -63.62
N ASP M 62 -49.32 -35.64 -64.30
CA ASP M 62 -50.39 -36.62 -64.17
C ASP M 62 -49.96 -37.99 -64.67
N MET M 63 -49.15 -38.02 -65.72
CA MET M 63 -48.57 -39.19 -66.38
C MET M 63 -49.58 -39.89 -67.27
N SER M 64 -50.85 -39.52 -67.25
CA SER M 64 -51.82 -39.98 -68.21
C SER M 64 -52.34 -38.86 -69.11
N ASP M 65 -51.85 -37.64 -68.94
CA ASP M 65 -52.29 -36.49 -69.72
C ASP M 65 -51.21 -36.12 -70.72
N ARG M 66 -51.54 -36.15 -72.01
CA ARG M 66 -50.55 -35.76 -73.02
C ARG M 66 -50.28 -34.26 -73.00
N ASP M 67 -51.26 -33.45 -72.61
CA ASP M 67 -51.05 -32.01 -72.52
C ASP M 67 -50.01 -31.68 -71.46
N GLU M 68 -50.09 -32.32 -70.31
CA GLU M 68 -49.07 -32.11 -69.28
C GLU M 68 -47.72 -32.65 -69.71
N GLN M 69 -47.70 -33.72 -70.52
CA GLN M 69 -46.44 -34.20 -71.07
C GLN M 69 -45.80 -33.16 -71.98
N ILE M 70 -46.61 -32.54 -72.84
CA ILE M 70 -46.10 -31.48 -73.71
C ILE M 70 -45.60 -30.31 -72.88
N GLN M 71 -46.35 -29.93 -71.84
CA GLN M 71 -45.93 -28.83 -70.98
C GLN M 71 -44.63 -29.12 -70.27
N ALA M 72 -44.47 -30.35 -69.76
CA ALA M 72 -43.23 -30.73 -69.08
C ALA M 72 -42.05 -30.71 -70.04
N HIS M 73 -42.25 -31.21 -71.26
CA HIS M 73 -41.17 -31.17 -72.24
C HIS M 73 -40.79 -29.73 -72.57
N ARG M 74 -41.78 -28.86 -72.69
CA ARG M 74 -41.52 -27.44 -72.91
C ARG M 74 -40.74 -26.83 -71.76
N LEU M 75 -41.10 -27.18 -70.53
CA LEU M 75 -40.39 -26.66 -69.37
C LEU M 75 -38.93 -27.09 -69.37
N ILE M 76 -38.67 -28.37 -69.68
CA ILE M 76 -37.29 -28.84 -69.66
C ILE M 76 -36.48 -28.21 -70.79
N THR M 77 -37.09 -28.06 -71.98
CA THR M 77 -36.39 -27.41 -73.07
C THR M 77 -36.06 -25.96 -72.74
N GLN M 78 -37.02 -25.25 -72.13
CA GLN M 78 -36.77 -23.87 -71.72
C GLN M 78 -35.64 -23.81 -70.70
N LEU M 79 -35.63 -24.72 -69.73
CA LEU M 79 -34.56 -24.74 -68.75
C LEU M 79 -33.21 -24.96 -69.40
N HIS M 80 -33.13 -25.87 -70.36
CA HIS M 80 -31.86 -26.17 -70.98
C HIS M 80 -31.46 -25.16 -72.05
N ARG M 81 -32.33 -24.20 -72.38
CA ARG M 81 -31.91 -23.12 -73.28
C ARG M 81 -30.69 -22.38 -72.74
N ARG M 82 -30.74 -21.95 -71.48
CA ARG M 82 -29.63 -21.23 -70.88
C ARG M 82 -28.94 -21.97 -69.75
N GLN M 83 -29.51 -23.06 -69.25
CA GLN M 83 -28.90 -23.88 -68.21
C GLN M 83 -28.89 -25.31 -68.75
N GLU M 84 -27.85 -25.61 -69.54
CA GLU M 84 -27.94 -26.70 -70.51
C GLU M 84 -27.93 -28.08 -69.86
N ASP M 85 -27.06 -28.29 -68.88
CA ASP M 85 -26.84 -29.64 -68.35
C ASP M 85 -27.40 -29.82 -66.95
N VAL M 86 -28.40 -29.03 -66.58
CA VAL M 86 -29.00 -29.17 -65.25
C VAL M 86 -29.66 -30.55 -65.14
N PRO M 87 -29.40 -31.31 -64.09
CA PRO M 87 -30.04 -32.62 -63.95
C PRO M 87 -31.55 -32.51 -63.81
N VAL M 88 -32.25 -33.47 -64.40
CA VAL M 88 -33.71 -33.54 -64.34
C VAL M 88 -34.10 -34.85 -63.66
N PHE M 89 -34.81 -34.75 -62.54
CA PHE M 89 -35.36 -35.89 -61.85
C PHE M 89 -36.85 -35.99 -62.14
N LEU M 90 -37.32 -37.18 -62.47
CA LEU M 90 -38.74 -37.44 -62.64
C LEU M 90 -39.31 -37.97 -61.33
N LEU M 91 -40.22 -37.21 -60.73
CA LEU M 91 -40.96 -37.66 -59.56
C LEU M 91 -42.25 -38.33 -60.03
N SER M 92 -42.43 -39.59 -59.69
CA SER M 92 -43.59 -40.31 -60.18
C SER M 92 -43.83 -41.54 -59.33
N ASP M 93 -45.08 -42.01 -59.35
CA ASP M 93 -45.37 -43.36 -58.94
C ASP M 93 -44.68 -44.34 -59.89
N ARG M 94 -44.15 -45.42 -59.34
CA ARG M 94 -43.25 -46.29 -60.11
C ARG M 94 -43.96 -46.90 -61.32
N GLU M 95 -45.17 -47.45 -61.11
CA GLU M 95 -45.84 -48.14 -62.20
C GLU M 95 -46.22 -47.20 -63.34
N GLU M 96 -46.71 -46.00 -62.99
CA GLU M 96 -47.06 -45.03 -64.01
C GLU M 96 -45.86 -44.62 -64.84
N ALA M 97 -44.71 -44.40 -64.20
CA ALA M 97 -43.51 -44.05 -64.93
C ALA M 97 -43.03 -45.21 -65.79
N LEU M 98 -43.10 -46.44 -65.27
CA LEU M 98 -42.60 -47.58 -66.02
C LEU M 98 -43.45 -47.87 -67.25
N VAL M 99 -44.77 -47.67 -67.17
CA VAL M 99 -45.58 -47.90 -68.37
C VAL M 99 -45.36 -46.80 -69.41
N ALA M 100 -44.93 -45.61 -69.01
CA ALA M 100 -44.63 -44.53 -69.93
C ALA M 100 -43.18 -44.50 -70.37
N PHE M 101 -42.37 -45.46 -69.93
CA PHE M 101 -40.94 -45.46 -70.23
C PHE M 101 -40.69 -45.71 -71.71
N ASP M 102 -39.85 -44.87 -72.32
CA ASP M 102 -39.42 -45.05 -73.70
C ASP M 102 -38.17 -44.22 -73.94
N ARG M 103 -37.70 -44.24 -75.19
CA ARG M 103 -36.51 -43.45 -75.56
C ARG M 103 -36.76 -41.96 -75.39
N ASN M 104 -37.95 -41.50 -75.77
CA ASN M 104 -38.26 -40.08 -75.70
C ASN M 104 -38.26 -39.58 -74.26
N MET M 105 -38.75 -40.41 -73.32
CA MET M 105 -38.67 -40.06 -71.90
C MET M 105 -37.21 -39.92 -71.46
N MET M 106 -36.37 -40.90 -71.80
CA MET M 106 -34.99 -40.86 -71.37
C MET M 106 -34.18 -39.78 -72.04
N GLU M 107 -34.67 -39.21 -73.14
CA GLU M 107 -33.97 -38.10 -73.77
C GLU M 107 -33.98 -36.87 -72.87
N GLN M 108 -34.96 -36.72 -72.00
CA GLN M 108 -35.05 -35.55 -71.14
C GLN M 108 -34.96 -35.85 -69.64
N VAL M 109 -35.03 -37.10 -69.23
CA VAL M 109 -34.98 -37.47 -67.82
C VAL M 109 -33.62 -38.08 -67.52
N ASP M 110 -32.95 -37.56 -66.50
CA ASP M 110 -31.66 -38.11 -66.08
C ASP M 110 -31.82 -39.16 -64.98
N GLU M 111 -32.74 -38.97 -64.05
CA GLU M 111 -32.91 -39.91 -62.95
C GLU M 111 -34.37 -40.06 -62.57
N PHE M 112 -34.66 -41.19 -61.94
CA PHE M 112 -35.98 -41.51 -61.43
C PHE M 112 -36.01 -41.32 -59.92
N ALA M 113 -37.11 -40.77 -59.42
CA ALA M 113 -37.33 -40.63 -57.98
C ALA M 113 -38.72 -41.17 -57.67
N TRP M 114 -38.78 -42.40 -57.17
CA TRP M 114 -40.05 -43.00 -56.78
C TRP M 114 -40.48 -42.37 -55.47
N ILE M 115 -41.11 -41.19 -55.58
CA ILE M 115 -41.37 -40.34 -54.43
C ILE M 115 -42.31 -40.99 -53.40
N LEU M 116 -43.16 -41.92 -53.83
CA LEU M 116 -44.14 -42.51 -52.93
C LEU M 116 -43.71 -43.80 -52.26
N GLU M 117 -42.56 -44.36 -52.64
CA GLU M 117 -42.09 -45.60 -52.04
C GLU M 117 -40.62 -45.56 -51.67
N ASP M 118 -39.99 -44.39 -51.69
CA ASP M 118 -38.57 -44.25 -51.39
C ASP M 118 -38.40 -43.25 -50.26
N SER M 119 -37.37 -43.46 -49.47
CA SER M 119 -37.05 -42.53 -48.40
C SER M 119 -36.60 -41.19 -49.00
N ALA M 120 -37.06 -40.11 -48.39
CA ALA M 120 -36.64 -38.78 -48.85
C ALA M 120 -35.15 -38.57 -48.70
N ASP M 121 -34.52 -39.25 -47.74
CA ASP M 121 -33.08 -39.10 -47.55
C ASP M 121 -32.30 -39.66 -48.73
N PHE M 122 -32.71 -40.82 -49.25
CA PHE M 122 -32.01 -41.40 -50.40
C PHE M 122 -32.13 -40.51 -51.63
N ILE M 123 -33.33 -40.00 -51.89
CA ILE M 123 -33.53 -39.12 -53.04
C ILE M 123 -32.74 -37.83 -52.86
N ALA M 124 -32.74 -37.28 -51.65
CA ALA M 124 -31.98 -36.05 -51.38
C ALA M 124 -30.49 -36.27 -51.61
N GLY M 125 -29.96 -37.41 -51.17
CA GLY M 125 -28.56 -37.70 -51.41
C GLY M 125 -28.24 -37.80 -52.89
N ARG M 126 -29.10 -38.47 -53.65
CA ARG M 126 -28.88 -38.58 -55.09
C ARG M 126 -28.97 -37.21 -55.76
N VAL M 127 -29.90 -36.37 -55.32
CA VAL M 127 -30.02 -35.02 -55.86
C VAL M 127 -28.76 -34.21 -55.57
N LEU M 128 -28.24 -34.32 -54.35
CA LEU M 128 -27.01 -33.60 -54.00
C LEU M 128 -25.84 -34.07 -54.85
N ALA M 129 -25.71 -35.38 -55.06
CA ALA M 129 -24.65 -35.89 -55.92
C ALA M 129 -24.78 -35.36 -57.34
N ALA M 130 -26.00 -35.34 -57.87
CA ALA M 130 -26.21 -34.81 -59.22
C ALA M 130 -25.86 -33.33 -59.29
N ILE M 131 -26.24 -32.56 -58.27
CA ILE M 131 -25.94 -31.13 -58.25
C ILE M 131 -24.43 -30.90 -58.23
N GLN M 132 -23.71 -31.68 -57.42
CA GLN M 132 -22.26 -31.53 -57.37
C GLN M 132 -21.62 -31.88 -58.70
N ARG M 133 -22.10 -32.96 -59.33
CA ARG M 133 -21.58 -33.31 -60.65
C ARG M 133 -21.82 -32.19 -61.66
N TYR M 134 -23.01 -31.59 -61.62
CA TYR M 134 -23.30 -30.49 -62.54
C TYR M 134 -22.43 -29.28 -62.27
N ARG M 135 -22.25 -28.91 -61.01
CA ARG M 135 -21.46 -27.75 -60.67
C ARG M 135 -19.99 -27.93 -61.02
N SER M 136 -19.48 -29.16 -60.96
CA SER M 136 -18.07 -29.39 -61.23
C SER M 136 -17.70 -29.20 -62.69
N GLN M 137 -18.67 -29.23 -63.61
CA GLN M 137 -18.40 -29.05 -65.03
C GLN M 137 -18.84 -27.70 -65.56
N LEU M 138 -19.28 -26.79 -64.68
CA LEU M 138 -19.92 -25.57 -65.13
C LEU M 138 -18.94 -24.54 -65.66
N LEU M 139 -17.75 -24.44 -65.07
CA LEU M 139 -16.96 -23.29 -65.49
C LEU M 139 -16.00 -23.64 -66.61
N PRO M 140 -15.69 -22.67 -67.47
CA PRO M 140 -14.66 -22.86 -68.50
C PRO M 140 -13.28 -22.96 -67.88
N PRO M 141 -12.28 -23.48 -68.60
CA PRO M 141 -11.03 -23.90 -67.94
C PRO M 141 -10.25 -22.78 -67.29
N LEU M 142 -10.00 -21.69 -68.01
CA LEU M 142 -9.19 -20.61 -67.45
C LEU M 142 -9.83 -20.00 -66.22
N MET M 143 -11.14 -19.75 -66.28
CA MET M 143 -11.84 -19.16 -65.15
C MET M 143 -11.80 -20.08 -63.95
N LYS M 144 -11.98 -21.39 -64.19
CA LYS M 144 -11.92 -22.37 -63.13
C LYS M 144 -10.56 -22.41 -62.46
N SER M 145 -9.49 -22.41 -63.25
CA SER M 145 -8.15 -22.44 -62.67
C SER M 145 -7.83 -21.16 -61.93
N LEU M 146 -8.27 -20.01 -62.45
CA LEU M 146 -8.04 -18.75 -61.75
C LEU M 146 -8.77 -18.72 -60.41
N ILE M 147 -10.03 -19.18 -60.39
CA ILE M 147 -10.76 -19.21 -59.12
C ILE M 147 -10.09 -20.15 -58.14
N LYS M 148 -9.63 -21.30 -58.63
CA LYS M 148 -8.96 -22.25 -57.75
C LYS M 148 -7.67 -21.67 -57.17
N TYR M 149 -6.91 -20.94 -57.98
CA TYR M 149 -5.67 -20.37 -57.48
C TYR M 149 -5.90 -19.17 -56.58
N SER M 150 -7.03 -18.48 -56.74
CA SER M 150 -7.29 -17.25 -55.99
C SER M 150 -7.28 -17.45 -54.48
N ASP M 151 -7.50 -18.66 -53.98
CA ASP M 151 -7.47 -18.88 -52.54
C ASP M 151 -6.06 -18.75 -51.95
N VAL M 152 -5.02 -18.87 -52.76
CA VAL M 152 -3.66 -18.72 -52.27
C VAL M 152 -3.43 -17.27 -51.84
N HIS M 153 -2.87 -17.08 -50.64
CA HIS M 153 -2.63 -15.74 -50.12
C HIS M 153 -1.19 -15.49 -49.71
N GLU M 154 -0.28 -16.42 -49.98
CA GLU M 154 1.10 -16.29 -49.52
C GLU M 154 1.83 -15.23 -50.33
N TYR M 155 2.73 -14.52 -49.65
CA TYR M 155 3.59 -13.54 -50.31
C TYR M 155 4.57 -14.27 -51.22
N SER M 156 4.32 -14.21 -52.52
CA SER M 156 5.37 -14.54 -53.47
C SER M 156 6.42 -13.43 -53.44
N TRP M 157 7.64 -13.79 -53.79
CA TRP M 157 8.75 -12.84 -53.78
C TRP M 157 9.02 -12.29 -55.17
N ALA M 158 7.96 -12.08 -55.95
CA ALA M 158 8.05 -11.62 -57.32
C ALA M 158 6.92 -10.64 -57.61
N ALA M 159 6.96 -10.05 -58.81
CA ALA M 159 5.93 -9.11 -59.22
C ALA M 159 4.64 -9.85 -59.54
N PRO M 160 3.48 -9.14 -59.51
CA PRO M 160 3.26 -7.71 -59.25
C PRO M 160 3.49 -7.32 -57.80
N GLY M 161 3.90 -6.07 -57.60
CA GLY M 161 4.28 -5.60 -56.28
C GLY M 161 3.16 -5.51 -55.28
N HIS M 162 1.92 -5.31 -55.74
CA HIS M 162 0.81 -5.16 -54.80
C HIS M 162 0.50 -6.46 -54.06
N GLN M 163 0.92 -7.60 -54.60
CA GLN M 163 0.85 -8.90 -53.91
C GLN M 163 -0.58 -9.24 -53.51
N GLY M 164 -1.43 -9.39 -54.52
CA GLY M 164 -2.81 -9.74 -54.26
C GLY M 164 -3.61 -8.65 -53.60
N GLY M 165 -3.23 -7.38 -53.82
CA GLY M 165 -3.97 -6.26 -53.27
C GLY M 165 -3.52 -5.80 -51.90
N VAL M 166 -2.59 -6.51 -51.27
CA VAL M 166 -2.12 -6.11 -49.94
C VAL M 166 -1.48 -4.73 -49.98
N GLY M 167 -0.74 -4.44 -51.06
CA GLY M 167 -0.05 -3.17 -51.15
C GLY M 167 -0.98 -1.96 -51.12
N PHE M 168 -2.18 -2.10 -51.68
CA PHE M 168 -3.11 -0.98 -51.68
C PHE M 168 -3.60 -0.64 -50.28
N THR M 169 -3.70 -1.63 -49.39
CA THR M 169 -4.28 -1.37 -48.08
C THR M 169 -3.25 -0.82 -47.09
N LYS M 170 -2.51 0.20 -47.50
CA LYS M 170 -1.53 0.83 -46.62
C LYS M 170 -1.69 2.33 -46.52
N THR M 171 -2.44 2.97 -47.42
CA THR M 171 -2.88 4.34 -47.29
C THR M 171 -4.40 4.35 -47.28
N PRO M 172 -5.02 5.39 -46.71
CA PRO M 172 -6.49 5.45 -46.72
C PRO M 172 -7.10 5.46 -48.12
N ALA M 173 -6.51 6.22 -49.05
CA ALA M 173 -7.04 6.22 -50.42
C ALA M 173 -6.88 4.85 -51.07
N GLY M 174 -5.74 4.20 -50.85
CA GLY M 174 -5.58 2.84 -51.32
C GLY M 174 -6.58 1.88 -50.73
N ARG M 175 -6.95 2.07 -49.45
CA ARG M 175 -7.94 1.21 -48.84
C ARG M 175 -9.32 1.43 -49.45
N ILE M 176 -9.67 2.69 -49.72
CA ILE M 176 -10.95 2.97 -50.39
C ILE M 176 -10.97 2.33 -51.78
N TYR M 177 -9.88 2.48 -52.52
CA TYR M 177 -9.79 1.89 -53.86
C TYR M 177 -9.90 0.37 -53.80
N HIS M 178 -9.21 -0.26 -52.84
CA HIS M 178 -9.22 -1.71 -52.69
C HIS M 178 -10.60 -2.21 -52.31
N ASP M 179 -11.30 -1.51 -51.43
CA ASP M 179 -12.65 -1.91 -51.07
C ASP M 179 -13.62 -1.72 -52.22
N PHE M 180 -13.43 -0.66 -53.02
CA PHE M 180 -14.30 -0.44 -54.17
C PHE M 180 -14.16 -1.57 -55.18
N PHE M 181 -12.93 -1.90 -55.57
CA PHE M 181 -12.77 -2.89 -56.63
C PHE M 181 -12.84 -4.33 -56.14
N GLY M 182 -12.70 -4.56 -54.84
CA GLY M 182 -12.84 -5.90 -54.31
C GLY M 182 -11.55 -6.70 -54.37
N GLU M 183 -11.48 -7.71 -53.49
CA GLU M 183 -10.25 -8.46 -53.29
C GLU M 183 -9.94 -9.41 -54.45
N ASN M 184 -10.97 -10.03 -55.03
CA ASN M 184 -10.74 -11.09 -56.00
C ASN M 184 -10.10 -10.57 -57.28
N LEU M 185 -10.37 -9.32 -57.66
CA LEU M 185 -9.70 -8.76 -58.84
C LEU M 185 -8.19 -8.72 -58.64
N PHE M 186 -7.74 -8.29 -57.46
CA PHE M 186 -6.31 -8.21 -57.21
C PHE M 186 -5.69 -9.58 -56.96
N ARG M 187 -6.47 -10.52 -56.44
CA ARG M 187 -5.88 -11.83 -56.20
C ARG M 187 -5.74 -12.67 -57.47
N THR M 188 -6.38 -12.27 -58.57
CA THR M 188 -6.15 -12.92 -59.85
C THR M 188 -5.03 -12.29 -60.65
N ASP M 189 -4.57 -11.11 -60.25
CA ASP M 189 -3.45 -10.44 -60.91
C ASP M 189 -2.17 -11.08 -60.36
N ILE M 190 -1.78 -12.21 -60.95
CA ILE M 190 -0.77 -13.07 -60.35
C ILE M 190 0.53 -13.10 -61.12
N GLY M 191 0.59 -12.54 -62.32
CA GLY M 191 1.79 -12.64 -63.12
C GLY M 191 1.79 -13.90 -63.96
N ILE M 192 2.79 -13.97 -64.84
CA ILE M 192 2.88 -15.05 -65.82
C ILE M 192 3.81 -16.16 -65.36
N GLU M 193 4.18 -16.19 -64.08
CA GLU M 193 5.16 -17.13 -63.56
C GLU M 193 4.56 -18.16 -62.61
N ARG M 194 3.23 -18.33 -62.64
CA ARG M 194 2.56 -19.32 -61.80
C ARG M 194 2.14 -20.48 -62.68
N VAL M 195 2.89 -21.59 -62.58
CA VAL M 195 2.68 -22.73 -63.48
C VAL M 195 1.37 -23.45 -63.24
N ALA M 196 0.71 -23.21 -62.10
CA ALA M 196 -0.59 -23.83 -61.87
C ALA M 196 -1.60 -23.37 -62.91
N VAL M 197 -1.53 -22.11 -63.32
CA VAL M 197 -2.46 -21.56 -64.31
C VAL M 197 -1.88 -21.64 -65.72
N GLY M 198 -0.61 -21.35 -65.88
CA GLY M 198 0.02 -21.27 -67.18
C GLY M 198 0.37 -19.84 -67.54
N SER M 199 0.73 -19.64 -68.81
CA SER M 199 1.09 -18.33 -69.30
C SER M 199 0.35 -18.05 -70.60
N LEU M 200 -0.14 -16.82 -70.74
CA LEU M 200 -0.88 -16.45 -71.94
C LEU M 200 0.01 -16.39 -73.17
N LEU M 201 1.19 -15.78 -73.05
CA LEU M 201 2.05 -15.60 -74.20
C LEU M 201 2.63 -16.92 -74.70
N ASP M 202 2.80 -17.89 -73.81
CA ASP M 202 3.27 -19.20 -74.22
C ASP M 202 2.14 -20.12 -74.64
N HIS M 203 0.89 -19.72 -74.45
CA HIS M 203 -0.29 -20.53 -74.78
C HIS M 203 -0.23 -21.90 -74.12
N THR M 204 0.18 -21.93 -72.86
CA THR M 204 0.31 -23.17 -72.11
C THR M 204 -0.70 -23.21 -70.96
N GLY M 205 -0.95 -24.42 -70.49
CA GLY M 205 -1.83 -24.60 -69.35
C GLY M 205 -3.26 -24.23 -69.66
N ALA M 206 -3.91 -23.60 -68.68
CA ALA M 206 -5.29 -23.19 -68.84
C ALA M 206 -5.48 -22.20 -69.97
N PHE M 207 -4.44 -21.43 -70.31
CA PHE M 207 -4.56 -20.51 -71.45
C PHE M 207 -4.62 -21.28 -72.76
N GLY M 208 -3.80 -22.32 -72.91
CA GLY M 208 -3.92 -23.17 -74.08
C GLY M 208 -5.27 -23.87 -74.15
N GLU M 209 -5.76 -24.36 -73.01
CA GLU M 209 -7.08 -24.96 -72.98
C GLU M 209 -8.15 -23.97 -73.41
N CYS M 210 -8.09 -22.75 -72.90
CA CYS M 210 -9.09 -21.73 -73.22
C CYS M 210 -9.05 -21.36 -74.69
N GLU M 211 -7.85 -21.24 -75.26
CA GLU M 211 -7.76 -20.91 -76.68
C GLU M 211 -8.27 -22.04 -77.56
N LYS M 212 -8.00 -23.30 -77.18
CA LYS M 212 -8.56 -24.41 -77.95
C LYS M 212 -10.09 -24.44 -77.84
N ASN M 213 -10.61 -24.17 -76.64
CA ASN M 213 -12.06 -24.11 -76.45
C ASN M 213 -12.67 -23.01 -77.30
N ALA M 214 -12.04 -21.84 -77.33
CA ALA M 214 -12.55 -20.73 -78.13
C ALA M 214 -12.50 -21.04 -79.61
N ALA M 215 -11.42 -21.68 -80.07
CA ALA M 215 -11.34 -22.06 -81.47
C ALA M 215 -12.45 -23.03 -81.84
N ARG M 216 -12.74 -23.98 -80.96
CA ARG M 216 -13.87 -24.88 -81.20
C ARG M 216 -15.19 -24.13 -81.25
N ILE M 217 -15.42 -23.23 -80.29
CA ILE M 217 -16.71 -22.55 -80.18
C ILE M 217 -16.94 -21.63 -81.38
N PHE M 218 -15.90 -20.92 -81.81
CA PHE M 218 -16.04 -19.97 -82.90
C PHE M 218 -15.73 -20.56 -84.27
N GLY M 219 -15.47 -21.86 -84.35
CA GLY M 219 -15.24 -22.51 -85.62
C GLY M 219 -13.96 -22.12 -86.35
N ALA M 220 -12.87 -21.93 -85.62
CA ALA M 220 -11.58 -21.61 -86.21
C ALA M 220 -10.61 -22.78 -86.03
N ASP M 221 -9.58 -22.80 -86.87
CA ASP M 221 -8.50 -23.75 -86.67
C ASP M 221 -7.67 -23.39 -85.43
N GLN M 222 -7.31 -22.12 -85.30
CA GLN M 222 -6.57 -21.64 -84.14
C GLN M 222 -7.17 -20.32 -83.66
N SER M 223 -7.13 -20.11 -82.36
CA SER M 223 -7.60 -18.87 -81.76
C SER M 223 -6.54 -18.31 -80.85
N TYR M 224 -6.45 -16.98 -80.81
CA TYR M 224 -5.52 -16.28 -79.94
C TYR M 224 -6.29 -15.26 -79.12
N SER M 225 -6.09 -15.30 -77.81
CA SER M 225 -6.66 -14.31 -76.91
C SER M 225 -5.75 -13.09 -76.85
N VAL M 226 -6.34 -11.91 -76.93
CA VAL M 226 -5.61 -10.66 -77.03
C VAL M 226 -6.10 -9.73 -75.93
N VAL M 227 -5.17 -9.03 -75.28
CA VAL M 227 -5.49 -8.11 -74.20
C VAL M 227 -5.26 -6.66 -74.60
N VAL M 228 -5.04 -6.39 -75.88
CA VAL M 228 -4.89 -5.04 -76.40
C VAL M 228 -6.02 -4.70 -77.37
N GLY M 229 -7.12 -5.41 -77.29
CA GLY M 229 -8.27 -5.12 -78.12
C GLY M 229 -8.08 -5.53 -79.57
N THR M 230 -9.11 -5.22 -80.36
CA THR M 230 -9.05 -5.48 -81.78
C THR M 230 -8.03 -4.60 -82.49
N SER M 231 -7.71 -3.43 -81.93
CA SER M 231 -6.58 -2.67 -82.45
C SER M 231 -5.31 -3.50 -82.45
N GLY M 232 -5.00 -4.10 -81.30
CA GLY M 232 -3.84 -4.97 -81.22
C GLY M 232 -3.96 -6.18 -82.11
N SER M 233 -5.15 -6.79 -82.16
CA SER M 233 -5.34 -7.97 -83.02
C SER M 233 -5.10 -7.64 -84.50
N ASN M 234 -5.66 -6.53 -84.97
CA ASN M 234 -5.45 -6.11 -86.34
C ASN M 234 -3.98 -5.84 -86.61
N ARG M 235 -3.30 -5.20 -85.65
CA ARG M 235 -1.88 -4.93 -85.83
C ARG M 235 -1.08 -6.23 -85.97
N THR M 236 -1.34 -7.22 -85.12
CA THR M 236 -0.54 -8.44 -85.22
C THR M 236 -0.86 -9.21 -86.50
N ILE M 237 -2.12 -9.25 -86.91
CA ILE M 237 -2.44 -9.93 -88.17
C ILE M 237 -1.73 -9.26 -89.34
N MET M 238 -1.80 -7.93 -89.39
CA MET M 238 -1.18 -7.21 -90.50
C MET M 238 0.34 -7.35 -90.47
N GLN M 239 0.93 -7.38 -89.27
CA GLN M 239 2.37 -7.58 -89.15
C GLN M 239 2.78 -8.98 -89.60
N ALA M 240 1.96 -9.98 -89.32
CA ALA M 240 2.27 -11.33 -89.77
C ALA M 240 2.06 -11.51 -91.26
N CYS M 241 1.23 -10.68 -91.89
CA CYS M 241 0.87 -10.93 -93.28
C CYS M 241 1.71 -10.20 -94.31
N MET M 242 1.99 -8.90 -94.12
CA MET M 242 2.56 -8.11 -95.20
C MET M 242 3.92 -7.54 -94.81
N THR M 243 4.59 -7.00 -95.82
CA THR M 243 5.91 -6.42 -95.70
C THR M 243 5.97 -5.19 -96.59
N ASP M 244 7.00 -4.37 -96.43
CA ASP M 244 7.06 -3.12 -97.20
C ASP M 244 7.21 -3.36 -98.70
N ASP M 245 7.54 -4.57 -99.13
CA ASP M 245 7.58 -4.94 -100.54
C ASP M 245 6.29 -5.57 -101.03
N ASP M 246 5.16 -5.25 -100.40
CA ASP M 246 3.90 -5.91 -100.69
C ASP M 246 2.83 -4.89 -101.06
N VAL M 247 1.86 -5.35 -101.85
CA VAL M 247 0.67 -4.58 -102.16
C VAL M 247 -0.52 -5.24 -101.47
N VAL M 248 -1.38 -4.44 -100.88
CA VAL M 248 -2.51 -4.95 -100.11
C VAL M 248 -3.79 -4.27 -100.56
N VAL M 249 -4.91 -4.97 -100.37
CA VAL M 249 -6.22 -4.52 -100.80
C VAL M 249 -7.00 -4.15 -99.54
N ILE M 250 -7.32 -2.87 -99.37
CA ILE M 250 -7.88 -2.37 -98.13
C ILE M 250 -9.29 -1.87 -98.37
N ASP M 251 -10.23 -2.36 -97.57
CA ASP M 251 -11.55 -1.75 -97.48
C ASP M 251 -11.39 -0.29 -97.05
N ARG M 252 -11.94 0.62 -97.84
CA ARG M 252 -11.89 2.03 -97.47
C ARG M 252 -12.67 2.29 -96.19
N ASN M 253 -13.67 1.47 -95.89
CA ASN M 253 -14.32 1.48 -94.59
C ASN M 253 -13.47 0.65 -93.64
N CYS M 254 -12.37 1.24 -93.19
CA CYS M 254 -11.42 0.57 -92.33
C CYS M 254 -11.27 1.32 -91.01
N HIS M 255 -11.07 0.56 -89.95
CA HIS M 255 -10.75 1.15 -88.66
C HIS M 255 -9.35 1.75 -88.69
N LYS M 256 -9.09 2.70 -87.80
CA LYS M 256 -7.79 3.35 -87.77
C LYS M 256 -6.67 2.39 -87.40
N SER M 257 -6.97 1.27 -86.76
CA SER M 257 -5.94 0.27 -86.51
C SER M 257 -5.43 -0.36 -87.81
N ILE M 258 -6.26 -0.39 -88.85
CA ILE M 258 -5.80 -0.87 -90.15
C ILE M 258 -4.76 0.08 -90.72
N GLU M 259 -4.99 1.38 -90.65
CA GLU M 259 -3.98 2.33 -91.09
C GLU M 259 -2.73 2.27 -90.22
N GLN M 260 -2.90 2.01 -88.92
CA GLN M 260 -1.74 1.82 -88.06
C GLN M 260 -0.92 0.62 -88.50
N GLY M 261 -1.59 -0.48 -88.86
CA GLY M 261 -0.88 -1.63 -89.40
C GLY M 261 -0.17 -1.31 -90.70
N LEU M 262 -0.79 -0.50 -91.56
CA LEU M 262 -0.14 -0.07 -92.78
C LEU M 262 1.13 0.73 -92.48
N ILE M 263 1.06 1.62 -91.50
CA ILE M 263 2.23 2.40 -91.10
C ILE M 263 3.32 1.48 -90.56
N LEU M 264 2.94 0.52 -89.73
CA LEU M 264 3.93 -0.36 -89.10
C LEU M 264 4.52 -1.40 -90.04
N THR M 265 3.85 -1.72 -91.14
CA THR M 265 4.38 -2.69 -92.08
C THR M 265 5.02 -2.06 -93.30
N GLY M 266 4.61 -0.85 -93.68
CA GLY M 266 5.12 -0.22 -94.87
C GLY M 266 4.56 -0.72 -96.17
N ALA M 267 3.46 -1.47 -96.14
CA ALA M 267 2.86 -2.00 -97.35
C ALA M 267 2.22 -0.90 -98.18
N LYS M 268 2.01 -1.18 -99.46
CA LYS M 268 1.42 -0.22 -100.37
C LYS M 268 -0.05 -0.56 -100.58
N PRO M 269 -0.98 0.29 -100.14
CA PRO M 269 -2.40 -0.07 -100.17
C PRO M 269 -3.12 0.32 -101.46
N VAL M 270 -4.06 -0.54 -101.84
CA VAL M 270 -5.04 -0.28 -102.88
C VAL M 270 -6.41 -0.42 -102.23
N TYR M 271 -7.34 0.43 -102.62
CA TYR M 271 -8.59 0.60 -101.88
C TYR M 271 -9.81 0.18 -102.69
N MET M 272 -10.72 -0.53 -102.03
CA MET M 272 -12.06 -0.77 -102.55
C MET M 272 -13.03 0.21 -101.91
N ILE M 273 -13.76 0.94 -102.74
CA ILE M 273 -14.60 2.05 -102.28
C ILE M 273 -16.00 1.50 -101.97
N PRO M 274 -16.50 1.68 -100.76
CA PRO M 274 -17.86 1.25 -100.44
C PRO M 274 -18.91 2.19 -101.01
N SER M 275 -20.15 1.72 -101.01
CA SER M 275 -21.27 2.51 -101.51
C SER M 275 -21.87 3.37 -100.40
N ARG M 276 -22.67 4.35 -100.82
CA ARG M 276 -23.33 5.26 -99.90
C ARG M 276 -24.80 5.40 -100.31
N ASN M 277 -25.63 5.80 -99.37
CA ASN M 277 -27.04 6.06 -99.64
C ASN M 277 -27.36 7.52 -99.32
N ARG M 278 -28.63 7.90 -99.54
CA ARG M 278 -29.03 9.29 -99.41
C ARG M 278 -28.96 9.80 -97.98
N TYR M 279 -28.95 8.92 -96.99
CA TYR M 279 -28.85 9.33 -95.60
C TYR M 279 -27.41 9.50 -95.13
N GLY M 280 -26.43 9.30 -96.01
CA GLY M 280 -25.05 9.34 -95.60
C GLY M 280 -24.55 8.08 -94.94
N ILE M 281 -25.33 7.00 -94.98
CA ILE M 281 -24.92 5.73 -94.41
C ILE M 281 -23.98 5.03 -95.38
N ILE M 282 -22.80 4.65 -94.89
CA ILE M 282 -21.86 3.90 -95.71
C ILE M 282 -22.37 2.49 -95.89
N GLY M 283 -22.38 2.02 -97.14
CA GLY M 283 -22.87 0.71 -97.44
C GLY M 283 -21.78 -0.26 -97.80
N PRO M 284 -22.15 -1.41 -98.36
CA PRO M 284 -21.16 -2.43 -98.69
C PRO M 284 -20.37 -2.08 -99.93
N ILE M 285 -19.18 -2.69 -100.02
CA ILE M 285 -18.43 -2.69 -101.26
C ILE M 285 -19.15 -3.57 -102.26
N TYR M 286 -19.36 -3.07 -103.47
CA TYR M 286 -20.05 -3.84 -104.48
C TYR M 286 -19.13 -4.91 -105.07
N PRO M 287 -19.69 -5.98 -105.60
CA PRO M 287 -18.85 -7.03 -106.20
C PRO M 287 -17.99 -6.54 -107.33
N LYS M 288 -18.37 -5.46 -108.01
CA LYS M 288 -17.57 -4.93 -109.11
C LYS M 288 -16.22 -4.40 -108.65
N GLU M 289 -16.02 -4.20 -107.35
CA GLU M 289 -14.75 -3.74 -106.82
C GLU M 289 -13.84 -4.86 -106.35
N MET M 290 -14.35 -6.08 -106.22
CA MET M 290 -13.57 -7.21 -105.73
C MET M 290 -13.16 -8.17 -106.83
N THR M 291 -13.60 -7.96 -108.06
CA THR M 291 -13.26 -8.89 -109.13
C THR M 291 -11.76 -8.81 -109.42
N PRO M 292 -11.16 -9.92 -109.87
CA PRO M 292 -9.72 -9.89 -110.17
C PRO M 292 -9.32 -8.81 -111.16
N ASP M 293 -10.17 -8.53 -112.15
CA ASP M 293 -9.86 -7.45 -113.09
C ASP M 293 -9.91 -6.09 -112.42
N ALA M 294 -10.86 -5.88 -111.51
CA ALA M 294 -10.92 -4.62 -110.78
C ALA M 294 -9.69 -4.42 -109.92
N ILE M 295 -9.22 -5.48 -109.26
CA ILE M 295 -8.04 -5.36 -108.41
C ILE M 295 -6.80 -5.13 -109.24
N LYS M 296 -6.69 -5.82 -110.39
CA LYS M 296 -5.55 -5.57 -111.28
C LYS M 296 -5.56 -4.14 -111.81
N PHE M 297 -6.75 -3.62 -112.15
CA PHE M 297 -6.86 -2.25 -112.61
C PHE M 297 -6.44 -1.27 -111.52
N LYS M 298 -6.88 -1.52 -110.28
CA LYS M 298 -6.50 -0.65 -109.17
C LYS M 298 -4.99 -0.67 -108.95
N ILE M 299 -4.38 -1.85 -109.01
CA ILE M 299 -2.94 -1.96 -108.83
C ILE M 299 -2.21 -1.23 -109.95
N ALA M 300 -2.66 -1.38 -111.19
CA ALA M 300 -2.01 -0.73 -112.31
C ALA M 300 -2.19 0.78 -112.30
N ALA M 301 -3.26 1.28 -111.69
CA ALA M 301 -3.50 2.72 -111.67
C ALA M 301 -2.88 3.44 -110.48
N ASN M 302 -2.49 2.71 -109.43
CA ASN M 302 -1.95 3.35 -108.24
C ASN M 302 -0.55 3.87 -108.50
N PRO M 303 -0.24 5.11 -108.11
CA PRO M 303 1.12 5.64 -108.35
C PRO M 303 2.21 4.84 -107.67
N LEU M 304 1.94 4.26 -106.51
CA LEU M 304 2.98 3.52 -105.78
C LEU M 304 3.08 2.06 -106.19
N THR M 305 1.98 1.45 -106.61
CA THR M 305 1.96 0.02 -106.88
C THR M 305 2.06 -0.31 -108.36
N LYS M 306 2.20 0.68 -109.24
CA LYS M 306 2.19 0.40 -110.66
C LYS M 306 3.43 -0.34 -111.14
N GLY M 307 4.44 -0.49 -110.29
CA GLY M 307 5.59 -1.32 -110.60
C GLY M 307 5.48 -2.70 -109.99
N LYS M 308 4.28 -3.09 -109.56
CA LYS M 308 4.05 -4.37 -108.90
C LYS M 308 2.86 -5.09 -109.51
N VAL M 309 2.51 -4.76 -110.76
CA VAL M 309 1.31 -5.31 -111.38
C VAL M 309 1.39 -6.81 -111.59
N LYS M 310 2.57 -7.40 -111.54
CA LYS M 310 2.75 -8.84 -111.66
C LYS M 310 2.81 -9.54 -110.31
N GLN M 311 2.68 -8.80 -109.22
CA GLN M 311 2.84 -9.35 -107.88
C GLN M 311 1.47 -9.65 -107.28
N LYS M 312 1.33 -10.82 -106.71
CA LYS M 312 0.08 -11.21 -106.06
C LYS M 312 -0.08 -10.44 -104.75
N PRO M 313 -1.23 -9.81 -104.50
CA PRO M 313 -1.41 -9.09 -103.24
C PRO M 313 -1.34 -10.03 -102.05
N ALA M 314 -0.72 -9.53 -100.98
CA ALA M 314 -0.43 -10.37 -99.82
C ALA M 314 -1.54 -10.41 -98.79
N TYR M 315 -2.52 -9.52 -98.87
CA TYR M 315 -3.47 -9.36 -97.79
C TYR M 315 -4.63 -8.50 -98.26
N SER M 316 -5.81 -8.83 -97.76
CA SER M 316 -6.99 -8.00 -97.96
C SER M 316 -7.79 -7.97 -96.67
N VAL M 317 -8.45 -6.85 -96.42
CA VAL M 317 -9.28 -6.68 -95.23
C VAL M 317 -10.63 -6.13 -95.64
N VAL M 318 -11.70 -6.71 -95.09
CA VAL M 318 -13.05 -6.23 -95.28
C VAL M 318 -13.71 -6.11 -93.91
N THR M 319 -14.30 -4.96 -93.64
CA THR M 319 -15.05 -4.77 -92.40
C THR M 319 -16.45 -5.35 -92.56
N ASN M 320 -16.80 -6.30 -91.69
CA ASN M 320 -18.08 -6.98 -91.77
C ASN M 320 -18.47 -7.43 -90.37
N CYS M 321 -19.58 -6.93 -89.85
CA CYS M 321 -20.46 -5.99 -90.54
C CYS M 321 -19.97 -4.56 -90.41
N THR M 322 -20.60 -3.65 -91.15
CA THR M 322 -20.24 -2.24 -91.09
C THR M 322 -20.79 -1.60 -89.81
N TYR M 323 -20.46 -0.33 -89.63
CA TYR M 323 -20.88 0.37 -88.41
C TYR M 323 -22.39 0.51 -88.32
N ASP M 324 -23.08 0.56 -89.46
CA ASP M 324 -24.53 0.70 -89.48
C ASP M 324 -25.26 -0.62 -89.68
N GLY M 325 -24.57 -1.74 -89.48
CA GLY M 325 -25.23 -3.03 -89.50
C GLY M 325 -25.45 -3.64 -90.86
N VAL M 326 -24.66 -3.27 -91.86
CA VAL M 326 -24.73 -3.90 -93.17
C VAL M 326 -23.77 -5.08 -93.18
N CYS M 327 -24.31 -6.28 -93.38
CA CYS M 327 -23.53 -7.52 -93.35
C CYS M 327 -23.35 -8.06 -94.76
N TYR M 328 -22.10 -8.31 -95.14
CA TYR M 328 -21.80 -8.93 -96.42
C TYR M 328 -22.18 -10.40 -96.41
N ASN M 329 -22.52 -10.91 -97.58
CA ASN M 329 -22.52 -12.35 -97.80
C ASN M 329 -21.06 -12.78 -97.88
N ALA M 330 -20.52 -13.29 -96.76
CA ALA M 330 -19.10 -13.55 -96.67
C ALA M 330 -18.67 -14.70 -97.58
N ARG M 331 -19.56 -15.66 -97.82
CA ARG M 331 -19.24 -16.72 -98.78
C ARG M 331 -18.98 -16.14 -100.16
N LYS M 332 -19.82 -15.22 -100.62
CA LYS M 332 -19.64 -14.62 -101.93
C LYS M 332 -18.40 -13.73 -101.96
N VAL M 333 -18.14 -12.98 -100.89
CA VAL M 333 -16.95 -12.14 -100.82
C VAL M 333 -15.69 -13.01 -100.90
N GLN M 334 -15.69 -14.12 -100.16
CA GLN M 334 -14.54 -15.02 -100.19
C GLN M 334 -14.34 -15.63 -101.57
N ASP M 335 -15.44 -16.02 -102.23
CA ASP M 335 -15.31 -16.56 -103.58
C ASP M 335 -14.78 -15.50 -104.55
N LEU M 336 -15.20 -14.25 -104.40
CA LEU M 336 -14.70 -13.20 -105.28
C LEU M 336 -13.22 -12.93 -105.05
N LEU M 337 -12.81 -12.78 -103.79
CA LEU M 337 -11.43 -12.46 -103.47
C LEU M 337 -10.48 -13.65 -103.62
N ASP M 338 -11.00 -14.87 -103.68
CA ASP M 338 -10.16 -16.04 -103.88
C ASP M 338 -9.45 -16.00 -105.23
N GLY M 339 -9.98 -15.28 -106.20
CA GLY M 339 -9.32 -15.18 -107.48
C GLY M 339 -8.13 -14.25 -107.53
N SER M 340 -7.83 -13.56 -106.43
CA SER M 340 -6.73 -12.61 -106.40
C SER M 340 -5.83 -12.72 -105.18
N LEU M 341 -6.28 -13.32 -104.09
CA LEU M 341 -5.58 -13.26 -102.82
C LEU M 341 -5.55 -14.63 -102.16
N ASP M 342 -4.58 -14.83 -101.27
CA ASP M 342 -4.53 -16.01 -100.44
C ASP M 342 -4.88 -15.74 -98.98
N ARG M 343 -4.91 -14.48 -98.57
CA ARG M 343 -5.22 -14.10 -97.19
C ARG M 343 -6.35 -13.08 -97.20
N ILE M 344 -7.45 -13.41 -96.54
CA ILE M 344 -8.55 -12.48 -96.37
C ILE M 344 -8.78 -12.29 -94.87
N HIS M 345 -8.79 -11.03 -94.45
CA HIS M 345 -9.04 -10.68 -93.06
C HIS M 345 -10.41 -10.04 -92.96
N PHE M 346 -11.29 -10.64 -92.19
CA PHE M 346 -12.60 -10.06 -91.89
C PHE M 346 -12.53 -9.41 -90.52
N ASP M 347 -12.60 -8.09 -90.49
CA ASP M 347 -12.62 -7.34 -89.23
C ASP M 347 -14.05 -7.34 -88.71
N GLU M 348 -14.40 -8.38 -87.95
CA GLU M 348 -15.73 -8.51 -87.36
C GLU M 348 -15.75 -7.99 -85.93
N ALA M 349 -15.26 -6.79 -85.69
CA ALA M 349 -15.19 -6.26 -84.33
C ALA M 349 -16.57 -6.12 -83.71
N TRP M 350 -17.54 -5.65 -84.48
CA TRP M 350 -18.91 -5.50 -84.03
C TRP M 350 -19.74 -6.75 -84.28
N TYR M 351 -19.15 -7.80 -84.82
CA TYR M 351 -19.88 -8.95 -85.37
C TYR M 351 -19.28 -10.22 -84.80
N GLY M 352 -19.62 -10.54 -83.56
CA GLY M 352 -18.99 -11.67 -82.89
C GLY M 352 -19.99 -12.76 -82.59
N TYR M 353 -21.25 -12.36 -82.51
CA TYR M 353 -22.38 -13.22 -82.25
C TYR M 353 -22.90 -13.92 -83.50
N ALA M 354 -22.42 -13.55 -84.69
CA ALA M 354 -23.08 -13.93 -85.94
C ALA M 354 -23.12 -15.43 -86.14
N ARG M 355 -22.10 -16.15 -85.68
CA ARG M 355 -22.05 -17.60 -85.83
C ARG M 355 -23.17 -18.30 -85.08
N PHE M 356 -23.76 -17.67 -84.07
CA PHE M 356 -24.61 -18.37 -83.12
C PHE M 356 -26.09 -18.11 -83.33
N ASN M 357 -26.47 -17.51 -84.46
CA ASN M 357 -27.87 -17.40 -84.81
C ASN M 357 -28.04 -17.70 -86.30
N PRO M 358 -28.97 -18.59 -86.66
CA PRO M 358 -29.14 -18.94 -88.08
C PRO M 358 -29.57 -17.78 -88.97
N LEU M 359 -30.05 -16.68 -88.40
CA LEU M 359 -30.42 -15.52 -89.22
C LEU M 359 -29.22 -14.96 -89.97
N TYR M 360 -28.00 -15.20 -89.49
CA TYR M 360 -26.80 -14.65 -90.08
C TYR M 360 -26.08 -15.64 -90.99
N ARG M 361 -26.74 -16.74 -91.33
CA ARG M 361 -26.10 -17.81 -92.10
C ARG M 361 -25.52 -17.28 -93.40
N ASN M 362 -24.29 -17.71 -93.70
CA ASN M 362 -23.50 -17.34 -94.87
C ASN M 362 -23.03 -15.89 -94.86
N HIS M 363 -23.22 -15.17 -93.76
CA HIS M 363 -22.86 -13.75 -93.71
C HIS M 363 -21.76 -13.47 -92.69
N PHE M 364 -20.90 -14.44 -92.41
CA PHE M 364 -19.79 -14.26 -91.51
C PHE M 364 -18.67 -15.19 -91.96
N ALA M 365 -17.51 -15.07 -91.30
CA ALA M 365 -16.29 -15.69 -91.80
C ALA M 365 -16.19 -17.17 -91.47
N MET M 366 -16.34 -17.53 -90.19
CA MET M 366 -16.06 -18.90 -89.73
C MET M 366 -17.34 -19.72 -89.77
N ARG M 367 -17.73 -20.10 -90.99
CA ARG M 367 -18.99 -20.79 -91.22
C ARG M 367 -18.83 -22.29 -91.03
N ASP M 368 -19.90 -22.91 -90.53
CA ASP M 368 -19.97 -24.37 -90.51
C ASP M 368 -20.24 -24.87 -91.93
N GLU M 369 -19.18 -25.22 -92.65
CA GLU M 369 -19.29 -25.63 -94.03
C GLU M 369 -18.20 -26.65 -94.33
N GLU M 370 -18.44 -27.46 -95.36
CA GLU M 370 -17.40 -28.34 -95.86
C GLU M 370 -16.29 -27.49 -96.49
N ARG M 371 -15.05 -27.72 -96.05
CA ARG M 371 -13.93 -26.91 -96.48
C ARG M 371 -13.04 -27.71 -97.42
N THR M 372 -12.73 -27.13 -98.57
CA THR M 372 -11.82 -27.74 -99.53
C THR M 372 -10.39 -27.37 -99.19
N GLU M 373 -9.44 -27.90 -99.97
CA GLU M 373 -8.03 -27.68 -99.70
C GLU M 373 -7.44 -26.48 -100.42
N ASN M 374 -8.19 -25.87 -101.35
CA ASN M 374 -7.68 -24.75 -102.13
C ASN M 374 -8.25 -23.42 -101.66
N GLU M 375 -8.73 -23.37 -100.42
CA GLU M 375 -9.30 -22.15 -99.90
C GLU M 375 -8.19 -21.17 -99.50
N PRO M 376 -8.47 -19.87 -99.51
CA PRO M 376 -7.52 -18.91 -98.94
C PRO M 376 -7.52 -18.98 -97.42
N THR M 377 -6.45 -18.46 -96.84
CA THR M 377 -6.39 -18.32 -95.39
C THR M 377 -7.31 -17.19 -94.95
N ILE M 378 -8.12 -17.45 -93.94
CA ILE M 378 -9.12 -16.50 -93.45
C ILE M 378 -8.77 -16.09 -92.03
N PHE M 379 -8.73 -14.79 -91.79
CA PHE M 379 -8.58 -14.23 -90.45
C PHE M 379 -9.87 -13.52 -90.07
N ALA M 380 -10.26 -13.66 -88.80
CA ALA M 380 -11.39 -12.93 -88.25
C ALA M 380 -11.00 -12.38 -86.88
N THR M 381 -11.28 -11.11 -86.65
CA THR M 381 -11.03 -10.46 -85.37
C THR M 381 -12.36 -10.10 -84.73
N HIS M 382 -12.54 -10.50 -83.48
CA HIS M 382 -13.73 -10.15 -82.72
C HIS M 382 -13.34 -9.25 -81.56
N SER M 383 -14.06 -8.14 -81.42
CA SER M 383 -13.89 -7.35 -80.17
C SER M 383 -14.91 -7.95 -79.22
N THR M 384 -14.47 -8.81 -78.30
CA THR M 384 -15.39 -9.53 -77.39
C THR M 384 -16.10 -8.57 -76.43
N HIS M 385 -15.54 -7.39 -76.20
CA HIS M 385 -16.18 -6.40 -75.31
C HIS M 385 -17.26 -5.61 -76.05
N1 LLP M 386 -12.06 -2.53 -85.88
C2 LLP M 386 -13.31 -2.09 -85.88
C2' LLP M 386 -14.14 -2.24 -87.12
C3 LLP M 386 -13.85 -1.52 -84.75
O3 LLP M 386 -15.13 -1.12 -84.81
C4 LLP M 386 -13.09 -1.41 -83.58
C4' LLP M 386 -13.66 -0.81 -82.37
C5 LLP M 386 -11.76 -1.87 -83.61
C6 LLP M 386 -11.31 -2.41 -84.78
C5' LLP M 386 -10.82 -1.75 -82.45
OP4 LLP M 386 -11.21 -2.60 -81.33
P LLP M 386 -10.70 -2.30 -79.87
OP1 LLP M 386 -11.02 -3.54 -79.12
OP2 LLP M 386 -9.22 -2.02 -79.93
OP3 LLP M 386 -11.49 -1.12 -79.47
N LLP M 386 -17.24 -5.60 -77.38
CA LLP M 386 -18.22 -4.74 -78.11
CB LLP M 386 -17.76 -4.35 -79.52
CG LLP M 386 -16.94 -3.06 -79.61
CD LLP M 386 -16.26 -2.85 -80.96
CE LLP M 386 -14.94 -2.10 -80.86
NZ LLP M 386 -14.82 -1.13 -81.94
C LLP M 386 -19.64 -5.34 -78.04
O LLP M 386 -20.46 -4.74 -77.39
N LEU M 387 -19.88 -6.48 -78.68
CA LEU M 387 -21.27 -7.02 -78.74
C LEU M 387 -21.35 -8.41 -78.14
N LEU M 388 -20.30 -8.83 -77.45
CA LEU M 388 -20.31 -10.07 -76.66
C LEU M 388 -20.14 -9.58 -75.20
N ASN M 389 -19.99 -10.44 -74.22
CA ASN M 389 -19.87 -10.08 -72.81
C ASN M 389 -18.42 -10.27 -72.38
N ALA M 390 -17.63 -9.20 -72.46
CA ALA M 390 -16.25 -9.23 -72.02
C ALA M 390 -15.83 -7.82 -71.61
N LEU M 391 -14.78 -7.76 -70.80
CA LEU M 391 -14.22 -6.48 -70.40
C LEU M 391 -13.52 -5.82 -71.57
N SER M 392 -13.40 -4.49 -71.49
CA SER M 392 -12.67 -3.74 -72.50
C SER M 392 -11.27 -4.28 -72.66
N GLN M 393 -10.76 -4.21 -73.90
CA GLN M 393 -9.46 -4.68 -74.38
C GLN M 393 -9.42 -6.18 -74.64
N ALA M 394 -10.49 -6.92 -74.34
CA ALA M 394 -10.53 -8.34 -74.68
C ALA M 394 -10.86 -8.52 -76.15
N SER M 395 -10.11 -9.41 -76.81
CA SER M 395 -10.28 -9.60 -78.24
C SER M 395 -9.81 -11.01 -78.60
N PHE M 396 -10.20 -11.45 -79.80
CA PHE M 396 -9.81 -12.74 -80.31
C PHE M 396 -9.27 -12.60 -81.72
N ILE M 397 -8.28 -13.41 -82.04
CA ILE M 397 -7.86 -13.65 -83.41
C ILE M 397 -8.26 -15.08 -83.76
N HIS M 398 -9.03 -15.23 -84.83
CA HIS M 398 -9.43 -16.54 -85.32
C HIS M 398 -8.80 -16.76 -86.69
N VAL M 399 -8.21 -17.93 -86.88
CA VAL M 399 -7.51 -18.27 -88.11
C VAL M 399 -8.10 -19.55 -88.68
N ARG M 400 -8.37 -19.54 -89.97
CA ARG M 400 -8.67 -20.75 -90.74
C ARG M 400 -7.58 -20.91 -91.78
N ASN M 401 -6.77 -21.96 -91.64
CA ASN M 401 -5.61 -22.13 -92.48
C ASN M 401 -6.01 -22.56 -93.89
N GLY M 402 -5.49 -21.85 -94.88
CA GLY M 402 -5.72 -22.20 -96.27
C GLY M 402 -4.45 -22.05 -97.09
N ARG M 403 -4.55 -21.35 -98.22
CA ARG M 403 -3.38 -21.12 -99.04
C ARG M 403 -2.46 -20.09 -98.39
N ASN M 404 -1.16 -20.37 -98.42
CA ASN M 404 -0.14 -19.47 -97.88
C ASN M 404 -0.39 -19.19 -96.39
N ALA M 405 -0.64 -20.25 -95.64
CA ALA M 405 -0.92 -20.12 -94.22
C ALA M 405 0.35 -19.79 -93.45
N ILE M 406 0.17 -19.18 -92.27
CA ILE M 406 1.26 -18.80 -91.40
C ILE M 406 1.27 -19.75 -90.21
N ASP M 407 2.35 -20.52 -90.06
CA ASP M 407 2.44 -21.47 -88.98
C ASP M 407 2.64 -20.77 -87.64
N PHE M 408 2.52 -21.54 -86.56
CA PHE M 408 2.48 -20.95 -85.23
C PHE M 408 3.79 -20.24 -84.89
N ASN M 409 4.93 -20.82 -85.25
CA ASN M 409 6.21 -20.18 -84.90
C ASN M 409 6.36 -18.83 -85.54
N ARG M 410 5.92 -18.68 -86.80
CA ARG M 410 6.01 -17.40 -87.48
C ARG M 410 4.99 -16.40 -86.95
N PHE M 411 3.76 -16.85 -86.69
CA PHE M 411 2.71 -15.95 -86.22
C PHE M 411 2.98 -15.46 -84.81
N ASN M 412 3.62 -16.29 -83.99
CA ASN M 412 3.87 -15.93 -82.60
C ASN M 412 4.78 -14.72 -82.48
N GLN M 413 5.66 -14.51 -83.46
CA GLN M 413 6.53 -13.33 -83.42
C GLN M 413 5.73 -12.05 -83.50
N ALA M 414 4.80 -11.96 -84.47
CA ALA M 414 3.92 -10.78 -84.55
C ALA M 414 3.05 -10.66 -83.30
N TYR M 415 2.53 -11.80 -82.84
CA TYR M 415 1.69 -11.78 -81.64
C TYR M 415 2.44 -11.16 -80.46
N LEU M 416 3.66 -11.61 -80.22
CA LEU M 416 4.46 -11.03 -79.13
C LEU M 416 4.82 -9.58 -79.41
N MET M 417 5.07 -9.24 -80.68
CA MET M 417 5.44 -7.86 -81.01
C MET M 417 4.36 -6.87 -80.63
N HIS M 418 3.08 -7.28 -80.68
CA HIS M 418 2.04 -6.31 -80.33
C HIS M 418 1.34 -6.63 -79.00
N SER M 419 2.01 -7.35 -78.11
CA SER M 419 1.43 -7.72 -76.83
C SER M 419 2.26 -7.11 -75.70
N THR M 420 1.93 -7.50 -74.47
CA THR M 420 2.68 -7.08 -73.30
C THR M 420 3.17 -8.31 -72.55
N THR M 421 4.30 -8.18 -71.86
CA THR M 421 4.84 -9.29 -71.11
C THR M 421 4.11 -9.53 -69.79
N SER M 422 3.23 -8.62 -69.38
CA SER M 422 2.47 -8.77 -68.13
C SER M 422 0.99 -8.55 -68.39
N PRO M 423 0.33 -9.50 -69.04
CA PRO M 423 -1.11 -9.36 -69.27
C PRO M 423 -1.91 -9.42 -67.98
N LEU M 424 -3.00 -8.67 -67.97
CA LEU M 424 -3.95 -8.73 -66.85
C LEU M 424 -4.88 -9.91 -67.07
N TYR M 425 -4.83 -10.88 -66.16
CA TYR M 425 -5.55 -12.13 -66.36
C TYR M 425 -7.06 -11.97 -66.25
N ALA M 426 -7.55 -10.88 -65.65
CA ALA M 426 -8.99 -10.63 -65.64
C ALA M 426 -9.54 -10.45 -67.05
N ILE M 427 -8.78 -9.81 -67.94
CA ILE M 427 -9.21 -9.64 -69.32
C ILE M 427 -9.32 -10.98 -70.03
N CYS M 428 -8.30 -11.84 -69.85
CA CYS M 428 -8.35 -13.17 -70.46
C CYS M 428 -9.49 -14.00 -69.87
N ALA M 429 -9.75 -13.86 -68.57
CA ALA M 429 -10.87 -14.56 -67.96
C ALA M 429 -12.20 -14.09 -68.54
N SER M 430 -12.33 -12.79 -68.79
CA SER M 430 -13.55 -12.29 -69.43
C SER M 430 -13.69 -12.84 -70.84
N ASN M 431 -12.59 -12.94 -71.58
CA ASN M 431 -12.63 -13.58 -72.90
C ASN M 431 -13.13 -15.01 -72.80
N ASP M 432 -12.60 -15.75 -71.82
CA ASP M 432 -12.98 -17.15 -71.64
C ASP M 432 -14.46 -17.28 -71.27
N ILE M 433 -14.96 -16.42 -70.38
CA ILE M 433 -16.38 -16.51 -70.01
C ILE M 433 -17.27 -16.08 -71.18
N ALA M 434 -16.83 -15.13 -72.01
CA ALA M 434 -17.62 -14.77 -73.18
C ALA M 434 -17.74 -15.94 -74.15
N ALA M 435 -16.62 -16.60 -74.43
CA ALA M 435 -16.65 -17.77 -75.28
C ALA M 435 -17.55 -18.85 -74.70
N ASP M 436 -17.47 -19.08 -73.39
CA ASP M 436 -18.34 -20.06 -72.76
C ASP M 436 -19.81 -19.66 -72.88
N MET M 437 -20.10 -18.37 -72.79
CA MET M 437 -21.47 -17.89 -72.85
C MET M 437 -22.06 -18.11 -74.23
N MET M 438 -21.25 -18.04 -75.28
CA MET M 438 -21.78 -18.34 -76.60
C MET M 438 -21.83 -19.84 -76.91
N ASP M 439 -21.32 -20.69 -76.02
CA ASP M 439 -21.22 -22.12 -76.30
C ASP M 439 -22.55 -22.82 -76.08
N GLY M 440 -22.87 -23.77 -76.96
CA GLY M 440 -24.05 -24.59 -76.83
C GLY M 440 -25.37 -23.89 -77.12
N ASN M 441 -26.39 -24.22 -76.34
CA ASN M 441 -27.71 -23.63 -76.53
C ASN M 441 -27.73 -22.15 -76.16
N SER M 442 -26.85 -21.74 -75.24
CA SER M 442 -26.95 -20.41 -74.66
C SER M 442 -26.66 -19.31 -75.69
N GLY M 443 -25.73 -19.55 -76.62
CA GLY M 443 -25.47 -18.55 -77.63
C GLY M 443 -26.67 -18.28 -78.52
N ARG M 444 -27.33 -19.36 -78.97
CA ARG M 444 -28.56 -19.22 -79.73
C ARG M 444 -29.63 -18.49 -78.93
N SER M 445 -29.79 -18.86 -77.66
CA SER M 445 -30.84 -18.24 -76.85
C SER M 445 -30.58 -16.75 -76.63
N LEU M 446 -29.33 -16.37 -76.38
CA LEU M 446 -29.01 -14.96 -76.12
C LEU M 446 -29.15 -14.12 -77.39
N THR M 447 -28.65 -14.63 -78.53
CA THR M 447 -28.85 -13.90 -79.77
C THR M 447 -30.32 -13.78 -80.11
N ASP M 448 -31.11 -14.84 -79.85
CA ASP M 448 -32.54 -14.77 -80.09
C ASP M 448 -33.19 -13.68 -79.26
N GLU M 449 -32.83 -13.59 -77.98
CA GLU M 449 -33.43 -12.56 -77.13
C GLU M 449 -33.11 -11.15 -77.65
N VAL M 450 -31.86 -10.91 -78.02
CA VAL M 450 -31.51 -9.57 -78.51
C VAL M 450 -32.24 -9.27 -79.82
N ILE M 451 -32.27 -10.23 -80.74
CA ILE M 451 -32.93 -10.01 -82.02
C ILE M 451 -34.41 -9.74 -81.83
N ARG M 452 -35.06 -10.49 -80.93
CA ARG M 452 -36.48 -10.26 -80.69
C ARG M 452 -36.74 -8.89 -80.08
N GLU M 453 -35.89 -8.44 -79.16
CA GLU M 453 -36.05 -7.09 -78.63
C GLU M 453 -35.93 -6.04 -79.72
N SER M 454 -34.93 -6.17 -80.59
CA SER M 454 -34.75 -5.20 -81.66
C SER M 454 -35.93 -5.22 -82.62
N ILE M 455 -36.47 -6.41 -82.92
CA ILE M 455 -37.61 -6.50 -83.81
C ILE M 455 -38.85 -5.87 -83.18
N ASP M 456 -39.06 -6.09 -81.88
CA ASP M 456 -40.19 -5.45 -81.22
C ASP M 456 -40.08 -3.93 -81.30
N PHE M 457 -38.88 -3.40 -81.06
CA PHE M 457 -38.70 -1.95 -81.18
C PHE M 457 -38.97 -1.47 -82.60
N ARG M 458 -38.44 -2.17 -83.61
CA ARG M 458 -38.62 -1.75 -84.99
C ARG M 458 -40.09 -1.75 -85.39
N GLN M 459 -40.81 -2.81 -85.03
CA GLN M 459 -42.22 -2.90 -85.40
C GLN M 459 -43.05 -1.86 -84.67
N SER M 460 -42.78 -1.62 -83.40
CA SER M 460 -43.51 -0.58 -82.67
C SER M 460 -43.27 0.78 -83.27
N LEU M 461 -42.03 1.09 -83.64
CA LEU M 461 -41.72 2.38 -84.24
C LEU M 461 -42.39 2.52 -85.60
N ALA M 462 -42.38 1.46 -86.41
CA ALA M 462 -43.05 1.53 -87.71
C ALA M 462 -44.55 1.73 -87.54
N TYR M 463 -45.16 1.06 -86.56
CA TYR M 463 -46.57 1.25 -86.30
C TYR M 463 -46.89 2.68 -85.89
N LEU M 464 -46.08 3.25 -84.99
CA LEU M 464 -46.30 4.63 -84.58
C LEU M 464 -46.12 5.59 -85.75
N TYR M 465 -45.13 5.31 -86.60
CA TYR M 465 -44.92 6.14 -87.79
C TYR M 465 -46.14 6.12 -88.70
N LYS M 466 -46.70 4.93 -88.92
CA LYS M 466 -47.91 4.84 -89.74
C LYS M 466 -49.08 5.57 -89.11
N GLU M 467 -49.22 5.46 -87.79
CA GLU M 467 -50.31 6.15 -87.09
C GLU M 467 -50.19 7.67 -87.26
N PHE M 468 -49.00 8.21 -87.01
CA PHE M 468 -48.79 9.64 -87.16
C PHE M 468 -48.97 10.09 -88.61
N LEU M 469 -48.52 9.27 -89.56
CA LEU M 469 -48.72 9.60 -90.96
C LEU M 469 -50.20 9.64 -91.32
N ASN M 470 -50.97 8.69 -90.78
CA ASN M 470 -52.42 8.70 -91.00
C ASN M 470 -53.05 9.96 -90.43
N ASP M 471 -52.55 10.46 -89.31
CA ASP M 471 -52.99 11.74 -88.76
C ASP M 471 -52.27 12.92 -89.39
N ASP M 472 -51.68 12.73 -90.58
CA ASP M 472 -50.85 13.72 -91.28
C ASP M 472 -49.91 14.47 -90.34
N GLU M 473 -49.15 13.70 -89.56
CA GLU M 473 -48.08 14.22 -88.72
C GLU M 473 -46.78 13.51 -89.04
N TRP M 474 -45.67 14.09 -88.61
CA TRP M 474 -44.36 13.50 -88.80
C TRP M 474 -43.96 12.64 -87.61
N PHE M 475 -43.14 11.64 -87.87
CA PHE M 475 -42.52 10.85 -86.81
C PHE M 475 -41.28 10.18 -87.36
N PHE M 476 -40.51 9.57 -86.46
CA PHE M 476 -39.34 8.79 -86.84
C PHE M 476 -39.77 7.42 -87.36
N LYS M 477 -38.99 6.89 -88.28
CA LYS M 477 -39.24 5.57 -88.83
C LYS M 477 -37.99 4.72 -88.75
N PRO M 478 -38.14 3.41 -88.50
CA PRO M 478 -36.97 2.54 -88.52
C PRO M 478 -36.46 2.34 -89.94
N TRP M 479 -35.16 2.10 -90.04
CA TRP M 479 -34.52 1.89 -91.34
C TRP M 479 -34.47 0.39 -91.60
N ASN M 480 -35.54 -0.14 -92.21
CA ASN M 480 -35.59 -1.53 -92.63
C ASN M 480 -36.57 -1.63 -93.78
N GLN M 481 -36.87 -2.87 -94.19
CA GLN M 481 -37.83 -3.10 -95.25
C GLN M 481 -39.20 -2.55 -94.87
N GLU M 482 -39.86 -1.90 -95.84
CA GLU M 482 -41.25 -1.50 -95.63
C GLU M 482 -42.20 -2.70 -95.70
N MET M 483 -42.02 -3.56 -96.68
CA MET M 483 -42.86 -4.74 -96.88
C MET M 483 -41.96 -5.97 -96.88
N VAL M 484 -42.42 -7.02 -96.22
CA VAL M 484 -41.70 -8.28 -96.19
C VAL M 484 -42.58 -9.36 -96.80
N LYS M 485 -41.94 -10.31 -97.47
CA LYS M 485 -42.64 -11.40 -98.13
C LYS M 485 -42.32 -12.71 -97.41
N ASP M 486 -43.36 -13.49 -97.15
CA ASP M 486 -43.14 -14.82 -96.59
C ASP M 486 -42.73 -15.77 -97.72
N PRO M 487 -41.52 -16.31 -97.68
CA PRO M 487 -41.06 -17.16 -98.81
C PRO M 487 -41.82 -18.47 -98.92
N ALA M 488 -42.45 -18.94 -97.84
CA ALA M 488 -43.17 -20.20 -97.91
C ALA M 488 -44.51 -20.05 -98.59
N THR M 489 -45.39 -19.23 -98.03
CA THR M 489 -46.74 -19.06 -98.56
C THR M 489 -46.85 -17.96 -99.61
N GLY M 490 -45.81 -17.17 -99.81
CA GLY M 490 -45.85 -16.09 -100.76
C GLY M 490 -46.61 -14.86 -100.30
N LYS M 491 -47.09 -14.85 -99.06
CA LYS M 491 -47.89 -13.73 -98.56
C LYS M 491 -47.00 -12.55 -98.22
N ARG M 492 -47.49 -11.35 -98.52
CA ARG M 492 -46.78 -10.12 -98.22
C ARG M 492 -47.37 -9.47 -96.97
N TYR M 493 -46.51 -8.88 -96.16
CA TYR M 493 -46.93 -8.14 -94.98
C TYR M 493 -46.24 -6.78 -94.97
N ALA M 494 -46.92 -5.79 -94.40
CA ALA M 494 -46.19 -4.62 -93.93
C ALA M 494 -45.30 -5.03 -92.78
N PHE M 495 -44.16 -4.35 -92.65
CA PHE M 495 -43.16 -4.77 -91.67
C PHE M 495 -43.74 -4.79 -90.26
N GLU M 496 -44.51 -3.78 -89.90
CA GLU M 496 -45.07 -3.73 -88.56
C GLU M 496 -46.17 -4.77 -88.36
N ASP M 497 -46.70 -5.35 -89.42
CA ASP M 497 -47.72 -6.39 -89.33
C ASP M 497 -47.17 -7.79 -89.49
N ALA M 498 -45.89 -7.93 -89.86
CA ALA M 498 -45.33 -9.25 -90.08
C ALA M 498 -45.26 -10.03 -88.77
N PRO M 499 -45.49 -11.34 -88.81
CA PRO M 499 -45.32 -12.15 -87.61
C PRO M 499 -43.86 -12.13 -87.14
N VAL M 500 -43.68 -12.07 -85.82
CA VAL M 500 -42.33 -11.97 -85.27
C VAL M 500 -41.51 -13.20 -85.60
N GLU M 501 -42.16 -14.38 -85.62
CA GLU M 501 -41.46 -15.61 -85.98
C GLU M 501 -40.90 -15.54 -87.39
N LEU M 502 -41.66 -14.98 -88.33
CA LEU M 502 -41.17 -14.84 -89.70
C LEU M 502 -39.94 -13.95 -89.76
N LEU M 503 -39.97 -12.81 -89.08
CA LEU M 503 -38.83 -11.90 -89.09
C LEU M 503 -37.62 -12.51 -88.39
N MET M 504 -37.85 -13.31 -87.36
CA MET M 504 -36.77 -13.94 -86.62
C MET M 504 -36.18 -15.13 -87.36
N ARG M 505 -36.93 -15.75 -88.26
CA ARG M 505 -36.51 -16.98 -88.92
C ARG M 505 -36.00 -16.77 -90.34
N GLU M 506 -36.58 -15.85 -91.09
CA GLU M 506 -36.34 -15.74 -92.53
C GLU M 506 -35.28 -14.67 -92.79
N GLN M 507 -34.17 -15.09 -93.40
CA GLN M 507 -33.09 -14.16 -93.73
C GLN M 507 -33.51 -13.17 -94.80
N SER M 508 -34.34 -13.59 -95.76
CA SER M 508 -34.73 -12.72 -96.86
C SER M 508 -35.53 -11.51 -96.40
N CYS M 509 -36.09 -11.53 -95.20
CA CYS M 509 -36.76 -10.37 -94.65
C CYS M 509 -35.79 -9.25 -94.31
N TRP M 510 -34.50 -9.51 -94.35
CA TRP M 510 -33.48 -8.53 -94.02
C TRP M 510 -32.47 -8.30 -95.14
N VAL M 511 -32.53 -9.09 -96.21
CA VAL M 511 -31.64 -8.90 -97.34
C VAL M 511 -31.98 -7.61 -98.08
N MET M 512 -30.96 -6.92 -98.56
CA MET M 512 -31.15 -5.71 -99.34
C MET M 512 -31.49 -6.09 -100.77
N HIS M 513 -32.74 -5.88 -101.17
CA HIS M 513 -33.02 -6.22 -102.56
C HIS M 513 -32.90 -4.98 -103.44
N PRO M 514 -32.39 -5.13 -104.66
CA PRO M 514 -32.22 -3.96 -105.53
C PRO M 514 -33.53 -3.27 -105.88
N GLU M 515 -34.65 -3.97 -105.85
CA GLU M 515 -35.94 -3.38 -106.19
C GLU M 515 -36.56 -2.59 -105.05
N ASP M 516 -36.04 -2.71 -103.84
CA ASP M 516 -36.56 -1.97 -102.70
C ASP M 516 -35.90 -0.61 -102.58
N LYS M 517 -36.67 0.36 -102.12
CA LYS M 517 -36.20 1.74 -101.98
C LYS M 517 -35.71 2.08 -100.58
N TRP M 518 -35.97 1.22 -99.59
CA TRP M 518 -35.66 1.60 -98.21
C TRP M 518 -34.17 1.77 -97.97
N HIS M 519 -33.34 0.85 -98.49
CA HIS M 519 -31.93 0.90 -98.16
C HIS M 519 -31.18 1.99 -98.92
N GLY M 520 -31.61 2.30 -100.15
CA GLY M 520 -31.03 3.39 -100.88
C GLY M 520 -29.67 3.13 -101.49
N PHE M 521 -29.22 1.88 -101.51
CA PHE M 521 -27.95 1.53 -102.17
C PHE M 521 -28.28 1.13 -103.60
N ASN M 522 -28.23 2.10 -104.50
CA ASN M 522 -28.60 1.86 -105.89
C ASN M 522 -27.59 0.95 -106.57
N ASP M 523 -28.10 0.03 -107.39
CA ASP M 523 -27.30 -0.90 -108.17
C ASP M 523 -26.59 -1.93 -107.30
N ILE M 524 -27.11 -2.18 -106.10
CA ILE M 524 -26.57 -3.29 -105.30
C ILE M 524 -27.08 -4.61 -105.88
N PRO M 525 -26.23 -5.62 -106.03
CA PRO M 525 -26.73 -6.92 -106.46
C PRO M 525 -27.59 -7.56 -105.38
N ASP M 526 -28.47 -8.45 -105.82
CA ASP M 526 -29.34 -9.15 -104.89
C ASP M 526 -28.57 -10.24 -104.15
N ASN M 527 -28.97 -10.48 -102.91
CA ASN M 527 -28.34 -11.50 -102.06
C ASN M 527 -26.86 -11.21 -101.86
N TRP M 528 -26.51 -9.92 -101.77
CA TRP M 528 -25.16 -9.48 -101.50
C TRP M 528 -24.99 -8.97 -100.08
N ALA M 529 -25.85 -8.07 -99.64
CA ALA M 529 -25.79 -7.50 -98.30
C ALA M 529 -27.08 -7.81 -97.55
N MET M 530 -27.04 -7.55 -96.25
CA MET M 530 -28.13 -7.88 -95.34
C MET M 530 -28.04 -6.92 -94.16
N LEU M 531 -29.20 -6.59 -93.60
CA LEU M 531 -29.25 -5.69 -92.45
C LEU M 531 -29.21 -6.49 -91.15
N ASP M 532 -28.32 -6.10 -90.25
CA ASP M 532 -28.28 -6.69 -88.92
C ASP M 532 -29.43 -6.13 -88.10
N PRO M 533 -30.37 -6.95 -87.62
CA PRO M 533 -31.52 -6.42 -86.90
C PRO M 533 -31.17 -5.65 -85.63
N ILE M 534 -30.09 -6.01 -84.94
CA ILE M 534 -29.83 -5.42 -83.63
C ILE M 534 -29.10 -4.09 -83.70
N LYS M 535 -28.71 -3.63 -84.88
CA LYS M 535 -28.17 -2.28 -85.07
C LYS M 535 -29.29 -1.44 -85.67
N VAL M 536 -30.07 -0.81 -84.80
CA VAL M 536 -31.32 -0.18 -85.21
C VAL M 536 -31.06 1.29 -85.53
N SER M 537 -31.24 1.66 -86.79
CA SER M 537 -31.17 3.04 -87.23
C SER M 537 -32.59 3.59 -87.32
N ILE M 538 -32.79 4.80 -86.80
CA ILE M 538 -34.05 5.50 -86.97
C ILE M 538 -33.78 6.74 -87.81
N LEU M 539 -34.76 7.11 -88.63
CA LEU M 539 -34.62 8.18 -89.58
C LEU M 539 -35.53 9.33 -89.17
N ALA M 540 -34.94 10.51 -89.02
CA ALA M 540 -35.74 11.71 -88.83
C ALA M 540 -36.26 12.19 -90.19
N PRO M 541 -37.43 12.81 -90.22
CA PRO M 541 -37.98 13.27 -91.50
C PRO M 541 -37.18 14.42 -92.08
N GLY M 542 -37.20 14.51 -93.41
CA GLY M 542 -36.53 15.61 -94.08
C GLY M 542 -35.84 15.23 -95.37
N MET M 543 -35.55 13.95 -95.56
CA MET M 543 -34.83 13.47 -96.73
C MET M 543 -35.81 12.77 -97.66
N GLY M 544 -35.86 13.23 -98.91
CA GLY M 544 -36.72 12.58 -99.89
C GLY M 544 -36.12 11.30 -100.43
N ASP M 545 -36.99 10.45 -100.97
CA ASP M 545 -36.54 9.17 -101.52
C ASP M 545 -35.64 9.35 -102.74
N ASP M 546 -35.75 10.48 -103.43
CA ASP M 546 -34.94 10.75 -104.60
C ASP M 546 -33.51 11.15 -104.25
N GLY M 547 -33.26 11.57 -103.01
CA GLY M 547 -31.95 12.03 -102.59
C GLY M 547 -31.88 13.49 -102.24
N LYS M 548 -32.97 14.24 -102.43
CA LYS M 548 -32.99 15.66 -102.13
C LYS M 548 -33.90 15.92 -100.94
N LEU M 549 -33.63 17.01 -100.24
CA LEU M 549 -34.36 17.34 -99.03
C LEU M 549 -35.80 17.72 -99.36
N LEU M 550 -36.68 17.51 -98.38
CA LEU M 550 -38.07 17.90 -98.51
C LEU M 550 -38.22 19.36 -98.07
N ASP M 551 -39.47 19.84 -98.08
CA ASP M 551 -39.72 21.23 -97.72
C ASP M 551 -39.52 21.47 -96.23
N THR M 552 -39.74 20.44 -95.40
CA THR M 552 -39.59 20.55 -93.97
C THR M 552 -38.98 19.26 -93.44
N GLY M 553 -38.43 19.33 -92.23
CA GLY M 553 -37.83 18.17 -91.62
C GLY M 553 -37.30 18.51 -90.25
N VAL M 554 -36.83 17.47 -89.57
CA VAL M 554 -36.24 17.58 -88.24
C VAL M 554 -34.82 17.05 -88.32
N PRO M 555 -33.79 17.89 -88.18
CA PRO M 555 -32.42 17.40 -88.23
C PRO M 555 -32.09 16.51 -87.05
N ALA M 556 -31.23 15.51 -87.30
CA ALA M 556 -30.92 14.53 -86.27
C ALA M 556 -30.01 15.08 -85.17
N ALA M 557 -29.32 16.20 -85.41
CA ALA M 557 -28.47 16.77 -84.38
C ALA M 557 -29.28 17.21 -83.17
N LEU M 558 -30.44 17.81 -83.41
CA LEU M 558 -31.31 18.25 -82.31
C LEU M 558 -31.87 17.06 -81.54
N VAL M 559 -32.29 16.01 -82.26
CA VAL M 559 -32.77 14.81 -81.59
C VAL M 559 -31.65 14.17 -80.78
N THR M 560 -30.42 14.21 -81.29
CA THR M 560 -29.28 13.68 -80.56
C THR M 560 -29.03 14.48 -79.29
N ALA M 561 -29.16 15.80 -79.37
CA ALA M 561 -29.03 16.62 -78.17
C ALA M 561 -30.09 16.26 -77.14
N TRP M 562 -31.34 16.05 -77.59
CA TRP M 562 -32.40 15.62 -76.70
C TRP M 562 -32.06 14.29 -76.02
N LEU M 563 -31.64 13.31 -76.81
CA LEU M 563 -31.31 12.00 -76.27
C LEU M 563 -30.16 12.06 -75.28
N ASN M 564 -29.12 12.84 -75.61
CA ASN M 564 -28.02 13.05 -74.68
C ASN M 564 -28.52 13.67 -73.38
N HIS M 565 -29.41 14.65 -73.48
CA HIS M 565 -29.99 15.23 -72.29
C HIS M 565 -30.70 14.19 -71.44
N TYR M 566 -31.29 13.18 -72.08
CA TYR M 566 -31.92 12.11 -71.31
C TYR M 566 -31.01 10.92 -71.08
N GLY M 567 -29.73 11.04 -71.41
CA GLY M 567 -28.74 10.03 -71.10
C GLY M 567 -28.49 9.02 -72.21
N ILE M 568 -29.38 8.94 -73.20
CA ILE M 568 -29.17 8.03 -74.32
C ILE M 568 -28.12 8.61 -75.24
N VAL M 569 -27.08 7.83 -75.52
CA VAL M 569 -26.00 8.29 -76.39
C VAL M 569 -25.96 7.36 -77.61
N PRO M 570 -26.35 7.84 -78.79
CA PRO M 570 -26.31 6.99 -79.99
C PRO M 570 -24.89 6.65 -80.42
N THR M 571 -24.77 5.52 -81.11
CA THR M 571 -23.48 5.06 -81.62
C THR M 571 -23.05 5.82 -82.86
N ARG M 572 -23.97 6.02 -83.81
CA ARG M 572 -23.69 6.73 -85.04
C ARG M 572 -24.78 7.76 -85.28
N THR M 573 -24.44 8.78 -86.06
CA THR M 573 -25.38 9.85 -86.37
C THR M 573 -24.96 10.53 -87.66
N THR M 574 -25.93 10.77 -88.54
CA THR M 574 -25.78 11.60 -89.73
C THR M 574 -26.82 12.72 -89.66
N ASP M 575 -26.98 13.43 -90.77
CA ASP M 575 -27.94 14.54 -90.82
C ASP M 575 -29.35 14.08 -90.45
N PHE M 576 -29.82 12.98 -91.05
CA PHE M 576 -31.08 12.35 -90.65
C PHE M 576 -30.84 10.85 -90.49
N GLN M 577 -30.24 10.46 -89.37
CA GLN M 577 -30.07 9.06 -89.01
C GLN M 577 -29.51 8.97 -87.60
N ILE M 578 -30.12 8.14 -86.76
CA ILE M 578 -29.63 7.90 -85.42
C ILE M 578 -29.61 6.39 -85.20
N MET M 579 -28.46 5.87 -84.77
CA MET M 579 -28.24 4.44 -84.62
C MET M 579 -28.25 4.08 -83.14
N PHE M 580 -29.01 3.06 -82.79
CA PHE M 580 -29.09 2.54 -81.43
C PHE M 580 -28.59 1.10 -81.42
N LEU M 581 -27.81 0.75 -80.40
CA LEU M 581 -27.28 -0.58 -80.24
C LEU M 581 -28.15 -1.40 -79.31
N PHE M 582 -28.57 -2.57 -79.76
CA PHE M 582 -29.18 -3.58 -78.91
C PHE M 582 -28.14 -4.66 -78.65
N SER M 583 -27.78 -4.84 -77.39
CA SER M 583 -26.73 -5.79 -77.01
C SER M 583 -27.31 -6.87 -76.11
N MET M 584 -26.49 -7.87 -75.82
CA MET M 584 -26.90 -8.94 -74.93
C MET M 584 -27.02 -8.49 -73.48
N GLY M 585 -26.58 -7.28 -73.15
CA GLY M 585 -26.79 -6.70 -71.85
C GLY M 585 -28.07 -5.92 -71.69
N ILE M 586 -28.89 -5.81 -72.73
CA ILE M 586 -30.17 -5.14 -72.63
C ILE M 586 -31.16 -6.03 -71.89
N THR M 587 -32.13 -5.41 -71.24
CA THR M 587 -33.21 -6.13 -70.59
C THR M 587 -34.49 -5.97 -71.41
N LYS M 588 -35.41 -6.91 -71.20
CA LYS M 588 -36.61 -6.99 -72.03
C LYS M 588 -37.53 -5.80 -71.77
N GLY M 589 -38.07 -5.23 -72.85
CA GLY M 589 -38.96 -4.09 -72.75
C GLY M 589 -38.27 -2.76 -72.53
N LYS M 590 -36.94 -2.71 -72.60
CA LYS M 590 -36.21 -1.48 -72.35
C LYS M 590 -36.44 -0.43 -73.44
N TRP M 591 -36.76 -0.87 -74.66
CA TRP M 591 -36.97 0.04 -75.78
C TRP M 591 -38.21 0.93 -75.58
N GLY M 592 -39.07 0.60 -74.62
CA GLY M 592 -40.17 1.48 -74.30
C GLY M 592 -39.70 2.85 -73.85
N THR M 593 -38.59 2.91 -73.13
CA THR M 593 -38.00 4.20 -72.77
C THR M 593 -37.62 5.00 -74.00
N LEU M 594 -37.01 4.33 -75.00
CA LEU M 594 -36.63 5.01 -76.22
C LEU M 594 -37.85 5.57 -76.94
N VAL M 595 -38.91 4.76 -77.03
CA VAL M 595 -40.14 5.22 -77.69
C VAL M 595 -40.73 6.40 -76.94
N ASN M 596 -40.76 6.32 -75.61
CA ASN M 596 -41.30 7.40 -74.79
C ASN M 596 -40.50 8.68 -74.99
N THR M 597 -39.17 8.58 -75.02
CA THR M 597 -38.33 9.75 -75.22
C THR M 597 -38.59 10.39 -76.58
N LEU M 598 -38.71 9.56 -77.63
CA LEU M 598 -38.98 10.12 -78.95
C LEU M 598 -40.35 10.81 -79.00
N LEU M 599 -41.35 10.21 -78.35
CA LEU M 599 -42.68 10.82 -78.32
C LEU M 599 -42.65 12.15 -77.57
N SER M 600 -41.95 12.21 -76.43
CA SER M 600 -41.88 13.47 -75.70
C SER M 600 -41.12 14.52 -76.48
N PHE M 601 -40.08 14.12 -77.22
CA PHE M 601 -39.42 15.07 -78.10
C PHE M 601 -40.40 15.61 -79.14
N LYS M 602 -41.20 14.74 -79.73
CA LYS M 602 -42.16 15.20 -80.73
C LYS M 602 -43.16 16.17 -80.12
N ARG M 603 -43.62 15.89 -78.90
CA ARG M 603 -44.54 16.80 -78.22
C ARG M 603 -43.92 18.17 -78.02
N HIS M 604 -42.69 18.21 -77.46
CA HIS M 604 -42.05 19.50 -77.22
C HIS M 604 -41.69 20.21 -78.51
N TYR M 605 -41.45 19.46 -79.59
CA TYR M 605 -41.14 20.06 -80.87
C TYR M 605 -42.38 20.70 -81.49
N ASP M 606 -43.52 20.00 -81.41
CA ASP M 606 -44.76 20.56 -81.90
C ASP M 606 -45.19 21.76 -81.07
N ASN M 607 -44.90 21.76 -79.77
CA ASN M 607 -45.27 22.88 -78.92
C ASN M 607 -44.27 24.02 -78.96
N ASN M 608 -43.14 23.86 -79.64
CA ASN M 608 -42.08 24.87 -79.71
C ASN M 608 -41.66 25.32 -78.32
N THR M 609 -41.39 24.35 -77.45
CA THR M 609 -40.97 24.65 -76.09
C THR M 609 -39.63 25.35 -76.10
N ALA M 610 -39.48 26.37 -75.25
CA ALA M 610 -38.25 27.14 -75.21
C ALA M 610 -37.08 26.27 -74.79
N LEU M 611 -35.95 26.46 -75.46
CA LEU M 611 -34.77 25.64 -75.19
C LEU M 611 -34.27 25.77 -73.76
N LYS M 612 -34.55 26.89 -73.09
CA LYS M 612 -34.14 27.03 -71.69
C LYS M 612 -34.83 26.01 -70.81
N LYS M 613 -36.11 25.72 -71.07
CA LYS M 613 -36.83 24.77 -70.23
C LYS M 613 -36.38 23.34 -70.49
N VAL M 614 -36.21 22.96 -71.75
CA VAL M 614 -35.97 21.57 -72.12
C VAL M 614 -34.50 21.24 -72.25
N LEU M 615 -33.72 22.12 -72.87
CA LEU M 615 -32.30 21.85 -73.17
C LEU M 615 -31.43 22.99 -72.66
N PRO M 616 -31.30 23.13 -71.34
CA PRO M 616 -30.45 24.21 -70.81
C PRO M 616 -28.99 24.10 -71.23
N GLU M 617 -28.47 22.88 -71.43
CA GLU M 617 -27.08 22.74 -71.84
C GLU M 617 -26.84 23.28 -73.24
N VAL M 618 -27.82 23.17 -74.12
CA VAL M 618 -27.71 23.77 -75.45
C VAL M 618 -27.66 25.29 -75.33
N VAL M 619 -28.51 25.86 -74.47
CA VAL M 619 -28.51 27.31 -74.28
C VAL M 619 -27.18 27.78 -73.73
N ALA M 620 -26.60 27.00 -72.82
CA ALA M 620 -25.35 27.38 -72.16
C ALA M 620 -24.19 27.52 -73.13
N SER M 621 -24.30 27.00 -74.35
CA SER M 621 -23.24 27.19 -75.33
C SER M 621 -23.23 28.61 -75.86
N ALA M 622 -24.34 29.05 -76.46
CA ALA M 622 -24.47 30.40 -77.02
C ALA M 622 -25.74 31.02 -76.49
N PRO M 623 -25.73 31.52 -75.26
CA PRO M 623 -26.96 32.07 -74.67
C PRO M 623 -27.53 33.25 -75.44
N GLU M 624 -26.70 33.98 -76.19
CA GLU M 624 -27.21 35.08 -76.99
C GLU M 624 -27.97 34.61 -78.22
N ILE M 625 -27.68 33.41 -78.72
CA ILE M 625 -28.33 32.88 -79.91
C ILE M 625 -29.53 32.02 -79.54
N TYR M 626 -29.32 31.03 -78.68
CA TYR M 626 -30.36 30.07 -78.33
C TYR M 626 -31.31 30.58 -77.26
N GLY M 627 -30.96 31.64 -76.55
CA GLY M 627 -31.91 32.26 -75.63
C GLY M 627 -33.10 32.81 -76.39
N GLU M 628 -34.26 32.75 -75.75
CA GLU M 628 -35.53 33.21 -76.32
C GLU M 628 -35.87 32.48 -77.63
N MET M 629 -35.42 31.24 -77.77
CA MET M 629 -35.65 30.45 -78.96
C MET M 629 -36.29 29.12 -78.58
N GLY M 630 -37.21 28.65 -79.41
CA GLY M 630 -37.88 27.40 -79.15
C GLY M 630 -37.24 26.21 -79.84
N LEU M 631 -37.72 25.02 -79.49
CA LEU M 631 -37.19 23.79 -80.08
C LEU M 631 -37.42 23.76 -81.59
N ARG M 632 -38.65 24.06 -82.02
CA ARG M 632 -38.95 24.04 -83.44
C ARG M 632 -38.26 25.19 -84.18
N ASP M 633 -38.05 26.32 -83.52
CA ASP M 633 -37.30 27.41 -84.15
C ASP M 633 -35.90 26.95 -84.50
N LEU M 634 -35.21 26.33 -83.55
CA LEU M 634 -33.87 25.81 -83.81
C LEU M 634 -33.90 24.72 -84.87
N GLY M 635 -34.89 23.84 -84.81
CA GLY M 635 -34.99 22.77 -85.79
C GLY M 635 -35.16 23.30 -87.21
N ASP M 636 -36.06 24.26 -87.38
CA ASP M 636 -36.27 24.87 -88.69
C ASP M 636 -35.06 25.68 -89.14
N LYS M 637 -34.36 26.33 -88.22
CA LYS M 637 -33.12 27.02 -88.58
C LYS M 637 -32.11 26.03 -89.13
N MET M 638 -31.91 24.91 -88.44
CA MET M 638 -30.97 23.88 -88.90
C MET M 638 -31.39 23.32 -90.24
N PHE M 639 -32.70 23.07 -90.41
CA PHE M 639 -33.16 22.49 -91.67
C PHE M 639 -33.00 23.47 -92.82
N ALA M 640 -33.25 24.75 -92.57
CA ALA M 640 -33.03 25.76 -93.60
C ALA M 640 -31.56 25.83 -93.98
N TYR M 641 -30.67 25.75 -92.99
CA TYR M 641 -29.25 25.72 -93.28
C TYR M 641 -28.88 24.51 -94.13
N LEU M 642 -29.42 23.34 -93.78
CA LEU M 642 -29.12 22.13 -94.55
C LEU M 642 -29.64 22.26 -95.98
N GLN M 643 -30.85 22.81 -96.14
CA GLN M 643 -31.42 23.00 -97.47
C GLN M 643 -30.57 23.93 -98.30
N LYS M 644 -30.09 25.02 -97.70
CA LYS M 644 -29.27 25.97 -98.45
C LYS M 644 -27.94 25.36 -98.83
N ASN M 645 -27.26 24.72 -97.89
CA ASN M 645 -25.88 24.30 -98.13
C ASN M 645 -25.77 22.90 -98.73
N ASN M 646 -26.73 22.02 -98.45
CA ASN M 646 -26.75 20.65 -98.96
C ASN M 646 -25.43 19.93 -98.70
N PRO M 647 -25.07 19.69 -97.44
CA PRO M 647 -23.80 18.99 -97.15
C PRO M 647 -23.79 17.54 -97.60
N GLY M 648 -24.94 16.93 -97.84
CA GLY M 648 -24.94 15.55 -98.32
C GLY M 648 -24.28 15.40 -99.68
N ALA M 649 -24.52 16.36 -100.57
CA ALA M 649 -23.83 16.37 -101.85
C ALA M 649 -22.33 16.56 -101.67
N ARG M 650 -21.94 17.39 -100.70
CA ARG M 650 -20.52 17.55 -100.40
C ARG M 650 -19.90 16.23 -99.95
N LEU M 651 -20.59 15.51 -99.07
CA LEU M 651 -20.11 14.21 -98.63
C LEU M 651 -19.99 13.23 -99.79
N ASN M 652 -21.00 13.22 -100.67
CA ASN M 652 -20.95 12.32 -101.82
C ASN M 652 -19.79 12.65 -102.74
N GLN M 653 -19.54 13.94 -102.97
CA GLN M 653 -18.42 14.32 -103.81
C GLN M 653 -17.09 13.95 -103.16
N ALA M 654 -16.96 14.18 -101.86
CA ALA M 654 -15.71 13.88 -101.18
C ALA M 654 -15.41 12.40 -101.13
N TYR M 655 -16.44 11.55 -101.03
CA TYR M 655 -16.18 10.13 -100.85
C TYR M 655 -16.33 9.31 -102.13
N SER M 656 -16.91 9.88 -103.18
CA SER M 656 -16.96 9.16 -104.45
C SER M 656 -15.61 9.21 -105.17
N GLN M 657 -14.86 10.28 -104.99
CA GLN M 657 -13.55 10.45 -105.62
C GLN M 657 -12.47 10.23 -104.58
N LEU M 658 -11.51 9.38 -104.89
CA LEU M 658 -10.41 9.15 -103.97
C LEU M 658 -9.36 10.24 -104.11
N PRO M 659 -8.73 10.64 -103.01
CA PRO M 659 -7.65 11.62 -103.08
C PRO M 659 -6.44 11.05 -103.80
N GLN M 660 -5.63 11.95 -104.35
CA GLN M 660 -4.39 11.55 -105.00
C GLN M 660 -3.39 11.06 -103.96
N VAL M 661 -2.77 9.92 -104.24
CA VAL M 661 -1.81 9.32 -103.32
C VAL M 661 -0.41 9.79 -103.69
N MET M 662 0.32 10.32 -102.72
CA MET M 662 1.67 10.79 -102.93
C MET M 662 2.73 9.86 -102.33
N MET M 663 2.44 9.24 -101.19
CA MET M 663 3.38 8.30 -100.58
C MET M 663 2.59 7.33 -99.71
N THR M 664 3.25 6.26 -99.29
CA THR M 664 2.65 5.30 -98.40
C THR M 664 2.38 5.93 -97.04
N PRO M 665 1.44 5.36 -96.27
CA PRO M 665 1.22 5.88 -94.91
C PRO M 665 2.46 5.83 -94.04
N ARG M 666 3.32 4.82 -94.21
CA ARG M 666 4.55 4.77 -93.43
C ARG M 666 5.46 5.95 -93.75
N ASP M 667 5.58 6.31 -95.03
CA ASP M 667 6.40 7.46 -95.40
C ASP M 667 5.86 8.75 -94.78
N ALA M 668 4.54 8.92 -94.83
CA ALA M 668 3.92 10.10 -94.24
C ALA M 668 4.18 10.16 -92.74
N TYR M 669 4.07 9.02 -92.05
CA TYR M 669 4.34 9.03 -90.61
C TYR M 669 5.81 9.31 -90.32
N GLN M 670 6.71 8.75 -91.12
CA GLN M 670 8.12 9.02 -90.92
C GLN M 670 8.47 10.47 -91.20
N GLN M 671 7.66 11.18 -91.98
CA GLN M 671 7.79 12.63 -92.04
C GLN M 671 7.49 13.26 -90.68
N ILE M 672 6.49 12.74 -89.97
CA ILE M 672 6.21 13.22 -88.62
C ILE M 672 7.39 12.96 -87.71
N VAL M 673 7.97 11.76 -87.80
CA VAL M 673 9.10 11.43 -86.94
C VAL M 673 10.28 12.34 -87.23
N ALA M 674 10.51 12.68 -88.49
CA ALA M 674 11.60 13.56 -88.89
C ALA M 674 11.29 15.03 -88.64
N ASN M 675 10.16 15.34 -88.01
CA ASN M 675 9.76 16.71 -87.70
C ASN M 675 9.58 17.55 -88.97
N ARG M 676 9.29 16.91 -90.09
CA ARG M 676 8.99 17.61 -91.34
C ARG M 676 7.49 17.78 -91.54
N VAL M 677 6.78 18.30 -90.53
CA VAL M 677 5.34 18.52 -90.60
C VAL M 677 4.99 19.84 -89.96
N GLU M 678 3.80 20.34 -90.29
CA GLU M 678 3.32 21.61 -89.78
C GLU M 678 1.81 21.60 -89.74
N ALA M 679 1.25 22.46 -88.89
CA ALA M 679 -0.20 22.63 -88.80
C ALA M 679 -0.64 23.65 -89.84
N VAL M 680 -1.56 23.25 -90.70
CA VAL M 680 -2.01 24.05 -91.83
C VAL M 680 -3.50 24.28 -91.69
N PRO M 681 -3.98 25.52 -91.81
CA PRO M 681 -5.43 25.76 -91.78
C PRO M 681 -6.11 25.20 -93.02
N VAL M 682 -7.43 25.03 -92.91
CA VAL M 682 -8.20 24.41 -93.99
C VAL M 682 -8.12 25.23 -95.26
N ASP M 683 -8.17 26.56 -95.16
CA ASP M 683 -8.14 27.40 -96.34
C ASP M 683 -6.81 27.37 -97.06
N GLN M 684 -5.76 26.81 -96.45
CA GLN M 684 -4.45 26.71 -97.07
C GLN M 684 -4.05 25.28 -97.40
N LEU M 685 -5.02 24.38 -97.46
CA LEU M 685 -4.74 22.95 -97.64
C LEU M 685 -4.45 22.55 -99.08
N MET M 686 -4.62 23.46 -100.04
CA MET M 686 -4.50 23.10 -101.45
C MET M 686 -3.09 22.63 -101.76
N GLY M 687 -2.97 21.43 -102.32
CA GLY M 687 -1.69 20.86 -102.69
C GLY M 687 -0.94 20.19 -101.57
N ARG M 688 -1.43 20.23 -100.34
CA ARG M 688 -0.71 19.72 -99.19
C ARG M 688 -0.97 18.23 -99.00
N VAL M 689 0.01 17.53 -98.44
CA VAL M 689 -0.09 16.11 -98.15
C VAL M 689 -0.37 15.95 -96.67
N ALA M 690 -1.47 15.26 -96.34
CA ALA M 690 -1.83 15.05 -94.95
C ALA M 690 -0.83 14.13 -94.26
N ALA M 691 -0.42 14.50 -93.06
CA ALA M 691 0.53 13.68 -92.30
C ALA M 691 -0.18 12.54 -91.57
N ASN M 692 -1.46 12.72 -91.23
CA ASN M 692 -2.24 11.68 -90.60
C ASN M 692 -3.60 11.60 -91.30
N SER M 693 -4.43 10.66 -90.84
CA SER M 693 -5.73 10.43 -91.47
C SER M 693 -6.75 11.45 -91.01
N ILE M 694 -7.66 11.80 -91.91
CA ILE M 694 -8.76 12.71 -91.62
C ILE M 694 -10.04 11.90 -91.68
N ILE M 695 -10.72 11.79 -90.54
CA ILE M 695 -11.95 11.02 -90.42
C ILE M 695 -13.06 11.95 -89.94
N PRO M 696 -13.87 12.48 -90.85
CA PRO M 696 -15.02 13.29 -90.43
C PRO M 696 -16.18 12.44 -89.97
N TYR M 697 -16.94 12.98 -89.03
CA TYR M 697 -18.17 12.36 -88.56
C TYR M 697 -19.33 13.31 -88.83
N PRO M 698 -20.23 13.02 -89.77
CA PRO M 698 -20.30 11.83 -90.65
C PRO M 698 -19.29 11.90 -91.79
N PRO M 699 -19.06 10.79 -92.50
CA PRO M 699 -19.65 9.45 -92.34
C PRO M 699 -18.90 8.51 -91.40
N GLY M 700 -17.87 9.01 -90.71
CA GLY M 700 -17.17 8.19 -89.75
C GLY M 700 -16.14 7.25 -90.32
N ILE M 701 -15.83 7.35 -91.62
CA ILE M 701 -14.77 6.55 -92.22
C ILE M 701 -13.79 7.53 -92.84
N PRO M 702 -12.51 7.17 -92.99
CA PRO M 702 -11.50 8.16 -93.37
C PRO M 702 -11.73 8.73 -94.76
N MET M 703 -11.70 10.06 -94.85
CA MET M 703 -11.77 10.72 -96.16
C MET M 703 -10.39 10.80 -96.79
N LEU M 704 -9.36 11.03 -95.97
CA LEU M 704 -7.98 11.02 -96.41
C LEU M 704 -7.17 10.12 -95.48
N LEU M 705 -6.27 9.34 -96.05
CA LEU M 705 -5.28 8.61 -95.29
C LEU M 705 -3.95 9.36 -95.31
N SER M 706 -3.03 8.92 -94.46
CA SER M 706 -1.70 9.53 -94.41
C SER M 706 -0.99 9.35 -95.75
N GLY M 707 -0.38 10.43 -96.24
CA GLY M 707 0.30 10.39 -97.51
C GLY M 707 -0.56 10.66 -98.71
N GLU M 708 -1.75 11.21 -98.53
CA GLU M 708 -2.66 11.52 -99.62
C GLU M 708 -2.78 13.02 -99.79
N ASN M 709 -2.84 13.46 -101.05
CA ASN M 709 -2.94 14.88 -101.35
C ASN M 709 -4.35 15.39 -101.08
N PHE M 710 -4.43 16.63 -100.61
CA PHE M 710 -5.74 17.23 -100.37
C PHE M 710 -6.42 17.66 -101.66
N GLY M 711 -5.65 18.03 -102.68
CA GLY M 711 -6.19 18.41 -103.97
C GLY M 711 -6.10 19.90 -104.20
N ASP M 712 -6.56 20.29 -105.39
CA ASP M 712 -6.52 21.69 -105.82
C ASP M 712 -7.67 22.49 -105.23
N GLU M 713 -7.91 23.69 -105.79
CA GLU M 713 -8.92 24.59 -105.24
C GLU M 713 -10.31 23.95 -105.25
N ASN M 714 -10.65 23.22 -106.30
CA ASN M 714 -11.98 22.63 -106.45
C ASN M 714 -12.07 21.23 -105.86
N SER M 715 -11.14 20.85 -104.98
CA SER M 715 -11.15 19.51 -104.42
C SER M 715 -12.37 19.33 -103.53
N PRO M 716 -13.13 18.24 -103.70
CA PRO M 716 -14.29 18.02 -102.83
C PRO M 716 -13.92 17.79 -101.37
N HIS M 717 -12.70 17.34 -101.08
CA HIS M 717 -12.34 17.03 -99.70
C HIS M 717 -12.16 18.30 -98.87
N ILE M 718 -11.45 19.29 -99.41
CA ILE M 718 -11.35 20.58 -98.74
C ILE M 718 -12.73 21.21 -98.63
N HIS M 719 -13.56 21.03 -99.66
CA HIS M 719 -14.92 21.57 -99.61
C HIS M 719 -15.73 20.96 -98.48
N TYR M 720 -15.62 19.65 -98.30
CA TYR M 720 -16.35 18.99 -97.21
C TYR M 720 -15.83 19.45 -95.85
N LEU M 721 -14.52 19.58 -95.71
CA LEU M 721 -13.97 20.10 -94.45
C LEU M 721 -14.48 21.50 -94.17
N ARG M 722 -14.54 22.34 -95.20
CA ARG M 722 -15.07 23.69 -95.05
C ARG M 722 -16.54 23.66 -94.66
N SER M 723 -17.32 22.75 -95.24
CA SER M 723 -18.73 22.63 -94.87
C SER M 723 -18.89 22.27 -93.42
N LEU M 724 -18.11 21.31 -92.93
CA LEU M 724 -18.18 20.94 -91.52
C LEU M 724 -17.78 22.12 -90.63
N GLN M 725 -16.74 22.85 -91.02
CA GLN M 725 -16.32 24.01 -90.24
C GLN M 725 -17.40 25.07 -90.19
N ALA M 726 -18.07 25.31 -91.33
CA ALA M 726 -19.13 26.30 -91.38
C ALA M 726 -20.31 25.88 -90.51
N TRP M 727 -20.67 24.59 -90.53
CA TRP M 727 -21.73 24.13 -89.63
C TRP M 727 -21.34 24.35 -88.18
N ASP M 728 -20.09 24.03 -87.82
CA ASP M 728 -19.66 24.23 -86.43
C ASP M 728 -19.75 25.70 -86.05
N SER M 729 -19.36 26.59 -86.96
CA SER M 729 -19.43 28.02 -86.65
C SER M 729 -20.88 28.48 -86.49
N GLU M 730 -21.78 27.99 -87.33
CA GLU M 730 -23.16 28.45 -87.30
C GLU M 730 -23.95 27.92 -86.11
N PHE M 731 -23.64 26.72 -85.62
CA PHE M 731 -24.41 26.06 -84.57
C PHE M 731 -23.50 25.63 -83.44
N PRO M 732 -23.16 26.52 -82.52
CA PRO M 732 -22.40 26.11 -81.33
C PRO M 732 -23.17 25.10 -80.51
N GLY M 733 -22.43 24.14 -79.94
CA GLY M 733 -23.02 23.05 -79.19
C GLY M 733 -23.46 21.87 -80.02
N PHE M 734 -23.36 21.95 -81.35
CA PHE M 734 -23.72 20.88 -82.27
C PHE M 734 -22.57 20.63 -83.23
N GLU M 735 -21.36 20.73 -82.73
CA GLU M 735 -20.18 20.69 -83.59
C GLU M 735 -19.85 19.25 -83.99
N HIS M 736 -19.48 19.09 -85.26
CA HIS M 736 -19.07 17.80 -85.77
C HIS M 736 -17.71 17.39 -85.19
N GLU M 737 -17.50 16.09 -85.07
CA GLU M 737 -16.20 15.55 -84.71
C GLU M 737 -15.44 15.15 -85.96
N THR M 738 -14.15 15.47 -85.99
CA THR M 738 -13.29 15.13 -87.13
C THR M 738 -11.94 14.69 -86.58
N GLU M 739 -11.70 13.39 -86.56
CA GLU M 739 -10.40 12.88 -86.13
C GLU M 739 -9.33 13.27 -87.13
N GLY M 740 -8.17 13.65 -86.60
CA GLY M 740 -7.06 14.07 -87.44
C GLY M 740 -6.92 15.57 -87.61
N THR M 741 -7.72 16.36 -86.90
CA THR M 741 -7.65 17.81 -86.98
C THR M 741 -7.47 18.40 -85.60
N GLU M 742 -6.93 19.61 -85.56
CA GLU M 742 -6.83 20.41 -84.35
C GLU M 742 -7.73 21.62 -84.50
N ILE M 743 -8.53 21.90 -83.48
CA ILE M 743 -9.49 22.99 -83.50
C ILE M 743 -8.98 24.08 -82.57
N ILE M 744 -8.37 25.10 -83.16
CA ILE M 744 -7.86 26.26 -82.41
C ILE M 744 -8.78 27.44 -82.71
N ASP M 745 -9.25 28.09 -81.65
CA ASP M 745 -10.24 29.16 -81.70
C ASP M 745 -11.36 28.84 -82.68
N GLY M 746 -11.84 27.60 -82.66
CA GLY M 746 -12.92 27.19 -83.52
C GLY M 746 -12.53 26.96 -84.97
N GLN M 747 -11.24 26.99 -85.28
CA GLN M 747 -10.75 26.85 -86.65
C GLN M 747 -9.99 25.55 -86.79
N TYR M 748 -10.15 24.90 -87.95
CA TYR M 748 -9.57 23.58 -88.16
C TYR M 748 -8.12 23.70 -88.61
N TYR M 749 -7.25 22.89 -88.00
CA TYR M 749 -5.87 22.77 -88.41
C TYR M 749 -5.55 21.31 -88.70
N VAL M 750 -4.77 21.09 -89.76
CA VAL M 750 -4.40 19.74 -90.19
C VAL M 750 -2.89 19.67 -90.28
N MET M 751 -2.31 18.61 -89.71
CA MET M 751 -0.88 18.39 -89.79
C MET M 751 -0.52 17.90 -91.18
N CYS M 752 0.38 18.61 -91.86
CA CYS M 752 0.71 18.33 -93.24
C CYS M 752 2.22 18.24 -93.40
N VAL M 753 2.65 17.45 -94.39
CA VAL M 753 4.07 17.30 -94.67
C VAL M 753 4.61 18.62 -95.24
N LYS M 754 5.73 19.07 -94.68
CA LYS M 754 6.40 20.25 -95.22
C LYS M 754 6.89 19.97 -96.64
N THR M 755 6.62 20.89 -97.55
CA THR M 755 7.01 20.71 -98.94
C THR M 755 8.53 20.78 -99.13
N MET N 1 -16.44 6.53 -40.75
CA MET N 1 -15.82 7.61 -40.00
C MET N 1 -15.35 7.12 -38.64
N ARG N 2 -14.05 7.26 -38.38
CA ARG N 2 -13.45 6.84 -37.12
C ARG N 2 -12.65 7.98 -36.52
N ALA N 3 -12.92 8.30 -35.27
CA ALA N 3 -12.19 9.30 -34.52
C ALA N 3 -11.35 8.63 -33.45
N LEU N 4 -10.08 9.04 -33.34
CA LEU N 4 -9.17 8.53 -32.33
C LEU N 4 -9.00 9.58 -31.25
N ILE N 5 -9.23 9.18 -30.00
CA ILE N 5 -9.08 10.07 -28.85
C ILE N 5 -7.93 9.55 -28.00
N VAL N 6 -6.91 10.38 -27.84
CA VAL N 6 -5.72 10.03 -27.05
C VAL N 6 -5.53 11.12 -26.01
N TYR N 7 -5.87 10.83 -24.77
CA TYR N 7 -5.65 11.76 -23.67
C TYR N 7 -5.08 10.99 -22.49
N THR N 8 -4.17 11.62 -21.75
CA THR N 8 -3.48 10.94 -20.66
C THR N 8 -3.92 11.44 -19.30
N GLU N 9 -3.69 12.71 -18.98
CA GLU N 9 -4.07 13.28 -17.68
C GLU N 9 -4.26 14.78 -17.88
N LEU N 10 -5.50 15.20 -18.06
CA LEU N 10 -5.76 16.62 -18.28
C LEU N 10 -6.06 17.37 -16.98
N THR N 11 -6.71 16.71 -16.04
CA THR N 11 -7.05 17.30 -14.75
C THR N 11 -6.33 16.55 -13.63
N ASP N 12 -6.13 17.25 -12.51
CA ASP N 12 -5.52 16.62 -11.35
C ASP N 12 -6.32 15.43 -10.85
N LYS N 13 -7.64 15.44 -11.06
CA LYS N 13 -8.50 14.31 -10.75
C LYS N 13 -9.03 13.75 -12.06
N ASP N 14 -8.81 12.45 -12.27
CA ASP N 14 -9.05 11.84 -13.57
C ASP N 14 -10.51 11.88 -13.97
N SER N 15 -11.43 11.86 -13.01
CA SER N 15 -12.83 11.64 -13.33
C SER N 15 -13.43 12.77 -14.16
N VAL N 16 -12.93 14.00 -14.00
CA VAL N 16 -13.50 15.13 -14.73
C VAL N 16 -13.27 14.97 -16.22
N ILE N 17 -12.01 14.80 -16.63
CA ILE N 17 -11.70 14.65 -18.04
C ILE N 17 -12.27 13.36 -18.59
N SER N 18 -12.29 12.29 -17.79
CA SER N 18 -12.86 11.05 -18.26
C SER N 18 -14.35 11.19 -18.55
N HIS N 19 -15.10 11.86 -17.68
CA HIS N 19 -16.52 12.04 -17.92
C HIS N 19 -16.77 12.96 -19.11
N ALA N 20 -15.96 14.01 -19.26
CA ALA N 20 -16.12 14.88 -20.42
C ALA N 20 -15.85 14.13 -21.72
N VAL N 21 -14.80 13.30 -21.73
CA VAL N 21 -14.48 12.51 -22.92
C VAL N 21 -15.56 11.48 -23.19
N ALA N 22 -16.13 10.89 -22.14
CA ALA N 22 -17.22 9.94 -22.34
C ALA N 22 -18.43 10.61 -22.96
N ARG N 23 -18.78 11.81 -22.50
CA ARG N 23 -19.89 12.54 -23.10
C ARG N 23 -19.60 12.85 -24.57
N LEU N 24 -18.37 13.28 -24.87
CA LEU N 24 -18.02 13.57 -26.26
C LEU N 24 -18.09 12.33 -27.12
N ALA N 25 -17.62 11.19 -26.60
CA ALA N 25 -17.66 9.95 -27.37
C ALA N 25 -19.09 9.51 -27.62
N SER N 26 -19.97 9.67 -26.63
CA SER N 26 -21.37 9.35 -26.85
C SER N 26 -21.98 10.23 -27.94
N GLU N 27 -21.70 11.53 -27.90
CA GLU N 27 -22.22 12.42 -28.93
C GLU N 27 -21.65 12.10 -30.30
N LEU N 28 -20.38 11.67 -30.37
CA LEU N 28 -19.81 11.30 -31.65
C LEU N 28 -20.43 10.01 -32.18
N ASN N 29 -20.70 9.05 -31.31
CA ASN N 29 -21.33 7.82 -31.74
C ASN N 29 -22.76 8.06 -32.20
N ASP N 30 -23.45 9.04 -31.60
CA ASP N 30 -24.81 9.36 -32.05
C ASP N 30 -24.82 9.96 -33.45
N GLU N 31 -23.71 10.49 -33.94
CA GLU N 31 -23.61 10.95 -35.32
C GLU N 31 -22.83 9.99 -36.20
N HIS N 32 -22.76 8.71 -35.80
CA HIS N 32 -22.17 7.63 -36.59
C HIS N 32 -20.68 7.85 -36.84
N VAL N 33 -19.98 8.41 -35.87
CA VAL N 33 -18.52 8.43 -35.87
C VAL N 33 -18.05 7.44 -34.82
N GLU N 34 -17.38 6.38 -35.26
CA GLU N 34 -16.81 5.42 -34.32
C GLU N 34 -15.63 6.05 -33.58
N THR N 35 -15.52 5.75 -32.29
CA THR N 35 -14.50 6.34 -31.45
C THR N 35 -13.63 5.26 -30.81
N VAL N 36 -12.33 5.48 -30.84
CA VAL N 36 -11.35 4.67 -30.13
C VAL N 36 -10.71 5.57 -29.08
N ILE N 37 -10.83 5.19 -27.81
CA ILE N 37 -10.34 5.98 -26.70
C ILE N 37 -9.08 5.31 -26.15
N ILE N 38 -7.99 6.05 -26.10
CA ILE N 38 -6.68 5.54 -25.69
C ILE N 38 -6.10 6.48 -24.64
N ARG N 39 -5.56 5.92 -23.57
CA ARG N 39 -5.07 6.70 -22.45
C ARG N 39 -3.56 6.90 -22.43
N ASP N 40 -2.83 6.38 -23.42
CA ASP N 40 -1.38 6.47 -23.41
C ASP N 40 -0.88 6.74 -24.82
N PHE N 41 0.14 7.58 -24.94
CA PHE N 41 0.63 7.98 -26.25
C PHE N 41 1.35 6.84 -26.95
N GLU N 42 1.98 5.92 -26.20
CA GLU N 42 2.60 4.77 -26.83
C GLU N 42 1.54 3.81 -27.39
N ASP N 43 0.45 3.63 -26.66
CA ASP N 43 -0.67 2.84 -27.17
C ASP N 43 -1.27 3.49 -28.41
N GLY N 44 -1.42 4.81 -28.40
CA GLY N 44 -1.92 5.51 -29.57
C GLY N 44 -0.98 5.39 -30.75
N LEU N 45 0.33 5.43 -30.50
CA LEU N 45 1.31 5.23 -31.56
C LEU N 45 1.20 3.83 -32.16
N ALA N 46 1.05 2.81 -31.31
CA ALA N 46 0.87 1.46 -31.80
C ALA N 46 -0.41 1.34 -32.62
N TYR N 47 -1.48 1.98 -32.16
CA TYR N 47 -2.73 1.95 -32.91
C TYR N 47 -2.56 2.62 -34.27
N ILE N 48 -1.86 3.75 -34.33
CA ILE N 48 -1.66 4.46 -35.58
C ILE N 48 -0.81 3.64 -36.54
N ARG N 49 0.18 2.91 -36.02
CA ARG N 49 1.04 2.11 -36.88
C ARG N 49 0.34 0.88 -37.43
N SER N 50 -0.84 0.54 -36.95
CA SER N 50 -1.69 -0.42 -37.63
C SER N 50 -2.46 0.29 -38.74
N ASN N 51 -2.52 -0.33 -39.91
CA ASN N 51 -3.06 0.32 -41.10
C ASN N 51 -4.58 0.43 -40.99
N THR N 52 -5.01 1.23 -40.01
CA THR N 52 -6.41 1.51 -39.77
C THR N 52 -6.70 2.95 -40.15
N SER N 53 -7.77 3.17 -40.91
CA SER N 53 -8.12 4.52 -41.33
C SER N 53 -8.61 5.34 -40.15
N ILE N 54 -8.02 6.51 -39.96
CA ILE N 54 -8.40 7.43 -38.90
C ILE N 54 -8.84 8.72 -39.56
N ASP N 55 -10.06 9.16 -39.25
CA ASP N 55 -10.60 10.35 -39.90
C ASP N 55 -10.39 11.62 -39.09
N CYS N 56 -10.10 11.51 -37.79
CA CYS N 56 -9.87 12.67 -36.96
C CYS N 56 -9.12 12.23 -35.71
N LEU N 57 -8.18 13.06 -35.27
CA LEU N 57 -7.43 12.83 -34.04
C LEU N 57 -7.78 13.92 -33.04
N LEU N 58 -8.27 13.51 -31.87
CA LEU N 58 -8.50 14.41 -30.75
C LEU N 58 -7.59 13.99 -29.62
N TYR N 59 -6.69 14.89 -29.21
CA TYR N 59 -5.72 14.54 -28.19
C TYR N 59 -5.64 15.62 -27.13
N GLY N 60 -5.21 15.21 -25.94
CA GLY N 60 -4.89 16.13 -24.87
C GLY N 60 -3.80 15.54 -24.01
N ARG N 61 -2.98 16.41 -23.43
CA ARG N 61 -1.88 16.00 -22.56
C ARG N 61 -1.96 16.76 -21.25
N ASP N 62 -0.91 16.61 -20.44
CA ASP N 62 -0.82 17.32 -19.18
C ASP N 62 -0.76 18.83 -19.39
N MET N 63 -0.11 19.27 -20.45
CA MET N 63 0.07 20.65 -20.91
C MET N 63 1.13 21.38 -20.09
N SER N 64 1.63 20.80 -19.02
CA SER N 64 2.78 21.32 -18.30
C SER N 64 3.99 20.40 -18.38
N ASP N 65 3.88 19.28 -19.09
CA ASP N 65 4.97 18.31 -19.21
C ASP N 65 5.55 18.39 -20.62
N ARG N 66 6.85 18.70 -20.71
CA ARG N 66 7.49 18.75 -22.02
C ARG N 66 7.65 17.36 -22.64
N ASP N 67 7.79 16.33 -21.81
CA ASP N 67 7.89 14.98 -22.34
C ASP N 67 6.60 14.56 -23.04
N GLU N 68 5.45 14.86 -22.44
CA GLU N 68 4.19 14.57 -23.11
C GLU N 68 4.01 15.43 -24.35
N GLN N 69 4.53 16.65 -24.35
CA GLN N 69 4.49 17.46 -25.56
C GLN N 69 5.28 16.80 -26.69
N ILE N 70 6.48 16.30 -26.38
CA ILE N 70 7.28 15.60 -27.38
C ILE N 70 6.55 14.35 -27.87
N GLN N 71 5.95 13.61 -26.95
CA GLN N 71 5.21 12.40 -27.32
C GLN N 71 4.02 12.73 -28.23
N ALA N 72 3.28 13.79 -27.92
CA ALA N 72 2.14 14.18 -28.74
C ALA N 72 2.60 14.61 -30.13
N HIS N 73 3.69 15.37 -30.21
CA HIS N 73 4.21 15.76 -31.51
C HIS N 73 4.63 14.55 -32.32
N ARG N 74 5.27 13.57 -31.66
CA ARG N 74 5.63 12.32 -32.32
C ARG N 74 4.40 11.58 -32.83
N LEU N 75 3.34 11.53 -32.02
CA LEU N 75 2.12 10.86 -32.44
C LEU N 75 1.51 11.52 -33.67
N ILE N 76 1.47 12.85 -33.70
CA ILE N 76 0.88 13.55 -34.83
C ILE N 76 1.73 13.37 -36.09
N THR N 77 3.06 13.42 -35.93
CA THR N 77 3.93 13.20 -37.08
C THR N 77 3.77 11.78 -37.63
N GLN N 78 3.68 10.79 -36.74
CA GLN N 78 3.47 9.42 -37.19
C GLN N 78 2.14 9.30 -37.92
N LEU N 79 1.09 9.92 -37.39
CA LEU N 79 -0.21 9.86 -38.06
C LEU N 79 -0.14 10.46 -39.45
N HIS N 80 0.54 11.59 -39.59
CA HIS N 80 0.60 12.24 -40.89
C HIS N 80 1.62 11.62 -41.84
N ARG N 81 2.41 10.65 -41.39
CA ARG N 81 3.28 9.93 -42.31
C ARG N 81 2.47 9.29 -43.44
N ARG N 82 1.41 8.56 -43.11
CA ARG N 82 0.59 7.90 -44.11
C ARG N 82 -0.83 8.42 -44.20
N GLN N 83 -1.27 9.24 -43.26
CA GLN N 83 -2.60 9.86 -43.29
C GLN N 83 -2.37 11.36 -43.12
N GLU N 84 -2.08 12.02 -44.24
CA GLU N 84 -1.35 13.29 -44.19
C GLU N 84 -2.20 14.44 -43.67
N ASP N 85 -3.46 14.54 -44.10
CA ASP N 85 -4.25 15.73 -43.81
C ASP N 85 -5.38 15.45 -42.80
N VAL N 86 -5.20 14.43 -41.97
CA VAL N 86 -6.22 14.12 -40.96
C VAL N 86 -6.33 15.29 -39.98
N PRO N 87 -7.54 15.78 -39.70
CA PRO N 87 -7.67 16.90 -38.76
C PRO N 87 -7.23 16.50 -37.35
N VAL N 88 -6.61 17.45 -36.66
CA VAL N 88 -6.16 17.24 -35.29
C VAL N 88 -6.87 18.25 -34.39
N PHE N 89 -7.60 17.75 -33.41
CA PHE N 89 -8.25 18.58 -32.41
C PHE N 89 -7.47 18.49 -31.10
N LEU N 90 -7.21 19.64 -30.49
CA LEU N 90 -6.59 19.68 -29.17
C LEU N 90 -7.67 19.75 -28.11
N LEU N 91 -7.75 18.72 -27.28
CA LEU N 91 -8.64 18.72 -26.12
C LEU N 91 -7.87 19.25 -24.93
N SER N 92 -8.35 20.35 -24.33
CA SER N 92 -7.61 20.96 -23.25
C SER N 92 -8.52 21.88 -22.46
N ASP N 93 -8.13 22.11 -21.20
CA ASP N 93 -8.65 23.25 -20.47
C ASP N 93 -8.20 24.53 -21.15
N ARG N 94 -9.10 25.52 -21.21
CA ARG N 94 -8.87 26.68 -22.06
C ARG N 94 -7.63 27.46 -21.64
N GLU N 95 -7.48 27.73 -20.33
CA GLU N 95 -6.37 28.56 -19.87
C GLU N 95 -5.03 27.89 -20.13
N GLU N 96 -4.93 26.58 -19.87
CA GLU N 96 -3.69 25.85 -20.10
C GLU N 96 -3.31 25.89 -21.56
N ALA N 97 -4.27 25.70 -22.47
CA ALA N 97 -3.97 25.76 -23.88
C ALA N 97 -3.57 27.16 -24.31
N LEU N 98 -4.25 28.18 -23.78
CA LEU N 98 -3.94 29.55 -24.19
C LEU N 98 -2.57 30.00 -23.72
N VAL N 99 -2.12 29.57 -22.54
CA VAL N 99 -0.77 29.95 -22.12
C VAL N 99 0.30 29.21 -22.93
N ALA N 100 -0.02 28.05 -23.48
CA ALA N 100 0.91 27.30 -24.31
C ALA N 100 0.79 27.63 -25.80
N PHE N 101 -0.07 28.57 -26.16
CA PHE N 101 -0.31 28.88 -27.56
C PHE N 101 0.90 29.54 -28.20
N ASP N 102 1.30 29.04 -29.37
CA ASP N 102 2.38 29.64 -30.15
C ASP N 102 2.30 29.13 -31.58
N ARG N 103 3.26 29.54 -32.40
CA ARG N 103 3.31 29.09 -33.79
C ARG N 103 3.52 27.58 -33.88
N ASN N 104 4.39 27.04 -33.02
CA ASN N 104 4.69 25.61 -33.07
C ASN N 104 3.47 24.78 -32.73
N MET N 105 2.64 25.24 -31.79
CA MET N 105 1.37 24.57 -31.51
C MET N 105 0.47 24.55 -32.73
N MET N 106 0.30 25.72 -33.37
CA MET N 106 -0.60 25.81 -34.51
C MET N 106 -0.08 25.07 -35.73
N GLU N 107 1.22 24.74 -35.77
CA GLU N 107 1.74 23.96 -36.87
C GLU N 107 1.14 22.56 -36.90
N GLN N 108 0.72 22.03 -35.75
CA GLN N 108 0.18 20.68 -35.69
C GLN N 108 -1.26 20.59 -35.23
N VAL N 109 -1.85 21.67 -34.73
CA VAL N 109 -3.23 21.67 -34.25
C VAL N 109 -4.10 22.40 -35.25
N ASP N 110 -5.18 21.76 -35.67
CA ASP N 110 -6.13 22.39 -36.57
C ASP N 110 -7.27 23.09 -35.83
N GLU N 111 -7.75 22.51 -34.73
CA GLU N 111 -8.86 23.09 -34.00
C GLU N 111 -8.72 22.89 -32.51
N PHE N 112 -9.40 23.75 -31.76
CA PHE N 112 -9.44 23.70 -30.31
C PHE N 112 -10.77 23.13 -29.86
N ALA N 113 -10.73 22.30 -28.83
CA ALA N 113 -11.94 21.75 -28.21
C ALA N 113 -11.82 21.95 -26.70
N TRP N 114 -12.48 22.98 -26.19
CA TRP N 114 -12.48 23.25 -24.76
C TRP N 114 -13.41 22.24 -24.10
N ILE N 115 -12.87 21.04 -23.85
CA ILE N 115 -13.67 19.89 -23.46
C ILE N 115 -14.39 20.09 -22.13
N LEU N 116 -13.86 20.95 -21.24
CA LEU N 116 -14.42 21.10 -19.91
C LEU N 116 -15.43 22.24 -19.79
N GLU N 117 -15.61 23.06 -20.83
CA GLU N 117 -16.55 24.16 -20.75
C GLU N 117 -17.42 24.28 -22.00
N ASP N 118 -17.40 23.28 -22.88
CA ASP N 118 -18.17 23.29 -24.11
C ASP N 118 -19.09 22.09 -24.15
N SER N 119 -20.23 22.26 -24.81
CA SER N 119 -21.15 21.15 -25.00
C SER N 119 -20.51 20.11 -25.92
N ALA N 120 -20.71 18.84 -25.58
CA ALA N 120 -20.19 17.77 -26.43
C ALA N 120 -20.84 17.78 -27.81
N ASP N 121 -22.06 18.29 -27.91
CA ASP N 121 -22.73 18.35 -29.21
C ASP N 121 -22.05 19.32 -30.16
N PHE N 122 -21.63 20.48 -29.67
CA PHE N 122 -20.93 21.44 -30.51
C PHE N 122 -19.61 20.89 -31.02
N ILE N 123 -18.83 20.27 -30.12
CA ILE N 123 -17.56 19.69 -30.52
C ILE N 123 -17.78 18.55 -31.50
N ALA N 124 -18.80 17.72 -31.26
CA ALA N 124 -19.07 16.61 -32.17
C ALA N 124 -19.46 17.12 -33.55
N GLY N 125 -20.25 18.18 -33.62
CA GLY N 125 -20.59 18.77 -34.91
C GLY N 125 -19.38 19.30 -35.65
N ARG N 126 -18.49 19.98 -34.92
CA ARG N 126 -17.28 20.48 -35.56
C ARG N 126 -16.38 19.34 -36.03
N VAL N 127 -16.30 18.27 -35.24
CA VAL N 127 -15.51 17.10 -35.64
C VAL N 127 -16.08 16.48 -36.90
N LEU N 128 -17.40 16.35 -36.97
CA LEU N 128 -18.03 15.78 -38.16
C LEU N 128 -17.78 16.65 -39.39
N ALA N 129 -17.85 17.96 -39.24
CA ALA N 129 -17.56 18.85 -40.37
C ALA N 129 -16.12 18.69 -40.82
N ALA N 130 -15.18 18.60 -39.88
CA ALA N 130 -13.78 18.41 -40.24
C ALA N 130 -13.57 17.08 -40.95
N ILE N 131 -14.22 16.02 -40.46
CA ILE N 131 -14.09 14.71 -41.09
C ILE N 131 -14.61 14.74 -42.51
N GLN N 132 -15.76 15.39 -42.73
CA GLN N 132 -16.31 15.47 -44.09
C GLN N 132 -15.39 16.26 -45.00
N ARG N 133 -14.83 17.37 -44.50
CA ARG N 133 -13.88 18.13 -45.29
C ARG N 133 -12.66 17.28 -45.67
N TYR N 134 -12.15 16.49 -44.72
CA TYR N 134 -11.00 15.65 -45.00
C TYR N 134 -11.35 14.57 -46.03
N ARG N 135 -12.52 13.92 -45.88
CA ARG N 135 -12.89 12.86 -46.80
C ARG N 135 -13.13 13.37 -48.20
N SER N 136 -13.59 14.62 -48.34
CA SER N 136 -13.91 15.13 -49.67
C SER N 136 -12.66 15.39 -50.51
N GLN N 137 -11.48 15.50 -49.90
CA GLN N 137 -10.24 15.74 -50.64
C GLN N 137 -9.37 14.50 -50.74
N LEU N 138 -9.84 13.35 -50.28
CA LEU N 138 -8.97 12.19 -50.13
C LEU N 138 -8.66 11.51 -51.46
N LEU N 139 -9.60 11.47 -52.40
CA LEU N 139 -9.31 10.61 -53.53
C LEU N 139 -8.68 11.39 -54.68
N PRO N 140 -7.84 10.74 -55.48
CA PRO N 140 -7.31 11.37 -56.68
C PRO N 140 -8.39 11.53 -57.73
N PRO N 141 -8.19 12.37 -58.75
CA PRO N 141 -9.33 12.82 -59.58
C PRO N 141 -10.00 11.72 -60.37
N LEU N 142 -9.22 10.90 -61.09
CA LEU N 142 -9.83 9.87 -61.94
C LEU N 142 -10.61 8.87 -61.10
N MET N 143 -10.04 8.43 -59.98
CA MET N 143 -10.71 7.45 -59.14
C MET N 143 -12.00 8.04 -58.56
N LYS N 144 -11.94 9.31 -58.15
CA LYS N 144 -13.12 9.99 -57.63
C LYS N 144 -14.23 10.07 -58.66
N SER N 145 -13.90 10.46 -59.89
CA SER N 145 -14.91 10.57 -60.93
C SER N 145 -15.48 9.21 -61.31
N LEU N 146 -14.63 8.17 -61.35
CA LEU N 146 -15.12 6.83 -61.65
C LEU N 146 -16.07 6.33 -60.57
N ILE N 147 -15.74 6.56 -59.30
CA ILE N 147 -16.62 6.14 -58.22
C ILE N 147 -17.94 6.90 -58.30
N LYS N 148 -17.88 8.20 -58.58
CA LYS N 148 -19.09 8.99 -58.69
C LYS N 148 -19.97 8.49 -59.82
N TYR N 149 -19.38 8.15 -60.96
CA TYR N 149 -20.18 7.69 -62.09
C TYR N 149 -20.70 6.27 -61.88
N SER N 150 -20.02 5.46 -61.06
CA SER N 150 -20.39 4.06 -60.90
C SER N 150 -21.81 3.86 -60.38
N ASP N 151 -22.41 4.85 -59.73
CA ASP N 151 -23.78 4.69 -59.25
C ASP N 151 -24.80 4.67 -60.37
N VAL N 152 -24.45 5.15 -61.57
CA VAL N 152 -25.38 5.11 -62.70
C VAL N 152 -25.59 3.67 -63.13
N HIS N 153 -26.85 3.26 -63.31
CA HIS N 153 -27.17 1.90 -63.69
C HIS N 153 -28.03 1.79 -64.95
N GLU N 154 -28.28 2.91 -65.64
CA GLU N 154 -29.16 2.89 -66.78
C GLU N 154 -28.50 2.22 -67.99
N TYR N 155 -29.31 1.52 -68.77
CA TYR N 155 -28.85 0.91 -70.00
C TYR N 155 -28.50 2.00 -71.00
N SER N 156 -27.21 2.23 -71.20
CA SER N 156 -26.79 2.96 -72.39
C SER N 156 -27.00 2.08 -73.61
N TRP N 157 -27.18 2.71 -74.76
CA TRP N 157 -27.41 1.99 -76.00
C TRP N 157 -26.14 1.88 -76.82
N ALA N 158 -25.01 1.69 -76.15
CA ALA N 158 -23.70 1.63 -76.77
C ALA N 158 -22.85 0.57 -76.07
N ALA N 159 -21.67 0.33 -76.63
CA ALA N 159 -20.74 -0.64 -76.05
C ALA N 159 -20.12 -0.07 -74.77
N PRO N 160 -19.60 -0.94 -73.88
CA PRO N 160 -19.50 -2.40 -73.95
C PRO N 160 -20.84 -3.12 -73.81
N GLY N 161 -20.94 -4.30 -74.42
CA GLY N 161 -22.19 -5.02 -74.48
C GLY N 161 -22.69 -5.55 -73.15
N HIS N 162 -21.78 -5.83 -72.21
CA HIS N 162 -22.21 -6.39 -70.94
C HIS N 162 -23.01 -5.40 -70.09
N GLN N 163 -22.88 -4.10 -70.38
CA GLN N 163 -23.72 -3.06 -69.78
C GLN N 163 -23.63 -3.07 -68.25
N GLY N 164 -22.43 -2.81 -67.75
CA GLY N 164 -22.21 -2.78 -66.32
C GLY N 164 -22.33 -4.13 -65.64
N GLY N 165 -22.05 -5.21 -66.36
CA GLY N 165 -22.08 -6.54 -65.81
C GLY N 165 -23.41 -7.26 -65.90
N VAL N 166 -24.45 -6.59 -66.37
CA VAL N 166 -25.76 -7.22 -66.49
C VAL N 166 -25.71 -8.42 -67.43
N GLY N 167 -24.95 -8.30 -68.52
CA GLY N 167 -24.87 -9.37 -69.49
C GLY N 167 -24.34 -10.68 -68.93
N PHE N 168 -23.42 -10.61 -67.98
CA PHE N 168 -22.87 -11.83 -67.39
C PHE N 168 -23.92 -12.60 -66.59
N THR N 169 -24.88 -11.91 -65.98
CA THR N 169 -25.82 -12.57 -65.10
C THR N 169 -26.99 -13.18 -65.87
N LYS N 170 -26.71 -13.93 -66.93
CA LYS N 170 -27.74 -14.59 -67.70
C LYS N 170 -27.50 -16.07 -67.90
N THR N 171 -26.30 -16.57 -67.65
CA THR N 171 -26.00 -17.97 -67.54
C THR N 171 -25.47 -18.26 -66.14
N PRO N 172 -25.57 -19.49 -65.65
CA PRO N 172 -25.02 -19.79 -64.32
C PRO N 172 -23.52 -19.55 -64.21
N ALA N 173 -22.74 -19.92 -65.23
CA ALA N 173 -21.30 -19.67 -65.18
C ALA N 173 -21.01 -18.17 -65.18
N GLY N 174 -21.74 -17.41 -66.00
CA GLY N 174 -21.62 -15.98 -65.96
C GLY N 174 -21.97 -15.39 -64.61
N ARG N 175 -22.97 -15.95 -63.93
CA ARG N 175 -23.33 -15.45 -62.61
C ARG N 175 -22.23 -15.75 -61.59
N ILE N 176 -21.62 -16.93 -61.67
CA ILE N 176 -20.50 -17.24 -60.79
C ILE N 176 -19.34 -16.28 -61.04
N TYR N 177 -19.02 -16.05 -62.31
CA TYR N 177 -17.96 -15.12 -62.67
C TYR N 177 -18.24 -13.71 -62.17
N HIS N 178 -19.48 -13.25 -62.35
CA HIS N 178 -19.88 -11.92 -61.93
C HIS N 178 -19.81 -11.76 -60.42
N ASP N 179 -20.24 -12.78 -59.68
CA ASP N 179 -20.16 -12.70 -58.22
C ASP N 179 -18.71 -12.76 -57.75
N PHE N 180 -17.86 -13.53 -58.43
CA PHE N 180 -16.46 -13.58 -58.05
C PHE N 180 -15.78 -12.24 -58.22
N PHE N 181 -15.93 -11.61 -59.39
CA PHE N 181 -15.20 -10.37 -59.63
C PHE N 181 -15.88 -9.14 -59.05
N GLY N 182 -17.17 -9.22 -58.71
CA GLY N 182 -17.85 -8.11 -58.09
C GLY N 182 -18.41 -7.12 -59.09
N GLU N 183 -19.41 -6.37 -58.63
CA GLU N 183 -20.19 -5.50 -59.51
C GLU N 183 -19.41 -4.26 -59.92
N ASN N 184 -18.62 -3.69 -59.01
CA ASN N 184 -18.00 -2.38 -59.26
C ASN N 184 -16.98 -2.44 -60.39
N LEU N 185 -16.30 -3.58 -60.57
CA LEU N 185 -15.37 -3.71 -61.68
C LEU N 185 -16.09 -3.54 -63.02
N PHE N 186 -17.25 -4.17 -63.16
CA PHE N 186 -17.98 -4.07 -64.42
C PHE N 186 -18.68 -2.73 -64.57
N ARG N 187 -19.05 -2.09 -63.45
CA ARG N 187 -19.72 -0.81 -63.59
C ARG N 187 -18.76 0.33 -63.91
N THR N 188 -17.46 0.14 -63.77
CA THR N 188 -16.48 1.13 -64.22
C THR N 188 -16.04 0.91 -65.66
N ASP N 189 -16.37 -0.24 -66.25
CA ASP N 189 -16.05 -0.51 -67.65
C ASP N 189 -17.12 0.16 -68.50
N ILE N 190 -16.94 1.45 -68.76
CA ILE N 190 -18.00 2.30 -69.27
C ILE N 190 -17.78 2.74 -70.70
N GLY N 191 -16.61 2.52 -71.27
CA GLY N 191 -16.32 3.02 -72.60
C GLY N 191 -15.78 4.44 -72.56
N ILE N 192 -15.35 4.90 -73.73
CA ILE N 192 -14.69 6.19 -73.86
C ILE N 192 -15.64 7.29 -74.29
N GLU N 193 -16.95 7.05 -74.21
CA GLU N 193 -17.95 7.98 -74.72
C GLU N 193 -18.80 8.61 -73.61
N ARG N 194 -18.32 8.56 -72.37
CA ARG N 194 -19.02 9.18 -71.24
C ARG N 194 -18.28 10.44 -70.85
N VAL N 195 -18.84 11.59 -71.22
CA VAL N 195 -18.15 12.87 -71.04
C VAL N 195 -18.03 13.27 -69.58
N ALA N 196 -18.79 12.65 -68.68
CA ALA N 196 -18.64 12.95 -67.27
C ALA N 196 -17.23 12.62 -66.77
N VAL N 197 -16.66 11.53 -67.28
CA VAL N 197 -15.32 11.11 -66.88
C VAL N 197 -14.25 11.64 -67.83
N GLY N 198 -14.52 11.62 -69.12
CA GLY N 198 -13.53 11.99 -70.13
C GLY N 198 -13.08 10.77 -70.91
N SER N 199 -12.02 10.97 -71.69
CA SER N 199 -11.45 9.90 -72.50
C SER N 199 -9.95 9.85 -72.30
N LEU N 200 -9.42 8.63 -72.20
CA LEU N 200 -7.98 8.46 -71.98
C LEU N 200 -7.18 8.87 -73.20
N LEU N 201 -7.61 8.45 -74.39
CA LEU N 201 -6.82 8.73 -75.60
C LEU N 201 -6.82 10.20 -75.96
N ASP N 202 -7.87 10.94 -75.59
CA ASP N 202 -7.91 12.37 -75.82
C ASP N 202 -7.28 13.17 -74.70
N HIS N 203 -6.94 12.51 -73.58
CA HIS N 203 -6.35 13.18 -72.42
C HIS N 203 -7.22 14.32 -71.92
N THR N 204 -8.53 14.09 -71.88
CA THR N 204 -9.48 15.10 -71.47
C THR N 204 -10.18 14.68 -70.18
N GLY N 205 -10.74 15.67 -69.50
CA GLY N 205 -11.50 15.40 -68.29
C GLY N 205 -10.63 14.88 -67.16
N ALA N 206 -11.17 13.92 -66.42
CA ALA N 206 -10.46 13.34 -65.30
C ALA N 206 -9.16 12.66 -65.74
N PHE N 207 -9.08 12.18 -66.98
CA PHE N 207 -7.85 11.59 -67.45
C PHE N 207 -6.75 12.64 -67.62
N GLY N 208 -7.11 13.80 -68.16
CA GLY N 208 -6.15 14.90 -68.21
C GLY N 208 -5.72 15.35 -66.83
N GLU N 209 -6.68 15.44 -65.90
CA GLU N 209 -6.34 15.79 -64.53
C GLU N 209 -5.38 14.77 -63.93
N CYS N 210 -5.65 13.48 -64.11
CA CYS N 210 -4.80 12.44 -63.55
C CYS N 210 -3.41 12.47 -64.14
N GLU N 211 -3.30 12.71 -65.46
CA GLU N 211 -1.98 12.77 -66.07
C GLU N 211 -1.20 13.98 -65.59
N LYS N 212 -1.86 15.13 -65.42
CA LYS N 212 -1.16 16.28 -64.87
C LYS N 212 -0.71 16.03 -63.44
N ASN N 213 -1.57 15.38 -62.64
CA ASN N 213 -1.21 15.03 -61.27
C ASN N 213 0.00 14.09 -61.24
N ALA N 214 0.00 13.09 -62.11
CA ALA N 214 1.11 12.15 -62.17
C ALA N 214 2.40 12.83 -62.61
N ALA N 215 2.31 13.75 -63.59
CA ALA N 215 3.50 14.48 -64.02
C ALA N 215 4.06 15.32 -62.88
N ARG N 216 3.18 15.94 -62.09
CA ARG N 216 3.65 16.67 -60.92
C ARG N 216 4.31 15.74 -59.89
N ILE N 217 3.68 14.61 -59.61
CA ILE N 217 4.17 13.72 -58.56
C ILE N 217 5.51 13.11 -58.94
N PHE N 218 5.67 12.72 -60.21
CA PHE N 218 6.89 12.07 -60.66
C PHE N 218 7.91 13.03 -61.23
N GLY N 219 7.65 14.34 -61.18
CA GLY N 219 8.62 15.32 -61.63
C GLY N 219 8.89 15.34 -63.11
N ALA N 220 7.86 15.17 -63.93
CA ALA N 220 7.99 15.23 -65.38
C ALA N 220 7.27 16.45 -65.93
N ASP N 221 7.66 16.86 -67.14
CA ASP N 221 6.90 17.91 -67.82
C ASP N 221 5.55 17.38 -68.29
N GLN N 222 5.52 16.20 -68.89
CA GLN N 222 4.28 15.57 -69.32
C GLN N 222 4.31 14.11 -68.94
N SER N 223 3.13 13.57 -68.63
CA SER N 223 2.99 12.16 -68.31
C SER N 223 1.86 11.56 -69.14
N TYR N 224 2.04 10.31 -69.54
CA TYR N 224 1.05 9.57 -70.29
C TYR N 224 0.75 8.26 -69.57
N SER N 225 -0.53 7.99 -69.33
CA SER N 225 -0.96 6.73 -68.77
C SER N 225 -1.13 5.71 -69.89
N VAL N 226 -0.61 4.50 -69.67
CA VAL N 226 -0.57 3.46 -70.68
C VAL N 226 -1.23 2.21 -70.12
N VAL N 227 -2.02 1.53 -70.94
CA VAL N 227 -2.73 0.33 -70.53
C VAL N 227 -2.19 -0.91 -71.23
N VAL N 228 -1.04 -0.80 -71.89
CA VAL N 228 -0.39 -1.93 -72.52
C VAL N 228 0.98 -2.20 -71.89
N GLY N 229 1.17 -1.72 -70.67
CA GLY N 229 2.41 -1.98 -69.94
C GLY N 229 3.59 -1.18 -70.47
N THR N 230 4.73 -1.45 -69.86
CA THR N 230 5.97 -0.82 -70.30
C THR N 230 6.41 -1.32 -71.67
N SER N 231 5.99 -2.51 -72.08
CA SER N 231 6.21 -2.92 -73.46
C SER N 231 5.58 -1.91 -74.43
N GLY N 232 4.31 -1.59 -74.20
CA GLY N 232 3.66 -0.58 -75.02
C GLY N 232 4.30 0.78 -74.89
N SER N 233 4.67 1.18 -73.67
CA SER N 233 5.30 2.48 -73.47
C SER N 233 6.62 2.59 -74.23
N ASN N 234 7.45 1.56 -74.14
CA ASN N 234 8.71 1.54 -74.88
C ASN N 234 8.47 1.61 -76.37
N ARG N 235 7.47 0.87 -76.85
CA ARG N 235 7.16 0.90 -78.28
C ARG N 235 6.77 2.29 -78.73
N THR N 236 5.91 2.98 -77.98
CA THR N 236 5.48 4.30 -78.45
C THR N 236 6.62 5.31 -78.37
N ILE N 237 7.46 5.24 -77.33
CA ILE N 237 8.60 6.16 -77.26
C ILE N 237 9.53 5.93 -78.44
N MET N 238 9.86 4.67 -78.73
CA MET N 238 10.77 4.38 -79.83
C MET N 238 10.16 4.76 -81.18
N GLN N 239 8.85 4.59 -81.33
CA GLN N 239 8.19 4.98 -82.56
C GLN N 239 8.19 6.49 -82.74
N ALA N 240 8.05 7.25 -81.65
CA ALA N 240 8.10 8.69 -81.74
C ALA N 240 9.51 9.21 -81.97
N CYS N 241 10.54 8.45 -81.62
CA CYS N 241 11.90 8.98 -81.65
C CYS N 241 12.67 8.68 -82.93
N MET N 242 12.63 7.45 -83.45
CA MET N 242 13.55 7.07 -84.51
C MET N 242 12.80 6.66 -85.77
N THR N 243 13.57 6.51 -86.84
CA THR N 243 13.09 6.15 -88.15
C THR N 243 14.12 5.22 -88.78
N ASP N 244 13.75 4.57 -89.89
CA ASP N 244 14.65 3.60 -90.49
C ASP N 244 15.92 4.23 -91.04
N ASP N 245 15.98 5.55 -91.17
CA ASP N 245 17.18 6.27 -91.58
C ASP N 245 17.98 6.77 -90.38
N ASP N 246 17.88 6.12 -89.23
CA ASP N 246 18.48 6.61 -88.00
C ASP N 246 19.39 5.56 -87.39
N VAL N 247 20.39 6.03 -86.64
CA VAL N 247 21.24 5.17 -85.83
C VAL N 247 20.91 5.43 -84.37
N VAL N 248 20.84 4.36 -83.58
CA VAL N 248 20.45 4.46 -82.19
C VAL N 248 21.44 3.71 -81.32
N VAL N 249 21.55 4.15 -80.06
CA VAL N 249 22.50 3.60 -79.11
C VAL N 249 21.70 2.81 -78.08
N ILE N 250 21.89 1.49 -78.05
CA ILE N 250 21.06 0.60 -77.28
C ILE N 250 21.87 -0.05 -76.19
N ASP N 251 21.40 0.06 -74.95
CA ASP N 251 21.89 -0.78 -73.86
C ASP N 251 21.71 -2.24 -74.22
N ARG N 252 22.81 -3.01 -74.20
CA ARG N 252 22.71 -4.43 -74.48
C ARG N 252 21.87 -5.14 -73.43
N ASN N 253 21.81 -4.61 -72.21
CA ASN N 253 20.85 -5.06 -71.20
C ASN N 253 19.52 -4.36 -71.49
N CYS N 254 18.83 -4.86 -72.50
CA CYS N 254 17.57 -4.28 -72.93
C CYS N 254 16.44 -5.31 -72.84
N HIS N 255 15.26 -4.82 -72.50
CA HIS N 255 14.06 -5.66 -72.54
C HIS N 255 13.71 -5.98 -73.99
N LYS N 256 12.97 -7.08 -74.16
CA LYS N 256 12.59 -7.49 -75.51
C LYS N 256 11.67 -6.48 -76.20
N SER N 257 10.99 -5.63 -75.43
CA SER N 257 10.21 -4.56 -76.05
C SER N 257 11.09 -3.55 -76.76
N ILE N 258 12.34 -3.40 -76.33
CA ILE N 258 13.27 -2.53 -77.04
C ILE N 258 13.59 -3.10 -78.41
N GLU N 259 13.85 -4.40 -78.50
CA GLU N 259 14.07 -5.02 -79.80
C GLU N 259 12.81 -4.97 -80.65
N GLN N 260 11.63 -5.09 -80.03
CA GLN N 260 10.40 -4.94 -80.77
C GLN N 260 10.28 -3.54 -81.36
N GLY N 261 10.65 -2.52 -80.59
CA GLY N 261 10.68 -1.17 -81.13
C GLY N 261 11.66 -1.02 -82.27
N LEU N 262 12.82 -1.68 -82.16
CA LEU N 262 13.78 -1.65 -83.26
C LEU N 262 13.19 -2.28 -84.52
N ILE N 263 12.49 -3.40 -84.37
CA ILE N 263 11.83 -4.04 -85.51
C ILE N 263 10.78 -3.12 -86.11
N LEU N 264 9.98 -2.47 -85.27
CA LEU N 264 8.88 -1.65 -85.76
C LEU N 264 9.35 -0.32 -86.34
N THR N 265 10.54 0.16 -85.99
CA THR N 265 11.02 1.42 -86.53
C THR N 265 12.02 1.24 -87.66
N GLY N 266 12.74 0.12 -87.70
CA GLY N 266 13.75 -0.10 -88.70
C GLY N 266 15.06 0.62 -88.47
N ALA N 267 15.29 1.14 -87.27
CA ALA N 267 16.52 1.87 -86.97
C ALA N 267 17.71 0.91 -86.91
N LYS N 268 18.90 1.48 -87.05
CA LYS N 268 20.13 0.70 -87.04
C LYS N 268 20.78 0.82 -85.66
N PRO N 269 20.88 -0.25 -84.89
CA PRO N 269 21.35 -0.14 -83.50
C PRO N 269 22.85 -0.31 -83.35
N VAL N 270 23.39 0.45 -82.40
CA VAL N 270 24.74 0.31 -81.88
C VAL N 270 24.62 0.04 -80.39
N TYR N 271 25.47 -0.83 -79.86
CA TYR N 271 25.27 -1.39 -78.53
C TYR N 271 26.37 -0.98 -77.56
N MET N 272 25.98 -0.63 -76.34
CA MET N 272 26.90 -0.49 -75.23
C MET N 272 26.84 -1.76 -74.38
N ILE N 273 28.01 -2.36 -74.14
CA ILE N 273 28.10 -3.66 -73.51
C ILE N 273 28.21 -3.47 -72.00
N PRO N 274 27.32 -4.04 -71.20
CA PRO N 274 27.44 -3.93 -69.74
C PRO N 274 28.52 -4.86 -69.20
N SER N 275 28.88 -4.63 -67.95
CA SER N 275 29.88 -5.43 -67.27
C SER N 275 29.24 -6.63 -66.58
N ARG N 276 30.09 -7.60 -66.21
CA ARG N 276 29.66 -8.82 -65.55
C ARG N 276 30.60 -9.10 -64.38
N ASN N 277 30.11 -9.85 -63.41
CA ASN N 277 30.91 -10.27 -62.27
C ASN N 277 31.00 -11.79 -62.23
N ARG N 278 31.72 -12.30 -61.24
CA ARG N 278 32.01 -13.74 -61.17
C ARG N 278 30.77 -14.58 -60.91
N TYR N 279 29.70 -13.98 -60.40
CA TYR N 279 28.47 -14.72 -60.14
C TYR N 279 27.55 -14.76 -61.36
N GLY N 280 27.95 -14.17 -62.48
CA GLY N 280 27.09 -14.09 -63.63
C GLY N 280 26.08 -12.97 -63.57
N ILE N 281 26.20 -12.07 -62.60
CA ILE N 281 25.30 -10.93 -62.48
C ILE N 281 25.72 -9.86 -63.48
N ILE N 282 24.78 -9.43 -64.32
CA ILE N 282 25.04 -8.35 -65.25
C ILE N 282 25.15 -7.04 -64.48
N GLY N 283 26.19 -6.28 -64.75
CA GLY N 283 26.43 -5.03 -64.07
C GLY N 283 26.17 -3.83 -64.96
N PRO N 284 26.60 -2.66 -64.50
CA PRO N 284 26.36 -1.44 -65.26
C PRO N 284 27.27 -1.32 -66.47
N ILE N 285 26.82 -0.52 -67.43
CA ILE N 285 27.68 -0.07 -68.51
C ILE N 285 28.69 0.90 -67.94
N TYR N 286 29.96 0.69 -68.25
CA TYR N 286 31.00 1.58 -67.75
C TYR N 286 31.01 2.89 -68.51
N PRO N 287 31.50 3.96 -67.90
CA PRO N 287 31.56 5.26 -68.60
C PRO N 287 32.37 5.23 -69.87
N LYS N 288 33.33 4.30 -70.00
CA LYS N 288 34.13 4.21 -71.21
C LYS N 288 33.32 3.82 -72.43
N GLU N 289 32.10 3.33 -72.26
CA GLU N 289 31.24 2.96 -73.37
C GLU N 289 30.28 4.08 -73.78
N MET N 290 30.12 5.11 -72.96
CA MET N 290 29.19 6.19 -73.25
C MET N 290 29.86 7.47 -73.73
N THR N 291 31.19 7.50 -73.76
CA THR N 291 31.87 8.72 -74.19
C THR N 291 31.60 8.97 -75.67
N PRO N 292 31.60 10.24 -76.09
CA PRO N 292 31.36 10.53 -77.52
C PRO N 292 32.31 9.82 -78.45
N ASP N 293 33.58 9.67 -78.06
CA ASP N 293 34.52 8.94 -78.90
C ASP N 293 34.17 7.46 -78.99
N ALA N 294 33.72 6.87 -77.87
CA ALA N 294 33.31 5.47 -77.91
C ALA N 294 32.12 5.26 -78.82
N ILE N 295 31.14 6.18 -78.77
CA ILE N 295 29.96 6.06 -79.61
C ILE N 295 30.32 6.27 -81.08
N LYS N 296 31.20 7.22 -81.37
CA LYS N 296 31.65 7.41 -82.75
C LYS N 296 32.39 6.18 -83.25
N PHE N 297 33.23 5.58 -82.41
CA PHE N 297 33.94 4.37 -82.79
C PHE N 297 32.97 3.23 -83.07
N LYS N 298 31.96 3.07 -82.21
CA LYS N 298 30.96 2.02 -82.43
C LYS N 298 30.21 2.24 -83.73
N ILE N 299 29.84 3.49 -84.03
CA ILE N 299 29.13 3.78 -85.27
C ILE N 299 30.01 3.50 -86.47
N ALA N 300 31.28 3.89 -86.41
CA ALA N 300 32.19 3.67 -87.52
C ALA N 300 32.52 2.19 -87.72
N ALA N 301 32.43 1.38 -86.68
CA ALA N 301 32.77 -0.04 -86.79
C ALA N 301 31.58 -0.92 -87.16
N ASN N 302 30.36 -0.43 -87.02
CA ASN N 302 29.19 -1.26 -87.29
C ASN N 302 29.01 -1.45 -88.79
N PRO N 303 28.77 -2.68 -89.26
CA PRO N 303 28.59 -2.90 -90.71
C PRO N 303 27.43 -2.13 -91.30
N LEU N 304 26.36 -1.91 -90.56
CA LEU N 304 25.19 -1.23 -91.09
C LEU N 304 25.25 0.28 -90.95
N THR N 305 25.92 0.80 -89.91
CA THR N 305 25.92 2.22 -89.63
C THR N 305 27.17 2.94 -90.11
N LYS N 306 28.11 2.24 -90.75
CA LYS N 306 29.37 2.87 -91.13
C LYS N 306 29.21 3.90 -92.24
N GLY N 307 28.04 4.00 -92.85
CA GLY N 307 27.77 5.07 -93.79
C GLY N 307 27.00 6.21 -93.17
N LYS N 308 26.97 6.26 -91.84
CA LYS N 308 26.22 7.27 -91.10
C LYS N 308 27.07 7.92 -90.02
N VAL N 309 28.40 7.86 -90.17
CA VAL N 309 29.31 8.34 -89.14
C VAL N 309 29.19 9.84 -88.90
N LYS N 310 28.61 10.58 -89.83
CA LYS N 310 28.39 12.01 -89.68
C LYS N 310 27.01 12.34 -89.13
N GLN N 311 26.19 11.34 -88.85
CA GLN N 311 24.81 11.55 -88.43
C GLN N 311 24.70 11.45 -86.92
N LYS N 312 24.02 12.40 -86.32
CA LYS N 312 23.80 12.38 -84.88
C LYS N 312 22.81 11.29 -84.51
N PRO N 313 23.12 10.43 -83.53
CA PRO N 313 22.16 9.39 -83.16
C PRO N 313 20.87 9.99 -82.62
N ALA N 314 19.76 9.35 -82.96
CA ALA N 314 18.44 9.90 -82.66
C ALA N 314 17.89 9.49 -81.31
N TYR N 315 18.49 8.50 -80.66
CA TYR N 315 17.86 7.91 -79.48
C TYR N 315 18.87 7.01 -78.78
N SER N 316 18.80 7.00 -77.46
CA SER N 316 19.55 6.06 -76.64
C SER N 316 18.66 5.57 -75.51
N VAL N 317 18.87 4.32 -75.11
CA VAL N 317 18.11 3.72 -74.02
C VAL N 317 19.08 3.07 -73.04
N VAL N 318 18.87 3.30 -71.76
CA VAL N 318 19.63 2.67 -70.68
C VAL N 318 18.63 2.09 -69.69
N THR N 319 18.81 0.83 -69.33
CA THR N 319 17.98 0.21 -68.31
C THR N 319 18.51 0.56 -66.93
N ASN N 320 17.68 1.19 -66.11
CA ASN N 320 18.10 1.63 -64.79
C ASN N 320 16.87 1.64 -63.88
N CYS N 321 16.89 0.85 -62.82
CA CYS N 321 18.01 -0.01 -62.46
C CYS N 321 17.98 -1.33 -63.23
N THR N 322 19.05 -2.12 -63.11
CA THR N 322 19.12 -3.40 -63.77
C THR N 322 18.27 -4.43 -63.02
N TYR N 323 18.21 -5.65 -63.57
CA TYR N 323 17.38 -6.70 -62.99
C TYR N 323 17.87 -7.10 -61.60
N ASP N 324 19.16 -6.98 -61.34
CA ASP N 324 19.74 -7.35 -60.05
C ASP N 324 19.94 -6.16 -59.12
N GLY N 325 19.31 -5.03 -59.41
CA GLY N 325 19.33 -3.92 -58.49
C GLY N 325 20.54 -3.02 -58.57
N VAL N 326 21.23 -2.97 -59.70
CA VAL N 326 22.34 -2.05 -59.89
C VAL N 326 21.79 -0.77 -60.48
N CYS N 327 21.95 0.34 -59.76
CA CYS N 327 21.42 1.64 -60.15
C CYS N 327 22.54 2.54 -60.63
N TYR N 328 22.39 3.09 -61.83
CA TYR N 328 23.33 4.06 -62.35
C TYR N 328 23.20 5.39 -61.65
N ASN N 329 24.31 6.12 -61.57
CA ASN N 329 24.24 7.55 -61.30
C ASN N 329 23.70 8.22 -62.54
N ALA N 330 22.39 8.51 -62.55
CA ALA N 330 21.75 8.98 -63.77
C ALA N 330 22.21 10.37 -64.16
N ARG N 331 22.59 11.20 -63.19
CA ARG N 331 23.15 12.51 -63.52
C ARG N 331 24.43 12.36 -64.33
N LYS N 332 25.32 11.46 -63.93
CA LYS N 332 26.56 11.25 -64.67
C LYS N 332 26.30 10.62 -66.04
N VAL N 333 25.36 9.68 -66.11
CA VAL N 333 25.02 9.06 -67.39
C VAL N 333 24.48 10.12 -68.35
N GLN N 334 23.61 10.99 -67.86
CA GLN N 334 23.05 12.04 -68.69
C GLN N 334 24.13 13.00 -69.15
N ASP N 335 25.05 13.37 -68.26
CA ASP N 335 26.14 14.24 -68.67
C ASP N 335 27.03 13.59 -69.72
N LEU N 336 27.28 12.29 -69.60
CA LEU N 336 28.09 11.59 -70.59
C LEU N 336 27.39 11.53 -71.94
N LEU N 337 26.12 11.13 -71.95
CA LEU N 337 25.38 10.97 -73.21
C LEU N 337 24.96 12.29 -73.82
N ASP N 338 24.97 13.39 -73.06
CA ASP N 338 24.66 14.70 -73.62
C ASP N 338 25.62 15.13 -74.71
N GLY N 339 26.84 14.59 -74.70
CA GLY N 339 27.79 14.95 -75.73
C GLY N 339 27.57 14.28 -77.06
N SER N 340 26.58 13.38 -77.16
CA SER N 340 26.33 12.66 -78.40
C SER N 340 24.87 12.60 -78.81
N LEU N 341 23.92 12.81 -77.90
CA LEU N 341 22.52 12.55 -78.17
C LEU N 341 21.67 13.70 -77.64
N ASP N 342 20.47 13.82 -78.21
CA ASP N 342 19.46 14.75 -77.70
C ASP N 342 18.31 14.05 -76.99
N ARG N 343 18.18 12.73 -77.14
CA ARG N 343 17.10 11.97 -76.52
C ARG N 343 17.70 10.81 -75.75
N ILE N 344 17.43 10.77 -74.45
CA ILE N 344 17.84 9.66 -73.60
C ILE N 344 16.59 9.06 -72.98
N HIS N 345 16.43 7.75 -73.14
CA HIS N 345 15.32 7.01 -72.57
C HIS N 345 15.84 6.13 -71.44
N PHE N 346 15.35 6.36 -70.23
CA PHE N 346 15.66 5.53 -69.08
C PHE N 346 14.50 4.56 -68.89
N ASP N 347 14.74 3.28 -69.13
CA ASP N 347 13.72 2.26 -68.90
C ASP N 347 13.77 1.87 -67.43
N GLU N 348 13.02 2.61 -66.62
CA GLU N 348 12.94 2.35 -65.18
C GLU N 348 11.72 1.50 -64.83
N ALA N 349 11.56 0.36 -65.51
CA ALA N 349 10.38 -0.46 -65.28
C ALA N 349 10.34 -0.99 -63.85
N TRP N 350 11.48 -1.40 -63.32
CA TRP N 350 11.59 -1.89 -61.96
C TRP N 350 11.90 -0.78 -60.96
N TYR N 351 11.98 0.47 -61.42
CA TYR N 351 12.54 1.56 -60.64
C TYR N 351 11.56 2.73 -60.70
N GLY N 352 10.50 2.66 -59.91
CA GLY N 352 9.47 3.66 -60.01
C GLY N 352 9.34 4.47 -58.73
N TYR N 353 9.80 3.85 -57.64
CA TYR N 353 9.82 4.42 -56.30
C TYR N 353 11.03 5.31 -56.05
N ALA N 354 12.00 5.34 -56.97
CA ALA N 354 13.31 5.91 -56.66
C ALA N 354 13.24 7.39 -56.31
N ARG N 355 12.32 8.13 -56.93
CA ARG N 355 12.17 9.55 -56.66
C ARG N 355 11.77 9.84 -55.22
N PHE N 356 11.17 8.88 -54.52
CA PHE N 356 10.48 9.15 -53.28
C PHE N 356 11.25 8.72 -52.05
N ASN N 357 12.53 8.37 -52.19
CA ASN N 357 13.39 8.12 -51.04
C ASN N 357 14.75 8.77 -51.29
N PRO N 358 15.26 9.53 -50.33
CA PRO N 358 16.56 10.21 -50.53
C PRO N 358 17.74 9.26 -50.71
N LEU N 359 17.59 7.99 -50.36
CA LEU N 359 18.67 7.04 -50.57
C LEU N 359 19.03 6.90 -52.04
N TYR N 360 18.11 7.19 -52.95
CA TYR N 360 18.31 7.03 -54.37
C TYR N 360 18.70 8.32 -55.07
N ARG N 361 19.05 9.36 -54.31
CA ARG N 361 19.33 10.67 -54.87
C ARG N 361 20.41 10.60 -55.94
N ASN N 362 20.16 11.30 -57.06
CA ASN N 362 21.01 11.38 -58.24
C ASN N 362 21.09 10.08 -59.02
N HIS N 363 20.29 9.08 -58.68
CA HIS N 363 20.37 7.78 -59.34
C HIS N 363 19.10 7.43 -60.10
N PHE N 364 18.35 8.42 -60.55
CA PHE N 364 17.15 8.22 -61.35
C PHE N 364 16.98 9.40 -62.29
N ALA N 365 15.98 9.31 -63.16
CA ALA N 365 15.89 10.23 -64.29
C ALA N 365 15.28 11.58 -63.90
N MET N 366 14.10 11.57 -63.29
CA MET N 366 13.33 12.80 -63.06
C MET N 366 13.68 13.38 -61.69
N ARG N 367 14.87 13.97 -61.62
CA ARG N 367 15.41 14.49 -60.38
C ARG N 367 14.90 15.89 -60.08
N ASP N 368 14.72 16.18 -58.80
CA ASP N 368 14.47 17.54 -58.35
C ASP N 368 15.76 18.34 -58.43
N GLU N 369 15.98 19.04 -59.55
CA GLU N 369 17.21 19.77 -59.78
C GLU N 369 16.90 21.00 -60.63
N GLU N 370 17.78 21.99 -60.52
CA GLU N 370 17.70 23.13 -61.43
C GLU N 370 18.03 22.67 -62.85
N ARG N 371 17.14 22.98 -63.78
CA ARG N 371 17.26 22.52 -65.16
C ARG N 371 17.66 23.67 -66.07
N THR N 372 18.71 23.47 -66.85
CA THR N 372 19.14 24.44 -67.83
C THR N 372 18.38 24.24 -69.13
N GLU N 373 18.65 25.10 -70.12
CA GLU N 373 17.93 25.07 -71.38
C GLU N 373 18.61 24.21 -72.45
N ASN N 374 19.83 23.74 -72.21
CA ASN N 374 20.56 22.96 -73.20
C ASN N 374 20.58 21.47 -72.84
N GLU N 375 19.64 21.03 -72.03
CA GLU N 375 19.58 19.64 -71.65
C GLU N 375 19.00 18.79 -72.78
N PRO N 376 19.34 17.51 -72.84
CA PRO N 376 18.65 16.61 -73.77
C PRO N 376 17.25 16.29 -73.28
N THR N 377 16.43 15.82 -74.21
CA THR N 377 15.11 15.33 -73.84
C THR N 377 15.24 13.98 -73.14
N ILE N 378 14.56 13.84 -72.01
CA ILE N 378 14.65 12.64 -71.18
C ILE N 378 13.30 11.95 -71.15
N PHE N 379 13.30 10.65 -71.43
CA PHE N 379 12.13 9.80 -71.29
C PHE N 379 12.37 8.80 -70.17
N ALA N 380 11.34 8.55 -69.37
CA ALA N 380 11.38 7.52 -68.35
C ALA N 380 10.08 6.72 -68.41
N THR N 381 10.20 5.41 -68.39
CA THR N 381 9.06 4.51 -68.38
C THR N 381 9.03 3.76 -67.05
N HIS N 382 7.88 3.78 -66.39
CA HIS N 382 7.67 3.06 -65.14
C HIS N 382 6.64 1.97 -65.36
N SER N 383 6.97 0.76 -64.93
CA SER N 383 5.91 -0.28 -64.89
C SER N 383 5.29 -0.13 -63.51
N THR N 384 4.14 0.52 -63.41
CA THR N 384 3.51 0.83 -62.10
C THR N 384 3.07 -0.45 -61.39
N HIS N 385 2.88 -1.53 -62.13
CA HIS N 385 2.48 -2.82 -61.51
C HIS N 385 3.68 -3.55 -60.94
N1 LLP N 386 11.35 -3.09 -69.56
C2 LLP N 386 11.88 -3.72 -68.51
C2' LLP N 386 13.28 -3.40 -68.11
C3 LLP N 386 11.13 -4.64 -67.80
O3 LLP N 386 11.74 -5.23 -66.75
C4 LLP N 386 9.81 -4.92 -68.16
C4' LLP N 386 9.03 -5.90 -67.41
C5 LLP N 386 9.28 -4.25 -69.28
C6 LLP N 386 10.08 -3.36 -69.93
C5' LLP N 386 7.90 -4.50 -69.81
OP4 LLP N 386 6.87 -4.05 -68.90
P LLP N 386 5.39 -4.62 -68.98
OP1 LLP N 386 4.60 -3.69 -68.13
OP2 LLP N 386 4.97 -4.63 -70.41
OP3 LLP N 386 5.54 -5.99 -68.41
N LLP N 386 4.89 -3.23 -61.37
CA LLP N 386 6.06 -4.02 -60.92
CB LLP N 386 7.25 -3.95 -61.89
CG LLP N 386 7.28 -5.02 -62.98
CD LLP N 386 8.30 -4.76 -64.08
CE LLP N 386 7.88 -5.27 -65.44
NZ LLP N 386 9.00 -5.91 -66.13
C LLP N 386 6.40 -3.70 -59.46
O LLP N 386 6.22 -4.59 -58.64
N LEU N 387 6.88 -2.50 -59.15
CA LEU N 387 7.34 -2.20 -57.76
C LEU N 387 6.56 -1.05 -57.15
N LEU N 388 5.48 -0.66 -57.80
CA LEU N 388 4.53 0.33 -57.23
C LEU N 388 3.23 -0.48 -57.06
N ASN N 389 2.11 0.12 -56.66
CA ASN N 389 0.84 -0.58 -56.43
C ASN N 389 -0.11 -0.26 -57.58
N ALA N 390 -0.12 -1.12 -58.58
CA ALA N 390 -1.04 -0.98 -59.71
C ALA N 390 -1.30 -2.35 -60.31
N LEU N 391 -2.41 -2.44 -61.03
CA LEU N 391 -2.75 -3.67 -61.72
C LEU N 391 -1.81 -3.88 -62.90
N SER N 392 -1.68 -5.14 -63.31
CA SER N 392 -0.89 -5.47 -64.49
C SER N 392 -1.35 -4.68 -65.70
N GLN N 393 -0.39 -4.35 -66.57
CA GLN N 393 -0.50 -3.57 -67.79
C GLN N 393 -0.55 -2.06 -67.54
N ALA N 394 -0.57 -1.61 -66.29
CA ALA N 394 -0.51 -0.18 -66.01
C ALA N 394 0.92 0.32 -66.12
N SER N 395 1.09 1.45 -66.78
CA SER N 395 2.42 1.98 -67.05
C SER N 395 2.33 3.48 -67.22
N PHE N 396 3.48 4.15 -67.15
CA PHE N 396 3.57 5.58 -67.35
C PHE N 396 4.70 5.89 -68.32
N ILE N 397 4.47 6.92 -69.13
CA ILE N 397 5.54 7.57 -69.88
C ILE N 397 5.74 8.95 -69.28
N HIS N 398 6.97 9.24 -68.86
CA HIS N 398 7.32 10.54 -68.33
C HIS N 398 8.31 11.21 -69.27
N VAL N 399 8.05 12.47 -69.59
CA VAL N 399 8.87 13.22 -70.54
C VAL N 399 9.36 14.49 -69.87
N ARG N 400 10.65 14.77 -70.02
CA ARG N 400 11.23 16.06 -69.68
C ARG N 400 11.76 16.66 -70.98
N ASN N 401 11.15 17.76 -71.41
CA ASN N 401 11.47 18.34 -72.71
C ASN N 401 12.82 19.04 -72.67
N GLY N 402 13.67 18.71 -73.63
CA GLY N 402 14.96 19.36 -73.78
C GLY N 402 15.27 19.64 -75.23
N ARG N 403 16.47 19.25 -75.67
CA ARG N 403 16.84 19.43 -77.06
C ARG N 403 16.10 18.44 -77.94
N ASN N 404 15.61 18.94 -79.08
CA ASN N 404 14.91 18.11 -80.06
C ASN N 404 13.69 17.42 -79.45
N ALA N 405 12.90 18.20 -78.72
CA ALA N 405 11.72 17.66 -78.04
C ALA N 405 10.62 17.36 -79.05
N ILE N 406 9.73 16.46 -78.66
CA ILE N 406 8.59 16.05 -79.48
C ILE N 406 7.33 16.65 -78.87
N ASP N 407 6.67 17.52 -79.63
CA ASP N 407 5.47 18.17 -79.13
C ASP N 407 4.30 17.19 -79.08
N PHE N 408 3.22 17.63 -78.44
CA PHE N 408 2.11 16.73 -78.13
C PHE N 408 1.47 16.18 -79.39
N ASN N 409 1.28 17.00 -80.42
CA ASN N 409 0.60 16.54 -81.63
C ASN N 409 1.40 15.43 -82.31
N ARG N 410 2.72 15.54 -82.33
CA ARG N 410 3.54 14.51 -82.95
C ARG N 410 3.62 13.26 -82.09
N PHE N 411 3.74 13.42 -80.77
CA PHE N 411 3.86 12.26 -79.88
C PHE N 411 2.56 11.47 -79.81
N ASN N 412 1.43 12.16 -79.94
CA ASN N 412 0.13 11.50 -79.81
C ASN N 412 -0.09 10.48 -80.92
N GLN N 413 0.53 10.67 -82.08
CA GLN N 413 0.40 9.70 -83.15
C GLN N 413 1.00 8.35 -82.76
N ALA N 414 2.23 8.36 -82.23
CA ALA N 414 2.82 7.12 -81.75
C ALA N 414 2.03 6.54 -80.60
N TYR N 415 1.58 7.40 -79.69
CA TYR N 415 0.79 6.94 -78.54
C TYR N 415 -0.44 6.17 -79.01
N LEU N 416 -1.19 6.74 -79.94
CA LEU N 416 -2.36 6.05 -80.48
C LEU N 416 -1.97 4.80 -81.25
N MET N 417 -0.84 4.84 -81.95
CA MET N 417 -0.42 3.68 -82.74
C MET N 417 -0.19 2.46 -81.87
N HIS N 418 0.24 2.64 -80.63
CA HIS N 418 0.46 1.46 -79.81
C HIS N 418 -0.54 1.30 -78.67
N SER N 419 -1.73 1.88 -78.81
CA SER N 419 -2.77 1.80 -77.80
C SER N 419 -3.98 1.07 -78.35
N THR N 420 -5.06 1.07 -77.57
CA THR N 420 -6.33 0.50 -77.99
C THR N 420 -7.41 1.57 -77.89
N THR N 421 -8.42 1.44 -78.75
CA THR N 421 -9.52 2.41 -78.73
C THR N 421 -10.50 2.16 -77.59
N SER N 422 -10.40 1.05 -76.88
CA SER N 422 -11.28 0.73 -75.75
C SER N 422 -10.47 0.35 -74.54
N PRO N 423 -9.81 1.31 -73.90
CA PRO N 423 -9.04 0.99 -72.68
C PRO N 423 -9.95 0.58 -71.53
N LEU N 424 -9.43 -0.31 -70.71
CA LEU N 424 -10.11 -0.71 -69.48
C LEU N 424 -9.79 0.31 -68.40
N TYR N 425 -10.82 1.01 -67.92
CA TYR N 425 -10.61 2.13 -67.01
C TYR N 425 -10.14 1.70 -65.63
N ALA N 426 -10.30 0.43 -65.28
CA ALA N 426 -9.75 -0.05 -64.01
C ALA N 426 -8.23 0.04 -64.00
N ILE N 427 -7.57 -0.22 -65.13
CA ILE N 427 -6.12 -0.10 -65.20
C ILE N 427 -5.68 1.35 -65.00
N CYS N 428 -6.36 2.29 -65.66
CA CYS N 428 -6.04 3.70 -65.48
C CYS N 428 -6.31 4.16 -64.05
N ALA N 429 -7.38 3.64 -63.45
CA ALA N 429 -7.66 3.96 -62.05
C ALA N 429 -6.57 3.44 -61.13
N SER N 430 -6.04 2.24 -61.40
CA SER N 430 -4.94 1.73 -60.61
C SER N 430 -3.68 2.58 -60.79
N ASN N 431 -3.44 3.06 -62.01
CA ASN N 431 -2.33 3.99 -62.23
C ASN N 431 -2.50 5.26 -61.38
N ASP N 432 -3.72 5.79 -61.38
CA ASP N 432 -4.01 7.01 -60.62
C ASP N 432 -3.83 6.80 -59.12
N ILE N 433 -4.29 5.67 -58.59
CA ILE N 433 -4.14 5.42 -57.16
C ILE N 433 -2.68 5.16 -56.82
N ALA N 434 -1.91 4.53 -57.71
CA ALA N 434 -0.48 4.36 -57.44
C ALA N 434 0.23 5.70 -57.35
N ALA N 435 -0.04 6.60 -58.31
CA ALA N 435 0.54 7.93 -58.26
C ALA N 435 0.15 8.65 -56.97
N ASP N 436 -1.13 8.54 -56.59
CA ASP N 436 -1.57 9.16 -55.34
C ASP N 436 -0.85 8.57 -54.14
N MET N 437 -0.60 7.26 -54.16
CA MET N 437 0.04 6.59 -53.04
C MET N 437 1.48 7.07 -52.87
N MET N 438 2.16 7.39 -53.97
CA MET N 438 3.51 7.94 -53.83
C MET N 438 3.53 9.43 -53.50
N ASP N 439 2.38 10.10 -53.48
CA ASP N 439 2.34 11.55 -53.31
C ASP N 439 2.50 11.93 -51.84
N GLY N 440 3.24 13.02 -51.60
CA GLY N 440 3.40 13.57 -50.27
C GLY N 440 4.27 12.75 -49.34
N ASN N 441 3.86 12.69 -48.06
CA ASN N 441 4.63 11.95 -47.06
C ASN N 441 4.56 10.45 -47.28
N SER N 442 3.48 9.97 -47.90
CA SER N 442 3.23 8.54 -47.96
C SER N 442 4.26 7.80 -48.82
N GLY N 443 4.73 8.42 -49.91
CA GLY N 443 5.75 7.77 -50.72
C GLY N 443 7.04 7.55 -49.96
N ARG N 444 7.49 8.57 -49.23
CA ARG N 444 8.66 8.43 -48.38
C ARG N 444 8.45 7.36 -47.32
N SER N 445 7.28 7.35 -46.68
CA SER N 445 7.02 6.38 -45.62
C SER N 445 7.02 4.95 -46.15
N LEU N 446 6.40 4.73 -47.32
CA LEU N 446 6.31 3.39 -47.88
C LEU N 446 7.66 2.89 -48.35
N THR N 447 8.43 3.74 -49.04
CA THR N 447 9.78 3.33 -49.44
C THR N 447 10.64 3.06 -48.22
N ASP N 448 10.49 3.86 -47.16
CA ASP N 448 11.24 3.62 -45.93
C ASP N 448 10.91 2.26 -45.35
N GLU N 449 9.63 1.90 -45.30
CA GLU N 449 9.26 0.60 -44.75
C GLU N 449 9.88 -0.54 -45.53
N VAL N 450 9.81 -0.48 -46.87
CA VAL N 450 10.37 -1.56 -47.67
C VAL N 450 11.89 -1.64 -47.49
N ILE N 451 12.56 -0.48 -47.50
CA ILE N 451 14.01 -0.48 -47.36
C ILE N 451 14.43 -1.03 -46.01
N ARG N 452 13.70 -0.67 -44.96
CA ARG N 452 14.03 -1.17 -43.63
C ARG N 452 13.84 -2.69 -43.54
N GLU N 453 12.76 -3.21 -44.15
CA GLU N 453 12.58 -4.66 -44.16
C GLU N 453 13.73 -5.36 -44.87
N SER N 454 14.12 -4.83 -46.03
CA SER N 454 15.22 -5.45 -46.77
C SER N 454 16.52 -5.39 -45.99
N ILE N 455 16.77 -4.28 -45.28
CA ILE N 455 17.99 -4.15 -44.49
C ILE N 455 17.98 -5.13 -43.32
N ASP N 456 16.83 -5.29 -42.67
CA ASP N 456 16.74 -6.25 -41.58
C ASP N 456 17.05 -7.66 -42.08
N PHE N 457 16.50 -8.03 -43.24
CA PHE N 457 16.81 -9.33 -43.80
C PHE N 457 18.30 -9.48 -44.12
N ARG N 458 18.89 -8.46 -44.75
CA ARG N 458 20.30 -8.53 -45.12
C ARG N 458 21.19 -8.69 -43.90
N GLN N 459 20.94 -7.89 -42.87
CA GLN N 459 21.76 -7.95 -41.67
C GLN N 459 21.60 -9.27 -40.93
N SER N 460 20.37 -9.78 -40.83
CA SER N 460 20.16 -11.07 -40.19
C SER N 460 20.88 -12.18 -40.94
N LEU N 461 20.81 -12.15 -42.27
CA LEU N 461 21.49 -13.19 -43.06
C LEU N 461 23.00 -13.09 -42.91
N ALA N 462 23.54 -11.87 -42.91
CA ALA N 462 24.98 -11.70 -42.72
C ALA N 462 25.41 -12.20 -41.34
N TYR N 463 24.60 -11.92 -40.31
CA TYR N 463 24.92 -12.40 -38.97
C TYR N 463 24.92 -13.93 -38.92
N LEU N 464 23.91 -14.56 -39.51
CA LEU N 464 23.86 -16.02 -39.53
C LEU N 464 25.04 -16.59 -40.30
N TYR N 465 25.42 -15.95 -41.41
CA TYR N 465 26.57 -16.40 -42.18
C TYR N 465 27.84 -16.35 -41.33
N LYS N 466 28.04 -15.25 -40.60
CA LYS N 466 29.20 -15.15 -39.73
C LYS N 466 29.18 -16.22 -38.63
N GLU N 467 28.01 -16.47 -38.06
CA GLU N 467 27.89 -17.49 -37.02
C GLU N 467 28.28 -18.87 -37.55
N PHE N 468 27.72 -19.24 -38.71
CA PHE N 468 28.04 -20.54 -39.29
C PHE N 468 29.50 -20.63 -39.69
N LEU N 469 30.06 -19.54 -40.20
CA LEU N 469 31.48 -19.51 -40.55
C LEU N 469 32.34 -19.70 -39.30
N ASN N 470 31.96 -19.08 -38.19
CA ASN N 470 32.69 -19.27 -36.94
C ASN N 470 32.62 -20.72 -36.49
N ASP N 471 31.51 -21.40 -36.72
CA ASP N 471 31.41 -22.83 -36.45
C ASP N 471 31.95 -23.68 -37.62
N ASP N 472 32.78 -23.09 -38.48
CA ASP N 472 33.30 -23.72 -39.71
C ASP N 472 32.23 -24.51 -40.46
N GLU N 473 31.10 -23.85 -40.72
CA GLU N 473 30.05 -24.38 -41.56
C GLU N 473 29.73 -23.39 -42.69
N TRP N 474 29.04 -23.87 -43.71
CA TRP N 474 28.64 -23.05 -44.83
C TRP N 474 27.25 -22.47 -44.59
N PHE N 475 27.00 -21.30 -45.19
CA PHE N 475 25.66 -20.73 -45.23
C PHE N 475 25.60 -19.74 -46.39
N PHE N 476 24.39 -19.26 -46.65
CA PHE N 476 24.18 -18.22 -47.64
C PHE N 476 24.55 -16.86 -47.07
N LYS N 477 25.01 -15.97 -47.95
CA LYS N 477 25.36 -14.62 -47.56
C LYS N 477 24.68 -13.63 -48.48
N PRO N 478 24.27 -12.48 -47.94
CA PRO N 478 23.71 -11.44 -48.80
C PRO N 478 24.77 -10.80 -49.67
N TRP N 479 24.37 -10.33 -50.84
CA TRP N 479 25.28 -9.68 -51.78
C TRP N 479 25.23 -8.18 -51.53
N ASN N 480 26.07 -7.71 -50.62
CA ASN N 480 26.22 -6.28 -50.36
C ASN N 480 27.61 -6.05 -49.79
N GLN N 481 27.87 -4.82 -49.35
CA GLN N 481 29.15 -4.50 -48.73
C GLN N 481 29.39 -5.34 -47.50
N GLU N 482 30.63 -5.82 -47.35
CA GLU N 482 31.02 -6.49 -46.11
C GLU N 482 31.20 -5.50 -44.97
N MET N 483 31.88 -4.39 -45.23
CA MET N 483 32.15 -3.36 -44.24
C MET N 483 31.61 -2.04 -44.75
N VAL N 484 30.97 -1.29 -43.87
CA VAL N 484 30.46 0.03 -44.21
C VAL N 484 31.14 1.06 -43.32
N LYS N 485 31.35 2.25 -43.88
CA LYS N 485 32.00 3.34 -43.18
C LYS N 485 30.99 4.45 -42.92
N ASP N 486 30.98 4.96 -41.71
CA ASP N 486 30.16 6.11 -41.39
C ASP N 486 30.86 7.37 -41.89
N PRO N 487 30.29 8.09 -42.86
CA PRO N 487 31.00 9.25 -43.41
C PRO N 487 31.14 10.40 -42.44
N ALA N 488 30.30 10.47 -41.41
CA ALA N 488 30.38 11.57 -40.45
C ALA N 488 31.54 11.38 -39.48
N THR N 489 31.49 10.30 -38.70
CA THR N 489 32.49 10.04 -37.67
C THR N 489 33.68 9.25 -38.17
N GLY N 490 33.64 8.73 -39.39
CA GLY N 490 34.73 7.93 -39.91
C GLY N 490 34.79 6.52 -39.37
N LYS N 491 33.84 6.11 -38.54
CA LYS N 491 33.88 4.78 -37.93
C LYS N 491 33.45 3.72 -38.93
N ARG N 492 34.13 2.58 -38.87
CA ARG N 492 33.82 1.44 -39.73
C ARG N 492 33.01 0.40 -38.95
N TYR N 493 32.07 -0.22 -39.63
CA TYR N 493 31.27 -1.30 -39.08
C TYR N 493 31.26 -2.47 -40.03
N ALA N 494 31.17 -3.67 -39.48
CA ALA N 494 30.69 -4.80 -40.27
C ALA N 494 29.24 -4.55 -40.63
N PHE N 495 28.83 -5.04 -41.81
CA PHE N 495 27.50 -4.72 -42.31
C PHE N 495 26.42 -5.15 -41.34
N GLU N 496 26.55 -6.34 -40.77
CA GLU N 496 25.54 -6.83 -39.83
C GLU N 496 25.55 -6.08 -38.51
N ASP N 497 26.61 -5.34 -38.22
CA ASP N 497 26.71 -4.55 -37.00
C ASP N 497 26.42 -3.07 -37.20
N ALA N 498 26.26 -2.63 -38.45
CA ALA N 498 26.02 -1.22 -38.71
C ALA N 498 24.65 -0.81 -38.18
N PRO N 499 24.53 0.41 -37.65
CA PRO N 499 23.21 0.90 -37.23
C PRO N 499 22.28 1.00 -38.43
N VAL N 500 21.02 0.64 -38.20
CA VAL N 500 20.03 0.62 -39.28
C VAL N 500 19.82 2.03 -39.82
N GLU N 501 19.86 3.04 -38.95
CA GLU N 501 19.71 4.42 -39.41
C GLU N 501 20.80 4.81 -40.38
N LEU N 502 22.04 4.40 -40.12
CA LEU N 502 23.14 4.70 -41.03
C LEU N 502 22.92 4.07 -42.41
N LEU N 503 22.51 2.80 -42.43
CA LEU N 503 22.27 2.13 -43.71
C LEU N 503 21.08 2.73 -44.45
N MET N 504 20.07 3.19 -43.71
CA MET N 504 18.90 3.79 -44.32
C MET N 504 19.14 5.21 -44.80
N ARG N 505 20.13 5.91 -44.23
CA ARG N 505 20.35 7.31 -44.53
C ARG N 505 21.50 7.56 -45.50
N GLU N 506 22.57 6.79 -45.42
CA GLU N 506 23.81 7.09 -46.13
C GLU N 506 23.87 6.31 -47.45
N GLN N 507 23.94 7.06 -48.55
CA GLN N 507 24.01 6.44 -49.87
C GLN N 507 25.33 5.70 -50.07
N SER N 508 26.43 6.21 -49.50
CA SER N 508 27.74 5.60 -49.71
C SER N 508 27.83 4.20 -49.13
N CYS N 509 26.92 3.82 -48.23
CA CYS N 509 26.89 2.45 -47.73
C CYS N 509 26.42 1.46 -48.79
N TRP N 510 25.94 1.94 -49.93
CA TRP N 510 25.45 1.09 -51.00
C TRP N 510 26.15 1.33 -52.32
N VAL N 511 27.01 2.35 -52.41
CA VAL N 511 27.75 2.61 -53.64
C VAL N 511 28.78 1.52 -53.87
N MET N 512 28.98 1.15 -55.12
CA MET N 512 29.98 0.16 -55.50
C MET N 512 31.35 0.83 -55.55
N HIS N 513 32.20 0.53 -54.58
CA HIS N 513 33.52 1.16 -54.67
C HIS N 513 34.50 0.23 -55.36
N PRO N 514 35.40 0.77 -56.17
CA PRO N 514 36.35 -0.10 -56.89
C PRO N 514 37.27 -0.88 -55.98
N GLU N 515 37.53 -0.40 -54.76
CA GLU N 515 38.41 -1.10 -53.83
C GLU N 515 37.73 -2.26 -53.11
N ASP N 516 36.42 -2.36 -53.17
CA ASP N 516 35.69 -3.44 -52.52
C ASP N 516 35.60 -4.66 -53.43
N LYS N 517 35.63 -5.83 -52.81
CA LYS N 517 35.58 -7.09 -53.55
C LYS N 517 34.19 -7.70 -53.63
N TRP N 518 33.22 -7.18 -52.88
CA TRP N 518 31.92 -7.84 -52.81
C TRP N 518 31.20 -7.81 -54.15
N HIS N 519 31.20 -6.67 -54.85
CA HIS N 519 30.39 -6.56 -56.05
C HIS N 519 31.02 -7.27 -57.24
N GLY N 520 32.34 -7.32 -57.31
CA GLY N 520 33.00 -8.09 -58.35
C GLY N 520 33.02 -7.44 -59.72
N PHE N 521 32.65 -6.18 -59.83
CA PHE N 521 32.73 -5.46 -61.10
C PHE N 521 34.08 -4.76 -61.16
N ASN N 522 35.06 -5.45 -61.73
CA ASN N 522 36.42 -4.92 -61.76
C ASN N 522 36.50 -3.71 -62.67
N ASP N 523 37.28 -2.71 -62.24
CA ASP N 523 37.54 -1.49 -62.99
C ASP N 523 36.29 -0.62 -63.11
N ILE N 524 35.34 -0.78 -62.20
CA ILE N 524 34.21 0.16 -62.17
C ILE N 524 34.69 1.47 -61.56
N PRO N 525 34.34 2.62 -62.13
CA PRO N 525 34.67 3.90 -61.49
C PRO N 525 33.88 4.08 -60.20
N ASP N 526 34.44 4.89 -59.32
CA ASP N 526 33.77 5.16 -58.06
C ASP N 526 32.63 6.15 -58.26
N ASN N 527 31.58 6.00 -57.44
CA ASN N 527 30.39 6.84 -57.50
C ASN N 527 29.73 6.77 -58.87
N TRP N 528 29.75 5.57 -59.47
CA TRP N 528 29.11 5.31 -60.74
C TRP N 528 27.84 4.49 -60.58
N ALA N 529 27.90 3.38 -59.87
CA ALA N 529 26.77 2.51 -59.64
C ALA N 529 26.49 2.40 -58.15
N MET N 530 25.34 1.82 -57.84
CA MET N 530 24.84 1.71 -56.48
C MET N 530 23.91 0.52 -56.42
N LEU N 531 23.87 -0.15 -55.27
CA LEU N 531 23.01 -1.30 -55.08
C LEU N 531 21.66 -0.87 -54.51
N ASP N 532 20.59 -1.32 -55.14
CA ASP N 532 19.24 -1.09 -54.62
C ASP N 532 19.02 -2.03 -53.44
N PRO N 533 18.76 -1.52 -52.23
CA PRO N 533 18.62 -2.42 -51.08
C PRO N 533 17.48 -3.41 -51.19
N ILE N 534 16.38 -3.06 -51.87
CA ILE N 534 15.19 -3.91 -51.85
C ILE N 534 15.24 -5.04 -52.87
N LYS N 535 16.27 -5.10 -53.70
CA LYS N 535 16.48 -6.25 -54.59
C LYS N 535 17.59 -7.09 -53.97
N VAL N 536 17.20 -8.04 -53.12
CA VAL N 536 18.14 -8.75 -52.27
C VAL N 536 18.60 -10.03 -52.97
N SER N 537 19.88 -10.08 -53.29
CA SER N 537 20.51 -11.28 -53.84
C SER N 537 21.21 -12.01 -52.70
N ILE N 538 21.02 -13.32 -52.65
CA ILE N 538 21.78 -14.17 -51.72
C ILE N 538 22.67 -15.08 -52.54
N LEU N 539 23.83 -15.39 -51.99
CA LEU N 539 24.85 -16.15 -52.68
C LEU N 539 25.01 -17.50 -52.01
N ALA N 540 24.87 -18.56 -52.77
CA ALA N 540 25.22 -19.87 -52.30
C ALA N 540 26.73 -20.08 -52.36
N PRO N 541 27.30 -20.86 -51.45
CA PRO N 541 28.75 -21.06 -51.46
C PRO N 541 29.20 -21.86 -52.66
N GLY N 542 30.43 -21.61 -53.09
CA GLY N 542 31.01 -22.38 -54.17
C GLY N 542 31.87 -21.57 -55.12
N MET N 543 31.70 -20.25 -55.13
CA MET N 543 32.43 -19.37 -56.04
C MET N 543 33.50 -18.64 -55.26
N GLY N 544 34.75 -18.76 -55.72
CA GLY N 544 35.83 -18.04 -55.09
C GLY N 544 35.87 -16.57 -55.49
N ASP N 545 36.53 -15.78 -54.66
CA ASP N 545 36.64 -14.35 -54.91
C ASP N 545 37.46 -14.05 -56.17
N ASP N 546 38.34 -14.97 -56.55
CA ASP N 546 39.16 -14.79 -57.75
C ASP N 546 38.40 -15.02 -59.04
N GLY N 547 37.25 -15.70 -58.98
CA GLY N 547 36.47 -16.01 -60.16
C GLY N 547 36.40 -17.49 -60.49
N LYS N 548 37.10 -18.33 -59.73
CA LYS N 548 37.08 -19.76 -59.96
C LYS N 548 36.38 -20.47 -58.82
N LEU N 549 35.84 -21.65 -59.12
CA LEU N 549 35.07 -22.39 -58.15
C LEU N 549 35.95 -22.90 -57.02
N LEU N 550 35.35 -23.10 -55.86
CA LEU N 550 36.03 -23.69 -54.72
C LEU N 550 35.96 -25.21 -54.80
N ASP N 551 36.49 -25.88 -53.78
CA ASP N 551 36.51 -27.34 -53.78
C ASP N 551 35.12 -27.91 -53.56
N THR N 552 34.27 -27.18 -52.85
CA THR N 552 32.91 -27.63 -52.56
C THR N 552 31.97 -26.43 -52.64
N GLY N 553 30.69 -26.72 -52.78
CA GLY N 553 29.70 -25.66 -52.85
C GLY N 553 28.31 -26.25 -52.98
N VAL N 554 27.33 -25.36 -52.95
CA VAL N 554 25.92 -25.71 -53.10
C VAL N 554 25.38 -24.94 -54.29
N PRO N 555 25.04 -25.61 -55.40
CA PRO N 555 24.50 -24.89 -56.56
C PRO N 555 23.14 -24.29 -56.27
N ALA N 556 22.87 -23.14 -56.88
CA ALA N 556 21.64 -22.41 -56.60
C ALA N 556 20.41 -23.07 -57.22
N ALA N 557 20.58 -23.95 -58.21
CA ALA N 557 19.42 -24.61 -58.81
C ALA N 557 18.70 -25.48 -57.79
N LEU N 558 19.45 -26.18 -56.94
CA LEU N 558 18.84 -27.03 -55.93
C LEU N 558 18.13 -26.20 -54.86
N VAL N 559 18.74 -25.07 -54.45
CA VAL N 559 18.08 -24.18 -53.50
C VAL N 559 16.82 -23.60 -54.12
N THR N 560 16.85 -23.30 -55.42
CA THR N 560 15.67 -22.79 -56.10
C THR N 560 14.56 -23.83 -56.12
N ALA N 561 14.92 -25.09 -56.36
CA ALA N 561 13.92 -26.17 -56.30
C ALA N 561 13.30 -26.25 -54.91
N TRP N 562 14.13 -26.15 -53.88
CA TRP N 562 13.63 -26.15 -52.51
C TRP N 562 12.65 -25.00 -52.28
N LEU N 563 13.03 -23.79 -52.67
CA LEU N 563 12.18 -22.62 -52.47
C LEU N 563 10.87 -22.75 -53.24
N ASN N 564 10.94 -23.23 -54.48
CA ASN N 564 9.72 -23.48 -55.25
C ASN N 564 8.83 -24.49 -54.55
N HIS N 565 9.42 -25.54 -54.00
CA HIS N 565 8.65 -26.51 -53.23
C HIS N 565 7.94 -25.85 -52.06
N TYR N 566 8.55 -24.83 -51.47
CA TYR N 566 7.89 -24.12 -50.38
C TYR N 566 7.13 -22.88 -50.85
N GLY N 567 6.99 -22.69 -52.17
CA GLY N 567 6.16 -21.64 -52.71
C GLY N 567 6.90 -20.37 -53.05
N ILE N 568 8.11 -20.19 -52.53
CA ILE N 568 8.89 -18.99 -52.84
C ILE N 568 9.47 -19.13 -54.25
N VAL N 569 9.20 -18.15 -55.09
CA VAL N 569 9.70 -18.17 -56.46
C VAL N 569 10.62 -16.97 -56.65
N PRO N 570 11.93 -17.18 -56.79
CA PRO N 570 12.85 -16.06 -56.99
C PRO N 570 12.67 -15.40 -58.34
N THR N 571 13.05 -14.12 -58.40
CA THR N 571 12.97 -13.34 -59.62
C THR N 571 14.09 -13.67 -60.59
N ARG N 572 15.32 -13.76 -60.09
CA ARG N 572 16.48 -14.08 -60.91
C ARG N 572 17.28 -15.18 -60.24
N THR N 573 18.06 -15.90 -61.06
CA THR N 573 18.87 -17.00 -60.56
C THR N 573 20.03 -17.25 -61.51
N THR N 574 21.23 -17.40 -60.96
CA THR N 574 22.41 -17.87 -61.68
C THR N 574 22.92 -19.12 -60.98
N ASP N 575 24.13 -19.55 -61.35
CA ASP N 575 24.71 -20.75 -60.76
C ASP N 575 24.80 -20.64 -59.24
N PHE N 576 25.33 -19.51 -58.72
CA PHE N 576 25.30 -19.24 -57.30
C PHE N 576 24.80 -17.81 -57.10
N GLN N 577 23.48 -17.62 -57.20
CA GLN N 577 22.85 -16.36 -56.89
C GLN N 577 21.34 -16.53 -56.94
N ILE N 578 20.64 -16.06 -55.91
CA ILE N 578 19.18 -16.09 -55.88
C ILE N 578 18.70 -14.72 -55.46
N MET N 579 17.81 -14.14 -56.25
CA MET N 579 17.32 -12.79 -56.05
C MET N 579 15.91 -12.81 -55.49
N PHE N 580 15.67 -12.06 -54.42
CA PHE N 580 14.36 -11.93 -53.80
C PHE N 580 13.91 -10.48 -53.89
N LEU N 581 12.63 -10.28 -54.19
CA LEU N 581 12.06 -8.96 -54.31
C LEU N 581 11.37 -8.56 -53.02
N PHE N 582 11.73 -7.41 -52.49
CA PHE N 582 10.99 -6.77 -51.41
C PHE N 582 10.17 -5.64 -52.02
N SER N 583 8.85 -5.72 -51.90
CA SER N 583 7.97 -4.74 -52.51
C SER N 583 7.15 -4.04 -51.42
N MET N 584 6.40 -3.02 -51.84
CA MET N 584 5.55 -2.30 -50.92
C MET N 584 4.35 -3.12 -50.47
N GLY N 585 4.11 -4.28 -51.07
CA GLY N 585 3.10 -5.21 -50.62
C GLY N 585 3.56 -6.20 -49.58
N ILE N 586 4.82 -6.18 -49.19
CA ILE N 586 5.32 -7.07 -48.14
C ILE N 586 4.85 -6.56 -46.79
N THR N 587 4.71 -7.48 -45.84
CA THR N 587 4.38 -7.14 -44.47
C THR N 587 5.61 -7.30 -43.60
N LYS N 588 5.59 -6.61 -42.45
CA LYS N 588 6.77 -6.55 -41.60
C LYS N 588 7.08 -7.90 -40.97
N GLY N 589 8.36 -8.25 -40.95
CA GLY N 589 8.81 -9.51 -40.39
C GLY N 589 8.60 -10.72 -41.27
N LYS N 590 8.18 -10.51 -42.53
CA LYS N 590 7.92 -11.64 -43.43
C LYS N 590 9.18 -12.39 -43.80
N TRP N 591 10.34 -11.71 -43.80
CA TRP N 591 11.60 -12.34 -44.17
C TRP N 591 12.04 -13.43 -43.20
N GLY N 592 11.41 -13.51 -42.03
CA GLY N 592 11.67 -14.62 -41.13
C GLY N 592 11.35 -15.96 -41.76
N THR N 593 10.29 -16.01 -42.58
CA THR N 593 9.98 -17.24 -43.33
C THR N 593 11.12 -17.61 -44.26
N LEU N 594 11.68 -16.62 -44.96
CA LEU N 594 12.79 -16.89 -45.86
C LEU N 594 13.99 -17.45 -45.11
N VAL N 595 14.32 -16.83 -43.97
CA VAL N 595 15.44 -17.30 -43.16
C VAL N 595 15.18 -18.72 -42.66
N ASN N 596 13.96 -18.99 -42.20
CA ASN N 596 13.60 -20.31 -41.73
C ASN N 596 13.73 -21.36 -42.83
N THR N 597 13.26 -21.02 -44.03
CA THR N 597 13.36 -21.94 -45.16
C THR N 597 14.80 -22.24 -45.51
N LEU N 598 15.66 -21.21 -45.51
CA LEU N 598 17.07 -21.45 -45.81
C LEU N 598 17.72 -22.31 -44.75
N LEU N 599 17.40 -22.09 -43.48
CA LEU N 599 17.96 -22.90 -42.41
C LEU N 599 17.51 -24.36 -42.52
N SER N 600 16.22 -24.58 -42.82
CA SER N 600 15.75 -25.95 -42.97
C SER N 600 16.38 -26.63 -44.17
N PHE N 601 16.61 -25.88 -45.26
CA PHE N 601 17.36 -26.45 -46.37
C PHE N 601 18.76 -26.86 -45.94
N LYS N 602 19.44 -26.02 -45.17
CA LYS N 602 20.77 -26.37 -44.72
C LYS N 602 20.75 -27.62 -43.85
N ARG N 603 19.74 -27.74 -42.98
CA ARG N 603 19.62 -28.93 -42.15
C ARG N 603 19.46 -30.18 -43.00
N HIS N 604 18.53 -30.15 -43.94
CA HIS N 604 18.30 -31.34 -44.78
C HIS N 604 19.49 -31.61 -45.69
N TYR N 605 20.24 -30.58 -46.06
CA TYR N 605 21.42 -30.78 -46.90
C TYR N 605 22.54 -31.43 -46.11
N ASP N 606 22.76 -30.99 -44.88
CA ASP N 606 23.76 -31.61 -44.02
C ASP N 606 23.38 -33.04 -43.66
N ASN N 607 22.08 -33.31 -43.52
CA ASN N 607 21.64 -34.66 -43.20
C ASN N 607 21.53 -35.57 -44.41
N ASN N 608 21.71 -35.05 -45.62
CA ASN N 608 21.57 -35.81 -46.86
C ASN N 608 20.22 -36.53 -46.93
N THR N 609 19.16 -35.77 -46.65
CA THR N 609 17.83 -36.35 -46.68
C THR N 609 17.47 -36.78 -48.10
N ALA N 610 16.83 -37.94 -48.21
CA ALA N 610 16.48 -38.49 -49.51
C ALA N 610 15.52 -37.57 -50.24
N LEU N 611 15.75 -37.39 -51.54
CA LEU N 611 14.93 -36.47 -52.34
C LEU N 611 13.46 -36.88 -52.37
N LYS N 612 13.16 -38.17 -52.19
CA LYS N 612 11.76 -38.58 -52.15
C LYS N 612 11.01 -37.95 -51.00
N LYS N 613 11.66 -37.84 -49.84
CA LYS N 613 10.98 -37.26 -48.68
C LYS N 613 10.80 -35.75 -48.82
N VAL N 614 11.82 -35.04 -49.27
CA VAL N 614 11.83 -33.59 -49.26
C VAL N 614 11.34 -33.00 -50.58
N LEU N 615 11.78 -33.54 -51.71
CA LEU N 615 11.50 -32.96 -53.02
C LEU N 615 10.92 -34.03 -53.95
N PRO N 616 9.70 -34.48 -53.69
CA PRO N 616 9.10 -35.50 -54.56
C PRO N 616 8.93 -35.05 -56.01
N GLU N 617 8.71 -33.75 -56.25
CA GLU N 617 8.55 -33.28 -57.62
C GLU N 617 9.84 -33.40 -58.41
N VAL N 618 10.99 -33.22 -57.75
CA VAL N 618 12.26 -33.44 -58.43
C VAL N 618 12.41 -34.91 -58.81
N VAL N 619 12.04 -35.81 -57.91
CA VAL N 619 12.13 -37.24 -58.19
C VAL N 619 11.23 -37.60 -59.36
N ALA N 620 10.04 -37.00 -59.42
CA ALA N 620 9.07 -37.32 -60.45
C ALA N 620 9.56 -37.01 -61.86
N SER N 621 10.61 -36.22 -62.01
CA SER N 621 11.16 -35.96 -63.34
C SER N 621 11.90 -37.19 -63.86
N ALA N 622 12.93 -37.64 -63.15
CA ALA N 622 13.73 -38.79 -63.53
C ALA N 622 13.83 -39.74 -62.35
N PRO N 623 12.78 -40.54 -62.10
CA PRO N 623 12.80 -41.42 -60.92
C PRO N 623 13.91 -42.43 -60.93
N GLU N 624 14.44 -42.79 -62.11
CA GLU N 624 15.56 -43.73 -62.16
C GLU N 624 16.87 -43.09 -61.73
N ILE N 625 17.01 -41.77 -61.87
CA ILE N 625 18.24 -41.07 -61.50
C ILE N 625 18.16 -40.55 -60.07
N TYR N 626 17.12 -39.80 -59.75
CA TYR N 626 17.01 -39.14 -58.46
C TYR N 626 16.46 -40.05 -57.37
N GLY N 627 15.89 -41.20 -57.73
CA GLY N 627 15.50 -42.17 -56.73
C GLY N 627 16.73 -42.70 -56.01
N GLU N 628 16.55 -43.02 -54.72
CA GLU N 628 17.63 -43.52 -53.87
C GLU N 628 18.80 -42.55 -53.78
N MET N 629 18.54 -41.26 -53.93
CA MET N 629 19.58 -40.24 -53.91
C MET N 629 19.21 -39.18 -52.87
N GLY N 630 20.23 -38.66 -52.17
CA GLY N 630 20.00 -37.66 -51.15
C GLY N 630 20.19 -36.23 -51.67
N LEU N 631 19.81 -35.28 -50.83
CA LEU N 631 19.94 -33.87 -51.18
C LEU N 631 21.39 -33.50 -51.45
N ARG N 632 22.29 -33.88 -50.53
CA ARG N 632 23.69 -33.55 -50.70
C ARG N 632 24.32 -34.33 -51.84
N ASP N 633 23.85 -35.54 -52.11
CA ASP N 633 24.36 -36.29 -53.26
C ASP N 633 24.09 -35.52 -54.55
N LEU N 634 22.85 -35.06 -54.73
CA LEU N 634 22.52 -34.28 -55.91
C LEU N 634 23.29 -32.97 -55.95
N GLY N 635 23.43 -32.31 -54.80
CA GLY N 635 24.18 -31.06 -54.76
C GLY N 635 25.63 -31.23 -55.17
N ASP N 636 26.30 -32.25 -54.64
CA ASP N 636 27.67 -32.53 -55.01
C ASP N 636 27.80 -32.99 -56.46
N LYS N 637 26.82 -33.72 -56.97
CA LYS N 637 26.82 -34.07 -58.39
C LYS N 637 26.78 -32.82 -59.26
N MET N 638 25.86 -31.90 -58.94
CA MET N 638 25.76 -30.65 -59.70
C MET N 638 27.03 -29.83 -59.57
N PHE N 639 27.62 -29.77 -58.38
CA PHE N 639 28.83 -28.98 -58.21
C PHE N 639 30.01 -29.59 -58.95
N ALA N 640 30.11 -30.92 -58.96
CA ALA N 640 31.16 -31.57 -59.74
C ALA N 640 30.98 -31.30 -61.23
N TYR N 641 29.74 -31.32 -61.70
CA TYR N 641 29.48 -30.98 -63.10
C TYR N 641 29.90 -29.56 -63.40
N LEU N 642 29.56 -28.61 -62.51
CA LEU N 642 29.94 -27.22 -62.73
C LEU N 642 31.46 -27.06 -62.72
N GLN N 643 32.14 -27.75 -61.81
CA GLN N 643 33.60 -27.68 -61.75
C GLN N 643 34.23 -28.21 -63.03
N LYS N 644 33.70 -29.33 -63.54
CA LYS N 644 34.26 -29.90 -64.76
C LYS N 644 34.02 -29.00 -65.96
N ASN N 645 32.79 -28.51 -66.12
CA ASN N 645 32.43 -27.82 -67.36
C ASN N 645 32.69 -26.32 -67.31
N ASN N 646 32.62 -25.71 -66.12
CA ASN N 646 32.85 -24.28 -65.93
C ASN N 646 32.00 -23.45 -66.88
N PRO N 647 30.67 -23.48 -66.75
CA PRO N 647 29.82 -22.67 -67.65
C PRO N 647 29.96 -21.17 -67.45
N GLY N 648 30.49 -20.71 -66.31
CA GLY N 648 30.67 -19.28 -66.12
C GLY N 648 31.65 -18.68 -67.11
N ALA N 649 32.72 -19.41 -67.41
CA ALA N 649 33.65 -18.96 -68.45
C ALA N 649 32.97 -18.94 -69.81
N ARG N 650 32.09 -19.92 -70.07
CA ARG N 650 31.33 -19.91 -71.33
C ARG N 650 30.46 -18.67 -71.42
N LEU N 651 29.77 -18.32 -70.34
CA LEU N 651 28.95 -17.11 -70.32
C LEU N 651 29.80 -15.87 -70.55
N ASN N 652 30.97 -15.80 -69.90
CA ASN N 652 31.83 -14.64 -70.08
C ASN N 652 32.31 -14.53 -71.51
N GLN N 653 32.68 -15.64 -72.13
CA GLN N 653 33.11 -15.61 -73.52
C GLN N 653 31.97 -15.20 -74.44
N ALA N 654 30.77 -15.73 -74.20
CA ALA N 654 29.64 -15.42 -75.07
C ALA N 654 29.21 -13.96 -74.96
N TYR N 655 29.34 -13.35 -73.78
CA TYR N 655 28.83 -12.00 -73.61
C TYR N 655 29.89 -10.92 -73.67
N SER N 656 31.17 -11.28 -73.61
CA SER N 656 32.22 -10.29 -73.79
C SER N 656 32.41 -9.92 -75.25
N GLN N 657 32.16 -10.86 -76.17
CA GLN N 657 32.29 -10.64 -77.59
C GLN N 657 30.90 -10.51 -78.21
N LEU N 658 30.69 -9.46 -78.98
CA LEU N 658 29.41 -9.29 -79.64
C LEU N 658 29.35 -10.12 -80.92
N PRO N 659 28.18 -10.68 -81.25
CA PRO N 659 28.05 -11.41 -82.51
C PRO N 659 28.16 -10.47 -83.70
N GLN N 660 28.53 -11.06 -84.83
CA GLN N 660 28.61 -10.30 -86.07
C GLN N 660 27.20 -9.93 -86.54
N VAL N 661 27.02 -8.68 -86.92
CA VAL N 661 25.73 -8.17 -87.36
C VAL N 661 25.64 -8.28 -88.87
N MET N 662 24.58 -8.92 -89.36
CA MET N 662 24.36 -9.08 -90.79
C MET N 662 23.28 -8.17 -91.34
N MET N 663 22.22 -7.93 -90.57
CA MET N 663 21.16 -7.03 -90.99
C MET N 663 20.47 -6.46 -89.76
N THR N 664 19.66 -5.44 -89.98
CA THR N 664 18.88 -4.86 -88.91
C THR N 664 17.85 -5.85 -88.38
N PRO N 665 17.39 -5.67 -87.14
CA PRO N 665 16.32 -6.55 -86.64
C PRO N 665 15.06 -6.51 -87.49
N ARG N 666 14.72 -5.36 -88.08
CA ARG N 666 13.55 -5.31 -88.96
C ARG N 666 13.73 -6.19 -90.18
N ASP N 667 14.91 -6.20 -90.78
CA ASP N 667 15.17 -7.05 -91.93
C ASP N 667 15.05 -8.53 -91.56
N ALA N 668 15.60 -8.90 -90.41
CA ALA N 668 15.48 -10.28 -89.95
C ALA N 668 14.03 -10.67 -89.74
N TYR N 669 13.24 -9.79 -89.12
CA TYR N 669 11.83 -10.12 -88.93
C TYR N 669 11.08 -10.21 -90.25
N GLN N 670 11.39 -9.33 -91.19
CA GLN N 670 10.74 -9.40 -92.49
C GLN N 670 11.12 -10.65 -93.26
N GLN N 671 12.27 -11.25 -92.94
CA GLN N 671 12.54 -12.60 -93.43
C GLN N 671 11.52 -13.60 -92.88
N ILE N 672 11.13 -13.45 -91.62
CA ILE N 672 10.09 -14.30 -91.04
C ILE N 672 8.78 -14.08 -91.78
N VAL N 673 8.44 -12.83 -92.05
CA VAL N 673 7.18 -12.54 -92.73
C VAL N 673 7.18 -13.14 -94.14
N ALA N 674 8.32 -13.09 -94.82
CA ALA N 674 8.44 -13.64 -96.15
C ALA N 674 8.60 -15.16 -96.17
N ASN N 675 8.49 -15.81 -95.01
CA ASN N 675 8.61 -17.27 -94.88
C ASN N 675 9.97 -17.77 -95.31
N ARG N 676 10.99 -16.92 -95.24
CA ARG N 676 12.37 -17.32 -95.54
C ARG N 676 13.13 -17.68 -94.26
N VAL N 677 12.55 -18.56 -93.44
CA VAL N 677 13.19 -18.98 -92.20
C VAL N 677 12.97 -20.47 -92.00
N GLU N 678 13.80 -21.05 -91.13
CA GLU N 678 13.72 -22.48 -90.85
C GLU N 678 14.24 -22.74 -89.44
N ALA N 679 13.83 -23.86 -88.87
CA ALA N 679 14.28 -24.30 -87.56
C ALA N 679 15.59 -25.08 -87.73
N VAL N 680 16.64 -24.62 -87.06
CA VAL N 680 17.98 -25.17 -87.20
C VAL N 680 18.44 -25.69 -85.85
N PRO N 681 18.94 -26.91 -85.75
CA PRO N 681 19.47 -27.39 -84.47
C PRO N 681 20.76 -26.66 -84.10
N VAL N 682 21.11 -26.74 -82.82
CA VAL N 682 22.26 -26.00 -82.30
C VAL N 682 23.55 -26.44 -82.97
N ASP N 683 23.70 -27.75 -83.21
CA ASP N 683 24.93 -28.24 -83.82
C ASP N 683 25.10 -27.81 -85.26
N GLN N 684 24.07 -27.25 -85.89
CA GLN N 684 24.14 -26.78 -87.27
C GLN N 684 24.04 -25.26 -87.38
N LEU N 685 24.28 -24.54 -86.29
CA LEU N 685 24.08 -23.10 -86.26
C LEU N 685 25.22 -22.31 -86.86
N MET N 686 26.33 -22.95 -87.24
CA MET N 686 27.50 -22.22 -87.70
C MET N 686 27.19 -21.46 -88.98
N GLY N 687 27.44 -20.15 -88.97
CA GLY N 687 27.21 -19.30 -90.12
C GLY N 687 25.79 -18.82 -90.29
N ARG N 688 24.85 -19.26 -89.46
CA ARG N 688 23.45 -18.94 -89.64
C ARG N 688 23.10 -17.62 -88.96
N VAL N 689 22.09 -16.94 -89.51
CA VAL N 689 21.61 -15.68 -88.99
C VAL N 689 20.32 -15.95 -88.22
N ALA N 690 20.30 -15.55 -86.95
CA ALA N 690 19.12 -15.77 -86.11
C ALA N 690 17.96 -14.91 -86.60
N ALA N 691 16.78 -15.51 -86.68
CA ALA N 691 15.60 -14.75 -87.10
C ALA N 691 14.98 -13.99 -85.95
N ASN N 692 15.17 -14.45 -84.72
CA ASN N 692 14.69 -13.76 -83.54
C ASN N 692 15.80 -13.72 -82.50
N SER N 693 15.51 -13.09 -81.37
CA SER N 693 16.51 -12.93 -80.31
C SER N 693 16.64 -14.20 -79.49
N ILE N 694 17.86 -14.45 -79.02
CA ILE N 694 18.17 -15.57 -78.15
C ILE N 694 18.54 -15.00 -76.79
N ILE N 695 17.72 -15.31 -75.79
CA ILE N 695 17.92 -14.81 -74.43
C ILE N 695 18.05 -16.01 -73.49
N PRO N 696 19.27 -16.41 -73.17
CA PRO N 696 19.46 -17.49 -72.19
C PRO N 696 19.30 -16.99 -70.76
N TYR N 697 18.82 -17.88 -69.90
CA TYR N 697 18.72 -17.62 -68.47
C TYR N 697 19.55 -18.64 -67.72
N PRO N 698 20.69 -18.27 -67.12
CA PRO N 698 21.29 -16.93 -67.04
C PRO N 698 21.99 -16.53 -68.35
N PRO N 699 22.34 -15.25 -68.51
CA PRO N 699 22.18 -14.12 -67.58
C PRO N 699 20.89 -13.34 -67.75
N GLY N 700 19.97 -13.82 -68.59
CA GLY N 700 18.69 -13.17 -68.73
C GLY N 700 18.66 -11.95 -69.63
N ILE N 701 19.75 -11.66 -70.34
CA ILE N 701 19.78 -10.57 -71.30
C ILE N 701 20.16 -11.18 -72.65
N PRO N 702 19.78 -10.58 -73.77
CA PRO N 702 19.93 -11.26 -75.06
C PRO N 702 21.39 -11.48 -75.42
N MET N 703 21.71 -12.72 -75.81
CA MET N 703 23.04 -13.01 -76.32
C MET N 703 23.13 -12.71 -77.80
N LEU N 704 22.05 -12.96 -78.55
CA LEU N 704 21.95 -12.60 -79.96
C LEU N 704 20.65 -11.86 -80.19
N LEU N 705 20.70 -10.81 -81.00
CA LEU N 705 19.52 -10.14 -81.48
C LEU N 705 19.18 -10.63 -82.89
N SER N 706 17.99 -10.27 -83.36
CA SER N 706 17.58 -10.64 -84.70
C SER N 706 18.51 -10.01 -85.74
N GLY N 707 18.95 -10.80 -86.71
CA GLY N 707 19.84 -10.32 -87.72
C GLY N 707 21.30 -10.42 -87.39
N GLU N 708 21.67 -11.19 -86.37
CA GLU N 708 23.06 -11.35 -85.95
C GLU N 708 23.53 -12.76 -86.27
N ASN N 709 24.77 -12.87 -86.72
CA ASN N 709 25.34 -14.16 -87.08
C ASN N 709 25.70 -14.95 -85.83
N PHE N 710 25.54 -16.27 -85.90
CA PHE N 710 25.89 -17.12 -84.78
C PHE N 710 27.40 -17.32 -84.66
N GLY N 711 28.11 -17.27 -85.78
CA GLY N 711 29.56 -17.40 -85.79
C GLY N 711 30.01 -18.75 -86.31
N ASP N 712 31.34 -18.89 -86.36
CA ASP N 712 31.98 -20.10 -86.88
C ASP N 712 31.99 -21.21 -85.84
N GLU N 713 32.81 -22.24 -86.08
CA GLU N 713 32.84 -23.41 -85.21
C GLU N 713 33.23 -23.04 -83.78
N ASN N 714 34.19 -22.13 -83.62
CA ASN N 714 34.69 -21.76 -82.30
C ASN N 714 33.94 -20.59 -81.69
N SER N 715 32.72 -20.30 -82.17
CA SER N 715 31.98 -19.17 -81.66
C SER N 715 31.57 -19.42 -80.21
N PRO N 716 31.80 -18.48 -79.30
CA PRO N 716 31.39 -18.69 -77.91
C PRO N 716 29.88 -18.77 -77.73
N HIS N 717 29.09 -18.23 -78.65
CA HIS N 717 27.64 -18.22 -78.47
C HIS N 717 27.04 -19.61 -78.69
N ILE N 718 27.46 -20.29 -79.75
CA ILE N 718 27.05 -21.67 -79.95
C ILE N 718 27.56 -22.54 -78.82
N HIS N 719 28.77 -22.25 -78.32
CA HIS N 719 29.32 -23.00 -77.20
C HIS N 719 28.46 -22.84 -75.95
N TYR N 720 28.02 -21.62 -75.67
CA TYR N 720 27.17 -21.40 -74.50
C TYR N 720 25.83 -22.09 -74.65
N LEU N 721 25.24 -22.04 -75.85
CA LEU N 721 23.99 -22.75 -76.08
C LEU N 721 24.17 -24.26 -75.88
N ARG N 722 25.29 -24.79 -76.36
CA ARG N 722 25.59 -26.20 -76.14
C ARG N 722 25.76 -26.52 -74.67
N SER N 723 26.41 -25.64 -73.91
CA SER N 723 26.57 -25.86 -72.49
C SER N 723 25.22 -25.92 -71.78
N LEU N 724 24.31 -24.99 -72.12
CA LEU N 724 22.99 -25.02 -71.51
C LEU N 724 22.24 -26.30 -71.88
N GLN N 725 22.35 -26.72 -73.15
CA GLN N 725 21.70 -27.96 -73.57
C GLN N 725 22.25 -29.16 -72.83
N ALA N 726 23.57 -29.21 -72.64
CA ALA N 726 24.18 -30.31 -71.92
C ALA N 726 23.74 -30.34 -70.46
N TRP N 727 23.65 -29.17 -69.83
CA TRP N 727 23.13 -29.13 -68.46
C TRP N 727 21.70 -29.64 -68.41
N ASP N 728 20.86 -29.23 -69.36
CA ASP N 728 19.49 -29.70 -69.37
C ASP N 728 19.42 -31.22 -69.52
N SER N 729 20.27 -31.77 -70.39
CA SER N 729 20.28 -33.22 -70.59
C SER N 729 20.75 -33.94 -69.32
N GLU N 730 21.75 -33.40 -68.63
CA GLU N 730 22.30 -34.09 -67.48
C GLU N 730 21.40 -34.02 -66.25
N PHE N 731 20.63 -32.94 -66.09
CA PHE N 731 19.83 -32.73 -64.88
C PHE N 731 18.38 -32.44 -65.25
N PRO N 732 17.58 -33.47 -65.49
CA PRO N 732 16.15 -33.26 -65.72
C PRO N 732 15.48 -32.63 -64.50
N GLY N 733 14.52 -31.75 -64.77
CA GLY N 733 13.86 -31.01 -63.73
C GLY N 733 14.56 -29.74 -63.29
N PHE N 734 15.76 -29.47 -63.81
CA PHE N 734 16.53 -28.28 -63.51
C PHE N 734 16.94 -27.58 -64.80
N GLU N 735 16.07 -27.61 -65.79
CA GLU N 735 16.42 -27.15 -67.12
C GLU N 735 16.41 -25.63 -67.20
N HIS N 736 17.40 -25.08 -67.90
CA HIS N 736 17.47 -23.65 -68.12
C HIS N 736 16.38 -23.19 -69.08
N GLU N 737 15.97 -21.94 -68.92
CA GLU N 737 15.07 -21.30 -69.85
C GLU N 737 15.87 -20.47 -70.85
N THR N 738 15.48 -20.55 -72.12
CA THR N 738 16.14 -19.79 -73.18
C THR N 738 15.06 -19.29 -74.14
N GLU N 739 14.73 -18.01 -74.03
CA GLU N 739 13.78 -17.41 -74.96
C GLU N 739 14.37 -17.35 -76.36
N GLY N 740 13.55 -17.65 -77.35
CA GLY N 740 13.97 -17.66 -78.73
C GLY N 740 14.36 -19.01 -79.28
N THR N 741 14.14 -20.09 -78.52
CA THR N 741 14.46 -21.43 -78.96
C THR N 741 13.23 -22.32 -78.84
N GLU N 742 13.22 -23.38 -79.63
CA GLU N 742 12.22 -24.44 -79.53
C GLU N 742 12.90 -25.71 -79.06
N ILE N 743 12.30 -26.37 -78.07
CA ILE N 743 12.89 -27.56 -77.46
C ILE N 743 12.05 -28.75 -77.91
N ILE N 744 12.54 -29.48 -78.91
CA ILE N 744 11.89 -30.67 -79.42
C ILE N 744 12.71 -31.87 -78.96
N ASP N 745 12.02 -32.85 -78.36
CA ASP N 745 12.63 -34.03 -77.73
C ASP N 745 13.88 -33.66 -76.93
N GLY N 746 13.80 -32.56 -76.17
CA GLY N 746 14.91 -32.13 -75.37
C GLY N 746 16.05 -31.48 -76.12
N GLN N 747 15.87 -31.20 -77.41
CA GLN N 747 16.92 -30.64 -78.25
C GLN N 747 16.54 -29.24 -78.67
N TYR N 748 17.53 -28.36 -78.73
CA TYR N 748 17.28 -26.94 -79.00
C TYR N 748 17.19 -26.69 -80.50
N TYR N 749 16.17 -25.93 -80.90
CA TYR N 749 16.01 -25.48 -82.27
C TYR N 749 15.90 -23.96 -82.29
N VAL N 750 16.55 -23.35 -83.28
CA VAL N 750 16.56 -21.89 -83.43
C VAL N 750 16.08 -21.54 -84.83
N MET N 751 15.15 -20.59 -84.91
CA MET N 751 14.66 -20.11 -86.20
C MET N 751 15.73 -19.22 -86.83
N CYS N 752 16.15 -19.59 -88.04
CA CYS N 752 17.24 -18.91 -88.72
C CYS N 752 16.83 -18.52 -90.14
N VAL N 753 17.43 -17.45 -90.64
CA VAL N 753 17.15 -17.00 -92.00
C VAL N 753 17.71 -18.01 -92.99
N LYS N 754 16.87 -18.40 -93.96
CA LYS N 754 17.34 -19.27 -95.03
C LYS N 754 18.39 -18.56 -95.87
N THR N 755 19.49 -19.25 -96.13
CA THR N 755 20.61 -18.65 -96.87
C THR N 755 20.23 -18.43 -98.34
N MET O 1 -38.64 -42.41 -29.75
CA MET O 1 -39.96 -43.00 -29.80
C MET O 1 -40.88 -42.21 -30.71
N ARG O 2 -41.41 -42.88 -31.73
CA ARG O 2 -42.30 -42.25 -32.70
C ARG O 2 -43.57 -43.07 -32.83
N ALA O 3 -44.71 -42.40 -32.68
CA ALA O 3 -46.01 -43.02 -32.86
C ALA O 3 -46.66 -42.47 -34.13
N LEU O 4 -47.22 -43.37 -34.94
CA LEU O 4 -47.92 -42.99 -36.16
C LEU O 4 -49.41 -43.14 -35.93
N ILE O 5 -50.15 -42.07 -36.21
CA ILE O 5 -51.60 -42.05 -36.06
C ILE O 5 -52.23 -41.90 -37.44
N VAL O 6 -53.01 -42.89 -37.85
CA VAL O 6 -53.66 -42.90 -39.15
C VAL O 6 -55.15 -43.10 -38.91
N TYR O 7 -55.93 -42.03 -39.03
CA TYR O 7 -57.38 -42.12 -38.91
C TYR O 7 -58.01 -41.31 -40.03
N THR O 8 -59.14 -41.80 -40.55
CA THR O 8 -59.76 -41.15 -41.70
C THR O 8 -61.05 -40.46 -41.33
N GLU O 9 -62.07 -41.19 -40.88
CA GLU O 9 -63.37 -40.60 -40.51
C GLU O 9 -64.00 -41.54 -39.49
N LEU O 10 -63.87 -41.21 -38.21
CA LEU O 10 -64.42 -42.07 -37.18
C LEU O 10 -65.83 -41.64 -36.77
N THR O 11 -66.11 -40.34 -36.80
CA THR O 11 -67.42 -39.81 -36.45
C THR O 11 -68.03 -39.12 -37.65
N ASP O 12 -69.37 -39.04 -37.65
CA ASP O 12 -70.07 -38.35 -38.72
C ASP O 12 -69.66 -36.89 -38.82
N LYS O 13 -69.24 -36.28 -37.71
CA LYS O 13 -68.70 -34.93 -37.71
C LYS O 13 -67.24 -35.01 -37.33
N ASP O 14 -66.38 -34.45 -38.18
CA ASP O 14 -64.94 -34.66 -38.09
C ASP O 14 -64.36 -34.10 -36.79
N SER O 15 -64.96 -33.03 -36.25
CA SER O 15 -64.31 -32.31 -35.17
C SER O 15 -64.16 -33.13 -33.90
N VAL O 16 -65.08 -34.08 -33.66
CA VAL O 16 -65.01 -34.87 -32.42
C VAL O 16 -63.74 -35.73 -32.41
N ILE O 17 -63.57 -36.54 -33.45
CA ILE O 17 -62.40 -37.42 -33.50
C ILE O 17 -61.13 -36.61 -33.64
N SER O 18 -61.19 -35.50 -34.38
CA SER O 18 -60.00 -34.66 -34.52
C SER O 18 -59.55 -34.09 -33.17
N HIS O 19 -60.50 -33.60 -32.38
CA HIS O 19 -60.14 -33.06 -31.06
C HIS O 19 -59.64 -34.15 -30.13
N ALA O 20 -60.26 -35.34 -30.17
CA ALA O 20 -59.78 -36.42 -29.34
C ALA O 20 -58.36 -36.83 -29.72
N VAL O 21 -58.08 -36.91 -31.02
CA VAL O 21 -56.75 -37.27 -31.49
C VAL O 21 -55.74 -36.19 -31.13
N ALA O 22 -56.16 -34.91 -31.20
CA ALA O 22 -55.27 -33.83 -30.80
C ALA O 22 -54.91 -33.92 -29.33
N ARG O 23 -55.89 -34.21 -28.48
CA ARG O 23 -55.59 -34.39 -27.06
C ARG O 23 -54.64 -35.55 -26.83
N LEU O 24 -54.87 -36.67 -27.53
CA LEU O 24 -53.97 -37.81 -27.38
C LEU O 24 -52.57 -37.49 -27.85
N ALA O 25 -52.44 -36.77 -28.96
CA ALA O 25 -51.13 -36.40 -29.47
C ALA O 25 -50.41 -35.48 -28.50
N SER O 26 -51.12 -34.54 -27.89
CA SER O 26 -50.51 -33.67 -26.89
C SER O 26 -50.01 -34.48 -25.70
N GLU O 27 -50.82 -35.43 -25.21
CA GLU O 27 -50.39 -36.25 -24.10
C GLU O 27 -49.20 -37.15 -24.47
N LEU O 28 -49.14 -37.61 -25.72
CA LEU O 28 -48.01 -38.42 -26.15
C LEU O 28 -46.75 -37.57 -26.26
N ASN O 29 -46.88 -36.34 -26.74
CA ASN O 29 -45.71 -35.47 -26.82
C ASN O 29 -45.20 -35.09 -25.44
N ASP O 30 -46.11 -34.97 -24.46
CA ASP O 30 -45.67 -34.67 -23.10
C ASP O 30 -44.87 -35.81 -22.47
N GLU O 31 -44.98 -37.02 -22.99
CA GLU O 31 -44.14 -38.13 -22.54
C GLU O 31 -43.04 -38.45 -23.54
N HIS O 32 -42.66 -37.48 -24.38
CA HIS O 32 -41.53 -37.60 -25.30
C HIS O 32 -41.73 -38.69 -26.35
N VAL O 33 -42.97 -38.89 -26.79
CA VAL O 33 -43.25 -39.71 -27.96
C VAL O 33 -43.63 -38.77 -29.09
N GLU O 34 -42.82 -38.74 -30.14
CA GLU O 34 -43.14 -37.94 -31.31
C GLU O 34 -44.31 -38.56 -32.06
N THR O 35 -45.20 -37.72 -32.57
CA THR O 35 -46.41 -38.19 -33.23
C THR O 35 -46.47 -37.65 -34.66
N VAL O 36 -46.82 -38.54 -35.59
CA VAL O 36 -47.13 -38.17 -36.96
C VAL O 36 -48.60 -38.50 -37.18
N ILE O 37 -49.39 -37.49 -37.55
CA ILE O 37 -50.82 -37.64 -37.73
C ILE O 37 -51.13 -37.61 -39.22
N ILE O 38 -51.79 -38.65 -39.70
CA ILE O 38 -52.08 -38.84 -41.12
C ILE O 38 -53.56 -39.16 -41.28
N ARG O 39 -54.21 -38.52 -42.24
CA ARG O 39 -55.65 -38.64 -42.42
C ARG O 39 -56.05 -39.59 -43.54
N ASP O 40 -55.11 -40.23 -44.22
CA ASP O 40 -55.43 -41.09 -45.35
C ASP O 40 -54.54 -42.31 -45.33
N PHE O 41 -55.12 -43.47 -45.67
CA PHE O 41 -54.36 -44.72 -45.59
C PHE O 41 -53.30 -44.80 -46.67
N GLU O 42 -53.51 -44.17 -47.82
CA GLU O 42 -52.47 -44.14 -48.84
C GLU O 42 -51.28 -43.29 -48.41
N ASP O 43 -51.57 -42.15 -47.77
CA ASP O 43 -50.50 -41.34 -47.20
C ASP O 43 -49.75 -42.08 -46.12
N GLY O 44 -50.48 -42.82 -45.27
CA GLY O 44 -49.83 -43.62 -44.25
C GLY O 44 -48.97 -44.73 -44.84
N LEU O 45 -49.45 -45.33 -45.93
CA LEU O 45 -48.66 -46.35 -46.63
C LEU O 45 -47.38 -45.76 -47.20
N ALA O 46 -47.47 -44.57 -47.80
CA ALA O 46 -46.28 -43.90 -48.32
C ALA O 46 -45.31 -43.58 -47.18
N TYR O 47 -45.83 -43.11 -46.05
CA TYR O 47 -44.98 -42.84 -44.90
C TYR O 47 -44.28 -44.10 -44.42
N ILE O 48 -45.01 -45.22 -44.34
CA ILE O 48 -44.43 -46.47 -43.86
C ILE O 48 -43.36 -46.96 -44.83
N ARG O 49 -43.56 -46.77 -46.13
CA ARG O 49 -42.58 -47.24 -47.10
C ARG O 49 -41.30 -46.39 -47.11
N SER O 50 -41.29 -45.25 -46.43
CA SER O 50 -40.04 -44.58 -46.15
C SER O 50 -39.40 -45.20 -44.91
N ASN O 51 -38.09 -45.43 -44.98
CA ASN O 51 -37.39 -46.21 -43.95
C ASN O 51 -37.26 -45.36 -42.68
N THR O 52 -38.42 -45.08 -42.08
CA THR O 52 -38.51 -44.34 -40.83
C THR O 52 -38.95 -45.28 -39.73
N SER O 53 -38.27 -45.23 -38.60
CA SER O 53 -38.60 -46.11 -37.49
C SER O 53 -39.92 -45.68 -36.86
N ILE O 54 -40.85 -46.63 -36.74
CA ILE O 54 -42.14 -46.40 -36.12
C ILE O 54 -42.25 -47.32 -34.92
N ASP O 55 -42.51 -46.75 -33.75
CA ASP O 55 -42.56 -47.53 -32.53
C ASP O 55 -43.96 -47.99 -32.16
N CYS O 56 -44.99 -47.36 -32.70
CA CYS O 56 -46.36 -47.74 -32.41
C CYS O 56 -47.27 -47.18 -33.49
N LEU O 57 -48.26 -47.98 -33.88
CA LEU O 57 -49.27 -47.57 -34.86
C LEU O 57 -50.62 -47.49 -34.17
N LEU O 58 -51.24 -46.32 -34.23
CA LEU O 58 -52.61 -46.13 -33.77
C LEU O 58 -53.46 -45.74 -34.96
N TYR O 59 -54.46 -46.56 -35.26
CA TYR O 59 -55.27 -46.33 -36.44
C TYR O 59 -56.75 -46.44 -36.11
N GLY O 60 -57.55 -45.77 -36.92
CA GLY O 60 -59.00 -45.92 -36.87
C GLY O 60 -59.56 -45.68 -38.25
N ARG O 61 -60.68 -46.34 -38.54
CA ARG O 61 -61.35 -46.23 -39.82
C ARG O 61 -62.83 -45.91 -39.60
N ASP O 62 -63.58 -45.96 -40.70
CA ASP O 62 -65.02 -45.74 -40.62
C ASP O 62 -65.71 -46.83 -39.79
N MET O 63 -65.21 -48.06 -39.87
CA MET O 63 -65.64 -49.26 -39.17
C MET O 63 -66.92 -49.84 -39.77
N SER O 64 -67.56 -49.16 -40.71
CA SER O 64 -68.64 -49.73 -41.50
C SER O 64 -68.29 -49.88 -42.97
N ASP O 65 -67.08 -49.52 -43.37
CA ASP O 65 -66.63 -49.59 -44.75
C ASP O 65 -65.66 -50.75 -44.91
N ARG O 66 -66.00 -51.70 -45.78
CA ARG O 66 -65.09 -52.82 -46.01
C ARG O 66 -63.85 -52.40 -46.78
N ASP O 67 -63.96 -51.38 -47.63
CA ASP O 67 -62.79 -50.89 -48.36
C ASP O 67 -61.76 -50.32 -47.42
N GLU O 68 -62.19 -49.53 -46.42
CA GLU O 68 -61.25 -49.02 -45.44
C GLU O 68 -60.69 -50.13 -44.57
N GLN O 69 -61.47 -51.18 -44.33
CA GLN O 69 -60.94 -52.33 -43.61
C GLN O 69 -59.81 -53.00 -44.39
N ILE O 70 -60.00 -53.18 -45.70
CA ILE O 70 -58.96 -53.75 -46.54
C ILE O 70 -57.73 -52.85 -46.55
N GLN O 71 -57.95 -51.54 -46.64
CA GLN O 71 -56.83 -50.59 -46.64
C GLN O 71 -56.06 -50.63 -45.33
N ALA O 72 -56.76 -50.71 -44.20
CA ALA O 72 -56.10 -50.78 -42.90
C ALA O 72 -55.31 -52.07 -42.75
N HIS O 73 -55.87 -53.19 -43.21
CA HIS O 73 -55.13 -54.44 -43.16
C HIS O 73 -53.88 -54.37 -44.01
N ARG O 74 -53.99 -53.76 -45.19
CA ARG O 74 -52.83 -53.55 -46.06
C ARG O 74 -51.77 -52.70 -45.37
N LEU O 75 -52.20 -51.64 -44.70
CA LEU O 75 -51.25 -50.76 -44.00
C LEU O 75 -50.51 -51.53 -42.90
N ILE O 76 -51.23 -52.34 -42.12
CA ILE O 76 -50.59 -53.06 -41.04
C ILE O 76 -49.64 -54.13 -41.58
N THR O 77 -50.04 -54.82 -42.66
CA THR O 77 -49.16 -55.80 -43.27
C THR O 77 -47.88 -55.14 -43.81
N GLN O 78 -48.03 -53.99 -44.47
CA GLN O 78 -46.87 -53.27 -44.96
C GLN O 78 -45.95 -52.86 -43.82
N LEU O 79 -46.53 -52.36 -42.72
CA LEU O 79 -45.72 -51.98 -41.57
C LEU O 79 -44.95 -53.17 -41.02
N HIS O 80 -45.59 -54.32 -40.92
CA HIS O 80 -44.91 -55.48 -40.35
C HIS O 80 -43.99 -56.19 -41.33
N ARG O 81 -43.97 -55.78 -42.60
CA ARG O 81 -42.97 -56.33 -43.52
C ARG O 81 -41.56 -56.12 -43.01
N ARG O 82 -41.22 -54.89 -42.62
CA ARG O 82 -39.88 -54.58 -42.13
C ARG O 82 -39.84 -54.17 -40.67
N GLN O 83 -40.97 -53.91 -40.04
CA GLN O 83 -41.04 -53.57 -38.62
C GLN O 83 -42.06 -54.52 -38.01
N GLU O 84 -41.59 -55.72 -37.67
CA GLU O 84 -42.47 -56.88 -37.56
C GLU O 84 -43.37 -56.83 -36.33
N ASP O 85 -42.84 -56.44 -35.18
CA ASP O 85 -43.60 -56.56 -33.93
C ASP O 85 -44.04 -55.21 -33.38
N VAL O 86 -44.17 -54.21 -34.23
CA VAL O 86 -44.62 -52.88 -33.78
C VAL O 86 -46.04 -53.00 -33.24
N PRO O 87 -46.32 -52.49 -32.04
CA PRO O 87 -47.69 -52.57 -31.49
C PRO O 87 -48.68 -51.79 -32.35
N VAL O 88 -49.89 -52.33 -32.46
CA VAL O 88 -50.97 -51.70 -33.21
C VAL O 88 -52.12 -51.43 -32.26
N PHE O 89 -52.49 -50.17 -32.12
CA PHE O 89 -53.64 -49.75 -31.33
C PHE O 89 -54.79 -49.41 -32.27
N LEU O 90 -55.97 -49.92 -31.97
CA LEU O 90 -57.18 -49.56 -32.70
C LEU O 90 -57.88 -48.41 -31.99
N LEU O 91 -57.97 -47.26 -32.66
CA LEU O 91 -58.73 -46.13 -32.16
C LEU O 91 -60.14 -46.22 -32.72
N SER O 92 -61.13 -46.30 -31.85
CA SER O 92 -62.50 -46.49 -32.32
C SER O 92 -63.48 -46.11 -31.23
N ASP O 93 -64.69 -45.77 -31.66
CA ASP O 93 -65.83 -45.77 -30.75
C ASP O 93 -66.07 -47.20 -30.27
N ARG O 94 -66.40 -47.33 -28.98
CA ARG O 94 -66.42 -48.66 -28.36
C ARG O 94 -67.43 -49.59 -29.02
N GLU O 95 -68.65 -49.11 -29.25
CA GLU O 95 -69.69 -49.99 -29.78
C GLU O 95 -69.37 -50.46 -31.19
N GLU O 96 -68.87 -49.56 -32.02
CA GLU O 96 -68.51 -49.92 -33.39
C GLU O 96 -67.42 -50.99 -33.40
N ALA O 97 -66.40 -50.83 -32.55
CA ALA O 97 -65.34 -51.83 -32.49
C ALA O 97 -65.85 -53.15 -31.96
N LEU O 98 -66.73 -53.11 -30.94
CA LEU O 98 -67.22 -54.34 -30.35
C LEU O 98 -68.10 -55.13 -31.31
N VAL O 99 -68.91 -54.45 -32.13
CA VAL O 99 -69.71 -55.21 -33.10
C VAL O 99 -68.85 -55.79 -34.21
N ALA O 100 -67.69 -55.21 -34.49
CA ALA O 100 -66.77 -55.73 -35.50
C ALA O 100 -65.74 -56.69 -34.94
N PHE O 101 -65.81 -57.00 -33.65
CA PHE O 101 -64.81 -57.84 -33.01
C PHE O 101 -64.89 -59.28 -33.50
N ASP O 102 -63.74 -59.84 -33.87
CA ASP O 102 -63.65 -61.23 -34.26
C ASP O 102 -62.20 -61.66 -34.21
N ARG O 103 -61.94 -62.91 -34.60
CA ARG O 103 -60.58 -63.44 -34.62
C ARG O 103 -59.70 -62.68 -35.60
N ASN O 104 -60.25 -62.35 -36.77
CA ASN O 104 -59.47 -61.66 -37.79
C ASN O 104 -59.06 -60.27 -37.34
N MET O 105 -59.92 -59.58 -36.59
CA MET O 105 -59.52 -58.30 -36.00
C MET O 105 -58.37 -58.48 -35.02
N MET O 106 -58.47 -59.45 -34.12
CA MET O 106 -57.43 -59.64 -33.12
C MET O 106 -56.13 -60.16 -33.72
N GLU O 107 -56.16 -60.70 -34.94
CA GLU O 107 -54.92 -61.11 -35.57
C GLU O 107 -54.00 -59.93 -35.86
N GLN O 108 -54.56 -58.74 -36.04
CA GLN O 108 -53.75 -57.56 -36.37
C GLN O 108 -53.80 -56.45 -35.33
N VAL O 109 -54.70 -56.52 -34.35
CA VAL O 109 -54.83 -55.48 -33.34
C VAL O 109 -54.26 -56.00 -32.02
N ASP O 110 -53.35 -55.24 -31.43
CA ASP O 110 -52.81 -55.60 -30.13
C ASP O 110 -53.58 -54.99 -28.97
N GLU O 111 -54.06 -53.76 -29.12
CA GLU O 111 -54.76 -53.09 -28.03
C GLU O 111 -55.88 -52.22 -28.55
N PHE O 112 -56.84 -51.96 -27.66
CA PHE O 112 -57.98 -51.10 -27.94
C PHE O 112 -57.77 -49.75 -27.26
N ALA O 113 -58.15 -48.68 -27.96
CA ALA O 113 -58.11 -47.33 -27.41
C ALA O 113 -59.46 -46.69 -27.68
N TRP O 114 -60.34 -46.66 -26.68
CA TRP O 114 -61.64 -46.02 -26.81
C TRP O 114 -61.43 -44.52 -26.75
N ILE O 115 -61.06 -43.95 -27.89
CA ILE O 115 -60.59 -42.57 -27.96
C ILE O 115 -61.64 -41.56 -27.53
N LEU O 116 -62.93 -41.88 -27.64
CA LEU O 116 -63.99 -40.92 -27.36
C LEU O 116 -64.53 -41.01 -25.94
N GLU O 117 -64.12 -41.99 -25.14
CA GLU O 117 -64.61 -42.11 -23.78
C GLU O 117 -63.51 -42.40 -22.77
N ASP O 118 -62.25 -42.26 -23.17
CA ASP O 118 -61.12 -42.54 -22.30
C ASP O 118 -60.23 -41.31 -22.22
N SER O 119 -59.60 -41.15 -21.07
CA SER O 119 -58.64 -40.06 -20.91
C SER O 119 -57.44 -40.28 -21.81
N ALA O 120 -56.96 -39.19 -22.42
CA ALA O 120 -55.77 -39.30 -23.27
C ALA O 120 -54.55 -39.72 -22.47
N ASP O 121 -54.52 -39.40 -21.18
CA ASP O 121 -53.38 -39.78 -20.35
C ASP O 121 -53.28 -41.30 -20.19
N PHE O 122 -54.40 -41.97 -19.98
CA PHE O 122 -54.39 -43.43 -19.84
C PHE O 122 -53.92 -44.10 -21.13
N ILE O 123 -54.45 -43.65 -22.27
CA ILE O 123 -54.04 -44.22 -23.54
C ILE O 123 -52.57 -43.94 -23.82
N ALA O 124 -52.11 -42.73 -23.49
CA ALA O 124 -50.71 -42.40 -23.70
C ALA O 124 -49.80 -43.28 -22.84
N GLY O 125 -50.19 -43.52 -21.59
CA GLY O 125 -49.41 -44.40 -20.75
C GLY O 125 -49.34 -45.82 -21.30
N ARG O 126 -50.47 -46.33 -21.78
CA ARG O 126 -50.47 -47.67 -22.36
C ARG O 126 -49.62 -47.73 -23.62
N VAL O 127 -49.67 -46.67 -24.44
CA VAL O 127 -48.85 -46.61 -25.65
C VAL O 127 -47.37 -46.60 -25.28
N LEU O 128 -46.99 -45.84 -24.27
CA LEU O 128 -45.60 -45.80 -23.85
C LEU O 128 -45.14 -47.16 -23.34
N ALA O 129 -45.98 -47.84 -22.56
CA ALA O 129 -45.62 -49.18 -22.10
C ALA O 129 -45.43 -50.14 -23.26
N ALA O 130 -46.32 -50.07 -24.26
CA ALA O 130 -46.19 -50.94 -25.42
C ALA O 130 -44.91 -50.63 -26.19
N ILE O 131 -44.58 -49.34 -26.34
CA ILE O 131 -43.37 -48.95 -27.06
C ILE O 131 -42.14 -49.47 -26.34
N GLN O 132 -42.11 -49.37 -25.01
CA GLN O 132 -40.96 -49.87 -24.25
C GLN O 132 -40.84 -51.37 -24.39
N ARG O 133 -41.96 -52.08 -24.32
CA ARG O 133 -41.93 -53.53 -24.53
C ARG O 133 -41.37 -53.88 -25.89
N TYR O 134 -41.80 -53.16 -26.93
CA TYR O 134 -41.31 -53.42 -28.27
C TYR O 134 -39.82 -53.13 -28.39
N ARG O 135 -39.36 -52.02 -27.84
CA ARG O 135 -37.95 -51.65 -27.94
C ARG O 135 -37.06 -52.63 -27.19
N SER O 136 -37.56 -53.21 -26.10
CA SER O 136 -36.72 -54.09 -25.31
C SER O 136 -36.41 -55.42 -26.01
N GLN O 137 -37.19 -55.79 -27.03
CA GLN O 137 -36.96 -57.04 -27.75
C GLN O 137 -36.35 -56.83 -29.12
N LEU O 138 -35.98 -55.59 -29.46
CA LEU O 138 -35.62 -55.28 -30.83
C LEU O 138 -34.23 -55.77 -31.22
N LEU O 139 -33.27 -55.73 -30.29
CA LEU O 139 -31.93 -56.00 -30.78
C LEU O 139 -31.56 -57.47 -30.63
N PRO O 140 -30.71 -57.98 -31.52
CA PRO O 140 -30.18 -59.34 -31.37
C PRO O 140 -29.23 -59.42 -30.19
N PRO O 141 -28.92 -60.63 -29.70
CA PRO O 141 -28.28 -60.72 -28.37
C PRO O 141 -26.89 -60.11 -28.28
N LEU O 142 -26.00 -60.44 -29.21
CA LEU O 142 -24.63 -59.94 -29.13
C LEU O 142 -24.60 -58.42 -29.22
N MET O 143 -25.36 -57.84 -30.15
CA MET O 143 -25.37 -56.40 -30.29
C MET O 143 -25.92 -55.73 -29.05
N LYS O 144 -26.97 -56.31 -28.47
CA LYS O 144 -27.55 -55.78 -27.24
C LYS O 144 -26.56 -55.79 -26.10
N SER O 145 -25.85 -56.91 -25.91
CA SER O 145 -24.88 -56.98 -24.82
C SER O 145 -23.71 -56.03 -25.05
N LEU O 146 -23.25 -55.90 -26.30
CA LEU O 146 -22.17 -54.97 -26.58
C LEU O 146 -22.59 -53.52 -26.30
N ILE O 147 -23.80 -53.15 -26.69
CA ILE O 147 -24.27 -51.80 -26.42
C ILE O 147 -24.39 -51.57 -24.92
N LYS O 148 -24.90 -52.57 -24.19
CA LYS O 148 -25.02 -52.44 -22.75
C LYS O 148 -23.66 -52.27 -22.08
N TYR O 149 -22.66 -53.02 -22.54
CA TYR O 149 -21.34 -52.92 -21.93
C TYR O 149 -20.62 -51.65 -22.33
N SER O 150 -20.95 -51.06 -23.49
CA SER O 150 -20.24 -49.90 -23.99
C SER O 150 -20.28 -48.70 -23.06
N ASP O 151 -21.25 -48.62 -22.15
CA ASP O 151 -21.29 -47.49 -21.22
C ASP O 151 -20.16 -47.54 -20.18
N VAL O 152 -19.54 -48.70 -19.97
CA VAL O 152 -18.43 -48.78 -19.03
C VAL O 152 -17.23 -48.02 -19.57
N HIS O 153 -16.63 -47.17 -18.73
CA HIS O 153 -15.50 -46.36 -19.15
C HIS O 153 -14.27 -46.52 -18.28
N GLU O 154 -14.28 -47.44 -17.32
CA GLU O 154 -13.18 -47.59 -16.39
C GLU O 154 -11.96 -48.20 -17.07
N TYR O 155 -10.79 -47.76 -16.64
CA TYR O 155 -9.53 -48.32 -17.11
C TYR O 155 -9.39 -49.75 -16.61
N SER O 156 -9.60 -50.72 -17.48
CA SER O 156 -9.14 -52.06 -17.19
C SER O 156 -7.62 -52.09 -17.27
N TRP O 157 -7.02 -53.02 -16.55
CA TRP O 157 -5.56 -53.13 -16.52
C TRP O 157 -5.08 -54.23 -17.45
N ALA O 158 -5.73 -54.36 -18.60
CA ALA O 158 -5.44 -55.39 -19.57
C ALA O 158 -5.58 -54.83 -20.98
N ALA O 159 -5.21 -55.64 -21.96
CA ALA O 159 -5.31 -55.24 -23.36
C ALA O 159 -6.77 -55.22 -23.80
N PRO O 160 -7.11 -54.49 -24.88
CA PRO O 160 -6.25 -53.67 -25.76
C PRO O 160 -5.72 -52.40 -25.09
N GLY O 161 -4.55 -51.97 -25.54
CA GLY O 161 -3.86 -50.85 -24.92
C GLY O 161 -4.55 -49.51 -25.07
N HIS O 162 -5.32 -49.32 -26.14
CA HIS O 162 -5.94 -48.02 -26.35
C HIS O 162 -7.03 -47.73 -25.33
N GLN O 163 -7.56 -48.76 -24.65
CA GLN O 163 -8.47 -48.60 -23.51
C GLN O 163 -9.70 -47.79 -23.89
N GLY O 164 -10.48 -48.34 -24.82
CA GLY O 164 -11.70 -47.67 -25.25
C GLY O 164 -11.46 -46.41 -26.04
N GLY O 165 -10.34 -46.30 -26.72
CA GLY O 165 -10.03 -45.15 -27.54
C GLY O 165 -9.31 -44.02 -26.84
N VAL O 166 -9.10 -44.11 -25.53
CA VAL O 166 -8.41 -43.06 -24.80
C VAL O 166 -6.99 -42.88 -25.32
N GLY O 167 -6.32 -43.98 -25.67
CA GLY O 167 -4.95 -43.90 -26.12
C GLY O 167 -4.77 -43.08 -27.38
N PHE O 168 -5.75 -43.10 -28.28
CA PHE O 168 -5.65 -42.32 -29.51
C PHE O 168 -5.67 -40.82 -29.24
N THR O 169 -6.37 -40.38 -28.20
CA THR O 169 -6.53 -38.95 -27.99
C THR O 169 -5.35 -38.35 -27.22
N LYS O 170 -4.13 -38.64 -27.66
CA LYS O 170 -2.95 -38.09 -27.03
C LYS O 170 -2.00 -37.41 -28.00
N THR O 171 -2.15 -37.63 -29.31
CA THR O 171 -1.51 -36.87 -30.35
C THR O 171 -2.58 -36.22 -31.21
N PRO O 172 -2.26 -35.13 -31.91
CA PRO O 172 -3.27 -34.50 -32.78
C PRO O 172 -3.78 -35.43 -33.88
N ALA O 173 -2.90 -36.20 -34.52
CA ALA O 173 -3.35 -37.12 -35.55
C ALA O 173 -4.23 -38.20 -34.96
N GLY O 174 -3.86 -38.72 -33.79
CA GLY O 174 -4.72 -39.66 -33.10
C GLY O 174 -6.07 -39.09 -32.76
N ARG O 175 -6.12 -37.80 -32.39
CA ARG O 175 -7.40 -37.17 -32.08
C ARG O 175 -8.27 -37.03 -33.33
N ILE O 176 -7.65 -36.68 -34.46
CA ILE O 176 -8.40 -36.62 -35.72
C ILE O 176 -8.95 -38.00 -36.07
N TYR O 177 -8.12 -39.04 -35.95
CA TYR O 177 -8.55 -40.39 -36.24
C TYR O 177 -9.69 -40.83 -35.32
N HIS O 178 -9.56 -40.52 -34.03
CA HIS O 178 -10.58 -40.90 -33.05
C HIS O 178 -11.89 -40.19 -33.32
N ASP O 179 -11.84 -38.90 -33.67
CA ASP O 179 -13.07 -38.19 -33.98
C ASP O 179 -13.70 -38.69 -35.27
N PHE O 180 -12.88 -39.07 -36.25
CA PHE O 180 -13.41 -39.60 -37.50
C PHE O 180 -14.17 -40.91 -37.27
N PHE O 181 -13.53 -41.86 -36.57
CA PHE O 181 -14.17 -43.16 -36.43
C PHE O 181 -15.20 -43.22 -35.31
N GLY O 182 -15.19 -42.27 -34.38
CA GLY O 182 -16.18 -42.24 -33.34
C GLY O 182 -15.83 -43.09 -32.14
N GLU O 183 -16.43 -42.74 -31.00
CA GLU O 183 -16.05 -43.34 -29.72
C GLU O 183 -16.56 -44.77 -29.58
N ASN O 184 -17.77 -45.05 -30.09
CA ASN O 184 -18.41 -46.33 -29.82
C ASN O 184 -17.66 -47.50 -30.46
N LEU O 185 -17.01 -47.27 -31.60
CA LEU O 185 -16.21 -48.33 -32.20
C LEU O 185 -15.09 -48.77 -31.27
N PHE O 186 -14.40 -47.82 -30.65
CA PHE O 186 -13.31 -48.17 -29.76
C PHE O 186 -13.81 -48.70 -28.43
N ARG O 187 -14.99 -48.27 -27.99
CA ARG O 187 -15.47 -48.76 -26.71
C ARG O 187 -16.02 -50.18 -26.78
N THR O 188 -16.28 -50.70 -27.99
CA THR O 188 -16.65 -52.10 -28.14
C THR O 188 -15.45 -53.02 -28.33
N ASP O 189 -14.27 -52.46 -28.60
CA ASP O 189 -13.04 -53.25 -28.73
C ASP O 189 -12.54 -53.54 -27.32
N ILE O 190 -13.09 -54.59 -26.71
CA ILE O 190 -12.94 -54.80 -25.27
C ILE O 190 -12.08 -56.00 -24.93
N GLY O 191 -11.71 -56.83 -25.90
CA GLY O 191 -10.98 -58.04 -25.59
C GLY O 191 -11.89 -59.19 -25.25
N ILE O 192 -11.29 -60.36 -25.12
CA ILE O 192 -12.04 -61.61 -24.92
C ILE O 192 -12.11 -61.99 -23.45
N GLU O 193 -11.80 -61.07 -22.54
CA GLU O 193 -11.73 -61.37 -21.11
C GLU O 193 -12.81 -60.67 -20.30
N ARG O 194 -13.88 -60.22 -20.95
CA ARG O 194 -14.99 -59.58 -20.26
C ARG O 194 -16.16 -60.56 -20.25
N VAL O 195 -16.40 -61.17 -19.08
CA VAL O 195 -17.40 -62.23 -18.96
C VAL O 195 -18.82 -61.75 -19.11
N ALA O 196 -19.06 -60.43 -19.03
CA ALA O 196 -20.39 -59.91 -19.26
C ALA O 196 -20.87 -60.21 -20.67
N VAL O 197 -19.96 -60.15 -21.64
CA VAL O 197 -20.30 -60.41 -23.04
C VAL O 197 -20.02 -61.86 -23.42
N GLY O 198 -18.91 -62.42 -22.97
CA GLY O 198 -18.50 -63.75 -23.36
C GLY O 198 -17.28 -63.68 -24.26
N SER O 199 -16.96 -64.83 -24.85
CA SER O 199 -15.82 -64.93 -25.74
C SER O 199 -16.23 -65.63 -27.03
N LEU O 200 -15.73 -65.11 -28.15
CA LEU O 200 -16.08 -65.68 -29.46
C LEU O 200 -15.47 -67.07 -29.64
N LEU O 201 -14.20 -67.24 -29.29
CA LEU O 201 -13.53 -68.51 -29.55
C LEU O 201 -14.05 -69.62 -28.66
N ASP O 202 -14.56 -69.29 -27.48
CA ASP O 202 -15.17 -70.28 -26.61
C ASP O 202 -16.65 -70.50 -26.90
N HIS O 203 -17.25 -69.66 -27.75
CA HIS O 203 -18.67 -69.74 -28.09
C HIS O 203 -19.54 -69.69 -26.85
N THR O 204 -19.19 -68.81 -25.91
CA THR O 204 -19.92 -68.67 -24.67
C THR O 204 -20.59 -67.30 -24.59
N GLY O 205 -21.60 -67.22 -23.72
CA GLY O 205 -22.28 -65.96 -23.49
C GLY O 205 -23.06 -65.51 -24.70
N ALA O 206 -23.02 -64.20 -24.93
CA ALA O 206 -23.73 -63.60 -26.06
C ALA O 206 -23.24 -64.14 -27.39
N PHE O 207 -21.99 -64.58 -27.48
CA PHE O 207 -21.51 -65.17 -28.71
C PHE O 207 -22.16 -66.52 -28.98
N GLY O 208 -22.31 -67.35 -27.95
CA GLY O 208 -23.06 -68.58 -28.11
C GLY O 208 -24.51 -68.32 -28.48
N GLU O 209 -25.13 -67.34 -27.83
CA GLU O 209 -26.50 -66.97 -28.19
C GLU O 209 -26.61 -66.55 -29.64
N CYS O 210 -25.67 -65.71 -30.09
CA CYS O 210 -25.71 -65.21 -31.47
C CYS O 210 -25.51 -66.34 -32.47
N GLU O 211 -24.60 -67.27 -32.17
CA GLU O 211 -24.39 -68.38 -33.09
C GLU O 211 -25.60 -69.31 -33.15
N LYS O 212 -26.25 -69.55 -32.00
CA LYS O 212 -27.48 -70.35 -32.03
C LYS O 212 -28.57 -69.64 -32.82
N ASN O 213 -28.70 -68.32 -32.64
CA ASN O 213 -29.67 -67.54 -33.38
C ASN O 213 -29.40 -67.60 -34.89
N ALA O 214 -28.13 -67.49 -35.27
CA ALA O 214 -27.77 -67.55 -36.69
C ALA O 214 -28.03 -68.94 -37.27
N ALA O 215 -27.75 -69.99 -36.49
CA ALA O 215 -28.04 -71.34 -36.96
C ALA O 215 -29.52 -71.54 -37.19
N ARG O 216 -30.35 -71.00 -36.28
CA ARG O 216 -31.79 -71.05 -36.49
C ARG O 216 -32.22 -70.29 -37.74
N ILE O 217 -31.70 -69.06 -37.90
CA ILE O 217 -32.14 -68.21 -39.00
C ILE O 217 -31.74 -68.79 -40.35
N PHE O 218 -30.53 -69.35 -40.45
CA PHE O 218 -30.03 -69.87 -41.70
C PHE O 218 -30.30 -71.35 -41.89
N GLY O 219 -31.02 -71.98 -40.97
CA GLY O 219 -31.40 -73.38 -41.12
C GLY O 219 -30.25 -74.37 -41.03
N ALA O 220 -29.30 -74.15 -40.14
CA ALA O 220 -28.20 -75.07 -39.93
C ALA O 220 -28.30 -75.72 -38.56
N ASP O 221 -27.63 -76.87 -38.41
CA ASP O 221 -27.51 -77.47 -37.09
C ASP O 221 -26.59 -76.65 -36.19
N GLN O 222 -25.44 -76.24 -36.71
CA GLN O 222 -24.50 -75.41 -35.97
C GLN O 222 -23.99 -74.30 -36.88
N SER O 223 -23.73 -73.15 -36.29
CA SER O 223 -23.17 -72.02 -37.02
C SER O 223 -21.96 -71.49 -36.27
N TYR O 224 -20.97 -71.04 -37.03
CA TYR O 224 -19.76 -70.44 -36.48
C TYR O 224 -19.55 -69.07 -37.11
N SER O 225 -19.35 -68.06 -36.27
CA SER O 225 -19.02 -66.73 -36.72
C SER O 225 -17.51 -66.63 -36.94
N VAL O 226 -17.13 -66.05 -38.06
CA VAL O 226 -15.73 -66.00 -38.48
C VAL O 226 -15.36 -64.54 -38.74
N VAL O 227 -14.17 -64.14 -38.31
CA VAL O 227 -13.70 -62.77 -38.49
C VAL O 227 -12.54 -62.69 -39.48
N VAL O 228 -12.28 -63.76 -40.22
CA VAL O 228 -11.25 -63.79 -41.25
C VAL O 228 -11.88 -64.02 -42.63
N GLY O 229 -13.16 -63.75 -42.77
CA GLY O 229 -13.83 -63.87 -44.04
C GLY O 229 -14.08 -65.31 -44.46
N THR O 230 -14.64 -65.44 -45.65
CA THR O 230 -14.87 -66.77 -46.22
C THR O 230 -13.57 -67.46 -46.58
N SER O 231 -12.49 -66.72 -46.82
CA SER O 231 -11.18 -67.36 -46.95
C SER O 231 -10.86 -68.17 -45.71
N GLY O 232 -10.98 -67.55 -44.54
CA GLY O 232 -10.76 -68.26 -43.30
C GLY O 232 -11.74 -69.38 -43.09
N SER O 233 -13.02 -69.15 -43.40
CA SER O 233 -14.03 -70.20 -43.24
C SER O 233 -13.73 -71.42 -44.10
N ASN O 234 -13.37 -71.20 -45.36
CA ASN O 234 -13.01 -72.29 -46.25
C ASN O 234 -11.79 -73.03 -45.72
N ARG O 235 -10.80 -72.28 -45.23
CA ARG O 235 -9.61 -72.93 -44.69
C ARG O 235 -9.94 -73.83 -43.50
N THR O 236 -10.78 -73.36 -42.57
CA THR O 236 -11.06 -74.20 -41.40
C THR O 236 -11.90 -75.41 -41.79
N ILE O 237 -12.85 -75.26 -42.71
CA ILE O 237 -13.63 -76.42 -43.14
C ILE O 237 -12.74 -77.46 -43.79
N MET O 238 -11.87 -77.00 -44.69
CA MET O 238 -10.99 -77.94 -45.38
C MET O 238 -10.00 -78.59 -44.42
N GLN O 239 -9.52 -77.85 -43.42
CA GLN O 239 -8.63 -78.41 -42.41
C GLN O 239 -9.33 -79.44 -41.55
N ALA O 240 -10.60 -79.22 -41.23
CA ALA O 240 -11.35 -80.19 -40.45
C ALA O 240 -11.72 -81.42 -41.27
N CYS O 241 -11.77 -81.32 -42.60
CA CYS O 241 -12.29 -82.43 -43.38
C CYS O 241 -11.23 -83.38 -43.92
N MET O 242 -10.13 -82.89 -44.48
CA MET O 242 -9.23 -83.76 -45.23
C MET O 242 -7.84 -83.79 -44.61
N THR O 243 -7.05 -84.72 -45.11
CA THR O 243 -5.69 -84.97 -44.66
C THR O 243 -4.85 -85.31 -45.88
N ASP O 244 -3.52 -85.32 -45.72
CA ASP O 244 -2.66 -85.56 -46.88
C ASP O 244 -2.81 -86.96 -47.46
N ASP O 245 -3.45 -87.88 -46.74
CA ASP O 245 -3.75 -89.22 -47.24
C ASP O 245 -5.15 -89.31 -47.85
N ASP O 246 -5.69 -88.21 -48.35
CA ASP O 246 -7.08 -88.15 -48.80
C ASP O 246 -7.15 -87.67 -50.24
N VAL O 247 -8.21 -88.10 -50.93
CA VAL O 247 -8.55 -87.60 -52.26
C VAL O 247 -9.80 -86.76 -52.13
N VAL O 248 -9.84 -85.62 -52.81
CA VAL O 248 -10.95 -84.68 -52.71
C VAL O 248 -11.41 -84.29 -54.10
N VAL O 249 -12.69 -83.92 -54.19
CA VAL O 249 -13.34 -83.58 -55.46
C VAL O 249 -13.57 -82.07 -55.44
N ILE O 250 -12.89 -81.35 -56.33
CA ILE O 250 -12.85 -79.90 -56.29
C ILE O 250 -13.54 -79.35 -57.54
N ASP O 251 -14.50 -78.47 -57.33
CA ASP O 251 -15.01 -77.62 -58.41
C ASP O 251 -13.87 -76.82 -59.00
N ARG O 252 -13.67 -76.94 -60.31
CA ARG O 252 -12.62 -76.16 -60.97
C ARG O 252 -12.91 -74.67 -60.88
N ASN O 253 -14.18 -74.29 -60.77
CA ASN O 253 -14.58 -72.92 -60.44
C ASN O 253 -14.48 -72.77 -58.93
N CYS O 254 -13.25 -72.64 -58.44
CA CYS O 254 -12.99 -72.54 -57.02
C CYS O 254 -12.27 -71.23 -56.69
N HIS O 255 -12.60 -70.68 -55.53
CA HIS O 255 -11.87 -69.52 -55.02
C HIS O 255 -10.47 -69.92 -54.63
N LYS O 256 -9.56 -68.95 -54.60
CA LYS O 256 -8.17 -69.23 -54.26
C LYS O 256 -8.02 -69.72 -52.83
N SER O 257 -8.98 -69.44 -51.95
CA SER O 257 -8.93 -70.01 -50.60
C SER O 257 -9.09 -71.52 -50.62
N ILE O 258 -9.75 -72.07 -51.64
CA ILE O 258 -9.84 -73.52 -51.77
C ILE O 258 -8.47 -74.11 -52.07
N GLU O 259 -7.73 -73.50 -53.00
CA GLU O 259 -6.37 -73.96 -53.26
C GLU O 259 -5.47 -73.76 -52.04
N GLN O 260 -5.69 -72.69 -51.28
CA GLN O 260 -4.94 -72.51 -50.05
C GLN O 260 -5.23 -73.64 -49.06
N GLY O 261 -6.49 -74.04 -48.95
CA GLY O 261 -6.81 -75.19 -48.12
C GLY O 261 -6.16 -76.46 -48.61
N LEU O 262 -6.10 -76.64 -49.94
CA LEU O 262 -5.40 -77.80 -50.49
C LEU O 262 -3.93 -77.79 -50.10
N ILE O 263 -3.30 -76.62 -50.18
CA ILE O 263 -1.89 -76.50 -49.79
C ILE O 263 -1.71 -76.82 -48.32
N LEU O 264 -2.61 -76.31 -47.47
CA LEU O 264 -2.47 -76.48 -46.03
C LEU O 264 -2.83 -77.89 -45.56
N THR O 265 -3.61 -78.63 -46.32
CA THR O 265 -3.96 -79.99 -45.92
C THR O 265 -3.14 -81.06 -46.61
N GLY O 266 -2.61 -80.79 -47.79
CA GLY O 266 -1.88 -81.79 -48.54
C GLY O 266 -2.71 -82.82 -49.25
N ALA O 267 -4.02 -82.60 -49.39
CA ALA O 267 -4.88 -83.57 -50.03
C ALA O 267 -4.62 -83.60 -51.53
N LYS O 268 -5.05 -84.70 -52.16
CA LYS O 268 -4.86 -84.88 -53.59
C LYS O 268 -6.16 -84.56 -54.32
N PRO O 269 -6.20 -83.52 -55.15
CA PRO O 269 -7.47 -83.09 -55.73
C PRO O 269 -7.79 -83.72 -57.08
N VAL O 270 -9.08 -83.96 -57.27
CA VAL O 270 -9.66 -84.34 -58.55
C VAL O 270 -10.71 -83.27 -58.89
N TYR O 271 -10.80 -82.91 -60.16
CA TYR O 271 -11.52 -81.72 -60.57
C TYR O 271 -12.75 -82.05 -61.43
N MET O 272 -13.86 -81.36 -61.15
CA MET O 272 -15.01 -81.33 -62.04
C MET O 272 -14.98 -80.06 -62.85
N ILE O 273 -15.04 -80.20 -64.17
CA ILE O 273 -14.85 -79.08 -65.09
C ILE O 273 -16.20 -78.43 -65.36
N PRO O 274 -16.35 -77.14 -65.12
CA PRO O 274 -17.62 -76.46 -65.44
C PRO O 274 -17.74 -76.18 -66.93
N SER O 275 -18.95 -75.83 -67.34
CA SER O 275 -19.24 -75.51 -68.73
C SER O 275 -18.99 -74.03 -69.01
N ARG O 276 -18.92 -73.71 -70.30
CA ARG O 276 -18.69 -72.35 -70.76
C ARG O 276 -19.65 -72.04 -71.90
N ASN O 277 -19.92 -70.76 -72.10
CA ASN O 277 -20.77 -70.31 -73.20
C ASN O 277 -19.96 -69.40 -74.13
N ARG O 278 -20.61 -68.94 -75.20
CA ARG O 278 -19.92 -68.17 -76.23
C ARG O 278 -19.42 -66.82 -75.74
N TYR O 279 -19.97 -66.30 -74.64
CA TYR O 279 -19.53 -65.02 -74.11
C TYR O 279 -18.35 -65.16 -73.15
N GLY O 280 -17.85 -66.37 -72.94
CA GLY O 280 -16.81 -66.60 -71.97
C GLY O 280 -17.29 -66.68 -70.54
N ILE O 281 -18.60 -66.77 -70.32
CA ILE O 281 -19.16 -66.91 -68.99
C ILE O 281 -19.04 -68.36 -68.54
N ILE O 282 -18.42 -68.57 -67.38
CA ILE O 282 -18.32 -69.90 -66.81
C ILE O 282 -19.69 -70.34 -66.32
N GLY O 283 -20.10 -71.54 -66.70
CA GLY O 283 -21.39 -72.06 -66.32
C GLY O 283 -21.30 -73.15 -65.29
N PRO O 284 -22.40 -73.86 -65.08
CA PRO O 284 -22.43 -74.91 -64.06
C PRO O 284 -21.68 -76.15 -64.50
N ILE O 285 -21.27 -76.94 -63.50
CA ILE O 285 -20.81 -78.29 -63.74
C ILE O 285 -22.01 -79.14 -64.13
N TYR O 286 -21.88 -79.90 -65.21
CA TYR O 286 -22.98 -80.73 -65.66
C TYR O 286 -23.09 -81.98 -64.79
N PRO O 287 -24.28 -82.57 -64.72
CA PRO O 287 -24.45 -83.79 -63.92
C PRO O 287 -23.56 -84.93 -64.34
N LYS O 288 -23.12 -84.96 -65.60
CA LYS O 288 -22.24 -86.03 -66.07
C LYS O 288 -20.88 -86.02 -65.40
N GLU O 289 -20.52 -84.94 -64.71
CA GLU O 289 -19.25 -84.85 -63.99
C GLU O 289 -19.36 -85.23 -62.53
N MET O 290 -20.57 -85.32 -61.98
CA MET O 290 -20.77 -85.63 -60.57
C MET O 290 -21.22 -87.07 -60.32
N THR O 291 -21.46 -87.85 -61.37
CA THR O 291 -21.92 -89.21 -61.17
C THR O 291 -20.82 -90.04 -60.52
N PRO O 292 -21.18 -91.06 -59.73
CA PRO O 292 -20.16 -91.90 -59.09
C PRO O 292 -19.19 -92.51 -60.09
N ASP O 293 -19.65 -92.90 -61.27
CA ASP O 293 -18.74 -93.44 -62.28
C ASP O 293 -17.78 -92.39 -62.78
N ALA O 294 -18.27 -91.15 -62.97
CA ALA O 294 -17.39 -90.08 -63.40
C ALA O 294 -16.30 -89.80 -62.37
N ILE O 295 -16.67 -89.79 -61.09
CA ILE O 295 -15.70 -89.52 -60.04
C ILE O 295 -14.69 -90.66 -59.92
N LYS O 296 -15.17 -91.91 -60.05
CA LYS O 296 -14.24 -93.05 -60.04
C LYS O 296 -13.29 -92.98 -61.23
N PHE O 297 -13.79 -92.60 -62.41
CA PHE O 297 -12.93 -92.47 -63.58
C PHE O 297 -11.88 -91.37 -63.36
N LYS O 298 -12.30 -90.24 -62.80
CA LYS O 298 -11.35 -89.15 -62.53
C LYS O 298 -10.29 -89.60 -61.55
N ILE O 299 -10.68 -90.32 -60.50
CA ILE O 299 -9.70 -90.80 -59.52
C ILE O 299 -8.74 -91.79 -60.16
N ALA O 300 -9.25 -92.70 -60.99
CA ALA O 300 -8.40 -93.69 -61.63
C ALA O 300 -7.48 -93.07 -62.67
N ALA O 301 -7.85 -91.94 -63.26
CA ALA O 301 -7.02 -91.32 -64.29
C ALA O 301 -6.01 -90.32 -63.74
N ASN O 302 -6.17 -89.86 -62.51
CA ASN O 302 -5.27 -88.86 -61.96
C ASN O 302 -3.91 -89.48 -61.63
N PRO O 303 -2.80 -88.85 -62.03
CA PRO O 303 -1.48 -89.41 -61.72
C PRO O 303 -1.21 -89.57 -60.24
N LEU O 304 -1.73 -88.69 -59.40
CA LEU O 304 -1.46 -88.76 -57.97
C LEU O 304 -2.44 -89.65 -57.21
N THR O 305 -3.68 -89.77 -57.67
CA THR O 305 -4.70 -90.50 -56.93
C THR O 305 -4.96 -91.90 -57.46
N LYS O 306 -4.22 -92.34 -58.48
CA LYS O 306 -4.51 -93.64 -59.08
C LYS O 306 -4.16 -94.81 -58.16
N GLY O 307 -3.50 -94.56 -57.05
CA GLY O 307 -3.28 -95.59 -56.05
C GLY O 307 -4.28 -95.52 -54.91
N LYS O 308 -5.37 -94.79 -55.12
CA LYS O 308 -6.39 -94.59 -54.09
C LYS O 308 -7.79 -94.86 -54.64
N VAL O 309 -7.89 -95.65 -55.72
CA VAL O 309 -9.16 -95.87 -56.38
C VAL O 309 -10.17 -96.60 -55.51
N LYS O 310 -9.72 -97.25 -54.45
CA LYS O 310 -10.61 -97.93 -53.52
C LYS O 310 -10.98 -97.07 -52.32
N GLN O 311 -10.48 -95.84 -52.27
CA GLN O 311 -10.68 -94.97 -51.12
C GLN O 311 -11.82 -94.00 -51.38
N LYS O 312 -12.71 -93.87 -50.41
CA LYS O 312 -13.82 -92.95 -50.53
C LYS O 312 -13.32 -91.51 -50.40
N PRO O 313 -13.69 -90.61 -51.31
CA PRO O 313 -13.24 -89.22 -51.19
C PRO O 313 -13.77 -88.59 -49.91
N ALA O 314 -12.92 -87.76 -49.30
CA ALA O 314 -13.23 -87.21 -47.99
C ALA O 314 -13.98 -85.88 -48.04
N TYR O 315 -14.06 -85.24 -49.19
CA TYR O 315 -14.57 -83.87 -49.24
C TYR O 315 -14.82 -83.49 -50.69
N SER O 316 -15.86 -82.71 -50.89
CA SER O 316 -16.14 -82.09 -52.18
C SER O 316 -16.61 -80.66 -51.95
N VAL O 317 -16.29 -79.79 -52.90
CA VAL O 317 -16.69 -78.39 -52.83
C VAL O 317 -17.29 -77.98 -54.16
N VAL O 318 -18.43 -77.29 -54.10
CA VAL O 318 -19.07 -76.72 -55.27
C VAL O 318 -19.37 -75.26 -54.97
N THR O 319 -18.99 -74.38 -55.89
CA THR O 319 -19.30 -72.96 -55.76
C THR O 319 -20.72 -72.71 -56.28
N ASN O 320 -21.58 -72.19 -55.41
CA ASN O 320 -22.97 -71.95 -55.76
C ASN O 320 -23.48 -70.78 -54.94
N CYS O 321 -23.90 -69.70 -55.60
CA CYS O 321 -23.91 -69.59 -57.06
C CYS O 321 -22.55 -69.18 -57.61
N THR O 322 -22.41 -69.22 -58.93
CA THR O 322 -21.17 -68.83 -59.57
C THR O 322 -21.04 -67.32 -59.59
N TYR O 323 -19.90 -66.84 -60.11
CA TYR O 323 -19.64 -65.41 -60.13
C TYR O 323 -20.62 -64.65 -61.03
N ASP O 324 -21.15 -65.31 -62.05
CA ASP O 324 -22.08 -64.68 -62.98
C ASP O 324 -23.54 -65.01 -62.67
N GLY O 325 -23.82 -65.52 -61.47
CA GLY O 325 -25.19 -65.71 -61.05
C GLY O 325 -25.85 -66.98 -61.52
N VAL O 326 -25.10 -68.01 -61.83
CA VAL O 326 -25.67 -69.30 -62.19
C VAL O 326 -25.80 -70.13 -60.91
N CYS O 327 -27.04 -70.49 -60.57
CA CYS O 327 -27.33 -71.22 -59.35
C CYS O 327 -27.67 -72.67 -59.66
N TYR O 328 -26.98 -73.59 -59.00
CA TYR O 328 -27.27 -75.00 -59.13
C TYR O 328 -28.58 -75.36 -58.42
N ASN O 329 -29.25 -76.38 -58.92
CA ASN O 329 -30.26 -77.07 -58.13
C ASN O 329 -29.52 -77.89 -57.08
N ALA O 330 -29.43 -77.34 -55.87
CA ALA O 330 -28.58 -77.95 -54.85
C ALA O 330 -29.13 -79.29 -54.38
N ARG O 331 -30.45 -79.47 -54.41
CA ARG O 331 -31.03 -80.77 -54.08
C ARG O 331 -30.52 -81.84 -55.04
N LYS O 332 -30.51 -81.55 -56.33
CA LYS O 332 -30.03 -82.53 -57.31
C LYS O 332 -28.53 -82.75 -57.19
N VAL O 333 -27.76 -81.69 -56.94
CA VAL O 333 -26.32 -81.84 -56.75
C VAL O 333 -26.04 -82.73 -55.54
N GLN O 334 -26.75 -82.50 -54.45
CA GLN O 334 -26.57 -83.30 -53.25
C GLN O 334 -26.94 -84.76 -53.50
N ASP O 335 -28.02 -85.00 -54.22
CA ASP O 335 -28.39 -86.38 -54.54
C ASP O 335 -27.34 -87.05 -55.42
N LEU O 336 -26.77 -86.31 -56.36
CA LEU O 336 -25.73 -86.89 -57.21
C LEU O 336 -24.47 -87.21 -56.43
N LEU O 337 -23.99 -86.26 -55.60
CA LEU O 337 -22.76 -86.46 -54.85
C LEU O 337 -22.93 -87.38 -53.66
N ASP O 338 -24.15 -87.64 -53.21
CA ASP O 338 -24.37 -88.58 -52.12
C ASP O 338 -23.92 -89.99 -52.46
N GLY O 339 -23.86 -90.34 -53.74
CA GLY O 339 -23.40 -91.65 -54.11
C GLY O 339 -21.90 -91.85 -54.05
N SER O 340 -21.14 -90.81 -53.72
CA SER O 340 -19.68 -90.91 -53.69
C SER O 340 -19.04 -90.30 -52.45
N LEU O 341 -19.72 -89.39 -51.74
CA LEU O 341 -19.09 -88.60 -50.70
C LEU O 341 -20.00 -88.54 -49.48
N ASP O 342 -19.39 -88.27 -48.32
CA ASP O 342 -20.13 -88.00 -47.10
C ASP O 342 -20.09 -86.53 -46.70
N ARG O 343 -19.21 -85.73 -47.28
CA ARG O 343 -19.09 -84.31 -46.94
C ARG O 343 -19.18 -83.50 -48.23
N ILE O 344 -20.15 -82.60 -48.29
CA ILE O 344 -20.29 -81.67 -49.39
C ILE O 344 -20.22 -80.26 -48.84
N HIS O 345 -19.33 -79.46 -49.40
CA HIS O 345 -19.17 -78.07 -49.02
C HIS O 345 -19.69 -77.19 -50.15
N PHE O 346 -20.71 -76.38 -49.85
CA PHE O 346 -21.21 -75.39 -50.79
C PHE O 346 -20.63 -74.04 -50.43
N ASP O 347 -19.75 -73.52 -51.29
CA ASP O 347 -19.17 -72.20 -51.07
C ASP O 347 -20.15 -71.17 -51.60
N GLU O 348 -21.08 -70.75 -50.75
CA GLU O 348 -22.08 -69.75 -51.10
C GLU O 348 -21.66 -68.35 -50.66
N ALA O 349 -20.45 -67.93 -51.02
CA ALA O 349 -19.95 -66.64 -50.56
C ALA O 349 -20.80 -65.50 -51.10
N TRP O 350 -21.22 -65.58 -52.36
CA TRP O 350 -22.06 -64.58 -52.98
C TRP O 350 -23.55 -64.89 -52.81
N TYR O 351 -23.89 -65.95 -52.10
CA TYR O 351 -25.24 -66.51 -52.11
C TYR O 351 -25.66 -66.72 -50.66
N GLY O 352 -26.06 -65.65 -49.98
CA GLY O 352 -26.35 -65.75 -48.56
C GLY O 352 -27.80 -65.46 -48.28
N TYR O 353 -28.43 -64.73 -49.20
CA TYR O 353 -29.82 -64.35 -49.15
C TYR O 353 -30.76 -65.43 -49.69
N ALA O 354 -30.22 -66.49 -50.28
CA ALA O 354 -31.03 -67.40 -51.10
C ALA O 354 -32.12 -68.09 -50.27
N ARG O 355 -31.86 -68.37 -49.01
CA ARG O 355 -32.84 -69.02 -48.15
C ARG O 355 -34.10 -68.17 -47.94
N PHE O 356 -34.01 -66.86 -48.13
CA PHE O 356 -35.04 -65.96 -47.65
C PHE O 356 -35.94 -65.43 -48.78
N ASN O 357 -35.87 -66.02 -49.97
CA ASN O 357 -36.81 -65.69 -51.02
C ASN O 357 -37.22 -66.97 -51.72
N PRO O 358 -38.53 -67.21 -51.90
CA PRO O 358 -38.99 -68.46 -52.54
C PRO O 358 -38.54 -68.62 -53.97
N LEU O 359 -38.07 -67.56 -54.63
CA LEU O 359 -37.58 -67.69 -56.00
C LEU O 359 -36.39 -68.62 -56.09
N TYR O 360 -35.65 -68.80 -54.99
CA TYR O 360 -34.44 -69.61 -54.98
C TYR O 360 -34.67 -71.01 -54.44
N ARG O 361 -35.94 -71.41 -54.29
CA ARG O 361 -36.28 -72.70 -53.68
C ARG O 361 -35.56 -73.85 -54.38
N ASN O 362 -35.01 -74.76 -53.58
CA ASN O 362 -34.26 -75.94 -53.99
C ASN O 362 -32.91 -75.62 -54.64
N HIS O 363 -32.47 -74.37 -54.60
CA HIS O 363 -31.23 -73.98 -55.26
C HIS O 363 -30.19 -73.47 -54.27
N PHE O 364 -30.24 -73.94 -53.03
CA PHE O 364 -29.25 -73.57 -52.01
C PHE O 364 -29.13 -74.73 -51.05
N ALA O 365 -28.18 -74.61 -50.11
CA ALA O 365 -27.77 -75.76 -49.30
C ALA O 365 -28.72 -76.04 -48.14
N MET O 366 -28.98 -75.03 -47.32
CA MET O 366 -29.71 -75.23 -46.06
C MET O 366 -31.21 -75.03 -46.29
N ARG O 367 -31.82 -76.02 -46.92
CA ARG O 367 -33.21 -75.94 -47.33
C ARG O 367 -34.14 -76.37 -46.19
N ASP O 368 -35.31 -75.73 -46.14
CA ASP O 368 -36.38 -76.18 -45.27
C ASP O 368 -37.00 -77.44 -45.86
N GLU O 369 -36.53 -78.61 -45.42
CA GLU O 369 -36.97 -79.87 -45.97
C GLU O 369 -36.92 -80.93 -44.88
N GLU O 370 -37.72 -81.98 -45.07
CA GLU O 370 -37.62 -83.13 -44.19
C GLU O 370 -36.29 -83.83 -44.43
N ARG O 371 -35.53 -84.04 -43.36
CA ARG O 371 -34.18 -84.59 -43.45
C ARG O 371 -34.18 -86.03 -42.96
N THR O 372 -33.62 -86.92 -43.77
CA THR O 372 -33.46 -88.31 -43.38
C THR O 372 -32.15 -88.49 -42.62
N GLU O 373 -31.90 -89.72 -42.18
CA GLU O 373 -30.71 -90.00 -41.37
C GLU O 373 -29.51 -90.44 -42.19
N ASN O 374 -29.66 -90.69 -43.48
CA ASN O 374 -28.56 -91.17 -44.31
C ASN O 374 -28.03 -90.07 -45.22
N GLU O 375 -28.26 -88.82 -44.86
CA GLU O 375 -27.77 -87.72 -45.67
C GLU O 375 -26.27 -87.50 -45.43
N PRO O 376 -25.57 -86.93 -46.41
CA PRO O 376 -24.19 -86.51 -46.18
C PRO O 376 -24.15 -85.26 -45.31
N THR O 377 -22.98 -85.04 -44.72
CA THR O 377 -22.75 -83.79 -43.99
C THR O 377 -22.59 -82.64 -44.99
N ILE O 378 -23.29 -81.55 -44.74
CA ILE O 378 -23.32 -80.40 -45.63
C ILE O 378 -22.69 -79.20 -44.92
N PHE O 379 -21.74 -78.55 -45.59
CA PHE O 379 -21.17 -77.30 -45.14
C PHE O 379 -21.56 -76.19 -46.10
N ALA O 380 -21.87 -75.02 -45.56
CA ALA O 380 -22.12 -73.83 -46.35
C ALA O 380 -21.38 -72.66 -45.74
N THR O 381 -20.68 -71.90 -46.57
CA THR O 381 -19.98 -70.70 -46.15
C THR O 381 -20.62 -69.48 -46.78
N HIS O 382 -20.96 -68.49 -45.97
CA HIS O 382 -21.52 -67.24 -46.45
C HIS O 382 -20.54 -66.11 -46.18
N SER O 383 -20.27 -65.30 -47.19
CA SER O 383 -19.53 -64.06 -46.92
C SER O 383 -20.61 -63.04 -46.61
N THR O 384 -20.84 -62.75 -45.33
CA THR O 384 -21.94 -61.85 -44.90
C THR O 384 -21.73 -60.42 -45.40
N HIS O 385 -20.49 -60.06 -45.70
CA HIS O 385 -20.20 -58.69 -46.20
C HIS O 385 -20.47 -58.59 -47.69
N1 LLP O 386 -15.22 -67.93 -51.98
C2 LLP O 386 -15.80 -67.27 -52.95
C2' LLP O 386 -16.57 -68.02 -53.99
C3 LLP O 386 -15.73 -65.88 -53.00
O3 LLP O 386 -16.35 -65.27 -54.02
C4 LLP O 386 -15.02 -65.18 -52.01
C4' LLP O 386 -14.94 -63.72 -52.06
C5 LLP O 386 -14.40 -65.92 -51.00
C6 LLP O 386 -14.52 -67.28 -51.03
C5' LLP O 386 -13.57 -65.29 -49.92
OP4 LLP O 386 -14.37 -64.49 -49.01
P LLP O 386 -13.71 -63.35 -48.11
OP1 LLP O 386 -14.76 -63.02 -47.12
OP2 LLP O 386 -12.46 -63.91 -47.49
OP3 LLP O 386 -13.43 -62.28 -49.10
N LLP O 386 -20.53 -59.71 -48.42
CA LLP O 386 -20.67 -59.62 -49.89
CB LLP O 386 -20.16 -60.86 -50.63
CG LLP O 386 -18.68 -60.83 -51.03
CD LLP O 386 -18.14 -62.17 -51.50
CE LLP O 386 -16.67 -62.37 -51.17
NZ LLP O 386 -15.96 -62.98 -52.30
C LLP O 386 -22.10 -59.19 -50.28
O LLP O 386 -22.23 -58.08 -50.77
N LEU O 387 -23.11 -60.03 -50.05
CA LEU O 387 -24.48 -59.69 -50.54
C LEU O 387 -25.46 -59.64 -49.38
N LEU O 388 -24.97 -59.64 -48.16
CA LEU O 388 -25.80 -59.40 -46.95
C LEU O 388 -25.24 -58.07 -46.39
N ASN O 389 -25.68 -57.61 -45.23
CA ASN O 389 -25.24 -56.35 -44.63
C ASN O 389 -24.32 -56.65 -43.46
N ALA O 390 -23.01 -56.68 -43.74
CA ALA O 390 -22.02 -56.88 -42.70
C ALA O 390 -20.72 -56.22 -43.12
N LEU O 391 -19.88 -55.95 -42.13
CA LEU O 391 -18.57 -55.39 -42.40
C LEU O 391 -17.67 -56.44 -43.05
N SER O 392 -16.66 -55.96 -43.77
CA SER O 392 -15.68 -56.84 -44.38
C SER O 392 -15.05 -57.75 -43.32
N GLN O 393 -14.72 -58.97 -43.75
CA GLN O 393 -14.14 -60.08 -42.98
C GLN O 393 -15.18 -60.83 -42.16
N ALA O 394 -16.44 -60.41 -42.14
CA ALA O 394 -17.48 -61.16 -41.45
C ALA O 394 -17.94 -62.33 -42.32
N SER O 395 -18.06 -63.51 -41.70
CA SER O 395 -18.40 -64.71 -42.43
C SER O 395 -19.08 -65.69 -41.48
N PHE O 396 -19.72 -66.69 -42.06
CA PHE O 396 -20.38 -67.74 -41.31
C PHE O 396 -19.99 -69.10 -41.86
N ILE O 397 -19.87 -70.07 -40.96
CA ILE O 397 -19.82 -71.48 -41.31
C ILE O 397 -21.11 -72.10 -40.84
N HIS O 398 -21.83 -72.74 -41.74
CA HIS O 398 -23.06 -73.44 -41.41
C HIS O 398 -22.85 -74.92 -41.66
N VAL O 399 -23.26 -75.74 -40.69
CA VAL O 399 -23.07 -77.18 -40.75
C VAL O 399 -24.42 -77.86 -40.59
N ARG O 400 -24.69 -78.84 -41.44
CA ARG O 400 -25.79 -79.77 -41.26
C ARG O 400 -25.18 -81.16 -41.10
N ASN O 401 -25.34 -81.75 -39.92
CA ASN O 401 -24.67 -83.00 -39.61
C ASN O 401 -25.34 -84.17 -40.31
N GLY O 402 -24.54 -84.96 -41.01
CA GLY O 402 -25.02 -86.16 -41.66
C GLY O 402 -24.07 -87.31 -41.48
N ARG O 403 -23.73 -87.98 -42.57
CA ARG O 403 -22.77 -89.07 -42.51
C ARG O 403 -21.36 -88.54 -42.28
N ASN O 404 -20.63 -89.20 -41.38
CA ASN O 404 -19.24 -88.86 -41.08
C ASN O 404 -19.13 -87.41 -40.61
N ALA O 405 -20.00 -87.05 -39.67
CA ALA O 405 -20.03 -85.69 -39.15
C ALA O 405 -18.84 -85.45 -38.22
N ILE O 406 -18.48 -84.18 -38.07
CA ILE O 406 -17.37 -83.75 -37.22
C ILE O 406 -17.96 -83.09 -35.98
N ASP O 407 -17.71 -83.68 -34.83
CA ASP O 407 -18.25 -83.14 -33.58
C ASP O 407 -17.53 -81.86 -33.20
N PHE O 408 -18.09 -81.17 -32.20
CA PHE O 408 -17.63 -79.82 -31.87
C PHE O 408 -16.17 -79.82 -31.40
N ASN O 409 -15.78 -80.80 -30.59
CA ASN O 409 -14.41 -80.81 -30.07
C ASN O 409 -13.39 -80.95 -31.19
N ARG O 410 -13.69 -81.77 -32.19
CA ARG O 410 -12.76 -81.92 -33.31
C ARG O 410 -12.77 -80.72 -34.24
N PHE O 411 -13.95 -80.15 -34.50
CA PHE O 411 -14.05 -79.01 -35.41
C PHE O 411 -13.42 -77.76 -34.80
N ASN O 412 -13.49 -77.62 -33.48
CA ASN O 412 -12.98 -76.43 -32.82
C ASN O 412 -11.47 -76.29 -32.99
N GLN O 413 -10.76 -77.40 -33.16
CA GLN O 413 -9.31 -77.32 -33.39
C GLN O 413 -8.99 -76.60 -34.70
N ALA O 414 -9.65 -77.00 -35.79
CA ALA O 414 -9.47 -76.30 -37.06
C ALA O 414 -9.92 -74.85 -36.95
N TYR O 415 -11.07 -74.63 -36.29
CA TYR O 415 -11.57 -73.27 -36.13
C TYR O 415 -10.54 -72.37 -35.47
N LEU O 416 -9.96 -72.83 -34.36
CA LEU O 416 -8.93 -72.04 -33.70
C LEU O 416 -7.67 -71.93 -34.55
N MET O 417 -7.33 -72.97 -35.31
CA MET O 417 -6.13 -72.92 -36.13
C MET O 417 -6.19 -71.82 -37.16
N HIS O 418 -7.37 -71.47 -37.65
CA HIS O 418 -7.44 -70.41 -38.65
C HIS O 418 -8.07 -69.12 -38.14
N SER O 419 -8.05 -68.89 -36.84
CA SER O 419 -8.64 -67.70 -36.23
C SER O 419 -7.55 -66.88 -35.55
N THR O 420 -7.97 -65.85 -34.83
CA THR O 420 -7.08 -65.02 -34.03
C THR O 420 -7.55 -65.04 -32.59
N THR O 421 -6.61 -64.87 -31.66
CA THR O 421 -6.95 -64.84 -30.25
C THR O 421 -7.55 -63.52 -29.81
N SER O 422 -7.53 -62.49 -30.65
CA SER O 422 -8.08 -61.18 -30.32
C SER O 422 -9.01 -60.72 -31.44
N PRO O 423 -10.19 -61.32 -31.56
CA PRO O 423 -11.13 -60.88 -32.58
C PRO O 423 -11.66 -59.48 -32.31
N LEU O 424 -11.93 -58.75 -33.39
CA LEU O 424 -12.57 -57.44 -33.29
C LEU O 424 -14.07 -57.64 -33.19
N TYR O 425 -14.66 -57.24 -32.07
CA TYR O 425 -16.06 -57.55 -31.80
C TYR O 425 -17.03 -56.77 -32.68
N ALA O 426 -16.57 -55.70 -33.33
CA ALA O 426 -17.43 -55.01 -34.28
C ALA O 426 -17.78 -55.90 -35.47
N ILE O 427 -16.84 -56.74 -35.92
CA ILE O 427 -17.12 -57.66 -37.02
C ILE O 427 -18.17 -58.68 -36.61
N CYS O 428 -18.04 -59.25 -35.41
CA CYS O 428 -19.04 -60.20 -34.93
C CYS O 428 -20.38 -59.53 -34.73
N ALA O 429 -20.39 -58.28 -34.27
CA ALA O 429 -21.64 -57.55 -34.13
C ALA O 429 -22.31 -57.33 -35.49
N SER O 430 -21.51 -57.03 -36.52
CA SER O 430 -22.07 -56.88 -37.86
C SER O 430 -22.64 -58.20 -38.36
N ASN O 431 -21.96 -59.32 -38.07
CA ASN O 431 -22.52 -60.64 -38.41
C ASN O 431 -23.87 -60.85 -37.73
N ASP O 432 -23.95 -60.50 -36.45
CA ASP O 432 -25.18 -60.67 -35.68
C ASP O 432 -26.31 -59.80 -36.24
N ILE O 433 -26.02 -58.55 -36.59
CA ILE O 433 -27.06 -57.69 -37.13
C ILE O 433 -27.48 -58.15 -38.53
N ALA O 434 -26.55 -58.69 -39.33
CA ALA O 434 -26.94 -59.23 -40.63
C ALA O 434 -27.90 -60.40 -40.48
N ALA O 435 -27.57 -61.33 -39.58
CA ALA O 435 -28.46 -62.45 -39.32
C ALA O 435 -29.83 -61.96 -38.85
N ASP O 436 -29.85 -60.97 -37.96
CA ASP O 436 -31.12 -60.42 -37.50
C ASP O 436 -31.89 -59.78 -38.64
N MET O 437 -31.19 -59.13 -39.55
CA MET O 437 -31.84 -58.45 -40.67
C MET O 437 -32.50 -59.44 -41.61
N MET O 438 -31.94 -60.63 -41.77
CA MET O 438 -32.61 -61.64 -42.58
C MET O 438 -33.71 -62.39 -41.84
N ASP O 439 -33.88 -62.16 -40.53
CA ASP O 439 -34.82 -62.93 -39.74
C ASP O 439 -36.25 -62.44 -39.94
N GLY O 440 -37.19 -63.39 -39.99
CA GLY O 440 -38.60 -63.07 -40.08
C GLY O 440 -39.07 -62.53 -41.41
N ASN O 441 -39.99 -61.56 -41.37
CA ASN O 441 -40.53 -60.97 -42.58
C ASN O 441 -39.49 -60.14 -43.32
N SER O 442 -38.52 -59.58 -42.59
CA SER O 442 -37.62 -58.59 -43.16
C SER O 442 -36.72 -59.19 -44.24
N GLY O 443 -36.27 -60.43 -44.07
CA GLY O 443 -35.45 -61.05 -45.09
C GLY O 443 -36.17 -61.21 -46.41
N ARG O 444 -37.42 -61.69 -46.35
CA ARG O 444 -38.24 -61.77 -47.54
C ARG O 444 -38.46 -60.40 -48.17
N SER O 445 -38.76 -59.40 -47.34
CA SER O 445 -39.03 -58.07 -47.89
C SER O 445 -37.79 -57.47 -48.57
N LEU O 446 -36.62 -57.64 -47.96
CA LEU O 446 -35.39 -57.07 -48.52
C LEU O 446 -34.99 -57.78 -49.81
N THR O 447 -35.05 -59.11 -49.82
CA THR O 447 -34.76 -59.84 -51.06
C THR O 447 -35.75 -59.47 -52.15
N ASP O 448 -37.02 -59.29 -51.79
CA ASP O 448 -38.02 -58.87 -52.77
C ASP O 448 -37.67 -57.52 -53.37
N GLU O 449 -37.27 -56.57 -52.54
CA GLU O 449 -36.93 -55.25 -53.06
C GLU O 449 -35.76 -55.33 -54.04
N VAL O 450 -34.71 -56.07 -53.69
CA VAL O 450 -33.56 -56.16 -54.59
C VAL O 450 -33.94 -56.85 -55.89
N ILE O 451 -34.71 -57.95 -55.81
CA ILE O 451 -35.10 -58.69 -57.01
C ILE O 451 -35.96 -57.81 -57.91
N ARG O 452 -36.88 -57.04 -57.33
CA ARG O 452 -37.73 -56.18 -58.14
C ARG O 452 -36.92 -55.09 -58.82
N GLU O 453 -35.93 -54.50 -58.13
CA GLU O 453 -35.08 -53.51 -58.77
C GLU O 453 -34.32 -54.11 -59.96
N SER O 454 -33.76 -55.31 -59.76
CA SER O 454 -33.02 -55.94 -60.85
C SER O 454 -33.94 -56.27 -62.03
N ILE O 455 -35.18 -56.71 -61.75
CA ILE O 455 -36.11 -57.02 -62.81
C ILE O 455 -36.50 -55.76 -63.57
N ASP O 456 -36.74 -54.65 -62.85
CA ASP O 456 -37.05 -53.40 -63.53
C ASP O 456 -35.93 -52.99 -64.46
N PHE O 457 -34.67 -53.10 -64.00
CA PHE O 457 -33.55 -52.78 -64.87
C PHE O 457 -33.49 -53.70 -66.09
N ARG O 458 -33.67 -55.00 -65.88
CA ARG O 458 -33.58 -55.95 -66.99
C ARG O 458 -34.66 -55.67 -68.04
N GLN O 459 -35.89 -55.44 -67.58
CA GLN O 459 -36.99 -55.20 -68.52
C GLN O 459 -36.81 -53.88 -69.26
N SER O 460 -36.36 -52.83 -68.56
CA SER O 460 -36.12 -51.56 -69.23
C SER O 460 -35.03 -51.69 -70.28
N LEU O 461 -33.96 -52.41 -69.96
CA LEU O 461 -32.88 -52.58 -70.92
C LEU O 461 -33.33 -53.40 -72.12
N ALA O 462 -34.12 -54.46 -71.89
CA ALA O 462 -34.64 -55.25 -72.99
C ALA O 462 -35.55 -54.42 -73.89
N TYR O 463 -36.38 -53.58 -73.29
CA TYR O 463 -37.26 -52.70 -74.06
C TYR O 463 -36.46 -51.73 -74.92
N LEU O 464 -35.43 -51.11 -74.33
CA LEU O 464 -34.60 -50.19 -75.11
C LEU O 464 -33.87 -50.92 -76.23
N TYR O 465 -33.41 -52.14 -75.96
CA TYR O 465 -32.75 -52.92 -76.99
C TYR O 465 -33.70 -53.20 -78.16
N LYS O 466 -34.94 -53.57 -77.85
CA LYS O 466 -35.91 -53.81 -78.91
C LYS O 466 -36.20 -52.53 -79.69
N GLU O 467 -36.30 -51.39 -79.00
CA GLU O 467 -36.55 -50.12 -79.67
C GLU O 467 -35.43 -49.78 -80.64
N PHE O 468 -34.18 -49.88 -80.17
CA PHE O 468 -33.04 -49.58 -81.04
C PHE O 468 -32.94 -50.57 -82.18
N LEU O 469 -33.24 -51.84 -81.94
CA LEU O 469 -33.25 -52.83 -83.01
C LEU O 469 -34.30 -52.50 -84.06
N ASN O 470 -35.49 -52.06 -83.62
CA ASN O 470 -36.53 -51.64 -84.56
C ASN O 470 -36.07 -50.46 -85.39
N ASP O 471 -35.29 -49.55 -84.81
CA ASP O 471 -34.68 -48.47 -85.58
C ASP O 471 -33.37 -48.88 -86.26
N ASP O 472 -33.17 -50.19 -86.44
CA ASP O 472 -31.92 -50.78 -86.97
C ASP O 472 -30.67 -50.11 -86.39
N GLU O 473 -30.61 -50.04 -85.07
CA GLU O 473 -29.44 -49.60 -84.35
C GLU O 473 -29.03 -50.65 -83.32
N TRP O 474 -27.80 -50.54 -82.84
CA TRP O 474 -27.29 -51.46 -81.82
C TRP O 474 -27.54 -50.91 -80.43
N PHE O 475 -27.66 -51.82 -79.47
CA PHE O 475 -27.70 -51.45 -78.06
C PHE O 475 -27.31 -52.67 -77.23
N PHE O 476 -27.13 -52.44 -75.93
CA PHE O 476 -26.87 -53.52 -74.99
C PHE O 476 -28.17 -54.25 -74.65
N LYS O 477 -28.03 -55.54 -74.37
CA LYS O 477 -29.16 -56.35 -73.99
C LYS O 477 -28.85 -57.10 -72.70
N PRO O 478 -29.85 -57.29 -71.84
CA PRO O 478 -29.63 -58.09 -70.64
C PRO O 478 -29.49 -59.56 -70.99
N TRP O 479 -28.74 -60.28 -70.17
CA TRP O 479 -28.51 -61.71 -70.37
C TRP O 479 -29.53 -62.47 -69.53
N ASN O 480 -30.70 -62.72 -70.14
CA ASN O 480 -31.73 -63.54 -69.52
C ASN O 480 -32.58 -64.14 -70.63
N GLN O 481 -33.67 -64.79 -70.25
CA GLN O 481 -34.59 -65.37 -71.21
C GLN O 481 -35.16 -64.28 -72.13
N GLU O 482 -35.25 -64.60 -73.42
CA GLU O 482 -35.95 -63.72 -74.35
C GLU O 482 -37.46 -63.79 -74.17
N MET O 483 -37.99 -65.00 -74.06
CA MET O 483 -39.41 -65.24 -73.90
C MET O 483 -39.65 -66.04 -72.63
N VAL O 484 -40.66 -65.65 -71.87
CA VAL O 484 -41.02 -66.38 -70.65
C VAL O 484 -42.44 -66.89 -70.81
N LYS O 485 -42.69 -68.05 -70.22
CA LYS O 485 -43.98 -68.71 -70.27
C LYS O 485 -44.63 -68.68 -68.90
N ASP O 486 -45.90 -68.31 -68.84
CA ASP O 486 -46.65 -68.40 -67.60
C ASP O 486 -47.07 -69.84 -67.38
N PRO O 487 -46.58 -70.50 -66.32
CA PRO O 487 -46.92 -71.93 -66.15
C PRO O 487 -48.37 -72.18 -65.81
N ALA O 488 -49.09 -71.18 -65.29
CA ALA O 488 -50.49 -71.36 -64.94
C ALA O 488 -51.38 -71.34 -66.17
N THR O 489 -51.40 -70.22 -66.88
CA THR O 489 -52.28 -70.04 -68.03
C THR O 489 -51.66 -70.50 -69.34
N GLY O 490 -50.37 -70.83 -69.36
CA GLY O 490 -49.72 -71.23 -70.58
C GLY O 490 -49.36 -70.10 -71.52
N LYS O 491 -49.63 -68.85 -71.13
CA LYS O 491 -49.40 -67.71 -72.01
C LYS O 491 -47.91 -67.38 -72.08
N ARG O 492 -47.44 -67.01 -73.26
CA ARG O 492 -46.05 -66.61 -73.47
C ARG O 492 -45.96 -65.10 -73.54
N TYR O 493 -44.87 -64.56 -72.98
CA TYR O 493 -44.58 -63.15 -73.05
C TYR O 493 -43.15 -62.94 -73.50
N ALA O 494 -42.91 -61.84 -74.20
CA ALA O 494 -41.55 -61.33 -74.28
C ALA O 494 -41.12 -60.88 -72.89
N PHE O 495 -39.82 -61.01 -72.61
CA PHE O 495 -39.34 -60.74 -71.25
C PHE O 495 -39.69 -59.33 -70.81
N GLU O 496 -39.50 -58.34 -71.69
CA GLU O 496 -39.79 -56.97 -71.32
C GLU O 496 -41.29 -56.70 -71.17
N ASP O 497 -42.14 -57.59 -71.68
CA ASP O 497 -43.58 -57.44 -71.56
C ASP O 497 -44.18 -58.32 -70.46
N ALA O 498 -43.39 -59.19 -69.84
CA ALA O 498 -43.92 -60.07 -68.82
C ALA O 498 -44.33 -59.27 -67.58
N PRO O 499 -45.41 -59.66 -66.92
CA PRO O 499 -45.78 -59.00 -65.66
C PRO O 499 -44.70 -59.21 -64.62
N VAL O 500 -44.44 -58.15 -63.83
CA VAL O 500 -43.38 -58.21 -62.84
C VAL O 500 -43.67 -59.26 -61.78
N GLU O 501 -44.95 -59.42 -61.42
CA GLU O 501 -45.34 -60.43 -60.45
C GLU O 501 -44.98 -61.84 -60.93
N LEU O 502 -45.18 -62.12 -62.21
CA LEU O 502 -44.82 -63.42 -62.76
C LEU O 502 -43.32 -63.67 -62.66
N LEU O 503 -42.50 -62.68 -63.03
CA LEU O 503 -41.06 -62.85 -62.96
C LEU O 503 -40.58 -62.97 -61.52
N MET O 504 -41.24 -62.28 -60.59
CA MET O 504 -40.86 -62.33 -59.19
C MET O 504 -41.31 -63.61 -58.51
N ARG O 505 -42.34 -64.28 -59.03
CA ARG O 505 -42.94 -65.44 -58.37
C ARG O 505 -42.52 -66.77 -58.98
N GLU O 506 -42.34 -66.84 -60.29
CA GLU O 506 -42.17 -68.10 -60.99
C GLU O 506 -40.68 -68.40 -61.21
N GLN O 507 -40.21 -69.50 -60.64
CA GLN O 507 -38.82 -69.90 -60.79
C GLN O 507 -38.48 -70.29 -62.23
N SER O 508 -39.44 -70.89 -62.94
CA SER O 508 -39.18 -71.36 -64.30
C SER O 508 -38.88 -70.22 -65.27
N CYS O 509 -39.23 -68.98 -64.92
CA CYS O 509 -38.86 -67.84 -65.73
C CYS O 509 -37.36 -67.56 -65.71
N TRP O 510 -36.63 -68.22 -64.82
CA TRP O 510 -35.19 -68.02 -64.69
C TRP O 510 -34.38 -69.30 -64.88
N VAL O 511 -35.04 -70.45 -64.99
CA VAL O 511 -34.34 -71.71 -65.20
C VAL O 511 -33.73 -71.74 -66.60
N MET O 512 -32.55 -72.32 -66.72
CA MET O 512 -31.88 -72.47 -68.01
C MET O 512 -32.48 -73.68 -68.73
N HIS O 513 -33.25 -73.42 -69.78
CA HIS O 513 -33.78 -74.58 -70.47
C HIS O 513 -32.88 -74.94 -71.65
N PRO O 514 -32.69 -76.23 -71.92
CA PRO O 514 -31.81 -76.63 -73.04
C PRO O 514 -32.28 -76.15 -74.40
N GLU O 515 -33.58 -75.90 -74.57
CA GLU O 515 -34.11 -75.45 -75.85
C GLU O 515 -33.92 -73.96 -76.08
N ASP O 516 -33.57 -73.19 -75.06
CA ASP O 516 -33.36 -71.76 -75.21
C ASP O 516 -31.93 -71.47 -75.63
N LYS O 517 -31.77 -70.40 -76.42
CA LYS O 517 -30.46 -70.01 -76.93
C LYS O 517 -29.79 -68.92 -76.12
N TRP O 518 -30.51 -68.28 -75.20
CA TRP O 518 -29.95 -67.11 -74.52
C TRP O 518 -28.74 -67.47 -73.66
N HIS O 519 -28.83 -68.57 -72.89
CA HIS O 519 -27.76 -68.85 -71.95
C HIS O 519 -26.52 -69.42 -72.61
N GLY O 520 -26.68 -70.16 -73.70
CA GLY O 520 -25.55 -70.65 -74.45
C GLY O 520 -24.80 -71.81 -73.85
N PHE O 521 -25.34 -72.46 -72.83
CA PHE O 521 -24.73 -73.65 -72.25
C PHE O 521 -25.34 -74.86 -72.95
N ASN O 522 -24.67 -75.30 -74.01
CA ASN O 522 -25.19 -76.39 -74.82
C ASN O 522 -25.15 -77.70 -74.04
N ASP O 523 -26.20 -78.51 -74.21
CA ASP O 523 -26.33 -79.82 -73.58
C ASP O 523 -26.49 -79.73 -72.07
N ILE O 524 -26.95 -78.60 -71.56
CA ILE O 524 -27.29 -78.53 -70.14
C ILE O 524 -28.61 -79.27 -69.91
N PRO O 525 -28.72 -80.11 -68.88
CA PRO O 525 -30.01 -80.72 -68.56
C PRO O 525 -31.01 -79.68 -68.08
N ASP O 526 -32.28 -79.99 -68.26
CA ASP O 526 -33.33 -79.09 -67.81
C ASP O 526 -33.49 -79.18 -66.29
N ASN O 527 -33.88 -78.05 -65.70
CA ASN O 527 -34.08 -77.94 -64.25
C ASN O 527 -32.81 -78.29 -63.49
N TRP O 528 -31.66 -77.90 -64.06
CA TRP O 528 -30.37 -78.09 -63.42
C TRP O 528 -29.81 -76.78 -62.88
N ALA O 529 -29.76 -75.74 -63.69
CA ALA O 529 -29.25 -74.45 -63.29
C ALA O 529 -30.34 -73.39 -63.43
N MET O 530 -30.05 -72.23 -62.87
CA MET O 530 -31.00 -71.12 -62.79
C MET O 530 -30.20 -69.83 -62.70
N LEU O 531 -30.75 -68.75 -63.27
CA LEU O 531 -30.09 -67.46 -63.24
C LEU O 531 -30.55 -66.67 -62.02
N ASP O 532 -29.58 -66.14 -61.28
CA ASP O 532 -29.89 -65.24 -60.17
C ASP O 532 -30.26 -63.88 -60.73
N PRO O 533 -31.47 -63.39 -60.48
CA PRO O 533 -31.88 -62.11 -61.08
C PRO O 533 -31.02 -60.93 -60.68
N ILE O 534 -30.47 -60.91 -59.47
CA ILE O 534 -29.78 -59.70 -58.99
C ILE O 534 -28.34 -59.60 -59.45
N LYS O 535 -27.82 -60.60 -60.16
CA LYS O 535 -26.50 -60.50 -60.79
C LYS O 535 -26.74 -60.26 -62.27
N VAL O 536 -26.82 -58.99 -62.64
CA VAL O 536 -27.29 -58.60 -63.97
C VAL O 536 -26.10 -58.46 -64.91
N SER O 537 -26.04 -59.32 -65.92
CA SER O 537 -25.06 -59.22 -66.99
C SER O 537 -25.69 -58.52 -68.18
N ILE O 538 -24.97 -57.58 -68.76
CA ILE O 538 -25.38 -56.96 -70.01
C ILE O 538 -24.39 -57.35 -71.08
N LEU O 539 -24.87 -57.50 -72.30
CA LEU O 539 -24.08 -57.98 -73.42
C LEU O 539 -23.90 -56.85 -74.42
N ALA O 540 -22.66 -56.56 -74.74
CA ALA O 540 -22.38 -55.66 -75.85
C ALA O 540 -22.50 -56.42 -77.18
N PRO O 541 -22.90 -55.74 -78.24
CA PRO O 541 -23.06 -56.43 -79.53
C PRO O 541 -21.72 -56.85 -80.10
N GLY O 542 -21.75 -57.93 -80.89
CA GLY O 542 -20.55 -58.39 -81.57
C GLY O 542 -20.39 -59.89 -81.63
N MET O 543 -21.10 -60.61 -80.76
CA MET O 543 -20.99 -62.06 -80.68
C MET O 543 -22.23 -62.68 -81.30
N GLY O 544 -22.03 -63.55 -82.29
CA GLY O 544 -23.14 -64.26 -82.89
C GLY O 544 -23.64 -65.39 -82.04
N ASP O 545 -24.89 -65.79 -82.29
CA ASP O 545 -25.49 -66.88 -81.54
C ASP O 545 -24.81 -68.22 -81.79
N ASP O 546 -24.15 -68.37 -82.94
CA ASP O 546 -23.44 -69.59 -83.27
C ASP O 546 -22.12 -69.74 -82.53
N GLY O 547 -21.58 -68.66 -81.98
CA GLY O 547 -20.30 -68.69 -81.31
C GLY O 547 -19.20 -67.91 -81.99
N LYS O 548 -19.46 -67.37 -83.18
CA LYS O 548 -18.48 -66.60 -83.92
C LYS O 548 -18.88 -65.13 -83.96
N LEU O 549 -17.87 -64.28 -84.11
CA LEU O 549 -18.09 -62.84 -84.08
C LEU O 549 -18.88 -62.39 -85.31
N LEU O 550 -19.59 -61.28 -85.15
CA LEU O 550 -20.32 -60.66 -86.24
C LEU O 550 -19.39 -59.73 -87.01
N ASP O 551 -19.94 -59.05 -88.02
CA ASP O 551 -19.13 -58.17 -88.84
C ASP O 551 -18.73 -56.91 -88.07
N THR O 552 -19.55 -56.49 -87.12
CA THR O 552 -19.29 -55.30 -86.32
C THR O 552 -19.71 -55.56 -84.88
N GLY O 553 -19.20 -54.75 -83.98
CA GLY O 553 -19.54 -54.89 -82.57
C GLY O 553 -18.84 -53.82 -81.75
N VAL O 554 -19.19 -53.82 -80.47
CA VAL O 554 -18.61 -52.90 -79.49
C VAL O 554 -17.96 -53.74 -78.39
N PRO O 555 -16.64 -53.76 -78.28
CA PRO O 555 -16.00 -54.54 -77.22
C PRO O 555 -16.31 -53.99 -75.84
N ALA O 556 -16.41 -54.90 -74.87
CA ALA O 556 -16.80 -54.51 -73.52
C ALA O 556 -15.72 -53.77 -72.77
N ALA O 557 -14.45 -53.86 -73.20
CA ALA O 557 -13.39 -53.15 -72.51
C ALA O 557 -13.58 -51.64 -72.60
N LEU O 558 -14.02 -51.16 -73.76
CA LEU O 558 -14.25 -49.73 -73.94
C LEU O 558 -15.44 -49.25 -73.10
N VAL O 559 -16.51 -50.05 -73.06
CA VAL O 559 -17.65 -49.71 -72.22
C VAL O 559 -17.25 -49.71 -70.75
N THR O 560 -16.38 -50.64 -70.36
CA THR O 560 -15.88 -50.69 -68.99
C THR O 560 -15.08 -49.43 -68.67
N ALA O 561 -14.24 -48.98 -69.61
CA ALA O 561 -13.50 -47.74 -69.40
C ALA O 561 -14.46 -46.57 -69.22
N TRP O 562 -15.51 -46.51 -70.04
CA TRP O 562 -16.53 -45.47 -69.89
C TRP O 562 -17.17 -45.50 -68.51
N LEU O 563 -17.59 -46.69 -68.08
CA LEU O 563 -18.25 -46.82 -66.78
C LEU O 563 -17.31 -46.44 -65.65
N ASN O 564 -16.05 -46.88 -65.72
CA ASN O 564 -15.07 -46.48 -64.72
C ASN O 564 -14.90 -44.96 -64.70
N HIS O 565 -14.87 -44.33 -65.87
CA HIS O 565 -14.80 -42.88 -65.93
C HIS O 565 -15.98 -42.25 -65.21
N TYR O 566 -17.15 -42.88 -65.25
CA TYR O 566 -18.29 -42.35 -64.53
C TYR O 566 -18.47 -42.96 -63.14
N GLY O 567 -17.49 -43.72 -62.67
CA GLY O 567 -17.47 -44.22 -61.31
C GLY O 567 -18.05 -45.62 -61.14
N ILE O 568 -18.80 -46.11 -62.13
CA ILE O 568 -19.37 -47.44 -62.04
C ILE O 568 -18.26 -48.46 -62.30
N VAL O 569 -18.08 -49.39 -61.38
CA VAL O 569 -17.05 -50.42 -61.53
C VAL O 569 -17.74 -51.77 -61.58
N PRO O 570 -17.76 -52.45 -62.72
CA PRO O 570 -18.40 -53.77 -62.82
C PRO O 570 -17.64 -54.83 -62.04
N THR O 571 -18.38 -55.86 -61.63
CA THR O 571 -17.81 -56.97 -60.88
C THR O 571 -17.05 -57.93 -61.79
N ARG O 572 -17.64 -58.28 -62.93
CA ARG O 572 -17.02 -59.19 -63.89
C ARG O 572 -17.10 -58.58 -65.28
N THR O 573 -16.18 -59.03 -66.15
CA THR O 573 -16.12 -58.51 -67.51
C THR O 573 -15.43 -59.53 -68.40
N THR O 574 -16.01 -59.80 -69.56
CA THR O 574 -15.40 -60.57 -70.64
C THR O 574 -15.35 -59.68 -71.88
N ASP O 575 -15.04 -60.31 -73.03
CA ASP O 575 -14.96 -59.56 -74.29
C ASP O 575 -16.27 -58.83 -74.58
N PHE O 576 -17.41 -59.52 -74.50
CA PHE O 576 -18.72 -58.89 -74.60
C PHE O 576 -19.57 -59.39 -73.44
N GLN O 577 -19.35 -58.82 -72.26
CA GLN O 577 -20.19 -59.08 -71.09
C GLN O 577 -19.78 -58.16 -69.95
N ILE O 578 -20.73 -57.49 -69.33
CA ILE O 578 -20.46 -56.65 -68.18
C ILE O 578 -21.48 -56.99 -67.10
N MET O 579 -21.00 -57.29 -65.91
CA MET O 579 -21.83 -57.75 -64.80
C MET O 579 -22.00 -56.62 -63.79
N PHE O 580 -23.24 -56.37 -63.38
CA PHE O 580 -23.56 -55.39 -62.37
C PHE O 580 -24.21 -56.08 -61.18
N LEU O 581 -23.84 -55.66 -59.98
CA LEU O 581 -24.38 -56.22 -58.76
C LEU O 581 -25.52 -55.36 -58.24
N PHE O 582 -26.65 -55.98 -57.99
CA PHE O 582 -27.75 -55.36 -57.25
C PHE O 582 -27.73 -55.95 -55.84
N SER O 583 -27.54 -55.10 -54.84
CA SER O 583 -27.43 -55.55 -53.46
C SER O 583 -28.53 -54.93 -52.63
N MET O 584 -28.62 -55.37 -51.38
CA MET O 584 -29.61 -54.83 -50.46
C MET O 584 -29.29 -53.40 -50.03
N GLY O 585 -28.12 -52.90 -50.36
CA GLY O 585 -27.77 -51.51 -50.15
C GLY O 585 -28.14 -50.57 -51.27
N ILE O 586 -28.71 -51.08 -52.36
CA ILE O 586 -29.16 -50.21 -53.45
C ILE O 586 -30.44 -49.51 -53.06
N THR O 587 -30.67 -48.34 -53.64
CA THR O 587 -31.90 -47.60 -53.45
C THR O 587 -32.75 -47.70 -54.71
N LYS O 588 -34.05 -47.47 -54.53
CA LYS O 588 -35.01 -47.70 -55.61
C LYS O 588 -34.81 -46.69 -56.74
N GLY O 589 -34.87 -47.17 -57.97
CA GLY O 589 -34.71 -46.33 -59.14
C GLY O 589 -33.28 -45.96 -59.47
N LYS O 590 -32.30 -46.54 -58.77
CA LYS O 590 -30.90 -46.21 -59.00
C LYS O 590 -30.41 -46.67 -60.38
N TRP O 591 -31.01 -47.71 -60.93
CA TRP O 591 -30.59 -48.24 -62.23
C TRP O 591 -30.85 -47.27 -63.38
N GLY O 592 -31.63 -46.21 -63.14
CA GLY O 592 -31.78 -45.18 -64.15
C GLY O 592 -30.47 -44.51 -64.50
N THR O 593 -29.58 -44.35 -63.51
CA THR O 593 -28.24 -43.84 -63.80
C THR O 593 -27.49 -44.76 -64.74
N LEU O 594 -27.58 -46.07 -64.51
CA LEU O 594 -26.91 -47.02 -65.39
C LEU O 594 -27.44 -46.93 -66.81
N VAL O 595 -28.76 -46.86 -66.95
CA VAL O 595 -29.36 -46.74 -68.28
C VAL O 595 -28.92 -45.45 -68.95
N ASN O 596 -28.91 -44.34 -68.21
CA ASN O 596 -28.49 -43.06 -68.75
C ASN O 596 -27.04 -43.10 -69.21
N THR O 597 -26.17 -43.72 -68.41
CA THR O 597 -24.76 -43.83 -68.78
C THR O 597 -24.59 -44.65 -70.05
N LEU O 598 -25.31 -45.76 -70.17
CA LEU O 598 -25.20 -46.56 -71.38
C LEU O 598 -25.71 -45.80 -72.61
N LEU O 599 -26.80 -45.05 -72.46
CA LEU O 599 -27.31 -44.26 -73.57
C LEU O 599 -26.32 -43.17 -73.98
N SER O 600 -25.71 -42.49 -73.01
CA SER O 600 -24.74 -41.47 -73.36
C SER O 600 -23.50 -42.07 -74.01
N PHE O 601 -23.08 -43.26 -73.58
CA PHE O 601 -22.01 -43.94 -74.28
C PHE O 601 -22.39 -44.22 -75.72
N LYS O 602 -23.61 -44.70 -75.95
CA LYS O 602 -24.04 -44.97 -77.32
C LYS O 602 -24.04 -43.71 -78.16
N ARG O 603 -24.48 -42.59 -77.58
CA ARG O 603 -24.46 -41.32 -78.31
C ARG O 603 -23.05 -40.93 -78.71
N HIS O 604 -22.12 -40.95 -77.74
CA HIS O 604 -20.75 -40.56 -78.06
C HIS O 604 -20.07 -41.55 -78.99
N TYR O 605 -20.49 -42.82 -78.96
CA TYR O 605 -19.93 -43.82 -79.87
C TYR O 605 -20.41 -43.60 -81.28
N ASP O 606 -21.71 -43.30 -81.45
CA ASP O 606 -22.23 -43.01 -82.78
C ASP O 606 -21.66 -41.71 -83.32
N ASN O 607 -21.36 -40.75 -82.45
CA ASN O 607 -20.79 -39.49 -82.91
C ASN O 607 -19.27 -39.53 -83.08
N ASN O 608 -18.63 -40.63 -82.70
CA ASN O 608 -17.18 -40.78 -82.78
C ASN O 608 -16.47 -39.62 -82.06
N THR O 609 -16.91 -39.34 -80.84
CA THR O 609 -16.31 -38.26 -80.07
C THR O 609 -14.87 -38.58 -79.75
N ALA O 610 -14.00 -37.58 -79.85
CA ALA O 610 -12.58 -37.77 -79.62
C ALA O 610 -12.32 -38.21 -78.18
N LEU O 611 -11.42 -39.18 -78.02
CA LEU O 611 -11.14 -39.73 -76.69
C LEU O 611 -10.61 -38.68 -75.73
N LYS O 612 -9.98 -37.61 -76.23
CA LYS O 612 -9.51 -36.56 -75.33
C LYS O 612 -10.66 -35.88 -74.60
N LYS O 613 -11.78 -35.66 -75.29
CA LYS O 613 -12.91 -35.00 -74.65
C LYS O 613 -13.61 -35.91 -73.64
N VAL O 614 -13.82 -37.17 -73.99
CA VAL O 614 -14.65 -38.06 -73.18
C VAL O 614 -13.83 -38.89 -72.20
N LEU O 615 -12.69 -39.44 -72.65
CA LEU O 615 -11.90 -40.37 -71.84
C LEU O 615 -10.45 -39.90 -71.79
N PRO O 616 -10.17 -38.80 -71.09
CA PRO O 616 -8.78 -38.33 -71.00
C PRO O 616 -7.84 -39.32 -70.34
N GLU O 617 -8.33 -40.12 -69.39
CA GLU O 617 -7.46 -41.09 -68.73
C GLU O 617 -6.99 -42.18 -69.70
N VAL O 618 -7.84 -42.56 -70.65
CA VAL O 618 -7.41 -43.50 -71.68
C VAL O 618 -6.31 -42.90 -72.53
N VAL O 619 -6.47 -41.62 -72.91
CA VAL O 619 -5.46 -40.96 -73.72
C VAL O 619 -4.13 -40.88 -72.96
N ALA O 620 -4.21 -40.63 -71.66
CA ALA O 620 -3.01 -40.45 -70.84
C ALA O 620 -2.14 -41.71 -70.79
N SER O 621 -2.66 -42.86 -71.18
CA SER O 621 -1.83 -44.07 -71.23
C SER O 621 -0.86 -44.01 -72.40
N ALA O 622 -1.39 -43.91 -73.62
CA ALA O 622 -0.57 -43.85 -74.83
C ALA O 622 -1.02 -42.66 -75.67
N PRO O 623 -0.58 -41.45 -75.31
CA PRO O 623 -1.05 -40.26 -76.03
C PRO O 623 -0.68 -40.26 -77.50
N GLU O 624 0.37 -40.98 -77.90
CA GLU O 624 0.73 -41.06 -79.31
C GLU O 624 -0.22 -41.95 -80.10
N ILE O 625 -0.87 -42.91 -79.46
CA ILE O 625 -1.79 -43.82 -80.13
C ILE O 625 -3.22 -43.31 -80.06
N TYR O 626 -3.71 -43.02 -78.86
CA TYR O 626 -5.09 -42.63 -78.66
C TYR O 626 -5.35 -41.16 -78.94
N GLY O 627 -4.32 -40.33 -79.03
CA GLY O 627 -4.51 -38.97 -79.46
C GLY O 627 -5.02 -38.92 -80.88
N GLU O 628 -5.85 -37.92 -81.16
CA GLU O 628 -6.47 -37.72 -82.48
C GLU O 628 -7.30 -38.93 -82.91
N MET O 629 -7.86 -39.66 -81.96
CA MET O 629 -8.64 -40.85 -82.23
C MET O 629 -10.00 -40.73 -81.56
N GLY O 630 -11.05 -41.22 -82.24
CA GLY O 630 -12.39 -41.15 -81.69
C GLY O 630 -12.79 -42.41 -80.95
N LEU O 631 -13.94 -42.34 -80.28
CA LEU O 631 -14.46 -43.48 -79.53
C LEU O 631 -14.74 -44.66 -80.45
N ARG O 632 -15.43 -44.41 -81.57
CA ARG O 632 -15.74 -45.48 -82.49
C ARG O 632 -14.50 -45.99 -83.21
N ASP O 633 -13.52 -45.13 -83.45
CA ASP O 633 -12.27 -45.59 -84.05
C ASP O 633 -11.60 -46.63 -83.16
N LEU O 634 -11.48 -46.33 -81.86
CA LEU O 634 -10.90 -47.28 -80.93
C LEU O 634 -11.75 -48.54 -80.82
N GLY O 635 -13.08 -48.39 -80.80
CA GLY O 635 -13.94 -49.56 -80.72
C GLY O 635 -13.78 -50.48 -81.91
N ASP O 636 -13.78 -49.92 -83.12
CA ASP O 636 -13.57 -50.73 -84.32
C ASP O 636 -12.17 -51.31 -84.38
N LYS O 637 -11.16 -50.60 -83.90
CA LYS O 637 -9.83 -51.19 -83.82
C LYS O 637 -9.82 -52.42 -82.93
N MET O 638 -10.41 -52.29 -81.74
CA MET O 638 -10.49 -53.43 -80.82
C MET O 638 -11.28 -54.58 -81.42
N PHE O 639 -12.39 -54.28 -82.09
CA PHE O 639 -13.20 -55.34 -82.66
C PHE O 639 -12.47 -56.03 -83.81
N ALA O 640 -11.73 -55.28 -84.63
CA ALA O 640 -10.94 -55.88 -85.68
C ALA O 640 -9.86 -56.78 -85.10
N TYR O 641 -9.23 -56.33 -84.02
CA TYR O 641 -8.24 -57.19 -83.34
C TYR O 641 -8.88 -58.47 -82.84
N LEU O 642 -10.06 -58.37 -82.22
CA LEU O 642 -10.73 -59.56 -81.72
C LEU O 642 -11.11 -60.50 -82.86
N GLN O 643 -11.60 -59.94 -83.96
CA GLN O 643 -11.96 -60.76 -85.12
C GLN O 643 -10.75 -61.49 -85.67
N LYS O 644 -9.61 -60.80 -85.77
CA LYS O 644 -8.41 -61.43 -86.30
C LYS O 644 -7.89 -62.53 -85.37
N ASN O 645 -7.81 -62.24 -84.07
CA ASN O 645 -7.13 -63.15 -83.15
C ASN O 645 -8.06 -64.19 -82.55
N ASN O 646 -9.34 -63.87 -82.39
CA ASN O 646 -10.34 -64.77 -81.81
C ASN O 646 -9.88 -65.34 -80.48
N PRO O 647 -9.71 -64.51 -79.45
CA PRO O 647 -9.28 -65.04 -78.14
C PRO O 647 -10.31 -65.93 -77.46
N GLY O 648 -11.58 -65.89 -77.86
CA GLY O 648 -12.57 -66.76 -77.25
C GLY O 648 -12.29 -68.23 -77.52
N ALA O 649 -11.84 -68.53 -78.74
CA ALA O 649 -11.42 -69.91 -79.04
C ALA O 649 -10.21 -70.29 -78.21
N ARG O 650 -9.29 -69.35 -77.98
CA ARG O 650 -8.14 -69.64 -77.13
C ARG O 650 -8.59 -69.97 -75.71
N LEU O 651 -9.54 -69.20 -75.17
CA LEU O 651 -10.06 -69.48 -73.84
C LEU O 651 -10.74 -70.85 -73.80
N ASN O 652 -11.52 -71.17 -74.83
CA ASN O 652 -12.19 -72.46 -74.86
C ASN O 652 -11.19 -73.61 -74.91
N GLN O 653 -10.12 -73.46 -75.70
CA GLN O 653 -9.10 -74.50 -75.76
C GLN O 653 -8.37 -74.64 -74.43
N ALA O 654 -8.05 -73.50 -73.79
CA ALA O 654 -7.31 -73.56 -72.53
C ALA O 654 -8.13 -74.16 -71.41
N TYR O 655 -9.45 -73.95 -71.41
CA TYR O 655 -10.25 -74.40 -70.27
C TYR O 655 -10.99 -75.70 -70.53
N SER O 656 -11.10 -76.15 -71.78
CA SER O 656 -11.69 -77.44 -72.04
C SER O 656 -10.75 -78.59 -71.71
N GLN O 657 -9.45 -78.37 -71.85
CA GLN O 657 -8.44 -79.38 -71.55
C GLN O 657 -7.75 -79.03 -70.23
N LEU O 658 -7.68 -79.99 -69.33
CA LEU O 658 -6.99 -79.75 -68.07
C LEU O 658 -5.49 -79.92 -68.24
N PRO O 659 -4.70 -79.11 -67.54
CA PRO O 659 -3.25 -79.28 -67.58
C PRO O 659 -2.82 -80.59 -66.92
N GLN O 660 -1.65 -81.06 -67.34
CA GLN O 660 -1.09 -82.26 -66.73
C GLN O 660 -0.65 -81.97 -65.30
N VAL O 661 -1.02 -82.86 -64.39
CA VAL O 661 -0.70 -82.70 -62.97
C VAL O 661 0.61 -83.42 -62.67
N MET O 662 1.56 -82.71 -62.07
CA MET O 662 2.84 -83.29 -61.71
C MET O 662 2.98 -83.55 -60.21
N MET O 663 2.41 -82.69 -59.37
CA MET O 663 2.46 -82.88 -57.93
C MET O 663 1.27 -82.17 -57.31
N THR O 664 1.04 -82.47 -56.03
CA THR O 664 -0.02 -81.80 -55.30
C THR O 664 0.31 -80.33 -55.10
N PRO O 665 -0.70 -79.50 -54.88
CA PRO O 665 -0.41 -78.07 -54.59
C PRO O 665 0.49 -77.87 -53.39
N ARG O 666 0.39 -78.72 -52.37
CA ARG O 666 1.28 -78.60 -51.21
C ARG O 666 2.73 -78.83 -51.61
N ASP O 667 3.00 -79.82 -52.45
CA ASP O 667 4.36 -80.06 -52.91
C ASP O 667 4.90 -78.89 -53.70
N ALA O 668 4.08 -78.32 -54.58
CA ALA O 668 4.50 -77.15 -55.34
C ALA O 668 4.82 -75.98 -54.42
N TYR O 669 3.98 -75.74 -53.41
CA TYR O 669 4.27 -74.64 -52.50
C TYR O 669 5.53 -74.90 -51.67
N GLN O 670 5.74 -76.15 -51.25
CA GLN O 670 6.95 -76.48 -50.51
C GLN O 670 8.20 -76.34 -51.37
N GLN O 671 8.07 -76.43 -52.70
CA GLN O 671 9.15 -76.01 -53.56
C GLN O 671 9.47 -74.53 -53.40
N ILE O 672 8.44 -73.70 -53.25
CA ILE O 672 8.64 -72.27 -52.98
C ILE O 672 9.37 -72.09 -51.66
N VAL O 673 8.95 -72.83 -50.63
CA VAL O 673 9.57 -72.69 -49.32
C VAL O 673 11.04 -73.10 -49.38
N ALA O 674 11.35 -74.13 -50.15
CA ALA O 674 12.72 -74.61 -50.30
C ALA O 674 13.54 -73.76 -51.26
N ASN O 675 12.99 -72.66 -51.75
CA ASN O 675 13.67 -71.75 -52.68
C ASN O 675 14.05 -72.45 -53.98
N ARG O 676 13.34 -73.50 -54.34
CA ARG O 676 13.53 -74.18 -55.62
C ARG O 676 12.57 -73.67 -56.68
N VAL O 677 12.49 -72.35 -56.88
CA VAL O 677 11.60 -71.75 -57.86
C VAL O 677 12.32 -70.59 -58.55
N GLU O 678 11.80 -70.21 -59.70
CA GLU O 678 12.37 -69.13 -60.49
C GLU O 678 11.28 -68.48 -61.32
N ALA O 679 11.53 -67.23 -61.72
CA ALA O 679 10.62 -66.49 -62.59
C ALA O 679 10.95 -66.83 -64.04
N VAL O 680 9.96 -67.32 -64.77
CA VAL O 680 10.13 -67.81 -66.13
C VAL O 680 9.24 -66.99 -67.05
N PRO O 681 9.75 -66.45 -68.16
CA PRO O 681 8.89 -65.75 -69.11
C PRO O 681 7.93 -66.70 -69.81
N VAL O 682 6.88 -66.13 -70.39
CA VAL O 682 5.84 -66.93 -71.02
C VAL O 682 6.38 -67.75 -72.18
N ASP O 683 7.28 -67.17 -72.97
CA ASP O 683 7.81 -67.89 -74.12
C ASP O 683 8.71 -69.06 -73.73
N GLN O 684 9.09 -69.18 -72.46
CA GLN O 684 9.93 -70.27 -72.00
C GLN O 684 9.19 -71.21 -71.05
N LEU O 685 7.87 -71.19 -71.07
CA LEU O 685 7.07 -71.94 -70.11
C LEU O 685 6.90 -73.41 -70.47
N MET O 686 7.35 -73.84 -71.66
CA MET O 686 7.10 -75.20 -72.11
C MET O 686 7.77 -76.21 -71.19
N GLY O 687 6.97 -77.14 -70.67
CA GLY O 687 7.48 -78.18 -69.80
C GLY O 687 7.62 -77.79 -68.34
N ARG O 688 7.36 -76.53 -67.99
CA ARG O 688 7.59 -76.04 -66.65
C ARG O 688 6.37 -76.30 -65.76
N VAL O 689 6.63 -76.46 -64.47
CA VAL O 689 5.58 -76.68 -63.48
C VAL O 689 5.36 -75.38 -62.73
N ALA O 690 4.13 -74.89 -62.75
CA ALA O 690 3.80 -73.64 -62.07
C ALA O 690 3.91 -73.81 -60.57
N ALA O 691 4.54 -72.82 -59.92
CA ALA O 691 4.68 -72.87 -58.47
C ALA O 691 3.44 -72.36 -57.76
N ASN O 692 2.67 -71.49 -58.40
CA ASN O 692 1.41 -70.98 -57.86
C ASN O 692 0.34 -71.04 -58.95
N SER O 693 -0.87 -70.64 -58.59
CA SER O 693 -1.99 -70.71 -59.51
C SER O 693 -1.99 -69.54 -60.48
N ILE O 694 -2.44 -69.81 -61.70
CA ILE O 694 -2.58 -68.80 -62.74
C ILE O 694 -4.07 -68.60 -62.98
N ILE O 695 -4.56 -67.40 -62.69
CA ILE O 695 -5.96 -67.06 -62.84
C ILE O 695 -6.07 -65.87 -63.78
N PRO O 696 -6.34 -66.12 -65.06
CA PRO O 696 -6.57 -65.01 -66.00
C PRO O 696 -7.97 -64.44 -65.87
N TYR O 697 -8.07 -63.15 -66.14
CA TYR O 697 -9.36 -62.46 -66.19
C TYR O 697 -9.55 -61.87 -67.59
N PRO O 698 -10.45 -62.40 -68.41
CA PRO O 698 -11.38 -63.52 -68.18
C PRO O 698 -10.67 -64.88 -68.27
N PRO O 699 -11.32 -65.95 -67.81
CA PRO O 699 -12.67 -66.04 -67.24
C PRO O 699 -12.74 -65.90 -65.72
N GLY O 700 -11.61 -65.57 -65.08
CA GLY O 700 -11.62 -65.34 -63.66
C GLY O 700 -11.57 -66.57 -62.79
N ILE O 701 -11.37 -67.75 -63.37
CA ILE O 701 -11.21 -68.97 -62.60
C ILE O 701 -9.85 -69.56 -62.99
N PRO O 702 -9.21 -70.34 -62.12
CA PRO O 702 -7.81 -70.73 -62.38
C PRO O 702 -7.67 -71.60 -63.62
N MET O 703 -6.72 -71.23 -64.47
CA MET O 703 -6.40 -72.07 -65.63
C MET O 703 -5.39 -73.13 -65.24
N LEU O 704 -4.45 -72.79 -64.36
CA LEU O 704 -3.49 -73.74 -63.81
C LEU O 704 -3.48 -73.60 -62.29
N LEU O 705 -3.42 -74.73 -61.60
CA LEU O 705 -3.17 -74.75 -60.16
C LEU O 705 -1.70 -75.06 -59.90
N SER O 706 -1.30 -74.88 -58.65
CA SER O 706 0.08 -75.17 -58.26
C SER O 706 0.37 -76.65 -58.46
N GLY O 707 1.53 -76.94 -59.06
CA GLY O 707 1.91 -78.30 -59.32
C GLY O 707 1.41 -78.87 -60.63
N GLU O 708 0.95 -78.03 -61.55
CA GLU O 708 0.45 -78.46 -62.85
C GLU O 708 1.40 -78.03 -63.95
N ASN O 709 1.60 -78.91 -64.93
CA ASN O 709 2.49 -78.63 -66.04
C ASN O 709 1.86 -77.64 -67.00
N PHE O 710 2.69 -76.78 -67.57
CA PHE O 710 2.18 -75.83 -68.57
C PHE O 710 1.93 -76.48 -69.91
N GLY O 711 2.67 -77.52 -70.25
CA GLY O 711 2.47 -78.25 -71.49
C GLY O 711 3.56 -77.96 -72.50
N ASP O 712 3.43 -78.64 -73.64
CA ASP O 712 4.40 -78.53 -74.73
C ASP O 712 4.19 -77.27 -75.57
N GLU O 713 4.81 -77.23 -76.74
CA GLU O 713 4.75 -76.04 -77.59
C GLU O 713 3.31 -75.69 -77.97
N ASN O 714 2.50 -76.69 -78.28
CA ASN O 714 1.13 -76.48 -78.73
C ASN O 714 0.13 -76.42 -77.59
N SER O 715 0.58 -76.21 -76.37
CA SER O 715 -0.33 -76.20 -75.23
C SER O 715 -1.28 -75.01 -75.32
N PRO O 716 -2.59 -75.22 -75.17
CA PRO O 716 -3.52 -74.09 -75.20
C PRO O 716 -3.33 -73.10 -74.07
N HIS O 717 -2.74 -73.51 -72.95
CA HIS O 717 -2.62 -72.60 -71.81
C HIS O 717 -1.56 -71.54 -72.05
N ILE O 718 -0.40 -71.94 -72.56
CA ILE O 718 0.62 -70.97 -72.95
C ILE O 718 0.09 -70.09 -74.07
N HIS O 719 -0.70 -70.66 -74.98
CA HIS O 719 -1.29 -69.88 -76.06
C HIS O 719 -2.22 -68.81 -75.53
N TYR O 720 -3.06 -69.15 -74.54
CA TYR O 720 -3.97 -68.17 -73.96
C TYR O 720 -3.20 -67.08 -73.23
N LEU O 721 -2.15 -67.46 -72.50
CA LEU O 721 -1.33 -66.45 -71.83
C LEU O 721 -0.69 -65.51 -72.84
N ARG O 722 -0.21 -66.06 -73.96
CA ARG O 722 0.36 -65.24 -75.02
C ARG O 722 -0.69 -64.30 -75.62
N SER O 723 -1.92 -64.80 -75.80
CA SER O 723 -2.98 -63.96 -76.33
C SER O 723 -3.27 -62.78 -75.41
N LEU O 724 -3.34 -63.04 -74.10
CA LEU O 724 -3.56 -61.94 -73.16
C LEU O 724 -2.40 -60.95 -73.19
N GLN O 725 -1.17 -61.45 -73.27
CA GLN O 725 -0.02 -60.57 -73.34
C GLN O 725 -0.05 -59.71 -74.59
N ALA O 726 -0.43 -60.31 -75.73
CA ALA O 726 -0.50 -59.57 -76.98
C ALA O 726 -1.58 -58.49 -76.91
N TRP O 727 -2.73 -58.81 -76.32
CA TRP O 727 -3.77 -57.79 -76.14
C TRP O 727 -3.24 -56.65 -75.28
N ASP O 728 -2.55 -56.97 -74.19
CA ASP O 728 -2.02 -55.92 -73.33
C ASP O 728 -1.04 -55.03 -74.08
N SER O 729 -0.19 -55.64 -74.91
CA SER O 729 0.77 -54.86 -75.67
C SER O 729 0.08 -53.97 -76.70
N GLU O 730 -0.97 -54.47 -77.35
CA GLU O 730 -1.63 -53.71 -78.41
C GLU O 730 -2.49 -52.58 -77.88
N PHE O 731 -3.07 -52.73 -76.68
CA PHE O 731 -4.01 -51.74 -76.15
C PHE O 731 -3.61 -51.31 -74.75
N PRO O 732 -2.68 -50.37 -74.62
CA PRO O 732 -2.35 -49.83 -73.30
C PRO O 732 -3.56 -49.17 -72.65
N GLY O 733 -3.66 -49.33 -71.34
CA GLY O 733 -4.79 -48.84 -70.59
C GLY O 733 -5.98 -49.78 -70.54
N PHE O 734 -5.94 -50.89 -71.26
CA PHE O 734 -6.99 -51.90 -71.28
C PHE O 734 -6.43 -53.27 -70.99
N GLU O 735 -5.44 -53.32 -70.09
CA GLU O 735 -4.68 -54.54 -69.86
C GLU O 735 -5.47 -55.52 -69.00
N HIS O 736 -5.39 -56.79 -69.37
CA HIS O 736 -6.04 -57.84 -68.59
C HIS O 736 -5.32 -58.05 -67.26
N GLU O 737 -6.07 -58.50 -66.26
CA GLU O 737 -5.49 -58.92 -64.99
C GLU O 737 -5.30 -60.43 -65.00
N THR O 738 -4.15 -60.87 -64.48
CA THR O 738 -3.85 -62.30 -64.39
C THR O 738 -3.16 -62.55 -63.07
N GLU O 739 -3.89 -63.08 -62.10
CA GLU O 739 -3.31 -63.44 -60.82
C GLU O 739 -2.31 -64.59 -60.99
N GLY O 740 -1.20 -64.50 -60.29
CA GLY O 740 -0.16 -65.51 -60.38
C GLY O 740 0.97 -65.19 -61.34
N THR O 741 1.00 -63.99 -61.90
CA THR O 741 2.05 -63.57 -62.82
C THR O 741 2.68 -62.28 -62.34
N GLU O 742 3.92 -62.05 -62.76
CA GLU O 742 4.61 -60.79 -62.55
C GLU O 742 4.81 -60.12 -63.90
N ILE O 743 4.49 -58.83 -63.98
CA ILE O 743 4.56 -58.08 -65.22
C ILE O 743 5.74 -57.13 -65.11
N ILE O 744 6.86 -57.51 -65.73
CA ILE O 744 8.07 -56.69 -65.76
C ILE O 744 8.21 -56.15 -67.18
N ASP O 745 8.40 -54.83 -67.28
CA ASP O 745 8.44 -54.09 -68.54
C ASP O 745 7.36 -54.57 -69.50
N GLY O 746 6.15 -54.78 -68.98
CA GLY O 746 5.04 -55.22 -69.81
C GLY O 746 5.08 -56.67 -70.22
N GLN O 747 5.99 -57.46 -69.67
CA GLN O 747 6.16 -58.85 -70.05
C GLN O 747 5.78 -59.75 -68.87
N TYR O 748 5.16 -60.88 -69.18
CA TYR O 748 4.63 -61.76 -68.15
C TYR O 748 5.72 -62.69 -67.63
N TYR O 749 5.81 -62.82 -66.32
CA TYR O 749 6.69 -63.78 -65.67
C TYR O 749 5.89 -64.67 -64.74
N VAL O 750 6.22 -65.95 -64.72
CA VAL O 750 5.53 -66.94 -63.91
C VAL O 750 6.55 -67.67 -63.05
N MET O 751 6.25 -67.79 -61.76
CA MET O 751 7.12 -68.53 -60.85
C MET O 751 6.94 -70.02 -61.09
N CYS O 752 8.04 -70.71 -61.40
CA CYS O 752 8.00 -72.11 -61.77
C CYS O 752 9.01 -72.90 -60.95
N VAL O 753 8.70 -74.18 -60.75
CA VAL O 753 9.59 -75.07 -60.01
C VAL O 753 10.86 -75.30 -60.82
N LYS O 754 12.02 -75.13 -60.18
CA LYS O 754 13.28 -75.45 -60.83
C LYS O 754 13.36 -76.94 -61.13
N THR O 755 13.75 -77.28 -62.34
CA THR O 755 13.80 -78.67 -62.77
C THR O 755 14.94 -79.43 -62.06
N MET P 1 -9.35 -25.07 -35.58
CA MET P 1 -8.11 -24.30 -35.49
C MET P 1 -8.04 -23.54 -34.17
N ARG P 2 -7.00 -23.81 -33.39
CA ARG P 2 -6.82 -23.16 -32.10
C ARG P 2 -5.41 -22.57 -32.03
N ALA P 3 -5.32 -21.30 -31.70
CA ALA P 3 -4.05 -20.62 -31.48
C ALA P 3 -3.88 -20.31 -30.01
N LEU P 4 -2.69 -20.59 -29.49
CA LEU P 4 -2.34 -20.31 -28.11
C LEU P 4 -1.43 -19.10 -28.06
N ILE P 5 -1.80 -18.10 -27.27
CA ILE P 5 -1.02 -16.87 -27.10
C ILE P 5 -0.52 -16.82 -25.67
N VAL P 6 0.80 -16.82 -25.51
CA VAL P 6 1.45 -16.78 -24.20
C VAL P 6 2.40 -15.60 -24.19
N TYR P 7 2.01 -14.51 -23.54
CA TYR P 7 2.88 -13.36 -23.39
C TYR P 7 2.81 -12.88 -21.94
N THR P 8 3.93 -12.40 -21.41
CA THR P 8 4.01 -12.03 -20.00
C THR P 8 4.11 -10.52 -19.82
N GLU P 9 5.18 -9.89 -20.30
CA GLU P 9 5.36 -8.44 -20.16
C GLU P 9 6.28 -8.00 -21.31
N LEU P 10 5.68 -7.48 -22.37
CA LEU P 10 6.48 -7.06 -23.52
C LEU P 10 6.85 -5.58 -23.43
N THR P 11 5.98 -4.75 -22.88
CA THR P 11 6.22 -3.32 -22.74
C THR P 11 6.25 -2.95 -21.26
N ASP P 12 6.95 -1.85 -20.96
CA ASP P 12 7.01 -1.35 -19.60
C ASP P 12 5.62 -1.03 -19.04
N LYS P 13 4.69 -0.66 -19.91
CA LYS P 13 3.30 -0.46 -19.53
C LYS P 13 2.46 -1.52 -20.20
N ASP P 14 1.69 -2.26 -19.39
CA ASP P 14 1.03 -3.47 -19.85
C ASP P 14 0.00 -3.19 -20.93
N SER P 15 -0.63 -2.01 -20.91
CA SER P 15 -1.80 -1.77 -21.75
C SER P 15 -1.47 -1.82 -23.23
N VAL P 16 -0.25 -1.44 -23.62
CA VAL P 16 0.10 -1.42 -25.04
C VAL P 16 0.07 -2.83 -25.63
N ILE P 17 0.83 -3.74 -25.02
CA ILE P 17 0.89 -5.11 -25.53
C ILE P 17 -0.46 -5.79 -25.36
N SER P 18 -1.17 -5.50 -24.28
CA SER P 18 -2.48 -6.10 -24.08
C SER P 18 -3.46 -5.69 -25.17
N HIS P 19 -3.47 -4.40 -25.53
CA HIS P 19 -4.38 -3.95 -26.59
C HIS P 19 -3.98 -4.52 -27.95
N ALA P 20 -2.67 -4.59 -28.22
CA ALA P 20 -2.23 -5.19 -29.48
C ALA P 20 -2.64 -6.65 -29.56
N VAL P 21 -2.46 -7.40 -28.47
CA VAL P 21 -2.85 -8.81 -28.45
C VAL P 21 -4.36 -8.96 -28.58
N ALA P 22 -5.12 -8.06 -27.96
CA ALA P 22 -6.57 -8.11 -28.10
C ALA P 22 -7.00 -7.89 -29.54
N ARG P 23 -6.38 -6.93 -30.22
CA ARG P 23 -6.69 -6.72 -31.64
C ARG P 23 -6.35 -7.95 -32.46
N LEU P 24 -5.18 -8.55 -32.20
CA LEU P 24 -4.80 -9.76 -32.93
C LEU P 24 -5.77 -10.91 -32.67
N ALA P 25 -6.19 -11.08 -31.42
CA ALA P 25 -7.13 -12.14 -31.09
C ALA P 25 -8.47 -11.93 -31.77
N SER P 26 -8.93 -10.67 -31.84
CA SER P 26 -10.18 -10.38 -32.55
C SER P 26 -10.04 -10.73 -34.03
N GLU P 27 -8.93 -10.34 -34.64
CA GLU P 27 -8.73 -10.67 -36.05
C GLU P 27 -8.63 -12.17 -36.28
N LEU P 28 -8.03 -12.90 -35.34
CA LEU P 28 -7.94 -14.36 -35.48
C LEU P 28 -9.31 -15.01 -35.32
N ASN P 29 -10.13 -14.50 -34.40
CA ASN P 29 -11.47 -15.04 -34.24
C ASN P 29 -12.33 -14.76 -35.46
N ASP P 30 -12.12 -13.61 -36.12
CA ASP P 30 -12.87 -13.32 -37.33
C ASP P 30 -12.55 -14.26 -38.48
N GLU P 31 -11.40 -14.95 -38.44
CA GLU P 31 -11.09 -15.98 -39.43
C GLU P 31 -11.25 -17.38 -38.86
N HIS P 32 -12.07 -17.53 -37.82
CA HIS P 32 -12.44 -18.83 -37.25
C HIS P 32 -11.24 -19.57 -36.67
N VAL P 33 -10.30 -18.85 -36.09
CA VAL P 33 -9.25 -19.44 -35.27
C VAL P 33 -9.56 -19.11 -33.82
N GLU P 34 -9.84 -20.14 -33.02
CA GLU P 34 -10.06 -19.93 -31.60
C GLU P 34 -8.75 -19.57 -30.92
N THR P 35 -8.82 -18.65 -29.97
CA THR P 35 -7.62 -18.15 -29.29
C THR P 35 -7.73 -18.37 -27.79
N VAL P 36 -6.64 -18.85 -27.20
CA VAL P 36 -6.48 -18.95 -25.76
C VAL P 36 -5.34 -18.01 -25.38
N ILE P 37 -5.62 -17.05 -24.52
CA ILE P 37 -4.65 -16.03 -24.12
C ILE P 37 -4.21 -16.33 -22.70
N ILE P 38 -2.91 -16.46 -22.51
CA ILE P 38 -2.31 -16.85 -21.23
C ILE P 38 -1.19 -15.88 -20.91
N ARG P 39 -1.14 -15.41 -19.67
CA ARG P 39 -0.18 -14.39 -19.27
C ARG P 39 1.03 -14.93 -18.52
N ASP P 40 1.13 -16.24 -18.32
CA ASP P 40 2.23 -16.80 -17.55
C ASP P 40 2.70 -18.09 -18.20
N PHE P 41 4.02 -18.31 -18.21
CA PHE P 41 4.56 -19.47 -18.89
C PHE P 41 4.25 -20.76 -18.16
N GLU P 42 4.10 -20.71 -16.83
CA GLU P 42 3.70 -21.92 -16.11
C GLU P 42 2.26 -22.29 -16.42
N ASP P 43 1.38 -21.30 -16.53
CA ASP P 43 0.00 -21.55 -16.95
C ASP P 43 -0.03 -22.10 -18.37
N GLY P 44 0.79 -21.55 -19.26
CA GLY P 44 0.86 -22.08 -20.62
C GLY P 44 1.38 -23.50 -20.66
N LEU P 45 2.36 -23.81 -19.80
CA LEU P 45 2.86 -25.17 -19.70
C LEU P 45 1.77 -26.13 -19.23
N ALA P 46 1.00 -25.73 -18.22
CA ALA P 46 -0.11 -26.55 -17.75
C ALA P 46 -1.14 -26.75 -18.85
N TYR P 47 -1.45 -25.70 -19.60
CA TYR P 47 -2.38 -25.82 -20.72
C TYR P 47 -1.87 -26.79 -21.77
N ILE P 48 -0.58 -26.71 -22.09
CA ILE P 48 0.00 -27.59 -23.10
C ILE P 48 -0.02 -29.04 -22.63
N ARG P 49 0.21 -29.27 -21.34
CA ARG P 49 0.22 -30.64 -20.83
C ARG P 49 -1.18 -31.26 -20.77
N SER P 50 -2.23 -30.48 -20.97
CA SER P 50 -3.54 -31.05 -21.22
C SER P 50 -3.65 -31.40 -22.70
N ASN P 51 -4.19 -32.59 -22.99
CA ASN P 51 -4.18 -33.12 -24.35
C ASN P 51 -5.18 -32.35 -25.22
N THR P 52 -4.88 -31.08 -25.42
CA THR P 52 -5.67 -30.19 -26.26
C THR P 52 -4.88 -29.88 -27.52
N SER P 53 -5.53 -29.98 -28.67
CA SER P 53 -4.86 -29.72 -29.93
C SER P 53 -4.58 -28.23 -30.08
N ILE P 54 -3.32 -27.89 -30.36
CA ILE P 54 -2.89 -26.52 -30.57
C ILE P 54 -2.34 -26.42 -31.98
N ASP P 55 -2.88 -25.52 -32.77
CA ASP P 55 -2.48 -25.40 -34.16
C ASP P 55 -1.39 -24.36 -34.38
N CYS P 56 -1.20 -23.43 -33.45
CA CYS P 56 -0.17 -22.40 -33.57
C CYS P 56 0.12 -21.82 -32.21
N LEU P 57 1.39 -21.55 -31.94
CA LEU P 57 1.82 -20.92 -30.70
C LEU P 57 2.38 -19.54 -31.03
N LEU P 58 1.82 -18.51 -30.41
CA LEU P 58 2.34 -17.16 -30.50
C LEU P 58 2.75 -16.73 -29.10
N TYR P 59 4.04 -16.44 -28.92
CA TYR P 59 4.54 -16.11 -27.60
C TYR P 59 5.41 -14.86 -27.64
N GLY P 60 5.49 -14.20 -26.50
CA GLY P 60 6.42 -13.10 -26.31
C GLY P 60 6.83 -13.05 -24.85
N ARG P 61 8.04 -12.58 -24.61
CA ARG P 61 8.59 -12.45 -23.27
C ARG P 61 9.13 -11.05 -23.05
N ASP P 62 9.81 -10.87 -21.92
CA ASP P 62 10.44 -9.59 -21.63
C ASP P 62 11.53 -9.25 -22.65
N MET P 63 12.25 -10.26 -23.12
CA MET P 63 13.32 -10.22 -24.11
C MET P 63 14.62 -9.70 -23.52
N SER P 64 14.63 -9.22 -22.28
CA SER P 64 15.85 -8.92 -21.58
C SER P 64 16.06 -9.81 -20.37
N ASP P 65 15.17 -10.75 -20.12
CA ASP P 65 15.25 -11.66 -18.97
C ASP P 65 15.65 -13.05 -19.46
N ARG P 66 16.79 -13.55 -18.96
CA ARG P 66 17.21 -14.89 -19.34
C ARG P 66 16.33 -15.97 -18.74
N ASP P 67 15.74 -15.71 -17.57
CA ASP P 67 14.85 -16.68 -16.96
C ASP P 67 13.60 -16.89 -17.82
N GLU P 68 13.02 -15.80 -18.32
CA GLU P 68 11.88 -15.94 -19.23
C GLU P 68 12.29 -16.59 -20.54
N GLN P 69 13.51 -16.38 -20.99
CA GLN P 69 14.00 -17.08 -22.18
C GLN P 69 14.04 -18.59 -21.94
N ILE P 70 14.56 -19.00 -20.78
CA ILE P 70 14.59 -20.42 -20.44
C ILE P 70 13.17 -20.97 -20.35
N GLN P 71 12.26 -20.22 -19.73
CA GLN P 71 10.88 -20.67 -19.61
C GLN P 71 10.22 -20.81 -20.97
N ALA P 72 10.45 -19.86 -21.88
CA ALA P 72 9.87 -19.95 -23.22
C ALA P 72 10.41 -21.14 -23.99
N HIS P 73 11.72 -21.38 -23.88
CA HIS P 73 12.30 -22.56 -24.54
C HIS P 73 11.70 -23.85 -23.98
N ARG P 74 11.51 -23.90 -22.66
CA ARG P 74 10.86 -25.05 -22.04
C ARG P 74 9.45 -25.24 -22.56
N LEU P 75 8.70 -24.14 -22.69
CA LEU P 75 7.33 -24.23 -23.20
C LEU P 75 7.30 -24.78 -24.62
N ILE P 76 8.20 -24.29 -25.48
CA ILE P 76 8.20 -24.75 -26.87
C ILE P 76 8.63 -26.21 -26.96
N THR P 77 9.61 -26.61 -26.15
CA THR P 77 10.02 -28.02 -26.15
C THR P 77 8.89 -28.92 -25.67
N GLN P 78 8.19 -28.50 -24.61
CA GLN P 78 7.05 -29.27 -24.14
C GLN P 78 5.97 -29.39 -25.20
N LEU P 79 5.68 -28.29 -25.90
CA LEU P 79 4.68 -28.32 -26.97
C LEU P 79 5.08 -29.30 -28.05
N HIS P 80 6.35 -29.30 -28.44
CA HIS P 80 6.77 -30.17 -29.52
C HIS P 80 7.02 -31.60 -29.09
N ARG P 81 6.93 -31.91 -27.79
CA ARG P 81 6.99 -33.30 -27.35
C ARG P 81 5.92 -34.14 -28.03
N ARG P 82 4.67 -33.69 -27.99
CA ARG P 82 3.57 -34.43 -28.59
C ARG P 82 2.93 -33.73 -29.78
N GLN P 83 3.23 -32.45 -30.03
CA GLN P 83 2.71 -31.72 -31.17
C GLN P 83 3.93 -31.13 -31.87
N GLU P 84 4.55 -31.95 -32.72
CA GLU P 84 5.96 -31.76 -33.07
C GLU P 84 6.19 -30.55 -33.98
N ASP P 85 5.34 -30.37 -35.00
CA ASP P 85 5.61 -29.36 -36.02
C ASP P 85 4.67 -28.16 -35.93
N VAL P 86 4.13 -27.90 -34.75
CA VAL P 86 3.24 -26.74 -34.59
C VAL P 86 4.02 -25.46 -34.83
N PRO P 87 3.53 -24.54 -35.67
CA PRO P 87 4.26 -23.30 -35.92
C PRO P 87 4.36 -22.45 -34.66
N VAL P 88 5.50 -21.78 -34.52
CA VAL P 88 5.77 -20.90 -33.39
C VAL P 88 6.01 -19.49 -33.92
N PHE P 89 5.18 -18.55 -33.50
CA PHE P 89 5.35 -17.14 -33.83
C PHE P 89 5.91 -16.41 -32.62
N LEU P 90 6.93 -15.59 -32.85
CA LEU P 90 7.46 -14.73 -31.81
C LEU P 90 6.79 -13.36 -31.88
N LEU P 91 6.07 -13.00 -30.84
CA LEU P 91 5.49 -11.66 -30.72
C LEU P 91 6.48 -10.79 -29.95
N SER P 92 6.92 -9.71 -30.58
CA SER P 92 7.94 -8.89 -29.95
C SER P 92 7.97 -7.52 -30.60
N ASP P 93 8.47 -6.55 -29.84
CA ASP P 93 8.95 -5.31 -30.43
C ASP P 93 10.13 -5.61 -31.34
N ARG P 94 10.18 -4.93 -32.49
CA ARG P 94 11.11 -5.31 -33.55
C ARG P 94 12.56 -5.18 -33.10
N GLU P 95 12.92 -4.07 -32.45
CA GLU P 95 14.31 -3.85 -32.09
C GLU P 95 14.79 -4.85 -31.05
N GLU P 96 13.95 -5.15 -30.06
CA GLU P 96 14.31 -6.11 -29.03
C GLU P 96 14.54 -7.49 -29.63
N ALA P 97 13.67 -7.91 -30.54
CA ALA P 97 13.86 -9.21 -31.19
C ALA P 97 15.10 -9.22 -32.06
N LEU P 98 15.36 -8.13 -32.78
CA LEU P 98 16.51 -8.10 -33.67
C LEU P 98 17.83 -8.12 -32.92
N VAL P 99 17.91 -7.47 -31.76
CA VAL P 99 19.16 -7.55 -31.01
C VAL P 99 19.36 -8.92 -30.38
N ALA P 100 18.30 -9.68 -30.15
CA ALA P 100 18.40 -11.02 -29.61
C ALA P 100 18.47 -12.10 -30.68
N PHE P 101 18.50 -11.71 -31.95
CA PHE P 101 18.47 -12.67 -33.04
C PHE P 101 19.76 -13.46 -33.11
N ASP P 102 19.64 -14.78 -33.22
CA ASP P 102 20.78 -15.67 -33.40
C ASP P 102 20.29 -17.02 -33.90
N ARG P 103 21.22 -17.96 -34.05
CA ARG P 103 20.87 -19.30 -34.50
C ARG P 103 19.96 -20.01 -33.51
N ASN P 104 20.25 -19.84 -32.22
CA ASN P 104 19.46 -20.52 -31.20
C ASN P 104 18.02 -20.02 -31.18
N MET P 105 17.80 -18.72 -31.43
CA MET P 105 16.44 -18.22 -31.58
C MET P 105 15.72 -18.87 -32.75
N MET P 106 16.38 -18.92 -33.91
CA MET P 106 15.75 -19.47 -35.09
C MET P 106 15.55 -20.97 -35.01
N GLU P 107 16.24 -21.65 -34.10
CA GLU P 107 16.00 -23.07 -33.92
C GLU P 107 14.59 -23.36 -33.41
N GLN P 108 13.99 -22.41 -32.70
CA GLN P 108 12.66 -22.62 -32.12
C GLN P 108 11.59 -21.67 -32.65
N VAL P 109 11.95 -20.62 -33.37
CA VAL P 109 11.00 -19.65 -33.89
C VAL P 109 10.83 -19.86 -35.38
N ASP P 110 9.59 -20.00 -35.83
CA ASP P 110 9.31 -20.13 -37.25
C ASP P 110 9.03 -18.79 -37.92
N GLU P 111 8.33 -17.89 -37.24
CA GLU P 111 7.98 -16.60 -37.83
C GLU P 111 8.02 -15.48 -36.81
N PHE P 112 8.18 -14.27 -37.32
CA PHE P 112 8.20 -13.05 -36.53
C PHE P 112 6.87 -12.34 -36.69
N ALA P 113 6.36 -11.78 -35.58
CA ALA P 113 5.16 -10.97 -35.59
C ALA P 113 5.46 -9.69 -34.83
N TRP P 114 5.74 -8.61 -35.56
CA TRP P 114 6.00 -7.31 -34.94
C TRP P 114 4.66 -6.75 -34.48
N ILE P 115 4.22 -7.19 -33.31
CA ILE P 115 2.86 -6.95 -32.84
C ILE P 115 2.56 -5.46 -32.64
N LEU P 116 3.58 -4.64 -32.40
CA LEU P 116 3.35 -3.23 -32.08
C LEU P 116 3.44 -2.30 -33.29
N GLU P 117 3.83 -2.80 -34.46
CA GLU P 117 3.94 -1.96 -35.64
C GLU P 117 3.34 -2.61 -36.88
N ASP P 118 2.60 -3.69 -36.73
CA ASP P 118 2.01 -4.40 -37.84
C ASP P 118 0.50 -4.50 -37.65
N SER P 119 -0.22 -4.50 -38.76
CA SER P 119 -1.66 -4.69 -38.69
C SER P 119 -1.98 -6.09 -38.20
N ALA P 120 -2.99 -6.19 -37.34
CA ALA P 120 -3.42 -7.50 -36.85
C ALA P 120 -3.94 -8.38 -37.97
N ASP P 121 -4.47 -7.78 -39.05
CA ASP P 121 -4.97 -8.56 -40.16
C ASP P 121 -3.85 -9.30 -40.88
N PHE P 122 -2.71 -8.64 -41.10
CA PHE P 122 -1.59 -9.29 -41.76
C PHE P 122 -1.06 -10.46 -40.94
N ILE P 123 -0.89 -10.25 -39.63
CA ILE P 123 -0.41 -11.32 -38.77
C ILE P 123 -1.42 -12.46 -38.72
N ALA P 124 -2.71 -12.13 -38.65
CA ALA P 124 -3.73 -13.18 -38.63
C ALA P 124 -3.71 -14.00 -39.91
N GLY P 125 -3.54 -13.34 -41.06
CA GLY P 125 -3.44 -14.07 -42.31
C GLY P 125 -2.24 -15.00 -42.35
N ARG P 126 -1.09 -14.52 -41.87
CA ARG P 126 0.09 -15.37 -41.84
C ARG P 126 -0.10 -16.55 -40.88
N VAL P 127 -0.75 -16.31 -39.74
CA VAL P 127 -1.02 -17.37 -38.79
C VAL P 127 -1.93 -18.43 -39.42
N LEU P 128 -2.96 -17.97 -40.13
CA LEU P 128 -3.87 -18.92 -40.78
C LEU P 128 -3.15 -19.74 -41.83
N ALA P 129 -2.28 -19.11 -42.62
CA ALA P 129 -1.51 -19.86 -43.61
C ALA P 129 -0.61 -20.90 -42.95
N ALA P 130 0.04 -20.52 -41.85
CA ALA P 130 0.88 -21.47 -41.13
C ALA P 130 0.07 -22.63 -40.57
N ILE P 131 -1.10 -22.34 -40.03
CA ILE P 131 -1.96 -23.39 -39.49
C ILE P 131 -2.39 -24.35 -40.58
N GLN P 132 -2.76 -23.83 -41.75
CA GLN P 132 -3.16 -24.70 -42.85
C GLN P 132 -2.00 -25.57 -43.31
N ARG P 133 -0.81 -24.98 -43.41
CA ARG P 133 0.37 -25.77 -43.76
C ARG P 133 0.62 -26.88 -42.76
N TYR P 134 0.48 -26.58 -41.47
CA TYR P 134 0.68 -27.61 -40.44
C TYR P 134 -0.37 -28.71 -40.53
N ARG P 135 -1.63 -28.33 -40.71
CA ARG P 135 -2.70 -29.32 -40.77
C ARG P 135 -2.58 -30.21 -42.00
N SER P 136 -2.05 -29.69 -43.10
CA SER P 136 -1.98 -30.49 -44.31
C SER P 136 -0.95 -31.61 -44.23
N GLN P 137 0.00 -31.56 -43.29
CA GLN P 137 1.00 -32.59 -43.15
C GLN P 137 0.76 -33.49 -41.94
N LEU P 138 -0.36 -33.32 -41.25
CA LEU P 138 -0.54 -33.98 -39.95
C LEU P 138 -0.87 -35.46 -40.07
N LEU P 139 -1.62 -35.86 -41.10
CA LEU P 139 -2.07 -37.24 -41.02
C LEU P 139 -1.13 -38.18 -41.78
N PRO P 140 -1.03 -39.43 -41.32
CA PRO P 140 -0.27 -40.44 -42.07
C PRO P 140 -0.99 -40.81 -43.36
N PRO P 141 -0.30 -41.44 -44.32
CA PRO P 141 -0.85 -41.50 -45.69
C PRO P 141 -2.13 -42.29 -45.82
N LEU P 142 -2.20 -43.51 -45.28
CA LEU P 142 -3.39 -44.33 -45.45
C LEU P 142 -4.60 -43.67 -44.81
N MET P 143 -4.45 -43.13 -43.60
CA MET P 143 -5.56 -42.49 -42.93
C MET P 143 -6.04 -41.28 -43.70
N LYS P 144 -5.09 -40.50 -44.24
CA LYS P 144 -5.43 -39.32 -45.02
C LYS P 144 -6.22 -39.70 -46.28
N SER P 145 -5.77 -40.73 -46.99
CA SER P 145 -6.47 -41.13 -48.21
C SER P 145 -7.84 -41.71 -47.90
N LEU P 146 -7.96 -42.46 -46.79
CA LEU P 146 -9.27 -42.99 -46.41
C LEU P 146 -10.24 -41.88 -46.05
N ILE P 147 -9.78 -40.87 -45.30
CA ILE P 147 -10.64 -39.75 -44.96
C ILE P 147 -11.05 -39.00 -46.22
N LYS P 148 -10.11 -38.80 -47.15
CA LYS P 148 -10.44 -38.10 -48.38
C LYS P 148 -11.47 -38.86 -49.20
N TYR P 149 -11.35 -40.19 -49.27
CA TYR P 149 -12.30 -40.97 -50.05
C TYR P 149 -13.65 -41.09 -49.36
N SER P 150 -13.69 -40.97 -48.02
CA SER P 150 -14.92 -41.18 -47.28
C SER P 150 -16.05 -40.24 -47.68
N ASP P 151 -15.75 -39.08 -48.28
CA ASP P 151 -16.81 -38.17 -48.70
C ASP P 151 -17.62 -38.72 -49.87
N VAL P 152 -17.09 -39.68 -50.63
CA VAL P 152 -17.84 -40.26 -51.74
C VAL P 152 -19.02 -41.05 -51.20
N HIS P 153 -20.20 -40.82 -51.76
CA HIS P 153 -21.41 -41.51 -51.31
C HIS P 153 -22.15 -42.23 -52.42
N GLU P 154 -21.59 -42.30 -53.62
CA GLU P 154 -22.30 -42.91 -54.74
C GLU P 154 -22.35 -44.43 -54.60
N TYR P 155 -23.46 -44.99 -55.06
CA TYR P 155 -23.62 -46.44 -55.09
C TYR P 155 -22.66 -47.03 -56.11
N SER P 156 -21.60 -47.65 -55.64
CA SER P 156 -20.84 -48.55 -56.48
C SER P 156 -21.67 -49.80 -56.73
N TRP P 157 -21.41 -50.46 -57.85
CA TRP P 157 -22.15 -51.66 -58.21
C TRP P 157 -21.36 -52.91 -57.87
N ALA P 158 -20.66 -52.88 -56.74
CA ALA P 158 -19.80 -53.98 -56.30
C ALA P 158 -19.90 -54.12 -54.79
N ALA P 159 -19.25 -55.16 -54.27
CA ALA P 159 -19.23 -55.41 -52.84
C ALA P 159 -18.33 -54.39 -52.13
N PRO P 160 -18.52 -54.17 -50.82
CA PRO P 160 -19.48 -54.80 -49.89
C PRO P 160 -20.93 -54.38 -50.14
N GLY P 161 -21.86 -55.27 -49.80
CA GLY P 161 -23.25 -55.06 -50.10
C GLY P 161 -23.91 -53.93 -49.33
N HIS P 162 -23.41 -53.63 -48.12
CA HIS P 162 -24.05 -52.59 -47.33
C HIS P 162 -23.87 -51.20 -47.93
N GLN P 163 -22.89 -51.02 -48.82
CA GLN P 163 -22.73 -49.80 -49.61
C GLN P 163 -22.61 -48.56 -48.72
N GLY P 164 -21.53 -48.54 -47.93
CA GLY P 164 -21.29 -47.43 -47.04
C GLY P 164 -22.28 -47.29 -45.91
N GLY P 165 -22.87 -48.40 -45.47
CA GLY P 165 -23.80 -48.40 -44.37
C GLY P 165 -25.25 -48.18 -44.72
N VAL P 166 -25.55 -47.91 -46.00
CA VAL P 166 -26.94 -47.70 -46.40
C VAL P 166 -27.78 -48.94 -46.14
N GLY P 167 -27.21 -50.12 -46.38
CA GLY P 167 -27.96 -51.35 -46.21
C GLY P 167 -28.47 -51.57 -44.81
N PHE P 168 -27.71 -51.13 -43.80
CA PHE P 168 -28.14 -51.30 -42.42
C PHE P 168 -29.38 -50.48 -42.09
N THR P 169 -29.55 -49.31 -42.73
CA THR P 169 -30.65 -48.43 -42.38
C THR P 169 -31.94 -48.80 -43.09
N LYS P 170 -32.31 -50.08 -43.04
CA LYS P 170 -33.56 -50.54 -43.64
C LYS P 170 -34.44 -51.34 -42.70
N THR P 171 -33.92 -51.79 -41.57
CA THR P 171 -34.69 -52.33 -40.47
C THR P 171 -34.42 -51.49 -39.24
N PRO P 172 -35.34 -51.48 -38.27
CA PRO P 172 -35.08 -50.71 -37.04
C PRO P 172 -33.84 -51.14 -36.28
N ALA P 173 -33.60 -52.45 -36.17
CA ALA P 173 -32.40 -52.91 -35.48
C ALA P 173 -31.14 -52.51 -36.24
N GLY P 174 -31.18 -52.61 -37.57
CA GLY P 174 -30.08 -52.12 -38.37
C GLY P 174 -29.85 -50.63 -38.19
N ARG P 175 -30.92 -49.84 -38.04
CA ARG P 175 -30.76 -48.41 -37.82
C ARG P 175 -30.13 -48.12 -36.47
N ILE P 176 -30.53 -48.86 -35.44
CA ILE P 176 -29.90 -48.70 -34.13
C ILE P 176 -28.42 -49.04 -34.20
N TYR P 177 -28.09 -50.15 -34.86
CA TYR P 177 -26.70 -50.56 -35.01
C TYR P 177 -25.90 -49.52 -35.78
N HIS P 178 -26.47 -49.00 -36.86
CA HIS P 178 -25.79 -48.00 -37.69
C HIS P 178 -25.55 -46.71 -36.92
N ASP P 179 -26.54 -46.27 -36.14
CA ASP P 179 -26.36 -45.07 -35.34
C ASP P 179 -25.34 -45.29 -34.22
N PHE P 180 -25.30 -46.48 -33.64
CA PHE P 180 -24.33 -46.77 -32.60
C PHE P 180 -22.90 -46.70 -33.14
N PHE P 181 -22.64 -47.39 -34.25
CA PHE P 181 -21.26 -47.45 -34.72
C PHE P 181 -20.86 -46.24 -35.57
N GLY P 182 -21.80 -45.46 -36.06
CA GLY P 182 -21.49 -44.25 -36.79
C GLY P 182 -21.24 -44.51 -38.27
N GLU P 183 -21.40 -43.44 -39.05
CA GLU P 183 -21.40 -43.54 -40.50
C GLU P 183 -19.99 -43.76 -41.05
N ASN P 184 -18.99 -43.11 -40.46
CA ASN P 184 -17.65 -43.11 -41.04
C ASN P 184 -17.02 -44.50 -41.05
N LEU P 185 -17.34 -45.33 -40.06
CA LEU P 185 -16.82 -46.70 -40.06
C LEU P 185 -17.29 -47.46 -41.30
N PHE P 186 -18.56 -47.33 -41.65
CA PHE P 186 -19.08 -48.04 -42.81
C PHE P 186 -18.64 -47.40 -44.11
N ARG P 187 -18.41 -46.09 -44.11
CA ARG P 187 -18.00 -45.46 -45.36
C ARG P 187 -16.53 -45.72 -45.70
N THR P 188 -15.73 -46.21 -44.75
CA THR P 188 -14.37 -46.63 -45.06
C THR P 188 -14.28 -48.10 -45.46
N ASP P 189 -15.34 -48.87 -45.26
CA ASP P 189 -15.38 -50.27 -45.67
C ASP P 189 -15.71 -50.30 -47.16
N ILE P 190 -14.68 -50.12 -47.99
CA ILE P 190 -14.89 -49.81 -49.40
C ILE P 190 -14.49 -50.95 -50.33
N GLY P 191 -13.83 -51.97 -49.83
CA GLY P 191 -13.35 -53.02 -50.70
C GLY P 191 -11.97 -52.71 -51.26
N ILE P 192 -11.41 -53.71 -51.93
CA ILE P 192 -10.04 -53.62 -52.42
C ILE P 192 -9.97 -53.19 -53.88
N GLU P 193 -11.06 -52.67 -54.43
CA GLU P 193 -11.15 -52.35 -55.85
C GLU P 193 -11.26 -50.85 -56.11
N ARG P 194 -10.89 -50.02 -55.14
CA ARG P 194 -10.90 -48.57 -55.30
C ARG P 194 -9.46 -48.10 -55.44
N VAL P 195 -9.07 -47.76 -56.68
CA VAL P 195 -7.69 -47.43 -56.98
C VAL P 195 -7.24 -46.11 -56.36
N ALA P 196 -8.17 -45.28 -55.92
CA ALA P 196 -7.79 -44.04 -55.24
C ALA P 196 -6.99 -44.33 -53.98
N VAL P 197 -7.36 -45.38 -53.25
CA VAL P 197 -6.68 -45.75 -52.02
C VAL P 197 -5.60 -46.80 -52.26
N GLY P 198 -5.87 -47.79 -53.10
CA GLY P 198 -4.96 -48.89 -53.31
C GLY P 198 -5.52 -50.17 -52.73
N SER P 199 -4.67 -51.19 -52.69
CA SER P 199 -5.06 -52.48 -52.13
C SER P 199 -4.01 -52.96 -51.15
N LEU P 200 -4.48 -53.53 -50.03
CA LEU P 200 -3.57 -54.01 -49.00
C LEU P 200 -2.78 -55.22 -49.46
N LEU P 201 -3.43 -56.18 -50.10
CA LEU P 201 -2.74 -57.41 -50.48
C LEU P 201 -1.73 -57.19 -51.58
N ASP P 202 -1.95 -56.18 -52.43
CA ASP P 202 -0.98 -55.85 -53.47
C ASP P 202 0.09 -54.88 -52.98
N HIS P 203 -0.07 -54.32 -51.78
CA HIS P 203 0.86 -53.35 -51.21
C HIS P 203 1.07 -52.17 -52.15
N THR P 204 -0.02 -51.68 -52.73
CA THR P 204 0.03 -50.57 -53.67
C THR P 204 -0.70 -49.36 -53.10
N GLY P 205 -0.37 -48.20 -53.66
CA GLY P 205 -1.03 -46.96 -53.26
C GLY P 205 -0.71 -46.58 -51.83
N ALA P 206 -1.74 -46.07 -51.15
CA ALA P 206 -1.57 -45.64 -49.77
C ALA P 206 -1.16 -46.78 -48.86
N PHE P 207 -1.50 -48.03 -49.19
CA PHE P 207 -1.06 -49.16 -48.38
C PHE P 207 0.44 -49.36 -48.51
N GLY P 208 0.99 -49.24 -49.72
CA GLY P 208 2.43 -49.29 -49.88
C GLY P 208 3.12 -48.16 -49.17
N GLU P 209 2.55 -46.95 -49.26
CA GLU P 209 3.11 -45.82 -48.53
C GLU P 209 3.12 -46.07 -47.03
N CYS P 210 2.01 -46.58 -46.48
CA CYS P 210 1.91 -46.83 -45.06
C CYS P 210 2.89 -47.90 -44.60
N GLU P 211 3.07 -48.95 -45.40
CA GLU P 211 4.02 -49.99 -45.02
C GLU P 211 5.45 -49.48 -45.08
N LYS P 212 5.80 -48.65 -46.07
CA LYS P 212 7.13 -48.05 -46.08
C LYS P 212 7.34 -47.13 -44.89
N ASN P 213 6.32 -46.35 -44.54
CA ASN P 213 6.41 -45.48 -43.37
C ASN P 213 6.60 -46.29 -42.09
N ALA P 214 5.86 -47.39 -41.95
CA ALA P 214 6.00 -48.23 -40.77
C ALA P 214 7.37 -48.89 -40.71
N ALA P 215 7.89 -49.33 -41.85
CA ALA P 215 9.22 -49.91 -41.87
C ALA P 215 10.27 -48.89 -41.44
N ARG P 216 10.13 -47.65 -41.89
CA ARG P 216 11.04 -46.59 -41.43
C ARG P 216 10.90 -46.35 -39.93
N ILE P 217 9.67 -46.26 -39.44
CA ILE P 217 9.45 -45.91 -38.03
C ILE P 217 9.96 -47.01 -37.11
N PHE P 218 9.74 -48.26 -37.46
CA PHE P 218 10.12 -49.38 -36.62
C PHE P 218 11.50 -49.93 -36.95
N GLY P 219 12.23 -49.32 -37.86
CA GLY P 219 13.59 -49.74 -38.18
C GLY P 219 13.72 -51.09 -38.85
N ALA P 220 12.82 -51.40 -39.77
CA ALA P 220 12.88 -52.65 -40.52
C ALA P 220 13.19 -52.37 -41.98
N ASP P 221 13.70 -53.39 -42.67
CA ASP P 221 13.85 -53.28 -44.12
C ASP P 221 12.50 -53.30 -44.82
N GLN P 222 11.62 -54.21 -44.43
CA GLN P 222 10.28 -54.30 -44.98
C GLN P 222 9.29 -54.51 -43.86
N SER P 223 8.09 -53.95 -44.02
CA SER P 223 7.02 -54.14 -43.06
C SER P 223 5.76 -54.58 -43.77
N TYR P 224 4.99 -55.44 -43.12
CA TYR P 224 3.72 -55.91 -43.63
C TYR P 224 2.63 -55.67 -42.61
N SER P 225 1.55 -55.04 -43.04
CA SER P 225 0.39 -54.84 -42.19
C SER P 225 -0.50 -56.08 -42.27
N VAL P 226 -0.97 -56.54 -41.12
CA VAL P 226 -1.72 -57.78 -41.00
C VAL P 226 -3.04 -57.48 -40.29
N VAL P 227 -4.12 -58.08 -40.77
CA VAL P 227 -5.45 -57.87 -40.21
C VAL P 227 -5.96 -59.12 -39.51
N VAL P 228 -5.11 -60.12 -39.30
CA VAL P 228 -5.46 -61.33 -38.57
C VAL P 228 -4.64 -61.46 -37.29
N GLY P 229 -4.11 -60.35 -36.80
CA GLY P 229 -3.38 -60.35 -35.56
C GLY P 229 -2.00 -60.99 -35.66
N THR P 230 -1.34 -61.05 -34.50
CA THR P 230 -0.04 -61.69 -34.43
C THR P 230 -0.15 -63.20 -34.63
N SER P 231 -1.31 -63.80 -34.36
CA SER P 231 -1.51 -65.19 -34.73
C SER P 231 -1.29 -65.38 -36.23
N GLY P 232 -1.95 -64.55 -37.03
CA GLY P 232 -1.76 -64.61 -38.47
C GLY P 232 -0.35 -64.27 -38.88
N SER P 233 0.25 -63.26 -38.25
CA SER P 233 1.63 -62.89 -38.58
C SER P 233 2.61 -64.03 -38.32
N ASN P 234 2.48 -64.67 -37.16
CA ASN P 234 3.33 -65.81 -36.83
C ASN P 234 3.12 -66.94 -37.83
N ARG P 235 1.87 -67.19 -38.20
CA ARG P 235 1.60 -68.25 -39.17
C ARG P 235 2.28 -67.97 -40.50
N THR P 236 2.17 -66.73 -41.01
CA THR P 236 2.79 -66.48 -42.32
C THR P 236 4.31 -66.52 -42.25
N ILE P 237 4.90 -66.02 -41.16
CA ILE P 237 6.36 -66.10 -41.04
C ILE P 237 6.80 -67.56 -41.02
N MET P 238 6.13 -68.38 -40.21
CA MET P 238 6.54 -69.78 -40.12
C MET P 238 6.30 -70.52 -41.43
N GLN P 239 5.22 -70.17 -42.15
CA GLN P 239 4.97 -70.79 -43.45
C GLN P 239 6.03 -70.39 -44.47
N ALA P 240 6.49 -69.15 -44.42
CA ALA P 240 7.54 -68.73 -45.33
C ALA P 240 8.90 -69.32 -44.98
N CYS P 241 9.12 -69.72 -43.73
CA CYS P 241 10.46 -70.12 -43.31
C CYS P 241 10.72 -71.62 -43.39
N MET P 242 9.82 -72.48 -42.93
CA MET P 242 10.15 -73.88 -42.76
C MET P 242 9.26 -74.77 -43.61
N THR P 243 9.66 -76.04 -43.66
CA THR P 243 9.00 -77.08 -44.43
C THR P 243 9.05 -78.36 -43.62
N ASP P 244 8.26 -79.36 -44.03
CA ASP P 244 8.20 -80.59 -43.25
C ASP P 244 9.52 -81.35 -43.21
N ASP P 245 10.48 -81.01 -44.07
CA ASP P 245 11.81 -81.58 -44.05
C ASP P 245 12.80 -80.74 -43.25
N ASP P 246 12.33 -79.96 -42.29
CA ASP P 246 13.16 -79.00 -41.58
C ASP P 246 13.10 -79.25 -40.07
N VAL P 247 14.18 -78.87 -39.40
CA VAL P 247 14.24 -78.85 -37.95
C VAL P 247 14.26 -77.40 -37.49
N VAL P 248 13.50 -77.09 -36.45
CA VAL P 248 13.36 -75.72 -35.97
C VAL P 248 13.59 -75.68 -34.46
N VAL P 249 14.03 -74.52 -33.98
CA VAL P 249 14.38 -74.30 -32.59
C VAL P 249 13.30 -73.40 -31.99
N ILE P 250 12.52 -73.93 -31.05
CA ILE P 250 11.33 -73.25 -30.56
C ILE P 250 11.52 -72.91 -29.09
N ASP P 251 11.33 -71.65 -28.75
CA ASP P 251 11.16 -71.24 -27.37
C ASP P 251 9.98 -71.99 -26.76
N ARG P 252 10.23 -72.70 -25.66
CA ARG P 252 9.14 -73.40 -24.99
C ARG P 252 8.10 -72.44 -24.46
N ASN P 253 8.49 -71.20 -24.15
CA ASN P 253 7.55 -70.12 -23.88
C ASN P 253 7.08 -69.56 -25.21
N CYS P 254 6.18 -70.30 -25.85
CA CYS P 254 5.67 -69.94 -27.16
C CYS P 254 4.15 -69.76 -27.10
N HIS P 255 3.65 -68.82 -27.89
CA HIS P 255 2.23 -68.65 -28.08
C HIS P 255 1.67 -69.83 -28.87
N LYS P 256 0.36 -70.07 -28.70
CA LYS P 256 -0.26 -71.19 -29.41
C LYS P 256 -0.23 -71.03 -30.92
N SER P 257 -0.09 -69.79 -31.42
CA SER P 257 0.07 -69.60 -32.86
C SER P 257 1.36 -70.21 -33.37
N ILE P 258 2.39 -70.30 -32.51
CA ILE P 258 3.62 -70.97 -32.92
C ILE P 258 3.38 -72.45 -33.13
N GLU P 259 2.65 -73.10 -32.22
CA GLU P 259 2.31 -74.50 -32.43
C GLU P 259 1.39 -74.67 -33.64
N GLN P 260 0.51 -73.71 -33.89
CA GLN P 260 -0.32 -73.77 -35.09
C GLN P 260 0.55 -73.72 -36.35
N GLY P 261 1.57 -72.86 -36.34
CA GLY P 261 2.51 -72.83 -37.45
C GLY P 261 3.26 -74.14 -37.61
N LEU P 262 3.63 -74.76 -36.49
CA LEU P 262 4.27 -76.07 -36.56
C LEU P 262 3.35 -77.10 -37.19
N ILE P 263 2.07 -77.08 -36.83
CA ILE P 263 1.11 -78.00 -37.41
C ILE P 263 0.97 -77.75 -38.90
N LEU P 264 0.89 -76.48 -39.30
CA LEU P 264 0.66 -76.13 -40.69
C LEU P 264 1.89 -76.33 -41.58
N THR P 265 3.09 -76.36 -41.01
CA THR P 265 4.29 -76.56 -41.80
C THR P 265 4.82 -77.99 -41.73
N GLY P 266 4.54 -78.71 -40.66
CA GLY P 266 5.06 -80.05 -40.50
C GLY P 266 6.51 -80.13 -40.07
N ALA P 267 7.10 -79.04 -39.62
CA ALA P 267 8.50 -79.04 -39.20
C ALA P 267 8.68 -79.82 -37.90
N LYS P 268 9.92 -80.23 -37.65
CA LYS P 268 10.25 -81.00 -36.46
C LYS P 268 10.88 -80.08 -35.42
N PRO P 269 10.23 -79.86 -34.29
CA PRO P 269 10.72 -78.86 -33.33
C PRO P 269 11.68 -79.41 -32.28
N VAL P 270 12.64 -78.56 -31.93
CA VAL P 270 13.52 -78.74 -30.80
C VAL P 270 13.33 -77.53 -29.89
N TYR P 271 13.35 -77.76 -28.58
CA TYR P 271 12.89 -76.77 -27.62
C TYR P 271 14.01 -76.27 -26.73
N MET P 272 14.04 -74.95 -26.49
CA MET P 272 14.84 -74.34 -25.45
C MET P 272 13.97 -74.06 -24.24
N ILE P 273 14.38 -74.57 -23.08
CA ILE P 273 13.57 -74.54 -21.88
C ILE P 273 13.86 -73.25 -21.11
N PRO P 274 12.87 -72.43 -20.82
CA PRO P 274 13.11 -71.22 -20.03
C PRO P 274 13.24 -71.54 -18.55
N SER P 275 13.74 -70.56 -17.81
CA SER P 275 13.92 -70.70 -16.38
C SER P 275 12.67 -70.29 -15.62
N ARG P 276 12.62 -70.68 -14.35
CA ARG P 276 11.49 -70.38 -13.47
C ARG P 276 12.02 -69.88 -12.14
N ASN P 277 11.18 -69.14 -11.42
CA ASN P 277 11.52 -68.67 -10.08
C ASN P 277 10.53 -69.23 -9.07
N ARG P 278 10.74 -68.88 -7.80
CA ARG P 278 9.95 -69.45 -6.71
C ARG P 278 8.49 -69.03 -6.76
N TYR P 279 8.16 -67.94 -7.45
CA TYR P 279 6.78 -67.49 -7.56
C TYR P 279 6.03 -68.13 -8.72
N GLY P 280 6.68 -69.04 -9.45
CA GLY P 280 6.07 -69.60 -10.63
C GLY P 280 6.13 -68.74 -11.86
N ILE P 281 6.89 -67.66 -11.82
CA ILE P 281 7.06 -66.77 -12.97
C ILE P 281 8.05 -67.39 -13.94
N ILE P 282 7.64 -67.55 -15.19
CA ILE P 282 8.54 -68.06 -16.22
C ILE P 282 9.56 -66.99 -16.55
N GLY P 283 10.83 -67.37 -16.58
CA GLY P 283 11.90 -66.45 -16.84
C GLY P 283 12.52 -66.65 -18.21
N PRO P 284 13.67 -66.03 -18.43
CA PRO P 284 14.31 -66.12 -19.74
C PRO P 284 14.98 -67.47 -19.96
N ILE P 285 15.17 -67.80 -21.23
CA ILE P 285 16.05 -68.89 -21.61
C ILE P 285 17.48 -68.49 -21.32
N TYR P 286 18.22 -69.35 -20.65
CA TYR P 286 19.60 -69.04 -20.33
C TYR P 286 20.49 -69.21 -21.55
N PRO P 287 21.62 -68.52 -21.60
CA PRO P 287 22.53 -68.66 -22.74
C PRO P 287 23.03 -70.07 -22.96
N LYS P 288 23.05 -70.90 -21.92
CA LYS P 288 23.50 -72.28 -22.06
C LYS P 288 22.58 -73.11 -22.94
N GLU P 289 21.38 -72.63 -23.25
CA GLU P 289 20.45 -73.35 -24.12
C GLU P 289 20.53 -72.89 -25.57
N MET P 290 21.17 -71.77 -25.86
CA MET P 290 21.26 -71.23 -27.20
C MET P 290 22.60 -71.46 -27.87
N THR P 291 23.58 -72.02 -27.16
CA THR P 291 24.89 -72.23 -27.75
C THR P 291 24.80 -73.26 -28.87
N PRO P 292 25.65 -73.16 -29.89
CA PRO P 292 25.62 -74.14 -30.98
C PRO P 292 25.75 -75.58 -30.51
N ASP P 293 26.57 -75.83 -29.49
CA ASP P 293 26.70 -77.18 -28.96
C ASP P 293 25.40 -77.63 -28.29
N ALA P 294 24.72 -76.74 -27.57
CA ALA P 294 23.45 -77.10 -26.96
C ALA P 294 22.41 -77.44 -28.02
N ILE P 295 22.36 -76.68 -29.09
CA ILE P 295 21.38 -76.93 -30.14
C ILE P 295 21.71 -78.23 -30.87
N LYS P 296 22.99 -78.50 -31.13
CA LYS P 296 23.37 -79.76 -31.73
C LYS P 296 23.02 -80.94 -30.83
N PHE P 297 23.23 -80.79 -29.52
CA PHE P 297 22.87 -81.84 -28.58
C PHE P 297 21.37 -82.08 -28.58
N LYS P 298 20.58 -81.01 -28.59
CA LYS P 298 19.13 -81.15 -28.63
C LYS P 298 18.68 -81.85 -29.90
N ILE P 299 19.27 -81.49 -31.04
CA ILE P 299 18.91 -82.13 -32.29
C ILE P 299 19.27 -83.62 -32.27
N ALA P 300 20.46 -83.94 -31.76
CA ALA P 300 20.89 -85.33 -31.72
C ALA P 300 20.09 -86.17 -30.73
N ALA P 301 19.51 -85.54 -29.70
CA ALA P 301 18.75 -86.30 -28.70
C ALA P 301 17.27 -86.43 -29.05
N ASN P 302 16.75 -85.62 -29.95
CA ASN P 302 15.33 -85.66 -30.26
C ASN P 302 14.99 -86.92 -31.05
N PRO P 303 13.93 -87.65 -30.70
CA PRO P 303 13.58 -88.86 -31.45
C PRO P 303 13.26 -88.61 -32.90
N LEU P 304 12.68 -87.45 -33.24
CA LEU P 304 12.30 -87.18 -34.61
C LEU P 304 13.41 -86.54 -35.43
N THR P 305 14.30 -85.77 -34.81
CA THR P 305 15.31 -85.03 -35.54
C THR P 305 16.68 -85.69 -35.53
N LYS P 306 16.82 -86.86 -34.91
CA LYS P 306 18.14 -87.46 -34.80
C LYS P 306 18.70 -87.96 -36.13
N GLY P 307 17.90 -87.96 -37.19
CA GLY P 307 18.40 -88.25 -38.51
C GLY P 307 18.68 -87.00 -39.32
N LYS P 308 18.77 -85.85 -38.64
CA LYS P 308 18.98 -84.56 -39.29
C LYS P 308 20.10 -83.78 -38.61
N VAL P 309 20.99 -84.47 -37.91
CA VAL P 309 22.03 -83.80 -37.13
C VAL P 309 23.00 -83.02 -37.98
N LYS P 310 23.06 -83.29 -39.28
CA LYS P 310 23.92 -82.56 -40.20
C LYS P 310 23.20 -81.42 -40.89
N GLN P 311 21.92 -81.20 -40.59
CA GLN P 311 21.11 -80.22 -41.27
C GLN P 311 21.03 -78.94 -40.44
N LYS P 312 21.24 -77.81 -41.09
CA LYS P 312 21.16 -76.52 -40.41
C LYS P 312 19.70 -76.20 -40.11
N PRO P 313 19.37 -75.82 -38.87
CA PRO P 313 17.98 -75.47 -38.56
C PRO P 313 17.51 -74.28 -39.37
N ALA P 314 16.25 -74.33 -39.80
CA ALA P 314 15.72 -73.34 -40.72
C ALA P 314 15.10 -72.13 -40.04
N TYR P 315 14.86 -72.19 -38.73
CA TYR P 315 14.07 -71.16 -38.09
C TYR P 315 14.19 -71.31 -36.58
N SER P 316 14.21 -70.17 -35.89
CA SER P 316 14.12 -70.14 -34.44
C SER P 316 13.20 -69.01 -34.02
N VAL P 317 12.51 -69.20 -32.91
CA VAL P 317 11.60 -68.19 -32.38
C VAL P 317 11.88 -68.01 -30.90
N VAL P 318 11.96 -66.75 -30.46
CA VAL P 318 12.11 -66.41 -29.06
C VAL P 318 11.04 -65.36 -28.72
N THR P 319 10.32 -65.60 -27.65
CA THR P 319 9.33 -64.62 -27.17
C THR P 319 10.03 -63.57 -26.34
N ASN P 320 9.93 -62.31 -26.75
CA ASN P 320 10.60 -61.21 -26.07
C ASN P 320 9.79 -59.95 -26.28
N CYS P 321 9.29 -59.35 -25.20
CA CYS P 321 9.51 -59.83 -23.83
C CYS P 321 8.52 -60.92 -23.46
N THR P 322 8.73 -61.54 -22.30
CA THR P 322 7.85 -62.59 -21.82
C THR P 322 6.57 -61.98 -21.26
N TYR P 323 5.64 -62.86 -20.85
CA TYR P 323 4.35 -62.40 -20.35
C TYR P 323 4.49 -61.58 -19.07
N ASP P 324 5.51 -61.86 -18.27
CA ASP P 324 5.72 -61.15 -17.01
C ASP P 324 6.75 -60.03 -17.12
N GLY P 325 7.07 -59.61 -18.33
CA GLY P 325 7.91 -58.45 -18.51
C GLY P 325 9.41 -58.69 -18.42
N VAL P 326 9.86 -59.91 -18.67
CA VAL P 326 11.29 -60.19 -18.72
C VAL P 326 11.78 -60.00 -20.14
N CYS P 327 12.70 -59.06 -20.34
CA CYS P 327 13.20 -58.70 -21.66
C CYS P 327 14.62 -59.25 -21.84
N TYR P 328 14.83 -59.98 -22.92
CA TYR P 328 16.15 -60.47 -23.27
C TYR P 328 17.03 -59.34 -23.78
N ASN P 329 18.33 -59.47 -23.57
CA ASN P 329 19.29 -58.70 -24.33
C ASN P 329 19.32 -59.28 -25.74
N ALA P 330 18.59 -58.64 -26.65
CA ALA P 330 18.40 -59.24 -27.98
C ALA P 330 19.68 -59.26 -28.79
N ARG P 331 20.58 -58.30 -28.56
CA ARG P 331 21.88 -58.33 -29.22
C ARG P 331 22.65 -59.60 -28.86
N LYS P 332 22.65 -59.96 -27.57
CA LYS P 332 23.36 -61.16 -27.14
C LYS P 332 22.67 -62.42 -27.64
N VAL P 333 21.34 -62.43 -27.64
CA VAL P 333 20.60 -63.59 -28.14
C VAL P 333 20.90 -63.78 -29.63
N GLN P 334 20.91 -62.70 -30.39
CA GLN P 334 21.21 -62.78 -31.81
C GLN P 334 22.63 -63.27 -32.04
N ASP P 335 23.59 -62.77 -31.26
CA ASP P 335 24.96 -63.26 -31.41
C ASP P 335 25.08 -64.74 -31.08
N LEU P 336 24.34 -65.21 -30.06
CA LEU P 336 24.39 -66.62 -29.71
C LEU P 336 23.78 -67.48 -30.80
N LEU P 337 22.59 -67.11 -31.28
CA LEU P 337 21.90 -67.91 -32.29
C LEU P 337 22.49 -67.78 -33.69
N ASP P 338 23.30 -66.75 -33.93
CA ASP P 338 23.96 -66.62 -35.23
C ASP P 338 24.90 -67.77 -35.54
N GLY P 339 25.39 -68.46 -34.52
CA GLY P 339 26.25 -69.59 -34.76
C GLY P 339 25.56 -70.85 -35.18
N SER P 340 24.23 -70.85 -35.24
CA SER P 340 23.47 -72.05 -35.61
C SER P 340 22.38 -71.81 -36.64
N LEU P 341 21.90 -70.58 -36.81
CA LEU P 341 20.70 -70.32 -37.60
C LEU P 341 20.92 -69.11 -38.50
N ASP P 342 20.14 -69.04 -39.57
CA ASP P 342 20.08 -67.87 -40.42
C ASP P 342 18.82 -67.06 -40.26
N ARG P 343 17.79 -67.60 -39.61
CA ARG P 343 16.52 -66.90 -39.41
C ARG P 343 16.18 -66.92 -37.93
N ILE P 344 16.03 -65.74 -37.35
CA ILE P 344 15.58 -65.60 -35.97
C ILE P 344 14.31 -64.78 -35.96
N HIS P 345 13.26 -65.32 -35.34
CA HIS P 345 11.98 -64.65 -35.20
C HIS P 345 11.80 -64.23 -33.75
N PHE P 346 11.68 -62.94 -33.52
CA PHE P 346 11.37 -62.40 -32.20
C PHE P 346 9.88 -62.10 -32.14
N ASP P 347 9.14 -62.87 -31.36
CA ASP P 347 7.71 -62.63 -31.17
C ASP P 347 7.54 -61.55 -30.11
N GLU P 348 7.57 -60.29 -30.55
CA GLU P 348 7.41 -59.15 -29.66
C GLU P 348 5.96 -58.66 -29.62
N ALA P 349 5.02 -59.57 -29.39
CA ALA P 349 3.61 -59.19 -29.43
C ALA P 349 3.28 -58.17 -28.35
N TRP P 350 3.83 -58.35 -27.15
CA TRP P 350 3.64 -57.42 -26.04
C TRP P 350 4.69 -56.32 -26.00
N TYR P 351 5.59 -56.28 -26.98
CA TYR P 351 6.81 -55.47 -26.91
C TYR P 351 6.92 -54.69 -28.22
N GLY P 352 6.15 -53.62 -28.36
CA GLY P 352 6.11 -52.91 -29.61
C GLY P 352 6.66 -51.51 -29.48
N TYR P 353 6.61 -51.01 -28.25
CA TYR P 353 7.08 -49.69 -27.86
C TYR P 353 8.59 -49.66 -27.59
N ALA P 354 9.26 -50.81 -27.55
CA ALA P 354 10.60 -50.90 -27.00
C ALA P 354 11.60 -50.04 -27.76
N ARG P 355 11.42 -49.92 -29.07
CA ARG P 355 12.32 -49.12 -29.89
C ARG P 355 12.32 -47.65 -29.52
N PHE P 356 11.26 -47.16 -28.88
CA PHE P 356 11.02 -45.73 -28.76
C PHE P 356 11.33 -45.18 -27.37
N ASN P 357 12.00 -45.96 -26.52
CA ASN P 357 12.49 -45.44 -25.26
C ASN P 357 13.89 -45.97 -25.02
N PRO P 358 14.85 -45.11 -24.68
CA PRO P 358 16.24 -45.57 -24.47
C PRO P 358 16.41 -46.54 -23.31
N LEU P 359 15.42 -46.65 -22.42
CA LEU P 359 15.52 -47.61 -21.33
C LEU P 359 15.60 -49.05 -21.83
N TYR P 360 15.11 -49.31 -23.05
CA TYR P 360 15.07 -50.65 -23.60
C TYR P 360 16.22 -50.93 -24.56
N ARG P 361 17.22 -50.06 -24.58
CA ARG P 361 18.32 -50.17 -25.54
C ARG P 361 18.97 -51.54 -25.47
N ASN P 362 19.23 -52.12 -26.65
CA ASN P 362 19.83 -53.43 -26.86
C ASN P 362 18.94 -54.59 -26.44
N HIS P 363 17.68 -54.33 -26.09
CA HIS P 363 16.80 -55.38 -25.60
C HIS P 363 15.60 -55.62 -26.53
N PHE P 364 15.75 -55.33 -27.81
CA PHE P 364 14.71 -55.58 -28.79
C PHE P 364 15.37 -55.86 -30.13
N ALA P 365 14.55 -56.22 -31.13
CA ALA P 365 15.07 -56.79 -32.36
C ALA P 365 15.60 -55.74 -33.32
N MET P 366 14.78 -54.73 -33.65
CA MET P 366 15.11 -53.79 -34.72
C MET P 366 15.83 -52.59 -34.13
N ARG P 367 17.10 -52.79 -33.80
CA ARG P 367 17.90 -51.79 -33.13
C ARG P 367 18.55 -50.83 -34.12
N ASP P 368 18.68 -49.58 -33.70
CA ASP P 368 19.48 -48.62 -34.44
C ASP P 368 20.96 -48.93 -34.25
N GLU P 369 21.53 -49.70 -35.16
CA GLU P 369 22.91 -50.15 -35.04
C GLU P 369 23.51 -50.27 -36.43
N GLU P 370 24.84 -50.21 -36.50
CA GLU P 370 25.53 -50.52 -37.73
C GLU P 370 25.38 -52.00 -38.04
N ARG P 371 24.90 -52.31 -39.25
CA ARG P 371 24.60 -53.68 -39.63
C ARG P 371 25.64 -54.18 -40.62
N THR P 372 26.20 -55.35 -40.32
CA THR P 372 27.15 -56.00 -41.23
C THR P 372 26.39 -56.84 -42.24
N GLU P 373 27.15 -57.47 -43.15
CA GLU P 373 26.54 -58.24 -44.22
C GLU P 373 26.37 -59.72 -43.89
N ASN P 374 26.92 -60.19 -42.78
CA ASN P 374 26.84 -61.60 -42.42
C ASN P 374 25.84 -61.85 -41.30
N GLU P 375 24.90 -60.94 -41.12
CA GLU P 375 23.90 -61.10 -40.07
C GLU P 375 22.84 -62.11 -40.51
N PRO P 376 22.18 -62.76 -39.56
CA PRO P 376 21.02 -63.58 -39.90
C PRO P 376 19.82 -62.70 -40.24
N THR P 377 18.85 -63.32 -40.91
CA THR P 377 17.59 -62.63 -41.16
C THR P 377 16.78 -62.58 -39.87
N ILE P 378 16.25 -61.41 -39.55
CA ILE P 378 15.52 -61.18 -38.30
C ILE P 378 14.08 -60.85 -38.63
N PHE P 379 13.15 -61.56 -37.98
CA PHE P 379 11.73 -61.25 -38.04
C PHE P 379 11.26 -60.77 -36.67
N ALA P 380 10.39 -59.77 -36.67
CA ALA P 380 9.74 -59.30 -35.46
C ALA P 380 8.26 -59.10 -35.73
N THR P 381 7.42 -59.62 -34.84
CA THR P 381 5.99 -59.44 -34.92
C THR P 381 5.51 -58.60 -33.76
N HIS P 382 4.73 -57.55 -34.07
CA HIS P 382 4.16 -56.69 -33.06
C HIS P 382 2.64 -56.84 -33.09
N SER P 383 2.04 -57.05 -31.92
CA SER P 383 0.57 -56.95 -31.86
C SER P 383 0.31 -55.49 -31.55
N THR P 384 -0.04 -54.69 -32.55
CA THR P 384 -0.22 -53.23 -32.39
C THR P 384 -1.40 -52.91 -31.46
N HIS P 385 -2.32 -53.83 -31.29
CA HIS P 385 -3.48 -53.61 -30.39
C HIS P 385 -3.11 -53.90 -28.95
N1 LLP P 386 2.23 -64.11 -29.58
C2 LLP P 386 2.23 -63.68 -28.32
C2' LLP P 386 3.47 -63.81 -27.51
C3 LLP P 386 1.09 -63.11 -27.78
O3 LLP P 386 1.17 -62.69 -26.51
C4 LLP P 386 -0.07 -62.97 -28.56
C4' LLP P 386 -1.27 -62.36 -27.99
C5 LLP P 386 -0.03 -63.44 -29.88
C6 LLP P 386 1.12 -63.99 -30.34
C5' LLP P 386 -1.22 -63.41 -30.80
OP4 LLP P 386 -1.59 -62.05 -31.17
P LLP P 386 -3.04 -61.71 -31.69
OP1 LLP P 386 -2.92 -60.35 -32.26
OP2 LLP P 386 -3.43 -62.74 -32.72
OP3 LLP P 386 -3.87 -61.79 -30.47
N LLP P 386 -2.04 -54.64 -28.69
CA LLP P 386 -1.73 -55.03 -27.29
CB LLP P 386 -0.89 -56.31 -27.19
CG LLP P 386 -1.67 -57.61 -27.12
CD LLP P 386 -0.81 -58.86 -27.29
CE LLP P 386 -1.55 -60.01 -27.95
NZ LLP P 386 -1.23 -61.28 -27.31
C LLP P 386 -1.19 -53.84 -26.50
O LLP P 386 -1.90 -53.39 -25.61
N LEU P 387 0.00 -53.34 -26.81
CA LEU P 387 0.61 -52.27 -25.97
C LEU P 387 0.90 -51.02 -26.79
N LEU P 388 0.37 -50.97 -28.01
CA LEU P 388 0.41 -49.75 -28.85
C LEU P 388 -1.08 -49.35 -28.97
N ASN P 389 -1.44 -48.36 -29.77
CA ASN P 389 -2.81 -47.88 -29.93
C ASN P 389 -3.33 -48.34 -31.29
N ALA P 390 -3.99 -49.48 -31.31
CA ALA P 390 -4.60 -50.00 -32.54
C ALA P 390 -5.78 -50.88 -32.18
N LEU P 391 -6.67 -51.06 -33.14
CA LEU P 391 -7.80 -51.94 -32.95
C LEU P 391 -7.35 -53.40 -32.94
N SER P 392 -8.16 -54.24 -32.31
CA SER P 392 -7.88 -55.67 -32.28
C SER P 392 -7.72 -56.21 -33.70
N GLN P 393 -6.86 -57.21 -33.83
CA GLN P 393 -6.45 -57.91 -35.05
C GLN P 393 -5.42 -57.13 -35.86
N ALA P 394 -5.05 -55.92 -35.47
CA ALA P 394 -3.99 -55.19 -36.17
C ALA P 394 -2.63 -55.70 -35.72
N SER P 395 -1.75 -55.93 -36.69
CA SER P 395 -0.44 -56.50 -36.40
C SER P 395 0.53 -56.08 -37.49
N PHE P 396 1.82 -56.25 -37.19
CA PHE P 396 2.88 -55.94 -38.13
C PHE P 396 3.86 -57.09 -38.23
N ILE P 397 4.38 -57.32 -39.42
CA ILE P 397 5.55 -58.15 -39.63
C ILE P 397 6.68 -57.23 -40.03
N HIS P 398 7.79 -57.29 -39.29
CA HIS P 398 8.98 -56.52 -39.60
C HIS P 398 10.10 -57.48 -39.97
N VAL P 399 10.78 -57.19 -41.07
CA VAL P 399 11.83 -58.05 -41.59
C VAL P 399 13.11 -57.23 -41.73
N ARG P 400 14.22 -57.80 -41.26
CA ARG P 400 15.55 -57.29 -41.54
C ARG P 400 16.29 -58.37 -42.32
N ASN P 401 16.60 -58.09 -43.58
CA ASN P 401 17.16 -59.10 -44.46
C ASN P 401 18.62 -59.38 -44.11
N GLY P 402 18.94 -60.65 -43.94
CA GLY P 402 20.31 -61.07 -43.69
C GLY P 402 20.65 -62.32 -44.47
N ARG P 403 21.20 -63.31 -43.80
CA ARG P 403 21.53 -64.57 -44.45
C ARG P 403 20.26 -65.36 -44.76
N ASN P 404 20.20 -65.93 -45.95
CA ASN P 404 19.08 -66.76 -46.38
C ASN P 404 17.76 -65.99 -46.30
N ALA P 405 17.77 -64.77 -46.83
CA ALA P 405 16.60 -63.92 -46.81
C ALA P 405 15.55 -64.40 -47.80
N ILE P 406 14.30 -64.04 -47.53
CA ILE P 406 13.16 -64.41 -48.37
C ILE P 406 12.72 -63.16 -49.13
N ASP P 407 12.82 -63.21 -50.45
CA ASP P 407 12.44 -62.06 -51.27
C ASP P 407 10.93 -61.89 -51.29
N PHE P 408 10.49 -60.74 -51.82
CA PHE P 408 9.09 -60.36 -51.72
C PHE P 408 8.17 -61.35 -52.44
N ASN P 409 8.57 -61.82 -53.62
CA ASN P 409 7.70 -62.73 -54.37
C ASN P 409 7.46 -64.02 -53.61
N ARG P 410 8.47 -64.55 -52.94
CA ARG P 410 8.31 -65.77 -52.17
C ARG P 410 7.53 -65.53 -50.89
N PHE P 411 7.80 -64.43 -50.19
CA PHE P 411 7.11 -64.15 -48.93
C PHE P 411 5.65 -63.83 -49.14
N ASN P 412 5.31 -63.22 -50.28
CA ASN P 412 3.94 -62.82 -50.55
C ASN P 412 3.00 -64.02 -50.63
N GLN P 413 3.52 -65.18 -51.04
CA GLN P 413 2.68 -66.37 -51.10
C GLN P 413 2.20 -66.78 -49.72
N ALA P 414 3.10 -66.84 -48.73
CA ALA P 414 2.69 -67.13 -47.36
C ALA P 414 1.76 -66.04 -46.82
N TYR P 415 2.11 -64.78 -47.11
CA TYR P 415 1.28 -63.68 -46.65
C TYR P 415 -0.16 -63.82 -47.14
N LEU P 416 -0.34 -64.10 -48.43
CA LEU P 416 -1.69 -64.30 -48.95
C LEU P 416 -2.33 -65.56 -48.38
N MET P 417 -1.53 -66.60 -48.15
CA MET P 417 -2.08 -67.85 -47.62
C MET P 417 -2.72 -67.67 -46.27
N HIS P 418 -2.24 -66.73 -45.45
CA HIS P 418 -2.86 -66.55 -44.15
C HIS P 418 -3.63 -65.24 -44.01
N SER P 419 -4.08 -64.68 -45.11
CA SER P 419 -4.82 -63.42 -45.11
C SER P 419 -6.23 -63.64 -45.64
N THR P 420 -6.95 -62.55 -45.82
CA THR P 420 -8.28 -62.58 -46.42
C THR P 420 -8.30 -61.67 -47.64
N THR P 421 -9.14 -62.01 -48.61
CA THR P 421 -9.25 -61.20 -49.81
C THR P 421 -10.06 -59.92 -49.59
N SER P 422 -10.73 -59.77 -48.46
CA SER P 422 -11.53 -58.58 -48.16
C SER P 422 -11.15 -58.03 -46.79
N PRO P 423 -9.98 -57.42 -46.66
CA PRO P 423 -9.59 -56.84 -45.38
C PRO P 423 -10.47 -55.65 -45.00
N LEU P 424 -10.68 -55.49 -43.71
CA LEU P 424 -11.38 -54.33 -43.18
C LEU P 424 -10.39 -53.19 -43.04
N TYR P 425 -10.61 -52.11 -43.80
CA TYR P 425 -9.62 -51.04 -43.88
C TYR P 425 -9.51 -50.23 -42.58
N ALA P 426 -10.50 -50.32 -41.70
CA ALA P 426 -10.38 -49.66 -40.40
C ALA P 426 -9.23 -50.24 -39.58
N ILE P 427 -9.00 -51.55 -39.67
CA ILE P 427 -7.90 -52.18 -38.97
C ILE P 427 -6.56 -51.67 -39.50
N CYS P 428 -6.42 -51.60 -40.83
CA CYS P 428 -5.19 -51.08 -41.41
C CYS P 428 -4.99 -49.61 -41.06
N ALA P 429 -6.08 -48.84 -41.02
CA ALA P 429 -5.98 -47.44 -40.62
C ALA P 429 -5.52 -47.30 -39.18
N SER P 430 -6.00 -48.18 -38.30
CA SER P 430 -5.53 -48.17 -36.91
C SER P 430 -4.05 -48.52 -36.83
N ASN P 431 -3.61 -49.48 -37.65
CA ASN P 431 -2.17 -49.78 -37.71
C ASN P 431 -1.37 -48.55 -38.14
N ASP P 432 -1.86 -47.85 -39.15
CA ASP P 432 -1.18 -46.67 -39.66
C ASP P 432 -1.11 -45.56 -38.61
N ILE P 433 -2.22 -45.33 -37.88
CA ILE P 433 -2.21 -44.29 -36.86
C ILE P 433 -1.33 -44.69 -35.69
N ALA P 434 -1.26 -45.98 -35.35
CA ALA P 434 -0.35 -46.41 -34.29
C ALA P 434 1.11 -46.15 -34.66
N ALA P 435 1.48 -46.51 -35.88
CA ALA P 435 2.83 -46.23 -36.35
C ALA P 435 3.12 -44.74 -36.32
N ASP P 436 2.16 -43.93 -36.77
CA ASP P 436 2.34 -42.48 -36.73
C ASP P 436 2.50 -41.97 -35.30
N MET P 437 1.76 -42.56 -34.36
CA MET P 437 1.81 -42.15 -32.97
C MET P 437 3.17 -42.42 -32.35
N MET P 438 3.83 -43.50 -32.77
CA MET P 438 5.18 -43.75 -32.27
C MET P 438 6.25 -42.94 -33.00
N ASP P 439 5.91 -42.22 -34.06
CA ASP P 439 6.90 -41.53 -34.87
C ASP P 439 7.36 -40.23 -34.23
N GLY P 440 8.66 -39.96 -34.34
CA GLY P 440 9.23 -38.71 -33.86
C GLY P 440 9.32 -38.57 -32.35
N ASN P 441 9.06 -37.36 -31.85
CA ASN P 441 9.13 -37.11 -30.42
C ASN P 441 8.02 -37.81 -29.65
N SER P 442 6.88 -38.05 -30.31
CA SER P 442 5.70 -38.51 -29.59
C SER P 442 5.89 -39.92 -29.02
N GLY P 443 6.59 -40.80 -29.73
CA GLY P 443 6.82 -42.14 -29.20
C GLY P 443 7.62 -42.10 -27.91
N ARG P 444 8.69 -41.32 -27.89
CA ARG P 444 9.47 -41.15 -26.67
C ARG P 444 8.63 -40.55 -25.56
N SER P 445 7.83 -39.53 -25.87
CA SER P 445 7.02 -38.89 -24.83
C SER P 445 5.98 -39.85 -24.25
N LEU P 446 5.33 -40.65 -25.10
CA LEU P 446 4.29 -41.56 -24.62
C LEU P 446 4.88 -42.70 -23.80
N THR P 447 6.00 -43.28 -24.27
CA THR P 447 6.65 -44.32 -23.48
C THR P 447 7.13 -43.75 -22.15
N ASP P 448 7.64 -42.52 -22.15
CA ASP P 448 8.07 -41.88 -20.90
C ASP P 448 6.92 -41.75 -19.93
N GLU P 449 5.75 -41.31 -20.42
CA GLU P 449 4.60 -41.15 -19.52
C GLU P 449 4.21 -42.49 -18.89
N VAL P 450 4.14 -43.54 -19.70
CA VAL P 450 3.74 -44.84 -19.15
C VAL P 450 4.78 -45.34 -18.15
N ILE P 451 6.06 -45.22 -18.48
CA ILE P 451 7.11 -45.70 -17.58
C ILE P 451 7.08 -44.94 -16.27
N ARG P 452 6.87 -43.63 -16.33
CA ARG P 452 6.82 -42.83 -15.11
C ARG P 452 5.63 -43.22 -14.24
N GLU P 453 4.46 -43.47 -14.85
CA GLU P 453 3.32 -43.92 -14.07
C GLU P 453 3.61 -45.25 -13.38
N SER P 454 4.21 -46.20 -14.10
CA SER P 454 4.52 -47.49 -13.50
C SER P 454 5.53 -47.35 -12.38
N ILE P 455 6.52 -46.47 -12.54
CA ILE P 455 7.52 -46.26 -11.49
C ILE P 455 6.89 -45.62 -10.26
N ASP P 456 5.99 -44.66 -10.46
CA ASP P 456 5.30 -44.06 -9.31
C ASP P 456 4.51 -45.12 -8.55
N PHE P 457 3.81 -45.99 -9.27
CA PHE P 457 3.08 -47.06 -8.58
C PHE P 457 4.03 -47.99 -7.83
N ARG P 458 5.13 -48.40 -8.47
CA ARG P 458 6.06 -49.32 -7.82
C ARG P 458 6.65 -48.71 -6.55
N GLN P 459 7.08 -47.46 -6.63
CA GLN P 459 7.69 -46.81 -5.47
C GLN P 459 6.69 -46.61 -4.35
N SER P 460 5.46 -46.20 -4.69
CA SER P 460 4.44 -46.05 -3.65
C SER P 460 4.13 -47.36 -2.97
N LEU P 461 4.03 -48.44 -3.75
CA LEU P 461 3.76 -49.75 -3.15
C LEU P 461 4.91 -50.22 -2.28
N ALA P 462 6.15 -50.00 -2.72
CA ALA P 462 7.30 -50.38 -1.90
C ALA P 462 7.34 -49.58 -0.60
N TYR P 463 7.01 -48.29 -0.67
CA TYR P 463 6.96 -47.47 0.54
C TYR P 463 5.90 -47.97 1.51
N LEU P 464 4.71 -48.28 1.01
CA LEU P 464 3.65 -48.79 1.87
C LEU P 464 4.04 -50.13 2.47
N TYR P 465 4.71 -50.98 1.68
CA TYR P 465 5.17 -52.26 2.19
C TYR P 465 6.15 -52.07 3.34
N LYS P 466 7.09 -51.14 3.18
CA LYS P 466 8.05 -50.87 4.25
C LYS P 466 7.34 -50.32 5.49
N GLU P 467 6.36 -49.44 5.30
CA GLU P 467 5.61 -48.89 6.43
C GLU P 467 4.90 -49.98 7.21
N PHE P 468 4.19 -50.86 6.50
CA PHE P 468 3.47 -51.95 7.15
C PHE P 468 4.43 -52.92 7.82
N LEU P 469 5.58 -53.19 7.19
CA LEU P 469 6.57 -54.04 7.80
C LEU P 469 7.12 -53.43 9.07
N ASN P 470 7.34 -52.12 9.08
CA ASN P 470 7.79 -51.45 10.29
C ASN P 470 6.75 -51.56 11.40
N ASP P 471 5.47 -51.53 11.05
CA ASP P 471 4.42 -51.79 12.03
C ASP P 471 4.14 -53.28 12.22
N ASP P 472 5.11 -54.14 11.86
CA ASP P 472 4.97 -55.60 11.87
C ASP P 472 3.62 -56.07 11.35
N GLU P 473 3.26 -55.60 10.16
CA GLU P 473 2.10 -56.06 9.43
C GLU P 473 2.51 -56.51 8.03
N TRP P 474 1.63 -57.25 7.38
CA TRP P 474 1.86 -57.72 6.03
C TRP P 474 1.29 -56.74 5.01
N PHE P 475 1.90 -56.72 3.83
CA PHE P 475 1.35 -56.00 2.69
C PHE P 475 1.93 -56.58 1.41
N PHE P 476 1.39 -56.13 0.29
CA PHE P 476 1.91 -56.50 -1.02
C PHE P 476 3.17 -55.69 -1.34
N LYS P 477 4.07 -56.30 -2.10
CA LYS P 477 5.28 -55.63 -2.52
C LYS P 477 5.44 -55.76 -4.02
N PRO P 478 5.98 -54.74 -4.67
CA PRO P 478 6.27 -54.85 -6.11
C PRO P 478 7.43 -55.78 -6.36
N TRP P 479 7.41 -56.43 -7.52
CA TRP P 479 8.46 -57.35 -7.91
C TRP P 479 9.49 -56.59 -8.74
N ASN P 480 10.47 -56.00 -8.06
CA ASN P 480 11.59 -55.33 -8.71
C ASN P 480 12.77 -55.36 -7.75
N GLN P 481 13.84 -54.65 -8.12
CA GLN P 481 15.00 -54.53 -7.27
C GLN P 481 14.65 -53.92 -5.93
N GLU P 482 15.21 -54.47 -4.85
CA GLU P 482 15.08 -53.83 -3.54
C GLU P 482 15.96 -52.60 -3.43
N MET P 483 17.21 -52.71 -3.87
CA MET P 483 18.17 -51.62 -3.81
C MET P 483 18.68 -51.34 -5.21
N VAL P 484 18.80 -50.06 -5.56
CA VAL P 484 19.34 -49.67 -6.85
C VAL P 484 20.59 -48.84 -6.62
N LYS P 485 21.54 -48.97 -7.54
CA LYS P 485 22.81 -48.26 -7.46
C LYS P 485 22.87 -47.23 -8.57
N ASP P 486 23.29 -46.02 -8.23
CA ASP P 486 23.54 -45.01 -9.24
C ASP P 486 24.88 -45.27 -9.89
N PRO P 487 24.93 -45.58 -11.18
CA PRO P 487 26.22 -45.92 -11.80
C PRO P 487 27.18 -44.75 -11.90
N ALA P 488 26.68 -43.51 -11.86
CA ALA P 488 27.55 -42.35 -11.97
C ALA P 488 28.29 -42.09 -10.66
N THR P 489 27.54 -41.80 -9.60
CA THR P 489 28.13 -41.44 -8.32
C THR P 489 28.40 -42.64 -7.41
N GLY P 490 27.93 -43.83 -7.79
CA GLY P 490 28.13 -45.00 -6.96
C GLY P 490 27.22 -45.09 -5.76
N LYS P 491 26.29 -44.15 -5.59
CA LYS P 491 25.43 -44.12 -4.43
C LYS P 491 24.32 -45.16 -4.56
N ARG P 492 24.01 -45.81 -3.44
CA ARG P 492 22.95 -46.80 -3.38
C ARG P 492 21.69 -46.20 -2.77
N TYR P 493 20.55 -46.61 -3.29
CA TYR P 493 19.26 -46.19 -2.77
C TYR P 493 18.38 -47.41 -2.58
N ALA P 494 17.50 -47.34 -1.58
CA ALA P 494 16.33 -48.20 -1.59
C ALA P 494 15.45 -47.82 -2.76
N PHE P 495 14.76 -48.81 -3.34
CA PHE P 495 14.01 -48.57 -4.57
C PHE P 495 12.99 -47.45 -4.38
N GLU P 496 12.27 -47.47 -3.26
CA GLU P 496 11.26 -46.44 -3.02
C GLU P 496 11.86 -45.07 -2.75
N ASP P 497 13.15 -45.00 -2.46
CA ASP P 497 13.83 -43.73 -2.22
C ASP P 497 14.65 -43.26 -3.42
N ALA P 498 14.78 -44.07 -4.45
CA ALA P 498 15.58 -43.69 -5.60
C ALA P 498 14.93 -42.53 -6.34
N PRO P 499 15.72 -41.60 -6.88
CA PRO P 499 15.14 -40.53 -7.69
C PRO P 499 14.49 -41.10 -8.94
N VAL P 500 13.35 -40.52 -9.32
CA VAL P 500 12.59 -41.03 -10.45
C VAL P 500 13.39 -40.89 -11.73
N GLU P 501 14.17 -39.82 -11.86
CA GLU P 501 15.00 -39.63 -13.05
C GLU P 501 16.00 -40.76 -13.20
N LEU P 502 16.60 -41.21 -12.09
CA LEU P 502 17.56 -42.31 -12.16
C LEU P 502 16.88 -43.59 -12.64
N LEU P 503 15.71 -43.91 -12.11
CA LEU P 503 15.00 -45.12 -12.52
C LEU P 503 14.54 -45.03 -13.97
N MET P 504 14.18 -43.83 -14.42
CA MET P 504 13.73 -43.64 -15.79
C MET P 504 14.87 -43.63 -16.80
N ARG P 505 16.09 -43.31 -16.36
CA ARG P 505 17.22 -43.14 -17.26
C ARG P 505 18.16 -44.34 -17.29
N GLU P 506 18.39 -44.99 -16.16
CA GLU P 506 19.44 -46.00 -16.03
C GLU P 506 18.88 -47.40 -16.24
N GLN P 507 19.39 -48.09 -17.25
CA GLN P 507 18.95 -49.45 -17.54
C GLN P 507 19.36 -50.43 -16.46
N SER P 508 20.52 -50.21 -15.84
CA SER P 508 21.01 -51.15 -14.83
C SER P 508 20.13 -51.21 -13.60
N CYS P 509 19.27 -50.21 -13.38
CA CYS P 509 18.31 -50.27 -12.29
C CYS P 509 17.23 -51.32 -12.51
N TRP P 510 17.16 -51.90 -13.72
CA TRP P 510 16.17 -52.91 -14.04
C TRP P 510 16.77 -54.22 -14.51
N VAL P 511 18.08 -54.28 -14.70
CA VAL P 511 18.74 -55.52 -15.11
C VAL P 511 18.69 -56.53 -13.99
N MET P 512 18.51 -57.80 -14.33
CA MET P 512 18.52 -58.87 -13.35
C MET P 512 19.96 -59.24 -13.02
N HIS P 513 20.40 -58.89 -11.82
CA HIS P 513 21.77 -59.28 -11.52
C HIS P 513 21.78 -60.60 -10.75
N PRO P 514 22.76 -61.46 -11.03
CA PRO P 514 22.80 -62.77 -10.34
C PRO P 514 22.95 -62.67 -8.83
N GLU P 515 23.53 -61.58 -8.32
CA GLU P 515 23.72 -61.42 -6.89
C GLU P 515 22.47 -60.94 -6.17
N ASP P 516 21.45 -60.49 -6.89
CA ASP P 516 20.21 -60.03 -6.27
C ASP P 516 19.25 -61.19 -6.06
N LYS P 517 18.47 -61.12 -4.98
CA LYS P 517 17.53 -62.16 -4.63
C LYS P 517 16.10 -61.87 -5.10
N TRP P 518 15.81 -60.65 -5.55
CA TRP P 518 14.43 -60.29 -5.85
C TRP P 518 13.87 -61.11 -7.01
N HIS P 519 14.63 -61.28 -8.09
CA HIS P 519 14.07 -61.92 -9.28
C HIS P 519 13.95 -63.43 -9.13
N GLY P 520 14.86 -64.06 -8.39
CA GLY P 520 14.75 -65.47 -8.11
C GLY P 520 15.13 -66.39 -9.23
N PHE P 521 15.76 -65.88 -10.29
CA PHE P 521 16.25 -66.72 -11.38
C PHE P 521 17.69 -67.07 -11.07
N ASN P 522 17.88 -68.21 -10.41
CA ASN P 522 19.21 -68.61 -9.98
C ASN P 522 20.08 -68.97 -11.18
N ASP P 523 21.35 -68.57 -11.11
CA ASP P 523 22.36 -68.87 -12.13
C ASP P 523 22.07 -68.13 -13.44
N ILE P 524 21.33 -67.04 -13.39
CA ILE P 524 21.18 -66.21 -14.58
C ILE P 524 22.48 -65.42 -14.80
N PRO P 525 22.99 -65.34 -16.02
CA PRO P 525 24.15 -64.48 -16.28
C PRO P 525 23.79 -63.02 -16.13
N ASP P 526 24.80 -62.21 -15.82
CA ASP P 526 24.58 -60.79 -15.69
C ASP P 526 24.44 -60.14 -17.06
N ASN P 527 23.65 -59.07 -17.10
CA ASN P 527 23.38 -58.32 -18.33
C ASN P 527 22.79 -59.22 -19.41
N TRP P 528 21.94 -60.16 -18.99
CA TRP P 528 21.22 -61.06 -19.89
C TRP P 528 19.75 -60.69 -20.02
N ALA P 529 19.06 -60.52 -18.90
CA ALA P 529 17.66 -60.17 -18.88
C ALA P 529 17.45 -58.85 -18.16
N MET P 530 16.24 -58.32 -18.29
CA MET P 530 15.89 -57.02 -17.76
C MET P 530 14.38 -57.01 -17.52
N LEU P 531 13.95 -56.27 -16.51
CA LEU P 531 12.54 -56.17 -16.19
C LEU P 531 11.92 -54.99 -16.91
N ASP P 532 10.80 -55.23 -17.58
CA ASP P 532 10.03 -54.14 -18.19
C ASP P 532 9.26 -53.41 -17.10
N PRO P 533 9.51 -52.11 -16.90
CA PRO P 533 8.84 -51.40 -15.80
C PRO P 533 7.33 -51.39 -15.90
N ILE P 534 6.75 -51.38 -17.10
CA ILE P 534 5.32 -51.17 -17.24
C ILE P 534 4.50 -52.45 -17.07
N LYS P 535 5.15 -53.59 -16.90
CA LYS P 535 4.45 -54.84 -16.56
C LYS P 535 4.68 -55.08 -15.07
N VAL P 536 3.79 -54.55 -14.25
CA VAL P 536 4.01 -54.49 -12.81
C VAL P 536 3.40 -55.73 -12.15
N SER P 537 4.26 -56.55 -11.56
CA SER P 537 3.85 -57.68 -10.76
C SER P 537 3.88 -57.28 -9.29
N ILE P 538 2.84 -57.64 -8.55
CA ILE P 538 2.83 -57.47 -7.11
C ILE P 538 2.79 -58.86 -6.48
N LEU P 539 3.43 -58.98 -5.34
CA LEU P 539 3.59 -60.26 -4.66
C LEU P 539 2.79 -60.25 -3.37
N ALA P 540 1.91 -61.22 -3.21
CA ALA P 540 1.26 -61.42 -1.94
C ALA P 540 2.19 -62.18 -1.00
N PRO P 541 2.10 -61.93 0.31
CA PRO P 541 2.99 -62.61 1.25
C PRO P 541 2.68 -64.09 1.35
N GLY P 542 3.71 -64.86 1.66
CA GLY P 542 3.53 -66.29 1.87
C GLY P 542 4.66 -67.15 1.33
N MET P 543 5.47 -66.62 0.43
CA MET P 543 6.55 -67.36 -0.20
C MET P 543 7.88 -66.89 0.37
N GLY P 544 8.65 -67.82 0.91
CA GLY P 544 9.96 -67.49 1.43
C GLY P 544 10.99 -67.31 0.32
N ASP P 545 12.06 -66.60 0.66
CA ASP P 545 13.12 -66.35 -0.31
C ASP P 545 13.86 -67.63 -0.70
N ASP P 546 13.83 -68.65 0.15
CA ASP P 546 14.48 -69.91 -0.14
C ASP P 546 13.70 -70.77 -1.14
N GLY P 547 12.42 -70.48 -1.34
CA GLY P 547 11.58 -71.27 -2.22
C GLY P 547 10.48 -72.03 -1.54
N LYS P 548 10.42 -72.01 -0.21
CA LYS P 548 9.41 -72.70 0.55
C LYS P 548 8.46 -71.70 1.20
N LEU P 549 7.24 -72.16 1.46
CA LEU P 549 6.21 -71.30 2.01
C LEU P 549 6.55 -70.90 3.44
N LEU P 550 6.03 -69.75 3.85
CA LEU P 550 6.16 -69.29 5.22
C LEU P 550 5.04 -69.87 6.07
N ASP P 551 5.01 -69.49 7.35
CA ASP P 551 4.01 -70.02 8.26
C ASP P 551 2.63 -69.46 7.95
N THR P 552 2.57 -68.25 7.40
CA THR P 552 1.31 -67.61 7.07
C THR P 552 1.47 -66.85 5.75
N GLY P 553 0.34 -66.54 5.12
CA GLY P 553 0.38 -65.82 3.87
C GLY P 553 -1.03 -65.56 3.37
N VAL P 554 -1.10 -64.81 2.29
CA VAL P 554 -2.35 -64.48 1.62
C VAL P 554 -2.28 -64.98 0.19
N PRO P 555 -3.03 -66.01 -0.20
CA PRO P 555 -2.97 -66.50 -1.57
C PRO P 555 -3.52 -65.47 -2.56
N ALA P 556 -2.94 -65.46 -3.75
CA ALA P 556 -3.29 -64.46 -4.75
C ALA P 556 -4.65 -64.70 -5.38
N ALA P 557 -5.20 -65.92 -5.28
CA ALA P 557 -6.51 -66.18 -5.86
C ALA P 557 -7.59 -65.34 -5.17
N LEU P 558 -7.50 -65.20 -3.85
CA LEU P 558 -8.48 -64.39 -3.12
C LEU P 558 -8.34 -62.91 -3.46
N VAL P 559 -7.11 -62.42 -3.58
CA VAL P 559 -6.90 -61.03 -3.99
C VAL P 559 -7.42 -60.81 -5.40
N THR P 560 -7.25 -61.81 -6.27
CA THR P 560 -7.78 -61.71 -7.62
C THR P 560 -9.30 -61.65 -7.63
N ALA P 561 -9.94 -62.45 -6.77
CA ALA P 561 -11.39 -62.37 -6.65
C ALA P 561 -11.82 -60.98 -6.18
N TRP P 562 -11.11 -60.42 -5.22
CA TRP P 562 -11.41 -59.06 -4.76
C TRP P 562 -11.28 -58.05 -5.90
N LEU P 563 -10.18 -58.11 -6.64
CA LEU P 563 -9.97 -57.17 -7.73
C LEU P 563 -11.02 -57.32 -8.82
N ASN P 564 -11.38 -58.56 -9.16
CA ASN P 564 -12.45 -58.79 -10.12
C ASN P 564 -13.76 -58.20 -9.62
N HIS P 565 -14.05 -58.36 -8.33
CA HIS P 565 -15.23 -57.75 -7.75
C HIS P 565 -15.22 -56.23 -7.92
N TYR P 566 -14.04 -55.62 -7.88
CA TYR P 566 -13.96 -54.19 -8.12
C TYR P 566 -13.66 -53.82 -9.56
N GLY P 567 -13.69 -54.79 -10.48
CA GLY P 567 -13.57 -54.53 -11.89
C GLY P 567 -12.17 -54.67 -12.44
N ILE P 568 -11.15 -54.67 -11.58
CA ILE P 568 -9.78 -54.81 -12.05
C ILE P 568 -9.54 -56.28 -12.39
N VAL P 569 -9.08 -56.53 -13.61
CA VAL P 569 -8.82 -57.89 -14.07
C VAL P 569 -7.33 -58.00 -14.39
N PRO P 570 -6.55 -58.73 -13.59
CA PRO P 570 -5.13 -58.87 -13.87
C PRO P 570 -4.86 -59.70 -15.12
N THR P 571 -3.70 -59.44 -15.72
CA THR P 571 -3.28 -60.14 -16.92
C THR P 571 -2.75 -61.54 -16.60
N ARG P 572 -1.92 -61.66 -15.58
CA ARG P 572 -1.35 -62.94 -15.17
C ARG P 572 -1.52 -63.11 -13.67
N THR P 573 -1.50 -64.36 -13.23
CA THR P 573 -1.68 -64.68 -11.82
C THR P 573 -1.07 -66.04 -11.54
N THR P 574 -0.30 -66.14 -10.46
CA THR P 574 0.18 -67.39 -9.89
C THR P 574 -0.29 -67.48 -8.44
N ASP P 575 0.25 -68.43 -7.70
CA ASP P 575 -0.15 -68.61 -6.30
C ASP P 575 0.07 -67.34 -5.49
N PHE P 576 1.26 -66.73 -5.61
CA PHE P 576 1.51 -65.41 -5.01
C PHE P 576 2.17 -64.53 -6.08
N GLN P 577 1.34 -64.00 -6.99
CA GLN P 577 1.80 -63.02 -7.97
C GLN P 577 0.60 -62.50 -8.73
N ILE P 578 0.48 -61.19 -8.86
CA ILE P 578 -0.58 -60.58 -9.65
C ILE P 578 0.06 -59.52 -10.54
N MET P 579 -0.21 -59.61 -11.84
CA MET P 579 0.41 -58.75 -12.84
C MET P 579 -0.60 -57.71 -13.32
N PHE P 580 -0.18 -56.45 -13.33
CA PHE P 580 -0.99 -55.35 -13.82
C PHE P 580 -0.31 -54.71 -15.02
N LEU P 581 -1.09 -54.37 -16.04
CA LEU P 581 -0.58 -53.75 -17.25
C LEU P 581 -0.74 -52.24 -17.17
N PHE P 582 0.37 -51.53 -17.40
CA PHE P 582 0.34 -50.10 -17.62
C PHE P 582 0.52 -49.87 -19.11
N SER P 583 -0.47 -49.25 -19.75
CA SER P 583 -0.45 -49.03 -21.19
C SER P 583 -0.49 -47.55 -21.49
N MET P 584 -0.33 -47.22 -22.77
CA MET P 584 -0.39 -45.83 -23.20
C MET P 584 -1.79 -45.26 -23.13
N GLY P 585 -2.80 -46.08 -22.89
CA GLY P 585 -4.15 -45.62 -22.63
C GLY P 585 -4.46 -45.30 -21.19
N ILE P 586 -3.52 -45.48 -20.27
CA ILE P 586 -3.74 -45.12 -18.88
C ILE P 586 -3.66 -43.62 -18.72
N THR P 587 -4.34 -43.10 -17.71
CA THR P 587 -4.28 -41.69 -17.36
C THR P 587 -3.47 -41.53 -16.09
N LYS P 588 -2.94 -40.32 -15.90
CA LYS P 588 -2.01 -40.06 -14.80
C LYS P 588 -2.70 -40.16 -13.45
N GLY P 589 -2.03 -40.78 -12.49
CA GLY P 589 -2.57 -40.96 -11.16
C GLY P 589 -3.60 -42.04 -11.02
N LYS P 590 -3.83 -42.85 -12.06
CA LYS P 590 -4.85 -43.90 -12.01
C LYS P 590 -4.49 -45.00 -11.03
N TRP P 591 -3.19 -45.23 -10.79
CA TRP P 591 -2.75 -46.30 -9.89
C TRP P 591 -3.14 -46.05 -8.44
N GLY P 592 -3.59 -44.84 -8.10
CA GLY P 592 -4.14 -44.61 -6.78
C GLY P 592 -5.34 -45.47 -6.48
N THR P 593 -6.17 -45.74 -7.50
CA THR P 593 -7.29 -46.67 -7.32
C THR P 593 -6.78 -48.06 -6.96
N LEU P 594 -5.73 -48.53 -7.63
CA LEU P 594 -5.18 -49.84 -7.33
C LEU P 594 -4.66 -49.89 -5.89
N VAL P 595 -3.95 -48.86 -5.47
CA VAL P 595 -3.44 -48.82 -4.11
C VAL P 595 -4.59 -48.81 -3.10
N ASN P 596 -5.62 -48.00 -3.37
CA ASN P 596 -6.78 -47.94 -2.50
C ASN P 596 -7.47 -49.29 -2.39
N THR P 597 -7.64 -49.99 -3.51
CA THR P 597 -8.27 -51.29 -3.50
C THR P 597 -7.46 -52.29 -2.68
N LEU P 598 -6.14 -52.28 -2.84
CA LEU P 598 -5.31 -53.20 -2.06
C LEU P 598 -5.40 -52.89 -0.57
N LEU P 599 -5.41 -51.60 -0.21
CA LEU P 599 -5.53 -51.24 1.20
C LEU P 599 -6.87 -51.67 1.78
N SER P 600 -7.96 -51.47 1.02
CA SER P 600 -9.26 -51.89 1.53
C SER P 600 -9.34 -53.41 1.64
N PHE P 601 -8.71 -54.14 0.72
CA PHE P 601 -8.64 -55.59 0.89
C PHE P 601 -7.91 -55.95 2.17
N LYS P 602 -6.80 -55.28 2.45
CA LYS P 602 -6.06 -55.58 3.68
C LYS P 602 -6.90 -55.29 4.90
N ARG P 603 -7.66 -54.19 4.88
CA ARG P 603 -8.54 -53.87 6.01
C ARG P 603 -9.57 -54.97 6.22
N HIS P 604 -10.27 -55.37 5.16
CA HIS P 604 -11.30 -56.40 5.31
C HIS P 604 -10.70 -57.75 5.65
N TYR P 605 -9.46 -58.01 5.25
CA TYR P 605 -8.81 -59.26 5.58
C TYR P 605 -8.41 -59.30 7.05
N ASP P 606 -7.89 -58.19 7.56
CA ASP P 606 -7.56 -58.12 8.98
C ASP P 606 -8.81 -58.17 9.84
N ASN P 607 -9.93 -57.62 9.36
CA ASN P 607 -11.17 -57.65 10.12
C ASN P 607 -11.95 -58.94 9.95
N ASN P 608 -11.52 -59.84 9.07
CA ASN P 608 -12.21 -61.09 8.79
C ASN P 608 -13.67 -60.85 8.44
N THR P 609 -13.90 -59.91 7.51
CA THR P 609 -15.25 -59.60 7.09
C THR P 609 -15.88 -60.78 6.39
N ALA P 610 -17.15 -61.03 6.68
CA ALA P 610 -17.84 -62.17 6.11
C ALA P 610 -17.93 -62.05 4.60
N LEU P 611 -17.70 -63.17 3.91
CA LEU P 611 -17.69 -63.17 2.45
C LEU P 611 -19.02 -62.74 1.86
N LYS P 612 -20.13 -62.92 2.57
CA LYS P 612 -21.41 -62.47 2.05
C LYS P 612 -21.45 -60.96 1.87
N LYS P 613 -20.85 -60.22 2.80
CA LYS P 613 -20.87 -58.76 2.69
C LYS P 613 -19.95 -58.25 1.58
N VAL P 614 -18.75 -58.81 1.47
CA VAL P 614 -17.72 -58.28 0.58
C VAL P 614 -17.72 -58.97 -0.77
N LEU P 615 -17.85 -60.29 -0.80
CA LEU P 615 -17.71 -61.06 -2.03
C LEU P 615 -18.91 -61.99 -2.21
N PRO P 616 -20.09 -61.42 -2.49
CA PRO P 616 -21.27 -62.28 -2.67
C PRO P 616 -21.14 -63.26 -3.83
N GLU P 617 -20.42 -62.90 -4.89
CA GLU P 617 -20.27 -63.81 -6.02
C GLU P 617 -19.47 -65.04 -5.64
N VAL P 618 -18.49 -64.91 -4.75
CA VAL P 618 -17.78 -66.08 -4.26
C VAL P 618 -18.71 -66.99 -3.47
N VAL P 619 -19.57 -66.40 -2.63
CA VAL P 619 -20.51 -67.19 -1.86
C VAL P 619 -21.48 -67.92 -2.78
N ALA P 620 -21.90 -67.26 -3.86
CA ALA P 620 -22.88 -67.84 -4.78
C ALA P 620 -22.38 -69.11 -5.46
N SER P 621 -21.08 -69.39 -5.43
CA SER P 621 -20.58 -70.64 -5.99
C SER P 621 -20.94 -71.82 -5.11
N ALA P 622 -20.48 -71.81 -3.86
CA ALA P 622 -20.74 -72.88 -2.90
C ALA P 622 -21.28 -72.27 -1.61
N PRO P 623 -22.56 -71.90 -1.58
CA PRO P 623 -23.10 -71.25 -0.38
C PRO P 623 -23.02 -72.09 0.87
N GLU P 624 -22.96 -73.41 0.75
CA GLU P 624 -22.82 -74.25 1.92
C GLU P 624 -21.41 -74.22 2.51
N ILE P 625 -20.41 -73.91 1.70
CA ILE P 625 -19.02 -73.85 2.17
C ILE P 625 -18.63 -72.44 2.59
N TYR P 626 -18.83 -71.47 1.70
CA TYR P 626 -18.39 -70.11 1.94
C TYR P 626 -19.36 -69.31 2.79
N GLY P 627 -20.60 -69.77 2.96
CA GLY P 627 -21.50 -69.14 3.90
C GLY P 627 -20.96 -69.22 5.32
N GLU P 628 -21.23 -68.19 6.11
CA GLU P 628 -20.78 -68.09 7.49
C GLU P 628 -19.26 -68.17 7.61
N MET P 629 -18.55 -67.72 6.58
CA MET P 629 -17.09 -67.75 6.55
C MET P 629 -16.55 -66.36 6.26
N GLY P 630 -15.45 -66.00 6.90
CA GLY P 630 -14.85 -64.70 6.70
C GLY P 630 -13.74 -64.70 5.65
N LEU P 631 -13.29 -63.49 5.30
CA LEU P 631 -12.23 -63.34 4.31
C LEU P 631 -10.95 -64.02 4.76
N ARG P 632 -10.54 -63.77 6.00
CA ARG P 632 -9.31 -64.37 6.50
C ARG P 632 -9.46 -65.86 6.72
N ASP P 633 -10.67 -66.33 7.06
CA ASP P 633 -10.88 -67.77 7.18
C ASP P 633 -10.61 -68.47 5.85
N LEU P 634 -11.18 -67.94 4.77
CA LEU P 634 -10.94 -68.50 3.45
C LEU P 634 -9.47 -68.39 3.06
N GLY P 635 -8.84 -67.24 3.37
CA GLY P 635 -7.43 -67.08 3.03
C GLY P 635 -6.54 -68.09 3.72
N ASP P 636 -6.75 -68.28 5.03
CA ASP P 636 -5.99 -69.26 5.78
C ASP P 636 -6.29 -70.69 5.35
N LYS P 637 -7.53 -70.98 4.96
CA LYS P 637 -7.84 -72.29 4.42
C LYS P 637 -7.04 -72.55 3.14
N MET P 638 -7.03 -71.57 2.22
CA MET P 638 -6.28 -71.71 0.99
C MET P 638 -4.78 -71.85 1.27
N PHE P 639 -4.26 -71.07 2.21
CA PHE P 639 -2.84 -71.14 2.50
C PHE P 639 -2.46 -72.46 3.15
N ALA P 640 -3.33 -72.99 4.01
CA ALA P 640 -3.08 -74.31 4.59
C ALA P 640 -3.09 -75.38 3.51
N TYR P 641 -4.02 -75.28 2.56
CA TYR P 641 -4.04 -76.21 1.44
C TYR P 641 -2.75 -76.13 0.64
N LEU P 642 -2.29 -74.91 0.35
CA LEU P 642 -1.05 -74.75 -0.41
C LEU P 642 0.14 -75.31 0.35
N GLN P 643 0.19 -75.07 1.66
CA GLN P 643 1.28 -75.60 2.48
C GLN P 643 1.29 -77.12 2.46
N LYS P 644 0.11 -77.73 2.57
CA LYS P 644 0.05 -79.19 2.58
C LYS P 644 0.44 -79.78 1.24
N ASN P 645 -0.09 -79.23 0.14
CA ASN P 645 0.07 -79.86 -1.15
C ASN P 645 1.31 -79.39 -1.91
N ASN P 646 1.74 -78.15 -1.68
CA ASN P 646 2.91 -77.57 -2.33
C ASN P 646 2.84 -77.71 -3.85
N PRO P 647 1.88 -77.06 -4.51
CA PRO P 647 1.79 -77.18 -5.97
C PRO P 647 2.95 -76.52 -6.71
N GLY P 648 3.71 -75.64 -6.07
CA GLY P 648 4.85 -75.04 -6.75
C GLY P 648 5.92 -76.05 -7.10
N ALA P 649 6.16 -77.01 -6.20
CA ALA P 649 7.07 -78.10 -6.52
C ALA P 649 6.54 -78.95 -7.67
N ARG P 650 5.21 -79.15 -7.71
CA ARG P 650 4.62 -79.88 -8.82
C ARG P 650 4.85 -79.16 -10.14
N LEU P 651 4.67 -77.84 -10.15
CA LEU P 651 4.94 -77.06 -11.35
C LEU P 651 6.39 -77.16 -11.76
N ASN P 652 7.31 -77.06 -10.79
CA ASN P 652 8.72 -77.15 -11.10
C ASN P 652 9.08 -78.52 -11.69
N GLN P 653 8.51 -79.59 -11.13
CA GLN P 653 8.78 -80.92 -11.67
C GLN P 653 8.20 -81.06 -13.07
N ALA P 654 7.00 -80.56 -13.30
CA ALA P 654 6.36 -80.71 -14.60
C ALA P 654 7.08 -79.91 -15.68
N TYR P 655 7.65 -78.76 -15.34
CA TYR P 655 8.25 -77.92 -16.37
C TYR P 655 9.76 -78.03 -16.47
N SER P 656 10.43 -78.63 -15.49
CA SER P 656 11.86 -78.86 -15.60
C SER P 656 12.16 -80.03 -16.52
N GLN P 657 11.28 -81.03 -16.57
CA GLN P 657 11.47 -82.19 -17.43
C GLN P 657 10.53 -82.10 -18.62
N LEU P 658 11.07 -82.27 -19.81
CA LEU P 658 10.24 -82.23 -21.00
C LEU P 658 9.56 -83.58 -21.22
N PRO P 659 8.33 -83.57 -21.71
CA PRO P 659 7.65 -84.83 -22.03
C PRO P 659 8.32 -85.54 -23.19
N GLN P 660 8.12 -86.85 -23.23
CA GLN P 660 8.64 -87.65 -24.34
C GLN P 660 7.88 -87.33 -25.62
N VAL P 661 8.61 -87.12 -26.70
CA VAL P 661 8.02 -86.77 -27.99
C VAL P 661 7.80 -88.05 -28.79
N MET P 662 6.58 -88.24 -29.26
CA MET P 662 6.23 -89.42 -30.07
C MET P 662 6.06 -89.10 -31.55
N MET P 663 5.52 -87.92 -31.88
CA MET P 663 5.37 -87.52 -33.27
C MET P 663 5.34 -85.99 -33.33
N THR P 664 5.46 -85.47 -34.55
CA THR P 664 5.38 -84.04 -34.76
C THR P 664 3.98 -83.54 -34.45
N PRO P 665 3.83 -82.26 -34.15
CA PRO P 665 2.48 -81.70 -33.94
C PRO P 665 1.57 -81.89 -35.14
N ARG P 666 2.11 -81.83 -36.36
CA ARG P 666 1.26 -82.05 -37.53
C ARG P 666 0.71 -83.47 -37.56
N ASP P 667 1.52 -84.46 -37.21
CA ASP P 667 1.04 -85.84 -37.16
C ASP P 667 -0.06 -86.00 -36.13
N ALA P 668 0.13 -85.40 -34.95
CA ALA P 668 -0.89 -85.47 -33.91
C ALA P 668 -2.19 -84.83 -34.37
N TYR P 669 -2.11 -83.68 -35.04
CA TYR P 669 -3.33 -83.05 -35.52
C TYR P 669 -4.00 -83.87 -36.62
N GLN P 670 -3.20 -84.48 -37.50
CA GLN P 670 -3.79 -85.32 -38.53
C GLN P 670 -4.43 -86.56 -37.96
N GLN P 671 -4.02 -86.99 -36.77
CA GLN P 671 -4.79 -88.00 -36.05
C GLN P 671 -6.19 -87.48 -35.70
N ILE P 672 -6.29 -86.20 -35.32
CA ILE P 672 -7.60 -85.60 -35.08
C ILE P 672 -8.42 -85.60 -36.36
N VAL P 673 -7.80 -85.23 -37.48
CA VAL P 673 -8.54 -85.17 -38.74
C VAL P 673 -9.02 -86.57 -39.13
N ALA P 674 -8.21 -87.59 -38.88
CA ALA P 674 -8.58 -88.96 -39.20
C ALA P 674 -9.53 -89.57 -38.19
N ASN P 675 -10.00 -88.80 -37.22
CA ASN P 675 -10.93 -89.26 -36.18
C ASN P 675 -10.34 -90.37 -35.32
N ARG P 676 -9.01 -90.43 -35.25
CA ARG P 676 -8.33 -91.38 -34.38
C ARG P 676 -7.98 -90.76 -33.03
N VAL P 677 -8.95 -90.15 -32.36
CA VAL P 677 -8.73 -89.52 -31.06
C VAL P 677 -9.92 -89.80 -30.16
N GLU P 678 -9.70 -89.63 -28.85
CA GLU P 678 -10.74 -89.87 -27.87
C GLU P 678 -10.47 -89.00 -26.65
N ALA P 679 -11.53 -88.76 -25.88
CA ALA P 679 -11.43 -88.01 -24.63
C ALA P 679 -11.06 -88.97 -23.51
N VAL P 680 -9.96 -88.67 -22.82
CA VAL P 680 -9.39 -89.56 -21.80
C VAL P 680 -9.36 -88.78 -20.49
N PRO P 681 -9.85 -89.35 -19.39
CA PRO P 681 -9.74 -88.67 -18.09
C PRO P 681 -8.29 -88.64 -17.62
N VAL P 682 -8.05 -87.74 -16.66
CA VAL P 682 -6.68 -87.51 -16.18
C VAL P 682 -6.10 -88.76 -15.56
N ASP P 683 -6.92 -89.49 -14.79
CA ASP P 683 -6.42 -90.69 -14.12
C ASP P 683 -6.06 -91.81 -15.08
N GLN P 684 -6.44 -91.71 -16.36
CA GLN P 684 -6.13 -92.73 -17.36
C GLN P 684 -5.16 -92.23 -18.41
N LEU P 685 -4.42 -91.17 -18.12
CA LEU P 685 -3.55 -90.53 -19.11
C LEU P 685 -2.21 -91.23 -19.29
N MET P 686 -1.89 -92.22 -18.46
CA MET P 686 -0.57 -92.84 -18.50
C MET P 686 -0.33 -93.51 -19.84
N GLY P 687 0.77 -93.13 -20.49
CA GLY P 687 1.14 -93.69 -21.78
C GLY P 687 0.45 -93.08 -22.98
N ARG P 688 -0.48 -92.16 -22.78
CA ARG P 688 -1.26 -91.60 -23.88
C ARG P 688 -0.56 -90.42 -24.52
N VAL P 689 -0.82 -90.23 -25.80
CA VAL P 689 -0.25 -89.13 -26.58
C VAL P 689 -1.32 -88.06 -26.72
N ALA P 690 -1.00 -86.84 -26.29
CA ALA P 690 -1.95 -85.74 -26.36
C ALA P 690 -2.18 -85.35 -27.81
N ALA P 691 -3.46 -85.15 -28.17
CA ALA P 691 -3.79 -84.74 -29.53
C ALA P 691 -3.64 -83.24 -29.73
N ASN P 692 -3.77 -82.46 -28.67
CA ASN P 692 -3.57 -81.02 -28.72
C ASN P 692 -2.70 -80.60 -27.54
N SER P 693 -2.40 -79.31 -27.47
CA SER P 693 -1.53 -78.79 -26.44
C SER P 693 -2.27 -78.60 -25.13
N ILE P 694 -1.55 -78.81 -24.03
CA ILE P 694 -2.08 -78.61 -22.68
C ILE P 694 -1.35 -77.40 -22.09
N ILE P 695 -2.09 -76.34 -21.81
CA ILE P 695 -1.53 -75.11 -21.28
C ILE P 695 -2.23 -74.81 -19.95
N PRO P 696 -1.62 -75.19 -18.83
CA PRO P 696 -2.20 -74.83 -17.52
C PRO P 696 -1.88 -73.39 -17.14
N TYR P 697 -2.80 -72.79 -16.40
CA TYR P 697 -2.61 -71.46 -15.84
C TYR P 697 -2.70 -71.56 -14.33
N PRO P 698 -1.60 -71.38 -13.58
CA PRO P 698 -0.23 -71.09 -14.02
C PRO P 698 0.48 -72.32 -14.58
N PRO P 699 1.62 -72.15 -15.27
CA PRO P 699 2.34 -70.90 -15.55
C PRO P 699 1.95 -70.22 -16.86
N GLY P 700 0.93 -70.72 -17.53
CA GLY P 700 0.46 -70.08 -18.74
C GLY P 700 1.24 -70.38 -20.00
N ILE P 701 2.19 -71.31 -19.95
CA ILE P 701 2.93 -71.74 -21.13
C ILE P 701 2.70 -73.24 -21.27
N PRO P 702 2.78 -73.81 -22.48
CA PRO P 702 2.36 -75.20 -22.67
C PRO P 702 3.22 -76.18 -21.89
N MET P 703 2.56 -77.08 -21.17
CA MET P 703 3.28 -78.16 -20.51
C MET P 703 3.48 -79.34 -21.45
N LEU P 704 2.50 -79.61 -22.32
CA LEU P 704 2.60 -80.61 -23.36
C LEU P 704 2.18 -79.99 -24.68
N LEU P 705 2.91 -80.32 -25.74
CA LEU P 705 2.51 -79.99 -27.10
C LEU P 705 1.86 -81.21 -27.74
N SER P 706 1.24 -80.98 -28.89
CA SER P 706 0.62 -82.08 -29.64
C SER P 706 1.68 -83.10 -30.05
N GLY P 707 1.37 -84.37 -29.86
CA GLY P 707 2.29 -85.42 -30.20
C GLY P 707 3.29 -85.78 -29.12
N GLU P 708 3.06 -85.35 -27.89
CA GLU P 708 3.96 -85.64 -26.78
C GLU P 708 3.29 -86.60 -25.81
N ASN P 709 4.08 -87.53 -25.28
CA ASN P 709 3.57 -88.53 -24.36
C ASN P 709 3.33 -87.92 -22.98
N PHE P 710 2.28 -88.38 -22.31
CA PHE P 710 2.00 -87.89 -20.96
C PHE P 710 2.94 -88.49 -19.93
N GLY P 711 3.42 -89.70 -20.15
CA GLY P 711 4.37 -90.36 -19.26
C GLY P 711 3.72 -91.47 -18.45
N ASP P 712 4.56 -92.11 -17.64
CA ASP P 712 4.15 -93.24 -16.82
C ASP P 712 3.43 -92.77 -15.55
N GLU P 713 3.28 -93.69 -14.59
CA GLU P 713 2.52 -93.38 -13.37
C GLU P 713 3.14 -92.22 -12.60
N ASN P 714 4.47 -92.15 -12.53
CA ASN P 714 5.15 -91.13 -11.76
C ASN P 714 5.46 -89.89 -12.58
N SER P 715 4.78 -89.68 -13.70
CA SER P 715 5.07 -88.53 -14.55
C SER P 715 4.67 -87.25 -13.84
N PRO P 716 5.54 -86.24 -13.78
CA PRO P 716 5.17 -84.97 -13.14
C PRO P 716 4.05 -84.23 -13.84
N HIS P 717 3.82 -84.48 -15.13
CA HIS P 717 2.80 -83.73 -15.85
C HIS P 717 1.40 -84.17 -15.46
N ILE P 718 1.16 -85.48 -15.37
CA ILE P 718 -0.11 -85.97 -14.87
C ILE P 718 -0.30 -85.54 -13.42
N HIS P 719 0.79 -85.52 -12.65
CA HIS P 719 0.72 -85.09 -11.26
C HIS P 719 0.29 -83.63 -11.16
N TYR P 720 0.84 -82.77 -12.02
CA TYR P 720 0.45 -81.36 -11.99
C TYR P 720 -1.00 -81.17 -12.41
N LEU P 721 -1.44 -81.93 -13.42
CA LEU P 721 -2.85 -81.85 -13.83
C LEU P 721 -3.76 -82.30 -12.69
N ARG P 722 -3.37 -83.36 -11.97
CA ARG P 722 -4.13 -83.82 -10.82
C ARG P 722 -4.16 -82.76 -9.73
N SER P 723 -3.03 -82.07 -9.49
CA SER P 723 -3.00 -81.02 -8.49
C SER P 723 -3.97 -79.90 -8.82
N LEU P 724 -3.98 -79.48 -10.09
CA LEU P 724 -4.92 -78.44 -10.51
C LEU P 724 -6.36 -78.90 -10.34
N GLN P 725 -6.64 -80.15 -10.70
CA GLN P 725 -8.00 -80.68 -10.55
C GLN P 725 -8.41 -80.72 -9.09
N ALA P 726 -7.49 -81.11 -8.20
CA ALA P 726 -7.79 -81.16 -6.78
C ALA P 726 -8.05 -79.77 -6.22
N TRP P 727 -7.26 -78.78 -6.64
CA TRP P 727 -7.54 -77.41 -6.22
C TRP P 727 -8.91 -76.96 -6.68
N ASP P 728 -9.27 -77.26 -7.94
CA ASP P 728 -10.58 -76.87 -8.44
C ASP P 728 -11.69 -77.52 -7.62
N SER P 729 -11.51 -78.79 -7.27
CA SER P 729 -12.54 -79.48 -6.47
C SER P 729 -12.65 -78.88 -5.08
N GLU P 730 -11.52 -78.52 -4.46
CA GLU P 730 -11.54 -78.03 -3.08
C GLU P 730 -12.07 -76.60 -2.98
N PHE P 731 -11.86 -75.77 -4.00
CA PHE P 731 -12.22 -74.35 -3.92
C PHE P 731 -13.07 -73.95 -5.12
N PRO P 732 -14.37 -74.20 -5.07
CA PRO P 732 -15.26 -73.72 -6.13
C PRO P 732 -15.23 -72.21 -6.24
N GLY P 733 -15.31 -71.71 -7.47
CA GLY P 733 -15.21 -70.30 -7.74
C GLY P 733 -13.80 -69.77 -7.89
N PHE P 734 -12.78 -70.60 -7.66
CA PHE P 734 -11.38 -70.24 -7.79
C PHE P 734 -10.67 -71.24 -8.69
N GLU P 735 -11.36 -71.71 -9.71
CA GLU P 735 -10.86 -72.81 -10.53
C GLU P 735 -9.81 -72.33 -11.51
N HIS P 736 -8.75 -73.13 -11.67
CA HIS P 736 -7.71 -72.82 -12.63
C HIS P 736 -8.22 -73.00 -14.05
N GLU P 737 -7.63 -72.25 -14.97
CA GLU P 737 -7.87 -72.43 -16.40
C GLU P 737 -6.77 -73.30 -16.99
N THR P 738 -7.17 -74.23 -17.86
CA THR P 738 -6.22 -75.12 -18.53
C THR P 738 -6.69 -75.30 -19.96
N GLU P 739 -6.03 -74.60 -20.89
CA GLU P 739 -6.33 -74.77 -22.30
C GLU P 739 -5.94 -76.18 -22.77
N GLY P 740 -6.78 -76.77 -23.59
CA GLY P 740 -6.55 -78.10 -24.09
C GLY P 740 -7.26 -79.21 -23.34
N THR P 741 -8.13 -78.87 -22.39
CA THR P 741 -8.86 -79.85 -21.61
C THR P 741 -10.35 -79.56 -21.70
N GLU P 742 -11.15 -80.61 -21.47
CA GLU P 742 -12.60 -80.48 -21.34
C GLU P 742 -12.97 -80.83 -19.91
N ILE P 743 -13.80 -79.99 -19.30
CA ILE P 743 -14.19 -80.16 -17.91
C ILE P 743 -15.64 -80.61 -17.89
N ILE P 744 -15.85 -81.90 -17.71
CA ILE P 744 -17.18 -82.50 -17.61
C ILE P 744 -17.42 -82.89 -16.16
N ASP P 745 -18.56 -82.45 -15.62
CA ASP P 745 -18.92 -82.59 -14.21
C ASP P 745 -17.73 -82.31 -13.30
N GLY P 746 -16.98 -81.26 -13.60
CA GLY P 746 -15.84 -80.88 -12.80
C GLY P 746 -14.62 -81.75 -12.96
N GLN P 747 -14.62 -82.65 -13.93
CA GLN P 747 -13.52 -83.59 -14.14
C GLN P 747 -12.83 -83.28 -15.46
N TYR P 748 -11.50 -83.41 -15.48
CA TYR P 748 -10.71 -83.03 -16.64
C TYR P 748 -10.68 -84.15 -17.66
N TYR P 749 -10.89 -83.80 -18.93
CA TYR P 749 -10.76 -84.72 -20.04
C TYR P 749 -9.78 -84.15 -21.05
N VAL P 750 -8.93 -85.02 -21.61
CA VAL P 750 -7.91 -84.63 -22.57
C VAL P 750 -8.09 -85.47 -23.82
N MET P 751 -8.08 -84.82 -24.99
CA MET P 751 -8.17 -85.52 -26.26
C MET P 751 -6.82 -86.18 -26.56
N CYS P 752 -6.83 -87.50 -26.74
CA CYS P 752 -5.62 -88.26 -26.92
C CYS P 752 -5.72 -89.14 -28.16
N VAL P 753 -4.56 -89.43 -28.76
CA VAL P 753 -4.52 -90.29 -29.93
C VAL P 753 -4.88 -91.71 -29.54
N LYS P 754 -5.79 -92.31 -30.29
CA LYS P 754 -6.13 -93.72 -30.08
C LYS P 754 -4.91 -94.59 -30.37
N THR P 755 -4.63 -95.53 -29.47
CA THR P 755 -3.46 -96.38 -29.61
C THR P 755 -3.63 -97.37 -30.76
N MET Q 1 -58.88 -24.08 -11.68
CA MET Q 1 -60.24 -23.78 -12.09
C MET Q 1 -60.39 -23.89 -13.61
N ARG Q 2 -61.29 -24.76 -14.05
CA ARG Q 2 -61.53 -24.98 -15.46
C ARG Q 2 -63.01 -24.86 -15.75
N ALA Q 3 -63.36 -24.03 -16.72
CA ALA Q 3 -64.74 -23.87 -17.17
C ALA Q 3 -64.88 -24.46 -18.57
N LEU Q 4 -65.94 -25.23 -18.77
CA LEU Q 4 -66.25 -25.83 -20.06
C LEU Q 4 -67.40 -25.07 -20.69
N ILE Q 5 -67.21 -24.61 -21.93
CA ILE Q 5 -68.23 -23.88 -22.68
C ILE Q 5 -68.63 -24.73 -23.87
N VAL Q 6 -69.90 -25.10 -23.93
CA VAL Q 6 -70.44 -25.93 -25.00
C VAL Q 6 -71.63 -25.18 -25.59
N TYR Q 7 -71.45 -24.57 -26.75
CA TYR Q 7 -72.54 -23.91 -27.45
C TYR Q 7 -72.49 -24.29 -28.91
N THR Q 8 -73.65 -24.44 -29.55
CA THR Q 8 -73.72 -24.92 -30.92
C THR Q 8 -74.13 -23.82 -31.89
N GLU Q 9 -75.34 -23.28 -31.76
CA GLU Q 9 -75.84 -22.22 -32.64
C GLU Q 9 -76.90 -21.45 -31.86
N LEU Q 10 -76.51 -20.32 -31.29
CA LEU Q 10 -77.46 -19.54 -30.51
C LEU Q 10 -78.15 -18.47 -31.34
N THR Q 11 -77.44 -17.90 -32.32
CA THR Q 11 -77.98 -16.87 -33.20
C THR Q 11 -78.00 -17.38 -34.63
N ASP Q 12 -78.91 -16.80 -35.43
CA ASP Q 12 -78.98 -17.15 -36.84
C ASP Q 12 -77.67 -16.88 -37.57
N LYS Q 13 -76.90 -15.90 -37.10
CA LYS Q 13 -75.57 -15.62 -37.64
C LYS Q 13 -74.55 -15.94 -36.54
N ASP Q 14 -73.59 -16.81 -36.88
CA ASP Q 14 -72.71 -17.39 -35.88
C ASP Q 14 -71.84 -16.35 -35.19
N SER Q 15 -71.50 -15.26 -35.89
CA SER Q 15 -70.48 -14.36 -35.39
C SER Q 15 -70.89 -13.66 -34.10
N VAL Q 16 -72.17 -13.43 -33.89
CA VAL Q 16 -72.62 -12.72 -32.69
C VAL Q 16 -72.32 -13.53 -31.44
N ILE Q 17 -72.81 -14.77 -31.40
CA ILE Q 17 -72.59 -15.62 -30.23
C ILE Q 17 -71.12 -15.97 -30.10
N SER Q 18 -70.41 -16.15 -31.21
CA SER Q 18 -68.99 -16.46 -31.13
C SER Q 18 -68.21 -15.31 -30.51
N HIS Q 19 -68.50 -14.06 -30.91
CA HIS Q 19 -67.81 -12.92 -30.32
C HIS Q 19 -68.16 -12.74 -28.85
N ALA Q 20 -69.43 -12.95 -28.49
CA ALA Q 20 -69.81 -12.85 -27.09
C ALA Q 20 -69.09 -13.90 -26.24
N VAL Q 21 -69.02 -15.13 -26.75
CA VAL Q 21 -68.34 -16.20 -26.03
C VAL Q 21 -66.85 -15.92 -25.95
N ALA Q 22 -66.25 -15.35 -27.00
CA ALA Q 22 -64.85 -14.99 -26.96
C ALA Q 22 -64.57 -13.94 -25.88
N ARG Q 23 -65.44 -12.93 -25.79
CA ARG Q 23 -65.28 -11.93 -24.74
C ARG Q 23 -65.40 -12.55 -23.36
N LEU Q 24 -66.38 -13.45 -23.18
CA LEU Q 24 -66.53 -14.11 -21.89
C LEU Q 24 -65.32 -14.97 -21.55
N ALA Q 25 -64.78 -15.69 -22.53
CA ALA Q 25 -63.61 -16.52 -22.30
C ALA Q 25 -62.40 -15.68 -21.93
N SER Q 26 -62.24 -14.53 -22.58
CA SER Q 26 -61.14 -13.63 -22.22
C SER Q 26 -61.29 -13.14 -20.78
N GLU Q 27 -62.51 -12.74 -20.40
CA GLU Q 27 -62.72 -12.29 -19.03
C GLU Q 27 -62.51 -13.41 -18.02
N LEU Q 28 -62.85 -14.64 -18.37
CA LEU Q 28 -62.62 -15.76 -17.47
C LEU Q 28 -61.14 -16.07 -17.34
N ASN Q 29 -60.39 -15.97 -18.44
CA ASN Q 29 -58.96 -16.20 -18.37
C ASN Q 29 -58.26 -15.12 -17.56
N ASP Q 30 -58.77 -13.87 -17.60
CA ASP Q 30 -58.18 -12.82 -16.79
C ASP Q 30 -58.37 -13.04 -15.30
N GLU Q 31 -59.33 -13.87 -14.89
CA GLU Q 31 -59.47 -14.24 -13.49
C GLU Q 31 -58.96 -15.65 -13.22
N HIS Q 32 -58.06 -16.15 -14.06
CA HIS Q 32 -57.38 -17.43 -13.86
C HIS Q 32 -58.33 -18.61 -13.87
N VAL Q 33 -59.38 -18.55 -14.68
CA VAL Q 33 -60.21 -19.70 -14.98
C VAL Q 33 -59.89 -20.15 -16.39
N GLU Q 34 -59.32 -21.35 -16.53
CA GLU Q 34 -59.06 -21.91 -17.84
C GLU Q 34 -60.37 -22.28 -18.53
N THR Q 35 -60.44 -22.03 -19.83
CA THR Q 35 -61.67 -22.26 -20.58
C THR Q 35 -61.42 -23.23 -21.73
N VAL Q 36 -62.32 -24.18 -21.89
CA VAL Q 36 -62.36 -25.07 -23.04
C VAL Q 36 -63.65 -24.77 -23.79
N ILE Q 37 -63.53 -24.38 -25.05
CA ILE Q 37 -64.67 -23.99 -25.88
C ILE Q 37 -64.94 -25.11 -26.87
N ILE Q 38 -66.16 -25.61 -26.87
CA ILE Q 38 -66.57 -26.75 -27.70
C ILE Q 38 -67.86 -26.38 -28.42
N ARG Q 39 -67.93 -26.69 -29.71
CA ARG Q 39 -69.06 -26.29 -30.54
C ARG Q 39 -70.06 -27.40 -30.80
N ASP Q 40 -69.86 -28.60 -30.24
CA ASP Q 40 -70.75 -29.71 -30.51
C ASP Q 40 -70.97 -30.51 -29.24
N PHE Q 41 -72.21 -30.97 -29.04
CA PHE Q 41 -72.53 -31.68 -27.80
C PHE Q 41 -71.88 -33.05 -27.73
N GLU Q 42 -71.65 -33.70 -28.88
CA GLU Q 42 -70.94 -34.98 -28.86
C GLU Q 42 -69.47 -34.78 -28.49
N ASP Q 43 -68.85 -33.72 -28.99
CA ASP Q 43 -67.49 -33.39 -28.59
C ASP Q 43 -67.42 -33.06 -27.10
N GLY Q 44 -68.41 -32.32 -26.60
CA GLY Q 44 -68.45 -32.03 -25.18
C GLY Q 44 -68.65 -33.28 -24.34
N LEU Q 45 -69.46 -34.21 -24.83
CA LEU Q 45 -69.64 -35.49 -24.15
C LEU Q 45 -68.34 -36.27 -24.10
N ALA Q 46 -67.61 -36.31 -25.21
CA ALA Q 46 -66.32 -36.98 -25.23
C ALA Q 46 -65.34 -36.32 -24.27
N TYR Q 47 -65.34 -35.00 -24.22
CA TYR Q 47 -64.48 -34.29 -23.28
C TYR Q 47 -64.83 -34.63 -21.84
N ILE Q 48 -66.12 -34.66 -21.52
CA ILE Q 48 -66.56 -34.96 -20.17
C ILE Q 48 -66.18 -36.39 -19.78
N ARG Q 49 -66.26 -37.33 -20.72
CA ARG Q 49 -65.93 -38.70 -20.42
C ARG Q 49 -64.43 -38.94 -20.22
N SER Q 50 -63.59 -37.96 -20.55
CA SER Q 50 -62.21 -37.99 -20.10
C SER Q 50 -62.13 -37.46 -18.68
N ASN Q 51 -61.36 -38.13 -17.84
CA ASN Q 51 -61.34 -37.84 -16.40
C ASN Q 51 -60.60 -36.53 -16.16
N THR Q 52 -61.19 -35.45 -16.66
CA THR Q 52 -60.69 -34.10 -16.48
C THR Q 52 -61.61 -33.34 -15.54
N SER Q 53 -61.02 -32.65 -14.57
CA SER Q 53 -61.82 -31.90 -13.61
C SER Q 53 -62.44 -30.68 -14.27
N ILE Q 54 -63.75 -30.54 -14.14
CA ILE Q 54 -64.49 -29.41 -14.69
C ILE Q 54 -65.14 -28.70 -13.52
N ASP Q 55 -64.87 -27.41 -13.38
CA ASP Q 55 -65.40 -26.65 -12.25
C ASP Q 55 -66.70 -25.93 -12.55
N CYS Q 56 -67.02 -25.72 -13.83
CA CYS Q 56 -68.25 -25.05 -14.21
C CYS Q 56 -68.57 -25.38 -15.65
N LEU Q 57 -69.85 -25.59 -15.93
CA LEU Q 57 -70.33 -25.84 -17.29
C LEU Q 57 -71.21 -24.68 -17.72
N LEU Q 58 -70.85 -24.06 -18.84
CA LEU Q 58 -71.66 -23.03 -19.46
C LEU Q 58 -72.07 -23.53 -20.83
N TYR Q 59 -73.36 -23.67 -21.06
CA TYR Q 59 -73.84 -24.24 -22.31
C TYR Q 59 -74.96 -23.40 -22.88
N GLY Q 60 -75.11 -23.49 -24.20
CA GLY Q 60 -76.24 -22.92 -24.90
C GLY Q 60 -76.55 -23.75 -26.12
N ARG Q 61 -77.82 -23.77 -26.50
CA ARG Q 61 -78.29 -24.52 -27.66
C ARG Q 61 -79.11 -23.62 -28.56
N ASP Q 62 -79.75 -24.24 -29.56
CA ASP Q 62 -80.62 -23.51 -30.46
C ASP Q 62 -81.82 -22.92 -29.72
N MET Q 63 -82.33 -23.64 -28.73
CA MET Q 63 -83.44 -23.31 -27.85
C MET Q 63 -84.78 -23.50 -28.54
N SER Q 64 -84.82 -23.78 -29.83
CA SER Q 64 -86.03 -24.19 -30.52
C SER Q 64 -85.95 -25.61 -31.03
N ASP Q 65 -84.85 -26.32 -30.79
CA ASP Q 65 -84.66 -27.69 -31.26
C ASP Q 65 -84.78 -28.64 -30.07
N ARG Q 66 -85.73 -29.57 -30.15
CA ARG Q 66 -85.87 -30.54 -29.07
C ARG Q 66 -84.73 -31.55 -29.05
N ASP Q 67 -84.14 -31.85 -30.21
CA ASP Q 67 -83.00 -32.76 -30.25
C ASP Q 67 -81.81 -32.18 -29.51
N GLU Q 68 -81.52 -30.90 -29.70
CA GLU Q 68 -80.44 -30.27 -28.95
C GLU Q 68 -80.78 -30.18 -27.47
N GLN Q 69 -82.06 -30.04 -27.12
CA GLN Q 69 -82.44 -30.07 -25.71
C GLN Q 69 -82.14 -31.43 -25.10
N ILE Q 70 -82.47 -32.51 -25.81
CA ILE Q 70 -82.15 -33.85 -25.33
C ILE Q 70 -80.65 -34.03 -25.19
N GLN Q 71 -79.90 -33.55 -26.18
CA GLN Q 71 -78.44 -33.67 -26.14
C GLN Q 71 -77.85 -32.91 -24.95
N ALA Q 72 -78.35 -31.70 -24.69
CA ALA Q 72 -77.86 -30.91 -23.57
C ALA Q 72 -78.18 -31.58 -22.24
N HIS Q 73 -79.39 -32.14 -22.11
CA HIS Q 73 -79.74 -32.86 -20.89
C HIS Q 73 -78.83 -34.07 -20.70
N ARG Q 74 -78.54 -34.78 -21.78
CA ARG Q 74 -77.62 -35.90 -21.72
C ARG Q 74 -76.23 -35.46 -21.28
N LEU Q 75 -75.75 -34.33 -21.81
CA LEU Q 75 -74.45 -33.82 -21.43
C LEU Q 75 -74.39 -33.49 -19.95
N ILE Q 76 -75.43 -32.83 -19.42
CA ILE Q 76 -75.42 -32.46 -18.01
C ILE Q 76 -75.51 -33.69 -17.12
N THR Q 77 -76.33 -34.67 -17.51
CA THR Q 77 -76.42 -35.90 -16.73
C THR Q 77 -75.08 -36.65 -16.72
N GLN Q 78 -74.41 -36.71 -17.87
CA GLN Q 78 -73.10 -37.35 -17.93
C GLN Q 78 -72.10 -36.62 -17.05
N LEU Q 79 -72.11 -35.28 -17.07
CA LEU Q 79 -71.21 -34.52 -16.23
C LEU Q 79 -71.45 -34.81 -14.76
N HIS Q 80 -72.71 -34.88 -14.36
CA HIS Q 80 -73.01 -35.10 -12.94
C HIS Q 80 -72.89 -36.56 -12.52
N ARG Q 81 -72.66 -37.48 -13.46
CA ARG Q 81 -72.38 -38.86 -13.06
C ARG Q 81 -71.19 -38.94 -12.11
N ARG Q 82 -70.06 -38.31 -12.47
CA ARG Q 82 -68.87 -38.34 -11.63
C ARG Q 82 -68.48 -36.98 -11.06
N GLN Q 83 -69.08 -35.89 -11.53
CA GLN Q 83 -68.82 -34.55 -10.99
C GLN Q 83 -70.18 -33.97 -10.64
N GLU Q 84 -70.66 -34.31 -9.45
CA GLU Q 84 -72.10 -34.28 -9.17
C GLU Q 84 -72.64 -32.87 -9.04
N ASP Q 85 -71.94 -31.98 -8.36
CA ASP Q 85 -72.49 -30.67 -8.02
C ASP Q 85 -71.84 -29.54 -8.80
N VAL Q 86 -71.29 -29.83 -9.97
CA VAL Q 86 -70.68 -28.79 -10.79
C VAL Q 86 -71.74 -27.78 -11.22
N PRO Q 87 -71.52 -26.49 -11.04
CA PRO Q 87 -72.52 -25.51 -11.46
C PRO Q 87 -72.73 -25.52 -12.97
N VAL Q 88 -73.97 -25.31 -13.38
CA VAL Q 88 -74.35 -25.26 -14.79
C VAL Q 88 -74.94 -23.89 -15.09
N PHE Q 89 -74.31 -23.18 -16.01
CA PHE Q 89 -74.81 -21.89 -16.48
C PHE Q 89 -75.43 -22.08 -17.85
N LEU Q 90 -76.62 -21.51 -18.04
CA LEU Q 90 -77.28 -21.50 -19.34
C LEU Q 90 -76.93 -20.20 -20.06
N LEU Q 91 -76.23 -20.31 -21.18
CA LEU Q 91 -75.96 -19.17 -22.05
C LEU Q 91 -77.06 -19.09 -23.09
N SER Q 92 -77.78 -17.98 -23.12
CA SER Q 92 -78.91 -17.88 -24.03
C SER Q 92 -79.29 -16.42 -24.22
N ASP Q 93 -79.94 -16.16 -25.35
CA ASP Q 93 -80.72 -14.93 -25.49
C ASP Q 93 -81.86 -14.95 -24.49
N ARG Q 94 -82.14 -13.78 -23.89
CA ARG Q 94 -83.04 -13.73 -22.74
C ARG Q 94 -84.45 -14.20 -23.09
N GLU Q 95 -84.99 -13.72 -24.21
CA GLU Q 95 -86.38 -14.05 -24.54
C GLU Q 95 -86.54 -15.54 -24.84
N GLU Q 96 -85.60 -16.12 -25.57
CA GLU Q 96 -85.67 -17.54 -25.89
C GLU Q 96 -85.62 -18.39 -24.62
N ALA Q 97 -84.74 -18.04 -23.68
CA ALA Q 97 -84.68 -18.78 -22.43
C ALA Q 97 -85.95 -18.60 -21.61
N LEU Q 98 -86.49 -17.39 -21.58
CA LEU Q 98 -87.67 -17.14 -20.77
C LEU Q 98 -88.90 -17.86 -21.30
N VAL Q 99 -89.05 -17.97 -22.62
CA VAL Q 99 -90.19 -18.72 -23.14
C VAL Q 99 -90.04 -20.22 -22.90
N ALA Q 100 -88.82 -20.72 -22.76
CA ALA Q 100 -88.59 -22.13 -22.48
C ALA Q 100 -88.48 -22.43 -20.99
N PHE Q 101 -88.68 -21.43 -20.13
CA PHE Q 101 -88.51 -21.62 -18.70
C PHE Q 101 -89.60 -22.52 -18.13
N ASP Q 102 -89.19 -23.50 -17.33
CA ASP Q 102 -90.12 -24.38 -16.63
C ASP Q 102 -89.37 -25.09 -15.51
N ARG Q 103 -90.09 -25.97 -14.82
CA ARG Q 103 -89.48 -26.75 -13.73
C ARG Q 103 -88.37 -27.65 -14.24
N ASN Q 104 -88.59 -28.28 -15.39
CA ASN Q 104 -87.60 -29.21 -15.94
C ASN Q 104 -86.31 -28.49 -16.31
N MET Q 105 -86.41 -27.26 -16.82
CA MET Q 105 -85.21 -26.46 -17.06
C MET Q 105 -84.45 -26.19 -15.77
N MET Q 106 -85.16 -25.75 -14.73
CA MET Q 106 -84.50 -25.41 -13.48
C MET Q 106 -83.96 -26.64 -12.75
N GLU Q 107 -84.42 -27.83 -13.10
CA GLU Q 107 -83.86 -29.03 -12.50
C GLU Q 107 -82.39 -29.22 -12.87
N GLN Q 108 -81.96 -28.71 -14.02
CA GLN Q 108 -80.58 -28.88 -14.46
C GLN Q 108 -79.79 -27.59 -14.62
N VAL Q 109 -80.43 -26.44 -14.54
CA VAL Q 109 -79.75 -25.15 -14.71
C VAL Q 109 -79.65 -24.48 -13.35
N ASP Q 110 -78.43 -24.08 -12.97
CA ASP Q 110 -78.23 -23.35 -11.73
C ASP Q 110 -78.30 -21.84 -11.91
N GLU Q 111 -77.78 -21.31 -13.02
CA GLU Q 111 -77.77 -19.87 -13.24
C GLU Q 111 -77.99 -19.54 -14.70
N PHE Q 112 -78.45 -18.31 -14.91
CA PHE Q 112 -78.67 -17.75 -16.24
C PHE Q 112 -77.56 -16.79 -16.59
N ALA Q 113 -77.12 -16.82 -17.84
CA ALA Q 113 -76.12 -15.89 -18.35
C ALA Q 113 -76.65 -15.33 -19.67
N TRP Q 114 -77.21 -14.12 -19.62
CA TRP Q 114 -77.71 -13.46 -20.83
C TRP Q 114 -76.50 -12.95 -21.60
N ILE Q 115 -75.89 -13.85 -22.38
CA ILE Q 115 -74.60 -13.60 -22.99
C ILE Q 115 -74.63 -12.43 -23.98
N LEU Q 116 -75.78 -12.12 -24.57
CA LEU Q 116 -75.87 -11.10 -25.60
C LEU Q 116 -76.24 -9.73 -25.09
N GLU Q 117 -76.58 -9.58 -23.81
CA GLU Q 117 -76.95 -8.28 -23.27
C GLU Q 117 -76.31 -8.00 -21.91
N ASP Q 118 -75.34 -8.80 -21.50
CA ASP Q 118 -74.68 -8.64 -20.21
C ASP Q 118 -73.19 -8.49 -20.43
N SER Q 119 -72.55 -7.73 -19.54
CA SER Q 119 -71.11 -7.60 -19.59
C SER Q 119 -70.45 -8.92 -19.27
N ALA Q 120 -69.38 -9.25 -20.00
CA ALA Q 120 -68.64 -10.47 -19.74
C ALA Q 120 -68.02 -10.46 -18.35
N ASP Q 121 -67.72 -9.28 -17.82
CA ASP Q 121 -67.12 -9.20 -16.48
C ASP Q 121 -68.10 -9.66 -15.40
N PHE Q 122 -69.37 -9.26 -15.51
CA PHE Q 122 -70.37 -9.68 -14.53
C PHE Q 122 -70.56 -11.19 -14.54
N ILE Q 123 -70.68 -11.77 -15.74
CA ILE Q 123 -70.85 -13.20 -15.86
C ILE Q 123 -69.61 -13.94 -15.35
N ALA Q 124 -68.43 -13.42 -15.67
CA ALA Q 124 -67.20 -14.04 -15.19
C ALA Q 124 -67.12 -14.02 -13.68
N GLY Q 125 -67.51 -12.91 -13.05
CA GLY Q 125 -67.53 -12.85 -11.61
C GLY Q 125 -68.49 -13.85 -10.99
N ARG Q 126 -69.68 -13.97 -11.57
CA ARG Q 126 -70.64 -14.94 -11.06
C ARG Q 126 -70.13 -16.37 -11.25
N VAL Q 127 -69.48 -16.65 -12.37
CA VAL Q 127 -68.91 -17.97 -12.61
C VAL Q 127 -67.83 -18.27 -11.57
N LEU Q 128 -66.97 -17.30 -11.28
CA LEU Q 128 -65.94 -17.50 -10.29
C LEU Q 128 -66.52 -17.77 -8.91
N ALA Q 129 -67.56 -17.02 -8.54
CA ALA Q 129 -68.21 -17.27 -7.25
C ALA Q 129 -68.80 -18.67 -7.20
N ALA Q 130 -69.45 -19.10 -8.27
CA ALA Q 130 -70.01 -20.45 -8.31
C ALA Q 130 -68.92 -21.51 -8.20
N ILE Q 131 -67.80 -21.31 -8.89
CA ILE Q 131 -66.69 -22.26 -8.84
C ILE Q 131 -66.14 -22.35 -7.42
N GLN Q 132 -65.97 -21.21 -6.76
CA GLN Q 132 -65.47 -21.24 -5.38
C GLN Q 132 -66.43 -21.95 -4.45
N ARG Q 133 -67.74 -21.69 -4.61
CA ARG Q 133 -68.73 -22.39 -3.81
C ARG Q 133 -68.64 -23.90 -4.03
N TYR Q 134 -68.49 -24.32 -5.28
CA TYR Q 134 -68.39 -25.75 -5.57
C TYR Q 134 -67.14 -26.36 -4.98
N ARG Q 135 -66.01 -25.68 -5.11
CA ARG Q 135 -64.74 -26.21 -4.60
C ARG Q 135 -64.74 -26.29 -3.08
N SER Q 136 -65.45 -25.40 -2.40
CA SER Q 136 -65.43 -25.40 -0.94
C SER Q 136 -66.17 -26.59 -0.34
N GLN Q 137 -67.04 -27.26 -1.10
CA GLN Q 137 -67.78 -28.41 -0.59
C GLN Q 137 -67.26 -29.74 -1.14
N LEU Q 138 -66.17 -29.73 -1.88
CA LEU Q 138 -65.75 -30.91 -2.61
C LEU Q 138 -65.11 -31.97 -1.73
N LEU Q 139 -64.36 -31.58 -0.71
CA LEU Q 139 -63.61 -32.65 -0.05
C LEU Q 139 -64.36 -33.21 1.14
N PRO Q 140 -64.15 -34.48 1.45
CA PRO Q 140 -64.71 -35.07 2.67
C PRO Q 140 -64.03 -34.51 3.91
N PRO Q 141 -64.62 -34.66 5.10
CA PRO Q 141 -64.17 -33.85 6.24
C PRO Q 141 -62.75 -34.13 6.70
N LEU Q 142 -62.39 -35.39 6.89
CA LEU Q 142 -61.05 -35.69 7.40
C LEU Q 142 -59.97 -35.24 6.43
N MET Q 143 -60.16 -35.48 5.13
CA MET Q 143 -59.17 -35.08 4.15
C MET Q 143 -59.03 -33.57 4.11
N LYS Q 144 -60.17 -32.87 4.20
CA LYS Q 144 -60.15 -31.41 4.21
C LYS Q 144 -59.39 -30.87 5.41
N SER Q 145 -59.64 -31.41 6.59
CA SER Q 145 -58.96 -30.92 7.79
C SER Q 145 -57.47 -31.25 7.74
N LEU Q 146 -57.11 -32.43 7.23
CA LEU Q 146 -55.69 -32.78 7.11
C LEU Q 146 -54.97 -31.85 6.13
N ILE Q 147 -55.60 -31.54 5.00
CA ILE Q 147 -54.99 -30.63 4.05
C ILE Q 147 -54.83 -29.25 4.67
N LYS Q 148 -55.86 -28.79 5.40
CA LYS Q 148 -55.79 -27.48 6.03
C LYS Q 148 -54.66 -27.43 7.06
N TYR Q 149 -54.49 -28.50 7.83
CA TYR Q 149 -53.45 -28.49 8.85
C TYR Q 149 -52.06 -28.66 8.25
N SER Q 150 -51.95 -29.28 7.07
CA SER Q 150 -50.66 -29.58 6.48
C SER Q 150 -49.80 -28.35 6.23
N ASP Q 151 -50.39 -27.15 6.13
CA ASP Q 151 -49.59 -25.95 5.92
C ASP Q 151 -48.76 -25.57 7.14
N VAL Q 152 -49.11 -26.07 8.33
CA VAL Q 152 -48.34 -25.76 9.53
C VAL Q 152 -46.97 -26.43 9.43
N HIS Q 153 -45.91 -25.68 9.70
CA HIS Q 153 -44.55 -26.20 9.62
C HIS Q 153 -43.74 -26.03 10.89
N GLU Q 154 -44.35 -25.57 11.97
CA GLU Q 154 -43.61 -25.29 13.19
C GLU Q 154 -43.21 -26.58 13.89
N TYR Q 155 -42.04 -26.55 14.51
CA TYR Q 155 -41.56 -27.68 15.31
C TYR Q 155 -42.42 -27.82 16.55
N SER Q 156 -43.29 -28.81 16.55
CA SER Q 156 -43.88 -29.25 17.80
C SER Q 156 -42.82 -29.95 18.63
N TRP Q 157 -43.00 -29.94 19.93
CA TRP Q 157 -42.04 -30.55 20.85
C TRP Q 157 -42.50 -31.92 21.29
N ALA Q 158 -43.12 -32.67 20.37
CA ALA Q 158 -43.68 -33.98 20.66
C ALA Q 158 -43.46 -34.89 19.45
N ALA Q 159 -43.80 -36.16 19.62
CA ALA Q 159 -43.67 -37.14 18.56
C ALA Q 159 -44.73 -36.90 17.47
N PRO Q 160 -44.50 -37.40 16.24
CA PRO Q 160 -43.36 -38.19 15.75
C PRO Q 160 -42.07 -37.39 15.63
N GLY Q 161 -40.95 -38.09 15.77
CA GLY Q 161 -39.65 -37.44 15.82
C GLY Q 161 -39.22 -36.81 14.51
N HIS Q 162 -39.68 -37.32 13.37
CA HIS Q 162 -39.25 -36.75 12.10
C HIS Q 162 -39.76 -35.35 11.87
N GLN Q 163 -40.82 -34.94 12.57
CA GLN Q 163 -41.30 -33.55 12.58
C GLN Q 163 -41.64 -33.06 11.18
N GLY Q 164 -42.63 -33.72 10.57
CA GLY Q 164 -43.06 -33.34 9.24
C GLY Q 164 -42.05 -33.62 8.16
N GLY Q 165 -41.20 -34.63 8.35
CA GLY Q 165 -40.22 -35.02 7.36
C GLY Q 165 -38.88 -34.32 7.45
N VAL Q 166 -38.73 -33.36 8.35
CA VAL Q 166 -37.46 -32.64 8.49
C VAL Q 166 -36.35 -33.60 8.89
N GLY Q 167 -36.66 -34.56 9.75
CA GLY Q 167 -35.65 -35.48 10.24
C GLY Q 167 -35.00 -36.31 9.14
N PHE Q 168 -35.76 -36.66 8.10
CA PHE Q 168 -35.21 -37.45 7.02
C PHE Q 168 -34.17 -36.68 6.22
N THR Q 169 -34.31 -35.36 6.12
CA THR Q 169 -33.42 -34.58 5.26
C THR Q 169 -32.12 -34.22 5.98
N LYS Q 170 -31.47 -35.19 6.60
CA LYS Q 170 -30.20 -34.96 7.28
C LYS Q 170 -29.10 -35.92 6.86
N THR Q 171 -29.44 -37.01 6.20
CA THR Q 171 -28.49 -37.87 5.52
C THR Q 171 -28.85 -37.92 4.04
N PRO Q 172 -27.89 -38.24 3.16
CA PRO Q 172 -28.23 -38.32 1.73
C PRO Q 172 -29.28 -39.37 1.41
N ALA Q 173 -29.23 -40.55 2.03
CA ALA Q 173 -30.25 -41.56 1.80
C ALA Q 173 -31.61 -41.09 2.29
N GLY Q 174 -31.64 -40.46 3.46
CA GLY Q 174 -32.88 -39.87 3.93
C GLY Q 174 -33.42 -38.81 3.00
N ARG Q 175 -32.54 -38.02 2.38
CA ARG Q 175 -33.00 -37.00 1.43
C ARG Q 175 -33.59 -37.64 0.18
N ILE Q 176 -32.96 -38.71 -0.31
CA ILE Q 176 -33.52 -39.43 -1.46
C ILE Q 176 -34.89 -40.01 -1.11
N TYR Q 177 -35.01 -40.62 0.06
CA TYR Q 177 -36.28 -41.18 0.51
C TYR Q 177 -37.35 -40.10 0.63
N HIS Q 178 -36.99 -38.96 1.22
CA HIS Q 178 -37.91 -37.86 1.42
C HIS Q 178 -38.38 -37.28 0.09
N ASP Q 179 -37.47 -37.13 -0.87
CA ASP Q 179 -37.86 -36.63 -2.18
C ASP Q 179 -38.73 -37.63 -2.92
N PHE Q 180 -38.46 -38.92 -2.77
CA PHE Q 180 -39.27 -39.94 -3.43
C PHE Q 180 -40.70 -39.91 -2.91
N PHE Q 181 -40.89 -39.93 -1.59
CA PHE Q 181 -42.25 -40.03 -1.07
C PHE Q 181 -42.97 -38.69 -1.00
N GLY Q 182 -42.25 -37.57 -1.06
CA GLY Q 182 -42.88 -36.27 -1.07
C GLY Q 182 -43.16 -35.73 0.31
N GLU Q 183 -43.29 -34.41 0.37
CA GLU Q 183 -43.37 -33.71 1.65
C GLU Q 183 -44.73 -33.89 2.33
N ASN Q 184 -45.82 -33.93 1.54
CA ASN Q 184 -47.15 -33.91 2.12
C ASN Q 184 -47.45 -35.17 2.92
N LEU Q 185 -46.89 -36.31 2.52
CA LEU Q 185 -47.09 -37.53 3.29
C LEU Q 185 -46.56 -37.37 4.71
N PHE Q 186 -45.36 -36.79 4.85
CA PHE Q 186 -44.78 -36.62 6.17
C PHE Q 186 -45.43 -35.50 6.94
N ARG Q 187 -45.97 -34.49 6.26
CA ARG Q 187 -46.59 -33.40 6.99
C ARG Q 187 -47.98 -33.75 7.50
N THR Q 188 -48.58 -34.84 7.04
CA THR Q 188 -49.83 -35.32 7.60
C THR Q 188 -49.62 -36.31 8.74
N ASP Q 189 -48.40 -36.81 8.92
CA ASP Q 189 -48.08 -37.71 10.03
C ASP Q 189 -47.85 -36.86 11.26
N ILE Q 190 -48.94 -36.49 11.92
CA ILE Q 190 -48.92 -35.44 12.93
C ILE Q 190 -49.12 -35.94 14.35
N GLY Q 191 -49.49 -37.20 14.53
CA GLY Q 191 -49.78 -37.68 15.86
C GLY Q 191 -51.23 -37.44 16.25
N ILE Q 192 -51.61 -38.00 17.39
CA ILE Q 192 -52.99 -37.98 17.84
C ILE Q 192 -53.25 -36.86 18.84
N GLU Q 193 -52.34 -35.89 18.95
CA GLU Q 193 -52.42 -34.85 19.95
C GLU Q 193 -52.68 -33.46 19.36
N ARG Q 194 -53.15 -33.39 18.11
CA ARG Q 194 -53.46 -32.13 17.47
C ARG Q 194 -54.98 -31.99 17.42
N VAL Q 195 -55.52 -31.14 18.31
CA VAL Q 195 -56.97 -31.02 18.47
C VAL Q 195 -57.65 -30.38 17.27
N ALA Q 196 -56.90 -29.74 16.38
CA ALA Q 196 -57.51 -29.19 15.17
C ALA Q 196 -58.13 -30.29 14.32
N VAL Q 197 -57.48 -31.45 14.26
CA VAL Q 197 -57.97 -32.57 13.46
C VAL Q 197 -58.81 -33.53 14.31
N GLY Q 198 -58.39 -33.81 15.52
CA GLY Q 198 -59.03 -34.79 16.36
C GLY Q 198 -58.16 -36.02 16.53
N SER Q 199 -58.76 -37.06 17.10
CA SER Q 199 -58.06 -38.32 17.31
C SER Q 199 -58.90 -39.48 16.81
N LEU Q 200 -58.25 -40.44 16.15
CA LEU Q 200 -58.95 -41.58 15.60
C LEU Q 200 -59.49 -42.49 16.69
N LEU Q 201 -58.68 -42.78 17.71
CA LEU Q 201 -59.10 -43.74 18.73
C LEU Q 201 -60.21 -43.18 19.61
N ASP Q 202 -60.28 -41.86 19.76
CA ASP Q 202 -61.37 -41.25 20.51
C ASP Q 202 -62.59 -40.97 19.65
N HIS Q 203 -62.48 -41.13 18.34
CA HIS Q 203 -63.57 -40.85 17.40
C HIS Q 203 -64.09 -39.43 17.55
N THR Q 204 -63.18 -38.48 17.71
CA THR Q 204 -63.54 -37.08 17.90
C THR Q 204 -63.07 -36.25 16.72
N GLY Q 205 -63.69 -35.07 16.57
CA GLY Q 205 -63.29 -34.14 15.54
C GLY Q 205 -63.59 -34.67 14.15
N ALA Q 206 -62.65 -34.40 13.23
CA ALA Q 206 -62.82 -34.83 11.85
C ALA Q 206 -62.91 -36.34 11.74
N PHE Q 207 -62.32 -37.10 12.66
CA PHE Q 207 -62.45 -38.55 12.62
C PHE Q 207 -63.86 -38.98 12.94
N GLY Q 208 -64.50 -38.36 13.93
CA GLY Q 208 -65.91 -38.63 14.18
C GLY Q 208 -66.78 -38.25 13.01
N GLU Q 209 -66.51 -37.09 12.40
CA GLU Q 209 -67.24 -36.69 11.21
C GLU Q 209 -67.10 -37.72 10.09
N CYS Q 210 -65.86 -38.17 9.84
CA CYS Q 210 -65.62 -39.13 8.77
C CYS Q 210 -66.30 -40.45 9.04
N GLU Q 211 -66.30 -40.92 10.29
CA GLU Q 211 -66.96 -42.18 10.59
C GLU Q 211 -68.47 -42.06 10.45
N LYS Q 212 -69.06 -40.93 10.85
CA LYS Q 212 -70.49 -40.73 10.63
C LYS Q 212 -70.82 -40.68 9.15
N ASN Q 213 -69.98 -40.00 8.36
CA ASN Q 213 -70.17 -39.94 6.93
C ASN Q 213 -70.10 -41.33 6.30
N ALA Q 214 -69.13 -42.15 6.73
CA ALA Q 214 -68.99 -43.49 6.20
C ALA Q 214 -70.17 -44.37 6.60
N ALA Q 215 -70.66 -44.23 7.82
CA ALA Q 215 -71.82 -44.99 8.24
C ALA Q 215 -73.04 -44.63 7.40
N ARG Q 216 -73.21 -43.34 7.09
CA ARG Q 216 -74.29 -42.94 6.21
C ARG Q 216 -74.11 -43.52 4.81
N ILE Q 217 -72.91 -43.44 4.25
CA ILE Q 217 -72.68 -43.85 2.87
C ILE Q 217 -72.86 -45.37 2.73
N PHE Q 218 -72.40 -46.14 3.69
CA PHE Q 218 -72.46 -47.59 3.62
C PHE Q 218 -73.70 -48.17 4.28
N GLY Q 219 -74.61 -47.34 4.76
CA GLY Q 219 -75.86 -47.82 5.33
C GLY Q 219 -75.73 -48.58 6.64
N ALA Q 220 -74.85 -48.14 7.53
CA ALA Q 220 -74.69 -48.75 8.83
C ALA Q 220 -75.15 -47.80 9.92
N ASP Q 221 -75.46 -48.37 11.09
CA ASP Q 221 -75.73 -47.54 12.26
C ASP Q 221 -74.46 -46.87 12.76
N GLN Q 222 -73.37 -47.62 12.87
CA GLN Q 222 -72.08 -47.09 13.29
C GLN Q 222 -71.00 -47.65 12.40
N SER Q 223 -69.97 -46.86 12.16
CA SER Q 223 -68.82 -47.28 11.38
C SER Q 223 -67.55 -46.97 12.14
N TYR Q 224 -66.56 -47.84 12.00
CA TYR Q 224 -65.25 -47.66 12.62
C TYR Q 224 -64.19 -47.78 11.55
N SER Q 225 -63.30 -46.79 11.49
CA SER Q 225 -62.15 -46.83 10.60
C SER Q 225 -61.02 -47.59 11.28
N VAL Q 226 -60.39 -48.48 10.52
CA VAL Q 226 -59.36 -49.39 11.05
C VAL Q 226 -58.11 -49.23 10.21
N VAL Q 227 -56.95 -49.21 10.87
CA VAL Q 227 -55.68 -49.06 10.20
C VAL Q 227 -54.84 -50.33 10.26
N VAL Q 228 -55.44 -51.44 10.68
CA VAL Q 228 -54.78 -52.74 10.70
C VAL Q 228 -55.46 -53.72 9.74
N GLY Q 229 -56.19 -53.21 8.77
CA GLY Q 229 -56.81 -54.04 7.77
C GLY Q 229 -58.02 -54.82 8.29
N THR Q 230 -58.57 -55.62 7.40
CA THR Q 230 -59.68 -56.48 7.78
C THR Q 230 -59.26 -57.58 8.74
N SER Q 231 -57.97 -57.95 8.77
CA SER Q 231 -57.50 -58.83 9.82
C SER Q 231 -57.77 -58.22 11.19
N GLY Q 232 -57.36 -56.96 11.38
CA GLY Q 232 -57.64 -56.28 12.62
C GLY Q 232 -59.11 -56.11 12.89
N SER Q 233 -59.89 -55.76 11.84
CA SER Q 233 -61.32 -55.59 12.01
C SER Q 233 -62.00 -56.88 12.47
N ASN Q 234 -61.66 -58.00 11.84
CA ASN Q 234 -62.20 -59.28 12.23
C ASN Q 234 -61.82 -59.61 13.66
N ARG Q 235 -60.57 -59.34 14.04
CA ARG Q 235 -60.14 -59.61 15.40
C ARG Q 235 -60.95 -58.81 16.41
N THR Q 236 -61.17 -57.51 16.15
CA THR Q 236 -61.91 -56.73 17.16
C THR Q 236 -63.36 -57.15 17.22
N ILE Q 237 -63.99 -57.47 16.08
CA ILE Q 237 -65.38 -57.92 16.13
C ILE Q 237 -65.49 -59.22 16.93
N MET Q 238 -64.59 -60.17 16.64
CA MET Q 238 -64.66 -61.44 17.34
C MET Q 238 -64.35 -61.28 18.84
N GLN Q 239 -63.44 -60.38 19.17
CA GLN Q 239 -63.14 -60.10 20.58
C GLN Q 239 -64.33 -59.47 21.30
N ALA Q 240 -65.06 -58.60 20.62
CA ALA Q 240 -66.23 -57.99 21.22
C ALA Q 240 -67.40 -58.97 21.34
N CYS Q 241 -67.43 -60.02 20.52
CA CYS Q 241 -68.61 -60.87 20.46
C CYS Q 241 -68.55 -62.10 21.36
N MET Q 242 -67.45 -62.84 21.38
CA MET Q 242 -67.44 -64.15 22.01
C MET Q 242 -66.44 -64.21 23.16
N THR Q 243 -66.54 -65.30 23.91
CA THR Q 243 -65.73 -65.57 25.07
C THR Q 243 -65.43 -67.07 25.09
N ASP Q 244 -64.48 -67.48 25.92
CA ASP Q 244 -64.08 -68.89 25.93
C ASP Q 244 -65.20 -69.82 26.39
N ASP Q 245 -66.26 -69.29 27.00
CA ASP Q 245 -67.42 -70.07 27.38
C ASP Q 245 -68.53 -70.03 26.32
N ASP Q 246 -68.18 -69.83 25.05
CA ASP Q 246 -69.15 -69.62 23.99
C ASP Q 246 -68.94 -70.61 22.87
N VAL Q 247 -70.02 -70.92 22.15
CA VAL Q 247 -69.99 -71.70 20.93
C VAL Q 247 -70.30 -70.77 19.76
N VAL Q 248 -69.55 -70.92 18.68
CA VAL Q 248 -69.69 -70.03 17.53
C VAL Q 248 -69.82 -70.86 16.25
N VAL Q 249 -70.48 -70.28 15.26
CA VAL Q 249 -70.77 -70.94 13.98
C VAL Q 249 -69.88 -70.28 12.94
N ILE Q 250 -68.94 -71.04 12.38
CA ILE Q 250 -67.91 -70.50 11.53
C ILE Q 250 -68.06 -71.06 10.12
N ASP Q 251 -68.13 -70.17 9.14
CA ASP Q 251 -67.95 -70.55 7.75
C ASP Q 251 -66.61 -71.23 7.56
N ARG Q 252 -66.62 -72.45 7.05
CA ARG Q 252 -65.36 -73.14 6.80
C ARG Q 252 -64.52 -72.41 5.75
N ASN Q 253 -65.16 -71.66 4.86
CA ASN Q 253 -64.47 -70.73 3.97
C ASN Q 253 -64.22 -69.44 4.76
N CYS Q 254 -63.23 -69.49 5.64
CA CYS Q 254 -62.89 -68.38 6.50
C CYS Q 254 -61.46 -67.93 6.28
N HIS Q 255 -61.25 -66.63 6.39
CA HIS Q 255 -59.91 -66.07 6.36
C HIS Q 255 -59.15 -66.48 7.62
N LYS Q 256 -57.82 -66.46 7.54
CA LYS Q 256 -57.02 -66.86 8.69
C LYS Q 256 -57.17 -65.90 9.87
N SER Q 257 -57.63 -64.68 9.63
CA SER Q 257 -57.92 -63.77 10.74
C SER Q 257 -59.08 -64.27 11.58
N ILE Q 258 -60.00 -65.05 10.98
CA ILE Q 258 -61.07 -65.65 11.76
C ILE Q 258 -60.52 -66.69 12.73
N GLU Q 259 -59.60 -67.54 12.26
CA GLU Q 259 -58.98 -68.48 13.18
C GLU Q 259 -58.12 -67.76 14.22
N GLN Q 260 -57.50 -66.64 13.85
CA GLN Q 260 -56.78 -65.86 14.85
C GLN Q 260 -57.71 -65.33 15.92
N GLY Q 261 -58.89 -64.86 15.52
CA GLY Q 261 -59.89 -64.45 16.49
C GLY Q 261 -60.33 -65.60 17.38
N LEU Q 262 -60.48 -66.79 16.81
CA LEU Q 262 -60.82 -67.96 17.62
C LEU Q 262 -59.73 -68.25 18.64
N ILE Q 263 -58.47 -68.15 18.24
CA ILE Q 263 -57.36 -68.36 19.16
C ILE Q 263 -57.39 -67.31 20.27
N LEU Q 264 -57.63 -66.05 19.92
CA LEU Q 264 -57.58 -64.96 20.89
C LEU Q 264 -58.79 -64.93 21.81
N THR Q 265 -59.91 -65.52 21.42
CA THR Q 265 -61.09 -65.53 22.28
C THR Q 265 -61.28 -66.84 23.02
N GLY Q 266 -60.77 -67.94 22.50
CA GLY Q 266 -60.97 -69.24 23.13
C GLY Q 266 -62.33 -69.85 22.91
N ALA Q 267 -63.12 -69.35 21.97
CA ALA Q 267 -64.44 -69.88 21.71
C ALA Q 267 -64.35 -71.26 21.06
N LYS Q 268 -65.46 -72.00 21.16
CA LYS Q 268 -65.52 -73.35 20.59
C LYS Q 268 -66.26 -73.31 19.26
N PRO Q 269 -65.61 -73.59 18.15
CA PRO Q 269 -66.24 -73.41 16.84
C PRO Q 269 -66.98 -74.63 16.32
N VAL Q 270 -68.08 -74.35 15.63
CA VAL Q 270 -68.82 -75.31 14.83
C VAL Q 270 -68.85 -74.78 13.41
N TYR Q 271 -68.73 -75.68 12.44
CA TYR Q 271 -68.43 -75.29 11.06
C TYR Q 271 -69.57 -75.61 10.11
N MET Q 272 -69.87 -74.68 9.22
CA MET Q 272 -70.73 -74.94 8.06
C MET Q 272 -69.85 -75.16 6.84
N ILE Q 273 -70.06 -76.29 6.17
CA ILE Q 273 -69.19 -76.74 5.08
C ILE Q 273 -69.72 -76.17 3.77
N PRO Q 274 -68.92 -75.43 3.02
CA PRO Q 274 -69.37 -74.93 1.71
C PRO Q 274 -69.33 -76.03 0.65
N SER Q 275 -69.96 -75.75 -0.47
CA SER Q 275 -70.03 -76.67 -1.59
C SER Q 275 -68.84 -76.46 -2.52
N ARG Q 276 -68.62 -77.45 -3.38
CA ARG Q 276 -67.53 -77.43 -4.35
C ARG Q 276 -68.06 -77.88 -5.71
N ASN Q 277 -67.38 -77.47 -6.76
CA ASN Q 277 -67.72 -77.90 -8.12
C ASN Q 277 -66.55 -78.67 -8.73
N ARG Q 278 -66.75 -79.12 -9.97
CA ARG Q 278 -65.78 -80.00 -10.62
C ARG Q 278 -64.45 -79.30 -10.91
N TYR Q 279 -64.43 -77.97 -10.94
CA TYR Q 279 -63.19 -77.24 -11.18
C TYR Q 279 -62.40 -76.97 -9.91
N GLY Q 280 -62.88 -77.44 -8.76
CA GLY Q 280 -62.23 -77.14 -7.51
C GLY Q 280 -62.58 -75.78 -6.94
N ILE Q 281 -63.56 -75.10 -7.51
CA ILE Q 281 -63.99 -73.79 -7.02
C ILE Q 281 -64.88 -73.99 -5.80
N ILE Q 282 -64.53 -73.36 -4.69
CA ILE Q 282 -65.36 -73.41 -3.50
C ILE Q 282 -66.63 -72.59 -3.73
N GLY Q 283 -67.78 -73.18 -3.42
CA GLY Q 283 -69.04 -72.52 -3.62
C GLY Q 283 -69.68 -72.09 -2.33
N PRO Q 284 -70.96 -71.72 -2.40
CA PRO Q 284 -71.65 -71.23 -1.21
C PRO Q 284 -72.02 -72.36 -0.26
N ILE Q 285 -72.21 -71.97 1.00
CA ILE Q 285 -72.84 -72.86 1.97
C ILE Q 285 -74.31 -73.00 1.60
N TYR Q 286 -74.80 -74.23 1.55
CA TYR Q 286 -76.19 -74.46 1.20
C TYR Q 286 -77.09 -74.14 2.38
N PRO Q 287 -78.35 -73.80 2.12
CA PRO Q 287 -79.28 -73.50 3.22
C PRO Q 287 -79.46 -74.65 4.19
N LYS Q 288 -79.23 -75.88 3.77
CA LYS Q 288 -79.38 -77.03 4.67
C LYS Q 288 -78.36 -77.03 5.80
N GLU Q 289 -77.31 -76.20 5.72
CA GLU Q 289 -76.31 -76.09 6.76
C GLU Q 289 -76.58 -74.96 7.75
N MET Q 290 -77.49 -74.04 7.41
CA MET Q 290 -77.77 -72.89 8.27
C MET Q 290 -79.07 -73.03 9.04
N THR Q 291 -79.85 -74.08 8.80
CA THR Q 291 -81.12 -74.22 9.50
C THR Q 291 -80.88 -74.44 10.99
N PRO Q 292 -81.80 -73.99 11.84
CA PRO Q 292 -81.62 -74.19 13.29
C PRO Q 292 -81.41 -75.64 13.68
N ASP Q 293 -82.07 -76.58 13.01
CA ASP Q 293 -81.86 -77.99 13.31
C ASP Q 293 -80.45 -78.42 12.91
N ALA Q 294 -79.95 -77.93 11.78
CA ALA Q 294 -78.58 -78.28 11.38
C ALA Q 294 -77.57 -77.75 12.38
N ILE Q 295 -77.76 -76.53 12.87
CA ILE Q 295 -76.83 -75.95 13.82
C ILE Q 295 -76.90 -76.68 15.16
N LYS Q 296 -78.11 -77.04 15.60
CA LYS Q 296 -78.24 -77.84 16.82
C LYS Q 296 -77.57 -79.20 16.67
N PHE Q 297 -77.73 -79.84 15.51
CA PHE Q 297 -77.07 -81.11 15.27
C PHE Q 297 -75.56 -80.97 15.30
N LYS Q 298 -75.04 -79.92 14.67
CA LYS Q 298 -73.59 -79.69 14.69
C LYS Q 298 -73.08 -79.48 16.10
N ILE Q 299 -73.81 -78.70 16.90
CA ILE Q 299 -73.41 -78.46 18.28
C ILE Q 299 -73.44 -79.75 19.08
N ALA Q 300 -74.48 -80.56 18.90
CA ALA Q 300 -74.59 -81.81 19.65
C ALA Q 300 -73.55 -82.84 19.22
N ALA Q 301 -73.05 -82.76 17.99
CA ALA Q 301 -72.08 -83.73 17.51
C ALA Q 301 -70.64 -83.34 17.77
N ASN Q 302 -70.37 -82.07 18.07
CA ASN Q 302 -69.00 -81.61 18.25
C ASN Q 302 -68.44 -82.13 19.57
N PRO Q 303 -67.23 -82.69 19.59
CA PRO Q 303 -66.67 -83.18 20.86
C PRO Q 303 -66.51 -82.11 21.93
N LEU Q 304 -66.23 -80.87 21.54
CA LEU Q 304 -66.01 -79.81 22.52
C LEU Q 304 -67.29 -79.11 22.94
N THR Q 305 -68.29 -79.02 22.06
CA THR Q 305 -69.49 -78.24 22.32
C THR Q 305 -70.68 -79.09 22.76
N LYS Q 306 -70.51 -80.41 22.90
CA LYS Q 306 -71.64 -81.26 23.21
C LYS Q 306 -72.17 -81.06 24.62
N GLY Q 307 -71.47 -80.30 25.46
CA GLY Q 307 -71.97 -79.94 26.76
C GLY Q 307 -72.58 -78.55 26.79
N LYS Q 308 -72.87 -78.01 25.59
CA LYS Q 308 -73.41 -76.66 25.46
C LYS Q 308 -74.62 -76.64 24.54
N VAL Q 309 -75.29 -77.78 24.38
CA VAL Q 309 -76.40 -77.90 23.44
C VAL Q 309 -77.58 -77.02 23.79
N LYS Q 310 -77.67 -76.55 25.03
CA LYS Q 310 -78.73 -75.66 25.46
C LYS Q 310 -78.33 -74.19 25.38
N GLN Q 311 -77.11 -73.90 24.92
CA GLN Q 311 -76.58 -72.54 24.90
C GLN Q 311 -76.75 -71.94 23.52
N LYS Q 312 -77.24 -70.72 23.47
CA LYS Q 312 -77.40 -70.02 22.20
C LYS Q 312 -76.04 -69.60 21.67
N PRO Q 313 -75.71 -69.89 20.41
CA PRO Q 313 -74.41 -69.46 19.86
C PRO Q 313 -74.28 -67.95 19.87
N ALA Q 314 -73.07 -67.48 20.17
CA ALA Q 314 -72.84 -66.06 20.38
C ALA Q 314 -72.46 -65.31 19.11
N TYR Q 315 -72.13 -66.01 18.04
CA TYR Q 315 -71.54 -65.34 16.88
C TYR Q 315 -71.53 -66.31 15.70
N SER Q 316 -71.74 -65.76 14.51
CA SER Q 316 -71.57 -66.50 13.27
C SER Q 316 -70.90 -65.60 12.25
N VAL Q 317 -70.10 -66.20 11.37
CA VAL Q 317 -69.41 -65.48 10.32
C VAL Q 317 -69.63 -66.20 9.00
N VAL Q 318 -69.96 -65.43 7.97
CA VAL Q 318 -70.09 -65.93 6.61
C VAL Q 318 -69.26 -65.04 5.70
N THR Q 319 -68.42 -65.64 4.87
CA THR Q 319 -67.65 -64.89 3.89
C THR Q 319 -68.52 -64.64 2.66
N ASN Q 320 -68.72 -63.36 2.32
CA ASN Q 320 -69.57 -63.00 1.19
C ASN Q 320 -69.06 -61.68 0.63
N CYS Q 321 -68.65 -61.67 -0.63
CA CYS Q 321 -68.66 -62.83 -1.50
C CYS Q 321 -67.44 -63.71 -1.28
N THR Q 322 -67.42 -64.89 -1.91
CA THR Q 322 -66.30 -65.80 -1.80
C THR Q 322 -65.14 -65.32 -2.67
N TYR Q 323 -64.02 -66.05 -2.61
CA TYR Q 323 -62.84 -65.65 -3.37
C TYR Q 323 -63.07 -65.72 -4.87
N ASP Q 324 -63.95 -66.60 -5.33
CA ASP Q 324 -64.21 -66.76 -6.75
C ASP Q 324 -65.48 -66.01 -7.20
N GLY Q 325 -65.97 -65.09 -6.39
CA GLY Q 325 -67.07 -64.24 -6.81
C GLY Q 325 -68.45 -64.82 -6.65
N VAL Q 326 -68.65 -65.77 -5.76
CA VAL Q 326 -69.97 -66.30 -5.48
C VAL Q 326 -70.58 -65.47 -4.35
N CYS Q 327 -71.70 -64.82 -4.64
CA CYS Q 327 -72.36 -63.92 -3.69
C CYS Q 327 -73.62 -64.59 -3.15
N TYR Q 328 -73.74 -64.65 -1.82
CA TYR Q 328 -74.94 -65.16 -1.19
C TYR Q 328 -76.08 -64.15 -1.32
N ASN Q 329 -77.30 -64.67 -1.34
CA ASN Q 329 -78.47 -63.84 -1.06
C ASN Q 329 -78.45 -63.56 0.45
N ALA Q 330 -77.95 -62.38 0.83
CA ALA Q 330 -77.71 -62.11 2.23
C ALA Q 330 -79.02 -61.97 3.01
N ARG Q 331 -80.09 -61.52 2.36
CA ARG Q 331 -81.39 -61.47 3.02
C ARG Q 331 -81.83 -62.87 3.45
N LYS Q 332 -81.68 -63.86 2.56
CA LYS Q 332 -82.07 -65.22 2.90
C LYS Q 332 -81.14 -65.83 3.96
N VAL Q 333 -79.84 -65.55 3.87
CA VAL Q 333 -78.91 -66.03 4.88
C VAL Q 333 -79.26 -65.47 6.24
N GLN Q 334 -79.56 -64.17 6.30
CA GLN Q 334 -79.92 -63.54 7.56
C GLN Q 334 -81.22 -64.13 8.11
N ASP Q 335 -82.21 -64.37 7.25
CA ASP Q 335 -83.44 -64.98 7.73
C ASP Q 335 -83.19 -66.39 8.25
N LEU Q 336 -82.32 -67.15 7.60
CA LEU Q 336 -82.02 -68.50 8.07
C LEU Q 336 -81.30 -68.47 9.42
N LEU Q 337 -80.27 -67.65 9.55
CA LEU Q 337 -79.48 -67.60 10.77
C LEU Q 337 -80.18 -66.87 11.91
N ASP Q 338 -81.22 -66.08 11.63
CA ASP Q 338 -81.98 -65.41 12.68
C ASP Q 338 -82.66 -66.40 13.62
N GLY Q 339 -82.91 -67.62 13.16
CA GLY Q 339 -83.52 -68.61 14.03
C GLY Q 339 -82.59 -69.23 15.04
N SER Q 340 -81.30 -68.91 15.00
CA SER Q 340 -80.32 -69.50 15.90
C SER Q 340 -79.38 -68.52 16.56
N LEU Q 341 -79.20 -67.32 16.02
CA LEU Q 341 -78.15 -66.41 16.45
C LEU Q 341 -78.69 -65.00 16.57
N ASP Q 342 -78.01 -64.19 17.38
CA ASP Q 342 -78.28 -62.76 17.45
C ASP Q 342 -77.22 -61.90 16.80
N ARG Q 343 -76.06 -62.46 16.48
CA ARG Q 343 -74.97 -61.72 15.85
C ARG Q 343 -74.53 -62.46 14.60
N ILE Q 344 -74.61 -61.78 13.46
CA ILE Q 344 -74.11 -62.32 12.20
C ILE Q 344 -73.05 -61.37 11.67
N HIS Q 345 -71.87 -61.92 11.36
CA HIS Q 345 -70.78 -61.15 10.81
C HIS Q 345 -70.59 -61.56 9.35
N PHE Q 346 -70.73 -60.61 8.45
CA PHE Q 346 -70.46 -60.82 7.03
C PHE Q 346 -69.08 -60.27 6.72
N ASP Q 347 -68.14 -61.15 6.43
CA ASP Q 347 -66.78 -60.74 6.05
C ASP Q 347 -66.80 -60.40 4.57
N GLU Q 348 -67.13 -59.15 4.26
CA GLU Q 348 -67.17 -58.67 2.89
C GLU Q 348 -65.87 -57.97 2.50
N ALA Q 349 -64.72 -58.62 2.73
CA ALA Q 349 -63.45 -57.97 2.46
C ALA Q 349 -63.29 -57.66 0.97
N TRP Q 350 -63.71 -58.57 0.11
CA TRP Q 350 -63.64 -58.38 -1.32
C TRP Q 350 -64.90 -57.73 -1.89
N TYR Q 351 -65.86 -57.39 -1.03
CA TYR Q 351 -67.21 -57.03 -1.45
C TYR Q 351 -67.59 -55.72 -0.76
N GLY Q 352 -67.09 -54.61 -1.28
CA GLY Q 352 -67.30 -53.35 -0.61
C GLY Q 352 -68.13 -52.40 -1.45
N TYR Q 353 -68.11 -52.66 -2.76
CA TYR Q 353 -68.84 -51.90 -3.76
C TYR Q 353 -70.29 -52.35 -3.91
N ALA Q 354 -70.68 -53.46 -3.27
CA ALA Q 354 -71.94 -54.13 -3.61
C ALA Q 354 -73.14 -53.25 -3.36
N ARG Q 355 -73.09 -52.40 -2.34
CA ARG Q 355 -74.21 -51.51 -2.02
C ARG Q 355 -74.50 -50.52 -3.14
N PHE Q 356 -73.54 -50.22 -4.01
CA PHE Q 356 -73.62 -49.09 -4.89
C PHE Q 356 -73.95 -49.45 -6.33
N ASN Q 357 -74.36 -50.70 -6.59
CA ASN Q 357 -74.87 -51.06 -7.90
C ASN Q 357 -76.09 -51.95 -7.72
N PRO Q 358 -77.20 -51.64 -8.41
CA PRO Q 358 -78.43 -52.44 -8.24
C PRO Q 358 -78.29 -53.89 -8.67
N LEU Q 359 -77.26 -54.24 -9.43
CA LEU Q 359 -77.06 -55.63 -9.82
C LEU Q 359 -76.86 -56.53 -8.61
N TYR Q 360 -76.40 -55.99 -7.49
CA TYR Q 360 -76.10 -56.76 -6.29
C TYR Q 360 -77.22 -56.73 -5.26
N ARG Q 361 -78.40 -56.24 -5.65
CA ARG Q 361 -79.49 -56.06 -4.72
C ARG Q 361 -79.83 -57.35 -3.98
N ASN Q 362 -80.02 -57.24 -2.67
CA ASN Q 362 -80.33 -58.32 -1.74
C ASN Q 362 -79.18 -59.29 -1.53
N HIS Q 363 -77.99 -58.99 -2.04
CA HIS Q 363 -76.87 -59.91 -1.94
C HIS Q 363 -75.72 -59.34 -1.12
N PHE Q 364 -76.01 -58.44 -0.19
CA PHE Q 364 -75.01 -57.88 0.70
C PHE Q 364 -75.67 -57.53 2.02
N ALA Q 365 -74.87 -57.10 2.99
CA ALA Q 365 -75.33 -57.02 4.37
C ALA Q 365 -76.14 -55.75 4.65
N MET Q 366 -75.60 -54.58 4.32
CA MET Q 366 -76.20 -53.30 4.74
C MET Q 366 -77.13 -52.81 3.63
N ARG Q 367 -78.29 -53.44 3.54
CA ARG Q 367 -79.25 -53.18 2.49
C ARG Q 367 -80.16 -52.01 2.85
N ASP Q 368 -80.54 -51.25 1.83
CA ASP Q 368 -81.58 -50.24 1.99
C ASP Q 368 -82.93 -50.93 2.09
N GLU Q 369 -83.39 -51.18 3.31
CA GLU Q 369 -84.62 -51.93 3.54
C GLU Q 369 -85.27 -51.42 4.82
N GLU Q 370 -86.57 -51.62 4.91
CA GLU Q 370 -87.26 -51.35 6.17
C GLU Q 370 -86.80 -52.36 7.21
N ARG Q 371 -86.36 -51.86 8.36
CA ARG Q 371 -85.79 -52.68 9.42
C ARG Q 371 -86.76 -52.81 10.57
N THR Q 372 -87.02 -54.04 11.00
CA THR Q 372 -87.86 -54.27 12.16
C THR Q 372 -87.01 -54.25 13.43
N GLU Q 373 -87.66 -54.43 14.58
CA GLU Q 373 -86.97 -54.34 15.86
C GLU Q 373 -86.45 -55.68 16.36
N ASN Q 374 -86.81 -56.79 15.72
CA ASN Q 374 -86.39 -58.10 16.18
C ASN Q 374 -85.28 -58.69 15.31
N GLU Q 375 -84.56 -57.85 14.61
CA GLU Q 375 -83.49 -58.32 13.76
C GLU Q 375 -82.25 -58.66 14.59
N PRO Q 376 -81.40 -59.55 14.10
CA PRO Q 376 -80.11 -59.77 14.75
C PRO Q 376 -79.16 -58.62 14.48
N THR Q 377 -78.14 -58.52 15.32
CA THR Q 377 -77.07 -57.57 15.08
C THR Q 377 -76.21 -58.04 13.91
N ILE Q 378 -75.94 -57.14 12.98
CA ILE Q 378 -75.19 -57.46 11.76
C ILE Q 378 -73.88 -56.69 11.76
N PHE Q 379 -72.79 -57.41 11.53
CA PHE Q 379 -71.47 -56.82 11.33
C PHE Q 379 -71.03 -57.06 9.89
N ALA Q 380 -70.41 -56.04 9.29
CA ALA Q 380 -69.81 -56.17 7.99
C ALA Q 380 -68.42 -55.54 8.00
N THR Q 381 -67.44 -56.25 7.48
CA THR Q 381 -66.07 -55.75 7.37
C THR Q 381 -65.72 -55.58 5.91
N HIS Q 382 -65.22 -54.39 5.55
CA HIS Q 382 -64.79 -54.11 4.20
C HIS Q 382 -63.29 -53.87 4.19
N SER Q 383 -62.57 -54.54 3.29
CA SER Q 383 -61.16 -54.16 3.10
C SER Q 383 -61.21 -53.09 2.02
N THR Q 384 -61.11 -51.82 2.41
CA THR Q 384 -61.25 -50.68 1.47
C THR Q 384 -60.12 -50.66 0.44
N HIS Q 385 -59.00 -51.29 0.75
CA HIS Q 385 -57.87 -51.34 -0.20
C HIS Q 385 -58.06 -52.45 -1.25
N1 LLP Q 386 -61.03 -61.58 5.16
C2 LLP Q 386 -61.04 -61.91 3.87
C2' LLP Q 386 -62.15 -62.73 3.34
C3 LLP Q 386 -60.02 -61.48 3.04
O3 LLP Q 386 -60.09 -61.85 1.76
C4 LLP Q 386 -58.97 -60.69 3.54
C4' LLP Q 386 -57.90 -60.23 2.65
C5 LLP Q 386 -59.00 -60.36 4.91
C6 LLP Q 386 -60.02 -60.83 5.66
C5' LLP Q 386 -57.90 -59.57 5.57
OP4 LLP Q 386 -57.88 -58.20 5.13
P LLP Q 386 -56.56 -57.31 5.29
OP1 LLP Q 386 -57.03 -55.93 5.04
OP2 LLP Q 386 -56.04 -57.50 6.68
OP3 LLP Q 386 -55.67 -57.85 4.25
N LLP Q 386 -58.92 -53.42 -0.98
CA LLP Q 386 -59.04 -54.57 -1.92
CB LLP Q 386 -59.57 -55.85 -1.27
CG LLP Q 386 -58.51 -56.77 -0.68
CD LLP Q 386 -59.09 -57.88 0.21
CE LLP Q 386 -58.15 -58.29 1.33
NZ LLP Q 386 -58.13 -59.74 1.50
C LLP Q 386 -59.77 -54.15 -3.21
O LLP Q 386 -59.12 -54.10 -4.23
N LEU Q 387 -61.07 -53.84 -3.14
CA LEU Q 387 -61.84 -53.57 -4.38
C LEU Q 387 -62.46 -52.17 -4.33
N LEU Q 388 -62.04 -51.35 -3.39
CA LEU Q 388 -62.41 -49.92 -3.34
C LEU Q 388 -61.06 -49.20 -3.54
N ASN Q 389 -60.98 -47.88 -3.44
CA ASN Q 389 -59.76 -47.10 -3.65
C ASN Q 389 -59.26 -46.61 -2.30
N ALA Q 390 -58.36 -47.38 -1.70
CA ALA Q 390 -57.73 -47.00 -0.44
C ALA Q 390 -56.36 -47.65 -0.34
N LEU Q 391 -55.52 -47.08 0.50
CA LEU Q 391 -54.21 -47.65 0.75
C LEU Q 391 -54.33 -48.93 1.55
N SER Q 392 -53.31 -49.77 1.44
CA SER Q 392 -53.25 -51.01 2.20
C SER Q 392 -53.38 -50.71 3.70
N GLN Q 393 -54.02 -51.65 4.40
CA GLN Q 393 -54.34 -51.65 5.82
C GLN Q 393 -55.57 -50.81 6.16
N ALA Q 394 -56.17 -50.12 5.19
CA ALA Q 394 -57.41 -49.39 5.46
C ALA Q 394 -58.59 -50.35 5.44
N SER Q 395 -59.46 -50.21 6.43
CA SER Q 395 -60.59 -51.12 6.59
C SER Q 395 -61.70 -50.40 7.33
N PHE Q 396 -62.89 -50.99 7.26
CA PHE Q 396 -64.06 -50.47 7.95
C PHE Q 396 -64.74 -51.58 8.72
N ILE Q 397 -65.29 -51.23 9.88
CA ILE Q 397 -66.26 -52.05 10.58
C ILE Q 397 -67.60 -51.34 10.51
N HIS Q 398 -68.60 -52.04 9.98
CA HIS Q 398 -69.96 -51.51 9.91
C HIS Q 398 -70.85 -52.34 10.81
N VAL Q 399 -71.66 -51.67 11.61
CA VAL Q 399 -72.53 -52.32 12.59
C VAL Q 399 -73.96 -51.87 12.34
N ARG Q 400 -74.88 -52.82 12.32
CA ARG Q 400 -76.31 -52.57 12.37
C ARG Q 400 -76.84 -53.18 13.66
N ASN Q 401 -77.29 -52.35 14.57
CA ASN Q 401 -77.67 -52.82 15.91
C ASN Q 401 -79.01 -53.55 15.85
N GLY Q 402 -79.03 -54.75 16.43
CA GLY Q 402 -80.23 -55.52 16.53
C GLY Q 402 -80.35 -56.19 17.88
N ARG Q 403 -80.62 -57.49 17.89
CA ARG Q 403 -80.71 -58.23 19.15
C ARG Q 403 -79.31 -58.42 19.73
N ASN Q 404 -79.21 -58.22 21.05
CA ASN Q 404 -77.96 -58.41 21.79
C ASN Q 404 -76.83 -57.53 21.21
N ALA Q 405 -77.17 -56.26 21.00
CA ALA Q 405 -76.21 -55.32 20.44
C ALA Q 405 -75.15 -54.95 21.46
N ILE Q 406 -74.00 -54.51 20.97
CA ILE Q 406 -72.88 -54.10 21.79
C ILE Q 406 -72.76 -52.59 21.72
N ASP Q 407 -72.93 -51.93 22.87
CA ASP Q 407 -72.89 -50.48 22.90
C ASP Q 407 -71.45 -49.98 22.73
N PHE Q 408 -71.33 -48.67 22.54
CA PHE Q 408 -70.04 -48.10 22.15
C PHE Q 408 -68.97 -48.30 23.22
N ASN Q 409 -69.34 -48.14 24.50
CA ASN Q 409 -68.34 -48.27 25.56
C ASN Q 409 -67.76 -49.68 25.61
N ARG Q 410 -68.59 -50.70 25.40
CA ARG Q 410 -68.10 -52.08 25.41
C ARG Q 410 -67.30 -52.40 24.14
N PHE Q 411 -67.76 -51.94 22.98
CA PHE Q 411 -67.08 -52.24 21.73
C PHE Q 411 -65.74 -51.53 21.64
N ASN Q 412 -65.62 -50.36 22.24
CA ASN Q 412 -64.40 -49.58 22.15
C ASN Q 412 -63.24 -50.29 22.82
N GLN Q 413 -63.50 -51.14 23.82
CA GLN Q 413 -62.42 -51.88 24.47
C GLN Q 413 -61.77 -52.85 23.49
N ALA Q 414 -62.57 -53.64 22.76
CA ALA Q 414 -62.00 -54.52 21.74
C ALA Q 414 -61.32 -53.72 20.63
N TYR Q 415 -61.94 -52.62 20.23
CA TYR Q 415 -61.36 -51.78 19.18
C TYR Q 415 -59.96 -51.31 19.58
N LEU Q 416 -59.81 -50.81 20.79
CA LEU Q 416 -58.48 -50.38 21.25
C LEU Q 416 -57.55 -51.57 21.41
N MET Q 417 -58.07 -52.72 21.84
CA MET Q 417 -57.23 -53.89 22.04
C MET Q 417 -56.55 -54.33 20.75
N HIS Q 418 -57.17 -54.12 19.59
CA HIS Q 418 -56.53 -54.55 18.36
C HIS Q 418 -56.06 -53.39 17.49
N SER Q 419 -55.82 -52.23 18.08
CA SER Q 419 -55.38 -51.05 17.34
C SER Q 419 -53.99 -50.62 17.82
N THR Q 420 -53.54 -49.48 17.34
CA THR Q 420 -52.29 -48.87 17.77
C THR Q 420 -52.56 -47.48 18.30
N THR Q 421 -51.73 -47.04 19.24
CA THR Q 421 -51.88 -45.70 19.80
C THR Q 421 -51.37 -44.61 18.88
N SER Q 422 -50.67 -44.95 17.80
CA SER Q 422 -50.14 -43.97 16.86
C SER Q 422 -50.53 -44.35 15.43
N PRO Q 423 -51.81 -44.19 15.07
CA PRO Q 423 -52.22 -44.49 13.70
C PRO Q 423 -51.61 -43.54 12.69
N LEU Q 424 -51.35 -44.06 11.51
CA LEU Q 424 -50.89 -43.24 10.40
C LEU Q 424 -52.11 -42.62 9.72
N TYR Q 425 -52.18 -41.28 9.75
CA TYR Q 425 -53.39 -40.59 9.30
C TYR Q 425 -53.59 -40.66 7.80
N ALA Q 426 -52.54 -41.00 7.03
CA ALA Q 426 -52.71 -41.19 5.60
C ALA Q 426 -53.65 -42.35 5.31
N ILE Q 427 -53.58 -43.42 6.10
CA ILE Q 427 -54.48 -44.56 5.91
C ILE Q 427 -55.93 -44.16 6.17
N CYS Q 428 -56.17 -43.42 7.26
CA CYS Q 428 -57.52 -42.95 7.55
C CYS Q 428 -58.02 -41.99 6.47
N ALA Q 429 -57.13 -41.15 5.95
CA ALA Q 429 -57.50 -40.25 4.87
C ALA Q 429 -57.88 -41.02 3.62
N SER Q 430 -57.16 -42.11 3.32
CA SER Q 430 -57.52 -42.94 2.18
C SER Q 430 -58.88 -43.61 2.40
N ASN Q 431 -59.16 -44.04 3.63
CA ASN Q 431 -60.49 -44.57 3.94
C ASN Q 431 -61.57 -43.53 3.69
N ASP Q 432 -61.33 -42.30 4.13
CA ASP Q 432 -62.28 -41.21 3.96
C ASP Q 432 -62.51 -40.90 2.47
N ILE Q 433 -61.45 -40.86 1.67
CA ILE Q 433 -61.62 -40.57 0.25
C ILE Q 433 -62.31 -41.73 -0.46
N ALA Q 434 -62.06 -42.98 -0.03
CA ALA Q 434 -62.78 -44.10 -0.63
C ALA Q 434 -64.28 -44.01 -0.37
N ALA Q 435 -64.64 -43.73 0.88
CA ALA Q 435 -66.05 -43.55 1.21
C ALA Q 435 -66.66 -42.42 0.40
N ASP Q 436 -65.94 -41.31 0.26
CA ASP Q 436 -66.44 -40.20 -0.54
C ASP Q 436 -66.61 -40.59 -2.00
N MET Q 437 -65.70 -41.42 -2.51
CA MET Q 437 -65.74 -41.83 -3.90
C MET Q 437 -66.96 -42.70 -4.18
N MET Q 438 -67.39 -43.50 -3.20
CA MET Q 438 -68.61 -44.27 -3.40
C MET Q 438 -69.89 -43.47 -3.16
N ASP Q 439 -69.78 -42.23 -2.69
CA ASP Q 439 -70.95 -41.45 -2.30
C ASP Q 439 -71.65 -40.85 -3.53
N GLY Q 440 -72.98 -40.85 -3.50
CA GLY Q 440 -73.78 -40.23 -4.53
C GLY Q 440 -73.80 -40.95 -5.87
N ASN Q 441 -73.78 -40.19 -6.96
CA ASN Q 441 -73.81 -40.77 -8.29
C ASN Q 441 -72.53 -41.50 -8.63
N SER Q 442 -71.41 -41.09 -8.03
CA SER Q 442 -70.11 -41.59 -8.45
C SER Q 442 -69.94 -43.07 -8.15
N GLY Q 443 -70.47 -43.56 -7.04
CA GLY Q 443 -70.36 -44.98 -6.74
C GLY Q 443 -71.06 -45.84 -7.79
N ARG Q 444 -72.27 -45.45 -8.16
CA ARG Q 444 -72.99 -46.14 -9.23
C ARG Q 444 -72.21 -46.08 -10.53
N SER Q 445 -71.68 -44.91 -10.87
CA SER Q 445 -70.98 -44.76 -12.14
C SER Q 445 -69.71 -45.62 -12.19
N LEU Q 446 -68.96 -45.66 -11.08
CA LEU Q 446 -67.72 -46.43 -11.06
C LEU Q 446 -67.99 -47.93 -11.09
N THR Q 447 -68.96 -48.40 -10.32
CA THR Q 447 -69.32 -49.81 -10.37
C THR Q 447 -69.82 -50.19 -11.76
N ASP Q 448 -70.59 -49.29 -12.40
CA ASP Q 448 -71.06 -49.55 -13.75
C ASP Q 448 -69.90 -49.71 -14.72
N GLU Q 449 -68.91 -48.83 -14.63
CA GLU Q 449 -67.77 -48.93 -15.54
C GLU Q 449 -67.04 -50.26 -15.37
N VAL Q 450 -66.79 -50.66 -14.12
CA VAL Q 450 -66.07 -51.93 -13.90
C VAL Q 450 -66.91 -53.11 -14.41
N ILE Q 451 -68.20 -53.12 -14.11
CA ILE Q 451 -69.06 -54.22 -14.53
C ILE Q 451 -69.11 -54.31 -16.05
N ARG Q 452 -69.20 -53.16 -16.73
CA ARG Q 452 -69.25 -53.17 -18.18
C ARG Q 452 -67.93 -53.68 -18.78
N GLU Q 453 -66.80 -53.30 -18.20
CA GLU Q 453 -65.53 -53.84 -18.70
C GLU Q 453 -65.46 -55.35 -18.53
N SER Q 454 -65.88 -55.85 -17.38
CA SER Q 454 -65.85 -57.30 -17.16
C SER Q 454 -66.80 -58.03 -18.12
N ILE Q 455 -67.96 -57.44 -18.39
CA ILE Q 455 -68.91 -58.06 -19.31
C ILE Q 455 -68.35 -58.08 -20.73
N ASP Q 456 -67.71 -56.98 -21.15
CA ASP Q 456 -67.09 -56.96 -22.46
C ASP Q 456 -66.04 -58.06 -22.60
N PHE Q 457 -65.21 -58.21 -21.57
CA PHE Q 457 -64.22 -59.28 -21.61
C PHE Q 457 -64.88 -60.66 -21.67
N ARG Q 458 -65.90 -60.89 -20.85
CA ARG Q 458 -66.56 -62.20 -20.83
C ARG Q 458 -67.19 -62.53 -22.18
N GLN Q 459 -67.89 -61.57 -22.78
CA GLN Q 459 -68.55 -61.81 -24.05
C GLN Q 459 -67.54 -62.02 -25.17
N SER Q 460 -66.46 -61.23 -25.19
CA SER Q 460 -65.43 -61.44 -26.21
C SER Q 460 -64.80 -62.81 -26.09
N LEU Q 461 -64.51 -63.25 -24.86
CA LEU Q 461 -63.91 -64.56 -24.67
C LEU Q 461 -64.87 -65.67 -25.07
N ALA Q 462 -66.15 -65.53 -24.74
CA ALA Q 462 -67.14 -66.53 -25.15
C ALA Q 462 -67.24 -66.60 -26.66
N TYR Q 463 -67.23 -65.44 -27.32
CA TYR Q 463 -67.29 -65.42 -28.78
C TYR Q 463 -66.07 -66.11 -29.40
N LEU Q 464 -64.88 -65.82 -28.89
CA LEU Q 464 -63.67 -66.47 -29.40
C LEU Q 464 -63.72 -67.98 -29.16
N TYR Q 465 -64.22 -68.39 -27.99
CA TYR Q 465 -64.37 -69.81 -27.70
C TYR Q 465 -65.28 -70.48 -28.70
N LYS Q 466 -66.41 -69.86 -29.01
CA LYS Q 466 -67.33 -70.42 -30.00
C LYS Q 466 -66.68 -70.50 -31.37
N GLU Q 467 -65.94 -69.46 -31.75
CA GLU Q 467 -65.25 -69.45 -33.04
C GLU Q 467 -64.26 -70.61 -33.16
N PHE Q 468 -63.42 -70.76 -32.14
CA PHE Q 468 -62.44 -71.84 -32.14
C PHE Q 468 -63.11 -73.21 -32.11
N LEU Q 469 -64.21 -73.34 -31.36
CA LEU Q 469 -64.94 -74.60 -31.34
C LEU Q 469 -65.53 -74.91 -32.71
N ASN Q 470 -66.04 -73.90 -33.41
CA ASN Q 470 -66.54 -74.10 -34.76
C ASN Q 470 -65.43 -74.56 -35.70
N ASP Q 471 -64.21 -74.07 -35.50
CA ASP Q 471 -63.06 -74.57 -36.25
C ASP Q 471 -62.45 -75.82 -35.62
N ASP Q 472 -63.22 -76.54 -34.79
CA ASP Q 472 -62.77 -77.70 -34.01
C ASP Q 472 -61.38 -77.50 -33.41
N GLU Q 473 -61.21 -76.39 -32.70
CA GLU Q 473 -60.03 -76.10 -31.91
C GLU Q 473 -60.43 -75.80 -30.47
N TRP Q 474 -59.45 -75.86 -29.58
CA TRP Q 474 -59.67 -75.57 -28.17
C TRP Q 474 -59.39 -74.09 -27.88
N PHE Q 475 -60.08 -73.57 -26.86
CA PHE Q 475 -59.77 -72.24 -26.34
C PHE Q 475 -60.29 -72.16 -24.92
N PHE Q 476 -59.95 -71.06 -24.25
CA PHE Q 476 -60.47 -70.77 -22.92
C PHE Q 476 -61.88 -70.23 -23.01
N LYS Q 477 -62.68 -70.51 -21.99
CA LYS Q 477 -64.03 -70.02 -21.92
C LYS Q 477 -64.27 -69.34 -20.57
N PRO Q 478 -65.07 -68.28 -20.55
CA PRO Q 478 -65.42 -67.66 -19.27
C PRO Q 478 -66.36 -68.54 -18.47
N TRP Q 479 -66.27 -68.42 -17.15
CA TRP Q 479 -67.12 -69.21 -16.25
C TRP Q 479 -68.34 -68.37 -15.91
N ASN Q 480 -69.38 -68.48 -16.73
CA ASN Q 480 -70.65 -67.84 -16.47
C ASN Q 480 -71.74 -68.64 -17.18
N GLN Q 481 -72.95 -68.10 -17.19
CA GLN Q 481 -74.06 -68.74 -17.89
C GLN Q 481 -73.77 -68.87 -19.38
N GLU Q 482 -74.10 -70.04 -19.94
CA GLU Q 482 -74.04 -70.19 -21.39
C GLU Q 482 -75.16 -69.46 -22.09
N MET Q 483 -76.39 -69.58 -21.59
CA MET Q 483 -77.56 -68.94 -22.16
C MET Q 483 -78.21 -68.08 -21.10
N VAL Q 484 -78.63 -66.88 -21.50
CA VAL Q 484 -79.34 -65.99 -20.59
C VAL Q 484 -80.71 -65.71 -21.15
N LYS Q 485 -81.68 -65.53 -20.25
CA LYS Q 485 -83.06 -65.28 -20.61
C LYS Q 485 -83.43 -63.86 -20.23
N ASP Q 486 -84.08 -63.16 -21.15
CA ASP Q 486 -84.61 -61.84 -20.84
C ASP Q 486 -85.91 -62.01 -20.07
N PRO Q 487 -85.97 -61.58 -18.80
CA PRO Q 487 -87.20 -61.80 -18.02
C PRO Q 487 -88.40 -61.01 -18.51
N ALA Q 488 -88.18 -59.92 -19.24
CA ALA Q 488 -89.30 -59.11 -19.71
C ALA Q 488 -89.99 -59.77 -20.91
N THR Q 489 -89.26 -59.95 -22.01
CA THR Q 489 -89.81 -60.48 -23.24
C THR Q 489 -89.75 -61.99 -23.33
N GLY Q 490 -89.06 -62.66 -22.40
CA GLY Q 490 -88.92 -64.10 -22.45
C GLY Q 490 -87.94 -64.62 -23.47
N LYS Q 491 -87.24 -63.74 -24.18
CA LYS Q 491 -86.33 -64.16 -25.23
C LYS Q 491 -85.03 -64.69 -24.63
N ARG Q 492 -84.50 -65.75 -25.24
CA ARG Q 492 -83.25 -66.34 -24.82
C ARG Q 492 -82.11 -65.89 -25.74
N TYR Q 493 -80.95 -65.69 -25.15
CA TYR Q 493 -79.75 -65.34 -25.91
C TYR Q 493 -78.60 -66.25 -25.47
N ALA Q 494 -77.70 -66.52 -26.39
CA ALA Q 494 -76.38 -66.97 -25.98
C ALA Q 494 -75.68 -65.82 -25.27
N PHE Q 495 -74.83 -66.17 -24.30
CA PHE Q 495 -74.24 -65.13 -23.46
C PHE Q 495 -73.47 -64.10 -24.28
N GLU Q 496 -72.70 -64.56 -25.26
CA GLU Q 496 -71.93 -63.63 -26.07
C GLU Q 496 -72.81 -62.79 -27.00
N ASP Q 497 -74.06 -63.18 -27.21
CA ASP Q 497 -74.99 -62.44 -28.05
C ASP Q 497 -75.97 -61.59 -27.25
N ALA Q 498 -75.98 -61.72 -25.93
CA ALA Q 498 -76.92 -60.97 -25.12
C ALA Q 498 -76.59 -59.47 -25.17
N PRO Q 499 -77.61 -58.61 -25.18
CA PRO Q 499 -77.35 -57.18 -25.10
C PRO Q 499 -76.67 -56.82 -23.79
N VAL Q 500 -75.71 -55.89 -23.87
CA VAL Q 500 -74.94 -55.52 -22.69
C VAL Q 500 -75.84 -54.89 -21.63
N GLU Q 501 -76.84 -54.12 -22.06
CA GLU Q 501 -77.77 -53.52 -21.12
C GLU Q 501 -78.50 -54.58 -20.31
N LEU Q 502 -78.91 -55.67 -20.96
CA LEU Q 502 -79.59 -56.74 -20.24
C LEU Q 502 -78.69 -57.37 -19.19
N LEU Q 503 -77.44 -57.66 -19.54
CA LEU Q 503 -76.52 -58.26 -18.58
C LEU Q 503 -76.19 -57.29 -17.45
N MET Q 504 -76.12 -56.00 -17.73
CA MET Q 504 -75.84 -55.00 -16.73
C MET Q 504 -77.01 -54.71 -15.82
N ARG Q 505 -78.24 -54.96 -16.27
CA ARG Q 505 -79.44 -54.59 -15.54
C ARG Q 505 -80.08 -55.76 -14.80
N GLU Q 506 -80.08 -56.95 -15.38
CA GLU Q 506 -80.88 -58.06 -14.87
C GLU Q 506 -80.03 -58.96 -13.98
N GLN Q 507 -80.44 -59.08 -12.72
CA GLN Q 507 -79.72 -59.93 -11.77
C GLN Q 507 -79.83 -61.41 -12.12
N SER Q 508 -80.97 -61.83 -12.68
CA SER Q 508 -81.18 -63.24 -12.99
C SER Q 508 -80.21 -63.76 -14.05
N CYS Q 509 -79.58 -62.87 -14.82
CA CYS Q 509 -78.56 -63.30 -15.76
C CYS Q 509 -77.29 -63.79 -15.08
N TRP Q 510 -77.18 -63.59 -13.77
CA TRP Q 510 -76.01 -64.00 -13.01
C TRP Q 510 -76.34 -64.95 -11.87
N VAL Q 511 -77.62 -65.20 -11.59
CA VAL Q 511 -78.01 -66.12 -10.54
C VAL Q 511 -77.65 -67.54 -10.95
N MET Q 512 -77.23 -68.34 -9.97
CA MET Q 512 -76.92 -69.75 -10.22
C MET Q 512 -78.22 -70.54 -10.20
N HIS Q 513 -78.65 -71.01 -11.37
CA HIS Q 513 -79.87 -71.80 -11.32
C HIS Q 513 -79.54 -73.28 -11.24
N PRO Q 514 -80.31 -74.06 -10.49
CA PRO Q 514 -80.01 -75.49 -10.35
C PRO Q 514 -80.08 -76.25 -11.66
N GLU Q 515 -80.85 -75.79 -12.63
CA GLU Q 515 -80.98 -76.47 -13.91
C GLU Q 515 -79.82 -76.20 -14.87
N ASP Q 516 -78.98 -75.21 -14.57
CA ASP Q 516 -77.84 -74.90 -15.42
C ASP Q 516 -76.62 -75.73 -15.03
N LYS Q 517 -75.81 -76.08 -16.02
CA LYS Q 517 -74.64 -76.91 -15.81
C LYS Q 517 -73.34 -76.10 -15.67
N TRP Q 518 -73.37 -74.80 -15.97
CA TRP Q 518 -72.11 -74.05 -16.00
C TRP Q 518 -71.47 -73.95 -14.63
N HIS Q 519 -72.25 -73.68 -13.58
CA HIS Q 519 -71.64 -73.42 -12.28
C HIS Q 519 -71.19 -74.70 -11.59
N GLY Q 520 -71.87 -75.82 -11.81
CA GLY Q 520 -71.43 -77.09 -11.29
C GLY Q 520 -71.68 -77.32 -9.82
N PHE Q 521 -72.47 -76.47 -9.17
CA PHE Q 521 -72.83 -76.67 -7.77
C PHE Q 521 -74.14 -77.45 -7.75
N ASN Q 522 -74.02 -78.77 -7.67
CA ASN Q 522 -75.21 -79.62 -7.73
C ASN Q 522 -76.05 -79.47 -6.48
N ASP Q 523 -77.37 -79.46 -6.67
CA ASP Q 523 -78.34 -79.36 -5.58
C ASP Q 523 -78.32 -78.01 -4.90
N ILE Q 524 -77.84 -76.98 -5.58
CA ILE Q 524 -77.97 -75.62 -5.04
C ILE Q 524 -79.41 -75.16 -5.20
N PRO Q 525 -80.02 -74.56 -4.19
CA PRO Q 525 -81.35 -73.98 -4.37
C PRO Q 525 -81.31 -72.79 -5.30
N ASP Q 526 -82.46 -72.52 -5.93
CA ASP Q 526 -82.56 -71.39 -6.83
C ASP Q 526 -82.66 -70.09 -6.04
N ASN Q 527 -82.12 -69.03 -6.63
CA ASN Q 527 -82.11 -67.70 -6.02
C ASN Q 527 -81.40 -67.71 -4.66
N TRP Q 528 -80.35 -68.51 -4.56
CA TRP Q 528 -79.52 -68.59 -3.37
C TRP Q 528 -78.18 -67.89 -3.57
N ALA Q 529 -77.47 -68.20 -4.63
CA ALA Q 529 -76.17 -67.62 -4.93
C ALA Q 529 -76.22 -66.89 -6.27
N MET Q 530 -75.17 -66.12 -6.52
CA MET Q 530 -75.08 -65.26 -7.69
C MET Q 530 -73.61 -65.06 -7.99
N LEU Q 531 -73.28 -64.90 -9.28
CA LEU Q 531 -71.91 -64.68 -9.69
C LEU Q 531 -71.61 -63.20 -9.77
N ASP Q 532 -70.52 -62.77 -9.15
CA ASP Q 532 -70.05 -61.40 -9.27
C ASP Q 532 -69.40 -61.22 -10.63
N PRO Q 533 -69.91 -60.33 -11.48
CA PRO Q 533 -69.34 -60.21 -12.83
C PRO Q 533 -67.88 -59.80 -12.86
N ILE Q 534 -67.41 -59.00 -11.89
CA ILE Q 534 -66.06 -58.45 -11.98
C ILE Q 534 -64.98 -59.39 -11.48
N LYS Q 535 -65.34 -60.56 -10.97
CA LYS Q 535 -64.36 -61.59 -10.62
C LYS Q 535 -64.44 -62.64 -11.72
N VAL Q 536 -63.62 -62.46 -12.77
CA VAL Q 536 -63.75 -63.24 -13.98
C VAL Q 536 -62.85 -64.46 -13.92
N SER Q 537 -63.47 -65.64 -13.91
CA SER Q 537 -62.75 -66.90 -13.99
C SER Q 537 -62.77 -67.39 -15.44
N ILE Q 538 -61.63 -67.83 -15.93
CA ILE Q 538 -61.55 -68.47 -17.23
C ILE Q 538 -61.16 -69.92 -17.01
N LEU Q 539 -61.68 -70.79 -17.86
CA LEU Q 539 -61.51 -72.23 -17.72
C LEU Q 539 -60.64 -72.74 -18.88
N ALA Q 540 -59.56 -73.41 -18.53
CA ALA Q 540 -58.80 -74.12 -19.53
C ALA Q 540 -59.47 -75.45 -19.85
N PRO Q 541 -59.33 -75.93 -21.09
CA PRO Q 541 -60.00 -77.19 -21.45
C PRO Q 541 -59.36 -78.38 -20.75
N GLY Q 542 -60.17 -79.41 -20.53
CA GLY Q 542 -59.67 -80.63 -19.94
C GLY Q 542 -60.61 -81.30 -18.96
N MET Q 543 -61.57 -80.55 -18.43
CA MET Q 543 -62.50 -81.06 -17.43
C MET Q 543 -63.85 -81.29 -18.09
N GLY Q 544 -64.37 -82.51 -17.98
CA GLY Q 544 -65.68 -82.81 -18.50
C GLY Q 544 -66.79 -82.30 -17.61
N ASP Q 545 -67.97 -82.15 -18.20
CA ASP Q 545 -69.13 -81.66 -17.46
C ASP Q 545 -69.58 -82.65 -16.39
N ASP Q 546 -69.26 -83.92 -16.56
CA ASP Q 546 -69.63 -84.94 -15.58
C ASP Q 546 -68.76 -84.92 -14.34
N GLY Q 547 -67.58 -84.30 -14.40
CA GLY Q 547 -66.66 -84.26 -13.29
C GLY Q 547 -65.36 -85.01 -13.53
N LYS Q 548 -65.23 -85.69 -14.66
CA LYS Q 548 -64.02 -86.44 -14.98
C LYS Q 548 -63.29 -85.77 -16.14
N LEU Q 549 -61.99 -86.00 -16.18
CA LEU Q 549 -61.14 -85.37 -17.18
C LEU Q 549 -61.46 -85.90 -18.58
N LEU Q 550 -61.18 -85.07 -19.57
CA LEU Q 550 -61.32 -85.47 -20.96
C LEU Q 550 -60.05 -86.16 -21.43
N ASP Q 551 -60.02 -86.53 -22.72
CA ASP Q 551 -58.86 -87.22 -23.25
C ASP Q 551 -57.66 -86.29 -23.39
N THR Q 552 -57.90 -85.00 -23.59
CA THR Q 552 -56.85 -84.01 -23.73
C THR Q 552 -57.26 -82.74 -23.04
N GLY Q 553 -56.28 -81.89 -22.75
CA GLY Q 553 -56.56 -80.62 -22.09
C GLY Q 553 -55.28 -79.84 -21.90
N VAL Q 554 -55.45 -78.63 -21.39
CA VAL Q 554 -54.35 -77.72 -21.10
C VAL Q 554 -54.42 -77.37 -19.62
N PRO Q 555 -53.48 -77.82 -18.80
CA PRO Q 555 -53.52 -77.49 -17.37
C PRO Q 555 -53.29 -76.00 -17.13
N ALA Q 556 -53.94 -75.48 -16.10
CA ALA Q 556 -53.89 -74.05 -15.83
C ALA Q 556 -52.55 -73.60 -15.25
N ALA Q 557 -51.74 -74.51 -14.72
CA ALA Q 557 -50.45 -74.13 -14.18
C ALA Q 557 -49.54 -73.57 -15.28
N LEU Q 558 -49.56 -74.19 -16.45
CA LEU Q 558 -48.74 -73.72 -17.57
C LEU Q 558 -49.23 -72.36 -18.07
N VAL Q 559 -50.54 -72.17 -18.16
CA VAL Q 559 -51.08 -70.87 -18.56
C VAL Q 559 -50.72 -69.82 -17.53
N THR Q 560 -50.73 -70.19 -16.25
CA THR Q 560 -50.33 -69.26 -15.20
C THR Q 560 -48.86 -68.87 -15.33
N ALA Q 561 -48.00 -69.84 -15.65
CA ALA Q 561 -46.60 -69.51 -15.90
C ALA Q 561 -46.46 -68.54 -17.06
N TRP Q 562 -47.21 -68.77 -18.13
CA TRP Q 562 -47.20 -67.85 -19.27
C TRP Q 562 -47.62 -66.44 -18.86
N LEU Q 563 -48.72 -66.34 -18.13
CA LEU Q 563 -49.22 -65.03 -17.70
C LEU Q 563 -48.23 -64.33 -16.78
N ASN Q 564 -47.64 -65.07 -15.85
CA ASN Q 564 -46.61 -64.50 -14.99
C ASN Q 564 -45.43 -63.99 -15.82
N HIS Q 565 -45.03 -64.76 -16.83
CA HIS Q 565 -43.97 -64.31 -17.73
C HIS Q 565 -44.33 -63.00 -18.40
N TYR Q 566 -45.61 -62.79 -18.68
CA TYR Q 566 -46.03 -61.51 -19.27
C TYR Q 566 -46.50 -60.50 -18.23
N GLY Q 567 -46.31 -60.78 -16.94
CA GLY Q 567 -46.58 -59.84 -15.88
C GLY Q 567 -47.96 -59.96 -15.25
N ILE Q 568 -48.88 -60.66 -15.91
CA ILE Q 568 -50.22 -60.84 -15.36
C ILE Q 568 -50.15 -61.88 -14.26
N VAL Q 569 -50.62 -61.53 -13.07
CA VAL Q 569 -50.60 -62.44 -11.93
C VAL Q 569 -52.05 -62.70 -11.51
N PRO Q 570 -52.59 -63.89 -11.73
CA PRO Q 570 -53.97 -64.18 -11.33
C PRO Q 570 -54.13 -64.22 -9.82
N THR Q 571 -55.36 -63.96 -9.38
CA THR Q 571 -55.69 -63.97 -7.96
C THR Q 571 -55.87 -65.39 -7.44
N ARG Q 572 -56.59 -66.23 -8.17
CA ARG Q 572 -56.82 -67.61 -7.78
C ARG Q 572 -56.52 -68.53 -8.96
N THR Q 573 -56.22 -69.79 -8.65
CA THR Q 573 -55.89 -70.76 -9.68
C THR Q 573 -56.15 -72.16 -9.14
N THR Q 574 -56.81 -72.99 -9.94
CA THR Q 574 -56.95 -74.42 -9.71
C THR Q 574 -56.37 -75.16 -10.91
N ASP Q 575 -56.64 -76.47 -10.98
CA ASP Q 575 -56.13 -77.29 -12.08
C ASP Q 575 -56.56 -76.74 -13.44
N PHE Q 576 -57.86 -76.44 -13.59
CA PHE Q 576 -58.36 -75.75 -14.79
C PHE Q 576 -59.26 -74.61 -14.33
N GLN Q 577 -58.65 -73.51 -13.89
CA GLN Q 577 -59.38 -72.28 -13.58
C GLN Q 577 -58.37 -71.17 -13.30
N ILE Q 578 -58.57 -70.02 -13.90
CA ILE Q 578 -57.73 -68.85 -13.64
C ILE Q 578 -58.64 -67.66 -13.42
N MET Q 579 -58.44 -66.97 -12.30
CA MET Q 579 -59.30 -65.87 -11.88
C MET Q 579 -58.59 -64.54 -12.12
N PHE Q 580 -59.28 -63.61 -12.76
CA PHE Q 580 -58.78 -62.27 -12.99
C PHE Q 580 -59.67 -61.26 -12.29
N LEU Q 581 -59.05 -60.25 -11.68
CA LEU Q 581 -59.76 -59.22 -10.96
C LEU Q 581 -59.94 -57.99 -11.86
N PHE Q 582 -61.18 -57.55 -11.97
CA PHE Q 582 -61.49 -56.25 -12.56
C PHE Q 582 -61.82 -55.30 -11.43
N SER Q 583 -61.04 -54.23 -11.29
CA SER Q 583 -61.20 -53.28 -10.20
C SER Q 583 -61.52 -51.91 -10.76
N MET Q 584 -61.83 -50.98 -9.85
CA MET Q 584 -62.12 -49.61 -10.24
C MET Q 584 -60.87 -48.87 -10.71
N GLY Q 585 -59.69 -49.45 -10.54
CA GLY Q 585 -58.47 -48.91 -11.08
C GLY Q 585 -58.14 -49.36 -12.49
N ILE Q 586 -58.95 -50.21 -13.09
CA ILE Q 586 -58.72 -50.63 -14.47
C ILE Q 586 -59.13 -49.51 -15.42
N THR Q 587 -58.50 -49.49 -16.59
CA THR Q 587 -58.85 -48.55 -17.64
C THR Q 587 -59.60 -49.29 -18.75
N LYS Q 588 -60.37 -48.52 -19.52
CA LYS Q 588 -61.26 -49.11 -20.51
C LYS Q 588 -60.47 -49.76 -21.65
N GLY Q 589 -60.92 -50.94 -22.06
CA GLY Q 589 -60.27 -51.68 -23.12
C GLY Q 589 -59.00 -52.41 -22.71
N LYS Q 590 -58.68 -52.45 -21.42
CA LYS Q 590 -57.46 -53.09 -20.97
C LYS Q 590 -57.49 -54.61 -21.17
N TRP Q 591 -58.68 -55.21 -21.16
CA TRP Q 591 -58.81 -56.66 -21.30
C TRP Q 591 -58.38 -57.16 -22.69
N GLY Q 592 -58.18 -56.25 -23.64
CA GLY Q 592 -57.63 -56.65 -24.92
C GLY Q 592 -56.23 -57.25 -24.78
N THR Q 593 -55.44 -56.74 -23.84
CA THR Q 593 -54.14 -57.33 -23.55
C THR Q 593 -54.30 -58.77 -23.08
N LEU Q 594 -55.27 -59.02 -22.19
CA LEU Q 594 -55.49 -60.38 -21.71
C LEU Q 594 -55.88 -61.31 -22.84
N VAL Q 595 -56.77 -60.85 -23.71
CA VAL Q 595 -57.18 -61.67 -24.85
C VAL Q 595 -56.00 -61.96 -25.77
N ASN Q 596 -55.20 -60.92 -26.04
CA ASN Q 596 -54.02 -61.09 -26.89
C ASN Q 596 -53.03 -62.08 -26.29
N THR Q 597 -52.81 -62.01 -24.98
CA THR Q 597 -51.89 -62.93 -24.32
C THR Q 597 -52.40 -64.36 -24.41
N LEU Q 598 -53.70 -64.57 -24.20
CA LEU Q 598 -54.24 -65.92 -24.30
C LEU Q 598 -54.14 -66.46 -25.73
N LEU Q 599 -54.39 -65.61 -26.73
CA LEU Q 599 -54.25 -66.04 -28.12
C LEU Q 599 -52.81 -66.40 -28.46
N SER Q 600 -51.85 -65.59 -28.00
CA SER Q 600 -50.45 -65.91 -28.27
C SER Q 600 -50.03 -67.19 -27.56
N PHE Q 601 -50.54 -67.42 -26.35
CA PHE Q 601 -50.29 -68.70 -25.70
C PHE Q 601 -50.82 -69.86 -26.53
N LYS Q 602 -52.04 -69.71 -27.06
CA LYS Q 602 -52.59 -70.79 -27.88
C LYS Q 602 -51.76 -71.03 -29.13
N ARG Q 603 -51.27 -69.95 -29.74
CA ARG Q 603 -50.41 -70.10 -30.92
C ARG Q 603 -49.15 -70.88 -30.57
N HIS Q 604 -48.45 -70.47 -29.51
CA HIS Q 604 -47.21 -71.15 -29.15
C HIS Q 604 -47.47 -72.57 -28.66
N TYR Q 605 -48.64 -72.83 -28.11
CA TYR Q 605 -48.98 -74.18 -27.66
C TYR Q 605 -49.25 -75.09 -28.84
N ASP Q 606 -49.97 -74.59 -29.85
CA ASP Q 606 -50.21 -75.36 -31.05
C ASP Q 606 -48.92 -75.60 -31.83
N ASN Q 607 -47.99 -74.65 -31.79
CA ASN Q 607 -46.74 -74.80 -32.49
C ASN Q 607 -45.69 -75.58 -31.71
N ASN Q 608 -45.98 -75.93 -30.45
CA ASN Q 608 -45.03 -76.64 -29.58
C ASN Q 608 -43.70 -75.92 -29.51
N THR Q 609 -43.75 -74.61 -29.27
CA THR Q 609 -42.53 -73.82 -29.18
C THR Q 609 -41.71 -74.27 -27.98
N ALA Q 610 -40.39 -74.35 -28.18
CA ALA Q 610 -39.49 -74.81 -27.13
C ALA Q 610 -39.55 -73.87 -25.93
N LEU Q 611 -39.57 -74.46 -24.72
CA LEU Q 611 -39.68 -73.67 -23.50
C LEU Q 611 -38.53 -72.70 -23.32
N LYS Q 612 -37.35 -72.99 -23.90
CA LYS Q 612 -36.24 -72.06 -23.79
C LYS Q 612 -36.56 -70.72 -24.46
N LYS Q 613 -37.25 -70.76 -25.60
CA LYS Q 613 -37.55 -69.51 -26.30
C LYS Q 613 -38.63 -68.72 -25.58
N VAL Q 614 -39.68 -69.37 -25.12
CA VAL Q 614 -40.86 -68.68 -24.59
C VAL Q 614 -40.81 -68.52 -23.08
N LEU Q 615 -40.39 -69.54 -22.35
CA LEU Q 615 -40.43 -69.53 -20.88
C LEU Q 615 -39.07 -69.91 -20.32
N PRO Q 616 -38.07 -69.05 -20.46
CA PRO Q 616 -36.74 -69.37 -19.92
C PRO Q 616 -36.73 -69.58 -18.42
N GLU Q 617 -37.59 -68.87 -17.67
CA GLU Q 617 -37.61 -69.03 -16.22
C GLU Q 617 -38.07 -70.41 -15.82
N VAL Q 618 -38.99 -71.01 -16.58
CA VAL Q 618 -39.40 -72.39 -16.32
C VAL Q 618 -38.23 -73.33 -16.54
N VAL Q 619 -37.48 -73.12 -17.62
CA VAL Q 619 -36.33 -73.98 -17.90
C VAL Q 619 -35.29 -73.85 -16.80
N ALA Q 620 -35.10 -72.64 -16.27
CA ALA Q 620 -34.09 -72.40 -15.26
C ALA Q 620 -34.32 -73.17 -13.97
N SER Q 621 -35.53 -73.70 -13.76
CA SER Q 621 -35.78 -74.52 -12.57
C SER Q 621 -35.10 -75.87 -12.70
N ALA Q 622 -35.48 -76.64 -13.72
CA ALA Q 622 -34.92 -77.97 -13.97
C ALA Q 622 -34.45 -78.06 -15.41
N PRO Q 623 -33.28 -77.49 -15.72
CA PRO Q 623 -32.80 -77.47 -17.12
C PRO Q 623 -32.61 -78.86 -17.71
N GLU Q 624 -32.39 -79.87 -16.88
CA GLU Q 624 -32.26 -81.23 -17.40
C GLU Q 624 -33.59 -81.83 -17.82
N ILE Q 625 -34.69 -81.37 -17.25
CA ILE Q 625 -36.02 -81.89 -17.58
C ILE Q 625 -36.69 -81.05 -18.66
N TYR Q 626 -36.78 -79.74 -18.45
CA TYR Q 626 -37.49 -78.86 -19.37
C TYR Q 626 -36.66 -78.46 -20.58
N GLY Q 627 -35.35 -78.66 -20.55
CA GLY Q 627 -34.55 -78.44 -21.74
C GLY Q 627 -34.95 -79.40 -22.84
N GLU Q 628 -34.86 -78.92 -24.08
CA GLU Q 628 -35.23 -79.70 -25.28
C GLU Q 628 -36.69 -80.15 -25.23
N MET Q 629 -37.55 -79.40 -24.56
CA MET Q 629 -38.96 -79.74 -24.43
C MET Q 629 -39.81 -78.56 -24.90
N GLY Q 630 -40.93 -78.88 -25.56
CA GLY Q 630 -41.82 -77.85 -26.05
C GLY Q 630 -42.96 -77.52 -25.09
N LEU Q 631 -43.69 -76.46 -25.43
CA LEU Q 631 -44.82 -76.04 -24.61
C LEU Q 631 -45.88 -77.12 -24.54
N ARG Q 632 -46.26 -77.67 -25.70
CA ARG Q 632 -47.28 -78.71 -25.71
C ARG Q 632 -46.79 -80.01 -25.09
N ASP Q 633 -45.48 -80.30 -25.20
CA ASP Q 633 -44.95 -81.48 -24.53
C ASP Q 633 -45.15 -81.39 -23.03
N LEU Q 634 -44.79 -80.25 -22.45
CA LEU Q 634 -44.99 -80.04 -21.01
C LEU Q 634 -46.48 -80.08 -20.66
N GLY Q 635 -47.32 -79.45 -21.49
CA GLY Q 635 -48.74 -79.44 -21.20
C GLY Q 635 -49.34 -80.85 -21.19
N ASP Q 636 -49.00 -81.66 -22.19
CA ASP Q 636 -49.48 -83.03 -22.24
C ASP Q 636 -48.89 -83.88 -21.12
N LYS Q 637 -47.65 -83.63 -20.73
CA LYS Q 637 -47.09 -84.33 -19.58
C LYS Q 637 -47.90 -84.03 -18.32
N MET Q 638 -48.18 -82.75 -18.07
CA MET Q 638 -48.97 -82.36 -16.91
C MET Q 638 -50.37 -82.96 -16.98
N PHE Q 639 -50.99 -82.95 -18.15
CA PHE Q 639 -52.34 -83.49 -18.26
C PHE Q 639 -52.36 -85.00 -18.07
N ALA Q 640 -51.35 -85.70 -18.56
CA ALA Q 640 -51.26 -87.13 -18.32
C ALA Q 640 -51.08 -87.42 -16.83
N TYR Q 641 -50.27 -86.62 -16.15
CA TYR Q 641 -50.11 -86.76 -14.71
C TYR Q 641 -51.44 -86.54 -14.00
N LEU Q 642 -52.18 -85.50 -14.38
CA LEU Q 642 -53.47 -85.24 -13.75
C LEU Q 642 -54.45 -86.37 -14.02
N GLN Q 643 -54.47 -86.90 -15.24
CA GLN Q 643 -55.36 -88.01 -15.57
C GLN Q 643 -55.03 -89.24 -14.73
N LYS Q 644 -53.73 -89.53 -14.57
CA LYS Q 644 -53.34 -90.70 -13.79
C LYS Q 644 -53.70 -90.54 -12.32
N ASN Q 645 -53.37 -89.39 -11.74
CA ASN Q 645 -53.47 -89.23 -10.30
C ASN Q 645 -54.83 -88.71 -9.84
N ASN Q 646 -55.52 -87.94 -10.68
CA ASN Q 646 -56.84 -87.38 -10.37
C ASN Q 646 -56.83 -86.66 -9.03
N PRO Q 647 -56.08 -85.56 -8.88
CA PRO Q 647 -56.08 -84.84 -7.59
C PRO Q 647 -57.41 -84.16 -7.25
N GLY Q 648 -58.29 -83.96 -8.22
CA GLY Q 648 -59.58 -83.36 -7.90
C GLY Q 648 -60.42 -84.24 -6.98
N ALA Q 649 -60.38 -85.55 -7.20
CA ALA Q 649 -61.04 -86.47 -6.29
C ALA Q 649 -60.40 -86.42 -4.91
N ARG Q 650 -59.08 -86.27 -4.84
CA ARG Q 650 -58.42 -86.12 -3.55
C ARG Q 650 -58.90 -84.88 -2.83
N LEU Q 651 -59.01 -83.76 -3.54
CA LEU Q 651 -59.52 -82.53 -2.94
C LEU Q 651 -60.95 -82.72 -2.45
N ASN Q 652 -61.79 -83.37 -3.25
CA ASN Q 652 -63.17 -83.59 -2.85
C ASN Q 652 -63.25 -84.46 -1.60
N GLN Q 653 -62.43 -85.51 -1.52
CA GLN Q 653 -62.41 -86.35 -0.34
C GLN Q 653 -61.93 -85.59 0.88
N ALA Q 654 -60.88 -84.78 0.71
CA ALA Q 654 -60.32 -84.06 1.85
C ALA Q 654 -61.27 -83.00 2.38
N TYR Q 655 -62.07 -82.37 1.50
CA TYR Q 655 -62.90 -81.27 1.95
C TYR Q 655 -64.35 -81.64 2.19
N SER Q 656 -64.79 -82.80 1.73
CA SER Q 656 -66.15 -83.24 2.05
C SER Q 656 -66.24 -83.77 3.48
N GLN Q 657 -65.17 -84.35 4.00
CA GLN Q 657 -65.15 -84.88 5.35
C GLN Q 657 -64.34 -83.94 6.24
N LEU Q 658 -64.92 -83.57 7.37
CA LEU Q 658 -64.19 -82.70 8.29
C LEU Q 658 -63.24 -83.53 9.16
N PRO Q 659 -62.08 -82.98 9.49
CA PRO Q 659 -61.16 -83.68 10.39
C PRO Q 659 -61.73 -83.77 11.80
N GLN Q 660 -61.25 -84.76 12.53
CA GLN Q 660 -61.65 -84.93 13.92
C GLN Q 660 -61.06 -83.82 14.77
N VAL Q 661 -61.90 -83.22 15.62
CA VAL Q 661 -61.50 -82.11 16.47
C VAL Q 661 -61.05 -82.67 17.82
N MET Q 662 -59.84 -82.29 18.24
CA MET Q 662 -59.31 -82.73 19.52
C MET Q 662 -59.31 -81.63 20.58
N MET Q 663 -59.07 -80.38 20.18
CA MET Q 663 -59.11 -79.27 21.12
C MET Q 663 -59.43 -77.99 20.35
N THR Q 664 -59.74 -76.94 21.10
CA THR Q 664 -59.99 -75.65 20.50
C THR Q 664 -58.72 -75.10 19.87
N PRO Q 665 -58.85 -74.19 18.91
CA PRO Q 665 -57.65 -73.54 18.36
C PRO Q 665 -56.79 -72.84 19.40
N ARG Q 666 -57.40 -72.25 20.42
CA ARG Q 666 -56.62 -71.61 21.47
C ARG Q 666 -55.77 -72.62 22.23
N ASP Q 667 -56.32 -73.80 22.52
CA ASP Q 667 -55.54 -74.83 23.20
C ASP Q 667 -54.36 -75.29 22.34
N ALA Q 668 -54.60 -75.48 21.05
CA ALA Q 668 -53.52 -75.86 20.14
C ALA Q 668 -52.43 -74.80 20.09
N TYR Q 669 -52.81 -73.52 20.04
CA TYR Q 669 -51.80 -72.48 20.02
C TYR Q 669 -51.04 -72.41 21.35
N GLN Q 670 -51.74 -72.60 22.47
CA GLN Q 670 -51.06 -72.59 23.75
C GLN Q 670 -50.11 -73.77 23.90
N GLN Q 671 -50.34 -74.86 23.16
CA GLN Q 671 -49.31 -75.88 23.05
C GLN Q 671 -48.05 -75.33 22.39
N ILE Q 672 -48.20 -74.48 21.37
CA ILE Q 672 -47.04 -73.84 20.76
C ILE Q 672 -46.33 -72.96 21.78
N VAL Q 673 -47.09 -72.19 22.56
CA VAL Q 673 -46.48 -71.30 23.54
C VAL Q 673 -45.72 -72.10 24.59
N ALA Q 674 -46.26 -73.25 24.99
CA ALA Q 674 -45.63 -74.11 25.97
C ALA Q 674 -44.50 -74.94 25.39
N ASN Q 675 -44.14 -74.73 24.12
CA ASN Q 675 -43.07 -75.46 23.44
C ASN Q 675 -43.35 -76.95 23.37
N ARG Q 676 -44.60 -77.34 23.41
CA ARG Q 676 -45.01 -78.74 23.25
C ARG Q 676 -45.39 -79.04 21.81
N VAL Q 677 -44.54 -78.69 20.85
CA VAL Q 677 -44.81 -78.94 19.43
C VAL Q 677 -43.52 -79.37 18.75
N GLU Q 678 -43.69 -79.99 17.58
CA GLU Q 678 -42.56 -80.50 16.81
C GLU Q 678 -42.93 -80.51 15.33
N ALA Q 679 -41.90 -80.49 14.49
CA ALA Q 679 -42.07 -80.58 13.04
C ALA Q 679 -42.15 -82.05 12.64
N VAL Q 680 -43.24 -82.43 11.98
CA VAL Q 680 -43.52 -83.81 11.65
C VAL Q 680 -43.63 -83.91 10.13
N PRO Q 681 -42.96 -84.85 9.48
CA PRO Q 681 -43.12 -85.03 8.04
C PRO Q 681 -44.51 -85.58 7.71
N VAL Q 682 -44.89 -85.42 6.44
CA VAL Q 682 -46.23 -85.79 6.00
C VAL Q 682 -46.47 -87.29 6.19
N ASP Q 683 -45.46 -88.11 5.90
CA ASP Q 683 -45.64 -89.55 6.02
C ASP Q 683 -45.79 -90.03 7.45
N GLN Q 684 -45.53 -89.17 8.44
CA GLN Q 684 -45.67 -89.53 9.85
C GLN Q 684 -46.81 -88.77 10.53
N LEU Q 685 -47.74 -88.22 9.75
CA LEU Q 685 -48.79 -87.37 10.30
C LEU Q 685 -49.96 -88.14 10.91
N MET Q 686 -49.99 -89.46 10.78
CA MET Q 686 -51.14 -90.24 11.22
C MET Q 686 -51.32 -90.11 12.73
N GLY Q 687 -52.51 -89.69 13.15
CA GLY Q 687 -52.84 -89.54 14.55
C GLY Q 687 -52.39 -88.24 15.18
N ARG Q 688 -51.67 -87.39 14.45
CA ARG Q 688 -51.10 -86.17 15.02
C ARG Q 688 -52.10 -85.03 14.97
N VAL Q 689 -51.98 -84.12 15.93
CA VAL Q 689 -52.82 -82.93 16.01
C VAL Q 689 -52.04 -81.75 15.49
N ALA Q 690 -52.58 -81.07 14.48
CA ALA Q 690 -51.92 -79.92 13.89
C ALA Q 690 -51.86 -78.77 14.88
N ALA Q 691 -50.71 -78.14 14.99
CA ALA Q 691 -50.56 -76.99 15.88
C ALA Q 691 -51.06 -75.70 15.26
N ASN Q 692 -51.03 -75.60 13.93
CA ASN Q 692 -51.56 -74.46 13.22
C ASN Q 692 -52.42 -74.94 12.05
N SER Q 693 -52.99 -74.00 11.31
CA SER Q 693 -53.89 -74.33 10.22
C SER Q 693 -53.11 -74.73 8.97
N ILE Q 694 -53.69 -75.65 8.21
CA ILE Q 694 -53.14 -76.10 6.94
C ILE Q 694 -54.06 -75.61 5.84
N ILE Q 695 -53.56 -74.73 4.99
CA ILE Q 695 -54.34 -74.15 3.90
C ILE Q 695 -53.65 -74.47 2.59
N PRO Q 696 -54.07 -75.51 1.89
CA PRO Q 696 -53.51 -75.80 0.57
C PRO Q 696 -54.11 -74.90 -0.51
N TYR Q 697 -53.29 -74.62 -1.52
CA TYR Q 697 -53.73 -73.88 -2.70
C TYR Q 697 -53.53 -74.75 -3.92
N PRO Q 698 -54.59 -75.27 -4.57
CA PRO Q 698 -56.01 -75.10 -4.27
C PRO Q 698 -56.46 -75.96 -3.08
N PRO Q 699 -57.66 -75.70 -2.54
CA PRO Q 699 -58.66 -74.69 -2.93
C PRO Q 699 -58.52 -73.35 -2.22
N GLY Q 700 -57.46 -73.16 -1.45
CA GLY Q 700 -57.23 -71.88 -0.81
C GLY Q 700 -58.01 -71.62 0.46
N ILE Q 701 -58.72 -72.62 0.97
CA ILE Q 701 -59.41 -72.49 2.25
C ILE Q 701 -58.88 -73.58 3.17
N PRO Q 702 -58.92 -73.40 4.49
CA PRO Q 702 -58.20 -74.33 5.37
C PRO Q 702 -58.77 -75.75 5.31
N MET Q 703 -57.88 -76.72 5.14
CA MET Q 703 -58.28 -78.12 5.23
C MET Q 703 -58.29 -78.59 6.67
N LEU Q 704 -57.33 -78.13 7.47
CA LEU Q 704 -57.28 -78.40 8.89
C LEU Q 704 -57.10 -77.09 9.65
N LEU Q 705 -57.82 -76.95 10.76
CA LEU Q 705 -57.58 -75.86 11.69
C LEU Q 705 -56.72 -76.36 12.85
N SER Q 706 -56.25 -75.41 13.66
CA SER Q 706 -55.45 -75.76 14.83
C SER Q 706 -56.28 -76.59 15.80
N GLY Q 707 -55.69 -77.67 16.30
CA GLY Q 707 -56.38 -78.54 17.21
C GLY Q 707 -57.19 -79.63 16.57
N GLU Q 708 -56.98 -79.91 15.29
CA GLU Q 708 -57.71 -80.94 14.57
C GLU Q 708 -56.79 -82.09 14.23
N ASN Q 709 -57.31 -83.31 14.35
CA ASN Q 709 -56.52 -84.51 14.07
C ASN Q 709 -56.34 -84.70 12.58
N PHE Q 710 -55.17 -85.21 12.19
CA PHE Q 710 -54.92 -85.47 10.79
C PHE Q 710 -55.62 -86.73 10.30
N GLY Q 711 -55.83 -87.70 11.18
CA GLY Q 711 -56.55 -88.91 10.84
C GLY Q 711 -55.61 -90.11 10.73
N ASP Q 712 -56.24 -91.26 10.45
CA ASP Q 712 -55.52 -92.53 10.34
C ASP Q 712 -54.84 -92.67 8.98
N GLU Q 713 -54.43 -93.91 8.65
CA GLU Q 713 -53.68 -94.15 7.42
C GLU Q 713 -54.48 -93.76 6.19
N ASN Q 714 -55.79 -94.04 6.18
CA ASN Q 714 -56.63 -93.78 5.03
C ASN Q 714 -57.26 -92.38 5.06
N SER Q 715 -56.72 -91.47 5.85
CA SER Q 715 -57.31 -90.14 5.95
C SER Q 715 -57.16 -89.40 4.63
N PRO Q 716 -58.23 -88.80 4.11
CA PRO Q 716 -58.11 -88.04 2.86
C PRO Q 716 -57.23 -86.81 2.97
N HIS Q 717 -57.04 -86.27 4.17
CA HIS Q 717 -56.26 -85.03 4.31
C HIS Q 717 -54.78 -85.29 4.11
N ILE Q 718 -54.25 -86.35 4.74
CA ILE Q 718 -52.87 -86.74 4.50
C ILE Q 718 -52.69 -87.12 3.04
N HIS Q 719 -53.70 -87.77 2.45
CA HIS Q 719 -53.63 -88.15 1.04
C HIS Q 719 -53.53 -86.93 0.15
N TYR Q 720 -54.31 -85.89 0.44
CA TYR Q 720 -54.25 -84.67 -0.37
C TYR Q 720 -52.90 -83.97 -0.22
N LEU Q 721 -52.38 -83.93 1.01
CA LEU Q 721 -51.06 -83.35 1.22
C LEU Q 721 -50.00 -84.12 0.44
N ARG Q 722 -50.09 -85.45 0.44
CA ARG Q 722 -49.17 -86.27 -0.32
C ARG Q 722 -49.30 -86.00 -1.82
N SER Q 723 -50.53 -85.83 -2.31
CA SER Q 723 -50.73 -85.53 -3.72
C SER Q 723 -50.06 -84.21 -4.10
N LEU Q 724 -50.23 -83.18 -3.28
CA LEU Q 724 -49.58 -81.91 -3.55
C LEU Q 724 -48.07 -82.05 -3.53
N GLN Q 725 -47.53 -82.81 -2.57
CA GLN Q 725 -46.09 -83.02 -2.50
C GLN Q 725 -45.58 -83.74 -3.74
N ALA Q 726 -46.32 -84.75 -4.20
CA ALA Q 726 -45.92 -85.49 -5.39
C ALA Q 726 -45.94 -84.61 -6.62
N TRP Q 727 -46.96 -83.75 -6.75
CA TRP Q 727 -46.97 -82.80 -7.87
C TRP Q 727 -45.76 -81.88 -7.81
N ASP Q 728 -45.43 -81.37 -6.62
CA ASP Q 728 -44.28 -80.49 -6.51
C ASP Q 728 -43.00 -81.20 -6.91
N SER Q 729 -42.86 -82.48 -6.51
CA SER Q 729 -41.67 -83.23 -6.86
C SER Q 729 -41.59 -83.47 -8.37
N GLU Q 730 -42.73 -83.76 -9.00
CA GLU Q 730 -42.72 -84.11 -10.42
C GLU Q 730 -42.51 -82.89 -11.32
N PHE Q 731 -42.97 -81.71 -10.91
CA PHE Q 731 -42.93 -80.52 -11.76
C PHE Q 731 -42.28 -79.36 -11.02
N PRO Q 732 -40.95 -79.29 -11.01
CA PRO Q 732 -40.27 -78.12 -10.44
C PRO Q 732 -40.65 -76.85 -11.17
N GLY Q 733 -40.77 -75.77 -10.41
CA GLY Q 733 -41.20 -74.50 -10.95
C GLY Q 733 -42.69 -74.31 -11.01
N PHE Q 734 -43.48 -75.33 -10.69
CA PHE Q 734 -44.93 -75.28 -10.67
C PHE Q 734 -45.46 -75.77 -9.35
N GLU Q 735 -44.75 -75.44 -8.27
CA GLU Q 735 -45.06 -76.00 -6.97
C GLU Q 735 -46.25 -75.32 -6.33
N HIS Q 736 -47.11 -76.12 -5.70
CA HIS Q 736 -48.26 -75.58 -4.99
C HIS Q 736 -47.83 -74.85 -3.73
N GLU Q 737 -48.63 -73.87 -3.32
CA GLU Q 737 -48.45 -73.20 -2.05
C GLU Q 737 -49.36 -73.82 -1.02
N THR Q 738 -48.82 -74.03 0.19
CA THR Q 738 -49.60 -74.59 1.29
C THR Q 738 -49.20 -73.85 2.57
N GLU Q 739 -50.07 -72.94 3.01
CA GLU Q 739 -49.82 -72.25 4.27
C GLU Q 739 -49.93 -73.22 5.44
N GLY Q 740 -49.02 -73.06 6.40
CA GLY Q 740 -48.99 -73.92 7.55
C GLY Q 740 -48.01 -75.06 7.48
N THR Q 741 -47.17 -75.11 6.45
CA THR Q 741 -46.18 -76.17 6.28
C THR Q 741 -44.80 -75.56 6.09
N GLU Q 742 -43.78 -76.34 6.42
CA GLU Q 742 -42.40 -75.99 6.14
C GLU Q 742 -41.86 -76.96 5.10
N ILE Q 743 -41.19 -76.42 4.09
CA ILE Q 743 -40.68 -77.22 2.99
C ILE Q 743 -39.17 -77.27 3.12
N ILE Q 744 -38.66 -78.38 3.66
CA ILE Q 744 -37.23 -78.61 3.81
C ILE Q 744 -36.81 -79.65 2.78
N ASP Q 745 -35.77 -79.34 2.02
CA ASP Q 745 -35.29 -80.15 0.89
C ASP Q 745 -36.44 -80.68 0.04
N GLY Q 746 -37.43 -79.82 -0.22
CA GLY Q 746 -38.57 -80.20 -1.02
C GLY Q 746 -39.57 -81.09 -0.33
N GLN Q 747 -39.44 -81.30 0.97
CA GLN Q 747 -40.31 -82.19 1.72
C GLN Q 747 -41.15 -81.38 2.70
N TYR Q 748 -42.40 -81.78 2.88
CA TYR Q 748 -43.34 -81.03 3.70
C TYR Q 748 -43.19 -81.39 5.17
N TYR Q 749 -43.15 -80.36 6.02
CA TYR Q 749 -43.15 -80.54 7.46
C TYR Q 749 -44.29 -79.76 8.07
N VAL Q 750 -44.96 -80.35 9.06
CA VAL Q 750 -46.10 -79.73 9.73
C VAL Q 750 -45.83 -79.70 11.22
N MET Q 751 -46.06 -78.55 11.84
CA MET Q 751 -45.92 -78.41 13.27
C MET Q 751 -47.09 -79.09 13.97
N CYS Q 752 -46.80 -80.05 14.85
CA CYS Q 752 -47.84 -80.85 15.49
C CYS Q 752 -47.62 -80.86 16.99
N VAL Q 753 -48.72 -81.04 17.72
CA VAL Q 753 -48.65 -81.11 19.17
C VAL Q 753 -47.95 -82.39 19.59
N LYS Q 754 -46.98 -82.27 20.49
CA LYS Q 754 -46.33 -83.46 21.05
C LYS Q 754 -47.33 -84.27 21.84
N THR Q 755 -47.34 -85.58 21.61
CA THR Q 755 -48.30 -86.46 22.27
C THR Q 755 -47.98 -86.61 23.76
N MET R 1 -26.06 -34.87 -9.15
CA MET R 1 -24.64 -35.03 -8.88
C MET R 1 -23.98 -33.69 -8.59
N ARG R 2 -23.38 -33.56 -7.42
CA ARG R 2 -22.73 -32.33 -7.00
C ARG R 2 -21.31 -32.65 -6.53
N ALA R 3 -20.34 -31.94 -7.09
CA ALA R 3 -18.95 -32.06 -6.68
C ALA R 3 -18.53 -30.79 -5.95
N LEU R 4 -17.84 -30.95 -4.83
CA LEU R 4 -17.32 -29.84 -4.05
C LEU R 4 -15.82 -29.73 -4.27
N ILE R 5 -15.35 -28.56 -4.65
CA ILE R 5 -13.93 -28.31 -4.88
C ILE R 5 -13.46 -27.30 -3.85
N VAL R 6 -12.51 -27.71 -3.02
CA VAL R 6 -11.94 -26.88 -1.97
C VAL R 6 -10.44 -26.85 -2.16
N TYR R 7 -9.92 -25.74 -2.69
CA TYR R 7 -8.49 -25.55 -2.82
C TYR R 7 -8.12 -24.16 -2.37
N THR R 8 -6.95 -24.01 -1.74
CA THR R 8 -6.57 -22.73 -1.15
C THR R 8 -5.44 -22.07 -1.93
N GLU R 9 -4.25 -22.69 -1.99
CA GLU R 9 -3.10 -22.13 -2.70
C GLU R 9 -2.21 -23.31 -3.08
N LEU R 10 -2.33 -23.76 -4.32
CA LEU R 10 -1.52 -24.90 -4.77
C LEU R 10 -0.22 -24.46 -5.43
N THR R 11 -0.24 -23.33 -6.12
CA THR R 11 0.94 -22.80 -6.79
C THR R 11 1.31 -21.44 -6.20
N ASP R 12 2.59 -21.10 -6.33
CA ASP R 12 3.05 -19.80 -5.85
C ASP R 12 2.33 -18.65 -6.53
N LYS R 13 1.87 -18.84 -7.76
CA LYS R 13 1.04 -17.87 -8.46
C LYS R 13 -0.35 -18.47 -8.64
N ASP R 14 -1.36 -17.73 -8.17
CA ASP R 14 -2.71 -18.28 -8.05
C ASP R 14 -3.31 -18.65 -9.40
N SER R 15 -2.93 -17.95 -10.47
CA SER R 15 -3.64 -18.08 -11.73
C SER R 15 -3.52 -19.47 -12.33
N VAL R 16 -2.41 -20.18 -12.09
CA VAL R 16 -2.22 -21.49 -12.69
C VAL R 16 -3.25 -22.48 -12.15
N ILE R 17 -3.32 -22.62 -10.82
CA ILE R 17 -4.26 -23.55 -10.23
C ILE R 17 -5.69 -23.11 -10.46
N SER R 18 -5.94 -21.78 -10.45
CA SER R 18 -7.28 -21.30 -10.72
C SER R 18 -7.75 -21.65 -12.13
N HIS R 19 -6.88 -21.48 -13.12
CA HIS R 19 -7.26 -21.83 -14.49
C HIS R 19 -7.45 -23.33 -14.65
N ALA R 20 -6.59 -24.13 -14.02
CA ALA R 20 -6.76 -25.59 -14.10
C ALA R 20 -8.08 -26.01 -13.46
N VAL R 21 -8.41 -25.43 -12.31
CA VAL R 21 -9.66 -25.76 -11.64
C VAL R 21 -10.86 -25.29 -12.46
N ALA R 22 -10.74 -24.14 -13.11
CA ALA R 22 -11.83 -23.67 -13.97
C ALA R 22 -12.05 -24.62 -15.14
N ARG R 23 -10.98 -25.10 -15.76
CA ARG R 23 -11.13 -26.08 -16.84
C ARG R 23 -11.78 -27.36 -16.34
N LEU R 24 -11.36 -27.84 -15.16
CA LEU R 24 -11.98 -29.04 -14.61
C LEU R 24 -13.45 -28.83 -14.30
N ALA R 25 -13.81 -27.67 -13.75
CA ALA R 25 -15.20 -27.39 -13.44
C ALA R 25 -16.04 -27.32 -14.70
N SER R 26 -15.50 -26.73 -15.77
CA SER R 26 -16.22 -26.70 -17.03
C SER R 26 -16.45 -28.12 -17.56
N GLU R 27 -15.42 -28.97 -17.51
CA GLU R 27 -15.59 -30.34 -17.97
C GLU R 27 -16.57 -31.12 -17.10
N LEU R 28 -16.61 -30.84 -15.80
CA LEU R 28 -17.57 -31.51 -14.93
C LEU R 28 -18.99 -31.05 -15.22
N ASN R 29 -19.16 -29.75 -15.48
CA ASN R 29 -20.49 -29.26 -15.81
C ASN R 29 -20.98 -29.81 -17.15
N ASP R 30 -20.06 -30.04 -18.09
CA ASP R 30 -20.46 -30.63 -19.37
C ASP R 30 -20.95 -32.06 -19.22
N GLU R 31 -20.60 -32.76 -18.13
CA GLU R 31 -21.15 -34.08 -17.85
C GLU R 31 -22.22 -34.05 -16.78
N HIS R 32 -22.85 -32.89 -16.58
CA HIS R 32 -24.00 -32.73 -15.67
C HIS R 32 -23.63 -33.01 -14.21
N VAL R 33 -22.42 -32.66 -13.81
CA VAL R 33 -22.03 -32.63 -12.41
C VAL R 33 -21.95 -31.17 -11.99
N GLU R 34 -22.83 -30.75 -11.08
CA GLU R 34 -22.75 -29.40 -10.55
C GLU R 34 -21.53 -29.25 -9.65
N THR R 35 -20.89 -28.10 -9.74
CA THR R 35 -19.65 -27.84 -9.01
C THR R 35 -19.80 -26.63 -8.12
N VAL R 36 -19.32 -26.76 -6.88
CA VAL R 36 -19.19 -25.66 -5.94
C VAL R 36 -17.72 -25.48 -5.67
N ILE R 37 -17.19 -24.30 -5.96
CA ILE R 37 -15.77 -23.99 -5.82
C ILE R 37 -15.59 -23.11 -4.61
N ILE R 38 -14.73 -23.54 -3.68
CA ILE R 38 -14.51 -22.86 -2.41
C ILE R 38 -13.02 -22.71 -2.20
N ARG R 39 -12.58 -21.52 -1.78
CA ARG R 39 -11.16 -21.21 -1.66
C ARG R 39 -10.64 -21.29 -0.23
N ASP R 40 -11.47 -21.65 0.75
CA ASP R 40 -11.04 -21.66 2.14
C ASP R 40 -11.63 -22.86 2.84
N PHE R 41 -10.84 -23.49 3.70
CA PHE R 41 -11.30 -24.71 4.37
C PHE R 41 -12.39 -24.43 5.39
N GLU R 42 -12.40 -23.25 6.00
CA GLU R 42 -13.48 -22.91 6.91
C GLU R 42 -14.80 -22.70 6.16
N ASP R 43 -14.72 -22.07 4.99
CA ASP R 43 -15.91 -21.94 4.14
C ASP R 43 -16.40 -23.31 3.68
N GLY R 44 -15.47 -24.20 3.32
CA GLY R 44 -15.86 -25.55 2.94
C GLY R 44 -16.48 -26.31 4.09
N LEU R 45 -15.97 -26.11 5.31
CA LEU R 45 -16.55 -26.73 6.49
C LEU R 45 -17.97 -26.22 6.74
N ALA R 46 -18.18 -24.91 6.59
CA ALA R 46 -19.52 -24.36 6.73
C ALA R 46 -20.46 -24.92 5.68
N TYR R 47 -19.98 -25.04 4.44
CA TYR R 47 -20.79 -25.62 3.38
C TYR R 47 -21.17 -27.07 3.70
N ILE R 48 -20.21 -27.85 4.19
CA ILE R 48 -20.46 -29.25 4.51
C ILE R 48 -21.46 -29.37 5.65
N ARG R 49 -21.39 -28.46 6.63
CA ARG R 49 -22.32 -28.54 7.76
C ARG R 49 -23.74 -28.13 7.40
N SER R 50 -23.96 -27.57 6.20
CA SER R 50 -25.31 -27.45 5.68
C SER R 50 -25.71 -28.76 5.03
N ASN R 51 -26.94 -29.20 5.30
CA ASN R 51 -27.38 -30.54 4.89
C ASN R 51 -27.61 -30.56 3.38
N THR R 52 -26.50 -30.41 2.66
CA THR R 52 -26.49 -30.46 1.20
C THR R 52 -25.78 -31.73 0.75
N SER R 53 -26.39 -32.46 -0.18
CA SER R 53 -25.79 -33.69 -0.66
C SER R 53 -24.56 -33.39 -1.50
N ILE R 54 -23.44 -34.03 -1.16
CA ILE R 54 -22.19 -33.89 -1.87
C ILE R 54 -21.81 -35.26 -2.39
N ASP R 55 -21.60 -35.37 -3.69
CA ASP R 55 -21.30 -36.66 -4.29
C ASP R 55 -19.81 -36.92 -4.45
N CYS R 56 -18.98 -35.89 -4.40
CA CYS R 56 -17.54 -36.05 -4.53
C CYS R 56 -16.85 -34.81 -3.97
N LEU R 57 -15.74 -35.03 -3.29
CA LEU R 57 -14.92 -33.95 -2.75
C LEU R 57 -13.58 -33.97 -3.47
N LEU R 58 -13.23 -32.84 -4.08
CA LEU R 58 -11.91 -32.64 -4.67
C LEU R 58 -11.24 -31.49 -3.93
N TYR R 59 -10.11 -31.77 -3.30
CA TYR R 59 -9.45 -30.76 -2.49
C TYR R 59 -7.97 -30.72 -2.79
N GLY R 60 -7.38 -29.55 -2.54
CA GLY R 60 -5.94 -29.38 -2.59
C GLY R 60 -5.53 -28.31 -1.59
N ARG R 61 -4.33 -28.45 -1.07
CA ARG R 61 -3.78 -27.52 -0.10
C ARG R 61 -2.39 -27.05 -0.55
N ASP R 62 -1.72 -26.33 0.34
CA ASP R 62 -0.36 -25.88 0.07
C ASP R 62 0.60 -27.07 -0.09
N MET R 63 0.38 -28.13 0.68
CA MET R 63 1.12 -29.39 0.71
C MET R 63 2.44 -29.25 1.45
N SER R 64 2.84 -28.04 1.84
CA SER R 64 3.97 -27.85 2.73
C SER R 64 3.57 -27.26 4.07
N ASP R 65 2.28 -27.01 4.28
CA ASP R 65 1.77 -26.42 5.51
C ASP R 65 1.07 -27.49 6.34
N ARG R 66 1.55 -27.72 7.55
CA ARG R 66 0.90 -28.70 8.41
C ARG R 66 -0.46 -28.22 8.91
N ASP R 67 -0.64 -26.90 9.07
CA ASP R 67 -1.92 -26.37 9.49
C ASP R 67 -3.00 -26.64 8.45
N GLU R 68 -2.68 -26.44 7.17
CA GLU R 68 -3.64 -26.76 6.12
C GLU R 68 -3.88 -28.26 6.03
N GLN R 69 -2.88 -29.08 6.35
CA GLN R 69 -3.09 -30.52 6.40
C GLN R 69 -4.10 -30.89 7.49
N ILE R 70 -3.96 -30.28 8.67
CA ILE R 70 -4.91 -30.52 9.76
C ILE R 70 -6.30 -30.06 9.34
N GLN R 71 -6.38 -28.88 8.71
CA GLN R 71 -7.68 -28.37 8.27
C GLN R 71 -8.33 -29.28 7.25
N ALA R 72 -7.55 -29.79 6.29
CA ALA R 72 -8.09 -30.70 5.28
C ALA R 72 -8.58 -32.00 5.90
N HIS R 73 -7.81 -32.54 6.85
CA HIS R 73 -8.25 -33.75 7.54
C HIS R 73 -9.55 -33.50 8.31
N ARG R 74 -9.65 -32.35 8.96
CA ARG R 74 -10.88 -31.97 9.64
C ARG R 74 -12.06 -31.89 8.67
N LEU R 75 -11.83 -31.29 7.50
CA LEU R 75 -12.89 -31.17 6.51
C LEU R 75 -13.37 -32.54 6.05
N ILE R 76 -12.44 -33.46 5.79
CA ILE R 76 -12.84 -34.79 5.31
C ILE R 76 -13.56 -35.56 6.41
N THR R 77 -13.10 -35.45 7.66
CA THR R 77 -13.78 -36.11 8.75
C THR R 77 -15.19 -35.57 8.93
N GLN R 78 -15.35 -34.25 8.85
CA GLN R 78 -16.67 -33.65 8.95
C GLN R 78 -17.58 -34.13 7.83
N LEU R 79 -17.05 -34.20 6.61
CA LEU R 79 -17.85 -34.68 5.48
C LEU R 79 -18.31 -36.12 5.72
N HIS R 80 -17.42 -36.96 6.22
CA HIS R 80 -17.79 -38.36 6.41
C HIS R 80 -18.59 -38.61 7.68
N ARG R 81 -18.79 -37.60 8.51
CA ARG R 81 -19.70 -37.76 9.66
C ARG R 81 -21.09 -38.18 9.20
N ARG R 82 -21.67 -37.47 8.24
CA ARG R 82 -22.99 -37.78 7.74
C ARG R 82 -23.03 -38.25 6.30
N GLN R 83 -21.95 -38.12 5.55
CA GLN R 83 -21.86 -38.59 4.18
C GLN R 83 -20.62 -39.48 4.11
N GLU R 84 -20.79 -40.74 4.50
CA GLU R 84 -19.67 -41.55 4.99
C GLU R 84 -18.72 -41.97 3.86
N ASP R 85 -19.24 -42.39 2.72
CA ASP R 85 -18.40 -43.00 1.69
C ASP R 85 -18.24 -42.10 0.47
N VAL R 86 -18.37 -40.80 0.65
CA VAL R 86 -18.20 -39.87 -0.49
C VAL R 86 -16.74 -39.95 -0.97
N PRO R 87 -16.51 -40.12 -2.27
CA PRO R 87 -15.13 -40.18 -2.77
C PRO R 87 -14.39 -38.86 -2.54
N VAL R 88 -13.11 -38.98 -2.23
CA VAL R 88 -12.25 -37.82 -2.02
C VAL R 88 -11.12 -37.87 -3.04
N PHE R 89 -11.03 -36.83 -3.86
CA PHE R 89 -9.94 -36.66 -4.81
C PHE R 89 -8.97 -35.63 -4.29
N LEU R 90 -7.68 -35.95 -4.34
CA LEU R 90 -6.63 -34.99 -4.00
C LEU R 90 -6.16 -34.29 -5.27
N LEU R 91 -6.37 -32.98 -5.33
CA LEU R 91 -5.83 -32.16 -6.41
C LEU R 91 -4.49 -31.61 -5.98
N SER R 92 -3.44 -31.94 -6.74
CA SER R 92 -2.11 -31.54 -6.32
C SER R 92 -1.16 -31.60 -7.52
N ASP R 93 -0.09 -30.83 -7.42
CA ASP R 93 1.08 -31.08 -8.24
C ASP R 93 1.67 -32.44 -7.89
N ARG R 94 2.11 -33.17 -8.91
CA ARG R 94 2.45 -34.57 -8.73
C ARG R 94 3.60 -34.75 -7.74
N GLU R 95 4.66 -33.97 -7.88
CA GLU R 95 5.84 -34.17 -7.02
C GLU R 95 5.53 -33.86 -5.57
N GLU R 96 4.78 -32.78 -5.32
CA GLU R 96 4.43 -32.43 -3.95
C GLU R 96 3.59 -33.52 -3.30
N ALA R 97 2.62 -34.08 -4.03
CA ALA R 97 1.82 -35.15 -3.48
C ALA R 97 2.65 -36.41 -3.24
N LEU R 98 3.56 -36.72 -4.17
CA LEU R 98 4.34 -37.94 -4.03
C LEU R 98 5.32 -37.87 -2.86
N VAL R 99 5.89 -36.69 -2.58
CA VAL R 99 6.77 -36.61 -1.42
C VAL R 99 6.00 -36.67 -0.11
N ALA R 100 4.72 -36.30 -0.11
CA ALA R 100 3.88 -36.38 1.07
C ALA R 100 3.12 -37.69 1.19
N PHE R 101 3.34 -38.62 0.26
CA PHE R 101 2.58 -39.87 0.24
C PHE R 101 2.94 -40.75 1.43
N ASP R 102 1.94 -41.26 2.12
CA ASP R 102 2.12 -42.21 3.21
C ASP R 102 0.80 -42.91 3.49
N ARG R 103 0.81 -43.76 4.51
CA ARG R 103 -0.41 -44.48 4.90
C ARG R 103 -1.50 -43.52 5.37
N ASN R 104 -1.11 -42.50 6.14
CA ASN R 104 -2.09 -41.56 6.67
C ASN R 104 -2.77 -40.77 5.55
N MET R 105 -2.03 -40.42 4.50
CA MET R 105 -2.65 -39.79 3.34
C MET R 105 -3.68 -40.70 2.69
N MET R 106 -3.31 -41.96 2.46
CA MET R 106 -4.21 -42.90 1.79
C MET R 106 -5.40 -43.28 2.66
N GLU R 107 -5.33 -43.05 3.96
CA GLU R 107 -6.48 -43.32 4.81
C GLU R 107 -7.67 -42.40 4.47
N GLN R 108 -7.40 -41.21 3.93
CA GLN R 108 -8.46 -40.26 3.63
C GLN R 108 -8.59 -39.91 2.15
N VAL R 109 -7.64 -40.29 1.31
CA VAL R 109 -7.66 -39.97 -0.11
C VAL R 109 -8.01 -41.23 -0.89
N ASP R 110 -9.02 -41.13 -1.75
CA ASP R 110 -9.39 -42.26 -2.61
C ASP R 110 -8.70 -42.21 -3.96
N GLU R 111 -8.52 -41.03 -4.54
CA GLU R 111 -7.90 -40.92 -5.85
C GLU R 111 -7.04 -39.68 -5.95
N PHE R 112 -6.10 -39.74 -6.91
CA PHE R 112 -5.21 -38.64 -7.21
C PHE R 112 -5.65 -37.96 -8.50
N ALA R 113 -5.56 -36.63 -8.51
CA ALA R 113 -5.86 -35.84 -9.70
C ALA R 113 -4.71 -34.87 -9.91
N TRP R 114 -3.79 -35.21 -10.81
CA TRP R 114 -2.67 -34.33 -11.14
C TRP R 114 -3.21 -33.19 -11.99
N ILE R 115 -3.77 -32.18 -11.31
CA ILE R 115 -4.54 -31.14 -11.98
C ILE R 115 -3.70 -30.32 -12.95
N LEU R 116 -2.39 -30.24 -12.76
CA LEU R 116 -1.54 -29.38 -13.58
C LEU R 116 -0.90 -30.09 -14.77
N GLU R 117 -1.03 -31.40 -14.88
CA GLU R 117 -0.44 -32.13 -15.99
C GLU R 117 -1.38 -33.16 -16.60
N ASP R 118 -2.66 -33.11 -16.27
CA ASP R 118 -3.64 -34.05 -16.77
C ASP R 118 -4.78 -33.30 -17.45
N SER R 119 -5.35 -33.92 -18.46
CA SER R 119 -6.51 -33.34 -19.13
C SER R 119 -7.69 -33.29 -18.17
N ALA R 120 -8.44 -32.18 -18.21
CA ALA R 120 -9.62 -32.07 -17.37
C ALA R 120 -10.67 -33.11 -17.74
N ASP R 121 -10.68 -33.57 -18.98
CA ASP R 121 -11.66 -34.57 -19.40
C ASP R 121 -11.41 -35.91 -18.71
N PHE R 122 -10.15 -36.32 -18.59
CA PHE R 122 -9.84 -37.58 -17.92
C PHE R 122 -10.23 -37.54 -16.45
N ILE R 123 -9.89 -36.43 -15.77
CA ILE R 123 -10.25 -36.30 -14.36
C ILE R 123 -11.76 -36.25 -14.20
N ALA R 124 -12.45 -35.54 -15.09
CA ALA R 124 -13.90 -35.47 -15.00
C ALA R 124 -14.54 -36.85 -15.20
N GLY R 125 -14.02 -37.64 -16.13
CA GLY R 125 -14.53 -38.99 -16.31
C GLY R 125 -14.32 -39.85 -15.08
N ARG R 126 -13.14 -39.76 -14.47
CA ARG R 126 -12.89 -40.53 -13.26
C ARG R 126 -13.79 -40.07 -12.12
N VAL R 127 -14.03 -38.77 -12.01
CA VAL R 127 -14.92 -38.24 -10.98
C VAL R 127 -16.33 -38.77 -11.18
N LEU R 128 -16.80 -38.78 -12.43
CA LEU R 128 -18.13 -39.28 -12.71
C LEU R 128 -18.26 -40.76 -12.37
N ALA R 129 -17.23 -41.55 -12.71
CA ALA R 129 -17.26 -42.96 -12.35
C ALA R 129 -17.31 -43.15 -10.84
N ALA R 130 -16.52 -42.36 -10.10
CA ALA R 130 -16.54 -42.47 -8.65
C ALA R 130 -17.91 -42.08 -8.08
N ILE R 131 -18.51 -41.03 -8.64
CA ILE R 131 -19.83 -40.59 -8.16
C ILE R 131 -20.86 -41.68 -8.41
N GLN R 132 -20.83 -42.31 -9.59
CA GLN R 132 -21.78 -43.37 -9.87
C GLN R 132 -21.58 -44.56 -8.94
N ARG R 133 -20.33 -44.93 -8.67
CA ARG R 133 -20.06 -46.00 -7.72
C ARG R 133 -20.61 -45.66 -6.35
N TYR R 134 -20.43 -44.42 -5.90
CA TYR R 134 -20.94 -44.01 -4.59
C TYR R 134 -22.46 -44.05 -4.55
N ARG R 135 -23.12 -43.54 -5.60
CA ARG R 135 -24.57 -43.50 -5.61
C ARG R 135 -25.18 -44.89 -5.67
N SER R 136 -24.49 -45.85 -6.29
CA SER R 136 -25.06 -47.17 -6.43
C SER R 136 -25.11 -47.94 -5.11
N GLN R 137 -24.35 -47.53 -4.10
CA GLN R 137 -24.35 -48.20 -2.81
C GLN R 137 -25.08 -47.42 -1.73
N LEU R 138 -25.72 -46.31 -2.08
CA LEU R 138 -26.23 -45.39 -1.08
C LEU R 138 -27.51 -45.89 -0.40
N LEU R 139 -28.38 -46.57 -1.14
CA LEU R 139 -29.67 -46.82 -0.49
C LEU R 139 -29.69 -48.18 0.20
N PRO R 140 -30.48 -48.29 1.28
CA PRO R 140 -30.68 -49.60 1.91
C PRO R 140 -31.51 -50.50 1.03
N PRO R 141 -31.52 -51.83 1.30
CA PRO R 141 -32.02 -52.76 0.27
C PRO R 141 -33.50 -52.62 -0.04
N LEU R 142 -34.36 -52.58 0.98
CA LEU R 142 -35.79 -52.51 0.72
C LEU R 142 -36.18 -51.24 -0.03
N MET R 143 -35.62 -50.10 0.39
CA MET R 143 -35.93 -48.84 -0.26
C MET R 143 -35.46 -48.86 -1.71
N LYS R 144 -34.27 -49.42 -1.95
CA LYS R 144 -33.73 -49.52 -3.30
C LYS R 144 -34.63 -50.36 -4.19
N SER R 145 -35.07 -51.52 -3.70
CA SER R 145 -35.92 -52.39 -4.51
C SER R 145 -37.29 -51.76 -4.75
N LEU R 146 -37.84 -51.07 -3.75
CA LEU R 146 -39.11 -50.39 -3.95
C LEU R 146 -39.00 -49.28 -4.99
N ILE R 147 -37.93 -48.50 -4.94
CA ILE R 147 -37.75 -47.44 -5.94
C ILE R 147 -37.59 -48.05 -7.32
N LYS R 148 -36.83 -49.15 -7.42
CA LYS R 148 -36.64 -49.79 -8.72
C LYS R 148 -37.95 -50.32 -9.27
N TYR R 149 -38.80 -50.90 -8.42
CA TYR R 149 -40.06 -51.43 -8.90
C TYR R 149 -41.07 -50.34 -9.21
N SER R 150 -40.95 -49.17 -8.58
CA SER R 150 -41.94 -48.11 -8.73
C SER R 150 -42.10 -47.63 -10.18
N ASP R 151 -41.11 -47.85 -11.04
CA ASP R 151 -41.25 -47.42 -12.43
C ASP R 151 -42.28 -48.26 -13.20
N VAL R 152 -42.62 -49.46 -12.72
CA VAL R 152 -43.60 -50.29 -13.39
C VAL R 152 -44.98 -49.63 -13.26
N HIS R 153 -45.69 -49.53 -14.39
CA HIS R 153 -47.01 -48.89 -14.40
C HIS R 153 -48.11 -49.77 -14.97
N GLU R 154 -47.82 -51.04 -15.27
CA GLU R 154 -48.81 -51.89 -15.91
C GLU R 154 -49.90 -52.29 -14.93
N TYR R 155 -51.12 -52.43 -15.45
CA TYR R 155 -52.24 -52.91 -14.66
C TYR R 155 -52.03 -54.37 -14.32
N SER R 156 -51.67 -54.63 -13.06
CA SER R 156 -51.81 -55.99 -12.55
C SER R 156 -53.28 -56.29 -12.38
N TRP R 157 -53.62 -57.58 -12.44
CA TRP R 157 -55.01 -58.00 -12.31
C TRP R 157 -55.31 -58.49 -10.91
N ALA R 158 -54.72 -57.84 -9.91
CA ALA R 158 -54.84 -58.22 -8.52
C ALA R 158 -54.92 -56.97 -7.65
N ALA R 159 -55.17 -57.17 -6.36
CA ALA R 159 -55.25 -56.07 -5.41
C ALA R 159 -53.85 -55.49 -5.14
N PRO R 160 -53.77 -54.24 -4.66
CA PRO R 160 -54.84 -53.30 -4.31
C PRO R 160 -55.59 -52.74 -5.51
N GLY R 161 -56.86 -52.41 -5.31
CA GLY R 161 -57.73 -52.00 -6.39
C GLY R 161 -57.37 -50.67 -7.03
N HIS R 162 -56.72 -49.76 -6.29
CA HIS R 162 -56.41 -48.46 -6.85
C HIS R 162 -55.36 -48.53 -7.94
N GLN R 163 -54.57 -49.62 -7.99
CA GLN R 163 -53.65 -49.90 -9.08
C GLN R 163 -52.64 -48.77 -9.28
N GLY R 164 -51.83 -48.55 -8.26
CA GLY R 164 -50.82 -47.50 -8.33
C GLY R 164 -51.37 -46.11 -8.35
N GLY R 165 -52.55 -45.89 -7.75
CA GLY R 165 -53.15 -44.58 -7.67
C GLY R 165 -54.05 -44.20 -8.82
N VAL R 166 -54.15 -45.03 -9.86
CA VAL R 166 -55.01 -44.72 -11.00
C VAL R 166 -56.46 -44.61 -10.56
N GLY R 167 -56.89 -45.46 -9.64
CA GLY R 167 -58.27 -45.46 -9.21
C GLY R 167 -58.72 -44.14 -8.59
N PHE R 168 -57.81 -43.46 -7.88
CA PHE R 168 -58.17 -42.19 -7.26
C PHE R 168 -58.46 -41.10 -8.30
N THR R 169 -57.80 -41.15 -9.46
CA THR R 169 -57.95 -40.08 -10.43
C THR R 169 -59.17 -40.27 -11.31
N LYS R 170 -60.33 -40.54 -10.71
CA LYS R 170 -61.56 -40.68 -11.46
C LYS R 170 -62.70 -39.82 -10.95
N THR R 171 -62.59 -39.26 -9.75
CA THR R 171 -63.45 -38.22 -9.25
C THR R 171 -62.60 -36.98 -8.94
N PRO R 172 -63.20 -35.79 -8.92
CA PRO R 172 -62.41 -34.59 -8.60
C PRO R 172 -61.79 -34.64 -7.21
N ALA R 173 -62.51 -35.11 -6.20
CA ALA R 173 -61.95 -35.20 -4.86
C ALA R 173 -60.81 -36.22 -4.83
N GLY R 174 -60.98 -37.35 -5.51
CA GLY R 174 -59.90 -38.29 -5.64
C GLY R 174 -58.68 -37.70 -6.33
N ARG R 175 -58.89 -36.85 -7.33
CA ARG R 175 -57.76 -36.23 -8.01
C ARG R 175 -57.04 -35.25 -7.10
N ILE R 176 -57.78 -34.48 -6.30
CA ILE R 176 -57.15 -33.59 -5.32
C ILE R 176 -56.34 -34.40 -4.32
N TYR R 177 -56.91 -35.49 -3.80
CA TYR R 177 -56.22 -36.34 -2.85
C TYR R 177 -54.95 -36.95 -3.46
N HIS R 178 -55.05 -37.42 -4.70
CA HIS R 178 -53.92 -38.03 -5.38
C HIS R 178 -52.81 -37.03 -5.63
N ASP R 179 -53.16 -35.80 -6.03
CA ASP R 179 -52.14 -34.78 -6.23
C ASP R 179 -51.51 -34.35 -4.92
N PHE R 180 -52.29 -34.31 -3.83
CA PHE R 180 -51.73 -33.95 -2.53
C PHE R 180 -50.71 -34.96 -2.08
N PHE R 181 -51.06 -36.25 -2.10
CA PHE R 181 -50.15 -37.24 -1.56
C PHE R 181 -49.06 -37.68 -2.53
N GLY R 182 -49.22 -37.42 -3.82
CA GLY R 182 -48.19 -37.72 -4.79
C GLY R 182 -48.26 -39.15 -5.30
N GLU R 183 -47.69 -39.35 -6.48
CA GLU R 183 -47.82 -40.61 -7.21
C GLU R 183 -47.01 -41.73 -6.59
N ASN R 184 -45.81 -41.42 -6.09
CA ASN R 184 -44.89 -42.47 -5.67
C ASN R 184 -45.40 -43.24 -4.45
N LEU R 185 -46.16 -42.57 -3.58
CA LEU R 185 -46.75 -43.28 -2.44
C LEU R 185 -47.68 -44.40 -2.91
N PHE R 186 -48.51 -44.11 -3.90
CA PHE R 186 -49.44 -45.11 -4.39
C PHE R 186 -48.76 -46.15 -5.26
N ARG R 187 -47.67 -45.78 -5.93
CA ARG R 187 -47.01 -46.77 -6.76
C ARG R 187 -46.17 -47.75 -5.97
N THR R 188 -45.88 -47.47 -4.70
CA THR R 188 -45.22 -48.45 -3.84
C THR R 188 -46.20 -49.35 -3.10
N ASP R 189 -47.49 -49.02 -3.10
CA ASP R 189 -48.52 -49.86 -2.48
C ASP R 189 -48.85 -50.96 -3.47
N ILE R 190 -48.05 -52.02 -3.46
CA ILE R 190 -48.06 -53.00 -4.54
C ILE R 190 -48.60 -54.35 -4.12
N GLY R 191 -48.84 -54.58 -2.84
CA GLY R 191 -49.26 -55.89 -2.40
C GLY R 191 -48.10 -56.81 -2.12
N ILE R 192 -48.42 -57.97 -1.55
CA ILE R 192 -47.41 -58.91 -1.10
C ILE R 192 -47.15 -60.01 -2.13
N GLU R 193 -47.59 -59.83 -3.37
CA GLU R 193 -47.51 -60.86 -4.40
C GLU R 193 -46.55 -60.49 -5.52
N ARG R 194 -45.65 -59.53 -5.30
CA ARG R 194 -44.67 -59.14 -6.29
C ARG R 194 -43.32 -59.69 -5.85
N VAL R 195 -42.87 -60.76 -6.51
CA VAL R 195 -41.67 -61.48 -6.10
C VAL R 195 -40.39 -60.68 -6.32
N ALA R 196 -40.45 -59.60 -7.12
CA ALA R 196 -39.27 -58.77 -7.30
C ALA R 196 -38.84 -58.14 -5.99
N VAL R 197 -39.80 -57.76 -5.14
CA VAL R 197 -39.51 -57.14 -3.85
C VAL R 197 -39.48 -58.17 -2.73
N GLY R 198 -40.40 -59.12 -2.73
CA GLY R 198 -40.54 -60.07 -1.65
C GLY R 198 -41.80 -59.80 -0.86
N SER R 199 -41.91 -60.49 0.28
CA SER R 199 -43.05 -60.34 1.16
C SER R 199 -42.59 -60.12 2.59
N LEU R 200 -43.26 -59.20 3.28
CA LEU R 200 -42.89 -58.88 4.65
C LEU R 200 -43.18 -60.03 5.60
N LEU R 201 -44.36 -60.64 5.48
CA LEU R 201 -44.76 -61.69 6.43
C LEU R 201 -43.94 -62.96 6.24
N ASP R 202 -43.44 -63.22 5.03
CA ASP R 202 -42.58 -64.36 4.81
C ASP R 202 -41.11 -64.05 5.07
N HIS R 203 -40.76 -62.78 5.30
CA HIS R 203 -39.38 -62.35 5.54
C HIS R 203 -38.46 -62.78 4.41
N THR R 204 -38.94 -62.65 3.18
CA THR R 204 -38.17 -63.05 2.00
C THR R 204 -37.81 -61.84 1.16
N GLY R 205 -36.79 -62.02 0.32
CA GLY R 205 -36.39 -60.98 -0.60
C GLY R 205 -35.81 -59.77 0.12
N ALA R 206 -36.16 -58.59 -0.40
CA ALA R 206 -35.66 -57.36 0.19
C ALA R 206 -36.10 -57.18 1.63
N PHE R 207 -37.24 -57.76 2.01
CA PHE R 207 -37.66 -57.67 3.41
C PHE R 207 -36.75 -58.48 4.31
N GLY R 208 -36.35 -59.68 3.88
CA GLY R 208 -35.36 -60.42 4.64
C GLY R 208 -34.03 -59.70 4.72
N GLU R 209 -33.60 -59.12 3.60
CA GLU R 209 -32.37 -58.32 3.61
C GLU R 209 -32.46 -57.17 4.60
N CYS R 210 -33.58 -56.45 4.59
CA CYS R 210 -33.75 -55.29 5.47
C CYS R 210 -33.77 -55.71 6.92
N GLU R 211 -34.42 -56.83 7.25
CA GLU R 211 -34.45 -57.29 8.62
C GLU R 211 -33.07 -57.74 9.09
N LYS R 212 -32.31 -58.41 8.23
CA LYS R 212 -30.93 -58.77 8.60
C LYS R 212 -30.08 -57.52 8.81
N ASN R 213 -30.23 -56.52 7.93
CA ASN R 213 -29.51 -55.28 8.09
C ASN R 213 -29.86 -54.58 9.39
N ALA R 214 -31.14 -54.55 9.74
CA ALA R 214 -31.57 -53.92 10.98
C ALA R 214 -31.05 -54.68 12.20
N ALA R 215 -31.05 -56.00 12.14
CA ALA R 215 -30.51 -56.79 13.24
C ALA R 215 -29.03 -56.49 13.44
N ARG R 216 -28.28 -56.37 12.34
CA ARG R 216 -26.88 -55.99 12.45
C ARG R 216 -26.72 -54.60 13.05
N ILE R 217 -27.50 -53.62 12.56
CA ILE R 217 -27.33 -52.24 12.99
C ILE R 217 -27.69 -52.07 14.46
N PHE R 218 -28.74 -52.74 14.92
CA PHE R 218 -29.20 -52.59 16.29
C PHE R 218 -28.63 -53.64 17.23
N GLY R 219 -27.72 -54.48 16.76
CA GLY R 219 -27.07 -55.45 17.62
C GLY R 219 -27.95 -56.56 18.15
N ALA R 220 -28.86 -57.07 17.34
CA ALA R 220 -29.73 -58.17 17.73
C ALA R 220 -29.39 -59.42 16.94
N ASP R 221 -29.79 -60.57 17.47
CA ASP R 221 -29.68 -61.81 16.70
C ASP R 221 -30.69 -61.83 15.56
N GLN R 222 -31.94 -61.47 15.85
CA GLN R 222 -32.98 -61.41 14.84
C GLN R 222 -33.79 -60.13 15.03
N SER R 223 -34.26 -59.57 13.93
CA SER R 223 -35.10 -58.38 13.96
C SER R 223 -36.34 -58.62 13.13
N TYR R 224 -37.46 -58.06 13.59
CA TYR R 224 -38.72 -58.13 12.88
C TYR R 224 -39.27 -56.74 12.68
N SER R 225 -39.63 -56.42 11.45
CA SER R 225 -40.28 -55.15 11.13
C SER R 225 -41.77 -55.29 11.34
N VAL R 226 -42.37 -54.30 12.00
CA VAL R 226 -43.76 -54.33 12.41
C VAL R 226 -44.45 -53.09 11.87
N VAL R 227 -45.67 -53.25 11.37
CA VAL R 227 -46.45 -52.16 10.81
C VAL R 227 -47.65 -51.82 11.67
N VAL R 228 -47.72 -52.35 12.88
CA VAL R 228 -48.78 -52.03 13.83
C VAL R 228 -48.22 -51.34 15.07
N GLY R 229 -47.04 -50.76 14.95
CA GLY R 229 -46.43 -50.02 16.05
C GLY R 229 -45.91 -50.91 17.17
N THR R 230 -45.41 -50.24 18.20
CA THR R 230 -44.94 -50.96 19.37
C THR R 230 -46.08 -51.62 20.13
N SER R 231 -47.31 -51.13 20.01
CA SER R 231 -48.44 -51.85 20.55
C SER R 231 -48.51 -53.26 19.96
N GLY R 232 -48.44 -53.36 18.64
CA GLY R 232 -48.42 -54.66 18.00
C GLY R 232 -47.20 -55.47 18.36
N SER R 233 -46.03 -54.84 18.42
CA SER R 233 -44.81 -55.55 18.79
C SER R 233 -44.90 -56.14 20.18
N ASN R 234 -45.37 -55.36 21.15
CA ASN R 234 -45.54 -55.85 22.51
C ASN R 234 -46.53 -57.00 22.54
N ARG R 235 -47.62 -56.88 21.80
CA ARG R 235 -48.60 -57.96 21.76
C ARG R 235 -48.00 -59.25 21.23
N THR R 236 -47.24 -59.18 20.15
CA THR R 236 -46.69 -60.44 19.60
C THR R 236 -45.64 -61.03 20.53
N ILE R 237 -44.81 -60.20 21.16
CA ILE R 237 -43.82 -60.74 22.09
C ILE R 237 -44.51 -61.42 23.25
N MET R 238 -45.52 -60.77 23.83
CA MET R 238 -46.21 -61.35 24.96
C MET R 238 -46.97 -62.62 24.57
N GLN R 239 -47.53 -62.65 23.37
CA GLN R 239 -48.21 -63.84 22.89
C GLN R 239 -47.24 -64.99 22.68
N ALA R 240 -46.03 -64.71 22.20
CA ALA R 240 -45.04 -65.75 22.03
C ALA R 240 -44.46 -66.24 23.37
N CYS R 241 -44.53 -65.43 24.41
CA CYS R 241 -43.82 -65.78 25.65
C CYS R 241 -44.68 -66.49 26.67
N MET R 242 -45.90 -66.04 26.94
CA MET R 242 -46.63 -66.54 28.10
C MET R 242 -47.94 -67.20 27.69
N THR R 243 -48.54 -67.86 28.66
CA THR R 243 -49.78 -68.61 28.51
C THR R 243 -50.60 -68.41 29.78
N ASP R 244 -51.88 -68.79 29.73
CA ASP R 244 -52.74 -68.55 30.89
C ASP R 244 -52.34 -69.34 32.12
N ASP R 245 -51.46 -70.34 31.97
CA ASP R 245 -50.90 -71.08 33.10
C ASP R 245 -49.56 -70.53 33.56
N ASP R 246 -49.30 -69.24 33.35
CA ASP R 246 -48.01 -68.65 33.61
C ASP R 246 -48.13 -67.46 34.56
N VAL R 247 -47.06 -67.20 35.29
CA VAL R 247 -46.93 -66.01 36.11
C VAL R 247 -45.88 -65.12 35.48
N VAL R 248 -46.14 -63.82 35.43
CA VAL R 248 -45.26 -62.87 34.77
C VAL R 248 -44.98 -61.69 35.69
N VAL R 249 -43.83 -61.06 35.48
CA VAL R 249 -43.36 -59.96 36.31
C VAL R 249 -43.47 -58.69 35.47
N ILE R 250 -44.34 -57.78 35.87
CA ILE R 250 -44.69 -56.62 35.06
C ILE R 250 -44.23 -55.35 35.76
N ASP R 251 -43.48 -54.53 35.05
CA ASP R 251 -43.24 -53.16 35.46
C ASP R 251 -44.57 -52.43 35.59
N ARG R 252 -44.82 -51.87 36.78
CA ARG R 252 -46.05 -51.11 36.96
C ARG R 252 -46.09 -49.88 36.07
N ASN R 253 -44.93 -49.36 35.69
CA ASN R 253 -44.83 -48.34 34.64
C ASN R 253 -44.85 -49.06 33.31
N CYS R 254 -46.04 -49.48 32.90
CA CYS R 254 -46.22 -50.23 31.67
C CYS R 254 -47.18 -49.49 30.74
N HIS R 255 -46.92 -49.61 29.45
CA HIS R 255 -47.83 -49.10 28.44
C HIS R 255 -49.10 -49.95 28.42
N LYS R 256 -50.19 -49.36 27.92
CA LYS R 256 -51.45 -50.09 27.88
C LYS R 256 -51.40 -51.30 26.96
N SER R 257 -50.47 -51.34 26.01
CA SER R 257 -50.30 -52.53 25.19
C SER R 257 -49.83 -53.71 26.02
N ILE R 258 -49.12 -53.47 27.12
CA ILE R 258 -48.73 -54.56 28.01
C ILE R 258 -49.95 -55.16 28.67
N GLU R 259 -50.87 -54.34 29.16
CA GLU R 259 -52.10 -54.87 29.71
C GLU R 259 -52.94 -55.56 28.65
N GLN R 260 -52.91 -55.05 27.41
CA GLN R 260 -53.60 -55.74 26.33
C GLN R 260 -53.01 -57.13 26.10
N GLY R 261 -51.68 -57.24 26.14
CA GLY R 261 -51.06 -58.55 26.04
C GLY R 261 -51.45 -59.46 27.20
N LEU R 262 -51.56 -58.91 28.40
CA LEU R 262 -52.02 -59.70 29.54
C LEU R 262 -53.43 -60.22 29.31
N ILE R 263 -54.31 -59.38 28.78
CA ILE R 263 -55.67 -59.79 28.48
C ILE R 263 -55.67 -60.89 27.42
N LEU R 264 -54.87 -60.73 26.38
CA LEU R 264 -54.87 -61.68 25.28
C LEU R 264 -54.18 -62.99 25.61
N THR R 265 -53.31 -63.02 26.61
CA THR R 265 -52.63 -64.27 26.98
C THR R 265 -53.25 -64.95 28.20
N GLY R 266 -53.90 -64.19 29.08
CA GLY R 266 -54.45 -64.76 30.29
C GLY R 266 -53.46 -65.04 31.38
N ALA R 267 -52.24 -64.50 31.29
CA ALA R 267 -51.23 -64.74 32.30
C ALA R 267 -51.58 -64.01 33.60
N LYS R 268 -50.96 -64.47 34.69
CA LYS R 268 -51.20 -63.88 36.00
C LYS R 268 -50.06 -62.95 36.36
N PRO R 269 -50.29 -61.64 36.48
CA PRO R 269 -49.20 -60.69 36.66
C PRO R 269 -48.84 -60.42 38.11
N VAL R 270 -47.53 -60.22 38.32
CA VAL R 270 -46.98 -59.70 39.56
C VAL R 270 -46.21 -58.44 39.20
N TYR R 271 -46.28 -57.43 40.07
CA TYR R 271 -45.87 -56.07 39.71
C TYR R 271 -44.67 -55.62 40.53
N MET R 272 -43.72 -54.97 39.86
CA MET R 272 -42.66 -54.21 40.51
C MET R 272 -43.04 -52.73 40.50
N ILE R 273 -43.02 -52.12 41.67
CA ILE R 273 -43.53 -50.76 41.86
C ILE R 273 -42.36 -49.79 41.66
N PRO R 274 -42.48 -48.84 40.74
CA PRO R 274 -41.43 -47.84 40.56
C PRO R 274 -41.47 -46.78 41.65
N SER R 275 -40.39 -46.00 41.73
CA SER R 275 -40.27 -44.94 42.71
C SER R 275 -40.85 -43.63 42.15
N ARG R 276 -41.08 -42.69 43.06
CA ARG R 276 -41.63 -41.39 42.72
C ARG R 276 -40.84 -40.30 43.45
N ASN R 277 -40.87 -39.09 42.91
CA ASN R 277 -40.22 -37.95 43.54
C ASN R 277 -41.27 -36.90 43.88
N ARG R 278 -40.81 -35.79 44.48
CA ARG R 278 -41.71 -34.77 44.97
C ARG R 278 -42.47 -34.04 43.86
N TYR R 279 -41.98 -34.09 42.63
CA TYR R 279 -42.65 -33.44 41.52
C TYR R 279 -43.70 -34.33 40.87
N GLY R 280 -43.91 -35.54 41.37
CA GLY R 280 -44.81 -36.48 40.74
C GLY R 280 -44.22 -37.22 39.57
N ILE R 281 -42.92 -37.12 39.35
CA ILE R 281 -42.25 -37.82 38.27
C ILE R 281 -42.02 -39.26 38.68
N ILE R 282 -42.50 -40.20 37.86
CA ILE R 282 -42.27 -41.61 38.12
C ILE R 282 -40.80 -41.93 37.85
N GLY R 283 -40.17 -42.62 38.79
CA GLY R 283 -38.78 -42.95 38.68
C GLY R 283 -38.55 -44.42 38.41
N PRO R 284 -37.31 -44.87 38.54
CA PRO R 284 -36.99 -46.26 38.25
C PRO R 284 -37.47 -47.20 39.35
N ILE R 285 -37.64 -48.47 38.95
CA ILE R 285 -37.79 -49.54 39.92
C ILE R 285 -36.47 -49.76 40.63
N TYR R 286 -36.51 -49.81 41.95
CA TYR R 286 -35.29 -50.00 42.71
C TYR R 286 -34.84 -51.46 42.65
N PRO R 287 -33.55 -51.72 42.83
CA PRO R 287 -33.06 -53.10 42.80
C PRO R 287 -33.71 -54.00 43.84
N LYS R 288 -34.21 -53.44 44.94
CA LYS R 288 -34.86 -54.25 45.97
C LYS R 288 -36.15 -54.90 45.48
N GLU R 289 -36.68 -54.48 44.34
CA GLU R 289 -37.89 -55.07 43.78
C GLU R 289 -37.61 -56.15 42.75
N MET R 290 -36.37 -56.26 42.26
CA MET R 290 -36.01 -57.22 41.24
C MET R 290 -35.26 -58.43 41.77
N THR R 291 -34.91 -58.44 43.06
CA THR R 291 -34.15 -59.55 43.59
C THR R 291 -35.00 -60.82 43.58
N PRO R 292 -34.37 -61.99 43.44
CA PRO R 292 -35.14 -63.24 43.43
C PRO R 292 -36.02 -63.42 44.65
N ASP R 293 -35.55 -62.99 45.83
CA ASP R 293 -36.39 -63.09 47.02
C ASP R 293 -37.59 -62.16 46.93
N ALA R 294 -37.40 -60.96 46.39
CA ALA R 294 -38.53 -60.04 46.23
C ALA R 294 -39.57 -60.61 45.28
N ILE R 295 -39.13 -61.22 44.19
CA ILE R 295 -40.06 -61.79 43.22
C ILE R 295 -40.78 -62.99 43.81
N LYS R 296 -40.06 -63.84 44.56
CA LYS R 296 -40.71 -64.96 45.22
C LYS R 296 -41.74 -64.48 46.25
N PHE R 297 -41.40 -63.42 47.00
CA PHE R 297 -42.35 -62.86 47.96
C PHE R 297 -43.59 -62.33 47.26
N LYS R 298 -43.40 -61.62 46.14
CA LYS R 298 -44.53 -61.10 45.40
C LYS R 298 -45.42 -62.22 44.88
N ILE R 299 -44.81 -63.29 44.37
CA ILE R 299 -45.58 -64.42 43.86
C ILE R 299 -46.36 -65.09 44.99
N ALA R 300 -45.71 -65.28 46.15
CA ALA R 300 -46.36 -65.92 47.28
C ALA R 300 -47.46 -65.05 47.88
N ALA R 301 -47.40 -63.73 47.74
CA ALA R 301 -48.41 -62.86 48.32
C ALA R 301 -49.57 -62.57 47.39
N ASN R 302 -49.43 -62.83 46.09
CA ASN R 302 -50.49 -62.49 45.15
C ASN R 302 -51.66 -63.47 45.30
N PRO R 303 -52.90 -62.99 45.35
CA PRO R 303 -54.04 -63.91 45.50
C PRO R 303 -54.17 -64.91 44.35
N LEU R 304 -53.79 -64.53 43.13
CA LEU R 304 -53.95 -65.42 41.99
C LEU R 304 -52.75 -66.34 41.77
N THR R 305 -51.55 -65.92 42.14
CA THR R 305 -50.34 -66.66 41.86
C THR R 305 -49.83 -67.47 43.04
N LYS R 306 -50.51 -67.43 44.18
CA LYS R 306 -49.99 -68.11 45.37
C LYS R 306 -50.00 -69.63 45.25
N GLY R 307 -50.64 -70.18 44.22
CA GLY R 307 -50.55 -71.60 43.95
C GLY R 307 -49.53 -71.94 42.90
N LYS R 308 -48.63 -71.00 42.61
CA LYS R 308 -47.61 -71.16 41.58
C LYS R 308 -46.23 -70.79 42.09
N VAL R 309 -46.04 -70.82 43.41
CA VAL R 309 -44.79 -70.35 44.01
C VAL R 309 -43.59 -71.20 43.61
N LYS R 310 -43.81 -72.40 43.11
CA LYS R 310 -42.74 -73.26 42.63
C LYS R 310 -42.49 -73.12 41.13
N GLN R 311 -43.23 -72.26 40.45
CA GLN R 311 -43.17 -72.13 39.01
C GLN R 311 -42.27 -70.95 38.63
N LYS R 312 -41.37 -71.18 37.69
CA LYS R 312 -40.50 -70.12 37.21
C LYS R 312 -41.29 -69.14 36.36
N PRO R 313 -41.20 -67.84 36.62
CA PRO R 313 -41.93 -66.87 35.79
C PRO R 313 -41.47 -66.92 34.35
N ALA R 314 -42.43 -66.77 33.44
CA ALA R 314 -42.17 -66.96 32.02
C ALA R 314 -41.74 -65.70 31.30
N TYR R 315 -41.87 -64.53 31.91
CA TYR R 315 -41.69 -63.29 31.19
C TYR R 315 -41.62 -62.14 32.18
N SER R 316 -40.78 -61.16 31.85
CA SER R 316 -40.74 -59.90 32.58
C SER R 316 -40.58 -58.77 31.59
N VAL R 317 -41.15 -57.62 31.93
CA VAL R 317 -41.06 -56.43 31.08
C VAL R 317 -40.65 -55.24 31.95
N VAL R 318 -39.69 -54.46 31.45
CA VAL R 318 -39.27 -53.22 32.08
C VAL R 318 -39.29 -52.14 31.02
N THR R 319 -39.91 -51.00 31.34
CA THR R 319 -39.90 -49.86 30.44
C THR R 319 -38.62 -49.07 30.64
N ASN R 320 -37.84 -48.92 29.58
CA ASN R 320 -36.55 -48.23 29.65
C ASN R 320 -36.26 -47.61 28.31
N CYS R 321 -36.14 -46.29 28.24
CA CYS R 321 -36.24 -45.41 29.40
C CYS R 321 -37.69 -45.08 29.74
N THR R 322 -37.91 -44.43 30.87
CA THR R 322 -39.24 -44.04 31.29
C THR R 322 -39.71 -42.82 30.49
N TYR R 323 -40.95 -42.40 30.74
CA TYR R 323 -41.52 -41.29 30.00
C TYR R 323 -40.79 -39.98 30.27
N ASP R 324 -40.21 -39.83 31.46
CA ASP R 324 -39.50 -38.61 31.83
C ASP R 324 -37.99 -38.74 31.65
N GLY R 325 -37.52 -39.72 30.90
CA GLY R 325 -36.13 -39.82 30.57
C GLY R 325 -35.23 -40.44 31.61
N VAL R 326 -35.76 -41.28 32.49
CA VAL R 326 -34.94 -42.02 33.44
C VAL R 326 -34.54 -43.34 32.81
N CYS R 327 -33.24 -43.55 32.64
CA CYS R 327 -32.70 -44.73 31.99
C CYS R 327 -32.09 -45.67 33.02
N TYR R 328 -32.51 -46.93 33.00
CA TYR R 328 -31.92 -47.94 33.86
C TYR R 328 -30.53 -48.33 33.37
N ASN R 329 -29.69 -48.74 34.31
CA ASN R 329 -28.49 -49.50 33.95
C ASN R 329 -28.97 -50.90 33.55
N ALA R 330 -29.09 -51.13 32.25
CA ALA R 330 -29.71 -52.36 31.78
C ALA R 330 -28.85 -53.58 32.07
N ARG R 331 -27.53 -53.42 32.11
CA ARG R 331 -26.67 -54.52 32.50
C ARG R 331 -26.98 -55.00 33.92
N LYS R 332 -27.15 -54.06 34.84
CA LYS R 332 -27.47 -54.42 36.22
C LYS R 332 -28.87 -55.01 36.34
N VAL R 333 -29.84 -54.45 35.60
CA VAL R 333 -31.19 -54.99 35.62
C VAL R 333 -31.19 -56.42 35.10
N GLN R 334 -30.47 -56.67 34.01
CA GLN R 334 -30.40 -58.01 33.46
C GLN R 334 -29.73 -58.98 34.43
N ASP R 335 -28.67 -58.55 35.10
CA ASP R 335 -28.03 -59.41 36.09
C ASP R 335 -28.96 -59.71 37.26
N LEU R 336 -29.76 -58.73 37.69
CA LEU R 336 -30.69 -58.96 38.78
C LEU R 336 -31.79 -59.93 38.37
N LEU R 337 -32.40 -59.71 37.21
CA LEU R 337 -33.52 -60.54 36.76
C LEU R 337 -33.08 -61.91 36.25
N ASP R 338 -31.80 -62.09 35.93
CA ASP R 338 -31.29 -63.39 35.51
C ASP R 338 -31.46 -64.46 36.59
N GLY R 339 -31.53 -64.06 37.85
CA GLY R 339 -31.71 -65.01 38.91
C GLY R 339 -33.11 -65.55 39.05
N SER R 340 -34.06 -65.05 38.27
CA SER R 340 -35.45 -65.46 38.39
C SER R 340 -36.13 -65.78 37.06
N LEU R 341 -35.62 -65.29 35.93
CA LEU R 341 -36.34 -65.34 34.66
C LEU R 341 -35.39 -65.75 33.56
N ASP R 342 -35.97 -66.29 32.48
CA ASP R 342 -35.23 -66.57 31.26
C ASP R 342 -35.55 -65.61 30.13
N ARG R 343 -36.63 -64.83 30.24
CA ARG R 343 -37.04 -63.89 29.20
C ARG R 343 -37.21 -62.52 29.83
N ILE R 344 -36.46 -61.54 29.33
CA ILE R 344 -36.61 -60.15 29.75
C ILE R 344 -36.95 -59.33 28.53
N HIS R 345 -38.03 -58.56 28.62
CA HIS R 345 -38.46 -57.68 27.55
C HIS R 345 -38.22 -56.24 27.99
N PHE R 346 -37.40 -55.52 27.25
CA PHE R 346 -37.17 -54.10 27.47
C PHE R 346 -38.02 -53.33 26.46
N ASP R 347 -39.05 -52.64 26.96
CA ASP R 347 -39.89 -51.80 26.10
C ASP R 347 -39.19 -50.46 25.92
N GLU R 348 -38.33 -50.38 24.93
CA GLU R 348 -37.59 -49.16 24.62
C GLU R 348 -38.27 -48.35 23.52
N ALA R 349 -39.57 -48.09 23.68
CA ALA R 349 -40.31 -47.39 22.63
C ALA R 349 -39.77 -45.99 22.41
N TRP R 350 -39.44 -45.29 23.48
CA TRP R 350 -38.87 -43.95 23.41
C TRP R 350 -37.35 -43.97 23.32
N TYR R 351 -36.73 -45.14 23.29
CA TYR R 351 -35.30 -45.29 23.50
C TYR R 351 -34.74 -46.15 22.37
N GLY R 352 -34.55 -45.56 21.20
CA GLY R 352 -34.15 -46.35 20.05
C GLY R 352 -32.78 -45.95 19.56
N TYR R 353 -32.40 -44.72 19.90
CA TYR R 353 -31.11 -44.13 19.57
C TYR R 353 -30.00 -44.51 20.53
N ALA R 354 -30.33 -45.18 21.65
CA ALA R 354 -29.39 -45.30 22.77
C ALA R 354 -28.13 -46.04 22.38
N ARG R 355 -28.24 -47.03 21.49
CA ARG R 355 -27.08 -47.79 21.06
C ARG R 355 -26.04 -46.94 20.35
N PHE R 356 -26.42 -45.80 19.79
CA PHE R 356 -25.58 -45.08 18.84
C PHE R 356 -24.90 -43.86 19.44
N ASN R 357 -24.93 -43.70 20.75
CA ASN R 357 -24.14 -42.66 21.40
C ASN R 357 -23.50 -43.24 22.66
N PRO R 358 -22.20 -43.05 22.85
CA PRO R 358 -21.52 -43.61 24.03
C PRO R 358 -22.01 -43.07 25.35
N LEU R 359 -22.73 -41.96 25.36
CA LEU R 359 -23.28 -41.43 26.61
C LEU R 359 -24.25 -42.40 27.27
N TYR R 360 -24.85 -43.30 26.49
CA TYR R 360 -25.85 -44.24 26.98
C TYR R 360 -25.28 -45.61 27.28
N ARG R 361 -23.96 -45.74 27.31
CA ARG R 361 -23.30 -47.03 27.46
C ARG R 361 -23.79 -47.75 28.72
N ASN R 362 -24.08 -49.04 28.57
CA ASN R 362 -24.58 -49.94 29.61
C ASN R 362 -25.99 -49.63 30.06
N HIS R 363 -26.70 -48.73 29.38
CA HIS R 363 -28.03 -48.33 29.80
C HIS R 363 -29.10 -48.69 28.76
N PHE R 364 -28.86 -49.72 27.97
CA PHE R 364 -29.84 -50.19 27.00
C PHE R 364 -29.64 -51.69 26.81
N ALA R 365 -30.52 -52.30 26.02
CA ALA R 365 -30.62 -53.76 25.99
C ALA R 365 -29.56 -54.40 25.11
N MET R 366 -29.45 -53.97 23.85
CA MET R 366 -28.62 -54.66 22.86
C MET R 366 -27.23 -54.04 22.84
N ARG R 367 -26.46 -54.36 23.88
CA ARG R 367 -25.15 -53.78 24.08
C ARG R 367 -24.08 -54.53 23.31
N ASP R 368 -23.08 -53.78 22.83
CA ASP R 368 -21.88 -54.39 22.28
C ASP R 368 -21.03 -54.95 23.41
N GLU R 369 -21.21 -56.24 23.71
CA GLU R 369 -20.54 -56.87 24.83
C GLU R 369 -20.28 -58.33 24.49
N GLU R 370 -19.28 -58.91 25.16
CA GLU R 370 -19.07 -60.34 25.07
C GLU R 370 -20.23 -61.06 25.72
N ARG R 371 -20.85 -61.99 25.00
CA ARG R 371 -22.04 -62.68 25.46
C ARG R 371 -21.70 -64.12 25.82
N THR R 372 -22.11 -64.52 27.02
CA THR R 372 -21.93 -65.90 27.45
C THR R 372 -23.12 -66.74 27.00
N GLU R 373 -23.07 -68.04 27.31
CA GLU R 373 -24.10 -68.96 26.86
C GLU R 373 -25.23 -69.15 27.86
N ASN R 374 -25.10 -68.62 29.07
CA ASN R 374 -26.14 -68.79 30.09
C ASN R 374 -26.96 -67.52 30.30
N GLU R 375 -26.98 -66.66 29.31
CA GLU R 375 -27.75 -65.44 29.42
C GLU R 375 -29.24 -65.71 29.20
N PRO R 376 -30.11 -64.88 29.76
CA PRO R 376 -31.53 -64.97 29.42
C PRO R 376 -31.80 -64.44 28.02
N THR R 377 -32.94 -64.82 27.48
CA THR R 377 -33.39 -64.25 26.22
C THR R 377 -33.86 -62.82 26.43
N ILE R 378 -33.40 -61.91 25.58
CA ILE R 378 -33.69 -60.49 25.71
C ILE R 378 -34.51 -60.04 24.51
N PHE R 379 -35.62 -59.36 24.78
CA PHE R 379 -36.43 -58.72 23.76
C PHE R 379 -36.36 -57.21 23.94
N ALA R 380 -36.27 -56.48 22.83
CA ALA R 380 -36.34 -55.03 22.85
C ALA R 380 -37.27 -54.57 21.75
N THR R 381 -38.18 -53.67 22.07
CA THR R 381 -39.10 -53.07 21.11
C THR R 381 -38.78 -51.60 20.95
N HIS R 382 -38.62 -51.16 19.70
CA HIS R 382 -38.38 -49.76 19.40
C HIS R 382 -39.56 -49.21 18.62
N SER R 383 -40.06 -48.06 19.06
CA SER R 383 -41.05 -47.36 18.20
C SER R 383 -40.19 -46.46 17.31
N THR R 384 -39.96 -46.87 16.07
CA THR R 384 -39.05 -46.13 15.16
C THR R 384 -39.60 -44.75 14.81
N HIS R 385 -40.90 -44.56 14.94
CA HIS R 385 -41.53 -43.25 14.64
C HIS R 385 -41.39 -42.29 15.83
N1 LLP R 386 -44.74 -48.72 24.81
C2 LLP R 386 -44.37 -47.52 25.23
C2' LLP R 386 -43.54 -47.40 26.46
C3 LLP R 386 -44.75 -46.39 24.53
O3 LLP R 386 -44.35 -45.21 25.01
C4 LLP R 386 -45.53 -46.51 23.36
C4' LLP R 386 -45.93 -45.31 22.63
C5 LLP R 386 -45.90 -47.79 22.95
C6 LLP R 386 -45.49 -48.85 23.71
C5' LLP R 386 -46.77 -48.05 21.76
OP4 LLP R 386 -46.11 -47.72 20.51
P LLP R 386 -46.95 -47.42 19.19
OP1 LLP R 386 -45.93 -47.46 18.12
OP2 LLP R 386 -47.99 -48.49 19.06
OP3 LLP R 386 -47.52 -46.09 19.45
N LLP R 386 -41.13 -42.80 17.03
CA LLP R 386 -41.10 -41.90 18.21
CB LLP R 386 -41.39 -42.63 19.54
CG LLP R 386 -42.86 -42.71 19.95
CD LLP R 386 -43.12 -43.66 21.10
CE LLP R 386 -44.49 -44.32 21.04
NZ LLP R 386 -45.12 -44.37 22.35
C LLP R 386 -39.83 -41.03 18.21
O LLP R 386 -39.98 -39.84 18.02
N LEU R 387 -38.66 -41.61 18.41
CA LEU R 387 -37.44 -40.77 18.55
C LEU R 387 -36.40 -41.13 17.49
N LEU R 388 -36.80 -41.90 16.49
CA LEU R 388 -35.97 -42.19 15.29
C LEU R 388 -36.76 -41.54 14.15
N ASN R 389 -36.36 -41.69 12.89
CA ASN R 389 -37.02 -41.08 11.73
C ASN R 389 -37.78 -42.17 10.98
N ALA R 390 -39.06 -42.32 11.30
CA ALA R 390 -39.91 -43.28 10.61
C ALA R 390 -41.35 -42.79 10.69
N LEU R 391 -42.17 -43.29 9.77
CA LEU R 391 -43.59 -42.98 9.78
C LEU R 391 -44.28 -43.68 10.95
N SER R 392 -45.41 -43.13 11.36
CA SER R 392 -46.21 -43.73 12.41
C SER R 392 -46.55 -45.17 12.06
N GLN R 393 -46.64 -46.01 13.09
CA GLN R 393 -46.90 -47.44 13.09
C GLN R 393 -45.67 -48.28 12.74
N ALA R 394 -44.54 -47.66 12.42
CA ALA R 394 -43.31 -48.43 12.18
C ALA R 394 -42.67 -48.81 13.51
N SER R 395 -42.24 -50.05 13.61
CA SER R 395 -41.70 -50.57 14.86
C SER R 395 -40.77 -51.73 14.55
N PHE R 396 -39.95 -52.07 15.54
CA PHE R 396 -39.03 -53.20 15.43
C PHE R 396 -39.16 -54.10 16.65
N ILE R 397 -39.01 -55.39 16.43
CA ILE R 397 -38.76 -56.36 17.49
C ILE R 397 -37.34 -56.84 17.34
N HIS R 398 -36.55 -56.70 18.41
CA HIS R 398 -35.18 -57.17 18.43
C HIS R 398 -35.07 -58.29 19.45
N VAL R 399 -34.44 -59.39 19.05
CA VAL R 399 -34.31 -60.57 19.89
C VAL R 399 -32.84 -60.92 20.03
N ARG R 400 -32.42 -61.19 21.27
CA ARG R 400 -31.13 -61.81 21.55
C ARG R 400 -31.40 -63.14 22.20
N ASN R 401 -31.04 -64.23 21.53
CA ASN R 401 -31.40 -65.57 21.98
C ASN R 401 -30.54 -65.98 23.16
N GLY R 402 -31.19 -66.43 24.23
CA GLY R 402 -30.49 -66.94 25.39
C GLY R 402 -31.15 -68.19 25.92
N ARG R 403 -31.42 -68.21 27.22
CA ARG R 403 -32.11 -69.34 27.82
C ARG R 403 -33.58 -69.34 27.43
N ASN R 404 -34.09 -70.53 27.09
CA ASN R 404 -35.49 -70.72 26.74
C ASN R 404 -35.89 -69.83 25.57
N ALA R 405 -35.05 -69.84 24.53
CA ALA R 405 -35.30 -69.03 23.35
C ALA R 405 -36.45 -69.59 22.53
N ILE R 406 -37.06 -68.71 21.73
CA ILE R 406 -38.17 -69.07 20.86
C ILE R 406 -37.67 -69.07 19.43
N ASP R 407 -37.70 -70.24 18.79
CA ASP R 407 -37.21 -70.34 17.42
C ASP R 407 -38.17 -69.68 16.45
N PHE R 408 -37.71 -69.53 15.20
CA PHE R 408 -38.43 -68.72 14.23
C PHE R 408 -39.82 -69.29 13.93
N ASN R 409 -39.94 -70.61 13.80
CA ASN R 409 -41.22 -71.21 13.47
C ASN R 409 -42.27 -70.94 14.54
N ARG R 410 -41.86 -70.99 15.81
CA ARG R 410 -42.80 -70.72 16.89
C ARG R 410 -43.12 -69.23 17.01
N PHE R 411 -42.12 -68.37 16.86
CA PHE R 411 -42.34 -66.93 16.99
C PHE R 411 -43.18 -66.37 15.84
N ASN R 412 -43.05 -66.98 14.66
CA ASN R 412 -43.77 -66.47 13.50
C ASN R 412 -45.27 -66.60 13.66
N GLN R 413 -45.74 -67.57 14.45
CA GLN R 413 -47.18 -67.70 14.68
C GLN R 413 -47.73 -66.48 15.41
N ALA R 414 -47.08 -66.06 16.50
CA ALA R 414 -47.50 -64.85 17.19
C ALA R 414 -47.36 -63.62 16.30
N TYR R 415 -46.26 -63.56 15.55
CA TYR R 415 -46.04 -62.43 14.65
C TYR R 415 -47.20 -62.29 13.67
N LEU R 416 -47.60 -63.38 13.03
CA LEU R 416 -48.73 -63.34 12.11
C LEU R 416 -50.03 -63.05 12.84
N MET R 417 -50.19 -63.56 14.06
CA MET R 417 -51.42 -63.34 14.81
C MET R 417 -51.68 -61.88 15.07
N HIS R 418 -50.63 -61.06 15.22
CA HIS R 418 -50.88 -59.65 15.48
C HIS R 418 -50.51 -58.74 14.31
N SER R 419 -50.49 -59.27 13.09
CA SER R 419 -50.13 -58.50 11.91
C SER R 419 -51.33 -58.44 10.96
N THR R 420 -51.10 -57.91 9.77
CA THR R 420 -52.09 -57.86 8.71
C THR R 420 -51.54 -58.54 7.48
N THR R 421 -52.42 -59.12 6.68
CA THR R 421 -52.00 -59.79 5.46
C THR R 421 -51.68 -58.82 4.33
N SER R 422 -51.98 -57.52 4.48
CA SER R 422 -51.71 -56.52 3.45
C SER R 422 -50.98 -55.34 4.08
N PRO R 423 -49.71 -55.50 4.44
CA PRO R 423 -48.96 -54.37 5.00
C PRO R 423 -48.74 -53.28 3.97
N LEU R 424 -48.71 -52.04 4.47
CA LEU R 424 -48.36 -50.90 3.64
C LEU R 424 -46.85 -50.78 3.57
N TYR R 425 -46.29 -50.93 2.37
CA TYR R 425 -44.84 -51.02 2.22
C TYR R 425 -44.14 -49.70 2.48
N ALA R 426 -44.85 -48.58 2.47
CA ALA R 426 -44.24 -47.31 2.84
C ALA R 426 -43.78 -47.32 4.29
N ILE R 427 -44.54 -47.96 5.18
CA ILE R 427 -44.14 -48.05 6.58
C ILE R 427 -42.86 -48.87 6.73
N CYS R 428 -42.78 -50.01 6.04
CA CYS R 428 -41.57 -50.82 6.09
C CYS R 428 -40.38 -50.09 5.48
N ALA R 429 -40.63 -49.32 4.42
CA ALA R 429 -39.56 -48.53 3.82
C ALA R 429 -39.06 -47.46 4.79
N SER R 430 -39.97 -46.85 5.54
CA SER R 430 -39.54 -45.88 6.55
C SER R 430 -38.73 -46.55 7.65
N ASN R 431 -39.13 -47.77 8.05
CA ASN R 431 -38.32 -48.52 9.01
C ASN R 431 -36.91 -48.78 8.47
N ASP R 432 -36.82 -49.17 7.20
CA ASP R 432 -35.53 -49.45 6.58
C ASP R 432 -34.66 -48.19 6.50
N ILE R 433 -35.25 -47.05 6.13
CA ILE R 433 -34.46 -45.82 6.06
C ILE R 433 -34.05 -45.35 7.46
N ALA R 434 -34.88 -45.57 8.48
CA ALA R 434 -34.48 -45.21 9.83
C ALA R 434 -33.27 -46.04 10.28
N ALA R 435 -33.33 -47.35 10.05
CA ALA R 435 -32.19 -48.19 10.38
C ALA R 435 -30.95 -47.76 9.63
N ASP R 436 -31.08 -47.43 8.34
CA ASP R 436 -29.94 -46.96 7.58
C ASP R 436 -29.40 -45.65 8.14
N MET R 437 -30.29 -44.78 8.60
CA MET R 437 -29.88 -43.48 9.13
C MET R 437 -29.08 -43.64 10.41
N MET R 438 -29.37 -44.64 11.22
CA MET R 438 -28.56 -44.87 12.40
C MET R 438 -27.27 -45.64 12.11
N ASP R 439 -27.07 -46.12 10.89
CA ASP R 439 -25.94 -46.96 10.58
C ASP R 439 -24.66 -46.14 10.39
N GLY R 440 -23.54 -46.67 10.88
CA GLY R 440 -22.24 -46.07 10.69
C GLY R 440 -21.99 -44.80 11.48
N ASN R 441 -21.31 -43.84 10.86
CA ASN R 441 -21.00 -42.59 11.54
C ASN R 441 -22.24 -41.73 11.77
N SER R 442 -23.26 -41.89 10.91
CA SER R 442 -24.39 -40.97 10.93
C SER R 442 -25.19 -41.08 12.20
N GLY R 443 -25.35 -42.28 12.76
CA GLY R 443 -26.09 -42.41 14.01
C GLY R 443 -25.44 -41.66 15.15
N ARG R 444 -24.11 -41.80 15.28
CA ARG R 444 -23.38 -41.05 16.28
C ARG R 444 -23.50 -39.56 16.05
N SER R 445 -23.38 -39.11 14.79
CA SER R 445 -23.45 -37.68 14.50
C SER R 445 -24.83 -37.10 14.84
N LEU R 446 -25.90 -37.83 14.49
CA LEU R 446 -27.24 -37.33 14.74
C LEU R 446 -27.58 -37.30 16.22
N THR R 447 -27.21 -38.36 16.95
CA THR R 447 -27.43 -38.34 18.40
C THR R 447 -26.61 -37.24 19.05
N ASP R 448 -25.39 -37.00 18.57
CA ASP R 448 -24.58 -35.91 19.10
C ASP R 448 -25.25 -34.57 18.90
N GLU R 449 -25.79 -34.33 17.71
CA GLU R 449 -26.45 -33.06 17.46
C GLU R 449 -27.64 -32.85 18.40
N VAL R 450 -28.47 -33.88 18.58
CA VAL R 450 -29.63 -33.72 19.45
C VAL R 450 -29.20 -33.48 20.90
N ILE R 451 -28.21 -34.25 21.36
CA ILE R 451 -27.74 -34.12 22.74
C ILE R 451 -27.16 -32.73 22.97
N ARG R 452 -26.39 -32.22 22.01
CA ARG R 452 -25.80 -30.90 22.16
C ARG R 452 -26.88 -29.82 22.21
N GLU R 453 -27.92 -29.93 21.36
CA GLU R 453 -29.02 -28.96 21.43
C GLU R 453 -29.70 -28.99 22.79
N SER R 454 -29.97 -30.18 23.32
CA SER R 454 -30.62 -30.28 24.61
C SER R 454 -29.74 -29.70 25.72
N ILE R 455 -28.42 -29.93 25.64
CA ILE R 455 -27.51 -29.41 26.65
C ILE R 455 -27.45 -27.89 26.58
N ASP R 456 -27.42 -27.33 25.36
CA ASP R 456 -27.44 -25.87 25.23
C ASP R 456 -28.69 -25.28 25.86
N PHE R 457 -29.85 -25.90 25.61
CA PHE R 457 -31.07 -25.42 26.24
C PHE R 457 -31.01 -25.51 27.75
N ARG R 458 -30.54 -26.64 28.28
CA ARG R 458 -30.49 -26.83 29.73
C ARG R 458 -29.57 -25.81 30.38
N GLN R 459 -28.40 -25.59 29.81
CA GLN R 459 -27.44 -24.65 30.39
C GLN R 459 -27.95 -23.22 30.31
N SER R 460 -28.57 -22.84 29.18
CA SER R 460 -29.12 -21.49 29.07
C SER R 460 -30.22 -21.27 30.09
N LEU R 461 -31.10 -22.27 30.28
CA LEU R 461 -32.17 -22.13 31.26
C LEU R 461 -31.64 -22.05 32.68
N ALA R 462 -30.62 -22.85 33.00
CA ALA R 462 -30.01 -22.78 34.32
C ALA R 462 -29.37 -21.42 34.57
N TYR R 463 -28.70 -20.88 33.54
CA TYR R 463 -28.09 -19.56 33.67
C TYR R 463 -29.14 -18.49 33.91
N LEU R 464 -30.24 -18.53 33.15
CA LEU R 464 -31.31 -17.55 33.36
C LEU R 464 -31.93 -17.69 34.74
N TYR R 465 -32.09 -18.93 35.19
CA TYR R 465 -32.63 -19.15 36.54
C TYR R 465 -31.72 -18.54 37.59
N LYS R 466 -30.41 -18.73 37.46
CA LYS R 466 -29.48 -18.13 38.42
C LYS R 466 -29.54 -16.60 38.36
N GLU R 467 -29.64 -16.05 37.16
CA GLU R 467 -29.72 -14.59 37.01
C GLU R 467 -30.96 -14.03 37.72
N PHE R 468 -32.11 -14.64 37.46
CA PHE R 468 -33.35 -14.18 38.09
C PHE R 468 -33.31 -14.38 39.60
N LEU R 469 -32.71 -15.48 40.07
CA LEU R 469 -32.56 -15.71 41.50
C LEU R 469 -31.68 -14.64 42.12
N ASN R 470 -30.60 -14.26 41.45
CA ASN R 470 -29.75 -13.19 41.94
C ASN R 470 -30.50 -11.87 42.03
N ASP R 471 -31.42 -11.62 41.10
CA ASP R 471 -32.30 -10.47 41.21
C ASP R 471 -33.52 -10.72 42.08
N ASP R 472 -33.46 -11.73 42.95
CA ASP R 472 -34.57 -12.19 43.79
C ASP R 472 -35.90 -12.23 43.03
N GLU R 473 -35.88 -12.91 41.89
CA GLU R 473 -37.08 -13.21 41.11
C GLU R 473 -37.17 -14.70 40.86
N TRP R 474 -38.36 -15.14 40.46
CA TRP R 474 -38.59 -16.55 40.14
C TRP R 474 -38.37 -16.80 38.66
N PHE R 475 -37.99 -18.04 38.34
CA PHE R 475 -37.94 -18.50 36.96
C PHE R 475 -37.99 -20.01 36.95
N PHE R 476 -38.13 -20.57 35.75
CA PHE R 476 -38.08 -22.01 35.56
C PHE R 476 -36.65 -22.50 35.59
N LYS R 477 -36.48 -23.73 36.06
CA LYS R 477 -35.16 -24.34 36.10
C LYS R 477 -35.21 -25.72 35.46
N PRO R 478 -34.15 -26.11 34.76
CA PRO R 478 -34.11 -27.47 34.21
C PRO R 478 -33.94 -28.50 35.31
N TRP R 479 -34.47 -29.70 35.04
CA TRP R 479 -34.39 -30.80 36.01
C TRP R 479 -33.17 -31.64 35.67
N ASN R 480 -32.03 -31.26 36.22
CA ASN R 480 -30.80 -32.03 36.08
C ASN R 480 -29.91 -31.74 37.28
N GLN R 481 -28.68 -32.24 37.24
CA GLN R 481 -27.72 -31.97 38.31
C GLN R 481 -27.46 -30.47 38.45
N GLU R 482 -27.39 -30.01 39.70
CA GLU R 482 -26.97 -28.63 39.95
C GLU R 482 -25.47 -28.47 39.74
N MET R 483 -24.68 -29.38 40.27
CA MET R 483 -23.23 -29.35 40.17
C MET R 483 -22.75 -30.64 39.52
N VAL R 484 -21.79 -30.52 38.61
CA VAL R 484 -21.20 -31.67 37.97
C VAL R 484 -19.72 -31.70 38.28
N LYS R 485 -19.18 -32.91 38.39
CA LYS R 485 -17.78 -33.12 38.71
C LYS R 485 -17.07 -33.70 37.50
N ASP R 486 -15.91 -33.16 37.18
CA ASP R 486 -15.08 -33.73 36.14
C ASP R 486 -14.34 -34.93 36.70
N PRO R 487 -14.59 -36.15 36.21
CA PRO R 487 -13.95 -37.32 36.81
C PRO R 487 -12.45 -37.38 36.56
N ALA R 488 -11.94 -36.70 35.54
CA ALA R 488 -10.51 -36.74 35.27
C ALA R 488 -9.73 -35.85 36.23
N THR R 489 -10.00 -34.55 36.21
CA THR R 489 -9.26 -33.59 37.02
C THR R 489 -9.86 -33.40 38.41
N GLY R 490 -11.04 -33.93 38.69
CA GLY R 490 -11.67 -33.75 39.96
C GLY R 490 -12.32 -32.39 40.17
N LYS R 491 -12.32 -31.53 39.15
CA LYS R 491 -12.85 -30.19 39.29
C LYS R 491 -14.37 -30.21 39.25
N ARG R 492 -14.99 -29.38 40.09
CA ARG R 492 -16.44 -29.24 40.13
C ARG R 492 -16.87 -28.00 39.38
N TYR R 493 -18.00 -28.10 38.69
CA TYR R 493 -18.61 -26.98 38.00
C TYR R 493 -20.08 -26.88 38.37
N ALA R 494 -20.60 -25.67 38.36
CA ALA R 494 -22.04 -25.51 38.24
C ALA R 494 -22.46 -25.98 36.86
N PHE R 495 -23.67 -26.53 36.78
CA PHE R 495 -24.11 -27.15 35.53
C PHE R 495 -24.05 -26.16 34.37
N GLU R 496 -24.52 -24.93 34.58
CA GLU R 496 -24.51 -23.95 33.51
C GLU R 496 -23.11 -23.48 33.15
N ASP R 497 -22.11 -23.74 34.00
CA ASP R 497 -20.73 -23.38 33.72
C ASP R 497 -19.89 -24.54 33.24
N ALA R 498 -20.41 -25.76 33.25
CA ALA R 498 -19.64 -26.91 32.83
C ALA R 498 -19.34 -26.84 31.33
N PRO R 499 -18.15 -27.28 30.92
CA PRO R 499 -17.86 -27.34 29.49
C PRO R 499 -18.80 -28.31 28.78
N VAL R 500 -19.22 -27.94 27.58
CA VAL R 500 -20.18 -28.75 26.84
C VAL R 500 -19.58 -30.11 26.50
N GLU R 501 -18.29 -30.16 26.21
CA GLU R 501 -17.63 -31.42 25.91
C GLU R 501 -17.70 -32.38 27.10
N LEU R 502 -17.53 -31.87 28.31
CA LEU R 502 -17.63 -32.71 29.49
C LEU R 502 -19.02 -33.30 29.65
N LEU R 503 -20.06 -32.48 29.47
CA LEU R 503 -21.42 -32.97 29.60
C LEU R 503 -21.77 -33.95 28.50
N MET R 504 -21.22 -33.75 27.30
CA MET R 504 -21.48 -34.63 26.17
C MET R 504 -20.71 -35.94 26.26
N ARG R 505 -19.60 -35.97 26.99
CA ARG R 505 -18.73 -37.14 27.04
C ARG R 505 -18.90 -37.98 28.29
N GLU R 506 -19.13 -37.37 29.44
CA GLU R 506 -19.07 -38.06 30.73
C GLU R 506 -20.46 -38.49 31.16
N GLN R 507 -20.63 -39.81 31.32
CA GLN R 507 -21.92 -40.36 31.74
C GLN R 507 -22.25 -39.97 33.18
N SER R 508 -21.23 -39.87 34.05
CA SER R 508 -21.48 -39.56 35.45
C SER R 508 -22.08 -38.18 35.67
N CYS R 509 -21.99 -37.29 34.68
CA CYS R 509 -22.66 -36.01 34.78
C CYS R 509 -24.18 -36.12 34.69
N TRP R 510 -24.70 -37.31 34.36
CA TRP R 510 -26.12 -37.52 34.24
C TRP R 510 -26.64 -38.64 35.13
N VAL R 511 -25.75 -39.37 35.80
CA VAL R 511 -26.17 -40.43 36.71
C VAL R 511 -26.85 -39.82 37.94
N MET R 512 -27.89 -40.50 38.43
CA MET R 512 -28.58 -40.06 39.63
C MET R 512 -27.78 -40.52 40.85
N HIS R 513 -27.15 -39.58 41.54
CA HIS R 513 -26.44 -40.04 42.72
C HIS R 513 -27.31 -39.89 43.96
N PRO R 514 -27.23 -40.83 44.90
CA PRO R 514 -28.08 -40.74 46.11
C PRO R 514 -27.82 -39.51 46.95
N GLU R 515 -26.61 -38.94 46.89
CA GLU R 515 -26.29 -37.76 47.68
C GLU R 515 -26.80 -36.46 47.08
N ASP R 516 -27.26 -36.47 45.83
CA ASP R 516 -27.79 -35.27 45.19
C ASP R 516 -29.27 -35.13 45.47
N LYS R 517 -29.72 -33.87 45.58
CA LYS R 517 -31.10 -33.56 45.88
C LYS R 517 -31.94 -33.25 44.65
N TRP R 518 -31.32 -33.08 43.48
CA TRP R 518 -32.08 -32.62 42.31
C TRP R 518 -33.11 -33.64 41.87
N HIS R 519 -32.74 -34.92 41.82
CA HIS R 519 -33.65 -35.91 41.24
C HIS R 519 -34.78 -36.29 42.20
N GLY R 520 -34.54 -36.26 43.50
CA GLY R 520 -35.58 -36.50 44.46
C GLY R 520 -36.01 -37.93 44.64
N PHE R 521 -35.27 -38.89 44.09
CA PHE R 521 -35.57 -40.31 44.29
C PHE R 521 -34.76 -40.77 45.49
N ASN R 522 -35.39 -40.71 46.67
CA ASN R 522 -34.69 -41.05 47.90
C ASN R 522 -34.39 -42.54 47.95
N ASP R 523 -33.20 -42.87 48.46
CA ASP R 523 -32.75 -44.25 48.64
C ASP R 523 -32.51 -44.96 47.32
N ILE R 524 -32.28 -44.21 46.25
CA ILE R 524 -31.86 -44.86 45.00
C ILE R 524 -30.40 -45.28 45.12
N PRO R 525 -30.05 -46.50 44.69
CA PRO R 525 -28.63 -46.87 44.69
C PRO R 525 -27.85 -46.08 43.65
N ASP R 526 -26.56 -45.96 43.88
CA ASP R 526 -25.71 -45.24 42.95
C ASP R 526 -25.43 -46.08 41.72
N ASN R 527 -25.26 -45.41 40.58
CA ASN R 527 -25.00 -46.06 39.30
C ASN R 527 -26.11 -47.03 38.93
N TRP R 528 -27.34 -46.66 39.27
CA TRP R 528 -28.52 -47.44 38.93
C TRP R 528 -29.32 -46.81 37.80
N ALA R 529 -29.64 -45.52 37.92
CA ALA R 529 -30.40 -44.80 36.92
C ALA R 529 -29.57 -43.64 36.39
N MET R 530 -30.08 -43.05 35.31
CA MET R 530 -29.39 -41.99 34.59
C MET R 530 -30.45 -41.17 33.86
N LEU R 531 -30.18 -39.87 33.72
CA LEU R 531 -31.11 -38.98 33.04
C LEU R 531 -30.76 -38.89 31.55
N ASP R 532 -31.77 -39.07 30.71
CA ASP R 532 -31.59 -38.88 29.28
C ASP R 532 -31.56 -37.39 28.98
N PRO R 533 -30.48 -36.85 28.43
CA PRO R 533 -30.40 -35.39 28.22
C PRO R 533 -31.47 -34.84 27.30
N ILE R 534 -31.94 -35.61 26.32
CA ILE R 534 -32.83 -35.05 25.29
C ILE R 534 -34.29 -35.03 25.73
N LYS R 535 -34.62 -35.57 26.89
CA LYS R 535 -35.97 -35.44 27.46
C LYS R 535 -35.88 -34.39 28.55
N VAL R 536 -36.11 -33.13 28.17
CA VAL R 536 -35.83 -32.00 29.04
C VAL R 536 -37.08 -31.64 29.83
N SER R 537 -37.02 -31.80 31.13
CA SER R 537 -38.06 -31.37 32.05
C SER R 537 -37.69 -30.01 32.63
N ILE R 538 -38.63 -29.09 32.66
CA ILE R 538 -38.44 -27.83 33.35
C ILE R 538 -39.41 -27.78 34.52
N LEU R 539 -38.98 -27.14 35.59
CA LEU R 539 -39.72 -27.10 36.83
C LEU R 539 -40.21 -25.68 37.08
N ALA R 540 -41.50 -25.54 37.27
CA ALA R 540 -42.05 -24.27 37.73
C ALA R 540 -41.86 -24.14 39.24
N PRO R 541 -41.68 -22.93 39.75
CA PRO R 541 -41.47 -22.76 41.19
C PRO R 541 -42.71 -23.08 41.99
N GLY R 542 -42.50 -23.53 43.22
CA GLY R 542 -43.61 -23.80 44.11
C GLY R 542 -43.43 -25.01 44.99
N MET R 543 -42.54 -25.92 44.60
CA MET R 543 -42.32 -27.16 45.33
C MET R 543 -41.02 -27.06 46.11
N GLY R 544 -41.08 -27.27 47.42
CA GLY R 544 -39.88 -27.27 48.23
C GLY R 544 -39.10 -28.55 48.10
N ASP R 545 -37.81 -28.46 48.45
CA ASP R 545 -36.94 -29.62 48.36
C ASP R 545 -37.32 -30.71 49.35
N ASP R 546 -38.01 -30.36 50.43
CA ASP R 546 -38.45 -31.34 51.42
C ASP R 546 -39.65 -32.15 50.97
N GLY R 547 -40.39 -31.68 49.96
CA GLY R 547 -41.57 -32.36 49.48
C GLY R 547 -42.86 -31.59 49.71
N LYS R 548 -42.80 -30.46 50.39
CA LYS R 548 -43.98 -29.64 50.67
C LYS R 548 -43.92 -28.35 49.87
N LEU R 549 -45.10 -27.79 49.60
CA LEU R 549 -45.19 -26.59 48.80
C LEU R 549 -44.60 -25.39 49.53
N LEU R 550 -44.15 -24.42 48.74
CA LEU R 550 -43.64 -23.17 49.28
C LEU R 550 -44.81 -22.20 49.48
N ASP R 551 -44.49 -20.98 49.92
CA ASP R 551 -45.53 -19.99 50.18
C ASP R 551 -46.14 -19.48 48.88
N THR R 552 -45.37 -19.48 47.81
CA THR R 552 -45.84 -19.00 46.51
C THR R 552 -45.26 -19.89 45.42
N GLY R 553 -45.89 -19.84 44.25
CA GLY R 553 -45.42 -20.63 43.13
C GLY R 553 -46.28 -20.37 41.91
N VAL R 554 -45.86 -20.98 40.81
CA VAL R 554 -46.57 -20.89 39.53
C VAL R 554 -46.94 -22.31 39.11
N PRO R 555 -48.21 -22.68 39.11
CA PRO R 555 -48.59 -24.03 38.69
C PRO R 555 -48.31 -24.26 37.21
N ALA R 556 -47.96 -25.50 36.87
CA ALA R 556 -47.56 -25.82 35.51
C ALA R 556 -48.75 -25.87 34.55
N ALA R 557 -49.97 -25.99 35.05
CA ALA R 557 -51.13 -26.02 34.15
C ALA R 557 -51.27 -24.70 33.40
N LEU R 558 -51.04 -23.58 34.08
CA LEU R 558 -51.13 -22.28 33.44
C LEU R 558 -50.02 -22.08 32.41
N VAL R 559 -48.81 -22.52 32.73
CA VAL R 559 -47.71 -22.44 31.77
C VAL R 559 -48.01 -23.33 30.57
N THR R 560 -48.61 -24.49 30.80
CA THR R 560 -49.00 -25.37 29.71
C THR R 560 -50.05 -24.71 28.81
N ALA R 561 -51.01 -24.01 29.41
CA ALA R 561 -51.99 -23.28 28.61
C ALA R 561 -51.31 -22.21 27.76
N TRP R 562 -50.35 -21.50 28.35
CA TRP R 562 -49.58 -20.51 27.59
C TRP R 562 -48.85 -21.14 26.41
N LEU R 563 -48.15 -22.24 26.66
CA LEU R 563 -47.40 -22.90 25.61
C LEU R 563 -48.33 -23.42 24.51
N ASN R 564 -49.45 -24.01 24.89
CA ASN R 564 -50.44 -24.44 23.89
C ASN R 564 -50.92 -23.27 23.07
N HIS R 565 -51.18 -22.13 23.72
CA HIS R 565 -51.56 -20.93 22.97
C HIS R 565 -50.51 -20.54 21.96
N TYR R 566 -49.24 -20.78 22.27
CA TYR R 566 -48.19 -20.49 21.30
C TYR R 566 -47.79 -21.69 20.45
N GLY R 567 -48.55 -22.79 20.53
CA GLY R 567 -48.36 -23.93 19.66
C GLY R 567 -47.48 -25.02 20.24
N ILE R 568 -46.71 -24.73 21.27
CA ILE R 568 -45.86 -25.73 21.90
C ILE R 568 -46.73 -26.65 22.74
N VAL R 569 -46.64 -27.95 22.49
CA VAL R 569 -47.43 -28.93 23.22
C VAL R 569 -46.46 -29.86 23.96
N PRO R 570 -46.37 -29.78 25.28
CA PRO R 570 -45.47 -30.65 26.02
C PRO R 570 -45.92 -32.11 26.00
N THR R 571 -44.94 -33.00 26.17
CA THR R 571 -45.20 -34.43 26.18
C THR R 571 -45.79 -34.89 27.51
N ARG R 572 -45.23 -34.42 28.62
CA ARG R 572 -45.69 -34.78 29.96
C ARG R 572 -45.85 -33.52 30.79
N THR R 573 -46.69 -33.61 31.81
CA THR R 573 -46.96 -32.47 32.69
C THR R 573 -47.46 -32.97 34.03
N THR R 574 -46.91 -32.43 35.11
CA THR R 574 -47.41 -32.61 36.46
C THR R 574 -47.74 -31.22 37.04
N ASP R 575 -47.98 -31.18 38.35
CA ASP R 575 -48.31 -29.92 39.00
C ASP R 575 -47.22 -28.87 38.78
N PHE R 576 -45.95 -29.24 39.00
CA PHE R 576 -44.81 -28.38 38.66
C PHE R 576 -43.79 -29.22 37.90
N GLN R 577 -44.06 -29.45 36.62
CA GLN R 577 -43.11 -30.10 35.73
C GLN R 577 -43.64 -30.07 34.31
N ILE R 578 -42.81 -29.65 33.36
CA ILE R 578 -43.18 -29.65 31.95
C ILE R 578 -42.05 -30.28 31.17
N MET R 579 -42.37 -31.28 30.36
CA MET R 579 -41.38 -32.06 29.63
C MET R 579 -41.40 -31.67 28.16
N PHE R 580 -40.22 -31.40 27.60
CA PHE R 580 -40.06 -31.08 26.20
C PHE R 580 -39.19 -32.13 25.54
N LEU R 581 -39.56 -32.53 24.33
CA LEU R 581 -38.84 -33.53 23.57
C LEU R 581 -37.88 -32.86 22.60
N PHE R 582 -36.62 -33.25 22.64
CA PHE R 582 -35.65 -32.91 21.62
C PHE R 582 -35.44 -34.14 20.76
N SER R 583 -35.75 -34.04 19.48
CA SER R 583 -35.66 -35.18 18.57
C SER R 583 -34.66 -34.88 17.46
N MET R 584 -34.40 -35.90 16.64
CA MET R 584 -33.50 -35.74 15.52
C MET R 584 -34.09 -34.88 14.41
N GLY R 585 -35.37 -34.55 14.49
CA GLY R 585 -36.00 -33.61 13.58
C GLY R 585 -35.92 -32.16 13.99
N ILE R 586 -35.32 -31.85 15.14
CA ILE R 586 -35.15 -30.47 15.56
C ILE R 586 -34.03 -29.83 14.76
N THR R 587 -34.10 -28.52 14.61
CA THR R 587 -33.06 -27.74 13.97
C THR R 587 -32.29 -26.96 15.02
N LYS R 588 -31.06 -26.59 14.67
CA LYS R 588 -30.16 -25.97 15.63
C LYS R 588 -30.64 -24.58 16.04
N GLY R 589 -30.55 -24.30 17.33
CA GLY R 589 -30.98 -23.03 17.87
C GLY R 589 -32.47 -22.86 18.04
N LYS R 590 -33.25 -23.93 17.84
CA LYS R 590 -34.71 -23.83 17.94
C LYS R 590 -35.17 -23.57 19.36
N TRP R 591 -34.39 -23.98 20.36
CA TRP R 591 -34.77 -23.80 21.76
C TRP R 591 -34.81 -22.34 22.18
N GLY R 592 -34.26 -21.44 21.37
CA GLY R 592 -34.41 -20.02 21.63
C GLY R 592 -35.86 -19.58 21.65
N THR R 593 -36.70 -20.18 20.80
CA THR R 593 -38.13 -19.90 20.85
C THR R 593 -38.72 -20.31 22.19
N LEU R 594 -38.33 -21.47 22.69
CA LEU R 594 -38.83 -21.92 23.98
C LEU R 594 -38.43 -20.96 25.10
N VAL R 595 -37.17 -20.53 25.09
CA VAL R 595 -36.71 -19.58 26.11
C VAL R 595 -37.46 -18.27 26.00
N ASN R 596 -37.66 -17.78 24.77
CA ASN R 596 -38.39 -16.54 24.55
C ASN R 596 -39.82 -16.65 25.06
N THR R 597 -40.48 -17.77 24.78
CA THR R 597 -41.85 -17.97 25.24
C THR R 597 -41.93 -17.98 26.76
N LEU R 598 -40.99 -18.66 27.42
CA LEU R 598 -41.00 -18.68 28.87
C LEU R 598 -40.76 -17.29 29.46
N LEU R 599 -39.85 -16.52 28.85
CA LEU R 599 -39.60 -15.16 29.33
C LEU R 599 -40.82 -14.27 29.15
N SER R 600 -41.51 -14.38 28.00
CA SER R 600 -42.70 -13.57 27.81
C SER R 600 -43.82 -13.98 28.76
N PHE R 601 -43.92 -15.28 29.07
CA PHE R 601 -44.87 -15.69 30.09
C PHE R 601 -44.54 -15.06 31.43
N LYS R 602 -43.26 -15.05 31.80
CA LYS R 602 -42.88 -14.43 33.07
C LYS R 602 -43.21 -12.95 33.08
N ARG R 603 -42.98 -12.26 31.97
CA ARG R 603 -43.33 -10.84 31.89
C ARG R 603 -44.82 -10.62 32.11
N HIS R 604 -45.65 -11.36 31.38
CA HIS R 604 -47.10 -11.18 31.51
C HIS R 604 -47.59 -11.63 32.88
N TYR R 605 -46.91 -12.58 33.51
CA TYR R 605 -47.31 -13.03 34.84
C TYR R 605 -46.97 -11.98 35.89
N ASP R 606 -45.79 -11.36 35.79
CA ASP R 606 -45.43 -10.29 36.70
C ASP R 606 -46.31 -9.07 36.49
N ASN R 607 -46.75 -8.82 35.26
CA ASN R 607 -47.61 -7.67 35.00
C ASN R 607 -49.08 -7.95 35.26
N ASN R 608 -49.45 -9.20 35.58
CA ASN R 608 -50.83 -9.59 35.81
C ASN R 608 -51.73 -9.19 34.64
N THR R 609 -51.28 -9.52 33.44
CA THR R 609 -52.05 -9.20 32.24
C THR R 609 -53.37 -9.96 32.24
N ALA R 610 -54.43 -9.26 31.83
CA ALA R 610 -55.76 -9.87 31.84
C ALA R 610 -55.82 -11.05 30.88
N LEU R 611 -56.48 -12.13 31.33
CA LEU R 611 -56.55 -13.35 30.54
C LEU R 611 -57.22 -13.13 29.19
N LYS R 612 -58.11 -12.14 29.07
CA LYS R 612 -58.73 -11.88 27.79
C LYS R 612 -57.71 -11.47 26.73
N LYS R 613 -56.71 -10.68 27.12
CA LYS R 613 -55.72 -10.24 26.15
C LYS R 613 -54.77 -11.36 25.75
N VAL R 614 -54.31 -12.15 26.71
CA VAL R 614 -53.25 -13.13 26.47
C VAL R 614 -53.81 -14.51 26.16
N LEU R 615 -54.82 -14.96 26.89
CA LEU R 615 -55.33 -16.33 26.77
C LEU R 615 -56.85 -16.30 26.57
N PRO R 616 -57.30 -15.85 25.40
CA PRO R 616 -58.76 -15.81 25.16
C PRO R 616 -59.42 -17.18 25.20
N GLU R 617 -58.70 -18.24 24.81
CA GLU R 617 -59.29 -19.57 24.84
C GLU R 617 -59.57 -20.04 26.26
N VAL R 618 -58.73 -19.65 27.22
CA VAL R 618 -59.00 -19.95 28.61
C VAL R 618 -60.26 -19.24 29.07
N VAL R 619 -60.42 -17.97 28.69
CA VAL R 619 -61.60 -17.22 29.07
C VAL R 619 -62.85 -17.85 28.48
N ALA R 620 -62.75 -18.34 27.24
CA ALA R 620 -63.91 -18.90 26.55
C ALA R 620 -64.47 -20.13 27.24
N SER R 621 -63.74 -20.75 28.16
CA SER R 621 -64.28 -21.88 28.90
C SER R 621 -65.32 -21.42 29.92
N ALA R 622 -64.91 -20.56 30.85
CA ALA R 622 -65.79 -20.04 31.90
C ALA R 622 -65.67 -18.52 31.92
N PRO R 623 -66.34 -17.83 30.99
CA PRO R 623 -66.20 -16.37 30.93
C PRO R 623 -66.67 -15.65 32.18
N GLU R 624 -67.55 -16.25 32.97
CA GLU R 624 -67.98 -15.64 34.22
C GLU R 624 -66.91 -15.72 35.30
N ILE R 625 -66.02 -16.70 35.24
CA ILE R 625 -64.98 -16.87 36.24
C ILE R 625 -63.69 -16.18 35.81
N TYR R 626 -63.19 -16.49 34.62
CA TYR R 626 -61.92 -15.98 34.16
C TYR R 626 -62.00 -14.58 33.57
N GLY R 627 -63.20 -14.09 33.27
CA GLY R 627 -63.34 -12.70 32.87
C GLY R 627 -62.95 -11.77 34.02
N GLU R 628 -62.38 -10.63 33.65
CA GLU R 628 -61.91 -9.62 34.60
C GLU R 628 -60.87 -10.18 35.57
N MET R 629 -60.10 -11.17 35.13
CA MET R 629 -59.09 -11.82 35.96
C MET R 629 -57.75 -11.78 35.23
N GLY R 630 -56.67 -11.59 35.99
CA GLY R 630 -55.35 -11.54 35.41
C GLY R 630 -54.62 -12.88 35.45
N LEU R 631 -53.48 -12.91 34.77
CA LEU R 631 -52.67 -14.13 34.74
C LEU R 631 -52.20 -14.53 36.13
N ARG R 632 -51.66 -13.57 36.88
CA ARG R 632 -51.18 -13.88 38.22
C ARG R 632 -52.33 -14.17 39.18
N ASP R 633 -53.49 -13.56 38.97
CA ASP R 633 -54.64 -13.89 39.81
C ASP R 633 -55.01 -15.36 39.67
N LEU R 634 -55.10 -15.84 38.42
CA LEU R 634 -55.39 -17.25 38.20
C LEU R 634 -54.29 -18.14 38.73
N GLY R 635 -53.03 -17.74 38.54
CA GLY R 635 -51.92 -18.54 39.05
C GLY R 635 -51.95 -18.69 40.56
N ASP R 636 -52.17 -17.58 41.27
CA ASP R 636 -52.27 -17.63 42.72
C ASP R 636 -53.50 -18.37 43.19
N LYS R 637 -54.61 -18.29 42.47
CA LYS R 637 -55.78 -19.09 42.80
C LYS R 637 -55.46 -20.58 42.72
N MET R 638 -54.82 -20.99 41.61
CA MET R 638 -54.44 -22.39 41.45
C MET R 638 -53.47 -22.83 42.53
N PHE R 639 -52.49 -21.98 42.86
CA PHE R 639 -51.51 -22.36 43.87
C PHE R 639 -52.14 -22.45 45.25
N ALA R 640 -53.07 -21.55 45.57
CA ALA R 640 -53.78 -21.65 46.83
C ALA R 640 -54.60 -22.93 46.90
N TYR R 641 -55.24 -23.30 45.79
CA TYR R 641 -55.97 -24.57 45.75
C TYR R 641 -55.04 -25.75 45.98
N LEU R 642 -53.87 -25.74 45.32
CA LEU R 642 -52.91 -26.83 45.51
C LEU R 642 -52.42 -26.89 46.94
N GLN R 643 -52.14 -25.73 47.55
CA GLN R 643 -51.69 -25.69 48.92
C GLN R 643 -52.75 -26.26 49.87
N LYS R 644 -54.01 -25.89 49.64
CA LYS R 644 -55.08 -26.38 50.52
C LYS R 644 -55.27 -27.89 50.36
N ASN R 645 -55.33 -28.37 49.12
CA ASN R 645 -55.73 -29.75 48.89
C ASN R 645 -54.56 -30.72 48.88
N ASN R 646 -53.36 -30.27 48.50
CA ASN R 646 -52.17 -31.10 48.44
C ASN R 646 -52.40 -32.38 47.65
N PRO R 647 -52.67 -32.30 46.35
CA PRO R 647 -52.88 -33.53 45.57
C PRO R 647 -51.65 -34.40 45.41
N GLY R 648 -50.45 -33.86 45.64
CA GLY R 648 -49.25 -34.68 45.55
C GLY R 648 -49.22 -35.79 46.58
N ALA R 649 -49.67 -35.49 47.80
CA ALA R 649 -49.79 -36.52 48.81
C ALA R 649 -50.84 -37.56 48.42
N ARG R 650 -51.92 -37.12 47.77
CA ARG R 650 -52.92 -38.06 47.27
C ARG R 650 -52.32 -39.00 46.25
N LEU R 651 -51.53 -38.45 45.31
CA LEU R 651 -50.86 -39.29 44.32
C LEU R 651 -49.91 -40.28 44.98
N ASN R 652 -49.14 -39.81 45.97
CA ASN R 652 -48.21 -40.69 46.65
C ASN R 652 -48.94 -41.82 47.37
N GLN R 653 -50.06 -41.50 48.03
CA GLN R 653 -50.84 -42.54 48.70
C GLN R 653 -51.42 -43.53 47.70
N ALA R 654 -51.94 -43.03 46.57
CA ALA R 654 -52.57 -43.91 45.60
C ALA R 654 -51.56 -44.82 44.93
N TYR R 655 -50.32 -44.37 44.73
CA TYR R 655 -49.37 -45.17 43.97
C TYR R 655 -48.37 -45.93 44.84
N SER R 656 -48.27 -45.59 46.12
CA SER R 656 -47.41 -46.37 47.01
C SER R 656 -48.06 -47.69 47.41
N GLN R 657 -49.38 -47.72 47.50
CA GLN R 657 -50.12 -48.93 47.86
C GLN R 657 -50.78 -49.50 46.61
N LEU R 658 -50.58 -50.79 46.37
CA LEU R 658 -51.21 -51.42 45.23
C LEU R 658 -52.66 -51.80 45.55
N PRO R 659 -53.55 -51.69 44.59
CA PRO R 659 -54.94 -52.13 44.81
C PRO R 659 -55.02 -53.63 44.99
N GLN R 660 -56.08 -54.07 45.67
CA GLN R 660 -56.32 -55.48 45.85
C GLN R 660 -56.72 -56.13 44.53
N VAL R 661 -56.11 -57.26 44.21
CA VAL R 661 -56.35 -57.96 42.96
C VAL R 661 -57.44 -59.00 43.19
N MET R 662 -58.48 -58.95 42.35
CA MET R 662 -59.59 -59.90 42.45
C MET R 662 -59.57 -60.95 41.34
N MET R 663 -59.15 -60.59 40.13
CA MET R 663 -59.05 -61.52 39.03
C MET R 663 -58.02 -61.02 38.04
N THR R 664 -57.63 -61.90 37.12
CA THR R 664 -56.70 -61.54 36.08
C THR R 664 -57.34 -60.51 35.15
N PRO R 665 -56.52 -59.73 34.43
CA PRO R 665 -57.08 -58.80 33.44
C PRO R 665 -57.93 -59.49 32.39
N ARG R 666 -57.58 -60.70 31.98
CA ARG R 666 -58.40 -61.42 31.00
C ARG R 666 -59.79 -61.72 31.55
N ASP R 667 -59.88 -62.12 32.82
CA ASP R 667 -61.18 -62.38 33.42
C ASP R 667 -62.03 -61.11 33.48
N ALA R 668 -61.41 -59.99 33.85
CA ALA R 668 -62.12 -58.73 33.88
C ALA R 668 -62.63 -58.34 32.51
N TYR R 669 -61.81 -58.51 31.47
CA TYR R 669 -62.26 -58.18 30.13
C TYR R 669 -63.37 -59.12 29.66
N GLN R 670 -63.28 -60.39 30.00
CA GLN R 670 -64.34 -61.32 29.63
C GLN R 670 -65.64 -61.03 30.35
N GLN R 671 -65.58 -60.35 31.51
CA GLN R 671 -66.79 -59.79 32.09
C GLN R 671 -67.40 -58.74 31.16
N ILE R 672 -66.57 -57.92 30.52
CA ILE R 672 -67.07 -56.96 29.55
C ILE R 672 -67.73 -57.68 28.38
N VAL R 673 -67.09 -58.74 27.89
CA VAL R 673 -67.64 -59.47 26.75
C VAL R 673 -68.98 -60.10 27.12
N ALA R 674 -69.10 -60.60 28.35
CA ALA R 674 -70.34 -61.20 28.81
C ALA R 674 -71.40 -60.17 29.21
N ASN R 675 -71.13 -58.89 29.01
CA ASN R 675 -72.06 -57.81 29.33
C ASN R 675 -72.36 -57.73 30.82
N ARG R 676 -71.45 -58.24 31.65
CA ARG R 676 -71.58 -58.15 33.11
C ARG R 676 -70.83 -56.94 33.65
N VAL R 677 -71.07 -55.76 33.09
CA VAL R 677 -70.39 -54.54 33.54
C VAL R 677 -71.38 -53.39 33.53
N GLU R 678 -71.04 -52.33 34.26
CA GLU R 678 -71.89 -51.16 34.37
C GLU R 678 -71.03 -49.95 34.65
N ALA R 679 -71.57 -48.77 34.33
CA ALA R 679 -70.91 -47.51 34.60
C ALA R 679 -71.26 -47.06 36.02
N VAL R 680 -70.23 -46.84 36.83
CA VAL R 680 -70.38 -46.54 38.25
C VAL R 680 -69.74 -45.19 38.52
N PRO R 681 -70.44 -44.27 39.19
CA PRO R 681 -69.82 -42.98 39.55
C PRO R 681 -68.73 -43.18 40.59
N VAL R 682 -67.86 -42.16 40.70
CA VAL R 682 -66.71 -42.25 41.59
C VAL R 682 -67.14 -42.42 43.04
N ASP R 683 -68.19 -41.71 43.45
CA ASP R 683 -68.62 -41.78 44.84
C ASP R 683 -69.22 -43.14 45.21
N GLN R 684 -69.48 -44.01 44.23
CA GLN R 684 -70.03 -45.32 44.49
C GLN R 684 -69.05 -46.44 44.15
N LEU R 685 -67.75 -46.12 44.07
CA LEU R 685 -66.75 -47.08 43.62
C LEU R 685 -66.29 -48.03 44.71
N MET R 686 -66.71 -47.84 45.96
CA MET R 686 -66.20 -48.64 47.06
C MET R 686 -66.57 -50.11 46.88
N GLY R 687 -65.56 -50.97 46.90
CA GLY R 687 -65.75 -52.40 46.76
C GLY R 687 -65.89 -52.90 45.34
N ARG R 688 -65.89 -52.01 44.35
CA ARG R 688 -66.13 -52.40 42.97
C ARG R 688 -64.83 -52.81 42.28
N VAL R 689 -64.96 -53.70 41.31
CA VAL R 689 -63.82 -54.19 40.53
C VAL R 689 -63.85 -53.47 39.18
N ALA R 690 -62.75 -52.80 38.85
CA ALA R 690 -62.66 -52.08 37.59
C ALA R 690 -62.63 -53.06 36.42
N ALA R 691 -63.42 -52.74 35.38
CA ALA R 691 -63.45 -53.60 34.21
C ALA R 691 -62.30 -53.30 33.25
N ASN R 692 -61.79 -52.07 33.28
CA ASN R 692 -60.64 -51.68 32.47
C ASN R 692 -59.66 -50.90 33.35
N SER R 693 -58.54 -50.51 32.75
CA SER R 693 -57.50 -49.82 33.48
C SER R 693 -57.83 -48.34 33.67
N ILE R 694 -57.40 -47.80 34.81
CA ILE R 694 -57.56 -46.39 35.12
C ILE R 694 -56.18 -45.76 35.11
N ILE R 695 -55.94 -44.84 34.19
CA ILE R 695 -54.66 -44.18 34.04
C ILE R 695 -54.87 -42.68 34.19
N PRO R 696 -54.64 -42.12 35.38
CA PRO R 696 -54.73 -40.68 35.55
C PRO R 696 -53.48 -39.97 35.04
N TYR R 697 -53.68 -38.75 34.56
CA TYR R 697 -52.58 -37.88 34.15
C TYR R 697 -52.62 -36.62 34.98
N PRO R 698 -51.67 -36.39 35.91
CA PRO R 698 -50.53 -37.22 36.26
C PRO R 698 -50.91 -38.43 37.11
N PRO R 699 -50.01 -39.41 37.27
CA PRO R 699 -48.64 -39.49 36.75
C PRO R 699 -48.51 -40.19 35.39
N GLY R 700 -49.62 -40.50 34.75
CA GLY R 700 -49.58 -41.08 33.43
C GLY R 700 -49.30 -42.57 33.38
N ILE R 701 -49.27 -43.25 34.52
CA ILE R 701 -49.11 -44.70 34.54
C ILE R 701 -50.33 -45.27 35.27
N PRO R 702 -50.73 -46.51 35.01
CA PRO R 702 -52.02 -46.99 35.52
C PRO R 702 -52.05 -47.06 37.04
N MET R 703 -53.11 -46.50 37.62
CA MET R 703 -53.32 -46.64 39.06
C MET R 703 -54.05 -47.95 39.38
N LEU R 704 -54.97 -48.35 38.52
CA LEU R 704 -55.66 -49.62 38.62
C LEU R 704 -55.60 -50.33 37.28
N LEU R 705 -55.36 -51.63 37.32
CA LEU R 705 -55.50 -52.48 36.15
C LEU R 705 -56.85 -53.19 36.18
N SER R 706 -57.20 -53.82 35.07
CA SER R 706 -58.44 -54.56 34.99
C SER R 706 -58.43 -55.72 35.98
N GLY R 707 -59.53 -55.89 36.70
CA GLY R 707 -59.62 -56.94 37.68
C GLY R 707 -59.10 -56.58 39.06
N GLU R 708 -58.89 -55.30 39.34
CA GLU R 708 -58.40 -54.84 40.63
C GLU R 708 -59.49 -54.10 41.39
N ASN R 709 -59.55 -54.33 42.69
CA ASN R 709 -60.56 -53.70 43.52
C ASN R 709 -60.23 -52.24 43.76
N PHE R 710 -61.27 -51.41 43.83
CA PHE R 710 -61.04 -49.99 44.11
C PHE R 710 -60.74 -49.73 45.57
N GLY R 711 -61.26 -50.56 46.47
CA GLY R 711 -60.98 -50.44 47.90
C GLY R 711 -62.17 -49.90 48.66
N ASP R 712 -61.98 -49.80 49.97
CA ASP R 712 -63.03 -49.35 50.89
C ASP R 712 -63.14 -47.82 50.90
N GLU R 713 -63.84 -47.28 51.90
CA GLU R 713 -64.09 -45.84 51.96
C GLU R 713 -62.80 -45.04 52.00
N ASN R 714 -61.81 -45.51 52.75
CA ASN R 714 -60.55 -44.78 52.92
C ASN R 714 -59.51 -45.14 51.88
N SER R 715 -59.92 -45.73 50.76
CA SER R 715 -58.96 -46.14 49.74
C SER R 715 -58.30 -44.92 49.12
N PRO R 716 -56.98 -44.88 49.01
CA PRO R 716 -56.32 -43.73 48.37
C PRO R 716 -56.64 -43.58 46.89
N HIS R 717 -57.05 -44.66 46.21
CA HIS R 717 -57.29 -44.57 44.77
C HIS R 717 -58.57 -43.80 44.48
N ILE R 718 -59.65 -44.11 45.20
CA ILE R 718 -60.87 -43.33 45.07
C ILE R 718 -60.63 -41.89 45.49
N HIS R 719 -59.79 -41.70 46.51
CA HIS R 719 -59.47 -40.34 46.96
C HIS R 719 -58.76 -39.56 45.87
N TYR R 720 -57.81 -40.19 45.18
CA TYR R 720 -57.10 -39.51 44.10
C TYR R 720 -58.04 -39.18 42.94
N LEU R 721 -58.92 -40.12 42.60
CA LEU R 721 -59.90 -39.85 41.55
C LEU R 721 -60.79 -38.67 41.93
N ARG R 722 -61.22 -38.62 43.20
CA ARG R 722 -62.01 -37.50 43.68
C ARG R 722 -61.24 -36.19 43.61
N SER R 723 -59.95 -36.23 43.95
CA SER R 723 -59.14 -35.02 43.87
C SER R 723 -59.06 -34.49 42.44
N LEU R 724 -58.84 -35.40 41.48
CA LEU R 724 -58.80 -34.97 40.08
C LEU R 724 -60.15 -34.40 39.65
N GLN R 725 -61.24 -35.04 40.06
CA GLN R 725 -62.57 -34.54 39.71
C GLN R 725 -62.81 -33.16 40.31
N ALA R 726 -62.39 -32.94 41.56
CA ALA R 726 -62.55 -31.65 42.19
C ALA R 726 -61.74 -30.57 41.49
N TRP R 727 -60.51 -30.90 41.09
CA TRP R 727 -59.72 -29.95 40.32
C TRP R 727 -60.41 -29.59 39.01
N ASP R 728 -60.95 -30.60 38.31
CA ASP R 728 -61.64 -30.33 37.06
C ASP R 728 -62.84 -29.41 37.28
N SER R 729 -63.59 -29.65 38.36
CA SER R 729 -64.74 -28.81 38.64
C SER R 729 -64.33 -27.39 38.98
N GLU R 730 -63.24 -27.22 39.73
CA GLU R 730 -62.84 -25.88 40.16
C GLU R 730 -62.21 -25.05 39.04
N PHE R 731 -61.54 -25.68 38.08
CA PHE R 731 -60.80 -24.96 37.04
C PHE R 731 -61.20 -25.47 35.67
N PRO R 732 -62.30 -24.97 35.11
CA PRO R 732 -62.65 -25.33 33.73
C PRO R 732 -61.57 -24.88 32.76
N GLY R 733 -61.35 -25.70 31.74
CA GLY R 733 -60.30 -25.45 30.76
C GLY R 733 -58.94 -25.97 31.15
N PHE R 734 -58.79 -26.50 32.36
CA PHE R 734 -57.55 -27.07 32.85
C PHE R 734 -57.78 -28.47 33.39
N GLU R 735 -58.66 -29.22 32.73
CA GLU R 735 -59.12 -30.49 33.25
C GLU R 735 -58.08 -31.58 33.00
N HIS R 736 -57.90 -32.44 34.00
CA HIS R 736 -56.99 -33.57 33.88
C HIS R 736 -57.56 -34.61 32.93
N GLU R 737 -56.66 -35.35 32.29
CA GLU R 737 -57.04 -36.51 31.48
C GLU R 737 -56.90 -37.77 32.31
N THR R 738 -57.88 -38.66 32.19
CA THR R 738 -57.86 -39.94 32.91
C THR R 738 -58.40 -41.01 31.97
N GLU R 739 -57.49 -41.81 31.41
CA GLU R 739 -57.90 -42.91 30.57
C GLU R 739 -58.62 -43.97 31.40
N GLY R 740 -59.69 -44.52 30.84
CA GLY R 740 -60.48 -45.52 31.51
C GLY R 740 -61.71 -45.00 32.22
N THR R 741 -62.04 -43.73 32.04
CA THR R 741 -63.22 -43.12 32.65
C THR R 741 -64.09 -42.47 31.59
N GLU R 742 -65.36 -42.32 31.91
CA GLU R 742 -66.30 -41.56 31.10
C GLU R 742 -66.73 -40.33 31.87
N ILE R 743 -66.71 -39.19 31.22
CA ILE R 743 -67.03 -37.92 31.86
C ILE R 743 -68.38 -37.46 31.34
N ILE R 744 -69.42 -37.69 32.12
CA ILE R 744 -70.79 -37.26 31.80
C ILE R 744 -71.14 -36.09 32.70
N ASP R 745 -71.62 -35.01 32.07
CA ASP R 745 -71.90 -33.74 32.73
C ASP R 745 -70.81 -33.36 33.73
N GLY R 746 -69.55 -33.55 33.33
CA GLY R 746 -68.43 -33.22 34.18
C GLY R 746 -68.17 -34.18 35.32
N GLN R 747 -68.85 -35.31 35.35
CA GLN R 747 -68.74 -36.28 36.43
C GLN R 747 -68.10 -37.56 35.91
N TYR R 748 -67.26 -38.18 36.73
CA TYR R 748 -66.48 -39.33 36.31
C TYR R 748 -67.31 -40.61 36.46
N TYR R 749 -67.27 -41.45 35.43
CA TYR R 749 -67.88 -42.76 35.46
C TYR R 749 -66.84 -43.81 35.11
N VAL R 750 -66.88 -44.94 35.81
CA VAL R 750 -65.93 -46.03 35.62
C VAL R 750 -66.72 -47.31 35.36
N MET R 751 -66.31 -48.04 34.32
CA MET R 751 -66.93 -49.32 34.01
C MET R 751 -66.45 -50.36 35.01
N CYS R 752 -67.38 -51.00 35.71
CA CYS R 752 -67.06 -51.93 36.78
C CYS R 752 -67.81 -53.23 36.59
N VAL R 753 -67.23 -54.32 37.09
CA VAL R 753 -67.86 -55.63 37.01
C VAL R 753 -69.09 -55.66 37.90
N LYS R 754 -70.21 -56.13 37.34
CA LYS R 754 -71.41 -56.31 38.14
C LYS R 754 -71.17 -57.38 39.20
N THR R 755 -71.57 -57.08 40.43
CA THR R 755 -71.35 -58.00 41.55
C THR R 755 -72.23 -59.23 41.43
N MET S 1 -43.41 -9.47 1.94
CA MET S 1 -42.50 -9.89 3.01
C MET S 1 -41.07 -9.44 2.69
N ARG S 2 -40.49 -8.65 3.59
CA ARG S 2 -39.14 -8.14 3.42
C ARG S 2 -38.33 -8.44 4.67
N ALA S 3 -37.17 -9.06 4.48
CA ALA S 3 -36.24 -9.33 5.57
C ALA S 3 -35.01 -8.44 5.40
N LEU S 4 -34.57 -7.85 6.50
CA LEU S 4 -33.38 -7.01 6.53
C LEU S 4 -32.26 -7.78 7.20
N ILE S 5 -31.12 -7.88 6.53
CA ILE S 5 -29.94 -8.57 7.05
C ILE S 5 -28.85 -7.53 7.26
N VAL S 6 -28.41 -7.38 8.49
CA VAL S 6 -27.37 -6.43 8.87
C VAL S 6 -26.28 -7.20 9.59
N TYR S 7 -25.17 -7.46 8.91
CA TYR S 7 -24.02 -8.10 9.54
C TYR S 7 -22.76 -7.37 9.12
N THR S 8 -21.79 -7.28 10.03
CA THR S 8 -20.59 -6.49 9.78
C THR S 8 -19.37 -7.38 9.59
N GLU S 9 -18.96 -8.13 10.62
CA GLU S 9 -17.78 -9.00 10.53
C GLU S 9 -17.99 -10.11 11.56
N LEU S 10 -18.45 -11.26 11.10
CA LEU S 10 -18.70 -12.37 12.02
C LEU S 10 -17.50 -13.30 12.12
N THR S 11 -16.76 -13.48 11.03
CA THR S 11 -15.59 -14.33 11.02
C THR S 11 -14.35 -13.51 10.71
N ASP S 12 -13.19 -14.01 11.14
CA ASP S 12 -11.93 -13.35 10.86
C ASP S 12 -11.69 -13.20 9.36
N LYS S 13 -12.21 -14.12 8.55
CA LYS S 13 -12.16 -14.02 7.11
C LYS S 13 -13.58 -13.80 6.59
N ASP S 14 -13.77 -12.74 5.82
CA ASP S 14 -15.11 -12.28 5.46
C ASP S 14 -15.86 -13.29 4.62
N SER S 15 -15.15 -14.09 3.82
CA SER S 15 -15.82 -14.90 2.81
C SER S 15 -16.74 -15.95 3.42
N VAL S 16 -16.43 -16.45 4.61
CA VAL S 16 -17.25 -17.51 5.22
C VAL S 16 -18.65 -16.99 5.53
N ILE S 17 -18.72 -15.89 6.31
CA ILE S 17 -20.01 -15.34 6.67
C ILE S 17 -20.73 -14.79 5.46
N SER S 18 -19.99 -14.21 4.50
CA SER S 18 -20.62 -13.70 3.29
C SER S 18 -21.28 -14.82 2.49
N HIS S 19 -20.60 -15.95 2.34
CA HIS S 19 -21.19 -17.07 1.59
C HIS S 19 -22.37 -17.66 2.34
N ALA S 20 -22.29 -17.77 3.66
CA ALA S 20 -23.42 -18.28 4.42
C ALA S 20 -24.63 -17.36 4.29
N VAL S 21 -24.41 -16.04 4.36
CA VAL S 21 -25.50 -15.09 4.23
C VAL S 21 -26.06 -15.11 2.81
N ALA S 22 -25.21 -15.30 1.80
CA ALA S 22 -25.69 -15.40 0.43
C ALA S 22 -26.59 -16.62 0.26
N ARG S 23 -26.19 -17.76 0.84
CA ARG S 23 -27.04 -18.95 0.76
C ARG S 23 -28.37 -18.71 1.46
N LEU S 24 -28.34 -18.08 2.63
CA LEU S 24 -29.58 -17.79 3.34
C LEU S 24 -30.48 -16.85 2.54
N ALA S 25 -29.89 -15.82 1.92
CA ALA S 25 -30.67 -14.88 1.13
C ALA S 25 -31.30 -15.57 -0.09
N SER S 26 -30.55 -16.49 -0.72
CA SER S 26 -31.13 -17.24 -1.83
C SER S 26 -32.30 -18.09 -1.37
N GLU S 27 -32.16 -18.77 -0.23
CA GLU S 27 -33.26 -19.58 0.29
C GLU S 27 -34.46 -18.72 0.68
N LEU S 28 -34.22 -17.51 1.19
CA LEU S 28 -35.31 -16.63 1.54
C LEU S 28 -36.03 -16.11 0.29
N ASN S 29 -35.27 -15.81 -0.76
CA ASN S 29 -35.89 -15.36 -2.01
C ASN S 29 -36.69 -16.48 -2.65
N ASP S 30 -36.25 -17.73 -2.50
CA ASP S 30 -37.02 -18.84 -3.05
C ASP S 30 -38.36 -19.03 -2.37
N GLU S 31 -38.54 -18.51 -1.15
CA GLU S 31 -39.83 -18.52 -0.49
C GLU S 31 -40.52 -17.16 -0.53
N HIS S 32 -40.15 -16.32 -1.50
CA HIS S 32 -40.80 -15.02 -1.75
C HIS S 32 -40.66 -14.06 -0.58
N VAL S 33 -39.52 -14.10 0.11
CA VAL S 33 -39.15 -13.07 1.07
C VAL S 33 -38.05 -12.24 0.43
N GLU S 34 -38.34 -10.97 0.18
CA GLU S 34 -37.32 -10.07 -0.34
C GLU S 34 -36.29 -9.77 0.74
N THR S 35 -35.02 -9.69 0.35
CA THR S 35 -33.93 -9.50 1.29
C THR S 35 -33.13 -8.25 0.94
N VAL S 36 -32.82 -7.46 1.95
CA VAL S 36 -31.91 -6.33 1.85
C VAL S 36 -30.71 -6.65 2.73
N ILE S 37 -29.53 -6.70 2.13
CA ILE S 37 -28.30 -7.06 2.82
C ILE S 37 -27.48 -5.80 3.03
N ILE S 38 -27.12 -5.53 4.28
CA ILE S 38 -26.42 -4.31 4.67
C ILE S 38 -25.23 -4.70 5.54
N ARG S 39 -24.07 -4.10 5.28
CA ARG S 39 -22.84 -4.48 5.96
C ARG S 39 -22.44 -3.53 7.08
N ASP S 40 -23.23 -2.48 7.36
CA ASP S 40 -22.85 -1.51 8.36
C ASP S 40 -24.07 -1.09 9.15
N PHE S 41 -23.91 -0.92 10.47
CA PHE S 41 -25.05 -0.62 11.32
C PHE S 41 -25.57 0.80 11.09
N GLU S 42 -24.72 1.74 10.67
CA GLU S 42 -25.21 3.07 10.34
C GLU S 42 -26.03 3.05 9.07
N ASP S 43 -25.62 2.26 8.08
CA ASP S 43 -26.41 2.08 6.87
C ASP S 43 -27.74 1.42 7.19
N GLY S 44 -27.72 0.42 8.08
CA GLY S 44 -28.97 -0.21 8.48
C GLY S 44 -29.88 0.74 9.23
N LEU S 45 -29.30 1.61 10.05
CA LEU S 45 -30.09 2.62 10.74
C LEU S 45 -30.73 3.58 9.76
N ALA S 46 -29.97 4.02 8.75
CA ALA S 46 -30.54 4.89 7.73
C ALA S 46 -31.66 4.19 6.97
N TYR S 47 -31.47 2.91 6.65
CA TYR S 47 -32.52 2.15 5.98
C TYR S 47 -33.78 2.06 6.84
N ILE S 48 -33.61 1.80 8.13
CA ILE S 48 -34.75 1.67 9.03
C ILE S 48 -35.49 3.00 9.15
N ARG S 49 -34.75 4.11 9.17
CA ARG S 49 -35.40 5.42 9.29
C ARG S 49 -36.15 5.85 8.04
N SER S 50 -35.99 5.13 6.93
CA SER S 50 -36.88 5.29 5.81
C SER S 50 -38.13 4.45 6.04
N ASN S 51 -39.29 5.03 5.76
CA ASN S 51 -40.56 4.39 6.12
C ASN S 51 -40.83 3.20 5.19
N THR S 52 -39.97 2.19 5.32
CA THR S 52 -40.08 0.95 4.56
C THR S 52 -40.48 -0.16 5.52
N SER S 53 -41.48 -0.95 5.13
CA SER S 53 -41.93 -2.05 5.97
C SER S 53 -40.90 -3.15 6.03
N ILE S 54 -40.52 -3.55 7.24
CA ILE S 54 -39.57 -4.61 7.47
C ILE S 54 -40.28 -5.70 8.26
N ASP S 55 -40.28 -6.92 7.74
CA ASP S 55 -41.00 -8.00 8.38
C ASP S 55 -40.13 -8.85 9.30
N CYS S 56 -38.81 -8.77 9.16
CA CYS S 56 -37.91 -9.54 10.01
C CYS S 56 -36.53 -8.92 9.93
N LEU S 57 -35.85 -8.87 11.07
CA LEU S 57 -34.47 -8.38 11.15
C LEU S 57 -33.56 -9.54 11.53
N LEU S 58 -32.56 -9.80 10.70
CA LEU S 58 -31.51 -10.76 11.00
C LEU S 58 -30.20 -10.01 11.07
N TYR S 59 -29.55 -10.04 12.22
CA TYR S 59 -28.33 -9.28 12.41
C TYR S 59 -27.25 -10.13 13.06
N GLY S 60 -26.01 -9.74 12.80
CA GLY S 60 -24.86 -10.31 13.48
C GLY S 60 -23.78 -9.27 13.59
N ARG S 61 -22.98 -9.38 14.64
CA ARG S 61 -21.88 -8.45 14.89
C ARG S 61 -20.60 -9.24 15.15
N ASP S 62 -19.56 -8.51 15.57
CA ASP S 62 -18.30 -9.14 15.91
C ASP S 62 -18.45 -10.09 17.10
N MET S 63 -19.30 -9.73 18.06
CA MET S 63 -19.65 -10.45 19.27
C MET S 63 -18.57 -10.34 20.34
N SER S 64 -17.42 -9.75 20.03
CA SER S 64 -16.43 -9.41 21.03
C SER S 64 -16.23 -7.90 21.15
N ASP S 65 -16.97 -7.10 20.38
CA ASP S 65 -16.85 -5.65 20.39
C ASP S 65 -18.05 -5.05 21.11
N ARG S 66 -17.81 -4.31 22.20
CA ARG S 66 -18.92 -3.67 22.89
C ARG S 66 -19.51 -2.51 22.10
N ASP S 67 -18.71 -1.85 21.27
CA ASP S 67 -19.23 -0.77 20.44
C ASP S 67 -20.25 -1.30 19.43
N GLU S 68 -19.95 -2.43 18.79
CA GLU S 68 -20.92 -3.02 17.88
C GLU S 68 -22.15 -3.54 18.63
N GLN S 69 -21.98 -3.98 19.88
CA GLN S 69 -23.13 -4.36 20.68
C GLN S 69 -24.05 -3.16 20.93
N ILE S 70 -23.46 -2.01 21.27
CA ILE S 70 -24.24 -0.80 21.47
C ILE S 70 -24.93 -0.39 20.17
N GLN S 71 -24.22 -0.48 19.05
CA GLN S 71 -24.81 -0.13 17.76
C GLN S 71 -25.97 -1.05 17.40
N ALA S 72 -25.81 -2.35 17.64
CA ALA S 72 -26.89 -3.30 17.35
C ALA S 72 -28.11 -3.04 18.23
N HIS S 73 -27.89 -2.75 19.51
CA HIS S 73 -29.01 -2.42 20.38
C HIS S 73 -29.72 -1.16 19.91
N ARG S 74 -28.95 -0.16 19.48
CA ARG S 74 -29.54 1.06 18.93
C ARG S 74 -30.36 0.76 17.68
N LEU S 75 -29.84 -0.10 16.80
CA LEU S 75 -30.57 -0.46 15.59
C LEU S 75 -31.90 -1.13 15.92
N ILE S 76 -31.89 -2.06 16.88
CA ILE S 76 -33.12 -2.77 17.22
C ILE S 76 -34.12 -1.83 17.88
N THR S 77 -33.64 -0.94 18.76
CA THR S 77 -34.54 0.04 19.38
C THR S 77 -35.17 0.96 18.34
N GLN S 78 -34.35 1.43 17.38
CA GLN S 78 -34.88 2.27 16.32
C GLN S 78 -35.92 1.53 15.49
N LEU S 79 -35.65 0.27 15.17
CA LEU S 79 -36.62 -0.52 14.41
C LEU S 79 -37.94 -0.64 15.17
N HIS S 80 -37.87 -0.89 16.47
CA HIS S 80 -39.09 -1.08 17.23
C HIS S 80 -39.78 0.23 17.61
N ARG S 81 -39.16 1.38 17.34
CA ARG S 81 -39.86 2.64 17.54
C ARG S 81 -41.18 2.69 16.76
N ARG S 82 -41.14 2.36 15.47
CA ARG S 82 -42.34 2.39 14.64
C ARG S 82 -42.77 1.03 14.14
N GLN S 83 -41.94 -0.01 14.27
CA GLN S 83 -42.28 -1.37 13.86
C GLN S 83 -42.02 -2.24 15.08
N GLU S 84 -43.01 -2.30 15.97
CA GLU S 84 -42.75 -2.63 17.37
C GLU S 84 -42.42 -4.11 17.56
N ASP S 85 -43.15 -5.01 16.91
CA ASP S 85 -43.04 -6.43 17.21
C ASP S 85 -42.36 -7.21 16.09
N VAL S 86 -41.53 -6.54 15.29
CA VAL S 86 -40.82 -7.23 14.20
C VAL S 86 -39.87 -8.26 14.80
N PRO S 87 -39.89 -9.51 14.34
CA PRO S 87 -38.97 -10.52 14.89
C PRO S 87 -37.52 -10.17 14.62
N VAL S 88 -36.66 -10.48 15.58
CA VAL S 88 -35.23 -10.24 15.47
C VAL S 88 -34.51 -11.58 15.58
N PHE S 89 -33.77 -11.93 14.54
CA PHE S 89 -32.93 -13.12 14.53
C PHE S 89 -31.48 -12.72 14.73
N LEU S 90 -30.78 -13.41 15.63
CA LEU S 90 -29.35 -13.21 15.81
C LEU S 90 -28.59 -14.22 14.96
N LEU S 91 -27.83 -13.72 13.99
CA LEU S 91 -26.94 -14.55 13.20
C LEU S 91 -25.57 -14.56 13.86
N SER S 92 -25.10 -15.74 14.24
CA SER S 92 -23.83 -15.80 14.96
C SER S 92 -23.28 -17.21 14.90
N ASP S 93 -21.96 -17.29 15.08
CA ASP S 93 -21.34 -18.56 15.45
C ASP S 93 -21.86 -18.99 16.81
N ARG S 94 -22.11 -20.29 16.97
CA ARG S 94 -22.83 -20.77 18.14
C ARG S 94 -22.09 -20.48 19.43
N GLU S 95 -20.79 -20.76 19.47
CA GLU S 95 -20.04 -20.60 20.72
C GLU S 95 -19.96 -19.14 21.14
N GLU S 96 -19.73 -18.24 20.18
CA GLU S 96 -19.66 -16.82 20.50
C GLU S 96 -20.98 -16.32 21.06
N ALA S 97 -22.10 -16.73 20.47
CA ALA S 97 -23.41 -16.32 20.98
C ALA S 97 -23.67 -16.91 22.35
N LEU S 98 -23.29 -18.17 22.56
CA LEU S 98 -23.57 -18.82 23.84
C LEU S 98 -22.76 -18.20 24.97
N VAL S 99 -21.51 -17.79 24.73
CA VAL S 99 -20.77 -17.15 25.80
C VAL S 99 -21.30 -15.75 26.11
N ALA S 100 -21.95 -15.10 25.15
CA ALA S 100 -22.54 -13.78 25.37
C ALA S 100 -23.99 -13.85 25.82
N PHE S 101 -24.54 -15.04 26.02
CA PHE S 101 -25.95 -15.19 26.36
C PHE S 101 -26.24 -14.66 27.76
N ASP S 102 -27.28 -13.84 27.87
CA ASP S 102 -27.74 -13.35 29.16
C ASP S 102 -29.16 -12.81 28.99
N ARG S 103 -29.70 -12.26 30.08
CA ARG S 103 -31.04 -11.69 30.05
C ARG S 103 -31.13 -10.52 29.09
N ASN S 104 -30.09 -9.66 29.09
CA ASN S 104 -30.11 -8.48 28.24
C ASN S 104 -30.11 -8.85 26.77
N MET S 105 -29.40 -9.91 26.40
CA MET S 105 -29.45 -10.41 25.02
C MET S 105 -30.87 -10.85 24.67
N MET S 106 -31.49 -11.64 25.53
CA MET S 106 -32.83 -12.17 25.24
C MET S 106 -33.90 -11.09 25.27
N GLU S 107 -33.61 -9.94 25.87
CA GLU S 107 -34.58 -8.85 25.84
C GLU S 107 -34.80 -8.32 24.42
N GLN S 108 -33.80 -8.46 23.54
CA GLN S 108 -33.92 -7.94 22.19
C GLN S 108 -33.85 -9.00 21.10
N VAL S 109 -33.47 -10.23 21.41
CA VAL S 109 -33.35 -11.30 20.43
C VAL S 109 -34.53 -12.25 20.59
N ASP S 110 -35.23 -12.52 19.50
CA ASP S 110 -36.31 -13.49 19.52
C ASP S 110 -35.87 -14.90 19.15
N GLU S 111 -34.94 -15.04 18.21
CA GLU S 111 -34.50 -16.35 17.77
C GLU S 111 -33.01 -16.36 17.43
N PHE S 112 -32.44 -17.55 17.49
CA PHE S 112 -31.05 -17.80 17.14
C PHE S 112 -30.97 -18.44 15.77
N ALA S 113 -29.99 -18.02 14.99
CA ALA S 113 -29.71 -18.61 13.68
C ALA S 113 -28.21 -18.92 13.63
N TRP S 114 -27.85 -20.18 13.86
CA TRP S 114 -26.45 -20.59 13.77
C TRP S 114 -26.08 -20.68 12.30
N ILE S 115 -25.75 -19.53 11.72
CA ILE S 115 -25.60 -19.39 10.29
C ILE S 115 -24.48 -20.27 9.72
N LEU S 116 -23.48 -20.61 10.51
CA LEU S 116 -22.32 -21.35 10.01
C LEU S 116 -22.43 -22.85 10.16
N GLU S 117 -23.44 -23.37 10.86
CA GLU S 117 -23.59 -24.80 11.04
C GLU S 117 -25.01 -25.29 10.81
N ASP S 118 -25.87 -24.46 10.24
CA ASP S 118 -27.26 -24.82 10.00
C ASP S 118 -27.57 -24.65 8.52
N SER S 119 -28.48 -25.49 8.03
CA SER S 119 -28.94 -25.36 6.66
C SER S 119 -29.69 -24.05 6.48
N ALA S 120 -29.45 -23.39 5.35
CA ALA S 120 -30.18 -22.15 5.06
C ALA S 120 -31.67 -22.39 4.91
N ASP S 121 -32.07 -23.60 4.51
CA ASP S 121 -33.48 -23.90 4.36
C ASP S 121 -34.21 -23.90 5.70
N PHE S 122 -33.58 -24.47 6.74
CA PHE S 122 -34.21 -24.49 8.06
C PHE S 122 -34.38 -23.07 8.61
N ILE S 123 -33.34 -22.25 8.49
CA ILE S 123 -33.41 -20.87 8.96
C ILE S 123 -34.45 -20.10 8.17
N ALA S 124 -34.50 -20.30 6.86
CA ALA S 124 -35.47 -19.61 6.02
C ALA S 124 -36.90 -19.99 6.42
N GLY S 125 -37.13 -21.28 6.70
CA GLY S 125 -38.45 -21.70 7.15
C GLY S 125 -38.84 -21.06 8.47
N ARG S 126 -37.90 -21.00 9.41
CA ARG S 126 -38.19 -20.36 10.70
C ARG S 126 -38.46 -18.87 10.52
N VAL S 127 -37.70 -18.22 9.64
CA VAL S 127 -37.92 -16.80 9.36
C VAL S 127 -39.30 -16.57 8.77
N LEU S 128 -39.71 -17.44 7.84
CA LEU S 128 -41.03 -17.30 7.24
C LEU S 128 -42.13 -17.49 8.28
N ALA S 129 -41.98 -18.48 9.16
CA ALA S 129 -42.96 -18.67 10.21
C ALA S 129 -43.04 -17.45 11.13
N ALA S 130 -41.90 -16.88 11.49
CA ALA S 130 -41.90 -15.68 12.32
C ALA S 130 -42.57 -14.51 11.62
N ILE S 131 -42.30 -14.35 10.32
CA ILE S 131 -42.91 -13.26 9.56
C ILE S 131 -44.42 -13.42 9.52
N GLN S 132 -44.90 -14.65 9.29
CA GLN S 132 -46.34 -14.87 9.26
C GLN S 132 -46.98 -14.59 10.62
N ARG S 133 -46.32 -15.02 11.70
CA ARG S 133 -46.83 -14.71 13.02
C ARG S 133 -46.91 -13.20 13.25
N TYR S 134 -45.88 -12.47 12.83
CA TYR S 134 -45.89 -11.02 13.00
C TYR S 134 -47.01 -10.37 12.18
N ARG S 135 -47.17 -10.79 10.92
CA ARG S 135 -48.19 -10.20 10.07
C ARG S 135 -49.59 -10.49 10.55
N SER S 136 -49.80 -11.64 11.20
CA SER S 136 -51.15 -11.98 11.63
C SER S 136 -51.64 -11.13 12.79
N GLN S 137 -50.76 -10.45 13.51
CA GLN S 137 -51.15 -9.61 14.63
C GLN S 137 -51.06 -8.12 14.32
N LEU S 138 -50.77 -7.76 13.07
CA LEU S 138 -50.45 -6.38 12.76
C LEU S 138 -51.67 -5.47 12.71
N LEU S 139 -52.81 -5.96 12.24
CA LEU S 139 -53.86 -4.98 12.02
C LEU S 139 -54.79 -4.88 13.22
N PRO S 140 -55.37 -3.69 13.44
CA PRO S 140 -56.39 -3.54 14.48
C PRO S 140 -57.67 -4.25 14.09
N PRO S 141 -58.58 -4.50 15.05
CA PRO S 141 -59.65 -5.48 14.79
C PRO S 141 -60.62 -5.09 13.69
N LEU S 142 -61.15 -3.86 13.73
CA LEU S 142 -62.14 -3.46 12.74
C LEU S 142 -61.57 -3.49 11.33
N MET S 143 -60.36 -2.96 11.17
CA MET S 143 -59.73 -2.93 9.85
C MET S 143 -59.49 -4.34 9.34
N LYS S 144 -59.03 -5.22 10.23
CA LYS S 144 -58.80 -6.61 9.86
C LYS S 144 -60.08 -7.29 9.41
N SER S 145 -61.18 -7.11 10.14
CA SER S 145 -62.43 -7.75 9.76
C SER S 145 -62.98 -7.17 8.47
N LEU S 146 -62.83 -5.86 8.26
CA LEU S 146 -63.29 -5.26 7.01
C LEU S 146 -62.49 -5.78 5.83
N ILE S 147 -61.17 -5.90 5.97
CA ILE S 147 -60.37 -6.43 4.87
C ILE S 147 -60.75 -7.88 4.60
N LYS S 148 -60.97 -8.67 5.65
CA LYS S 148 -61.36 -10.06 5.46
C LYS S 148 -62.69 -10.17 4.74
N TYR S 149 -63.66 -9.32 5.08
CA TYR S 149 -64.96 -9.39 4.45
C TYR S 149 -64.93 -8.84 3.03
N SER S 150 -64.00 -7.94 2.71
CA SER S 150 -63.97 -7.29 1.41
C SER S 150 -63.83 -8.26 0.24
N ASP S 151 -63.31 -9.47 0.46
CA ASP S 151 -63.21 -10.43 -0.64
C ASP S 151 -64.56 -10.95 -1.11
N VAL S 152 -65.61 -10.83 -0.30
CA VAL S 152 -66.93 -11.28 -0.71
C VAL S 152 -67.45 -10.39 -1.83
N HIS S 153 -67.95 -10.99 -2.90
CA HIS S 153 -68.45 -10.23 -4.05
C HIS S 153 -69.87 -10.58 -4.43
N GLU S 154 -70.57 -11.38 -3.65
CA GLU S 154 -71.90 -11.82 -4.02
C GLU S 154 -72.91 -10.69 -3.86
N TYR S 155 -73.90 -10.68 -4.74
CA TYR S 155 -75.00 -9.72 -4.66
C TYR S 155 -75.85 -10.04 -3.44
N SER S 156 -75.71 -9.23 -2.40
CA SER S 156 -76.72 -9.23 -1.35
C SER S 156 -77.98 -8.58 -1.90
N TRP S 157 -79.12 -8.95 -1.34
CA TRP S 157 -80.40 -8.42 -1.78
C TRP S 157 -80.88 -7.30 -0.88
N ALA S 158 -79.94 -6.46 -0.42
CA ALA S 158 -80.23 -5.38 0.50
C ALA S 158 -79.37 -4.18 0.15
N ALA S 159 -79.61 -3.07 0.84
CA ALA S 159 -78.85 -1.85 0.63
C ALA S 159 -77.44 -1.99 1.19
N PRO S 160 -76.47 -1.18 0.72
CA PRO S 160 -76.56 -0.10 -0.28
C PRO S 160 -76.77 -0.61 -1.70
N GLY S 161 -77.43 0.21 -2.52
CA GLY S 161 -77.82 -0.20 -3.85
C GLY S 161 -76.68 -0.41 -4.81
N HIS S 162 -75.54 0.28 -4.61
CA HIS S 162 -74.44 0.13 -5.56
C HIS S 162 -73.80 -1.24 -5.49
N GLN S 163 -74.00 -1.99 -4.41
CA GLN S 163 -73.61 -3.39 -4.30
C GLN S 163 -72.10 -3.57 -4.54
N GLY S 164 -71.31 -2.97 -3.67
CA GLY S 164 -69.87 -3.07 -3.78
C GLY S 164 -69.29 -2.36 -4.97
N GLY S 165 -69.94 -1.31 -5.45
CA GLY S 165 -69.45 -0.52 -6.56
C GLY S 165 -69.89 -0.98 -7.93
N VAL S 166 -70.60 -2.10 -8.03
CA VAL S 166 -71.06 -2.59 -9.32
C VAL S 166 -71.99 -1.58 -9.98
N GLY S 167 -72.84 -0.94 -9.20
CA GLY S 167 -73.80 -0.01 -9.75
C GLY S 167 -73.16 1.17 -10.48
N PHE S 168 -72.01 1.62 -10.01
CA PHE S 168 -71.33 2.74 -10.67
C PHE S 168 -70.85 2.38 -12.06
N THR S 169 -70.47 1.12 -12.28
CA THR S 169 -69.88 0.75 -13.57
C THR S 169 -70.94 0.45 -14.62
N LYS S 170 -71.91 1.32 -14.79
CA LYS S 170 -72.94 1.16 -15.79
C LYS S 170 -73.12 2.36 -16.69
N THR S 171 -72.58 3.52 -16.32
CA THR S 171 -72.44 4.68 -17.20
C THR S 171 -70.96 5.02 -17.31
N PRO S 172 -70.56 5.70 -18.39
CA PRO S 172 -69.14 6.07 -18.51
C PRO S 172 -68.64 6.97 -17.38
N ALA S 173 -69.44 7.94 -16.95
CA ALA S 173 -69.03 8.81 -15.84
C ALA S 173 -68.92 8.00 -14.55
N GLY S 174 -69.87 7.10 -14.31
CA GLY S 174 -69.76 6.20 -13.18
C GLY S 174 -68.52 5.34 -13.23
N ARG S 175 -68.13 4.88 -14.42
CA ARG S 175 -66.93 4.07 -14.54
C ARG S 175 -65.68 4.88 -14.24
N ILE S 176 -65.63 6.13 -14.70
CA ILE S 176 -64.50 7.00 -14.37
C ILE S 176 -64.44 7.23 -12.87
N TYR S 177 -65.57 7.51 -12.24
CA TYR S 177 -65.63 7.72 -10.80
C TYR S 177 -65.17 6.47 -10.04
N HIS S 178 -65.64 5.31 -10.47
CA HIS S 178 -65.30 4.04 -9.82
C HIS S 178 -63.82 3.74 -9.95
N ASP S 179 -63.24 3.98 -11.13
CA ASP S 179 -61.81 3.77 -11.29
C ASP S 179 -60.98 4.76 -10.49
N PHE S 180 -61.46 6.00 -10.37
CA PHE S 180 -60.74 6.98 -9.58
C PHE S 180 -60.70 6.59 -8.11
N PHE S 181 -61.84 6.25 -7.53
CA PHE S 181 -61.85 5.98 -6.10
C PHE S 181 -61.43 4.55 -5.75
N GLY S 182 -61.42 3.64 -6.69
CA GLY S 182 -60.97 2.30 -6.44
C GLY S 182 -62.05 1.39 -5.88
N GLU S 183 -61.83 0.09 -6.07
CA GLU S 183 -62.85 -0.91 -5.76
C GLU S 183 -63.02 -1.12 -4.26
N ASN S 184 -61.91 -1.10 -3.51
CA ASN S 184 -61.97 -1.49 -2.11
C ASN S 184 -62.80 -0.53 -1.27
N LEU S 185 -62.84 0.76 -1.62
CA LEU S 185 -63.69 1.69 -0.91
C LEU S 185 -65.15 1.29 -0.99
N PHE S 186 -65.61 0.90 -2.18
CA PHE S 186 -67.01 0.51 -2.35
C PHE S 186 -67.28 -0.86 -1.78
N ARG S 187 -66.28 -1.74 -1.76
CA ARG S 187 -66.55 -3.07 -1.23
C ARG S 187 -66.58 -3.10 0.30
N THR S 188 -66.12 -2.05 0.97
CA THR S 188 -66.28 -1.95 2.42
C THR S 188 -67.57 -1.25 2.82
N ASP S 189 -68.26 -0.61 1.88
CA ASP S 189 -69.54 0.04 2.15
C ASP S 189 -70.62 -1.04 2.12
N ILE S 190 -70.77 -1.74 3.23
CA ILE S 190 -71.52 -2.99 3.26
C ILE S 190 -72.83 -2.90 4.01
N GLY S 191 -73.09 -1.81 4.71
CA GLY S 191 -74.29 -1.72 5.53
C GLY S 191 -74.08 -2.30 6.90
N ILE S 192 -75.09 -2.10 7.75
CA ILE S 192 -75.00 -2.48 9.15
C ILE S 192 -75.64 -3.84 9.43
N GLU S 193 -75.90 -4.63 8.39
CA GLU S 193 -76.61 -5.89 8.52
C GLU S 193 -75.73 -7.10 8.23
N ARG S 194 -74.42 -6.93 8.26
CA ARG S 194 -73.48 -8.04 8.04
C ARG S 194 -72.88 -8.43 9.38
N VAL S 195 -73.35 -9.55 9.94
CA VAL S 195 -72.96 -9.95 11.29
C VAL S 195 -71.51 -10.38 11.39
N ALA S 196 -70.85 -10.65 10.27
CA ALA S 196 -69.43 -10.99 10.31
C ALA S 196 -68.61 -9.83 10.88
N VAL S 197 -68.99 -8.60 10.55
CA VAL S 197 -68.27 -7.42 11.04
C VAL S 197 -68.91 -6.85 12.30
N GLY S 198 -70.23 -6.81 12.37
CA GLY S 198 -70.94 -6.18 13.45
C GLY S 198 -71.61 -4.91 13.01
N SER S 199 -72.11 -4.16 14.00
CA SER S 199 -72.77 -2.89 13.73
C SER S 199 -72.20 -1.80 14.63
N LEU S 200 -72.01 -0.62 14.06
CA LEU S 200 -71.44 0.49 14.82
C LEU S 200 -72.41 1.00 15.88
N LEU S 201 -73.68 1.16 15.52
CA LEU S 201 -74.63 1.75 16.46
C LEU S 201 -74.94 0.81 17.62
N ASP S 202 -74.83 -0.50 17.40
CA ASP S 202 -75.03 -1.46 18.48
C ASP S 202 -73.76 -1.72 19.26
N HIS S 203 -72.61 -1.22 18.80
CA HIS S 203 -71.31 -1.44 19.44
C HIS S 203 -71.02 -2.93 19.62
N THR S 204 -71.33 -3.73 18.59
CA THR S 204 -71.13 -5.16 18.64
C THR S 204 -70.07 -5.58 17.63
N GLY S 205 -69.52 -6.77 17.87
CA GLY S 205 -68.54 -7.34 16.95
C GLY S 205 -67.25 -6.54 16.92
N ALA S 206 -66.70 -6.42 15.71
CA ALA S 206 -65.45 -5.69 15.53
C ALA S 206 -65.58 -4.24 15.95
N PHE S 207 -66.77 -3.65 15.89
CA PHE S 207 -66.93 -2.27 16.35
C PHE S 207 -66.79 -2.18 17.86
N GLY S 208 -67.37 -3.13 18.59
CA GLY S 208 -67.14 -3.17 20.03
C GLY S 208 -65.68 -3.40 20.37
N GLU S 209 -65.03 -4.31 19.64
CA GLU S 209 -63.60 -4.52 19.86
C GLU S 209 -62.80 -3.24 19.62
N CYS S 210 -63.10 -2.54 18.53
CA CYS S 210 -62.36 -1.32 18.20
C CYS S 210 -62.59 -0.23 19.24
N GLU S 211 -63.82 -0.10 19.74
CA GLU S 211 -64.08 0.92 20.75
C GLU S 211 -63.39 0.57 22.07
N LYS S 212 -63.36 -0.70 22.45
CA LYS S 212 -62.61 -1.08 23.65
C LYS S 212 -61.12 -0.82 23.48
N ASN S 213 -60.59 -1.14 22.29
CA ASN S 213 -59.18 -0.87 22.01
C ASN S 213 -58.88 0.63 22.09
N ALA S 214 -59.75 1.46 21.53
CA ALA S 214 -59.55 2.90 21.56
C ALA S 214 -59.64 3.44 22.99
N ALA S 215 -60.57 2.91 23.79
CA ALA S 215 -60.67 3.33 25.17
C ALA S 215 -59.40 2.99 25.94
N ARG S 216 -58.84 1.81 25.68
CA ARG S 216 -57.56 1.46 26.31
C ARG S 216 -56.45 2.39 25.85
N ILE S 217 -56.36 2.66 24.54
CA ILE S 217 -55.25 3.44 24.01
C ILE S 217 -55.31 4.87 24.51
N PHE S 218 -56.50 5.45 24.57
CA PHE S 218 -56.64 6.84 24.96
C PHE S 218 -56.91 7.03 26.45
N GLY S 219 -56.89 5.95 27.23
CA GLY S 219 -57.05 6.06 28.67
C GLY S 219 -58.42 6.49 29.15
N ALA S 220 -59.47 5.99 28.50
CA ALA S 220 -60.83 6.29 28.91
C ALA S 220 -61.51 5.03 29.44
N ASP S 221 -62.56 5.24 30.23
CA ASP S 221 -63.39 4.11 30.64
C ASP S 221 -64.20 3.57 29.46
N GLN S 222 -64.82 4.45 28.69
CA GLN S 222 -65.58 4.05 27.51
C GLN S 222 -65.24 5.00 26.37
N SER S 223 -65.25 4.47 25.15
CA SER S 223 -65.02 5.26 23.96
C SER S 223 -66.12 5.00 22.95
N TYR S 224 -66.49 6.04 22.22
CA TYR S 224 -67.50 5.94 21.16
C TYR S 224 -66.92 6.50 19.87
N SER S 225 -67.01 5.72 18.80
CA SER S 225 -66.62 6.17 17.49
C SER S 225 -67.77 6.93 16.85
N VAL S 226 -67.47 8.07 16.25
CA VAL S 226 -68.46 8.98 15.70
C VAL S 226 -68.11 9.25 14.25
N VAL S 227 -69.13 9.27 13.38
CA VAL S 227 -68.95 9.51 11.96
C VAL S 227 -69.52 10.86 11.53
N VAL S 228 -69.88 11.71 12.48
CA VAL S 228 -70.36 13.06 12.20
C VAL S 228 -69.40 14.11 12.76
N GLY S 229 -68.16 13.73 13.00
CA GLY S 229 -67.17 14.67 13.48
C GLY S 229 -67.35 15.07 14.94
N THR S 230 -66.47 15.97 15.36
CA THR S 230 -66.57 16.51 16.71
C THR S 230 -67.80 17.37 16.89
N SER S 231 -68.34 17.95 15.82
CA SER S 231 -69.64 18.62 15.92
C SER S 231 -70.69 17.65 16.45
N GLY S 232 -70.78 16.48 15.82
CA GLY S 232 -71.71 15.47 16.29
C GLY S 232 -71.39 14.98 17.69
N SER S 233 -70.10 14.78 17.98
CA SER S 233 -69.71 14.32 19.32
C SER S 233 -70.11 15.31 20.40
N ASN S 234 -69.85 16.61 20.16
CA ASN S 234 -70.24 17.64 21.11
C ASN S 234 -71.74 17.67 21.28
N ARG S 235 -72.49 17.53 20.18
CA ARG S 235 -73.94 17.53 20.27
C ARG S 235 -74.44 16.38 21.14
N THR S 236 -73.91 15.16 20.94
CA THR S 236 -74.42 14.05 21.73
C THR S 236 -74.03 14.18 23.20
N ILE S 237 -72.83 14.66 23.49
CA ILE S 237 -72.44 14.84 24.89
C ILE S 237 -73.36 15.85 25.56
N MET S 238 -73.59 16.98 24.89
CA MET S 238 -74.42 18.01 25.48
C MET S 238 -75.87 17.56 25.62
N GLN S 239 -76.36 16.76 24.67
CA GLN S 239 -77.71 16.21 24.77
C GLN S 239 -77.83 15.22 25.91
N ALA S 240 -76.79 14.43 26.16
CA ALA S 240 -76.82 13.51 27.28
C ALA S 240 -76.68 14.21 28.63
N CYS S 241 -76.10 15.41 28.66
CA CYS S 241 -75.78 16.03 29.94
C CYS S 241 -76.83 16.99 30.46
N MET S 242 -77.37 17.89 29.63
CA MET S 242 -78.18 18.98 30.16
C MET S 242 -79.60 18.93 29.61
N THR S 243 -80.44 19.76 30.21
CA THR S 243 -81.85 19.88 29.88
C THR S 243 -82.23 21.35 29.99
N ASP S 244 -83.41 21.71 29.47
CA ASP S 244 -83.79 23.11 29.46
C ASP S 244 -83.98 23.70 30.85
N ASP S 245 -84.06 22.85 31.89
CA ASP S 245 -84.13 23.31 33.27
C ASP S 245 -82.76 23.34 33.94
N ASP S 246 -81.68 23.51 33.17
CA ASP S 246 -80.33 23.41 33.68
C ASP S 246 -79.54 24.68 33.39
N VAL S 247 -78.55 24.94 34.23
CA VAL S 247 -77.58 26.00 34.01
C VAL S 247 -76.24 25.35 33.70
N VAL S 248 -75.53 25.89 32.72
CA VAL S 248 -74.28 25.30 32.27
C VAL S 248 -73.20 26.39 32.19
N VAL S 249 -71.96 25.96 32.34
CA VAL S 249 -70.80 26.85 32.37
C VAL S 249 -70.04 26.65 31.07
N ILE S 250 -70.00 27.67 30.23
CA ILE S 250 -69.49 27.54 28.87
C ILE S 250 -68.24 28.39 28.72
N ASP S 251 -67.16 27.77 28.26
CA ASP S 251 -66.01 28.51 27.76
C ASP S 251 -66.44 29.43 26.63
N ARG S 252 -66.17 30.72 26.77
CA ARG S 252 -66.51 31.66 25.72
C ARG S 252 -65.73 31.36 24.45
N ASN S 253 -64.54 30.75 24.56
CA ASN S 253 -63.82 30.20 23.43
C ASN S 253 -64.42 28.83 23.13
N CYS S 254 -65.59 28.83 22.50
CA CYS S 254 -66.30 27.61 22.19
C CYS S 254 -66.52 27.48 20.69
N HIS S 255 -66.48 26.24 20.20
CA HIS S 255 -66.84 25.96 18.83
C HIS S 255 -68.35 26.16 18.63
N LYS S 256 -68.73 26.41 17.39
CA LYS S 256 -70.14 26.64 17.09
C LYS S 256 -71.01 25.40 17.37
N SER S 257 -70.41 24.21 17.42
CA SER S 257 -71.18 23.03 17.81
C SER S 257 -71.62 23.11 19.26
N ILE S 258 -70.87 23.83 20.11
CA ILE S 258 -71.31 24.03 21.48
C ILE S 258 -72.57 24.87 21.53
N GLU S 259 -72.62 25.95 20.75
CA GLU S 259 -73.84 26.73 20.69
C GLU S 259 -74.99 25.94 20.06
N GLN S 260 -74.68 25.08 19.10
CA GLN S 260 -75.71 24.21 18.55
C GLN S 260 -76.27 23.27 19.62
N GLY S 261 -75.40 22.72 20.46
CA GLY S 261 -75.87 21.93 21.57
C GLY S 261 -76.73 22.72 22.55
N LEU S 262 -76.35 23.97 22.80
CA LEU S 262 -77.16 24.83 23.64
C LEU S 262 -78.55 25.04 23.04
N ILE S 263 -78.62 25.25 21.72
CA ILE S 263 -79.90 25.42 21.05
C ILE S 263 -80.72 24.14 21.16
N LEU S 264 -80.10 22.99 20.96
CA LEU S 264 -80.82 21.73 20.95
C LEU S 264 -81.22 21.25 22.34
N THR S 265 -80.56 21.73 23.39
CA THR S 265 -80.94 21.32 24.74
C THR S 265 -81.78 22.35 25.48
N GLY S 266 -81.67 23.63 25.12
CA GLY S 266 -82.39 24.66 25.81
C GLY S 266 -81.82 25.08 27.15
N ALA S 267 -80.59 24.69 27.45
CA ALA S 267 -79.96 25.04 28.72
C ALA S 267 -79.64 26.52 28.77
N LYS S 268 -79.46 27.03 30.00
CA LYS S 268 -79.15 28.44 30.21
C LYS S 268 -77.66 28.59 30.47
N PRO S 269 -76.91 29.26 29.59
CA PRO S 269 -75.46 29.29 29.72
C PRO S 269 -74.93 30.46 30.53
N VAL S 270 -73.86 30.16 31.26
CA VAL S 270 -73.03 31.15 31.93
C VAL S 270 -71.61 30.99 31.38
N TYR S 271 -70.91 32.11 31.18
CA TYR S 271 -69.69 32.12 30.39
C TYR S 271 -68.47 32.48 31.22
N MET S 272 -67.37 31.75 30.99
CA MET S 272 -66.06 32.13 31.47
C MET S 272 -65.29 32.80 30.35
N ILE S 273 -64.79 34.00 30.61
CA ILE S 273 -64.19 34.85 29.59
C ILE S 273 -62.69 34.54 29.52
N PRO S 274 -62.16 34.16 28.36
CA PRO S 274 -60.72 33.93 28.25
C PRO S 274 -59.95 35.24 28.15
N SER S 275 -58.64 35.13 28.32
CA SER S 275 -57.76 36.28 28.26
C SER S 275 -57.29 36.53 26.82
N ARG S 276 -56.74 37.72 26.59
CA ARG S 276 -56.24 38.13 25.29
C ARG S 276 -54.89 38.80 25.47
N ASN S 277 -54.09 38.79 24.41
CA ASN S 277 -52.80 39.46 24.40
C ASN S 277 -52.79 40.55 23.33
N ARG S 278 -51.66 41.26 23.23
CA ARG S 278 -51.57 42.41 22.35
C ARG S 278 -51.65 42.05 20.88
N TYR S 279 -51.41 40.79 20.52
CA TYR S 279 -51.49 40.36 19.14
C TYR S 279 -52.90 39.94 18.74
N GLY S 280 -53.86 40.02 19.64
CA GLY S 280 -55.19 39.52 19.37
C GLY S 280 -55.36 38.03 19.52
N ILE S 281 -54.36 37.35 20.09
CA ILE S 281 -54.44 35.92 20.31
C ILE S 281 -55.27 35.66 21.56
N ILE S 282 -56.30 34.83 21.43
CA ILE S 282 -57.11 34.44 22.57
C ILE S 282 -56.30 33.51 23.47
N GLY S 283 -56.28 33.80 24.76
CA GLY S 283 -55.53 33.00 25.70
C GLY S 283 -56.41 32.16 26.59
N PRO S 284 -55.83 31.60 27.64
CA PRO S 284 -56.58 30.73 28.53
C PRO S 284 -57.53 31.51 29.43
N ILE S 285 -58.54 30.79 29.91
CA ILE S 285 -59.35 31.29 31.01
C ILE S 285 -58.52 31.26 32.28
N TYR S 286 -58.51 32.37 33.01
CA TYR S 286 -57.74 32.43 34.24
C TYR S 286 -58.44 31.68 35.36
N PRO S 287 -57.69 31.21 36.34
CA PRO S 287 -58.31 30.49 37.47
C PRO S 287 -59.34 31.31 38.22
N LYS S 288 -59.25 32.64 38.18
CA LYS S 288 -60.22 33.48 38.87
C LYS S 288 -61.62 33.37 38.29
N GLU S 289 -61.77 32.79 37.10
CA GLU S 289 -63.07 32.60 36.48
C GLU S 289 -63.68 31.23 36.75
N MET S 290 -62.91 30.27 37.26
CA MET S 290 -63.38 28.93 37.51
C MET S 290 -63.64 28.64 38.97
N THR S 291 -63.33 29.56 39.87
CA THR S 291 -63.54 29.30 41.29
C THR S 291 -65.04 29.19 41.58
N PRO S 292 -65.41 28.40 42.59
CA PRO S 292 -66.83 28.27 42.93
C PRO S 292 -67.52 29.59 43.21
N ASP S 293 -66.83 30.54 43.83
CA ASP S 293 -67.42 31.85 44.07
C ASP S 293 -67.64 32.60 42.76
N ALA S 294 -66.69 32.49 41.83
CA ALA S 294 -66.87 33.15 40.54
C ALA S 294 -68.06 32.58 39.78
N ILE S 295 -68.23 31.26 39.82
CA ILE S 295 -69.34 30.64 39.12
C ILE S 295 -70.66 30.99 39.79
N LYS S 296 -70.70 31.02 41.12
CA LYS S 296 -71.92 31.46 41.81
C LYS S 296 -72.26 32.90 41.49
N PHE S 297 -71.24 33.77 41.43
CA PHE S 297 -71.47 35.17 41.06
C PHE S 297 -72.02 35.29 39.65
N LYS S 298 -71.45 34.52 38.71
CA LYS S 298 -71.93 34.55 37.34
C LYS S 298 -73.38 34.08 37.26
N ILE S 299 -73.71 33.02 37.99
CA ILE S 299 -75.09 32.51 37.98
C ILE S 299 -76.04 33.54 38.58
N ALA S 300 -75.65 34.18 39.68
CA ALA S 300 -76.51 35.17 40.32
C ALA S 300 -76.65 36.44 39.48
N ALA S 301 -75.69 36.75 38.62
CA ALA S 301 -75.77 37.97 37.82
C ALA S 301 -76.45 37.77 36.48
N ASN S 302 -76.60 36.53 36.02
CA ASN S 302 -77.18 36.30 34.71
C ASN S 302 -78.68 36.56 34.73
N PRO S 303 -79.23 37.29 33.76
CA PRO S 303 -80.68 37.55 33.76
C PRO S 303 -81.53 36.30 33.69
N LEU S 304 -81.06 35.25 33.01
CA LEU S 304 -81.86 34.04 32.85
C LEU S 304 -81.66 33.04 33.99
N THR S 305 -80.49 33.00 34.60
CA THR S 305 -80.17 31.99 35.59
C THR S 305 -80.29 32.49 37.02
N LYS S 306 -80.70 33.74 37.24
CA LYS S 306 -80.73 34.27 38.59
C LYS S 306 -81.80 33.65 39.47
N GLY S 307 -82.70 32.84 38.89
CA GLY S 307 -83.65 32.09 39.67
C GLY S 307 -83.20 30.66 39.90
N LYS S 308 -81.92 30.38 39.67
CA LYS S 308 -81.36 29.04 39.78
C LYS S 308 -80.09 29.03 40.61
N VAL S 309 -79.90 30.05 41.45
CA VAL S 309 -78.66 30.20 42.20
C VAL S 309 -78.41 29.07 43.18
N LYS S 310 -79.44 28.30 43.53
CA LYS S 310 -79.30 27.16 44.41
C LYS S 310 -79.11 25.85 43.66
N GLN S 311 -79.07 25.89 42.33
CA GLN S 311 -79.02 24.70 41.52
C GLN S 311 -77.58 24.44 41.08
N LYS S 312 -77.14 23.20 41.22
CA LYS S 312 -75.80 22.82 40.79
C LYS S 312 -75.73 22.78 39.28
N PRO S 313 -74.74 23.41 38.66
CA PRO S 313 -74.63 23.37 37.19
C PRO S 313 -74.43 21.95 36.70
N ALA S 314 -75.05 21.64 35.58
CA ALA S 314 -75.08 20.27 35.08
C ALA S 314 -73.92 19.93 34.15
N TYR S 315 -73.18 20.92 33.68
CA TYR S 315 -72.22 20.68 32.61
C TYR S 315 -71.30 21.89 32.47
N SER S 316 -70.03 21.62 32.16
CA SER S 316 -69.09 22.66 31.80
C SER S 316 -68.23 22.17 30.65
N VAL S 317 -67.82 23.09 29.79
CA VAL S 317 -66.98 22.77 28.65
C VAL S 317 -65.81 23.75 28.61
N VAL S 318 -64.61 23.22 28.40
CA VAL S 318 -63.40 24.01 28.22
C VAL S 318 -62.71 23.52 26.95
N THR S 319 -62.35 24.44 26.08
CA THR S 319 -61.60 24.10 24.87
C THR S 319 -60.12 24.02 25.23
N ASN S 320 -59.51 22.87 25.00
CA ASN S 320 -58.11 22.64 25.34
C ASN S 320 -57.55 21.60 24.38
N CYS S 321 -56.54 21.98 23.60
CA CYS S 321 -55.94 23.30 23.62
C CYS S 321 -56.72 24.30 22.78
N THR S 322 -56.36 25.57 22.86
CA THR S 322 -57.02 26.61 22.09
C THR S 322 -56.54 26.56 20.65
N TYR S 323 -57.13 27.43 19.82
CA TYR S 323 -56.79 27.45 18.40
C TYR S 323 -55.34 27.85 18.15
N ASP S 324 -54.76 28.65 19.03
CA ASP S 324 -53.38 29.10 18.87
C ASP S 324 -52.40 28.29 19.71
N GLY S 325 -52.81 27.12 20.19
CA GLY S 325 -51.88 26.23 20.85
C GLY S 325 -51.62 26.50 22.31
N VAL S 326 -52.54 27.16 23.00
CA VAL S 326 -52.42 27.36 24.44
C VAL S 326 -53.09 26.19 25.14
N CYS S 327 -52.32 25.45 25.93
CA CYS S 327 -52.80 24.25 26.60
C CYS S 327 -52.96 24.52 28.09
N TYR S 328 -54.14 24.24 28.63
CA TYR S 328 -54.38 24.36 30.06
C TYR S 328 -53.69 23.24 30.82
N ASN S 329 -53.31 23.52 32.06
CA ASN S 329 -53.02 22.47 33.01
C ASN S 329 -54.34 21.83 33.40
N ALA S 330 -54.67 20.70 32.77
CA ALA S 330 -56.00 20.13 32.93
C ALA S 330 -56.22 19.59 34.33
N ARG S 331 -55.16 19.13 35.00
CA ARG S 331 -55.30 18.70 36.38
C ARG S 331 -55.78 19.86 37.27
N LYS S 332 -55.19 21.04 37.09
CA LYS S 332 -55.60 22.19 37.89
C LYS S 332 -57.00 22.67 37.52
N VAL S 333 -57.34 22.65 36.22
CA VAL S 333 -58.67 23.03 35.80
C VAL S 333 -59.71 22.08 36.41
N GLN S 334 -59.42 20.78 36.39
CA GLN S 334 -60.34 19.81 36.96
C GLN S 334 -60.49 20.01 38.46
N ASP S 335 -59.39 20.28 39.16
CA ASP S 335 -59.49 20.54 40.59
C ASP S 335 -60.30 21.80 40.88
N LEU S 336 -60.16 22.83 40.06
CA LEU S 336 -60.93 24.05 40.26
C LEU S 336 -62.41 23.81 40.02
N LEU S 337 -62.76 23.18 38.91
CA LEU S 337 -64.15 22.96 38.55
C LEU S 337 -64.82 21.87 39.37
N ASP S 338 -64.05 21.00 40.04
CA ASP S 338 -64.63 19.99 40.90
C ASP S 338 -65.42 20.57 42.05
N GLY S 339 -65.13 21.80 42.45
CA GLY S 339 -65.88 22.42 43.52
C GLY S 339 -67.24 22.94 43.14
N SER S 340 -67.60 22.85 41.86
CA SER S 340 -68.88 23.37 41.40
C SER S 340 -69.66 22.43 40.48
N LEU S 341 -69.02 21.45 39.86
CA LEU S 341 -69.64 20.67 38.80
C LEU S 341 -69.31 19.19 39.00
N ASP S 342 -70.15 18.34 38.42
CA ASP S 342 -69.88 16.91 38.35
C ASP S 342 -69.51 16.43 36.95
N ARG S 343 -69.73 17.25 35.92
CA ARG S 343 -69.41 16.88 34.55
C ARG S 343 -68.55 17.97 33.93
N ILE S 344 -67.36 17.59 33.48
CA ILE S 344 -66.47 18.50 32.76
C ILE S 344 -66.20 17.91 31.40
N HIS S 345 -66.44 18.70 30.36
CA HIS S 345 -66.19 18.30 28.98
C HIS S 345 -64.99 19.09 28.47
N PHE S 346 -63.94 18.37 28.08
CA PHE S 346 -62.77 18.97 27.45
C PHE S 346 -62.89 18.76 25.94
N ASP S 347 -63.11 19.84 25.21
CA ASP S 347 -63.18 19.76 23.74
C ASP S 347 -61.76 19.80 23.21
N GLU S 348 -61.14 18.64 23.10
CA GLU S 348 -59.78 18.50 22.60
C GLU S 348 -59.76 18.16 21.11
N ALA S 349 -60.50 18.91 20.30
CA ALA S 349 -60.60 18.58 18.88
C ALA S 349 -59.24 18.68 18.19
N TRP S 350 -58.46 19.70 18.52
CA TRP S 350 -57.12 19.88 17.98
C TRP S 350 -56.05 19.19 18.81
N TYR S 351 -56.44 18.47 19.86
CA TYR S 351 -55.50 18.01 20.89
C TYR S 351 -55.77 16.52 21.13
N GLY S 352 -55.28 15.68 20.23
CA GLY S 352 -55.61 14.26 20.32
C GLY S 352 -54.38 13.43 20.59
N TYR S 353 -53.22 14.00 20.22
CA TYR S 353 -51.92 13.40 20.40
C TYR S 353 -51.33 13.62 21.79
N ALA S 354 -51.97 14.44 22.62
CA ALA S 354 -51.33 14.95 23.83
C ALA S 354 -50.98 13.84 24.81
N ARG S 355 -51.79 12.79 24.86
CA ARG S 355 -51.51 11.68 25.77
C ARG S 355 -50.21 10.95 25.45
N PHE S 356 -49.73 11.05 24.21
CA PHE S 356 -48.68 10.16 23.74
C PHE S 356 -47.30 10.82 23.68
N ASN S 357 -47.13 11.99 24.29
CA ASN S 357 -45.82 12.58 24.44
C ASN S 357 -45.70 13.16 25.84
N PRO S 358 -44.61 12.86 26.56
CA PRO S 358 -44.47 13.36 27.93
C PRO S 358 -44.37 14.88 28.03
N LEU S 359 -44.10 15.57 26.93
CA LEU S 359 -44.06 17.03 26.98
C LEU S 359 -45.39 17.64 27.38
N TYR S 360 -46.50 16.92 27.18
CA TYR S 360 -47.83 17.41 27.47
C TYR S 360 -48.37 16.93 28.81
N ARG S 361 -47.51 16.36 29.65
CA ARG S 361 -47.94 15.76 30.91
C ARG S 361 -48.71 16.76 31.76
N ASN S 362 -49.83 16.29 32.31
CA ASN S 362 -50.77 17.05 33.15
C ASN S 362 -51.54 18.12 32.40
N HIS S 363 -51.45 18.16 31.07
CA HIS S 363 -52.10 19.21 30.29
C HIS S 363 -53.16 18.66 29.36
N PHE S 364 -53.76 17.52 29.70
CA PHE S 364 -54.83 16.94 28.92
C PHE S 364 -55.76 16.17 29.86
N ALA S 365 -56.86 15.66 29.31
CA ALA S 365 -57.94 15.15 30.14
C ALA S 365 -57.68 13.75 30.67
N MET S 366 -57.38 12.81 29.77
CA MET S 366 -57.32 11.38 30.14
C MET S 366 -55.89 11.02 30.53
N ARG S 367 -55.51 11.44 31.73
CA ARG S 367 -54.15 11.28 32.22
C ARG S 367 -53.96 9.93 32.87
N ASP S 368 -52.75 9.39 32.71
CA ASP S 368 -52.34 8.21 33.48
C ASP S 368 -52.07 8.61 34.92
N GLU S 369 -53.07 8.48 35.78
CA GLU S 369 -52.97 8.91 37.16
C GLU S 369 -53.82 8.00 38.02
N GLU S 370 -53.49 7.95 39.31
CA GLU S 370 -54.34 7.27 40.27
C GLU S 370 -55.64 8.04 40.42
N ARG S 371 -56.76 7.36 40.25
CA ARG S 371 -58.08 7.99 40.25
C ARG S 371 -58.82 7.64 41.53
N THR S 372 -59.32 8.67 42.21
CA THR S 372 -60.13 8.47 43.40
C THR S 372 -61.59 8.28 43.01
N GLU S 373 -62.45 8.06 44.01
CA GLU S 373 -63.85 7.78 43.75
C GLU S 373 -64.74 9.02 43.76
N ASN S 374 -64.21 10.18 44.16
CA ASN S 374 -65.02 11.40 44.25
C ASN S 374 -64.70 12.35 43.10
N GLU S 375 -64.17 11.84 42.01
CA GLU S 375 -63.86 12.69 40.87
C GLU S 375 -65.13 13.02 40.09
N PRO S 376 -65.14 14.14 39.38
CA PRO S 376 -66.23 14.41 38.45
C PRO S 376 -66.13 13.54 37.21
N THR S 377 -67.24 13.41 36.50
CA THR S 377 -67.23 12.74 35.21
C THR S 377 -66.55 13.63 34.18
N ILE S 378 -65.64 13.05 33.41
CA ILE S 378 -64.84 13.79 32.44
C ILE S 378 -65.18 13.28 31.04
N PHE S 379 -65.49 14.21 30.14
CA PHE S 379 -65.67 13.92 28.72
C PHE S 379 -64.55 14.57 27.93
N ALA S 380 -64.06 13.87 26.93
CA ALA S 380 -63.08 14.42 25.99
C ALA S 380 -63.49 14.04 24.58
N THR S 381 -63.49 15.02 23.68
CA THR S 381 -63.78 14.80 22.27
C THR S 381 -62.53 15.06 21.45
N HIS S 382 -62.18 14.10 20.60
CA HIS S 382 -61.04 14.25 19.69
C HIS S 382 -61.54 14.27 18.26
N SER S 383 -61.09 15.26 17.50
CA SER S 383 -61.34 15.19 16.04
C SER S 383 -60.15 14.42 15.49
N THR S 384 -60.32 13.14 15.21
CA THR S 384 -59.22 12.26 14.76
C THR S 384 -58.67 12.69 13.40
N HIS S 385 -59.46 13.40 12.62
CA HIS S 385 -59.01 13.88 11.30
C HIS S 385 -58.17 15.15 11.42
N1 LLP S 386 -64.56 21.77 18.38
C2 LLP S 386 -63.44 22.41 18.08
C2' LLP S 386 -62.69 23.13 19.14
C3 LLP S 386 -62.96 22.37 16.77
O3 LLP S 386 -61.81 23.03 16.53
C4 LLP S 386 -63.66 21.68 15.77
C4' LLP S 386 -63.15 21.64 14.40
C5 LLP S 386 -64.85 21.03 16.14
C6 LLP S 386 -65.26 21.11 17.44
C5' LLP S 386 -65.72 20.30 15.16
OP4 LLP S 386 -65.08 19.10 14.65
P LLP S 386 -65.54 18.44 13.28
OP1 LLP S 386 -64.91 17.10 13.30
OP2 LLP S 386 -67.04 18.37 13.28
OP3 LLP S 386 -65.01 19.37 12.27
N LLP S 386 -58.28 15.87 12.54
CA LLP S 386 -57.56 17.18 12.63
CB LLP S 386 -58.20 18.14 13.64
CG LLP S 386 -59.28 19.05 13.08
CD LLP S 386 -60.08 19.80 14.15
CE LLP S 386 -61.51 20.08 13.75
NZ LLP S 386 -61.92 21.42 14.13
C LLP S 386 -56.05 16.96 12.80
O LLP S 386 -55.34 17.28 11.87
N LEU S 387 -55.61 16.42 13.93
CA LEU S 387 -54.14 16.34 14.19
C LEU S 387 -53.72 14.89 14.42
N LEU S 388 -54.59 13.95 14.14
CA LEU S 388 -54.27 12.51 14.13
C LEU S 388 -54.43 12.10 12.65
N ASN S 389 -54.32 10.84 12.29
CA ASN S 389 -54.44 10.35 10.92
C ASN S 389 -55.77 9.64 10.76
N ALA S 390 -56.78 10.39 10.30
CA ALA S 390 -58.09 9.81 10.03
C ALA S 390 -58.78 10.65 8.96
N LEU S 391 -59.75 10.03 8.31
CA LEU S 391 -60.56 10.74 7.33
C LEU S 391 -61.47 11.76 8.00
N SER S 392 -61.87 12.76 7.23
CA SER S 392 -62.81 13.76 7.72
C SER S 392 -64.08 13.09 8.24
N GLN S 393 -64.66 13.70 9.28
CA GLN S 393 -65.86 13.29 10.02
C GLN S 393 -65.57 12.19 11.04
N ALA S 394 -64.36 11.67 11.12
CA ALA S 394 -64.03 10.70 12.16
C ALA S 394 -63.76 11.41 13.47
N SER S 395 -64.34 10.88 14.55
CA SER S 395 -64.23 11.52 15.85
C SER S 395 -64.39 10.47 16.93
N PHE S 396 -64.00 10.84 18.15
CA PHE S 396 -64.12 9.97 19.31
C PHE S 396 -64.78 10.72 20.45
N ILE S 397 -65.59 10.00 21.23
CA ILE S 397 -66.03 10.45 22.54
C ILE S 397 -65.36 9.57 23.57
N HIS S 398 -64.64 10.19 24.50
CA HIS S 398 -63.99 9.47 25.59
C HIS S 398 -64.64 9.89 26.90
N VAL S 399 -64.97 8.90 27.72
CA VAL S 399 -65.66 9.14 28.98
C VAL S 399 -64.85 8.52 30.11
N ARG S 400 -64.67 9.29 31.18
CA ARG S 400 -64.16 8.77 32.45
C ARG S 400 -65.26 8.95 33.48
N ASN S 401 -65.80 7.85 33.98
CA ASN S 401 -66.96 7.91 34.86
C ASN S 401 -66.56 8.40 36.24
N GLY S 402 -67.29 9.40 36.73
CA GLY S 402 -67.09 9.90 38.08
C GLY S 402 -68.40 10.19 38.76
N ARG S 403 -68.53 11.37 39.33
CA ARG S 403 -69.78 11.75 39.97
C ARG S 403 -70.86 12.03 38.93
N ASN S 404 -72.06 11.54 39.19
CA ASN S 404 -73.22 11.76 38.32
C ASN S 404 -72.94 11.25 36.91
N ALA S 405 -72.42 10.02 36.83
CA ALA S 405 -72.08 9.43 35.54
C ALA S 405 -73.34 9.01 34.79
N ILE S 406 -73.21 8.91 33.48
CA ILE S 406 -74.30 8.52 32.60
C ILE S 406 -74.02 7.10 32.11
N ASP S 407 -74.90 6.16 32.46
CA ASP S 407 -74.69 4.78 32.08
C ASP S 407 -74.96 4.59 30.58
N PHE S 408 -74.60 3.41 30.08
CA PHE S 408 -74.61 3.18 28.64
C PHE S 408 -76.01 3.30 28.04
N ASN S 409 -77.02 2.77 28.73
CA ASN S 409 -78.38 2.80 28.18
C ASN S 409 -78.87 4.24 28.01
N ARG S 410 -78.56 5.12 28.96
CA ARG S 410 -78.97 6.51 28.84
C ARG S 410 -78.16 7.27 27.81
N PHE S 411 -76.84 7.03 27.75
CA PHE S 411 -76.00 7.75 26.81
C PHE S 411 -76.27 7.34 25.37
N ASN S 412 -76.66 6.07 25.17
CA ASN S 412 -76.88 5.57 23.82
C ASN S 412 -78.03 6.29 23.13
N GLN S 413 -79.00 6.79 23.90
CA GLN S 413 -80.11 7.53 23.29
C GLN S 413 -79.61 8.81 22.62
N ALA S 414 -78.79 9.60 23.32
CA ALA S 414 -78.21 10.79 22.71
C ALA S 414 -77.31 10.42 21.54
N TYR S 415 -76.51 9.36 21.72
CA TYR S 415 -75.62 8.92 20.65
C TYR S 415 -76.40 8.62 19.37
N LEU S 416 -77.49 7.85 19.48
CA LEU S 416 -78.32 7.57 18.31
C LEU S 416 -79.00 8.82 17.80
N MET S 417 -79.40 9.73 18.69
CA MET S 417 -80.09 10.94 18.27
C MET S 417 -79.23 11.79 17.35
N HIS S 418 -77.91 11.77 17.52
CA HIS S 418 -77.09 12.59 16.64
C HIS S 418 -76.25 11.78 15.65
N SER S 419 -76.68 10.57 15.32
CA SER S 419 -75.95 9.70 14.41
C SER S 419 -76.81 9.41 13.18
N THR S 420 -76.33 8.52 12.33
CA THR S 420 -77.07 8.06 11.17
C THR S 420 -77.21 6.54 11.24
N THR S 421 -78.31 6.03 10.66
CA THR S 421 -78.53 4.60 10.65
C THR S 421 -77.68 3.87 9.62
N SER S 422 -77.00 4.59 8.73
CA SER S 422 -76.15 3.97 7.71
C SER S 422 -74.78 4.62 7.72
N PRO S 423 -73.96 4.33 8.73
CA PRO S 423 -72.61 4.88 8.76
C PRO S 423 -71.74 4.33 7.65
N LEU S 424 -70.83 5.17 7.17
CA LEU S 424 -69.83 4.75 6.21
C LEU S 424 -68.67 4.10 6.95
N TYR S 425 -68.44 2.82 6.71
CA TYR S 425 -67.48 2.05 7.50
C TYR S 425 -66.04 2.45 7.23
N ALA S 426 -65.77 3.14 6.13
CA ALA S 426 -64.42 3.64 5.88
C ALA S 426 -64.02 4.67 6.93
N ILE S 427 -64.95 5.50 7.38
CA ILE S 427 -64.67 6.48 8.43
C ILE S 427 -64.32 5.78 9.74
N CYS S 428 -65.10 4.77 10.11
CA CYS S 428 -64.80 4.02 11.34
C CYS S 428 -63.47 3.28 11.22
N ALA S 429 -63.17 2.77 10.03
CA ALA S 429 -61.88 2.11 9.82
C ALA S 429 -60.73 3.09 9.97
N SER S 430 -60.90 4.32 9.48
CA SER S 430 -59.87 5.34 9.66
C SER S 430 -59.70 5.68 11.14
N ASN S 431 -60.80 5.75 11.89
CA ASN S 431 -60.71 5.95 13.33
C ASN S 431 -59.91 4.83 13.99
N ASP S 432 -60.19 3.59 13.60
CA ASP S 432 -59.49 2.43 14.16
C ASP S 432 -58.01 2.46 13.83
N ILE S 433 -57.64 2.80 12.59
CA ILE S 433 -56.23 2.85 12.24
C ILE S 433 -55.53 4.00 12.93
N ALA S 434 -56.22 5.13 13.15
CA ALA S 434 -55.60 6.23 13.89
C ALA S 434 -55.30 5.83 15.32
N ALA S 435 -56.27 5.18 15.98
CA ALA S 435 -56.03 4.69 17.34
C ALA S 435 -54.87 3.70 17.36
N ASP S 436 -54.81 2.80 16.39
CA ASP S 436 -53.71 1.86 16.32
C ASP S 436 -52.37 2.57 16.12
N MET S 437 -52.37 3.63 15.32
CA MET S 437 -51.15 4.36 15.03
C MET S 437 -50.61 5.05 16.28
N MET S 438 -51.50 5.50 17.18
CA MET S 438 -51.01 6.07 18.43
C MET S 438 -50.64 5.02 19.48
N ASP S 439 -50.90 3.75 19.22
CA ASP S 439 -50.69 2.71 20.22
C ASP S 439 -49.22 2.31 20.33
N GLY S 440 -48.77 2.08 21.56
CA GLY S 440 -47.43 1.60 21.82
C GLY S 440 -46.32 2.62 21.60
N ASN S 441 -45.19 2.16 21.06
CA ASN S 441 -44.06 3.04 20.81
C ASN S 441 -44.33 4.04 19.71
N SER S 442 -45.22 3.69 18.77
CA SER S 442 -45.38 4.50 17.57
C SER S 442 -45.97 5.87 17.86
N GLY S 443 -46.88 5.97 18.82
CA GLY S 443 -47.44 7.28 19.16
C GLY S 443 -46.38 8.23 19.69
N ARG S 444 -45.54 7.74 20.59
CA ARG S 444 -44.42 8.54 21.08
C ARG S 444 -43.48 8.93 19.96
N SER S 445 -43.16 7.99 19.07
CA SER S 445 -42.23 8.29 17.99
C SER S 445 -42.79 9.34 17.03
N LEU S 446 -44.07 9.23 16.69
CA LEU S 446 -44.67 10.17 15.75
C LEU S 446 -44.80 11.57 16.35
N THR S 447 -45.25 11.65 17.61
CA THR S 447 -45.31 12.95 18.26
C THR S 447 -43.92 13.56 18.39
N ASP S 448 -42.91 12.74 18.68
CA ASP S 448 -41.55 13.23 18.75
C ASP S 448 -41.10 13.82 17.43
N GLU S 449 -41.39 13.13 16.32
CA GLU S 449 -40.98 13.65 15.02
C GLU S 449 -41.62 15.00 14.73
N VAL S 450 -42.93 15.12 14.98
CA VAL S 450 -43.59 16.39 14.71
C VAL S 450 -43.04 17.50 15.60
N ILE S 451 -42.85 17.22 16.88
CA ILE S 451 -42.35 18.23 17.81
C ILE S 451 -40.95 18.68 17.40
N ARG S 452 -40.10 17.73 17.00
CA ARG S 452 -38.75 18.09 16.58
C ARG S 452 -38.76 18.95 15.33
N GLU S 453 -39.63 18.64 14.37
CA GLU S 453 -39.72 19.49 13.18
C GLU S 453 -40.16 20.90 13.55
N SER S 454 -41.15 21.03 14.41
CA SER S 454 -41.61 22.36 14.81
C SER S 454 -40.53 23.13 15.55
N ILE S 455 -39.76 22.44 16.40
CA ILE S 455 -38.68 23.09 17.13
C ILE S 455 -37.58 23.55 16.19
N ASP S 456 -37.24 22.72 15.20
CA ASP S 456 -36.24 23.13 14.21
C ASP S 456 -36.69 24.38 13.47
N PHE S 457 -37.95 24.43 13.08
CA PHE S 457 -38.46 25.64 12.41
C PHE S 457 -38.40 26.85 13.33
N ARG S 458 -38.83 26.69 14.59
CA ARG S 458 -38.83 27.82 15.51
C ARG S 458 -37.43 28.35 15.76
N GLN S 459 -36.47 27.46 15.98
CA GLN S 459 -35.10 27.89 16.25
C GLN S 459 -34.47 28.54 15.03
N SER S 460 -34.71 27.99 13.83
CA SER S 460 -34.17 28.61 12.62
C SER S 460 -34.75 29.99 12.42
N LEU S 461 -36.06 30.16 12.64
CA LEU S 461 -36.67 31.47 12.47
C LEU S 461 -36.15 32.46 13.50
N ALA S 462 -35.98 32.03 14.74
CA ALA S 462 -35.42 32.92 15.77
C ALA S 462 -34.00 33.33 15.42
N TYR S 463 -33.20 32.40 14.90
CA TYR S 463 -31.84 32.73 14.50
C TYR S 463 -31.82 33.74 13.36
N LEU S 464 -32.67 33.54 12.36
CA LEU S 464 -32.74 34.50 11.26
C LEU S 464 -33.21 35.86 11.74
N TYR S 465 -34.17 35.88 12.66
CA TYR S 465 -34.63 37.14 13.23
C TYR S 465 -33.50 37.87 13.93
N LYS S 466 -32.70 37.16 14.72
CA LYS S 466 -31.57 37.79 15.40
C LYS S 466 -30.55 38.30 14.39
N GLU S 467 -30.29 37.53 13.33
CA GLU S 467 -29.35 37.97 12.30
C GLU S 467 -29.81 39.27 11.64
N PHE S 468 -31.07 39.31 11.22
CA PHE S 468 -31.60 40.51 10.59
C PHE S 468 -31.62 41.69 11.54
N LEU S 469 -31.94 41.44 12.82
CA LEU S 469 -31.91 42.50 13.81
C LEU S 469 -30.50 43.04 14.00
N ASN S 470 -29.50 42.16 14.00
CA ASN S 470 -28.12 42.61 14.08
C ASN S 470 -27.73 43.47 12.89
N ASP S 471 -28.26 43.15 11.71
CA ASP S 471 -28.08 44.01 10.55
C ASP S 471 -29.09 45.15 10.49
N ASP S 472 -29.69 45.51 11.63
CA ASP S 472 -30.76 46.50 11.74
C ASP S 472 -31.79 46.39 10.60
N GLU S 473 -32.30 45.19 10.41
CA GLU S 473 -33.40 44.93 9.49
C GLU S 473 -34.54 44.22 10.24
N TRP S 474 -35.71 44.23 9.62
CA TRP S 474 -36.87 43.56 10.19
C TRP S 474 -36.98 42.13 9.66
N PHE S 475 -37.58 41.26 10.48
CA PHE S 475 -37.95 39.92 10.04
C PHE S 475 -39.04 39.40 10.95
N PHE S 476 -39.59 38.24 10.57
CA PHE S 476 -40.57 37.56 11.38
C PHE S 476 -39.90 36.81 12.52
N LYS S 477 -40.60 36.70 13.64
CA LYS S 477 -40.10 35.97 14.79
C LYS S 477 -41.13 34.96 15.25
N PRO S 478 -40.68 33.80 15.73
CA PRO S 478 -41.62 32.84 16.29
C PRO S 478 -42.17 33.32 17.63
N TRP S 479 -43.39 32.90 17.93
CA TRP S 479 -44.05 33.28 19.17
C TRP S 479 -43.78 32.19 20.20
N ASN S 480 -42.68 32.31 20.92
CA ASN S 480 -42.35 31.41 22.02
C ASN S 480 -41.44 32.17 22.98
N GLN S 481 -40.91 31.45 23.97
CA GLN S 481 -39.98 32.03 24.93
C GLN S 481 -38.75 32.59 24.23
N GLU S 482 -38.30 33.77 24.65
CA GLU S 482 -37.03 34.29 24.17
C GLU S 482 -35.85 33.57 24.81
N MET S 483 -35.90 33.35 26.12
CA MET S 483 -34.85 32.68 26.86
C MET S 483 -35.43 31.48 27.57
N VAL S 484 -34.72 30.37 27.54
CA VAL S 484 -35.14 29.18 28.25
C VAL S 484 -34.09 28.82 29.28
N LYS S 485 -34.54 28.26 30.40
CA LYS S 485 -33.67 27.87 31.49
C LYS S 485 -33.64 26.36 31.59
N ASP S 486 -32.44 25.80 31.74
CA ASP S 486 -32.31 24.37 32.00
C ASP S 486 -32.59 24.12 33.47
N PRO S 487 -33.64 23.38 33.82
CA PRO S 487 -33.97 23.19 35.24
C PRO S 487 -32.95 22.35 35.99
N ALA S 488 -32.17 21.54 35.31
CA ALA S 488 -31.19 20.70 35.98
C ALA S 488 -29.97 21.49 36.40
N THR S 489 -29.26 22.06 35.43
CA THR S 489 -28.01 22.77 35.69
C THR S 489 -28.22 24.25 35.98
N GLY S 490 -29.42 24.78 35.79
CA GLY S 490 -29.68 26.18 36.01
C GLY S 490 -29.18 27.09 34.92
N LYS S 491 -28.64 26.55 33.84
CA LYS S 491 -28.07 27.37 32.77
C LYS S 491 -29.18 27.95 31.90
N ARG S 492 -28.99 29.20 31.49
CA ARG S 492 -29.93 29.88 30.61
C ARG S 492 -29.41 29.88 29.18
N TYR S 493 -30.32 29.74 28.23
CA TYR S 493 -30.01 29.79 26.82
C TYR S 493 -30.98 30.74 26.13
N ALA S 494 -30.49 31.40 25.08
CA ALA S 494 -31.41 31.94 24.10
C ALA S 494 -32.13 30.79 23.39
N PHE S 495 -33.38 31.02 23.01
CA PHE S 495 -34.20 29.93 22.47
C PHE S 495 -33.53 29.30 21.26
N GLU S 496 -32.99 30.10 20.35
CA GLU S 496 -32.36 29.55 19.17
C GLU S 496 -31.05 28.83 19.48
N ASP S 497 -30.47 29.04 20.66
CA ASP S 497 -29.24 28.37 21.07
C ASP S 497 -29.48 27.20 22.00
N ALA S 498 -30.71 27.00 22.46
CA ALA S 498 -30.98 25.92 23.40
C ALA S 498 -30.79 24.56 22.71
N PRO S 499 -30.29 23.57 23.42
CA PRO S 499 -30.19 22.22 22.86
C PRO S 499 -31.58 21.68 22.55
N VAL S 500 -31.69 20.98 21.42
CA VAL S 500 -32.98 20.46 20.98
C VAL S 500 -33.53 19.45 21.98
N GLU S 501 -32.65 18.65 22.59
CA GLU S 501 -33.07 17.68 23.59
C GLU S 501 -33.74 18.37 24.77
N LEU S 502 -33.18 19.50 25.21
CA LEU S 502 -33.78 20.23 26.33
C LEU S 502 -35.18 20.73 25.99
N LEU S 503 -35.35 21.29 24.79
CA LEU S 503 -36.66 21.79 24.39
C LEU S 503 -37.66 20.65 24.20
N MET S 504 -37.19 19.50 23.74
CA MET S 504 -38.05 18.34 23.54
C MET S 504 -38.41 17.64 24.83
N ARG S 505 -37.60 17.78 25.88
CA ARG S 505 -37.78 17.05 27.12
C ARG S 505 -38.42 17.86 28.23
N GLU S 506 -38.10 19.14 28.34
CA GLU S 506 -38.47 19.95 29.50
C GLU S 506 -39.75 20.73 29.21
N GLN S 507 -40.78 20.47 30.02
CA GLN S 507 -42.05 21.16 29.87
C GLN S 507 -41.94 22.64 30.22
N SER S 508 -41.11 22.99 31.19
CA SER S 508 -40.99 24.36 31.63
C SER S 508 -40.45 25.29 30.55
N CYS S 509 -39.81 24.74 29.51
CA CYS S 509 -39.38 25.56 28.38
C CYS S 509 -40.55 26.07 27.55
N TRP S 510 -41.77 25.58 27.82
CA TRP S 510 -42.94 25.99 27.08
C TRP S 510 -44.04 26.55 27.96
N VAL S 511 -43.88 26.50 29.28
CA VAL S 511 -44.87 27.05 30.20
C VAL S 511 -44.86 28.57 30.09
N MET S 512 -46.05 29.18 30.20
CA MET S 512 -46.18 30.62 30.19
C MET S 512 -45.87 31.15 31.58
N HIS S 513 -44.72 31.81 31.73
CA HIS S 513 -44.46 32.34 33.06
C HIS S 513 -44.90 33.79 33.14
N PRO S 514 -45.46 34.21 34.28
CA PRO S 514 -45.94 35.61 34.40
C PRO S 514 -44.85 36.64 34.25
N GLU S 515 -43.58 36.30 34.53
CA GLU S 515 -42.49 37.25 34.42
C GLU S 515 -41.99 37.42 32.99
N ASP S 516 -42.38 36.56 32.07
CA ASP S 516 -41.96 36.66 30.68
C ASP S 516 -42.90 37.56 29.89
N LYS S 517 -42.33 38.28 28.92
CA LYS S 517 -43.10 39.21 28.10
C LYS S 517 -43.55 38.64 26.77
N TRP S 518 -43.05 37.47 26.38
CA TRP S 518 -43.32 36.97 25.03
C TRP S 518 -44.80 36.65 24.85
N HIS S 519 -45.44 36.01 25.82
CA HIS S 519 -46.80 35.55 25.61
C HIS S 519 -47.82 36.67 25.71
N GLY S 520 -47.56 37.67 26.55
CA GLY S 520 -48.42 38.84 26.62
C GLY S 520 -49.72 38.65 27.37
N PHE S 521 -49.89 37.54 28.08
CA PHE S 521 -51.08 37.32 28.91
C PHE S 521 -50.77 37.83 30.30
N ASN S 522 -51.10 39.10 30.54
CA ASN S 522 -50.78 39.72 31.82
C ASN S 522 -51.59 39.11 32.95
N ASP S 523 -50.95 38.93 34.10
CA ASP S 523 -51.58 38.41 35.31
C ASP S 523 -51.98 36.94 35.17
N ILE S 524 -51.35 36.22 34.26
CA ILE S 524 -51.57 34.77 34.20
C ILE S 524 -50.82 34.12 35.37
N PRO S 525 -51.43 33.18 36.09
CA PRO S 525 -50.69 32.45 37.13
C PRO S 525 -49.64 31.55 36.51
N ASP S 526 -48.62 31.25 37.29
CA ASP S 526 -47.56 30.38 36.82
C ASP S 526 -48.02 28.93 36.84
N ASN S 527 -47.48 28.15 35.90
CA ASN S 527 -47.82 26.74 35.76
C ASN S 527 -49.31 26.54 35.53
N TRP S 528 -49.92 27.45 34.80
CA TRP S 528 -51.32 27.38 34.42
C TRP S 528 -51.51 27.00 32.96
N ALA S 529 -50.83 27.68 32.05
CA ALA S 529 -50.93 27.41 30.62
C ALA S 529 -49.56 27.04 30.08
N MET S 530 -49.57 26.56 28.84
CA MET S 530 -48.38 26.04 28.18
C MET S 530 -48.58 26.17 26.69
N LEU S 531 -47.51 26.40 25.95
CA LEU S 531 -47.58 26.52 24.51
C LEU S 531 -47.35 25.18 23.84
N ASP S 532 -48.25 24.81 22.94
CA ASP S 532 -48.07 23.60 22.13
C ASP S 532 -47.01 23.88 21.07
N PRO S 533 -45.90 23.16 21.05
CA PRO S 533 -44.84 23.46 20.08
C PRO S 533 -45.27 23.34 18.62
N ILE S 534 -46.19 22.42 18.30
CA ILE S 534 -46.49 22.14 16.90
C ILE S 534 -47.50 23.10 16.29
N LYS S 535 -48.05 24.03 17.07
CA LYS S 535 -48.89 25.11 16.53
C LYS S 535 -48.03 26.36 16.51
N VAL S 536 -47.34 26.58 15.40
CA VAL S 536 -46.30 27.60 15.33
C VAL S 536 -46.90 28.91 14.82
N SER S 537 -46.89 29.92 15.67
CA SER S 537 -47.29 31.27 15.30
C SER S 537 -46.04 32.09 15.00
N ILE S 538 -46.07 32.83 13.90
CA ILE S 538 -45.02 33.77 13.59
C ILE S 538 -45.61 35.17 13.65
N LEU S 539 -44.79 36.12 14.07
CA LEU S 539 -45.23 37.49 14.31
C LEU S 539 -44.57 38.40 13.29
N ALA S 540 -45.38 39.15 12.57
CA ALA S 540 -44.86 40.20 11.73
C ALA S 540 -44.55 41.43 12.57
N PRO S 541 -43.56 42.22 12.19
CA PRO S 541 -43.21 43.40 12.98
C PRO S 541 -44.27 44.47 12.92
N GLY S 542 -44.37 45.26 13.98
CA GLY S 542 -45.30 46.37 14.00
C GLY S 542 -45.98 46.60 15.33
N MET S 543 -45.99 45.59 16.20
CA MET S 543 -46.66 45.67 17.49
C MET S 543 -45.61 45.81 18.58
N GLY S 544 -45.74 46.86 19.39
CA GLY S 544 -44.84 47.05 20.50
C GLY S 544 -45.18 46.15 21.68
N ASP S 545 -44.19 45.95 22.54
CA ASP S 545 -44.37 45.10 23.70
C ASP S 545 -45.36 45.70 24.70
N ASP S 546 -45.54 47.03 24.67
CA ASP S 546 -46.48 47.68 25.57
C ASP S 546 -47.92 47.51 25.14
N GLY S 547 -48.18 47.14 23.89
CA GLY S 547 -49.53 46.98 23.38
C GLY S 547 -49.90 47.98 22.30
N LYS S 548 -49.03 48.93 22.00
CA LYS S 548 -49.29 49.94 20.98
C LYS S 548 -48.39 49.71 19.78
N LEU S 549 -48.85 50.17 18.62
CA LEU S 549 -48.12 49.95 17.38
C LEU S 549 -46.83 50.75 17.36
N LEU S 550 -45.86 50.25 16.60
CA LEU S 550 -44.60 50.94 16.40
C LEU S 550 -44.75 51.93 15.24
N ASP S 551 -43.64 52.61 14.91
CA ASP S 551 -43.68 53.60 13.85
C ASP S 551 -43.83 52.96 12.48
N THR S 552 -43.34 51.73 12.33
CA THR S 552 -43.41 51.01 11.06
C THR S 552 -43.69 49.54 11.34
N GLY S 553 -44.15 48.83 10.33
CA GLY S 553 -44.44 47.42 10.48
C GLY S 553 -44.93 46.84 9.17
N VAL S 554 -45.12 45.53 9.18
CA VAL S 554 -45.63 44.78 8.04
C VAL S 554 -46.91 44.08 8.48
N PRO S 555 -48.08 44.47 7.98
CA PRO S 555 -49.31 43.79 8.39
C PRO S 555 -49.36 42.35 7.88
N ALA S 556 -49.99 41.49 8.67
CA ALA S 556 -50.01 40.07 8.36
C ALA S 556 -50.94 39.73 7.20
N ALA S 557 -51.87 40.61 6.85
CA ALA S 557 -52.76 40.33 5.72
C ALA S 557 -51.98 40.23 4.42
N LEU S 558 -51.00 41.09 4.23
CA LEU S 558 -50.19 41.06 3.01
C LEU S 558 -49.32 39.81 2.97
N VAL S 559 -48.74 39.42 4.10
CA VAL S 559 -47.96 38.19 4.16
C VAL S 559 -48.85 36.99 3.88
N THR S 560 -50.08 37.03 4.37
CA THR S 560 -51.04 35.95 4.12
C THR S 560 -51.36 35.87 2.63
N ALA S 561 -51.54 37.02 1.98
CA ALA S 561 -51.77 37.01 0.53
C ALA S 561 -50.58 36.40 -0.20
N TRP S 562 -49.37 36.75 0.21
CA TRP S 562 -48.17 36.15 -0.37
C TRP S 562 -48.15 34.63 -0.22
N LEU S 563 -48.41 34.16 1.01
CA LEU S 563 -48.40 32.73 1.27
C LEU S 563 -49.47 32.01 0.48
N ASN S 564 -50.68 32.59 0.40
CA ASN S 564 -51.73 32.00 -0.41
C ASN S 564 -51.30 31.93 -1.87
N HIS S 565 -50.64 32.98 -2.37
CA HIS S 565 -50.13 32.94 -3.73
C HIS S 565 -49.16 31.80 -3.93
N TYR S 566 -48.40 31.44 -2.89
CA TYR S 566 -47.50 30.30 -3.00
C TYR S 566 -48.12 29.00 -2.50
N GLY S 567 -49.41 28.99 -2.20
CA GLY S 567 -50.12 27.78 -1.85
C GLY S 567 -50.22 27.51 -0.37
N ILE S 568 -49.41 28.17 0.45
CA ILE S 568 -49.47 27.98 1.89
C ILE S 568 -50.70 28.71 2.43
N VAL S 569 -51.55 28.00 3.15
CA VAL S 569 -52.76 28.60 3.71
C VAL S 569 -52.67 28.49 5.23
N PRO S 570 -52.48 29.58 5.94
CA PRO S 570 -52.41 29.53 7.41
C PRO S 570 -53.75 29.17 8.04
N THR S 571 -53.66 28.60 9.24
CA THR S 571 -54.85 28.21 9.99
C THR S 571 -55.51 29.40 10.66
N ARG S 572 -54.72 30.26 11.30
CA ARG S 572 -55.23 31.44 11.97
C ARG S 572 -54.41 32.65 11.56
N THR S 573 -55.03 33.83 11.69
CA THR S 573 -54.37 35.08 11.30
C THR S 573 -55.01 36.24 12.05
N THR S 574 -54.18 37.10 12.61
CA THR S 574 -54.59 38.38 13.18
C THR S 574 -53.82 39.50 12.45
N ASP S 575 -53.89 40.70 12.99
CA ASP S 575 -53.20 41.84 12.37
C ASP S 575 -51.71 41.57 12.22
N PHE S 576 -51.05 41.11 13.30
CA PHE S 576 -49.66 40.66 13.21
C PHE S 576 -49.56 39.31 13.89
N GLN S 577 -49.98 38.26 13.20
CA GLN S 577 -49.80 36.88 13.65
C GLN S 577 -50.23 35.93 12.56
N ILE S 578 -49.41 34.94 12.25
CA ILE S 578 -49.74 33.91 11.28
C ILE S 578 -49.42 32.56 11.90
N MET S 579 -50.39 31.66 11.90
CA MET S 579 -50.28 30.36 12.55
C MET S 579 -50.08 29.28 11.49
N PHE S 580 -49.09 28.43 11.70
CA PHE S 580 -48.83 27.29 10.83
C PHE S 580 -48.98 26.00 11.62
N LEU S 581 -49.59 25.00 10.99
CA LEU S 581 -49.81 23.71 11.62
C LEU S 581 -48.72 22.73 11.21
N PHE S 582 -48.08 22.12 12.19
CA PHE S 582 -47.20 20.98 11.98
C PHE S 582 -47.98 19.73 12.40
N SER S 583 -48.20 18.82 11.46
CA SER S 583 -48.98 17.63 11.72
C SER S 583 -48.11 16.39 11.51
N MET S 584 -48.67 15.24 11.85
CA MET S 584 -47.97 13.97 11.65
C MET S 584 -47.86 13.59 10.18
N GLY S 585 -48.54 14.30 9.28
CA GLY S 585 -48.38 14.13 7.86
C GLY S 585 -47.29 14.96 7.23
N ILE S 586 -46.60 15.78 7.99
CA ILE S 586 -45.49 16.56 7.46
C ILE S 586 -44.28 15.66 7.27
N THR S 587 -43.42 16.03 6.32
CA THR S 587 -42.18 15.33 6.09
C THR S 587 -41.02 16.18 6.61
N LYS S 588 -39.91 15.51 6.88
CA LYS S 588 -38.78 16.17 7.53
C LYS S 588 -38.13 17.20 6.62
N GLY S 589 -37.79 18.35 7.19
CA GLY S 589 -37.18 19.43 6.45
C GLY S 589 -38.12 20.24 5.59
N LYS S 590 -39.43 20.02 5.71
CA LYS S 590 -40.40 20.73 4.88
C LYS S 590 -40.47 22.22 5.23
N TRP S 591 -40.15 22.58 6.47
CA TRP S 591 -40.22 23.98 6.90
C TRP S 591 -39.19 24.87 6.19
N GLY S 592 -38.22 24.28 5.50
CA GLY S 592 -37.33 25.07 4.68
C GLY S 592 -38.06 25.84 3.60
N THR S 593 -39.11 25.25 3.03
CA THR S 593 -39.94 25.99 2.07
C THR S 593 -40.58 27.21 2.72
N LEU S 594 -41.08 27.06 3.94
CA LEU S 594 -41.68 28.19 4.64
C LEU S 594 -40.66 29.30 4.86
N VAL S 595 -39.47 28.93 5.31
CA VAL S 595 -38.42 29.92 5.53
C VAL S 595 -38.04 30.61 4.23
N ASN S 596 -37.90 29.84 3.15
CA ASN S 596 -37.58 30.41 1.85
C ASN S 596 -38.64 31.38 1.38
N THR S 597 -39.91 31.02 1.55
CA THR S 597 -41.01 31.89 1.15
C THR S 597 -40.99 33.20 1.94
N LEU S 598 -40.75 33.12 3.24
CA LEU S 598 -40.70 34.34 4.05
C LEU S 598 -39.52 35.22 3.63
N LEU S 599 -38.36 34.61 3.34
CA LEU S 599 -37.22 35.39 2.90
C LEU S 599 -37.48 36.06 1.56
N SER S 600 -38.11 35.34 0.62
CA SER S 600 -38.41 35.96 -0.67
C SER S 600 -39.43 37.07 -0.52
N PHE S 601 -40.40 36.91 0.38
CA PHE S 601 -41.31 38.02 0.66
C PHE S 601 -40.55 39.22 1.17
N LYS S 602 -39.61 39.01 2.09
CA LYS S 602 -38.85 40.14 2.62
C LYS S 602 -38.04 40.82 1.51
N ARG S 603 -37.46 40.03 0.61
CA ARG S 603 -36.72 40.62 -0.50
C ARG S 603 -37.62 41.49 -1.37
N HIS S 604 -38.78 40.95 -1.78
CA HIS S 604 -39.67 41.73 -2.63
C HIS S 604 -40.26 42.92 -1.90
N TYR S 605 -40.41 42.84 -0.58
CA TYR S 605 -40.92 43.94 0.20
C TYR S 605 -39.90 45.06 0.30
N ASP S 606 -38.63 44.70 0.53
CA ASP S 606 -37.57 45.71 0.56
C ASP S 606 -37.36 46.34 -0.80
N ASN S 607 -37.56 45.57 -1.88
CA ASN S 607 -37.40 46.12 -3.22
C ASN S 607 -38.63 46.84 -3.74
N ASN S 608 -39.74 46.82 -3.00
CA ASN S 608 -40.99 47.45 -3.42
C ASN S 608 -41.41 46.97 -4.80
N THR S 609 -41.40 45.65 -4.99
CA THR S 609 -41.78 45.09 -6.28
C THR S 609 -43.25 45.36 -6.56
N ALA S 610 -43.55 45.70 -7.80
CA ALA S 610 -44.92 46.04 -8.18
C ALA S 610 -45.84 44.85 -7.99
N LEU S 611 -47.03 45.11 -7.45
CA LEU S 611 -47.98 44.04 -7.16
C LEU S 611 -48.39 43.27 -8.40
N LYS S 612 -48.33 43.89 -9.59
CA LYS S 612 -48.66 43.16 -10.81
C LYS S 612 -47.71 42.00 -11.05
N LYS S 613 -46.42 42.18 -10.77
CA LYS S 613 -45.45 41.12 -11.01
C LYS S 613 -45.58 40.00 -9.99
N VAL S 614 -45.76 40.33 -8.72
CA VAL S 614 -45.70 39.35 -7.64
C VAL S 614 -47.07 38.82 -7.26
N LEU S 615 -48.08 39.69 -7.17
CA LEU S 615 -49.40 39.32 -6.67
C LEU S 615 -50.47 39.78 -7.65
N PRO S 616 -50.55 39.16 -8.84
CA PRO S 616 -51.57 39.56 -9.80
C PRO S 616 -53.00 39.39 -9.30
N GLU S 617 -53.25 38.38 -8.45
CA GLU S 617 -54.59 38.17 -7.94
C GLU S 617 -55.04 39.31 -7.04
N VAL S 618 -54.11 39.92 -6.29
CA VAL S 618 -54.45 41.09 -5.50
C VAL S 618 -54.82 42.25 -6.41
N VAL S 619 -54.07 42.44 -7.49
CA VAL S 619 -54.37 43.52 -8.42
C VAL S 619 -55.73 43.31 -9.05
N ALA S 620 -56.07 42.06 -9.37
CA ALA S 620 -57.33 41.75 -10.04
C ALA S 620 -58.55 42.13 -9.23
N SER S 621 -58.41 42.38 -7.93
CA SER S 621 -59.55 42.82 -7.13
C SER S 621 -59.91 44.26 -7.45
N ALA S 622 -58.97 45.18 -7.25
CA ALA S 622 -59.18 46.61 -7.51
C ALA S 622 -58.03 47.12 -8.38
N PRO S 623 -58.07 46.86 -9.69
CA PRO S 623 -56.95 47.27 -10.55
C PRO S 623 -56.72 48.77 -10.57
N GLU S 624 -57.73 49.59 -10.27
CA GLU S 624 -57.54 51.02 -10.22
C GLU S 624 -56.78 51.47 -8.98
N ILE S 625 -56.83 50.70 -7.90
CA ILE S 625 -56.14 51.04 -6.66
C ILE S 625 -54.77 50.40 -6.59
N TYR S 626 -54.69 49.08 -6.77
CA TYR S 626 -53.45 48.35 -6.61
C TYR S 626 -52.57 48.40 -7.85
N GLY S 627 -53.10 48.81 -8.99
CA GLY S 627 -52.25 49.03 -10.15
C GLY S 627 -51.26 50.15 -9.89
N GLU S 628 -50.08 50.02 -10.47
CA GLU S 628 -48.98 50.98 -10.32
C GLU S 628 -48.58 51.17 -8.86
N MET S 629 -48.75 50.13 -8.04
CA MET S 629 -48.43 50.18 -6.63
C MET S 629 -47.49 49.03 -6.28
N GLY S 630 -46.54 49.29 -5.38
CA GLY S 630 -45.60 48.28 -4.97
C GLY S 630 -46.01 47.54 -3.71
N LEU S 631 -45.25 46.48 -3.40
CA LEU S 631 -45.53 45.68 -2.21
C LEU S 631 -45.40 46.52 -0.95
N ARG S 632 -44.30 47.27 -0.83
CA ARG S 632 -44.11 48.08 0.37
C ARG S 632 -45.07 49.25 0.42
N ASP S 633 -45.49 49.78 -0.74
CA ASP S 633 -46.49 50.84 -0.73
C ASP S 633 -47.79 50.34 -0.10
N LEU S 634 -48.26 49.17 -0.52
CA LEU S 634 -49.47 48.59 0.06
C LEU S 634 -49.27 48.27 1.53
N GLY S 635 -48.09 47.74 1.89
CA GLY S 635 -47.84 47.42 3.28
C GLY S 635 -47.88 48.65 4.18
N ASP S 636 -47.22 49.73 3.76
CA ASP S 636 -47.24 50.97 4.52
C ASP S 636 -48.62 51.60 4.54
N LYS S 637 -49.40 51.49 3.46
CA LYS S 637 -50.77 51.96 3.48
C LYS S 637 -51.58 51.23 4.54
N MET S 638 -51.49 49.90 4.56
CA MET S 638 -52.20 49.11 5.55
C MET S 638 -51.74 49.45 6.97
N PHE S 639 -50.44 49.62 7.16
CA PHE S 639 -49.95 49.93 8.50
C PHE S 639 -50.39 51.32 8.95
N ALA S 640 -50.41 52.29 8.04
CA ALA S 640 -50.92 53.61 8.39
C ALA S 640 -52.39 53.54 8.76
N TYR S 641 -53.17 52.75 8.02
CA TYR S 641 -54.57 52.57 8.37
C TYR S 641 -54.72 51.96 9.76
N LEU S 642 -53.92 50.92 10.06
CA LEU S 642 -53.98 50.30 11.38
C LEU S 642 -53.59 51.27 12.47
N GLN S 643 -52.55 52.08 12.24
CA GLN S 643 -52.13 53.07 13.22
C GLN S 643 -53.22 54.09 13.48
N LYS S 644 -53.88 54.55 12.42
CA LYS S 644 -54.94 55.54 12.58
C LYS S 644 -56.14 54.96 13.32
N ASN S 645 -56.59 53.78 12.92
CA ASN S 645 -57.85 53.25 13.44
C ASN S 645 -57.69 52.42 14.70
N ASN S 646 -56.55 51.77 14.88
CA ASN S 646 -56.26 50.92 16.04
C ASN S 646 -57.37 49.91 16.28
N PRO S 647 -57.58 48.95 15.37
CA PRO S 647 -58.64 47.95 15.59
C PRO S 647 -58.37 47.00 16.73
N GLY S 648 -57.13 46.89 17.21
CA GLY S 648 -56.85 46.02 18.34
C GLY S 648 -57.54 46.49 19.61
N ALA S 649 -57.59 47.80 19.83
CA ALA S 649 -58.35 48.34 20.95
C ALA S 649 -59.83 48.06 20.78
N ARG S 650 -60.34 48.12 19.55
CA ARG S 650 -61.73 47.78 19.31
C ARG S 650 -62.01 46.33 19.67
N LEU S 651 -61.13 45.42 19.27
CA LEU S 651 -61.29 44.01 19.63
C LEU S 651 -61.25 43.83 21.14
N ASN S 652 -60.33 44.51 21.81
CA ASN S 652 -60.25 44.38 23.27
C ASN S 652 -61.51 44.89 23.95
N GLN S 653 -62.06 46.01 23.47
CA GLN S 653 -63.28 46.52 24.04
C GLN S 653 -64.45 45.58 23.78
N ALA S 654 -64.54 45.03 22.57
CA ALA S 654 -65.65 44.16 22.22
C ALA S 654 -65.61 42.84 23.00
N TYR S 655 -64.42 42.34 23.31
CA TYR S 655 -64.35 41.02 23.94
C TYR S 655 -64.11 41.08 25.44
N SER S 656 -63.73 42.22 26.00
CA SER S 656 -63.62 42.33 27.44
C SER S 656 -64.98 42.47 28.10
N GLN S 657 -65.94 43.07 27.43
CA GLN S 657 -67.29 43.24 27.95
C GLN S 657 -68.23 42.27 27.25
N LEU S 658 -69.00 41.54 28.04
CA LEU S 658 -69.95 40.61 27.46
C LEU S 658 -71.23 41.34 27.05
N PRO S 659 -71.85 40.94 25.95
CA PRO S 659 -73.13 41.54 25.56
C PRO S 659 -74.23 41.19 26.55
N GLN S 660 -75.25 42.05 26.58
CA GLN S 660 -76.41 41.79 27.43
C GLN S 660 -77.20 40.61 26.88
N VAL S 661 -77.58 39.70 27.77
CA VAL S 661 -78.32 38.50 27.37
C VAL S 661 -79.81 38.77 27.53
N MET S 662 -80.56 38.52 26.46
CA MET S 662 -82.01 38.71 26.48
C MET S 662 -82.78 37.41 26.54
N MET S 663 -82.30 36.35 25.90
CA MET S 663 -82.95 35.05 25.94
C MET S 663 -81.91 33.97 25.69
N THR S 664 -82.31 32.73 25.94
CA THR S 664 -81.44 31.60 25.67
C THR S 664 -81.22 31.44 24.17
N PRO S 665 -80.13 30.79 23.77
CA PRO S 665 -79.95 30.52 22.33
C PRO S 665 -81.09 29.74 21.70
N ARG S 666 -81.71 28.82 22.44
CA ARG S 666 -82.85 28.08 21.89
C ARG S 666 -84.01 29.01 21.59
N ASP S 667 -84.29 29.97 22.47
CA ASP S 667 -85.37 30.92 22.22
C ASP S 667 -85.08 31.77 20.99
N ALA S 668 -83.84 32.23 20.85
CA ALA S 668 -83.47 33.00 19.68
C ALA S 668 -83.63 32.18 18.40
N TYR S 669 -83.22 30.92 18.41
CA TYR S 669 -83.39 30.10 17.22
C TYR S 669 -84.86 29.83 16.92
N GLN S 670 -85.67 29.63 17.96
CA GLN S 670 -87.09 29.42 17.73
C GLN S 670 -87.77 30.66 17.20
N GLN S 671 -87.20 31.85 17.44
CA GLN S 671 -87.64 33.03 16.71
C GLN S 671 -87.39 32.88 15.22
N ILE S 672 -86.26 32.30 14.83
CA ILE S 672 -86.00 32.03 13.42
C ILE S 672 -87.03 31.06 12.87
N VAL S 673 -87.34 30.01 13.62
CA VAL S 673 -88.31 29.03 13.14
C VAL S 673 -89.68 29.66 12.98
N ALA S 674 -90.05 30.57 13.88
CA ALA S 674 -91.34 31.25 13.81
C ALA S 674 -91.35 32.39 12.79
N ASN S 675 -90.27 32.55 12.03
CA ASN S 675 -90.17 33.60 11.00
C ASN S 675 -90.25 35.00 11.60
N ARG S 676 -89.91 35.14 12.88
CA ARG S 676 -89.86 36.45 13.53
C ARG S 676 -88.45 37.02 13.51
N VAL S 677 -87.81 37.08 12.34
CA VAL S 677 -86.47 37.60 12.20
C VAL S 677 -86.37 38.42 10.93
N GLU S 678 -85.34 39.26 10.86
CA GLU S 678 -85.13 40.12 9.71
C GLU S 678 -83.65 40.44 9.59
N ALA S 679 -83.23 40.80 8.38
CA ALA S 679 -81.86 41.21 8.11
C ALA S 679 -81.72 42.70 8.42
N VAL S 680 -80.79 43.04 9.30
CA VAL S 680 -80.61 44.40 9.80
C VAL S 680 -79.20 44.84 9.46
N PRO S 681 -79.01 46.02 8.86
CA PRO S 681 -77.65 46.51 8.61
C PRO S 681 -76.96 46.88 9.91
N VAL S 682 -75.63 46.98 9.83
CA VAL S 682 -74.81 47.22 11.01
C VAL S 682 -75.16 48.55 11.66
N ASP S 683 -75.38 49.58 10.85
CA ASP S 683 -75.67 50.90 11.40
C ASP S 683 -77.02 50.97 12.11
N GLN S 684 -77.88 49.94 11.97
CA GLN S 684 -79.18 49.92 12.62
C GLN S 684 -79.26 48.83 13.69
N LEU S 685 -78.12 48.34 14.17
CA LEU S 685 -78.10 47.21 15.10
C LEU S 685 -78.38 47.60 16.54
N MET S 686 -78.47 48.89 16.85
CA MET S 686 -78.61 49.32 18.24
C MET S 686 -79.91 48.80 18.85
N GLY S 687 -79.79 48.09 19.97
CA GLY S 687 -80.94 47.54 20.67
C GLY S 687 -81.45 46.23 20.13
N ARG S 688 -80.89 45.71 19.04
CA ARG S 688 -81.41 44.51 18.40
C ARG S 688 -80.80 43.27 19.02
N VAL S 689 -81.57 42.17 18.97
CA VAL S 689 -81.14 40.89 19.49
C VAL S 689 -80.73 40.02 18.31
N ALA S 690 -79.50 39.52 18.33
CA ALA S 690 -79.00 38.69 17.25
C ALA S 690 -79.73 37.35 17.23
N ALA S 691 -80.13 36.92 16.04
CA ALA S 691 -80.81 35.63 15.91
C ALA S 691 -79.83 34.47 15.85
N ASN S 692 -78.60 34.72 15.39
CA ASN S 692 -77.56 33.70 15.37
C ASN S 692 -76.27 34.31 15.91
N SER S 693 -75.23 33.49 15.98
CA SER S 693 -73.96 33.93 16.54
C SER S 693 -73.16 34.74 15.54
N ILE S 694 -72.41 35.71 16.06
CA ILE S 694 -71.53 36.54 15.26
C ILE S 694 -70.10 36.18 15.66
N ILE S 695 -69.34 35.64 14.71
CA ILE S 695 -67.96 35.22 14.95
C ILE S 695 -67.06 35.97 13.97
N PRO S 696 -66.45 37.06 14.41
CA PRO S 696 -65.49 37.77 13.55
C PRO S 696 -64.13 37.07 13.54
N TYR S 697 -63.45 37.19 12.41
CA TYR S 697 -62.08 36.70 12.27
C TYR S 697 -61.18 37.86 11.92
N PRO S 698 -60.30 38.33 12.81
CA PRO S 698 -60.03 37.85 14.17
C PRO S 698 -61.11 38.31 15.16
N PRO S 699 -61.14 37.71 16.37
CA PRO S 699 -60.26 36.68 16.91
C PRO S 699 -60.71 35.25 16.68
N GLY S 700 -61.77 35.06 15.90
CA GLY S 700 -62.22 33.72 15.57
C GLY S 700 -63.05 33.03 16.62
N ILE S 701 -63.45 33.73 17.68
CA ILE S 701 -64.35 33.17 18.69
C ILE S 701 -65.57 34.09 18.74
N PRO S 702 -66.74 33.58 19.14
CA PRO S 702 -67.97 34.37 18.99
C PRO S 702 -67.95 35.63 19.84
N MET S 703 -68.29 36.76 19.22
CA MET S 703 -68.46 38.01 19.95
C MET S 703 -69.87 38.11 20.53
N LEU S 704 -70.86 37.63 19.79
CA LEU S 704 -72.24 37.54 20.25
C LEU S 704 -72.75 36.15 19.99
N LEU S 705 -73.50 35.61 20.95
CA LEU S 705 -74.26 34.38 20.77
C LEU S 705 -75.71 34.72 20.47
N SER S 706 -76.46 33.70 20.05
CA SER S 706 -77.88 33.88 19.77
C SER S 706 -78.61 34.30 21.03
N GLY S 707 -79.48 35.30 20.91
CA GLY S 707 -80.22 35.79 22.04
C GLY S 707 -79.52 36.85 22.86
N GLU S 708 -78.46 37.46 22.33
CA GLU S 708 -77.73 38.50 23.03
C GLU S 708 -77.95 39.84 22.36
N ASN S 709 -78.08 40.89 23.18
CA ASN S 709 -78.31 42.22 22.67
C ASN S 709 -77.03 42.80 22.07
N PHE S 710 -77.19 43.58 21.01
CA PHE S 710 -76.03 44.23 20.40
C PHE S 710 -75.55 45.43 21.21
N GLY S 711 -76.45 46.10 21.92
CA GLY S 711 -76.10 47.22 22.77
C GLY S 711 -76.53 48.55 22.17
N ASP S 712 -76.25 49.60 22.92
CA ASP S 712 -76.62 50.96 22.55
C ASP S 712 -75.65 51.56 21.54
N GLU S 713 -75.71 52.88 21.36
CA GLU S 713 -74.89 53.55 20.35
C GLU S 713 -73.40 53.34 20.61
N ASN S 714 -72.97 53.38 21.87
CA ASN S 714 -71.57 53.28 22.22
C ASN S 714 -71.13 51.83 22.47
N SER S 715 -71.89 50.86 21.99
CA SER S 715 -71.55 49.46 22.24
C SER S 715 -70.26 49.11 21.51
N PRO S 716 -69.30 48.48 22.19
CA PRO S 716 -68.06 48.09 21.50
C PRO S 716 -68.26 47.04 20.42
N HIS S 717 -69.34 46.25 20.49
CA HIS S 717 -69.53 45.18 19.51
C HIS S 717 -69.93 45.72 18.15
N ILE S 718 -70.88 46.66 18.13
CA ILE S 718 -71.22 47.34 16.88
C ILE S 718 -70.01 48.10 16.35
N HIS S 719 -69.22 48.68 17.25
CA HIS S 719 -68.02 49.40 16.84
C HIS S 719 -67.03 48.48 16.17
N TYR S 720 -66.82 47.29 16.73
CA TYR S 720 -65.90 46.33 16.12
C TYR S 720 -66.40 45.86 14.76
N LEU S 721 -67.71 45.60 14.65
CA LEU S 721 -68.27 45.23 13.36
C LEU S 721 -68.07 46.33 12.33
N ARG S 722 -68.27 47.59 12.75
CA ARG S 722 -68.03 48.72 11.86
C ARG S 722 -66.57 48.81 11.45
N SER S 723 -65.65 48.55 12.38
CA SER S 723 -64.23 48.58 12.05
C SER S 723 -63.89 47.53 11.00
N LEU S 724 -64.42 46.32 11.16
CA LEU S 724 -64.17 45.28 10.16
C LEU S 724 -64.76 45.67 8.81
N GLN S 725 -65.96 46.24 8.81
CA GLN S 725 -66.57 46.68 7.56
C GLN S 725 -65.74 47.76 6.88
N ALA S 726 -65.23 48.72 7.67
CA ALA S 726 -64.41 49.78 7.11
C ALA S 726 -63.12 49.24 6.53
N TRP S 727 -62.49 48.27 7.21
CA TRP S 727 -61.30 47.64 6.64
C TRP S 727 -61.62 46.96 5.33
N ASP S 728 -62.74 46.24 5.28
CA ASP S 728 -63.11 45.57 4.03
C ASP S 728 -63.32 46.57 2.91
N SER S 729 -63.96 47.70 3.21
CA SER S 729 -64.19 48.72 2.19
C SER S 729 -62.88 49.33 1.72
N GLU S 730 -61.94 49.57 2.63
CA GLU S 730 -60.70 50.25 2.26
C GLU S 730 -59.74 49.35 1.51
N PHE S 731 -59.74 48.03 1.76
CA PHE S 731 -58.77 47.12 1.16
C PHE S 731 -59.48 45.95 0.51
N PRO S 732 -59.95 46.10 -0.73
CA PRO S 732 -60.53 44.97 -1.45
C PRO S 732 -59.49 43.87 -1.65
N GLY S 733 -59.97 42.62 -1.57
CA GLY S 733 -59.10 41.47 -1.66
C GLY S 733 -58.48 41.05 -0.35
N PHE S 734 -58.66 41.81 0.72
CA PHE S 734 -58.15 41.51 2.05
C PHE S 734 -59.27 41.55 3.07
N GLU S 735 -60.45 41.10 2.67
CA GLU S 735 -61.63 41.27 3.49
C GLU S 735 -61.67 40.25 4.63
N HIS S 736 -62.08 40.71 5.81
CA HIS S 736 -62.23 39.82 6.94
C HIS S 736 -63.42 38.89 6.76
N GLU S 737 -63.33 37.72 7.38
CA GLU S 737 -64.44 36.80 7.44
C GLU S 737 -65.19 36.98 8.76
N THR S 738 -66.52 36.97 8.70
CA THR S 738 -67.35 37.11 9.89
C THR S 738 -68.53 36.16 9.74
N GLU S 739 -68.48 35.03 10.44
CA GLU S 739 -69.59 34.10 10.45
C GLU S 739 -70.80 34.71 11.14
N GLY S 740 -71.97 34.48 10.58
CA GLY S 740 -73.20 35.04 11.11
C GLY S 740 -73.68 36.31 10.47
N THR S 741 -73.03 36.75 9.40
CA THR S 741 -73.42 37.97 8.70
C THR S 741 -73.63 37.66 7.23
N GLU S 742 -74.43 38.51 6.58
CA GLU S 742 -74.61 38.48 5.14
C GLU S 742 -74.02 39.76 4.55
N ILE S 743 -73.24 39.61 3.49
CA ILE S 743 -72.54 40.73 2.88
C ILE S 743 -73.22 41.01 1.54
N ILE S 744 -74.07 42.01 1.52
CA ILE S 744 -74.77 42.45 0.31
C ILE S 744 -74.16 43.77 -0.14
N ASP S 745 -73.78 43.84 -1.42
CA ASP S 745 -73.06 44.96 -2.01
C ASP S 745 -71.96 45.47 -1.08
N GLY S 746 -71.22 44.56 -0.47
CA GLY S 746 -70.13 44.92 0.42
C GLY S 746 -70.56 45.43 1.78
N GLN S 747 -71.85 45.33 2.12
CA GLN S 747 -72.37 45.85 3.37
C GLN S 747 -72.84 44.68 4.24
N TYR S 748 -72.62 44.81 5.54
CA TYR S 748 -72.90 43.73 6.47
C TYR S 748 -74.37 43.73 6.88
N TYR S 749 -74.99 42.55 6.86
CA TYR S 749 -76.35 42.37 7.35
C TYR S 749 -76.36 41.28 8.40
N VAL S 750 -77.12 41.48 9.47
CA VAL S 750 -77.22 40.53 10.57
C VAL S 750 -78.68 40.19 10.78
N MET S 751 -78.98 38.89 10.90
CA MET S 751 -80.32 38.43 11.18
C MET S 751 -80.65 38.70 12.64
N CYS S 752 -81.73 39.45 12.88
CA CYS S 752 -82.08 39.88 14.23
C CYS S 752 -83.54 39.56 14.50
N VAL S 753 -83.86 39.35 15.78
CA VAL S 753 -85.22 39.08 16.19
C VAL S 753 -86.08 40.32 16.00
N LYS S 754 -87.23 40.15 15.35
CA LYS S 754 -88.17 41.26 15.22
C LYS S 754 -88.69 41.67 16.59
N THR S 755 -88.70 42.97 16.85
CA THR S 755 -89.12 43.48 18.15
C THR S 755 -90.62 43.31 18.36
N MET T 1 -59.43 5.94 -24.71
CA MET T 1 -60.22 6.27 -25.88
C MET T 1 -60.49 5.04 -26.73
N ARG T 2 -61.76 4.73 -26.93
CA ARG T 2 -62.17 3.57 -27.72
C ARG T 2 -63.16 4.00 -28.78
N ALA T 3 -62.89 3.63 -30.02
CA ALA T 3 -63.78 3.88 -31.14
C ALA T 3 -64.38 2.56 -31.61
N LEU T 4 -65.69 2.56 -31.85
CA LEU T 4 -66.40 1.40 -32.35
C LEU T 4 -66.72 1.61 -33.82
N ILE T 5 -66.33 0.67 -34.67
CA ILE T 5 -66.59 0.74 -36.10
C ILE T 5 -67.54 -0.41 -36.45
N VAL T 6 -68.71 -0.05 -36.97
CA VAL T 6 -69.74 -1.01 -37.35
C VAL T 6 -70.11 -0.74 -38.81
N TYR T 7 -69.62 -1.57 -39.72
CA TYR T 7 -69.98 -1.46 -41.12
C TYR T 7 -70.29 -2.84 -41.66
N THR T 8 -71.26 -2.94 -42.57
CA THR T 8 -71.71 -4.23 -43.05
C THR T 8 -71.30 -4.47 -44.50
N GLU T 9 -71.79 -3.66 -45.44
CA GLU T 9 -71.46 -3.82 -46.86
C GLU T 9 -71.63 -2.45 -47.51
N LEU T 10 -70.53 -1.72 -47.67
CA LEU T 10 -70.61 -0.39 -48.28
C LEU T 10 -70.40 -0.43 -49.78
N THR T 11 -69.56 -1.33 -50.26
CA THR T 11 -69.29 -1.47 -51.69
C THR T 11 -69.74 -2.84 -52.18
N ASP T 12 -70.02 -2.91 -53.48
CA ASP T 12 -70.40 -4.19 -54.08
C ASP T 12 -69.31 -5.25 -53.91
N LYS T 13 -68.05 -4.83 -53.83
CA LYS T 13 -66.95 -5.73 -53.53
C LYS T 13 -66.38 -5.36 -52.17
N ASP T 14 -66.31 -6.35 -51.28
CA ASP T 14 -66.03 -6.08 -49.87
C ASP T 14 -64.64 -5.51 -49.65
N SER T 15 -63.69 -5.84 -50.52
CA SER T 15 -62.29 -5.53 -50.23
C SER T 15 -62.03 -4.03 -50.19
N VAL T 16 -62.77 -3.23 -50.95
CA VAL T 16 -62.52 -1.79 -50.98
C VAL T 16 -62.81 -1.16 -49.62
N ILE T 17 -64.02 -1.37 -49.11
CA ILE T 17 -64.39 -0.79 -47.82
C ILE T 17 -63.57 -1.41 -46.70
N SER T 18 -63.26 -2.71 -46.80
CA SER T 18 -62.45 -3.35 -45.77
C SER T 18 -61.06 -2.74 -45.70
N HIS T 19 -60.43 -2.50 -46.86
CA HIS T 19 -59.10 -1.89 -46.85
C HIS T 19 -59.14 -0.45 -46.36
N ALA T 20 -60.17 0.30 -46.75
CA ALA T 20 -60.29 1.67 -46.26
C ALA T 20 -60.46 1.69 -44.73
N VAL T 21 -61.29 0.80 -44.21
CA VAL T 21 -61.51 0.74 -42.77
C VAL T 21 -60.25 0.28 -42.05
N ALA T 22 -59.50 -0.64 -42.66
CA ALA T 22 -58.23 -1.06 -42.06
C ALA T 22 -57.25 0.10 -41.97
N ARG T 23 -57.14 0.90 -43.04
CA ARG T 23 -56.27 2.06 -42.99
C ARG T 23 -56.72 3.05 -41.91
N LEU T 24 -58.03 3.29 -41.82
CA LEU T 24 -58.53 4.19 -40.78
C LEU T 24 -58.24 3.66 -39.38
N ALA T 25 -58.41 2.35 -39.17
CA ALA T 25 -58.15 1.77 -37.87
C ALA T 25 -56.68 1.87 -37.52
N SER T 26 -55.79 1.66 -38.50
CA SER T 26 -54.36 1.84 -38.23
C SER T 26 -54.05 3.27 -37.84
N GLU T 27 -54.61 4.24 -38.56
CA GLU T 27 -54.37 5.64 -38.21
C GLU T 27 -54.94 6.00 -36.84
N LEU T 28 -56.06 5.40 -36.46
CA LEU T 28 -56.63 5.65 -35.15
C LEU T 28 -55.78 5.03 -34.05
N ASN T 29 -55.24 3.84 -34.29
CA ASN T 29 -54.37 3.22 -33.30
C ASN T 29 -53.07 4.00 -33.15
N ASP T 30 -52.57 4.61 -34.22
CA ASP T 30 -51.37 5.42 -34.12
C ASP T 30 -51.58 6.67 -33.26
N GLU T 31 -52.81 7.11 -33.06
CA GLU T 31 -53.10 8.20 -32.14
C GLU T 31 -53.70 7.72 -30.83
N HIS T 32 -53.44 6.46 -30.48
CA HIS T 32 -53.84 5.89 -29.19
C HIS T 32 -55.35 5.86 -28.99
N VAL T 33 -56.10 5.63 -30.06
CA VAL T 33 -57.51 5.31 -29.98
C VAL T 33 -57.68 3.84 -30.30
N GLU T 34 -58.12 3.07 -29.31
CA GLU T 34 -58.40 1.66 -29.53
C GLU T 34 -59.63 1.50 -30.41
N THR T 35 -59.59 0.53 -31.32
CA THR T 35 -60.66 0.33 -32.29
C THR T 35 -61.23 -1.08 -32.17
N VAL T 36 -62.54 -1.18 -32.18
CA VAL T 36 -63.26 -2.44 -32.27
C VAL T 36 -64.02 -2.42 -33.59
N ILE T 37 -63.73 -3.39 -34.45
CA ILE T 37 -64.32 -3.46 -35.78
C ILE T 37 -65.34 -4.58 -35.79
N ILE T 38 -66.58 -4.25 -36.17
CA ILE T 38 -67.70 -5.18 -36.15
C ILE T 38 -68.41 -5.11 -37.49
N ARG T 39 -68.75 -6.27 -38.05
CA ARG T 39 -69.32 -6.35 -39.38
C ARG T 39 -70.84 -6.54 -39.39
N ASP T 40 -71.49 -6.59 -38.23
CA ASP T 40 -72.92 -6.85 -38.19
C ASP T 40 -73.56 -5.99 -37.12
N PHE T 41 -74.75 -5.46 -37.42
CA PHE T 41 -75.40 -4.54 -36.48
C PHE T 41 -75.89 -5.25 -35.23
N GLU T 42 -76.24 -6.54 -35.33
CA GLU T 42 -76.62 -7.27 -34.14
C GLU T 42 -75.42 -7.51 -33.22
N ASP T 43 -74.27 -7.81 -33.81
CA ASP T 43 -73.04 -7.92 -33.03
C ASP T 43 -72.68 -6.59 -32.38
N GLY T 44 -72.84 -5.50 -33.12
CA GLY T 44 -72.59 -4.19 -32.54
C GLY T 44 -73.55 -3.85 -31.42
N LEU T 45 -74.81 -4.25 -31.56
CA LEU T 45 -75.79 -4.06 -30.50
C LEU T 45 -75.40 -4.85 -29.26
N ALA T 46 -74.97 -6.10 -29.43
CA ALA T 46 -74.53 -6.90 -28.30
C ALA T 46 -73.31 -6.26 -27.63
N TYR T 47 -72.38 -5.74 -28.43
CA TYR T 47 -71.21 -5.07 -27.87
C TYR T 47 -71.61 -3.84 -27.07
N ILE T 48 -72.55 -3.05 -27.60
CA ILE T 48 -72.99 -1.84 -26.91
C ILE T 48 -73.70 -2.19 -25.61
N ARG T 49 -74.46 -3.28 -25.60
CA ARG T 49 -75.17 -3.65 -24.38
C ARG T 49 -74.25 -4.19 -23.29
N SER T 50 -72.99 -4.47 -23.60
CA SER T 50 -72.00 -4.69 -22.57
C SER T 50 -71.48 -3.33 -22.07
N ASN T 51 -71.35 -3.21 -20.75
CA ASN T 51 -71.06 -1.90 -20.15
C ASN T 51 -69.60 -1.54 -20.41
N THR T 52 -69.31 -1.32 -21.68
CA THR T 52 -67.98 -0.91 -22.14
C THR T 52 -68.06 0.54 -22.61
N SER T 53 -67.10 1.36 -22.18
CA SER T 53 -67.10 2.75 -22.56
C SER T 53 -66.73 2.89 -24.04
N ILE T 54 -67.55 3.61 -24.79
CA ILE T 54 -67.33 3.87 -26.20
C ILE T 54 -67.23 5.38 -26.37
N ASP T 55 -66.14 5.83 -26.95
CA ASP T 55 -65.90 7.27 -27.09
C ASP T 55 -66.35 7.82 -28.44
N CYS T 56 -66.52 6.96 -29.44
CA CYS T 56 -66.95 7.41 -30.76
C CYS T 56 -67.49 6.21 -31.52
N LEU T 57 -68.57 6.43 -32.26
CA LEU T 57 -69.16 5.41 -33.12
C LEU T 57 -69.00 5.83 -34.57
N LEU T 58 -68.37 4.98 -35.36
CA LEU T 58 -68.27 5.16 -36.81
C LEU T 58 -68.99 4.00 -37.47
N TYR T 59 -70.03 4.30 -38.24
CA TYR T 59 -70.83 3.25 -38.83
C TYR T 59 -71.09 3.55 -40.31
N GLY T 60 -71.33 2.47 -41.04
CA GLY T 60 -71.78 2.56 -42.43
C GLY T 60 -72.65 1.38 -42.75
N ARG T 61 -73.60 1.59 -43.65
CA ARG T 61 -74.52 0.54 -44.08
C ARG T 61 -74.53 0.46 -45.61
N ASP T 62 -75.46 -0.34 -46.12
CA ASP T 62 -75.64 -0.46 -47.56
C ASP T 62 -76.04 0.87 -48.19
N MET T 63 -76.84 1.65 -47.49
CA MET T 63 -77.37 2.97 -47.84
C MET T 63 -78.50 2.89 -48.85
N SER T 64 -78.79 1.72 -49.41
CA SER T 64 -79.98 1.50 -50.21
C SER T 64 -80.96 0.53 -49.56
N ASP T 65 -80.64 0.02 -48.37
CA ASP T 65 -81.48 -0.94 -47.67
C ASP T 65 -82.16 -0.25 -46.49
N ARG T 66 -83.50 -0.24 -46.49
CA ARG T 66 -84.22 0.36 -45.38
C ARG T 66 -84.10 -0.46 -44.10
N ASP T 67 -83.95 -1.77 -44.23
CA ASP T 67 -83.77 -2.62 -43.04
C ASP T 67 -82.48 -2.28 -42.32
N GLU T 68 -81.39 -2.10 -43.06
CA GLU T 68 -80.14 -1.70 -42.43
C GLU T 68 -80.24 -0.29 -41.87
N GLN T 69 -81.02 0.59 -42.49
CA GLN T 69 -81.25 1.91 -41.91
C GLN T 69 -81.94 1.81 -40.56
N ILE T 70 -82.97 0.96 -40.47
CA ILE T 70 -83.65 0.76 -39.19
C ILE T 70 -82.70 0.17 -38.17
N GLN T 71 -81.88 -0.79 -38.58
CA GLN T 71 -80.93 -1.40 -37.66
C GLN T 71 -79.90 -0.39 -37.16
N ALA T 72 -79.40 0.48 -38.05
CA ALA T 72 -78.43 1.49 -37.64
C ALA T 72 -79.06 2.50 -36.68
N HIS T 73 -80.30 2.90 -36.94
CA HIS T 73 -80.97 3.81 -36.03
C HIS T 73 -81.16 3.16 -34.66
N ARG T 74 -81.52 1.88 -34.65
CA ARG T 74 -81.64 1.14 -33.39
C ARG T 74 -80.31 1.09 -32.65
N LEU T 75 -79.22 0.85 -33.38
CA LEU T 75 -77.90 0.80 -32.75
C LEU T 75 -77.54 2.14 -32.11
N ILE T 76 -77.81 3.25 -32.82
CA ILE T 76 -77.45 4.56 -32.28
C ILE T 76 -78.32 4.90 -31.07
N THR T 77 -79.62 4.56 -31.13
CA THR T 77 -80.49 4.81 -29.98
C THR T 77 -80.05 3.99 -28.77
N GLN T 78 -79.69 2.73 -28.98
CA GLN T 78 -79.20 1.90 -27.90
C GLN T 78 -77.92 2.49 -27.30
N LEU T 79 -77.01 2.94 -28.15
CA LEU T 79 -75.77 3.55 -27.65
C LEU T 79 -76.07 4.78 -26.81
N HIS T 80 -77.00 5.61 -27.25
CA HIS T 80 -77.28 6.83 -26.51
C HIS T 80 -78.19 6.62 -25.31
N ARG T 81 -78.72 5.40 -25.11
CA ARG T 81 -79.46 5.12 -23.88
C ARG T 81 -78.61 5.40 -22.64
N ARG T 82 -77.39 4.86 -22.60
CA ARG T 82 -76.51 5.05 -21.46
C ARG T 82 -75.26 5.85 -21.77
N GLN T 83 -74.94 6.10 -23.03
CA GLN T 83 -73.80 6.91 -23.43
C GLN T 83 -74.35 7.98 -24.37
N GLU T 84 -74.86 9.06 -23.77
CA GLU T 84 -75.84 9.90 -24.43
C GLU T 84 -75.24 10.74 -25.56
N ASP T 85 -74.07 11.34 -25.33
CA ASP T 85 -73.54 12.32 -26.27
C ASP T 85 -72.33 11.80 -27.03
N VAL T 86 -72.21 10.49 -27.18
CA VAL T 86 -71.09 9.92 -27.93
C VAL T 86 -71.18 10.36 -29.39
N PRO T 87 -70.11 10.89 -29.97
CA PRO T 87 -70.16 11.31 -31.38
C PRO T 87 -70.40 10.13 -32.31
N VAL T 88 -71.18 10.38 -33.36
CA VAL T 88 -71.48 9.38 -34.37
C VAL T 88 -70.96 9.87 -35.71
N PHE T 89 -70.07 9.10 -36.31
CA PHE T 89 -69.55 9.37 -37.65
C PHE T 89 -70.21 8.42 -38.64
N LEU T 90 -70.68 8.96 -39.76
CA LEU T 90 -71.21 8.15 -40.85
C LEU T 90 -70.10 7.87 -41.85
N LEU T 91 -69.73 6.60 -42.00
CA LEU T 91 -68.80 6.19 -43.04
C LEU T 91 -69.60 5.80 -44.27
N SER T 92 -69.34 6.47 -45.38
CA SER T 92 -70.11 6.21 -46.58
C SER T 92 -69.39 6.74 -47.80
N ASP T 93 -69.74 6.17 -48.95
CA ASP T 93 -69.45 6.81 -50.22
C ASP T 93 -70.21 8.12 -50.30
N ARG T 94 -69.57 9.15 -50.85
CA ARG T 94 -70.10 10.50 -50.76
C ARG T 94 -71.46 10.63 -51.45
N GLU T 95 -71.58 10.09 -52.66
CA GLU T 95 -72.82 10.27 -53.42
C GLU T 95 -73.99 9.57 -52.76
N GLU T 96 -73.76 8.35 -52.26
CA GLU T 96 -74.82 7.61 -51.59
C GLU T 96 -75.31 8.34 -50.35
N ALA T 97 -74.38 8.89 -49.55
CA ALA T 97 -74.78 9.63 -48.38
C ALA T 97 -75.52 10.91 -48.76
N LEU T 98 -75.05 11.60 -49.80
CA LEU T 98 -75.68 12.87 -50.18
C LEU T 98 -77.09 12.66 -50.70
N VAL T 99 -77.35 11.58 -51.44
CA VAL T 99 -78.71 11.36 -51.90
C VAL T 99 -79.64 10.97 -50.75
N ALA T 100 -79.11 10.39 -49.68
CA ALA T 100 -79.90 10.02 -48.52
C ALA T 100 -79.96 11.12 -47.46
N PHE T 101 -79.36 12.27 -47.72
CA PHE T 101 -79.28 13.33 -46.72
C PHE T 101 -80.65 13.94 -46.47
N ASP T 102 -81.01 14.08 -45.20
CA ASP T 102 -82.24 14.74 -44.79
C ASP T 102 -82.13 15.10 -43.32
N ARG T 103 -83.22 15.67 -42.79
CA ARG T 103 -83.26 16.04 -41.37
C ARG T 103 -83.13 14.83 -40.47
N ASN T 104 -83.79 13.74 -40.83
CA ASN T 104 -83.77 12.54 -40.00
C ASN T 104 -82.37 11.94 -39.92
N MET T 105 -81.60 12.00 -41.02
CA MET T 105 -80.20 11.58 -40.98
C MET T 105 -79.40 12.43 -40.01
N MET T 106 -79.54 13.76 -40.11
CA MET T 106 -78.76 14.66 -39.27
C MET T 106 -79.19 14.60 -37.81
N GLU T 107 -80.37 14.07 -37.50
CA GLU T 107 -80.77 13.91 -36.12
C GLU T 107 -79.88 12.92 -35.38
N GLN T 108 -79.28 11.97 -36.09
CA GLN T 108 -78.45 10.96 -35.45
C GLN T 108 -76.99 10.96 -35.89
N VAL T 109 -76.63 11.70 -36.92
CA VAL T 109 -75.26 11.75 -37.43
C VAL T 109 -74.64 13.07 -37.04
N ASP T 110 -73.47 13.03 -36.41
CA ASP T 110 -72.75 14.24 -36.06
C ASP T 110 -71.75 14.66 -37.14
N GLU T 111 -71.09 13.71 -37.78
CA GLU T 111 -70.08 14.04 -38.78
C GLU T 111 -70.09 13.03 -39.93
N PHE T 112 -69.57 13.48 -41.06
CA PHE T 112 -69.42 12.66 -42.25
C PHE T 112 -67.97 12.25 -42.41
N ALA T 113 -67.75 11.01 -42.83
CA ALA T 113 -66.41 10.51 -43.13
C ALA T 113 -66.48 9.83 -44.50
N TRP T 114 -66.03 10.54 -45.54
CA TRP T 114 -66.00 9.98 -46.89
C TRP T 114 -64.83 9.01 -46.95
N ILE T 115 -65.06 7.79 -46.47
CA ILE T 115 -64.00 6.82 -46.24
C ILE T 115 -63.27 6.43 -47.52
N LEU T 116 -63.90 6.53 -48.68
CA LEU T 116 -63.31 6.06 -49.92
C LEU T 116 -62.58 7.14 -50.71
N GLU T 117 -62.66 8.40 -50.29
CA GLU T 117 -61.98 9.48 -51.01
C GLU T 117 -61.26 10.44 -50.09
N ASP T 118 -61.09 10.09 -48.82
CA ASP T 118 -60.43 10.95 -47.84
C ASP T 118 -59.28 10.20 -47.21
N SER T 119 -58.25 10.95 -46.84
CA SER T 119 -57.11 10.36 -46.14
C SER T 119 -57.56 9.87 -44.77
N ALA T 120 -57.06 8.70 -44.37
CA ALA T 120 -57.37 8.17 -43.05
C ALA T 120 -56.85 9.08 -41.95
N ASP T 121 -55.77 9.82 -42.21
CA ASP T 121 -55.22 10.71 -41.21
C ASP T 121 -56.17 11.86 -40.87
N PHE T 122 -56.80 12.44 -41.90
CA PHE T 122 -57.75 13.53 -41.66
C PHE T 122 -58.95 13.05 -40.84
N ILE T 123 -59.50 11.89 -41.21
CA ILE T 123 -60.63 11.35 -40.48
C ILE T 123 -60.23 11.00 -39.05
N ALA T 124 -59.04 10.43 -38.87
CA ALA T 124 -58.58 10.08 -37.54
C ALA T 124 -58.41 11.33 -36.67
N GLY T 125 -57.88 12.41 -37.25
CA GLY T 125 -57.77 13.65 -36.49
C GLY T 125 -59.12 14.20 -36.08
N ARG T 126 -60.09 14.17 -37.00
CA ARG T 126 -61.42 14.65 -36.65
C ARG T 126 -62.07 13.77 -35.58
N VAL T 127 -61.86 12.46 -35.66
CA VAL T 127 -62.38 11.54 -34.64
C VAL T 127 -61.77 11.85 -33.29
N LEU T 128 -60.46 12.09 -33.25
CA LEU T 128 -59.80 12.41 -31.99
C LEU T 128 -60.32 13.72 -31.40
N ALA T 129 -60.53 14.73 -32.25
CA ALA T 129 -61.08 15.98 -31.75
C ALA T 129 -62.49 15.77 -31.19
N ALA T 130 -63.32 14.99 -31.87
CA ALA T 130 -64.66 14.71 -31.37
C ALA T 130 -64.61 13.96 -30.04
N ILE T 131 -63.71 12.99 -29.93
CA ILE T 131 -63.58 12.23 -28.68
C ILE T 131 -63.17 13.14 -27.53
N GLN T 132 -62.22 14.05 -27.78
CA GLN T 132 -61.79 14.97 -26.74
C GLN T 132 -62.92 15.91 -26.32
N ARG T 133 -63.69 16.41 -27.30
CA ARG T 133 -64.83 17.24 -26.98
C ARG T 133 -65.85 16.47 -26.12
N TYR T 134 -66.10 15.21 -26.46
CA TYR T 134 -67.04 14.42 -25.68
C TYR T 134 -66.53 14.17 -24.27
N ARG T 135 -65.26 13.83 -24.13
CA ARG T 135 -64.70 13.54 -22.81
C ARG T 135 -64.67 14.78 -21.92
N SER T 136 -64.51 15.97 -22.51
CA SER T 136 -64.42 17.17 -21.69
C SER T 136 -65.74 17.56 -21.05
N GLN T 137 -66.87 17.05 -21.53
CA GLN T 137 -68.17 17.36 -20.96
C GLN T 137 -68.76 16.23 -20.14
N LEU T 138 -68.00 15.14 -19.94
CA LEU T 138 -68.58 13.93 -19.38
C LEU T 138 -68.82 14.02 -17.88
N LEU T 139 -67.95 14.70 -17.14
CA LEU T 139 -68.12 14.56 -15.70
C LEU T 139 -68.97 15.67 -15.12
N PRO T 140 -69.70 15.38 -14.04
CA PRO T 140 -70.44 16.43 -13.32
C PRO T 140 -69.49 17.37 -12.60
N PRO T 141 -69.95 18.55 -12.20
CA PRO T 141 -69.00 19.62 -11.82
C PRO T 141 -68.14 19.31 -10.60
N LEU T 142 -68.76 18.86 -9.51
CA LEU T 142 -67.99 18.61 -8.29
C LEU T 142 -66.95 17.52 -8.49
N MET T 143 -67.34 16.43 -9.15
CA MET T 143 -66.41 15.34 -9.39
C MET T 143 -65.25 15.80 -10.28
N LYS T 144 -65.56 16.59 -11.29
CA LYS T 144 -64.54 17.11 -12.19
C LYS T 144 -63.54 17.99 -11.44
N SER T 145 -64.05 18.90 -10.59
CA SER T 145 -63.14 19.78 -9.86
C SER T 145 -62.31 19.00 -8.84
N LEU T 146 -62.90 18.00 -8.19
CA LEU T 146 -62.15 17.18 -7.24
C LEU T 146 -61.04 16.40 -7.95
N ILE T 147 -61.34 15.82 -9.12
CA ILE T 147 -60.31 15.10 -9.85
C ILE T 147 -59.20 16.05 -10.29
N LYS T 148 -59.58 17.25 -10.75
CA LYS T 148 -58.57 18.22 -11.17
C LYS T 148 -57.68 18.63 -10.01
N TYR T 149 -58.25 18.84 -8.83
CA TYR T 149 -57.45 19.25 -7.69
C TYR T 149 -56.61 18.10 -7.13
N SER T 150 -57.03 16.86 -7.33
CA SER T 150 -56.35 15.71 -6.74
C SER T 150 -54.89 15.59 -7.16
N ASP T 151 -54.49 16.17 -8.29
CA ASP T 151 -53.09 16.09 -8.70
C ASP T 151 -52.16 16.91 -7.81
N VAL T 152 -52.69 17.87 -7.04
CA VAL T 152 -51.86 18.65 -6.14
C VAL T 152 -51.36 17.76 -5.01
N HIS T 153 -50.05 17.81 -4.73
CA HIS T 153 -49.46 16.99 -3.69
C HIS T 153 -48.68 17.78 -2.64
N GLU T 154 -48.73 19.10 -2.69
CA GLU T 154 -47.94 19.91 -1.77
C GLU T 154 -48.51 19.86 -0.37
N TYR T 155 -47.62 19.91 0.61
CA TYR T 155 -48.01 19.97 2.02
C TYR T 155 -48.66 21.32 2.29
N SER T 156 -49.98 21.32 2.43
CA SER T 156 -50.64 22.45 3.05
C SER T 156 -50.32 22.45 4.54
N TRP T 157 -50.36 23.62 5.15
CA TRP T 157 -50.04 23.76 6.57
C TRP T 157 -51.31 23.83 7.40
N ALA T 158 -52.32 23.06 7.00
CA ALA T 158 -53.62 23.06 7.66
C ALA T 158 -54.17 21.63 7.70
N ALA T 159 -55.30 21.46 8.38
CA ALA T 159 -55.95 20.17 8.48
C ALA T 159 -56.59 19.79 7.15
N PRO T 160 -56.84 18.48 6.90
CA PRO T 160 -56.62 17.32 7.76
C PRO T 160 -55.14 16.96 7.93
N GLY T 161 -54.82 16.36 9.07
CA GLY T 161 -53.44 16.09 9.42
C GLY T 161 -52.76 15.05 8.56
N HIS T 162 -53.51 14.11 7.98
CA HIS T 162 -52.88 13.06 7.19
C HIS T 162 -52.28 13.60 5.90
N GLN T 163 -52.71 14.76 5.44
CA GLN T 163 -52.10 15.48 4.32
C GLN T 163 -52.08 14.62 3.05
N GLY T 164 -53.27 14.30 2.57
CA GLY T 164 -53.38 13.50 1.37
C GLY T 164 -52.93 12.07 1.53
N GLY T 165 -53.01 11.51 2.73
CA GLY T 165 -52.64 10.14 2.98
C GLY T 165 -51.19 9.91 3.35
N VAL T 166 -50.36 10.95 3.32
CA VAL T 166 -48.95 10.78 3.67
C VAL T 166 -48.79 10.31 5.10
N GLY T 167 -49.64 10.82 6.01
CA GLY T 167 -49.53 10.46 7.41
C GLY T 167 -49.71 8.98 7.68
N PHE T 168 -50.56 8.31 6.90
CA PHE T 168 -50.78 6.89 7.11
C PHE T 168 -49.54 6.06 6.78
N THR T 169 -48.72 6.51 5.83
CA THR T 169 -47.60 5.71 5.38
C THR T 169 -46.37 5.89 6.27
N LYS T 170 -46.55 5.80 7.58
CA LYS T 170 -45.45 5.91 8.52
C LYS T 170 -45.35 4.77 9.51
N THR T 171 -46.39 3.95 9.64
CA THR T 171 -46.36 2.68 10.33
C THR T 171 -46.73 1.58 9.35
N PRO T 172 -46.32 0.34 9.60
CA PRO T 172 -46.71 -0.75 8.68
C PRO T 172 -48.20 -0.95 8.56
N ALA T 173 -48.95 -0.88 9.67
CA ALA T 173 -50.39 -1.02 9.59
C ALA T 173 -51.02 0.13 8.81
N GLY T 174 -50.53 1.35 9.03
CA GLY T 174 -50.97 2.47 8.24
C GLY T 174 -50.67 2.30 6.76
N ARG T 175 -49.53 1.69 6.42
CA ARG T 175 -49.21 1.47 5.02
C ARG T 175 -50.14 0.43 4.40
N ILE T 176 -50.47 -0.62 5.15
CA ILE T 176 -51.44 -1.61 4.65
C ILE T 176 -52.79 -0.95 4.43
N TYR T 177 -53.24 -0.14 5.39
CA TYR T 177 -54.52 0.56 5.26
C TYR T 177 -54.52 1.50 4.06
N HIS T 178 -53.43 2.25 3.88
CA HIS T 178 -53.32 3.20 2.78
C HIS T 178 -53.32 2.49 1.43
N ASP T 179 -52.62 1.36 1.32
CA ASP T 179 -52.63 0.61 0.07
C ASP T 179 -53.98 -0.01 -0.19
N PHE T 180 -54.69 -0.45 0.85
CA PHE T 180 -56.01 -1.03 0.65
C PHE T 180 -56.99 0.01 0.12
N PHE T 181 -57.05 1.19 0.76
CA PHE T 181 -58.06 2.15 0.34
C PHE T 181 -57.63 2.99 -0.86
N GLY T 182 -56.35 3.03 -1.19
CA GLY T 182 -55.89 3.75 -2.36
C GLY T 182 -55.64 5.23 -2.09
N GLU T 183 -54.80 5.80 -2.95
CA GLU T 183 -54.31 7.16 -2.74
C GLU T 183 -55.37 8.22 -3.00
N ASN T 184 -56.20 8.01 -4.03
CA ASN T 184 -57.11 9.06 -4.47
C ASN T 184 -58.17 9.39 -3.43
N LEU T 185 -58.58 8.42 -2.62
CA LEU T 185 -59.53 8.71 -1.55
C LEU T 185 -58.95 9.72 -0.57
N PHE T 186 -57.69 9.56 -0.19
CA PHE T 186 -57.08 10.47 0.77
C PHE T 186 -56.73 11.80 0.12
N ARG T 187 -56.43 11.80 -1.18
CA ARG T 187 -56.08 13.06 -1.81
C ARG T 187 -57.29 13.95 -2.09
N THR T 188 -58.50 13.42 -2.01
CA THR T 188 -59.70 14.24 -2.10
C THR T 188 -60.17 14.75 -0.75
N ASP T 189 -59.64 14.21 0.34
CA ASP T 189 -59.98 14.67 1.69
C ASP T 189 -59.15 15.91 1.96
N ILE T 190 -59.63 17.07 1.49
CA ILE T 190 -58.81 18.27 1.40
C ILE T 190 -59.23 19.36 2.37
N GLY T 191 -60.36 19.22 3.04
CA GLY T 191 -60.84 20.27 3.91
C GLY T 191 -61.68 21.28 3.16
N ILE T 192 -62.28 22.19 3.92
CA ILE T 192 -63.22 23.15 3.37
C ILE T 192 -62.57 24.50 3.08
N GLU T 193 -61.23 24.55 3.05
CA GLU T 193 -60.50 25.81 2.90
C GLU T 193 -59.76 25.91 1.57
N ARG T 194 -60.13 25.10 0.59
CA ARG T 194 -59.51 25.14 -0.73
C ARG T 194 -60.49 25.79 -1.68
N VAL T 195 -60.24 27.05 -2.03
CA VAL T 195 -61.18 27.83 -2.83
C VAL T 195 -61.29 27.35 -4.27
N ALA T 196 -60.35 26.52 -4.74
CA ALA T 196 -60.47 25.96 -6.08
C ALA T 196 -61.73 25.11 -6.21
N VAL T 197 -62.08 24.38 -5.16
CA VAL T 197 -63.26 23.53 -5.18
C VAL T 197 -64.48 24.22 -4.59
N GLY T 198 -64.30 24.97 -3.52
CA GLY T 198 -65.40 25.59 -2.81
C GLY T 198 -65.63 24.92 -1.47
N SER T 199 -66.75 25.27 -0.84
CA SER T 199 -67.11 24.71 0.45
C SER T 199 -68.55 24.22 0.41
N LEU T 200 -68.79 23.06 1.02
CA LEU T 200 -70.13 22.48 1.03
C LEU T 200 -71.09 23.30 1.89
N LEU T 201 -70.65 23.70 3.08
CA LEU T 201 -71.56 24.39 4.00
C LEU T 201 -71.91 25.79 3.51
N ASP T 202 -71.03 26.41 2.74
CA ASP T 202 -71.33 27.71 2.15
C ASP T 202 -72.06 27.61 0.82
N HIS T 203 -72.17 26.40 0.26
CA HIS T 203 -72.81 26.17 -1.04
C HIS T 203 -72.19 27.02 -2.13
N THR T 204 -70.86 27.12 -2.12
CA THR T 204 -70.13 27.92 -3.08
C THR T 204 -69.28 27.05 -3.98
N GLY T 205 -68.91 27.60 -5.13
CA GLY T 205 -68.04 26.91 -6.06
C GLY T 205 -68.70 25.68 -6.66
N ALA T 206 -67.89 24.63 -6.80
CA ALA T 206 -68.39 23.38 -7.38
C ALA T 206 -69.51 22.78 -6.55
N PHE T 207 -69.57 23.04 -5.25
CA PHE T 207 -70.68 22.54 -4.44
C PHE T 207 -71.98 23.24 -4.79
N GLY T 208 -71.93 24.56 -4.99
CA GLY T 208 -73.11 25.26 -5.48
C GLY T 208 -73.54 24.77 -6.85
N GLU T 209 -72.57 24.57 -7.75
CA GLU T 209 -72.89 24.03 -9.06
C GLU T 209 -73.56 22.67 -8.95
N CYS T 210 -73.01 21.78 -8.12
CA CYS T 210 -73.56 20.44 -7.97
C CYS T 210 -74.97 20.47 -7.38
N GLU T 211 -75.21 21.35 -6.41
CA GLU T 211 -76.55 21.43 -5.84
C GLU T 211 -77.56 21.98 -6.84
N LYS T 212 -77.16 22.97 -7.65
CA LYS T 212 -78.06 23.45 -8.69
C LYS T 212 -78.34 22.36 -9.72
N ASN T 213 -77.31 21.61 -10.10
CA ASN T 213 -77.49 20.50 -11.04
C ASN T 213 -78.44 19.45 -10.47
N ALA T 214 -78.29 19.12 -9.19
CA ALA T 214 -79.16 18.14 -8.57
C ALA T 214 -80.60 18.64 -8.47
N ALA T 215 -80.77 19.92 -8.16
CA ALA T 215 -82.12 20.48 -8.12
C ALA T 215 -82.78 20.41 -9.48
N ARG T 216 -82.02 20.70 -10.54
CA ARG T 216 -82.57 20.55 -11.89
C ARG T 216 -82.93 19.10 -12.19
N ILE T 217 -82.03 18.17 -11.87
CA ILE T 217 -82.24 16.77 -12.23
C ILE T 217 -83.44 16.18 -11.48
N PHE T 218 -83.59 16.51 -10.20
CA PHE T 218 -84.65 15.95 -9.39
C PHE T 218 -85.91 16.82 -9.36
N GLY T 219 -85.95 17.90 -10.13
CA GLY T 219 -87.14 18.73 -10.21
C GLY T 219 -87.50 19.49 -8.96
N ALA T 220 -86.52 20.02 -8.25
CA ALA T 220 -86.75 20.82 -7.07
C ALA T 220 -86.36 22.26 -7.32
N ASP T 221 -86.91 23.17 -6.49
CA ASP T 221 -86.46 24.55 -6.53
C ASP T 221 -85.05 24.68 -5.96
N GLN T 222 -84.79 24.05 -4.82
CA GLN T 222 -83.48 24.06 -4.19
C GLN T 222 -83.15 22.66 -3.71
N SER T 223 -81.87 22.31 -3.77
CA SER T 223 -81.39 21.03 -3.29
C SER T 223 -80.22 21.25 -2.35
N TYR T 224 -80.13 20.41 -1.33
CA TYR T 224 -79.04 20.44 -0.36
C TYR T 224 -78.42 19.06 -0.28
N SER T 225 -77.10 18.99 -0.43
CA SER T 225 -76.35 17.76 -0.24
C SER T 225 -76.04 17.58 1.23
N VAL T 226 -76.25 16.37 1.74
CA VAL T 226 -76.12 16.06 3.15
C VAL T 226 -75.16 14.89 3.30
N VAL T 227 -74.29 14.96 4.30
CA VAL T 227 -73.31 13.92 4.56
C VAL T 227 -73.61 13.17 5.85
N VAL T 228 -74.78 13.36 6.43
CA VAL T 228 -75.20 12.64 7.62
C VAL T 228 -76.43 11.77 7.32
N GLY T 229 -76.65 11.46 6.05
CA GLY T 229 -77.74 10.58 5.68
C GLY T 229 -79.10 11.24 5.77
N THR T 230 -80.12 10.43 5.48
CA THR T 230 -81.48 10.91 5.59
C THR T 230 -81.89 11.15 7.03
N SER T 231 -81.23 10.49 8.00
CA SER T 231 -81.45 10.87 9.39
C SER T 231 -81.14 12.34 9.61
N GLY T 232 -79.96 12.77 9.17
CA GLY T 232 -79.60 14.17 9.26
C GLY T 232 -80.53 15.07 8.46
N SER T 233 -80.89 14.65 7.25
CA SER T 233 -81.79 15.45 6.42
C SER T 233 -83.15 15.66 7.09
N ASN T 234 -83.72 14.58 7.64
CA ASN T 234 -84.99 14.68 8.34
C ASN T 234 -84.87 15.59 9.55
N ARG T 235 -83.76 15.48 10.28
CA ARG T 235 -83.56 16.34 11.44
C ARG T 235 -83.52 17.81 11.04
N THR T 236 -82.78 18.16 9.98
CA THR T 236 -82.71 19.57 9.63
C THR T 236 -84.04 20.09 9.10
N ILE T 237 -84.77 19.28 8.32
CA ILE T 237 -86.08 19.74 7.84
C ILE T 237 -87.01 19.99 9.03
N MET T 238 -87.05 19.05 9.96
CA MET T 238 -87.95 19.20 11.10
C MET T 238 -87.53 20.37 11.98
N GLN T 239 -86.23 20.60 12.13
CA GLN T 239 -85.76 21.74 12.89
C GLN T 239 -86.11 23.06 12.23
N ALA T 240 -86.07 23.11 10.90
CA ALA T 240 -86.45 24.33 10.20
C ALA T 240 -87.96 24.56 10.21
N CYS T 241 -88.75 23.51 10.40
CA CYS T 241 -90.20 23.66 10.23
C CYS T 241 -90.96 23.93 11.52
N MET T 242 -90.68 23.22 12.61
CA MET T 242 -91.57 23.29 13.77
C MET T 242 -90.83 23.80 15.00
N THR T 243 -91.62 24.08 16.03
CA THR T 243 -91.15 24.61 17.29
C THR T 243 -91.98 23.96 18.40
N ASP T 244 -91.54 24.11 19.65
CA ASP T 244 -92.25 23.46 20.74
C ASP T 244 -93.66 23.98 20.95
N ASP T 245 -94.02 25.11 20.35
CA ASP T 245 -95.38 25.63 20.39
C ASP T 245 -96.20 25.22 19.17
N ASP T 246 -95.87 24.09 18.54
CA ASP T 246 -96.48 23.68 17.28
C ASP T 246 -97.09 22.30 17.41
N VAL T 247 -98.11 22.06 16.60
CA VAL T 247 -98.70 20.73 16.44
C VAL T 247 -98.35 20.23 15.04
N VAL T 248 -97.98 18.95 14.96
CA VAL T 248 -97.53 18.36 13.70
C VAL T 248 -98.27 17.06 13.45
N VAL T 249 -98.39 16.71 12.17
CA VAL T 249 -99.13 15.54 11.73
C VAL T 249 -98.10 14.52 11.24
N ILE T 250 -98.00 13.40 11.94
CA ILE T 250 -96.93 12.44 11.71
C ILE T 250 -97.51 11.14 11.21
N ASP T 251 -96.99 10.66 10.07
CA ASP T 251 -97.21 9.29 9.65
C ASP T 251 -96.73 8.33 10.73
N ARG T 252 -97.63 7.47 11.20
CA ARG T 252 -97.22 6.49 12.19
C ARG T 252 -96.17 5.53 11.64
N ASN T 253 -96.15 5.32 10.32
CA ASN T 253 -95.06 4.62 9.66
C ASN T 253 -93.94 5.64 9.43
N CYS T 254 -93.22 5.94 10.50
CA CYS T 254 -92.15 6.92 10.46
C CYS T 254 -90.83 6.29 10.86
N HIS T 255 -89.76 6.77 10.24
CA HIS T 255 -88.41 6.38 10.63
C HIS T 255 -88.09 6.98 12.00
N LYS T 256 -87.14 6.35 12.69
CA LYS T 256 -86.77 6.83 14.02
C LYS T 256 -86.14 8.22 13.98
N SER T 257 -85.63 8.66 12.83
CA SER T 257 -85.14 10.03 12.73
C SER T 257 -86.28 11.04 12.85
N ILE T 258 -87.50 10.64 12.48
CA ILE T 258 -88.64 11.53 12.67
C ILE T 258 -88.92 11.73 14.16
N GLU T 259 -88.88 10.66 14.94
CA GLU T 259 -89.04 10.82 16.38
C GLU T 259 -87.87 11.60 16.99
N GLN T 260 -86.66 11.43 16.44
CA GLN T 260 -85.55 12.24 16.91
C GLN T 260 -85.79 13.71 16.64
N GLY T 261 -86.33 14.04 15.47
CA GLY T 261 -86.70 15.42 15.18
C GLY T 261 -87.76 15.93 16.13
N LEU T 262 -88.73 15.09 16.47
CA LEU T 262 -89.74 15.48 17.45
C LEU T 262 -89.11 15.79 18.80
N ILE T 263 -88.16 14.95 19.23
CA ILE T 263 -87.46 15.19 20.49
C ILE T 263 -86.69 16.51 20.43
N LEU T 264 -85.99 16.76 19.33
CA LEU T 264 -85.15 17.94 19.21
C LEU T 264 -85.93 19.22 19.00
N THR T 265 -87.17 19.16 18.54
CA THR T 265 -87.97 20.36 18.34
C THR T 265 -88.98 20.60 19.45
N GLY T 266 -89.42 19.55 20.15
CA GLY T 266 -90.42 19.69 21.17
C GLY T 266 -91.84 19.85 20.68
N ALA T 267 -92.10 19.57 19.40
CA ALA T 267 -93.44 19.72 18.85
C ALA T 267 -94.37 18.65 19.40
N LYS T 268 -95.67 18.92 19.29
CA LYS T 268 -96.69 17.99 19.78
C LYS T 268 -97.26 17.21 18.61
N PRO T 269 -97.06 15.90 18.55
CA PRO T 269 -97.46 15.15 17.36
C PRO T 269 -98.87 14.58 17.42
N VAL T 270 -99.49 14.57 16.25
CA VAL T 270 -100.75 13.87 16.00
C VAL T 270 -100.47 12.87 14.87
N TYR T 271 -101.07 11.69 14.96
CA TYR T 271 -100.66 10.56 14.13
C TYR T 271 -101.76 10.12 13.18
N MET T 272 -101.38 9.83 11.93
CA MET T 272 -102.24 9.14 10.98
C MET T 272 -101.83 7.67 10.96
N ILE T 273 -102.81 6.79 11.16
CA ILE T 273 -102.56 5.37 11.34
C ILE T 273 -102.62 4.69 9.97
N PRO T 274 -101.57 3.99 9.55
CA PRO T 274 -101.62 3.27 8.27
C PRO T 274 -102.42 1.98 8.40
N SER T 275 -102.75 1.41 7.24
CA SER T 275 -103.50 0.17 7.17
C SER T 275 -102.56 -1.03 7.20
N ARG T 276 -103.14 -2.20 7.47
CA ARG T 276 -102.41 -3.46 7.55
C ARG T 276 -103.18 -4.53 6.77
N ASN T 277 -102.46 -5.55 6.33
CA ASN T 277 -103.07 -6.69 5.66
C ASN T 277 -102.82 -7.96 6.46
N ARG T 278 -103.35 -9.08 5.95
CA ARG T 278 -103.29 -10.34 6.69
C ARG T 278 -101.88 -10.88 6.84
N TYR T 279 -100.94 -10.44 6.01
CA TYR T 279 -99.56 -10.90 6.12
C TYR T 279 -98.74 -10.07 7.09
N GLY T 280 -99.34 -9.08 7.74
CA GLY T 280 -98.59 -8.19 8.61
C GLY T 280 -97.86 -7.10 7.88
N ILE T 281 -98.11 -6.91 6.59
CA ILE T 281 -97.49 -5.85 5.82
C ILE T 281 -98.19 -4.54 6.10
N ILE T 282 -97.44 -3.52 6.51
CA ILE T 282 -98.00 -2.20 6.73
C ILE T 282 -98.34 -1.58 5.38
N GLY T 283 -99.56 -1.05 5.27
CA GLY T 283 -100.01 -0.46 4.04
C GLY T 283 -100.10 1.05 4.12
N PRO T 284 -100.75 1.65 3.14
CA PRO T 284 -100.84 3.11 3.10
C PRO T 284 -101.83 3.65 4.11
N ILE T 285 -101.63 4.93 4.46
CA ILE T 285 -102.65 5.68 5.17
C ILE T 285 -103.82 5.94 4.24
N TYR T 286 -105.02 5.65 4.70
CA TYR T 286 -106.19 5.86 3.88
C TYR T 286 -106.55 7.34 3.81
N PRO T 287 -107.23 7.76 2.74
CA PRO T 287 -107.62 9.17 2.63
C PRO T 287 -108.49 9.65 3.78
N LYS T 288 -109.22 8.76 4.45
CA LYS T 288 -110.06 9.16 5.57
C LYS T 288 -109.26 9.69 6.76
N GLU T 289 -107.95 9.47 6.79
CA GLU T 289 -107.11 9.97 7.86
C GLU T 289 -106.46 11.30 7.54
N MET T 290 -106.47 11.74 6.28
CA MET T 290 -105.82 12.98 5.88
C MET T 290 -106.81 14.12 5.65
N THR T 291 -108.11 13.87 5.74
CA THR T 291 -109.06 14.94 5.49
C THR T 291 -108.96 16.00 6.58
N PRO T 292 -109.27 17.26 6.25
CA PRO T 292 -109.20 18.32 7.26
C PRO T 292 -110.03 18.03 8.49
N ASP T 293 -111.20 17.42 8.34
CA ASP T 293 -112.01 17.06 9.49
C ASP T 293 -111.33 15.99 10.34
N ALA T 294 -110.70 15.01 9.70
CA ALA T 294 -109.98 13.98 10.45
C ALA T 294 -108.83 14.59 11.25
N ILE T 295 -108.09 15.52 10.65
CA ILE T 295 -106.96 16.13 11.34
C ILE T 295 -107.46 17.02 12.48
N LYS T 296 -108.54 17.75 12.27
CA LYS T 296 -109.12 18.54 13.36
C LYS T 296 -109.60 17.66 14.50
N PHE T 297 -110.22 16.52 14.16
CA PHE T 297 -110.66 15.58 15.20
C PHE T 297 -109.48 15.03 15.97
N LYS T 298 -108.40 14.67 15.27
CA LYS T 298 -107.22 14.15 15.95
C LYS T 298 -106.62 15.20 16.87
N ILE T 299 -106.56 16.46 16.42
CA ILE T 299 -106.02 17.53 17.26
C ILE T 299 -106.88 17.75 18.48
N ALA T 300 -108.21 17.74 18.30
CA ALA T 300 -109.11 17.96 19.42
C ALA T 300 -109.12 16.80 20.41
N ALA T 301 -108.78 15.59 19.96
CA ALA T 301 -108.80 14.44 20.85
C ALA T 301 -107.47 14.20 21.56
N ASN T 302 -106.38 14.78 21.08
CA ASN T 302 -105.08 14.52 21.68
C ASN T 302 -104.96 15.22 23.03
N PRO T 303 -104.48 14.53 24.06
CA PRO T 303 -104.35 15.17 25.38
C PRO T 303 -103.43 16.38 25.40
N LEU T 304 -102.38 16.39 24.56
CA LEU T 304 -101.44 17.49 24.57
C LEU T 304 -101.83 18.63 23.64
N THR T 305 -102.53 18.34 22.55
CA THR T 305 -102.83 19.35 21.54
C THR T 305 -104.25 19.90 21.64
N LYS T 306 -105.04 19.47 22.63
CA LYS T 306 -106.43 19.90 22.68
C LYS T 306 -106.58 21.38 23.04
N GLY T 307 -105.51 22.05 23.42
CA GLY T 307 -105.54 23.49 23.63
C GLY T 307 -105.01 24.24 22.43
N LYS T 308 -104.90 23.57 21.29
CA LYS T 308 -104.35 24.16 20.07
C LYS T 308 -105.26 23.92 18.88
N VAL T 309 -106.55 23.66 19.12
CA VAL T 309 -107.46 23.28 18.05
C VAL T 309 -107.68 24.39 17.03
N LYS T 310 -107.34 25.63 17.38
CA LYS T 310 -107.45 26.75 16.46
C LYS T 310 -106.14 27.04 15.73
N GLN T 311 -105.11 26.25 15.98
CA GLN T 311 -103.78 26.50 15.42
C GLN T 311 -103.56 25.63 14.20
N LYS T 312 -103.06 26.24 13.13
CA LYS T 312 -102.76 25.49 11.92
C LYS T 312 -101.51 24.63 12.13
N PRO T 313 -101.56 23.34 11.80
CA PRO T 313 -100.37 22.50 11.98
C PRO T 313 -99.21 22.99 11.11
N ALA T 314 -98.01 22.90 11.67
CA ALA T 314 -96.84 23.49 11.03
C ALA T 314 -96.13 22.54 10.08
N TYR T 315 -96.43 21.25 10.12
CA TYR T 315 -95.62 20.28 9.40
C TYR T 315 -96.35 18.95 9.37
N SER T 316 -96.19 18.24 8.25
CA SER T 316 -96.66 16.87 8.13
C SER T 316 -95.60 16.06 7.39
N VAL T 317 -95.51 14.78 7.73
CA VAL T 317 -94.56 13.88 7.09
C VAL T 317 -95.30 12.60 6.69
N VAL T 318 -95.06 12.15 5.47
CA VAL T 318 -95.58 10.89 4.96
C VAL T 318 -94.41 10.10 4.37
N THR T 319 -94.28 8.85 4.77
CA THR T 319 -93.26 7.98 4.19
C THR T 319 -93.78 7.39 2.88
N ASN T 320 -93.05 7.65 1.79
CA ASN T 320 -93.47 7.20 0.47
C ASN T 320 -92.22 7.00 -0.38
N CYS T 321 -92.00 5.77 -0.83
CA CYS T 321 -92.86 4.63 -0.59
C CYS T 321 -92.58 3.98 0.76
N THR T 322 -93.44 3.04 1.15
CA THR T 322 -93.26 2.34 2.40
C THR T 322 -92.15 1.29 2.28
N TYR T 323 -91.86 0.62 3.39
CA TYR T 323 -90.78 -0.36 3.41
C TYR T 323 -91.07 -1.55 2.50
N ASP T 324 -92.34 -1.88 2.29
CA ASP T 324 -92.73 -3.02 1.46
C ASP T 324 -93.13 -2.60 0.06
N GLY T 325 -92.79 -1.38 -0.36
CA GLY T 325 -93.01 -0.97 -1.73
C GLY T 325 -94.39 -0.48 -2.07
N VAL T 326 -95.14 0.01 -1.09
CA VAL T 326 -96.45 0.61 -1.36
C VAL T 326 -96.24 2.10 -1.59
N CYS T 327 -96.59 2.58 -2.78
CA CYS T 327 -96.39 3.95 -3.18
C CYS T 327 -97.72 4.69 -3.20
N TYR T 328 -97.77 5.82 -2.50
CA TYR T 328 -98.95 6.67 -2.51
C TYR T 328 -99.07 7.40 -3.84
N ASN T 329 -100.30 7.72 -4.22
CA ASN T 329 -100.55 8.74 -5.24
C ASN T 329 -100.25 10.08 -4.59
N ALA T 330 -99.05 10.61 -4.83
CA ALA T 330 -98.61 11.79 -4.10
C ALA T 330 -99.41 13.03 -4.48
N ARG T 331 -99.89 13.09 -5.72
CA ARG T 331 -100.75 14.20 -6.12
C ARG T 331 -102.01 14.24 -5.26
N LYS T 332 -102.65 13.09 -5.04
CA LYS T 332 -103.85 13.04 -4.23
C LYS T 332 -103.55 13.32 -2.76
N VAL T 333 -102.43 12.81 -2.26
CA VAL T 333 -102.05 13.09 -0.88
C VAL T 333 -101.82 14.57 -0.68
N GLN T 334 -101.13 15.22 -1.62
CA GLN T 334 -100.88 16.65 -1.52
C GLN T 334 -102.18 17.44 -1.59
N ASP T 335 -103.10 17.04 -2.47
CA ASP T 335 -104.39 17.73 -2.51
C ASP T 335 -105.17 17.56 -1.22
N LEU T 336 -105.11 16.38 -0.60
CA LEU T 336 -105.81 16.17 0.66
C LEU T 336 -105.20 17.00 1.78
N LEU T 337 -103.88 16.97 1.92
CA LEU T 337 -103.21 17.69 2.99
C LEU T 337 -103.14 19.19 2.78
N ASP T 338 -103.35 19.67 1.55
CA ASP T 338 -103.37 21.10 1.28
C ASP T 338 -104.48 21.81 2.03
N GLY T 339 -105.55 21.11 2.40
CA GLY T 339 -106.60 21.73 3.13
C GLY T 339 -106.33 21.96 4.61
N SER T 340 -105.18 21.51 5.10
CA SER T 340 -104.85 21.64 6.51
C SER T 340 -103.44 22.15 6.79
N LEU T 341 -102.51 22.04 5.84
CA LEU T 341 -101.11 22.30 6.11
C LEU T 341 -100.50 23.13 5.00
N ASP T 342 -99.40 23.81 5.32
CA ASP T 342 -98.60 24.50 4.32
C ASP T 342 -97.28 23.81 4.03
N ARG T 343 -96.86 22.86 4.85
CA ARG T 343 -95.60 22.15 4.66
C ARG T 343 -95.87 20.65 4.68
N ILE T 344 -95.51 19.98 3.60
CA ILE T 344 -95.61 18.52 3.52
C ILE T 344 -94.23 17.98 3.24
N HIS T 345 -93.78 17.04 4.07
CA HIS T 345 -92.50 16.40 3.91
C HIS T 345 -92.73 14.96 3.47
N PHE T 346 -92.23 14.60 2.31
CA PHE T 346 -92.26 13.23 1.81
C PHE T 346 -90.90 12.59 2.08
N ASP T 347 -90.86 11.64 2.99
CA ASP T 347 -89.63 10.91 3.29
C ASP T 347 -89.49 9.79 2.27
N GLU T 348 -88.87 10.12 1.14
CA GLU T 348 -88.64 9.16 0.06
C GLU T 348 -87.25 8.55 0.14
N ALA T 349 -86.87 8.03 1.31
CA ALA T 349 -85.53 7.50 1.48
C ALA T 349 -85.27 6.31 0.57
N TRP T 350 -86.26 5.43 0.44
CA TRP T 350 -86.16 4.28 -0.44
C TRP T 350 -86.65 4.57 -1.85
N TYR T 351 -87.03 5.80 -2.14
CA TYR T 351 -87.78 6.15 -3.35
C TYR T 351 -87.10 7.35 -4.00
N GLY T 352 -86.00 7.10 -4.70
CA GLY T 352 -85.22 8.21 -5.23
C GLY T 352 -85.20 8.19 -6.74
N TYR T 353 -85.44 7.00 -7.29
CA TYR T 353 -85.49 6.74 -8.71
C TYR T 353 -86.86 7.06 -9.33
N ALA T 354 -87.87 7.35 -8.51
CA ALA T 354 -89.25 7.36 -8.98
C ALA T 354 -89.49 8.39 -10.08
N ARG T 355 -88.80 9.52 -10.02
CA ARG T 355 -88.96 10.56 -11.03
C ARG T 355 -88.53 10.11 -12.42
N PHE T 356 -87.69 9.09 -12.53
CA PHE T 356 -87.00 8.80 -13.77
C PHE T 356 -87.58 7.60 -14.51
N ASN T 357 -88.76 7.11 -14.12
CA ASN T 357 -89.45 6.10 -14.88
C ASN T 357 -90.93 6.44 -14.93
N PRO T 358 -91.55 6.44 -16.12
CA PRO T 358 -92.97 6.81 -16.22
C PRO T 358 -93.91 5.87 -15.48
N LEU T 359 -93.47 4.68 -15.09
CA LEU T 359 -94.32 3.78 -14.34
C LEU T 359 -94.74 4.37 -13.00
N TYR T 360 -93.96 5.31 -12.46
CA TYR T 360 -94.22 5.91 -11.16
C TYR T 360 -94.93 7.25 -11.26
N ARG T 361 -95.46 7.59 -12.42
CA ARG T 361 -96.06 8.89 -12.65
C ARG T 361 -97.16 9.19 -11.63
N ASN T 362 -97.15 10.40 -11.09
CA ASN T 362 -98.07 10.92 -10.09
C ASN T 362 -97.90 10.26 -8.72
N HIS T 363 -96.87 9.45 -8.52
CA HIS T 363 -96.70 8.73 -7.26
C HIS T 363 -95.44 9.14 -6.52
N PHE T 364 -94.97 10.37 -6.73
CA PHE T 364 -93.80 10.90 -6.03
C PHE T 364 -93.98 12.40 -5.90
N ALA T 365 -93.04 13.03 -5.18
CA ALA T 365 -93.23 14.40 -4.74
C ALA T 365 -92.92 15.42 -5.83
N MET T 366 -91.72 15.35 -6.42
CA MET T 366 -91.24 16.39 -7.33
C MET T 366 -91.63 16.05 -8.77
N ARG T 367 -92.90 16.23 -9.06
CA ARG T 367 -93.47 15.84 -10.35
C ARG T 367 -93.27 16.94 -11.39
N ASP T 368 -93.07 16.52 -12.63
CA ASP T 368 -93.11 17.45 -13.76
C ASP T 368 -94.55 17.85 -14.04
N GLU T 369 -94.98 18.97 -13.46
CA GLU T 369 -96.36 19.41 -13.57
C GLU T 369 -96.40 20.92 -13.55
N GLU T 370 -97.46 21.48 -14.11
CA GLU T 370 -97.70 22.91 -13.97
C GLU T 370 -98.01 23.24 -12.52
N ARG T 371 -97.29 24.19 -11.95
CA ARG T 371 -97.40 24.53 -10.54
C ARG T 371 -98.10 25.86 -10.37
N THR T 372 -99.12 25.89 -9.53
CA THR T 372 -99.82 27.12 -9.21
C THR T 372 -99.12 27.83 -8.06
N GLU T 373 -99.65 29.00 -7.69
CA GLU T 373 -99.02 29.80 -6.65
C GLU T 373 -99.55 29.54 -5.25
N ASN T 374 -100.62 28.76 -5.12
CA ASN T 374 -101.22 28.49 -3.81
C ASN T 374 -100.89 27.09 -3.31
N GLU T 375 -99.82 26.50 -3.81
CA GLU T 375 -99.43 25.17 -3.38
C GLU T 375 -98.74 25.24 -2.02
N PRO T 376 -98.79 24.15 -1.25
CA PRO T 376 -97.98 24.08 -0.04
C PRO T 376 -96.50 23.88 -0.37
N THR T 377 -95.66 24.18 0.61
CA THR T 377 -94.24 23.87 0.47
C THR T 377 -94.02 22.37 0.62
N ILE T 378 -93.25 21.79 -0.30
CA ILE T 378 -93.03 20.36 -0.35
C ILE T 378 -91.55 20.09 -0.09
N PHE T 379 -91.27 19.18 0.86
CA PHE T 379 -89.94 18.67 1.11
C PHE T 379 -89.87 17.20 0.72
N ALA T 380 -88.75 16.81 0.12
CA ALA T 380 -88.49 15.42 -0.18
C ALA T 380 -87.06 15.09 0.22
N THR T 381 -86.89 13.98 0.92
CA THR T 381 -85.56 13.50 1.31
C THR T 381 -85.28 12.19 0.60
N HIS T 382 -84.12 12.11 -0.04
CA HIS T 382 -83.68 10.89 -0.71
C HIS T 382 -82.44 10.35 -0.01
N SER T 383 -82.46 9.07 0.30
CA SER T 383 -81.20 8.45 0.75
C SER T 383 -80.54 7.96 -0.53
N THR T 384 -79.57 8.69 -1.04
CA THR T 384 -78.92 8.38 -2.34
C THR T 384 -78.16 7.05 -2.29
N HIS T 385 -77.78 6.61 -1.10
CA HIS T 385 -77.06 5.33 -0.95
C HIS T 385 -78.03 4.15 -0.94
N1 LLP T 386 -86.15 7.47 6.56
C2 LLP T 386 -86.46 6.27 6.06
C2' LLP T 386 -87.87 5.99 5.65
C3 LLP T 386 -85.48 5.30 5.91
O3 LLP T 386 -85.87 4.13 5.38
C4 LLP T 386 -84.16 5.57 6.28
C4' LLP T 386 -83.13 4.55 6.11
C5 LLP T 386 -83.86 6.84 6.81
C6 LLP T 386 -84.88 7.74 6.93
C5' LLP T 386 -82.50 7.23 7.30
OP4 LLP T 386 -81.54 7.33 6.22
P LLP T 386 -79.98 7.23 6.49
OP1 LLP T 386 -79.37 7.72 5.23
OP2 LLP T 386 -79.66 8.10 7.67
OP3 LLP T 386 -79.78 5.80 6.76
N LLP T 386 -79.31 4.37 -0.67
CA LLP T 386 -80.25 3.23 -0.55
CB LLP T 386 -81.48 3.54 0.30
CG LLP T 386 -81.34 3.26 1.80
CD LLP T 386 -82.47 3.84 2.65
CE LLP T 386 -82.02 4.25 4.04
NZ LLP T 386 -83.01 3.85 5.05
C LLP T 386 -80.55 2.61 -1.93
O LLP T 386 -80.11 1.50 -2.15
N LEU T 387 -81.26 3.32 -2.80
CA LEU T 387 -81.69 2.70 -4.09
C LEU T 387 -81.15 3.50 -5.28
N LEU T 388 -80.24 4.41 -5.02
CA LEU T 388 -79.49 5.12 -6.10
C LEU T 388 -78.04 4.64 -5.89
N ASN T 389 -77.06 5.17 -6.62
CA ASN T 389 -75.65 4.76 -6.54
C ASN T 389 -74.87 5.86 -5.81
N ALA T 390 -74.74 5.71 -4.49
CA ALA T 390 -73.95 6.63 -3.69
C ALA T 390 -73.42 5.90 -2.48
N LEU T 391 -72.37 6.47 -1.90
CA LEU T 391 -71.81 5.93 -0.66
C LEU T 391 -72.75 6.19 0.50
N SER T 392 -72.62 5.35 1.53
CA SER T 392 -73.39 5.53 2.75
C SER T 392 -73.20 6.93 3.31
N GLN T 393 -74.26 7.46 3.93
CA GLN T 393 -74.41 8.79 4.52
C GLN T 393 -74.69 9.87 3.50
N ALA T 394 -74.69 9.57 2.20
CA ALA T 394 -75.05 10.56 1.20
C ALA T 394 -76.56 10.71 1.12
N SER T 395 -77.03 11.95 1.08
CA SER T 395 -78.46 12.22 1.10
C SER T 395 -78.72 13.57 0.44
N PHE T 396 -79.98 13.79 0.09
CA PHE T 396 -80.41 15.04 -0.51
C PHE T 396 -81.63 15.58 0.22
N ILE T 397 -81.72 16.89 0.33
CA ILE T 397 -82.94 17.58 0.68
C ILE T 397 -83.41 18.33 -0.55
N HIS T 398 -84.64 18.07 -0.97
CA HIS T 398 -85.24 18.75 -2.10
C HIS T 398 -86.40 19.59 -1.60
N VAL T 399 -86.46 20.84 -2.03
CA VAL T 399 -87.49 21.78 -1.58
C VAL T 399 -88.21 22.33 -2.80
N ARG T 400 -89.53 22.36 -2.74
CA ARG T 400 -90.37 23.09 -3.67
C ARG T 400 -91.10 24.16 -2.88
N ASN T 401 -90.79 25.42 -3.16
CA ASN T 401 -91.31 26.52 -2.35
C ASN T 401 -92.78 26.77 -2.67
N GLY T 402 -93.60 26.81 -1.62
CA GLY T 402 -95.00 27.14 -1.76
C GLY T 402 -95.47 28.08 -0.67
N ARG T 403 -96.57 27.73 -0.01
CA ARG T 403 -97.07 28.55 1.08
C ARG T 403 -96.18 28.39 2.30
N ASN T 404 -95.88 29.51 2.96
CA ASN T 404 -95.08 29.53 4.19
C ASN T 404 -93.71 28.92 3.95
N ALA T 405 -93.07 29.33 2.86
CA ALA T 405 -91.75 28.79 2.51
C ALA T 405 -90.68 29.34 3.43
N ILE T 406 -89.58 28.60 3.53
CA ILE T 406 -88.44 28.97 4.37
C ILE T 406 -87.31 29.41 3.44
N ASP T 407 -86.91 30.67 3.57
CA ASP T 407 -85.86 31.21 2.72
C ASP T 407 -84.51 30.64 3.13
N PHE T 408 -83.51 30.88 2.27
CA PHE T 408 -82.22 30.24 2.42
C PHE T 408 -81.53 30.61 3.74
N ASN T 409 -81.61 31.89 4.14
CA ASN T 409 -80.93 32.32 5.36
C ASN T 409 -81.49 31.60 6.58
N ARG T 410 -82.81 31.41 6.63
CA ARG T 410 -83.42 30.73 7.76
C ARG T 410 -83.15 29.22 7.73
N PHE T 411 -83.22 28.61 6.54
CA PHE T 411 -83.01 27.17 6.43
C PHE T 411 -81.57 26.79 6.70
N ASN T 412 -80.63 27.67 6.36
CA ASN T 412 -79.21 27.35 6.52
C ASN T 412 -78.84 27.17 7.99
N GLN T 413 -79.57 27.82 8.90
CA GLN T 413 -79.28 27.63 10.32
C GLN T 413 -79.54 26.19 10.75
N ALA T 414 -80.70 25.64 10.40
CA ALA T 414 -80.98 24.24 10.71
C ALA T 414 -79.99 23.33 9.99
N TYR T 415 -79.69 23.63 8.72
CA TYR T 415 -78.75 22.82 7.97
C TYR T 415 -77.41 22.72 8.68
N LEU T 416 -76.87 23.86 9.11
CA LEU T 416 -75.61 23.85 9.85
C LEU T 416 -75.75 23.17 11.20
N MET T 417 -76.90 23.32 11.85
CA MET T 417 -77.10 22.73 13.16
C MET T 417 -77.00 21.21 13.12
N HIS T 418 -77.37 20.58 12.01
CA HIS T 418 -77.27 19.13 11.95
C HIS T 418 -76.18 18.62 11.01
N SER T 419 -75.17 19.42 10.76
CA SER T 419 -74.07 19.05 9.87
C SER T 419 -72.76 19.02 10.64
N THR T 420 -71.66 18.84 9.92
CA THR T 420 -70.33 18.90 10.49
C THR T 420 -69.52 19.95 9.76
N THR T 421 -68.56 20.54 10.46
CA THR T 421 -67.71 21.56 9.86
C THR T 421 -66.62 20.97 8.96
N SER T 422 -66.43 19.66 8.98
CA SER T 422 -65.42 18.99 8.15
C SER T 422 -66.05 17.84 7.38
N PRO T 423 -66.86 18.12 6.38
CA PRO T 423 -67.46 17.04 5.59
C PRO T 423 -66.41 16.29 4.78
N LEU T 424 -66.66 15.00 4.61
CA LEU T 424 -65.83 14.17 3.74
C LEU T 424 -66.29 14.34 2.30
N TYR T 425 -65.43 14.88 1.45
CA TYR T 425 -65.83 15.25 0.10
C TYR T 425 -66.09 14.05 -0.80
N ALA T 426 -65.63 12.86 -0.41
CA ALA T 426 -65.97 11.67 -1.18
C ALA T 426 -67.47 11.39 -1.15
N ILE T 427 -68.12 11.65 0.00
CA ILE T 427 -69.56 11.46 0.09
C ILE T 427 -70.30 12.43 -0.82
N CYS T 428 -69.90 13.70 -0.82
CA CYS T 428 -70.52 14.67 -1.72
C CYS T 428 -70.26 14.33 -3.18
N ALA T 429 -69.07 13.81 -3.49
CA ALA T 429 -68.78 13.40 -4.85
C ALA T 429 -69.67 12.22 -5.27
N SER T 430 -69.91 11.29 -4.36
CA SER T 430 -70.82 10.19 -4.66
C SER T 430 -72.24 10.70 -4.89
N ASN T 431 -72.68 11.69 -4.11
CA ASN T 431 -73.98 12.32 -4.35
C ASN T 431 -74.04 12.93 -5.75
N ASP T 432 -72.97 13.63 -6.14
CA ASP T 432 -72.92 14.28 -7.44
C ASP T 432 -72.95 13.25 -8.57
N ILE T 433 -72.20 12.16 -8.44
CA ILE T 433 -72.20 11.14 -9.49
C ILE T 433 -73.55 10.42 -9.55
N ALA T 434 -74.22 10.22 -8.41
CA ALA T 434 -75.54 9.62 -8.44
C ALA T 434 -76.54 10.50 -9.19
N ALA T 435 -76.53 11.79 -8.89
CA ALA T 435 -77.40 12.71 -9.61
C ALA T 435 -77.09 12.71 -11.10
N ASP T 436 -75.81 12.69 -11.46
CA ASP T 436 -75.43 12.63 -12.87
C ASP T 436 -75.92 11.33 -13.51
N MET T 437 -75.87 10.22 -12.77
CA MET T 437 -76.27 8.94 -13.30
C MET T 437 -77.76 8.90 -13.60
N MET T 438 -78.57 9.61 -12.81
CA MET T 438 -79.99 9.68 -13.14
C MET T 438 -80.33 10.71 -14.20
N ASP T 439 -79.37 11.50 -14.66
CA ASP T 439 -79.63 12.59 -15.59
C ASP T 439 -79.78 12.07 -17.01
N GLY T 440 -80.72 12.65 -17.75
CA GLY T 440 -80.93 12.34 -19.16
C GLY T 440 -81.52 10.97 -19.44
N ASN T 441 -81.04 10.33 -20.50
CA ASN T 441 -81.55 9.02 -20.89
C ASN T 441 -81.15 7.93 -19.90
N SER T 442 -80.03 8.13 -19.20
CA SER T 442 -79.48 7.05 -18.39
C SER T 442 -80.37 6.69 -17.21
N GLY T 443 -81.04 7.67 -16.60
CA GLY T 443 -81.93 7.35 -15.49
C GLY T 443 -83.08 6.48 -15.92
N ARG T 444 -83.70 6.81 -17.05
CA ARG T 444 -84.76 5.97 -17.61
C ARG T 444 -84.24 4.58 -17.93
N SER T 445 -83.06 4.50 -18.55
CA SER T 445 -82.52 3.19 -18.93
C SER T 445 -82.23 2.31 -17.71
N LEU T 446 -81.65 2.91 -16.66
CA LEU T 446 -81.30 2.13 -15.47
C LEU T 446 -82.53 1.68 -14.71
N THR T 447 -83.52 2.58 -14.54
CA THR T 447 -84.76 2.16 -13.89
C THR T 447 -85.46 1.09 -14.71
N ASP T 448 -85.42 1.19 -16.04
CA ASP T 448 -86.02 0.17 -16.89
C ASP T 448 -85.35 -1.18 -16.66
N GLU T 449 -84.02 -1.20 -16.61
CA GLU T 449 -83.33 -2.48 -16.40
C GLU T 449 -83.74 -3.11 -15.07
N VAL T 450 -83.76 -2.32 -14.00
CA VAL T 450 -84.12 -2.89 -12.70
C VAL T 450 -85.56 -3.40 -12.70
N ILE T 451 -86.48 -2.61 -13.26
CA ILE T 451 -87.88 -3.00 -13.28
C ILE T 451 -88.08 -4.28 -14.09
N ARG T 452 -87.38 -4.39 -15.23
CA ARG T 452 -87.50 -5.60 -16.05
C ARG T 452 -86.96 -6.82 -15.32
N GLU T 453 -85.84 -6.68 -14.60
CA GLU T 453 -85.33 -7.80 -13.82
C GLU T 453 -86.34 -8.25 -12.76
N SER T 454 -86.92 -7.28 -12.05
CA SER T 454 -87.89 -7.64 -11.02
C SER T 454 -89.13 -8.30 -11.62
N ILE T 455 -89.57 -7.83 -12.79
CA ILE T 455 -90.74 -8.42 -13.44
C ILE T 455 -90.42 -9.84 -13.90
N ASP T 456 -89.24 -10.07 -14.44
CA ASP T 456 -88.85 -11.43 -14.83
C ASP T 456 -88.87 -12.36 -13.64
N PHE T 457 -88.33 -11.91 -12.50
CA PHE T 457 -88.37 -12.74 -11.30
C PHE T 457 -89.80 -13.01 -10.86
N ARG T 458 -90.65 -11.98 -10.84
CA ARG T 458 -92.03 -12.16 -10.38
C ARG T 458 -92.79 -13.14 -11.27
N GLN T 459 -92.65 -13.00 -12.58
CA GLN T 459 -93.36 -13.88 -13.51
C GLN T 459 -92.85 -15.31 -13.42
N SER T 460 -91.54 -15.50 -13.31
CA SER T 460 -91.00 -16.85 -13.17
C SER T 460 -91.49 -17.51 -11.89
N LEU T 461 -91.53 -16.75 -10.79
CA LEU T 461 -92.00 -17.31 -9.54
C LEU T 461 -93.48 -17.65 -9.59
N ALA T 462 -94.29 -16.79 -10.22
CA ALA T 462 -95.70 -17.08 -10.38
C ALA T 462 -95.93 -18.32 -11.23
N TYR T 463 -95.14 -18.47 -12.30
CA TYR T 463 -95.25 -19.66 -13.15
C TYR T 463 -94.90 -20.92 -12.37
N LEU T 464 -93.81 -20.89 -11.61
CA LEU T 464 -93.44 -22.05 -10.80
C LEU T 464 -94.50 -22.37 -9.77
N TYR T 465 -95.08 -21.33 -9.16
CA TYR T 465 -96.15 -21.54 -8.19
C TYR T 465 -97.35 -22.23 -8.83
N LYS T 466 -97.73 -21.79 -10.03
CA LYS T 466 -98.84 -22.44 -10.73
C LYS T 466 -98.51 -23.89 -11.08
N GLU T 467 -97.27 -24.15 -11.51
CA GLU T 467 -96.86 -25.50 -11.83
C GLU T 467 -96.96 -26.43 -10.62
N PHE T 468 -96.41 -25.98 -9.49
CA PHE T 468 -96.46 -26.78 -8.28
C PHE T 468 -97.89 -26.97 -7.78
N LEU T 469 -98.72 -25.93 -7.91
CA LEU T 469 -100.12 -26.05 -7.54
C LEU T 469 -100.84 -27.07 -8.41
N ASN T 470 -100.54 -27.07 -9.71
CA ASN T 470 -101.12 -28.07 -10.61
C ASN T 470 -100.70 -29.48 -10.21
N ASP T 471 -99.47 -29.64 -9.72
CA ASP T 471 -99.04 -30.93 -9.18
C ASP T 471 -99.44 -31.11 -7.72
N ASP T 472 -100.44 -30.36 -7.25
CA ASP T 472 -100.89 -30.31 -5.85
C ASP T 472 -99.72 -30.32 -4.86
N GLU T 473 -98.79 -29.38 -5.07
CA GLU T 473 -97.71 -29.12 -4.15
C GLU T 473 -97.69 -27.64 -3.77
N TRP T 474 -96.97 -27.33 -2.70
CA TRP T 474 -96.84 -25.96 -2.23
C TRP T 474 -95.60 -25.30 -2.84
N PHE T 475 -95.67 -23.99 -2.98
CA PHE T 475 -94.50 -23.19 -3.36
C PHE T 475 -94.73 -21.76 -2.93
N PHE T 476 -93.68 -20.95 -3.05
CA PHE T 476 -93.78 -19.52 -2.79
C PHE T 476 -94.41 -18.81 -3.97
N LYS T 477 -95.11 -17.73 -3.68
CA LYS T 477 -95.74 -16.93 -4.71
C LYS T 477 -95.36 -15.46 -4.53
N PRO T 478 -95.18 -14.73 -5.61
CA PRO T 478 -94.93 -13.29 -5.50
C PRO T 478 -96.17 -12.55 -5.04
N TRP T 479 -95.96 -11.44 -4.35
CA TRP T 479 -97.05 -10.62 -3.85
C TRP T 479 -97.32 -9.52 -4.87
N ASN T 480 -98.19 -9.81 -5.83
CA ASN T 480 -98.64 -8.83 -6.81
C ASN T 480 -100.01 -9.27 -7.31
N GLN T 481 -100.50 -8.57 -8.33
CA GLN T 481 -101.78 -8.92 -8.94
C GLN T 481 -101.74 -10.34 -9.49
N GLU T 482 -102.83 -11.08 -9.28
CA GLU T 482 -102.98 -12.37 -9.93
C GLU T 482 -103.30 -12.23 -11.41
N MET T 483 -104.23 -11.34 -11.74
CA MET T 483 -104.66 -11.11 -13.11
C MET T 483 -104.46 -9.63 -13.44
N VAL T 484 -103.96 -9.35 -14.63
CA VAL T 484 -103.78 -7.98 -15.09
C VAL T 484 -104.61 -7.78 -16.33
N LYS T 485 -105.12 -6.56 -16.49
CA LYS T 485 -105.95 -6.20 -17.62
C LYS T 485 -105.20 -5.22 -18.51
N ASP T 486 -105.24 -5.47 -19.81
CA ASP T 486 -104.68 -4.51 -20.75
C ASP T 486 -105.67 -3.37 -20.95
N PRO T 487 -105.35 -2.15 -20.57
CA PRO T 487 -106.33 -1.06 -20.69
C PRO T 487 -106.66 -0.69 -22.12
N ALA T 488 -105.79 -1.00 -23.08
CA ALA T 488 -106.06 -0.64 -24.46
C ALA T 488 -107.08 -1.58 -25.10
N THR T 489 -106.74 -2.86 -25.18
CA THR T 489 -107.57 -3.85 -25.84
C THR T 489 -108.59 -4.49 -24.91
N GLY T 490 -108.51 -4.26 -23.60
CA GLY T 490 -109.42 -4.86 -22.66
C GLY T 490 -109.14 -6.31 -22.34
N LYS T 491 -108.06 -6.88 -22.88
CA LYS T 491 -107.76 -8.28 -22.68
C LYS T 491 -107.17 -8.52 -21.30
N ARG T 492 -107.57 -9.63 -20.68
CA ARG T 492 -107.07 -10.02 -19.38
C ARG T 492 -106.00 -11.09 -19.52
N TYR T 493 -104.98 -11.02 -18.67
CA TYR T 493 -103.94 -12.02 -18.62
C TYR T 493 -103.72 -12.46 -17.18
N ALA T 494 -103.32 -13.71 -17.00
CA ALA T 494 -102.66 -14.08 -15.77
C ALA T 494 -101.33 -13.36 -15.69
N PHE T 495 -100.90 -13.03 -14.47
CA PHE T 495 -99.71 -12.20 -14.31
C PHE T 495 -98.50 -12.84 -14.97
N GLU T 496 -98.31 -14.15 -14.80
CA GLU T 496 -97.16 -14.81 -15.38
C GLU T 496 -97.26 -14.92 -16.90
N ASP T 497 -98.44 -14.71 -17.48
CA ASP T 497 -98.63 -14.75 -18.93
C ASP T 497 -98.68 -13.37 -19.56
N ALA T 498 -98.72 -12.31 -18.76
CA ALA T 498 -98.82 -10.98 -19.32
C ALA T 498 -97.54 -10.62 -20.09
N PRO T 499 -97.67 -9.89 -21.19
CA PRO T 499 -96.48 -9.42 -21.90
C PRO T 499 -95.66 -8.48 -21.02
N VAL T 500 -94.34 -8.62 -21.10
CA VAL T 500 -93.46 -7.83 -20.26
C VAL T 500 -93.60 -6.35 -20.57
N GLU T 501 -93.80 -6.00 -21.84
CA GLU T 501 -94.00 -4.60 -22.22
C GLU T 501 -95.22 -4.00 -21.54
N LEU T 502 -96.30 -4.77 -21.44
CA LEU T 502 -97.50 -4.28 -20.77
C LEU T 502 -97.24 -3.99 -19.29
N LEU T 503 -96.56 -4.91 -18.61
CA LEU T 503 -96.26 -4.71 -17.20
C LEU T 503 -95.29 -3.56 -16.98
N MET T 504 -94.36 -3.36 -17.91
CA MET T 504 -93.39 -2.28 -17.81
C MET T 504 -93.98 -0.93 -18.16
N ARG T 505 -95.06 -0.88 -18.94
CA ARG T 505 -95.62 0.36 -19.45
C ARG T 505 -96.85 0.83 -18.68
N GLU T 506 -97.72 -0.08 -18.26
CA GLU T 506 -99.03 0.26 -17.74
C GLU T 506 -99.00 0.34 -16.22
N GLN T 507 -99.31 1.52 -15.68
CA GLN T 507 -99.33 1.71 -14.23
C GLN T 507 -100.46 0.93 -13.57
N SER T 508 -101.60 0.79 -14.24
CA SER T 508 -102.75 0.12 -13.66
C SER T 508 -102.48 -1.37 -13.38
N CYS T 509 -101.46 -1.95 -14.00
CA CYS T 509 -101.08 -3.32 -13.68
C CYS T 509 -100.48 -3.45 -12.29
N TRP T 510 -100.19 -2.33 -11.62
CA TRP T 510 -99.59 -2.33 -10.30
C TRP T 510 -100.42 -1.59 -9.27
N VAL T 511 -101.48 -0.91 -9.68
CA VAL T 511 -102.35 -0.19 -8.75
C VAL T 511 -103.11 -1.19 -7.89
N MET T 512 -103.30 -0.85 -6.62
CA MET T 512 -104.09 -1.68 -5.71
C MET T 512 -105.57 -1.41 -5.95
N HIS T 513 -106.26 -2.37 -6.53
CA HIS T 513 -107.69 -2.10 -6.70
C HIS T 513 -108.48 -2.72 -5.56
N PRO T 514 -109.52 -2.04 -5.10
CA PRO T 514 -110.31 -2.56 -3.97
C PRO T 514 -110.96 -3.90 -4.24
N GLU T 515 -111.24 -4.23 -5.50
CA GLU T 515 -111.88 -5.49 -5.85
C GLU T 515 -110.92 -6.66 -5.88
N ASP T 516 -109.61 -6.42 -5.86
CA ASP T 516 -108.63 -7.49 -5.89
C ASP T 516 -108.32 -7.96 -4.47
N LYS T 517 -108.04 -9.26 -4.34
CA LYS T 517 -107.76 -9.88 -3.05
C LYS T 517 -106.28 -10.01 -2.75
N TRP T 518 -105.40 -9.78 -3.73
CA TRP T 518 -103.98 -10.06 -3.52
C TRP T 518 -103.38 -9.14 -2.46
N HIS T 519 -103.68 -7.84 -2.49
CA HIS T 519 -103.00 -6.92 -1.60
C HIS T 519 -103.53 -7.00 -0.17
N GLY T 520 -104.80 -7.30 0.01
CA GLY T 520 -105.35 -7.51 1.33
C GLY T 520 -105.59 -6.25 2.14
N PHE T 521 -105.54 -5.08 1.52
CA PHE T 521 -105.85 -3.83 2.22
C PHE T 521 -107.33 -3.54 1.98
N ASN T 522 -108.16 -4.00 2.90
CA ASN T 522 -109.61 -3.87 2.74
C ASN T 522 -110.03 -2.40 2.85
N ASP T 523 -110.97 -2.02 2.00
CA ASP T 523 -111.54 -0.67 2.00
C ASP T 523 -110.54 0.38 1.53
N ILE T 524 -109.52 -0.02 0.79
CA ILE T 524 -108.64 0.97 0.18
C ILE T 524 -109.35 1.61 -1.01
N PRO T 525 -109.31 2.92 -1.18
CA PRO T 525 -109.87 3.53 -2.38
C PRO T 525 -109.06 3.17 -3.61
N ASP T 526 -109.73 3.21 -4.76
CA ASP T 526 -109.06 2.91 -6.01
C ASP T 526 -108.18 4.07 -6.45
N ASN T 527 -107.09 3.74 -7.12
CA ASN T 527 -106.12 4.72 -7.61
C ASN T 527 -105.55 5.55 -6.47
N TRP T 528 -105.34 4.91 -5.32
CA TRP T 528 -104.74 5.53 -4.15
C TRP T 528 -103.30 5.07 -3.93
N ALA T 529 -103.07 3.76 -3.92
CA ALA T 529 -101.76 3.19 -3.72
C ALA T 529 -101.36 2.35 -4.94
N MET T 530 -100.10 1.97 -4.96
CA MET T 530 -99.50 1.27 -6.08
C MET T 530 -98.31 0.47 -5.55
N LEU T 531 -98.05 -0.67 -6.16
CA LEU T 531 -96.94 -1.52 -5.75
C LEU T 531 -95.69 -1.17 -6.56
N ASP T 532 -94.59 -0.96 -5.85
CA ASP T 532 -93.30 -0.76 -6.52
C ASP T 532 -92.80 -2.10 -7.01
N PRO T 533 -92.59 -2.28 -8.31
CA PRO T 533 -92.16 -3.60 -8.81
C PRO T 533 -90.84 -4.09 -8.26
N ILE T 534 -89.90 -3.20 -7.95
CA ILE T 534 -88.55 -3.63 -7.60
C ILE T 534 -88.40 -4.00 -6.13
N LYS T 535 -89.45 -3.84 -5.31
CA LYS T 535 -89.46 -4.33 -3.94
C LYS T 535 -90.30 -5.61 -3.93
N VAL T 536 -89.65 -6.74 -4.15
CA VAL T 536 -90.35 -7.99 -4.43
C VAL T 536 -90.56 -8.75 -3.11
N SER T 537 -91.82 -8.90 -2.72
CA SER T 537 -92.19 -9.72 -1.59
C SER T 537 -92.63 -11.09 -2.09
N ILE T 538 -92.15 -12.14 -1.43
CA ILE T 538 -92.63 -13.49 -1.71
C ILE T 538 -93.34 -13.99 -0.46
N LEU T 539 -94.37 -14.80 -0.69
CA LEU T 539 -95.24 -15.27 0.37
C LEU T 539 -95.04 -16.77 0.55
N ALA T 540 -94.72 -17.18 1.76
CA ALA T 540 -94.72 -18.59 2.08
C ALA T 540 -96.15 -19.05 2.36
N PRO T 541 -96.47 -20.32 2.06
CA PRO T 541 -97.83 -20.80 2.27
C PRO T 541 -98.17 -20.90 3.74
N GLY T 542 -99.45 -20.75 4.04
CA GLY T 542 -99.91 -20.90 5.41
C GLY T 542 -100.99 -19.93 5.83
N MET T 543 -101.12 -18.82 5.12
CA MET T 543 -102.09 -17.78 5.45
C MET T 543 -103.25 -17.85 4.48
N GLY T 544 -104.46 -17.97 5.01
CA GLY T 544 -105.64 -17.98 4.17
C GLY T 544 -106.03 -16.58 3.71
N ASP T 545 -106.80 -16.54 2.63
CA ASP T 545 -107.24 -15.25 2.09
C ASP T 545 -108.19 -14.53 3.03
N ASP T 546 -108.87 -15.25 3.91
CA ASP T 546 -109.79 -14.65 4.87
C ASP T 546 -109.07 -13.97 6.03
N GLY T 547 -107.81 -14.29 6.27
CA GLY T 547 -107.06 -13.74 7.37
C GLY T 547 -106.67 -14.74 8.43
N LYS T 548 -107.11 -15.98 8.32
CA LYS T 548 -106.79 -17.03 9.28
C LYS T 548 -105.86 -18.06 8.65
N LEU T 549 -105.09 -18.72 9.50
CA LEU T 549 -104.11 -19.68 9.03
C LEU T 549 -104.79 -20.90 8.43
N LEU T 550 -104.07 -21.55 7.52
CA LEU T 550 -104.53 -22.80 6.92
C LEU T 550 -104.13 -23.97 7.81
N ASP T 551 -104.43 -25.18 7.35
CA ASP T 551 -104.12 -26.37 8.14
C ASP T 551 -102.62 -26.65 8.16
N THR T 552 -101.91 -26.25 7.12
CA THR T 552 -100.47 -26.46 7.03
C THR T 552 -99.83 -25.24 6.38
N GLY T 553 -98.53 -25.11 6.56
CA GLY T 553 -97.81 -24.00 5.98
C GLY T 553 -96.34 -24.08 6.32
N VAL T 554 -95.58 -23.16 5.74
CA VAL T 554 -94.15 -23.04 5.94
C VAL T 554 -93.87 -21.65 6.51
N PRO T 555 -93.46 -21.52 7.77
CA PRO T 555 -93.18 -20.19 8.32
C PRO T 555 -91.96 -19.56 7.66
N ALA T 556 -92.00 -18.23 7.53
CA ALA T 556 -90.95 -17.52 6.82
C ALA T 556 -89.65 -17.44 7.61
N ALA T 557 -89.68 -17.66 8.93
CA ALA T 557 -88.45 -17.61 9.71
C ALA T 557 -87.48 -18.71 9.27
N LEU T 558 -88.00 -19.90 8.99
CA LEU T 558 -87.15 -21.00 8.56
C LEU T 558 -86.57 -20.74 7.16
N VAL T 559 -87.39 -20.19 6.26
CA VAL T 559 -86.89 -19.83 4.93
C VAL T 559 -85.84 -18.75 5.05
N THR T 560 -86.03 -17.80 5.97
CA THR T 560 -85.04 -16.76 6.20
C THR T 560 -83.73 -17.34 6.70
N ALA T 561 -83.80 -18.32 7.61
CA ALA T 561 -82.59 -18.99 8.06
C ALA T 561 -81.87 -19.68 6.91
N TRP T 562 -82.64 -20.33 6.04
CA TRP T 562 -82.05 -20.96 4.85
C TRP T 562 -81.34 -19.93 3.97
N LEU T 563 -82.02 -18.83 3.68
CA LEU T 563 -81.44 -17.80 2.82
C LEU T 563 -80.19 -17.19 3.45
N ASN T 564 -80.23 -16.93 4.75
CA ASN T 564 -79.04 -16.44 5.45
C ASN T 564 -77.91 -17.44 5.34
N HIS T 565 -78.21 -18.73 5.49
CA HIS T 565 -77.18 -19.75 5.31
C HIS T 565 -76.57 -19.68 3.93
N TYR T 566 -77.35 -19.32 2.92
CA TYR T 566 -76.80 -19.17 1.58
C TYR T 566 -76.37 -17.74 1.25
N GLY T 567 -76.35 -16.85 2.24
CA GLY T 567 -75.83 -15.52 2.09
C GLY T 567 -76.86 -14.46 1.73
N ILE T 568 -78.04 -14.87 1.28
CA ILE T 568 -79.09 -13.91 0.94
C ILE T 568 -79.71 -13.40 2.24
N VAL T 569 -79.73 -12.08 2.40
CA VAL T 569 -80.29 -11.47 3.60
C VAL T 569 -81.47 -10.60 3.17
N PRO T 570 -82.71 -10.99 3.50
CA PRO T 570 -83.87 -10.19 3.12
C PRO T 570 -83.93 -8.87 3.88
N THR T 571 -84.60 -7.90 3.27
CA THR T 571 -84.76 -6.58 3.87
C THR T 571 -85.85 -6.58 4.93
N ARG T 572 -86.99 -7.20 4.65
CA ARG T 572 -88.10 -7.27 5.59
C ARG T 572 -88.59 -8.71 5.67
N THR T 573 -89.24 -9.03 6.80
CA THR T 573 -89.74 -10.38 7.04
C THR T 573 -90.87 -10.31 8.04
N THR T 574 -91.96 -11.01 7.74
CA THR T 574 -93.06 -11.26 8.67
C THR T 574 -93.22 -12.78 8.82
N ASP T 575 -94.33 -13.19 9.43
CA ASP T 575 -94.60 -14.61 9.63
C ASP T 575 -94.60 -15.36 8.30
N PHE T 576 -95.33 -14.85 7.30
CA PHE T 576 -95.28 -15.39 5.94
C PHE T 576 -95.10 -14.22 4.97
N GLN T 577 -93.87 -13.73 4.87
CA GLN T 577 -93.51 -12.72 3.88
C GLN T 577 -92.01 -12.50 3.90
N ILE T 578 -91.37 -12.52 2.75
CA ILE T 578 -89.94 -12.23 2.64
C ILE T 578 -89.75 -11.24 1.51
N MET T 579 -89.07 -10.13 1.81
CA MET T 579 -88.89 -9.04 0.86
C MET T 579 -87.47 -9.05 0.31
N PHE T 580 -87.35 -8.97 -1.00
CA PHE T 580 -86.06 -8.89 -1.68
C PHE T 580 -85.96 -7.57 -2.42
N LEU T 581 -84.78 -6.96 -2.36
CA LEU T 581 -84.53 -5.68 -3.02
C LEU T 581 -83.86 -5.92 -4.37
N PHE T 582 -84.43 -5.34 -5.41
CA PHE T 582 -83.79 -5.25 -6.71
C PHE T 582 -83.28 -3.81 -6.86
N SER T 583 -81.98 -3.64 -7.00
CA SER T 583 -81.37 -2.32 -7.09
C SER T 583 -80.68 -2.16 -8.43
N MET T 584 -80.20 -0.94 -8.67
CA MET T 584 -79.47 -0.66 -9.90
C MET T 584 -78.09 -1.30 -9.92
N GLY T 585 -77.64 -1.86 -8.80
CA GLY T 585 -76.43 -2.63 -8.75
C GLY T 585 -76.58 -4.10 -9.06
N ILE T 586 -77.79 -4.57 -9.31
CA ILE T 586 -78.00 -5.97 -9.68
C ILE T 586 -77.56 -6.19 -11.12
N THR T 587 -77.16 -7.42 -11.42
CA THR T 587 -76.83 -7.81 -12.77
C THR T 587 -77.93 -8.69 -13.34
N LYS T 588 -77.99 -8.75 -14.67
CA LYS T 588 -79.09 -9.42 -15.35
C LYS T 588 -79.05 -10.92 -15.13
N GLY T 589 -80.22 -11.50 -14.86
CA GLY T 589 -80.33 -12.92 -14.62
C GLY T 589 -79.91 -13.38 -13.24
N LYS T 590 -79.63 -12.45 -12.32
CA LYS T 590 -79.18 -12.81 -10.99
C LYS T 590 -80.28 -13.50 -10.18
N TRP T 591 -81.55 -13.22 -10.47
CA TRP T 591 -82.65 -13.81 -9.73
C TRP T 591 -82.77 -15.31 -9.93
N GLY T 592 -82.06 -15.87 -10.91
CA GLY T 592 -82.02 -17.31 -11.04
C GLY T 592 -81.44 -17.99 -9.82
N THR T 593 -80.45 -17.35 -9.18
CA THR T 593 -79.92 -17.88 -7.92
C THR T 593 -81.00 -17.92 -6.85
N LEU T 594 -81.82 -16.87 -6.75
CA LEU T 594 -82.90 -16.85 -5.77
C LEU T 594 -83.89 -17.98 -6.03
N VAL T 595 -84.27 -18.17 -7.29
CA VAL T 595 -85.19 -19.24 -7.64
C VAL T 595 -84.59 -20.60 -7.31
N ASN T 596 -83.32 -20.79 -7.64
CA ASN T 596 -82.65 -22.05 -7.34
C ASN T 596 -82.61 -22.33 -5.85
N THR T 597 -82.31 -21.30 -5.05
CA THR T 597 -82.26 -21.46 -3.60
C THR T 597 -83.63 -21.83 -3.04
N LEU T 598 -84.69 -21.19 -3.54
CA LEU T 598 -86.02 -21.53 -3.06
C LEU T 598 -86.40 -22.96 -3.45
N LEU T 599 -86.04 -23.39 -4.66
CA LEU T 599 -86.33 -24.76 -5.07
C LEU T 599 -85.58 -25.77 -4.23
N SER T 600 -84.30 -25.50 -3.93
CA SER T 600 -83.54 -26.43 -3.10
C SER T 600 -84.08 -26.47 -1.69
N PHE T 601 -84.54 -25.33 -1.16
CA PHE T 601 -85.22 -25.35 0.14
C PHE T 601 -86.45 -26.23 0.09
N LYS T 602 -87.25 -26.12 -0.97
CA LYS T 602 -88.45 -26.95 -1.07
C LYS T 602 -88.09 -28.42 -1.14
N ARG T 603 -87.03 -28.77 -1.86
CA ARG T 603 -86.58 -30.15 -1.93
C ARG T 603 -86.20 -30.68 -0.54
N HIS T 604 -85.36 -29.94 0.17
CA HIS T 604 -84.93 -30.39 1.49
C HIS T 604 -86.07 -30.40 2.49
N TYR T 605 -87.06 -29.52 2.30
CA TYR T 605 -88.22 -29.50 3.19
C TYR T 605 -89.12 -30.70 2.95
N ASP T 606 -89.34 -31.05 1.69
CA ASP T 606 -90.12 -32.25 1.37
C ASP T 606 -89.41 -33.51 1.82
N ASN T 607 -88.08 -33.52 1.77
CA ASN T 607 -87.32 -34.69 2.19
C ASN T 607 -87.08 -34.75 3.69
N ASN T 608 -87.46 -33.71 4.44
CA ASN T 608 -87.23 -33.63 5.88
C ASN T 608 -85.77 -33.87 6.22
N THR T 609 -84.88 -33.18 5.52
CA THR T 609 -83.45 -33.32 5.76
C THR T 609 -83.10 -32.83 7.16
N ALA T 610 -82.23 -33.57 7.83
CA ALA T 610 -81.85 -33.23 9.20
C ALA T 610 -81.16 -31.87 9.25
N LEU T 611 -81.52 -31.06 10.26
CA LEU T 611 -80.99 -29.73 10.38
C LEU T 611 -79.47 -29.71 10.52
N LYS T 612 -78.87 -30.78 11.04
CA LYS T 612 -77.41 -30.81 11.14
C LYS T 612 -76.75 -30.77 9.78
N LYS T 613 -77.33 -31.44 8.79
CA LYS T 613 -76.73 -31.45 7.46
C LYS T 613 -76.90 -30.11 6.74
N VAL T 614 -78.08 -29.52 6.82
CA VAL T 614 -78.41 -28.35 6.01
C VAL T 614 -78.17 -27.05 6.77
N LEU T 615 -78.54 -26.98 8.05
CA LEU T 615 -78.49 -25.73 8.81
C LEU T 615 -77.75 -25.97 10.13
N PRO T 616 -76.43 -26.20 10.07
CA PRO T 616 -75.68 -26.42 11.32
C PRO T 616 -75.73 -25.24 12.27
N GLU T 617 -75.81 -24.00 11.76
CA GLU T 617 -75.84 -22.85 12.64
C GLU T 617 -77.12 -22.81 13.46
N VAL T 618 -78.24 -23.27 12.89
CA VAL T 618 -79.48 -23.37 13.66
C VAL T 618 -79.31 -24.39 14.78
N VAL T 619 -78.69 -25.53 14.49
CA VAL T 619 -78.48 -26.55 15.50
C VAL T 619 -77.59 -26.01 16.63
N ALA T 620 -76.59 -25.22 16.26
CA ALA T 620 -75.62 -24.71 17.23
C ALA T 620 -76.26 -23.81 18.28
N SER T 621 -77.49 -23.32 18.05
CA SER T 621 -78.16 -22.53 19.07
C SER T 621 -78.63 -23.40 20.22
N ALA T 622 -79.49 -24.37 19.93
CA ALA T 622 -80.03 -25.28 20.94
C ALA T 622 -79.84 -26.72 20.45
N PRO T 623 -78.62 -27.27 20.60
CA PRO T 623 -78.36 -28.62 20.09
C PRO T 623 -79.22 -29.69 20.73
N GLU T 624 -79.72 -29.46 21.94
CA GLU T 624 -80.60 -30.44 22.57
C GLU T 624 -81.99 -30.45 21.96
N ILE T 625 -82.43 -29.34 21.37
CA ILE T 625 -83.76 -29.25 20.77
C ILE T 625 -83.72 -29.57 19.28
N TYR T 626 -82.85 -28.90 18.54
CA TYR T 626 -82.80 -29.05 17.09
C TYR T 626 -81.99 -30.26 16.64
N GLY T 627 -81.20 -30.85 17.52
CA GLY T 627 -80.54 -32.10 17.18
C GLY T 627 -81.57 -33.20 16.94
N GLU T 628 -81.24 -34.10 16.02
CA GLU T 628 -82.11 -35.21 15.64
C GLU T 628 -83.47 -34.74 15.13
N MET T 629 -83.52 -33.55 14.54
CA MET T 629 -84.76 -32.97 14.03
C MET T 629 -84.57 -32.59 12.57
N GLY T 630 -85.62 -32.78 11.77
CA GLY T 630 -85.57 -32.46 10.36
C GLY T 630 -86.10 -31.07 10.05
N LEU T 631 -85.90 -30.66 8.80
CA LEU T 631 -86.36 -29.35 8.35
C LEU T 631 -87.89 -29.23 8.46
N ARG T 632 -88.60 -30.24 7.96
CA ARG T 632 -90.06 -30.20 8.02
C ARG T 632 -90.57 -30.36 9.45
N ASP T 633 -89.85 -31.09 10.29
CA ASP T 633 -90.25 -31.18 11.70
C ASP T 633 -90.25 -29.81 12.34
N LEU T 634 -89.16 -29.06 12.16
CA LEU T 634 -89.09 -27.71 12.70
C LEU T 634 -90.13 -26.80 12.08
N GLY T 635 -90.36 -26.92 10.77
CA GLY T 635 -91.35 -26.10 10.12
C GLY T 635 -92.75 -26.33 10.66
N ASP T 636 -93.13 -27.61 10.80
CA ASP T 636 -94.43 -27.94 11.37
C ASP T 636 -94.54 -27.56 12.83
N LYS T 637 -93.46 -27.65 13.60
CA LYS T 637 -93.48 -27.17 14.97
C LYS T 637 -93.78 -25.68 15.02
N MET T 638 -93.07 -24.90 14.20
CA MET T 638 -93.31 -23.46 14.15
C MET T 638 -94.73 -23.14 13.70
N PHE T 639 -95.23 -23.87 12.70
CA PHE T 639 -96.57 -23.59 12.21
C PHE T 639 -97.63 -23.94 13.24
N ALA T 640 -97.43 -25.04 13.98
CA ALA T 640 -98.34 -25.39 15.06
C ALA T 640 -98.33 -24.32 16.14
N TYR T 641 -97.15 -23.82 16.47
CA TYR T 641 -97.06 -22.72 17.43
C TYR T 641 -97.82 -21.49 16.95
N LEU T 642 -97.64 -21.13 15.68
CA LEU T 642 -98.34 -19.97 15.13
C LEU T 642 -99.85 -20.19 15.15
N GLN T 643 -100.30 -21.39 14.78
CA GLN T 643 -101.72 -21.69 14.80
C GLN T 643 -102.30 -21.58 16.21
N LYS T 644 -101.58 -22.09 17.20
CA LYS T 644 -102.06 -22.02 18.58
C LYS T 644 -102.12 -20.59 19.09
N ASN T 645 -101.05 -19.83 18.87
CA ASN T 645 -100.93 -18.52 19.50
C ASN T 645 -101.52 -17.38 18.66
N ASN T 646 -101.51 -17.52 17.34
CA ASN T 646 -102.04 -16.51 16.42
C ASN T 646 -101.46 -15.13 16.71
N PRO T 647 -100.15 -14.93 16.53
CA PRO T 647 -99.57 -13.59 16.79
C PRO T 647 -100.03 -12.52 15.82
N GLY T 648 -100.58 -12.88 14.66
CA GLY T 648 -101.07 -11.87 13.74
C GLY T 648 -102.22 -11.07 14.31
N ALA T 649 -103.12 -11.73 15.03
CA ALA T 649 -104.18 -11.02 15.73
C ALA T 649 -103.61 -10.11 16.82
N ARG T 650 -102.55 -10.57 17.50
CA ARG T 650 -101.91 -9.71 18.49
C ARG T 650 -101.34 -8.45 17.85
N LEU T 651 -100.68 -8.60 16.70
CA LEU T 651 -100.16 -7.45 15.98
C LEU T 651 -101.28 -6.51 15.56
N ASN T 652 -102.38 -7.07 15.05
CA ASN T 652 -103.50 -6.23 14.63
C ASN T 652 -104.09 -5.47 15.81
N GLN T 653 -104.23 -6.12 16.96
CA GLN T 653 -104.74 -5.44 18.15
C GLN T 653 -103.79 -4.35 18.60
N ALA T 654 -102.49 -4.63 18.60
CA ALA T 654 -101.51 -3.67 19.09
C ALA T 654 -101.43 -2.45 18.18
N TYR T 655 -101.61 -2.62 16.87
CA TYR T 655 -101.40 -1.51 15.97
C TYR T 655 -102.69 -0.83 15.51
N SER T 656 -103.85 -1.44 15.74
CA SER T 656 -105.10 -0.78 15.43
C SER T 656 -105.46 0.27 16.48
N GLN T 657 -105.07 0.05 17.73
CA GLN T 657 -105.33 0.98 18.81
C GLN T 657 -104.05 1.72 19.17
N LEU T 658 -104.14 3.04 19.22
CA LEU T 658 -102.97 3.82 19.60
C LEU T 658 -102.81 3.85 21.12
N PRO T 659 -101.58 3.84 21.61
CA PRO T 659 -101.36 3.96 23.06
C PRO T 659 -101.75 5.33 23.57
N GLN T 660 -102.06 5.39 24.85
CA GLN T 660 -102.39 6.66 25.49
C GLN T 660 -101.14 7.52 25.59
N VAL T 661 -101.27 8.79 25.22
CA VAL T 661 -100.16 9.73 25.22
C VAL T 661 -100.15 10.47 26.55
N MET T 662 -99.01 10.46 27.23
CA MET T 662 -98.85 11.15 28.51
C MET T 662 -98.03 12.43 28.40
N MET T 663 -97.02 12.45 27.54
CA MET T 663 -96.20 13.64 27.35
C MET T 663 -95.59 13.59 25.96
N THR T 664 -95.04 14.72 25.53
CA THR T 664 -94.35 14.79 24.26
C THR T 664 -93.08 13.93 24.30
N PRO T 665 -92.59 13.51 23.13
CA PRO T 665 -91.33 12.77 23.10
C PRO T 665 -90.16 13.54 23.72
N ARG T 666 -90.14 14.87 23.57
CA ARG T 666 -89.07 15.65 24.18
C ARG T 666 -89.12 15.55 25.70
N ASP T 667 -90.32 15.61 26.29
CA ASP T 667 -90.44 15.47 27.74
C ASP T 667 -89.97 14.11 28.21
N ALA T 668 -90.34 13.06 27.48
CA ALA T 668 -89.89 11.71 27.84
C ALA T 668 -88.38 11.60 27.77
N TYR T 669 -87.76 12.18 26.72
CA TYR T 669 -86.31 12.11 26.64
C TYR T 669 -85.64 12.93 27.74
N GLN T 670 -86.21 14.08 28.09
CA GLN T 670 -85.65 14.87 29.16
C GLN T 670 -85.79 14.18 30.52
N GLN T 671 -86.74 13.27 30.65
CA GLN T 671 -86.72 12.37 31.80
C GLN T 671 -85.48 11.50 31.81
N ILE T 672 -85.06 11.01 30.64
CA ILE T 672 -83.81 10.26 30.55
C ILE T 672 -82.64 11.12 30.96
N VAL T 673 -82.60 12.37 30.48
CA VAL T 673 -81.48 13.25 30.82
C VAL T 673 -81.45 13.52 32.32
N ALA T 674 -82.61 13.67 32.94
CA ALA T 674 -82.70 13.92 34.37
C ALA T 674 -82.50 12.66 35.21
N ASN T 675 -82.18 11.53 34.59
CA ASN T 675 -81.95 10.26 35.27
C ASN T 675 -83.20 9.77 36.00
N ARG T 676 -84.37 10.20 35.56
CA ARG T 676 -85.64 9.72 36.11
C ARG T 676 -86.21 8.57 35.29
N VAL T 677 -85.41 7.54 35.03
CA VAL T 677 -85.84 6.39 34.25
C VAL T 677 -85.28 5.12 34.87
N GLU T 678 -85.89 3.99 34.53
CA GLU T 678 -85.48 2.69 35.05
C GLU T 678 -85.84 1.61 34.05
N ALA T 679 -85.14 0.49 34.15
CA ALA T 679 -85.42 -0.67 33.31
C ALA T 679 -86.51 -1.51 33.96
N VAL T 680 -87.59 -1.74 33.22
CA VAL T 680 -88.78 -2.41 33.74
C VAL T 680 -89.02 -3.65 32.90
N PRO T 681 -89.23 -4.82 33.52
CA PRO T 681 -89.56 -6.02 32.75
C PRO T 681 -90.95 -5.91 32.13
N VAL T 682 -91.18 -6.76 31.11
CA VAL T 682 -92.43 -6.70 30.36
C VAL T 682 -93.63 -6.98 31.25
N ASP T 683 -93.50 -7.93 32.17
CA ASP T 683 -94.63 -8.28 33.03
C ASP T 683 -94.98 -7.18 34.03
N GLN T 684 -94.15 -6.16 34.18
CA GLN T 684 -94.41 -5.06 35.09
C GLN T 684 -94.66 -3.75 34.35
N LEU T 685 -94.99 -3.81 33.07
CA LEU T 685 -95.11 -2.61 32.25
C LEU T 685 -96.45 -1.89 32.41
N MET T 686 -97.39 -2.46 33.13
CA MET T 686 -98.73 -1.88 33.22
C MET T 686 -98.68 -0.50 33.86
N GLY T 687 -99.22 0.49 33.16
CA GLY T 687 -99.27 1.85 33.65
C GLY T 687 -98.00 2.66 33.44
N ARG T 688 -96.94 2.06 32.92
CA ARG T 688 -95.66 2.73 32.79
C ARG T 688 -95.57 3.52 31.49
N VAL T 689 -94.79 4.59 31.52
CA VAL T 689 -94.57 5.44 30.36
C VAL T 689 -93.20 5.10 29.77
N ALA T 690 -93.18 4.74 28.49
CA ALA T 690 -91.94 4.37 27.83
C ALA T 690 -91.04 5.59 27.69
N ALA T 691 -89.76 5.42 28.01
CA ALA T 691 -88.81 6.52 27.87
C ALA T 691 -88.30 6.67 26.45
N ASN T 692 -88.30 5.58 25.68
CA ASN T 692 -87.91 5.61 24.28
C ASN T 692 -88.93 4.83 23.46
N SER T 693 -88.72 4.79 22.15
CA SER T 693 -89.66 4.13 21.26
C SER T 693 -89.45 2.62 21.24
N ILE T 694 -90.55 1.89 21.08
CA ILE T 694 -90.53 0.44 20.98
C ILE T 694 -90.93 0.09 19.55
N ILE T 695 -90.01 -0.52 18.82
CA ILE T 695 -90.22 -0.89 17.43
C ILE T 695 -90.02 -2.40 17.30
N PRO T 696 -91.09 -3.18 17.32
CA PRO T 696 -90.97 -4.62 17.09
C PRO T 696 -90.83 -4.94 15.62
N TYR T 697 -90.10 -6.02 15.34
CA TYR T 697 -89.97 -6.56 13.99
C TYR T 697 -90.51 -7.99 13.97
N PRO T 698 -91.66 -8.26 13.35
CA PRO T 698 -92.54 -7.35 12.60
C PRO T 698 -93.39 -6.48 13.53
N PRO T 699 -94.03 -5.43 13.00
CA PRO T 699 -94.08 -4.98 11.60
C PRO T 699 -93.00 -3.97 11.23
N GLY T 700 -92.06 -3.70 12.13
CA GLY T 700 -90.96 -2.81 11.81
C GLY T 700 -91.28 -1.34 11.91
N ILE T 701 -92.45 -0.96 12.41
CA ILE T 701 -92.79 0.44 12.64
C ILE T 701 -93.10 0.59 14.12
N PRO T 702 -92.93 1.77 14.71
CA PRO T 702 -93.02 1.88 16.18
C PRO T 702 -94.41 1.56 16.70
N MET T 703 -94.47 0.71 17.71
CA MET T 703 -95.72 0.44 18.40
C MET T 703 -95.98 1.47 19.48
N LEU T 704 -94.93 1.91 20.16
CA LEU T 704 -94.99 2.99 21.15
C LEU T 704 -93.91 4.00 20.84
N LEU T 705 -94.26 5.27 20.97
CA LEU T 705 -93.28 6.35 20.93
C LEU T 705 -92.95 6.79 22.35
N SER T 706 -91.90 7.59 22.48
CA SER T 706 -91.51 8.12 23.78
C SER T 706 -92.62 8.97 24.36
N GLY T 707 -92.92 8.76 25.63
CA GLY T 707 -93.97 9.50 26.29
C GLY T 707 -95.36 8.91 26.16
N GLU T 708 -95.47 7.65 25.75
CA GLU T 708 -96.75 6.98 25.58
C GLU T 708 -96.91 5.90 26.63
N ASN T 709 -98.13 5.78 27.16
CA ASN T 709 -98.41 4.80 28.20
C ASN T 709 -98.50 3.40 27.60
N PHE T 710 -98.04 2.42 28.36
CA PHE T 710 -98.13 1.04 27.89
C PHE T 710 -99.54 0.48 28.02
N GLY T 711 -100.32 0.96 28.98
CA GLY T 711 -101.69 0.54 29.15
C GLY T 711 -101.87 -0.38 30.35
N ASP T 712 -103.12 -0.77 30.56
CA ASP T 712 -103.51 -1.61 31.69
C ASP T 712 -103.20 -3.09 31.42
N GLU T 713 -103.78 -3.97 32.24
CA GLU T 713 -103.49 -5.39 32.13
C GLU T 713 -103.86 -5.95 30.76
N ASN T 714 -104.99 -5.51 30.20
CA ASN T 714 -105.47 -6.04 28.94
C ASN T 714 -104.96 -5.24 27.73
N SER T 715 -103.88 -4.48 27.90
CA SER T 715 -103.38 -3.68 26.80
C SER T 715 -102.82 -4.58 25.71
N PRO T 716 -103.21 -4.35 24.45
CA PRO T 716 -102.66 -5.17 23.35
C PRO T 716 -101.17 -5.00 23.15
N HIS T 717 -100.57 -3.88 23.57
CA HIS T 717 -99.16 -3.65 23.32
C HIS T 717 -98.29 -4.53 24.21
N ILE T 718 -98.61 -4.60 25.50
CA ILE T 718 -97.91 -5.52 26.38
C ILE T 718 -98.14 -6.96 25.93
N HIS T 719 -99.35 -7.25 25.44
CA HIS T 719 -99.64 -8.59 24.95
C HIS T 719 -98.76 -8.95 23.77
N TYR T 720 -98.59 -8.01 22.83
CA TYR T 720 -97.74 -8.28 21.67
C TYR T 720 -96.28 -8.45 22.08
N LEU T 721 -95.81 -7.63 23.02
CA LEU T 721 -94.44 -7.80 23.52
C LEU T 721 -94.26 -9.17 24.17
N ARG T 722 -95.26 -9.60 24.94
CA ARG T 722 -95.22 -10.93 25.55
C ARG T 722 -95.21 -12.02 24.49
N SER T 723 -95.99 -11.85 23.42
CA SER T 723 -96.01 -12.84 22.34
C SER T 723 -94.64 -12.97 21.70
N LEU T 724 -93.99 -11.83 21.42
CA LEU T 724 -92.65 -11.89 20.84
C LEU T 724 -91.67 -12.55 21.79
N GLN T 725 -91.76 -12.24 23.08
CA GLN T 725 -90.88 -12.86 24.06
C GLN T 725 -91.08 -14.37 24.12
N ALA T 726 -92.35 -14.80 24.08
CA ALA T 726 -92.65 -16.23 24.12
C ALA T 726 -92.12 -16.93 22.87
N TRP T 727 -92.25 -16.31 21.70
CA TRP T 727 -91.66 -16.90 20.50
C TRP T 727 -90.16 -17.02 20.64
N ASP T 728 -89.49 -15.98 21.15
CA ASP T 728 -88.05 -16.05 21.32
C ASP T 728 -87.66 -17.18 22.27
N SER T 729 -88.42 -17.36 23.35
CA SER T 729 -88.12 -18.43 24.29
C SER T 729 -88.32 -19.80 23.66
N GLU T 730 -89.37 -19.96 22.86
CA GLU T 730 -89.68 -21.27 22.30
C GLU T 730 -88.74 -21.67 21.16
N PHE T 731 -88.22 -20.72 20.41
CA PHE T 731 -87.41 -21.01 19.21
C PHE T 731 -86.09 -20.26 19.26
N PRO T 732 -85.10 -20.77 19.97
CA PRO T 732 -83.77 -20.16 19.95
C PRO T 732 -83.19 -20.16 18.55
N GLY T 733 -82.48 -19.08 18.23
CA GLY T 733 -81.92 -18.90 16.90
C GLY T 733 -82.86 -18.26 15.91
N PHE T 734 -84.12 -18.03 16.27
CA PHE T 734 -85.12 -17.39 15.43
C PHE T 734 -85.76 -16.23 16.16
N GLU T 735 -84.97 -15.52 16.95
CA GLU T 735 -85.50 -14.50 17.85
C GLU T 735 -85.84 -13.23 17.09
N HIS T 736 -86.97 -12.63 17.46
CA HIS T 736 -87.38 -11.37 16.87
C HIS T 736 -86.49 -10.23 17.35
N GLU T 737 -86.36 -9.21 16.51
CA GLU T 737 -85.69 -7.98 16.89
C GLU T 737 -86.71 -6.96 17.34
N THR T 738 -86.40 -6.25 18.42
CA THR T 738 -87.29 -5.21 18.94
C THR T 738 -86.42 -4.04 19.39
N GLU T 739 -86.38 -2.98 18.59
CA GLU T 739 -85.64 -1.79 18.99
C GLU T 739 -86.33 -1.11 20.17
N GLY T 740 -85.52 -0.64 21.10
CA GLY T 740 -86.03 0.00 22.30
C GLY T 740 -86.13 -0.88 23.51
N THR T 741 -85.63 -2.10 23.45
CA THR T 741 -85.66 -3.04 24.56
C THR T 741 -84.26 -3.55 24.86
N GLU T 742 -84.06 -3.98 26.09
CA GLU T 742 -82.84 -4.66 26.51
C GLU T 742 -83.19 -6.10 26.85
N ILE T 743 -82.40 -7.04 26.33
CA ILE T 743 -82.65 -8.46 26.51
C ILE T 743 -81.60 -9.00 27.47
N ILE T 744 -81.98 -9.15 28.72
CA ILE T 744 -81.11 -9.71 29.76
C ILE T 744 -81.60 -11.11 30.08
N ASP T 745 -80.68 -12.08 30.06
CA ASP T 745 -80.96 -13.50 30.20
C ASP T 745 -82.20 -13.92 29.42
N GLY T 746 -82.33 -13.42 28.19
CA GLY T 746 -83.46 -13.75 27.34
C GLY T 746 -84.76 -13.08 27.72
N GLN T 747 -84.74 -12.12 28.63
CA GLN T 747 -85.94 -11.45 29.11
C GLN T 747 -85.90 -10.00 28.67
N TYR T 748 -87.07 -9.47 28.31
CA TYR T 748 -87.17 -8.12 27.77
C TYR T 748 -87.23 -7.09 28.88
N TYR T 749 -86.43 -6.02 28.73
CA TYR T 749 -86.48 -4.88 29.63
C TYR T 749 -86.71 -3.61 28.83
N VAL T 750 -87.54 -2.73 29.37
CA VAL T 750 -87.89 -1.47 28.70
C VAL T 750 -87.60 -0.32 29.66
N MET T 751 -86.91 0.70 29.15
CA MET T 751 -86.63 1.90 29.94
C MET T 751 -87.90 2.72 30.07
N CYS T 752 -88.32 2.99 31.31
CA CYS T 752 -89.57 3.67 31.58
C CYS T 752 -89.35 4.83 32.53
N VAL T 753 -90.21 5.83 32.42
CA VAL T 753 -90.13 7.00 33.29
C VAL T 753 -90.50 6.59 34.72
N LYS T 754 -89.67 6.97 35.68
CA LYS T 754 -90.00 6.75 37.08
C LYS T 754 -91.24 7.54 37.46
N THR T 755 -92.17 6.88 38.14
CA THR T 755 -93.43 7.52 38.52
C THR T 755 -93.23 8.57 39.60
#